data_4V7G
#
_entry.id   4V7G
#
_cell.length_a   157.201
_cell.length_b   222.237
_cell.length_c   473.488
_cell.angle_alpha   90.00
_cell.angle_beta   90.00
_cell.angle_gamma   90.00
#
_symmetry.space_group_name_H-M   'P 21 21 2'
#
loop_
_entity.id
_entity.type
_entity.pdbx_description
1 polymer '6,7-dimethyl-8-ribityllumazine synthase'
2 non-polymer 'PHOSPHATE ION'
#
_entity_poly.entity_id   1
_entity_poly.type   'polypeptide(L)'
_entity_poly.pdbx_seq_one_letter_code
;MVFEGHLVGTGLKVGVVVGRFNEFITSKLLGGALDGLKRHGVEENDIDVAWVPGAFEIPLIAKKMANSGKYDAVITLGTV
IRGATTHYDYVCNEVAKGVASLSLQTDIPVIFGVLTTETIEQAIERAGTKAGNKGYESAVAAIEMAHLSKHWA
;
_entity_poly.pdbx_strand_id   AA,AB,AC,AD,AE,AF,AG,AH,AI,AJ,AK,AL,AM,AN,AO,AP,AQ,AR,AS,AT,AU,AV,AW,AX,AY,AZ,A1,A2,A3,A4,BA,BB,BC,BD,BE,BF,BG,BH,BI,BJ,BK,BL,BM,BN,BO,BP,BQ,BR,BS,BT,BU,BV,BW,BX,BY,BZ,B1,B2,B3,B4,CA,CB,CC,CD,CE,CF,CG,CH,CI,CJ,CK,CL,CM,CN,CO,CP,CQ,CR,CS,CT,CU,CV,CW,CX,CY,CZ,C1,C2,C3,C4
#
loop_
_chem_comp.id
_chem_comp.type
_chem_comp.name
_chem_comp.formula
PO4 non-polymer 'PHOSPHATE ION' 'O4 P -3'
#
# COMPACT_ATOMS: atom_id res chain seq x y z
N VAL A 2 13.63 -122.36 -54.27
CA VAL A 2 14.87 -121.80 -54.80
C VAL A 2 14.87 -121.76 -56.33
N PHE A 3 15.38 -120.68 -56.91
CA PHE A 3 15.35 -120.49 -58.36
C PHE A 3 16.65 -119.88 -58.90
N GLU A 4 17.76 -120.58 -58.77
CA GLU A 4 19.02 -120.09 -59.32
C GLU A 4 19.02 -120.24 -60.84
N GLY A 5 20.06 -119.73 -61.49
CA GLY A 5 20.18 -119.81 -62.93
C GLY A 5 21.51 -120.36 -63.40
N HIS A 6 21.47 -121.31 -64.33
CA HIS A 6 22.68 -121.91 -64.91
C HIS A 6 23.66 -120.85 -65.37
N LEU A 7 24.89 -121.27 -65.62
CA LEU A 7 25.89 -120.39 -66.20
C LEU A 7 26.49 -121.00 -67.46
N VAL A 8 26.03 -122.20 -67.81
CA VAL A 8 26.44 -122.86 -69.04
C VAL A 8 25.42 -122.54 -70.13
N GLY A 9 25.86 -121.83 -71.16
CA GLY A 9 24.98 -121.44 -72.25
C GLY A 9 25.18 -122.28 -73.51
N THR A 10 25.26 -123.59 -73.32
CA THR A 10 25.51 -124.52 -74.41
C THR A 10 24.64 -124.24 -75.63
N GLY A 11 23.33 -124.11 -75.41
CA GLY A 11 22.41 -123.94 -76.53
C GLY A 11 21.58 -122.68 -76.45
N LEU A 12 22.25 -121.54 -76.33
CA LEU A 12 21.56 -120.26 -76.25
C LEU A 12 21.77 -119.45 -77.53
N LYS A 13 20.89 -118.47 -77.74
CA LYS A 13 21.00 -117.55 -78.87
C LYS A 13 20.99 -116.11 -78.37
N VAL A 14 22.16 -115.48 -78.36
CA VAL A 14 22.28 -114.13 -77.82
C VAL A 14 22.44 -113.08 -78.91
N GLY A 15 21.84 -111.92 -78.70
CA GLY A 15 21.99 -110.80 -79.61
C GLY A 15 22.54 -109.58 -78.89
N VAL A 16 23.56 -108.97 -79.48
CA VAL A 16 24.24 -107.83 -78.85
C VAL A 16 24.03 -106.54 -79.64
N VAL A 17 23.88 -105.43 -78.91
CA VAL A 17 23.70 -104.12 -79.53
C VAL A 17 24.74 -103.15 -78.99
N VAL A 18 25.69 -102.76 -79.83
CA VAL A 18 26.79 -101.89 -79.42
C VAL A 18 26.75 -100.52 -80.07
N GLY A 19 27.12 -99.49 -79.32
CA GLY A 19 27.18 -98.14 -79.83
C GLY A 19 28.57 -97.77 -80.30
N ARG A 20 28.65 -97.15 -81.48
CA ARG A 20 29.92 -96.79 -82.08
C ARG A 20 30.66 -95.69 -81.32
N PHE A 21 29.92 -94.74 -80.78
CA PHE A 21 30.53 -93.64 -80.04
C PHE A 21 31.40 -94.25 -78.94
N ASN A 22 32.62 -93.73 -78.82
CA ASN A 22 33.59 -94.29 -77.90
C ASN A 22 34.00 -95.71 -78.30
N GLU A 23 34.14 -95.93 -79.60
CA GLU A 23 34.53 -97.23 -80.12
C GLU A 23 35.80 -97.71 -79.46
N PHE A 24 36.66 -96.76 -79.08
CA PHE A 24 37.92 -97.08 -78.44
C PHE A 24 37.68 -97.95 -77.21
N ILE A 25 36.53 -97.75 -76.58
CA ILE A 25 36.17 -98.50 -75.38
C ILE A 25 35.20 -99.63 -75.69
N THR A 26 34.12 -99.31 -76.41
CA THR A 26 33.09 -100.29 -76.74
C THR A 26 33.66 -101.45 -77.57
N SER A 27 34.69 -101.16 -78.36
CA SER A 27 35.34 -102.19 -79.15
C SER A 27 35.85 -103.31 -78.26
N LYS A 28 36.83 -102.99 -77.42
CA LYS A 28 37.40 -103.98 -76.51
C LYS A 28 36.40 -104.34 -75.41
N LEU A 29 35.24 -103.72 -75.46
CA LEU A 29 34.15 -103.99 -74.52
C LEU A 29 33.22 -105.05 -75.10
N LEU A 30 33.16 -105.09 -76.43
CA LEU A 30 32.42 -106.11 -77.15
C LEU A 30 33.20 -107.41 -77.13
N GLY A 31 34.45 -107.32 -76.68
CA GLY A 31 35.28 -108.48 -76.48
C GLY A 31 34.75 -109.31 -75.32
N GLY A 32 33.64 -108.85 -74.75
CA GLY A 32 32.94 -109.62 -73.73
C GLY A 32 31.95 -110.54 -74.39
N ALA A 33 31.46 -110.15 -75.56
CA ALA A 33 30.64 -111.03 -76.38
C ALA A 33 31.36 -112.35 -76.57
N LEU A 34 32.25 -112.40 -77.55
CA LEU A 34 33.11 -113.55 -77.73
C LEU A 34 34.10 -113.58 -76.57
N ASP A 35 34.90 -114.64 -76.48
CA ASP A 35 35.76 -114.85 -75.33
C ASP A 35 34.98 -114.58 -74.05
N GLY A 36 33.67 -114.79 -74.13
CA GLY A 36 32.79 -114.60 -72.99
C GLY A 36 31.58 -115.51 -73.14
N LEU A 37 30.70 -115.15 -74.06
CA LEU A 37 29.59 -116.01 -74.39
C LEU A 37 30.13 -117.32 -74.97
N LYS A 38 31.12 -117.20 -75.85
CA LYS A 38 31.70 -118.35 -76.52
C LYS A 38 32.32 -119.36 -75.54
N ARG A 39 33.16 -118.86 -74.65
CA ARG A 39 33.85 -119.71 -73.69
C ARG A 39 32.90 -120.31 -72.67
N HIS A 40 31.68 -119.79 -72.62
CA HIS A 40 30.67 -120.31 -71.70
C HIS A 40 29.73 -121.31 -72.38
N GLY A 41 29.95 -121.55 -73.67
CA GLY A 41 29.18 -122.54 -74.38
C GLY A 41 28.49 -122.02 -75.62
N VAL A 42 27.94 -120.81 -75.53
CA VAL A 42 27.20 -120.22 -76.64
C VAL A 42 27.92 -120.42 -77.97
N GLU A 43 27.16 -120.76 -79.00
CA GLU A 43 27.74 -121.06 -80.31
C GLU A 43 28.20 -119.78 -81.02
N GLU A 44 29.35 -119.87 -81.69
CA GLU A 44 29.90 -118.75 -82.45
C GLU A 44 28.86 -118.12 -83.37
N ASN A 45 28.03 -118.95 -83.98
CA ASN A 45 27.06 -118.49 -84.97
C ASN A 45 25.78 -117.95 -84.36
N ASP A 46 25.46 -118.40 -83.15
CA ASP A 46 24.22 -117.97 -82.49
C ASP A 46 24.31 -116.59 -81.87
N ILE A 47 25.36 -115.84 -82.25
CA ILE A 47 25.57 -114.50 -81.72
C ILE A 47 25.57 -113.45 -82.82
N ASP A 48 24.59 -112.55 -82.77
CA ASP A 48 24.50 -111.45 -83.72
C ASP A 48 24.80 -110.12 -83.04
N VAL A 49 25.35 -109.18 -83.79
CA VAL A 49 25.72 -107.88 -83.24
C VAL A 49 25.16 -106.73 -84.07
N ALA A 50 24.56 -105.76 -83.38
CA ALA A 50 23.99 -104.60 -84.03
C ALA A 50 24.72 -103.32 -83.62
N TRP A 51 25.29 -102.62 -84.60
CA TRP A 51 26.00 -101.37 -84.33
C TRP A 51 25.08 -100.17 -84.47
N VAL A 52 24.89 -99.43 -83.38
CA VAL A 52 24.07 -98.23 -83.40
C VAL A 52 24.97 -96.98 -83.31
N PRO A 53 24.44 -95.83 -83.71
CA PRO A 53 25.29 -94.60 -83.67
C PRO A 53 26.00 -94.31 -82.34
N GLY A 54 25.24 -94.47 -81.27
CA GLY A 54 25.68 -94.26 -79.92
C GLY A 54 24.60 -94.76 -78.95
N ALA A 55 24.89 -94.68 -77.66
CA ALA A 55 23.96 -95.13 -76.65
C ALA A 55 22.54 -94.61 -76.82
N PHE A 56 22.31 -93.34 -77.17
CA PHE A 56 20.92 -92.97 -77.24
C PHE A 56 20.12 -93.84 -78.19
N GLU A 57 20.70 -94.32 -79.26
CA GLU A 57 19.93 -95.12 -80.20
C GLU A 57 19.84 -96.63 -79.84
N ILE A 58 20.23 -97.01 -78.63
CA ILE A 58 20.29 -98.44 -78.14
C ILE A 58 19.00 -99.09 -77.55
N PRO A 59 18.11 -98.21 -77.11
CA PRO A 59 16.77 -98.69 -76.75
C PRO A 59 15.95 -99.14 -77.95
N LEU A 60 15.94 -98.36 -79.02
CA LEU A 60 15.14 -98.67 -80.21
C LEU A 60 15.55 -99.98 -80.87
N ILE A 61 16.83 -100.10 -81.19
CA ILE A 61 17.35 -101.27 -81.89
C ILE A 61 17.45 -102.50 -80.97
N ALA A 62 17.62 -102.26 -79.68
CA ALA A 62 17.61 -103.33 -78.71
C ALA A 62 16.21 -103.92 -78.60
N LYS A 63 15.21 -103.11 -78.94
CA LYS A 63 13.82 -103.55 -78.95
C LYS A 63 13.52 -104.42 -80.17
N LYS A 64 13.96 -103.95 -81.34
CA LYS A 64 13.72 -104.68 -82.59
C LYS A 64 14.62 -105.90 -82.72
N MET A 65 15.21 -106.32 -81.61
CA MET A 65 16.02 -107.54 -81.58
C MET A 65 15.44 -108.54 -80.60
N ALA A 66 14.86 -108.04 -79.52
CA ALA A 66 14.19 -108.88 -78.55
C ALA A 66 12.82 -109.29 -79.08
N ASN A 67 12.18 -108.37 -79.81
CA ASN A 67 10.87 -108.60 -80.38
C ASN A 67 10.90 -109.52 -81.61
N SER A 68 12.10 -109.72 -82.16
CA SER A 68 12.26 -110.63 -83.28
C SER A 68 12.17 -112.07 -82.80
N GLY A 69 12.20 -112.26 -81.48
CA GLY A 69 12.05 -113.56 -80.87
C GLY A 69 13.10 -114.57 -81.30
N LYS A 70 14.22 -114.07 -81.82
CA LYS A 70 15.29 -114.93 -82.30
C LYS A 70 16.32 -115.20 -81.21
N TYR A 71 16.35 -114.33 -80.20
CA TYR A 71 17.36 -114.42 -79.16
C TYR A 71 16.75 -114.74 -77.79
N ASP A 72 17.46 -115.54 -77.01
CA ASP A 72 17.03 -115.88 -75.66
C ASP A 72 17.28 -114.70 -74.72
N ALA A 73 18.29 -113.91 -75.05
CA ALA A 73 18.63 -112.72 -74.28
C ALA A 73 19.35 -111.71 -75.17
N VAL A 74 19.20 -110.43 -74.84
CA VAL A 74 19.84 -109.36 -75.60
C VAL A 74 20.80 -108.59 -74.71
N ILE A 75 22.08 -108.59 -75.08
CA ILE A 75 23.08 -107.83 -74.35
C ILE A 75 23.27 -106.45 -74.98
N THR A 76 23.24 -105.41 -74.15
CA THR A 76 23.38 -104.05 -74.63
C THR A 76 24.70 -103.42 -74.18
N LEU A 77 25.53 -103.04 -75.14
CA LEU A 77 26.85 -102.50 -74.86
C LEU A 77 27.03 -101.07 -75.38
N GLY A 78 27.91 -100.32 -74.73
CA GLY A 78 28.18 -98.95 -75.12
C GLY A 78 28.98 -98.23 -74.06
N THR A 79 29.36 -96.99 -74.34
CA THR A 79 30.13 -96.20 -73.39
C THR A 79 29.78 -94.71 -73.48
N VAL A 80 29.62 -94.07 -72.33
CA VAL A 80 29.34 -92.64 -72.26
C VAL A 80 30.22 -91.98 -71.20
N ILE A 81 30.81 -90.85 -71.54
CA ILE A 81 31.72 -90.16 -70.63
C ILE A 81 31.35 -88.69 -70.44
N ARG A 82 31.49 -88.23 -69.20
CA ARG A 82 31.16 -86.85 -68.82
C ARG A 82 31.75 -85.81 -69.77
N GLY A 83 30.91 -84.89 -70.22
CA GLY A 83 31.36 -83.77 -71.03
C GLY A 83 31.40 -82.51 -70.18
N ALA A 84 31.19 -81.37 -70.82
CA ALA A 84 31.12 -80.09 -70.11
C ALA A 84 29.66 -79.74 -69.83
N THR A 85 28.76 -80.31 -70.63
CA THR A 85 27.34 -80.03 -70.49
C THR A 85 26.63 -81.18 -69.79
N THR A 86 25.41 -80.92 -69.33
CA THR A 86 24.59 -81.93 -68.68
C THR A 86 23.99 -82.90 -69.69
N HIS A 87 24.43 -82.78 -70.94
CA HIS A 87 23.98 -83.66 -72.01
C HIS A 87 24.27 -85.11 -71.66
N TYR A 88 25.40 -85.34 -71.00
CA TYR A 88 25.80 -86.67 -70.56
C TYR A 88 24.74 -87.33 -69.69
N ASP A 89 24.05 -86.51 -68.88
CA ASP A 89 23.07 -87.03 -67.93
C ASP A 89 21.82 -87.57 -68.61
N TYR A 90 21.22 -86.76 -69.49
CA TYR A 90 19.99 -87.13 -70.17
C TYR A 90 20.19 -88.36 -71.05
N VAL A 91 21.41 -88.55 -71.53
CA VAL A 91 21.74 -89.71 -72.35
C VAL A 91 21.78 -90.97 -71.50
N CYS A 92 22.68 -90.99 -70.52
CA CYS A 92 22.81 -92.13 -69.62
C CYS A 92 21.48 -92.55 -69.05
N ASN A 93 20.71 -91.56 -68.61
CA ASN A 93 19.38 -91.81 -68.06
C ASN A 93 18.51 -92.61 -69.03
N GLU A 94 18.31 -92.06 -70.23
CA GLU A 94 17.41 -92.67 -71.20
C GLU A 94 17.86 -94.04 -71.68
N VAL A 95 19.18 -94.24 -71.77
CA VAL A 95 19.73 -95.55 -72.14
C VAL A 95 19.32 -96.58 -71.11
N ALA A 96 19.60 -96.26 -69.84
CA ALA A 96 19.23 -97.14 -68.74
C ALA A 96 17.71 -97.22 -68.59
N LYS A 97 17.04 -96.09 -68.79
CA LYS A 97 15.60 -96.00 -68.68
C LYS A 97 14.95 -96.85 -69.77
N GLY A 98 15.58 -96.90 -70.94
CA GLY A 98 15.07 -97.68 -72.05
C GLY A 98 15.31 -99.16 -71.87
N VAL A 99 16.57 -99.54 -71.65
CA VAL A 99 16.94 -100.94 -71.49
C VAL A 99 16.21 -101.62 -70.33
N ALA A 100 15.89 -100.84 -69.30
CA ALA A 100 15.18 -101.38 -68.13
C ALA A 100 13.68 -101.42 -68.35
N SER A 101 13.06 -100.25 -68.37
CA SER A 101 11.61 -100.13 -68.53
C SER A 101 11.09 -100.88 -69.75
N LEU A 102 11.95 -101.04 -70.76
CA LEU A 102 11.58 -101.80 -71.95
C LEU A 102 12.28 -103.16 -71.99
N SER A 103 12.29 -103.83 -70.85
CA SER A 103 12.77 -105.20 -70.71
C SER A 103 11.67 -105.97 -69.99
N LEU A 104 10.69 -105.22 -69.51
CA LEU A 104 9.53 -105.79 -68.85
C LEU A 104 8.39 -105.94 -69.86
N GLN A 105 8.46 -105.17 -70.93
CA GLN A 105 7.46 -105.21 -71.99
C GLN A 105 7.79 -106.29 -73.02
N THR A 106 8.88 -107.00 -72.79
CA THR A 106 9.32 -108.03 -73.73
C THR A 106 9.46 -109.39 -73.03
N ASP A 107 9.56 -109.36 -71.71
CA ASP A 107 9.71 -110.58 -70.93
C ASP A 107 11.00 -111.33 -71.28
N ILE A 108 11.77 -110.75 -72.20
CA ILE A 108 13.07 -111.30 -72.59
C ILE A 108 14.20 -110.55 -71.91
N PRO A 109 15.07 -111.29 -71.22
CA PRO A 109 16.18 -110.67 -70.49
C PRO A 109 17.00 -109.73 -71.36
N VAL A 110 17.05 -108.45 -71.00
CA VAL A 110 17.90 -107.48 -71.67
C VAL A 110 18.92 -106.91 -70.70
N ILE A 111 20.12 -107.48 -70.73
CA ILE A 111 21.19 -107.08 -69.81
C ILE A 111 21.73 -105.69 -70.15
N PHE A 112 21.80 -104.83 -69.14
CA PHE A 112 22.30 -103.47 -69.32
C PHE A 112 23.82 -103.41 -69.07
N GLY A 113 24.58 -103.31 -70.14
CA GLY A 113 26.03 -103.26 -70.04
C GLY A 113 26.59 -102.00 -70.68
N VAL A 114 26.07 -100.85 -70.28
CA VAL A 114 26.54 -99.56 -70.80
C VAL A 114 27.38 -98.82 -69.77
N LEU A 115 28.65 -98.63 -70.10
CA LEU A 115 29.55 -97.88 -69.24
C LEU A 115 29.12 -96.43 -69.15
N THR A 116 28.96 -95.95 -67.93
CA THR A 116 28.61 -94.55 -67.70
C THR A 116 29.61 -93.97 -66.70
N THR A 117 30.66 -93.35 -67.23
CA THR A 117 31.80 -92.95 -66.42
C THR A 117 32.13 -91.48 -66.52
N GLU A 118 33.16 -91.07 -65.77
CA GLU A 118 33.57 -89.68 -65.68
C GLU A 118 34.88 -89.42 -66.40
N THR A 119 35.71 -90.45 -66.48
CA THR A 119 37.02 -90.35 -67.10
C THR A 119 37.18 -91.38 -68.21
N ILE A 120 38.01 -91.06 -69.20
CA ILE A 120 38.42 -92.04 -70.19
C ILE A 120 39.13 -93.17 -69.47
N GLU A 121 39.83 -92.81 -68.39
CA GLU A 121 40.58 -93.77 -67.59
C GLU A 121 39.64 -94.76 -66.89
N GLN A 122 38.50 -94.26 -66.42
CA GLN A 122 37.53 -95.12 -65.73
C GLN A 122 36.87 -96.08 -66.70
N ALA A 123 36.57 -95.60 -67.90
CA ALA A 123 36.03 -96.46 -68.95
C ALA A 123 37.01 -97.58 -69.28
N ILE A 124 38.29 -97.24 -69.31
CA ILE A 124 39.33 -98.22 -69.55
C ILE A 124 39.44 -99.18 -68.36
N GLU A 125 39.27 -98.65 -67.17
CA GLU A 125 39.31 -99.47 -65.96
C GLU A 125 38.25 -100.56 -66.02
N ARG A 126 37.20 -100.32 -66.79
CA ARG A 126 36.06 -101.21 -66.84
C ARG A 126 35.86 -101.81 -68.22
N ALA A 127 36.96 -101.93 -68.95
CA ALA A 127 36.89 -102.53 -70.28
C ALA A 127 37.98 -103.55 -70.48
N GLY A 128 38.54 -104.01 -69.40
CA GLY A 128 39.59 -104.96 -69.50
C GLY A 128 40.81 -104.48 -68.76
N THR A 129 40.58 -103.81 -67.66
CA THR A 129 41.75 -103.42 -66.88
C THR A 129 41.54 -103.82 -65.46
N LYS A 130 41.95 -102.99 -64.51
CA LYS A 130 41.88 -103.50 -63.11
C LYS A 130 40.46 -103.67 -62.59
N ALA A 131 39.41 -103.46 -63.39
CA ALA A 131 38.05 -103.71 -62.87
C ALA A 131 37.47 -104.92 -63.62
N GLY A 132 38.19 -105.30 -64.68
CA GLY A 132 37.81 -106.39 -65.53
C GLY A 132 37.02 -105.84 -66.72
N ASN A 133 36.47 -106.73 -67.54
CA ASN A 133 35.70 -106.30 -68.70
C ASN A 133 34.20 -106.39 -68.46
N LYS A 134 33.53 -105.24 -68.45
CA LYS A 134 32.11 -105.18 -68.15
C LYS A 134 31.25 -105.75 -69.28
N GLY A 135 31.89 -106.11 -70.38
CA GLY A 135 31.20 -106.75 -71.49
C GLY A 135 31.14 -108.25 -71.27
N TYR A 136 32.21 -108.80 -70.70
CA TYR A 136 32.28 -110.21 -70.39
C TYR A 136 31.34 -110.52 -69.23
N GLU A 137 31.26 -109.61 -68.27
CA GLU A 137 30.40 -109.81 -67.11
C GLU A 137 28.93 -109.70 -67.49
N SER A 138 28.64 -108.81 -68.44
CA SER A 138 27.27 -108.61 -68.89
C SER A 138 26.78 -109.77 -69.74
N ALA A 139 27.71 -110.59 -70.20
CA ALA A 139 27.38 -111.80 -70.96
C ALA A 139 27.04 -112.93 -69.99
N VAL A 140 27.90 -113.12 -69.00
CA VAL A 140 27.66 -114.10 -67.95
C VAL A 140 26.27 -113.89 -67.37
N ALA A 141 25.92 -112.63 -67.15
CA ALA A 141 24.60 -112.28 -66.64
C ALA A 141 23.52 -112.61 -67.66
N ALA A 142 23.80 -112.37 -68.92
CA ALA A 142 22.85 -112.63 -69.99
C ALA A 142 22.48 -114.10 -70.04
N ILE A 143 23.49 -114.96 -69.99
CA ILE A 143 23.28 -116.41 -69.99
C ILE A 143 22.41 -116.81 -68.81
N GLU A 144 22.83 -116.44 -67.61
CA GLU A 144 22.09 -116.79 -66.42
C GLU A 144 20.64 -116.32 -66.46
N MET A 145 20.43 -115.10 -66.96
CA MET A 145 19.09 -114.54 -67.04
C MET A 145 18.20 -115.36 -67.96
N ALA A 146 18.65 -115.54 -69.20
CA ALA A 146 17.91 -116.31 -70.17
C ALA A 146 17.71 -117.73 -69.65
N HIS A 147 18.70 -118.21 -68.91
CA HIS A 147 18.70 -119.57 -68.40
C HIS A 147 17.86 -119.66 -67.14
N LEU A 148 17.33 -118.52 -66.69
CA LEU A 148 16.54 -118.47 -65.47
C LEU A 148 15.06 -118.27 -65.78
N SER A 149 14.76 -117.98 -67.04
CA SER A 149 13.38 -117.81 -67.46
C SER A 149 12.72 -119.16 -67.71
N LYS A 150 12.46 -119.91 -66.64
CA LYS A 150 11.75 -121.18 -66.74
C LYS A 150 10.38 -121.11 -66.09
N HIS A 151 10.27 -120.39 -64.98
CA HIS A 151 8.96 -120.10 -64.41
C HIS A 151 8.34 -118.93 -65.17
N TRP A 152 8.32 -119.07 -66.49
CA TRP A 152 7.89 -118.02 -67.40
C TRP A 152 6.85 -118.59 -68.36
N ALA A 153 6.52 -117.83 -69.40
CA ALA A 153 5.56 -118.28 -70.41
C ALA A 153 4.14 -118.38 -69.83
N VAL B 2 -11.87 -97.41 -41.11
CA VAL B 2 -10.46 -97.57 -40.75
C VAL B 2 -9.91 -98.93 -41.16
N PHE B 3 -9.27 -98.98 -42.32
CA PHE B 3 -8.76 -100.24 -42.87
C PHE B 3 -7.25 -100.38 -42.62
N GLU B 4 -6.88 -101.14 -41.59
CA GLU B 4 -5.48 -101.39 -41.28
C GLU B 4 -5.06 -102.81 -41.68
N GLY B 5 -3.79 -103.13 -41.50
CA GLY B 5 -3.26 -104.42 -41.90
C GLY B 5 -2.80 -105.34 -40.77
N HIS B 6 -3.11 -106.61 -40.89
CA HIS B 6 -2.73 -107.62 -39.92
C HIS B 6 -1.21 -107.76 -39.87
N LEU B 7 -0.69 -108.61 -38.98
CA LEU B 7 0.76 -108.80 -38.91
C LEU B 7 1.18 -110.25 -38.62
N VAL B 8 0.22 -111.11 -38.32
CA VAL B 8 0.50 -112.53 -38.22
C VAL B 8 0.20 -113.19 -39.56
N GLY B 9 1.18 -113.91 -40.10
CA GLY B 9 1.02 -114.54 -41.40
C GLY B 9 0.99 -116.04 -41.35
N THR B 10 0.07 -116.60 -40.56
CA THR B 10 -0.03 -118.04 -40.41
C THR B 10 -0.09 -118.76 -41.76
N GLY B 11 -0.99 -118.31 -42.63
CA GLY B 11 -1.16 -118.94 -43.93
C GLY B 11 -0.82 -118.01 -45.08
N LEU B 12 0.47 -117.74 -45.26
CA LEU B 12 0.92 -116.83 -46.31
C LEU B 12 1.79 -117.50 -47.36
N LYS B 13 1.78 -116.95 -48.56
CA LYS B 13 2.57 -117.47 -49.67
C LYS B 13 3.50 -116.36 -50.15
N VAL B 14 4.75 -116.38 -49.70
CA VAL B 14 5.67 -115.29 -50.00
C VAL B 14 6.77 -115.70 -50.98
N GLY B 15 7.13 -114.78 -51.87
CA GLY B 15 8.21 -115.01 -52.82
C GLY B 15 9.27 -113.93 -52.71
N VAL B 16 10.54 -114.34 -52.80
CA VAL B 16 11.66 -113.42 -52.63
C VAL B 16 12.62 -113.42 -53.80
N VAL B 17 13.02 -112.24 -54.25
CA VAL B 17 14.00 -112.10 -55.31
C VAL B 17 15.24 -111.40 -54.79
N VAL B 18 16.35 -112.13 -54.68
CA VAL B 18 17.59 -111.58 -54.14
C VAL B 18 18.69 -111.45 -55.18
N GLY B 19 19.36 -110.31 -55.18
CA GLY B 19 20.44 -110.05 -56.11
C GLY B 19 21.74 -110.62 -55.59
N ARG B 20 22.45 -111.35 -56.44
CA ARG B 20 23.69 -112.03 -56.03
C ARG B 20 24.85 -111.05 -55.78
N PHE B 21 24.89 -109.99 -56.58
CA PHE B 21 25.96 -109.00 -56.45
C PHE B 21 25.98 -108.44 -55.03
N ASN B 22 27.18 -108.27 -54.48
CA ASN B 22 27.34 -107.89 -53.08
C ASN B 22 26.73 -108.94 -52.16
N GLU B 23 26.88 -110.20 -52.55
CA GLU B 23 26.34 -111.34 -51.80
C GLU B 23 26.71 -111.24 -50.32
N PHE B 24 27.85 -110.62 -50.04
CA PHE B 24 28.32 -110.48 -48.67
C PHE B 24 27.27 -109.79 -47.79
N ILE B 25 26.47 -108.92 -48.40
CA ILE B 25 25.43 -108.20 -47.68
C ILE B 25 24.06 -108.81 -47.91
N THR B 26 23.72 -109.01 -49.18
CA THR B 26 22.42 -109.58 -49.54
C THR B 26 22.20 -110.92 -48.86
N SER B 27 23.29 -111.62 -48.55
CA SER B 27 23.20 -112.89 -47.86
C SER B 27 22.49 -112.72 -46.52
N LYS B 28 23.14 -112.01 -45.60
CA LYS B 28 22.55 -111.74 -44.30
C LYS B 28 21.22 -111.02 -44.46
N LEU B 29 21.09 -110.29 -45.55
CA LEU B 29 19.90 -109.51 -45.82
C LEU B 29 18.70 -110.40 -46.12
N LEU B 30 18.96 -111.51 -46.82
CA LEU B 30 17.93 -112.51 -47.10
C LEU B 30 17.57 -113.27 -45.84
N GLY B 31 18.59 -113.68 -45.10
CA GLY B 31 18.38 -114.40 -43.86
C GLY B 31 17.51 -113.62 -42.90
N GLY B 32 17.48 -112.31 -43.06
CA GLY B 32 16.63 -111.45 -42.23
C GLY B 32 15.17 -111.66 -42.55
N ALA B 33 14.84 -111.70 -43.84
CA ALA B 33 13.47 -111.88 -44.28
C ALA B 33 13.03 -113.34 -44.11
N LEU B 34 13.94 -114.25 -44.43
CA LEU B 34 13.65 -115.67 -44.40
C LEU B 34 13.65 -116.20 -42.97
N ASP B 35 13.80 -115.29 -42.01
CA ASP B 35 13.75 -115.64 -40.59
C ASP B 35 12.72 -114.77 -39.87
N GLY B 36 12.32 -113.69 -40.54
CA GLY B 36 11.25 -112.85 -40.04
C GLY B 36 9.92 -113.44 -40.47
N LEU B 37 9.91 -114.01 -41.67
CA LEU B 37 8.73 -114.69 -42.17
C LEU B 37 8.47 -115.95 -41.35
N LYS B 38 9.50 -116.79 -41.23
CA LYS B 38 9.37 -118.03 -40.48
C LYS B 38 8.81 -117.80 -39.08
N ARG B 39 9.42 -116.88 -38.34
CA ARG B 39 9.06 -116.65 -36.95
C ARG B 39 7.76 -115.84 -36.80
N HIS B 40 7.25 -115.34 -37.90
CA HIS B 40 5.98 -114.65 -37.90
C HIS B 40 4.88 -115.63 -38.25
N GLY B 41 5.18 -116.92 -38.31
CA GLY B 41 4.13 -117.85 -38.57
C GLY B 41 3.99 -118.21 -40.05
N VAL B 42 4.87 -117.67 -40.89
CA VAL B 42 4.83 -118.06 -42.29
C VAL B 42 5.71 -119.27 -42.41
N GLU B 43 5.19 -120.24 -43.10
CA GLU B 43 5.84 -121.51 -43.39
C GLU B 43 7.24 -121.41 -43.96
N GLU B 44 8.15 -122.18 -43.37
CA GLU B 44 9.53 -122.28 -43.82
C GLU B 44 9.56 -123.03 -45.15
N ASN B 45 8.50 -123.73 -45.45
CA ASN B 45 8.41 -124.49 -46.67
C ASN B 45 7.53 -123.80 -47.70
N ASP B 46 7.05 -122.60 -47.41
CA ASP B 46 6.16 -121.89 -48.33
C ASP B 46 6.81 -120.58 -48.81
N ILE B 47 8.14 -120.60 -48.91
CA ILE B 47 8.88 -119.44 -49.35
C ILE B 47 9.82 -119.79 -50.50
N ASP B 48 9.71 -119.07 -51.60
CA ASP B 48 10.58 -119.27 -52.74
C ASP B 48 11.56 -118.11 -52.92
N VAL B 49 12.81 -118.43 -53.21
CA VAL B 49 13.84 -117.42 -53.41
C VAL B 49 14.39 -117.47 -54.84
N ALA B 50 14.47 -116.30 -55.47
CA ALA B 50 14.96 -116.19 -56.83
C ALA B 50 16.24 -115.35 -56.90
N TRP B 51 17.36 -116.01 -57.18
CA TRP B 51 18.64 -115.33 -57.29
C TRP B 51 18.86 -114.74 -58.67
N VAL B 52 18.97 -113.42 -58.74
CA VAL B 52 19.26 -112.75 -59.98
C VAL B 52 20.70 -112.23 -59.97
N PRO B 53 21.27 -111.97 -61.18
CA PRO B 53 22.67 -111.51 -61.21
C PRO B 53 22.89 -110.42 -60.13
N GLY B 54 22.14 -109.31 -60.28
CA GLY B 54 22.15 -108.12 -59.40
C GLY B 54 20.79 -107.36 -59.46
N ALA B 55 20.74 -106.27 -58.73
CA ALA B 55 19.52 -105.45 -58.63
C ALA B 55 18.93 -105.10 -59.99
N PHE B 56 19.71 -104.64 -60.97
CA PHE B 56 19.07 -104.27 -62.22
C PHE B 56 18.16 -105.37 -62.78
N GLU B 57 18.42 -106.63 -62.50
CA GLU B 57 17.59 -107.69 -63.05
C GLU B 57 16.41 -108.03 -62.18
N ILE B 58 16.33 -107.44 -60.98
CA ILE B 58 15.26 -107.72 -59.96
C ILE B 58 13.79 -107.30 -60.31
N PRO B 59 13.68 -106.29 -61.15
CA PRO B 59 12.36 -105.93 -61.67
C PRO B 59 11.77 -106.99 -62.62
N LEU B 60 12.60 -107.54 -63.50
CA LEU B 60 12.12 -108.52 -64.46
C LEU B 60 11.65 -109.81 -63.80
N ILE B 61 12.52 -110.42 -63.01
CA ILE B 61 12.20 -111.69 -62.34
C ILE B 61 11.15 -111.52 -61.24
N ALA B 62 11.14 -110.36 -60.61
CA ALA B 62 10.12 -110.05 -59.61
C ALA B 62 8.75 -109.97 -60.25
N LYS B 63 8.72 -109.58 -61.52
CA LYS B 63 7.49 -109.50 -62.29
C LYS B 63 6.94 -110.89 -62.58
N LYS B 64 7.81 -111.80 -63.01
CA LYS B 64 7.41 -113.16 -63.37
C LYS B 64 7.07 -114.01 -62.15
N MET B 65 7.19 -113.43 -60.97
CA MET B 65 6.79 -114.11 -59.74
C MET B 65 5.45 -113.58 -59.25
N ALA B 66 5.23 -112.28 -59.44
CA ALA B 66 3.93 -111.68 -59.13
C ALA B 66 2.92 -112.12 -60.18
N ASN B 67 3.34 -112.07 -61.45
CA ASN B 67 2.51 -112.56 -62.54
C ASN B 67 2.32 -114.05 -62.45
N SER B 68 3.22 -114.71 -61.72
CA SER B 68 3.11 -116.15 -61.49
C SER B 68 1.82 -116.47 -60.73
N GLY B 69 1.27 -115.47 -60.05
CA GLY B 69 0.05 -115.64 -59.29
C GLY B 69 0.13 -116.78 -58.29
N LYS B 70 1.24 -116.84 -57.56
CA LYS B 70 1.45 -117.91 -56.61
C LYS B 70 1.78 -117.36 -55.22
N TYR B 71 2.00 -116.05 -55.15
CA TYR B 71 2.42 -115.42 -53.91
C TYR B 71 1.50 -114.26 -53.54
N ASP B 72 1.24 -114.10 -52.23
CA ASP B 72 0.43 -113.00 -51.73
C ASP B 72 1.23 -111.70 -51.80
N ALA B 73 2.55 -111.84 -51.70
CA ALA B 73 3.44 -110.69 -51.76
C ALA B 73 4.84 -111.14 -52.17
N VAL B 74 5.58 -110.25 -52.82
CA VAL B 74 6.94 -110.55 -53.23
C VAL B 74 7.91 -109.56 -52.62
N ILE B 75 8.96 -110.10 -51.99
CA ILE B 75 9.99 -109.28 -51.37
C ILE B 75 11.23 -109.20 -52.26
N THR B 76 11.72 -107.98 -52.50
CA THR B 76 12.91 -107.77 -53.32
C THR B 76 14.11 -107.37 -52.46
N LEU B 77 15.10 -108.26 -52.40
CA LEU B 77 16.31 -108.01 -51.62
C LEU B 77 17.52 -107.79 -52.52
N GLY B 78 18.37 -106.84 -52.15
CA GLY B 78 19.56 -106.56 -52.92
C GLY B 78 20.42 -105.51 -52.24
N THR B 79 21.61 -105.26 -52.77
CA THR B 79 22.48 -104.23 -52.23
C THR B 79 23.29 -103.54 -53.33
N VAL B 80 23.28 -102.22 -53.32
CA VAL B 80 24.02 -101.42 -54.28
C VAL B 80 24.83 -100.36 -53.55
N ILE B 81 26.13 -100.29 -53.83
CA ILE B 81 26.99 -99.34 -53.14
C ILE B 81 27.71 -98.41 -54.10
N ARG B 82 27.82 -97.14 -53.71
CA ARG B 82 28.49 -96.11 -54.50
C ARG B 82 29.80 -96.58 -55.11
N GLY B 83 30.03 -96.18 -56.35
CA GLY B 83 31.29 -96.45 -57.02
C GLY B 83 31.99 -95.14 -57.31
N ALA B 84 32.78 -95.11 -58.38
CA ALA B 84 33.44 -93.89 -58.81
C ALA B 84 32.63 -93.21 -59.91
N THR B 85 31.72 -93.95 -60.52
CA THR B 85 30.91 -93.44 -61.62
C THR B 85 29.45 -93.29 -61.22
N THR B 86 28.69 -92.60 -62.05
CA THR B 86 27.26 -92.39 -61.82
C THR B 86 26.46 -93.65 -62.15
N HIS B 87 27.18 -94.72 -62.47
CA HIS B 87 26.55 -96.00 -62.77
C HIS B 87 25.65 -96.42 -61.62
N TYR B 88 26.09 -96.11 -60.41
CA TYR B 88 25.35 -96.46 -59.20
C TYR B 88 23.96 -95.84 -59.18
N ASP B 89 23.83 -94.64 -59.73
CA ASP B 89 22.57 -93.90 -59.69
C ASP B 89 21.50 -94.53 -60.57
N TYR B 90 21.87 -94.84 -61.81
CA TYR B 90 20.93 -95.40 -62.77
C TYR B 90 20.45 -96.78 -62.35
N VAL B 91 21.32 -97.52 -61.66
CA VAL B 91 20.97 -98.82 -61.13
C VAL B 91 19.93 -98.68 -60.02
N CYS B 92 20.30 -97.97 -58.97
CA CYS B 92 19.40 -97.73 -57.85
C CYS B 92 18.05 -97.23 -58.33
N ASN B 93 18.08 -96.22 -59.19
CA ASN B 93 16.86 -95.64 -59.74
C ASN B 93 15.95 -96.69 -60.36
N GLU B 94 16.48 -97.40 -61.36
CA GLU B 94 15.67 -98.36 -62.11
C GLU B 94 15.18 -99.52 -61.26
N VAL B 95 15.95 -99.91 -60.25
CA VAL B 95 15.51 -100.93 -59.31
C VAL B 95 14.33 -100.42 -58.51
N ALA B 96 14.53 -99.30 -57.83
CA ALA B 96 13.46 -98.63 -57.09
C ALA B 96 12.52 -97.89 -58.02
N LYS B 97 12.36 -98.42 -59.23
CA LYS B 97 11.47 -97.81 -60.22
C LYS B 97 10.60 -98.85 -60.90
N GLY B 98 11.22 -99.96 -61.30
CA GLY B 98 10.49 -101.16 -61.66
C GLY B 98 9.82 -101.81 -60.46
N VAL B 99 10.63 -102.26 -59.52
CA VAL B 99 10.12 -102.77 -58.24
C VAL B 99 9.10 -101.82 -57.64
N ALA B 100 9.20 -100.54 -58.01
CA ALA B 100 9.08 -99.47 -57.04
C ALA B 100 7.65 -98.98 -56.93
N SER B 101 7.09 -98.49 -58.03
CA SER B 101 5.65 -98.38 -58.20
C SER B 101 5.20 -98.93 -59.55
N LEU B 102 6.16 -99.08 -60.47
CA LEU B 102 5.92 -99.83 -61.69
C LEU B 102 5.03 -101.04 -61.44
N SER B 103 5.37 -101.80 -60.40
CA SER B 103 4.68 -103.05 -60.10
C SER B 103 3.39 -102.83 -59.37
N LEU B 104 2.56 -101.92 -59.91
CA LEU B 104 1.24 -101.68 -59.37
C LEU B 104 0.33 -102.39 -60.32
N GLN B 105 0.86 -102.62 -61.51
CA GLN B 105 0.08 -103.22 -62.54
C GLN B 105 -0.55 -104.56 -62.14
N THR B 106 0.18 -105.34 -61.34
CA THR B 106 -0.22 -106.71 -60.91
C THR B 106 -1.23 -106.73 -59.78
N ASP B 107 -1.09 -105.72 -58.98
CA ASP B 107 -1.89 -105.61 -57.82
C ASP B 107 -1.50 -106.74 -56.86
N ILE B 108 -0.22 -107.10 -56.85
CA ILE B 108 0.28 -108.05 -55.87
C ILE B 108 1.27 -107.22 -55.08
N PRO B 109 1.24 -107.33 -53.74
CA PRO B 109 2.18 -106.48 -52.98
C PRO B 109 3.65 -106.68 -53.31
N VAL B 110 4.40 -105.62 -53.72
CA VAL B 110 5.82 -105.87 -53.96
C VAL B 110 6.61 -104.93 -53.06
N ILE B 111 7.25 -105.51 -52.05
CA ILE B 111 8.03 -104.75 -51.08
C ILE B 111 9.42 -104.46 -51.60
N PHE B 112 9.79 -103.19 -51.63
CA PHE B 112 11.13 -102.79 -52.06
C PHE B 112 12.11 -102.83 -50.88
N GLY B 113 12.94 -103.86 -50.85
CA GLY B 113 13.92 -104.01 -49.80
C GLY B 113 15.33 -104.09 -50.36
N VAL B 114 15.68 -103.13 -51.21
CA VAL B 114 17.01 -103.08 -51.81
C VAL B 114 17.84 -101.98 -51.15
N LEU B 115 18.91 -102.39 -50.49
CA LEU B 115 19.82 -101.44 -49.85
C LEU B 115 20.53 -100.59 -50.89
N THR B 116 20.47 -99.27 -50.69
CA THR B 116 21.14 -98.34 -51.57
C THR B 116 21.95 -97.36 -50.74
N THR B 117 23.23 -97.68 -50.55
CA THR B 117 24.07 -96.96 -49.58
C THR B 117 25.26 -96.27 -50.20
N GLU B 118 26.14 -95.78 -49.33
CA GLU B 118 27.34 -95.05 -49.75
C GLU B 118 28.59 -95.83 -49.36
N THR B 119 28.53 -96.48 -48.21
CA THR B 119 29.68 -97.19 -47.67
C THR B 119 29.39 -98.68 -47.55
N ILE B 120 30.43 -99.48 -47.66
CA ILE B 120 30.32 -100.90 -47.34
C ILE B 120 29.96 -101.03 -45.87
N GLU B 121 30.38 -100.03 -45.09
CA GLU B 121 30.10 -100.00 -43.67
C GLU B 121 28.65 -99.59 -43.40
N GLN B 122 28.05 -98.84 -44.32
CA GLN B 122 26.67 -98.43 -44.16
C GLN B 122 25.72 -99.57 -44.49
N ALA B 123 26.00 -100.26 -45.58
CA ALA B 123 25.22 -101.43 -45.96
C ALA B 123 25.31 -102.47 -44.86
N ILE B 124 26.47 -102.58 -44.24
CA ILE B 124 26.69 -103.56 -43.18
C ILE B 124 25.96 -103.14 -41.91
N GLU B 125 25.52 -101.89 -41.85
CA GLU B 125 24.76 -101.37 -40.72
C GLU B 125 23.31 -101.84 -40.80
N ARG B 126 22.79 -101.90 -42.01
CA ARG B 126 21.40 -102.31 -42.23
C ARG B 126 21.28 -103.80 -42.52
N ALA B 127 22.41 -104.48 -42.62
CA ALA B 127 22.43 -105.89 -42.93
C ALA B 127 22.31 -106.77 -41.68
N GLY B 128 21.86 -106.17 -40.60
CA GLY B 128 21.76 -106.89 -39.40
C GLY B 128 22.74 -106.33 -38.39
N THR B 129 22.84 -105.00 -38.26
CA THR B 129 23.70 -104.40 -37.25
C THR B 129 23.00 -103.21 -36.67
N LYS B 130 23.73 -102.18 -36.36
CA LYS B 130 23.17 -100.98 -35.73
C LYS B 130 21.74 -100.59 -36.17
N ALA B 131 21.48 -100.43 -37.45
CA ALA B 131 20.16 -100.01 -37.85
C ALA B 131 19.15 -101.19 -37.89
N GLY B 132 19.63 -102.43 -37.68
CA GLY B 132 18.77 -103.63 -37.72
C GLY B 132 18.86 -104.32 -39.10
N ASN B 133 18.15 -105.43 -39.31
CA ASN B 133 18.16 -106.09 -40.60
C ASN B 133 16.99 -105.66 -41.47
N LYS B 134 17.30 -104.94 -42.55
CA LYS B 134 16.27 -104.39 -43.43
C LYS B 134 15.56 -105.46 -44.25
N GLY B 135 16.06 -106.69 -44.16
CA GLY B 135 15.39 -107.82 -44.77
C GLY B 135 14.24 -108.30 -43.90
N TYR B 136 14.50 -108.34 -42.59
CA TYR B 136 13.49 -108.69 -41.62
C TYR B 136 12.34 -107.69 -41.69
N GLU B 137 12.69 -106.41 -41.75
CA GLU B 137 11.69 -105.34 -41.79
C GLU B 137 10.88 -105.37 -43.08
N SER B 138 11.51 -105.81 -44.16
CA SER B 138 10.85 -105.85 -45.46
C SER B 138 9.94 -107.08 -45.57
N ALA B 139 10.09 -108.01 -44.64
CA ALA B 139 9.24 -109.18 -44.58
C ALA B 139 7.99 -108.86 -43.76
N VAL B 140 8.19 -108.14 -42.66
CA VAL B 140 7.09 -107.66 -41.84
C VAL B 140 6.16 -106.78 -42.67
N ALA B 141 6.75 -106.02 -43.59
CA ALA B 141 5.97 -105.18 -44.49
C ALA B 141 5.21 -106.02 -45.49
N ALA B 142 5.79 -107.15 -45.88
CA ALA B 142 5.16 -108.05 -46.84
C ALA B 142 3.91 -108.69 -46.25
N ILE B 143 4.04 -109.20 -45.03
CA ILE B 143 2.92 -109.82 -44.34
C ILE B 143 1.78 -108.81 -44.17
N GLU B 144 2.12 -107.61 -43.75
CA GLU B 144 1.13 -106.56 -43.54
C GLU B 144 0.42 -106.21 -44.84
N MET B 145 1.21 -105.93 -45.88
CA MET B 145 0.64 -105.60 -47.17
C MET B 145 -0.29 -106.70 -47.66
N ALA B 146 0.16 -107.94 -47.53
CA ALA B 146 -0.64 -109.09 -47.93
C ALA B 146 -2.00 -109.05 -47.25
N HIS B 147 -2.00 -108.83 -45.94
CA HIS B 147 -3.23 -108.77 -45.15
C HIS B 147 -3.97 -107.45 -45.37
N LEU B 148 -4.02 -106.99 -46.61
CA LEU B 148 -4.80 -105.81 -46.98
C LEU B 148 -5.55 -106.15 -48.25
N SER B 149 -6.86 -106.45 -48.07
CA SER B 149 -7.72 -106.96 -49.14
C SER B 149 -9.01 -106.23 -49.54
N LYS B 150 -8.78 -105.51 -50.62
CA LYS B 150 -9.72 -104.83 -51.42
C LYS B 150 -9.20 -105.40 -52.77
N HIS B 151 -10.08 -105.65 -53.73
CA HIS B 151 -9.68 -106.17 -55.03
C HIS B 151 -10.38 -105.40 -56.10
N TRP B 152 -9.65 -105.11 -57.13
CA TRP B 152 -10.30 -104.35 -58.17
C TRP B 152 -11.02 -105.27 -59.11
N ALA B 153 -12.26 -104.89 -59.43
CA ALA B 153 -13.11 -105.67 -60.33
C ALA B 153 -14.36 -104.88 -60.68
N VAL C 2 -14.88 -69.63 -66.52
CA VAL C 2 -14.17 -69.65 -65.24
C VAL C 2 -14.67 -70.79 -64.35
N PHE C 3 -13.74 -71.54 -63.76
CA PHE C 3 -14.07 -72.75 -63.02
C PHE C 3 -13.34 -72.88 -61.68
N GLU C 4 -13.78 -72.13 -60.67
CA GLU C 4 -13.19 -72.24 -59.34
C GLU C 4 -13.69 -73.50 -58.64
N GLY C 5 -13.03 -73.89 -57.55
CA GLY C 5 -13.41 -75.08 -56.82
C GLY C 5 -14.01 -74.78 -55.45
N HIS C 6 -15.18 -75.37 -55.20
CA HIS C 6 -15.89 -75.19 -53.94
C HIS C 6 -15.01 -75.59 -52.77
N LEU C 7 -15.35 -75.13 -51.56
CA LEU C 7 -14.53 -75.44 -50.39
C LEU C 7 -15.34 -76.03 -49.22
N VAL C 8 -16.67 -75.96 -49.33
CA VAL C 8 -17.53 -76.58 -48.33
C VAL C 8 -17.89 -77.99 -48.79
N GLY C 9 -17.33 -78.99 -48.11
CA GLY C 9 -17.54 -80.37 -48.50
C GLY C 9 -18.48 -81.12 -47.59
N THR C 10 -19.72 -80.66 -47.51
CA THR C 10 -20.73 -81.32 -46.68
C THR C 10 -20.93 -82.77 -47.09
N GLY C 11 -21.40 -82.97 -48.31
CA GLY C 11 -21.70 -84.31 -48.79
C GLY C 11 -20.55 -84.97 -49.54
N LEU C 12 -19.44 -85.19 -48.84
CA LEU C 12 -18.27 -85.77 -49.47
C LEU C 12 -17.83 -87.06 -48.79
N LYS C 13 -17.30 -87.99 -49.58
CA LYS C 13 -16.66 -89.19 -49.06
C LYS C 13 -15.17 -89.10 -49.34
N VAL C 14 -14.36 -89.10 -48.29
CA VAL C 14 -12.91 -88.99 -48.46
C VAL C 14 -12.22 -90.26 -47.98
N GLY C 15 -11.08 -90.58 -48.59
CA GLY C 15 -10.29 -91.72 -48.19
C GLY C 15 -8.85 -91.32 -47.96
N VAL C 16 -8.28 -91.75 -46.84
CA VAL C 16 -6.93 -91.37 -46.48
C VAL C 16 -5.99 -92.57 -46.35
N VAL C 17 -4.78 -92.43 -46.87
CA VAL C 17 -3.76 -93.46 -46.77
C VAL C 17 -2.53 -92.92 -46.06
N VAL C 18 -2.31 -93.37 -44.83
CA VAL C 18 -1.21 -92.85 -44.02
C VAL C 18 -0.11 -93.88 -43.81
N GLY C 19 1.13 -93.42 -43.79
CA GLY C 19 2.27 -94.29 -43.58
C GLY C 19 2.63 -94.42 -42.12
N ARG C 20 2.86 -95.67 -41.68
CA ARG C 20 3.15 -95.95 -40.27
C ARG C 20 4.54 -95.46 -39.87
N PHE C 21 5.49 -95.56 -40.80
CA PHE C 21 6.85 -95.09 -40.53
C PHE C 21 6.83 -93.60 -40.22
N ASN C 22 7.65 -93.18 -39.26
CA ASN C 22 7.62 -91.81 -38.77
C ASN C 22 6.25 -91.48 -38.20
N GLU C 23 5.65 -92.46 -37.52
CA GLU C 23 4.33 -92.33 -36.92
C GLU C 23 4.27 -91.11 -36.01
N PHE C 24 5.38 -90.79 -35.39
CA PHE C 24 5.48 -89.64 -34.49
C PHE C 24 5.04 -88.36 -35.21
N ILE C 25 5.27 -88.30 -36.51
CA ILE C 25 4.89 -87.13 -37.30
C ILE C 25 3.59 -87.37 -38.05
N THR C 26 3.50 -88.49 -38.76
CA THR C 26 2.33 -88.81 -39.55
C THR C 26 1.06 -88.87 -38.69
N SER C 27 1.24 -89.14 -37.40
CA SER C 27 0.12 -89.14 -36.46
C SER C 27 -0.58 -87.79 -36.46
N LYS C 28 0.13 -86.77 -35.99
CA LYS C 28 -0.41 -85.40 -35.97
C LYS C 28 -0.74 -84.93 -37.37
N LEU C 29 -0.12 -85.56 -38.36
CA LEU C 29 -0.33 -85.21 -39.76
C LEU C 29 -1.70 -85.67 -40.19
N LEU C 30 -2.12 -86.82 -39.66
CA LEU C 30 -3.45 -87.36 -39.91
C LEU C 30 -4.48 -86.51 -39.17
N GLY C 31 -4.01 -85.76 -38.17
CA GLY C 31 -4.85 -84.82 -37.48
C GLY C 31 -5.37 -83.76 -38.43
N GLY C 32 -4.91 -83.82 -39.68
CA GLY C 32 -5.39 -82.94 -40.73
C GLY C 32 -6.68 -83.47 -41.31
N ALA C 33 -6.84 -84.79 -41.29
CA ALA C 33 -8.09 -85.42 -41.68
C ALA C 33 -9.20 -84.91 -40.76
N LEU C 34 -9.21 -85.41 -39.53
CA LEU C 34 -10.11 -84.89 -38.52
C LEU C 34 -9.72 -83.45 -38.22
N ASP C 35 -10.59 -82.71 -37.54
CA ASP C 35 -10.37 -81.29 -37.30
C ASP C 35 -9.96 -80.58 -38.59
N GLY C 36 -10.29 -81.20 -39.72
CA GLY C 36 -9.94 -80.65 -41.02
C GLY C 36 -11.07 -80.87 -42.00
N LEU C 37 -11.31 -82.13 -42.35
CA LEU C 37 -12.45 -82.49 -43.16
C LEU C 37 -13.73 -82.30 -42.34
N LYS C 38 -13.62 -82.55 -41.04
CA LYS C 38 -14.74 -82.40 -40.12
C LYS C 38 -15.34 -81.00 -40.19
N ARG C 39 -14.51 -80.00 -39.87
CA ARG C 39 -14.99 -78.62 -39.80
C ARG C 39 -15.37 -78.03 -41.15
N HIS C 40 -15.02 -78.72 -42.23
CA HIS C 40 -15.38 -78.25 -43.57
C HIS C 40 -16.67 -78.88 -44.08
N GLY C 41 -17.30 -79.69 -43.24
CA GLY C 41 -18.60 -80.26 -43.56
C GLY C 41 -18.65 -81.78 -43.62
N VAL C 42 -17.54 -82.40 -43.97
CA VAL C 42 -17.49 -83.86 -44.13
C VAL C 42 -17.97 -84.58 -42.88
N GLU C 43 -18.73 -85.69 -43.05
CA GLU C 43 -19.31 -86.42 -41.95
C GLU C 43 -18.30 -87.26 -41.15
N GLU C 44 -18.37 -87.14 -39.80
CA GLU C 44 -17.52 -87.80 -38.81
C GLU C 44 -17.53 -89.28 -39.08
N ASN C 45 -16.30 -89.76 -39.25
CA ASN C 45 -15.95 -91.11 -39.67
C ASN C 45 -16.96 -91.54 -40.75
N ASP C 46 -16.77 -90.86 -41.90
CA ASP C 46 -17.45 -91.07 -43.20
C ASP C 46 -16.27 -90.99 -44.10
N ILE C 47 -15.17 -91.08 -43.40
CA ILE C 47 -13.87 -91.02 -43.97
C ILE C 47 -13.10 -92.24 -43.51
N ASP C 48 -12.45 -92.92 -44.45
CA ASP C 48 -11.68 -94.11 -44.12
C ASP C 48 -10.18 -93.87 -44.14
N VAL C 49 -9.48 -94.51 -43.20
CA VAL C 49 -8.04 -94.36 -43.09
C VAL C 49 -7.33 -95.69 -43.30
N ALA C 50 -6.36 -95.69 -44.20
CA ALA C 50 -5.59 -96.89 -44.52
C ALA C 50 -4.15 -96.76 -44.09
N TRP C 51 -3.73 -97.60 -43.14
CA TRP C 51 -2.36 -97.59 -42.65
C TRP C 51 -1.48 -98.53 -43.45
N VAL C 52 -0.44 -97.97 -44.06
CA VAL C 52 0.52 -98.76 -44.82
C VAL C 52 1.89 -98.63 -44.18
N PRO C 53 2.70 -99.71 -44.27
CA PRO C 53 4.04 -99.77 -43.66
C PRO C 53 4.86 -98.50 -43.90
N GLY C 54 5.39 -98.35 -45.11
CA GLY C 54 6.21 -97.21 -45.44
C GLY C 54 5.55 -96.28 -46.45
N ALA C 55 6.09 -95.07 -46.58
CA ALA C 55 5.59 -94.12 -47.55
C ALA C 55 5.63 -94.72 -48.94
N PHE C 56 6.49 -95.71 -49.10
CA PHE C 56 6.68 -96.38 -50.38
C PHE C 56 5.48 -97.22 -50.77
N GLU C 57 4.74 -97.68 -49.76
CA GLU C 57 3.60 -98.57 -49.98
C GLU C 57 2.32 -97.79 -50.20
N ILE C 58 2.40 -96.47 -50.03
CA ILE C 58 1.22 -95.61 -50.19
C ILE C 58 0.58 -95.71 -51.56
N PRO C 59 1.37 -95.52 -52.64
CA PRO C 59 0.82 -95.54 -53.99
C PRO C 59 -0.07 -96.75 -54.27
N LEU C 60 0.38 -97.94 -53.87
CA LEU C 60 -0.39 -99.16 -54.14
C LEU C 60 -1.78 -99.12 -53.49
N ILE C 61 -1.83 -98.84 -52.20
CA ILE C 61 -3.08 -98.84 -51.45
C ILE C 61 -3.91 -97.59 -51.72
N ALA C 62 -3.25 -96.48 -52.04
CA ALA C 62 -3.96 -95.28 -52.44
C ALA C 62 -4.75 -95.58 -53.70
N LYS C 63 -4.24 -96.51 -54.50
CA LYS C 63 -4.94 -96.97 -55.69
C LYS C 63 -6.15 -97.82 -55.33
N LYS C 64 -5.91 -98.95 -54.68
CA LYS C 64 -6.97 -99.90 -54.34
C LYS C 64 -8.02 -99.32 -53.39
N MET C 65 -8.04 -98.00 -53.28
CA MET C 65 -9.11 -97.30 -52.58
C MET C 65 -9.88 -96.44 -53.56
N ALA C 66 -9.17 -95.52 -54.20
CA ALA C 66 -9.77 -94.67 -55.22
C ALA C 66 -10.08 -95.46 -56.48
N ASN C 67 -9.46 -96.63 -56.62
CA ASN C 67 -9.59 -97.44 -57.82
C ASN C 67 -11.04 -97.70 -58.18
N SER C 68 -11.83 -98.10 -57.19
CA SER C 68 -13.25 -98.27 -57.39
C SER C 68 -14.02 -97.33 -56.47
N GLY C 69 -14.99 -96.61 -57.05
CA GLY C 69 -15.75 -95.59 -56.34
C GLY C 69 -16.14 -95.91 -54.92
N LYS C 70 -15.45 -95.28 -53.97
CA LYS C 70 -15.79 -95.37 -52.56
C LYS C 70 -15.74 -93.95 -52.01
N TYR C 71 -14.89 -93.13 -52.63
CA TYR C 71 -14.65 -91.76 -52.17
C TYR C 71 -14.60 -90.80 -53.35
N ASP C 72 -14.87 -89.53 -53.07
CA ASP C 72 -14.82 -88.49 -54.09
C ASP C 72 -13.39 -87.98 -54.26
N ALA C 73 -12.55 -88.28 -53.28
CA ALA C 73 -11.15 -87.89 -53.32
C ALA C 73 -10.36 -88.65 -52.28
N VAL C 74 -9.12 -88.99 -52.60
CA VAL C 74 -8.24 -89.72 -51.68
C VAL C 74 -7.03 -88.89 -51.28
N ILE C 75 -6.77 -88.84 -49.98
CA ILE C 75 -5.63 -88.09 -49.45
C ILE C 75 -4.52 -89.04 -49.02
N THR C 76 -3.29 -88.72 -49.42
CA THR C 76 -2.13 -89.52 -49.02
C THR C 76 -1.26 -88.78 -48.00
N LEU C 77 -1.12 -89.37 -46.83
CA LEU C 77 -0.29 -88.80 -45.77
C LEU C 77 0.88 -89.70 -45.41
N GLY C 78 2.01 -89.09 -45.07
CA GLY C 78 3.20 -89.83 -44.68
C GLY C 78 4.35 -88.88 -44.44
N THR C 79 5.47 -89.42 -43.98
CA THR C 79 6.67 -88.60 -43.74
C THR C 79 7.92 -89.35 -44.12
N VAL C 80 8.88 -88.63 -44.70
CA VAL C 80 10.16 -89.19 -45.08
C VAL C 80 11.29 -88.22 -44.73
N ILE C 81 12.27 -88.70 -43.97
CA ILE C 81 13.36 -87.84 -43.52
C ILE C 81 14.72 -88.34 -44.01
N ARG C 82 15.57 -87.41 -44.42
CA ARG C 82 16.90 -87.71 -44.92
C ARG C 82 17.70 -88.65 -44.03
N GLY C 83 18.32 -89.64 -44.64
CA GLY C 83 19.22 -90.53 -43.93
C GLY C 83 20.64 -90.33 -44.41
N ALA C 84 21.50 -91.31 -44.15
CA ALA C 84 22.89 -91.25 -44.60
C ALA C 84 23.00 -91.71 -46.05
N THR C 85 22.06 -92.54 -46.46
CA THR C 85 22.06 -93.11 -47.80
C THR C 85 21.12 -92.34 -48.73
N THR C 86 21.25 -92.58 -50.03
CA THR C 86 20.39 -91.95 -51.02
C THR C 86 19.03 -92.64 -51.08
N HIS C 87 18.82 -93.58 -50.17
CA HIS C 87 17.55 -94.29 -50.07
C HIS C 87 16.38 -93.31 -49.93
N TYR C 88 16.63 -92.23 -49.20
CA TYR C 88 15.62 -91.20 -48.98
C TYR C 88 15.06 -90.65 -50.30
N ASP C 89 15.90 -90.60 -51.32
CA ASP C 89 15.52 -90.00 -52.59
C ASP C 89 14.59 -90.91 -53.39
N TYR C 90 14.97 -92.18 -53.53
CA TYR C 90 14.20 -93.12 -54.33
C TYR C 90 12.82 -93.36 -53.74
N VAL C 91 12.69 -93.21 -52.43
CA VAL C 91 11.40 -93.34 -51.76
C VAL C 91 10.52 -92.12 -52.07
N CYS C 92 10.99 -90.94 -51.66
CA CYS C 92 10.28 -89.68 -51.93
C CYS C 92 9.82 -89.62 -53.38
N ASN C 93 10.77 -89.76 -54.30
CA ASN C 93 10.47 -89.72 -55.72
C ASN C 93 9.28 -90.59 -56.10
N GLU C 94 9.40 -91.89 -55.83
CA GLU C 94 8.40 -92.86 -56.26
C GLU C 94 7.05 -92.67 -55.59
N VAL C 95 7.05 -92.11 -54.38
CA VAL C 95 5.80 -91.78 -53.71
C VAL C 95 5.09 -90.69 -54.49
N ALA C 96 5.78 -89.57 -54.69
CA ALA C 96 5.24 -88.47 -55.46
C ALA C 96 4.94 -88.93 -56.89
N LYS C 97 5.84 -89.73 -57.43
CA LYS C 97 5.69 -90.27 -58.78
C LYS C 97 4.42 -91.10 -58.87
N GLY C 98 4.23 -91.99 -57.90
CA GLY C 98 3.05 -92.85 -57.88
C GLY C 98 1.77 -92.08 -57.68
N VAL C 99 1.68 -91.35 -56.58
CA VAL C 99 0.47 -90.58 -56.25
C VAL C 99 0.06 -89.62 -57.38
N ALA C 100 1.04 -89.03 -58.06
CA ALA C 100 0.77 -88.11 -59.17
C ALA C 100 0.41 -88.86 -60.44
N SER C 101 1.35 -89.64 -60.95
CA SER C 101 1.14 -90.39 -62.19
C SER C 101 -0.12 -91.23 -62.14
N LEU C 102 -0.34 -91.92 -61.02
CA LEU C 102 -1.54 -92.72 -60.86
C LEU C 102 -2.66 -91.97 -60.14
N SER C 103 -2.85 -90.73 -60.56
CA SER C 103 -3.99 -89.91 -60.15
C SER C 103 -4.66 -89.40 -61.40
N LEU C 104 -4.05 -89.70 -62.54
CA LEU C 104 -4.58 -89.34 -63.84
C LEU C 104 -5.29 -90.54 -64.45
N GLN C 105 -4.75 -91.73 -64.16
CA GLN C 105 -5.34 -92.96 -64.69
C GLN C 105 -6.73 -93.22 -64.11
N THR C 106 -6.89 -92.89 -62.82
CA THR C 106 -8.17 -93.03 -62.16
C THR C 106 -9.03 -91.84 -62.52
N ASP C 107 -8.48 -90.65 -62.42
CA ASP C 107 -9.30 -89.49 -62.71
C ASP C 107 -10.00 -89.07 -61.45
N ILE C 108 -9.77 -89.80 -60.36
CA ILE C 108 -10.34 -89.41 -59.07
C ILE C 108 -9.25 -88.69 -58.33
N PRO C 109 -9.63 -87.52 -57.86
CA PRO C 109 -8.67 -86.64 -57.20
C PRO C 109 -7.78 -87.30 -56.14
N VAL C 110 -6.47 -87.37 -56.33
CA VAL C 110 -5.60 -87.92 -55.31
C VAL C 110 -4.58 -86.88 -54.85
N ILE C 111 -4.84 -86.29 -53.69
CA ILE C 111 -3.98 -85.23 -53.16
C ILE C 111 -2.71 -85.78 -52.54
N PHE C 112 -1.57 -85.21 -52.94
CA PHE C 112 -0.28 -85.65 -52.43
C PHE C 112 0.12 -84.87 -51.18
N GLY C 113 0.07 -85.54 -50.04
CA GLY C 113 0.42 -84.91 -48.77
C GLY C 113 1.47 -85.69 -48.01
N VAL C 114 2.61 -85.91 -48.64
CA VAL C 114 3.72 -86.63 -48.01
C VAL C 114 4.88 -85.67 -47.71
N LEU C 115 5.19 -85.53 -46.43
CA LEU C 115 6.28 -84.67 -46.00
C LEU C 115 7.63 -85.22 -46.43
N THR C 116 8.44 -84.36 -47.03
CA THR C 116 9.77 -84.76 -47.46
C THR C 116 10.78 -83.77 -46.92
N THR C 117 11.30 -84.05 -45.73
CA THR C 117 12.14 -83.09 -45.03
C THR C 117 13.58 -83.56 -44.83
N GLU C 118 14.41 -82.67 -44.31
CA GLU C 118 15.81 -82.96 -44.02
C GLU C 118 16.00 -83.21 -42.52
N THR C 119 15.22 -82.50 -41.72
CA THR C 119 15.32 -82.60 -40.27
C THR C 119 14.03 -83.14 -39.65
N ILE C 120 14.17 -83.80 -38.51
CA ILE C 120 13.01 -84.19 -37.72
C ILE C 120 12.32 -82.90 -37.26
N GLU C 121 13.10 -81.84 -37.14
CA GLU C 121 12.59 -80.55 -36.71
C GLU C 121 11.79 -79.88 -37.83
N GLN C 122 12.07 -80.27 -39.07
CA GLN C 122 11.36 -79.73 -40.22
C GLN C 122 10.02 -80.43 -40.40
N ALA C 123 9.98 -81.70 -40.01
CA ALA C 123 8.74 -82.47 -40.04
C ALA C 123 7.77 -81.91 -39.01
N ILE C 124 8.28 -81.70 -37.80
CA ILE C 124 7.50 -81.08 -36.74
C ILE C 124 7.10 -79.67 -37.16
N GLU C 125 8.00 -79.02 -37.89
CA GLU C 125 7.76 -77.67 -38.37
C GLU C 125 6.51 -77.63 -39.25
N ARG C 126 6.25 -78.71 -39.95
CA ARG C 126 5.13 -78.79 -40.88
C ARG C 126 4.04 -79.78 -40.49
N ALA C 127 4.04 -80.19 -39.22
CA ALA C 127 3.04 -81.12 -38.73
C ALA C 127 2.17 -80.47 -37.67
N GLY C 128 1.95 -79.20 -37.76
CA GLY C 128 1.19 -78.59 -36.71
C GLY C 128 2.14 -77.57 -36.10
N THR C 129 3.29 -77.34 -36.68
CA THR C 129 4.04 -76.22 -36.09
C THR C 129 4.03 -75.02 -37.06
N LYS C 130 4.92 -74.06 -36.77
CA LYS C 130 5.19 -72.76 -37.48
C LYS C 130 4.60 -72.66 -38.87
N ALA C 131 4.71 -73.73 -39.67
CA ALA C 131 4.16 -73.66 -41.04
C ALA C 131 2.72 -74.13 -41.10
N GLY C 132 2.20 -74.60 -39.96
CA GLY C 132 0.86 -75.17 -39.87
C GLY C 132 0.91 -76.69 -40.07
N ASN C 133 -0.26 -77.29 -40.29
CA ASN C 133 -0.35 -78.73 -40.48
C ASN C 133 -0.63 -79.09 -41.94
N LYS C 134 0.37 -79.66 -42.60
CA LYS C 134 0.26 -79.96 -44.02
C LYS C 134 -0.70 -81.12 -44.30
N GLY C 135 -1.35 -81.59 -43.24
CA GLY C 135 -2.39 -82.59 -43.37
C GLY C 135 -3.74 -81.92 -43.49
N TYR C 136 -3.95 -80.90 -42.67
CA TYR C 136 -5.17 -80.11 -42.72
C TYR C 136 -5.24 -79.35 -44.04
N GLU C 137 -4.08 -79.04 -44.61
CA GLU C 137 -4.03 -78.28 -45.86
C GLU C 137 -4.31 -79.18 -47.05
N SER C 138 -3.89 -80.43 -46.96
CA SER C 138 -4.11 -81.39 -48.03
C SER C 138 -5.55 -81.87 -48.02
N ALA C 139 -6.25 -81.59 -46.93
CA ALA C 139 -7.68 -81.92 -46.81
C ALA C 139 -8.51 -80.86 -47.54
N VAL C 140 -8.17 -79.60 -47.29
CA VAL C 140 -8.80 -78.49 -47.99
C VAL C 140 -8.66 -78.69 -49.49
N ALA C 141 -7.47 -79.09 -49.92
CA ALA C 141 -7.20 -79.34 -51.33
C ALA C 141 -8.08 -80.47 -51.85
N ALA C 142 -8.23 -81.52 -51.04
CA ALA C 142 -9.03 -82.67 -51.42
C ALA C 142 -10.49 -82.29 -51.68
N ILE C 143 -11.04 -81.46 -50.81
CA ILE C 143 -12.42 -81.02 -50.95
C ILE C 143 -12.58 -80.18 -52.21
N GLU C 144 -11.68 -79.23 -52.40
CA GLU C 144 -11.72 -78.35 -53.56
C GLU C 144 -11.60 -79.11 -54.88
N MET C 145 -10.68 -80.08 -54.91
CA MET C 145 -10.47 -80.91 -56.10
C MET C 145 -11.70 -81.78 -56.37
N ALA C 146 -12.30 -82.28 -55.30
CA ALA C 146 -13.51 -83.09 -55.43
C ALA C 146 -14.61 -82.28 -56.11
N HIS C 147 -14.79 -81.05 -55.66
CA HIS C 147 -15.80 -80.16 -56.22
C HIS C 147 -15.42 -79.61 -57.60
N LEU C 148 -14.32 -80.10 -58.15
CA LEU C 148 -13.91 -79.68 -59.48
C LEU C 148 -14.13 -80.76 -60.53
N SER C 149 -14.55 -81.94 -60.09
CA SER C 149 -15.06 -82.95 -61.02
C SER C 149 -16.35 -82.37 -61.57
N LYS C 150 -16.21 -81.64 -62.68
CA LYS C 150 -17.21 -80.68 -63.10
C LYS C 150 -17.31 -80.69 -64.61
N HIS C 151 -16.19 -81.03 -65.26
CA HIS C 151 -16.08 -80.97 -66.71
C HIS C 151 -16.34 -79.54 -67.18
N TRP C 152 -16.49 -79.34 -68.49
CA TRP C 152 -16.43 -77.98 -69.04
C TRP C 152 -17.48 -77.65 -70.10
N ALA C 153 -17.80 -76.37 -70.22
CA ALA C 153 -18.79 -75.89 -71.18
C ALA C 153 -18.32 -74.59 -71.84
N VAL D 2 8.51 -77.56 -95.21
CA VAL D 2 8.45 -76.50 -94.20
C VAL D 2 7.08 -76.43 -93.51
N PHE D 3 7.10 -76.24 -92.19
CA PHE D 3 5.87 -76.20 -91.40
C PHE D 3 5.92 -75.18 -90.26
N GLU D 4 5.83 -73.90 -90.59
CA GLU D 4 5.83 -72.85 -89.56
C GLU D 4 4.43 -72.68 -88.98
N GLY D 5 4.37 -72.13 -87.77
CA GLY D 5 3.10 -71.94 -87.08
C GLY D 5 2.59 -70.51 -87.09
N HIS D 6 1.34 -70.32 -87.48
CA HIS D 6 0.71 -69.01 -87.51
C HIS D 6 0.76 -68.39 -86.12
N LEU D 7 0.54 -67.08 -86.03
CA LEU D 7 0.57 -66.40 -84.74
C LEU D 7 -0.63 -65.49 -84.48
N VAL D 8 -1.57 -65.48 -85.43
CA VAL D 8 -2.82 -64.73 -85.24
C VAL D 8 -3.96 -65.69 -84.98
N GLY D 9 -4.33 -65.84 -83.71
CA GLY D 9 -5.37 -66.78 -83.33
C GLY D 9 -6.73 -66.16 -83.07
N THR D 10 -7.37 -65.66 -84.13
CA THR D 10 -8.66 -65.00 -84.00
C THR D 10 -9.78 -66.00 -83.68
N GLY D 11 -9.71 -67.18 -84.28
CA GLY D 11 -10.76 -68.17 -84.13
C GLY D 11 -10.42 -69.29 -83.17
N LEU D 12 -9.40 -69.09 -82.35
CA LEU D 12 -8.96 -70.12 -81.41
C LEU D 12 -9.82 -70.14 -80.15
N LYS D 13 -9.75 -71.25 -79.42
CA LYS D 13 -10.51 -71.43 -78.20
C LYS D 13 -9.62 -72.01 -77.10
N VAL D 14 -8.91 -71.15 -76.38
CA VAL D 14 -7.92 -71.58 -75.40
C VAL D 14 -8.51 -71.78 -74.01
N GLY D 15 -7.84 -72.60 -73.20
CA GLY D 15 -8.21 -72.80 -71.82
C GLY D 15 -6.99 -72.88 -70.92
N VAL D 16 -7.06 -72.23 -69.76
CA VAL D 16 -5.92 -72.19 -68.85
C VAL D 16 -6.21 -72.83 -67.49
N VAL D 17 -5.19 -73.43 -66.89
CA VAL D 17 -5.28 -73.97 -65.53
C VAL D 17 -4.23 -73.32 -64.63
N VAL D 18 -4.63 -72.32 -63.87
CA VAL D 18 -3.71 -71.60 -62.98
C VAL D 18 -3.74 -72.14 -61.56
N GLY D 19 -2.63 -71.94 -60.84
CA GLY D 19 -2.52 -72.43 -59.48
C GLY D 19 -2.63 -71.33 -58.45
N ARG D 20 -3.38 -71.60 -57.39
CA ARG D 20 -3.62 -70.60 -56.34
C ARG D 20 -2.39 -70.32 -55.50
N PHE D 21 -1.71 -71.37 -55.06
CA PHE D 21 -0.50 -71.20 -54.27
C PHE D 21 0.43 -70.23 -54.98
N ASN D 22 0.96 -69.27 -54.23
CA ASN D 22 1.76 -68.19 -54.81
C ASN D 22 0.92 -67.34 -55.76
N GLU D 23 -0.32 -67.07 -55.36
CA GLU D 23 -1.23 -66.26 -56.17
C GLU D 23 -0.61 -64.90 -56.47
N PHE D 24 0.22 -64.43 -55.56
CA PHE D 24 0.88 -63.14 -55.72
C PHE D 24 1.61 -63.08 -57.05
N ILE D 25 2.07 -64.23 -57.51
CA ILE D 25 2.80 -64.32 -58.78
C ILE D 25 1.92 -64.85 -59.90
N THR D 26 1.23 -65.95 -59.63
CA THR D 26 0.37 -66.58 -60.62
C THR D 26 -0.70 -65.61 -61.12
N SER D 27 -1.12 -64.69 -60.26
CA SER D 27 -2.11 -63.68 -60.61
C SER D 27 -1.66 -62.89 -61.84
N LYS D 28 -0.56 -62.16 -61.70
CA LYS D 28 0.00 -61.39 -62.80
C LYS D 28 0.41 -62.31 -63.94
N LEU D 29 0.57 -63.59 -63.62
CA LEU D 29 1.01 -64.57 -64.61
C LEU D 29 -0.15 -64.97 -65.53
N LEU D 30 -1.36 -64.91 -64.98
CA LEU D 30 -2.57 -65.17 -65.75
C LEU D 30 -2.94 -63.95 -66.57
N GLY D 31 -2.80 -62.76 -65.96
CA GLY D 31 -3.06 -61.51 -66.63
C GLY D 31 -2.10 -61.39 -67.82
N GLY D 32 -1.08 -62.23 -67.83
CA GLY D 32 -0.13 -62.29 -68.90
C GLY D 32 -0.72 -63.09 -70.06
N ALA D 33 -1.22 -64.28 -69.72
CA ALA D 33 -1.88 -65.11 -70.69
C ALA D 33 -2.97 -64.31 -71.42
N LEU D 34 -3.96 -63.80 -70.70
CA LEU D 34 -5.14 -63.14 -71.35
C LEU D 34 -4.97 -61.82 -72.01
N ASP D 35 -4.41 -60.88 -71.29
CA ASP D 35 -4.38 -59.57 -71.89
C ASP D 35 -3.60 -59.57 -73.25
N GLY D 36 -2.84 -60.68 -73.51
CA GLY D 36 -2.01 -60.89 -74.68
C GLY D 36 -2.47 -62.05 -75.54
N LEU D 37 -3.34 -62.86 -74.93
CA LEU D 37 -4.01 -63.94 -75.62
C LEU D 37 -5.14 -63.27 -76.36
N LYS D 38 -5.71 -62.25 -75.72
CA LYS D 38 -6.80 -61.48 -76.29
C LYS D 38 -6.29 -60.61 -77.43
N ARG D 39 -5.23 -59.86 -77.16
CA ARG D 39 -4.70 -58.92 -78.15
C ARG D 39 -4.07 -59.61 -79.35
N HIS D 40 -4.03 -60.93 -79.31
CA HIS D 40 -3.54 -61.71 -80.45
C HIS D 40 -4.67 -62.20 -81.33
N GLY D 41 -5.89 -61.83 -80.99
CA GLY D 41 -7.05 -62.17 -81.80
C GLY D 41 -8.12 -62.97 -81.06
N VAL D 42 -7.70 -63.84 -80.15
CA VAL D 42 -8.62 -64.72 -79.43
C VAL D 42 -9.77 -63.93 -78.81
N GLU D 43 -10.98 -64.46 -78.95
CA GLU D 43 -12.16 -63.85 -78.35
C GLU D 43 -12.14 -64.12 -76.85
N GLU D 44 -12.34 -63.08 -76.05
CA GLU D 44 -12.24 -63.21 -74.60
C GLU D 44 -13.27 -64.15 -74.02
N ASN D 45 -14.25 -64.53 -74.84
CA ASN D 45 -15.29 -65.47 -74.41
C ASN D 45 -14.93 -66.91 -74.74
N ASP D 46 -13.87 -67.08 -75.54
CA ASP D 46 -13.37 -68.40 -75.87
C ASP D 46 -12.26 -68.82 -74.92
N ILE D 47 -12.21 -68.16 -73.75
CA ILE D 47 -11.16 -68.44 -72.77
C ILE D 47 -11.74 -68.85 -71.42
N ASP D 48 -11.42 -70.08 -71.00
CA ASP D 48 -11.85 -70.58 -69.71
C ASP D 48 -10.68 -70.74 -68.75
N VAL D 49 -10.93 -70.50 -67.47
CA VAL D 49 -9.89 -70.59 -66.46
C VAL D 49 -10.27 -71.63 -65.40
N ALA D 50 -9.30 -72.45 -65.01
CA ALA D 50 -9.53 -73.46 -63.99
C ALA D 50 -8.54 -73.29 -62.83
N TRP D 51 -9.05 -72.78 -61.72
CA TRP D 51 -8.22 -72.57 -60.53
C TRP D 51 -8.04 -73.87 -59.72
N VAL D 52 -6.78 -74.29 -59.60
CA VAL D 52 -6.45 -75.47 -58.81
C VAL D 52 -5.64 -75.05 -57.59
N PRO D 53 -5.71 -75.85 -56.51
CA PRO D 53 -4.99 -75.54 -55.26
C PRO D 53 -3.51 -75.28 -55.50
N GLY D 54 -2.75 -76.36 -55.69
CA GLY D 54 -1.32 -76.25 -55.93
C GLY D 54 -0.94 -76.62 -57.35
N ALA D 55 0.29 -76.30 -57.74
CA ALA D 55 0.80 -76.64 -59.06
C ALA D 55 0.76 -78.14 -59.30
N PHE D 56 0.74 -78.91 -58.21
CA PHE D 56 0.74 -80.37 -58.29
C PHE D 56 -0.57 -80.89 -58.87
N GLU D 57 -1.64 -80.14 -58.65
CA GLU D 57 -2.97 -80.57 -59.05
C GLU D 57 -3.28 -80.19 -60.51
N ILE D 58 -2.33 -79.50 -61.14
CA ILE D 58 -2.52 -79.04 -62.52
C ILE D 58 -2.70 -80.19 -63.52
N PRO D 59 -1.79 -81.17 -63.51
CA PRO D 59 -1.89 -82.29 -64.47
C PRO D 59 -3.28 -82.91 -64.57
N LEU D 60 -3.95 -83.09 -63.44
CA LEU D 60 -5.25 -83.72 -63.42
C LEU D 60 -6.31 -82.89 -64.14
N ILE D 61 -6.41 -81.62 -63.78
CA ILE D 61 -7.41 -80.73 -64.36
C ILE D 61 -7.02 -80.24 -65.76
N ALA D 62 -5.72 -80.12 -66.00
CA ALA D 62 -5.25 -79.78 -67.33
C ALA D 62 -5.65 -80.88 -68.30
N LYS D 63 -5.75 -82.11 -67.79
CA LYS D 63 -6.21 -83.24 -68.58
C LYS D 63 -7.71 -83.13 -68.89
N LYS D 64 -8.53 -83.16 -67.84
CA LYS D 64 -9.97 -83.02 -67.99
C LYS D 64 -10.33 -81.92 -68.98
N MET D 65 -9.54 -80.84 -68.98
CA MET D 65 -9.84 -79.66 -69.78
C MET D 65 -9.42 -79.85 -71.24
N ALA D 66 -8.15 -80.19 -71.44
CA ALA D 66 -7.63 -80.40 -72.78
C ALA D 66 -8.24 -81.65 -73.41
N ASN D 67 -9.11 -82.31 -72.66
CA ASN D 67 -9.70 -83.56 -73.12
C ASN D 67 -11.18 -83.41 -73.43
N SER D 68 -11.76 -82.33 -72.91
CA SER D 68 -13.18 -82.05 -73.15
C SER D 68 -13.41 -81.66 -74.61
N GLY D 69 -12.35 -81.29 -75.30
CA GLY D 69 -12.42 -80.91 -76.70
C GLY D 69 -12.87 -79.48 -76.92
N LYS D 70 -13.40 -78.87 -75.86
CA LYS D 70 -13.88 -77.49 -75.94
C LYS D 70 -12.75 -76.55 -76.29
N TYR D 71 -11.51 -77.01 -76.06
CA TYR D 71 -10.35 -76.13 -76.15
C TYR D 71 -9.41 -76.53 -77.29
N ASP D 72 -8.96 -75.51 -78.01
CA ASP D 72 -8.07 -75.69 -79.15
C ASP D 72 -6.63 -75.86 -78.65
N ALA D 73 -6.39 -75.41 -77.43
CA ALA D 73 -5.09 -75.57 -76.79
C ALA D 73 -5.22 -75.19 -75.31
N VAL D 74 -4.31 -75.70 -74.49
CA VAL D 74 -4.38 -75.44 -73.05
C VAL D 74 -3.09 -74.83 -72.50
N ILE D 75 -3.23 -73.81 -71.65
CA ILE D 75 -2.09 -73.14 -71.05
C ILE D 75 -2.06 -73.38 -69.54
N THR D 76 -1.00 -74.03 -69.07
CA THR D 76 -0.84 -74.29 -67.64
C THR D 76 0.00 -73.20 -66.97
N LEU D 77 -0.61 -72.47 -66.04
CA LEU D 77 0.09 -71.43 -65.31
C LEU D 77 0.22 -71.79 -63.84
N GLY D 78 1.26 -71.27 -63.20
CA GLY D 78 1.50 -71.54 -61.80
C GLY D 78 2.89 -71.11 -61.37
N THR D 79 3.15 -71.17 -60.06
CA THR D 79 4.46 -70.81 -59.53
C THR D 79 4.87 -71.74 -58.39
N VAL D 80 6.14 -72.14 -58.40
CA VAL D 80 6.70 -72.96 -57.34
C VAL D 80 8.05 -72.39 -56.93
N ILE D 81 8.22 -72.14 -55.64
CA ILE D 81 9.46 -71.54 -55.15
C ILE D 81 10.16 -72.42 -54.12
N ARG D 82 11.48 -72.48 -54.21
CA ARG D 82 12.29 -73.29 -53.31
C ARG D 82 11.97 -73.13 -51.83
N GLY D 83 11.77 -74.26 -51.16
CA GLY D 83 11.58 -74.26 -49.72
C GLY D 83 12.85 -74.74 -49.05
N ALA D 84 12.72 -75.17 -47.79
CA ALA D 84 13.85 -75.70 -47.04
C ALA D 84 14.00 -77.20 -47.30
N THR D 85 12.97 -77.79 -47.88
CA THR D 85 12.95 -79.24 -48.12
C THR D 85 13.03 -79.56 -49.60
N THR D 86 13.23 -80.83 -49.91
CA THR D 86 13.28 -81.31 -51.29
C THR D 86 11.88 -81.40 -51.88
N HIS D 87 10.89 -80.97 -51.11
CA HIS D 87 9.50 -80.98 -51.56
C HIS D 87 9.37 -80.24 -52.89
N TYR D 88 10.01 -79.08 -52.96
CA TYR D 88 9.99 -78.24 -54.16
C TYR D 88 10.32 -79.03 -55.43
N ASP D 89 11.18 -80.04 -55.29
CA ASP D 89 11.66 -80.79 -56.44
C ASP D 89 10.61 -81.75 -56.98
N TYR D 90 9.99 -82.51 -56.09
CA TYR D 90 9.02 -83.53 -56.49
C TYR D 90 7.77 -82.88 -57.08
N VAL D 91 7.50 -81.64 -56.68
CA VAL D 91 6.38 -80.89 -57.23
C VAL D 91 6.70 -80.41 -58.64
N CYS D 92 7.75 -79.60 -58.75
CA CYS D 92 8.19 -79.11 -60.06
C CYS D 92 8.26 -80.23 -61.08
N ASN D 93 8.95 -81.31 -60.71
CA ASN D 93 9.08 -82.46 -61.59
C ASN D 93 7.72 -82.95 -62.09
N GLU D 94 6.89 -83.43 -61.16
CA GLU D 94 5.61 -84.03 -61.51
C GLU D 94 4.69 -83.10 -62.30
N VAL D 95 4.84 -81.79 -62.09
CA VAL D 95 4.07 -80.80 -62.85
C VAL D 95 4.50 -80.85 -64.31
N ALA D 96 5.78 -80.57 -64.55
CA ALA D 96 6.35 -80.63 -65.89
C ALA D 96 6.20 -82.04 -66.46
N LYS D 97 6.33 -83.03 -65.59
CA LYS D 97 6.22 -84.42 -65.97
C LYS D 97 4.80 -84.72 -66.48
N GLY D 98 3.80 -84.21 -65.78
CA GLY D 98 2.43 -84.39 -66.17
C GLY D 98 2.08 -83.65 -67.44
N VAL D 99 2.29 -82.33 -67.43
CA VAL D 99 1.92 -81.48 -68.56
C VAL D 99 2.55 -81.95 -69.89
N ALA D 100 3.80 -82.40 -69.82
CA ALA D 100 4.50 -82.85 -71.02
C ALA D 100 4.05 -84.23 -71.45
N SER D 101 4.24 -85.21 -70.57
CA SER D 101 3.88 -86.60 -70.87
C SER D 101 2.40 -86.72 -71.20
N LEU D 102 1.59 -85.83 -70.63
CA LEU D 102 0.16 -85.84 -70.87
C LEU D 102 -0.23 -84.75 -71.87
N SER D 103 0.60 -84.59 -72.90
CA SER D 103 0.33 -83.67 -73.99
C SER D 103 0.51 -84.43 -75.29
N LEU D 104 1.04 -85.64 -75.17
CA LEU D 104 1.22 -86.54 -76.30
C LEU D 104 0.06 -87.51 -76.33
N GLN D 105 -0.47 -87.81 -75.15
CA GLN D 105 -1.59 -88.74 -75.01
C GLN D 105 -2.89 -88.10 -75.55
N THR D 106 -3.03 -86.79 -75.44
CA THR D 106 -4.28 -86.20 -75.96
C THR D 106 -4.12 -85.61 -77.39
N ASP D 107 -2.89 -85.19 -77.72
CA ASP D 107 -2.56 -84.57 -79.03
C ASP D 107 -3.16 -83.13 -79.06
N ILE D 108 -3.65 -82.61 -77.93
CA ILE D 108 -4.14 -81.20 -77.83
C ILE D 108 -2.95 -80.39 -77.27
N PRO D 109 -2.62 -79.24 -77.88
CA PRO D 109 -1.42 -78.59 -77.36
C PRO D 109 -1.48 -78.24 -75.89
N VAL D 110 -0.54 -78.64 -75.02
CA VAL D 110 -0.64 -78.23 -73.62
C VAL D 110 0.65 -77.51 -73.22
N ILE D 111 0.66 -76.18 -73.40
CA ILE D 111 1.82 -75.36 -73.12
C ILE D 111 2.17 -75.35 -71.64
N PHE D 112 3.47 -75.48 -71.35
CA PHE D 112 3.94 -75.49 -69.97
C PHE D 112 4.44 -74.11 -69.54
N GLY D 113 3.61 -73.40 -68.79
CA GLY D 113 3.96 -72.07 -68.33
C GLY D 113 3.97 -71.98 -66.82
N VAL D 114 4.60 -72.96 -66.18
CA VAL D 114 4.74 -72.96 -64.72
C VAL D 114 6.12 -72.46 -64.31
N LEU D 115 6.14 -71.36 -63.57
CA LEU D 115 7.39 -70.81 -63.06
C LEU D 115 7.97 -71.74 -62.00
N THR D 116 9.27 -71.97 -62.09
CA THR D 116 9.96 -72.82 -61.13
C THR D 116 11.26 -72.14 -60.73
N THR D 117 11.17 -71.30 -59.70
CA THR D 117 12.27 -70.43 -59.31
C THR D 117 12.86 -70.73 -57.93
N GLU D 118 13.90 -69.96 -57.58
CA GLU D 118 14.61 -70.13 -56.32
C GLU D 118 14.27 -69.02 -55.33
N THR D 119 13.96 -67.84 -55.88
CA THR D 119 13.66 -66.67 -55.07
C THR D 119 12.27 -66.14 -55.39
N ILE D 120 11.68 -65.45 -54.43
CA ILE D 120 10.45 -64.71 -54.69
C ILE D 120 10.74 -63.66 -55.74
N GLU D 121 11.96 -63.13 -55.72
CA GLU D 121 12.39 -62.11 -56.66
C GLU D 121 12.43 -62.63 -58.08
N GLN D 122 12.96 -63.84 -58.26
CA GLN D 122 13.07 -64.43 -59.58
C GLN D 122 11.71 -64.66 -60.21
N ALA D 123 10.72 -64.99 -59.38
CA ALA D 123 9.35 -65.16 -59.83
C ALA D 123 8.82 -63.85 -60.40
N ILE D 124 9.06 -62.76 -59.66
CA ILE D 124 8.63 -61.44 -60.09
C ILE D 124 9.31 -61.03 -61.39
N GLU D 125 10.59 -61.36 -61.52
CA GLU D 125 11.33 -61.06 -62.74
C GLU D 125 10.63 -61.66 -63.95
N ARG D 126 10.12 -62.87 -63.77
CA ARG D 126 9.51 -63.63 -64.86
C ARG D 126 7.99 -63.56 -64.85
N ALA D 127 7.45 -62.58 -64.12
CA ALA D 127 6.02 -62.39 -64.06
C ALA D 127 5.62 -60.99 -64.49
N GLY D 128 6.29 -60.46 -65.48
CA GLY D 128 5.92 -59.14 -65.88
C GLY D 128 6.98 -58.14 -65.58
N THR D 129 8.18 -58.58 -65.15
CA THR D 129 9.25 -57.59 -64.92
C THR D 129 10.42 -57.78 -65.89
N LYS D 130 11.63 -57.56 -65.41
CA LYS D 130 12.88 -57.74 -66.12
C LYS D 130 12.80 -58.75 -67.26
N ALA D 131 12.58 -60.04 -66.96
CA ALA D 131 12.59 -61.06 -68.02
C ALA D 131 11.35 -61.02 -68.95
N GLY D 132 10.26 -60.36 -68.53
CA GLY D 132 9.04 -60.31 -69.30
C GLY D 132 7.95 -61.09 -68.54
N ASN D 133 6.82 -61.40 -69.19
CA ASN D 133 5.77 -62.15 -68.51
C ASN D 133 5.64 -63.56 -69.08
N LYS D 134 6.01 -64.55 -68.27
CA LYS D 134 5.98 -65.94 -68.68
C LYS D 134 4.58 -66.36 -69.15
N GLY D 135 3.56 -65.73 -68.58
CA GLY D 135 2.18 -66.05 -68.93
C GLY D 135 1.82 -65.59 -70.33
N TYR D 136 2.36 -64.43 -70.71
CA TYR D 136 2.15 -63.88 -72.05
C TYR D 136 2.87 -64.73 -73.09
N GLU D 137 4.12 -65.04 -72.82
CA GLU D 137 4.94 -65.83 -73.74
C GLU D 137 4.40 -67.25 -73.89
N SER D 138 3.72 -67.74 -72.86
CA SER D 138 3.15 -69.09 -72.89
C SER D 138 1.84 -69.12 -73.65
N ALA D 139 1.20 -67.95 -73.79
CA ALA D 139 -0.03 -67.83 -74.54
C ALA D 139 0.28 -67.74 -76.04
N VAL D 140 1.27 -66.92 -76.37
CA VAL D 140 1.69 -66.76 -77.76
C VAL D 140 2.15 -68.10 -78.33
N ALA D 141 2.64 -68.96 -77.44
CA ALA D 141 3.08 -70.30 -77.82
C ALA D 141 1.88 -71.22 -78.03
N ALA D 142 0.86 -71.05 -77.19
CA ALA D 142 -0.35 -71.84 -77.30
C ALA D 142 -1.02 -71.62 -78.65
N ILE D 143 -1.02 -70.37 -79.10
CA ILE D 143 -1.58 -70.03 -80.41
C ILE D 143 -0.82 -70.76 -81.52
N GLU D 144 0.49 -70.52 -81.57
CA GLU D 144 1.32 -71.13 -82.61
C GLU D 144 1.15 -72.63 -82.65
N MET D 145 1.25 -73.27 -81.49
CA MET D 145 1.10 -74.72 -81.40
C MET D 145 -0.25 -75.16 -81.95
N ALA D 146 -1.30 -74.41 -81.61
CA ALA D 146 -2.63 -74.71 -82.13
C ALA D 146 -2.62 -74.68 -83.64
N HIS D 147 -2.14 -73.56 -84.20
CA HIS D 147 -2.10 -73.39 -85.64
C HIS D 147 -1.19 -74.39 -86.34
N LEU D 148 -0.38 -75.10 -85.58
CA LEU D 148 0.39 -76.21 -86.12
C LEU D 148 -0.69 -77.26 -85.87
N SER D 149 -1.55 -77.44 -86.86
CA SER D 149 -2.35 -78.63 -87.12
C SER D 149 -2.50 -79.68 -88.20
N LYS D 150 -1.75 -79.51 -89.28
CA LYS D 150 -1.74 -80.49 -90.37
C LYS D 150 -1.36 -81.93 -90.00
N HIS D 151 -0.43 -82.08 -89.09
CA HIS D 151 0.06 -83.40 -88.68
C HIS D 151 -0.95 -84.16 -87.81
N TRP D 152 -1.55 -85.19 -88.39
CA TRP D 152 -2.33 -86.15 -87.62
C TRP D 152 -2.71 -87.37 -88.48
N ALA D 153 -2.11 -88.51 -88.16
CA ALA D 153 -2.38 -89.75 -88.89
C ALA D 153 -2.28 -90.96 -87.97
N VAL E 2 27.35 -108.03 -87.48
CA VAL E 2 26.47 -108.71 -88.43
C VAL E 2 25.38 -107.75 -88.91
N PHE E 3 25.13 -106.68 -88.16
CA PHE E 3 24.06 -105.73 -88.48
C PHE E 3 24.51 -104.28 -88.42
N GLU E 4 25.31 -103.84 -89.39
CA GLU E 4 25.74 -102.44 -89.44
C GLU E 4 24.76 -101.60 -90.25
N GLY E 5 24.79 -100.29 -90.06
CA GLY E 5 23.86 -99.41 -90.74
C GLY E 5 24.48 -98.59 -91.87
N HIS E 6 23.90 -98.72 -93.06
CA HIS E 6 24.36 -97.99 -94.23
C HIS E 6 24.43 -96.49 -93.95
N LEU E 7 25.32 -95.79 -94.63
CA LEU E 7 25.49 -94.35 -94.38
C LEU E 7 25.16 -93.49 -95.59
N VAL E 8 24.84 -94.12 -96.72
CA VAL E 8 24.39 -93.39 -97.90
C VAL E 8 22.86 -93.37 -97.93
N GLY E 9 22.30 -92.16 -97.96
CA GLY E 9 20.85 -92.03 -97.91
C GLY E 9 20.27 -91.32 -99.12
N THR E 10 20.72 -91.73 -100.31
CA THR E 10 20.23 -91.12 -101.54
C THR E 10 18.71 -91.23 -101.67
N GLY E 11 18.16 -92.37 -101.25
CA GLY E 11 16.74 -92.61 -101.38
C GLY E 11 15.96 -92.42 -100.11
N LEU E 12 16.53 -91.66 -99.16
CA LEU E 12 15.86 -91.44 -97.89
C LEU E 12 14.89 -90.28 -97.95
N LYS E 13 14.18 -90.06 -96.84
CA LYS E 13 13.10 -89.08 -96.79
C LYS E 13 12.93 -88.60 -95.35
N VAL E 14 13.73 -87.62 -94.95
CA VAL E 14 13.81 -87.18 -93.56
C VAL E 14 12.93 -85.97 -93.25
N GLY E 15 12.60 -85.80 -91.97
CA GLY E 15 11.86 -84.64 -91.51
C GLY E 15 12.33 -84.21 -90.14
N VAL E 16 12.57 -82.92 -89.96
CA VAL E 16 13.12 -82.40 -88.72
C VAL E 16 12.21 -81.41 -88.00
N VAL E 17 12.37 -81.32 -86.68
CA VAL E 17 11.64 -80.35 -85.87
C VAL E 17 12.62 -79.52 -85.05
N VAL E 18 12.75 -78.24 -85.40
CA VAL E 18 13.68 -77.35 -84.73
C VAL E 18 12.95 -76.35 -83.83
N GLY E 19 13.59 -75.97 -82.73
CA GLY E 19 13.00 -75.03 -81.79
C GLY E 19 13.43 -73.61 -82.09
N ARG E 20 12.46 -72.71 -82.18
CA ARG E 20 12.75 -71.32 -82.49
C ARG E 20 13.52 -70.63 -81.38
N PHE E 21 13.23 -70.98 -80.14
CA PHE E 21 13.94 -70.40 -79.00
C PHE E 21 15.43 -70.68 -79.12
N ASN E 22 16.23 -69.64 -78.92
CA ASN E 22 17.67 -69.73 -79.15
C ASN E 22 17.97 -69.90 -80.65
N GLU E 23 17.18 -69.23 -81.47
CA GLU E 23 17.34 -69.27 -82.92
C GLU E 23 18.80 -69.05 -83.31
N PHE E 24 19.47 -68.15 -82.58
CA PHE E 24 20.86 -67.80 -82.85
C PHE E 24 21.74 -69.05 -82.95
N ILE E 25 21.33 -70.12 -82.26
CA ILE E 25 22.09 -71.37 -82.26
C ILE E 25 21.41 -72.43 -83.13
N THR E 26 20.10 -72.60 -82.95
CA THR E 26 19.37 -73.62 -83.69
C THR E 26 19.43 -73.39 -85.20
N SER E 27 19.64 -72.15 -85.61
CA SER E 27 19.77 -71.82 -87.02
C SER E 27 20.94 -72.56 -87.65
N LYS E 28 22.15 -72.23 -87.23
CA LYS E 28 23.35 -72.89 -87.71
C LYS E 28 23.30 -74.38 -87.42
N LEU E 29 22.47 -74.76 -86.44
CA LEU E 29 22.33 -76.15 -86.05
C LEU E 29 21.53 -76.91 -87.09
N LEU E 30 20.54 -76.23 -87.66
CA LEU E 30 19.67 -76.82 -88.68
C LEU E 30 20.38 -76.89 -90.03
N GLY E 31 21.03 -75.80 -90.39
CA GLY E 31 21.77 -75.73 -91.64
C GLY E 31 22.80 -76.82 -91.76
N GLY E 32 23.35 -77.25 -90.62
CA GLY E 32 24.31 -78.33 -90.59
C GLY E 32 23.65 -79.67 -90.82
N ALA E 33 22.42 -79.83 -90.34
CA ALA E 33 21.67 -81.07 -90.49
C ALA E 33 21.18 -81.22 -91.93
N LEU E 34 20.69 -80.12 -92.49
CA LEU E 34 20.26 -80.11 -93.88
C LEU E 34 21.46 -80.38 -94.79
N ASP E 35 22.51 -79.59 -94.60
CA ASP E 35 23.74 -79.76 -95.37
C ASP E 35 24.23 -81.21 -95.31
N GLY E 36 24.08 -81.84 -94.15
CA GLY E 36 24.49 -83.21 -93.97
C GLY E 36 23.66 -84.19 -94.79
N LEU E 37 22.35 -84.18 -94.55
CA LEU E 37 21.44 -85.04 -95.30
C LEU E 37 21.59 -84.79 -96.80
N LYS E 38 21.64 -83.52 -97.18
CA LYS E 38 21.70 -83.13 -98.59
C LYS E 38 22.95 -83.68 -99.27
N ARG E 39 24.10 -83.51 -98.64
CA ARG E 39 25.36 -83.96 -99.23
C ARG E 39 25.63 -85.43 -98.95
N HIS E 40 24.70 -86.11 -98.31
CA HIS E 40 24.83 -87.54 -98.07
C HIS E 40 23.95 -88.34 -99.02
N GLY E 41 23.27 -87.63 -99.91
CA GLY E 41 22.41 -88.27 -100.90
C GLY E 41 20.96 -87.84 -100.83
N VAL E 42 20.45 -87.69 -99.62
CA VAL E 42 19.05 -87.30 -99.41
C VAL E 42 18.67 -86.16 -100.36
N GLU E 43 17.55 -86.33 -101.04
CA GLU E 43 17.08 -85.31 -101.97
C GLU E 43 16.73 -84.02 -101.21
N GLU E 44 17.11 -82.89 -101.79
CA GLU E 44 16.96 -81.61 -101.09
C GLU E 44 15.51 -81.24 -100.80
N ASN E 45 14.57 -81.98 -101.36
CA ASN E 45 13.15 -81.71 -101.15
C ASN E 45 12.42 -82.84 -100.42
N ASP E 46 13.11 -83.96 -100.22
CA ASP E 46 12.58 -85.05 -99.42
C ASP E 46 12.76 -84.71 -97.95
N ILE E 47 12.99 -83.43 -97.69
CA ILE E 47 13.32 -82.96 -96.34
C ILE E 47 12.34 -81.87 -95.88
N ASP E 48 11.71 -82.09 -94.72
CA ASP E 48 10.76 -81.14 -94.18
C ASP E 48 11.21 -80.61 -92.83
N VAL E 49 10.84 -79.36 -92.52
CA VAL E 49 11.20 -78.75 -91.26
C VAL E 49 9.99 -78.15 -90.56
N ALA E 50 9.83 -78.48 -89.28
CA ALA E 50 8.73 -77.95 -88.48
C ALA E 50 9.26 -77.09 -87.34
N TRP E 51 8.95 -75.80 -87.38
CA TRP E 51 9.39 -74.88 -86.34
C TRP E 51 8.44 -74.82 -85.14
N VAL E 52 8.94 -75.23 -83.98
CA VAL E 52 8.16 -75.20 -82.75
C VAL E 52 8.63 -74.04 -81.88
N PRO E 53 7.75 -73.64 -80.95
CA PRO E 53 8.08 -72.53 -80.04
C PRO E 53 9.44 -72.70 -79.35
N GLY E 54 9.71 -73.90 -78.83
CA GLY E 54 10.95 -74.16 -78.15
C GLY E 54 11.08 -75.67 -77.91
N ALA E 55 12.18 -76.10 -77.27
CA ALA E 55 12.39 -77.52 -77.02
C ALA E 55 11.21 -78.19 -76.31
N PHE E 56 10.62 -77.57 -75.32
CA PHE E 56 9.54 -78.30 -74.67
C PHE E 56 8.48 -78.79 -75.66
N GLU E 57 8.23 -78.06 -76.71
CA GLU E 57 7.21 -78.38 -77.68
C GLU E 57 7.60 -79.45 -78.68
N ILE E 58 8.90 -79.78 -78.77
CA ILE E 58 9.50 -80.75 -79.76
C ILE E 58 9.13 -82.24 -79.71
N PRO E 59 8.69 -82.68 -78.55
CA PRO E 59 8.16 -84.03 -78.44
C PRO E 59 6.78 -84.19 -79.10
N LEU E 60 5.92 -83.19 -78.97
CA LEU E 60 4.57 -83.28 -79.52
C LEU E 60 4.55 -83.33 -81.05
N ILE E 61 5.25 -82.40 -81.67
CA ILE E 61 5.26 -82.29 -83.13
C ILE E 61 6.17 -83.34 -83.79
N ALA E 62 7.14 -83.85 -83.03
CA ALA E 62 7.98 -84.93 -83.52
C ALA E 62 7.14 -86.20 -83.64
N LYS E 63 6.23 -86.38 -82.70
CA LYS E 63 5.30 -87.51 -82.72
C LYS E 63 4.31 -87.37 -83.87
N LYS E 64 3.98 -86.12 -84.20
CA LYS E 64 3.04 -85.84 -85.28
C LYS E 64 3.67 -86.02 -86.66
N MET E 65 4.99 -86.11 -86.70
CA MET E 65 5.72 -86.32 -87.95
C MET E 65 6.17 -87.77 -88.10
N ALA E 66 6.25 -88.48 -86.97
CA ALA E 66 6.56 -89.89 -87.00
C ALA E 66 5.30 -90.69 -87.30
N ASN E 67 4.19 -90.26 -86.71
CA ASN E 67 2.90 -90.90 -86.93
C ASN E 67 2.28 -90.52 -88.27
N SER E 68 2.87 -89.55 -88.94
CA SER E 68 2.40 -89.13 -90.26
C SER E 68 2.84 -90.15 -91.31
N GLY E 69 3.76 -91.03 -90.93
CA GLY E 69 4.23 -92.09 -91.81
C GLY E 69 4.68 -91.61 -93.18
N LYS E 70 5.43 -90.51 -93.19
CA LYS E 70 5.88 -89.91 -94.43
C LYS E 70 7.40 -89.89 -94.51
N TYR E 71 8.06 -90.02 -93.36
CA TYR E 71 9.50 -89.89 -93.28
C TYR E 71 10.18 -91.22 -92.97
N ASP E 72 11.47 -91.30 -93.24
CA ASP E 72 12.27 -92.48 -92.94
C ASP E 72 13.01 -92.29 -91.63
N ALA E 73 12.94 -91.07 -91.12
CA ALA E 73 13.59 -90.71 -89.87
C ALA E 73 13.21 -89.29 -89.50
N VAL E 74 13.22 -88.98 -88.21
CA VAL E 74 12.92 -87.64 -87.73
C VAL E 74 14.08 -87.11 -86.91
N ILE E 75 14.50 -85.89 -87.21
CA ILE E 75 15.60 -85.27 -86.48
C ILE E 75 15.09 -84.13 -85.60
N THR E 76 15.31 -84.24 -84.29
CA THR E 76 14.92 -83.20 -83.36
C THR E 76 16.08 -82.26 -83.04
N LEU E 77 15.94 -81.00 -83.43
CA LEU E 77 16.95 -79.99 -83.20
C LEU E 77 16.44 -78.90 -82.27
N GLY E 78 17.33 -78.32 -81.48
CA GLY E 78 16.98 -77.27 -80.55
C GLY E 78 18.14 -76.93 -79.65
N THR E 79 17.95 -75.96 -78.77
CA THR E 79 18.99 -75.57 -77.83
C THR E 79 18.40 -75.02 -76.53
N VAL E 80 18.93 -75.51 -75.41
CA VAL E 80 18.51 -75.04 -74.09
C VAL E 80 19.75 -74.65 -73.30
N ILE E 81 19.71 -73.48 -72.66
CA ILE E 81 20.86 -73.00 -71.90
C ILE E 81 20.49 -72.65 -70.45
N ARG E 82 21.39 -72.98 -69.53
CA ARG E 82 21.20 -72.74 -68.11
C ARG E 82 20.75 -71.33 -67.77
N GLY E 83 19.72 -71.23 -66.94
CA GLY E 83 19.26 -69.96 -66.44
C GLY E 83 19.56 -69.84 -64.96
N ALA E 84 18.82 -68.97 -64.27
CA ALA E 84 18.99 -68.78 -62.83
C ALA E 84 18.16 -69.80 -62.07
N THR E 85 17.10 -70.28 -62.70
CA THR E 85 16.19 -71.21 -62.06
C THR E 85 16.44 -72.64 -62.53
N THR E 86 15.81 -73.60 -61.84
CA THR E 86 15.91 -75.00 -62.21
C THR E 86 15.00 -75.34 -63.39
N HIS E 87 14.34 -74.32 -63.93
CA HIS E 87 13.48 -74.47 -65.09
C HIS E 87 14.21 -75.20 -66.23
N TYR E 88 15.48 -74.85 -66.42
CA TYR E 88 16.29 -75.45 -67.46
C TYR E 88 16.33 -76.97 -67.37
N ASP E 89 16.27 -77.49 -66.15
CA ASP E 89 16.39 -78.92 -65.91
C ASP E 89 15.17 -79.70 -66.40
N TYR E 90 13.99 -79.23 -66.04
CA TYR E 90 12.75 -79.91 -66.39
C TYR E 90 12.50 -79.86 -67.89
N VAL E 91 12.89 -78.76 -68.51
CA VAL E 91 12.78 -78.63 -69.95
C VAL E 91 13.66 -79.65 -70.65
N CYS E 92 14.97 -79.55 -70.39
CA CYS E 92 15.94 -80.48 -70.96
C CYS E 92 15.49 -81.93 -70.78
N ASN E 93 15.08 -82.27 -69.57
CA ASN E 93 14.67 -83.63 -69.25
C ASN E 93 13.50 -84.10 -70.11
N GLU E 94 12.40 -83.35 -70.07
CA GLU E 94 11.18 -83.74 -70.76
C GLU E 94 11.36 -83.81 -72.28
N VAL E 95 12.32 -83.06 -72.81
CA VAL E 95 12.61 -83.11 -74.24
C VAL E 95 13.21 -84.45 -74.59
N ALA E 96 14.31 -84.80 -73.92
CA ALA E 96 14.97 -86.08 -74.12
C ALA E 96 14.05 -87.22 -73.71
N LYS E 97 13.45 -87.07 -72.54
CA LYS E 97 12.50 -88.06 -72.02
C LYS E 97 11.41 -88.32 -73.04
N GLY E 98 10.93 -87.26 -73.70
CA GLY E 98 9.91 -87.37 -74.72
C GLY E 98 10.41 -87.99 -76.00
N VAL E 99 11.47 -87.41 -76.55
CA VAL E 99 12.05 -87.88 -77.81
C VAL E 99 12.49 -89.34 -77.76
N ALA E 100 13.08 -89.75 -76.64
CA ALA E 100 13.54 -91.12 -76.48
C ALA E 100 12.37 -92.09 -76.31
N SER E 101 11.49 -91.77 -75.36
CA SER E 101 10.34 -92.62 -75.06
C SER E 101 9.39 -92.69 -76.25
N LEU E 102 9.19 -91.57 -76.91
CA LEU E 102 8.32 -91.53 -78.09
C LEU E 102 9.11 -91.78 -79.36
N SER E 103 10.08 -92.69 -79.27
CA SER E 103 10.85 -93.17 -80.40
C SER E 103 10.76 -94.68 -80.40
N LEU E 104 10.16 -95.20 -79.34
CA LEU E 104 9.91 -96.63 -79.19
C LEU E 104 8.42 -96.90 -79.38
N GLN E 105 7.61 -95.91 -79.01
CA GLN E 105 6.17 -95.99 -79.19
C GLN E 105 5.82 -95.92 -80.68
N THR E 106 6.80 -95.54 -81.48
CA THR E 106 6.59 -95.36 -82.91
C THR E 106 7.52 -96.22 -83.75
N ASP E 107 8.38 -96.99 -83.07
CA ASP E 107 9.38 -97.85 -83.71
C ASP E 107 9.87 -97.12 -84.97
N ILE E 108 10.19 -95.86 -84.85
CA ILE E 108 10.64 -95.04 -85.97
C ILE E 108 11.85 -94.30 -85.40
N PRO E 109 12.97 -94.35 -86.14
CA PRO E 109 14.19 -93.65 -85.72
C PRO E 109 13.93 -92.17 -85.48
N VAL E 110 13.96 -91.75 -84.22
CA VAL E 110 13.87 -90.34 -83.90
C VAL E 110 15.13 -89.89 -83.19
N ILE E 111 16.03 -89.27 -83.95
CA ILE E 111 17.32 -88.84 -83.43
C ILE E 111 17.18 -87.62 -82.51
N PHE E 112 17.79 -87.72 -81.34
CA PHE E 112 17.77 -86.62 -80.37
C PHE E 112 19.00 -85.73 -80.56
N GLY E 113 18.76 -84.52 -81.08
CA GLY E 113 19.85 -83.60 -81.34
C GLY E 113 19.58 -82.23 -80.75
N VAL E 114 19.16 -82.19 -79.48
CA VAL E 114 18.91 -80.93 -78.79
C VAL E 114 20.07 -80.58 -77.87
N LEU E 115 20.69 -79.43 -78.13
CA LEU E 115 21.79 -78.96 -77.30
C LEU E 115 21.32 -78.62 -75.90
N THR E 116 22.05 -79.11 -74.91
CA THR E 116 21.76 -78.84 -73.52
C THR E 116 23.03 -78.39 -72.80
N THR E 117 23.24 -77.07 -72.76
CA THR E 117 24.51 -76.50 -72.35
C THR E 117 24.39 -75.56 -71.16
N GLU E 118 25.55 -75.04 -70.72
CA GLU E 118 25.63 -74.13 -69.58
C GLU E 118 25.92 -72.71 -70.03
N THR E 119 26.69 -72.60 -71.11
CA THR E 119 27.14 -71.31 -71.63
C THR E 119 26.68 -71.10 -73.06
N ILE E 120 26.47 -69.84 -73.43
CA ILE E 120 26.20 -69.49 -74.82
C ILE E 120 27.39 -69.90 -75.66
N GLU E 121 28.57 -69.89 -75.03
CA GLU E 121 29.83 -70.23 -75.69
C GLU E 121 29.95 -71.73 -75.90
N GLN E 122 29.21 -72.50 -75.09
CA GLN E 122 29.20 -73.96 -75.23
C GLN E 122 28.27 -74.38 -76.37
N ALA E 123 27.19 -73.62 -76.56
CA ALA E 123 26.27 -73.89 -77.66
C ALA E 123 26.96 -73.62 -79.00
N ILE E 124 27.56 -72.43 -79.11
CA ILE E 124 28.32 -72.07 -80.30
C ILE E 124 29.44 -73.07 -80.51
N GLU E 125 30.04 -73.51 -79.41
CA GLU E 125 31.11 -74.50 -79.45
C GLU E 125 30.66 -75.74 -80.21
N ARG E 126 29.37 -76.05 -80.10
CA ARG E 126 28.82 -77.29 -80.66
C ARG E 126 27.84 -77.03 -81.79
N ALA E 127 27.85 -75.84 -82.34
CA ALA E 127 26.96 -75.51 -83.46
C ALA E 127 27.76 -75.23 -84.76
N GLY E 128 28.91 -75.88 -84.89
CA GLY E 128 29.75 -75.64 -86.04
C GLY E 128 30.94 -74.83 -85.59
N THR E 129 31.45 -75.24 -84.45
CA THR E 129 32.66 -74.62 -83.93
C THR E 129 33.55 -75.79 -83.39
N LYS E 130 34.51 -75.49 -82.48
CA LYS E 130 35.41 -76.54 -81.93
C LYS E 130 34.86 -77.95 -81.94
N ALA E 131 33.72 -78.19 -81.30
CA ALA E 131 33.15 -79.56 -81.24
C ALA E 131 32.54 -80.06 -82.56
N GLY E 132 32.34 -79.21 -83.57
CA GLY E 132 31.72 -79.67 -84.81
C GLY E 132 30.27 -79.17 -84.88
N ASN E 133 29.41 -79.73 -85.73
CA ASN E 133 28.01 -79.29 -85.77
C ASN E 133 27.06 -80.41 -85.37
N LYS E 134 26.51 -80.29 -84.16
CA LYS E 134 25.60 -81.28 -83.61
C LYS E 134 24.47 -81.65 -84.58
N GLY E 135 24.03 -80.67 -85.37
CA GLY E 135 22.97 -80.89 -86.34
C GLY E 135 23.41 -81.84 -87.44
N TYR E 136 24.54 -81.52 -88.07
CA TYR E 136 25.12 -82.37 -89.10
C TYR E 136 25.32 -83.80 -88.58
N GLU E 137 25.83 -83.91 -87.36
CA GLU E 137 26.07 -85.21 -86.75
C GLU E 137 24.76 -85.95 -86.47
N SER E 138 23.67 -85.19 -86.37
CA SER E 138 22.36 -85.79 -86.14
C SER E 138 21.77 -86.37 -87.41
N ALA E 139 22.10 -85.75 -88.54
CA ALA E 139 21.64 -86.23 -89.84
C ALA E 139 22.34 -87.53 -90.22
N VAL E 140 23.67 -87.52 -90.06
CA VAL E 140 24.49 -88.69 -90.35
C VAL E 140 24.06 -89.86 -89.47
N ALA E 141 23.39 -89.53 -88.35
CA ALA E 141 22.88 -90.55 -87.45
C ALA E 141 21.49 -91.01 -87.90
N ALA E 142 20.72 -90.08 -88.46
CA ALA E 142 19.37 -90.39 -88.94
C ALA E 142 19.42 -91.32 -90.14
N ILE E 143 20.39 -91.09 -91.01
CA ILE E 143 20.57 -91.94 -92.19
C ILE E 143 20.90 -93.37 -91.80
N GLU E 144 21.81 -93.52 -90.84
CA GLU E 144 22.21 -94.84 -90.39
C GLU E 144 21.04 -95.58 -89.74
N MET E 145 20.33 -94.89 -88.86
CA MET E 145 19.17 -95.47 -88.21
C MET E 145 18.09 -95.81 -89.21
N ALA E 146 18.05 -95.06 -90.31
CA ALA E 146 17.07 -95.27 -91.36
C ALA E 146 17.32 -96.57 -92.13
N HIS E 147 18.56 -97.08 -92.08
CA HIS E 147 18.93 -98.32 -92.77
C HIS E 147 18.82 -99.51 -91.85
N LEU E 148 19.10 -99.28 -90.58
CA LEU E 148 19.02 -100.30 -89.56
C LEU E 148 17.64 -100.38 -88.93
N SER E 149 16.84 -99.27 -88.89
CA SER E 149 15.58 -99.29 -88.09
C SER E 149 14.22 -99.08 -88.78
N LYS E 150 14.23 -98.43 -89.92
CA LYS E 150 12.98 -98.14 -90.61
C LYS E 150 12.61 -99.23 -91.59
N HIS E 151 13.42 -99.49 -92.57
CA HIS E 151 13.02 -100.47 -93.55
C HIS E 151 13.50 -101.88 -93.25
N TRP E 152 14.13 -101.95 -92.11
CA TRP E 152 14.62 -103.17 -91.50
C TRP E 152 13.55 -103.51 -90.44
N ALA E 153 13.32 -104.77 -90.10
CA ALA E 153 12.27 -105.05 -89.12
C ALA E 153 12.65 -106.15 -88.15
N VAL F 2 1.17 -13.92 -55.60
CA VAL F 2 1.14 -15.35 -55.26
C VAL F 2 0.28 -16.16 -56.22
N PHE F 3 0.73 -17.35 -56.59
CA PHE F 3 0.04 -18.16 -57.58
C PHE F 3 0.05 -19.65 -57.22
N GLU F 4 -0.59 -20.01 -56.12
CA GLU F 4 -0.70 -21.43 -55.74
C GLU F 4 -1.70 -22.14 -56.65
N GLY F 5 -1.82 -23.45 -56.49
CA GLY F 5 -2.73 -24.24 -57.30
C GLY F 5 -3.63 -25.14 -56.47
N HIS F 6 -4.93 -25.12 -56.76
CA HIS F 6 -5.90 -25.96 -56.07
C HIS F 6 -5.47 -27.42 -56.03
N LEU F 7 -6.12 -28.20 -55.18
CA LEU F 7 -5.88 -29.63 -55.13
C LEU F 7 -7.19 -30.40 -55.30
N VAL F 8 -8.29 -29.66 -55.43
CA VAL F 8 -9.59 -30.26 -55.70
C VAL F 8 -9.84 -30.26 -57.19
N GLY F 9 -9.94 -31.45 -57.77
CA GLY F 9 -10.14 -31.59 -59.21
C GLY F 9 -11.57 -31.96 -59.57
N THR F 10 -12.52 -31.28 -58.94
CA THR F 10 -13.93 -31.56 -59.14
C THR F 10 -14.31 -31.71 -60.60
N GLY F 11 -13.92 -30.74 -61.43
CA GLY F 11 -14.30 -30.76 -62.83
C GLY F 11 -13.14 -30.76 -63.80
N LEU F 12 -12.24 -31.73 -63.64
CA LEU F 12 -11.08 -31.84 -64.51
C LEU F 12 -11.21 -33.04 -65.43
N LYS F 13 -10.43 -33.03 -66.52
CA LYS F 13 -10.37 -34.14 -67.46
C LYS F 13 -8.93 -34.58 -67.65
N VAL F 14 -8.57 -35.71 -67.04
CA VAL F 14 -7.19 -36.18 -67.08
C VAL F 14 -7.01 -37.38 -68.00
N GLY F 15 -5.87 -37.42 -68.69
CA GLY F 15 -5.54 -38.55 -69.54
C GLY F 15 -4.22 -39.17 -69.12
N VAL F 16 -4.22 -40.49 -68.97
CA VAL F 16 -3.03 -41.21 -68.49
C VAL F 16 -2.42 -42.10 -69.58
N VAL F 17 -1.09 -42.17 -69.59
CA VAL F 17 -0.39 -43.01 -70.55
C VAL F 17 0.58 -43.95 -69.83
N VAL F 18 0.26 -45.24 -69.82
CA VAL F 18 1.05 -46.22 -69.08
C VAL F 18 1.77 -47.20 -69.99
N GLY F 19 2.98 -47.58 -69.60
CA GLY F 19 3.76 -48.56 -70.35
C GLY F 19 3.59 -49.96 -69.79
N ARG F 20 3.38 -50.92 -70.68
CA ARG F 20 3.15 -52.31 -70.29
C ARG F 20 4.37 -52.98 -69.66
N PHE F 21 5.55 -52.65 -70.18
CA PHE F 21 6.77 -53.24 -69.65
C PHE F 21 6.82 -52.98 -68.15
N ASN F 22 7.13 -54.03 -67.40
CA ASN F 22 7.10 -53.96 -65.95
C ASN F 22 5.68 -53.75 -65.43
N GLU F 23 4.72 -54.41 -66.08
CA GLU F 23 3.32 -54.31 -65.69
C GLU F 23 3.16 -54.61 -64.21
N PHE F 24 4.02 -55.48 -63.70
CA PHE F 24 3.96 -55.88 -62.30
C PHE F 24 4.03 -54.66 -61.41
N ILE F 25 4.71 -53.62 -61.88
CA ILE F 25 4.87 -52.38 -61.13
C ILE F 25 3.91 -51.31 -61.62
N THR F 26 3.89 -51.08 -62.93
CA THR F 26 3.05 -50.05 -63.53
C THR F 26 1.56 -50.29 -63.27
N SER F 27 1.19 -51.56 -63.12
CA SER F 27 -0.18 -51.92 -62.82
C SER F 27 -0.63 -51.27 -61.52
N LYS F 28 -0.01 -51.67 -60.41
CA LYS F 28 -0.34 -51.12 -59.10
C LYS F 28 0.14 -49.67 -58.99
N LEU F 29 0.77 -49.19 -60.06
CA LEU F 29 1.24 -47.81 -60.13
C LEU F 29 0.18 -46.94 -60.79
N LEU F 30 -0.62 -47.56 -61.66
CA LEU F 30 -1.76 -46.90 -62.29
C LEU F 30 -2.88 -46.80 -61.26
N GLY F 31 -2.72 -47.49 -60.14
CA GLY F 31 -3.65 -47.38 -59.03
C GLY F 31 -3.55 -46.01 -58.40
N GLY F 32 -2.71 -45.16 -58.98
CA GLY F 32 -2.63 -43.78 -58.58
C GLY F 32 -3.62 -42.96 -59.37
N ALA F 33 -3.92 -43.42 -60.57
CA ALA F 33 -4.99 -42.82 -61.37
C ALA F 33 -6.26 -42.78 -60.53
N LEU F 34 -6.99 -43.88 -60.50
CA LEU F 34 -8.13 -44.01 -59.62
C LEU F 34 -7.61 -44.09 -58.19
N ASP F 35 -8.52 -44.07 -57.22
CA ASP F 35 -8.12 -43.98 -55.81
C ASP F 35 -7.05 -42.91 -55.65
N GLY F 36 -7.09 -41.94 -56.55
CA GLY F 36 -6.16 -40.83 -56.53
C GLY F 36 -6.81 -39.61 -57.15
N LEU F 37 -6.94 -39.64 -58.47
CA LEU F 37 -7.68 -38.61 -59.16
C LEU F 37 -9.13 -38.63 -58.69
N LYS F 38 -9.68 -39.84 -58.60
CA LYS F 38 -11.08 -40.02 -58.21
C LYS F 38 -11.39 -39.45 -56.84
N ARG F 39 -10.58 -39.82 -55.85
CA ARG F 39 -10.79 -39.40 -54.47
C ARG F 39 -10.55 -37.91 -54.29
N HIS F 40 -9.93 -37.29 -55.30
CA HIS F 40 -9.68 -35.85 -55.26
C HIS F 40 -10.75 -35.04 -55.99
N GLY F 41 -11.73 -35.74 -56.56
CA GLY F 41 -12.83 -35.08 -57.22
C GLY F 41 -13.05 -35.48 -58.66
N VAL F 42 -11.96 -35.67 -59.40
CA VAL F 42 -12.02 -36.01 -60.82
C VAL F 42 -13.07 -37.10 -61.07
N GLU F 43 -13.85 -36.92 -62.14
CA GLU F 43 -14.92 -37.86 -62.45
C GLU F 43 -14.38 -39.18 -63.00
N GLU F 44 -15.00 -40.28 -62.58
CA GLU F 44 -14.63 -41.61 -63.05
C GLU F 44 -14.52 -41.67 -64.58
N ASN F 45 -15.44 -41.00 -65.26
CA ASN F 45 -15.51 -41.06 -66.71
C ASN F 45 -14.55 -40.11 -67.42
N ASP F 46 -14.15 -39.03 -66.73
CA ASP F 46 -13.27 -38.05 -67.33
C ASP F 46 -11.80 -38.48 -67.35
N ILE F 47 -11.56 -39.77 -67.11
CA ILE F 47 -10.21 -40.31 -67.08
C ILE F 47 -10.02 -41.40 -68.14
N ASP F 48 -9.14 -41.13 -69.09
CA ASP F 48 -8.80 -42.10 -70.13
C ASP F 48 -7.38 -42.62 -69.94
N VAL F 49 -7.15 -43.86 -70.35
CA VAL F 49 -5.84 -44.48 -70.19
C VAL F 49 -5.32 -45.09 -71.49
N ALA F 50 -4.06 -44.79 -71.80
CA ALA F 50 -3.43 -45.29 -73.01
C ALA F 50 -2.27 -46.23 -72.67
N TRP F 51 -2.36 -47.48 -73.13
CA TRP F 51 -1.31 -48.46 -72.89
C TRP F 51 -0.31 -48.48 -74.04
N VAL F 52 0.94 -48.15 -73.73
CA VAL F 52 2.01 -48.18 -74.74
C VAL F 52 2.93 -49.38 -74.47
N PRO F 53 3.70 -49.79 -75.48
CA PRO F 53 4.59 -50.97 -75.28
C PRO F 53 5.51 -50.93 -74.05
N GLY F 54 6.09 -49.76 -73.85
CA GLY F 54 7.01 -49.48 -72.77
C GLY F 54 7.32 -47.97 -72.76
N ALA F 55 8.10 -47.55 -71.78
CA ALA F 55 8.46 -46.17 -71.64
C ALA F 55 8.96 -45.51 -72.92
N PHE F 56 9.80 -46.15 -73.72
CA PHE F 56 10.25 -45.41 -74.87
C PHE F 56 9.10 -44.90 -75.73
N GLU F 57 8.00 -45.62 -75.83
CA GLU F 57 6.93 -45.17 -76.69
C GLU F 57 5.95 -44.17 -76.01
N ILE F 58 6.29 -43.64 -74.84
CA ILE F 58 5.42 -42.72 -74.00
C ILE F 58 5.42 -41.19 -74.33
N PRO F 59 6.50 -40.78 -74.98
CA PRO F 59 6.51 -39.42 -75.53
C PRO F 59 5.56 -39.24 -76.71
N LEU F 60 5.56 -40.18 -77.64
CA LEU F 60 4.74 -40.07 -78.84
C LEU F 60 3.24 -40.05 -78.53
N ILE F 61 2.79 -41.06 -77.78
CA ILE F 61 1.36 -41.19 -77.46
C ILE F 61 0.92 -40.19 -76.40
N ALA F 62 1.84 -39.75 -75.55
CA ALA F 62 1.55 -38.71 -74.58
C ALA F 62 1.32 -37.39 -75.29
N LYS F 63 1.91 -37.27 -76.49
CA LYS F 63 1.74 -36.08 -77.32
C LYS F 63 0.37 -36.07 -78.00
N LYS F 64 0.00 -37.20 -78.58
CA LYS F 64 -1.28 -37.33 -79.28
C LYS F 64 -2.46 -37.42 -78.32
N MET F 65 -2.22 -37.05 -77.07
CA MET F 65 -3.28 -37.00 -76.07
C MET F 65 -3.44 -35.59 -75.51
N ALA F 66 -2.32 -34.89 -75.42
CA ALA F 66 -2.34 -33.49 -75.00
C ALA F 66 -2.78 -32.61 -76.15
N ASN F 67 -2.40 -33.00 -77.36
CA ASN F 67 -2.75 -32.26 -78.57
C ASN F 67 -4.19 -32.46 -79.00
N SER F 68 -4.84 -33.48 -78.45
CA SER F 68 -6.25 -33.72 -78.71
C SER F 68 -7.11 -32.70 -77.98
N GLY F 69 -6.48 -31.94 -77.08
CA GLY F 69 -7.15 -30.88 -76.36
C GLY F 69 -8.35 -31.34 -75.54
N LYS F 70 -8.41 -32.64 -75.25
CA LYS F 70 -9.52 -33.20 -74.50
C LYS F 70 -9.24 -33.24 -73.02
N TYR F 71 -7.96 -33.17 -72.66
CA TYR F 71 -7.55 -33.29 -71.26
C TYR F 71 -6.92 -32.00 -70.74
N ASP F 72 -7.19 -31.69 -69.47
CA ASP F 72 -6.62 -30.53 -68.81
C ASP F 72 -5.16 -30.81 -68.45
N ALA F 73 -4.86 -32.08 -68.22
CA ALA F 73 -3.50 -32.50 -67.90
C ALA F 73 -3.31 -33.97 -68.30
N VAL F 74 -2.07 -34.32 -68.63
CA VAL F 74 -1.76 -35.70 -69.02
C VAL F 74 -0.75 -36.29 -68.06
N ILE F 75 -1.13 -37.38 -67.40
CA ILE F 75 -0.24 -38.08 -66.49
C ILE F 75 0.48 -39.21 -67.22
N THR F 76 1.80 -39.28 -67.07
CA THR F 76 2.58 -40.30 -67.74
C THR F 76 3.18 -41.30 -66.75
N LEU F 77 2.81 -42.57 -66.89
CA LEU F 77 3.23 -43.62 -65.98
C LEU F 77 4.04 -44.71 -66.67
N GLY F 78 4.90 -45.36 -65.90
CA GLY F 78 5.73 -46.43 -66.42
C GLY F 78 6.82 -46.81 -65.44
N THR F 79 7.60 -47.83 -65.77
CA THR F 79 8.68 -48.27 -64.90
C THR F 79 9.86 -48.81 -65.71
N VAL F 80 11.08 -48.42 -65.31
CA VAL F 80 12.29 -48.89 -65.96
C VAL F 80 13.32 -49.29 -64.91
N ILE F 81 13.95 -50.44 -65.09
CA ILE F 81 14.91 -50.95 -64.11
C ILE F 81 16.24 -51.33 -64.75
N ARG F 82 17.32 -51.00 -64.04
CA ARG F 82 18.68 -51.27 -64.50
C ARG F 82 18.89 -52.68 -65.03
N GLY F 83 19.47 -52.78 -66.22
CA GLY F 83 19.83 -54.06 -66.79
C GLY F 83 21.33 -54.28 -66.66
N ALA F 84 21.90 -55.02 -67.60
CA ALA F 84 23.33 -55.24 -67.65
C ALA F 84 23.98 -54.25 -68.61
N THR F 85 23.18 -53.75 -69.54
CA THR F 85 23.67 -52.82 -70.56
C THR F 85 23.26 -51.40 -70.22
N THR F 86 23.91 -50.44 -70.88
CA THR F 86 23.59 -49.02 -70.70
C THR F 86 22.30 -48.65 -71.42
N HIS F 87 21.61 -49.66 -71.93
CA HIS F 87 20.34 -49.47 -72.62
C HIS F 87 19.34 -48.76 -71.71
N TYR F 88 19.40 -49.09 -70.42
CA TYR F 88 18.53 -48.50 -69.42
C TYR F 88 18.67 -46.97 -69.39
N ASP F 89 19.88 -46.49 -69.64
CA ASP F 89 20.16 -45.06 -69.56
C ASP F 89 19.49 -44.26 -70.68
N TYR F 90 19.70 -44.70 -71.92
CA TYR F 90 19.17 -44.00 -73.08
C TYR F 90 17.65 -43.98 -73.08
N VAL F 91 17.05 -44.99 -72.45
CA VAL F 91 15.60 -45.07 -72.34
C VAL F 91 15.09 -44.04 -71.35
N CYS F 92 15.53 -44.15 -70.11
CA CYS F 92 15.11 -43.22 -69.06
C CYS F 92 15.30 -41.78 -69.50
N ASN F 93 16.46 -41.50 -70.10
CA ASN F 93 16.75 -40.17 -70.60
C ASN F 93 15.67 -39.67 -71.54
N GLU F 94 15.43 -40.41 -72.62
CA GLU F 94 14.50 -39.99 -73.66
C GLU F 94 13.05 -39.87 -73.17
N VAL F 95 12.67 -40.74 -72.23
CA VAL F 95 11.33 -40.66 -71.64
C VAL F 95 11.17 -39.34 -70.92
N ALA F 96 12.12 -39.04 -70.05
CA ALA F 96 12.12 -37.77 -69.31
C ALA F 96 12.34 -36.60 -70.25
N LYS F 97 13.22 -36.80 -71.24
CA LYS F 97 13.54 -35.77 -72.21
C LYS F 97 12.32 -35.45 -73.06
N GLY F 98 11.51 -36.48 -73.34
CA GLY F 98 10.30 -36.31 -74.12
C GLY F 98 9.19 -35.65 -73.33
N VAL F 99 8.85 -36.24 -72.19
CA VAL F 99 7.77 -35.71 -71.35
C VAL F 99 8.01 -34.27 -70.91
N ALA F 100 9.28 -33.90 -70.75
CA ALA F 100 9.62 -32.53 -70.33
C ALA F 100 9.67 -31.58 -71.51
N SER F 101 10.68 -31.74 -72.36
CA SER F 101 10.87 -30.86 -73.51
C SER F 101 9.62 -30.76 -74.39
N LEU F 102 8.79 -31.80 -74.36
CA LEU F 102 7.54 -31.77 -75.11
C LEU F 102 6.33 -31.61 -74.18
N SER F 103 6.47 -30.69 -73.22
CA SER F 103 5.38 -30.28 -72.34
C SER F 103 5.34 -28.77 -72.40
N LEU F 104 6.36 -28.20 -73.03
CA LEU F 104 6.44 -26.77 -73.25
C LEU F 104 5.89 -26.41 -74.62
N GLN F 105 5.85 -27.41 -75.50
CA GLN F 105 5.34 -27.23 -76.86
C GLN F 105 3.83 -27.45 -76.90
N THR F 106 3.24 -27.75 -75.75
CA THR F 106 1.81 -28.03 -75.68
C THR F 106 1.12 -27.10 -74.69
N ASP F 107 1.90 -26.48 -73.80
CA ASP F 107 1.36 -25.59 -72.78
C ASP F 107 0.39 -26.32 -71.85
N ILE F 108 0.21 -27.61 -72.08
CA ILE F 108 -0.64 -28.44 -71.23
C ILE F 108 0.21 -29.26 -70.27
N PRO F 109 -0.08 -29.14 -68.96
CA PRO F 109 0.69 -29.86 -67.94
C PRO F 109 0.81 -31.34 -68.23
N VAL F 110 2.04 -31.81 -68.40
CA VAL F 110 2.31 -33.24 -68.57
C VAL F 110 3.19 -33.74 -67.42
N ILE F 111 2.56 -34.31 -66.41
CA ILE F 111 3.28 -34.78 -65.23
C ILE F 111 4.12 -36.02 -65.53
N PHE F 112 5.38 -35.98 -65.14
CA PHE F 112 6.30 -37.10 -65.36
C PHE F 112 6.29 -38.05 -64.17
N GLY F 113 5.64 -39.19 -64.34
CA GLY F 113 5.55 -40.18 -63.27
C GLY F 113 6.10 -41.53 -63.70
N VAL F 114 7.33 -41.53 -64.23
CA VAL F 114 7.99 -42.75 -64.66
C VAL F 114 9.07 -43.18 -63.67
N LEU F 115 8.86 -44.34 -63.06
CA LEU F 115 9.84 -44.90 -62.14
C LEU F 115 11.11 -45.27 -62.88
N THR F 116 12.23 -44.76 -62.39
CA THR F 116 13.53 -45.09 -62.97
C THR F 116 14.45 -45.57 -61.84
N THR F 117 14.49 -46.88 -61.64
CA THR F 117 15.13 -47.45 -60.48
C THR F 117 16.21 -48.48 -60.81
N GLU F 118 16.83 -49.01 -59.76
CA GLU F 118 17.95 -49.94 -59.89
C GLU F 118 17.55 -51.36 -59.50
N THR F 119 16.57 -51.46 -58.62
CA THR F 119 16.11 -52.75 -58.12
C THR F 119 14.61 -52.92 -58.35
N ILE F 120 14.19 -54.16 -58.51
CA ILE F 120 12.77 -54.48 -58.50
C ILE F 120 12.19 -54.05 -57.17
N GLU F 121 13.01 -54.16 -56.12
CA GLU F 121 12.61 -53.79 -54.78
C GLU F 121 12.36 -52.29 -54.65
N GLN F 122 13.18 -51.50 -55.33
CA GLN F 122 13.03 -50.04 -55.29
C GLN F 122 11.78 -49.60 -56.03
N ALA F 123 11.50 -50.25 -57.15
CA ALA F 123 10.28 -49.98 -57.90
C ALA F 123 9.06 -50.28 -57.03
N ILE F 124 9.14 -51.36 -56.27
CA ILE F 124 8.07 -51.73 -55.35
C ILE F 124 7.98 -50.72 -54.22
N GLU F 125 9.14 -50.25 -53.76
CA GLU F 125 9.18 -49.25 -52.70
C GLU F 125 8.43 -48.00 -53.10
N ARG F 126 8.31 -47.79 -54.40
CA ARG F 126 7.71 -46.57 -54.94
C ARG F 126 6.45 -46.84 -55.74
N ALA F 127 5.77 -47.93 -55.38
CA ALA F 127 4.53 -48.26 -56.06
C ALA F 127 3.45 -48.63 -55.06
N GLY F 128 3.64 -48.24 -53.84
CA GLY F 128 2.67 -48.56 -52.85
C GLY F 128 3.33 -49.26 -51.70
N THR F 129 4.54 -48.87 -51.40
CA THR F 129 5.16 -49.47 -50.22
C THR F 129 5.69 -48.41 -49.33
N LYS F 130 6.86 -48.61 -48.74
CA LYS F 130 7.28 -47.59 -47.73
C LYS F 130 7.64 -46.24 -48.36
N ALA F 131 7.48 -46.02 -49.66
CA ALA F 131 7.77 -44.67 -50.20
C ALA F 131 6.45 -44.06 -50.66
N GLY F 132 5.41 -44.92 -50.68
CA GLY F 132 4.09 -44.55 -51.13
C GLY F 132 3.95 -44.88 -52.61
N ASN F 133 2.84 -44.49 -53.21
CA ASN F 133 2.59 -44.75 -54.62
C ASN F 133 2.87 -43.53 -55.49
N LYS F 134 3.88 -43.63 -56.34
CA LYS F 134 4.30 -42.50 -57.18
C LYS F 134 3.30 -42.21 -58.29
N GLY F 135 2.28 -43.05 -58.41
CA GLY F 135 1.22 -42.82 -59.36
C GLY F 135 0.15 -41.92 -58.76
N TYR F 136 -0.10 -42.12 -57.47
CA TYR F 136 -1.05 -41.29 -56.74
C TYR F 136 -0.50 -39.88 -56.57
N GLU F 137 0.80 -39.79 -56.35
CA GLU F 137 1.45 -38.49 -56.14
C GLU F 137 1.50 -37.71 -57.45
N SER F 138 1.69 -38.43 -58.55
CA SER F 138 1.78 -37.80 -59.87
C SER F 138 0.41 -37.34 -60.35
N ALA F 139 -0.64 -37.81 -59.70
CA ALA F 139 -2.00 -37.37 -60.01
C ALA F 139 -2.29 -36.08 -59.25
N VAL F 140 -1.98 -36.08 -57.95
CA VAL F 140 -2.12 -34.88 -57.13
C VAL F 140 -1.42 -33.71 -57.82
N ALA F 141 -0.24 -33.98 -58.35
CA ALA F 141 0.52 -32.96 -59.07
C ALA F 141 -0.19 -32.56 -60.36
N ALA F 142 -0.78 -33.54 -61.04
CA ALA F 142 -1.49 -33.30 -62.28
C ALA F 142 -2.66 -32.33 -62.07
N ILE F 143 -3.44 -32.59 -61.04
CA ILE F 143 -4.57 -31.72 -60.70
C ILE F 143 -4.09 -30.31 -60.44
N GLU F 144 -3.15 -30.17 -59.52
CA GLU F 144 -2.61 -28.87 -59.16
C GLU F 144 -2.07 -28.11 -60.37
N MET F 145 -1.36 -28.82 -61.24
CA MET F 145 -0.79 -28.19 -62.43
C MET F 145 -1.86 -27.64 -63.35
N ALA F 146 -2.78 -28.51 -63.75
CA ALA F 146 -3.88 -28.10 -64.62
C ALA F 146 -4.67 -27.00 -63.95
N HIS F 147 -4.76 -27.07 -62.62
CA HIS F 147 -5.56 -26.13 -61.84
C HIS F 147 -4.76 -24.84 -61.61
N LEU F 148 -3.52 -24.82 -62.08
CA LEU F 148 -2.65 -23.67 -61.89
C LEU F 148 -2.48 -22.88 -63.19
N SER F 149 -2.95 -23.47 -64.28
CA SER F 149 -2.88 -22.79 -65.58
C SER F 149 -4.02 -21.79 -65.74
N LYS F 150 -3.94 -20.70 -64.99
CA LYS F 150 -4.92 -19.63 -65.12
C LYS F 150 -4.30 -18.36 -65.71
N HIS F 151 -3.06 -18.08 -65.33
CA HIS F 151 -2.32 -17.00 -65.99
C HIS F 151 -1.74 -17.54 -67.29
N TRP F 152 -2.63 -18.13 -68.09
CA TRP F 152 -2.27 -18.83 -69.32
C TRP F 152 -3.14 -18.31 -70.46
N ALA F 153 -3.11 -18.98 -71.60
CA ALA F 153 -3.92 -18.61 -72.76
C ALA F 153 -3.48 -17.26 -73.35
N VAL G 2 32.26 -1.65 -73.74
CA VAL G 2 32.15 -2.38 -72.48
C VAL G 2 30.74 -2.29 -71.88
N PHE G 3 29.94 -3.32 -72.13
CA PHE G 3 28.54 -3.33 -71.69
C PHE G 3 28.37 -4.19 -70.43
N GLU G 4 28.32 -3.54 -69.27
CA GLU G 4 28.11 -4.24 -68.01
C GLU G 4 26.69 -4.04 -67.48
N GLY G 5 26.37 -4.67 -66.36
CA GLY G 5 25.02 -4.61 -65.80
C GLY G 5 24.90 -3.91 -64.46
N HIS G 6 23.85 -3.11 -64.33
CA HIS G 6 23.56 -2.38 -63.10
C HIS G 6 23.27 -3.36 -61.96
N LEU G 7 23.05 -2.85 -60.76
CA LEU G 7 22.74 -3.72 -59.62
C LEU G 7 21.69 -3.15 -58.66
N VAL G 8 21.31 -1.90 -58.85
CA VAL G 8 20.20 -1.34 -58.10
C VAL G 8 18.93 -1.49 -58.93
N GLY G 9 17.91 -2.10 -58.34
CA GLY G 9 16.66 -2.34 -59.05
C GLY G 9 15.48 -1.55 -58.51
N THR G 10 15.63 -0.23 -58.48
CA THR G 10 14.58 0.63 -57.97
C THR G 10 13.22 0.34 -58.62
N GLY G 11 13.19 0.29 -59.94
CA GLY G 11 11.96 0.05 -60.66
C GLY G 11 11.97 -1.23 -61.45
N LEU G 12 11.90 -2.36 -60.76
CA LEU G 12 11.96 -3.66 -61.42
C LEU G 12 10.70 -4.49 -61.23
N LYS G 13 10.43 -5.37 -62.18
CA LYS G 13 9.27 -6.24 -62.14
C LYS G 13 9.75 -7.68 -62.16
N VAL G 14 9.82 -8.32 -61.00
CA VAL G 14 10.39 -9.66 -60.91
C VAL G 14 9.35 -10.73 -60.62
N GLY G 15 9.51 -11.89 -61.23
CA GLY G 15 8.63 -13.02 -60.99
C GLY G 15 9.41 -14.25 -60.55
N VAL G 16 8.87 -14.98 -59.58
CA VAL G 16 9.55 -16.12 -59.00
C VAL G 16 8.72 -17.40 -59.05
N VAL G 17 9.37 -18.50 -59.45
CA VAL G 17 8.71 -19.80 -59.48
C VAL G 17 9.43 -20.74 -58.52
N VAL G 18 8.74 -21.11 -57.43
CA VAL G 18 9.34 -21.97 -56.41
C VAL G 18 8.69 -23.35 -56.33
N GLY G 19 9.51 -24.38 -56.25
CA GLY G 19 9.02 -25.74 -56.17
C GLY G 19 8.70 -26.10 -54.73
N ARG G 20 7.52 -26.66 -54.51
CA ARG G 20 7.06 -26.99 -53.16
C ARG G 20 7.82 -28.16 -52.53
N PHE G 21 8.20 -29.13 -53.36
CA PHE G 21 8.93 -30.29 -52.86
C PHE G 21 10.20 -29.85 -52.15
N ASN G 22 10.49 -30.49 -51.02
CA ASN G 22 11.60 -30.07 -50.16
C ASN G 22 11.37 -28.65 -49.67
N GLU G 23 10.11 -28.33 -49.36
CA GLU G 23 9.73 -27.02 -48.88
C GLU G 23 10.62 -26.55 -47.74
N PHE G 24 11.12 -27.51 -46.97
CA PHE G 24 11.98 -27.21 -45.83
C PHE G 24 13.18 -26.37 -46.26
N ILE G 25 13.63 -26.55 -47.49
CA ILE G 25 14.77 -25.81 -48.01
C ILE G 25 14.33 -24.66 -48.92
N THR G 26 13.46 -24.97 -49.87
CA THR G 26 12.98 -23.97 -50.81
C THR G 26 12.33 -22.80 -50.09
N SER G 27 11.81 -23.06 -48.90
CA SER G 27 11.21 -22.01 -48.10
C SER G 27 12.23 -20.91 -47.81
N LYS G 28 13.24 -21.24 -47.03
CA LYS G 28 14.31 -20.29 -46.71
C LYS G 28 14.97 -19.80 -47.99
N LEU G 29 14.93 -20.65 -49.02
CA LEU G 29 15.56 -20.32 -50.29
C LEU G 29 14.82 -19.19 -51.01
N LEU G 30 13.50 -19.18 -50.89
CA LEU G 30 12.68 -18.12 -51.45
C LEU G 30 12.85 -16.84 -50.65
N GLY G 31 12.82 -16.97 -49.33
CA GLY G 31 13.00 -15.83 -48.45
C GLY G 31 14.29 -15.11 -48.73
N GLY G 32 15.26 -15.82 -49.30
CA GLY G 32 16.53 -15.23 -49.67
C GLY G 32 16.39 -14.27 -50.82
N ALA G 33 15.64 -14.69 -51.84
CA ALA G 33 15.41 -13.86 -53.02
C ALA G 33 14.41 -12.74 -52.72
N LEU G 34 13.37 -13.10 -51.98
CA LEU G 34 12.30 -12.17 -51.68
C LEU G 34 12.72 -11.17 -50.60
N ASP G 35 13.98 -11.23 -50.21
CA ASP G 35 14.54 -10.30 -49.24
C ASP G 35 15.79 -9.64 -49.81
N GLY G 36 16.32 -10.23 -50.86
CA GLY G 36 17.43 -9.64 -51.59
C GLY G 36 16.88 -8.64 -52.59
N LEU G 37 15.74 -8.97 -53.16
CA LEU G 37 15.05 -8.06 -54.06
C LEU G 37 14.56 -6.84 -53.30
N LYS G 38 13.82 -7.08 -52.23
CA LYS G 38 13.28 -5.99 -51.42
C LYS G 38 14.36 -4.99 -51.02
N ARG G 39 15.45 -5.50 -50.44
CA ARG G 39 16.50 -4.64 -49.91
C ARG G 39 17.41 -4.05 -50.99
N HIS G 40 17.23 -4.51 -52.21
CA HIS G 40 17.95 -3.96 -53.34
C HIS G 40 17.10 -2.89 -54.00
N GLY G 41 16.00 -2.49 -53.38
CA GLY G 41 15.25 -1.42 -53.97
C GLY G 41 14.11 -1.91 -54.86
N VAL G 42 13.94 -3.23 -54.96
CA VAL G 42 12.82 -3.73 -55.74
C VAL G 42 11.65 -3.80 -54.78
N GLU G 43 10.54 -3.32 -55.24
CA GLU G 43 9.27 -3.29 -54.53
C GLU G 43 8.83 -4.62 -53.95
N GLU G 44 8.44 -4.57 -52.68
CA GLU G 44 7.91 -5.72 -51.95
C GLU G 44 6.53 -6.06 -52.51
N ASN G 45 5.93 -5.12 -53.21
CA ASN G 45 4.63 -5.30 -53.77
C ASN G 45 4.70 -5.57 -55.27
N ASP G 46 5.89 -5.67 -55.84
CA ASP G 46 6.04 -5.88 -57.28
C ASP G 46 6.71 -7.22 -57.56
N ILE G 47 6.46 -8.20 -56.69
CA ILE G 47 7.03 -9.52 -56.84
C ILE G 47 5.94 -10.58 -56.78
N ASP G 48 5.90 -11.43 -57.81
CA ASP G 48 4.95 -12.54 -57.83
C ASP G 48 5.65 -13.89 -57.64
N VAL G 49 5.05 -14.76 -56.84
CA VAL G 49 5.60 -16.08 -56.60
C VAL G 49 4.65 -17.18 -57.09
N ALA G 50 5.21 -18.14 -57.82
CA ALA G 50 4.43 -19.24 -58.37
C ALA G 50 4.89 -20.58 -57.81
N TRP G 51 4.05 -21.18 -56.96
CA TRP G 51 4.36 -22.46 -56.36
C TRP G 51 3.98 -23.63 -57.28
N VAL G 52 4.98 -24.39 -57.69
CA VAL G 52 4.76 -25.57 -58.50
C VAL G 52 4.99 -26.83 -57.65
N PRO G 53 4.42 -27.97 -58.10
CA PRO G 53 4.57 -29.20 -57.29
C PRO G 53 6.04 -29.33 -56.83
N GLY G 54 6.95 -29.44 -57.84
CA GLY G 54 8.41 -29.58 -57.68
C GLY G 54 9.16 -29.04 -58.94
N ALA G 55 10.48 -29.16 -58.88
CA ALA G 55 11.36 -28.68 -59.95
C ALA G 55 10.92 -29.13 -61.34
N PHE G 56 10.60 -30.41 -61.56
CA PHE G 56 10.25 -30.78 -62.92
C PHE G 56 9.17 -29.89 -63.53
N GLU G 57 8.29 -29.30 -62.74
CA GLU G 57 7.23 -28.48 -63.31
C GLU G 57 7.62 -27.05 -63.48
N ILE G 58 8.82 -26.66 -62.99
CA ILE G 58 9.33 -25.24 -63.01
C ILE G 58 9.66 -24.60 -64.40
N PRO G 59 10.00 -25.46 -65.34
CA PRO G 59 10.14 -24.99 -66.72
C PRO G 59 8.83 -24.53 -67.35
N LEU G 60 7.76 -25.29 -67.14
CA LEU G 60 6.47 -24.97 -67.74
C LEU G 60 5.90 -23.66 -67.22
N ILE G 61 5.76 -23.56 -65.90
CA ILE G 61 5.17 -22.37 -65.28
C ILE G 61 6.09 -21.15 -65.39
N ALA G 62 7.39 -21.39 -65.40
CA ALA G 62 8.36 -20.31 -65.58
C ALA G 62 8.23 -19.72 -66.98
N LYS G 63 7.81 -20.55 -67.93
CA LYS G 63 7.58 -20.12 -69.31
C LYS G 63 6.38 -19.19 -69.39
N LYS G 64 5.29 -19.58 -68.74
CA LYS G 64 4.05 -18.81 -68.79
C LYS G 64 4.11 -17.52 -67.98
N MET G 65 5.26 -17.29 -67.34
CA MET G 65 5.49 -16.04 -66.62
C MET G 65 6.38 -15.11 -67.44
N ALA G 66 7.33 -15.68 -68.16
CA ALA G 66 8.17 -14.92 -69.07
C ALA G 66 7.34 -14.54 -70.30
N ASN G 67 6.59 -15.51 -70.81
CA ASN G 67 5.67 -15.25 -71.91
C ASN G 67 4.55 -14.33 -71.48
N SER G 68 4.33 -14.26 -70.17
CA SER G 68 3.33 -13.36 -69.61
C SER G 68 3.69 -11.91 -69.92
N GLY G 69 4.96 -11.66 -70.23
CA GLY G 69 5.43 -10.33 -70.56
C GLY G 69 5.10 -9.31 -69.49
N LYS G 70 5.33 -9.68 -68.23
CA LYS G 70 5.00 -8.80 -67.11
C LYS G 70 6.22 -8.60 -66.21
N TYR G 71 7.27 -9.37 -66.45
CA TYR G 71 8.45 -9.33 -65.60
C TYR G 71 9.71 -9.07 -66.40
N ASP G 72 10.63 -8.29 -65.82
CA ASP G 72 11.92 -8.02 -66.45
C ASP G 72 12.81 -9.25 -66.37
N ALA G 73 12.59 -10.06 -65.34
CA ALA G 73 13.34 -11.28 -65.14
C ALA G 73 12.55 -12.25 -64.27
N VAL G 74 12.78 -13.54 -64.46
CA VAL G 74 12.12 -14.56 -63.67
C VAL G 74 13.15 -15.41 -62.93
N ILE G 75 12.94 -15.55 -61.62
CA ILE G 75 13.82 -16.36 -60.79
C ILE G 75 13.19 -17.73 -60.51
N THR G 76 13.98 -18.79 -60.72
CA THR G 76 13.49 -20.15 -60.48
C THR G 76 14.15 -20.76 -59.24
N LEU G 77 13.35 -20.97 -58.19
CA LEU G 77 13.84 -21.54 -56.95
C LEU G 77 13.32 -22.96 -56.74
N GLY G 78 14.18 -23.84 -56.24
CA GLY G 78 13.80 -25.21 -55.97
C GLY G 78 14.93 -25.97 -55.30
N THR G 79 14.66 -27.20 -54.88
CA THR G 79 15.68 -28.05 -54.29
C THR G 79 15.47 -29.52 -54.64
N VAL G 80 16.55 -30.16 -55.09
CA VAL G 80 16.51 -31.57 -55.44
C VAL G 80 17.68 -32.28 -54.77
N ILE G 81 17.41 -33.37 -54.07
CA ILE G 81 18.45 -34.09 -53.35
C ILE G 81 18.53 -35.55 -53.77
N ARG G 82 19.77 -36.05 -53.88
CA ARG G 82 20.02 -37.44 -54.26
C ARG G 82 19.12 -38.44 -53.56
N GLY G 83 18.68 -39.43 -54.31
CA GLY G 83 17.91 -40.52 -53.75
C GLY G 83 18.68 -41.81 -53.89
N ALA G 84 17.98 -42.94 -54.02
CA ALA G 84 18.61 -44.22 -54.23
C ALA G 84 18.62 -44.56 -55.72
N THR G 85 17.79 -43.86 -56.49
CA THR G 85 17.67 -44.12 -57.93
C THR G 85 18.22 -42.95 -58.75
N THR G 86 18.39 -43.20 -60.04
CA THR G 86 18.89 -42.19 -60.96
C THR G 86 17.79 -41.19 -61.31
N HIS G 87 16.66 -41.32 -60.64
CA HIS G 87 15.53 -40.40 -60.83
C HIS G 87 15.99 -38.96 -60.61
N TYR G 88 16.89 -38.80 -59.63
CA TYR G 88 17.42 -37.49 -59.28
C TYR G 88 18.12 -36.81 -60.47
N ASP G 89 18.78 -37.60 -61.30
CA ASP G 89 19.56 -37.06 -62.41
C ASP G 89 18.68 -36.46 -63.50
N TYR G 90 17.65 -37.20 -63.91
CA TYR G 90 16.77 -36.75 -64.99
C TYR G 90 15.98 -35.52 -64.58
N VAL G 91 15.68 -35.41 -63.28
CA VAL G 91 14.99 -34.25 -62.76
C VAL G 91 15.89 -33.02 -62.85
N CYS G 92 17.03 -33.09 -62.16
CA CYS G 92 18.00 -31.99 -62.17
C CYS G 92 18.30 -31.55 -63.61
N ASN G 93 18.60 -32.52 -64.46
CA ASN G 93 18.91 -32.23 -65.85
C ASN G 93 17.82 -31.40 -66.52
N GLU G 94 16.60 -31.93 -66.54
CA GLU G 94 15.50 -31.28 -67.24
C GLU G 94 15.13 -29.91 -66.66
N VAL G 95 15.31 -29.74 -65.36
CA VAL G 95 15.10 -28.45 -64.73
C VAL G 95 16.14 -27.46 -65.23
N ALA G 96 17.42 -27.81 -65.05
CA ALA G 96 18.52 -27.00 -65.55
C ALA G 96 18.69 -27.20 -67.06
N LYS G 97 17.58 -27.45 -67.75
CA LYS G 97 17.62 -27.63 -69.19
C LYS G 97 16.49 -26.85 -69.88
N GLY G 98 15.29 -26.95 -69.32
CA GLY G 98 14.22 -26.03 -69.65
C GLY G 98 14.48 -24.62 -69.14
N VAL G 99 14.57 -24.48 -67.82
CA VAL G 99 14.97 -23.21 -67.22
C VAL G 99 16.23 -22.65 -67.88
N ALA G 100 17.03 -23.55 -68.47
CA ALA G 100 18.47 -23.50 -68.32
C ALA G 100 19.12 -22.67 -69.43
N SER G 101 18.93 -23.11 -70.67
CA SER G 101 19.12 -22.24 -71.82
C SER G 101 17.95 -22.35 -72.79
N LEU G 102 17.16 -23.41 -72.65
CA LEU G 102 15.88 -23.51 -73.33
C LEU G 102 15.18 -22.16 -73.37
N SER G 103 15.14 -21.47 -72.23
CA SER G 103 14.40 -20.22 -72.10
C SER G 103 15.18 -19.05 -72.62
N LEU G 104 15.70 -19.20 -73.85
CA LEU G 104 16.39 -18.12 -74.52
C LEU G 104 15.38 -17.62 -75.51
N GLN G 105 14.44 -18.49 -75.82
CA GLN G 105 13.46 -18.17 -76.79
C GLN G 105 12.71 -16.86 -76.53
N THR G 106 12.45 -16.58 -75.25
CA THR G 106 11.66 -15.40 -74.81
C THR G 106 12.45 -14.10 -74.80
N ASP G 107 13.70 -14.29 -74.54
CA ASP G 107 14.58 -13.19 -74.40
C ASP G 107 14.19 -12.41 -73.15
N ILE G 108 13.73 -13.12 -72.12
CA ILE G 108 13.48 -12.49 -70.83
C ILE G 108 14.47 -13.19 -69.93
N PRO G 109 15.16 -12.43 -69.07
CA PRO G 109 16.16 -13.11 -68.22
C PRO G 109 15.62 -14.21 -67.34
N VAL G 110 16.11 -15.46 -67.44
CA VAL G 110 15.59 -16.46 -66.50
C VAL G 110 16.76 -17.02 -65.69
N ILE G 111 16.80 -16.66 -64.42
CA ILE G 111 17.88 -17.07 -63.53
C ILE G 111 17.61 -18.47 -62.97
N PHE G 112 18.56 -19.37 -63.16
CA PHE G 112 18.46 -20.72 -62.63
C PHE G 112 18.97 -20.79 -61.20
N GLY G 113 18.06 -20.84 -60.24
CA GLY G 113 18.42 -20.91 -58.84
C GLY G 113 17.84 -22.15 -58.17
N VAL G 114 18.07 -23.30 -58.79
CA VAL G 114 17.58 -24.56 -58.25
C VAL G 114 18.73 -25.36 -57.64
N LEU G 115 18.65 -25.57 -56.32
CA LEU G 115 19.66 -26.34 -55.61
C LEU G 115 19.64 -27.79 -56.05
N THR G 116 20.80 -28.29 -56.43
CA THR G 116 20.94 -29.69 -56.82
C THR G 116 22.11 -30.31 -56.07
N THR G 117 21.80 -30.94 -54.93
CA THR G 117 22.82 -31.38 -53.99
C THR G 117 22.85 -32.88 -53.77
N GLU G 118 23.64 -33.30 -52.79
CA GLU G 118 23.81 -34.71 -52.45
C GLU G 118 23.25 -35.00 -51.07
N THR G 119 23.41 -34.04 -50.17
CA THR G 119 23.00 -34.22 -48.78
C THR G 119 21.93 -33.21 -48.40
N ILE G 120 21.07 -33.60 -47.47
CA ILE G 120 20.14 -32.66 -46.86
C ILE G 120 20.95 -31.59 -46.15
N GLU G 121 22.15 -31.98 -45.71
CA GLU G 121 23.05 -31.06 -45.02
C GLU G 121 23.73 -30.11 -46.00
N GLN G 122 23.87 -30.54 -47.26
CA GLN G 122 24.48 -29.69 -48.27
C GLN G 122 23.50 -28.63 -48.76
N ALA G 123 22.26 -29.05 -49.00
CA ALA G 123 21.21 -28.12 -49.39
C ALA G 123 21.01 -27.10 -48.29
N ILE G 124 21.13 -27.54 -47.04
CA ILE G 124 20.95 -26.66 -45.90
C ILE G 124 22.12 -25.70 -45.74
N GLU G 125 23.22 -25.99 -46.44
CA GLU G 125 24.39 -25.12 -46.45
C GLU G 125 24.16 -23.93 -47.35
N ARG G 126 23.48 -24.14 -48.48
CA ARG G 126 23.22 -23.08 -49.43
C ARG G 126 21.87 -22.42 -49.20
N ALA G 127 21.11 -22.94 -48.24
CA ALA G 127 19.79 -22.39 -47.93
C ALA G 127 19.84 -21.24 -46.93
N GLY G 128 21.01 -20.66 -46.78
CA GLY G 128 21.16 -19.61 -45.86
C GLY G 128 22.07 -20.06 -44.73
N THR G 129 23.20 -20.71 -45.03
CA THR G 129 24.15 -21.09 -43.98
C THR G 129 25.52 -20.90 -44.52
N LYS G 130 26.44 -21.76 -44.17
CA LYS G 130 27.85 -21.64 -44.58
C LYS G 130 28.09 -21.05 -45.98
N ALA G 131 27.49 -21.62 -47.03
CA ALA G 131 27.78 -21.10 -48.34
C ALA G 131 26.94 -19.83 -48.68
N GLY G 132 26.02 -19.45 -47.79
CA GLY G 132 25.14 -18.27 -48.01
C GLY G 132 23.78 -18.70 -48.58
N ASN G 133 22.87 -17.77 -48.82
CA ASN G 133 21.58 -18.10 -49.39
C ASN G 133 21.58 -17.96 -50.92
N LYS G 134 21.47 -19.08 -51.62
CA LYS G 134 21.53 -19.08 -53.08
C LYS G 134 20.29 -18.48 -53.71
N GLY G 135 19.30 -18.18 -52.90
CA GLY G 135 18.12 -17.46 -53.37
C GLY G 135 18.41 -15.98 -53.46
N TYR G 136 19.09 -15.47 -52.45
CA TYR G 136 19.53 -14.08 -52.43
C TYR G 136 20.44 -13.81 -53.62
N GLU G 137 21.38 -14.71 -53.85
CA GLU G 137 22.35 -14.56 -54.93
C GLU G 137 21.68 -14.64 -56.30
N SER G 138 20.61 -15.43 -56.39
CA SER G 138 19.91 -15.62 -57.66
C SER G 138 18.98 -14.43 -57.94
N ALA G 139 18.76 -13.60 -56.93
CA ALA G 139 17.98 -12.38 -57.10
C ALA G 139 18.88 -11.25 -57.56
N VAL G 140 20.08 -11.19 -56.98
CA VAL G 140 21.09 -10.22 -57.41
C VAL G 140 21.42 -10.43 -58.88
N ALA G 141 21.42 -11.70 -59.30
CA ALA G 141 21.67 -12.04 -60.69
C ALA G 141 20.51 -11.60 -61.58
N ALA G 142 19.29 -11.65 -61.02
CA ALA G 142 18.11 -11.26 -61.77
C ALA G 142 18.11 -9.76 -62.05
N ILE G 143 18.39 -8.97 -61.02
CA ILE G 143 18.46 -7.53 -61.16
C ILE G 143 19.50 -7.13 -62.20
N GLU G 144 20.67 -7.75 -62.10
CA GLU G 144 21.76 -7.47 -63.03
C GLU G 144 21.38 -7.83 -64.46
N MET G 145 20.90 -9.04 -64.65
CA MET G 145 20.48 -9.49 -65.97
C MET G 145 19.44 -8.53 -66.55
N ALA G 146 18.46 -8.16 -65.73
CA ALA G 146 17.42 -7.24 -66.15
C ALA G 146 18.03 -5.96 -66.70
N HIS G 147 18.96 -5.39 -65.95
CA HIS G 147 19.64 -4.16 -66.35
C HIS G 147 20.67 -4.40 -67.45
N LEU G 148 20.33 -5.23 -68.41
CA LEU G 148 21.15 -5.46 -69.59
C LEU G 148 20.23 -5.42 -70.80
N SER G 149 20.28 -4.27 -71.50
CA SER G 149 19.35 -3.96 -72.60
C SER G 149 19.88 -3.62 -74.01
N LYS G 150 19.79 -4.69 -74.76
CA LYS G 150 20.00 -4.79 -76.16
C LYS G 150 18.69 -5.58 -76.45
N HIS G 151 18.03 -5.33 -77.58
CA HIS G 151 16.81 -6.01 -77.94
C HIS G 151 16.89 -6.46 -79.36
N TRP G 152 16.43 -7.64 -79.59
CA TRP G 152 16.50 -8.10 -80.96
C TRP G 152 15.31 -7.63 -81.74
N ALA G 153 15.60 -7.11 -82.93
CA ALA G 153 14.57 -6.60 -83.83
C ALA G 153 15.16 -6.29 -85.21
N VAL H 2 39.99 -26.38 -101.22
CA VAL H 2 40.63 -26.20 -99.92
C VAL H 2 40.31 -24.84 -99.32
N PHE H 3 39.93 -24.82 -98.04
CA PHE H 3 39.44 -23.59 -97.41
C PHE H 3 40.02 -23.35 -96.00
N GLU H 4 41.27 -22.90 -95.94
CA GLU H 4 41.88 -22.57 -94.65
C GLU H 4 41.35 -21.23 -94.14
N GLY H 5 41.59 -20.94 -92.86
CA GLY H 5 41.12 -19.70 -92.26
C GLY H 5 42.24 -18.73 -91.93
N HIS H 6 42.08 -17.50 -92.39
CA HIS H 6 43.05 -16.44 -92.16
C HIS H 6 43.30 -16.24 -90.66
N LEU H 7 44.41 -15.62 -90.31
CA LEU H 7 44.75 -15.44 -88.90
C LEU H 7 45.06 -13.98 -88.54
N VAL H 8 45.24 -13.14 -89.55
CA VAL H 8 45.44 -11.72 -89.32
C VAL H 8 44.10 -11.00 -89.37
N GLY H 9 43.62 -10.54 -88.22
CA GLY H 9 42.31 -9.92 -88.15
C GLY H 9 42.37 -8.42 -87.97
N THR H 10 42.95 -7.73 -88.95
CA THR H 10 43.05 -6.28 -88.92
C THR H 10 41.67 -5.63 -88.83
N GLY H 11 40.86 -5.83 -89.86
CA GLY H 11 39.55 -5.21 -89.90
C GLY H 11 38.43 -6.07 -89.34
N LEU H 12 38.52 -6.39 -88.05
CA LEU H 12 37.52 -7.24 -87.42
C LEU H 12 36.83 -6.56 -86.25
N LYS H 13 35.56 -6.86 -86.06
CA LYS H 13 34.82 -6.45 -84.88
C LYS H 13 34.51 -7.69 -84.04
N VAL H 14 35.03 -7.72 -82.81
CA VAL H 14 34.82 -8.87 -81.94
C VAL H 14 33.99 -8.48 -80.72
N GLY H 15 33.23 -9.43 -80.20
CA GLY H 15 32.44 -9.22 -78.99
C GLY H 15 32.71 -10.31 -77.99
N VAL H 16 32.94 -9.91 -76.73
CA VAL H 16 33.28 -10.87 -75.68
C VAL H 16 32.26 -10.86 -74.56
N VAL H 17 31.91 -12.05 -74.08
CA VAL H 17 31.00 -12.19 -72.94
C VAL H 17 31.69 -12.96 -71.82
N VAL H 18 32.03 -12.26 -70.74
CA VAL H 18 32.76 -12.87 -69.63
C VAL H 18 31.92 -13.00 -68.38
N GLY H 19 32.13 -14.10 -67.65
CA GLY H 19 31.40 -14.36 -66.43
C GLY H 19 32.10 -13.79 -65.21
N ARG H 20 31.34 -13.12 -64.36
CA ARG H 20 31.89 -12.46 -63.18
C ARG H 20 32.32 -13.47 -62.12
N PHE H 21 31.59 -14.56 -62.00
CA PHE H 21 31.93 -15.60 -61.04
C PHE H 21 33.31 -16.16 -61.37
N ASN H 22 34.09 -16.45 -60.33
CA ASN H 22 35.48 -16.86 -60.51
C ASN H 22 36.27 -15.76 -61.22
N GLU H 23 35.96 -14.51 -60.88
CA GLU H 23 36.59 -13.35 -61.49
C GLU H 23 38.10 -13.44 -61.38
N PHE H 24 38.58 -14.05 -60.30
CA PHE H 24 40.01 -14.23 -60.07
C PHE H 24 40.68 -14.91 -61.26
N ILE H 25 39.93 -15.79 -61.94
CA ILE H 25 40.44 -16.51 -63.10
C ILE H 25 40.00 -15.86 -64.40
N THR H 26 38.69 -15.62 -64.52
CA THR H 26 38.13 -15.03 -65.74
C THR H 26 38.76 -13.68 -66.06
N SER H 27 39.29 -13.01 -65.04
CA SER H 27 39.97 -11.74 -65.23
C SER H 27 41.16 -11.92 -66.18
N LYS H 28 42.15 -12.68 -65.74
CA LYS H 28 43.32 -12.96 -66.57
C LYS H 28 42.93 -13.69 -67.84
N LEU H 29 41.76 -14.33 -67.82
CA LEU H 29 41.25 -15.06 -68.96
C LEU H 29 40.81 -14.10 -70.04
N LEU H 30 40.25 -12.97 -69.59
CA LEU H 30 39.86 -11.89 -70.50
C LEU H 30 41.11 -11.22 -71.04
N GLY H 31 42.23 -11.40 -70.35
CA GLY H 31 43.50 -10.92 -70.83
C GLY H 31 43.86 -11.56 -72.15
N GLY H 32 43.02 -12.51 -72.58
CA GLY H 32 43.18 -13.15 -73.88
C GLY H 32 42.58 -12.28 -74.97
N ALA H 33 41.56 -11.51 -74.62
CA ALA H 33 41.00 -10.52 -75.53
C ALA H 33 42.09 -9.52 -75.90
N LEU H 34 42.42 -8.63 -74.97
CA LEU H 34 43.54 -7.73 -75.15
C LEU H 34 44.82 -8.57 -75.17
N ASP H 35 45.92 -7.98 -75.61
CA ASP H 35 47.18 -8.71 -75.80
C ASP H 35 46.93 -10.01 -76.55
N GLY H 36 45.82 -10.06 -77.28
CA GLY H 36 45.45 -11.24 -78.04
C GLY H 36 44.85 -10.86 -79.37
N LEU H 37 43.67 -10.24 -79.33
CA LEU H 37 43.06 -9.68 -80.51
C LEU H 37 43.87 -8.46 -80.96
N LYS H 38 44.41 -7.74 -79.98
CA LYS H 38 45.22 -6.55 -80.24
C LYS H 38 46.38 -6.87 -81.18
N ARG H 39 47.25 -7.79 -80.75
CA ARG H 39 48.46 -8.10 -81.51
C ARG H 39 48.19 -8.81 -82.82
N HIS H 40 46.96 -9.27 -83.01
CA HIS H 40 46.61 -9.94 -84.26
C HIS H 40 45.98 -8.99 -85.27
N GLY H 41 45.91 -7.71 -84.92
CA GLY H 41 45.44 -6.69 -85.84
C GLY H 41 44.19 -5.93 -85.40
N VAL H 42 43.34 -6.58 -84.62
CA VAL H 42 42.08 -5.97 -84.18
C VAL H 42 42.30 -4.63 -83.49
N GLU H 43 41.41 -3.65 -83.76
CA GLU H 43 41.54 -2.30 -83.22
C GLU H 43 41.21 -2.19 -81.73
N GLU H 44 42.12 -1.50 -80.97
CA GLU H 44 42.04 -1.26 -79.54
C GLU H 44 40.70 -0.66 -79.21
N ASN H 45 40.05 -1.37 -78.28
CA ASN H 45 38.68 -1.18 -77.84
C ASN H 45 37.85 -0.80 -79.08
N ASP H 46 37.69 -1.86 -79.91
CA ASP H 46 36.85 -1.96 -81.11
C ASP H 46 36.23 -3.29 -80.88
N ILE H 47 36.41 -3.65 -79.64
CA ILE H 47 35.96 -4.89 -79.10
C ILE H 47 35.14 -4.58 -77.86
N ASP H 48 33.97 -5.19 -77.77
CA ASP H 48 33.09 -4.96 -76.61
C ASP H 48 33.08 -6.15 -75.65
N VAL H 49 33.03 -5.84 -74.36
CA VAL H 49 33.02 -6.86 -73.32
C VAL H 49 31.74 -6.81 -72.51
N ALA H 50 31.07 -7.96 -72.39
CA ALA H 50 29.82 -8.06 -71.65
C ALA H 50 30.00 -8.92 -70.40
N TRP H 51 29.82 -8.29 -69.24
CA TRP H 51 29.94 -9.01 -67.97
C TRP H 51 28.59 -9.57 -67.53
N VAL H 52 28.55 -10.89 -67.39
CA VAL H 52 27.34 -11.56 -66.91
C VAL H 52 27.63 -12.26 -65.59
N PRO H 53 26.62 -12.34 -64.72
CA PRO H 53 26.74 -12.93 -63.39
C PRO H 53 27.49 -14.26 -63.38
N GLY H 54 26.83 -15.32 -63.82
CA GLY H 54 27.45 -16.63 -63.84
C GLY H 54 27.69 -17.14 -65.24
N ALA H 55 28.50 -18.19 -65.35
CA ALA H 55 28.78 -18.81 -66.65
C ALA H 55 27.47 -19.26 -67.29
N PHE H 56 26.46 -19.46 -66.44
CA PHE H 56 25.16 -19.92 -66.88
C PHE H 56 24.41 -18.85 -67.68
N GLU H 57 24.74 -17.59 -67.41
CA GLU H 57 24.05 -16.47 -68.04
C GLU H 57 24.72 -16.08 -69.35
N ILE H 58 25.86 -16.69 -69.64
CA ILE H 58 26.62 -16.38 -70.85
C ILE H 58 25.82 -16.60 -72.14
N PRO H 59 25.23 -17.79 -72.32
CA PRO H 59 24.50 -18.09 -73.54
C PRO H 59 23.50 -17.02 -73.93
N LEU H 60 22.71 -16.53 -72.97
CA LEU H 60 21.69 -15.52 -73.24
C LEU H 60 22.28 -14.24 -73.84
N ILE H 61 23.28 -13.69 -73.15
CA ILE H 61 23.87 -12.42 -73.57
C ILE H 61 24.84 -12.59 -74.74
N ALA H 62 25.43 -13.77 -74.85
CA ALA H 62 26.27 -14.08 -76.01
C ALA H 62 25.39 -14.01 -77.25
N LYS H 63 24.11 -14.33 -77.08
CA LYS H 63 23.14 -14.23 -78.17
C LYS H 63 22.83 -12.78 -78.50
N LYS H 64 22.28 -12.05 -77.52
CA LYS H 64 21.87 -10.66 -77.74
C LYS H 64 23.02 -9.73 -78.08
N MET H 65 24.15 -10.30 -78.47
CA MET H 65 25.26 -9.54 -79.01
C MET H 65 25.47 -9.93 -80.48
N ALA H 66 25.74 -11.21 -80.69
CA ALA H 66 25.90 -11.74 -82.04
C ALA H 66 24.57 -11.78 -82.78
N ASN H 67 23.48 -11.71 -82.02
CA ASN H 67 22.14 -11.84 -82.59
C ASN H 67 21.92 -10.88 -83.74
N SER H 68 22.29 -9.62 -83.54
CA SER H 68 22.23 -8.63 -84.61
C SER H 68 23.62 -8.10 -84.89
N GLY H 69 23.98 -8.06 -86.17
CA GLY H 69 25.32 -7.68 -86.61
C GLY H 69 25.94 -6.51 -85.89
N LYS H 70 26.92 -6.83 -85.03
CA LYS H 70 27.72 -5.81 -84.36
C LYS H 70 29.16 -6.27 -84.45
N TYR H 71 29.34 -7.58 -84.54
CA TYR H 71 30.67 -8.19 -84.54
C TYR H 71 30.74 -9.30 -85.57
N ASP H 72 31.96 -9.61 -86.02
CA ASP H 72 32.18 -10.68 -86.98
C ASP H 72 32.30 -12.03 -86.25
N ALA H 73 32.51 -11.96 -84.95
CA ALA H 73 32.62 -13.15 -84.12
C ALA H 73 32.52 -12.79 -82.65
N VAL H 74 31.88 -13.67 -81.87
CA VAL H 74 31.73 -13.45 -80.44
C VAL H 74 32.47 -14.49 -79.61
N ILE H 75 33.23 -14.03 -78.63
CA ILE H 75 33.99 -14.92 -77.75
C ILE H 75 33.33 -15.01 -76.39
N THR H 76 33.19 -16.23 -75.87
CA THR H 76 32.62 -16.45 -74.54
C THR H 76 33.70 -16.89 -73.56
N LEU H 77 33.89 -16.09 -72.51
CA LEU H 77 34.86 -16.41 -71.47
C LEU H 77 34.19 -16.60 -70.11
N GLY H 78 34.73 -17.51 -69.31
CA GLY H 78 34.20 -17.79 -68.00
C GLY H 78 34.94 -18.93 -67.35
N THR H 79 34.63 -19.22 -66.09
CA THR H 79 35.26 -20.33 -65.39
C THR H 79 34.27 -21.04 -64.48
N VAL H 80 34.38 -22.36 -64.42
CA VAL H 80 33.53 -23.18 -63.57
C VAL H 80 34.36 -24.27 -62.89
N ILE H 81 34.31 -24.32 -61.56
CA ILE H 81 35.10 -25.29 -60.82
C ILE H 81 34.23 -26.24 -59.99
N ARG H 82 34.63 -27.51 -59.98
CA ARG H 82 33.91 -28.54 -59.25
C ARG H 82 33.58 -28.18 -57.81
N GLY H 83 32.33 -28.44 -57.42
CA GLY H 83 31.91 -28.26 -56.04
C GLY H 83 31.60 -29.61 -55.42
N ALA H 84 30.87 -29.59 -54.31
CA ALA H 84 30.46 -30.83 -53.64
C ALA H 84 29.24 -31.42 -54.31
N THR H 85 28.45 -30.56 -54.95
CA THR H 85 27.22 -30.97 -55.60
C THR H 85 27.42 -31.18 -57.09
N THR H 86 26.43 -31.81 -57.73
CA THR H 86 26.48 -32.04 -59.18
C THR H 86 26.07 -30.78 -59.93
N HIS H 87 25.89 -29.69 -59.20
CA HIS H 87 25.54 -28.40 -59.78
C HIS H 87 26.56 -28.00 -60.84
N TYR H 88 27.82 -28.32 -60.58
CA TYR H 88 28.92 -28.02 -61.50
C TYR H 88 28.66 -28.57 -62.90
N ASP H 89 27.99 -29.72 -62.97
CA ASP H 89 27.78 -30.40 -64.24
C ASP H 89 26.70 -29.72 -65.08
N TYR H 90 25.56 -29.41 -64.47
CA TYR H 90 24.44 -28.82 -65.19
C TYR H 90 24.77 -27.43 -65.72
N VAL H 91 25.69 -26.75 -65.02
CA VAL H 91 26.15 -25.44 -65.48
C VAL H 91 27.06 -25.58 -66.69
N CYS H 92 28.18 -26.29 -66.51
CA CYS H 92 29.12 -26.54 -67.61
C CYS H 92 28.38 -27.01 -68.86
N ASN H 93 27.60 -28.07 -68.72
CA ASN H 93 26.85 -28.62 -69.83
C ASN H 93 26.08 -27.54 -70.60
N GLU H 94 25.19 -26.85 -69.92
CA GLU H 94 24.30 -25.89 -70.56
C GLU H 94 25.03 -24.70 -71.16
N VAL H 95 26.17 -24.35 -70.58
CA VAL H 95 27.01 -23.29 -71.14
C VAL H 95 27.51 -23.73 -72.51
N ALA H 96 28.20 -24.87 -72.53
CA ALA H 96 28.70 -25.44 -73.77
C ALA H 96 27.54 -25.74 -74.72
N LYS H 97 26.45 -26.25 -74.15
CA LYS H 97 25.27 -26.57 -74.91
C LYS H 97 24.71 -25.32 -75.58
N GLY H 98 24.59 -24.24 -74.81
CA GLY H 98 24.07 -22.98 -75.31
C GLY H 98 24.98 -22.36 -76.36
N VAL H 99 26.22 -22.10 -75.99
CA VAL H 99 27.18 -21.47 -76.89
C VAL H 99 27.35 -22.23 -78.21
N ALA H 100 27.29 -23.56 -78.15
CA ALA H 100 27.42 -24.39 -79.34
C ALA H 100 26.12 -24.43 -80.15
N SER H 101 25.07 -24.96 -79.53
CA SER H 101 23.78 -25.09 -80.20
C SER H 101 23.30 -23.76 -80.77
N LEU H 102 23.44 -22.69 -79.99
CA LEU H 102 23.05 -21.37 -80.45
C LEU H 102 24.22 -20.59 -81.05
N SER H 103 25.00 -21.29 -81.87
CA SER H 103 26.05 -20.67 -82.68
C SER H 103 25.81 -21.11 -84.13
N LEU H 104 24.83 -21.97 -84.30
CA LEU H 104 24.43 -22.45 -85.61
C LEU H 104 23.20 -21.67 -86.08
N GLN H 105 22.34 -21.30 -85.12
CA GLN H 105 21.13 -20.56 -85.43
C GLN H 105 21.46 -19.17 -85.96
N THR H 106 22.49 -18.55 -85.38
CA THR H 106 22.93 -17.25 -85.82
C THR H 106 23.78 -17.41 -87.05
N ASP H 107 24.72 -18.33 -87.01
CA ASP H 107 25.60 -18.50 -88.15
C ASP H 107 26.76 -17.56 -88.01
N ILE H 108 26.80 -16.79 -86.91
CA ILE H 108 27.93 -15.93 -86.63
C ILE H 108 28.79 -16.67 -85.65
N PRO H 109 30.06 -16.74 -86.03
CA PRO H 109 31.02 -17.50 -85.23
C PRO H 109 30.99 -17.25 -83.72
N VAL H 110 30.65 -18.24 -82.90
CA VAL H 110 30.68 -18.04 -81.46
C VAL H 110 31.65 -19.04 -80.82
N ILE H 111 32.84 -18.56 -80.47
CA ILE H 111 33.89 -19.40 -79.91
C ILE H 111 33.63 -19.70 -78.43
N PHE H 112 33.70 -20.99 -78.08
CA PHE H 112 33.47 -21.41 -76.70
C PHE H 112 34.77 -21.43 -75.91
N GLY H 113 34.91 -20.48 -74.99
CA GLY H 113 36.10 -20.38 -74.17
C GLY H 113 35.79 -20.33 -72.70
N VAL H 114 35.10 -21.36 -72.21
CA VAL H 114 34.74 -21.45 -70.80
C VAL H 114 35.52 -22.58 -70.12
N LEU H 115 36.34 -22.21 -69.15
CA LEU H 115 37.14 -23.18 -68.41
C LEU H 115 36.27 -24.07 -67.55
N THR H 116 36.49 -25.37 -67.64
CA THR H 116 35.74 -26.32 -66.85
C THR H 116 36.72 -27.26 -66.13
N THR H 117 37.11 -26.86 -64.93
CA THR H 117 38.18 -27.56 -64.22
C THR H 117 37.72 -28.23 -62.93
N GLU H 118 38.64 -28.99 -62.33
CA GLU H 118 38.38 -29.67 -61.07
C GLU H 118 39.03 -28.91 -59.91
N THR H 119 40.18 -28.30 -60.19
CA THR H 119 40.93 -27.57 -59.18
C THR H 119 41.03 -26.08 -59.51
N ILE H 120 41.15 -25.27 -58.48
CA ILE H 120 41.47 -23.87 -58.66
C ILE H 120 42.85 -23.78 -59.30
N GLU H 121 43.67 -24.79 -59.04
CA GLU H 121 45.02 -24.84 -59.57
C GLU H 121 45.01 -25.20 -61.05
N GLN H 122 43.93 -25.83 -61.50
CA GLN H 122 43.80 -26.19 -62.91
C GLN H 122 43.30 -25.01 -63.73
N ALA H 123 42.51 -24.16 -63.08
CA ALA H 123 42.06 -22.92 -63.70
C ALA H 123 43.24 -21.99 -63.93
N ILE H 124 44.04 -21.81 -62.89
CA ILE H 124 45.27 -21.03 -62.99
C ILE H 124 46.20 -21.67 -64.00
N GLU H 125 46.17 -22.99 -64.05
CA GLU H 125 46.99 -23.74 -64.97
C GLU H 125 46.68 -23.33 -66.42
N ARG H 126 45.45 -22.98 -66.68
CA ARG H 126 44.98 -22.65 -68.01
C ARG H 126 44.58 -21.19 -68.19
N ALA H 127 45.00 -20.34 -67.26
CA ALA H 127 44.67 -18.92 -67.34
C ALA H 127 45.93 -18.09 -67.51
N GLY H 128 46.92 -18.61 -68.15
CA GLY H 128 48.12 -17.84 -68.23
C GLY H 128 49.16 -18.69 -67.55
N THR H 129 48.86 -19.92 -67.17
CA THR H 129 49.99 -20.69 -66.65
C THR H 129 50.39 -21.77 -67.67
N LYS H 130 51.20 -22.73 -67.20
CA LYS H 130 51.80 -23.90 -67.90
C LYS H 130 51.13 -24.26 -69.22
N ALA H 131 49.80 -24.23 -69.27
CA ALA H 131 49.13 -24.59 -70.54
C ALA H 131 48.91 -23.38 -71.43
N GLY H 132 49.27 -22.18 -70.91
CA GLY H 132 49.06 -20.92 -71.61
C GLY H 132 47.72 -20.31 -71.18
N ASN H 133 47.27 -19.31 -71.94
CA ASN H 133 46.01 -18.63 -71.63
C ASN H 133 44.91 -19.01 -72.62
N LYS H 134 43.93 -19.77 -72.14
CA LYS H 134 42.87 -20.27 -73.00
C LYS H 134 41.92 -19.17 -73.45
N GLY H 135 42.24 -17.94 -73.09
CA GLY H 135 41.49 -16.78 -73.56
C GLY H 135 42.15 -16.24 -74.81
N TYR H 136 43.47 -16.16 -74.78
CA TYR H 136 44.24 -15.73 -75.93
C TYR H 136 44.09 -16.74 -77.08
N GLU H 137 43.84 -17.99 -76.72
CA GLU H 137 43.72 -19.05 -77.73
C GLU H 137 42.34 -19.01 -78.37
N SER H 138 41.34 -18.65 -77.58
CA SER H 138 39.97 -18.58 -78.09
C SER H 138 39.79 -17.31 -78.92
N ALA H 139 40.75 -16.41 -78.83
CA ALA H 139 40.73 -15.19 -79.65
C ALA H 139 41.27 -15.51 -81.04
N VAL H 140 42.38 -16.22 -81.08
CA VAL H 140 42.94 -16.70 -82.34
C VAL H 140 41.88 -17.47 -83.12
N ALA H 141 41.15 -18.33 -82.41
CA ALA H 141 40.08 -19.12 -83.02
C ALA H 141 39.00 -18.21 -83.57
N ALA H 142 38.67 -17.17 -82.82
CA ALA H 142 37.62 -16.23 -83.22
C ALA H 142 37.97 -15.54 -84.53
N ILE H 143 39.21 -15.11 -84.66
CA ILE H 143 39.67 -14.44 -85.88
C ILE H 143 39.63 -15.39 -87.06
N GLU H 144 40.15 -16.60 -86.86
CA GLU H 144 40.19 -17.60 -87.92
C GLU H 144 38.78 -17.97 -88.40
N MET H 145 37.88 -18.16 -87.45
CA MET H 145 36.48 -18.51 -87.77
C MET H 145 35.79 -17.37 -88.49
N ALA H 146 36.10 -16.13 -88.09
CA ALA H 146 35.54 -14.96 -88.73
C ALA H 146 35.93 -14.94 -90.20
N HIS H 147 37.22 -15.19 -90.47
CA HIS H 147 37.73 -15.21 -91.83
C HIS H 147 37.30 -16.46 -92.62
N LEU H 148 36.45 -17.27 -92.03
CA LEU H 148 35.96 -18.46 -92.71
C LEU H 148 34.51 -18.31 -93.16
N SER H 149 33.87 -17.20 -92.77
CA SER H 149 32.60 -16.83 -93.37
C SER H 149 32.90 -16.49 -94.82
N LYS H 150 32.82 -17.52 -95.66
CA LYS H 150 33.47 -17.52 -96.95
C LYS H 150 32.59 -18.21 -97.97
N HIS H 151 31.79 -19.16 -97.46
CA HIS H 151 30.98 -20.02 -98.32
C HIS H 151 31.88 -20.79 -99.29
N TRP H 152 31.29 -21.45 -100.28
CA TRP H 152 32.05 -22.45 -101.03
C TRP H 152 31.83 -22.43 -102.55
N ALA H 153 32.83 -22.90 -103.29
CA ALA H 153 32.79 -22.94 -104.75
C ALA H 153 33.37 -24.25 -105.28
N VAL I 2 13.72 -53.60 -100.07
CA VAL I 2 15.15 -53.56 -99.85
C VAL I 2 15.81 -52.28 -100.40
N PHE I 3 16.73 -51.71 -99.62
CA PHE I 3 17.39 -50.46 -100.01
C PHE I 3 18.86 -50.41 -99.60
N GLU I 4 19.71 -51.15 -100.31
CA GLU I 4 21.14 -51.14 -100.03
C GLU I 4 21.81 -49.95 -100.70
N GLY I 5 22.96 -49.55 -100.18
CA GLY I 5 23.69 -48.40 -100.69
C GLY I 5 24.90 -48.76 -101.53
N HIS I 6 24.98 -48.17 -102.73
CA HIS I 6 26.10 -48.40 -103.64
C HIS I 6 27.41 -48.03 -102.95
N LEU I 7 28.54 -48.47 -103.50
CA LEU I 7 29.83 -48.17 -102.89
C LEU I 7 30.87 -47.64 -103.88
N VAL I 8 30.46 -47.48 -105.14
CA VAL I 8 31.33 -46.88 -106.15
C VAL I 8 30.87 -45.47 -106.46
N GLY I 9 31.53 -44.49 -105.86
CA GLY I 9 31.15 -43.10 -106.04
C GLY I 9 31.99 -42.32 -107.05
N THR I 10 31.84 -42.67 -108.33
CA THR I 10 32.63 -42.02 -109.37
C THR I 10 32.16 -40.58 -109.63
N GLY I 11 30.86 -40.36 -109.55
CA GLY I 11 30.30 -39.05 -109.85
C GLY I 11 29.91 -38.23 -108.63
N LEU I 12 30.42 -38.63 -107.47
CA LEU I 12 30.09 -37.95 -106.23
C LEU I 12 30.92 -36.68 -106.03
N LYS I 13 30.44 -35.81 -105.14
CA LYS I 13 31.13 -34.55 -104.85
C LYS I 13 31.18 -34.33 -103.34
N VAL I 14 32.20 -34.88 -102.69
CA VAL I 14 32.29 -34.86 -101.23
C VAL I 14 33.04 -33.62 -100.71
N GLY I 15 32.76 -33.27 -99.45
CA GLY I 15 33.46 -32.20 -98.77
C GLY I 15 33.76 -32.54 -97.33
N VAL I 16 34.96 -32.22 -96.87
CA VAL I 16 35.38 -32.58 -95.52
C VAL I 16 35.70 -31.36 -94.66
N VAL I 17 35.43 -31.47 -93.36
CA VAL I 17 35.82 -30.44 -92.39
C VAL I 17 36.71 -31.04 -91.31
N VAL I 18 38.02 -30.84 -91.46
CA VAL I 18 38.99 -31.39 -90.51
C VAL I 18 39.39 -30.38 -89.45
N GLY I 19 39.82 -30.88 -88.29
CA GLY I 19 40.22 -30.02 -87.18
C GLY I 19 41.72 -29.95 -86.99
N ARG I 20 42.23 -28.74 -86.77
CA ARG I 20 43.66 -28.53 -86.62
C ARG I 20 44.22 -29.10 -85.33
N PHE I 21 43.54 -28.83 -84.21
CA PHE I 21 43.97 -29.35 -82.92
C PHE I 21 44.21 -30.85 -83.05
N ASN I 22 45.35 -31.31 -82.54
CA ASN I 22 45.76 -32.69 -82.70
C ASN I 22 46.01 -33.03 -84.18
N GLU I 23 46.61 -32.10 -84.89
CA GLU I 23 46.91 -32.27 -86.31
C GLU I 23 47.74 -33.52 -86.54
N PHE I 24 48.55 -33.87 -85.54
CA PHE I 24 49.40 -35.05 -85.61
C PHE I 24 48.56 -36.28 -85.96
N ILE I 25 47.31 -36.28 -85.52
CA ILE I 25 46.39 -37.40 -85.78
C ILE I 25 45.43 -37.09 -86.92
N THR I 26 44.81 -35.92 -86.86
CA THR I 26 43.84 -35.51 -87.87
C THR I 26 44.46 -35.50 -89.26
N SER I 27 45.76 -35.22 -89.33
CA SER I 27 46.48 -35.21 -90.59
C SER I 27 46.35 -36.55 -91.30
N LYS I 28 46.86 -37.60 -90.70
CA LYS I 28 46.76 -38.95 -91.26
C LYS I 28 45.30 -39.37 -91.38
N LEU I 29 44.44 -38.69 -90.62
CA LEU I 29 43.01 -39.02 -90.61
C LEU I 29 42.33 -38.48 -91.85
N LEU I 30 42.85 -37.38 -92.38
CA LEU I 30 42.35 -36.80 -93.62
C LEU I 30 42.91 -37.57 -94.82
N GLY I 31 44.19 -37.94 -94.74
CA GLY I 31 44.83 -38.72 -95.76
C GLY I 31 44.11 -40.06 -95.88
N GLY I 32 43.28 -40.37 -94.88
CA GLY I 32 42.48 -41.57 -94.87
C GLY I 32 41.24 -41.34 -95.72
N ALA I 33 40.56 -40.23 -95.47
CA ALA I 33 39.42 -39.86 -96.25
C ALA I 33 39.78 -39.87 -97.74
N LEU I 34 40.73 -39.05 -98.16
CA LEU I 34 41.04 -38.89 -99.62
C LEU I 34 41.69 -40.00 -100.37
N ASP I 35 42.79 -40.48 -99.84
CA ASP I 35 43.48 -41.47 -100.64
C ASP I 35 42.58 -42.72 -100.94
N GLY I 36 41.43 -42.82 -100.20
CA GLY I 36 40.47 -43.91 -100.28
C GLY I 36 39.11 -43.45 -100.75
N LEU I 37 38.94 -42.12 -100.70
CA LEU I 37 37.75 -41.49 -101.23
C LEU I 37 38.01 -41.41 -102.72
N LYS I 38 39.27 -41.18 -103.07
CA LYS I 38 39.71 -41.10 -104.45
C LYS I 38 39.67 -42.47 -105.10
N ARG I 39 40.28 -43.45 -104.44
CA ARG I 39 40.39 -44.79 -105.00
C ARG I 39 39.04 -45.51 -105.09
N HIS I 40 37.99 -44.86 -104.58
CA HIS I 40 36.64 -45.41 -104.68
C HIS I 40 35.88 -44.82 -105.86
N GLY I 41 36.55 -43.98 -106.63
CA GLY I 41 35.96 -43.41 -107.83
C GLY I 41 35.90 -41.89 -107.86
N VAL I 42 35.68 -41.29 -106.69
CA VAL I 42 35.52 -39.84 -106.59
C VAL I 42 36.67 -39.11 -107.28
N GLU I 43 36.32 -38.07 -108.04
CA GLU I 43 37.32 -37.23 -108.69
C GLU I 43 37.98 -36.35 -107.64
N GLU I 44 39.31 -36.31 -107.64
CA GLU I 44 40.04 -35.57 -106.61
C GLU I 44 39.77 -34.07 -106.66
N ASN I 45 39.12 -33.62 -107.73
CA ASN I 45 38.76 -32.21 -107.86
C ASN I 45 37.37 -31.92 -107.33
N ASP I 46 36.62 -32.98 -107.03
CA ASP I 46 35.30 -32.86 -106.44
C ASP I 46 35.38 -32.93 -104.91
N ILE I 47 36.57 -32.69 -104.37
CA ILE I 47 36.79 -32.78 -102.94
C ILE I 47 37.32 -31.48 -102.35
N ASP I 48 36.54 -30.89 -101.46
CA ASP I 48 36.95 -29.66 -100.77
C ASP I 48 37.23 -29.92 -99.29
N VAL I 49 38.21 -29.20 -98.74
CA VAL I 49 38.59 -29.35 -97.35
C VAL I 49 38.43 -28.04 -96.60
N ALA I 50 37.87 -28.11 -95.40
CA ALA I 50 37.69 -26.92 -94.58
C ALA I 50 38.37 -27.10 -93.23
N TRP I 51 39.50 -26.43 -93.04
CA TRP I 51 40.25 -26.49 -91.79
C TRP I 51 39.67 -25.56 -90.72
N VAL I 52 39.23 -26.17 -89.62
CA VAL I 52 38.70 -25.42 -88.49
C VAL I 52 39.65 -25.56 -87.30
N PRO I 53 39.65 -24.57 -86.40
CA PRO I 53 40.53 -24.58 -85.23
C PRO I 53 40.39 -25.86 -84.41
N GLY I 54 39.32 -25.96 -83.65
CA GLY I 54 39.08 -27.14 -82.83
C GLY I 54 37.90 -27.95 -83.32
N ALA I 55 37.76 -29.16 -82.81
CA ALA I 55 36.65 -30.04 -83.18
C ALA I 55 35.31 -29.39 -82.83
N PHE I 56 35.34 -28.45 -81.90
CA PHE I 56 34.13 -27.75 -81.45
C PHE I 56 33.55 -26.88 -82.56
N GLU I 57 34.42 -26.38 -83.43
CA GLU I 57 34.01 -25.45 -84.47
C GLU I 57 33.52 -26.18 -85.72
N ILE I 58 33.57 -27.50 -85.69
CA ILE I 58 33.15 -28.31 -86.83
C ILE I 58 31.68 -28.12 -87.21
N PRO I 59 30.77 -28.26 -86.22
CA PRO I 59 29.33 -28.15 -86.51
C PRO I 59 28.96 -26.93 -87.35
N LEU I 60 29.57 -25.78 -87.04
CA LEU I 60 29.25 -24.54 -87.73
C LEU I 60 29.63 -24.58 -89.21
N ILE I 61 30.87 -24.95 -89.48
CA ILE I 61 31.38 -24.99 -90.85
C ILE I 61 30.90 -26.23 -91.62
N ALA I 62 30.68 -27.32 -90.90
CA ALA I 62 30.11 -28.51 -91.52
C ALA I 62 28.71 -28.18 -92.02
N LYS I 63 28.05 -27.24 -91.36
CA LYS I 63 26.74 -26.76 -91.79
C LYS I 63 26.85 -25.93 -93.07
N LYS I 64 27.55 -24.81 -92.98
CA LYS I 64 27.77 -23.95 -94.13
C LYS I 64 28.12 -24.74 -95.39
N MET I 65 28.87 -25.83 -95.20
CA MET I 65 29.39 -26.61 -96.31
C MET I 65 28.33 -27.57 -96.86
N ALA I 66 27.77 -28.39 -95.99
CA ALA I 66 26.75 -29.35 -96.39
C ALA I 66 25.47 -28.63 -96.79
N ASN I 67 25.48 -27.31 -96.70
CA ASN I 67 24.30 -26.50 -96.97
C ASN I 67 24.44 -25.71 -98.26
N SER I 68 25.68 -25.56 -98.72
CA SER I 68 25.95 -24.84 -99.95
C SER I 68 25.44 -25.62 -101.16
N GLY I 69 25.19 -26.91 -100.97
CA GLY I 69 24.68 -27.76 -102.03
C GLY I 69 25.75 -28.26 -102.97
N LYS I 70 26.94 -27.65 -102.89
CA LYS I 70 28.06 -28.03 -103.74
C LYS I 70 28.46 -29.48 -103.48
N TYR I 71 28.06 -29.99 -102.32
CA TYR I 71 28.54 -31.28 -101.86
C TYR I 71 27.44 -32.34 -101.78
N ASP I 72 27.77 -33.53 -102.26
CA ASP I 72 26.84 -34.65 -102.28
C ASP I 72 26.80 -35.31 -100.91
N ALA I 73 27.84 -35.07 -100.12
CA ALA I 73 27.92 -35.58 -98.75
C ALA I 73 29.10 -34.91 -98.05
N VAL I 74 29.06 -34.87 -96.73
CA VAL I 74 30.11 -34.22 -95.96
C VAL I 74 30.75 -35.14 -94.92
N ILE I 75 32.08 -35.11 -94.84
CA ILE I 75 32.81 -35.92 -93.88
C ILE I 75 33.51 -35.05 -92.84
N THR I 76 33.12 -35.23 -91.58
CA THR I 76 33.72 -34.48 -90.49
C THR I 76 34.87 -35.25 -89.84
N LEU I 77 36.08 -34.70 -89.95
CA LEU I 77 37.26 -35.34 -89.35
C LEU I 77 37.81 -34.50 -88.21
N GLY I 78 38.46 -35.15 -87.26
CA GLY I 78 39.03 -34.47 -86.12
C GLY I 78 39.43 -35.42 -85.03
N THR I 79 40.11 -34.91 -84.01
CA THR I 79 40.54 -35.73 -82.87
C THR I 79 40.42 -34.98 -81.56
N VAL I 80 39.90 -35.67 -80.55
CA VAL I 80 39.81 -35.11 -79.20
C VAL I 80 40.33 -36.12 -78.20
N ILE I 81 41.25 -35.70 -77.35
CA ILE I 81 41.84 -36.61 -76.38
C ILE I 81 41.65 -36.13 -74.94
N ARG I 82 41.38 -37.07 -74.05
CA ARG I 82 41.15 -36.78 -72.64
C ARG I 82 42.19 -35.87 -72.00
N GLY I 83 41.71 -34.83 -71.33
CA GLY I 83 42.57 -33.96 -70.56
C GLY I 83 42.40 -34.25 -69.09
N ALA I 84 42.82 -33.31 -68.25
CA ALA I 84 42.68 -33.46 -66.81
C ALA I 84 41.32 -32.95 -66.34
N THR I 85 40.64 -32.22 -67.23
CA THR I 85 39.35 -31.63 -66.90
C THR I 85 38.21 -32.28 -67.68
N THR I 86 36.98 -31.96 -67.28
CA THR I 86 35.78 -32.47 -67.96
C THR I 86 35.56 -31.74 -69.28
N HIS I 87 36.49 -30.87 -69.63
CA HIS I 87 36.40 -30.12 -70.88
C HIS I 87 36.23 -31.09 -72.05
N TYR I 88 37.03 -32.14 -72.05
CA TYR I 88 37.00 -33.15 -73.11
C TYR I 88 35.58 -33.65 -73.40
N ASP I 89 34.74 -33.69 -72.36
CA ASP I 89 33.40 -34.24 -72.48
C ASP I 89 32.45 -33.30 -73.24
N TYR I 90 32.45 -32.04 -72.85
CA TYR I 90 31.54 -31.06 -73.44
C TYR I 90 31.89 -30.80 -74.91
N VAL I 91 33.15 -31.03 -75.27
CA VAL I 91 33.57 -30.90 -76.66
C VAL I 91 33.10 -32.08 -77.48
N CYS I 92 33.52 -33.28 -77.10
CA CYS I 92 33.10 -34.50 -77.77
C CYS I 92 31.59 -34.52 -77.98
N ASN I 93 30.86 -34.28 -76.90
CA ASN I 93 29.40 -34.25 -76.96
C ASN I 93 28.90 -33.32 -78.05
N GLU I 94 29.18 -32.03 -77.89
CA GLU I 94 28.66 -31.01 -78.80
C GLU I 94 29.06 -31.24 -80.26
N VAL I 95 30.22 -31.87 -80.47
CA VAL I 95 30.65 -32.22 -81.83
C VAL I 95 29.70 -33.25 -82.42
N ALA I 96 29.62 -34.40 -81.77
CA ALA I 96 28.71 -35.46 -82.19
C ALA I 96 27.27 -34.96 -82.17
N LYS I 97 26.97 -34.11 -81.19
CA LYS I 97 25.65 -33.54 -81.04
C LYS I 97 25.30 -32.66 -82.25
N GLY I 98 26.27 -31.86 -82.68
CA GLY I 98 26.07 -31.00 -83.83
C GLY I 98 25.97 -31.78 -85.13
N VAL I 99 26.99 -32.58 -85.42
CA VAL I 99 27.06 -33.32 -86.68
C VAL I 99 25.83 -34.20 -86.90
N ALA I 100 25.34 -34.83 -85.84
CA ALA I 100 24.19 -35.72 -85.94
C ALA I 100 22.89 -34.94 -86.05
N SER I 101 22.60 -34.14 -85.04
CA SER I 101 21.36 -33.35 -85.00
C SER I 101 21.27 -32.42 -86.20
N LEU I 102 22.42 -32.00 -86.72
CA LEU I 102 22.47 -31.12 -87.88
C LEU I 102 22.81 -31.90 -89.15
N SER I 103 22.22 -33.09 -89.26
CA SER I 103 22.35 -33.92 -90.45
C SER I 103 20.95 -34.34 -90.88
N LEU I 104 19.99 -34.05 -90.02
CA LEU I 104 18.59 -34.31 -90.29
C LEU I 104 17.95 -33.03 -90.81
N GLN I 105 18.46 -31.90 -90.33
CA GLN I 105 17.96 -30.58 -90.71
C GLN I 105 18.33 -30.27 -92.17
N THR I 106 19.46 -30.76 -92.65
CA THR I 106 19.80 -30.46 -94.06
C THR I 106 19.40 -31.60 -95.03
N ASP I 107 19.37 -32.85 -94.53
CA ASP I 107 19.07 -34.05 -95.33
C ASP I 107 20.28 -34.35 -96.26
N ILE I 108 21.43 -33.69 -96.07
CA ILE I 108 22.67 -33.99 -96.83
C ILE I 108 23.48 -34.94 -95.92
N PRO I 109 24.01 -36.05 -96.46
CA PRO I 109 24.68 -36.95 -95.52
C PRO I 109 25.82 -36.31 -94.76
N VAL I 110 25.88 -36.32 -93.42
CA VAL I 110 27.05 -35.75 -92.75
C VAL I 110 27.69 -36.80 -91.85
N ILE I 111 28.63 -37.54 -92.40
CA ILE I 111 29.30 -38.64 -91.69
C ILE I 111 30.13 -38.12 -90.51
N PHE I 112 30.03 -38.81 -89.38
CA PHE I 112 30.75 -38.43 -88.18
C PHE I 112 32.04 -39.24 -88.03
N GLY I 113 33.16 -38.63 -88.39
CA GLY I 113 34.45 -39.28 -88.32
C GLY I 113 35.40 -38.56 -87.39
N VAL I 114 34.91 -38.19 -86.21
CA VAL I 114 35.75 -37.54 -85.20
C VAL I 114 36.20 -38.53 -84.15
N LEU I 115 37.52 -38.72 -84.05
CA LEU I 115 38.08 -39.59 -83.03
C LEU I 115 37.89 -39.00 -81.65
N THR I 116 37.48 -39.84 -80.71
CA THR I 116 37.25 -39.41 -79.34
C THR I 116 37.87 -40.44 -78.41
N THR I 117 39.15 -40.26 -78.10
CA THR I 117 39.93 -41.26 -77.39
C THR I 117 40.41 -40.82 -76.01
N GLU I 118 41.09 -41.74 -75.33
CA GLU I 118 41.60 -41.52 -73.98
C GLU I 118 43.12 -41.32 -73.98
N THR I 119 43.78 -41.96 -74.94
CA THR I 119 45.22 -41.91 -75.04
C THR I 119 45.66 -41.38 -76.40
N ILE I 120 46.85 -40.80 -76.45
CA ILE I 120 47.45 -40.44 -77.72
C ILE I 120 47.63 -41.71 -78.54
N GLU I 121 47.90 -42.81 -77.84
CA GLU I 121 48.11 -44.10 -78.48
C GLU I 121 46.86 -44.61 -79.17
N GLN I 122 45.72 -44.47 -78.49
CA GLN I 122 44.45 -44.94 -79.04
C GLN I 122 44.08 -44.19 -80.31
N ALA I 123 44.44 -42.92 -80.37
CA ALA I 123 44.23 -42.11 -81.56
C ALA I 123 45.01 -42.68 -82.73
N ILE I 124 46.29 -43.00 -82.47
CA ILE I 124 47.15 -43.57 -83.49
C ILE I 124 46.62 -44.92 -83.98
N GLU I 125 46.12 -45.72 -83.05
CA GLU I 125 45.54 -47.01 -83.39
C GLU I 125 44.43 -46.85 -84.43
N ARG I 126 43.65 -45.80 -84.27
CA ARG I 126 42.48 -45.56 -85.11
C ARG I 126 42.75 -44.52 -86.20
N ALA I 127 44.03 -44.26 -86.45
CA ALA I 127 44.42 -43.32 -87.49
C ALA I 127 45.33 -43.95 -88.52
N GLY I 128 45.09 -45.19 -88.84
CA GLY I 128 45.96 -45.79 -89.80
C GLY I 128 46.80 -46.87 -89.21
N THR I 129 46.53 -47.28 -87.95
CA THR I 129 47.32 -48.40 -87.39
C THR I 129 46.44 -49.62 -87.12
N LYS I 130 46.74 -50.33 -86.04
CA LYS I 130 46.01 -51.48 -85.54
C LYS I 130 44.54 -51.52 -85.97
N ALA I 131 43.71 -50.57 -85.50
CA ALA I 131 42.28 -50.62 -85.81
C ALA I 131 41.92 -50.25 -87.26
N GLY I 132 42.85 -49.60 -88.00
CA GLY I 132 42.60 -49.16 -89.36
C GLY I 132 42.57 -47.62 -89.38
N ASN I 133 42.09 -47.01 -90.47
CA ASN I 133 42.02 -45.55 -90.53
C ASN I 133 40.59 -45.06 -90.49
N LYS I 134 40.22 -44.41 -89.39
CA LYS I 134 38.87 -43.90 -89.20
C LYS I 134 38.45 -42.97 -90.33
N GLY I 135 39.42 -42.27 -90.90
CA GLY I 135 39.15 -41.32 -91.99
C GLY I 135 38.74 -42.03 -93.27
N TYR I 136 39.38 -43.16 -93.52
CA TYR I 136 39.07 -43.98 -94.69
C TYR I 136 37.68 -44.61 -94.56
N GLU I 137 37.42 -45.20 -93.40
CA GLU I 137 36.14 -45.84 -93.13
C GLU I 137 34.99 -44.84 -93.13
N SER I 138 35.29 -43.59 -92.79
CA SER I 138 34.27 -42.55 -92.75
C SER I 138 33.98 -41.99 -94.14
N ALA I 139 34.92 -42.21 -95.06
CA ALA I 139 34.74 -41.79 -96.44
C ALA I 139 33.90 -42.82 -97.19
N VAL I 140 34.23 -44.10 -96.99
CA VAL I 140 33.49 -45.18 -97.61
C VAL I 140 32.02 -45.13 -97.20
N ALA I 141 31.78 -44.59 -95.99
CA ALA I 141 30.43 -44.44 -95.47
C ALA I 141 29.73 -43.25 -96.13
N ALA I 142 30.49 -42.19 -96.38
CA ALA I 142 29.96 -41.00 -97.03
C ALA I 142 29.44 -41.33 -98.42
N ILE I 143 30.17 -42.19 -99.12
CA ILE I 143 29.75 -42.64 -100.45
C ILE I 143 28.43 -43.38 -100.37
N GLU I 144 28.40 -44.44 -99.56
CA GLU I 144 27.20 -45.26 -99.42
C GLU I 144 25.99 -44.41 -99.05
N MET I 145 26.15 -43.57 -98.03
CA MET I 145 25.07 -42.70 -97.60
C MET I 145 24.57 -41.81 -98.74
N ALA I 146 25.50 -41.29 -99.52
CA ALA I 146 25.14 -40.47 -100.67
C ALA I 146 24.29 -41.27 -101.63
N HIS I 147 24.78 -42.44 -102.01
CA HIS I 147 24.08 -43.31 -102.95
C HIS I 147 22.74 -43.80 -102.41
N LEU I 148 22.52 -43.63 -101.12
CA LEU I 148 21.20 -43.89 -100.55
C LEU I 148 20.65 -42.49 -100.78
N SER I 149 20.05 -42.32 -101.94
CA SER I 149 19.06 -41.30 -102.26
C SER I 149 17.60 -41.23 -102.68
N LYS I 150 17.00 -42.40 -102.90
CA LYS I 150 15.58 -42.48 -103.23
C LYS I 150 14.60 -41.85 -102.25
N HIS I 151 14.89 -41.95 -100.97
CA HIS I 151 14.00 -41.43 -99.93
C HIS I 151 14.05 -39.91 -99.84
N TRP I 152 12.96 -39.27 -100.26
CA TRP I 152 12.74 -37.85 -100.00
C TRP I 152 11.32 -37.43 -100.40
N ALA I 153 10.51 -37.12 -99.39
CA ALA I 153 9.13 -36.69 -99.60
C ALA I 153 8.69 -35.68 -98.54
N VAL J 2 -8.65 -47.72 -71.65
CA VAL J 2 -9.63 -47.26 -72.63
C VAL J 2 -9.00 -47.23 -74.03
N PHE J 3 -7.67 -47.20 -74.09
CA PHE J 3 -6.97 -47.08 -75.36
C PHE J 3 -5.82 -48.08 -75.50
N GLU J 4 -6.15 -49.36 -75.69
CA GLU J 4 -5.12 -50.38 -75.91
C GLU J 4 -4.78 -50.53 -77.40
N GLY J 5 -3.63 -51.10 -77.70
CA GLY J 5 -3.19 -51.23 -79.07
C GLY J 5 -3.30 -52.64 -79.62
N HIS J 6 -4.02 -52.78 -80.73
CA HIS J 6 -4.18 -54.08 -81.40
C HIS J 6 -2.83 -54.72 -81.67
N LEU J 7 -2.78 -56.05 -81.71
CA LEU J 7 -1.51 -56.75 -81.93
C LEU J 7 -1.48 -57.58 -83.22
N VAL J 8 -2.60 -57.61 -83.92
CA VAL J 8 -2.66 -58.27 -85.23
C VAL J 8 -2.45 -57.22 -86.33
N GLY J 9 -1.43 -57.43 -87.16
CA GLY J 9 -1.10 -56.47 -88.19
C GLY J 9 -1.17 -57.03 -89.59
N THR J 10 -2.24 -57.75 -89.88
CA THR J 10 -2.42 -58.35 -91.20
C THR J 10 -2.37 -57.30 -92.31
N GLY J 11 -2.96 -56.13 -92.04
CA GLY J 11 -3.04 -55.09 -93.05
C GLY J 11 -2.03 -53.97 -92.86
N LEU J 12 -0.96 -54.27 -92.13
CA LEU J 12 0.06 -53.26 -91.86
C LEU J 12 1.08 -53.18 -92.99
N LYS J 13 2.01 -52.22 -92.86
CA LYS J 13 2.96 -51.92 -93.92
C LYS J 13 4.21 -51.30 -93.31
N VAL J 14 5.12 -52.14 -92.83
CA VAL J 14 6.27 -51.69 -92.05
C VAL J 14 7.54 -51.51 -92.88
N GLY J 15 8.47 -50.72 -92.37
CA GLY J 15 9.77 -50.52 -93.00
C GLY J 15 10.86 -50.37 -91.95
N VAL J 16 11.97 -51.09 -92.13
CA VAL J 16 13.02 -51.09 -91.13
C VAL J 16 14.36 -50.57 -91.66
N VAL J 17 15.19 -50.04 -90.75
CA VAL J 17 16.53 -49.59 -91.08
C VAL J 17 17.54 -50.27 -90.17
N VAL J 18 18.33 -51.18 -90.74
CA VAL J 18 19.33 -51.91 -89.96
C VAL J 18 20.74 -51.45 -90.26
N GLY J 19 21.60 -51.52 -89.24
CA GLY J 19 22.98 -51.08 -89.39
C GLY J 19 23.89 -52.24 -89.74
N ARG J 20 24.68 -52.05 -90.80
CA ARG J 20 25.57 -53.10 -91.27
C ARG J 20 26.67 -53.42 -90.27
N PHE J 21 27.16 -52.40 -89.57
CA PHE J 21 28.20 -52.60 -88.56
C PHE J 21 27.70 -53.56 -87.50
N ASN J 22 28.54 -54.53 -87.15
CA ASN J 22 28.14 -55.62 -86.26
C ASN J 22 27.10 -56.51 -86.92
N GLU J 23 27.25 -56.71 -88.22
CA GLU J 23 26.35 -57.54 -89.01
C GLU J 23 26.11 -58.88 -88.31
N PHE J 24 27.16 -59.41 -87.69
CA PHE J 24 27.09 -60.70 -87.00
C PHE J 24 25.91 -60.75 -86.02
N ILE J 25 25.53 -59.59 -85.51
CA ILE J 25 24.42 -59.50 -84.56
C ILE J 25 23.15 -58.95 -85.21
N THR J 26 23.30 -57.85 -85.96
CA THR J 26 22.15 -57.21 -86.59
C THR J 26 21.43 -58.14 -87.57
N SER J 27 22.16 -59.13 -88.10
CA SER J 27 21.58 -60.10 -89.00
C SER J 27 20.46 -60.88 -88.33
N LYS J 28 20.81 -61.67 -87.32
CA LYS J 28 19.84 -62.44 -86.56
C LYS J 28 18.83 -61.51 -85.90
N LEU J 29 19.21 -60.24 -85.76
CA LEU J 29 18.35 -59.26 -85.13
C LEU J 29 17.24 -58.84 -86.09
N LEU J 30 17.58 -58.79 -87.37
CA LEU J 30 16.63 -58.41 -88.42
C LEU J 30 15.68 -59.57 -88.73
N GLY J 31 16.26 -60.76 -88.87
CA GLY J 31 15.49 -61.95 -89.16
C GLY J 31 14.40 -62.19 -88.14
N GLY J 32 14.66 -61.77 -86.91
CA GLY J 32 13.68 -61.90 -85.85
C GLY J 32 12.55 -60.89 -85.99
N ALA J 33 12.88 -59.70 -86.49
CA ALA J 33 11.89 -58.65 -86.69
C ALA J 33 11.00 -58.97 -87.89
N LEU J 34 11.62 -59.46 -88.96
CA LEU J 34 10.87 -59.88 -90.14
C LEU J 34 9.97 -61.05 -89.78
N ASP J 35 10.56 -62.08 -89.18
CA ASP J 35 9.82 -63.25 -88.74
C ASP J 35 8.62 -62.85 -87.87
N GLY J 36 8.82 -61.84 -87.04
CA GLY J 36 7.76 -61.34 -86.16
C GLY J 36 6.63 -60.70 -86.92
N LEU J 37 6.94 -59.67 -87.71
CA LEU J 37 5.94 -59.00 -88.52
C LEU J 37 5.23 -60.00 -89.44
N LYS J 38 6.03 -60.85 -90.07
CA LYS J 38 5.52 -61.81 -91.04
C LYS J 38 4.50 -62.77 -90.41
N ARG J 39 4.85 -63.34 -89.26
CA ARG J 39 3.98 -64.29 -88.59
C ARG J 39 2.92 -63.62 -87.72
N HIS J 40 2.89 -62.29 -87.74
CA HIS J 40 1.86 -61.56 -87.02
C HIS J 40 0.79 -61.03 -87.96
N GLY J 41 0.92 -61.36 -89.24
CA GLY J 41 -0.05 -60.96 -90.24
C GLY J 41 0.53 -60.12 -91.36
N VAL J 42 1.44 -59.21 -91.02
CA VAL J 42 2.05 -58.33 -92.00
C VAL J 42 2.46 -59.11 -93.24
N GLU J 43 2.08 -58.59 -94.41
CA GLU J 43 2.41 -59.25 -95.66
C GLU J 43 3.92 -59.24 -95.87
N GLU J 44 4.45 -60.37 -96.35
CA GLU J 44 5.90 -60.55 -96.46
C GLU J 44 6.56 -59.56 -97.41
N ASN J 45 5.76 -58.82 -98.17
CA ASN J 45 6.30 -57.84 -99.13
C ASN J 45 5.92 -56.41 -98.80
N ASP J 46 5.05 -56.23 -97.81
CA ASP J 46 4.71 -54.91 -97.30
C ASP J 46 5.82 -54.45 -96.38
N ILE J 47 6.97 -55.10 -96.49
CA ILE J 47 8.08 -54.87 -95.58
C ILE J 47 9.36 -54.49 -96.34
N ASP J 48 9.94 -53.35 -95.98
CA ASP J 48 11.16 -52.87 -96.63
C ASP J 48 12.32 -52.75 -95.65
N VAL J 49 13.53 -52.96 -96.15
CA VAL J 49 14.71 -52.85 -95.31
C VAL J 49 15.76 -51.95 -95.93
N ALA J 50 16.28 -51.01 -95.13
CA ALA J 50 17.31 -50.09 -95.58
C ALA J 50 18.59 -50.30 -94.78
N TRP J 51 19.64 -50.73 -95.46
CA TRP J 51 20.94 -50.97 -94.82
C TRP J 51 21.80 -49.71 -94.76
N VAL J 52 22.09 -49.26 -93.54
CA VAL J 52 22.94 -48.10 -93.33
C VAL J 52 24.31 -48.56 -92.84
N PRO J 53 25.30 -47.66 -93.02
CA PRO J 53 26.67 -47.98 -92.59
C PRO J 53 26.76 -48.49 -91.16
N GLY J 54 26.08 -47.80 -90.23
CA GLY J 54 26.09 -48.20 -88.84
C GLY J 54 25.01 -47.42 -88.09
N ALA J 55 24.89 -47.64 -86.77
CA ALA J 55 23.87 -46.97 -85.98
C ALA J 55 23.91 -45.45 -86.14
N PHE J 56 25.07 -44.82 -86.15
CA PHE J 56 25.01 -43.37 -86.24
C PHE J 56 24.18 -42.89 -87.44
N GLU J 57 24.19 -43.64 -88.51
CA GLU J 57 23.50 -43.25 -89.74
C GLU J 57 21.99 -43.52 -89.71
N ILE J 58 21.51 -44.30 -88.76
CA ILE J 58 20.07 -44.75 -88.62
C ILE J 58 18.96 -43.73 -88.34
N PRO J 59 19.35 -42.61 -87.77
CA PRO J 59 18.40 -41.51 -87.62
C PRO J 59 18.07 -40.81 -88.94
N LEU J 60 19.07 -40.63 -89.81
CA LEU J 60 18.85 -39.93 -91.07
C LEU J 60 17.92 -40.67 -92.02
N ILE J 61 18.21 -41.96 -92.24
CA ILE J 61 17.44 -42.77 -93.18
C ILE J 61 16.10 -43.22 -92.60
N ALA J 62 16.00 -43.25 -91.27
CA ALA J 62 14.73 -43.56 -90.62
C ALA J 62 13.75 -42.41 -90.85
N LYS J 63 14.29 -41.19 -90.84
CA LYS J 63 13.50 -39.99 -91.11
C LYS J 63 13.08 -39.96 -92.58
N LYS J 64 13.92 -40.53 -93.44
CA LYS J 64 13.63 -40.56 -94.88
C LYS J 64 12.61 -41.62 -95.23
N MET J 65 12.33 -42.52 -94.30
CA MET J 65 11.34 -43.57 -94.51
C MET J 65 10.04 -43.24 -93.79
N ALA J 66 10.11 -42.37 -92.79
CA ALA J 66 8.92 -41.91 -92.11
C ALA J 66 8.28 -40.78 -92.91
N ASN J 67 9.12 -39.92 -93.46
CA ASN J 67 8.65 -38.80 -94.28
C ASN J 67 8.25 -39.24 -95.68
N SER J 68 8.57 -40.49 -96.03
CA SER J 68 8.18 -41.04 -97.32
C SER J 68 6.70 -41.39 -97.33
N GLY J 69 6.09 -41.40 -96.15
CA GLY J 69 4.66 -41.66 -96.00
C GLY J 69 4.19 -42.91 -96.70
N LYS J 70 4.96 -43.99 -96.56
CA LYS J 70 4.65 -45.24 -97.23
C LYS J 70 4.41 -46.37 -96.21
N TYR J 71 4.89 -46.15 -95.00
CA TYR J 71 4.85 -47.20 -93.98
C TYR J 71 3.88 -46.84 -92.86
N ASP J 72 3.49 -47.86 -92.09
CA ASP J 72 2.60 -47.68 -90.93
C ASP J 72 3.43 -47.62 -89.66
N ALA J 73 4.72 -47.91 -89.81
CA ALA J 73 5.64 -47.90 -88.69
C ALA J 73 7.05 -48.15 -89.21
N VAL J 74 8.04 -47.64 -88.49
CA VAL J 74 9.44 -47.84 -88.87
C VAL J 74 10.19 -48.50 -87.72
N ILE J 75 10.93 -49.55 -88.03
CA ILE J 75 11.71 -50.25 -87.01
C ILE J 75 13.20 -50.00 -87.20
N THR J 76 13.84 -49.43 -86.19
CA THR J 76 15.29 -49.19 -86.24
C THR J 76 16.06 -50.31 -85.55
N LEU J 77 16.86 -51.03 -86.33
CA LEU J 77 17.67 -52.12 -85.81
C LEU J 77 19.16 -51.82 -85.96
N GLY J 78 19.95 -52.33 -85.02
CA GLY J 78 21.39 -52.13 -85.06
C GLY J 78 22.02 -52.64 -83.80
N THR J 79 23.35 -52.52 -83.71
CA THR J 79 24.08 -52.97 -82.53
C THR J 79 25.35 -52.15 -82.31
N VAL J 80 25.55 -51.71 -81.07
CA VAL J 80 26.75 -50.97 -80.70
C VAL J 80 27.36 -51.61 -79.47
N ILE J 81 28.67 -51.84 -79.49
CA ILE J 81 29.34 -52.48 -78.37
C ILE J 81 30.51 -51.66 -77.84
N ARG J 82 30.68 -51.66 -76.52
CA ARG J 82 31.73 -50.91 -75.85
C ARG J 82 33.12 -51.12 -76.44
N GLY J 83 33.81 -50.01 -76.67
CA GLY J 83 35.19 -50.07 -77.12
C GLY J 83 36.11 -49.57 -76.02
N ALA J 84 37.31 -49.13 -76.40
CA ALA J 84 38.28 -48.60 -75.45
C ALA J 84 38.03 -47.13 -75.20
N THR J 85 37.42 -46.47 -76.17
CA THR J 85 37.17 -45.04 -76.09
C THR J 85 35.72 -44.75 -75.73
N THR J 86 35.44 -43.49 -75.42
CA THR J 86 34.08 -43.05 -75.10
C THR J 86 33.25 -42.84 -76.36
N HIS J 87 33.83 -43.18 -77.51
CA HIS J 87 33.15 -43.09 -78.79
C HIS J 87 31.80 -43.83 -78.74
N TYR J 88 31.80 -44.98 -78.09
CA TYR J 88 30.59 -45.80 -77.97
C TYR J 88 29.43 -45.04 -77.36
N ASP J 89 29.74 -44.10 -76.46
CA ASP J 89 28.72 -43.35 -75.74
C ASP J 89 27.97 -42.37 -76.64
N TYR J 90 28.72 -41.58 -77.40
CA TYR J 90 28.14 -40.56 -78.25
C TYR J 90 27.33 -41.19 -79.39
N VAL J 91 27.80 -42.32 -79.88
CA VAL J 91 27.07 -43.05 -80.91
C VAL J 91 25.72 -43.53 -80.37
N CYS J 92 25.78 -44.35 -79.33
CA CYS J 92 24.57 -44.87 -78.69
C CYS J 92 23.58 -43.73 -78.40
N ASN J 93 24.08 -42.66 -77.81
CA ASN J 93 23.22 -41.54 -77.44
C ASN J 93 22.51 -40.93 -78.64
N GLU J 94 23.28 -40.51 -79.64
CA GLU J 94 22.72 -39.81 -80.79
C GLU J 94 21.75 -40.68 -81.59
N VAL J 95 21.91 -42.01 -81.51
CA VAL J 95 21.01 -42.92 -82.18
C VAL J 95 19.63 -42.86 -81.52
N ALA J 96 19.61 -43.11 -80.21
CA ALA J 96 18.37 -43.05 -79.45
C ALA J 96 17.84 -41.62 -79.44
N LYS J 97 18.72 -40.66 -79.18
CA LYS J 97 18.36 -39.26 -79.18
C LYS J 97 17.69 -38.89 -80.50
N GLY J 98 18.22 -39.42 -81.60
CA GLY J 98 17.68 -39.16 -82.92
C GLY J 98 16.37 -39.87 -83.16
N VAL J 99 16.36 -41.19 -82.96
CA VAL J 99 15.17 -42.00 -83.20
C VAL J 99 13.97 -41.57 -82.35
N ALA J 100 14.22 -41.20 -81.10
CA ALA J 100 13.16 -40.76 -80.21
C ALA J 100 12.65 -39.37 -80.58
N SER J 101 13.57 -38.42 -80.72
CA SER J 101 13.22 -37.05 -81.05
C SER J 101 12.60 -36.95 -82.44
N LEU J 102 13.13 -37.72 -83.38
CA LEU J 102 12.59 -37.73 -84.73
C LEU J 102 11.54 -38.82 -84.88
N SER J 103 10.74 -39.00 -83.84
CA SER J 103 9.58 -39.89 -83.85
C SER J 103 8.38 -39.07 -83.39
N LEU J 104 8.67 -37.84 -82.98
CA LEU J 104 7.64 -36.89 -82.57
C LEU J 104 7.53 -35.82 -83.63
N GLN J 105 8.64 -35.54 -84.31
CA GLN J 105 8.68 -34.59 -85.42
C GLN J 105 7.90 -35.15 -86.61
N THR J 106 7.60 -36.44 -86.55
CA THR J 106 6.95 -37.11 -87.67
C THR J 106 5.63 -37.77 -87.24
N ASP J 107 5.30 -37.64 -85.95
CA ASP J 107 4.11 -38.25 -85.37
C ASP J 107 3.89 -39.60 -86.05
N ILE J 108 4.92 -40.39 -86.18
CA ILE J 108 4.86 -41.68 -86.85
C ILE J 108 5.61 -42.60 -85.90
N PRO J 109 5.00 -43.74 -85.56
CA PRO J 109 5.64 -44.73 -84.67
C PRO J 109 7.00 -45.15 -85.21
N VAL J 110 8.07 -44.73 -84.53
CA VAL J 110 9.40 -45.19 -84.89
C VAL J 110 10.01 -45.94 -83.70
N ILE J 111 9.94 -47.26 -83.77
CA ILE J 111 10.41 -48.12 -82.69
C ILE J 111 11.94 -48.15 -82.62
N PHE J 112 12.47 -47.92 -81.42
CA PHE J 112 13.91 -47.95 -81.20
C PHE J 112 14.35 -49.35 -80.77
N GLY J 113 15.04 -50.05 -81.67
CA GLY J 113 15.49 -51.40 -81.38
C GLY J 113 16.96 -51.59 -81.67
N VAL J 114 17.78 -50.66 -81.19
CA VAL J 114 19.24 -50.75 -81.35
C VAL J 114 19.89 -51.26 -80.08
N LEU J 115 20.59 -52.39 -80.21
CA LEU J 115 21.29 -52.97 -79.08
C LEU J 115 22.44 -52.09 -78.64
N THR J 116 22.54 -51.85 -77.34
CA THR J 116 23.61 -51.07 -76.76
C THR J 116 24.22 -51.81 -75.57
N THR J 117 25.26 -52.59 -75.86
CA THR J 117 25.79 -53.54 -74.90
C THR J 117 27.26 -53.32 -74.56
N GLU J 118 27.77 -54.16 -73.65
CA GLU J 118 29.16 -54.08 -73.19
C GLU J 118 29.99 -55.22 -73.75
N THR J 119 29.34 -56.36 -73.92
CA THR J 119 30.01 -57.58 -74.37
C THR J 119 29.40 -58.10 -75.66
N ILE J 120 30.22 -58.78 -76.47
CA ILE J 120 29.73 -59.46 -77.66
C ILE J 120 28.75 -60.54 -77.20
N GLU J 121 28.97 -61.04 -75.99
CA GLU J 121 28.13 -62.09 -75.41
C GLU J 121 26.79 -61.54 -74.93
N GLN J 122 26.75 -60.23 -74.68
CA GLN J 122 25.50 -59.58 -74.28
C GLN J 122 24.63 -59.30 -75.49
N ALA J 123 25.26 -59.02 -76.64
CA ALA J 123 24.53 -58.81 -77.88
C ALA J 123 23.87 -60.11 -78.32
N ILE J 124 24.67 -61.17 -78.38
CA ILE J 124 24.17 -62.51 -78.71
C ILE J 124 23.09 -62.90 -77.72
N GLU J 125 23.31 -62.54 -76.47
CA GLU J 125 22.36 -62.81 -75.40
C GLU J 125 20.98 -62.27 -75.77
N ARG J 126 20.95 -61.17 -76.50
CA ARG J 126 19.72 -60.46 -76.82
C ARG J 126 19.40 -60.48 -78.30
N ALA J 127 20.03 -61.36 -79.04
CA ALA J 127 19.74 -61.48 -80.47
C ALA J 127 19.09 -62.83 -80.82
N GLY J 128 18.35 -63.39 -79.88
CA GLY J 128 17.76 -64.69 -80.09
C GLY J 128 18.52 -65.69 -79.25
N THR J 129 18.78 -65.26 -78.03
CA THR J 129 19.41 -66.14 -77.08
C THR J 129 18.69 -65.91 -75.72
N LYS J 130 19.33 -66.27 -74.58
CA LYS J 130 18.69 -66.08 -73.24
C LYS J 130 17.62 -65.02 -73.15
N ALA J 131 17.97 -63.76 -73.47
CA ALA J 131 16.98 -62.67 -73.37
C ALA J 131 15.89 -62.68 -74.45
N GLY J 132 16.00 -63.47 -75.51
CA GLY J 132 14.99 -63.45 -76.57
C GLY J 132 15.55 -62.72 -77.79
N ASN J 133 14.72 -62.26 -78.74
CA ASN J 133 15.23 -61.53 -79.91
C ASN J 133 14.71 -60.10 -79.94
N LYS J 134 15.58 -59.15 -79.61
CA LYS J 134 15.22 -57.74 -79.56
C LYS J 134 14.52 -57.28 -80.83
N GLY J 135 14.90 -57.85 -81.97
CA GLY J 135 14.30 -57.50 -83.25
C GLY J 135 12.84 -57.91 -83.30
N TYR J 136 12.58 -59.18 -83.01
CA TYR J 136 11.21 -59.70 -82.96
C TYR J 136 10.35 -58.86 -82.02
N GLU J 137 10.91 -58.54 -80.85
CA GLU J 137 10.20 -57.75 -79.86
C GLU J 137 9.94 -56.32 -80.35
N SER J 138 10.73 -55.88 -81.31
CA SER J 138 10.58 -54.54 -81.87
C SER J 138 9.45 -54.50 -82.89
N ALA J 139 9.24 -55.61 -83.59
CA ALA J 139 8.16 -55.73 -84.55
C ALA J 139 6.81 -55.78 -83.85
N VAL J 140 6.72 -56.63 -82.83
CA VAL J 140 5.50 -56.76 -82.04
C VAL J 140 5.16 -55.43 -81.39
N ALA J 141 6.15 -54.56 -81.27
CA ALA J 141 5.95 -53.23 -80.72
C ALA J 141 5.49 -52.27 -81.82
N ALA J 142 6.01 -52.46 -83.02
CA ALA J 142 5.67 -51.63 -84.16
C ALA J 142 4.21 -51.82 -84.56
N ILE J 143 3.75 -53.05 -84.50
CA ILE J 143 2.36 -53.37 -84.83
C ILE J 143 1.41 -52.69 -83.87
N GLU J 144 1.72 -52.75 -82.58
CA GLU J 144 0.88 -52.15 -81.56
C GLU J 144 0.82 -50.64 -81.73
N MET J 145 1.98 -50.02 -81.91
CA MET J 145 2.06 -48.58 -82.11
C MET J 145 1.34 -48.19 -83.38
N ALA J 146 1.31 -49.10 -84.35
CA ALA J 146 0.65 -48.84 -85.63
C ALA J 146 -0.86 -48.78 -85.50
N HIS J 147 -1.42 -49.36 -84.42
CA HIS J 147 -2.86 -49.36 -84.18
C HIS J 147 -3.25 -48.22 -83.25
N LEU J 148 -2.37 -47.88 -82.35
CA LEU J 148 -2.58 -46.80 -81.42
C LEU J 148 -2.07 -45.46 -81.97
N SER J 149 -1.07 -45.43 -82.89
CA SER J 149 -0.45 -44.13 -83.26
C SER J 149 -0.50 -43.64 -84.72
N LYS J 150 -0.65 -44.55 -85.65
CA LYS J 150 -0.65 -44.18 -87.05
C LYS J 150 -2.05 -43.88 -87.56
N HIS J 151 -2.93 -44.82 -87.51
CA HIS J 151 -4.24 -44.56 -88.07
C HIS J 151 -5.25 -44.05 -87.06
N TRP J 152 -4.72 -43.86 -85.88
CA TRP J 152 -5.41 -43.29 -84.74
C TRP J 152 -4.92 -41.84 -84.72
N ALA J 153 -5.70 -40.86 -84.24
CA ALA J 153 -5.20 -39.49 -84.27
C ALA J 153 -5.56 -38.70 -83.01
N VAL K 2 88.69 -59.28 -102.55
CA VAL K 2 87.77 -58.37 -101.86
C VAL K 2 86.66 -57.86 -102.79
N PHE K 3 85.44 -57.79 -102.29
CA PHE K 3 84.29 -57.42 -103.11
C PHE K 3 83.31 -56.51 -102.38
N GLU K 4 83.76 -55.31 -102.00
CA GLU K 4 82.86 -54.35 -101.36
C GLU K 4 81.89 -53.77 -102.39
N GLY K 5 80.94 -52.96 -101.92
CA GLY K 5 79.96 -52.33 -102.79
C GLY K 5 79.84 -50.83 -102.59
N HIS K 6 79.86 -50.09 -103.69
CA HIS K 6 79.71 -48.63 -103.66
C HIS K 6 78.51 -48.20 -102.81
N LEU K 7 78.48 -46.92 -102.48
CA LEU K 7 77.32 -46.36 -101.79
C LEU K 7 76.78 -45.15 -102.55
N VAL K 8 77.43 -44.82 -103.66
CA VAL K 8 76.97 -43.75 -104.53
C VAL K 8 76.12 -44.35 -105.63
N GLY K 9 74.84 -43.99 -105.66
CA GLY K 9 73.90 -44.52 -106.64
C GLY K 9 73.58 -43.52 -107.74
N THR K 10 74.62 -42.87 -108.25
CA THR K 10 74.46 -41.84 -109.28
C THR K 10 73.53 -42.27 -110.41
N GLY K 11 73.75 -43.45 -110.97
CA GLY K 11 72.97 -43.90 -112.12
C GLY K 11 72.25 -45.21 -111.89
N LEU K 12 71.46 -45.28 -110.83
CA LEU K 12 70.71 -46.49 -110.52
C LEU K 12 69.22 -46.29 -110.77
N LYS K 13 68.51 -47.40 -110.89
CA LYS K 13 67.05 -47.38 -111.07
C LYS K 13 66.40 -48.27 -110.02
N VAL K 14 65.82 -47.65 -108.99
CA VAL K 14 65.24 -48.40 -107.88
C VAL K 14 63.72 -48.41 -107.92
N GLY K 15 63.14 -49.54 -107.54
CA GLY K 15 61.69 -49.66 -107.44
C GLY K 15 61.27 -50.06 -106.04
N VAL K 16 60.31 -49.35 -105.49
CA VAL K 16 59.86 -49.57 -104.10
C VAL K 16 58.43 -50.12 -104.04
N VAL K 17 58.19 -51.01 -103.11
CA VAL K 17 56.87 -51.61 -102.91
C VAL K 17 56.43 -51.44 -101.46
N VAL K 18 55.45 -50.57 -101.24
CA VAL K 18 54.99 -50.26 -99.88
C VAL K 18 53.57 -50.75 -99.60
N GLY K 19 53.34 -51.22 -98.37
CA GLY K 19 52.03 -51.66 -97.95
C GLY K 19 51.25 -50.57 -97.25
N ARG K 20 49.99 -50.41 -97.61
CA ARG K 20 49.14 -49.36 -97.05
C ARG K 20 48.82 -49.56 -95.58
N PHE K 21 48.62 -50.81 -95.18
CA PHE K 21 48.31 -51.12 -93.80
C PHE K 21 49.38 -50.50 -92.91
N ASN K 22 48.95 -49.81 -91.86
CA ASN K 22 49.87 -49.06 -91.01
C ASN K 22 50.53 -47.91 -91.75
N GLU K 23 49.75 -47.25 -92.60
CA GLU K 23 50.23 -46.12 -93.38
C GLU K 23 50.87 -45.08 -92.46
N PHE K 24 50.37 -45.00 -91.24
CA PHE K 24 50.88 -44.04 -90.27
C PHE K 24 52.37 -44.22 -90.09
N ILE K 25 52.83 -45.46 -90.27
CA ILE K 25 54.24 -45.79 -90.12
C ILE K 25 54.94 -45.90 -91.47
N THR K 26 54.35 -46.68 -92.38
CA THR K 26 54.93 -46.91 -93.70
C THR K 26 55.08 -45.61 -94.49
N SER K 27 54.20 -44.65 -94.22
CA SER K 27 54.27 -43.36 -94.89
C SER K 27 55.61 -42.69 -94.61
N LYS K 28 55.86 -42.35 -93.35
CA LYS K 28 57.11 -41.72 -92.96
C LYS K 28 58.27 -42.71 -93.05
N LEU K 29 57.95 -43.94 -93.43
CA LEU K 29 58.94 -44.99 -93.62
C LEU K 29 59.39 -45.02 -95.08
N LEU K 30 58.48 -44.60 -95.97
CA LEU K 30 58.80 -44.44 -97.39
C LEU K 30 59.62 -43.18 -97.58
N GLY K 31 59.70 -42.38 -96.53
CA GLY K 31 60.56 -41.20 -96.52
C GLY K 31 62.02 -41.62 -96.54
N GLY K 32 62.25 -42.92 -96.59
CA GLY K 32 63.59 -43.46 -96.77
C GLY K 32 63.90 -43.57 -98.24
N ALA K 33 62.86 -43.76 -99.05
CA ALA K 33 63.01 -43.71 -100.50
C ALA K 33 63.70 -42.41 -100.88
N LEU K 34 62.91 -41.35 -101.00
CA LEU K 34 63.49 -40.03 -101.21
C LEU K 34 64.19 -39.62 -99.92
N ASP K 35 64.90 -38.49 -99.96
CA ASP K 35 65.74 -38.08 -98.83
C ASP K 35 66.55 -39.27 -98.35
N GLY K 36 66.81 -40.19 -99.28
CA GLY K 36 67.59 -41.37 -98.99
C GLY K 36 68.29 -41.85 -100.25
N LEU K 37 67.50 -42.42 -101.16
CA LEU K 37 68.01 -42.77 -102.47
C LEU K 37 68.45 -41.50 -103.18
N LYS K 38 67.62 -40.47 -103.10
CA LYS K 38 67.87 -39.20 -103.78
C LYS K 38 69.18 -38.56 -103.33
N ARG K 39 69.36 -38.43 -102.02
CA ARG K 39 70.53 -37.77 -101.46
C ARG K 39 71.80 -38.59 -101.70
N HIS K 40 71.63 -39.84 -102.10
CA HIS K 40 72.77 -40.71 -102.39
C HIS K 40 73.11 -40.74 -103.88
N GLY K 41 72.34 -40.00 -104.68
CA GLY K 41 72.63 -39.89 -106.09
C GLY K 41 71.49 -40.29 -107.00
N VAL K 42 70.77 -41.34 -106.63
CA VAL K 42 69.67 -41.86 -107.45
C VAL K 42 68.79 -40.73 -107.96
N GLU K 43 68.40 -40.81 -109.23
CA GLU K 43 67.60 -39.77 -109.85
C GLU K 43 66.16 -39.78 -109.37
N GLU K 44 65.61 -38.59 -109.15
CA GLU K 44 64.21 -38.44 -108.73
C GLU K 44 63.26 -39.27 -109.58
N ASN K 45 63.51 -39.32 -110.88
CA ASN K 45 62.62 -39.98 -111.82
C ASN K 45 62.85 -41.49 -111.91
N ASP K 46 64.05 -41.94 -111.58
CA ASP K 46 64.38 -43.37 -111.67
C ASP K 46 63.84 -44.18 -110.50
N ILE K 47 62.91 -43.58 -109.74
CA ILE K 47 62.32 -44.25 -108.59
C ILE K 47 60.81 -44.40 -108.73
N ASP K 48 60.35 -45.64 -108.80
CA ASP K 48 58.93 -45.93 -108.87
C ASP K 48 58.44 -46.57 -107.58
N VAL K 49 57.18 -46.34 -107.24
CA VAL K 49 56.60 -46.87 -106.01
C VAL K 49 55.29 -47.61 -106.24
N ALA K 50 55.18 -48.80 -105.66
CA ALA K 50 53.98 -49.61 -105.79
C ALA K 50 53.29 -49.80 -104.44
N TRP K 51 52.04 -49.35 -104.36
CA TRP K 51 51.27 -49.48 -103.13
C TRP K 51 50.45 -50.77 -103.14
N VAL K 52 50.73 -51.64 -102.17
CA VAL K 52 49.97 -52.89 -102.05
C VAL K 52 49.06 -52.81 -100.82
N PRO K 53 48.04 -53.67 -100.77
CA PRO K 53 47.09 -53.62 -99.61
C PRO K 53 47.74 -53.63 -98.21
N GLY K 54 48.72 -54.52 -98.08
CA GLY K 54 49.45 -54.74 -96.86
C GLY K 54 50.63 -55.69 -97.15
N ALA K 55 51.44 -55.94 -96.13
CA ALA K 55 52.58 -56.80 -96.28
C ALA K 55 52.29 -58.14 -96.96
N PHE K 56 51.19 -58.83 -96.65
CA PHE K 56 51.06 -60.10 -97.30
C PHE K 56 51.12 -59.99 -98.82
N GLU K 57 50.61 -58.92 -99.40
CA GLU K 57 50.60 -58.83 -100.84
C GLU K 57 51.93 -58.28 -101.46
N ILE K 58 53.00 -58.19 -100.67
CA ILE K 58 54.33 -57.60 -101.09
C ILE K 58 55.36 -58.51 -101.81
N PRO K 59 55.17 -59.82 -101.60
CA PRO K 59 55.94 -60.77 -102.40
C PRO K 59 55.51 -60.80 -103.86
N LEU K 60 54.21 -60.83 -104.13
CA LEU K 60 53.71 -60.92 -105.50
C LEU K 60 54.10 -59.72 -106.35
N ILE K 61 53.79 -58.52 -105.86
CA ILE K 61 54.05 -57.29 -106.61
C ILE K 61 55.52 -56.93 -106.61
N ALA K 62 56.25 -57.35 -105.58
CA ALA K 62 57.69 -57.16 -105.54
C ALA K 62 58.35 -58.03 -106.59
N LYS K 63 57.68 -59.10 -106.97
CA LYS K 63 58.16 -60.00 -108.03
C LYS K 63 57.95 -59.40 -109.41
N LYS K 64 56.74 -58.88 -109.64
CA LYS K 64 56.40 -58.29 -110.94
C LYS K 64 57.04 -56.93 -111.13
N MET K 65 58.04 -56.62 -110.31
CA MET K 65 58.80 -55.39 -110.45
C MET K 65 60.28 -55.68 -110.70
N ALA K 66 60.75 -56.76 -110.10
CA ALA K 66 62.13 -57.21 -110.33
C ALA K 66 62.20 -57.95 -111.67
N ASN K 67 61.13 -58.65 -112.01
CA ASN K 67 61.06 -59.39 -113.27
C ASN K 67 60.83 -58.50 -114.48
N SER K 68 60.42 -57.26 -114.24
CA SER K 68 60.26 -56.29 -115.32
C SER K 68 61.61 -55.82 -115.82
N GLY K 69 62.66 -56.15 -115.08
CA GLY K 69 64.02 -55.84 -115.46
C GLY K 69 64.29 -54.35 -115.64
N LYS K 70 63.42 -53.53 -115.05
CA LYS K 70 63.55 -52.08 -115.18
C LYS K 70 64.36 -51.49 -114.03
N TYR K 71 64.47 -52.24 -112.94
CA TYR K 71 65.14 -51.74 -111.74
C TYR K 71 66.40 -52.54 -111.41
N ASP K 72 67.42 -51.84 -110.92
CA ASP K 72 68.67 -52.48 -110.52
C ASP K 72 68.47 -53.17 -109.18
N ALA K 73 67.54 -52.64 -108.37
CA ALA K 73 67.22 -53.22 -107.07
C ALA K 73 65.80 -52.84 -106.68
N VAL K 74 65.16 -53.70 -105.90
CA VAL K 74 63.79 -53.45 -105.45
C VAL K 74 63.74 -53.37 -103.93
N ILE K 75 63.33 -52.22 -103.42
CA ILE K 75 63.19 -52.03 -101.97
C ILE K 75 61.75 -52.35 -101.54
N THR K 76 61.62 -53.16 -100.49
CA THR K 76 60.31 -53.55 -100.01
C THR K 76 60.02 -52.97 -98.63
N LEU K 77 58.97 -52.17 -98.55
CA LEU K 77 58.62 -51.46 -97.32
C LEU K 77 57.23 -51.85 -96.80
N GLY K 78 57.04 -51.73 -95.49
CA GLY K 78 55.78 -52.06 -94.86
C GLY K 78 55.93 -52.13 -93.36
N THR K 79 54.80 -52.34 -92.66
CA THR K 79 54.83 -52.44 -91.20
C THR K 79 53.77 -53.42 -90.70
N VAL K 80 54.16 -54.25 -89.74
CA VAL K 80 53.25 -55.20 -89.11
C VAL K 80 53.41 -55.18 -87.61
N ILE K 81 52.31 -55.15 -86.87
CA ILE K 81 52.36 -55.07 -85.42
C ILE K 81 51.52 -56.15 -84.75
N ARG K 82 52.04 -56.69 -83.65
CA ARG K 82 51.38 -57.76 -82.90
C ARG K 82 49.92 -57.47 -82.60
N GLY K 83 49.07 -58.45 -82.90
CA GLY K 83 47.67 -58.37 -82.55
C GLY K 83 47.37 -59.24 -81.34
N ALA K 84 46.15 -59.76 -81.28
CA ALA K 84 45.77 -60.68 -80.21
C ALA K 84 45.91 -62.12 -80.70
N THR K 85 45.87 -62.29 -82.02
CA THR K 85 45.95 -63.61 -82.62
C THR K 85 47.34 -63.86 -83.19
N THR K 86 47.64 -65.12 -83.48
CA THR K 86 48.92 -65.50 -84.09
C THR K 86 48.95 -65.15 -85.57
N HIS K 87 47.93 -64.44 -86.02
CA HIS K 87 47.85 -64.00 -87.40
C HIS K 87 49.07 -63.18 -87.78
N TYR K 88 49.55 -62.38 -86.83
CA TYR K 88 50.74 -61.56 -87.02
C TYR K 88 51.95 -62.38 -87.43
N ASP K 89 52.04 -63.61 -86.91
CA ASP K 89 53.19 -64.46 -87.15
C ASP K 89 53.26 -64.97 -88.59
N TYR K 90 52.15 -65.54 -89.06
CA TYR K 90 52.09 -66.11 -90.40
C TYR K 90 52.30 -65.05 -91.48
N VAL K 91 51.94 -63.82 -91.16
CA VAL K 91 52.12 -62.70 -92.08
C VAL K 91 53.60 -62.34 -92.19
N CYS K 92 54.19 -61.95 -91.05
CA CYS K 92 55.60 -61.57 -91.01
C CYS K 92 56.47 -62.64 -91.66
N ASN K 93 56.19 -63.90 -91.32
CA ASN K 93 56.92 -65.03 -91.88
C ASN K 93 56.91 -64.99 -93.40
N GLU K 94 55.71 -65.01 -93.99
CA GLU K 94 55.56 -65.11 -95.44
C GLU K 94 56.12 -63.91 -96.18
N VAL K 95 56.03 -62.72 -95.57
CA VAL K 95 56.61 -61.51 -96.16
C VAL K 95 58.11 -61.68 -96.29
N ALA K 96 58.75 -62.04 -95.19
CA ALA K 96 60.18 -62.29 -95.17
C ALA K 96 60.55 -63.52 -96.00
N LYS K 97 59.69 -64.53 -95.92
CA LYS K 97 59.90 -65.78 -96.66
C LYS K 97 59.80 -65.51 -98.15
N GLY K 98 58.94 -64.59 -98.53
CA GLY K 98 58.76 -64.22 -99.93
C GLY K 98 59.90 -63.37 -100.45
N VAL K 99 60.15 -62.25 -99.78
CA VAL K 99 61.19 -61.32 -100.19
C VAL K 99 62.57 -61.97 -100.25
N ALA K 100 62.81 -62.95 -99.39
CA ALA K 100 64.09 -63.64 -99.35
C ALA K 100 64.16 -64.76 -100.40
N SER K 101 63.40 -65.82 -100.15
CA SER K 101 63.41 -66.99 -101.04
C SER K 101 63.13 -66.62 -102.49
N LEU K 102 62.42 -65.51 -102.70
CA LEU K 102 62.17 -65.04 -104.06
C LEU K 102 62.99 -63.78 -104.38
N SER K 103 64.26 -63.84 -104.01
CA SER K 103 65.25 -62.83 -104.36
C SER K 103 66.44 -63.57 -104.95
N LEU K 104 66.38 -64.90 -104.84
CA LEU K 104 67.40 -65.77 -105.40
C LEU K 104 66.95 -66.27 -106.77
N GLN K 105 65.63 -66.21 -106.99
CA GLN K 105 65.05 -66.64 -108.25
C GLN K 105 65.03 -65.50 -109.27
N THR K 106 65.55 -64.35 -108.86
CA THR K 106 65.55 -63.17 -109.72
C THR K 106 66.97 -62.63 -109.92
N ASP K 107 67.87 -63.02 -109.03
CA ASP K 107 69.25 -62.55 -109.08
C ASP K 107 69.35 -61.03 -108.94
N ILE K 108 68.21 -60.39 -108.76
CA ILE K 108 68.15 -58.95 -108.54
C ILE K 108 67.95 -58.64 -107.06
N PRO K 109 68.84 -57.81 -106.50
CA PRO K 109 68.78 -57.47 -105.07
C PRO K 109 67.40 -56.98 -104.64
N VAL K 110 66.77 -57.70 -103.73
CA VAL K 110 65.50 -57.26 -103.15
C VAL K 110 65.66 -57.06 -101.65
N ILE K 111 65.88 -55.80 -101.26
CA ILE K 111 66.10 -55.46 -99.85
C ILE K 111 64.82 -55.60 -99.03
N PHE K 112 64.93 -56.30 -97.91
CA PHE K 112 63.78 -56.51 -97.02
C PHE K 112 63.73 -55.41 -95.96
N GLY K 113 62.80 -54.48 -96.13
CA GLY K 113 62.64 -53.38 -95.19
C GLY K 113 61.24 -53.33 -94.60
N VAL K 114 60.79 -54.46 -94.07
CA VAL K 114 59.47 -54.54 -93.44
C VAL K 114 59.57 -54.57 -91.93
N LEU K 115 59.03 -53.55 -91.29
CA LEU K 115 59.00 -53.48 -89.84
C LEU K 115 58.11 -54.57 -89.27
N THR K 116 58.65 -55.35 -88.37
CA THR K 116 57.89 -56.39 -87.69
C THR K 116 58.05 -56.23 -86.19
N THR K 117 57.11 -55.50 -85.58
CA THR K 117 57.25 -55.07 -84.20
C THR K 117 56.11 -55.49 -83.30
N GLU K 118 56.22 -55.12 -82.03
CA GLU K 118 55.26 -55.51 -81.00
C GLU K 118 54.41 -54.33 -80.55
N THR K 119 54.96 -53.13 -80.66
CA THR K 119 54.28 -51.92 -80.22
C THR K 119 54.20 -50.92 -81.36
N ILE K 120 53.17 -50.08 -81.33
CA ILE K 120 53.10 -48.93 -82.21
C ILE K 120 54.30 -48.04 -81.93
N GLU K 121 54.72 -48.02 -80.67
CA GLU K 121 55.86 -47.23 -80.24
C GLU K 121 57.17 -47.73 -80.86
N GLN K 122 57.30 -49.04 -80.98
CA GLN K 122 58.51 -49.64 -81.56
C GLN K 122 58.58 -49.36 -83.06
N ALA K 123 57.43 -49.42 -83.72
CA ALA K 123 57.36 -49.09 -85.14
C ALA K 123 57.79 -47.64 -85.35
N ILE K 124 57.37 -46.76 -84.45
CA ILE K 124 57.75 -45.37 -84.50
C ILE K 124 59.24 -45.21 -84.20
N GLU K 125 59.73 -46.02 -83.27
CA GLU K 125 61.14 -45.99 -82.93
C GLU K 125 62.01 -46.28 -84.13
N ARG K 126 61.42 -46.99 -85.11
CA ARG K 126 62.17 -47.44 -86.28
C ARG K 126 61.64 -46.83 -87.56
N ALA K 127 61.06 -45.64 -87.44
CA ALA K 127 60.55 -44.96 -88.62
C ALA K 127 60.99 -43.51 -88.64
N GLY K 128 61.99 -43.20 -87.88
CA GLY K 128 62.45 -41.86 -87.83
C GLY K 128 62.47 -41.37 -86.40
N THR K 129 62.81 -42.26 -85.49
CA THR K 129 62.94 -41.78 -84.13
C THR K 129 64.24 -42.23 -83.57
N LYS K 130 64.28 -42.64 -82.31
CA LYS K 130 65.64 -42.91 -81.75
C LYS K 130 66.30 -44.15 -82.35
N ALA K 131 65.73 -44.82 -83.35
CA ALA K 131 66.46 -45.96 -83.94
C ALA K 131 66.84 -45.58 -85.38
N GLY K 132 66.27 -44.45 -85.81
CA GLY K 132 66.48 -43.93 -87.14
C GLY K 132 65.37 -44.43 -88.04
N ASN K 133 65.47 -44.16 -89.35
CA ASN K 133 64.45 -44.59 -90.30
C ASN K 133 64.89 -45.83 -91.08
N LYS K 134 64.17 -46.93 -90.86
CA LYS K 134 64.53 -48.21 -91.47
C LYS K 134 64.25 -48.23 -92.96
N GLY K 135 63.63 -47.16 -93.46
CA GLY K 135 63.39 -47.03 -94.88
C GLY K 135 64.59 -46.41 -95.57
N TYR K 136 65.23 -45.48 -94.88
CA TYR K 136 66.45 -44.84 -95.38
C TYR K 136 67.60 -45.83 -95.37
N GLU K 137 67.64 -46.67 -94.34
CA GLU K 137 68.71 -47.65 -94.21
C GLU K 137 68.56 -48.75 -95.25
N SER K 138 67.31 -49.09 -95.56
CA SER K 138 67.03 -50.15 -96.54
C SER K 138 67.30 -49.68 -97.96
N ALA K 139 67.43 -48.37 -98.12
CA ALA K 139 67.78 -47.79 -99.42
C ALA K 139 69.30 -47.83 -99.60
N VAL K 140 70.02 -47.39 -98.58
CA VAL K 140 71.47 -47.45 -98.58
C VAL K 140 71.92 -48.87 -98.92
N ALA K 141 71.24 -49.84 -98.33
CA ALA K 141 71.52 -51.24 -98.59
C ALA K 141 71.18 -51.60 -100.03
N ALA K 142 70.08 -51.06 -100.52
CA ALA K 142 69.64 -51.33 -101.89
C ALA K 142 70.67 -50.88 -102.91
N ILE K 143 71.18 -49.67 -102.73
CA ILE K 143 72.21 -49.13 -103.62
C ILE K 143 73.43 -50.03 -103.60
N GLU K 144 73.96 -50.28 -102.41
CA GLU K 144 75.16 -51.11 -102.27
C GLU K 144 74.98 -52.48 -102.90
N MET K 145 73.81 -53.08 -102.70
CA MET K 145 73.54 -54.41 -103.25
C MET K 145 73.57 -54.41 -104.76
N ALA K 146 72.76 -53.54 -105.36
CA ALA K 146 72.72 -53.42 -106.82
C ALA K 146 74.09 -53.06 -107.34
N HIS K 147 74.82 -52.28 -106.54
CA HIS K 147 76.14 -51.79 -106.94
C HIS K 147 77.20 -52.84 -106.69
N LEU K 148 76.79 -53.98 -106.12
CA LEU K 148 77.71 -55.05 -105.79
C LEU K 148 77.55 -56.23 -106.74
N SER K 149 76.50 -56.19 -107.55
CA SER K 149 76.26 -57.23 -108.54
C SER K 149 77.11 -57.01 -109.79
N LYS K 150 78.42 -57.22 -109.66
CA LYS K 150 79.32 -57.12 -110.80
C LYS K 150 79.92 -58.48 -111.16
N HIS K 151 80.21 -59.30 -110.14
CA HIS K 151 80.58 -60.69 -110.41
C HIS K 151 79.31 -61.50 -110.63
N TRP K 152 78.48 -61.00 -111.54
CA TRP K 152 77.16 -61.54 -111.81
C TRP K 152 77.03 -61.78 -113.32
N ALA K 153 75.81 -62.06 -113.77
CA ALA K 153 75.53 -62.28 -115.18
C ALA K 153 76.20 -63.56 -115.70
N VAL L 2 83.88 -96.46 -96.23
CA VAL L 2 84.06 -95.37 -95.27
C VAL L 2 84.65 -94.12 -95.91
N PHE L 3 83.79 -93.19 -96.29
CA PHE L 3 84.21 -91.98 -96.99
C PHE L 3 84.29 -90.78 -96.03
N GLU L 4 85.49 -90.46 -95.56
CA GLU L 4 85.71 -89.32 -94.68
C GLU L 4 86.36 -88.15 -95.43
N GLY L 5 86.55 -87.04 -94.73
CA GLY L 5 87.10 -85.83 -95.36
C GLY L 5 88.46 -85.40 -94.84
N HIS L 6 89.31 -84.98 -95.78
CA HIS L 6 90.65 -84.50 -95.46
C HIS L 6 90.58 -83.23 -94.62
N LEU L 7 91.73 -82.71 -94.21
CA LEU L 7 91.74 -81.48 -93.41
C LEU L 7 92.89 -80.52 -93.75
N VAL L 8 93.83 -80.97 -94.57
CA VAL L 8 94.86 -80.08 -95.08
C VAL L 8 94.42 -79.53 -96.44
N GLY L 9 94.40 -78.22 -96.58
CA GLY L 9 93.95 -77.61 -97.80
C GLY L 9 95.05 -76.89 -98.57
N THR L 10 96.09 -77.62 -98.91
CA THR L 10 97.22 -77.05 -99.63
C THR L 10 96.79 -76.29 -100.88
N GLY L 11 95.97 -76.93 -101.72
CA GLY L 11 95.52 -76.32 -102.94
C GLY L 11 94.02 -76.12 -102.98
N LEU L 12 93.53 -75.16 -102.20
CA LEU L 12 92.10 -74.88 -102.12
C LEU L 12 91.71 -73.50 -102.61
N LYS L 13 90.48 -73.37 -103.09
CA LYS L 13 89.97 -72.11 -103.58
C LYS L 13 88.73 -71.75 -102.75
N VAL L 14 88.90 -70.89 -101.76
CA VAL L 14 87.80 -70.58 -100.85
C VAL L 14 87.26 -69.16 -101.03
N GLY L 15 85.95 -69.02 -100.89
CA GLY L 15 85.30 -67.72 -100.97
C GLY L 15 84.49 -67.44 -99.72
N VAL L 16 84.54 -66.20 -99.25
CA VAL L 16 83.87 -65.82 -98.01
C VAL L 16 82.92 -64.64 -98.18
N VAL L 17 81.73 -64.75 -97.60
CA VAL L 17 80.76 -63.67 -97.63
C VAL L 17 80.47 -63.20 -96.21
N VAL L 18 80.92 -61.98 -95.88
CA VAL L 18 80.75 -61.45 -94.54
C VAL L 18 79.78 -60.28 -94.48
N GLY L 19 78.90 -60.30 -93.48
CA GLY L 19 77.93 -59.24 -93.31
C GLY L 19 78.52 -58.10 -92.51
N ARG L 20 78.35 -56.88 -93.01
CA ARG L 20 78.94 -55.70 -92.39
C ARG L 20 78.28 -55.34 -91.06
N PHE L 21 76.97 -55.55 -90.96
CA PHE L 21 76.24 -55.23 -89.75
C PHE L 21 76.84 -55.97 -88.56
N ASN L 22 76.96 -55.27 -87.43
CA ASN L 22 77.65 -55.81 -86.27
C ASN L 22 79.11 -56.10 -86.61
N GLU L 23 79.71 -55.22 -87.41
CA GLU L 23 81.09 -55.35 -87.83
C GLU L 23 82.01 -55.60 -86.66
N PHE L 24 81.64 -55.09 -85.49
CA PHE L 24 82.44 -55.24 -84.28
C PHE L 24 82.71 -56.72 -84.00
N ILE L 25 81.78 -57.58 -84.40
CA ILE L 25 81.92 -59.02 -84.17
C ILE L 25 82.37 -59.74 -85.44
N THR L 26 81.66 -59.48 -86.54
CA THR L 26 81.97 -60.12 -87.81
C THR L 26 83.41 -59.87 -88.22
N SER L 27 83.97 -58.76 -87.75
CA SER L 27 85.36 -58.43 -88.03
C SER L 27 86.29 -59.55 -87.52
N LYS L 28 86.35 -59.69 -86.20
CA LYS L 28 87.15 -60.73 -85.59
C LYS L 28 86.71 -62.11 -86.09
N LEU L 29 85.44 -62.19 -86.47
CA LEU L 29 84.87 -63.45 -86.93
C LEU L 29 85.44 -63.86 -88.28
N LEU L 30 85.69 -62.87 -89.14
CA LEU L 30 86.31 -63.12 -90.43
C LEU L 30 87.78 -63.46 -90.26
N GLY L 31 88.46 -62.68 -89.41
CA GLY L 31 89.86 -62.91 -89.13
C GLY L 31 90.11 -64.32 -88.65
N GLY L 32 89.08 -64.95 -88.07
CA GLY L 32 89.18 -66.31 -87.61
C GLY L 32 89.28 -67.28 -88.77
N ALA L 33 88.45 -67.08 -89.79
CA ALA L 33 88.45 -67.95 -90.95
C ALA L 33 89.64 -67.64 -91.86
N LEU L 34 89.93 -66.35 -92.00
CA LEU L 34 90.98 -65.89 -92.90
C LEU L 34 92.36 -66.12 -92.27
N ASP L 35 92.37 -66.78 -91.11
CA ASP L 35 93.63 -67.13 -90.44
C ASP L 35 93.65 -68.61 -90.15
N GLY L 36 92.50 -69.25 -90.24
CA GLY L 36 92.41 -70.69 -90.11
C GLY L 36 92.68 -71.32 -91.46
N LEU L 37 92.24 -70.65 -92.51
CA LEU L 37 92.51 -71.08 -93.87
C LEU L 37 94.00 -70.94 -94.16
N LYS L 38 94.54 -69.75 -93.93
CA LYS L 38 95.95 -69.49 -94.17
C LYS L 38 96.84 -70.53 -93.51
N ARG L 39 96.63 -70.74 -92.21
CA ARG L 39 97.50 -71.63 -91.43
C ARG L 39 97.21 -73.11 -91.68
N HIS L 40 96.16 -73.39 -92.41
CA HIS L 40 95.84 -74.75 -92.79
C HIS L 40 96.43 -75.03 -94.17
N GLY L 41 97.24 -74.14 -94.69
CA GLY L 41 97.85 -74.43 -95.95
C GLY L 41 97.08 -73.87 -97.14
N VAL L 42 95.99 -73.15 -96.88
CA VAL L 42 95.28 -72.52 -97.97
C VAL L 42 95.92 -71.17 -98.16
N GLU L 43 96.18 -70.87 -99.39
CA GLU L 43 96.79 -69.62 -99.86
C GLU L 43 96.12 -68.36 -99.35
N GLU L 44 96.96 -67.45 -98.85
CA GLU L 44 96.54 -66.14 -98.37
C GLU L 44 96.12 -65.30 -99.58
N ASN L 45 96.53 -65.71 -100.75
CA ASN L 45 96.22 -64.99 -101.95
C ASN L 45 95.12 -65.68 -102.75
N ASP L 46 94.55 -66.76 -102.22
CA ASP L 46 93.52 -67.50 -102.95
C ASP L 46 92.19 -67.46 -102.19
N ILE L 47 91.96 -66.35 -101.49
CA ILE L 47 90.74 -66.18 -100.72
C ILE L 47 90.06 -64.86 -101.07
N ASP L 48 88.79 -64.95 -101.45
CA ASP L 48 88.01 -63.75 -101.76
C ASP L 48 86.96 -63.48 -100.69
N VAL L 49 86.81 -62.22 -100.31
CA VAL L 49 85.83 -61.82 -99.32
C VAL L 49 84.78 -60.88 -99.91
N ALA L 50 83.51 -61.17 -99.64
CA ALA L 50 82.41 -60.37 -100.15
C ALA L 50 81.61 -59.74 -99.01
N TRP L 51 81.73 -58.42 -98.87
CA TRP L 51 81.02 -57.68 -97.83
C TRP L 51 79.60 -57.33 -98.26
N VAL L 52 78.62 -57.88 -97.56
CA VAL L 52 77.23 -57.55 -97.81
C VAL L 52 76.70 -56.66 -96.69
N PRO L 53 75.59 -55.92 -96.98
CA PRO L 53 75.06 -55.01 -95.94
C PRO L 53 75.04 -55.74 -94.57
N GLY L 54 74.25 -56.84 -94.52
CA GLY L 54 74.05 -57.72 -93.36
C GLY L 54 73.65 -59.15 -93.79
N ALA L 55 73.41 -59.98 -92.80
CA ALA L 55 73.05 -61.39 -93.01
C ALA L 55 71.93 -61.58 -94.03
N PHE L 56 70.83 -60.84 -93.95
CA PHE L 56 69.77 -61.11 -94.91
C PHE L 56 70.26 -61.11 -96.36
N GLU L 57 71.29 -60.38 -96.68
CA GLU L 57 71.75 -60.34 -98.07
C GLU L 57 72.76 -61.40 -98.40
N ILE L 58 73.21 -62.17 -97.38
CA ILE L 58 74.26 -63.25 -97.52
C ILE L 58 73.91 -64.50 -98.38
N PRO L 59 72.63 -64.81 -98.43
CA PRO L 59 72.18 -65.86 -99.34
C PRO L 59 72.34 -65.49 -100.82
N LEU L 60 71.99 -64.26 -101.18
CA LEU L 60 72.06 -63.83 -102.57
C LEU L 60 73.49 -63.80 -103.10
N ILE L 61 74.36 -63.07 -102.42
CA ILE L 61 75.75 -62.93 -102.84
C ILE L 61 76.55 -64.22 -102.69
N ALA L 62 76.18 -65.03 -101.70
CA ALA L 62 76.82 -66.33 -101.51
C ALA L 62 76.47 -67.25 -102.66
N LYS L 63 75.31 -67.04 -103.27
CA LYS L 63 74.88 -67.79 -104.44
C LYS L 63 75.72 -67.46 -105.66
N LYS L 64 75.94 -66.16 -105.88
CA LYS L 64 76.68 -65.71 -107.05
C LYS L 64 78.18 -65.96 -106.94
N MET L 65 78.59 -66.56 -105.82
CA MET L 65 79.98 -66.96 -105.64
C MET L 65 80.12 -68.46 -105.85
N ALA L 66 79.12 -69.22 -105.42
CA ALA L 66 79.09 -70.65 -105.67
C ALA L 66 78.78 -70.89 -107.15
N ASN L 67 77.80 -70.15 -107.66
CA ASN L 67 77.48 -70.21 -109.08
C ASN L 67 78.61 -69.64 -109.92
N SER L 68 79.47 -68.85 -109.29
CA SER L 68 80.65 -68.31 -109.94
C SER L 68 81.58 -69.44 -110.39
N GLY L 69 81.43 -70.61 -109.77
CA GLY L 69 82.24 -71.76 -110.10
C GLY L 69 83.73 -71.48 -110.02
N LYS L 70 84.14 -70.80 -108.95
CA LYS L 70 85.54 -70.43 -108.79
C LYS L 70 86.08 -70.91 -107.45
N TYR L 71 85.18 -71.40 -106.59
CA TYR L 71 85.57 -71.81 -105.24
C TYR L 71 85.15 -73.23 -104.95
N ASP L 72 85.98 -73.95 -104.20
CA ASP L 72 85.67 -75.31 -103.78
C ASP L 72 84.62 -75.29 -102.69
N ALA L 73 84.61 -74.21 -101.93
CA ALA L 73 83.65 -74.03 -100.85
C ALA L 73 83.49 -72.55 -100.52
N VAL L 74 82.32 -72.18 -100.04
CA VAL L 74 82.06 -70.80 -99.66
C VAL L 74 81.68 -70.71 -98.18
N ILE L 75 82.35 -69.82 -97.46
CA ILE L 75 82.09 -69.61 -96.04
C ILE L 75 81.24 -68.36 -95.84
N THR L 76 80.17 -68.49 -95.06
CA THR L 76 79.29 -67.35 -94.77
C THR L 76 79.45 -66.87 -93.34
N LEU L 77 79.99 -65.67 -93.18
CA LEU L 77 80.20 -65.08 -91.86
C LEU L 77 79.26 -63.92 -91.60
N GLY L 78 78.74 -63.83 -90.37
CA GLY L 78 77.85 -62.75 -90.01
C GLY L 78 77.49 -62.82 -88.54
N THR L 79 76.78 -61.80 -88.05
CA THR L 79 76.33 -61.80 -86.66
C THR L 79 74.97 -61.11 -86.52
N VAL L 80 74.06 -61.78 -85.82
CA VAL L 80 72.73 -61.24 -85.59
C VAL L 80 72.40 -61.37 -84.10
N ILE L 81 71.99 -60.27 -83.48
CA ILE L 81 71.70 -60.27 -82.05
C ILE L 81 70.27 -59.84 -81.74
N ARG L 82 69.65 -60.50 -80.78
CA ARG L 82 68.28 -60.21 -80.35
C ARG L 82 68.01 -58.71 -80.21
N GLY L 83 66.83 -58.30 -80.64
CA GLY L 83 66.38 -56.94 -80.46
C GLY L 83 65.17 -56.92 -79.55
N ALA L 84 64.30 -55.94 -79.74
CA ALA L 84 63.06 -55.86 -78.98
C ALA L 84 61.91 -56.48 -79.79
N THR L 85 62.12 -56.63 -81.09
CA THR L 85 61.09 -57.17 -81.98
C THR L 85 61.46 -58.54 -82.51
N THR L 86 60.49 -59.21 -83.12
CA THR L 86 60.70 -60.54 -83.69
C THR L 86 61.44 -60.44 -85.01
N HIS L 87 61.87 -59.24 -85.35
CA HIS L 87 62.63 -59.00 -86.57
C HIS L 87 63.85 -59.91 -86.61
N TYR L 88 64.44 -60.12 -85.43
CA TYR L 88 65.62 -60.96 -85.29
C TYR L 88 65.39 -62.38 -85.77
N ASP L 89 64.18 -62.89 -85.56
CA ASP L 89 63.86 -64.27 -85.88
C ASP L 89 63.81 -64.52 -87.38
N TYR L 90 63.11 -63.65 -88.10
CA TYR L 90 62.94 -63.82 -89.55
C TYR L 90 64.27 -63.65 -90.27
N VAL L 91 65.16 -62.82 -89.72
CA VAL L 91 66.48 -62.64 -90.28
C VAL L 91 67.30 -63.92 -90.12
N CYS L 92 67.50 -64.34 -88.88
CA CYS L 92 68.25 -65.56 -88.58
C CYS L 92 67.72 -66.72 -89.41
N ASN L 93 66.41 -66.91 -89.40
CA ASN L 93 65.79 -67.98 -90.15
C ASN L 93 66.20 -67.97 -91.61
N GLU L 94 65.92 -66.87 -92.31
CA GLU L 94 66.16 -66.79 -93.74
C GLU L 94 67.63 -66.90 -94.10
N VAL L 95 68.51 -66.43 -93.22
CA VAL L 95 69.95 -66.59 -93.43
C VAL L 95 70.31 -68.08 -93.35
N ALA L 96 69.98 -68.69 -92.22
CA ALA L 96 70.18 -70.12 -92.04
C ALA L 96 69.12 -70.94 -92.79
N LYS L 97 68.66 -70.40 -93.91
CA LYS L 97 67.66 -71.07 -94.73
C LYS L 97 68.02 -71.02 -96.21
N GLY L 98 68.43 -69.84 -96.67
CA GLY L 98 69.11 -69.72 -97.95
C GLY L 98 70.49 -70.34 -97.93
N VAL L 99 71.38 -69.79 -97.10
CA VAL L 99 72.69 -70.38 -96.87
C VAL L 99 72.58 -71.87 -96.59
N ALA L 100 71.43 -72.29 -96.10
CA ALA L 100 71.36 -73.25 -95.00
C ALA L 100 71.29 -74.68 -95.53
N SER L 101 70.24 -74.98 -96.27
CA SER L 101 70.24 -76.14 -97.16
C SER L 101 69.73 -75.77 -98.56
N LEU L 102 69.06 -74.63 -98.65
CA LEU L 102 68.75 -74.03 -99.94
C LEU L 102 69.89 -74.22 -100.93
N SER L 103 71.11 -73.94 -100.48
CA SER L 103 72.27 -73.97 -101.35
C SER L 103 72.80 -75.36 -101.54
N LEU L 104 71.91 -76.29 -101.88
CA LEU L 104 72.29 -77.65 -102.19
C LEU L 104 72.22 -77.70 -103.67
N GLN L 105 71.49 -76.77 -104.23
CA GLN L 105 71.28 -76.75 -105.64
C GLN L 105 72.58 -76.73 -106.45
N THR L 106 73.59 -76.03 -105.93
CA THR L 106 74.90 -75.83 -106.62
C THR L 106 75.84 -77.00 -106.51
N ASP L 107 75.68 -77.67 -105.41
CA ASP L 107 76.53 -78.74 -105.08
C ASP L 107 77.94 -78.21 -104.86
N ILE L 108 78.04 -77.02 -104.28
CA ILE L 108 79.32 -76.47 -103.87
C ILE L 108 79.18 -76.36 -102.37
N PRO L 109 80.20 -76.77 -101.62
CA PRO L 109 80.02 -76.70 -100.15
C PRO L 109 79.73 -75.32 -99.60
N VAL L 110 78.61 -75.10 -98.88
CA VAL L 110 78.42 -73.76 -98.33
C VAL L 110 78.30 -73.88 -96.81
N ILE L 111 79.34 -73.43 -96.11
CA ILE L 111 79.38 -73.52 -94.65
C ILE L 111 78.64 -72.35 -94.01
N PHE L 112 77.69 -72.67 -93.15
CA PHE L 112 76.93 -71.66 -92.43
C PHE L 112 77.65 -71.25 -91.16
N GLY L 113 78.29 -70.09 -91.19
CA GLY L 113 79.00 -69.58 -90.04
C GLY L 113 78.48 -68.22 -89.60
N VAL L 114 77.17 -68.14 -89.43
CA VAL L 114 76.55 -66.89 -89.00
C VAL L 114 76.13 -66.99 -87.54
N LEU L 115 76.74 -66.15 -86.70
CA LEU L 115 76.41 -66.11 -85.28
C LEU L 115 74.99 -65.60 -85.07
N THR L 116 74.22 -66.37 -84.30
CA THR L 116 72.85 -65.99 -83.98
C THR L 116 72.66 -66.10 -82.47
N THR L 117 72.85 -64.99 -81.76
CA THR L 117 72.92 -65.00 -80.31
C THR L 117 71.85 -64.17 -79.63
N GLU L 118 72.00 -64.01 -78.33
CA GLU L 118 71.04 -63.25 -77.51
C GLU L 118 71.69 -62.01 -76.93
N THR L 119 72.97 -62.13 -76.60
CA THR L 119 73.69 -61.04 -75.96
C THR L 119 74.86 -60.59 -76.82
N ILE L 120 75.21 -59.31 -76.71
CA ILE L 120 76.43 -58.81 -77.32
C ILE L 120 77.60 -59.54 -76.67
N GLU L 121 77.40 -59.95 -75.42
CA GLU L 121 78.42 -60.68 -74.68
C GLU L 121 78.51 -62.13 -75.14
N GLN L 122 77.42 -62.67 -75.68
CA GLN L 122 77.43 -64.04 -76.17
C GLN L 122 78.12 -64.12 -77.52
N ALA L 123 77.79 -63.19 -78.40
CA ALA L 123 78.44 -63.10 -79.69
C ALA L 123 79.94 -62.89 -79.51
N ILE L 124 80.30 -62.11 -78.50
CA ILE L 124 81.70 -61.83 -78.22
C ILE L 124 82.40 -63.05 -77.63
N GLU L 125 81.61 -64.03 -77.20
CA GLU L 125 82.15 -65.27 -76.67
C GLU L 125 82.61 -66.18 -77.81
N ARG L 126 81.87 -66.17 -78.91
CA ARG L 126 82.19 -67.00 -80.07
C ARG L 126 83.02 -66.26 -81.09
N ALA L 127 83.28 -64.98 -80.84
CA ALA L 127 84.05 -64.17 -81.77
C ALA L 127 85.56 -64.26 -81.51
N GLY L 128 85.96 -65.28 -80.79
CA GLY L 128 87.33 -65.42 -80.49
C GLY L 128 87.51 -65.25 -78.97
N THR L 129 86.66 -65.87 -78.15
CA THR L 129 86.85 -65.81 -76.70
C THR L 129 86.52 -67.16 -76.14
N LYS L 130 85.92 -67.18 -74.98
CA LYS L 130 85.60 -68.44 -74.29
C LYS L 130 85.21 -69.64 -75.19
N ALA L 131 84.23 -69.48 -76.07
CA ALA L 131 83.83 -70.62 -76.86
C ALA L 131 84.75 -70.83 -78.09
N GLY L 132 85.70 -69.90 -78.32
CA GLY L 132 86.62 -69.99 -79.48
C GLY L 132 86.12 -69.12 -80.64
N ASN L 133 86.83 -69.06 -81.76
CA ASN L 133 86.39 -68.30 -82.91
C ASN L 133 85.62 -69.15 -83.90
N LYS L 134 84.32 -68.88 -84.02
CA LYS L 134 83.45 -69.68 -84.89
C LYS L 134 83.72 -69.45 -86.37
N GLY L 135 84.57 -68.47 -86.66
CA GLY L 135 85.01 -68.24 -88.03
C GLY L 135 86.12 -69.22 -88.40
N TYR L 136 87.03 -69.43 -87.46
CA TYR L 136 88.09 -70.41 -87.63
C TYR L 136 87.50 -71.80 -87.82
N GLU L 137 86.51 -72.12 -86.98
CA GLU L 137 85.88 -73.44 -87.04
C GLU L 137 85.09 -73.64 -88.33
N SER L 138 84.54 -72.54 -88.86
CA SER L 138 83.75 -72.62 -90.08
C SER L 138 84.64 -72.70 -91.32
N ALA L 139 85.93 -72.43 -91.13
CA ALA L 139 86.91 -72.57 -92.21
C ALA L 139 87.42 -74.01 -92.25
N VAL L 140 87.66 -74.57 -91.07
CA VAL L 140 88.05 -75.97 -90.95
C VAL L 140 86.97 -76.86 -91.57
N ALA L 141 85.72 -76.46 -91.39
CA ALA L 141 84.60 -77.18 -91.96
C ALA L 141 84.58 -77.04 -93.49
N ALA L 142 85.02 -75.89 -93.97
CA ALA L 142 85.05 -75.63 -95.41
C ALA L 142 86.08 -76.52 -96.10
N ILE L 143 87.28 -76.57 -95.53
CA ILE L 143 88.34 -77.40 -96.07
C ILE L 143 87.90 -78.86 -96.11
N GLU L 144 87.32 -79.33 -95.02
CA GLU L 144 86.87 -80.71 -94.92
C GLU L 144 85.78 -81.01 -95.96
N MET L 145 84.76 -80.17 -96.01
CA MET L 145 83.69 -80.34 -96.97
C MET L 145 84.23 -80.37 -98.39
N ALA L 146 85.14 -79.45 -98.69
CA ALA L 146 85.76 -79.40 -100.00
C ALA L 146 86.39 -80.74 -100.36
N HIS L 147 87.17 -81.29 -99.43
CA HIS L 147 87.83 -82.57 -99.63
C HIS L 147 86.86 -83.74 -99.51
N LEU L 148 85.66 -83.59 -100.07
CA LEU L 148 84.69 -84.66 -100.13
C LEU L 148 84.13 -84.66 -101.55
N SER L 149 84.64 -85.64 -102.35
CA SER L 149 84.34 -85.71 -103.79
C SER L 149 83.72 -86.97 -104.41
N LYS L 150 82.43 -86.77 -104.57
CA LYS L 150 81.52 -87.58 -105.27
C LYS L 150 80.89 -86.43 -106.10
N HIS L 151 80.51 -86.69 -107.34
CA HIS L 151 79.90 -85.67 -108.19
C HIS L 151 78.70 -86.24 -108.87
N TRP L 152 77.67 -85.46 -108.92
CA TRP L 152 76.50 -85.99 -109.57
C TRP L 152 76.57 -85.79 -111.05
N ALA L 153 76.25 -86.87 -111.77
CA ALA L 153 76.26 -86.86 -113.23
C ALA L 153 75.63 -88.15 -113.78
N VAL M 2 46.99 -103.92 -99.37
CA VAL M 2 47.81 -103.78 -98.17
C VAL M 2 49.30 -103.91 -98.49
N PHE M 3 50.11 -103.00 -97.97
CA PHE M 3 51.53 -102.93 -98.33
C PHE M 3 52.47 -102.73 -97.14
N GLU M 4 52.71 -103.80 -96.38
CA GLU M 4 53.64 -103.72 -95.26
C GLU M 4 55.09 -103.74 -95.78
N GLY M 5 56.03 -103.38 -94.92
CA GLY M 5 57.44 -103.36 -95.29
C GLY M 5 58.27 -104.45 -94.64
N HIS M 6 59.01 -105.18 -95.47
CA HIS M 6 59.87 -106.27 -95.01
C HIS M 6 60.86 -105.76 -93.97
N LEU M 7 61.42 -106.67 -93.17
CA LEU M 7 62.36 -106.26 -92.13
C LEU M 7 63.69 -107.01 -92.19
N VAL M 8 63.75 -108.07 -92.99
CA VAL M 8 65.00 -108.80 -93.20
C VAL M 8 65.71 -108.24 -94.42
N GLY M 9 66.81 -107.53 -94.19
CA GLY M 9 67.53 -106.88 -95.27
C GLY M 9 68.82 -107.57 -95.65
N THR M 10 68.71 -108.82 -96.09
CA THR M 10 69.89 -109.59 -96.50
C THR M 10 70.63 -108.90 -97.63
N GLY M 11 69.97 -108.76 -98.78
CA GLY M 11 70.60 -108.18 -99.94
C GLY M 11 70.39 -106.68 -100.07
N LEU M 12 70.89 -105.92 -99.10
CA LEU M 12 70.70 -104.47 -99.12
C LEU M 12 72.03 -103.72 -99.10
N LYS M 13 72.05 -102.58 -99.78
CA LYS M 13 73.17 -101.65 -99.70
C LYS M 13 72.72 -100.40 -98.97
N VAL M 14 73.34 -100.10 -97.83
CA VAL M 14 72.96 -98.94 -97.04
C VAL M 14 74.09 -97.92 -96.99
N GLY M 15 73.74 -96.65 -96.89
CA GLY M 15 74.72 -95.59 -96.76
C GLY M 15 74.41 -94.71 -95.57
N VAL M 16 75.43 -94.42 -94.77
CA VAL M 16 75.24 -93.64 -93.55
C VAL M 16 76.04 -92.35 -93.55
N VAL M 17 75.41 -91.27 -93.09
CA VAL M 17 76.09 -89.98 -92.98
C VAL M 17 76.04 -89.50 -91.53
N VAL M 18 77.19 -89.52 -90.87
CA VAL M 18 77.26 -89.17 -89.45
C VAL M 18 77.99 -87.86 -89.21
N GLY M 19 77.52 -87.10 -88.24
CA GLY M 19 78.12 -85.82 -87.90
C GLY M 19 79.21 -85.96 -86.84
N ARG M 20 80.34 -85.31 -87.08
CA ARG M 20 81.49 -85.42 -86.18
C ARG M 20 81.26 -84.68 -84.88
N PHE M 21 80.54 -83.56 -84.95
CA PHE M 21 80.23 -82.80 -83.74
C PHE M 21 79.42 -83.65 -82.78
N ASN M 22 79.70 -83.52 -81.49
CA ASN M 22 79.09 -84.39 -80.49
C ASN M 22 79.44 -85.84 -80.76
N GLU M 23 80.68 -86.06 -81.18
CA GLU M 23 81.17 -87.39 -81.53
C GLU M 23 80.98 -88.35 -80.36
N PHE M 24 81.05 -87.83 -79.15
CA PHE M 24 80.86 -88.62 -77.93
C PHE M 24 79.53 -89.37 -77.97
N ILE M 25 78.53 -88.76 -78.61
CA ILE M 25 77.21 -89.37 -78.73
C ILE M 25 77.02 -90.05 -80.08
N THR M 26 77.31 -89.32 -81.15
CA THR M 26 77.13 -89.85 -82.50
C THR M 26 77.94 -91.12 -82.73
N SER M 27 79.02 -91.28 -81.96
CA SER M 27 79.82 -92.50 -82.03
C SER M 27 78.97 -93.73 -81.74
N LYS M 28 78.49 -93.82 -80.49
CA LYS M 28 77.64 -94.92 -80.09
C LYS M 28 76.36 -94.95 -80.91
N LEU M 29 76.02 -93.80 -81.49
CA LEU M 29 74.82 -93.68 -82.30
C LEU M 29 75.01 -94.40 -83.62
N LEU M 30 76.24 -94.35 -84.13
CA LEU M 30 76.62 -95.06 -85.34
C LEU M 30 76.68 -96.55 -85.03
N GLY M 31 76.80 -96.88 -83.75
CA GLY M 31 76.74 -98.27 -83.31
C GLY M 31 75.40 -98.88 -83.66
N GLY M 32 74.50 -98.06 -84.21
CA GLY M 32 73.21 -98.52 -84.68
C GLY M 32 73.34 -99.09 -86.08
N ALA M 33 74.29 -98.58 -86.83
CA ALA M 33 74.62 -99.14 -88.14
C ALA M 33 75.06 -100.58 -87.95
N LEU M 34 76.27 -100.77 -87.45
CA LEU M 34 76.74 -102.10 -87.08
C LEU M 34 75.90 -102.59 -85.90
N ASP M 35 75.97 -103.88 -85.61
CA ASP M 35 75.13 -104.49 -84.59
C ASP M 35 73.67 -104.06 -84.79
N GLY M 36 73.34 -103.65 -86.00
CA GLY M 36 72.00 -103.19 -86.32
C GLY M 36 71.61 -103.66 -87.71
N LEU M 37 72.28 -103.11 -88.73
CA LEU M 37 72.10 -103.58 -90.09
C LEU M 37 72.72 -104.96 -90.21
N LYS M 38 73.80 -105.20 -89.48
CA LYS M 38 74.48 -106.49 -89.48
C LYS M 38 73.53 -107.63 -89.14
N ARG M 39 72.94 -107.56 -87.95
CA ARG M 39 72.10 -108.65 -87.45
C ARG M 39 70.79 -108.79 -88.22
N HIS M 40 70.46 -107.80 -89.04
CA HIS M 40 69.24 -107.87 -89.84
C HIS M 40 69.49 -108.42 -91.24
N GLY M 41 70.73 -108.81 -91.51
CA GLY M 41 71.06 -109.46 -92.76
C GLY M 41 72.08 -108.74 -93.62
N VAL M 42 72.14 -107.42 -93.52
CA VAL M 42 73.03 -106.61 -94.34
C VAL M 42 74.49 -107.07 -94.22
N GLU M 43 75.22 -107.06 -95.34
CA GLU M 43 76.60 -107.55 -95.38
C GLU M 43 77.62 -106.59 -94.73
N GLU M 44 78.49 -107.18 -93.86
CA GLU M 44 79.53 -106.49 -93.10
C GLU M 44 80.38 -105.69 -94.04
N ASN M 45 80.44 -104.41 -93.68
CA ASN M 45 81.03 -103.31 -94.43
C ASN M 45 80.70 -103.55 -95.92
N ASP M 46 79.40 -103.35 -96.18
CA ASP M 46 78.72 -103.34 -97.49
C ASP M 46 77.86 -102.13 -97.31
N ILE M 47 78.28 -101.44 -96.29
CA ILE M 47 77.67 -100.24 -95.85
C ILE M 47 78.75 -99.17 -95.76
N ASP M 48 78.47 -97.99 -96.31
CA ASP M 48 79.44 -96.91 -96.29
C ASP M 48 79.05 -95.82 -95.29
N VAL M 49 80.07 -95.26 -94.62
CA VAL M 49 79.87 -94.21 -93.64
C VAL M 49 80.55 -92.92 -94.05
N ALA M 50 79.78 -91.83 -94.05
CA ALA M 50 80.30 -90.53 -94.43
C ALA M 50 80.32 -89.58 -93.23
N TRP M 51 81.52 -89.15 -92.85
CA TRP M 51 81.68 -88.23 -91.73
C TRP M 51 81.66 -86.79 -92.21
N VAL M 52 80.70 -86.02 -91.70
CA VAL M 52 80.60 -84.61 -92.01
C VAL M 52 80.77 -83.78 -90.75
N PRO M 53 81.36 -82.59 -90.89
CA PRO M 53 81.65 -81.68 -89.77
C PRO M 53 80.49 -81.56 -88.78
N GLY M 54 79.48 -80.80 -89.15
CA GLY M 54 78.33 -80.60 -88.27
C GLY M 54 77.08 -81.24 -88.81
N ALA M 55 76.06 -81.35 -87.95
CA ALA M 55 74.77 -81.90 -88.34
C ALA M 55 74.21 -81.10 -89.50
N PHE M 56 74.67 -79.86 -89.61
CA PHE M 56 74.21 -78.95 -90.65
C PHE M 56 74.69 -79.37 -92.03
N GLU M 57 75.82 -80.07 -92.08
CA GLU M 57 76.43 -80.48 -93.34
C GLU M 57 75.89 -81.81 -93.81
N ILE M 58 75.09 -82.46 -92.99
CA ILE M 58 74.53 -83.78 -93.31
C ILE M 58 73.70 -83.77 -94.60
N PRO M 59 72.72 -82.86 -94.70
CA PRO M 59 71.85 -82.83 -95.88
C PRO M 59 72.61 -82.86 -97.21
N LEU M 60 73.66 -82.05 -97.32
CA LEU M 60 74.43 -81.98 -98.56
C LEU M 60 75.03 -83.32 -98.96
N ILE M 61 75.76 -83.95 -98.03
CA ILE M 61 76.45 -85.20 -98.30
C ILE M 61 75.49 -86.40 -98.30
N ALA M 62 74.41 -86.29 -97.53
CA ALA M 62 73.38 -87.32 -97.57
C ALA M 62 72.81 -87.39 -98.98
N LYS M 63 72.83 -86.24 -99.66
CA LYS M 63 72.39 -86.17 -101.04
C LYS M 63 73.40 -86.84 -101.97
N LYS M 64 74.62 -86.32 -102.01
CA LYS M 64 75.65 -86.82 -102.91
C LYS M 64 76.06 -88.26 -102.63
N MET M 65 75.21 -88.97 -101.89
CA MET M 65 75.37 -90.41 -101.71
C MET M 65 74.17 -91.12 -102.33
N ALA M 66 72.98 -90.79 -101.84
CA ALA M 66 71.76 -91.34 -102.38
C ALA M 66 71.45 -90.77 -103.76
N ASN M 67 72.10 -89.65 -104.09
CA ASN M 67 71.83 -88.94 -105.33
C ASN M 67 71.95 -89.85 -106.53
N SER M 68 73.03 -90.62 -106.58
CA SER M 68 73.20 -91.62 -107.63
C SER M 68 73.28 -93.01 -107.01
N GLY M 69 72.51 -93.94 -107.57
CA GLY M 69 72.38 -95.29 -107.04
C GLY M 69 73.67 -95.93 -106.55
N LYS M 70 73.80 -96.01 -105.22
CA LYS M 70 74.89 -96.73 -104.60
C LYS M 70 74.29 -97.56 -103.49
N TYR M 71 73.17 -97.08 -102.95
CA TYR M 71 72.52 -97.71 -101.81
C TYR M 71 71.00 -97.75 -102.01
N ASP M 72 70.34 -98.69 -101.34
CA ASP M 72 68.90 -98.81 -101.40
C ASP M 72 68.23 -97.87 -100.41
N ALA M 73 69.03 -97.36 -99.47
CA ALA M 73 68.53 -96.42 -98.47
C ALA M 73 69.71 -95.76 -97.75
N VAL M 74 69.55 -94.49 -97.40
CA VAL M 74 70.59 -93.74 -96.71
C VAL M 74 70.14 -93.33 -95.30
N ILE M 75 70.99 -93.58 -94.31
CA ILE M 75 70.70 -93.22 -92.93
C ILE M 75 71.51 -92.00 -92.52
N THR M 76 70.86 -91.04 -91.88
CA THR M 76 71.53 -89.85 -91.37
C THR M 76 71.62 -89.87 -89.84
N LEU M 77 72.85 -89.86 -89.34
CA LEU M 77 73.09 -89.84 -87.89
C LEU M 77 73.82 -88.58 -87.46
N GLY M 78 73.48 -88.09 -86.27
CA GLY M 78 74.11 -86.91 -85.73
C GLY M 78 73.48 -86.53 -84.40
N THR M 79 74.03 -85.52 -83.74
CA THR M 79 73.47 -85.04 -82.48
C THR M 79 73.57 -83.54 -82.36
N VAL M 80 72.53 -82.93 -81.79
CA VAL M 80 72.48 -81.50 -81.57
C VAL M 80 71.91 -81.19 -80.20
N ILE M 81 72.65 -80.43 -79.40
CA ILE M 81 72.22 -80.13 -78.03
C ILE M 81 72.05 -78.63 -77.80
N ARG M 82 71.00 -78.27 -77.09
CA ARG M 82 70.68 -76.88 -76.76
C ARG M 82 71.87 -76.09 -76.23
N GLY M 83 72.04 -74.88 -76.77
CA GLY M 83 73.05 -73.97 -76.27
C GLY M 83 72.38 -72.75 -75.64
N ALA M 84 73.14 -71.68 -75.48
CA ALA M 84 72.59 -70.44 -74.92
C ALA M 84 71.88 -69.65 -76.00
N THR M 85 72.31 -69.85 -77.24
CA THR M 85 71.75 -69.11 -78.37
C THR M 85 70.68 -69.93 -79.08
N THR M 86 69.92 -69.26 -79.95
CA THR M 86 68.89 -69.93 -80.74
C THR M 86 69.50 -70.64 -81.94
N HIS M 87 70.83 -70.67 -81.98
CA HIS M 87 71.56 -71.36 -83.03
C HIS M 87 71.13 -72.83 -83.12
N TYR M 88 70.86 -73.42 -81.95
CA TYR M 88 70.42 -74.81 -81.86
C TYR M 88 69.19 -75.08 -82.73
N ASP M 89 68.32 -74.08 -82.84
CA ASP M 89 67.06 -74.25 -83.55
C ASP M 89 67.24 -74.28 -85.06
N TYR M 90 67.99 -73.30 -85.58
CA TYR M 90 68.18 -73.19 -87.03
C TYR M 90 68.94 -74.39 -87.59
N VAL M 91 69.77 -75.01 -86.76
CA VAL M 91 70.50 -76.20 -87.17
C VAL M 91 69.56 -77.39 -87.24
N CYS M 92 68.95 -77.74 -86.09
CA CYS M 92 67.99 -78.84 -86.02
C CYS M 92 66.98 -78.75 -87.17
N ASN M 93 66.31 -77.60 -87.26
CA ASN M 93 65.32 -77.37 -88.30
C ASN M 93 65.81 -77.78 -89.68
N GLU M 94 66.89 -77.13 -90.12
CA GLU M 94 67.39 -77.30 -91.48
C GLU M 94 67.90 -78.72 -91.75
N VAL M 95 68.37 -79.39 -90.70
CA VAL M 95 68.78 -80.79 -90.84
C VAL M 95 67.56 -81.64 -91.18
N ALA M 96 66.55 -81.56 -90.32
CA ALA M 96 65.30 -82.27 -90.54
C ALA M 96 64.66 -81.81 -91.85
N LYS M 97 64.71 -80.50 -92.07
CA LYS M 97 64.17 -79.90 -93.27
C LYS M 97 64.85 -80.48 -94.51
N GLY M 98 66.17 -80.53 -94.49
CA GLY M 98 66.95 -81.05 -95.61
C GLY M 98 66.72 -82.52 -95.83
N VAL M 99 67.00 -83.33 -94.82
CA VAL M 99 66.84 -84.78 -94.91
C VAL M 99 65.44 -85.21 -95.36
N ALA M 100 64.41 -84.48 -94.91
CA ALA M 100 63.03 -84.78 -95.27
C ALA M 100 62.70 -84.28 -96.67
N SER M 101 62.77 -82.95 -96.84
CA SER M 101 62.44 -82.33 -98.12
C SER M 101 63.23 -82.94 -99.27
N LEU M 102 64.52 -83.16 -99.05
CA LEU M 102 65.36 -83.78 -100.09
C LEU M 102 65.48 -85.30 -99.89
N SER M 103 64.34 -85.92 -99.61
CA SER M 103 64.22 -87.37 -99.60
C SER M 103 63.05 -87.74 -100.51
N LEU M 104 62.38 -86.71 -101.01
CA LEU M 104 61.29 -86.88 -101.95
C LEU M 104 61.79 -86.65 -103.36
N GLN M 105 62.75 -85.73 -103.49
CA GLN M 105 63.31 -85.40 -104.80
C GLN M 105 64.08 -86.59 -105.38
N THR M 106 64.79 -87.32 -104.51
CA THR M 106 65.52 -88.50 -104.92
C THR M 106 64.55 -89.65 -105.03
N ASP M 107 63.71 -89.83 -104.02
CA ASP M 107 62.81 -90.96 -104.07
C ASP M 107 63.49 -92.16 -103.48
N ILE M 108 64.74 -91.99 -103.04
CA ILE M 108 65.44 -93.07 -102.37
C ILE M 108 65.33 -92.81 -100.90
N PRO M 109 64.89 -93.85 -100.22
CA PRO M 109 64.62 -93.73 -98.79
C PRO M 109 65.71 -93.06 -97.94
N VAL M 110 65.45 -91.91 -97.34
CA VAL M 110 66.44 -91.28 -96.48
C VAL M 110 65.90 -91.13 -95.07
N ILE M 111 66.34 -92.02 -94.18
CA ILE M 111 65.87 -92.05 -92.80
C ILE M 111 66.52 -90.95 -91.96
N PHE M 112 65.71 -90.20 -91.25
CA PHE M 112 66.19 -89.11 -90.40
C PHE M 112 66.47 -89.61 -88.99
N GLY M 113 67.75 -89.70 -88.65
CA GLY M 113 68.16 -90.16 -87.34
C GLY M 113 69.11 -89.20 -86.65
N VAL M 114 68.67 -87.96 -86.49
CA VAL M 114 69.47 -86.92 -85.82
C VAL M 114 68.86 -86.57 -84.47
N LEU M 115 69.63 -86.83 -83.41
CA LEU M 115 69.18 -86.53 -82.05
C LEU M 115 69.09 -85.02 -81.82
N THR M 116 67.97 -84.60 -81.28
CA THR M 116 67.76 -83.19 -80.97
C THR M 116 67.31 -83.04 -79.53
N THR M 117 68.28 -82.89 -78.64
CA THR M 117 68.01 -82.93 -77.21
C THR M 117 68.29 -81.61 -76.49
N GLU M 118 67.91 -81.56 -75.21
CA GLU M 118 68.14 -80.39 -74.37
C GLU M 118 69.35 -80.63 -73.46
N THR M 119 69.52 -81.88 -73.04
CA THR M 119 70.60 -82.24 -72.13
C THR M 119 71.59 -83.21 -72.78
N ILE M 120 72.83 -83.17 -72.33
CA ILE M 120 73.80 -84.17 -72.71
C ILE M 120 73.32 -85.51 -72.17
N GLU M 121 72.57 -85.45 -71.08
CA GLU M 121 72.03 -86.65 -70.44
C GLU M 121 70.88 -87.24 -71.25
N GLN M 122 70.25 -86.40 -72.07
CA GLN M 122 69.15 -86.86 -72.92
C GLN M 122 69.69 -87.50 -74.18
N ALA M 123 70.85 -87.04 -74.62
CA ALA M 123 71.53 -87.66 -75.77
C ALA M 123 71.98 -89.06 -75.39
N ILE M 124 72.64 -89.17 -74.24
CA ILE M 124 73.05 -90.46 -73.71
C ILE M 124 71.82 -91.32 -73.47
N GLU M 125 70.73 -90.68 -73.06
CA GLU M 125 69.49 -91.37 -72.80
C GLU M 125 69.00 -92.09 -74.05
N ARG M 126 69.29 -91.54 -75.20
CA ARG M 126 68.84 -92.07 -76.48
C ARG M 126 69.95 -92.59 -77.38
N ALA M 127 71.12 -92.82 -76.80
CA ALA M 127 72.25 -93.34 -77.56
C ALA M 127 72.66 -94.71 -77.07
N GLY M 128 71.74 -95.49 -76.60
CA GLY M 128 72.15 -96.75 -76.07
C GLY M 128 71.74 -96.70 -74.62
N THR M 129 71.03 -95.69 -74.17
CA THR M 129 70.57 -95.84 -72.79
C THR M 129 69.04 -96.11 -72.77
N LYS M 130 68.47 -95.96 -71.57
CA LYS M 130 67.02 -96.16 -71.18
C LYS M 130 66.05 -96.21 -72.35
N ALA M 131 66.22 -95.31 -73.33
CA ALA M 131 65.28 -95.32 -74.47
C ALA M 131 65.74 -96.23 -75.59
N GLY M 132 66.95 -96.81 -75.43
CA GLY M 132 67.58 -97.63 -76.46
C GLY M 132 68.50 -96.77 -77.34
N ASN M 133 68.91 -97.34 -78.47
CA ASN M 133 69.79 -96.65 -79.40
C ASN M 133 69.05 -96.19 -80.65
N LYS M 134 68.85 -94.88 -80.78
CA LYS M 134 68.07 -94.33 -81.89
C LYS M 134 68.80 -94.45 -83.22
N GLY M 135 69.96 -95.10 -83.19
CA GLY M 135 70.71 -95.38 -84.40
C GLY M 135 70.33 -96.76 -84.91
N TYR M 136 70.23 -97.70 -83.98
CA TYR M 136 69.81 -99.06 -84.32
C TYR M 136 68.35 -99.04 -84.79
N GLU M 137 67.59 -98.07 -84.31
CA GLU M 137 66.17 -97.97 -84.65
C GLU M 137 65.99 -97.36 -86.03
N SER M 138 66.87 -96.44 -86.38
CA SER M 138 66.82 -95.77 -87.68
C SER M 138 67.36 -96.70 -88.77
N ALA M 139 68.02 -97.78 -88.35
CA ALA M 139 68.50 -98.78 -89.28
C ALA M 139 67.37 -99.73 -89.67
N VAL M 140 66.62 -100.16 -88.66
CA VAL M 140 65.44 -100.98 -88.89
C VAL M 140 64.49 -100.25 -89.84
N ALA M 141 64.32 -98.96 -89.62
CA ALA M 141 63.47 -98.14 -90.47
C ALA M 141 64.01 -98.11 -91.89
N ALA M 142 65.33 -98.00 -92.02
CA ALA M 142 65.96 -97.94 -93.33
C ALA M 142 65.71 -99.20 -94.14
N ILE M 143 65.82 -100.35 -93.49
CA ILE M 143 65.58 -101.63 -94.15
C ILE M 143 64.13 -101.75 -94.60
N GLU M 144 63.22 -101.41 -93.70
CA GLU M 144 61.79 -101.50 -93.99
C GLU M 144 61.39 -100.58 -95.14
N MET M 145 61.91 -99.36 -95.12
CA MET M 145 61.63 -98.38 -96.17
C MET M 145 62.21 -98.83 -97.51
N ALA M 146 63.39 -99.43 -97.46
CA ALA M 146 64.02 -99.97 -98.66
C ALA M 146 63.11 -101.01 -99.31
N HIS M 147 62.59 -101.91 -98.49
CA HIS M 147 61.71 -102.98 -98.97
C HIS M 147 60.31 -102.48 -99.33
N LEU M 148 60.12 -101.16 -99.28
CA LEU M 148 58.83 -100.60 -99.64
C LEU M 148 58.88 -99.88 -100.99
N SER M 149 60.06 -99.77 -101.57
CA SER M 149 60.18 -99.38 -102.97
C SER M 149 59.55 -100.51 -103.78
N LYS M 150 58.26 -100.38 -104.00
CA LYS M 150 57.42 -101.51 -104.35
C LYS M 150 56.37 -101.06 -105.35
N HIS M 151 56.00 -99.80 -105.28
CA HIS M 151 54.92 -99.24 -106.09
C HIS M 151 53.63 -99.99 -105.79
N TRP M 152 52.59 -99.77 -106.59
CA TRP M 152 51.25 -100.19 -106.19
C TRP M 152 50.40 -100.84 -107.30
N ALA M 153 49.46 -101.69 -106.88
CA ALA M 153 48.58 -102.39 -107.81
C ALA M 153 47.15 -102.44 -107.28
N VAL N 2 29.27 -71.53 -107.73
CA VAL N 2 29.25 -72.45 -106.59
C VAL N 2 29.87 -73.81 -106.91
N PHE N 3 30.65 -74.34 -105.97
CA PHE N 3 31.35 -75.61 -106.19
C PHE N 3 31.43 -76.45 -104.91
N GLU N 4 30.32 -77.05 -104.51
CA GLU N 4 30.31 -77.92 -103.33
C GLU N 4 30.78 -79.32 -103.68
N GLY N 5 31.26 -80.05 -102.68
CA GLY N 5 31.78 -81.40 -102.89
C GLY N 5 30.84 -82.50 -102.45
N HIS N 6 30.60 -83.47 -103.33
CA HIS N 6 29.74 -84.60 -103.03
C HIS N 6 30.28 -85.35 -101.81
N LEU N 7 29.46 -86.21 -101.21
CA LEU N 7 29.89 -86.94 -100.02
C LEU N 7 29.60 -88.44 -100.10
N VAL N 8 29.04 -88.88 -101.22
CA VAL N 8 28.81 -90.31 -101.45
C VAL N 8 29.82 -90.85 -102.45
N GLY N 9 30.87 -91.50 -101.95
CA GLY N 9 31.92 -91.99 -102.81
C GLY N 9 31.84 -93.48 -103.11
N THR N 10 30.84 -93.88 -103.89
CA THR N 10 30.64 -95.29 -104.22
C THR N 10 31.69 -95.80 -105.20
N GLY N 11 32.09 -94.96 -106.15
CA GLY N 11 33.03 -95.36 -107.18
C GLY N 11 34.45 -94.86 -106.96
N LEU N 12 34.75 -94.43 -105.75
CA LEU N 12 36.06 -93.88 -105.44
C LEU N 12 37.08 -94.98 -105.18
N LYS N 13 38.36 -94.63 -105.26
CA LYS N 13 39.45 -95.56 -105.03
C LYS N 13 40.52 -94.94 -104.13
N VAL N 14 40.33 -95.04 -102.82
CA VAL N 14 41.19 -94.36 -101.86
C VAL N 14 42.39 -95.22 -101.43
N GLY N 15 43.44 -94.55 -100.97
CA GLY N 15 44.61 -95.22 -100.42
C GLY N 15 45.13 -94.50 -99.20
N VAL N 16 45.51 -95.27 -98.18
CA VAL N 16 45.97 -94.69 -96.93
C VAL N 16 47.42 -95.07 -96.59
N VAL N 17 48.12 -94.16 -95.92
CA VAL N 17 49.46 -94.42 -95.41
C VAL N 17 49.51 -94.21 -93.90
N VAL N 18 49.40 -95.29 -93.14
CA VAL N 18 49.40 -95.20 -91.68
C VAL N 18 50.79 -95.44 -91.08
N GLY N 19 51.00 -94.90 -89.89
CA GLY N 19 52.29 -95.02 -89.22
C GLY N 19 52.27 -96.01 -88.07
N ARG N 20 53.30 -96.85 -87.99
CA ARG N 20 53.38 -97.88 -86.96
C ARG N 20 53.61 -97.31 -85.56
N PHE N 21 54.56 -96.40 -85.44
CA PHE N 21 54.85 -95.77 -84.15
C PHE N 21 53.56 -95.27 -83.55
N ASN N 22 53.34 -95.57 -82.28
CA ASN N 22 52.08 -95.27 -81.61
C ASN N 22 50.91 -96.04 -82.25
N GLU N 23 51.16 -97.30 -82.58
CA GLU N 23 50.15 -98.15 -83.20
C GLU N 23 48.91 -98.23 -82.32
N PHE N 24 49.12 -98.10 -81.01
CA PHE N 24 48.02 -98.15 -80.06
C PHE N 24 46.94 -97.15 -80.44
N ILE N 25 47.36 -96.05 -81.05
CA ILE N 25 46.43 -94.99 -81.46
C ILE N 25 46.13 -95.06 -82.96
N THR N 26 47.18 -95.16 -83.76
CA THR N 26 47.03 -95.21 -85.20
C THR N 26 46.14 -96.37 -85.65
N SER N 27 46.17 -97.45 -84.86
CA SER N 27 45.34 -98.62 -85.14
C SER N 27 43.87 -98.24 -85.22
N LYS N 28 43.32 -97.75 -84.11
CA LYS N 28 41.93 -97.32 -84.08
C LYS N 28 41.71 -96.15 -85.02
N LEU N 29 42.80 -95.49 -85.41
CA LEU N 29 42.74 -94.33 -86.28
C LEU N 29 42.52 -94.75 -87.72
N LEU N 30 43.02 -95.93 -88.06
CA LEU N 30 42.82 -96.51 -89.38
C LEU N 30 41.43 -97.14 -89.47
N GLY N 31 41.03 -97.82 -88.39
CA GLY N 31 39.70 -98.41 -88.31
C GLY N 31 38.67 -97.30 -88.43
N GLY N 32 39.11 -96.06 -88.29
CA GLY N 32 38.27 -94.90 -88.42
C GLY N 32 38.09 -94.59 -89.90
N ALA N 33 39.23 -94.52 -90.61
CA ALA N 33 39.20 -94.31 -92.03
C ALA N 33 38.28 -95.33 -92.69
N LEU N 34 38.56 -96.62 -92.57
CA LEU N 34 37.78 -97.67 -93.32
C LEU N 34 36.37 -97.96 -92.94
N ASP N 35 36.17 -98.22 -91.68
CA ASP N 35 34.82 -98.64 -91.34
C ASP N 35 33.76 -97.55 -91.74
N GLY N 36 34.25 -96.30 -92.05
CA GLY N 36 33.47 -95.13 -92.39
C GLY N 36 33.73 -94.65 -93.80
N LEU N 37 34.84 -95.16 -94.35
CA LEU N 37 35.19 -94.91 -95.73
C LEU N 37 34.34 -95.91 -96.50
N LYS N 38 34.17 -97.09 -95.91
CA LYS N 38 33.36 -98.15 -96.50
C LYS N 38 31.89 -97.78 -96.46
N ARG N 39 31.41 -97.38 -95.29
CA ARG N 39 30.00 -97.09 -95.09
C ARG N 39 29.56 -95.83 -95.84
N HIS N 40 30.50 -95.16 -96.48
CA HIS N 40 30.17 -94.00 -97.30
C HIS N 40 30.05 -94.36 -98.78
N GLY N 41 30.18 -95.65 -99.08
CA GLY N 41 30.01 -96.14 -100.43
C GLY N 41 31.21 -96.85 -101.02
N VAL N 42 32.41 -96.39 -100.67
CA VAL N 42 33.65 -96.94 -101.20
C VAL N 42 33.68 -98.46 -101.08
N GLU N 43 34.11 -99.12 -102.16
CA GLU N 43 34.26 -100.57 -102.14
C GLU N 43 35.51 -100.93 -101.34
N GLU N 44 35.37 -101.88 -100.41
CA GLU N 44 36.46 -102.21 -99.52
C GLU N 44 37.68 -102.78 -100.25
N ASN N 45 37.49 -103.10 -101.53
CA ASN N 45 38.58 -103.63 -102.35
C ASN N 45 39.30 -102.51 -103.10
N ASP N 46 38.72 -101.31 -103.07
CA ASP N 46 39.36 -100.14 -103.68
C ASP N 46 40.17 -99.37 -102.64
N ILE N 47 40.53 -100.05 -101.55
CA ILE N 47 41.27 -99.41 -100.47
C ILE N 47 42.59 -100.13 -100.19
N ASP N 48 43.69 -99.40 -100.38
CA ASP N 48 45.02 -99.94 -100.09
C ASP N 48 45.64 -99.24 -98.88
N VAL N 49 46.41 -100.00 -98.11
CA VAL N 49 47.06 -99.48 -96.92
C VAL N 49 48.57 -99.62 -97.01
N ALA N 50 49.30 -98.57 -96.64
CA ALA N 50 50.74 -98.60 -96.67
C ALA N 50 51.31 -98.30 -95.28
N TRP N 51 51.81 -99.32 -94.61
CA TRP N 51 52.40 -99.17 -93.28
C TRP N 51 53.84 -98.66 -93.35
N VAL N 52 54.07 -97.49 -92.75
CA VAL N 52 55.40 -96.90 -92.68
C VAL N 52 55.86 -96.89 -91.23
N PRO N 53 57.18 -96.90 -91.01
CA PRO N 53 57.75 -96.91 -89.66
C PRO N 53 57.22 -95.77 -88.81
N GLY N 54 57.73 -94.56 -89.04
CA GLY N 54 57.30 -93.39 -88.30
C GLY N 54 56.51 -92.42 -89.16
N ALA N 55 55.86 -91.47 -88.51
CA ALA N 55 55.10 -90.45 -89.22
C ALA N 55 55.98 -89.65 -90.17
N PHE N 56 57.28 -89.65 -89.90
CA PHE N 56 58.25 -88.91 -90.70
C PHE N 56 58.38 -89.50 -92.11
N GLU N 57 58.14 -90.81 -92.22
CA GLU N 57 58.33 -91.52 -93.46
C GLU N 57 57.08 -91.47 -94.34
N ILE N 58 56.04 -90.83 -93.83
CA ILE N 58 54.77 -90.74 -94.56
C ILE N 58 54.89 -89.99 -95.88
N PRO N 59 55.47 -88.77 -95.86
CA PRO N 59 55.58 -87.97 -97.08
C PRO N 59 56.11 -88.76 -98.29
N LEU N 60 57.12 -89.57 -98.07
CA LEU N 60 57.76 -90.32 -99.15
C LEU N 60 56.80 -91.33 -99.79
N ILE N 61 56.18 -92.16 -98.96
CA ILE N 61 55.28 -93.20 -99.44
C ILE N 61 53.91 -92.67 -99.83
N ALA N 62 53.48 -91.59 -99.16
CA ALA N 62 52.25 -90.93 -99.53
C ALA N 62 52.38 -90.38 -100.95
N LYS N 63 53.62 -90.05 -101.33
CA LYS N 63 53.91 -89.58 -102.68
C LYS N 63 53.81 -90.72 -103.68
N LYS N 64 54.67 -91.72 -103.52
CA LYS N 64 54.65 -92.89 -104.39
C LYS N 64 53.23 -93.39 -104.64
N MET N 65 52.39 -93.29 -103.63
CA MET N 65 51.04 -93.84 -103.69
C MET N 65 50.08 -92.92 -104.43
N ALA N 66 50.01 -91.66 -104.01
CA ALA N 66 49.14 -90.69 -104.64
C ALA N 66 49.65 -90.35 -106.04
N ASN N 67 50.75 -90.97 -106.43
CA ASN N 67 51.40 -90.67 -107.70
C ASN N 67 51.25 -91.83 -108.68
N SER N 68 50.94 -93.01 -108.15
CA SER N 68 50.76 -94.19 -108.97
C SER N 68 49.49 -94.08 -109.82
N GLY N 69 48.60 -93.17 -109.43
CA GLY N 69 47.37 -92.95 -110.16
C GLY N 69 46.27 -93.93 -109.81
N LYS N 70 46.66 -95.02 -109.14
CA LYS N 70 45.71 -96.06 -108.75
C LYS N 70 44.65 -95.48 -107.81
N TYR N 71 44.97 -94.36 -107.19
CA TYR N 71 44.15 -93.83 -106.12
C TYR N 71 43.50 -92.49 -106.48
N ASP N 72 42.22 -92.38 -106.13
CA ASP N 72 41.44 -91.19 -106.42
C ASP N 72 41.72 -90.12 -105.36
N ALA N 73 42.23 -90.56 -104.22
CA ALA N 73 42.63 -89.66 -103.14
C ALA N 73 43.42 -90.46 -102.10
N VAL N 74 44.24 -89.76 -101.32
CA VAL N 74 45.08 -90.42 -100.33
C VAL N 74 44.86 -89.87 -98.92
N ILE N 75 44.77 -90.78 -97.95
CA ILE N 75 44.58 -90.40 -96.55
C ILE N 75 45.81 -90.77 -95.71
N THR N 76 46.45 -89.77 -95.14
CA THR N 76 47.62 -89.99 -94.30
C THR N 76 47.23 -90.09 -92.82
N LEU N 77 47.46 -91.25 -92.23
CA LEU N 77 47.15 -91.45 -90.82
C LEU N 77 48.42 -91.66 -90.00
N GLY N 78 48.37 -91.30 -88.73
CA GLY N 78 49.52 -91.46 -87.86
C GLY N 78 49.35 -90.69 -86.56
N THR N 79 50.27 -90.91 -85.63
CA THR N 79 50.22 -90.22 -84.34
C THR N 79 51.61 -89.81 -83.88
N VAL N 80 51.72 -88.59 -83.35
CA VAL N 80 52.97 -88.10 -82.78
C VAL N 80 52.69 -87.44 -81.44
N ILE N 81 53.40 -87.86 -80.41
CA ILE N 81 53.17 -87.33 -79.06
C ILE N 81 54.42 -86.68 -78.49
N ARG N 82 54.22 -85.57 -77.79
CA ARG N 82 55.31 -84.83 -77.17
C ARG N 82 56.28 -85.67 -76.36
N GLY N 83 57.56 -85.50 -76.65
CA GLY N 83 58.61 -86.13 -75.86
C GLY N 83 59.26 -85.11 -74.96
N ALA N 84 60.45 -85.43 -74.47
CA ALA N 84 61.21 -84.51 -73.62
C ALA N 84 62.05 -83.58 -74.47
N THR N 85 62.20 -83.91 -75.74
CA THR N 85 63.03 -83.13 -76.66
C THR N 85 62.20 -82.41 -77.71
N THR N 86 62.85 -81.51 -78.44
CA THR N 86 62.20 -80.77 -79.51
C THR N 86 62.04 -81.64 -80.75
N HIS N 87 62.40 -82.91 -80.62
CA HIS N 87 62.28 -83.87 -81.71
C HIS N 87 60.85 -83.88 -82.23
N TYR N 88 59.90 -83.92 -81.31
CA TYR N 88 58.47 -83.94 -81.64
C TYR N 88 58.08 -82.86 -82.64
N ASP N 89 58.76 -81.72 -82.57
CA ASP N 89 58.43 -80.58 -83.40
C ASP N 89 58.85 -80.77 -84.86
N TYR N 90 60.10 -81.18 -85.06
CA TYR N 90 60.64 -81.34 -86.40
C TYR N 90 59.94 -82.45 -87.17
N VAL N 91 59.39 -83.40 -86.42
CA VAL N 91 58.62 -84.49 -87.03
C VAL N 91 57.26 -84.00 -87.47
N CYS N 92 56.47 -83.50 -86.52
CA CYS N 92 55.15 -82.96 -86.81
C CYS N 92 55.21 -82.00 -87.99
N ASN N 93 56.12 -81.04 -87.92
CA ASN N 93 56.30 -80.07 -88.99
C ASN N 93 56.47 -80.75 -90.35
N GLU N 94 57.56 -81.50 -90.50
CA GLU N 94 57.90 -82.11 -91.78
C GLU N 94 56.81 -83.03 -92.32
N VAL N 95 56.04 -83.63 -91.42
CA VAL N 95 54.91 -84.47 -91.84
C VAL N 95 53.85 -83.61 -92.52
N ALA N 96 53.33 -82.64 -91.78
CA ALA N 96 52.35 -81.71 -92.31
C ALA N 96 52.94 -80.94 -93.49
N LYS N 97 54.23 -80.64 -93.38
CA LYS N 97 54.95 -79.92 -94.41
C LYS N 97 54.99 -80.72 -95.71
N GLY N 98 55.24 -82.02 -95.58
CA GLY N 98 55.29 -82.91 -96.73
C GLY N 98 53.92 -83.12 -97.34
N VAL N 99 52.98 -83.59 -96.52
CA VAL N 99 51.63 -83.92 -97.01
C VAL N 99 50.95 -82.75 -97.71
N ALA N 100 51.14 -81.54 -97.17
CA ALA N 100 50.51 -80.35 -97.74
C ALA N 100 51.24 -79.88 -98.99
N SER N 101 52.51 -79.55 -98.84
CA SER N 101 53.32 -79.05 -99.96
C SER N 101 53.37 -80.07 -101.09
N LEU N 102 53.26 -81.35 -100.75
CA LEU N 102 53.27 -82.41 -101.74
C LEU N 102 51.86 -82.93 -102.02
N SER N 103 50.92 -81.99 -102.09
CA SER N 103 49.54 -82.29 -102.46
C SER N 103 49.14 -81.33 -103.57
N LEU N 104 50.00 -80.35 -103.81
CA LEU N 104 49.80 -79.38 -104.87
C LEU N 104 50.60 -79.82 -106.07
N GLN N 105 51.72 -80.49 -105.81
CA GLN N 105 52.62 -80.99 -106.86
C GLN N 105 51.96 -82.15 -107.61
N THR N 106 51.14 -82.95 -106.94
CA THR N 106 50.52 -84.07 -107.69
C THR N 106 49.08 -83.73 -108.18
N ASP N 107 48.39 -82.84 -107.46
CA ASP N 107 46.99 -82.46 -107.75
C ASP N 107 46.05 -83.63 -107.38
N ILE N 108 46.54 -84.67 -106.68
CA ILE N 108 45.70 -85.77 -106.17
C ILE N 108 45.37 -85.40 -104.71
N PRO N 109 44.10 -85.51 -104.30
CA PRO N 109 43.84 -85.05 -102.93
C PRO N 109 44.65 -85.77 -101.88
N VAL N 110 45.42 -85.11 -100.99
CA VAL N 110 46.13 -85.86 -99.96
C VAL N 110 45.74 -85.33 -98.58
N ILE N 111 44.70 -85.91 -98.00
CA ILE N 111 44.16 -85.46 -96.71
C ILE N 111 45.15 -85.70 -95.58
N PHE N 112 45.28 -84.71 -94.71
CA PHE N 112 46.20 -84.78 -93.58
C PHE N 112 45.47 -85.20 -92.31
N GLY N 113 45.62 -86.47 -91.96
CA GLY N 113 44.96 -87.01 -90.77
C GLY N 113 45.97 -87.55 -89.78
N VAL N 114 47.02 -86.78 -89.52
CA VAL N 114 48.02 -87.16 -88.54
C VAL N 114 47.79 -86.45 -87.21
N LEU N 115 47.53 -87.22 -86.16
CA LEU N 115 47.36 -86.67 -84.83
C LEU N 115 48.67 -86.11 -84.32
N THR N 116 48.60 -84.92 -83.73
CA THR N 116 49.78 -84.27 -83.18
C THR N 116 49.42 -83.70 -81.81
N THR N 117 49.58 -84.54 -80.79
CA THR N 117 49.09 -84.22 -79.45
C THR N 117 50.19 -84.06 -78.39
N GLU N 118 49.78 -83.72 -77.19
CA GLU N 118 50.69 -83.50 -76.05
C GLU N 118 50.64 -84.65 -75.06
N THR N 119 49.49 -85.30 -74.97
CA THR N 119 49.29 -86.39 -74.03
C THR N 119 48.86 -87.65 -74.76
N ILE N 120 49.14 -88.80 -74.16
CA ILE N 120 48.59 -90.07 -74.65
C ILE N 120 47.08 -89.99 -74.59
N GLU N 121 46.58 -89.28 -73.58
CA GLU N 121 45.14 -89.12 -73.39
C GLU N 121 44.49 -88.34 -74.52
N GLN N 122 45.14 -87.27 -74.96
CA GLN N 122 44.61 -86.43 -76.02
C GLN N 122 44.50 -87.20 -77.33
N ALA N 123 45.45 -88.10 -77.56
CA ALA N 123 45.42 -88.97 -78.73
C ALA N 123 44.18 -89.85 -78.70
N ILE N 124 43.91 -90.44 -77.55
CA ILE N 124 42.75 -91.30 -77.37
C ILE N 124 41.46 -90.51 -77.58
N GLU N 125 41.42 -89.28 -77.09
CA GLU N 125 40.27 -88.41 -77.25
C GLU N 125 39.92 -88.26 -78.73
N ARG N 126 40.96 -88.14 -79.55
CA ARG N 126 40.80 -87.89 -80.97
C ARG N 126 40.96 -89.16 -81.82
N ALA N 127 40.86 -90.30 -81.17
CA ALA N 127 40.95 -91.57 -81.87
C ALA N 127 39.72 -92.43 -81.65
N GLY N 128 38.58 -91.82 -81.59
CA GLY N 128 37.42 -92.63 -81.37
C GLY N 128 36.79 -92.37 -80.04
N THR N 129 37.25 -91.35 -79.31
CA THR N 129 36.57 -91.05 -78.01
C THR N 129 35.88 -89.69 -78.05
N LYS N 130 35.89 -88.99 -76.92
CA LYS N 130 35.36 -87.66 -76.72
C LYS N 130 35.27 -86.84 -78.00
N ALA N 131 36.41 -86.48 -78.62
CA ALA N 131 36.37 -85.61 -79.81
C ALA N 131 35.87 -86.30 -81.10
N GLY N 132 35.82 -87.65 -81.12
CA GLY N 132 35.42 -88.39 -82.29
C GLY N 132 36.63 -89.15 -82.86
N ASN N 133 36.55 -89.67 -84.08
CA ASN N 133 37.69 -90.38 -84.67
C ASN N 133 38.28 -89.60 -85.83
N LYS N 134 39.50 -89.09 -85.62
CA LYS N 134 40.18 -88.29 -86.63
C LYS N 134 40.32 -89.04 -87.95
N GLY N 135 40.42 -90.36 -87.87
CA GLY N 135 40.58 -91.19 -89.05
C GLY N 135 39.31 -91.22 -89.89
N TYR N 136 38.17 -91.24 -89.22
CA TYR N 136 36.87 -91.23 -89.88
C TYR N 136 36.63 -89.88 -90.56
N GLU N 137 36.87 -88.81 -89.82
CA GLU N 137 36.68 -87.46 -90.32
C GLU N 137 37.62 -87.14 -91.47
N SER N 138 38.78 -87.80 -91.49
CA SER N 138 39.78 -87.57 -92.54
C SER N 138 39.43 -88.36 -93.79
N ALA N 139 38.60 -89.39 -93.64
CA ALA N 139 38.15 -90.18 -94.77
C ALA N 139 36.99 -89.47 -95.46
N VAL N 140 36.05 -88.97 -94.67
CA VAL N 140 34.91 -88.24 -95.20
C VAL N 140 35.39 -87.02 -96.00
N ALA N 141 36.55 -86.50 -95.61
CA ALA N 141 37.15 -85.36 -96.28
C ALA N 141 37.81 -85.79 -97.59
N ALA N 142 38.41 -86.98 -97.57
CA ALA N 142 39.05 -87.53 -98.76
C ALA N 142 38.03 -87.72 -99.88
N ILE N 143 36.84 -88.17 -99.51
CA ILE N 143 35.76 -88.35 -100.48
C ILE N 143 35.38 -87.01 -101.09
N GLU N 144 35.01 -86.06 -100.24
CA GLU N 144 34.59 -84.74 -100.72
C GLU N 144 35.64 -84.12 -101.62
N MET N 145 36.89 -84.12 -101.17
CA MET N 145 37.97 -83.56 -101.96
C MET N 145 38.08 -84.24 -103.33
N ALA N 146 37.93 -85.56 -103.35
CA ALA N 146 37.94 -86.31 -104.59
C ALA N 146 36.85 -85.80 -105.51
N HIS N 147 35.62 -85.77 -105.00
CA HIS N 147 34.47 -85.34 -105.78
C HIS N 147 34.56 -83.88 -106.21
N LEU N 148 35.50 -83.14 -105.62
CA LEU N 148 35.78 -81.79 -106.10
C LEU N 148 36.84 -82.22 -107.12
N SER N 149 36.38 -82.48 -108.34
CA SER N 149 37.13 -82.46 -109.57
C SER N 149 37.12 -81.69 -110.88
N LYS N 150 36.14 -80.81 -111.04
CA LYS N 150 36.05 -79.94 -112.22
C LYS N 150 37.27 -79.06 -112.52
N HIS N 151 37.90 -78.55 -111.48
CA HIS N 151 39.04 -77.65 -111.62
C HIS N 151 40.31 -78.38 -112.07
N TRP N 152 40.71 -78.14 -113.32
CA TRP N 152 42.02 -78.57 -113.80
C TRP N 152 42.31 -77.99 -115.18
N ALA N 153 43.25 -77.05 -115.24
CA ALA N 153 43.64 -76.41 -116.49
C ALA N 153 45.12 -76.05 -116.48
N VAL O 2 53.52 -44.06 -107.78
CA VAL O 2 53.44 -44.11 -109.22
C VAL O 2 52.56 -45.29 -109.67
N PHE O 3 52.38 -46.27 -108.79
CA PHE O 3 51.63 -47.48 -109.12
C PHE O 3 50.61 -47.86 -108.06
N GLU O 4 49.52 -47.10 -107.97
CA GLU O 4 48.44 -47.44 -107.02
C GLU O 4 47.42 -48.36 -107.67
N GLY O 5 46.62 -49.05 -106.84
CA GLY O 5 45.65 -50.00 -107.35
C GLY O 5 44.22 -49.51 -107.27
N HIS O 6 43.54 -49.52 -108.42
CA HIS O 6 42.15 -49.10 -108.51
C HIS O 6 41.29 -49.88 -107.51
N LEU O 7 40.20 -49.28 -107.04
CA LEU O 7 39.36 -49.94 -106.05
C LEU O 7 37.94 -50.21 -106.53
N VAL O 8 37.63 -49.78 -107.75
CA VAL O 8 36.35 -50.09 -108.38
C VAL O 8 36.51 -51.33 -109.27
N GLY O 9 35.73 -52.36 -109.00
CA GLY O 9 35.85 -53.60 -109.74
C GLY O 9 34.58 -54.00 -110.47
N THR O 10 33.97 -53.05 -111.16
CA THR O 10 32.75 -53.31 -111.90
C THR O 10 32.93 -54.44 -112.92
N GLY O 11 34.09 -54.45 -113.57
CA GLY O 11 34.34 -55.44 -114.61
C GLY O 11 35.22 -56.59 -114.16
N LEU O 12 35.28 -56.82 -112.86
CA LEU O 12 36.11 -57.89 -112.33
C LEU O 12 35.39 -59.23 -112.34
N LYS O 13 36.10 -60.29 -111.94
CA LYS O 13 35.59 -61.65 -112.02
C LYS O 13 36.29 -62.51 -110.98
N VAL O 14 35.78 -62.48 -109.76
CA VAL O 14 36.46 -63.11 -108.61
C VAL O 14 35.93 -64.51 -108.30
N GLY O 15 36.76 -65.30 -107.61
CA GLY O 15 36.38 -66.62 -107.15
C GLY O 15 36.99 -66.92 -105.79
N VAL O 16 36.17 -67.43 -104.87
CA VAL O 16 36.62 -67.66 -103.50
C VAL O 16 36.54 -69.12 -103.08
N VAL O 17 37.39 -69.49 -102.12
CA VAL O 17 37.38 -70.82 -101.53
C VAL O 17 37.25 -70.72 -100.02
N VAL O 18 36.10 -71.12 -99.49
CA VAL O 18 35.84 -71.05 -98.07
C VAL O 18 35.85 -72.43 -97.42
N GLY O 19 36.29 -72.48 -96.16
CA GLY O 19 36.37 -73.72 -95.43
C GLY O 19 35.12 -73.98 -94.62
N ARG O 20 34.54 -75.17 -94.78
CA ARG O 20 33.32 -75.53 -94.09
C ARG O 20 33.52 -75.61 -92.57
N PHE O 21 34.68 -76.10 -92.16
CA PHE O 21 34.97 -76.21 -90.73
C PHE O 21 34.90 -74.84 -90.08
N ASN O 22 34.22 -74.77 -88.94
CA ASN O 22 33.92 -73.49 -88.29
C ASN O 22 32.96 -72.66 -89.14
N GLU O 23 32.01 -73.35 -89.76
CA GLU O 23 30.99 -72.70 -90.59
C GLU O 23 30.37 -71.51 -89.87
N PHE O 24 30.18 -71.67 -88.56
CA PHE O 24 29.56 -70.63 -87.74
C PHE O 24 30.24 -69.28 -87.94
N ILE O 25 31.53 -69.32 -88.29
CA ILE O 25 32.30 -68.09 -88.51
C ILE O 25 32.52 -67.82 -89.99
N THR O 26 32.93 -68.84 -90.74
CA THR O 26 33.21 -68.68 -92.15
C THR O 26 31.99 -68.23 -92.95
N SER O 27 30.80 -68.53 -92.43
CA SER O 27 29.56 -68.11 -93.06
C SER O 27 29.48 -66.59 -93.16
N LYS O 28 29.40 -65.94 -92.01
CA LYS O 28 29.35 -64.48 -91.96
C LYS O 28 30.62 -63.89 -92.58
N LEU O 29 31.66 -64.70 -92.66
CA LEU O 29 32.93 -64.26 -93.22
C LEU O 29 32.84 -64.19 -94.72
N LEU O 30 32.09 -65.11 -95.31
CA LEU O 30 31.89 -65.17 -96.76
C LEU O 30 30.91 -64.11 -97.21
N GLY O 31 29.80 -64.00 -96.50
CA GLY O 31 28.77 -63.02 -96.81
C GLY O 31 29.33 -61.61 -96.85
N GLY O 32 30.35 -61.36 -96.04
CA GLY O 32 31.00 -60.06 -96.03
C GLY O 32 31.85 -59.84 -97.26
N ALA O 33 32.47 -60.92 -97.75
CA ALA O 33 33.32 -60.85 -98.93
C ALA O 33 32.48 -60.69 -100.19
N LEU O 34 31.38 -61.43 -100.25
CA LEU O 34 30.45 -61.31 -101.37
C LEU O 34 29.84 -59.92 -101.38
N ASP O 35 29.29 -59.51 -100.23
CA ASP O 35 28.70 -58.19 -100.08
C ASP O 35 29.70 -57.10 -100.51
N GLY O 36 30.97 -57.31 -100.21
CA GLY O 36 32.00 -56.36 -100.57
C GLY O 36 32.22 -56.27 -102.07
N LEU O 37 32.55 -57.40 -102.68
CA LEU O 37 32.73 -57.45 -104.13
C LEU O 37 31.48 -56.95 -104.86
N LYS O 38 30.32 -57.40 -104.40
CA LYS O 38 29.06 -57.08 -105.03
C LYS O 38 28.80 -55.56 -105.02
N ARG O 39 28.97 -54.94 -103.86
CA ARG O 39 28.71 -53.51 -103.72
C ARG O 39 29.89 -52.66 -104.17
N HIS O 40 30.95 -53.30 -104.66
CA HIS O 40 32.09 -52.56 -105.18
C HIS O 40 32.10 -52.56 -106.70
N GLY O 41 31.06 -53.15 -107.29
CA GLY O 41 30.92 -53.18 -108.73
C GLY O 41 30.86 -54.58 -109.31
N VAL O 42 31.67 -55.48 -108.77
CA VAL O 42 31.72 -56.85 -109.26
C VAL O 42 30.32 -57.40 -109.48
N GLU O 43 30.10 -58.00 -110.65
CA GLU O 43 28.79 -58.56 -110.97
C GLU O 43 28.48 -59.72 -110.04
N GLU O 44 27.23 -59.79 -109.58
CA GLU O 44 26.84 -60.77 -108.57
C GLU O 44 26.98 -62.21 -109.04
N ASN O 45 27.23 -62.41 -110.33
CA ASN O 45 27.37 -63.76 -110.88
C ASN O 45 28.77 -64.04 -111.44
N ASP O 46 29.59 -63.00 -111.50
CA ASP O 46 31.00 -63.15 -111.88
C ASP O 46 31.77 -63.68 -110.68
N ILE O 47 31.03 -64.22 -109.71
CA ILE O 47 31.61 -64.63 -108.44
C ILE O 47 31.31 -66.11 -108.15
N ASP O 48 32.36 -66.89 -107.91
CA ASP O 48 32.20 -68.32 -107.64
C ASP O 48 32.73 -68.68 -106.25
N VAL O 49 32.12 -69.69 -105.63
CA VAL O 49 32.52 -70.13 -104.31
C VAL O 49 32.76 -71.64 -104.27
N ALA O 50 33.91 -72.04 -103.73
CA ALA O 50 34.24 -73.45 -103.61
C ALA O 50 34.40 -73.84 -102.14
N TRP O 51 33.50 -74.71 -101.68
CA TRP O 51 33.54 -75.16 -100.28
C TRP O 51 34.46 -76.35 -100.08
N VAL O 52 35.50 -76.15 -99.27
CA VAL O 52 36.45 -77.20 -98.94
C VAL O 52 36.19 -77.70 -97.51
N PRO O 53 36.68 -78.91 -97.23
CA PRO O 53 36.50 -79.50 -95.91
C PRO O 53 36.92 -78.56 -94.77
N GLY O 54 38.10 -77.94 -94.91
CA GLY O 54 38.60 -77.04 -93.90
C GLY O 54 39.80 -76.28 -94.46
N ALA O 55 40.42 -75.41 -93.64
CA ALA O 55 41.55 -74.61 -94.12
C ALA O 55 42.67 -75.47 -94.69
N PHE O 56 43.02 -76.59 -94.11
CA PHE O 56 44.13 -77.31 -94.72
C PHE O 56 43.90 -77.59 -96.20
N GLU O 57 42.67 -77.78 -96.61
CA GLU O 57 42.35 -78.12 -97.98
C GLU O 57 42.35 -76.94 -98.94
N ILE O 58 42.34 -75.70 -98.41
CA ILE O 58 42.26 -74.41 -99.19
C ILE O 58 43.38 -73.99 -100.13
N PRO O 59 44.55 -74.52 -99.90
CA PRO O 59 45.65 -74.33 -100.85
C PRO O 59 45.47 -75.12 -102.15
N LEU O 60 44.98 -76.35 -102.05
CA LEU O 60 44.83 -77.20 -103.23
C LEU O 60 43.79 -76.67 -104.22
N ILE O 61 42.60 -76.35 -103.71
CA ILE O 61 41.50 -75.90 -104.56
C ILE O 61 41.65 -74.44 -104.97
N ALA O 62 42.42 -73.67 -104.22
CA ALA O 62 42.72 -72.29 -104.59
C ALA O 62 43.62 -72.30 -105.81
N LYS O 63 44.53 -73.27 -105.85
CA LYS O 63 45.43 -73.44 -106.99
C LYS O 63 44.64 -73.92 -108.22
N LYS O 64 43.59 -74.68 -107.97
CA LYS O 64 42.75 -75.20 -109.04
C LYS O 64 41.82 -74.14 -109.62
N MET O 65 41.69 -73.03 -108.92
CA MET O 65 40.86 -71.93 -109.38
C MET O 65 41.70 -70.81 -109.97
N ALA O 66 42.98 -70.77 -109.59
CA ALA O 66 43.90 -69.81 -110.16
C ALA O 66 44.42 -70.33 -111.50
N ASN O 67 44.68 -71.63 -111.56
CA ASN O 67 45.14 -72.27 -112.78
C ASN O 67 44.01 -72.50 -113.78
N SER O 68 42.78 -72.29 -113.35
CA SER O 68 41.63 -72.41 -114.23
C SER O 68 41.53 -71.21 -115.16
N GLY O 69 42.29 -70.16 -114.84
CA GLY O 69 42.35 -68.97 -115.67
C GLY O 69 41.00 -68.39 -116.01
N LYS O 70 40.13 -68.32 -115.01
CA LYS O 70 38.77 -67.82 -115.20
C LYS O 70 38.50 -66.59 -114.35
N TYR O 71 39.32 -66.39 -113.32
CA TYR O 71 39.10 -65.32 -112.36
C TYR O 71 40.15 -64.24 -112.47
N ASP O 72 39.85 -63.06 -111.92
CA ASP O 72 40.79 -61.94 -111.89
C ASP O 72 41.48 -61.89 -110.54
N ALA O 73 41.00 -62.72 -109.62
CA ALA O 73 41.55 -62.80 -108.27
C ALA O 73 40.86 -63.94 -107.53
N VAL O 74 41.56 -64.51 -106.56
CA VAL O 74 40.99 -65.58 -105.74
C VAL O 74 41.05 -65.18 -104.28
N ILE O 75 39.93 -65.34 -103.58
CA ILE O 75 39.87 -65.02 -102.16
C ILE O 75 39.77 -66.28 -101.31
N THR O 76 40.74 -66.49 -100.43
CA THR O 76 40.71 -67.64 -99.53
C THR O 76 40.13 -67.28 -98.17
N LEU O 77 38.99 -67.89 -97.84
CA LEU O 77 38.32 -67.64 -96.58
C LEU O 77 38.28 -68.91 -95.73
N GLY O 78 38.33 -68.74 -94.41
CA GLY O 78 38.28 -69.86 -93.49
C GLY O 78 38.54 -69.40 -92.08
N THR O 79 38.50 -70.33 -91.14
CA THR O 79 38.75 -70.02 -89.74
C THR O 79 39.37 -71.20 -88.99
N VAL O 80 40.43 -70.91 -88.24
CA VAL O 80 41.09 -71.92 -87.41
C VAL O 80 41.22 -71.40 -85.99
N ILE O 81 40.85 -72.22 -85.02
CA ILE O 81 40.91 -71.79 -83.62
C ILE O 81 41.73 -72.74 -82.75
N ARG O 82 42.48 -72.17 -81.82
CA ARG O 82 43.34 -72.93 -80.92
C ARG O 82 42.65 -74.10 -80.24
N GLY O 83 43.31 -75.26 -80.28
CA GLY O 83 42.83 -76.42 -79.56
C GLY O 83 43.76 -76.74 -78.41
N ALA O 84 43.72 -78.00 -77.95
CA ALA O 84 44.59 -78.44 -76.86
C ALA O 84 45.95 -78.86 -77.40
N THR O 85 45.97 -79.27 -78.66
CA THR O 85 47.20 -79.76 -79.27
C THR O 85 47.83 -78.69 -80.17
N THR O 86 49.06 -78.96 -80.60
CA THR O 86 49.77 -78.06 -81.52
C THR O 86 49.29 -78.22 -82.96
N HIS O 87 48.28 -79.07 -83.15
CA HIS O 87 47.68 -79.29 -84.45
C HIS O 87 47.29 -77.96 -85.12
N TYR O 88 46.76 -77.05 -84.31
CA TYR O 88 46.33 -75.75 -84.79
C TYR O 88 47.45 -75.00 -85.50
N ASP O 89 48.68 -75.21 -85.05
CA ASP O 89 49.83 -74.49 -85.58
C ASP O 89 50.19 -74.92 -87.00
N TYR O 90 50.27 -76.23 -87.21
CA TYR O 90 50.66 -76.75 -88.51
C TYR O 90 49.60 -76.47 -89.57
N VAL O 91 48.34 -76.49 -89.16
CA VAL O 91 47.24 -76.15 -90.05
C VAL O 91 47.36 -74.71 -90.49
N CYS O 92 47.29 -73.79 -89.53
CA CYS O 92 47.42 -72.36 -89.80
C CYS O 92 48.62 -72.08 -90.71
N ASN O 93 49.77 -72.65 -90.36
CA ASN O 93 50.98 -72.42 -91.12
C ASN O 93 50.86 -72.84 -92.58
N GLU O 94 50.50 -74.10 -92.80
CA GLU O 94 50.45 -74.64 -94.15
C GLU O 94 49.41 -73.96 -95.04
N VAL O 95 48.39 -73.38 -94.42
CA VAL O 95 47.37 -72.63 -95.16
C VAL O 95 48.00 -71.36 -95.72
N ALA O 96 48.55 -70.55 -94.83
CA ALA O 96 49.22 -69.32 -95.25
C ALA O 96 50.43 -69.64 -96.12
N LYS O 97 51.23 -70.59 -95.66
CA LYS O 97 52.40 -71.04 -96.41
C LYS O 97 52.02 -71.44 -97.82
N GLY O 98 50.87 -72.11 -97.96
CA GLY O 98 50.37 -72.54 -99.25
C GLY O 98 49.83 -71.39 -100.07
N VAL O 99 48.90 -70.64 -99.50
CA VAL O 99 48.26 -69.53 -100.19
C VAL O 99 49.27 -68.47 -100.66
N ALA O 100 50.26 -68.17 -99.84
CA ALA O 100 51.27 -67.18 -100.18
C ALA O 100 52.22 -67.71 -101.25
N SER O 101 52.78 -68.89 -101.01
CA SER O 101 53.73 -69.50 -101.94
C SER O 101 53.08 -69.82 -103.28
N LEU O 102 51.84 -70.31 -103.22
CA LEU O 102 51.09 -70.62 -104.43
C LEU O 102 50.28 -69.43 -104.89
N SER O 103 50.86 -68.24 -104.75
CA SER O 103 50.29 -66.99 -105.26
C SER O 103 51.35 -66.32 -106.09
N LEU O 104 52.55 -66.91 -106.06
CA LEU O 104 53.67 -66.45 -106.86
C LEU O 104 53.92 -67.45 -107.98
N GLN O 105 53.60 -68.71 -107.70
CA GLN O 105 53.71 -69.78 -108.70
C GLN O 105 52.66 -69.58 -109.79
N THR O 106 51.70 -68.71 -109.53
CA THR O 106 50.59 -68.49 -110.45
C THR O 106 50.50 -67.03 -110.87
N ASP O 107 51.40 -66.19 -110.35
CA ASP O 107 51.40 -64.75 -110.61
C ASP O 107 49.95 -64.29 -110.74
N ILE O 108 49.11 -64.69 -109.81
CA ILE O 108 47.69 -64.36 -109.82
C ILE O 108 47.43 -63.94 -108.39
N PRO O 109 46.79 -62.77 -108.20
CA PRO O 109 46.44 -62.29 -106.87
C PRO O 109 45.61 -63.29 -106.10
N VAL O 110 46.20 -63.90 -105.08
CA VAL O 110 45.45 -64.79 -104.20
C VAL O 110 45.47 -64.24 -102.78
N ILE O 111 44.39 -63.57 -102.41
CA ILE O 111 44.28 -62.92 -101.11
C ILE O 111 44.11 -63.94 -99.98
N PHE O 112 44.92 -63.81 -98.94
CA PHE O 112 44.84 -64.69 -97.79
C PHE O 112 43.91 -64.08 -96.74
N GLY O 113 42.74 -64.68 -96.57
CA GLY O 113 41.77 -64.19 -95.60
C GLY O 113 41.27 -65.27 -94.68
N VAL O 114 42.20 -66.05 -94.11
CA VAL O 114 41.84 -67.11 -93.18
C VAL O 114 42.08 -66.67 -91.74
N LEU O 115 41.02 -66.66 -90.95
CA LEU O 115 41.13 -66.28 -89.55
C LEU O 115 41.95 -67.30 -88.77
N THR O 116 42.89 -66.80 -87.97
CA THR O 116 43.72 -67.65 -87.14
C THR O 116 43.75 -67.09 -85.71
N THR O 117 42.82 -67.58 -84.89
CA THR O 117 42.56 -66.99 -83.59
C THR O 117 42.74 -67.95 -82.42
N GLU O 118 42.55 -67.43 -81.21
CA GLU O 118 42.71 -68.21 -79.98
C GLU O 118 41.35 -68.51 -79.35
N THR O 119 40.41 -67.58 -79.52
CA THR O 119 39.09 -67.68 -78.90
C THR O 119 37.99 -67.66 -79.96
N ILE O 120 36.89 -68.33 -79.65
CA ILE O 120 35.71 -68.25 -80.50
C ILE O 120 35.24 -66.80 -80.53
N GLU O 121 35.52 -66.08 -79.45
CA GLU O 121 35.13 -64.69 -79.31
C GLU O 121 36.02 -63.77 -80.15
N GLN O 122 37.21 -64.26 -80.48
CA GLN O 122 38.12 -63.50 -81.32
C GLN O 122 37.75 -63.65 -82.79
N ALA O 123 37.22 -64.82 -83.16
CA ALA O 123 36.75 -65.06 -84.51
C ALA O 123 35.54 -64.19 -84.80
N ILE O 124 34.55 -64.25 -83.91
CA ILE O 124 33.36 -63.42 -84.01
C ILE O 124 33.77 -61.95 -84.01
N GLU O 125 34.77 -61.63 -83.20
CA GLU O 125 35.30 -60.28 -83.12
C GLU O 125 35.68 -59.77 -84.50
N ARG O 126 36.14 -60.69 -85.36
CA ARG O 126 36.68 -60.32 -86.66
C ARG O 126 35.84 -60.86 -87.80
N ALA O 127 34.61 -61.25 -87.52
CA ALA O 127 33.71 -61.74 -88.57
C ALA O 127 32.50 -60.80 -88.77
N GLY O 128 32.71 -59.51 -88.51
CA GLY O 128 31.61 -58.57 -88.62
C GLY O 128 31.22 -58.16 -87.22
N THR O 129 32.25 -57.93 -86.41
CA THR O 129 32.02 -57.45 -85.07
C THR O 129 33.10 -56.36 -84.82
N LYS O 130 33.40 -56.04 -83.54
CA LYS O 130 34.41 -54.98 -83.22
C LYS O 130 35.46 -54.72 -84.28
N ALA O 131 36.23 -55.73 -84.67
CA ALA O 131 37.29 -55.54 -85.68
C ALA O 131 36.79 -55.33 -87.11
N GLY O 132 35.53 -55.57 -87.43
CA GLY O 132 35.04 -55.42 -88.80
C GLY O 132 34.84 -56.81 -89.42
N ASN O 133 34.74 -56.93 -90.75
CA ASN O 133 34.58 -58.26 -91.36
C ASN O 133 35.77 -58.61 -92.25
N LYS O 134 36.61 -59.52 -91.76
CA LYS O 134 37.81 -59.94 -92.47
C LYS O 134 37.52 -60.33 -93.92
N GLY O 135 36.35 -60.91 -94.16
CA GLY O 135 35.95 -61.31 -95.49
C GLY O 135 35.79 -60.12 -96.41
N TYR O 136 34.98 -59.16 -95.98
CA TYR O 136 34.76 -57.93 -96.73
C TYR O 136 36.10 -57.25 -97.03
N GLU O 137 36.96 -57.19 -96.02
CA GLU O 137 38.28 -56.57 -96.18
C GLU O 137 39.15 -57.34 -97.16
N SER O 138 38.85 -58.62 -97.35
CA SER O 138 39.60 -59.46 -98.27
C SER O 138 39.18 -59.21 -99.72
N ALA O 139 37.91 -58.88 -99.91
CA ALA O 139 37.39 -58.56 -101.24
C ALA O 139 37.95 -57.23 -101.72
N VAL O 140 37.87 -56.23 -100.86
CA VAL O 140 38.38 -54.90 -101.17
C VAL O 140 39.87 -54.97 -101.48
N ALA O 141 40.51 -56.04 -101.00
CA ALA O 141 41.92 -56.26 -101.26
C ALA O 141 42.11 -56.99 -102.59
N ALA O 142 41.17 -57.88 -102.91
CA ALA O 142 41.22 -58.64 -104.15
C ALA O 142 41.02 -57.74 -105.36
N ILE O 143 40.12 -56.76 -105.22
CA ILE O 143 39.86 -55.82 -106.29
C ILE O 143 41.08 -54.98 -106.60
N GLU O 144 41.75 -54.50 -105.56
CA GLU O 144 42.94 -53.68 -105.72
C GLU O 144 44.05 -54.47 -106.38
N MET O 145 44.29 -55.69 -105.89
CA MET O 145 45.31 -56.55 -106.46
C MET O 145 44.98 -56.90 -107.91
N ALA O 146 43.69 -56.93 -108.20
CA ALA O 146 43.22 -57.26 -109.55
C ALA O 146 43.55 -56.15 -110.56
N HIS O 147 43.79 -54.93 -110.08
CA HIS O 147 44.11 -53.79 -110.93
C HIS O 147 45.61 -53.60 -111.03
N LEU O 148 46.30 -53.92 -109.97
CA LEU O 148 47.73 -53.83 -109.91
C LEU O 148 48.42 -55.11 -110.36
N SER O 149 47.78 -56.31 -110.23
CA SER O 149 48.53 -57.58 -110.48
C SER O 149 48.06 -58.54 -111.59
N LYS O 150 46.81 -58.47 -111.96
CA LYS O 150 46.28 -59.37 -112.96
C LYS O 150 46.40 -58.82 -114.36
N HIS O 151 45.79 -57.70 -114.63
CA HIS O 151 45.83 -57.20 -115.98
C HIS O 151 46.97 -56.23 -116.24
N TRP O 152 47.74 -56.07 -115.21
CA TRP O 152 48.95 -55.29 -115.17
C TRP O 152 50.07 -56.34 -115.32
N ALA O 153 51.23 -56.01 -115.90
CA ALA O 153 52.24 -57.06 -116.05
C ALA O 153 53.66 -56.54 -115.79
N VAL P 2 -6.02 -20.15 -32.97
CA VAL P 2 -4.78 -20.27 -32.21
C VAL P 2 -5.04 -20.34 -30.70
N PHE P 3 -4.31 -21.22 -30.01
CA PHE P 3 -4.53 -21.44 -28.58
C PHE P 3 -3.24 -21.61 -27.79
N GLU P 4 -2.41 -20.57 -27.76
CA GLU P 4 -1.19 -20.62 -26.96
C GLU P 4 -1.51 -20.53 -25.47
N GLY P 5 -0.49 -20.67 -24.63
CA GLY P 5 -0.67 -20.61 -23.19
C GLY P 5 0.30 -19.66 -22.51
N HIS P 6 -0.24 -18.80 -21.64
CA HIS P 6 0.58 -17.85 -20.87
C HIS P 6 1.76 -18.54 -20.20
N LEU P 7 2.71 -17.73 -19.74
CA LEU P 7 3.83 -18.24 -18.97
C LEU P 7 3.94 -17.50 -17.64
N VAL P 8 3.06 -16.54 -17.42
CA VAL P 8 3.00 -15.82 -16.16
C VAL P 8 1.97 -16.48 -15.27
N GLY P 9 2.42 -17.03 -14.14
CA GLY P 9 1.54 -17.72 -13.22
C GLY P 9 1.22 -16.92 -11.98
N THR P 10 0.89 -15.64 -12.19
CA THR P 10 0.61 -14.72 -11.10
C THR P 10 -0.32 -15.30 -10.05
N GLY P 11 -1.45 -15.86 -10.48
CA GLY P 11 -2.45 -16.35 -9.56
C GLY P 11 -2.78 -17.82 -9.74
N LEU P 12 -1.76 -18.67 -9.71
CA LEU P 12 -1.96 -20.11 -9.86
C LEU P 12 -1.72 -20.83 -8.55
N LYS P 13 -2.25 -22.06 -8.47
CA LYS P 13 -2.04 -22.91 -7.30
C LYS P 13 -1.48 -24.26 -7.74
N VAL P 14 -0.19 -24.46 -7.53
CA VAL P 14 0.48 -25.68 -7.99
C VAL P 14 0.78 -26.65 -6.85
N GLY P 15 0.65 -27.94 -7.13
CA GLY P 15 0.99 -28.97 -6.17
C GLY P 15 2.04 -29.91 -6.72
N VAL P 16 3.08 -30.16 -5.95
CA VAL P 16 4.20 -30.99 -6.39
C VAL P 16 4.29 -32.30 -5.63
N VAL P 17 4.67 -33.37 -6.33
CA VAL P 17 4.82 -34.68 -5.71
C VAL P 17 6.21 -35.24 -6.02
N VAL P 18 7.06 -35.31 -5.00
CA VAL P 18 8.44 -35.74 -5.19
C VAL P 18 8.75 -37.07 -4.50
N GLY P 19 9.57 -37.89 -5.15
CA GLY P 19 9.98 -39.17 -4.58
C GLY P 19 11.31 -39.07 -3.86
N ARG P 20 11.37 -39.65 -2.67
CA ARG P 20 12.56 -39.58 -1.82
C ARG P 20 13.75 -40.34 -2.40
N PHE P 21 13.48 -41.48 -3.04
CA PHE P 21 14.54 -42.28 -3.63
C PHE P 21 15.35 -41.40 -4.57
N ASN P 22 16.67 -41.47 -4.44
CA ASN P 22 17.55 -40.58 -5.20
C ASN P 22 17.38 -39.13 -4.78
N GLU P 23 17.20 -38.91 -3.48
CA GLU P 23 17.03 -37.56 -2.94
C GLU P 23 18.17 -36.67 -3.39
N PHE P 24 19.34 -37.27 -3.57
CA PHE P 24 20.52 -36.52 -3.98
C PHE P 24 20.24 -35.75 -5.26
N ILE P 25 19.35 -36.31 -6.09
CA ILE P 25 18.98 -35.69 -7.35
C ILE P 25 17.65 -34.95 -7.26
N THR P 26 16.64 -35.64 -6.75
CA THR P 26 15.30 -35.07 -6.63
C THR P 26 15.28 -33.83 -5.75
N SER P 27 16.19 -33.77 -4.79
CA SER P 27 16.29 -32.60 -3.91
C SER P 27 16.56 -31.34 -4.74
N LYS P 28 17.73 -31.29 -5.38
CA LYS P 28 18.10 -30.15 -6.20
C LYS P 28 17.25 -30.11 -7.48
N LEU P 29 16.36 -31.09 -7.61
CA LEU P 29 15.44 -31.16 -8.75
C LEU P 29 14.12 -30.50 -8.37
N LEU P 30 13.80 -30.52 -7.08
CA LEU P 30 12.64 -29.83 -6.54
C LEU P 30 12.95 -28.34 -6.47
N GLY P 31 14.21 -27.99 -6.67
CA GLY P 31 14.64 -26.60 -6.77
C GLY P 31 14.07 -25.97 -8.03
N GLY P 32 13.31 -26.76 -8.78
CA GLY P 32 12.59 -26.25 -9.93
C GLY P 32 11.23 -25.72 -9.49
N ALA P 33 10.71 -26.29 -8.42
CA ALA P 33 9.50 -25.76 -7.79
C ALA P 33 9.69 -24.28 -7.52
N LEU P 34 10.32 -23.97 -6.39
CA LEU P 34 10.70 -22.60 -6.10
C LEU P 34 11.82 -22.21 -7.06
N ASP P 35 12.21 -20.94 -7.05
CA ASP P 35 13.16 -20.43 -8.03
C ASP P 35 12.76 -20.90 -9.42
N GLY P 36 11.46 -21.14 -9.58
CA GLY P 36 10.91 -21.58 -10.85
C GLY P 36 9.46 -21.14 -10.95
N LEU P 37 8.60 -21.80 -10.20
CA LEU P 37 7.23 -21.36 -10.10
C LEU P 37 7.19 -19.97 -9.49
N LYS P 38 7.98 -19.78 -8.43
CA LYS P 38 8.02 -18.51 -7.71
C LYS P 38 8.42 -17.34 -8.60
N ARG P 39 9.52 -17.50 -9.31
CA ARG P 39 10.07 -16.43 -10.15
C ARG P 39 9.17 -16.16 -11.35
N HIS P 40 8.22 -17.06 -11.60
CA HIS P 40 7.27 -16.89 -12.70
C HIS P 40 5.96 -16.27 -12.24
N GLY P 41 5.85 -16.01 -10.94
CA GLY P 41 4.66 -15.35 -10.41
C GLY P 41 3.97 -16.11 -9.30
N VAL P 42 3.89 -17.43 -9.44
CA VAL P 42 3.20 -18.28 -8.47
C VAL P 42 3.57 -17.87 -7.04
N GLU P 43 2.56 -17.83 -6.17
CA GLU P 43 2.76 -17.41 -4.79
C GLU P 43 3.48 -18.47 -3.97
N GLU P 44 4.40 -18.02 -3.11
CA GLU P 44 5.14 -18.91 -2.22
C GLU P 44 4.22 -19.88 -1.48
N ASN P 45 3.07 -19.39 -1.06
CA ASN P 45 2.15 -20.17 -0.24
C ASN P 45 1.25 -21.10 -1.05
N ASP P 46 1.02 -20.75 -2.32
CA ASP P 46 0.14 -21.54 -3.17
C ASP P 46 0.81 -22.80 -3.72
N ILE P 47 1.94 -23.16 -3.13
CA ILE P 47 2.68 -24.34 -3.57
C ILE P 47 2.84 -25.37 -2.46
N ASP P 48 2.24 -26.54 -2.65
CA ASP P 48 2.35 -27.63 -1.69
C ASP P 48 3.20 -28.76 -2.27
N VAL P 49 3.88 -29.49 -1.39
CA VAL P 49 4.76 -30.57 -1.82
C VAL P 49 4.48 -31.87 -1.07
N ALA P 50 4.37 -32.96 -1.82
CA ALA P 50 4.12 -34.27 -1.25
C ALA P 50 5.30 -35.21 -1.48
N TRP P 51 5.88 -35.71 -0.40
CA TRP P 51 6.99 -36.65 -0.48
C TRP P 51 6.52 -38.09 -0.47
N VAL P 52 6.79 -38.81 -1.55
CA VAL P 52 6.42 -40.22 -1.63
C VAL P 52 7.69 -41.09 -1.52
N PRO P 53 7.53 -42.36 -1.18
CA PRO P 53 8.72 -43.24 -1.02
C PRO P 53 9.72 -43.23 -2.19
N GLY P 54 9.15 -43.30 -3.39
CA GLY P 54 9.87 -43.32 -4.63
C GLY P 54 8.88 -43.19 -5.80
N ALA P 55 9.41 -43.13 -7.01
CA ALA P 55 8.60 -42.98 -8.19
C ALA P 55 7.40 -43.95 -8.25
N PHE P 56 7.56 -45.23 -7.91
CA PHE P 56 6.39 -46.06 -8.07
C PHE P 56 5.18 -45.52 -7.33
N GLU P 57 5.37 -44.90 -6.18
CA GLU P 57 4.22 -44.44 -5.42
C GLU P 57 3.69 -43.04 -5.85
N ILE P 58 4.15 -42.52 -6.99
CA ILE P 58 3.82 -41.13 -7.50
C ILE P 58 2.51 -40.93 -8.33
N PRO P 59 2.06 -42.05 -8.89
CA PRO P 59 0.72 -42.03 -9.50
C PRO P 59 -0.40 -41.92 -8.48
N LEU P 60 -0.34 -42.69 -7.40
CA LEU P 60 -1.40 -42.70 -6.41
C LEU P 60 -1.57 -41.35 -5.72
N ILE P 61 -0.49 -40.81 -5.18
CA ILE P 61 -0.53 -39.56 -4.43
C ILE P 61 -0.68 -38.35 -5.36
N ALA P 62 -0.21 -38.49 -6.60
CA ALA P 62 -0.40 -37.44 -7.59
C ALA P 62 -1.87 -37.35 -7.97
N LYS P 63 -2.59 -38.46 -7.78
CA LYS P 63 -4.03 -38.50 -8.04
C LYS P 63 -4.80 -37.83 -6.92
N LYS P 64 -4.47 -38.15 -5.68
CA LYS P 64 -5.15 -37.58 -4.52
C LYS P 64 -4.75 -36.13 -4.26
N MET P 65 -4.14 -35.51 -5.26
CA MET P 65 -3.80 -34.09 -5.19
C MET P 65 -4.49 -33.30 -6.30
N ALA P 66 -4.66 -33.95 -7.45
CA ALA P 66 -5.39 -33.35 -8.55
C ALA P 66 -6.89 -33.45 -8.29
N ASN P 67 -7.29 -34.54 -7.65
CA ASN P 67 -8.70 -34.78 -7.33
C ASN P 67 -9.19 -33.94 -6.15
N SER P 68 -8.26 -33.37 -5.40
CA SER P 68 -8.61 -32.49 -4.30
C SER P 68 -9.09 -31.14 -4.84
N GLY P 69 -8.88 -30.92 -6.13
CA GLY P 69 -9.35 -29.73 -6.81
C GLY P 69 -8.79 -28.44 -6.23
N LYS P 70 -7.68 -28.55 -5.50
CA LYS P 70 -7.07 -27.39 -4.87
C LYS P 70 -6.00 -26.76 -5.75
N TYR P 71 -5.51 -27.54 -6.71
CA TYR P 71 -4.42 -27.09 -7.57
C TYR P 71 -4.84 -26.96 -9.02
N ASP P 72 -4.31 -25.94 -9.70
CA ASP P 72 -4.58 -25.72 -11.11
C ASP P 72 -3.78 -26.72 -11.94
N ALA P 73 -2.64 -27.15 -11.41
CA ALA P 73 -1.79 -28.13 -12.08
C ALA P 73 -0.95 -28.86 -11.04
N VAL P 74 -0.60 -30.11 -11.35
CA VAL P 74 0.21 -30.93 -10.44
C VAL P 74 1.52 -31.31 -11.11
N ILE P 75 2.63 -30.89 -10.53
CA ILE P 75 3.96 -31.25 -11.04
C ILE P 75 4.47 -32.50 -10.34
N THR P 76 4.94 -33.47 -11.13
CA THR P 76 5.44 -34.71 -10.58
C THR P 76 6.94 -34.86 -10.77
N LEU P 77 7.67 -34.96 -9.66
CA LEU P 77 9.12 -35.02 -9.68
C LEU P 77 9.66 -36.32 -9.09
N GLY P 78 10.85 -36.72 -9.55
CA GLY P 78 11.48 -37.93 -9.06
C GLY P 78 12.66 -38.31 -9.93
N THR P 79 13.38 -39.36 -9.55
CA THR P 79 14.53 -39.82 -10.32
C THR P 79 14.69 -41.34 -10.24
N VAL P 80 14.96 -41.96 -11.38
CA VAL P 80 15.19 -43.41 -11.45
C VAL P 80 16.41 -43.70 -12.31
N ILE P 81 17.27 -44.58 -11.83
CA ILE P 81 18.51 -44.89 -12.55
C ILE P 81 18.70 -46.39 -12.74
N ARG P 82 19.21 -46.75 -13.93
CA ARG P 82 19.42 -48.15 -14.30
C ARG P 82 20.15 -48.95 -13.23
N GLY P 83 19.60 -50.12 -12.91
CA GLY P 83 20.24 -51.04 -12.01
C GLY P 83 20.85 -52.19 -12.77
N ALA P 84 20.93 -53.36 -12.15
CA ALA P 84 21.41 -54.56 -12.82
C ALA P 84 20.23 -55.38 -13.34
N THR P 85 19.06 -55.16 -12.74
CA THR P 85 17.87 -55.89 -13.12
C THR P 85 16.95 -55.03 -13.97
N THR P 86 15.99 -55.68 -14.64
CA THR P 86 15.01 -54.98 -15.47
C THR P 86 13.96 -54.30 -14.60
N HIS P 87 14.18 -54.29 -13.30
CA HIS P 87 13.28 -53.64 -12.35
C HIS P 87 13.12 -52.17 -12.70
N TYR P 88 14.21 -51.56 -13.15
CA TYR P 88 14.21 -50.16 -13.56
C TYR P 88 13.17 -49.88 -14.63
N ASP P 89 12.95 -50.85 -15.51
CA ASP P 89 12.05 -50.66 -16.65
C ASP P 89 10.59 -50.58 -16.22
N TYR P 90 10.15 -51.57 -15.44
CA TYR P 90 8.75 -51.66 -15.01
C TYR P 90 8.37 -50.46 -14.14
N VAL P 91 9.36 -49.88 -13.46
CA VAL P 91 9.12 -48.70 -12.63
C VAL P 91 8.89 -47.48 -13.51
N CYS P 92 9.89 -47.14 -14.31
CA CYS P 92 9.80 -45.98 -15.21
C CYS P 92 8.53 -46.03 -16.02
N ASN P 93 8.22 -47.21 -16.56
CA ASN P 93 7.01 -47.39 -17.34
C ASN P 93 5.77 -46.96 -16.58
N GLU P 94 5.55 -47.57 -15.42
CA GLU P 94 4.34 -47.33 -14.64
C GLU P 94 4.21 -45.90 -14.13
N VAL P 95 5.34 -45.28 -13.81
CA VAL P 95 5.34 -43.87 -13.40
C VAL P 95 4.81 -43.00 -14.52
N ALA P 96 5.40 -43.17 -15.70
CA ALA P 96 4.97 -42.44 -16.88
C ALA P 96 3.56 -42.87 -17.31
N LYS P 97 3.29 -44.17 -17.19
CA LYS P 97 2.00 -44.72 -17.56
C LYS P 97 0.92 -44.17 -16.63
N GLY P 98 1.28 -43.95 -15.37
CA GLY P 98 0.35 -43.42 -14.39
C GLY P 98 0.11 -41.94 -14.58
N VAL P 99 1.19 -41.16 -14.58
CA VAL P 99 1.08 -39.70 -14.72
C VAL P 99 0.39 -39.28 -16.01
N ALA P 100 0.54 -40.09 -17.06
CA ALA P 100 -0.08 -39.78 -18.36
C ALA P 100 -1.53 -40.26 -18.41
N SER P 101 -1.71 -41.58 -18.46
CA SER P 101 -3.04 -42.17 -18.56
C SER P 101 -3.99 -41.67 -17.47
N LEU P 102 -3.43 -41.26 -16.34
CA LEU P 102 -4.25 -40.70 -15.26
C LEU P 102 -4.06 -39.20 -15.14
N SER P 103 -4.07 -38.53 -16.29
CA SER P 103 -4.06 -37.07 -16.38
C SER P 103 -5.19 -36.69 -17.31
N LEU P 104 -5.77 -37.71 -17.94
CA LEU P 104 -6.92 -37.54 -18.81
C LEU P 104 -8.20 -37.81 -18.03
N GLN P 105 -8.06 -38.54 -16.93
CA GLN P 105 -9.20 -38.87 -16.08
C GLN P 105 -9.44 -37.78 -15.04
N THR P 106 -8.63 -36.73 -15.10
CA THR P 106 -8.73 -35.64 -14.14
C THR P 106 -8.94 -34.30 -14.83
N ASP P 107 -8.60 -34.25 -16.12
CA ASP P 107 -8.72 -33.02 -16.90
C ASP P 107 -7.84 -31.91 -16.34
N ILE P 108 -7.10 -32.22 -15.28
CA ILE P 108 -6.16 -31.28 -14.69
C ILE P 108 -4.74 -31.58 -15.12
N PRO P 109 -4.04 -30.58 -15.68
CA PRO P 109 -2.69 -30.77 -16.17
C PRO P 109 -1.76 -31.40 -15.13
N VAL P 110 -1.23 -32.59 -15.44
CA VAL P 110 -0.24 -33.23 -14.58
C VAL P 110 1.07 -33.40 -15.35
N ILE P 111 1.99 -32.46 -15.12
CA ILE P 111 3.27 -32.46 -15.82
C ILE P 111 4.18 -33.60 -15.34
N PHE P 112 4.71 -34.36 -16.29
CA PHE P 112 5.60 -35.47 -15.98
C PHE P 112 7.05 -35.01 -15.95
N GLY P 113 7.60 -34.87 -14.75
CA GLY P 113 8.98 -34.45 -14.59
C GLY P 113 9.81 -35.46 -13.81
N VAL P 114 9.77 -36.71 -14.26
CA VAL P 114 10.54 -37.78 -13.63
C VAL P 114 11.76 -38.16 -14.46
N LEU P 115 12.94 -37.93 -13.90
CA LEU P 115 14.18 -38.31 -14.55
C LEU P 115 14.28 -39.82 -14.67
N THR P 116 14.52 -40.29 -15.89
CA THR P 116 14.69 -41.71 -16.13
C THR P 116 16.00 -41.91 -16.91
N THR P 117 17.08 -42.15 -16.18
CA THR P 117 18.41 -42.12 -16.76
C THR P 117 19.21 -43.40 -16.55
N GLU P 118 20.41 -43.41 -17.08
CA GLU P 118 21.28 -44.59 -17.06
C GLU P 118 22.45 -44.41 -16.10
N THR P 119 22.85 -43.16 -15.91
CA THR P 119 24.00 -42.84 -15.06
C THR P 119 23.60 -41.84 -13.98
N ILE P 120 24.28 -41.91 -12.85
CA ILE P 120 24.16 -40.88 -11.83
C ILE P 120 24.58 -39.55 -12.45
N GLU P 121 25.54 -39.62 -13.37
CA GLU P 121 26.05 -38.44 -14.06
C GLU P 121 24.98 -37.81 -14.94
N GLN P 122 24.17 -38.63 -15.60
CA GLN P 122 23.12 -38.14 -16.47
C GLN P 122 22.01 -37.48 -15.68
N ALA P 123 21.68 -38.07 -14.53
CA ALA P 123 20.70 -37.48 -13.63
C ALA P 123 21.17 -36.10 -13.17
N ILE P 124 22.47 -35.98 -12.90
CA ILE P 124 23.06 -34.72 -12.51
C ILE P 124 23.05 -33.75 -13.68
N GLU P 125 23.29 -34.27 -14.88
CA GLU P 125 23.27 -33.46 -16.07
C GLU P 125 21.92 -32.78 -16.25
N ARG P 126 20.89 -33.39 -15.68
CA ARG P 126 19.51 -32.93 -15.86
C ARG P 126 18.89 -32.46 -14.56
N ALA P 127 19.73 -32.01 -13.65
CA ALA P 127 19.22 -31.51 -12.37
C ALA P 127 19.86 -30.18 -12.01
N GLY P 128 20.42 -29.53 -12.99
CA GLY P 128 21.05 -28.28 -12.72
C GLY P 128 22.48 -28.32 -13.22
N THR P 129 22.69 -28.99 -14.32
CA THR P 129 24.04 -28.95 -14.87
C THR P 129 23.98 -28.59 -16.31
N LYS P 130 24.80 -29.21 -17.16
CA LYS P 130 24.81 -28.72 -18.56
C LYS P 130 23.53 -29.02 -19.33
N ALA P 131 22.49 -29.59 -18.73
CA ALA P 131 21.24 -29.78 -19.49
C ALA P 131 20.17 -28.87 -18.90
N GLY P 132 20.52 -28.29 -17.74
CA GLY P 132 19.64 -27.41 -17.00
C GLY P 132 18.89 -28.24 -15.97
N ASN P 133 17.93 -27.61 -15.29
CA ASN P 133 17.15 -28.30 -14.26
C ASN P 133 15.77 -28.72 -14.77
N LYS P 134 15.54 -30.02 -14.87
CA LYS P 134 14.30 -30.55 -15.42
C LYS P 134 13.12 -30.32 -14.49
N GLY P 135 13.39 -29.81 -13.30
CA GLY P 135 12.34 -29.47 -12.35
C GLY P 135 11.82 -28.07 -12.63
N TYR P 136 12.73 -27.18 -13.01
CA TYR P 136 12.37 -25.81 -13.36
C TYR P 136 11.61 -25.80 -14.67
N GLU P 137 12.02 -26.67 -15.60
CA GLU P 137 11.37 -26.73 -16.91
C GLU P 137 9.98 -27.34 -16.79
N SER P 138 9.82 -28.29 -15.88
CA SER P 138 8.54 -28.96 -15.68
C SER P 138 7.55 -28.05 -14.96
N ALA P 139 8.06 -26.97 -14.37
CA ALA P 139 7.20 -25.98 -13.73
C ALA P 139 6.69 -24.99 -14.78
N VAL P 140 7.61 -24.50 -15.61
CA VAL P 140 7.24 -23.63 -16.71
C VAL P 140 6.13 -24.27 -17.53
N ALA P 141 6.27 -25.57 -17.77
CA ALA P 141 5.27 -26.32 -18.50
C ALA P 141 3.96 -26.41 -17.71
N ALA P 142 4.09 -26.57 -16.40
CA ALA P 142 2.92 -26.68 -15.53
C ALA P 142 2.08 -25.42 -15.59
N ILE P 143 2.73 -24.26 -15.49
CA ILE P 143 2.05 -22.98 -15.57
C ILE P 143 1.32 -22.85 -16.90
N GLU P 144 2.05 -23.03 -18.00
CA GLU P 144 1.48 -22.91 -19.32
C GLU P 144 0.28 -23.85 -19.52
N MET P 145 0.40 -25.07 -19.03
CA MET P 145 -0.67 -26.05 -19.18
C MET P 145 -1.93 -25.60 -18.45
N ALA P 146 -1.79 -25.32 -17.16
CA ALA P 146 -2.93 -24.86 -16.36
C ALA P 146 -3.48 -23.58 -16.96
N HIS P 147 -2.59 -22.78 -17.53
CA HIS P 147 -2.95 -21.48 -18.07
C HIS P 147 -3.54 -21.64 -19.48
N LEU P 148 -3.56 -22.88 -19.96
CA LEU P 148 -4.04 -23.16 -21.31
C LEU P 148 -5.40 -23.85 -21.26
N SER P 149 -5.82 -24.26 -20.07
CA SER P 149 -7.12 -24.89 -19.90
C SER P 149 -8.22 -23.84 -19.81
N LYS P 150 -8.51 -23.20 -20.94
CA LYS P 150 -9.61 -22.24 -21.01
C LYS P 150 -10.75 -22.75 -21.89
N HIS P 151 -10.40 -23.44 -22.98
CA HIS P 151 -11.42 -24.13 -23.76
C HIS P 151 -11.73 -25.47 -23.09
N TRP P 152 -12.04 -25.37 -21.80
CA TRP P 152 -12.25 -26.52 -20.95
C TRP P 152 -13.58 -26.37 -20.21
N ALA P 153 -13.82 -27.22 -19.23
CA ALA P 153 -15.05 -27.16 -18.42
C ALA P 153 -16.28 -27.51 -19.25
N VAL Q 2 -18.90 -51.80 -49.65
CA VAL Q 2 -17.57 -51.17 -49.75
C VAL Q 2 -17.60 -49.71 -49.30
N PHE Q 3 -17.23 -49.48 -48.05
CA PHE Q 3 -17.27 -48.15 -47.46
C PHE Q 3 -15.88 -47.50 -47.44
N GLU Q 4 -15.62 -46.63 -48.41
CA GLU Q 4 -14.34 -45.91 -48.47
C GLU Q 4 -14.50 -44.45 -48.05
N GLY Q 5 -13.39 -43.71 -48.01
CA GLY Q 5 -13.41 -42.33 -47.56
C GLY Q 5 -13.08 -41.29 -48.63
N HIS Q 6 -13.83 -40.19 -48.60
CA HIS Q 6 -13.63 -39.09 -49.52
C HIS Q 6 -12.26 -38.44 -49.29
N LEU Q 7 -11.91 -37.45 -50.11
CA LEU Q 7 -10.61 -36.77 -49.93
C LEU Q 7 -10.66 -35.27 -50.18
N VAL Q 8 -11.78 -34.77 -50.68
CA VAL Q 8 -11.97 -33.33 -50.79
C VAL Q 8 -12.72 -32.86 -49.54
N GLY Q 9 -12.14 -31.86 -48.86
CA GLY Q 9 -12.74 -31.36 -47.63
C GLY Q 9 -13.25 -29.95 -47.74
N THR Q 10 -14.15 -29.71 -48.69
CA THR Q 10 -14.71 -28.37 -48.91
C THR Q 10 -15.25 -27.77 -47.62
N GLY Q 11 -16.08 -28.52 -46.91
CA GLY Q 11 -16.68 -28.01 -45.68
C GLY Q 11 -16.26 -28.81 -44.46
N LEU Q 12 -15.02 -28.64 -44.04
CA LEU Q 12 -14.49 -29.38 -42.90
C LEU Q 12 -14.10 -28.48 -41.74
N LYS Q 13 -14.15 -29.04 -40.53
CA LYS Q 13 -13.78 -28.32 -39.32
C LYS Q 13 -12.64 -29.07 -38.65
N VAL Q 14 -11.41 -28.62 -38.86
CA VAL Q 14 -10.24 -29.34 -38.35
C VAL Q 14 -9.54 -28.62 -37.21
N GLY Q 15 -9.06 -29.38 -36.24
CA GLY Q 15 -8.31 -28.84 -35.12
C GLY Q 15 -6.96 -29.50 -35.01
N VAL Q 16 -5.94 -28.69 -34.70
CA VAL Q 16 -4.56 -29.18 -34.64
C VAL Q 16 -3.88 -28.88 -33.31
N VAL Q 17 -3.19 -29.88 -32.77
CA VAL Q 17 -2.44 -29.71 -31.53
C VAL Q 17 -0.95 -29.94 -31.81
N VAL Q 18 -0.16 -28.88 -31.73
CA VAL Q 18 1.28 -28.97 -32.03
C VAL Q 18 2.15 -28.75 -30.79
N GLY Q 19 3.15 -29.60 -30.63
CA GLY Q 19 4.07 -29.51 -29.51
C GLY Q 19 5.17 -28.53 -29.82
N ARG Q 20 5.43 -27.62 -28.88
CA ARG Q 20 6.42 -26.56 -29.08
C ARG Q 20 7.86 -27.09 -29.08
N PHE Q 21 8.12 -28.09 -28.25
CA PHE Q 21 9.46 -28.67 -28.15
C PHE Q 21 9.92 -29.15 -29.52
N ASN Q 22 11.18 -28.89 -29.85
CA ASN Q 22 11.71 -29.15 -31.18
C ASN Q 22 10.96 -28.35 -32.23
N GLU Q 23 10.61 -27.11 -31.86
CA GLU Q 23 9.88 -26.20 -32.74
C GLU Q 23 10.51 -26.13 -34.12
N PHE Q 24 11.82 -26.33 -34.17
CA PHE Q 24 12.56 -26.26 -35.42
C PHE Q 24 11.97 -27.23 -36.46
N ILE Q 25 11.42 -28.34 -35.97
CA ILE Q 25 10.83 -29.35 -36.84
C ILE Q 25 9.31 -29.24 -36.88
N THR Q 26 8.69 -29.20 -35.71
CA THR Q 26 7.24 -29.11 -35.60
C THR Q 26 6.71 -27.90 -36.36
N SER Q 27 7.54 -26.87 -36.49
CA SER Q 27 7.15 -25.68 -37.23
C SER Q 27 6.80 -26.03 -38.67
N LYS Q 28 7.80 -26.46 -39.43
CA LYS Q 28 7.59 -26.87 -40.81
C LYS Q 28 6.57 -28.01 -40.87
N LEU Q 29 6.50 -28.77 -39.79
CA LEU Q 29 5.60 -29.92 -39.71
C LEU Q 29 4.14 -29.47 -39.66
N LEU Q 30 3.88 -28.37 -38.98
CA LEU Q 30 2.55 -27.79 -38.92
C LEU Q 30 2.19 -27.15 -40.25
N GLY Q 31 3.12 -26.39 -40.80
CA GLY Q 31 2.93 -25.75 -42.08
C GLY Q 31 2.55 -26.76 -43.16
N GLY Q 32 2.92 -28.00 -42.96
CA GLY Q 32 2.58 -29.06 -43.89
C GLY Q 32 1.10 -29.39 -43.85
N ALA Q 33 0.56 -29.47 -42.65
CA ALA Q 33 -0.86 -29.78 -42.47
C ALA Q 33 -1.72 -28.55 -42.76
N LEU Q 34 -1.23 -27.40 -42.32
CA LEU Q 34 -1.98 -26.15 -42.44
C LEU Q 34 -1.89 -25.62 -43.87
N ASP Q 35 -1.28 -26.40 -44.76
CA ASP Q 35 -1.18 -26.04 -46.16
C ASP Q 35 -1.72 -27.17 -47.02
N GLY Q 36 -1.85 -28.35 -46.42
CA GLY Q 36 -2.47 -29.49 -47.07
C GLY Q 36 -3.97 -29.38 -46.91
N LEU Q 37 -4.39 -28.89 -45.75
CA LEU Q 37 -5.80 -28.66 -45.49
C LEU Q 37 -6.31 -27.54 -46.39
N LYS Q 38 -5.62 -26.40 -46.35
CA LYS Q 38 -6.01 -25.25 -47.14
C LYS Q 38 -6.20 -25.62 -48.61
N ARG Q 39 -5.19 -26.26 -49.20
CA ARG Q 39 -5.21 -26.56 -50.63
C ARG Q 39 -6.10 -27.74 -50.98
N HIS Q 40 -6.61 -28.42 -49.97
CA HIS Q 40 -7.56 -29.49 -50.18
C HIS Q 40 -8.97 -28.95 -50.06
N GLY Q 41 -9.13 -27.64 -49.99
CA GLY Q 41 -10.46 -27.12 -49.97
C GLY Q 41 -10.97 -26.86 -48.55
N VAL Q 42 -10.14 -27.11 -47.54
CA VAL Q 42 -10.56 -26.80 -46.19
C VAL Q 42 -10.16 -25.37 -45.95
N GLU Q 43 -11.09 -24.64 -45.40
CA GLU Q 43 -10.97 -23.23 -45.04
C GLU Q 43 -9.75 -22.88 -44.22
N GLU Q 44 -9.05 -21.83 -44.67
CA GLU Q 44 -7.89 -21.29 -43.98
C GLU Q 44 -8.36 -20.61 -42.69
N ASN Q 45 -9.63 -20.32 -42.61
CA ASN Q 45 -10.18 -19.67 -41.47
C ASN Q 45 -10.94 -20.64 -40.58
N ASP Q 46 -10.95 -21.93 -40.92
CA ASP Q 46 -11.69 -22.92 -40.14
C ASP Q 46 -10.74 -23.94 -39.51
N ILE Q 47 -9.54 -23.48 -39.17
CA ILE Q 47 -8.54 -24.34 -38.56
C ILE Q 47 -8.00 -23.72 -37.28
N ASP Q 48 -8.06 -24.48 -36.19
CA ASP Q 48 -7.53 -24.03 -34.92
C ASP Q 48 -6.27 -24.80 -34.54
N VAL Q 49 -5.27 -24.08 -34.03
CA VAL Q 49 -4.02 -24.70 -33.61
C VAL Q 49 -3.79 -24.51 -32.11
N ALA Q 50 -3.43 -25.61 -31.44
CA ALA Q 50 -3.19 -25.59 -30.00
C ALA Q 50 -1.74 -25.95 -29.67
N TRP Q 51 -0.98 -24.96 -29.23
CA TRP Q 51 0.42 -25.16 -28.87
C TRP Q 51 0.57 -25.69 -27.44
N VAL Q 52 1.10 -26.90 -27.32
CA VAL Q 52 1.37 -27.48 -26.01
C VAL Q 52 2.87 -27.48 -25.76
N PRO Q 53 3.27 -27.58 -24.46
CA PRO Q 53 4.72 -27.54 -24.15
C PRO Q 53 5.47 -28.46 -25.14
N GLY Q 54 5.13 -29.77 -25.09
CA GLY Q 54 5.69 -30.86 -25.91
C GLY Q 54 4.68 -32.03 -26.07
N ALA Q 55 5.12 -33.06 -26.77
CA ALA Q 55 4.30 -34.23 -27.05
C ALA Q 55 3.61 -34.80 -25.81
N PHE Q 56 4.31 -34.99 -24.69
CA PHE Q 56 3.61 -35.59 -23.57
C PHE Q 56 2.31 -34.88 -23.21
N GLU Q 57 2.18 -33.59 -23.49
CA GLU Q 57 0.96 -32.89 -23.12
C GLU Q 57 -0.09 -32.93 -24.20
N ILE Q 58 0.25 -33.49 -25.38
CA ILE Q 58 -0.65 -33.56 -26.59
C ILE Q 58 -1.93 -34.46 -26.49
N PRO Q 59 -1.84 -35.46 -25.66
CA PRO Q 59 -3.04 -36.26 -25.37
C PRO Q 59 -4.11 -35.48 -24.58
N LEU Q 60 -3.70 -34.71 -23.59
CA LEU Q 60 -4.64 -33.97 -22.76
C LEU Q 60 -5.38 -32.90 -23.54
N ILE Q 61 -4.64 -32.01 -24.18
CA ILE Q 61 -5.23 -30.91 -24.93
C ILE Q 61 -5.95 -31.38 -26.19
N ALA Q 62 -5.46 -32.47 -26.78
CA ALA Q 62 -6.11 -33.07 -27.94
C ALA Q 62 -7.48 -33.62 -27.55
N LYS Q 63 -7.60 -34.03 -26.30
CA LYS Q 63 -8.85 -34.54 -25.76
C LYS Q 63 -9.88 -33.42 -25.62
N LYS Q 64 -9.45 -32.29 -25.07
CA LYS Q 64 -10.35 -31.16 -24.83
C LYS Q 64 -10.73 -30.43 -26.11
N MET Q 65 -10.20 -30.91 -27.25
CA MET Q 65 -10.57 -30.36 -28.55
C MET Q 65 -11.55 -31.29 -29.25
N ALA Q 66 -11.36 -32.59 -29.07
CA ALA Q 66 -12.30 -33.58 -29.58
C ALA Q 66 -13.57 -33.54 -28.74
N ASN Q 67 -13.40 -33.49 -27.42
CA ASN Q 67 -14.52 -33.34 -26.51
C ASN Q 67 -15.19 -31.99 -26.68
N SER Q 68 -14.45 -31.04 -27.27
CA SER Q 68 -14.98 -29.72 -27.56
C SER Q 68 -16.14 -29.82 -28.55
N GLY Q 69 -16.20 -30.93 -29.28
CA GLY Q 69 -17.25 -31.17 -30.26
C GLY Q 69 -17.37 -30.04 -31.26
N LYS Q 70 -16.24 -29.59 -31.78
CA LYS Q 70 -16.22 -28.47 -32.72
C LYS Q 70 -15.49 -28.85 -34.00
N TYR Q 71 -14.82 -30.01 -33.98
CA TYR Q 71 -14.01 -30.43 -35.11
C TYR Q 71 -14.40 -31.81 -35.61
N ASP Q 72 -14.35 -32.00 -36.92
CA ASP Q 72 -14.64 -33.30 -37.52
C ASP Q 72 -13.48 -34.26 -37.27
N ALA Q 73 -12.28 -33.69 -37.14
CA ALA Q 73 -11.09 -34.47 -36.88
C ALA Q 73 -10.02 -33.59 -36.23
N VAL Q 74 -9.16 -34.20 -35.44
CA VAL Q 74 -8.08 -33.48 -34.79
C VAL Q 74 -6.73 -34.06 -35.19
N ILE Q 75 -5.83 -33.19 -35.64
CA ILE Q 75 -4.48 -33.59 -36.03
C ILE Q 75 -3.48 -33.29 -34.93
N THR Q 76 -2.65 -34.28 -34.57
CA THR Q 76 -1.64 -34.10 -33.54
C THR Q 76 -0.24 -34.05 -34.15
N LEU Q 77 0.39 -32.88 -34.07
CA LEU Q 77 1.73 -32.69 -34.61
C LEU Q 77 2.77 -32.51 -33.49
N GLY Q 78 3.93 -33.12 -33.67
CA GLY Q 78 5.00 -33.00 -32.70
C GLY Q 78 6.27 -33.69 -33.18
N THR Q 79 7.34 -33.54 -32.43
CA THR Q 79 8.59 -34.20 -32.76
C THR Q 79 9.38 -34.61 -31.52
N VAL Q 80 9.81 -35.86 -31.50
CA VAL Q 80 10.59 -36.39 -30.38
C VAL Q 80 11.83 -37.10 -30.92
N ILE Q 81 13.00 -36.74 -30.41
CA ILE Q 81 14.24 -37.32 -30.90
C ILE Q 81 15.04 -38.00 -29.79
N ARG Q 82 15.64 -39.14 -30.12
CA ARG Q 82 16.45 -39.90 -29.18
C ARG Q 82 17.40 -39.04 -28.36
N GLY Q 83 17.53 -39.38 -27.08
CA GLY Q 83 18.47 -38.72 -26.21
C GLY Q 83 19.51 -39.73 -25.75
N ALA Q 84 20.05 -39.52 -24.56
CA ALA Q 84 21.00 -40.46 -23.97
C ALA Q 84 20.28 -41.41 -23.02
N THR Q 85 19.07 -41.03 -22.61
CA THR Q 85 18.30 -41.82 -21.66
C THR Q 85 17.07 -42.43 -22.31
N THR Q 86 16.44 -43.37 -21.60
CA THR Q 86 15.24 -44.03 -22.09
C THR Q 86 14.02 -43.13 -21.94
N HIS Q 87 14.27 -41.88 -21.54
CA HIS Q 87 13.20 -40.90 -21.39
C HIS Q 87 12.44 -40.77 -22.70
N TYR Q 88 13.16 -40.88 -23.80
CA TYR Q 88 12.58 -40.77 -25.14
C TYR Q 88 11.51 -41.81 -25.38
N ASP Q 89 11.69 -43.01 -24.82
CA ASP Q 89 10.78 -44.12 -25.07
C ASP Q 89 9.42 -43.91 -24.41
N TYR Q 90 9.43 -43.53 -23.14
CA TYR Q 90 8.19 -43.35 -22.38
C TYR Q 90 7.38 -42.19 -22.94
N VAL Q 91 8.06 -41.19 -23.48
CA VAL Q 91 7.39 -40.06 -24.11
C VAL Q 91 6.68 -40.51 -25.38
N CYS Q 92 7.45 -41.03 -26.33
CA CYS Q 92 6.90 -41.52 -27.58
C CYS Q 92 5.73 -42.46 -27.32
N ASN Q 93 5.94 -43.43 -26.44
CA ASN Q 93 4.90 -44.39 -26.11
C ASN Q 93 3.60 -43.72 -25.69
N GLU Q 94 3.67 -42.91 -24.64
CA GLU Q 94 2.47 -42.30 -24.07
C GLU Q 94 1.77 -41.34 -25.04
N VAL Q 95 2.55 -40.69 -25.91
CA VAL Q 95 1.97 -39.83 -26.95
C VAL Q 95 1.19 -40.70 -27.94
N ALA Q 96 1.88 -41.68 -28.52
CA ALA Q 96 1.24 -42.63 -29.42
C ALA Q 96 0.45 -43.67 -28.65
N LYS Q 97 -0.10 -43.27 -27.51
CA LYS Q 97 -0.89 -44.16 -26.68
C LYS Q 97 -2.17 -43.49 -26.20
N GLY Q 98 -2.04 -42.25 -25.74
CA GLY Q 98 -3.18 -41.38 -25.56
C GLY Q 98 -3.80 -40.95 -26.88
N VAL Q 99 -3.03 -40.23 -27.67
CA VAL Q 99 -3.44 -39.89 -29.02
C VAL Q 99 -3.96 -41.10 -29.77
N ALA Q 100 -3.51 -42.28 -29.35
CA ALA Q 100 -3.08 -43.31 -30.29
C ALA Q 100 -4.23 -44.26 -30.64
N SER Q 101 -4.77 -44.93 -29.64
CA SER Q 101 -6.10 -45.52 -29.73
C SER Q 101 -6.94 -45.19 -28.51
N LEU Q 102 -6.28 -44.76 -27.44
CA LEU Q 102 -6.97 -44.17 -26.30
C LEU Q 102 -8.14 -43.30 -26.75
N SER Q 103 -7.90 -42.45 -27.74
CA SER Q 103 -8.91 -41.50 -28.19
C SER Q 103 -9.90 -42.12 -29.14
N LEU Q 104 -10.45 -43.26 -28.73
CA LEU Q 104 -11.49 -43.91 -29.48
C LEU Q 104 -12.74 -43.58 -28.73
N GLN Q 105 -12.55 -43.22 -27.49
CA GLN Q 105 -13.66 -42.94 -26.64
C GLN Q 105 -14.61 -41.88 -27.19
N THR Q 106 -14.05 -40.87 -27.87
CA THR Q 106 -14.81 -39.71 -28.40
C THR Q 106 -15.54 -40.00 -29.70
N ASP Q 107 -14.93 -40.88 -30.43
CA ASP Q 107 -15.41 -41.22 -31.71
C ASP Q 107 -15.26 -40.00 -32.62
N ILE Q 108 -14.19 -39.22 -32.41
CA ILE Q 108 -13.87 -38.14 -33.31
C ILE Q 108 -12.54 -38.56 -33.89
N PRO Q 109 -12.36 -38.43 -35.22
CA PRO Q 109 -11.06 -38.89 -35.76
C PRO Q 109 -9.83 -38.22 -35.18
N VAL Q 110 -8.87 -38.98 -34.61
CA VAL Q 110 -7.68 -38.29 -34.12
C VAL Q 110 -6.47 -38.88 -34.83
N ILE Q 111 -5.89 -38.09 -35.73
CA ILE Q 111 -4.74 -38.52 -36.51
C ILE Q 111 -3.44 -38.33 -35.75
N PHE Q 112 -2.68 -39.41 -35.61
CA PHE Q 112 -1.39 -39.36 -34.93
C PHE Q 112 -0.29 -38.95 -35.91
N GLY Q 113 0.14 -37.70 -35.83
CA GLY Q 113 1.19 -37.20 -36.68
C GLY Q 113 2.37 -36.67 -35.89
N VAL Q 114 2.85 -37.48 -34.96
CA VAL Q 114 3.99 -37.10 -34.14
C VAL Q 114 5.25 -37.84 -34.58
N LEU Q 115 6.23 -37.09 -35.06
CA LEU Q 115 7.50 -37.66 -35.49
C LEU Q 115 8.26 -38.25 -34.32
N THR Q 116 8.66 -39.50 -34.47
CA THR Q 116 9.44 -40.18 -33.44
C THR Q 116 10.67 -40.81 -34.10
N THR Q 117 11.78 -40.08 -34.07
CA THR Q 117 12.96 -40.44 -34.85
C THR Q 117 14.19 -40.71 -33.99
N GLU Q 118 15.33 -40.87 -34.67
CA GLU Q 118 16.61 -41.15 -34.02
C GLU Q 118 17.58 -39.99 -34.20
N THR Q 119 17.50 -39.37 -35.37
CA THR Q 119 18.43 -38.30 -35.72
C THR Q 119 17.69 -36.99 -35.95
N ILE Q 120 18.35 -35.88 -35.67
CA ILE Q 120 17.84 -34.57 -36.04
C ILE Q 120 17.74 -34.53 -37.57
N GLU Q 121 18.60 -35.32 -38.22
CA GLU Q 121 18.60 -35.40 -39.67
C GLU Q 121 17.46 -36.25 -40.19
N GLN Q 122 16.99 -37.19 -39.37
CA GLN Q 122 15.87 -38.03 -39.76
C GLN Q 122 14.55 -37.29 -39.64
N ALA Q 123 14.38 -36.58 -38.53
CA ALA Q 123 13.20 -35.74 -38.35
C ALA Q 123 13.12 -34.70 -39.45
N ILE Q 124 14.28 -34.18 -39.84
CA ILE Q 124 14.35 -33.16 -40.89
C ILE Q 124 14.05 -33.77 -42.26
N GLU Q 125 14.08 -35.09 -42.34
CA GLU Q 125 13.74 -35.79 -43.58
C GLU Q 125 12.24 -35.85 -43.77
N ARG Q 126 11.50 -36.00 -42.68
CA ARG Q 126 10.04 -36.08 -42.74
C ARG Q 126 9.38 -34.73 -42.52
N ALA Q 127 10.19 -33.72 -42.23
CA ALA Q 127 9.67 -32.38 -41.98
C ALA Q 127 9.50 -31.57 -43.25
N GLY Q 128 9.47 -32.25 -44.38
CA GLY Q 128 9.35 -31.57 -45.60
C GLY Q 128 10.64 -31.74 -46.40
N THR Q 129 11.19 -32.96 -46.46
CA THR Q 129 12.38 -33.20 -47.29
C THR Q 129 12.23 -34.54 -47.93
N LYS Q 130 13.31 -35.27 -48.08
CA LYS Q 130 13.30 -36.56 -48.75
C LYS Q 130 12.03 -37.41 -48.57
N ALA Q 131 11.61 -37.69 -47.34
CA ALA Q 131 10.46 -38.54 -47.19
C ALA Q 131 9.13 -37.76 -47.36
N GLY Q 132 9.19 -36.44 -47.53
CA GLY Q 132 7.98 -35.59 -47.68
C GLY Q 132 7.58 -34.95 -46.34
N ASN Q 133 6.53 -34.16 -46.30
CA ASN Q 133 6.08 -33.56 -45.04
C ASN Q 133 4.99 -34.39 -44.38
N LYS Q 134 5.32 -34.99 -43.24
CA LYS Q 134 4.39 -35.87 -42.54
C LYS Q 134 3.23 -35.13 -41.90
N GLY Q 135 3.29 -33.80 -41.95
CA GLY Q 135 2.18 -32.97 -41.49
C GLY Q 135 1.13 -32.89 -42.59
N TYR Q 136 1.59 -32.71 -43.81
CA TYR Q 136 0.71 -32.70 -44.98
C TYR Q 136 -0.03 -34.03 -45.08
N GLU Q 137 0.70 -35.12 -44.90
CA GLU Q 137 0.13 -36.45 -45.02
C GLU Q 137 -0.87 -36.74 -43.89
N SER Q 138 -0.62 -36.15 -42.73
CA SER Q 138 -1.48 -36.37 -41.57
C SER Q 138 -2.75 -35.52 -41.66
N ALA Q 139 -2.75 -34.57 -42.59
CA ALA Q 139 -3.93 -33.75 -42.84
C ALA Q 139 -4.82 -34.45 -43.87
N VAL Q 140 -4.19 -35.03 -44.88
CA VAL Q 140 -4.91 -35.82 -45.87
C VAL Q 140 -5.62 -36.98 -45.20
N ALA Q 141 -4.99 -37.53 -44.16
CA ALA Q 141 -5.59 -38.61 -43.38
C ALA Q 141 -6.76 -38.09 -42.56
N ALA Q 142 -6.68 -36.85 -42.11
CA ALA Q 142 -7.73 -36.24 -41.32
C ALA Q 142 -8.99 -36.04 -42.14
N ILE Q 143 -8.82 -35.48 -43.33
CA ILE Q 143 -9.94 -35.26 -44.23
C ILE Q 143 -10.63 -36.57 -44.57
N GLU Q 144 -9.83 -37.59 -44.90
CA GLU Q 144 -10.37 -38.89 -45.23
C GLU Q 144 -11.13 -39.50 -44.06
N MET Q 145 -10.50 -39.53 -42.90
CA MET Q 145 -11.15 -40.07 -41.72
C MET Q 145 -12.46 -39.36 -41.44
N ALA Q 146 -12.44 -38.03 -41.54
CA ALA Q 146 -13.63 -37.24 -41.33
C ALA Q 146 -14.77 -37.71 -42.24
N HIS Q 147 -14.45 -37.88 -43.52
CA HIS Q 147 -15.42 -38.33 -44.50
C HIS Q 147 -15.71 -39.82 -44.39
N LEU Q 148 -15.83 -40.31 -43.16
CA LEU Q 148 -16.21 -41.69 -42.90
C LEU Q 148 -17.26 -41.64 -41.79
N SER Q 149 -18.54 -41.81 -42.22
CA SER Q 149 -19.69 -41.64 -41.34
C SER Q 149 -20.73 -42.78 -41.15
N LYS Q 150 -20.47 -43.40 -40.03
CA LYS Q 150 -21.25 -44.38 -39.38
C LYS Q 150 -21.20 -43.71 -37.98
N HIS Q 151 -22.27 -43.79 -37.20
CA HIS Q 151 -22.31 -43.22 -35.87
C HIS Q 151 -22.89 -44.20 -34.92
N TRP Q 152 -22.31 -44.27 -33.77
CA TRP Q 152 -22.85 -45.22 -32.83
C TRP Q 152 -23.98 -44.62 -32.07
N ALA Q 153 -25.07 -45.40 -31.97
CA ALA Q 153 -26.27 -44.98 -31.26
C ALA Q 153 -27.24 -46.15 -31.12
N VAL R 2 -16.99 -79.70 -24.27
CA VAL R 2 -16.11 -79.41 -25.41
C VAL R 2 -16.79 -78.48 -26.41
N PHE R 3 -16.07 -77.45 -26.85
CA PHE R 3 -16.65 -76.39 -27.68
C PHE R 3 -15.78 -75.98 -28.87
N GLU R 4 -15.75 -76.81 -29.91
CA GLU R 4 -15.00 -76.47 -31.12
C GLU R 4 -15.77 -75.43 -31.94
N GLY R 5 -15.09 -74.81 -32.90
CA GLY R 5 -15.70 -73.80 -33.73
C GLY R 5 -15.92 -74.24 -35.17
N HIS R 6 -17.13 -74.07 -35.65
CA HIS R 6 -17.51 -74.44 -37.01
C HIS R 6 -16.61 -73.73 -38.02
N LEU R 7 -16.55 -74.25 -39.25
CA LEU R 7 -15.70 -73.65 -40.27
C LEU R 7 -16.43 -73.33 -41.57
N VAL R 8 -17.65 -73.84 -41.71
CA VAL R 8 -18.47 -73.52 -42.86
C VAL R 8 -19.36 -72.32 -42.54
N GLY R 9 -19.06 -71.17 -43.13
CA GLY R 9 -19.77 -69.96 -42.83
C GLY R 9 -20.74 -69.53 -43.92
N THR R 10 -21.72 -70.38 -44.21
CA THR R 10 -22.71 -70.08 -45.23
C THR R 10 -23.47 -68.79 -44.92
N GLY R 11 -24.19 -68.80 -43.80
CA GLY R 11 -24.99 -67.64 -43.42
C GLY R 11 -24.29 -66.65 -42.51
N LEU R 12 -23.21 -66.06 -43.00
CA LEU R 12 -22.43 -65.13 -42.20
C LEU R 12 -22.33 -63.76 -42.83
N LYS R 13 -22.30 -62.73 -41.99
CA LYS R 13 -22.01 -61.37 -42.43
C LYS R 13 -20.66 -60.96 -41.87
N VAL R 14 -19.71 -60.66 -42.76
CA VAL R 14 -18.37 -60.28 -42.32
C VAL R 14 -18.07 -58.84 -42.72
N GLY R 15 -17.24 -58.18 -41.92
CA GLY R 15 -16.81 -56.82 -42.21
C GLY R 15 -15.30 -56.72 -42.17
N VAL R 16 -14.72 -56.09 -43.18
CA VAL R 16 -13.27 -55.99 -43.27
C VAL R 16 -12.78 -54.54 -43.27
N VAL R 17 -11.71 -54.28 -42.54
CA VAL R 17 -11.10 -52.96 -42.50
C VAL R 17 -9.65 -53.04 -42.95
N VAL R 18 -9.37 -52.51 -44.14
CA VAL R 18 -8.04 -52.61 -44.73
C VAL R 18 -7.33 -51.27 -44.77
N GLY R 19 -6.02 -51.29 -44.55
CA GLY R 19 -5.21 -50.08 -44.57
C GLY R 19 -4.66 -49.78 -45.95
N ARG R 20 -4.78 -48.53 -46.37
CA ARG R 20 -4.35 -48.12 -47.72
C ARG R 20 -2.84 -48.11 -47.85
N PHE R 21 -2.15 -47.72 -46.77
CA PHE R 21 -0.70 -47.71 -46.77
C PHE R 21 -0.16 -49.11 -47.04
N ASN R 22 0.91 -49.19 -47.81
CA ASN R 22 1.43 -50.49 -48.26
C ASN R 22 0.38 -51.24 -49.06
N GLU R 23 -0.37 -50.48 -49.86
CA GLU R 23 -1.45 -51.04 -50.68
C GLU R 23 -0.94 -52.19 -51.54
N PHE R 24 0.32 -52.09 -51.96
CA PHE R 24 0.95 -53.13 -52.77
C PHE R 24 0.83 -54.50 -52.11
N ILE R 25 0.84 -54.51 -50.78
CA ILE R 25 0.73 -55.76 -50.02
C ILE R 25 -0.68 -56.00 -49.54
N THR R 26 -1.26 -54.99 -48.89
CA THR R 26 -2.61 -55.10 -48.34
C THR R 26 -3.63 -55.45 -49.41
N SER R 27 -3.33 -55.11 -50.67
CA SER R 27 -4.20 -55.44 -51.78
C SER R 27 -4.40 -56.95 -51.87
N LYS R 28 -3.31 -57.66 -52.17
CA LYS R 28 -3.34 -59.12 -52.24
C LYS R 28 -3.75 -59.72 -50.90
N LEU R 29 -3.56 -58.95 -49.83
CA LEU R 29 -3.90 -59.39 -48.49
C LEU R 29 -5.41 -59.42 -48.32
N LEU R 30 -6.07 -58.47 -48.96
CA LEU R 30 -7.53 -58.41 -48.98
C LEU R 30 -8.06 -59.53 -49.86
N GLY R 31 -7.20 -60.05 -50.73
CA GLY R 31 -7.53 -61.20 -51.54
C GLY R 31 -7.83 -62.40 -50.66
N GLY R 32 -7.65 -62.22 -49.35
CA GLY R 32 -8.00 -63.25 -48.37
C GLY R 32 -9.47 -63.20 -48.05
N ALA R 33 -10.05 -62.01 -48.14
CA ALA R 33 -11.50 -61.85 -48.01
C ALA R 33 -12.19 -62.67 -49.09
N LEU R 34 -12.14 -62.17 -50.32
CA LEU R 34 -12.62 -62.93 -51.46
C LEU R 34 -11.72 -64.14 -51.64
N ASP R 35 -12.16 -65.11 -52.43
CA ASP R 35 -11.43 -66.37 -52.59
C ASP R 35 -11.05 -66.94 -51.22
N GLY R 36 -11.76 -66.50 -50.19
CA GLY R 36 -11.49 -66.94 -48.83
C GLY R 36 -12.78 -67.14 -48.06
N LEU R 37 -13.49 -66.04 -47.82
CA LEU R 37 -14.82 -66.11 -47.24
C LEU R 37 -15.79 -66.69 -48.27
N LYS R 38 -15.53 -66.38 -49.53
CA LYS R 38 -16.35 -66.86 -50.64
C LYS R 38 -16.45 -68.39 -50.62
N ARG R 39 -15.30 -69.05 -50.75
CA ARG R 39 -15.26 -70.50 -50.86
C ARG R 39 -15.66 -71.22 -49.58
N HIS R 40 -15.76 -70.48 -48.48
CA HIS R 40 -16.18 -71.09 -47.22
C HIS R 40 -17.68 -70.94 -46.97
N GLY R 41 -18.38 -70.36 -47.94
CA GLY R 41 -19.84 -70.28 -47.87
C GLY R 41 -20.41 -68.87 -47.88
N VAL R 42 -19.64 -67.91 -47.36
CA VAL R 42 -20.10 -66.52 -47.24
C VAL R 42 -20.58 -65.97 -48.58
N GLU R 43 -21.66 -65.19 -48.58
CA GLU R 43 -22.26 -64.65 -49.80
C GLU R 43 -21.45 -63.50 -50.43
N GLU R 44 -21.23 -63.61 -51.78
CA GLU R 44 -20.49 -62.67 -52.61
C GLU R 44 -21.04 -61.28 -52.39
N ASN R 45 -20.10 -60.42 -52.03
CA ASN R 45 -20.30 -59.05 -51.59
C ASN R 45 -21.58 -59.02 -50.73
N ASP R 46 -21.39 -59.63 -49.54
CA ASP R 46 -22.30 -59.69 -48.40
C ASP R 46 -21.35 -59.40 -47.29
N ILE R 47 -20.25 -58.93 -47.78
CA ILE R 47 -19.12 -58.57 -46.99
C ILE R 47 -18.74 -57.14 -47.34
N ASP R 48 -18.53 -56.31 -46.32
CA ASP R 48 -18.17 -54.92 -46.55
C ASP R 48 -16.69 -54.65 -46.25
N VAL R 49 -16.08 -53.80 -47.07
CA VAL R 49 -14.68 -53.44 -46.92
C VAL R 49 -14.51 -51.96 -46.63
N ALA R 50 -13.78 -51.66 -45.55
CA ALA R 50 -13.54 -50.28 -45.15
C ALA R 50 -12.06 -49.91 -45.32
N TRP R 51 -11.80 -48.96 -46.20
CA TRP R 51 -10.44 -48.50 -46.43
C TRP R 51 -10.07 -47.33 -45.53
N VAL R 52 -9.04 -47.53 -44.71
CA VAL R 52 -8.56 -46.49 -43.83
C VAL R 52 -7.12 -46.13 -44.19
N PRO R 53 -6.75 -44.86 -44.01
CA PRO R 53 -5.43 -44.33 -44.36
C PRO R 53 -4.28 -45.25 -43.92
N GLY R 54 -3.97 -45.25 -42.64
CA GLY R 54 -2.88 -46.06 -42.14
C GLY R 54 -3.37 -47.19 -41.24
N ALA R 55 -2.48 -48.14 -40.96
CA ALA R 55 -2.81 -49.25 -40.07
C ALA R 55 -3.22 -48.70 -38.72
N PHE R 56 -2.78 -47.48 -38.43
CA PHE R 56 -3.06 -46.82 -37.17
C PHE R 56 -4.53 -46.44 -37.03
N GLU R 57 -5.19 -46.23 -38.17
CA GLU R 57 -6.57 -45.78 -38.18
C GLU R 57 -7.54 -46.95 -38.17
N ILE R 58 -7.00 -48.17 -38.28
CA ILE R 58 -7.82 -49.37 -38.31
C ILE R 58 -8.70 -49.54 -37.08
N PRO R 59 -8.10 -49.48 -35.88
CA PRO R 59 -8.86 -49.68 -34.64
C PRO R 59 -10.14 -48.85 -34.57
N LEU R 60 -10.05 -47.57 -34.92
CA LEU R 60 -11.21 -46.68 -34.84
C LEU R 60 -12.37 -47.16 -35.72
N ILE R 61 -12.08 -47.42 -36.99
CA ILE R 61 -13.11 -47.80 -37.95
C ILE R 61 -13.51 -49.27 -37.81
N ALA R 62 -12.59 -50.10 -37.33
CA ALA R 62 -12.91 -51.49 -37.02
C ALA R 62 -13.98 -51.49 -35.94
N LYS R 63 -13.96 -50.48 -35.08
CA LYS R 63 -14.96 -50.32 -34.06
C LYS R 63 -16.31 -49.90 -34.65
N LYS R 64 -16.34 -48.74 -35.30
CA LYS R 64 -17.58 -48.20 -35.85
C LYS R 64 -18.19 -49.06 -36.95
N MET R 65 -17.75 -50.31 -37.02
CA MET R 65 -18.37 -51.31 -37.88
C MET R 65 -18.99 -52.40 -37.03
N ALA R 66 -18.14 -53.05 -36.24
CA ALA R 66 -18.60 -54.08 -35.31
C ALA R 66 -19.37 -53.48 -34.15
N ASN R 67 -19.20 -52.18 -33.95
CA ASN R 67 -19.81 -51.48 -32.81
C ASN R 67 -21.30 -51.73 -32.73
N SER R 68 -21.98 -51.60 -33.86
CA SER R 68 -23.40 -51.92 -33.94
C SER R 68 -23.63 -53.04 -34.94
N GLY R 69 -24.39 -54.05 -34.52
CA GLY R 69 -24.62 -55.24 -35.32
C GLY R 69 -24.83 -55.03 -36.80
N LYS R 70 -23.82 -55.37 -37.58
CA LYS R 70 -23.91 -55.37 -39.04
C LYS R 70 -23.28 -56.66 -39.52
N TYR R 71 -22.34 -57.17 -38.74
CA TYR R 71 -21.59 -58.36 -39.09
C TYR R 71 -21.43 -59.28 -37.89
N ASP R 72 -21.20 -60.57 -38.16
CA ASP R 72 -20.99 -61.56 -37.12
C ASP R 72 -19.53 -61.56 -36.68
N ALA R 73 -18.67 -60.96 -37.50
CA ALA R 73 -17.26 -60.87 -37.18
C ALA R 73 -16.58 -59.86 -38.11
N VAL R 74 -15.61 -59.14 -37.57
CA VAL R 74 -14.88 -58.13 -38.35
C VAL R 74 -13.41 -58.50 -38.50
N ILE R 75 -12.91 -58.41 -39.73
CA ILE R 75 -11.51 -58.72 -40.02
C ILE R 75 -10.73 -57.45 -40.27
N THR R 76 -9.55 -57.35 -39.65
CA THR R 76 -8.67 -56.21 -39.86
C THR R 76 -7.45 -56.58 -40.67
N LEU R 77 -7.29 -55.93 -41.83
CA LEU R 77 -6.15 -56.17 -42.70
C LEU R 77 -5.30 -54.92 -42.88
N GLY R 78 -3.99 -55.10 -42.99
CA GLY R 78 -3.07 -54.01 -43.17
C GLY R 78 -1.64 -54.51 -43.17
N THR R 79 -0.70 -53.61 -43.44
CA THR R 79 0.71 -53.97 -43.43
C THR R 79 1.57 -52.85 -42.86
N VAL R 80 2.58 -53.23 -42.10
CA VAL R 80 3.51 -52.28 -41.50
C VAL R 80 4.94 -52.81 -41.62
N ILE R 81 5.83 -52.01 -42.20
CA ILE R 81 7.20 -52.44 -42.42
C ILE R 81 8.20 -51.53 -41.71
N ARG R 82 9.23 -52.14 -41.12
CA ARG R 82 10.27 -51.42 -40.40
C ARG R 82 10.86 -50.24 -41.17
N GLY R 83 10.99 -49.11 -40.48
CA GLY R 83 11.66 -47.95 -41.05
C GLY R 83 12.94 -47.68 -40.31
N ALA R 84 13.48 -46.46 -40.45
CA ALA R 84 14.69 -46.07 -39.76
C ALA R 84 14.37 -45.65 -38.33
N THR R 85 13.15 -45.19 -38.12
CA THR R 85 12.72 -44.69 -36.82
C THR R 85 11.95 -45.76 -36.05
N THR R 86 11.75 -45.52 -34.76
CA THR R 86 10.98 -46.43 -33.92
C THR R 86 9.48 -46.23 -34.12
N HIS R 87 9.14 -45.40 -35.08
CA HIS R 87 7.74 -45.15 -35.44
C HIS R 87 7.02 -46.46 -35.75
N TYR R 88 7.73 -47.37 -36.39
CA TYR R 88 7.19 -48.68 -36.76
C TYR R 88 6.62 -49.41 -35.55
N ASP R 89 7.23 -49.22 -34.38
CA ASP R 89 6.84 -49.94 -33.18
C ASP R 89 5.54 -49.42 -32.59
N TYR R 90 5.44 -48.10 -32.44
CA TYR R 90 4.27 -47.50 -31.82
C TYR R 90 3.01 -47.72 -32.65
N VAL R 91 3.18 -47.87 -33.96
CA VAL R 91 2.07 -48.16 -34.85
C VAL R 91 1.61 -49.60 -34.67
N CYS R 92 2.51 -50.56 -34.95
CA CYS R 92 2.22 -51.97 -34.77
C CYS R 92 1.55 -52.23 -33.42
N ASN R 93 2.22 -51.81 -32.35
CA ASN R 93 1.71 -51.98 -31.01
C ASN R 93 0.24 -51.57 -30.89
N GLU R 94 -0.03 -50.31 -31.16
CA GLU R 94 -1.36 -49.74 -30.96
C GLU R 94 -2.43 -50.36 -31.85
N VAL R 95 -2.02 -50.84 -33.01
CA VAL R 95 -2.94 -51.54 -33.90
C VAL R 95 -3.39 -52.84 -33.22
N ALA R 96 -2.41 -53.67 -32.86
CA ALA R 96 -2.68 -54.91 -32.16
C ALA R 96 -3.36 -54.62 -30.84
N LYS R 97 -2.89 -53.57 -30.16
CA LYS R 97 -3.46 -53.15 -28.89
C LYS R 97 -4.92 -52.80 -29.04
N GLY R 98 -5.23 -52.00 -30.07
CA GLY R 98 -6.60 -51.58 -30.32
C GLY R 98 -7.50 -52.72 -30.73
N VAL R 99 -7.14 -53.41 -31.81
CA VAL R 99 -7.93 -54.53 -32.31
C VAL R 99 -8.19 -55.61 -31.25
N ALA R 100 -7.21 -55.85 -30.38
CA ALA R 100 -7.37 -56.85 -29.32
C ALA R 100 -8.18 -56.31 -28.15
N SER R 101 -7.66 -55.26 -27.51
CA SER R 101 -8.32 -54.66 -26.35
C SER R 101 -9.76 -54.29 -26.65
N LEU R 102 -10.00 -53.70 -27.81
CA LEU R 102 -11.35 -53.31 -28.22
C LEU R 102 -12.00 -54.38 -29.10
N SER R 103 -11.83 -55.63 -28.68
CA SER R 103 -12.54 -56.77 -29.27
C SER R 103 -13.23 -57.52 -28.14
N LEU R 104 -12.95 -57.06 -26.92
CA LEU R 104 -13.56 -57.62 -25.72
C LEU R 104 -14.74 -56.74 -25.30
N GLN R 105 -14.59 -55.43 -25.52
CA GLN R 105 -15.63 -54.48 -25.15
C GLN R 105 -16.89 -54.68 -25.98
N THR R 106 -16.70 -55.01 -27.26
CA THR R 106 -17.81 -55.28 -28.15
C THR R 106 -18.28 -56.70 -27.91
N ASP R 107 -17.35 -57.64 -27.87
CA ASP R 107 -17.77 -59.02 -27.69
C ASP R 107 -18.06 -59.61 -29.04
N ILE R 108 -17.89 -58.82 -30.10
CA ILE R 108 -18.06 -59.34 -31.45
C ILE R 108 -16.67 -59.63 -31.96
N PRO R 109 -16.55 -60.85 -32.45
CA PRO R 109 -15.24 -61.33 -32.90
C PRO R 109 -14.44 -60.39 -33.80
N VAL R 110 -13.30 -59.88 -33.38
CA VAL R 110 -12.50 -59.04 -34.25
C VAL R 110 -11.12 -59.67 -34.47
N ILE R 111 -10.95 -60.28 -35.64
CA ILE R 111 -9.71 -60.98 -35.98
C ILE R 111 -8.61 -60.01 -36.37
N PHE R 112 -7.43 -60.17 -35.75
CA PHE R 112 -6.29 -59.32 -36.04
C PHE R 112 -5.44 -59.89 -37.16
N GLY R 113 -5.50 -59.24 -38.32
CA GLY R 113 -4.74 -59.68 -39.48
C GLY R 113 -3.89 -58.58 -40.07
N VAL R 114 -3.01 -58.00 -39.25
CA VAL R 114 -2.11 -56.93 -39.70
C VAL R 114 -0.68 -57.43 -39.75
N LEU R 115 -0.10 -57.44 -40.95
CA LEU R 115 1.27 -57.87 -41.14
C LEU R 115 2.25 -56.91 -40.50
N THR R 116 3.19 -57.46 -39.74
CA THR R 116 4.20 -56.66 -39.09
C THR R 116 5.57 -57.24 -39.40
N THR R 117 6.17 -56.77 -40.48
CA THR R 117 7.39 -57.36 -41.00
C THR R 117 8.61 -56.43 -40.95
N GLU R 118 9.76 -56.99 -41.28
CA GLU R 118 11.02 -56.24 -41.32
C GLU R 118 11.37 -55.89 -42.76
N THR R 119 11.04 -56.80 -43.68
CA THR R 119 11.36 -56.63 -45.09
C THR R 119 10.10 -56.53 -45.94
N ILE R 120 10.21 -55.83 -47.06
CA ILE R 120 9.16 -55.83 -48.06
C ILE R 120 9.04 -57.26 -48.59
N GLU R 121 10.13 -57.99 -48.53
CA GLU R 121 10.16 -59.37 -49.00
C GLU R 121 9.45 -60.30 -48.02
N GLN R 122 9.35 -59.87 -46.77
CA GLN R 122 8.66 -60.66 -45.76
C GLN R 122 7.15 -60.44 -45.83
N ALA R 123 6.76 -59.25 -46.26
CA ALA R 123 5.35 -58.94 -46.49
C ALA R 123 4.84 -59.77 -47.65
N ILE R 124 5.59 -59.75 -48.75
CA ILE R 124 5.26 -60.57 -49.91
C ILE R 124 5.29 -62.05 -49.51
N GLU R 125 6.21 -62.38 -48.61
CA GLU R 125 6.35 -63.74 -48.14
C GLU R 125 5.05 -64.22 -47.51
N ARG R 126 4.32 -63.32 -46.90
CA ARG R 126 3.10 -63.64 -46.18
C ARG R 126 1.83 -63.07 -46.81
N ALA R 127 1.93 -62.65 -48.06
CA ALA R 127 0.77 -62.09 -48.76
C ALA R 127 0.38 -62.96 -49.94
N GLY R 128 0.58 -64.23 -49.85
CA GLY R 128 0.28 -65.02 -50.99
C GLY R 128 1.59 -65.65 -51.38
N THR R 129 2.65 -65.50 -50.60
CA THR R 129 3.81 -66.29 -51.01
C THR R 129 4.03 -67.45 -50.01
N LYS R 130 5.23 -68.04 -50.10
CA LYS R 130 5.77 -69.21 -49.32
C LYS R 130 5.01 -69.53 -48.05
N ALA R 131 4.62 -68.52 -47.29
CA ALA R 131 3.89 -68.81 -46.03
C ALA R 131 2.39 -68.85 -46.24
N GLY R 132 1.94 -68.54 -47.48
CA GLY R 132 0.54 -68.45 -47.83
C GLY R 132 0.04 -67.01 -47.68
N ASN R 133 -1.28 -66.85 -47.70
CA ASN R 133 -1.89 -65.52 -47.57
C ASN R 133 -2.52 -65.32 -46.19
N LYS R 134 -1.91 -64.46 -45.38
CA LYS R 134 -2.37 -64.26 -44.01
C LYS R 134 -3.69 -63.50 -43.96
N GLY R 135 -4.27 -63.25 -45.13
CA GLY R 135 -5.58 -62.64 -45.22
C GLY R 135 -6.63 -63.73 -45.32
N TYR R 136 -6.33 -64.74 -46.14
CA TYR R 136 -7.20 -65.90 -46.28
C TYR R 136 -7.26 -66.68 -44.97
N GLU R 137 -6.19 -66.59 -44.18
CA GLU R 137 -6.10 -67.33 -42.93
C GLU R 137 -6.89 -66.61 -41.84
N SER R 138 -6.90 -65.29 -41.89
CA SER R 138 -7.61 -64.50 -40.90
C SER R 138 -9.11 -64.51 -41.19
N ALA R 139 -9.46 -64.99 -42.38
CA ALA R 139 -10.86 -65.15 -42.75
C ALA R 139 -11.42 -66.44 -42.17
N VAL R 140 -10.64 -67.51 -42.32
CA VAL R 140 -10.98 -68.79 -41.69
C VAL R 140 -11.19 -68.59 -40.20
N ALA R 141 -10.29 -67.84 -39.58
CA ALA R 141 -10.39 -67.54 -38.15
C ALA R 141 -11.67 -66.79 -37.84
N ALA R 142 -12.02 -65.84 -38.70
CA ALA R 142 -13.21 -65.02 -38.51
C ALA R 142 -14.47 -65.88 -38.50
N ILE R 143 -14.55 -66.82 -39.44
CA ILE R 143 -15.71 -67.70 -39.52
C ILE R 143 -15.80 -68.58 -38.28
N GLU R 144 -14.68 -69.18 -37.90
CA GLU R 144 -14.64 -70.06 -36.74
C GLU R 144 -15.02 -69.33 -35.46
N MET R 145 -14.50 -68.12 -35.29
CA MET R 145 -14.80 -67.31 -34.11
C MET R 145 -16.27 -66.90 -34.09
N ALA R 146 -16.81 -66.60 -35.26
CA ALA R 146 -18.22 -66.25 -35.39
C ALA R 146 -19.08 -67.39 -34.89
N HIS R 147 -18.76 -68.61 -35.32
CA HIS R 147 -19.50 -69.80 -34.93
C HIS R 147 -19.22 -70.22 -33.48
N LEU R 148 -18.46 -69.42 -32.76
CA LEU R 148 -18.18 -69.72 -31.36
C LEU R 148 -18.94 -68.80 -30.41
N SER R 149 -19.63 -67.81 -30.95
CA SER R 149 -20.61 -67.06 -30.17
C SER R 149 -21.72 -68.05 -29.83
N LYS R 150 -21.54 -68.72 -28.70
CA LYS R 150 -22.22 -69.97 -28.43
C LYS R 150 -22.59 -70.04 -26.96
N HIS R 151 -21.78 -69.36 -26.14
CA HIS R 151 -21.94 -69.42 -24.69
C HIS R 151 -21.77 -70.88 -24.23
N TRP R 152 -22.09 -71.16 -22.96
CA TRP R 152 -21.67 -72.42 -22.36
C TRP R 152 -22.73 -73.12 -21.49
N ALA R 153 -22.62 -74.44 -21.40
CA ALA R 153 -23.54 -75.25 -20.61
C ALA R 153 -22.80 -76.33 -19.83
N VAL S 2 -3.20 -65.23 7.87
CA VAL S 2 -2.73 -66.22 6.90
C VAL S 2 -3.83 -66.73 5.98
N PHE S 3 -3.52 -66.86 4.70
CA PHE S 3 -4.50 -67.29 3.70
C PHE S 3 -3.89 -68.20 2.62
N GLU S 4 -3.62 -69.44 2.97
CA GLU S 4 -3.08 -70.40 2.00
C GLU S 4 -4.21 -71.02 1.18
N GLY S 5 -3.87 -71.52 -0.01
CA GLY S 5 -4.85 -72.10 -0.91
C GLY S 5 -4.84 -73.62 -0.95
N HIS S 6 -6.01 -74.22 -0.78
CA HIS S 6 -6.16 -75.67 -0.81
C HIS S 6 -5.65 -76.21 -2.16
N LEU S 7 -5.41 -77.51 -2.23
CA LEU S 7 -4.92 -78.10 -3.48
C LEU S 7 -5.69 -79.35 -3.91
N VAL S 8 -6.72 -79.71 -3.15
CA VAL S 8 -7.58 -80.82 -3.53
C VAL S 8 -8.92 -80.30 -4.03
N GLY S 9 -9.08 -80.23 -5.34
CA GLY S 9 -10.30 -79.68 -5.94
C GLY S 9 -11.28 -80.72 -6.42
N THR S 10 -11.91 -81.43 -5.47
CA THR S 10 -12.85 -82.48 -5.82
C THR S 10 -14.17 -81.91 -6.36
N GLY S 11 -14.61 -80.79 -5.79
CA GLY S 11 -15.88 -80.20 -6.17
C GLY S 11 -15.77 -79.00 -7.10
N LEU S 12 -14.60 -78.83 -7.71
CA LEU S 12 -14.38 -77.70 -8.59
C LEU S 12 -14.95 -77.92 -9.98
N LYS S 13 -15.12 -76.83 -10.72
CA LYS S 13 -15.66 -76.88 -12.07
C LYS S 13 -14.83 -76.00 -13.01
N VAL S 14 -13.77 -76.56 -13.56
CA VAL S 14 -12.81 -75.78 -14.35
C VAL S 14 -13.17 -75.76 -15.84
N GLY S 15 -12.69 -74.74 -16.54
CA GLY S 15 -12.85 -74.64 -17.98
C GLY S 15 -11.58 -74.13 -18.64
N VAL S 16 -11.22 -74.72 -19.77
CA VAL S 16 -9.98 -74.35 -20.46
C VAL S 16 -10.22 -73.81 -21.87
N VAL S 17 -9.36 -72.89 -22.29
CA VAL S 17 -9.38 -72.38 -23.66
C VAL S 17 -8.03 -72.61 -24.33
N VAL S 18 -7.94 -73.67 -25.13
CA VAL S 18 -6.69 -74.01 -25.80
C VAL S 18 -6.63 -73.47 -27.23
N GLY S 19 -5.41 -73.27 -27.73
CA GLY S 19 -5.22 -72.73 -29.07
C GLY S 19 -4.77 -73.78 -30.06
N ARG S 20 -5.36 -73.75 -31.25
CA ARG S 20 -5.07 -74.72 -32.29
C ARG S 20 -3.68 -74.56 -32.88
N PHE S 21 -3.32 -73.33 -33.23
CA PHE S 21 -2.00 -73.05 -33.79
C PHE S 21 -0.94 -73.68 -32.89
N ASN S 22 0.00 -74.39 -33.49
CA ASN S 22 0.99 -75.15 -32.74
C ASN S 22 0.34 -76.26 -31.92
N GLU S 23 -0.64 -76.92 -32.53
CA GLU S 23 -1.37 -78.02 -31.88
C GLU S 23 -0.40 -79.09 -31.42
N PHE S 24 0.69 -79.24 -32.15
CA PHE S 24 1.71 -80.24 -31.84
C PHE S 24 2.16 -80.09 -30.39
N ILE S 25 2.13 -78.85 -29.88
CA ILE S 25 2.54 -78.57 -28.52
C ILE S 25 1.34 -78.39 -27.59
N THR S 26 0.38 -77.57 -28.03
CA THR S 26 -0.80 -77.31 -27.23
C THR S 26 -1.56 -78.59 -26.89
N SER S 27 -1.49 -79.57 -27.79
CA SER S 27 -2.13 -80.87 -27.58
C SER S 27 -1.67 -81.50 -26.27
N LYS S 28 -0.38 -81.80 -26.18
CA LYS S 28 0.19 -82.38 -24.98
C LYS S 28 0.06 -81.41 -23.81
N LEU S 29 -0.17 -80.13 -24.13
CA LEU S 29 -0.27 -79.09 -23.11
C LEU S 29 -1.63 -79.15 -22.44
N LEU S 30 -2.63 -79.58 -23.19
CA LEU S 30 -3.98 -79.76 -22.66
C LEU S 30 -4.07 -81.06 -21.88
N GLY S 31 -3.42 -82.11 -22.42
CA GLY S 31 -3.36 -83.40 -21.76
C GLY S 31 -2.66 -83.23 -20.42
N GLY S 32 -2.00 -82.08 -20.24
CA GLY S 32 -1.33 -81.75 -19.02
C GLY S 32 -2.35 -81.22 -18.02
N ALA S 33 -3.15 -80.27 -18.49
CA ALA S 33 -4.22 -79.74 -17.68
C ALA S 33 -5.08 -80.87 -17.14
N LEU S 34 -5.70 -81.65 -17.99
CA LEU S 34 -6.69 -82.70 -17.55
C LEU S 34 -6.21 -83.91 -16.82
N ASP S 35 -5.26 -84.58 -17.41
CA ASP S 35 -4.89 -85.82 -16.76
C ASP S 35 -4.42 -85.60 -15.29
N GLY S 36 -4.13 -84.30 -14.93
CA GLY S 36 -3.64 -83.86 -13.64
C GLY S 36 -4.62 -82.95 -12.93
N LEU S 37 -5.58 -82.47 -13.70
CA LEU S 37 -6.67 -81.68 -13.17
C LEU S 37 -7.64 -82.72 -12.62
N LYS S 38 -7.72 -83.85 -13.33
CA LYS S 38 -8.56 -84.96 -12.94
C LYS S 38 -8.02 -85.64 -11.69
N ARG S 39 -6.73 -85.98 -11.74
CA ARG S 39 -6.11 -86.72 -10.65
C ARG S 39 -5.97 -85.89 -9.37
N HIS S 40 -6.37 -84.63 -9.44
CA HIS S 40 -6.38 -83.77 -8.27
C HIS S 40 -7.75 -83.71 -7.62
N GLY S 41 -8.70 -84.47 -8.17
CA GLY S 41 -10.02 -84.55 -7.60
C GLY S 41 -11.15 -84.14 -8.53
N VAL S 42 -10.89 -83.14 -9.38
CA VAL S 42 -11.90 -82.61 -10.29
C VAL S 42 -12.59 -83.72 -11.07
N GLU S 43 -13.91 -83.62 -11.18
CA GLU S 43 -14.69 -84.58 -11.96
C GLU S 43 -14.49 -84.27 -13.43
N GLU S 44 -14.18 -85.29 -14.22
CA GLU S 44 -13.87 -85.09 -15.63
C GLU S 44 -15.03 -84.54 -16.43
N ASN S 45 -16.22 -84.54 -15.81
CA ASN S 45 -17.41 -83.99 -16.46
C ASN S 45 -17.61 -82.52 -16.11
N ASP S 46 -16.84 -82.03 -15.15
CA ASP S 46 -16.89 -80.62 -14.77
C ASP S 46 -15.82 -79.84 -15.53
N ILE S 47 -15.34 -80.40 -16.64
CA ILE S 47 -14.29 -79.76 -17.43
C ILE S 47 -14.72 -79.52 -18.86
N ASP S 48 -14.76 -78.25 -19.25
CA ASP S 48 -15.09 -77.88 -20.62
C ASP S 48 -13.89 -77.31 -21.36
N VAL S 49 -13.80 -77.59 -22.66
CA VAL S 49 -12.69 -77.12 -23.47
C VAL S 49 -13.19 -76.24 -24.62
N ALA S 50 -12.50 -75.13 -24.84
CA ALA S 50 -12.87 -74.23 -25.93
C ALA S 50 -11.68 -74.03 -26.88
N TRP S 51 -11.78 -74.63 -28.05
CA TRP S 51 -10.74 -74.53 -29.07
C TRP S 51 -10.85 -73.23 -29.87
N VAL S 52 -9.81 -72.40 -29.79
CA VAL S 52 -9.74 -71.16 -30.53
C VAL S 52 -8.64 -71.25 -31.58
N PRO S 53 -8.77 -70.49 -32.67
CA PRO S 53 -7.79 -70.50 -33.76
C PRO S 53 -6.38 -70.25 -33.25
N GLY S 54 -6.06 -68.99 -32.96
CA GLY S 54 -4.75 -68.64 -32.47
C GLY S 54 -4.78 -68.19 -31.01
N ALA S 55 -3.60 -68.09 -30.41
CA ALA S 55 -3.48 -67.64 -29.02
C ALA S 55 -4.07 -66.25 -28.84
N PHE S 56 -4.14 -65.50 -29.94
CA PHE S 56 -4.63 -64.13 -29.93
C PHE S 56 -6.13 -64.09 -29.61
N GLU S 57 -6.83 -65.14 -29.98
CA GLU S 57 -8.29 -65.19 -29.84
C GLU S 57 -8.70 -65.70 -28.45
N ILE S 58 -7.71 -66.05 -27.63
CA ILE S 58 -7.98 -66.58 -26.30
C ILE S 58 -8.71 -65.60 -25.40
N PRO S 59 -8.21 -64.36 -25.27
CA PRO S 59 -8.82 -63.38 -24.38
C PRO S 59 -10.34 -63.26 -24.55
N LEU S 60 -10.82 -63.27 -25.79
CA LEU S 60 -12.24 -63.12 -26.07
C LEU S 60 -13.07 -64.27 -25.52
N ILE S 61 -12.67 -65.50 -25.85
CA ILE S 61 -13.40 -66.69 -25.43
C ILE S 61 -13.13 -67.06 -23.97
N ALA S 62 -11.93 -66.74 -23.49
CA ALA S 62 -11.62 -66.93 -22.08
C ALA S 62 -12.54 -66.07 -21.24
N LYS S 63 -12.95 -64.93 -21.81
CA LYS S 63 -13.90 -64.04 -21.15
C LYS S 63 -15.29 -64.65 -21.11
N LYS S 64 -15.87 -64.87 -22.29
CA LYS S 64 -17.19 -65.49 -22.39
C LYS S 64 -17.33 -66.68 -21.45
N MET S 65 -16.25 -67.43 -21.28
CA MET S 65 -16.29 -68.66 -20.49
C MET S 65 -16.21 -68.39 -19.00
N ALA S 66 -15.19 -67.65 -18.59
CA ALA S 66 -15.01 -67.31 -17.18
C ALA S 66 -16.11 -66.37 -16.71
N ASN S 67 -17.00 -66.01 -17.63
CA ASN S 67 -18.04 -65.03 -17.34
C ASN S 67 -19.42 -65.69 -17.28
N SER S 68 -19.51 -66.89 -17.86
CA SER S 68 -20.77 -67.62 -17.86
C SER S 68 -21.13 -68.11 -16.47
N GLY S 69 -20.13 -68.13 -15.58
CA GLY S 69 -20.33 -68.54 -14.20
C GLY S 69 -20.31 -70.04 -14.02
N LYS S 70 -20.40 -70.77 -15.13
CA LYS S 70 -20.41 -72.23 -15.10
C LYS S 70 -19.10 -72.75 -14.52
N TYR S 71 -18.07 -71.90 -14.53
CA TYR S 71 -16.72 -72.34 -14.21
C TYR S 71 -16.19 -71.69 -12.94
N ASP S 72 -15.55 -72.52 -12.11
CA ASP S 72 -15.00 -72.08 -10.84
C ASP S 72 -13.64 -71.41 -11.07
N ALA S 73 -13.04 -71.72 -12.22
CA ALA S 73 -11.77 -71.12 -12.62
C ALA S 73 -11.51 -71.49 -14.08
N VAL S 74 -10.68 -70.68 -14.75
CA VAL S 74 -10.40 -70.89 -16.16
C VAL S 74 -8.90 -71.03 -16.44
N ILE S 75 -8.54 -72.02 -17.27
CA ILE S 75 -7.15 -72.25 -17.64
C ILE S 75 -6.93 -71.97 -19.13
N THR S 76 -6.09 -70.99 -19.42
CA THR S 76 -5.77 -70.65 -20.79
C THR S 76 -4.51 -71.37 -21.28
N LEU S 77 -4.66 -72.24 -22.27
CA LEU S 77 -3.54 -72.97 -22.82
C LEU S 77 -3.26 -72.53 -24.26
N GLY S 78 -2.01 -72.66 -24.69
CA GLY S 78 -1.62 -72.29 -26.03
C GLY S 78 -0.12 -72.21 -26.19
N THR S 79 0.34 -72.04 -27.43
CA THR S 79 1.76 -71.93 -27.70
C THR S 79 2.04 -70.88 -28.77
N VAL S 80 3.08 -70.06 -28.55
CA VAL S 80 3.52 -69.08 -29.52
C VAL S 80 5.03 -69.15 -29.67
N ILE S 81 5.51 -69.30 -30.90
CA ILE S 81 6.94 -69.43 -31.14
C ILE S 81 7.47 -68.34 -32.05
N ARG S 82 8.67 -67.85 -31.74
CA ARG S 82 9.31 -66.78 -32.49
C ARG S 82 9.33 -67.00 -34.01
N GLY S 83 8.89 -65.99 -34.73
CA GLY S 83 8.98 -66.00 -36.18
C GLY S 83 10.11 -65.10 -36.64
N ALA S 84 10.08 -64.72 -37.91
CA ALA S 84 11.09 -63.81 -38.45
C ALA S 84 10.68 -62.36 -38.23
N THR S 85 9.42 -62.15 -37.86
CA THR S 85 8.87 -60.81 -37.68
C THR S 85 8.55 -60.53 -36.22
N THR S 86 8.27 -59.26 -35.92
CA THR S 86 7.91 -58.85 -34.57
C THR S 86 6.48 -59.24 -34.25
N HIS S 87 5.84 -59.95 -35.17
CA HIS S 87 4.48 -60.42 -34.97
C HIS S 87 4.37 -61.20 -33.67
N TYR S 88 5.33 -62.08 -33.44
CA TYR S 88 5.37 -62.91 -32.24
C TYR S 88 5.19 -62.10 -30.96
N ASP S 89 5.67 -60.86 -30.98
CA ASP S 89 5.66 -60.02 -29.78
C ASP S 89 4.26 -59.49 -29.47
N TYR S 90 3.59 -58.95 -30.49
CA TYR S 90 2.29 -58.33 -30.31
C TYR S 90 1.24 -59.37 -29.93
N VAL S 91 1.48 -60.62 -30.33
CA VAL S 91 0.60 -61.72 -29.97
C VAL S 91 0.79 -62.10 -28.50
N CYS S 92 2.01 -62.52 -28.18
CA CYS S 92 2.34 -62.88 -26.80
C CYS S 92 1.86 -61.82 -25.82
N ASN S 93 2.20 -60.57 -26.08
CA ASN S 93 1.77 -59.46 -25.24
C ASN S 93 0.26 -59.46 -25.01
N GLU S 94 -0.49 -59.27 -26.08
CA GLU S 94 -1.94 -59.14 -26.01
C GLU S 94 -2.62 -60.35 -25.35
N VAL S 95 -2.02 -61.52 -25.50
CA VAL S 95 -2.53 -62.72 -24.85
C VAL S 95 -2.42 -62.59 -23.33
N ALA S 96 -1.18 -62.42 -22.87
CA ALA S 96 -0.92 -62.22 -21.45
C ALA S 96 -1.62 -60.96 -20.96
N LYS S 97 -1.68 -59.96 -21.83
CA LYS S 97 -2.33 -58.69 -21.52
C LYS S 97 -3.82 -58.90 -21.28
N GLY S 98 -4.44 -59.70 -22.13
CA GLY S 98 -5.85 -59.99 -22.01
C GLY S 98 -6.16 -60.85 -20.79
N VAL S 99 -5.51 -62.02 -20.71
CA VAL S 99 -5.78 -62.97 -19.64
C VAL S 99 -5.60 -62.36 -18.25
N ALA S 100 -4.58 -61.51 -18.09
CA ALA S 100 -4.30 -60.90 -16.80
C ALA S 100 -5.26 -59.76 -16.51
N SER S 101 -5.24 -58.75 -17.37
CA SER S 101 -6.08 -57.57 -17.20
C SER S 101 -7.56 -57.95 -17.14
N LEU S 102 -7.91 -59.05 -17.82
CA LEU S 102 -9.29 -59.53 -17.83
C LEU S 102 -9.46 -60.71 -16.90
N SER S 103 -8.83 -60.62 -15.73
CA SER S 103 -8.97 -61.61 -14.66
C SER S 103 -9.30 -60.87 -13.38
N LEU S 104 -9.18 -59.54 -13.45
CA LEU S 104 -9.53 -58.67 -12.33
C LEU S 104 -10.92 -58.15 -12.54
N GLN S 105 -11.30 -58.00 -13.81
CA GLN S 105 -12.63 -57.50 -14.18
C GLN S 105 -13.70 -58.55 -13.87
N THR S 106 -13.39 -59.83 -13.96
CA THR S 106 -14.43 -60.82 -13.65
C THR S 106 -14.34 -61.36 -12.19
N ASP S 107 -13.13 -61.35 -11.63
CA ASP S 107 -12.85 -61.87 -10.27
C ASP S 107 -12.94 -63.42 -10.30
N ILE S 108 -13.01 -64.05 -11.47
CA ILE S 108 -12.97 -65.53 -11.61
C ILE S 108 -11.49 -65.88 -11.92
N PRO S 109 -10.92 -66.87 -11.23
CA PRO S 109 -9.50 -67.08 -11.49
C PRO S 109 -9.18 -67.38 -12.94
N VAL S 110 -8.28 -66.66 -13.64
CA VAL S 110 -7.98 -67.04 -15.02
C VAL S 110 -6.48 -67.29 -15.15
N ILE S 111 -6.06 -68.53 -14.94
CA ILE S 111 -4.65 -68.91 -14.96
C ILE S 111 -4.05 -68.76 -16.36
N PHE S 112 -2.85 -68.19 -16.43
CA PHE S 112 -2.16 -67.98 -17.69
C PHE S 112 -1.16 -69.10 -17.98
N GLY S 113 -1.56 -70.03 -18.84
CA GLY S 113 -0.71 -71.15 -19.18
C GLY S 113 -0.40 -71.19 -20.66
N VAL S 114 -0.03 -70.04 -21.21
CA VAL S 114 0.37 -69.94 -22.62
C VAL S 114 1.88 -69.95 -22.76
N LEU S 115 2.41 -70.96 -23.44
CA LEU S 115 3.84 -71.03 -23.70
C LEU S 115 4.25 -69.94 -24.67
N THR S 116 5.36 -69.29 -24.36
CA THR S 116 5.90 -68.23 -25.20
C THR S 116 7.40 -68.43 -25.34
N THR S 117 7.77 -69.21 -26.35
CA THR S 117 9.15 -69.66 -26.51
C THR S 117 9.85 -69.14 -27.76
N GLU S 118 11.12 -69.51 -27.89
CA GLU S 118 11.97 -69.08 -29.01
C GLU S 118 12.20 -70.22 -30.01
N THR S 119 12.20 -71.44 -29.49
CA THR S 119 12.46 -72.61 -30.30
C THR S 119 11.31 -73.59 -30.21
N ILE S 120 11.16 -74.41 -31.24
CA ILE S 120 10.22 -75.53 -31.18
C ILE S 120 10.66 -76.45 -30.05
N GLU S 121 11.96 -76.53 -29.84
CA GLU S 121 12.52 -77.38 -28.81
C GLU S 121 12.13 -76.92 -27.41
N GLN S 122 12.19 -75.60 -27.19
CA GLN S 122 11.85 -75.05 -25.89
C GLN S 122 10.40 -75.31 -25.52
N ALA S 123 9.53 -75.30 -26.52
CA ALA S 123 8.12 -75.62 -26.33
C ALA S 123 7.98 -77.05 -25.83
N ILE S 124 8.69 -77.97 -26.48
CA ILE S 124 8.65 -79.37 -26.08
C ILE S 124 9.18 -79.57 -24.67
N GLU S 125 10.23 -78.83 -24.33
CA GLU S 125 10.80 -78.90 -22.99
C GLU S 125 9.73 -78.60 -21.93
N ARG S 126 8.88 -77.63 -22.25
CA ARG S 126 7.88 -77.15 -21.32
C ARG S 126 6.49 -77.73 -21.60
N ALA S 127 6.46 -78.80 -22.37
CA ALA S 127 5.20 -79.46 -22.69
C ALA S 127 5.22 -80.93 -22.29
N GLY S 128 5.84 -81.22 -21.17
CA GLY S 128 5.87 -82.61 -20.80
C GLY S 128 7.24 -83.19 -20.88
N THR S 129 8.28 -82.36 -21.09
CA THR S 129 9.65 -82.92 -21.10
C THR S 129 10.48 -82.38 -19.93
N LYS S 130 11.76 -82.17 -20.18
CA LYS S 130 12.74 -81.61 -19.27
C LYS S 130 12.12 -80.71 -18.20
N ALA S 131 11.54 -79.57 -18.57
CA ALA S 131 11.01 -78.63 -17.56
C ALA S 131 9.71 -79.10 -16.87
N GLY S 132 9.00 -80.09 -17.45
CA GLY S 132 7.74 -80.55 -16.92
C GLY S 132 6.61 -80.17 -17.89
N ASN S 133 5.34 -80.27 -17.46
CA ASN S 133 4.24 -79.89 -18.34
C ASN S 133 3.56 -78.63 -17.86
N LYS S 134 3.71 -77.55 -18.62
CA LYS S 134 3.13 -76.25 -18.27
C LYS S 134 1.62 -76.34 -18.07
N GLY S 135 0.98 -77.26 -18.79
CA GLY S 135 -0.46 -77.44 -18.71
C GLY S 135 -0.88 -78.03 -17.38
N TYR S 136 -0.07 -78.95 -16.87
CA TYR S 136 -0.32 -79.58 -15.58
C TYR S 136 -0.13 -78.58 -14.46
N GLU S 137 0.98 -77.85 -14.51
CA GLU S 137 1.30 -76.86 -13.48
C GLU S 137 0.30 -75.71 -13.47
N SER S 138 -0.31 -75.44 -14.63
CA SER S 138 -1.28 -74.36 -14.74
C SER S 138 -2.65 -74.80 -14.24
N ALA S 139 -2.87 -76.11 -14.18
CA ALA S 139 -4.11 -76.66 -13.65
C ALA S 139 -4.06 -76.69 -12.13
N VAL S 140 -2.93 -77.14 -11.59
CA VAL S 140 -2.74 -77.18 -10.14
C VAL S 140 -2.87 -75.79 -9.56
N ALA S 141 -2.54 -74.78 -10.36
CA ALA S 141 -2.65 -73.39 -9.95
C ALA S 141 -4.11 -72.93 -9.99
N ALA S 142 -4.83 -73.41 -10.99
CA ALA S 142 -6.24 -73.07 -11.13
C ALA S 142 -7.04 -73.54 -9.92
N ILE S 143 -6.70 -74.72 -9.43
CA ILE S 143 -7.34 -75.26 -8.24
C ILE S 143 -7.08 -74.37 -7.05
N GLU S 144 -5.80 -74.15 -6.73
CA GLU S 144 -5.42 -73.34 -5.59
C GLU S 144 -6.08 -71.97 -5.64
N MET S 145 -5.99 -71.31 -6.78
CA MET S 145 -6.61 -70.00 -6.94
C MET S 145 -8.10 -70.04 -6.67
N ALA S 146 -8.76 -71.09 -7.15
CA ALA S 146 -10.19 -71.27 -6.89
C ALA S 146 -10.44 -71.34 -5.40
N HIS S 147 -9.72 -72.24 -4.73
CA HIS S 147 -9.89 -72.44 -3.30
C HIS S 147 -9.51 -71.21 -2.48
N LEU S 148 -8.86 -70.25 -3.12
CA LEU S 148 -8.62 -68.96 -2.48
C LEU S 148 -9.92 -68.32 -2.96
N SER S 149 -10.96 -68.47 -2.14
CA SER S 149 -12.14 -67.62 -2.08
C SER S 149 -12.82 -66.71 -1.07
N LYS S 150 -12.27 -66.66 0.14
CA LYS S 150 -12.78 -65.76 1.18
C LYS S 150 -12.84 -64.27 0.83
N HIS S 151 -11.86 -63.79 0.09
CA HIS S 151 -11.78 -62.37 -0.27
C HIS S 151 -12.80 -61.97 -1.33
N TRP S 152 -13.81 -61.21 -0.90
CA TRP S 152 -14.72 -60.55 -1.83
C TRP S 152 -15.63 -59.56 -1.10
N ALA S 153 -15.41 -58.27 -1.33
CA ALA S 153 -16.20 -57.21 -0.72
C ALA S 153 -16.34 -56.01 -1.65
N VAL T 2 5.45 -30.01 2.63
CA VAL T 2 4.24 -29.70 3.38
C VAL T 2 3.46 -30.97 3.70
N PHE T 3 3.73 -32.04 2.95
CA PHE T 3 3.00 -33.30 3.11
C PHE T 3 3.91 -34.52 3.17
N GLU T 4 4.62 -34.69 4.28
CA GLU T 4 5.48 -35.87 4.46
C GLU T 4 4.70 -37.02 5.11
N GLY T 5 5.20 -38.24 4.97
CA GLY T 5 4.51 -39.39 5.51
C GLY T 5 5.16 -39.98 6.76
N HIS T 6 4.36 -40.09 7.81
CA HIS T 6 4.81 -40.65 9.08
C HIS T 6 5.43 -42.03 8.86
N LEU T 7 6.38 -42.43 9.72
CA LEU T 7 7.05 -43.71 9.55
C LEU T 7 6.82 -44.67 10.71
N VAL T 8 6.11 -44.22 11.73
CA VAL T 8 5.71 -45.08 12.84
C VAL T 8 4.31 -45.62 12.59
N GLY T 9 4.18 -46.94 12.56
CA GLY T 9 2.89 -47.55 12.27
C GLY T 9 2.38 -48.44 13.37
N THR T 10 2.44 -47.95 14.60
CA THR T 10 1.97 -48.72 15.75
C THR T 10 0.51 -49.12 15.59
N GLY T 11 -0.31 -48.23 15.05
CA GLY T 11 -1.73 -48.48 14.91
C GLY T 11 -2.15 -48.89 13.52
N LEU T 12 -1.21 -49.38 12.73
CA LEU T 12 -1.52 -49.77 11.36
C LEU T 12 -2.04 -51.20 11.28
N LYS T 13 -2.42 -51.61 10.07
CA LYS T 13 -3.09 -52.89 9.86
C LYS T 13 -2.82 -53.36 8.43
N VAL T 14 -1.68 -54.01 8.22
CA VAL T 14 -1.22 -54.35 6.87
C VAL T 14 -1.57 -55.78 6.45
N GLY T 15 -1.57 -56.01 5.14
CA GLY T 15 -1.80 -57.33 4.59
C GLY T 15 -0.96 -57.54 3.34
N VAL T 16 -0.28 -58.69 3.26
CA VAL T 16 0.63 -58.94 2.16
C VAL T 16 0.24 -60.17 1.33
N VAL T 17 0.66 -60.16 0.06
CA VAL T 17 0.45 -61.29 -0.84
C VAL T 17 1.79 -61.72 -1.44
N VAL T 18 2.27 -62.88 -1.03
CA VAL T 18 3.56 -63.40 -1.50
C VAL T 18 3.38 -64.56 -2.46
N GLY T 19 4.29 -64.67 -3.43
CA GLY T 19 4.23 -65.72 -4.42
C GLY T 19 5.05 -66.93 -4.01
N ARG T 20 4.44 -68.10 -4.06
CA ARG T 20 5.10 -69.33 -3.65
C ARG T 20 6.26 -69.69 -4.58
N PHE T 21 6.10 -69.42 -5.87
CA PHE T 21 7.15 -69.70 -6.83
C PHE T 21 8.41 -68.93 -6.47
N ASN T 22 9.54 -69.64 -6.49
CA ASN T 22 10.80 -69.08 -5.99
C ASN T 22 10.75 -68.87 -4.48
N GLU T 23 10.09 -69.79 -3.79
CA GLU T 23 9.97 -69.74 -2.34
C GLU T 23 11.32 -69.48 -1.69
N PHE T 24 12.36 -70.07 -2.25
CA PHE T 24 13.72 -69.94 -1.73
C PHE T 24 14.10 -68.47 -1.51
N ILE T 25 13.49 -67.59 -2.30
CA ILE T 25 13.77 -66.16 -2.20
C ILE T 25 12.64 -65.41 -1.51
N THR T 26 11.41 -65.67 -1.93
CA THR T 26 10.25 -64.99 -1.36
C THR T 26 10.11 -65.22 0.14
N SER T 27 10.65 -66.33 0.62
CA SER T 27 10.62 -66.64 2.05
C SER T 27 11.34 -65.56 2.86
N LYS T 28 12.64 -65.47 2.66
CA LYS T 28 13.45 -64.45 3.34
C LYS T 28 12.96 -63.06 2.98
N LEU T 29 12.24 -62.96 1.87
CA LEU T 29 11.72 -61.68 1.40
C LEU T 29 10.53 -61.26 2.25
N LEU T 30 9.75 -62.25 2.66
CA LEU T 30 8.56 -62.01 3.49
C LEU T 30 8.95 -61.74 4.93
N GLY T 31 9.85 -62.57 5.45
CA GLY T 31 10.33 -62.42 6.81
C GLY T 31 10.89 -61.05 7.07
N GLY T 32 11.46 -60.43 6.04
CA GLY T 32 12.00 -59.09 6.15
C GLY T 32 10.89 -58.05 6.22
N ALA T 33 9.81 -58.30 5.51
CA ALA T 33 8.66 -57.38 5.49
C ALA T 33 7.90 -57.45 6.80
N LEU T 34 7.72 -58.67 7.31
CA LEU T 34 7.06 -58.86 8.60
C LEU T 34 7.91 -58.24 9.69
N ASP T 35 9.19 -58.62 9.73
CA ASP T 35 10.13 -58.07 10.69
C ASP T 35 10.10 -56.54 10.68
N GLY T 36 9.96 -55.97 9.50
CA GLY T 36 9.92 -54.53 9.34
C GLY T 36 8.67 -53.91 9.95
N LEU T 37 7.52 -54.34 9.50
CA LEU T 37 6.25 -53.87 10.04
C LEU T 37 6.20 -54.09 11.55
N LYS T 38 6.60 -55.29 11.98
CA LYS T 38 6.54 -55.67 13.38
C LYS T 38 7.38 -54.75 14.26
N ARG T 39 8.62 -54.52 13.85
CA ARG T 39 9.53 -53.68 14.63
C ARG T 39 9.33 -52.19 14.37
N HIS T 40 8.35 -51.85 13.54
CA HIS T 40 8.05 -50.45 13.28
C HIS T 40 6.79 -50.03 14.03
N GLY T 41 6.24 -50.94 14.82
CA GLY T 41 5.06 -50.66 15.60
C GLY T 41 3.88 -51.55 15.29
N VAL T 42 3.67 -51.83 14.01
CA VAL T 42 2.55 -52.66 13.58
C VAL T 42 2.40 -53.88 14.47
N GLU T 43 1.18 -54.13 14.94
CA GLU T 43 0.93 -55.26 15.80
C GLU T 43 1.16 -56.57 15.04
N GLU T 44 1.79 -57.53 15.70
CA GLU T 44 2.20 -58.77 15.05
C GLU T 44 1.04 -59.59 14.51
N ASN T 45 -0.18 -59.22 14.86
CA ASN T 45 -1.37 -59.94 14.41
C ASN T 45 -2.29 -59.10 13.52
N ASP T 46 -1.99 -57.81 13.41
CA ASP T 46 -2.69 -56.94 12.49
C ASP T 46 -2.15 -57.16 11.09
N ILE T 47 -1.46 -58.28 10.92
CA ILE T 47 -0.76 -58.57 9.67
C ILE T 47 -1.21 -59.91 9.07
N ASP T 48 -1.66 -59.88 7.82
CA ASP T 48 -2.12 -61.08 7.14
C ASP T 48 -1.29 -61.39 5.91
N VAL T 49 -1.15 -62.68 5.59
CA VAL T 49 -0.39 -63.10 4.44
C VAL T 49 -1.18 -64.06 3.55
N ALA T 50 -1.21 -63.76 2.25
CA ALA T 50 -1.90 -64.60 1.29
C ALA T 50 -0.93 -65.20 0.29
N TRP T 51 -0.80 -66.52 0.31
CA TRP T 51 0.12 -67.21 -0.60
C TRP T 51 -0.53 -67.54 -1.94
N VAL T 52 0.01 -66.96 -3.01
CA VAL T 52 -0.48 -67.21 -4.35
C VAL T 52 0.50 -68.13 -5.09
N PRO T 53 -0.01 -68.78 -6.16
CA PRO T 53 0.83 -69.68 -6.94
C PRO T 53 2.16 -69.04 -7.38
N GLY T 54 2.10 -67.81 -7.90
CA GLY T 54 3.28 -67.13 -8.35
C GLY T 54 2.94 -65.66 -8.61
N ALA T 55 3.93 -64.86 -9.06
CA ALA T 55 3.70 -63.45 -9.30
C ALA T 55 2.51 -63.20 -10.25
N PHE T 56 2.34 -63.95 -11.31
CA PHE T 56 1.22 -63.59 -12.16
C PHE T 56 -0.10 -63.52 -11.39
N GLU T 57 -0.26 -64.33 -10.38
CA GLU T 57 -1.50 -64.39 -9.63
C GLU T 57 -1.68 -63.27 -8.60
N ILE T 58 -0.61 -62.54 -8.29
CA ILE T 58 -0.56 -61.44 -7.25
C ILE T 58 -1.38 -60.17 -7.42
N PRO T 59 -1.72 -59.88 -8.65
CA PRO T 59 -2.65 -58.78 -8.91
C PRO T 59 -4.10 -59.10 -8.50
N LEU T 60 -4.54 -60.33 -8.75
CA LEU T 60 -5.92 -60.71 -8.46
C LEU T 60 -6.22 -60.72 -6.96
N ILE T 61 -5.38 -61.38 -6.18
CA ILE T 61 -5.60 -61.51 -4.75
C ILE T 61 -5.22 -60.25 -3.97
N ALA T 62 -4.37 -59.42 -4.56
CA ALA T 62 -4.04 -58.13 -3.96
C ALA T 62 -5.25 -57.22 -4.04
N LYS T 63 -5.99 -57.32 -5.14
CA LYS T 63 -7.23 -56.58 -5.32
C LYS T 63 -8.30 -57.07 -4.37
N LYS T 64 -8.25 -58.36 -4.05
CA LYS T 64 -9.23 -58.97 -3.15
C LYS T 64 -8.95 -58.63 -1.69
N MET T 65 -7.76 -58.11 -1.42
CA MET T 65 -7.39 -57.71 -0.07
C MET T 65 -7.49 -56.20 0.11
N ALA T 66 -7.45 -55.48 -1.00
CA ALA T 66 -7.63 -54.03 -0.96
C ALA T 66 -9.12 -53.71 -0.92
N ASN T 67 -9.90 -54.47 -1.69
CA ASN T 67 -11.34 -54.30 -1.73
C ASN T 67 -12.03 -54.90 -0.51
N SER T 68 -11.29 -55.65 0.28
CA SER T 68 -11.82 -56.23 1.51
C SER T 68 -11.94 -55.16 2.59
N GLY T 69 -11.31 -54.01 2.35
CA GLY T 69 -11.39 -52.88 3.26
C GLY T 69 -11.07 -53.22 4.70
N LYS T 70 -10.01 -54.01 4.89
CA LYS T 70 -9.61 -54.46 6.22
C LYS T 70 -8.21 -53.97 6.56
N TYR T 71 -7.45 -53.59 5.55
CA TYR T 71 -6.05 -53.24 5.74
C TYR T 71 -5.81 -51.75 5.51
N ASP T 72 -4.69 -51.24 6.00
CA ASP T 72 -4.29 -49.84 5.81
C ASP T 72 -3.31 -49.75 4.66
N ALA T 73 -2.87 -50.91 4.19
CA ALA T 73 -1.92 -50.99 3.09
C ALA T 73 -1.73 -52.45 2.71
N VAL T 74 -1.38 -52.70 1.45
CA VAL T 74 -1.14 -54.05 0.98
C VAL T 74 0.26 -54.13 0.39
N ILE T 75 1.01 -55.15 0.81
CA ILE T 75 2.37 -55.35 0.31
C ILE T 75 2.44 -56.57 -0.61
N THR T 76 2.84 -56.34 -1.86
CA THR T 76 2.99 -57.44 -2.81
C THR T 76 4.44 -57.92 -2.88
N LEU T 77 4.65 -59.17 -2.48
CA LEU T 77 5.98 -59.78 -2.50
C LEU T 77 6.03 -60.95 -3.47
N GLY T 78 7.20 -61.17 -4.07
CA GLY T 78 7.39 -62.25 -5.00
C GLY T 78 8.74 -62.15 -5.67
N THR T 79 9.04 -63.11 -6.54
CA THR T 79 10.31 -63.11 -7.26
C THR T 79 10.17 -63.78 -8.63
N VAL T 80 10.71 -63.12 -9.65
CA VAL T 80 10.72 -63.65 -11.00
C VAL T 80 12.14 -63.59 -11.55
N ILE T 81 12.61 -64.68 -12.14
CA ILE T 81 13.97 -64.71 -12.67
C ILE T 81 14.00 -65.13 -14.14
N ARG T 82 14.90 -64.50 -14.90
CA ARG T 82 15.05 -64.75 -16.32
C ARG T 82 15.17 -66.22 -16.69
N GLY T 83 14.41 -66.63 -17.69
CA GLY T 83 14.50 -67.97 -18.21
C GLY T 83 15.08 -67.94 -19.61
N ALA T 84 14.80 -68.99 -20.40
CA ALA T 84 15.28 -69.07 -21.77
C ALA T 84 14.32 -68.36 -22.71
N THR T 85 13.06 -68.28 -22.29
CA THR T 85 12.03 -67.69 -23.12
C THR T 85 11.69 -66.27 -22.66
N THR T 86 10.92 -65.57 -23.48
CA THR T 86 10.48 -64.22 -23.15
C THR T 86 9.30 -64.23 -22.16
N HIS T 87 8.94 -65.44 -21.71
CA HIS T 87 7.88 -65.62 -20.73
C HIS T 87 8.10 -64.72 -19.51
N TYR T 88 9.35 -64.63 -19.09
CA TYR T 88 9.73 -63.82 -17.93
C TYR T 88 9.28 -62.37 -18.07
N ASP T 89 9.26 -61.87 -19.30
CA ASP T 89 8.94 -60.48 -19.56
C ASP T 89 7.46 -60.16 -19.32
N TYR T 90 6.60 -60.99 -19.87
CA TYR T 90 5.16 -60.78 -19.78
C TYR T 90 4.67 -60.94 -18.34
N VAL T 91 5.28 -61.88 -17.63
CA VAL T 91 4.97 -62.08 -16.21
C VAL T 91 5.33 -60.83 -15.41
N CYS T 92 6.60 -60.48 -15.43
CA CYS T 92 7.08 -59.30 -14.72
C CYS T 92 6.22 -58.08 -15.03
N ASN T 93 5.95 -57.86 -16.31
CA ASN T 93 5.17 -56.71 -16.74
C ASN T 93 3.78 -56.69 -16.13
N GLU T 94 3.02 -57.76 -16.34
CA GLU T 94 1.63 -57.81 -15.88
C GLU T 94 1.49 -57.73 -14.37
N VAL T 95 2.54 -58.13 -13.65
CA VAL T 95 2.54 -58.03 -12.20
C VAL T 95 2.58 -56.57 -11.78
N ALA T 96 3.61 -55.87 -12.25
CA ALA T 96 3.75 -54.44 -11.98
C ALA T 96 2.59 -53.67 -12.60
N LYS T 97 2.30 -53.98 -13.85
CA LYS T 97 1.19 -53.35 -14.55
C LYS T 97 -0.11 -53.49 -13.76
N GLY T 98 -0.30 -54.67 -13.17
CA GLY T 98 -1.48 -54.93 -12.36
C GLY T 98 -1.45 -54.22 -11.02
N VAL T 99 -0.37 -54.43 -10.27
CA VAL T 99 -0.23 -53.83 -8.95
C VAL T 99 -0.29 -52.30 -8.97
N ALA T 100 0.31 -51.69 -9.98
CA ALA T 100 0.32 -50.23 -10.10
C ALA T 100 -1.06 -49.71 -10.51
N SER T 101 -1.59 -50.28 -11.59
CA SER T 101 -2.89 -49.86 -12.11
C SER T 101 -4.02 -50.14 -11.12
N LEU T 102 -3.94 -51.29 -10.47
CA LEU T 102 -4.94 -51.64 -9.47
C LEU T 102 -4.51 -51.18 -8.08
N SER T 103 -3.92 -50.00 -8.04
CA SER T 103 -3.56 -49.33 -6.79
C SER T 103 -4.16 -47.92 -6.86
N LEU T 104 -4.70 -47.60 -8.03
CA LEU T 104 -5.37 -46.33 -8.27
C LEU T 104 -6.88 -46.58 -8.36
N GLN T 105 -7.23 -47.78 -8.83
CA GLN T 105 -8.61 -48.20 -8.92
C GLN T 105 -9.18 -48.43 -7.53
N THR T 106 -8.30 -48.47 -6.54
CA THR T 106 -8.69 -48.76 -5.16
C THR T 106 -8.27 -47.65 -4.20
N ASP T 107 -7.61 -46.62 -4.74
CA ASP T 107 -7.09 -45.50 -3.96
C ASP T 107 -6.62 -46.06 -2.61
N ILE T 108 -5.88 -47.14 -2.63
CA ILE T 108 -5.40 -47.79 -1.41
C ILE T 108 -3.93 -48.06 -1.73
N PRO T 109 -3.04 -47.67 -0.81
CA PRO T 109 -1.60 -47.91 -0.98
C PRO T 109 -1.31 -49.38 -1.21
N VAL T 110 -0.90 -49.72 -2.43
CA VAL T 110 -0.46 -51.08 -2.73
C VAL T 110 0.99 -51.06 -3.17
N ILE T 111 1.88 -51.37 -2.24
CA ILE T 111 3.31 -51.33 -2.51
C ILE T 111 3.76 -52.49 -3.40
N PHE T 112 4.50 -52.16 -4.45
CA PHE T 112 5.03 -53.17 -5.36
C PHE T 112 6.42 -53.61 -4.91
N GLY T 113 6.52 -54.84 -4.41
CA GLY T 113 7.78 -55.36 -3.93
C GLY T 113 8.10 -56.72 -4.51
N VAL T 114 7.96 -56.85 -5.83
CA VAL T 114 8.26 -58.10 -6.52
C VAL T 114 9.62 -58.02 -7.19
N LEU T 115 10.53 -58.91 -6.79
CA LEU T 115 11.85 -58.96 -7.39
C LEU T 115 11.79 -59.39 -8.85
N THR T 116 12.49 -58.65 -9.70
CA THR T 116 12.56 -58.97 -11.11
C THR T 116 14.01 -58.95 -11.57
N THR T 117 14.65 -60.11 -11.53
CA THR T 117 16.10 -60.22 -11.69
C THR T 117 16.52 -61.12 -12.84
N GLU T 118 17.83 -61.20 -13.05
CA GLU T 118 18.42 -62.00 -14.13
C GLU T 118 19.09 -63.25 -13.58
N THR T 119 19.64 -63.13 -12.37
CA THR T 119 20.39 -64.20 -11.74
C THR T 119 19.78 -64.60 -10.41
N ILE T 120 19.94 -65.87 -10.05
CA ILE T 120 19.55 -66.33 -8.72
C ILE T 120 20.36 -65.58 -7.69
N GLU T 121 21.57 -65.17 -8.10
CA GLU T 121 22.49 -64.45 -7.23
C GLU T 121 22.08 -63.00 -7.06
N GLN T 122 21.28 -62.50 -8.00
CA GLN T 122 20.76 -61.14 -7.91
C GLN T 122 19.55 -61.07 -6.98
N ALA T 123 18.77 -62.15 -6.96
CA ALA T 123 17.64 -62.25 -6.05
C ALA T 123 18.12 -62.31 -4.61
N ILE T 124 19.05 -63.23 -4.34
CA ILE T 124 19.66 -63.35 -3.03
C ILE T 124 20.32 -62.03 -2.65
N GLU T 125 20.94 -61.39 -3.64
CA GLU T 125 21.59 -60.11 -3.45
C GLU T 125 20.61 -59.11 -2.82
N ARG T 126 19.33 -59.25 -3.17
CA ARG T 126 18.31 -58.27 -2.76
C ARG T 126 17.29 -58.88 -1.83
N ALA T 127 17.59 -60.02 -1.24
CA ALA T 127 16.68 -60.65 -0.28
C ALA T 127 17.27 -60.68 1.14
N GLY T 128 18.10 -59.70 1.46
CA GLY T 128 18.74 -59.68 2.75
C GLY T 128 20.20 -60.03 2.54
N THR T 129 20.75 -59.43 1.50
CA THR T 129 22.17 -59.60 1.23
C THR T 129 22.69 -58.20 0.81
N LYS T 130 23.85 -58.12 0.11
CA LYS T 130 24.43 -56.82 -0.31
C LYS T 130 23.45 -55.66 -0.44
N ALA T 131 22.43 -55.81 -1.29
CA ALA T 131 21.46 -54.72 -1.49
C ALA T 131 20.49 -54.47 -0.32
N GLY T 132 20.40 -55.36 0.67
CA GLY T 132 19.45 -55.18 1.76
C GLY T 132 18.27 -56.14 1.58
N ASN T 133 17.12 -55.92 2.24
CA ASN T 133 15.97 -56.82 2.05
C ASN T 133 14.79 -56.06 1.44
N LYS T 134 14.54 -56.33 0.16
CA LYS T 134 13.46 -55.68 -0.58
C LYS T 134 12.13 -55.73 0.17
N GLY T 135 11.90 -56.83 0.88
CA GLY T 135 10.68 -57.00 1.64
C GLY T 135 10.56 -56.00 2.77
N TYR T 136 11.61 -55.93 3.60
CA TYR T 136 11.67 -54.97 4.69
C TYR T 136 11.47 -53.55 4.17
N GLU T 137 12.12 -53.24 3.06
CA GLU T 137 12.03 -51.92 2.45
C GLU T 137 10.62 -51.65 1.92
N SER T 138 9.87 -52.71 1.65
CA SER T 138 8.50 -52.58 1.16
C SER T 138 7.54 -52.27 2.29
N ALA T 139 7.84 -52.78 3.48
CA ALA T 139 7.02 -52.52 4.66
C ALA T 139 7.18 -51.07 5.12
N VAL T 140 8.42 -50.63 5.20
CA VAL T 140 8.74 -49.26 5.59
C VAL T 140 8.11 -48.28 4.60
N ALA T 141 7.81 -48.78 3.41
CA ALA T 141 7.16 -47.97 2.39
C ALA T 141 5.64 -48.02 2.57
N ALA T 142 5.14 -49.16 3.00
CA ALA T 142 3.71 -49.34 3.23
C ALA T 142 3.22 -48.47 4.38
N ILE T 143 4.03 -48.38 5.43
CA ILE T 143 3.70 -47.57 6.59
C ILE T 143 3.60 -46.10 6.21
N GLU T 144 4.56 -45.63 5.43
CA GLU T 144 4.58 -44.23 5.01
C GLU T 144 3.37 -43.91 4.15
N MET T 145 3.09 -44.77 3.17
CA MET T 145 1.94 -44.60 2.29
C MET T 145 0.65 -44.66 3.09
N ALA T 146 0.68 -45.42 4.18
CA ALA T 146 -0.50 -45.57 5.03
C ALA T 146 -0.83 -44.29 5.79
N HIS T 147 0.14 -43.39 5.95
CA HIS T 147 -0.05 -42.13 6.64
C HIS T 147 -0.37 -41.00 5.68
N LEU T 148 0.18 -41.10 4.49
CA LEU T 148 -0.05 -40.13 3.45
C LEU T 148 -1.23 -40.51 2.57
N SER T 149 -1.60 -41.81 2.43
CA SER T 149 -2.62 -42.19 1.40
C SER T 149 -3.94 -42.87 1.85
N LYS T 150 -3.93 -43.51 2.99
CA LYS T 150 -5.10 -44.21 3.46
C LYS T 150 -5.99 -43.34 4.32
N HIS T 151 -5.50 -42.85 5.42
CA HIS T 151 -6.37 -42.10 6.28
C HIS T 151 -6.35 -40.60 6.01
N TRP T 152 -5.57 -40.29 5.00
CA TRP T 152 -5.42 -38.96 4.45
C TRP T 152 -6.34 -38.96 3.21
N ALA T 153 -6.92 -37.84 2.79
CA ALA T 153 -7.80 -37.91 1.63
C ALA T 153 -7.64 -36.71 0.70
N VAL U 2 18.56 -126.43 -30.38
CA VAL U 2 18.11 -125.10 -30.77
C VAL U 2 16.86 -124.66 -29.99
N PHE U 3 16.82 -123.40 -29.59
CA PHE U 3 15.73 -122.89 -28.76
C PHE U 3 15.29 -121.48 -29.16
N GLU U 4 14.79 -121.32 -30.38
CA GLU U 4 14.27 -120.02 -30.80
C GLU U 4 12.95 -119.71 -30.11
N GLY U 5 12.42 -118.52 -30.33
CA GLY U 5 11.17 -118.10 -29.73
C GLY U 5 10.18 -117.53 -30.72
N HIS U 6 8.93 -118.00 -30.67
CA HIS U 6 7.87 -117.51 -31.54
C HIS U 6 7.80 -116.00 -31.55
N LEU U 7 7.08 -115.45 -32.54
CA LEU U 7 6.82 -114.01 -32.58
C LEU U 7 5.32 -113.74 -32.66
N VAL U 8 4.54 -114.82 -32.71
CA VAL U 8 3.09 -114.70 -32.69
C VAL U 8 2.59 -114.83 -31.27
N GLY U 9 1.99 -113.76 -30.75
CA GLY U 9 1.50 -113.73 -29.38
C GLY U 9 -0.01 -113.88 -29.29
N THR U 10 -0.55 -114.83 -30.06
CA THR U 10 -1.98 -115.04 -30.12
C THR U 10 -2.64 -115.08 -28.74
N GLY U 11 -2.09 -115.87 -27.83
CA GLY U 11 -2.70 -116.04 -26.52
C GLY U 11 -1.80 -115.67 -25.36
N LEU U 12 -1.27 -114.46 -25.40
CA LEU U 12 -0.39 -113.99 -24.34
C LEU U 12 -1.07 -112.93 -23.49
N LYS U 13 -0.53 -112.72 -22.28
CA LYS U 13 -1.03 -111.68 -21.38
C LYS U 13 0.12 -110.78 -20.95
N VAL U 14 0.18 -109.58 -21.53
CA VAL U 14 1.29 -108.67 -21.27
C VAL U 14 0.88 -107.51 -20.36
N GLY U 15 1.80 -107.11 -19.48
CA GLY U 15 1.58 -105.96 -18.62
C GLY U 15 2.67 -104.92 -18.81
N VAL U 16 2.25 -103.67 -19.00
CA VAL U 16 3.19 -102.58 -19.28
C VAL U 16 3.27 -101.58 -18.14
N VAL U 17 4.46 -101.05 -17.88
CA VAL U 17 4.67 -100.06 -16.84
C VAL U 17 5.37 -98.84 -17.42
N VAL U 18 4.64 -97.73 -17.52
CA VAL U 18 5.17 -96.51 -18.14
C VAL U 18 5.34 -95.37 -17.15
N GLY U 19 6.41 -94.59 -17.33
CA GLY U 19 6.67 -93.44 -16.49
C GLY U 19 6.14 -92.15 -17.11
N ARG U 20 5.46 -91.34 -16.30
CA ARG U 20 4.84 -90.11 -16.77
C ARG U 20 5.86 -89.06 -17.18
N PHE U 21 6.97 -88.98 -16.46
CA PHE U 21 8.00 -88.00 -16.78
C PHE U 21 8.40 -88.17 -18.23
N ASN U 22 8.46 -87.05 -18.95
CA ASN U 22 8.72 -87.09 -20.39
C ASN U 22 7.56 -87.75 -21.14
N GLU U 23 6.34 -87.47 -20.70
CA GLU U 23 5.15 -88.03 -21.33
C GLU U 23 5.15 -87.74 -22.82
N PHE U 24 5.75 -86.63 -23.20
CA PHE U 24 5.81 -86.21 -24.59
C PHE U 24 6.44 -87.33 -25.42
N ILE U 25 7.34 -88.09 -24.80
CA ILE U 25 8.03 -89.18 -25.47
C ILE U 25 7.42 -90.53 -25.13
N THR U 26 7.26 -90.79 -23.83
CA THR U 26 6.71 -92.06 -23.37
C THR U 26 5.30 -92.32 -23.90
N SER U 27 4.56 -91.25 -24.14
CA SER U 27 3.21 -91.37 -24.69
C SER U 27 3.25 -92.09 -26.03
N LYS U 28 3.88 -91.47 -27.02
CA LYS U 28 4.00 -92.05 -28.35
C LYS U 28 4.95 -93.25 -28.33
N LEU U 29 5.51 -93.53 -27.15
CA LEU U 29 6.39 -94.67 -26.95
C LEU U 29 5.59 -95.86 -26.46
N LEU U 30 4.50 -95.58 -25.77
CA LEU U 30 3.55 -96.60 -25.34
C LEU U 30 2.72 -97.05 -26.53
N GLY U 31 2.84 -96.31 -27.64
CA GLY U 31 2.21 -96.68 -28.90
C GLY U 31 2.88 -97.92 -29.45
N GLY U 32 3.84 -98.45 -28.71
CA GLY U 32 4.45 -99.72 -29.05
C GLY U 32 3.67 -100.85 -28.42
N ALA U 33 3.02 -100.56 -27.30
CA ALA U 33 2.09 -101.50 -26.69
C ALA U 33 1.09 -101.95 -27.74
N LEU U 34 0.04 -101.15 -27.92
CA LEU U 34 -0.90 -101.40 -29.00
C LEU U 34 -0.19 -101.10 -30.32
N ASP U 35 -0.85 -101.39 -31.44
CA ASP U 35 -0.21 -101.28 -32.75
C ASP U 35 1.17 -101.93 -32.69
N GLY U 36 1.30 -102.90 -31.77
CA GLY U 36 2.55 -103.63 -31.59
C GLY U 36 2.25 -105.01 -31.06
N LEU U 37 1.89 -105.07 -29.80
CA LEU U 37 1.42 -106.31 -29.20
C LEU U 37 0.15 -106.76 -29.92
N LYS U 38 -0.74 -105.81 -30.16
CA LYS U 38 -2.03 -106.09 -30.78
C LYS U 38 -1.88 -106.70 -32.18
N ARG U 39 -1.08 -106.04 -33.02
CA ARG U 39 -0.89 -106.46 -34.40
C ARG U 39 -0.14 -107.79 -34.48
N HIS U 40 0.46 -108.19 -33.37
CA HIS U 40 1.20 -109.46 -33.32
C HIS U 40 0.34 -110.59 -32.75
N GLY U 41 -0.90 -110.29 -32.39
CA GLY U 41 -1.81 -111.30 -31.92
C GLY U 41 -2.41 -111.04 -30.55
N VAL U 42 -1.58 -110.53 -29.64
CA VAL U 42 -2.01 -110.27 -28.27
C VAL U 42 -3.38 -109.60 -28.23
N GLU U 43 -4.24 -110.06 -27.33
CA GLU U 43 -5.60 -109.56 -27.23
C GLU U 43 -5.64 -108.15 -26.64
N GLU U 44 -6.51 -107.30 -27.19
CA GLU U 44 -6.71 -105.95 -26.71
C GLU U 44 -6.89 -105.90 -25.18
N ASN U 45 -7.63 -106.86 -24.67
CA ASN U 45 -7.98 -106.87 -23.25
C ASN U 45 -6.89 -107.47 -22.35
N ASP U 46 -6.05 -108.32 -22.92
CA ASP U 46 -5.00 -108.97 -22.14
C ASP U 46 -3.80 -108.07 -21.89
N ILE U 47 -3.97 -106.77 -22.11
CA ILE U 47 -2.90 -105.81 -21.92
C ILE U 47 -3.28 -104.75 -20.89
N ASP U 48 -2.54 -104.73 -19.77
CA ASP U 48 -2.74 -103.74 -18.73
C ASP U 48 -1.56 -102.77 -18.68
N VAL U 49 -1.84 -101.53 -18.27
CA VAL U 49 -0.81 -100.51 -18.21
C VAL U 49 -0.76 -99.80 -16.86
N ALA U 50 0.44 -99.67 -16.32
CA ALA U 50 0.65 -99.01 -15.04
C ALA U 50 1.46 -97.73 -15.20
N TRP U 51 0.88 -96.60 -14.80
CA TRP U 51 1.56 -95.32 -14.87
C TRP U 51 2.28 -94.99 -13.57
N VAL U 52 3.60 -94.87 -13.65
CA VAL U 52 4.39 -94.52 -12.47
C VAL U 52 4.90 -93.07 -12.61
N PRO U 53 5.28 -92.46 -11.48
CA PRO U 53 5.74 -91.04 -11.56
C PRO U 53 6.83 -90.73 -12.62
N GLY U 54 7.80 -91.63 -12.67
CA GLY U 54 8.92 -91.55 -13.55
C GLY U 54 9.72 -92.86 -13.46
N ALA U 55 10.77 -92.96 -14.29
CA ALA U 55 11.59 -94.14 -14.32
C ALA U 55 12.04 -94.63 -12.93
N PHE U 56 12.46 -93.77 -12.02
CA PHE U 56 12.92 -94.35 -10.79
C PHE U 56 11.88 -95.25 -10.13
N GLU U 57 10.61 -94.94 -10.25
CA GLU U 57 9.61 -95.75 -9.59
C GLU U 57 9.16 -97.00 -10.39
N ILE U 58 9.88 -97.36 -11.46
CA ILE U 58 9.53 -98.48 -12.41
C ILE U 58 9.98 -99.93 -12.04
N PRO U 59 11.00 -99.98 -11.20
CA PRO U 59 11.37 -101.27 -10.62
C PRO U 59 10.35 -101.80 -9.63
N LEU U 60 9.86 -100.94 -8.73
CA LEU U 60 8.92 -101.37 -7.69
C LEU U 60 7.60 -101.88 -8.27
N ILE U 61 6.97 -101.06 -9.11
CA ILE U 61 5.68 -101.40 -9.69
C ILE U 61 5.78 -102.47 -10.78
N ALA U 62 6.94 -102.53 -11.43
CA ALA U 62 7.19 -103.58 -12.41
C ALA U 62 7.30 -104.92 -11.70
N LYS U 63 7.67 -104.87 -10.42
CA LYS U 63 7.77 -106.07 -9.60
C LYS U 63 6.39 -106.56 -9.17
N LYS U 64 5.56 -105.64 -8.70
CA LYS U 64 4.21 -105.98 -8.24
C LYS U 64 3.26 -106.27 -9.40
N MET U 65 3.82 -106.49 -10.58
CA MET U 65 3.03 -106.86 -11.75
C MET U 65 3.47 -108.22 -12.28
N ALA U 66 4.76 -108.52 -12.15
CA ALA U 66 5.28 -109.82 -12.53
C ALA U 66 4.96 -110.83 -11.44
N ASN U 67 4.97 -110.37 -10.19
CA ASN U 67 4.69 -111.23 -9.05
C ASN U 67 3.21 -111.54 -8.88
N SER U 68 2.37 -110.78 -9.58
CA SER U 68 0.93 -111.03 -9.57
C SER U 68 0.61 -112.27 -10.41
N GLY U 69 1.61 -112.73 -11.16
CA GLY U 69 1.47 -113.94 -11.96
C GLY U 69 0.36 -113.89 -12.98
N LYS U 70 -0.09 -112.68 -13.32
CA LYS U 70 -1.18 -112.49 -14.27
C LYS U 70 -0.66 -112.31 -15.69
N TYR U 71 0.61 -111.94 -15.81
CA TYR U 71 1.19 -111.65 -17.12
C TYR U 71 2.30 -112.62 -17.49
N ASP U 72 2.38 -112.97 -18.76
CA ASP U 72 3.41 -113.85 -19.28
C ASP U 72 4.72 -113.09 -19.38
N ALA U 73 4.62 -111.78 -19.59
CA ALA U 73 5.79 -110.91 -19.68
C ALA U 73 5.42 -109.49 -19.31
N VAL U 74 6.37 -108.74 -18.77
CA VAL U 74 6.13 -107.36 -18.37
C VAL U 74 7.03 -106.42 -19.16
N ILE U 75 6.43 -105.51 -19.92
CA ILE U 75 7.19 -104.52 -20.66
C ILE U 75 7.34 -103.24 -19.85
N THR U 76 8.56 -102.72 -19.77
CA THR U 76 8.82 -101.52 -19.00
C THR U 76 9.21 -100.35 -19.90
N LEU U 77 8.41 -99.28 -19.86
CA LEU U 77 8.61 -98.13 -20.73
C LEU U 77 8.87 -96.85 -19.94
N GLY U 78 9.58 -95.92 -20.56
CA GLY U 78 9.90 -94.65 -19.93
C GLY U 78 10.95 -93.90 -20.72
N THR U 79 11.27 -92.68 -20.29
CA THR U 79 12.28 -91.88 -20.96
C THR U 79 13.04 -91.00 -19.97
N VAL U 80 14.36 -90.94 -20.13
CA VAL U 80 15.22 -90.11 -19.30
C VAL U 80 16.22 -89.36 -20.17
N ILE U 81 16.39 -88.07 -19.91
CA ILE U 81 17.27 -87.24 -20.72
C ILE U 81 18.27 -86.45 -19.87
N ARG U 82 19.50 -86.36 -20.37
CA ARG U 82 20.58 -85.67 -19.66
C ARG U 82 20.19 -84.29 -19.16
N GLY U 83 20.49 -84.04 -17.89
CA GLY U 83 20.30 -82.73 -17.31
C GLY U 83 21.63 -82.01 -17.18
N ALA U 84 21.74 -81.14 -16.17
CA ALA U 84 22.99 -80.46 -15.88
C ALA U 84 23.75 -81.21 -14.79
N THR U 85 23.01 -81.98 -13.99
CA THR U 85 23.61 -82.72 -12.89
C THR U 85 23.77 -84.19 -13.25
N THR U 86 24.57 -84.89 -12.45
CA THR U 86 24.78 -86.33 -12.64
C THR U 86 23.59 -87.14 -12.14
N HIS U 87 22.52 -86.43 -11.80
CA HIS U 87 21.29 -87.06 -11.34
C HIS U 87 20.77 -88.03 -12.39
N TYR U 88 20.93 -87.66 -13.66
CA TYR U 88 20.52 -88.49 -14.78
C TYR U 88 21.16 -89.87 -14.74
N ASP U 89 22.39 -89.93 -14.26
CA ASP U 89 23.15 -91.18 -14.25
C ASP U 89 22.61 -92.19 -13.24
N TYR U 90 22.43 -91.74 -11.99
CA TYR U 90 21.96 -92.62 -10.92
C TYR U 90 20.56 -93.14 -11.20
N VAL U 91 19.79 -92.37 -11.95
CA VAL U 91 18.44 -92.79 -12.32
C VAL U 91 18.49 -93.90 -13.35
N CYS U 92 19.08 -93.61 -14.50
CA CYS U 92 19.19 -94.59 -15.58
C CYS U 92 19.78 -95.89 -15.07
N ASN U 93 20.83 -95.79 -14.26
CA ASN U 93 21.47 -96.96 -13.68
C ASN U 93 20.46 -97.83 -12.92
N GLU U 94 19.79 -97.23 -11.93
CA GLU U 94 18.89 -97.99 -11.07
C GLU U 94 17.68 -98.57 -11.79
N VAL U 95 17.21 -97.85 -12.81
CA VAL U 95 16.10 -98.35 -13.63
C VAL U 95 16.52 -99.63 -14.32
N ALA U 96 17.66 -99.57 -15.00
CA ALA U 96 18.20 -100.73 -15.69
C ALA U 96 18.65 -101.80 -14.68
N LYS U 97 19.22 -101.34 -13.57
CA LYS U 97 19.69 -102.23 -12.52
C LYS U 97 18.51 -102.96 -11.89
N GLY U 98 17.38 -102.28 -11.80
CA GLY U 98 16.17 -102.87 -11.23
C GLY U 98 15.52 -103.84 -12.19
N VAL U 99 15.20 -103.37 -13.39
CA VAL U 99 14.53 -104.21 -14.39
C VAL U 99 15.31 -105.46 -14.73
N ALA U 100 16.64 -105.39 -14.66
CA ALA U 100 17.49 -106.54 -14.96
C ALA U 100 17.65 -107.46 -13.76
N SER U 101 18.37 -106.99 -12.76
CA SER U 101 18.64 -107.79 -11.56
C SER U 101 17.37 -108.33 -10.92
N LEU U 102 16.26 -107.64 -11.12
CA LEU U 102 14.98 -108.11 -10.62
C LEU U 102 14.08 -108.63 -11.73
N SER U 103 14.68 -109.42 -12.63
CA SER U 103 13.97 -110.14 -13.67
C SER U 103 14.42 -111.59 -13.58
N LEU U 104 15.45 -111.80 -12.76
CA LEU U 104 15.98 -113.13 -12.48
C LEU U 104 15.34 -113.69 -11.22
N GLN U 105 14.82 -112.79 -10.39
CA GLN U 105 14.17 -113.18 -9.14
C GLN U 105 12.69 -113.47 -9.37
N THR U 106 12.25 -113.35 -10.62
CA THR U 106 10.85 -113.58 -10.95
C THR U 106 10.69 -114.66 -12.02
N ASP U 107 11.77 -114.94 -12.74
CA ASP U 107 11.76 -115.93 -13.81
C ASP U 107 10.78 -115.55 -14.92
N ILE U 108 10.14 -114.40 -14.76
CA ILE U 108 9.22 -113.87 -15.77
C ILE U 108 9.90 -112.79 -16.59
N PRO U 109 9.90 -112.95 -17.93
CA PRO U 109 10.55 -112.00 -18.82
C PRO U 109 10.12 -110.56 -18.56
N VAL U 110 11.06 -109.71 -18.18
CA VAL U 110 10.80 -108.28 -18.02
C VAL U 110 11.66 -107.48 -19.00
N ILE U 111 11.06 -107.12 -20.14
CA ILE U 111 11.77 -106.40 -21.18
C ILE U 111 12.07 -104.96 -20.77
N PHE U 112 13.33 -104.55 -20.93
CA PHE U 112 13.76 -103.21 -20.59
C PHE U 112 13.64 -102.28 -21.79
N GLY U 113 12.62 -101.42 -21.78
CA GLY U 113 12.40 -100.49 -22.86
C GLY U 113 12.37 -99.05 -22.38
N VAL U 114 13.41 -98.66 -21.66
CA VAL U 114 13.54 -97.29 -21.15
C VAL U 114 14.57 -96.50 -21.94
N LEU U 115 14.09 -95.46 -22.63
CA LEU U 115 14.98 -94.58 -23.37
C LEU U 115 15.89 -93.82 -22.43
N THR U 116 17.19 -93.90 -22.69
CA THR U 116 18.17 -93.18 -21.91
C THR U 116 19.07 -92.39 -22.87
N THR U 117 18.70 -91.13 -23.10
CA THR U 117 19.31 -90.34 -24.15
C THR U 117 19.89 -89.02 -23.66
N GLU U 118 20.47 -88.28 -24.60
CA GLU U 118 21.17 -87.03 -24.31
C GLU U 118 20.40 -85.82 -24.80
N THR U 119 19.60 -86.03 -25.85
CA THR U 119 18.84 -84.94 -26.45
C THR U 119 17.35 -85.30 -26.50
N ILE U 120 16.51 -84.28 -26.46
CA ILE U 120 15.09 -84.46 -26.73
C ILE U 120 14.94 -85.01 -28.13
N GLU U 121 15.85 -84.60 -29.01
CA GLU U 121 15.84 -85.04 -30.40
C GLU U 121 16.14 -86.54 -30.52
N GLN U 122 17.05 -87.03 -29.68
CA GLN U 122 17.40 -88.45 -29.70
C GLN U 122 16.27 -89.31 -29.19
N ALA U 123 15.59 -88.83 -28.15
CA ALA U 123 14.42 -89.51 -27.62
C ALA U 123 13.34 -89.61 -28.69
N ILE U 124 13.18 -88.54 -29.46
CA ILE U 124 12.24 -88.53 -30.58
C ILE U 124 12.70 -89.47 -31.68
N GLU U 125 14.00 -89.53 -31.90
CA GLU U 125 14.57 -90.41 -32.91
C GLU U 125 14.21 -91.86 -32.61
N ARG U 126 13.95 -92.13 -31.34
CA ARG U 126 13.71 -93.50 -30.88
C ARG U 126 12.32 -93.69 -30.33
N ALA U 127 11.39 -92.88 -30.83
CA ALA U 127 10.00 -93.00 -30.39
C ALA U 127 9.06 -92.99 -31.58
N GLY U 128 9.58 -93.26 -32.73
CA GLY U 128 8.76 -93.27 -33.89
C GLY U 128 9.34 -92.34 -34.93
N THR U 129 10.64 -92.29 -35.00
CA THR U 129 11.21 -91.47 -36.07
C THR U 129 12.22 -92.27 -36.81
N LYS U 130 13.34 -91.67 -37.20
CA LYS U 130 14.25 -92.46 -38.07
C LYS U 130 14.93 -93.63 -37.36
N ALA U 131 14.62 -93.93 -36.09
CA ALA U 131 15.25 -95.11 -35.48
C ALA U 131 14.16 -96.16 -35.23
N GLY U 132 12.90 -95.69 -35.41
CA GLY U 132 11.73 -96.50 -35.21
C GLY U 132 11.22 -96.27 -33.79
N ASN U 133 10.21 -97.05 -33.38
CA ASN U 133 9.65 -96.92 -32.04
C ASN U 133 10.17 -98.01 -31.10
N LYS U 134 10.92 -97.59 -30.08
CA LYS U 134 11.54 -98.54 -29.16
C LYS U 134 10.52 -99.20 -28.23
N GLY U 135 9.27 -98.75 -28.32
CA GLY U 135 8.19 -99.35 -27.56
C GLY U 135 7.61 -100.53 -28.31
N TYR U 136 7.55 -100.40 -29.63
CA TYR U 136 7.07 -101.47 -30.49
C TYR U 136 8.09 -102.61 -30.52
N GLU U 137 9.37 -102.25 -30.51
CA GLU U 137 10.43 -103.24 -30.56
C GLU U 137 10.52 -104.00 -29.24
N SER U 138 10.25 -103.29 -28.14
CA SER U 138 10.31 -103.90 -26.81
C SER U 138 9.12 -104.81 -26.56
N ALA U 139 8.10 -104.70 -27.41
CA ALA U 139 6.94 -105.58 -27.34
C ALA U 139 7.23 -106.87 -28.09
N VAL U 140 7.76 -106.73 -29.31
CA VAL U 140 8.18 -107.88 -30.10
C VAL U 140 9.10 -108.77 -29.28
N ALA U 141 10.00 -108.13 -28.55
CA ALA U 141 10.92 -108.85 -27.67
C ALA U 141 10.17 -109.51 -26.51
N ALA U 142 9.18 -108.80 -25.99
CA ALA U 142 8.38 -109.32 -24.88
C ALA U 142 7.67 -110.60 -25.26
N ILE U 143 7.03 -110.60 -26.43
CA ILE U 143 6.35 -111.78 -26.93
C ILE U 143 7.31 -112.95 -27.06
N GLU U 144 8.39 -112.72 -27.80
CA GLU U 144 9.39 -113.76 -28.01
C GLU U 144 9.93 -114.34 -26.70
N MET U 145 10.19 -113.45 -25.74
CA MET U 145 10.73 -113.89 -24.45
C MET U 145 9.76 -114.79 -23.72
N ALA U 146 8.54 -114.30 -23.52
CA ALA U 146 7.51 -115.07 -22.84
C ALA U 146 7.26 -116.36 -23.61
N HIS U 147 7.39 -116.28 -24.93
CA HIS U 147 7.12 -117.41 -25.81
C HIS U 147 8.33 -118.35 -25.86
N LEU U 148 9.40 -117.98 -25.17
CA LEU U 148 10.62 -118.77 -25.17
C LEU U 148 10.82 -119.47 -23.84
N SER U 149 9.99 -119.12 -22.86
CA SER U 149 10.05 -119.77 -21.56
C SER U 149 9.31 -121.09 -21.57
N LYS U 150 9.88 -122.08 -22.26
CA LYS U 150 9.31 -123.42 -22.26
C LYS U 150 10.21 -124.42 -21.55
N HIS U 151 11.52 -124.27 -21.68
CA HIS U 151 12.45 -125.04 -20.87
C HIS U 151 12.57 -124.38 -19.51
N TRP U 152 11.41 -124.15 -18.89
CA TRP U 152 11.29 -123.41 -17.65
C TRP U 152 10.46 -124.23 -16.66
N ALA U 153 10.06 -123.62 -15.56
CA ALA U 153 9.23 -124.28 -14.55
C ALA U 153 9.99 -125.41 -13.85
N VAL V 2 48.22 -128.08 -6.66
CA VAL V 2 48.11 -127.39 -7.94
C VAL V 2 46.95 -127.92 -8.77
N PHE V 3 45.80 -127.24 -8.69
CA PHE V 3 44.60 -127.68 -9.37
C PHE V 3 44.37 -126.89 -10.66
N GLU V 4 44.74 -127.48 -11.80
CA GLU V 4 44.54 -126.86 -13.11
C GLU V 4 43.39 -127.52 -13.87
N GLY V 5 43.07 -126.99 -15.05
CA GLY V 5 41.95 -127.48 -15.83
C GLY V 5 42.31 -128.14 -17.15
N HIS V 6 41.62 -129.24 -17.45
CA HIS V 6 41.82 -129.99 -18.68
C HIS V 6 41.42 -129.13 -19.88
N LEU V 7 41.60 -129.65 -21.09
CA LEU V 7 41.23 -128.90 -22.29
C LEU V 7 40.61 -129.75 -23.41
N VAL V 8 40.67 -131.07 -23.25
CA VAL V 8 39.96 -131.95 -24.16
C VAL V 8 38.58 -132.26 -23.58
N GLY V 9 37.53 -132.01 -24.36
CA GLY V 9 36.18 -132.22 -23.88
C GLY V 9 35.45 -133.34 -24.59
N THR V 10 36.03 -134.53 -24.56
CA THR V 10 35.44 -135.69 -25.23
C THR V 10 33.97 -135.90 -24.84
N GLY V 11 33.70 -135.90 -23.54
CA GLY V 11 32.34 -136.11 -23.06
C GLY V 11 31.79 -134.92 -22.31
N LEU V 12 31.46 -133.86 -23.04
CA LEU V 12 30.96 -132.63 -22.43
C LEU V 12 29.55 -132.28 -22.87
N LYS V 13 28.84 -131.56 -22.00
CA LYS V 13 27.48 -131.14 -22.28
C LYS V 13 27.43 -129.62 -22.21
N VAL V 14 27.49 -128.97 -23.36
CA VAL V 14 27.58 -127.51 -23.39
C VAL V 14 26.31 -126.84 -23.90
N GLY V 15 25.95 -125.71 -23.30
CA GLY V 15 24.80 -124.94 -23.73
C GLY V 15 25.19 -123.51 -24.07
N VAL V 16 24.61 -122.98 -25.14
CA VAL V 16 24.97 -121.65 -25.62
C VAL V 16 23.76 -120.72 -25.76
N VAL V 17 23.92 -119.49 -25.28
CA VAL V 17 22.87 -118.49 -25.41
C VAL V 17 23.37 -117.33 -26.26
N VAL V 18 22.81 -117.19 -27.46
CA VAL V 18 23.25 -116.14 -28.39
C VAL V 18 22.20 -115.06 -28.61
N GLY V 19 22.62 -113.81 -28.59
CA GLY V 19 21.73 -112.69 -28.80
C GLY V 19 21.57 -112.42 -30.28
N ARG V 20 20.32 -112.27 -30.72
CA ARG V 20 20.03 -112.08 -32.14
C ARG V 20 20.45 -110.71 -32.66
N PHE V 21 20.33 -109.70 -31.81
CA PHE V 21 20.69 -108.34 -32.20
C PHE V 21 22.15 -108.29 -32.67
N ASN V 22 22.40 -107.56 -33.75
CA ASN V 22 23.71 -107.56 -34.38
C ASN V 22 24.08 -108.96 -34.87
N GLU V 23 23.08 -109.67 -35.37
CA GLU V 23 23.25 -111.04 -35.88
C GLU V 23 24.42 -111.13 -36.83
N PHE V 24 24.71 -110.03 -37.53
CA PHE V 24 25.80 -109.99 -38.49
C PHE V 24 27.12 -110.40 -37.83
N ILE V 25 27.26 -110.11 -36.54
CA ILE V 25 28.47 -110.44 -35.80
C ILE V 25 28.29 -111.70 -34.96
N THR V 26 27.22 -111.72 -34.18
CA THR V 26 26.94 -112.85 -33.30
C THR V 26 26.86 -114.15 -34.10
N SER V 27 26.51 -114.05 -35.37
CA SER V 27 26.45 -115.21 -36.23
C SER V 27 27.80 -115.90 -36.30
N LYS V 28 28.77 -115.22 -36.91
CA LYS V 28 30.13 -115.75 -37.00
C LYS V 28 30.68 -116.02 -35.61
N LEU V 29 30.18 -115.27 -34.63
CA LEU V 29 30.65 -115.41 -33.25
C LEU V 29 30.21 -116.74 -32.64
N LEU V 30 29.01 -117.19 -32.99
CA LEU V 30 28.52 -118.48 -32.55
C LEU V 30 29.25 -119.61 -33.27
N GLY V 31 29.40 -119.45 -34.58
CA GLY V 31 30.12 -120.43 -35.38
C GLY V 31 31.51 -120.68 -34.85
N GLY V 32 32.06 -119.70 -34.14
CA GLY V 32 33.38 -119.85 -33.53
C GLY V 32 33.36 -120.83 -32.38
N ALA V 33 32.34 -120.73 -31.54
CA ALA V 33 32.21 -121.63 -30.39
C ALA V 33 31.71 -123.00 -30.83
N LEU V 34 30.76 -122.99 -31.76
CA LEU V 34 30.12 -124.22 -32.21
C LEU V 34 31.05 -124.97 -33.17
N ASP V 35 32.26 -124.49 -33.33
CA ASP V 35 33.27 -125.15 -34.16
C ASP V 35 34.54 -125.36 -33.36
N GLY V 36 34.65 -124.66 -32.23
CA GLY V 36 35.74 -124.87 -31.31
C GLY V 36 35.40 -126.02 -30.39
N LEU V 37 34.13 -126.12 -30.05
CA LEU V 37 33.64 -127.23 -29.25
C LEU V 37 33.73 -128.51 -30.04
N LYS V 38 33.16 -128.51 -31.25
CA LYS V 38 33.17 -129.70 -32.10
C LYS V 38 34.57 -130.26 -32.27
N ARG V 39 35.51 -129.40 -32.67
CA ARG V 39 36.86 -129.83 -32.98
C ARG V 39 37.72 -130.11 -31.74
N HIS V 40 37.18 -129.78 -30.58
CA HIS V 40 37.83 -130.09 -29.32
C HIS V 40 37.29 -131.40 -28.79
N GLY V 41 36.53 -132.13 -29.58
CA GLY V 41 36.08 -133.40 -29.12
C GLY V 41 34.70 -133.36 -28.45
N VAL V 42 34.07 -132.18 -28.41
CA VAL V 42 32.74 -132.11 -27.86
C VAL V 42 31.81 -132.40 -29.01
N GLU V 43 30.86 -133.24 -28.74
CA GLU V 43 29.82 -133.68 -29.67
C GLU V 43 29.07 -132.56 -30.36
N GLU V 44 28.94 -132.70 -31.69
CA GLU V 44 28.20 -131.78 -32.52
C GLU V 44 26.71 -131.94 -32.23
N ASN V 45 26.35 -133.04 -31.61
CA ASN V 45 24.99 -133.33 -31.30
C ASN V 45 24.69 -133.10 -29.82
N ASP V 46 25.66 -132.62 -29.05
CA ASP V 46 25.47 -132.42 -27.62
C ASP V 46 25.60 -130.94 -27.26
N ILE V 47 25.18 -130.08 -28.19
CA ILE V 47 25.24 -128.64 -27.99
C ILE V 47 23.88 -128.01 -28.27
N ASP V 48 23.38 -127.26 -27.30
CA ASP V 48 22.12 -126.54 -27.47
C ASP V 48 22.35 -125.03 -27.57
N VAL V 49 21.63 -124.38 -28.50
CA VAL V 49 21.75 -122.94 -28.68
C VAL V 49 20.41 -122.25 -28.40
N ALA V 50 20.47 -121.19 -27.61
CA ALA V 50 19.28 -120.42 -27.25
C ALA V 50 19.36 -119.00 -27.76
N TRP V 51 18.53 -118.68 -28.75
CA TRP V 51 18.49 -117.35 -29.33
C TRP V 51 17.59 -116.41 -28.53
N VAL V 52 18.18 -115.37 -27.97
CA VAL V 52 17.44 -114.36 -27.25
C VAL V 52 17.37 -113.08 -28.09
N PRO V 53 16.38 -112.20 -27.78
CA PRO V 53 16.25 -110.97 -28.58
C PRO V 53 17.65 -110.33 -28.78
N GLY V 54 18.28 -109.96 -27.64
CA GLY V 54 19.61 -109.34 -27.54
C GLY V 54 20.26 -109.64 -26.15
N ALA V 55 21.45 -109.08 -25.97
CA ALA V 55 22.23 -109.26 -24.75
C ALA V 55 21.43 -109.03 -23.48
N PHE V 56 20.66 -107.94 -23.35
CA PHE V 56 19.98 -107.75 -22.09
C PHE V 56 19.16 -108.97 -21.66
N GLU V 57 18.69 -109.78 -22.58
CA GLU V 57 17.89 -110.93 -22.17
C GLU V 57 18.70 -112.17 -21.89
N ILE V 58 20.02 -112.11 -22.16
CA ILE V 58 20.97 -113.27 -21.99
C ILE V 58 21.25 -113.80 -20.55
N PRO V 59 21.10 -112.90 -19.59
CA PRO V 59 21.16 -113.35 -18.19
C PRO V 59 19.98 -114.23 -17.79
N LEU V 60 18.77 -113.88 -18.21
CA LEU V 60 17.59 -114.63 -17.84
C LEU V 60 17.59 -116.04 -18.41
N ILE V 61 17.72 -116.15 -19.73
CA ILE V 61 17.69 -117.44 -20.41
C ILE V 61 18.94 -118.28 -20.10
N ALA V 62 20.07 -117.62 -19.87
CA ALA V 62 21.28 -118.31 -19.48
C ALA V 62 21.11 -118.95 -18.11
N LYS V 63 20.28 -118.35 -17.28
CA LYS V 63 19.97 -118.87 -15.96
C LYS V 63 19.15 -120.15 -16.04
N LYS V 64 18.12 -120.14 -16.90
CA LYS V 64 17.23 -121.28 -17.04
C LYS V 64 17.87 -122.45 -17.80
N MET V 65 19.12 -122.26 -18.21
CA MET V 65 19.89 -123.34 -18.84
C MET V 65 20.87 -123.94 -17.84
N ALA V 66 21.44 -123.09 -16.99
CA ALA V 66 22.30 -123.55 -15.92
C ALA V 66 21.45 -124.23 -14.85
N ASN V 67 20.34 -123.60 -14.51
CA ASN V 67 19.38 -124.17 -13.57
C ASN V 67 18.72 -125.41 -14.17
N SER V 68 18.78 -125.51 -15.50
CA SER V 68 18.27 -126.68 -16.20
C SER V 68 19.04 -127.94 -15.78
N GLY V 69 20.23 -127.74 -15.25
CA GLY V 69 21.07 -128.85 -14.80
C GLY V 69 21.28 -129.88 -15.88
N LYS V 70 21.59 -129.43 -17.08
CA LYS V 70 21.79 -130.33 -18.22
C LYS V 70 23.14 -130.09 -18.88
N TYR V 71 23.80 -129.01 -18.48
CA TYR V 71 25.07 -128.62 -19.12
C TYR V 71 26.18 -128.47 -18.09
N ASP V 72 27.39 -128.86 -18.48
CA ASP V 72 28.57 -128.71 -17.63
C ASP V 72 28.98 -127.25 -17.58
N ALA V 73 28.69 -126.53 -18.66
CA ALA V 73 29.02 -125.12 -18.76
C ALA V 73 28.11 -124.45 -19.79
N VAL V 74 27.86 -123.17 -19.59
CA VAL V 74 27.04 -122.40 -20.53
C VAL V 74 27.83 -121.23 -21.10
N ILE V 75 27.83 -121.12 -22.42
CA ILE V 75 28.51 -120.04 -23.12
C ILE V 75 27.52 -118.96 -23.54
N THR V 76 27.84 -117.70 -23.23
CA THR V 76 26.98 -116.58 -23.60
C THR V 76 27.62 -115.75 -24.72
N LEU V 77 26.98 -115.78 -25.88
CA LEU V 77 27.47 -115.04 -27.05
C LEU V 77 26.54 -113.88 -27.39
N GLY V 78 27.13 -112.75 -27.75
CA GLY V 78 26.37 -111.57 -28.14
C GLY V 78 27.28 -110.46 -28.61
N THR V 79 26.67 -109.37 -29.11
CA THR V 79 27.44 -108.22 -29.54
C THR V 79 26.69 -106.91 -29.28
N VAL V 80 27.38 -105.96 -28.66
CA VAL V 80 26.82 -104.65 -28.36
C VAL V 80 27.78 -103.57 -28.84
N ILE V 81 27.28 -102.62 -29.61
CA ILE V 81 28.13 -101.57 -30.16
C ILE V 81 27.65 -100.18 -29.78
N ARG V 82 28.59 -99.30 -29.46
CA ARG V 82 28.30 -97.91 -29.09
C ARG V 82 27.25 -97.26 -29.97
N GLY V 83 26.37 -96.49 -29.34
CA GLY V 83 25.39 -95.70 -30.05
C GLY V 83 25.66 -94.24 -29.82
N ALA V 84 24.60 -93.43 -29.86
CA ALA V 84 24.71 -92.00 -29.57
C ALA V 84 24.35 -91.73 -28.11
N THR V 85 23.68 -92.69 -27.48
CA THR V 85 23.23 -92.54 -26.10
C THR V 85 23.98 -93.47 -25.16
N THR V 86 23.82 -93.22 -23.87
CA THR V 86 24.46 -94.04 -22.84
C THR V 86 23.73 -95.36 -22.66
N HIS V 87 22.75 -95.60 -23.53
CA HIS V 87 21.99 -96.84 -23.51
C HIS V 87 22.94 -98.04 -23.61
N TYR V 88 23.99 -97.87 -24.39
CA TYR V 88 24.99 -98.90 -24.61
C TYR V 88 25.65 -99.35 -23.30
N ASP V 89 25.84 -98.40 -22.39
CA ASP V 89 26.55 -98.68 -21.14
C ASP V 89 25.75 -99.58 -20.20
N TYR V 90 24.48 -99.24 -20.00
CA TYR V 90 23.62 -99.99 -19.09
C TYR V 90 23.38 -101.41 -19.59
N VAL V 91 23.36 -101.56 -20.91
CA VAL V 91 23.22 -102.88 -21.51
C VAL V 91 24.45 -103.73 -21.23
N CYS V 92 25.61 -103.27 -21.71
CA CYS V 92 26.86 -103.97 -21.49
C CYS V 92 27.04 -104.33 -20.03
N ASN V 93 26.83 -103.35 -19.16
CA ASN V 93 26.97 -103.56 -17.72
C ASN V 93 26.13 -104.73 -17.23
N GLU V 94 24.82 -104.64 -17.44
CA GLU V 94 23.90 -105.64 -16.92
C GLU V 94 24.11 -107.03 -17.52
N VAL V 95 24.57 -107.10 -18.77
CA VAL V 95 24.92 -108.36 -19.39
C VAL V 95 26.14 -108.95 -18.67
N ALA V 96 27.22 -108.19 -18.64
CA ALA V 96 28.42 -108.60 -17.91
C ALA V 96 28.26 -108.40 -16.42
N LYS V 97 27.03 -108.56 -15.94
CA LYS V 97 26.74 -108.42 -14.51
C LYS V 97 25.84 -109.56 -14.02
N GLY V 98 24.79 -109.85 -14.79
CA GLY V 98 24.06 -111.09 -14.62
C GLY V 98 24.86 -112.31 -15.03
N VAL V 99 25.23 -112.38 -16.31
CA VAL V 99 26.14 -113.40 -16.80
C VAL V 99 27.36 -113.53 -15.90
N ALA V 100 27.69 -112.44 -15.21
CA ALA V 100 29.07 -111.99 -15.10
C ALA V 100 29.76 -112.58 -13.87
N SER V 101 29.22 -112.27 -12.69
CA SER V 101 29.48 -113.07 -11.50
C SER V 101 28.19 -113.40 -10.75
N LEU V 102 27.13 -112.66 -11.07
CA LEU V 102 25.79 -113.01 -10.63
C LEU V 102 25.59 -114.53 -10.68
N SER V 103 25.98 -115.14 -11.78
CA SER V 103 25.74 -116.56 -11.99
C SER V 103 26.77 -117.42 -11.31
N LEU V 104 26.98 -117.14 -10.02
CA LEU V 104 27.87 -117.96 -9.20
C LEU V 104 26.93 -118.79 -8.39
N GLN V 105 25.71 -118.30 -8.29
CA GLN V 105 24.73 -118.97 -7.48
C GLN V 105 24.53 -120.44 -7.84
N THR V 106 24.62 -120.75 -9.13
CA THR V 106 24.36 -122.11 -9.68
C THR V 106 25.53 -123.07 -9.50
N ASP V 107 26.67 -122.47 -9.54
CA ASP V 107 27.87 -123.20 -9.49
C ASP V 107 28.00 -124.03 -10.76
N ILE V 108 27.52 -123.49 -11.88
CA ILE V 108 27.71 -124.11 -13.17
C ILE V 108 28.57 -123.10 -13.91
N PRO V 109 29.62 -123.56 -14.61
CA PRO V 109 30.46 -122.54 -15.29
C PRO V 109 29.74 -121.67 -16.28
N VAL V 110 29.76 -120.32 -16.14
CA VAL V 110 29.11 -119.53 -17.18
C VAL V 110 30.14 -118.58 -17.79
N ILE V 111 30.53 -118.87 -19.03
CA ILE V 111 31.54 -118.09 -19.72
C ILE V 111 30.92 -116.85 -20.37
N PHE V 112 31.47 -115.69 -20.03
CA PHE V 112 31.01 -114.43 -20.62
C PHE V 112 31.72 -114.15 -21.93
N GLY V 113 31.02 -114.39 -23.04
CA GLY V 113 31.57 -114.15 -24.36
C GLY V 113 30.74 -113.17 -25.15
N VAL V 114 30.46 -112.02 -24.54
CA VAL V 114 29.67 -110.99 -25.20
C VAL V 114 30.58 -109.82 -25.62
N LEU V 115 30.67 -109.62 -26.93
CA LEU V 115 31.46 -108.53 -27.48
C LEU V 115 30.88 -107.18 -27.10
N THR V 116 31.73 -106.32 -26.54
CA THR V 116 31.31 -104.98 -26.16
C THR V 116 32.31 -103.98 -26.73
N THR V 117 32.00 -103.44 -27.91
CA THR V 117 32.98 -102.66 -28.67
C THR V 117 32.54 -101.24 -28.93
N GLU V 118 33.30 -100.55 -29.77
CA GLU V 118 33.04 -99.15 -30.11
C GLU V 118 32.67 -99.02 -31.58
N THR V 119 33.31 -99.84 -32.41
CA THR V 119 33.11 -99.78 -33.85
C THR V 119 32.52 -101.07 -34.38
N ILE V 120 31.77 -100.96 -35.46
CA ILE V 120 31.33 -102.14 -36.20
C ILE V 120 32.56 -102.85 -36.73
N GLU V 121 33.62 -102.07 -36.95
CA GLU V 121 34.88 -102.61 -37.44
C GLU V 121 35.66 -103.31 -36.33
N GLN V 122 35.42 -102.89 -35.09
CA GLN V 122 36.10 -103.52 -33.95
C GLN V 122 35.46 -104.87 -33.61
N ALA V 123 34.13 -104.89 -33.60
CA ALA V 123 33.40 -106.13 -33.38
C ALA V 123 33.76 -107.14 -34.47
N ILE V 124 33.93 -106.63 -35.68
CA ILE V 124 34.27 -107.48 -36.82
C ILE V 124 35.70 -107.99 -36.72
N GLU V 125 36.49 -107.37 -35.85
CA GLU V 125 37.87 -107.79 -35.62
C GLU V 125 37.91 -109.02 -34.73
N ARG V 126 37.00 -109.08 -33.76
CA ARG V 126 36.94 -110.20 -32.83
C ARG V 126 35.96 -111.27 -33.27
N ALA V 127 35.27 -111.01 -34.37
CA ALA V 127 34.28 -111.96 -34.89
C ALA V 127 34.89 -112.99 -35.83
N GLY V 128 36.20 -113.14 -35.75
CA GLY V 128 36.85 -114.05 -36.60
C GLY V 128 37.74 -113.28 -37.57
N THR V 129 38.50 -112.30 -37.08
CA THR V 129 39.45 -111.58 -37.95
C THR V 129 40.69 -111.32 -37.18
N LYS V 130 41.31 -110.19 -37.39
CA LYS V 130 42.57 -109.84 -36.74
C LYS V 130 42.75 -110.36 -35.29
N ALA V 131 41.82 -110.06 -34.39
CA ALA V 131 42.03 -110.50 -33.02
C ALA V 131 41.63 -111.97 -32.81
N GLY V 132 41.05 -112.62 -33.84
CA GLY V 132 40.61 -114.04 -33.74
C GLY V 132 39.09 -114.10 -33.43
N ASN V 133 38.53 -115.30 -33.32
CA ASN V 133 37.11 -115.43 -33.00
C ASN V 133 36.89 -115.62 -31.50
N LYS V 134 36.29 -114.62 -30.87
CA LYS V 134 36.09 -114.63 -29.41
C LYS V 134 35.03 -115.65 -28.99
N GLY V 135 34.36 -116.24 -29.96
CA GLY V 135 33.43 -117.33 -29.68
C GLY V 135 34.18 -118.63 -29.50
N TYR V 136 35.17 -118.85 -30.36
CA TYR V 136 36.04 -120.00 -30.25
C TYR V 136 36.77 -119.99 -28.91
N GLU V 137 37.29 -118.83 -28.54
CA GLU V 137 38.04 -118.68 -27.31
C GLU V 137 37.15 -118.87 -26.08
N SER V 138 35.89 -118.49 -26.21
CA SER V 138 34.94 -118.60 -25.09
C SER V 138 34.43 -120.02 -24.94
N ALA V 139 34.70 -120.86 -25.94
CA ALA V 139 34.35 -122.27 -25.88
C ALA V 139 35.49 -123.05 -25.23
N VAL V 140 36.72 -122.68 -25.59
CA VAL V 140 37.90 -123.27 -24.97
C VAL V 140 37.88 -123.00 -23.47
N ALA V 141 37.37 -121.83 -23.09
CA ALA V 141 37.25 -121.46 -21.68
C ALA V 141 36.16 -122.30 -21.00
N ALA V 142 35.13 -122.64 -21.76
CA ALA V 142 34.02 -123.44 -21.24
C ALA V 142 34.48 -124.85 -20.91
N ILE V 143 35.19 -125.47 -21.85
CA ILE V 143 35.72 -126.81 -21.65
C ILE V 143 36.63 -126.85 -20.43
N GLU V 144 37.52 -125.87 -20.34
CA GLU V 144 38.46 -125.80 -19.23
C GLU V 144 37.74 -125.63 -17.90
N MET V 145 36.84 -124.66 -17.83
CA MET V 145 36.07 -124.44 -16.63
C MET V 145 35.32 -125.69 -16.20
N ALA V 146 34.70 -126.35 -17.18
CA ALA V 146 33.96 -127.59 -16.92
C ALA V 146 34.87 -128.60 -16.23
N HIS V 147 36.06 -128.79 -16.78
CA HIS V 147 37.02 -129.73 -16.23
C HIS V 147 37.70 -129.19 -14.97
N LEU V 148 36.94 -128.56 -14.11
CA LEU V 148 37.42 -128.10 -12.82
C LEU V 148 36.36 -128.49 -11.79
N SER V 149 36.67 -129.58 -11.05
CA SER V 149 35.72 -130.21 -10.13
C SER V 149 36.07 -130.40 -8.63
N LYS V 150 35.49 -129.44 -7.95
CA LYS V 150 35.40 -129.33 -6.54
C LYS V 150 33.87 -129.05 -6.51
N HIS V 151 33.16 -129.53 -5.50
CA HIS V 151 31.73 -129.30 -5.39
C HIS V 151 31.40 -128.91 -4.00
N TRP V 152 30.53 -127.95 -3.88
CA TRP V 152 30.21 -127.54 -2.54
C TRP V 152 29.13 -128.41 -1.97
N ALA V 153 29.36 -128.84 -0.73
CA ALA V 153 28.42 -129.70 -0.01
C ALA V 153 28.83 -129.83 1.46
N VAL W 2 42.18 -103.06 20.99
CA VAL W 2 43.06 -102.96 19.83
C VAL W 2 43.33 -104.34 19.22
N PHE W 3 43.21 -104.45 17.90
CA PHE W 3 43.30 -105.74 17.22
C PHE W 3 44.15 -105.73 15.95
N GLU W 4 45.47 -105.73 16.12
CA GLU W 4 46.38 -105.80 14.98
C GLU W 4 46.42 -107.22 14.41
N GLY W 5 46.97 -107.37 13.22
CA GLY W 5 47.06 -108.67 12.58
C GLY W 5 48.48 -109.20 12.48
N HIS W 6 48.67 -110.44 12.94
CA HIS W 6 49.96 -111.10 12.92
C HIS W 6 50.52 -111.14 11.50
N LEU W 7 51.83 -111.34 11.37
CA LEU W 7 52.45 -111.36 10.04
C LEU W 7 53.29 -112.62 9.80
N VAL W 8 53.55 -113.38 10.85
CA VAL W 8 54.26 -114.64 10.70
C VAL W 8 53.25 -115.77 10.54
N GLY W 9 53.17 -116.32 9.33
CA GLY W 9 52.19 -117.35 9.04
C GLY W 9 52.78 -118.75 8.93
N THR W 10 53.38 -119.22 10.02
CA THR W 10 53.96 -120.55 10.04
C THR W 10 52.93 -121.62 9.73
N GLY W 11 51.92 -121.73 10.59
CA GLY W 11 50.91 -122.77 10.43
C GLY W 11 49.68 -122.32 9.65
N LEU W 12 49.89 -121.96 8.39
CA LEU W 12 48.79 -121.47 7.56
C LEU W 12 48.60 -122.31 6.31
N LYS W 13 47.34 -122.44 5.89
CA LYS W 13 47.01 -123.04 4.61
C LYS W 13 46.46 -121.95 3.69
N VAL W 14 47.14 -121.71 2.57
CA VAL W 14 46.71 -120.67 1.64
C VAL W 14 46.29 -121.28 0.31
N GLY W 15 45.35 -120.63 -0.36
CA GLY W 15 44.92 -121.05 -1.68
C GLY W 15 44.98 -119.91 -2.67
N VAL W 16 45.54 -120.17 -3.84
CA VAL W 16 45.71 -119.13 -4.84
C VAL W 16 44.98 -119.43 -6.14
N VAL W 17 44.34 -118.42 -6.71
CA VAL W 17 43.66 -118.55 -7.99
C VAL W 17 44.23 -117.56 -8.99
N VAL W 18 44.97 -118.08 -9.98
CA VAL W 18 45.64 -117.22 -10.95
C VAL W 18 45.03 -117.34 -12.33
N GLY W 19 44.99 -116.21 -13.04
CA GLY W 19 44.44 -116.17 -14.39
C GLY W 19 45.50 -116.43 -15.44
N ARG W 20 45.17 -117.30 -16.40
CA ARG W 20 46.12 -117.70 -17.45
C ARG W 20 46.37 -116.57 -18.43
N PHE W 21 45.33 -115.78 -18.72
CA PHE W 21 45.47 -114.66 -19.63
C PHE W 21 46.50 -113.68 -19.09
N ASN W 22 47.31 -113.11 -19.97
CA ASN W 22 48.43 -112.27 -19.56
C ASN W 22 49.39 -113.06 -18.69
N GLU W 23 49.59 -114.32 -19.05
CA GLU W 23 50.46 -115.23 -18.31
C GLU W 23 51.85 -114.63 -18.14
N PHE W 24 52.27 -113.85 -19.13
CA PHE W 24 53.58 -113.20 -19.11
C PHE W 24 53.74 -112.37 -17.84
N ILE W 25 52.64 -111.82 -17.34
CA ILE W 25 52.68 -111.00 -16.13
C ILE W 25 52.25 -111.80 -14.91
N THR W 26 51.11 -112.47 -15.01
CA THR W 26 50.56 -113.25 -13.89
C THR W 26 51.55 -114.32 -13.42
N SER W 27 52.43 -114.74 -14.32
CA SER W 27 53.47 -115.72 -13.97
C SER W 27 54.33 -115.18 -12.82
N LYS W 28 55.07 -114.11 -13.10
CA LYS W 28 55.91 -113.48 -12.10
C LYS W 28 55.08 -112.96 -10.93
N LEU W 29 53.79 -112.76 -11.19
CA LEU W 29 52.87 -112.27 -10.17
C LEU W 29 52.59 -113.37 -9.17
N LEU W 30 52.54 -114.60 -9.66
CA LEU W 30 52.38 -115.77 -8.81
C LEU W 30 53.66 -116.01 -8.03
N GLY W 31 54.76 -115.43 -8.52
CA GLY W 31 56.03 -115.47 -7.81
C GLY W 31 55.90 -114.78 -6.47
N GLY W 32 54.72 -114.19 -6.21
CA GLY W 32 54.43 -113.58 -4.94
C GLY W 32 53.97 -114.62 -3.94
N ALA W 33 53.35 -115.69 -4.44
CA ALA W 33 53.01 -116.83 -3.61
C ALA W 33 54.28 -117.42 -3.03
N LEU W 34 55.05 -118.12 -3.85
CA LEU W 34 56.36 -118.59 -3.46
C LEU W 34 57.26 -117.37 -3.23
N ASP W 35 58.40 -117.58 -2.58
CA ASP W 35 59.28 -116.47 -2.21
C ASP W 35 58.47 -115.35 -1.55
N GLY W 36 57.30 -115.70 -1.03
CA GLY W 36 56.43 -114.73 -0.39
C GLY W 36 55.76 -115.34 0.83
N LEU W 37 54.90 -116.32 0.59
CA LEU W 37 54.32 -117.09 1.67
C LEU W 37 55.38 -117.99 2.29
N LYS W 38 56.31 -118.44 1.45
CA LYS W 38 57.41 -119.29 1.89
C LYS W 38 58.21 -118.63 3.01
N ARG W 39 58.78 -117.47 2.72
CA ARG W 39 59.66 -116.79 3.65
C ARG W 39 58.94 -116.25 4.88
N HIS W 40 57.60 -116.24 4.83
CA HIS W 40 56.84 -115.77 5.98
C HIS W 40 56.40 -116.90 6.90
N GLY W 41 56.82 -118.12 6.57
CA GLY W 41 56.58 -119.27 7.43
C GLY W 41 55.76 -120.39 6.80
N VAL W 42 54.89 -120.04 5.86
CA VAL W 42 54.00 -121.02 5.23
C VAL W 42 54.78 -122.20 4.63
N GLU W 43 54.25 -123.41 4.77
CA GLU W 43 54.92 -124.62 4.30
C GLU W 43 54.91 -124.80 2.77
N GLU W 44 56.12 -125.12 2.21
CA GLU W 44 56.38 -125.33 0.79
C GLU W 44 55.40 -126.32 0.25
N ASN W 45 54.73 -125.86 -0.80
CA ASN W 45 53.60 -126.48 -1.46
C ASN W 45 52.73 -127.15 -0.38
N ASP W 46 52.08 -126.24 0.36
CA ASP W 46 51.07 -126.46 1.40
C ASP W 46 50.09 -125.41 1.03
N ILE W 47 50.36 -124.97 -0.16
CA ILE W 47 49.62 -123.94 -0.82
C ILE W 47 49.18 -124.47 -2.17
N ASP W 48 47.91 -124.30 -2.50
CA ASP W 48 47.38 -124.77 -3.78
C ASP W 48 47.14 -123.63 -4.76
N VAL W 49 47.43 -123.89 -6.04
CA VAL W 49 47.25 -122.91 -7.09
C VAL W 49 46.22 -123.36 -8.11
N ALA W 50 45.25 -122.50 -8.37
CA ALA W 50 44.19 -122.81 -9.33
C ALA W 50 44.28 -121.90 -10.55
N TRP W 51 44.53 -122.51 -11.72
CA TRP W 51 44.62 -121.75 -12.96
C TRP W 51 43.27 -121.66 -13.66
N VAL W 52 42.81 -120.43 -13.85
CA VAL W 52 41.55 -120.20 -14.54
C VAL W 52 41.82 -119.39 -15.81
N PRO W 53 41.00 -119.64 -16.86
CA PRO W 53 41.16 -118.99 -18.16
C PRO W 53 41.41 -117.49 -18.08
N GLY W 54 40.36 -116.73 -17.80
CA GLY W 54 40.48 -115.29 -17.71
C GLY W 54 40.29 -114.77 -16.30
N ALA W 55 40.66 -113.51 -16.07
CA ALA W 55 40.48 -112.88 -14.77
C ALA W 55 39.01 -112.91 -14.39
N PHE W 56 38.16 -113.04 -15.40
CA PHE W 56 36.71 -113.06 -15.22
C PHE W 56 36.25 -114.34 -14.53
N GLU W 57 37.02 -115.41 -14.70
CA GLU W 57 36.65 -116.72 -14.16
C GLU W 57 37.17 -116.91 -12.74
N ILE W 58 37.97 -115.95 -12.29
CA ILE W 58 38.56 -116.03 -10.95
C ILE W 58 37.52 -116.14 -9.83
N PRO W 59 36.55 -115.21 -9.80
CA PRO W 59 35.54 -115.21 -8.73
C PRO W 59 34.91 -116.58 -8.50
N LEU W 60 34.53 -117.26 -9.56
CA LEU W 60 33.87 -118.57 -9.43
C LEU W 60 34.74 -119.60 -8.72
N ILE W 61 35.97 -119.76 -9.20
CA ILE W 61 36.87 -120.76 -8.64
C ILE W 61 37.50 -120.32 -7.32
N ALA W 62 37.64 -119.00 -7.14
CA ALA W 62 38.09 -118.48 -5.86
C ALA W 62 37.08 -118.87 -4.79
N LYS W 63 35.83 -118.99 -5.20
CA LYS W 63 34.77 -119.44 -4.31
C LYS W 63 34.92 -120.92 -3.99
N LYS W 64 34.83 -121.77 -5.02
CA LYS W 64 34.87 -123.22 -4.83
C LYS W 64 36.20 -123.72 -4.27
N MET W 65 36.97 -122.82 -3.70
CA MET W 65 38.16 -123.17 -2.94
C MET W 65 37.98 -122.78 -1.49
N ALA W 66 37.75 -121.50 -1.26
CA ALA W 66 37.49 -120.99 0.08
C ALA W 66 36.10 -121.41 0.57
N ASN W 67 35.25 -121.83 -0.37
CA ASN W 67 33.87 -122.17 -0.05
C ASN W 67 33.79 -123.19 1.07
N SER W 68 34.58 -124.24 0.97
CA SER W 68 34.67 -125.22 2.05
C SER W 68 36.10 -125.26 2.60
N GLY W 69 36.21 -125.22 3.92
CA GLY W 69 37.49 -125.14 4.59
C GLY W 69 38.60 -126.00 4.02
N LYS W 70 39.55 -125.36 3.35
CA LYS W 70 40.75 -126.03 2.86
C LYS W 70 41.92 -125.11 3.20
N TYR W 71 41.63 -123.81 3.26
CA TYR W 71 42.65 -122.80 3.49
C TYR W 71 42.15 -121.75 4.48
N ASP W 72 43.10 -121.07 5.13
CA ASP W 72 42.77 -120.01 6.08
C ASP W 72 42.56 -118.68 5.35
N ALA W 73 43.01 -118.63 4.09
CA ALA W 73 42.84 -117.45 3.27
C ALA W 73 43.13 -117.78 1.82
N VAL W 74 42.40 -117.15 0.91
CA VAL W 74 42.57 -117.37 -0.53
C VAL W 74 43.05 -116.11 -1.23
N ILE W 75 44.09 -116.25 -2.05
CA ILE W 75 44.64 -115.13 -2.80
C ILE W 75 44.24 -115.23 -4.27
N THR W 76 43.79 -114.10 -4.83
CA THR W 76 43.43 -114.05 -6.25
C THR W 76 44.46 -113.24 -7.05
N LEU W 77 45.09 -113.89 -8.02
CA LEU W 77 46.06 -113.24 -8.89
C LEU W 77 45.61 -113.25 -10.34
N GLY W 78 45.95 -112.18 -11.06
CA GLY W 78 45.60 -112.06 -12.46
C GLY W 78 46.01 -110.70 -12.99
N THR W 79 45.86 -110.50 -14.29
CA THR W 79 46.19 -109.22 -14.91
C THR W 79 45.19 -108.86 -16.01
N VAL W 80 44.86 -107.58 -16.08
CA VAL W 80 43.95 -107.07 -17.09
C VAL W 80 44.47 -105.75 -17.65
N ILE W 81 44.63 -105.67 -18.97
CA ILE W 81 45.18 -104.48 -19.60
C ILE W 81 44.20 -103.85 -20.58
N ARG W 82 44.14 -102.52 -20.57
CA ARG W 82 43.26 -101.76 -21.45
C ARG W 82 43.33 -102.17 -22.91
N GLY W 83 42.16 -102.33 -23.52
CA GLY W 83 42.08 -102.60 -24.95
C GLY W 83 41.44 -101.42 -25.66
N ALA W 84 40.97 -101.65 -26.87
CA ALA W 84 40.29 -100.60 -27.64
C ALA W 84 38.84 -100.47 -27.21
N THR W 85 38.29 -101.58 -26.71
CA THR W 85 36.89 -101.62 -26.30
C THR W 85 36.74 -101.41 -24.80
N THR W 86 35.51 -101.16 -24.35
CA THR W 86 35.22 -100.97 -22.94
C THR W 86 35.13 -102.33 -22.23
N HIS W 87 35.46 -103.39 -22.96
CA HIS W 87 35.47 -104.73 -22.40
C HIS W 87 36.36 -104.80 -21.17
N TYR W 88 37.47 -104.06 -21.20
CA TYR W 88 38.42 -104.00 -20.10
C TYR W 88 37.74 -103.62 -18.78
N ASP W 89 36.73 -102.77 -18.87
CA ASP W 89 36.07 -102.24 -17.68
C ASP W 89 35.17 -103.26 -17.02
N TYR W 90 34.32 -103.91 -17.82
CA TYR W 90 33.35 -104.87 -17.28
C TYR W 90 34.04 -106.08 -16.66
N VAL W 91 35.23 -106.40 -17.15
CA VAL W 91 36.02 -107.49 -16.59
C VAL W 91 36.61 -107.09 -15.25
N CYS W 92 37.43 -106.04 -15.24
CA CYS W 92 38.02 -105.52 -14.01
C CYS W 92 36.96 -105.37 -12.91
N ASN W 93 35.91 -104.63 -13.23
CA ASN W 93 34.83 -104.41 -12.29
C ASN W 93 34.34 -105.68 -11.62
N GLU W 94 33.87 -106.62 -12.44
CA GLU W 94 33.26 -107.84 -11.94
C GLU W 94 34.23 -108.75 -11.19
N VAL W 95 35.51 -108.66 -11.53
CA VAL W 95 36.54 -109.40 -10.81
C VAL W 95 36.62 -108.86 -9.39
N ALA W 96 36.85 -107.56 -9.28
CA ALA W 96 36.91 -106.88 -7.99
C ALA W 96 35.57 -107.04 -7.27
N LYS W 97 34.50 -106.90 -8.04
CA LYS W 97 33.15 -107.01 -7.51
C LYS W 97 32.95 -108.41 -6.91
N GLY W 98 33.34 -109.43 -7.66
CA GLY W 98 33.19 -110.81 -7.20
C GLY W 98 34.05 -111.12 -6.00
N VAL W 99 35.36 -110.94 -6.14
CA VAL W 99 36.30 -111.23 -5.07
C VAL W 99 35.96 -110.50 -3.76
N ALA W 100 35.47 -109.27 -3.87
CA ALA W 100 35.10 -108.48 -2.69
C ALA W 100 33.74 -108.90 -2.14
N SER W 101 32.70 -108.75 -2.94
CA SER W 101 31.34 -109.08 -2.52
C SER W 101 31.25 -110.51 -2.01
N LEU W 102 31.88 -111.44 -2.71
CA LEU W 102 31.87 -112.83 -2.28
C LEU W 102 33.12 -113.19 -1.47
N SER W 103 33.47 -112.30 -0.55
CA SER W 103 34.49 -112.54 0.45
C SER W 103 33.87 -112.27 1.82
N LEU W 104 32.64 -111.78 1.79
CA LEU W 104 31.87 -111.51 3.00
C LEU W 104 30.92 -112.67 3.26
N GLN W 105 30.42 -113.27 2.18
CA GLN W 105 29.49 -114.39 2.29
C GLN W 105 30.16 -115.61 2.91
N THR W 106 31.44 -115.83 2.55
CA THR W 106 32.22 -116.92 3.09
C THR W 106 32.72 -116.51 4.45
N ASP W 107 33.28 -115.32 4.56
CA ASP W 107 33.84 -114.92 5.82
C ASP W 107 35.25 -115.40 5.91
N ILE W 108 35.73 -116.07 4.87
CA ILE W 108 37.13 -116.50 4.83
C ILE W 108 37.85 -115.48 3.99
N PRO W 109 38.93 -115.00 4.58
CA PRO W 109 39.70 -113.94 3.94
C PRO W 109 40.04 -114.13 2.46
N VAL W 110 39.52 -113.30 1.57
CA VAL W 110 39.88 -113.42 0.15
C VAL W 110 40.55 -112.14 -0.34
N ILE W 111 41.87 -112.18 -0.45
CA ILE W 111 42.66 -111.01 -0.85
C ILE W 111 42.57 -110.77 -2.35
N PHE W 112 42.28 -109.54 -2.73
CA PHE W 112 42.17 -109.15 -4.14
C PHE W 112 43.50 -108.69 -4.68
N GLY W 113 44.11 -109.50 -5.53
CA GLY W 113 45.40 -109.17 -6.12
C GLY W 113 45.38 -109.27 -7.63
N VAL W 114 44.48 -108.53 -8.26
CA VAL W 114 44.36 -108.52 -9.72
C VAL W 114 44.83 -107.17 -10.29
N LEU W 115 45.90 -107.21 -11.08
CA LEU W 115 46.43 -106.01 -11.69
C LEU W 115 45.47 -105.44 -12.73
N THR W 116 45.23 -104.14 -12.63
CA THR W 116 44.36 -103.47 -13.58
C THR W 116 45.07 -102.25 -14.13
N THR W 117 45.78 -102.44 -15.23
CA THR W 117 46.66 -101.40 -15.77
C THR W 117 46.24 -100.88 -17.14
N GLU W 118 46.93 -99.84 -17.60
CA GLU W 118 46.70 -99.25 -18.90
C GLU W 118 47.75 -99.71 -19.89
N THR W 119 48.97 -99.91 -19.40
CA THR W 119 50.09 -100.30 -20.23
C THR W 119 50.62 -101.68 -19.85
N ILE W 120 51.19 -102.38 -20.82
CA ILE W 120 51.93 -103.60 -20.54
C ILE W 120 53.12 -103.23 -19.66
N GLU W 121 53.58 -101.99 -19.81
CA GLU W 121 54.72 -101.50 -19.05
C GLU W 121 54.33 -101.23 -17.60
N GLN W 122 53.04 -101.00 -17.36
CA GLN W 122 52.54 -100.75 -16.02
C GLN W 122 52.34 -102.07 -15.28
N ALA W 123 52.01 -103.12 -16.02
CA ALA W 123 51.90 -104.45 -15.45
C ALA W 123 53.26 -104.93 -14.98
N ILE W 124 54.24 -104.79 -15.86
CA ILE W 124 55.62 -105.12 -15.53
C ILE W 124 56.09 -104.23 -14.38
N GLU W 125 55.61 -103.00 -14.38
CA GLU W 125 55.96 -102.05 -13.35
C GLU W 125 55.55 -102.58 -11.97
N ARG W 126 54.48 -103.33 -11.92
CA ARG W 126 53.94 -103.85 -10.68
C ARG W 126 54.01 -105.37 -10.53
N ALA W 127 54.85 -106.00 -11.35
CA ALA W 127 55.02 -107.44 -11.28
C ALA W 127 56.43 -107.81 -10.87
N GLY W 128 57.06 -107.00 -10.08
CA GLY W 128 58.41 -107.32 -9.77
C GLY W 128 59.21 -106.15 -10.28
N THR W 129 58.58 -105.08 -10.75
CA THR W 129 59.46 -103.96 -11.07
C THR W 129 59.28 -102.84 -10.03
N LYS W 130 59.80 -101.66 -10.38
CA LYS W 130 59.83 -100.36 -9.63
C LYS W 130 58.86 -100.29 -8.46
N ALA W 131 57.63 -100.77 -8.64
CA ALA W 131 56.66 -100.71 -7.53
C ALA W 131 56.72 -101.95 -6.65
N GLY W 132 57.54 -102.94 -7.05
CA GLY W 132 57.63 -104.21 -6.37
C GLY W 132 56.69 -105.23 -7.01
N ASN W 133 56.47 -106.34 -6.31
CA ASN W 133 55.59 -107.40 -6.82
C ASN W 133 54.27 -107.45 -6.05
N LYS W 134 53.20 -107.04 -6.72
CA LYS W 134 51.89 -106.94 -6.07
C LYS W 134 51.30 -108.32 -5.77
N GLY W 135 52.09 -109.36 -6.03
CA GLY W 135 51.70 -110.71 -5.67
C GLY W 135 52.28 -111.05 -4.30
N TYR W 136 53.52 -110.66 -4.09
CA TYR W 136 54.18 -110.85 -2.81
C TYR W 136 53.49 -110.00 -1.74
N GLU W 137 52.90 -108.89 -2.17
CA GLU W 137 52.25 -107.96 -1.24
C GLU W 137 50.87 -108.48 -0.85
N SER W 138 50.21 -109.13 -1.79
CA SER W 138 48.88 -109.69 -1.53
C SER W 138 48.98 -110.96 -0.70
N ALA W 139 50.20 -111.49 -0.59
CA ALA W 139 50.46 -112.66 0.24
C ALA W 139 50.60 -112.23 1.69
N VAL W 140 51.37 -111.17 1.91
CA VAL W 140 51.50 -110.58 3.23
C VAL W 140 50.12 -110.23 3.78
N ALA W 141 49.29 -109.65 2.93
CA ALA W 141 47.93 -109.28 3.32
C ALA W 141 47.14 -110.53 3.70
N ALA W 142 47.31 -111.60 2.93
CA ALA W 142 46.59 -112.84 3.18
C ALA W 142 46.91 -113.41 4.55
N ILE W 143 48.20 -113.41 4.90
CA ILE W 143 48.62 -113.92 6.20
C ILE W 143 48.06 -113.07 7.33
N GLU W 144 48.17 -111.75 7.19
CA GLU W 144 47.67 -110.83 8.21
C GLU W 144 46.16 -110.97 8.42
N MET W 145 45.42 -111.07 7.33
CA MET W 145 43.97 -111.22 7.37
C MET W 145 43.58 -112.55 8.00
N ALA W 146 44.36 -113.59 7.69
CA ALA W 146 44.12 -114.91 8.27
C ALA W 146 44.23 -114.84 9.79
N HIS W 147 45.28 -114.17 10.26
CA HIS W 147 45.52 -114.03 11.70
C HIS W 147 44.56 -113.03 12.36
N LEU W 148 43.60 -112.53 11.60
CA LEU W 148 42.62 -111.60 12.15
C LEU W 148 41.25 -112.24 12.33
N SER W 149 41.11 -113.49 11.87
CA SER W 149 39.95 -114.29 12.24
C SER W 149 40.09 -114.55 13.74
N LYS W 150 39.52 -113.64 14.53
CA LYS W 150 39.89 -113.46 15.90
C LYS W 150 38.66 -113.12 16.72
N HIS W 151 37.69 -112.48 16.07
CA HIS W 151 36.50 -111.99 16.74
C HIS W 151 36.91 -110.99 17.82
N TRP W 152 35.96 -110.59 18.67
CA TRP W 152 36.19 -109.42 19.51
C TRP W 152 35.73 -109.56 20.98
N ALA W 153 36.36 -108.80 21.86
CA ALA W 153 36.05 -108.82 23.28
C ALA W 153 36.06 -107.42 23.87
N VAL X 2 8.90 -86.27 14.36
CA VAL X 2 10.30 -85.81 14.40
C VAL X 2 11.23 -86.81 15.09
N PHE X 3 12.41 -87.01 14.52
CA PHE X 3 13.37 -87.97 15.05
C PHE X 3 14.82 -87.51 14.91
N GLU X 4 15.23 -86.56 15.73
CA GLU X 4 16.61 -86.07 15.71
C GLU X 4 17.51 -86.99 16.53
N GLY X 5 18.81 -86.96 16.23
CA GLY X 5 19.77 -87.80 16.90
C GLY X 5 20.63 -87.08 17.93
N HIS X 6 20.69 -87.65 19.14
CA HIS X 6 21.49 -87.09 20.22
C HIS X 6 22.94 -86.98 19.79
N LEU X 7 23.74 -86.19 20.51
CA LEU X 7 25.14 -86.03 20.15
C LEU X 7 26.10 -86.20 21.33
N VAL X 8 25.56 -86.53 22.51
CA VAL X 8 26.39 -86.83 23.66
C VAL X 8 26.37 -88.33 23.93
N GLY X 9 27.43 -89.01 23.50
CA GLY X 9 27.51 -90.46 23.65
C GLY X 9 28.37 -90.92 24.81
N THR X 10 27.89 -90.70 26.03
CA THR X 10 28.66 -91.07 27.22
C THR X 10 28.66 -92.59 27.43
N GLY X 11 27.55 -93.24 27.13
CA GLY X 11 27.41 -94.66 27.37
C GLY X 11 27.55 -95.53 26.13
N LEU X 12 28.09 -94.94 25.06
CA LEU X 12 28.24 -95.66 23.80
C LEU X 12 29.47 -96.56 23.79
N LYS X 13 29.48 -97.52 22.87
CA LYS X 13 30.59 -98.46 22.74
C LYS X 13 30.98 -98.61 21.27
N VAL X 14 31.86 -97.73 20.79
CA VAL X 14 32.20 -97.68 19.38
C VAL X 14 33.40 -98.56 19.03
N GLY X 15 33.48 -98.95 17.76
CA GLY X 15 34.61 -99.70 17.24
C GLY X 15 35.02 -99.22 15.87
N VAL X 16 36.32 -99.11 15.64
CA VAL X 16 36.83 -98.60 14.37
C VAL X 16 37.69 -99.62 13.62
N VAL X 17 37.64 -99.56 12.28
CA VAL X 17 38.51 -100.36 11.43
C VAL X 17 39.34 -99.47 10.52
N VAL X 18 40.58 -99.21 10.89
CA VAL X 18 41.45 -98.34 10.12
C VAL X 18 42.37 -99.13 9.18
N GLY X 19 42.80 -98.48 8.10
CA GLY X 19 43.64 -99.11 7.11
C GLY X 19 45.09 -98.67 7.18
N ARG X 20 46.01 -99.63 7.09
CA ARG X 20 47.43 -99.34 7.21
C ARG X 20 47.99 -98.58 6.01
N PHE X 21 47.64 -99.02 4.81
CA PHE X 21 48.10 -98.35 3.60
C PHE X 21 47.79 -96.87 3.72
N ASN X 22 48.78 -96.02 3.40
CA ASN X 22 48.67 -94.58 3.60
C ASN X 22 48.51 -94.24 5.08
N GLU X 23 49.26 -94.94 5.93
CA GLU X 23 49.22 -94.71 7.36
C GLU X 23 49.53 -93.26 7.69
N PHE X 24 50.34 -92.63 6.84
CA PHE X 24 50.71 -91.24 7.03
C PHE X 24 49.47 -90.37 7.19
N ILE X 25 48.37 -90.79 6.54
CA ILE X 25 47.12 -90.05 6.59
C ILE X 25 46.13 -90.70 7.56
N THR X 26 45.95 -92.01 7.41
CA THR X 26 45.02 -92.75 8.26
C THR X 26 45.35 -92.59 9.73
N SER X 27 46.64 -92.42 10.04
CA SER X 27 47.09 -92.22 11.41
C SER X 27 46.38 -91.04 12.05
N LYS X 28 46.61 -89.84 11.50
CA LYS X 28 45.96 -88.63 11.99
C LYS X 28 44.45 -88.73 11.84
N LEU X 29 44.02 -89.64 10.97
CA LEU X 29 42.59 -89.81 10.69
C LEU X 29 41.91 -90.59 11.81
N LEU X 30 42.68 -91.46 12.46
CA LEU X 30 42.19 -92.21 13.60
C LEU X 30 42.23 -91.34 14.86
N GLY X 31 43.31 -90.56 14.99
CA GLY X 31 43.47 -89.63 16.09
C GLY X 31 42.31 -88.63 16.03
N GLY X 32 41.63 -88.59 14.90
CA GLY X 32 40.49 -87.73 14.71
C GLY X 32 39.27 -88.38 15.34
N ALA X 33 39.06 -89.65 15.00
CA ALA X 33 37.98 -90.41 15.59
C ALA X 33 38.05 -90.33 17.10
N LEU X 34 39.13 -90.78 17.72
CA LEU X 34 39.21 -90.87 19.22
C LEU X 34 39.31 -89.63 20.03
N ASP X 35 40.25 -88.80 19.69
CA ASP X 35 40.42 -87.66 20.57
C ASP X 35 39.12 -86.80 20.67
N GLY X 36 38.14 -87.05 19.73
CA GLY X 36 36.88 -86.36 19.60
C GLY X 36 35.69 -87.28 19.84
N LEU X 37 35.98 -88.57 19.80
CA LEU X 37 35.01 -89.59 20.13
C LEU X 37 35.01 -89.62 21.64
N LYS X 38 36.20 -89.42 22.21
CA LYS X 38 36.38 -89.40 23.65
C LYS X 38 35.77 -88.15 24.25
N ARG X 39 36.11 -87.00 23.68
CA ARG X 39 35.66 -85.71 24.21
C ARG X 39 34.17 -85.50 24.02
N HIS X 40 33.50 -86.45 23.36
CA HIS X 40 32.07 -86.38 23.21
C HIS X 40 31.34 -87.23 24.26
N GLY X 41 32.11 -87.82 25.16
CA GLY X 41 31.54 -88.59 26.26
C GLY X 41 31.99 -90.04 26.31
N VAL X 42 32.18 -90.65 25.14
CA VAL X 42 32.56 -92.06 25.06
C VAL X 42 33.75 -92.39 25.97
N GLU X 43 33.64 -93.51 26.68
CA GLU X 43 34.73 -93.97 27.52
C GLU X 43 35.82 -94.55 26.64
N GLU X 44 37.06 -94.14 26.88
CA GLU X 44 38.17 -94.56 26.01
C GLU X 44 38.41 -96.06 26.05
N ASN X 45 37.78 -96.74 27.00
CA ASN X 45 37.90 -98.19 27.12
C ASN X 45 36.80 -98.91 26.36
N ASP X 46 35.80 -98.16 25.89
CA ASP X 46 34.73 -98.71 25.08
C ASP X 46 35.05 -98.55 23.60
N ILE X 47 36.33 -98.36 23.29
CA ILE X 47 36.76 -98.16 21.90
C ILE X 47 37.79 -99.19 21.47
N ASP X 48 37.43 -99.98 20.46
CA ASP X 48 38.34 -100.97 19.90
C ASP X 48 38.77 -100.59 18.49
N VAL X 49 40.02 -100.92 18.15
CA VAL X 49 40.56 -100.60 16.84
C VAL X 49 41.00 -101.87 16.12
N ALA X 50 40.67 -101.96 14.84
CA ALA X 50 41.04 -103.11 14.03
C ALA X 50 41.86 -102.67 12.82
N TRP X 51 43.16 -102.92 12.86
CA TRP X 51 44.05 -102.56 11.76
C TRP X 51 44.01 -103.60 10.63
N VAL X 52 43.60 -103.15 9.45
CA VAL X 52 43.57 -104.00 8.26
C VAL X 52 44.60 -103.50 7.26
N PRO X 53 45.09 -104.41 6.41
CA PRO X 53 46.11 -104.08 5.41
C PRO X 53 45.70 -102.89 4.54
N GLY X 54 44.81 -103.13 3.59
CA GLY X 54 44.33 -102.08 2.71
C GLY X 54 42.88 -101.73 2.96
N ALA X 55 42.44 -100.61 2.39
CA ALA X 55 41.05 -100.18 2.53
C ALA X 55 40.09 -101.23 1.98
N PHE X 56 40.60 -102.08 1.09
CA PHE X 56 39.80 -103.12 0.46
C PHE X 56 39.36 -104.17 1.47
N GLU X 57 40.16 -104.38 2.50
CA GLU X 57 39.93 -105.42 3.48
C GLU X 57 39.00 -104.95 4.60
N ILE X 58 38.60 -103.68 4.54
CA ILE X 58 37.75 -103.09 5.56
C ILE X 58 36.38 -103.78 5.67
N PRO X 59 35.67 -103.92 4.54
CA PRO X 59 34.33 -104.52 4.57
C PRO X 59 34.25 -105.83 5.37
N LEU X 60 35.25 -106.69 5.21
CA LEU X 60 35.25 -107.98 5.87
C LEU X 60 35.32 -107.86 7.39
N ILE X 61 36.30 -107.10 7.87
CA ILE X 61 36.52 -106.94 9.30
C ILE X 61 35.53 -105.96 9.93
N ALA X 62 35.07 -104.98 9.16
CA ALA X 62 34.03 -104.07 9.62
C ALA X 62 32.77 -104.87 9.90
N LYS X 63 32.60 -105.97 9.15
CA LYS X 63 31.46 -106.87 9.36
C LYS X 63 31.62 -107.65 10.66
N LYS X 64 32.66 -108.47 10.73
CA LYS X 64 32.95 -109.25 11.93
C LYS X 64 32.78 -108.41 13.19
N MET X 65 33.15 -107.13 13.11
CA MET X 65 33.16 -106.25 14.28
C MET X 65 31.76 -105.72 14.60
N ALA X 66 31.13 -105.11 13.61
CA ALA X 66 29.79 -104.57 13.80
C ALA X 66 28.77 -105.70 13.98
N ASN X 67 29.26 -106.93 13.95
CA ASN X 67 28.37 -108.09 14.02
C ASN X 67 28.55 -108.83 15.34
N SER X 68 29.66 -108.57 16.02
CA SER X 68 29.94 -109.20 17.30
C SER X 68 28.99 -108.67 18.38
N GLY X 69 28.36 -107.54 18.11
CA GLY X 69 27.41 -106.95 19.03
C GLY X 69 28.07 -106.13 20.13
N LYS X 70 29.38 -106.31 20.28
CA LYS X 70 30.14 -105.60 21.30
C LYS X 70 30.07 -104.10 21.07
N TYR X 71 29.73 -103.71 19.84
CA TYR X 71 29.82 -102.31 19.44
C TYR X 71 28.47 -101.69 19.13
N ASP X 72 28.28 -100.47 19.62
CA ASP X 72 27.04 -99.74 19.45
C ASP X 72 27.02 -99.08 18.06
N ALA X 73 28.20 -98.93 17.48
CA ALA X 73 28.35 -98.39 16.14
C ALA X 73 29.78 -98.60 15.68
N VAL X 74 30.00 -98.61 14.37
CA VAL X 74 31.33 -98.85 13.81
C VAL X 74 31.80 -97.73 12.88
N ILE X 75 33.05 -97.32 13.04
CA ILE X 75 33.62 -96.26 12.21
C ILE X 75 34.75 -96.82 11.32
N THR X 76 34.55 -96.74 10.01
CA THR X 76 35.55 -97.22 9.07
C THR X 76 36.46 -96.08 8.61
N LEU X 77 37.75 -96.18 8.95
CA LEU X 77 38.73 -95.17 8.56
C LEU X 77 39.72 -95.74 7.55
N GLY X 78 40.27 -94.89 6.70
CA GLY X 78 41.23 -95.30 5.71
C GLY X 78 41.48 -94.23 4.67
N THR X 79 42.46 -94.46 3.82
CA THR X 79 42.78 -93.50 2.75
C THR X 79 43.15 -94.22 1.46
N VAL X 80 42.63 -93.70 0.35
CA VAL X 80 42.97 -94.22 -0.98
C VAL X 80 43.27 -93.06 -1.91
N ILE X 81 44.43 -93.12 -2.57
CA ILE X 81 44.85 -92.02 -3.45
C ILE X 81 45.08 -92.51 -4.87
N ARG X 82 44.67 -91.67 -5.83
CA ARG X 82 44.80 -91.99 -7.24
C ARG X 82 46.19 -92.47 -7.66
N GLY X 83 46.21 -93.60 -8.37
CA GLY X 83 47.43 -94.11 -8.95
C GLY X 83 47.44 -93.84 -10.44
N ALA X 84 48.30 -94.55 -11.16
CA ALA X 84 48.37 -94.42 -12.61
C ALA X 84 47.36 -95.34 -13.29
N THR X 85 46.82 -96.27 -12.51
CA THR X 85 45.88 -97.27 -13.05
C THR X 85 44.47 -97.06 -12.51
N THR X 86 43.52 -97.77 -13.11
CA THR X 86 42.12 -97.71 -12.68
C THR X 86 41.92 -98.51 -11.39
N HIS X 87 43.02 -99.03 -10.85
CA HIS X 87 42.97 -99.79 -9.61
C HIS X 87 42.28 -98.99 -8.52
N TYR X 88 42.66 -97.72 -8.40
CA TYR X 88 42.11 -96.82 -7.41
C TYR X 88 40.58 -96.83 -7.38
N ASP X 89 39.97 -97.05 -8.55
CA ASP X 89 38.53 -96.98 -8.68
C ASP X 89 37.84 -98.21 -8.08
N TYR X 90 38.33 -99.39 -8.43
CA TYR X 90 37.71 -100.64 -7.98
C TYR X 90 37.85 -100.80 -6.47
N VAL X 91 38.87 -100.17 -5.89
CA VAL X 91 39.07 -100.20 -4.46
C VAL X 91 38.07 -99.27 -3.76
N CYS X 92 38.14 -97.99 -4.11
CA CYS X 92 37.22 -97.00 -3.55
C CYS X 92 35.78 -97.49 -3.62
N ASN X 93 35.36 -97.93 -4.80
CA ASN X 93 34.03 -98.46 -5.00
C ASN X 93 33.68 -99.54 -3.98
N GLU X 94 34.40 -100.66 -4.05
CA GLU X 94 34.11 -101.82 -3.21
C GLU X 94 34.15 -101.51 -1.72
N VAL X 95 34.96 -100.54 -1.33
CA VAL X 95 35.01 -100.10 0.07
C VAL X 95 33.68 -99.47 0.46
N ALA X 96 33.33 -98.40 -0.23
CA ALA X 96 32.06 -97.72 -0.01
C ALA X 96 30.90 -98.68 -0.27
N LYS X 97 31.09 -99.54 -1.25
CA LYS X 97 30.08 -100.52 -1.62
C LYS X 97 29.84 -101.50 -0.48
N GLY X 98 30.92 -101.95 0.15
CA GLY X 98 30.82 -102.85 1.27
C GLY X 98 30.24 -102.19 2.50
N VAL X 99 30.86 -101.10 2.95
CA VAL X 99 30.45 -100.43 4.18
C VAL X 99 28.98 -100.01 4.15
N ALA X 100 28.50 -99.56 3.00
CA ALA X 100 27.12 -99.11 2.88
C ALA X 100 26.16 -100.29 2.78
N SER X 101 26.33 -101.11 1.75
CA SER X 101 25.47 -102.26 1.52
C SER X 101 25.48 -103.21 2.72
N LEU X 102 26.60 -103.23 3.44
CA LEU X 102 26.73 -104.08 4.61
C LEU X 102 26.56 -103.27 5.90
N SER X 103 25.60 -102.36 5.87
CA SER X 103 25.23 -101.57 7.03
C SER X 103 23.72 -101.67 7.20
N LEU X 104 23.08 -102.23 6.18
CA LEU X 104 21.65 -102.46 6.21
C LEU X 104 21.40 -103.89 6.63
N GLN X 105 22.33 -104.77 6.29
CA GLN X 105 22.24 -106.19 6.62
C GLN X 105 22.44 -106.41 8.13
N THR X 106 23.23 -105.58 8.78
CA THR X 106 23.40 -105.79 10.23
C THR X 106 22.48 -104.89 11.09
N ASP X 107 22.12 -103.71 10.55
CA ASP X 107 21.30 -102.71 11.25
C ASP X 107 22.14 -102.04 12.37
N ILE X 108 23.46 -102.27 12.40
CA ILE X 108 24.38 -101.59 13.35
C ILE X 108 24.96 -100.40 12.58
N PRO X 109 24.98 -99.19 13.18
CA PRO X 109 25.46 -98.09 12.34
C PRO X 109 26.87 -98.28 11.82
N VAL X 110 27.16 -98.21 10.51
CA VAL X 110 28.55 -98.34 10.07
C VAL X 110 28.94 -97.11 9.27
N ILE X 111 29.48 -96.10 9.96
CA ILE X 111 29.85 -94.84 9.33
C ILE X 111 30.99 -94.99 8.35
N PHE X 112 30.87 -94.35 7.19
CA PHE X 112 31.88 -94.42 6.15
C PHE X 112 32.82 -93.23 6.21
N GLY X 113 34.01 -93.44 6.77
CA GLY X 113 34.99 -92.38 6.91
C GLY X 113 36.28 -92.71 6.19
N VAL X 114 36.16 -93.19 4.96
CA VAL X 114 37.32 -93.49 4.12
C VAL X 114 37.60 -92.36 3.14
N LEU X 115 38.76 -91.75 3.27
CA LEU X 115 39.17 -90.70 2.34
C LEU X 115 39.44 -91.29 0.96
N THR X 116 38.94 -90.60 -0.05
CA THR X 116 39.12 -91.03 -1.42
C THR X 116 39.51 -89.82 -2.27
N THR X 117 40.81 -89.56 -2.33
CA THR X 117 41.33 -88.32 -2.92
C THR X 117 42.16 -88.53 -4.18
N GLU X 118 42.60 -87.42 -4.76
CA GLU X 118 43.39 -87.42 -5.99
C GLU X 118 44.86 -87.09 -5.72
N THR X 119 45.09 -86.30 -4.68
CA THR X 119 46.42 -85.86 -4.32
C THR X 119 46.75 -86.25 -2.90
N ILE X 120 48.04 -86.39 -2.61
CA ILE X 120 48.50 -86.58 -1.24
C ILE X 120 48.09 -85.34 -0.45
N GLU X 121 48.09 -84.19 -1.12
CA GLU X 121 47.74 -82.93 -0.50
C GLU X 121 46.28 -82.89 -0.06
N GLN X 122 45.39 -83.39 -0.92
CA GLN X 122 43.97 -83.39 -0.62
C GLN X 122 43.66 -84.26 0.60
N ALA X 123 44.41 -85.35 0.75
CA ALA X 123 44.27 -86.21 1.92
C ALA X 123 44.60 -85.45 3.18
N ILE X 124 45.71 -84.71 3.15
CA ILE X 124 46.13 -83.91 4.28
C ILE X 124 45.11 -82.84 4.62
N GLU X 125 44.53 -82.23 3.59
CA GLU X 125 43.51 -81.21 3.79
C GLU X 125 42.36 -81.77 4.62
N ARG X 126 42.02 -83.02 4.35
CA ARG X 126 40.87 -83.66 4.99
C ARG X 126 41.27 -84.58 6.14
N ALA X 127 42.51 -84.41 6.63
CA ALA X 127 42.99 -85.20 7.73
C ALA X 127 43.44 -84.32 8.89
N GLY X 128 42.74 -83.25 9.12
CA GLY X 128 43.17 -82.42 10.21
C GLY X 128 43.69 -81.10 9.75
N THR X 129 43.53 -80.77 8.44
CA THR X 129 43.98 -79.43 8.00
C THR X 129 42.80 -78.58 7.54
N LYS X 130 43.03 -77.77 6.51
CA LYS X 130 42.05 -76.92 5.86
C LYS X 130 40.62 -77.39 6.01
N ALA X 131 40.25 -78.54 5.43
CA ALA X 131 38.84 -78.99 5.48
C ALA X 131 38.39 -79.51 6.87
N GLY X 132 39.33 -79.82 7.77
CA GLY X 132 39.01 -80.37 9.08
C GLY X 132 39.50 -81.83 9.14
N ASN X 133 39.07 -82.60 10.15
CA ASN X 133 39.49 -84.00 10.24
C ASN X 133 38.34 -84.94 9.96
N LYS X 134 38.41 -85.64 8.84
CA LYS X 134 37.36 -86.57 8.43
C LYS X 134 37.08 -87.62 9.49
N GLY X 135 38.12 -87.98 10.25
CA GLY X 135 37.99 -88.98 11.29
C GLY X 135 37.16 -88.50 12.45
N TYR X 136 37.31 -87.22 12.79
CA TYR X 136 36.54 -86.60 13.85
C TYR X 136 35.08 -86.47 13.46
N GLU X 137 34.84 -85.98 12.26
CA GLU X 137 33.49 -85.78 11.74
C GLU X 137 32.76 -87.11 11.57
N SER X 138 33.53 -88.18 11.34
CA SER X 138 32.93 -89.50 11.14
C SER X 138 32.62 -90.16 12.47
N ALA X 139 33.24 -89.68 13.54
CA ALA X 139 32.97 -90.18 14.88
C ALA X 139 31.72 -89.51 15.43
N VAL X 140 31.62 -88.20 15.26
CA VAL X 140 30.46 -87.44 15.71
C VAL X 140 29.19 -87.97 15.03
N ALA X 141 29.37 -88.52 13.83
CA ALA X 141 28.26 -89.11 13.08
C ALA X 141 27.90 -90.48 13.64
N ALA X 142 28.92 -91.23 14.05
CA ALA X 142 28.71 -92.55 14.63
C ALA X 142 27.88 -92.45 15.90
N ILE X 143 28.14 -91.42 16.70
CA ILE X 143 27.36 -91.19 17.91
C ILE X 143 25.90 -90.93 17.57
N GLU X 144 25.66 -89.92 16.75
CA GLU X 144 24.30 -89.54 16.37
C GLU X 144 23.54 -90.73 15.81
N MET X 145 24.14 -91.44 14.87
CA MET X 145 23.52 -92.61 14.27
C MET X 145 23.16 -93.64 15.34
N ALA X 146 24.06 -93.86 16.28
CA ALA X 146 23.80 -94.78 17.38
C ALA X 146 22.56 -94.35 18.15
N HIS X 147 22.56 -93.08 18.58
CA HIS X 147 21.44 -92.54 19.35
C HIS X 147 20.14 -92.50 18.56
N LEU X 148 20.22 -92.71 17.26
CA LEU X 148 19.01 -92.88 16.46
C LEU X 148 18.94 -94.40 16.63
N SER X 149 18.23 -94.80 17.67
CA SER X 149 17.61 -96.10 17.84
C SER X 149 16.21 -96.66 18.00
N LYS X 150 15.22 -95.78 18.07
CA LYS X 150 13.82 -96.19 18.14
C LYS X 150 13.29 -97.09 17.03
N HIS X 151 13.76 -96.85 15.81
CA HIS X 151 13.30 -97.62 14.64
C HIS X 151 13.87 -99.03 14.60
N TRP X 152 13.00 -100.01 14.85
CA TRP X 152 13.32 -101.41 14.61
C TRP X 152 12.09 -102.30 14.76
N ALA X 153 11.62 -102.83 13.63
CA ALA X 153 10.46 -103.71 13.61
C ALA X 153 10.57 -104.76 12.52
N VAL Y 2 -4.76 -98.45 -17.37
CA VAL Y 2 -5.68 -99.24 -16.57
C VAL Y 2 -5.34 -99.11 -15.09
N PHE Y 3 -4.11 -98.68 -14.79
CA PHE Y 3 -3.64 -98.59 -13.40
C PHE Y 3 -2.95 -97.27 -13.10
N GLU Y 4 -3.71 -96.19 -13.00
CA GLU Y 4 -3.14 -94.89 -12.64
C GLU Y 4 -3.15 -94.68 -11.13
N GLY Y 5 -2.32 -93.77 -10.64
CA GLY Y 5 -2.21 -93.53 -9.21
C GLY Y 5 -2.88 -92.26 -8.74
N HIS Y 6 -3.79 -92.39 -7.78
CA HIS Y 6 -4.49 -91.27 -7.20
C HIS Y 6 -3.51 -90.21 -6.70
N LEU Y 7 -3.92 -88.95 -6.69
CA LEU Y 7 -3.02 -87.87 -6.28
C LEU Y 7 -3.50 -87.12 -5.03
N VAL Y 8 -4.67 -87.49 -4.54
CA VAL Y 8 -5.18 -86.93 -3.28
C VAL Y 8 -4.82 -87.87 -2.13
N GLY Y 9 -4.10 -87.36 -1.14
CA GLY Y 9 -3.65 -88.19 -0.04
C GLY Y 9 -4.15 -87.71 1.31
N THR Y 10 -5.45 -87.41 1.38
CA THR Y 10 -6.04 -86.96 2.63
C THR Y 10 -5.84 -87.96 3.77
N GLY Y 11 -5.94 -89.24 3.43
CA GLY Y 11 -5.85 -90.29 4.44
C GLY Y 11 -4.50 -90.98 4.47
N LEU Y 12 -3.48 -90.33 3.92
CA LEU Y 12 -2.15 -90.93 3.89
C LEU Y 12 -1.37 -90.70 5.17
N LYS Y 13 -0.18 -91.27 5.24
CA LYS Y 13 0.62 -91.27 6.46
C LYS Y 13 2.10 -91.41 6.10
N VAL Y 14 2.74 -90.29 5.76
CA VAL Y 14 4.09 -90.32 5.22
C VAL Y 14 5.18 -90.07 6.26
N GLY Y 15 6.39 -90.50 5.95
CA GLY Y 15 7.54 -90.27 6.80
C GLY Y 15 8.79 -90.00 5.97
N VAL Y 16 9.54 -88.97 6.31
CA VAL Y 16 10.70 -88.58 5.52
C VAL Y 16 12.02 -88.63 6.30
N VAL Y 17 13.11 -88.82 5.57
CA VAL Y 17 14.45 -88.80 6.14
C VAL Y 17 15.32 -87.80 5.40
N VAL Y 18 15.65 -86.68 6.07
CA VAL Y 18 16.46 -85.64 5.45
C VAL Y 18 17.88 -85.61 6.02
N GLY Y 19 18.83 -85.23 5.17
CA GLY Y 19 20.22 -85.17 5.58
C GLY Y 19 20.60 -83.79 6.05
N ARG Y 20 21.21 -83.73 7.23
CA ARG Y 20 21.60 -82.46 7.82
C ARG Y 20 22.69 -81.76 7.02
N PHE Y 21 23.60 -82.53 6.45
CA PHE Y 21 24.68 -81.97 5.64
C PHE Y 21 24.08 -81.20 4.47
N ASN Y 22 24.59 -79.99 4.25
CA ASN Y 22 24.01 -79.07 3.27
C ASN Y 22 22.63 -78.61 3.71
N GLU Y 23 22.48 -78.40 5.02
CA GLU Y 23 21.22 -77.94 5.59
C GLU Y 23 20.67 -76.75 4.82
N PHE Y 24 21.57 -75.87 4.38
CA PHE Y 24 21.19 -74.67 3.65
C PHE Y 24 20.27 -74.98 2.48
N ILE Y 25 20.39 -76.20 1.94
CA ILE Y 25 19.57 -76.63 0.82
C ILE Y 25 18.47 -77.59 1.25
N THR Y 26 18.83 -78.59 2.04
CA THR Y 26 17.87 -79.59 2.49
C THR Y 26 16.73 -78.99 3.29
N SER Y 27 16.98 -77.84 3.91
CA SER Y 27 15.95 -77.15 4.67
C SER Y 27 14.77 -76.77 3.78
N LYS Y 28 15.01 -75.87 2.83
CA LYS Y 28 13.98 -75.46 1.88
C LYS Y 28 13.48 -76.66 1.09
N LEU Y 29 14.29 -77.71 1.04
CA LEU Y 29 13.93 -78.91 0.31
C LEU Y 29 12.88 -79.70 1.07
N LEU Y 30 12.98 -79.67 2.39
CA LEU Y 30 12.05 -80.38 3.26
C LEU Y 30 10.73 -79.63 3.37
N GLY Y 31 10.83 -78.32 3.58
CA GLY Y 31 9.66 -77.46 3.69
C GLY Y 31 8.76 -77.59 2.48
N GLY Y 32 9.35 -77.84 1.33
CA GLY Y 32 8.60 -78.03 0.10
C GLY Y 32 7.87 -79.35 0.08
N ALA Y 33 8.48 -80.38 0.66
CA ALA Y 33 7.89 -81.71 0.73
C ALA Y 33 6.75 -81.75 1.74
N LEU Y 34 6.97 -81.11 2.88
CA LEU Y 34 5.92 -81.01 3.89
C LEU Y 34 4.76 -80.20 3.34
N ASP Y 35 5.06 -79.00 2.83
CA ASP Y 35 4.05 -78.14 2.22
C ASP Y 35 3.24 -78.89 1.17
N GLY Y 36 3.91 -79.75 0.42
CA GLY Y 36 3.25 -80.54 -0.61
C GLY Y 36 2.28 -81.56 -0.04
N LEU Y 37 2.78 -82.44 0.81
CA LEU Y 37 1.95 -83.44 1.46
C LEU Y 37 0.79 -82.77 2.21
N LYS Y 38 1.13 -81.72 2.94
CA LYS Y 38 0.15 -81.01 3.78
C LYS Y 38 -0.99 -80.44 2.94
N ARG Y 39 -0.66 -79.75 1.86
CA ARG Y 39 -1.67 -79.12 1.01
C ARG Y 39 -2.26 -80.09 -0.01
N HIS Y 40 -1.85 -81.35 0.05
CA HIS Y 40 -2.43 -82.36 -0.83
C HIS Y 40 -3.41 -83.25 -0.07
N GLY Y 41 -3.62 -82.92 1.20
CA GLY Y 41 -4.56 -83.67 2.02
C GLY Y 41 -3.94 -84.30 3.25
N VAL Y 42 -2.73 -84.83 3.11
CA VAL Y 42 -2.04 -85.49 4.21
C VAL Y 42 -2.15 -84.66 5.48
N GLU Y 43 -2.53 -85.32 6.58
CA GLU Y 43 -2.67 -84.62 7.84
C GLU Y 43 -1.31 -84.12 8.32
N GLU Y 44 -1.28 -82.90 8.86
CA GLU Y 44 -0.03 -82.25 9.20
C GLU Y 44 0.75 -82.98 10.30
N ASN Y 45 0.13 -83.98 10.92
CA ASN Y 45 0.78 -84.73 11.98
C ASN Y 45 0.98 -86.21 11.64
N ASP Y 46 0.40 -86.63 10.53
CA ASP Y 46 0.63 -87.98 10.01
C ASP Y 46 1.98 -88.01 9.30
N ILE Y 47 2.80 -87.01 9.59
CA ILE Y 47 4.07 -86.82 8.90
C ILE Y 47 5.24 -86.78 9.89
N ASP Y 48 6.22 -87.64 9.67
CA ASP Y 48 7.39 -87.70 10.54
C ASP Y 48 8.68 -87.40 9.79
N VAL Y 49 9.65 -86.81 10.48
CA VAL Y 49 10.93 -86.47 9.88
C VAL Y 49 12.09 -86.99 10.70
N ALA Y 50 13.02 -87.68 10.03
CA ALA Y 50 14.21 -88.21 10.69
C ALA Y 50 15.47 -87.57 10.13
N TRP Y 51 16.18 -86.81 10.97
CA TRP Y 51 17.40 -86.14 10.56
C TRP Y 51 18.63 -87.03 10.69
N VAL Y 52 19.27 -87.31 9.55
CA VAL Y 52 20.48 -88.11 9.53
C VAL Y 52 21.70 -87.21 9.29
N PRO Y 53 22.87 -87.73 9.66
CA PRO Y 53 24.11 -86.96 9.47
C PRO Y 53 24.27 -86.40 8.05
N GLY Y 54 24.03 -87.24 7.04
CA GLY Y 54 24.16 -86.82 5.67
C GLY Y 54 23.56 -87.89 4.76
N ALA Y 55 23.60 -87.68 3.44
CA ALA Y 55 23.02 -88.64 2.50
C ALA Y 55 23.56 -90.06 2.71
N PHE Y 56 24.83 -90.26 2.94
CA PHE Y 56 25.25 -91.65 3.08
C PHE Y 56 24.43 -92.41 4.12
N GLU Y 57 23.99 -91.74 5.15
CA GLU Y 57 23.27 -92.37 6.24
C GLU Y 57 21.80 -92.63 5.96
N ILE Y 58 21.25 -92.03 4.90
CA ILE Y 58 19.79 -92.10 4.50
C ILE Y 58 19.17 -93.41 4.05
N PRO Y 59 20.00 -94.31 3.61
CA PRO Y 59 19.53 -95.67 3.32
C PRO Y 59 19.22 -96.49 4.58
N LEU Y 60 20.04 -96.34 5.62
CA LEU Y 60 19.87 -97.12 6.84
C LEU Y 60 18.58 -96.75 7.59
N ILE Y 61 18.37 -95.46 7.81
CA ILE Y 61 17.23 -94.99 8.57
C ILE Y 61 15.93 -94.99 7.75
N ALA Y 62 16.06 -94.96 6.43
CA ALA Y 62 14.90 -95.07 5.55
C ALA Y 62 14.35 -96.49 5.65
N LYS Y 63 15.26 -97.46 5.77
CA LYS Y 63 14.88 -98.85 5.94
C LYS Y 63 14.24 -99.07 7.30
N LYS Y 64 14.67 -98.29 8.28
CA LYS Y 64 14.16 -98.40 9.64
C LYS Y 64 12.77 -97.76 9.78
N MET Y 65 12.38 -96.97 8.78
CA MET Y 65 11.08 -96.33 8.78
C MET Y 65 10.11 -97.04 7.85
N ALA Y 66 10.65 -97.81 6.91
CA ALA Y 66 9.83 -98.63 6.04
C ALA Y 66 9.47 -99.93 6.75
N ASN Y 67 10.44 -100.48 7.47
CA ASN Y 67 10.23 -101.72 8.23
C ASN Y 67 9.46 -101.47 9.52
N SER Y 68 9.28 -100.20 9.87
CA SER Y 68 8.51 -99.86 11.06
C SER Y 68 7.02 -100.03 10.80
N GLY Y 69 6.66 -100.18 9.53
CA GLY Y 69 5.29 -100.42 9.13
C GLY Y 69 4.30 -99.42 9.70
N LYS Y 70 4.67 -98.15 9.65
CA LYS Y 70 3.84 -97.08 10.21
C LYS Y 70 3.44 -96.09 9.15
N TYR Y 71 4.16 -96.08 8.03
CA TYR Y 71 3.95 -95.09 6.99
C TYR Y 71 3.37 -95.70 5.74
N ASP Y 72 2.80 -94.86 4.87
CA ASP Y 72 2.25 -95.30 3.59
C ASP Y 72 3.26 -95.04 2.48
N ALA Y 73 4.32 -94.33 2.84
CA ALA Y 73 5.38 -93.99 1.91
C ALA Y 73 6.51 -93.30 2.67
N VAL Y 74 7.73 -93.42 2.15
CA VAL Y 74 8.88 -92.78 2.76
C VAL Y 74 9.55 -91.87 1.74
N ILE Y 75 9.83 -90.64 2.15
CA ILE Y 75 10.50 -89.68 1.26
C ILE Y 75 11.93 -89.42 1.73
N THR Y 76 12.89 -89.71 0.86
CA THR Y 76 14.30 -89.45 1.17
C THR Y 76 14.76 -88.11 0.59
N LEU Y 77 15.12 -87.19 1.48
CA LEU Y 77 15.59 -85.87 1.08
C LEU Y 77 17.03 -85.66 1.50
N GLY Y 78 17.77 -84.88 0.70
CA GLY Y 78 19.16 -84.60 0.99
C GLY Y 78 19.80 -83.86 -0.16
N THR Y 79 21.08 -83.51 0.01
CA THR Y 79 21.81 -82.81 -1.04
C THR Y 79 23.30 -83.15 -1.01
N VAL Y 80 23.85 -83.46 -2.18
CA VAL Y 80 25.27 -83.74 -2.31
C VAL Y 80 25.84 -82.88 -3.44
N ILE Y 81 26.98 -82.24 -3.18
CA ILE Y 81 27.57 -81.36 -4.20
C ILE Y 81 29.03 -81.74 -4.47
N ARG Y 82 29.42 -81.64 -5.74
CA ARG Y 82 30.76 -81.97 -6.19
C ARG Y 82 31.87 -81.33 -5.37
N GLY Y 83 32.84 -82.13 -4.99
CA GLY Y 83 34.02 -81.63 -4.31
C GLY Y 83 35.23 -81.76 -5.21
N ALA Y 84 36.41 -81.77 -4.61
CA ALA Y 84 37.66 -81.92 -5.36
C ALA Y 84 37.98 -83.39 -5.60
N THR Y 85 37.45 -84.24 -4.73
CA THR Y 85 37.73 -85.67 -4.81
C THR Y 85 36.55 -86.42 -5.42
N THR Y 86 36.77 -87.69 -5.73
CA THR Y 86 35.72 -88.54 -6.27
C THR Y 86 34.78 -89.05 -5.17
N HIS Y 87 35.01 -88.59 -3.95
CA HIS Y 87 34.18 -88.93 -2.81
C HIS Y 87 32.70 -88.70 -3.11
N TYR Y 88 32.42 -87.59 -3.79
CA TYR Y 88 31.06 -87.22 -4.16
C TYR Y 88 30.35 -88.32 -4.93
N ASP Y 89 31.11 -89.06 -5.73
CA ASP Y 89 30.54 -90.10 -6.60
C ASP Y 89 30.03 -91.30 -5.82
N TYR Y 90 30.85 -91.80 -4.91
CA TYR Y 90 30.50 -92.99 -4.14
C TYR Y 90 29.34 -92.71 -3.19
N VAL Y 91 29.31 -91.50 -2.65
CA VAL Y 91 28.20 -91.08 -1.80
C VAL Y 91 26.90 -91.07 -2.58
N CYS Y 92 26.85 -90.25 -3.62
CA CYS Y 92 25.67 -90.16 -4.47
C CYS Y 92 25.19 -91.54 -4.91
N ASN Y 93 26.12 -92.37 -5.37
CA ASN Y 93 25.77 -93.71 -5.84
C ASN Y 93 25.11 -94.56 -4.77
N GLU Y 94 25.78 -94.71 -3.64
CA GLU Y 94 25.30 -95.59 -2.58
C GLU Y 94 23.96 -95.13 -1.99
N VAL Y 95 23.69 -93.84 -2.09
CA VAL Y 95 22.41 -93.30 -1.62
C VAL Y 95 21.30 -93.80 -2.51
N ALA Y 96 21.41 -93.52 -3.80
CA ALA Y 96 20.42 -93.98 -4.78
C ALA Y 96 20.41 -95.50 -4.83
N LYS Y 97 21.60 -96.09 -4.90
CA LYS Y 97 21.74 -97.54 -4.92
C LYS Y 97 21.01 -98.16 -3.72
N GLY Y 98 21.13 -97.52 -2.57
CA GLY Y 98 20.48 -97.98 -1.36
C GLY Y 98 18.97 -97.75 -1.38
N VAL Y 99 18.57 -96.51 -1.62
CA VAL Y 99 17.15 -96.16 -1.62
C VAL Y 99 16.34 -96.95 -2.65
N ALA Y 100 16.92 -97.17 -3.83
CA ALA Y 100 16.23 -97.92 -4.89
C ALA Y 100 16.17 -99.40 -4.56
N SER Y 101 17.32 -99.98 -4.24
CA SER Y 101 17.40 -101.40 -3.93
C SER Y 101 16.60 -101.75 -2.67
N LEU Y 102 16.68 -100.89 -1.67
CA LEU Y 102 15.93 -101.09 -0.44
C LEU Y 102 14.57 -100.42 -0.50
N SER Y 103 13.95 -100.50 -1.68
CA SER Y 103 12.59 -100.05 -1.91
C SER Y 103 11.84 -101.20 -2.54
N LEU Y 104 12.58 -102.25 -2.86
CA LEU Y 104 12.03 -103.48 -3.41
C LEU Y 104 12.09 -104.57 -2.35
N GLN Y 105 13.09 -104.47 -1.48
CA GLN Y 105 13.25 -105.38 -0.36
C GLN Y 105 12.15 -105.16 0.66
N THR Y 106 11.44 -104.05 0.52
CA THR Y 106 10.40 -103.66 1.47
C THR Y 106 9.04 -103.48 0.79
N ASP Y 107 9.01 -103.67 -0.52
CA ASP Y 107 7.80 -103.49 -1.33
C ASP Y 107 7.01 -102.31 -0.73
N ILE Y 108 7.69 -101.23 -0.45
CA ILE Y 108 7.08 -100.05 0.15
C ILE Y 108 7.64 -98.90 -0.68
N PRO Y 109 6.75 -98.02 -1.15
CA PRO Y 109 7.16 -96.85 -1.95
C PRO Y 109 8.18 -96.01 -1.18
N VAL Y 110 9.43 -96.02 -1.65
CA VAL Y 110 10.45 -95.15 -1.08
C VAL Y 110 10.95 -94.21 -2.16
N ILE Y 111 10.44 -92.98 -2.15
CA ILE Y 111 10.78 -91.99 -3.16
C ILE Y 111 12.19 -91.45 -2.95
N PHE Y 112 12.97 -91.45 -4.03
CA PHE Y 112 14.34 -90.92 -4.00
C PHE Y 112 14.34 -89.44 -4.37
N GLY Y 113 14.59 -88.58 -3.39
CA GLY Y 113 14.60 -87.15 -3.64
C GLY Y 113 15.85 -86.49 -3.10
N VAL Y 114 17.00 -87.07 -3.41
CA VAL Y 114 18.29 -86.51 -2.99
C VAL Y 114 18.95 -85.75 -4.14
N LEU Y 115 19.18 -84.47 -3.93
CA LEU Y 115 19.84 -83.64 -4.93
C LEU Y 115 21.29 -84.07 -5.13
N THR Y 116 21.67 -84.22 -6.39
CA THR Y 116 23.04 -84.59 -6.74
C THR Y 116 23.56 -83.64 -7.82
N THR Y 117 24.21 -82.56 -7.38
CA THR Y 117 24.56 -81.46 -8.27
C THR Y 117 26.04 -81.16 -8.33
N GLU Y 118 26.40 -80.17 -9.15
CA GLU Y 118 27.79 -79.77 -9.36
C GLU Y 118 28.07 -78.44 -8.70
N THR Y 119 27.05 -77.58 -8.67
CA THR Y 119 27.18 -76.22 -8.16
C THR Y 119 26.21 -75.97 -7.01
N ILE Y 120 26.61 -75.10 -6.09
CA ILE Y 120 25.70 -74.65 -5.04
C ILE Y 120 24.52 -73.95 -5.69
N GLU Y 121 24.77 -73.37 -6.86
CA GLU Y 121 23.74 -72.64 -7.61
C GLU Y 121 22.78 -73.59 -8.30
N GLN Y 122 23.22 -74.83 -8.51
CA GLN Y 122 22.36 -75.86 -9.10
C GLN Y 122 21.42 -76.45 -8.05
N ALA Y 123 21.90 -76.54 -6.82
CA ALA Y 123 21.09 -77.02 -5.72
C ALA Y 123 19.96 -76.03 -5.43
N ILE Y 124 20.32 -74.77 -5.27
CA ILE Y 124 19.35 -73.70 -5.08
C ILE Y 124 18.40 -73.66 -6.25
N GLU Y 125 18.94 -73.88 -7.44
CA GLU Y 125 18.16 -73.91 -8.66
C GLU Y 125 17.00 -74.89 -8.53
N ARG Y 126 17.23 -75.97 -7.77
CA ARG Y 126 16.27 -77.06 -7.67
C ARG Y 126 15.70 -77.20 -6.27
N ALA Y 127 15.86 -76.18 -5.45
CA ALA Y 127 15.30 -76.21 -4.09
C ALA Y 127 14.18 -75.16 -3.91
N GLY Y 128 13.47 -74.86 -4.99
CA GLY Y 128 12.45 -73.83 -4.92
C GLY Y 128 12.95 -72.62 -5.64
N THR Y 129 13.57 -72.90 -6.79
CA THR Y 129 14.02 -71.81 -7.64
C THR Y 129 13.67 -72.24 -9.09
N LYS Y 130 14.34 -71.66 -10.11
CA LYS Y 130 14.05 -72.00 -11.53
C LYS Y 130 13.44 -73.36 -11.78
N ALA Y 131 14.12 -74.43 -11.36
CA ALA Y 131 13.60 -75.80 -11.61
C ALA Y 131 12.40 -76.19 -10.74
N GLY Y 132 12.05 -75.45 -9.70
CA GLY Y 132 10.93 -75.84 -8.84
C GLY Y 132 11.48 -76.37 -7.51
N ASN Y 133 10.69 -77.10 -6.71
CA ASN Y 133 11.21 -77.66 -5.45
C ASN Y 133 11.20 -79.19 -5.47
N LYS Y 134 12.39 -79.77 -5.61
CA LYS Y 134 12.54 -81.22 -5.68
C LYS Y 134 11.81 -81.93 -4.53
N GLY Y 135 11.78 -81.29 -3.37
CA GLY Y 135 11.12 -81.87 -2.21
C GLY Y 135 9.62 -81.98 -2.42
N TYR Y 136 8.99 -80.86 -2.80
CA TYR Y 136 7.56 -80.84 -3.10
C TYR Y 136 7.22 -81.88 -4.16
N GLU Y 137 8.05 -81.96 -5.20
CA GLU Y 137 7.83 -82.92 -6.27
C GLU Y 137 7.99 -84.35 -5.79
N SER Y 138 8.71 -84.54 -4.69
CA SER Y 138 8.91 -85.86 -4.12
C SER Y 138 7.70 -86.32 -3.32
N ALA Y 139 7.01 -85.36 -2.72
CA ALA Y 139 5.80 -85.65 -1.95
C ALA Y 139 4.66 -86.04 -2.89
N VAL Y 140 4.48 -85.23 -3.94
CA VAL Y 140 3.45 -85.49 -4.93
C VAL Y 140 3.69 -86.84 -5.59
N ALA Y 141 4.92 -87.32 -5.51
CA ALA Y 141 5.27 -88.63 -6.04
C ALA Y 141 4.99 -89.71 -5.01
N ALA Y 142 5.19 -89.39 -3.74
CA ALA Y 142 4.95 -90.33 -2.65
C ALA Y 142 3.47 -90.66 -2.52
N ILE Y 143 2.63 -89.65 -2.70
CA ILE Y 143 1.19 -89.83 -2.63
C ILE Y 143 0.70 -90.76 -3.73
N GLU Y 144 1.20 -90.55 -4.95
CA GLU Y 144 0.81 -91.38 -6.07
C GLU Y 144 1.23 -92.82 -5.88
N MET Y 145 2.49 -93.01 -5.47
CA MET Y 145 3.00 -94.35 -5.21
C MET Y 145 2.24 -95.01 -4.07
N ALA Y 146 1.74 -94.19 -3.16
CA ALA Y 146 0.99 -94.69 -2.01
C ALA Y 146 -0.36 -95.26 -2.40
N HIS Y 147 -0.89 -94.86 -3.58
CA HIS Y 147 -2.17 -95.35 -4.08
C HIS Y 147 -1.99 -96.51 -5.02
N LEU Y 148 -0.89 -96.52 -5.74
CA LEU Y 148 -0.57 -97.57 -6.65
C LEU Y 148 0.25 -98.68 -5.98
N SER Y 149 1.04 -98.40 -4.91
CA SER Y 149 1.98 -99.43 -4.39
C SER Y 149 1.84 -99.96 -2.95
N LYS Y 150 1.23 -99.18 -2.09
CA LYS Y 150 1.10 -99.56 -0.70
C LYS Y 150 -0.17 -100.33 -0.44
N HIS Y 151 -1.31 -99.74 -0.68
CA HIS Y 151 -2.52 -100.44 -0.35
C HIS Y 151 -3.11 -101.24 -1.50
N TRP Y 152 -2.35 -101.19 -2.56
CA TRP Y 152 -2.59 -101.93 -3.78
C TRP Y 152 -1.64 -103.13 -3.68
N ALA Y 153 -1.94 -104.29 -4.26
CA ALA Y 153 -1.03 -105.42 -4.10
C ALA Y 153 -0.88 -106.25 -5.37
N VAL Z 2 76.24 -55.67 29.49
CA VAL Z 2 75.81 -56.81 28.68
C VAL Z 2 74.79 -57.68 29.43
N PHE Z 3 73.77 -58.15 28.72
CA PHE Z 3 72.69 -58.90 29.34
C PHE Z 3 72.21 -60.08 28.48
N GLU Z 4 73.09 -61.03 28.22
CA GLU Z 4 72.68 -62.23 27.47
C GLU Z 4 71.80 -63.14 28.33
N GLY Z 5 71.29 -64.20 27.73
CA GLY Z 5 70.43 -65.14 28.43
C GLY Z 5 70.85 -66.58 28.26
N HIS Z 6 70.94 -67.31 29.37
CA HIS Z 6 71.29 -68.73 29.35
C HIS Z 6 70.47 -69.51 28.33
N LEU Z 7 70.91 -70.72 28.02
CA LEU Z 7 70.16 -71.61 27.16
C LEU Z 7 69.93 -72.95 27.86
N VAL Z 8 70.46 -73.09 29.06
CA VAL Z 8 70.24 -74.28 29.87
C VAL Z 8 69.07 -74.03 30.79
N GLY Z 9 67.99 -74.80 30.61
CA GLY Z 9 66.79 -74.65 31.41
C GLY Z 9 66.63 -75.72 32.47
N THR Z 10 67.72 -76.00 33.17
CA THR Z 10 67.75 -77.06 34.17
C THR Z 10 66.54 -77.01 35.12
N GLY Z 11 66.26 -75.84 35.67
CA GLY Z 11 65.21 -75.72 36.66
C GLY Z 11 64.13 -74.72 36.27
N LEU Z 12 63.56 -74.88 35.09
CA LEU Z 12 62.51 -73.98 34.63
C LEU Z 12 61.15 -74.67 34.62
N LYS Z 13 60.09 -73.87 34.60
CA LYS Z 13 58.73 -74.38 34.52
C LYS Z 13 58.00 -73.73 33.35
N VAL Z 14 57.84 -74.48 32.25
CA VAL Z 14 57.24 -73.93 31.05
C VAL Z 14 55.82 -74.43 30.82
N GLY Z 15 54.97 -73.54 30.31
CA GLY Z 15 53.60 -73.91 29.97
C GLY Z 15 53.32 -73.63 28.50
N VAL Z 16 52.76 -74.61 27.82
CA VAL Z 16 52.50 -74.51 26.38
C VAL Z 16 51.01 -74.46 26.06
N VAL Z 17 50.64 -73.67 25.07
CA VAL Z 17 49.26 -73.56 24.64
C VAL Z 17 49.15 -73.81 23.14
N VAL Z 18 48.56 -74.94 22.77
CA VAL Z 18 48.47 -75.35 21.36
C VAL Z 18 47.05 -75.35 20.84
N GLY Z 19 46.88 -74.95 19.58
CA GLY Z 19 45.59 -74.96 18.93
C GLY Z 19 45.36 -76.22 18.13
N ARG Z 20 44.17 -76.81 18.28
CA ARG Z 20 43.84 -78.06 17.61
C ARG Z 20 43.73 -77.93 16.10
N PHE Z 21 43.19 -76.80 15.64
CA PHE Z 21 43.04 -76.59 14.21
C PHE Z 21 44.39 -76.78 13.54
N ASN Z 22 44.40 -77.53 12.45
CA ASN Z 22 45.63 -77.90 11.79
C ASN Z 22 46.50 -78.80 12.66
N GLU Z 23 45.85 -79.71 13.39
CA GLU Z 23 46.56 -80.64 14.27
C GLU Z 23 47.65 -81.37 13.50
N PHE Z 24 47.42 -81.58 12.22
CA PHE Z 24 48.38 -82.28 11.37
C PHE Z 24 49.73 -81.60 11.45
N ILE Z 25 49.71 -80.30 11.66
CA ILE Z 25 50.93 -79.50 11.76
C ILE Z 25 51.32 -79.20 13.20
N THR Z 26 50.36 -78.70 13.96
CA THR Z 26 50.60 -78.33 15.36
C THR Z 26 51.03 -79.53 16.20
N SER Z 27 50.58 -80.72 15.82
CA SER Z 27 50.96 -81.94 16.51
C SER Z 27 52.48 -82.10 16.48
N LYS Z 28 53.04 -82.30 15.29
CA LYS Z 28 54.47 -82.47 15.15
C LYS Z 28 55.20 -81.15 15.41
N LEU Z 29 54.43 -80.11 15.70
CA LEU Z 29 54.98 -78.80 16.02
C LEU Z 29 55.12 -78.67 17.54
N LEU Z 30 54.28 -79.38 18.27
CA LEU Z 30 54.37 -79.47 19.72
C LEU Z 30 55.53 -80.40 20.08
N GLY Z 31 56.06 -81.09 19.08
CA GLY Z 31 57.23 -81.91 19.25
C GLY Z 31 58.45 -81.03 19.51
N GLY Z 32 58.21 -79.73 19.56
CA GLY Z 32 59.25 -78.78 19.94
C GLY Z 32 59.25 -78.62 21.45
N ALA Z 33 58.09 -78.82 22.06
CA ALA Z 33 58.00 -78.86 23.52
C ALA Z 33 59.01 -79.86 24.05
N LEU Z 34 58.62 -81.13 24.06
CA LEU Z 34 59.56 -82.18 24.41
C LEU Z 34 60.56 -82.30 23.27
N ASP Z 35 61.59 -83.13 23.45
CA ASP Z 35 62.70 -83.19 22.50
C ASP Z 35 63.14 -81.79 22.13
N GLY Z 36 62.91 -80.86 23.06
CA GLY Z 36 63.28 -79.47 22.89
C GLY Z 36 63.55 -78.84 24.23
N LEU Z 37 62.48 -78.58 24.98
CA LEU Z 37 62.62 -78.13 26.34
C LEU Z 37 63.33 -79.21 27.15
N LYS Z 38 62.91 -80.45 26.96
CA LYS Z 38 63.46 -81.58 27.70
C LYS Z 38 64.97 -81.73 27.50
N ARG Z 39 65.39 -81.76 26.25
CA ARG Z 39 66.80 -81.97 25.92
C ARG Z 39 67.66 -80.78 26.34
N HIS Z 40 67.01 -79.66 26.67
CA HIS Z 40 67.72 -78.48 27.13
C HIS Z 40 67.78 -78.39 28.66
N GLY Z 41 67.18 -79.35 29.33
CA GLY Z 41 67.25 -79.41 30.78
C GLY Z 41 65.90 -79.44 31.46
N VAL Z 42 64.94 -78.68 30.95
CA VAL Z 42 63.61 -78.59 31.55
C VAL Z 42 63.08 -79.97 31.93
N GLU Z 43 62.48 -80.05 33.12
CA GLU Z 43 61.99 -81.33 33.63
C GLU Z 43 60.73 -81.78 32.90
N GLU Z 44 60.65 -83.08 32.63
CA GLU Z 44 59.48 -83.68 31.98
C GLU Z 44 58.17 -83.24 32.63
N ASN Z 45 58.18 -83.15 33.95
CA ASN Z 45 56.96 -82.86 34.71
C ASN Z 45 56.65 -81.36 34.79
N ASP Z 46 57.67 -80.53 34.66
CA ASP Z 46 57.49 -79.08 34.77
C ASP Z 46 56.91 -78.46 33.50
N ILE Z 47 56.38 -79.30 32.61
CA ILE Z 47 55.81 -78.83 31.36
C ILE Z 47 54.33 -79.20 31.24
N ASP Z 48 53.48 -78.19 31.19
CA ASP Z 48 52.05 -78.39 31.01
C ASP Z 48 51.60 -77.91 29.64
N VAL Z 49 50.57 -78.55 29.10
CA VAL Z 49 50.07 -78.20 27.78
C VAL Z 49 48.56 -77.95 27.76
N ALA Z 50 48.17 -76.84 27.14
CA ALA Z 50 46.76 -76.48 27.04
C ALA Z 50 46.28 -76.50 25.58
N TRP Z 51 45.29 -77.33 25.30
CA TRP Z 51 44.73 -77.43 23.95
C TRP Z 51 43.54 -76.49 23.78
N VAL Z 52 43.67 -75.54 22.86
CA VAL Z 52 42.58 -74.62 22.58
C VAL Z 52 41.96 -74.96 21.21
N PRO Z 53 40.74 -74.49 20.96
CA PRO Z 53 40.08 -74.83 19.67
C PRO Z 53 40.92 -74.55 18.40
N GLY Z 54 41.54 -73.38 18.41
CA GLY Z 54 42.36 -72.89 17.33
C GLY Z 54 43.08 -71.60 17.80
N ALA Z 55 43.92 -71.07 16.92
CA ALA Z 55 44.67 -69.88 17.24
C ALA Z 55 43.83 -68.75 17.81
N PHE Z 56 42.64 -68.45 17.31
CA PHE Z 56 41.98 -67.32 17.89
C PHE Z 56 41.81 -67.45 19.39
N GLU Z 57 41.60 -68.64 19.91
CA GLU Z 57 41.38 -68.77 21.34
C GLU Z 57 42.68 -68.87 22.18
N ILE Z 58 43.84 -68.57 21.59
CA ILE Z 58 45.20 -68.69 22.24
C ILE Z 58 45.74 -67.51 23.10
N PRO Z 59 45.15 -66.34 22.83
CA PRO Z 59 45.41 -65.21 23.73
C PRO Z 59 44.75 -65.37 25.10
N LEU Z 60 43.50 -65.79 25.12
CA LEU Z 60 42.76 -65.92 26.38
C LEU Z 60 43.38 -66.94 27.33
N ILE Z 61 43.58 -68.16 26.83
CA ILE Z 61 44.10 -69.26 27.64
C ILE Z 61 45.60 -69.10 27.91
N ALA Z 62 46.30 -68.43 27.01
CA ALA Z 62 47.71 -68.13 27.21
C ALA Z 62 47.85 -67.13 28.35
N LYS Z 63 46.80 -66.34 28.57
CA LYS Z 63 46.77 -65.38 29.67
C LYS Z 63 46.54 -66.06 31.01
N LYS Z 64 45.56 -66.95 31.04
CA LYS Z 64 45.22 -67.67 32.27
C LYS Z 64 46.24 -68.75 32.62
N MET Z 65 47.41 -68.67 31.98
CA MET Z 65 48.51 -69.59 32.29
C MET Z 65 49.72 -68.81 32.77
N ALA Z 66 49.91 -67.62 32.24
CA ALA Z 66 50.98 -66.74 32.69
C ALA Z 66 50.59 -66.07 34.00
N ASN Z 67 49.30 -65.78 34.14
CA ASN Z 67 48.77 -65.14 35.34
C ASN Z 67 48.65 -66.10 36.52
N SER Z 68 48.73 -67.40 36.24
CA SER Z 68 48.71 -68.40 37.30
C SER Z 68 50.05 -68.41 38.04
N GLY Z 69 51.04 -67.71 37.48
CA GLY Z 69 52.34 -67.57 38.11
C GLY Z 69 53.04 -68.89 38.37
N LYS Z 70 52.63 -69.93 37.66
CA LYS Z 70 53.21 -71.26 37.85
C LYS Z 70 54.35 -71.50 36.87
N TYR Z 71 54.39 -70.72 35.79
CA TYR Z 71 55.38 -70.94 34.74
C TYR Z 71 56.33 -69.75 34.60
N ASP Z 72 57.59 -70.05 34.32
CA ASP Z 72 58.61 -69.03 34.11
C ASP Z 72 58.41 -68.40 32.73
N ALA Z 73 57.88 -69.17 31.81
CA ALA Z 73 57.61 -68.70 30.46
C ALA Z 73 56.48 -69.52 29.84
N VAL Z 74 55.73 -68.90 28.93
CA VAL Z 74 54.62 -69.58 28.26
C VAL Z 74 54.86 -69.62 26.76
N ILE Z 75 54.95 -70.83 26.21
CA ILE Z 75 55.12 -71.02 24.77
C ILE Z 75 53.77 -71.17 24.09
N THR Z 76 53.55 -70.42 23.02
CA THR Z 76 52.28 -70.47 22.32
C THR Z 76 52.44 -71.08 20.92
N LEU Z 77 51.75 -72.19 20.68
CA LEU Z 77 51.87 -72.92 19.42
C LEU Z 77 50.55 -73.00 18.67
N GLY Z 78 50.64 -73.13 17.34
CA GLY Z 78 49.45 -73.23 16.51
C GLY Z 78 49.82 -73.07 15.05
N THR Z 79 48.83 -73.22 14.17
CA THR Z 79 49.07 -73.07 12.73
C THR Z 79 47.85 -72.49 12.03
N VAL Z 80 48.09 -71.54 11.12
CA VAL Z 80 47.03 -70.93 10.33
C VAL Z 80 47.46 -70.86 8.87
N ILE Z 81 46.56 -71.23 7.97
CA ILE Z 81 46.88 -71.24 6.54
C ILE Z 81 45.85 -70.49 5.71
N ARG Z 82 46.34 -69.76 4.70
CA ARG Z 82 45.51 -68.95 3.83
C ARG Z 82 44.29 -69.71 3.29
N GLY Z 83 43.13 -69.08 3.40
CA GLY Z 83 41.92 -69.61 2.83
C GLY Z 83 41.55 -68.84 1.57
N ALA Z 84 40.26 -68.77 1.27
CA ALA Z 84 39.78 -67.98 0.14
C ALA Z 84 39.35 -66.61 0.61
N THR Z 85 39.02 -66.50 1.89
CA THR Z 85 38.56 -65.25 2.47
C THR Z 85 39.66 -64.58 3.26
N THR Z 86 39.47 -63.29 3.55
CA THR Z 86 40.42 -62.52 4.36
C THR Z 86 40.31 -62.88 5.83
N HIS Z 87 39.53 -63.92 6.13
CA HIS Z 87 39.38 -64.40 7.49
C HIS Z 87 40.72 -64.78 8.09
N TYR Z 88 41.60 -65.33 7.25
CA TYR Z 88 42.94 -65.72 7.66
C TYR Z 88 43.71 -64.55 8.26
N ASP Z 89 43.47 -63.36 7.72
CA ASP Z 89 44.22 -62.17 8.14
C ASP Z 89 43.86 -61.73 9.55
N TYR Z 90 42.56 -61.57 9.81
CA TYR Z 90 42.09 -61.09 11.11
C TYR Z 90 42.46 -62.05 12.22
N VAL Z 91 42.59 -63.33 11.89
CA VAL Z 91 42.98 -64.34 12.86
C VAL Z 91 44.45 -64.19 13.22
N CYS Z 92 45.32 -64.32 12.22
CA CYS Z 92 46.76 -64.21 12.42
C CYS Z 92 47.10 -62.93 13.18
N ASN Z 93 46.47 -61.83 12.76
CA ASN Z 93 46.68 -60.55 13.42
C ASN Z 93 46.42 -60.62 14.91
N GLU Z 94 45.21 -61.03 15.28
CA GLU Z 94 44.79 -61.03 16.68
C GLU Z 94 45.59 -62.00 17.55
N VAL Z 95 46.00 -63.12 16.96
CA VAL Z 95 46.84 -64.08 17.67
C VAL Z 95 48.15 -63.43 18.05
N ALA Z 96 48.81 -62.84 17.06
CA ALA Z 96 50.07 -62.13 17.28
C ALA Z 96 49.84 -60.88 18.13
N LYS Z 97 48.72 -60.20 17.88
CA LYS Z 97 48.38 -58.99 18.61
C LYS Z 97 48.13 -59.31 20.07
N GLY Z 98 47.57 -60.50 20.32
CA GLY Z 98 47.29 -60.94 21.68
C GLY Z 98 48.54 -61.39 22.41
N VAL Z 99 49.26 -62.33 21.82
CA VAL Z 99 50.47 -62.87 22.43
C VAL Z 99 51.52 -61.80 22.71
N ALA Z 100 51.55 -60.77 21.87
CA ALA Z 100 52.52 -59.68 22.03
C ALA Z 100 52.03 -58.64 23.04
N SER Z 101 51.01 -57.88 22.65
CA SER Z 101 50.47 -56.81 23.48
C SER Z 101 50.10 -57.31 24.88
N LEU Z 102 49.78 -58.58 25.00
CA LEU Z 102 49.47 -59.17 26.30
C LEU Z 102 50.59 -60.08 26.79
N SER Z 103 51.82 -59.59 26.64
CA SER Z 103 53.02 -60.22 27.19
C SER Z 103 53.77 -59.15 27.95
N LEU Z 104 53.29 -57.91 27.79
CA LEU Z 104 53.85 -56.76 28.50
C LEU Z 104 53.03 -56.49 29.75
N GLN Z 105 51.79 -56.99 29.74
CA GLN Z 105 50.90 -56.82 30.88
C GLN Z 105 51.09 -57.93 31.91
N THR Z 106 52.02 -58.84 31.62
CA THR Z 106 52.27 -59.97 32.50
C THR Z 106 53.73 -60.01 32.96
N ASP Z 107 54.60 -59.32 32.23
CA ASP Z 107 56.03 -59.29 32.52
C ASP Z 107 56.65 -60.69 32.44
N ILE Z 108 55.83 -61.67 32.09
CA ILE Z 108 56.29 -63.04 31.90
C ILE Z 108 56.47 -63.35 30.41
N PRO Z 109 57.67 -63.81 30.03
CA PRO Z 109 57.96 -64.10 28.64
C PRO Z 109 56.92 -65.02 27.99
N VAL Z 110 56.25 -64.53 26.96
CA VAL Z 110 55.32 -65.34 26.18
C VAL Z 110 55.79 -65.44 24.74
N ILE Z 111 56.48 -66.53 24.43
CA ILE Z 111 57.03 -66.73 23.10
C ILE Z 111 55.95 -67.01 22.06
N PHE Z 112 55.99 -66.27 20.95
CA PHE Z 112 55.02 -66.43 19.87
C PHE Z 112 55.52 -67.44 18.86
N GLY Z 113 54.94 -68.64 18.88
CA GLY Z 113 55.32 -69.70 17.96
C GLY Z 113 54.14 -70.20 17.15
N VAL Z 114 53.43 -69.27 16.51
CA VAL Z 114 52.29 -69.62 15.68
C VAL Z 114 52.62 -69.50 14.20
N LEU Z 115 52.59 -70.64 13.51
CA LEU Z 115 52.82 -70.66 12.07
C LEU Z 115 51.72 -69.91 11.33
N THR Z 116 52.13 -68.96 10.51
CA THR Z 116 51.17 -68.22 9.69
C THR Z 116 51.64 -68.27 8.23
N THR Z 117 51.12 -69.25 7.50
CA THR Z 117 51.63 -69.57 6.17
C THR Z 117 50.58 -69.53 5.08
N GLU Z 118 51.02 -69.80 3.86
CA GLU Z 118 50.17 -69.71 2.68
C GLU Z 118 49.85 -71.10 2.11
N THR Z 119 50.75 -72.04 2.35
CA THR Z 119 50.59 -73.40 1.84
C THR Z 119 50.67 -74.41 2.97
N ILE Z 120 50.00 -75.54 2.78
CA ILE Z 120 50.17 -76.67 3.68
C ILE Z 120 51.63 -77.10 3.63
N GLU Z 121 52.24 -76.94 2.46
CA GLU Z 121 53.63 -77.29 2.25
C GLU Z 121 54.56 -76.40 3.06
N GLN Z 122 54.23 -75.12 3.17
CA GLN Z 122 55.05 -74.18 3.93
C GLN Z 122 54.96 -74.46 5.43
N ALA Z 123 53.77 -74.81 5.89
CA ALA Z 123 53.57 -75.19 7.28
C ALA Z 123 54.42 -76.42 7.61
N ILE Z 124 54.47 -77.36 6.66
CA ILE Z 124 55.28 -78.55 6.82
C ILE Z 124 56.77 -78.18 6.79
N GLU Z 125 57.11 -77.23 5.94
CA GLU Z 125 58.49 -76.78 5.83
C GLU Z 125 58.99 -76.25 7.17
N ARG Z 126 58.05 -75.81 8.00
CA ARG Z 126 58.39 -75.17 9.27
C ARG Z 126 57.88 -75.97 10.46
N ALA Z 127 57.77 -77.27 10.28
CA ALA Z 127 57.32 -78.12 11.37
C ALA Z 127 58.20 -79.35 11.50
N GLY Z 128 59.37 -79.27 10.94
CA GLY Z 128 60.25 -80.39 10.99
C GLY Z 128 60.68 -80.79 9.61
N THR Z 129 60.84 -79.82 8.75
CA THR Z 129 61.35 -80.18 7.44
C THR Z 129 62.51 -79.31 7.10
N LYS Z 130 62.63 -78.87 5.85
CA LYS Z 130 63.88 -78.14 5.52
C LYS Z 130 63.99 -76.77 6.19
N ALA Z 131 63.06 -76.35 7.06
CA ALA Z 131 63.24 -75.06 7.74
C ALA Z 131 63.49 -75.33 9.23
N GLY Z 132 63.26 -76.61 9.59
CA GLY Z 132 63.41 -77.07 10.95
C GLY Z 132 62.05 -77.00 11.64
N ASN Z 133 62.02 -77.26 12.94
CA ASN Z 133 60.77 -77.21 13.70
C ASN Z 133 60.63 -75.93 14.50
N LYS Z 134 59.63 -75.12 14.13
CA LYS Z 134 59.44 -73.82 14.76
C LYS Z 134 58.92 -73.94 16.19
N GLY Z 135 58.61 -75.17 16.60
CA GLY Z 135 58.20 -75.43 17.97
C GLY Z 135 59.40 -75.63 18.86
N TYR Z 136 60.42 -76.27 18.32
CA TYR Z 136 61.67 -76.48 19.04
C TYR Z 136 62.41 -75.16 19.20
N GLU Z 137 62.35 -74.32 18.16
CA GLU Z 137 63.03 -73.03 18.19
C GLU Z 137 62.34 -72.09 19.17
N SER Z 138 61.02 -72.19 19.25
CA SER Z 138 60.24 -71.32 20.12
C SER Z 138 60.40 -71.72 21.59
N ALA Z 139 60.94 -72.91 21.81
CA ALA Z 139 61.24 -73.38 23.17
C ALA Z 139 62.60 -72.85 23.60
N VAL Z 140 63.59 -72.99 22.73
CA VAL Z 140 64.92 -72.44 22.98
C VAL Z 140 64.80 -70.97 23.34
N ALA Z 141 63.95 -70.26 22.62
CA ALA Z 141 63.69 -68.85 22.89
C ALA Z 141 63.01 -68.67 24.24
N ALA Z 142 62.08 -69.57 24.55
CA ALA Z 142 61.35 -69.50 25.82
C ALA Z 142 62.29 -69.61 27.00
N ILE Z 143 63.20 -70.58 26.96
CA ILE Z 143 64.18 -70.77 28.00
C ILE Z 143 65.02 -69.51 28.18
N GLU Z 144 65.63 -69.07 27.09
CA GLU Z 144 66.48 -67.89 27.13
C GLU Z 144 65.75 -66.67 27.69
N MET Z 145 64.49 -66.48 27.28
CA MET Z 145 63.70 -65.35 27.73
C MET Z 145 63.48 -65.39 29.23
N ALA Z 146 62.93 -66.49 29.70
CA ALA Z 146 62.67 -66.66 31.13
C ALA Z 146 63.98 -66.56 31.90
N HIS Z 147 65.05 -67.03 31.27
CA HIS Z 147 66.37 -67.06 31.88
C HIS Z 147 67.04 -65.70 31.79
N LEU Z 148 66.37 -64.76 31.12
CA LEU Z 148 66.93 -63.42 30.92
C LEU Z 148 66.22 -62.40 31.81
N SER Z 149 65.13 -62.82 32.44
CA SER Z 149 64.40 -61.94 33.33
C SER Z 149 65.04 -61.91 34.71
N LYS Z 150 66.21 -61.27 34.80
CA LYS Z 150 66.88 -61.09 36.08
C LYS Z 150 66.91 -59.62 36.50
N HIS Z 151 67.08 -58.73 35.54
CA HIS Z 151 66.92 -57.31 35.81
C HIS Z 151 65.43 -56.96 35.79
N TRP Z 152 64.67 -57.75 36.56
CA TRP Z 152 63.22 -57.68 36.59
C TRP Z 152 62.76 -57.56 38.04
N ALA Z 153 61.46 -57.71 38.27
CA ALA Z 153 60.89 -57.65 39.62
C ALA Z 153 61.00 -56.24 40.21
N VAL AA 2 60.40 -22.06 21.44
CA VAL AA 2 61.10 -22.99 20.55
C VAL AA 2 61.95 -23.99 21.32
N PHE AA 3 61.40 -25.18 21.56
CA PHE AA 3 62.08 -26.19 22.36
C PHE AA 3 62.71 -27.26 21.46
N GLU AA 4 64.02 -27.14 21.21
CA GLU AA 4 64.75 -28.12 20.41
C GLU AA 4 65.62 -29.03 21.29
N GLY AA 5 66.29 -30.00 20.68
CA GLY AA 5 67.09 -30.96 21.41
C GLY AA 5 68.59 -30.89 21.16
N HIS AA 6 69.36 -31.04 22.23
CA HIS AA 6 70.81 -31.02 22.16
C HIS AA 6 71.31 -32.22 21.36
N LEU AA 7 72.63 -32.32 21.16
CA LEU AA 7 73.18 -33.45 20.40
C LEU AA 7 74.52 -33.98 20.96
N VAL AA 8 75.09 -33.26 21.91
CA VAL AA 8 76.26 -33.77 22.62
C VAL AA 8 75.79 -34.47 23.90
N GLY AA 9 76.20 -35.73 24.06
CA GLY AA 9 75.77 -36.50 25.21
C GLY AA 9 76.90 -36.83 26.18
N THR AA 10 77.58 -35.79 26.68
CA THR AA 10 78.69 -35.98 27.59
C THR AA 10 78.33 -36.88 28.77
N GLY AA 11 77.22 -36.58 29.43
CA GLY AA 11 76.79 -37.35 30.58
C GLY AA 11 75.46 -38.04 30.37
N LEU AA 12 75.48 -39.09 29.55
CA LEU AA 12 74.24 -39.81 29.23
C LEU AA 12 74.27 -41.26 29.68
N LYS AA 13 73.10 -41.81 29.94
CA LYS AA 13 72.95 -43.20 30.37
C LYS AA 13 72.07 -43.92 29.37
N VAL AA 14 72.68 -44.64 28.44
CA VAL AA 14 71.92 -45.28 27.36
C VAL AA 14 71.86 -46.78 27.48
N GLY AA 15 70.71 -47.36 27.13
CA GLY AA 15 70.53 -48.79 27.13
C GLY AA 15 70.08 -49.29 25.77
N VAL AA 16 70.63 -50.44 25.35
CA VAL AA 16 70.36 -50.98 24.02
C VAL AA 16 69.84 -52.41 24.07
N VAL AA 17 68.80 -52.69 23.29
CA VAL AA 17 68.26 -54.03 23.18
C VAL AA 17 68.39 -54.52 21.74
N VAL AA 18 69.25 -55.51 21.53
CA VAL AA 18 69.52 -56.03 20.19
C VAL AA 18 69.02 -57.45 19.99
N GLY AA 19 68.36 -57.70 18.87
CA GLY AA 19 67.85 -59.01 18.56
C GLY AA 19 68.92 -59.86 17.91
N ARG AA 20 69.07 -61.09 18.40
CA ARG AA 20 70.12 -61.97 17.92
C ARG AA 20 69.86 -62.50 16.50
N PHE AA 21 68.59 -62.74 16.19
CA PHE AA 21 68.22 -63.24 14.87
C PHE AA 21 68.74 -62.30 13.78
N ASN AA 22 69.27 -62.88 12.71
CA ASN AA 22 69.93 -62.11 11.67
C ASN AA 22 71.13 -61.36 12.24
N GLU AA 23 71.83 -62.02 13.16
CA GLU AA 23 73.01 -61.44 13.81
C GLU AA 23 73.98 -60.86 12.81
N PHE AA 24 74.01 -61.43 11.61
CA PHE AA 24 74.89 -60.98 10.55
C PHE AA 24 74.70 -59.48 10.28
N ILE AA 25 73.48 -59.00 10.47
CA ILE AA 25 73.17 -57.59 10.24
C ILE AA 25 73.13 -56.81 11.54
N THR AA 26 72.37 -57.32 12.51
CA THR AA 26 72.23 -56.66 13.80
C THR AA 26 73.58 -56.42 14.46
N SER AA 27 74.55 -57.26 14.13
CA SER AA 27 75.90 -57.11 14.65
C SER AA 27 76.47 -55.75 14.27
N LYS AA 28 76.71 -55.55 12.98
CA LYS AA 28 77.20 -54.27 12.49
C LYS AA 28 76.25 -53.15 12.86
N LEU AA 29 74.98 -53.50 13.01
CA LEU AA 29 73.95 -52.52 13.34
C LEU AA 29 74.11 -51.99 14.77
N LEU AA 30 74.53 -52.86 15.68
CA LEU AA 30 74.80 -52.46 17.05
C LEU AA 30 76.09 -51.65 17.12
N GLY AA 31 77.12 -52.12 16.42
CA GLY AA 31 78.38 -51.43 16.37
C GLY AA 31 78.23 -50.00 15.89
N GLY AA 32 77.16 -49.74 15.14
CA GLY AA 32 76.87 -48.41 14.68
C GLY AA 32 76.44 -47.49 15.80
N ALA AA 33 75.57 -48.00 16.66
CA ALA AA 33 75.08 -47.22 17.80
C ALA AA 33 76.13 -47.14 18.90
N LEU AA 34 76.81 -48.26 19.12
CA LEU AA 34 77.78 -48.37 20.19
C LEU AA 34 79.08 -47.67 19.81
N ASP AA 35 79.09 -47.01 18.66
CA ASP AA 35 80.24 -46.25 18.20
C ASP AA 35 79.82 -44.82 17.88
N GLY AA 36 78.52 -44.61 17.74
CA GLY AA 36 77.96 -43.29 17.56
C GLY AA 36 77.79 -42.65 18.92
N LEU AA 37 77.42 -43.46 19.90
CA LEU AA 37 77.30 -43.00 21.27
C LEU AA 37 78.67 -42.64 21.81
N LYS AA 38 79.61 -43.58 21.70
CA LYS AA 38 80.96 -43.35 22.21
C LYS AA 38 81.56 -42.05 21.68
N ARG AA 39 81.52 -41.88 20.36
CA ARG AA 39 82.16 -40.74 19.72
C ARG AA 39 81.35 -39.44 19.86
N HIS AA 40 80.16 -39.55 20.39
CA HIS AA 40 79.34 -38.39 20.68
C HIS AA 40 79.55 -37.97 22.13
N GLY AA 41 80.52 -38.56 22.81
CA GLY AA 41 80.77 -38.12 24.14
C GLY AA 41 80.05 -38.96 25.20
N VAL AA 42 79.32 -39.98 24.77
CA VAL AA 42 78.69 -40.85 25.74
C VAL AA 42 79.70 -41.91 26.08
N GLU AA 43 79.84 -42.15 27.35
CA GLU AA 43 80.73 -43.13 27.95
C GLU AA 43 80.63 -44.53 27.36
N GLU AA 44 81.80 -45.09 27.04
CA GLU AA 44 81.92 -46.45 26.53
C GLU AA 44 81.61 -47.43 27.67
N ASN AA 45 81.66 -46.93 28.89
CA ASN AA 45 81.41 -47.75 30.04
C ASN AA 45 80.02 -47.49 30.61
N ASP AA 46 79.22 -46.65 29.97
CA ASP AA 46 77.89 -46.32 30.48
C ASP AA 46 76.81 -46.78 29.51
N ILE AA 47 77.08 -47.87 28.82
CA ILE AA 47 76.14 -48.42 27.86
C ILE AA 47 75.89 -49.90 28.13
N ASP AA 48 74.62 -50.27 28.28
CA ASP AA 48 74.24 -51.66 28.48
C ASP AA 48 73.54 -52.23 27.25
N VAL AA 49 73.90 -53.46 26.89
CA VAL AA 49 73.28 -54.13 25.74
C VAL AA 49 72.53 -55.39 26.18
N ALA AA 50 71.30 -55.52 25.70
CA ALA AA 50 70.46 -56.66 26.03
C ALA AA 50 70.13 -57.49 24.78
N TRP AA 51 70.70 -58.68 24.71
CA TRP AA 51 70.46 -59.58 23.58
C TRP AA 51 69.19 -60.40 23.78
N VAL AA 52 68.22 -60.20 22.90
CA VAL AA 52 67.01 -60.98 22.92
C VAL AA 52 67.00 -61.96 21.75
N PRO AA 53 66.16 -63.04 21.86
CA PRO AA 53 66.16 -64.03 20.78
C PRO AA 53 66.12 -63.31 19.41
N GLY AA 54 65.03 -62.54 19.19
CA GLY AA 54 64.75 -61.75 17.98
C GLY AA 54 63.82 -60.54 18.30
N ALA AA 55 63.50 -59.80 17.26
CA ALA AA 55 62.66 -58.61 17.38
C ALA AA 55 61.38 -58.84 18.18
N PHE AA 56 60.61 -59.89 17.93
CA PHE AA 56 59.38 -60.03 18.69
C PHE AA 56 59.60 -59.91 20.20
N GLU AA 57 60.75 -60.26 20.72
CA GLU AA 57 60.95 -60.19 22.17
C GLU AA 57 61.47 -58.86 22.63
N ILE AA 58 61.79 -57.96 21.69
CA ILE AA 58 62.39 -56.60 21.97
C ILE AA 58 61.49 -55.56 22.72
N PRO AA 59 60.20 -55.70 22.55
CA PRO AA 59 59.28 -54.88 23.35
C PRO AA 59 59.30 -55.23 24.84
N LEU AA 60 59.33 -56.52 25.16
CA LEU AA 60 59.30 -56.94 26.56
C LEU AA 60 60.54 -56.51 27.33
N ILE AA 61 61.71 -56.89 26.82
CA ILE AA 61 62.97 -56.57 27.48
C ILE AA 61 63.31 -55.08 27.43
N ALA AA 62 62.87 -54.41 26.36
CA ALA AA 62 63.04 -52.96 26.24
C ALA AA 62 62.22 -52.24 27.31
N LYS AA 63 61.12 -52.86 27.71
CA LYS AA 63 60.26 -52.32 28.77
C LYS AA 63 60.95 -52.40 30.12
N LYS AA 64 61.54 -53.56 30.42
CA LYS AA 64 62.19 -53.77 31.71
C LYS AA 64 63.51 -53.03 31.84
N MET AA 65 63.89 -52.30 30.79
CA MET AA 65 65.07 -51.45 30.84
C MET AA 65 64.67 -49.99 31.03
N ALA AA 66 63.55 -49.60 30.42
CA ALA AA 66 63.00 -48.27 30.63
C ALA AA 66 62.39 -48.20 32.02
N ASN AA 67 61.64 -49.23 32.37
CA ASN AA 67 61.08 -49.33 33.72
C ASN AA 67 62.18 -49.51 34.75
N SER AA 68 63.35 -49.95 34.29
CA SER AA 68 64.50 -50.08 35.16
C SER AA 68 64.91 -48.72 35.72
N GLY AA 69 64.49 -47.66 35.06
CA GLY AA 69 64.79 -46.31 35.49
C GLY AA 69 66.28 -46.08 35.68
N LYS AA 70 67.07 -46.53 34.72
CA LYS AA 70 68.53 -46.41 34.80
C LYS AA 70 69.09 -45.74 33.55
N TYR AA 71 68.25 -45.55 32.54
CA TYR AA 71 68.69 -45.00 31.27
C TYR AA 71 67.87 -43.78 30.87
N ASP AA 72 68.54 -42.80 30.26
CA ASP AA 72 67.87 -41.61 29.76
C ASP AA 72 67.08 -41.95 28.50
N ALA AA 73 67.56 -42.95 27.78
CA ALA AA 73 66.91 -43.41 26.55
C ALA AA 73 67.33 -44.84 26.26
N VAL AA 74 66.44 -45.56 25.58
CA VAL AA 74 66.73 -46.94 25.20
C VAL AA 74 66.66 -47.10 23.68
N ILE AA 75 67.70 -47.69 23.11
CA ILE AA 75 67.76 -47.94 21.68
C ILE AA 75 67.43 -49.40 21.37
N THR AA 76 66.53 -49.61 20.41
CA THR AA 76 66.14 -50.96 20.01
C THR AA 76 66.69 -51.31 18.63
N LEU AA 77 67.61 -52.26 18.60
CA LEU AA 77 68.24 -52.70 17.35
C LEU AA 77 67.80 -54.11 16.97
N GLY AA 78 67.56 -54.32 15.69
CA GLY AA 78 67.16 -55.63 15.20
C GLY AA 78 67.04 -55.63 13.69
N THR AA 79 66.81 -56.81 13.11
CA THR AA 79 66.64 -56.93 11.68
C THR AA 79 65.63 -58.02 11.32
N VAL AA 80 64.68 -57.67 10.46
CA VAL AA 80 63.66 -58.62 10.01
C VAL AA 80 63.57 -58.57 8.49
N ILE AA 81 63.66 -59.71 7.84
CA ILE AA 81 63.63 -59.76 6.38
C ILE AA 81 62.51 -60.64 5.85
N ARG AA 82 61.87 -60.19 4.77
CA ARG AA 82 60.78 -60.91 4.12
C ARG AA 82 61.06 -62.41 3.98
N GLY AA 83 60.03 -63.20 4.22
CA GLY AA 83 60.10 -64.64 4.00
C GLY AA 83 59.14 -65.02 2.90
N ALA AA 84 58.62 -66.25 2.96
CA ALA AA 84 57.62 -66.72 2.01
C ALA AA 84 56.22 -66.55 2.58
N THR AA 85 56.14 -66.36 3.91
CA THR AA 85 54.85 -66.23 4.59
C THR AA 85 54.65 -64.83 5.13
N THR AA 86 53.42 -64.54 5.54
CA THR AA 86 53.07 -63.25 6.11
C THR AA 86 53.57 -63.13 7.54
N HIS AA 87 54.32 -64.14 7.99
CA HIS AA 87 54.89 -64.14 9.33
C HIS AA 87 55.72 -62.88 9.54
N TYR AA 88 56.38 -62.44 8.49
CA TYR AA 88 57.23 -61.26 8.51
C TYR AA 88 56.45 -60.00 8.91
N ASP AA 89 55.19 -59.92 8.48
CA ASP AA 89 54.38 -58.74 8.71
C ASP AA 89 54.00 -58.57 10.18
N TYR AA 90 53.51 -59.65 10.79
CA TYR AA 90 53.06 -59.60 12.18
C TYR AA 90 54.22 -59.32 13.12
N VAL AA 91 55.41 -59.80 12.75
CA VAL AA 91 56.61 -59.53 13.53
C VAL AA 91 56.96 -58.05 13.48
N CYS AA 92 57.23 -57.55 12.27
CA CYS AA 92 57.56 -56.15 12.07
C CYS AA 92 56.54 -55.25 12.78
N ASN AA 93 55.27 -55.52 12.54
CA ASN AA 93 54.19 -54.74 13.14
C ASN AA 93 54.33 -54.66 14.65
N GLU AA 94 54.32 -55.80 15.32
CA GLU AA 94 54.34 -55.86 16.77
C GLU AA 94 55.60 -55.27 17.39
N VAL AA 95 56.72 -55.38 16.68
CA VAL AA 95 57.97 -54.76 17.12
C VAL AA 95 57.82 -53.24 17.06
N ALA AA 96 57.50 -52.73 15.88
CA ALA AA 96 57.24 -51.31 15.70
C ALA AA 96 55.86 -50.92 16.23
N LYS AA 97 55.41 -51.62 17.27
CA LYS AA 97 54.12 -51.35 17.89
C LYS AA 97 54.23 -51.32 19.40
N GLY AA 98 54.92 -52.31 19.96
CA GLY AA 98 55.38 -52.24 21.33
C GLY AA 98 56.46 -51.19 21.54
N VAL AA 99 57.60 -51.39 20.88
CA VAL AA 99 58.66 -50.39 20.87
C VAL AA 99 58.10 -49.01 20.54
N ALA AA 100 56.97 -48.98 19.84
CA ALA AA 100 56.78 -48.07 18.72
C ALA AA 100 56.15 -46.75 19.18
N SER AA 101 54.94 -46.85 19.74
CA SER AA 101 54.40 -45.79 20.58
C SER AA 101 53.83 -46.36 21.87
N LEU AA 102 53.56 -47.65 21.89
CA LEU AA 102 53.25 -48.36 23.12
C LEU AA 102 54.09 -47.84 24.29
N SER AA 103 55.38 -47.68 24.05
CA SER AA 103 56.32 -47.29 25.11
C SER AA 103 56.30 -45.79 25.35
N LEU AA 104 55.10 -45.24 25.50
CA LEU AA 104 54.95 -43.84 25.84
C LEU AA 104 54.62 -43.86 27.29
N GLN AA 105 54.15 -45.01 27.74
CA GLN AA 105 53.72 -45.13 29.10
C GLN AA 105 54.80 -44.74 30.12
N THR AA 106 56.06 -45.06 29.79
CA THR AA 106 57.22 -44.83 30.69
C THR AA 106 57.73 -43.39 30.72
N ASP AA 107 57.54 -42.80 29.59
CA ASP AA 107 58.02 -41.48 29.39
C ASP AA 107 59.54 -41.50 29.42
N ILE AA 108 60.13 -42.58 28.90
CA ILE AA 108 61.57 -42.65 28.73
C ILE AA 108 61.73 -42.76 27.24
N PRO AA 109 62.67 -42.00 26.65
CA PRO AA 109 62.78 -42.08 25.17
C PRO AA 109 63.07 -43.47 24.63
N VAL AA 110 62.22 -44.03 23.73
CA VAL AA 110 62.59 -45.33 23.19
C VAL AA 110 62.70 -45.21 21.67
N ILE AA 111 63.92 -45.26 21.17
CA ILE AA 111 64.18 -45.12 19.74
C ILE AA 111 63.99 -46.44 19.02
N PHE AA 112 63.15 -46.43 17.99
CA PHE AA 112 62.90 -47.62 17.19
C PHE AA 112 63.93 -47.72 16.06
N GLY AA 113 64.91 -48.61 16.24
CA GLY AA 113 65.94 -48.81 15.24
C GLY AA 113 65.98 -50.24 14.77
N VAL AA 114 64.83 -50.76 14.36
CA VAL AA 114 64.74 -52.13 13.87
C VAL AA 114 64.56 -52.14 12.35
N LEU AA 115 65.55 -52.69 11.65
CA LEU AA 115 65.50 -52.79 10.21
C LEU AA 115 64.39 -53.73 9.76
N THR AA 116 63.54 -53.25 8.87
CA THR AA 116 62.47 -54.05 8.32
C THR AA 116 62.49 -53.97 6.80
N THR AA 117 63.17 -54.93 6.17
CA THR AA 117 63.48 -54.84 4.75
C THR AA 117 62.88 -55.97 3.92
N GLU AA 118 63.29 -56.02 2.66
CA GLU AA 118 62.79 -57.02 1.72
C GLU AA 118 63.92 -57.97 1.29
N THR AA 119 65.12 -57.43 1.17
CA THR AA 119 66.27 -58.18 0.70
C THR AA 119 67.35 -58.24 1.76
N ILE AA 120 68.12 -59.32 1.75
CA ILE AA 120 69.31 -59.42 2.57
C ILE AA 120 70.27 -58.31 2.10
N GLU AA 121 70.15 -57.95 0.83
CA GLU AA 121 70.98 -56.90 0.25
C GLU AA 121 70.50 -55.52 0.68
N GLN AA 122 69.22 -55.39 1.01
CA GLN AA 122 68.69 -54.12 1.46
C GLN AA 122 69.06 -53.85 2.90
N ALA AA 123 68.92 -54.87 3.75
CA ALA AA 123 69.33 -54.77 5.14
C ALA AA 123 70.82 -54.46 5.21
N ILE AA 124 71.58 -55.04 4.30
CA ILE AA 124 73.03 -54.84 4.27
C ILE AA 124 73.37 -53.43 3.78
N GLU AA 125 72.39 -52.76 3.19
CA GLU AA 125 72.56 -51.38 2.72
C GLU AA 125 72.48 -50.41 3.90
N ARG AA 126 71.62 -50.71 4.87
CA ARG AA 126 71.44 -49.85 6.03
C ARG AA 126 72.29 -50.30 7.20
N ALA AA 127 73.00 -51.41 7.03
CA ALA AA 127 73.82 -51.95 8.10
C ALA AA 127 75.23 -51.36 8.10
N GLY AA 128 75.39 -50.23 7.44
CA GLY AA 128 76.66 -49.64 7.36
C GLY AA 128 77.15 -49.69 5.91
N THR AA 129 76.29 -49.35 4.94
CA THR AA 129 76.73 -49.30 3.54
C THR AA 129 76.07 -48.14 2.89
N LYS AA 130 75.70 -48.27 1.64
CA LYS AA 130 75.10 -47.18 0.88
C LYS AA 130 74.18 -46.20 1.67
N ALA AA 131 73.18 -46.71 2.36
CA ALA AA 131 72.29 -45.80 3.06
C ALA AA 131 72.87 -45.33 4.41
N GLY AA 132 74.02 -45.89 4.83
CA GLY AA 132 74.65 -45.54 6.13
C GLY AA 132 74.27 -46.56 7.21
N ASN AA 133 74.78 -46.41 8.43
CA ASN AA 133 74.42 -47.33 9.51
C ASN AA 133 73.25 -46.81 10.34
N LYS AA 134 72.12 -47.50 10.25
CA LYS AA 134 70.90 -47.06 10.92
C LYS AA 134 70.97 -47.24 12.43
N GLY AA 135 72.04 -47.88 12.90
CA GLY AA 135 72.29 -48.00 14.31
C GLY AA 135 72.92 -46.72 14.84
N TYR AA 136 73.86 -46.19 14.07
CA TYR AA 136 74.49 -44.91 14.38
C TYR AA 136 73.43 -43.81 14.43
N GLU AA 137 72.55 -43.80 13.44
CA GLU AA 137 71.52 -42.78 13.35
C GLU AA 137 70.50 -42.90 14.48
N SER AA 138 70.27 -44.13 14.94
CA SER AA 138 69.30 -44.37 16.00
C SER AA 138 69.89 -44.03 17.38
N ALA AA 139 71.22 -43.83 17.42
CA ALA AA 139 71.89 -43.41 18.64
C ALA AA 139 71.88 -41.90 18.73
N VAL AA 140 72.11 -41.25 17.60
CA VAL AA 140 72.03 -39.79 17.51
C VAL AA 140 70.63 -39.33 17.90
N ALA AA 141 69.62 -40.13 17.53
CA ALA AA 141 68.24 -39.84 17.89
C ALA AA 141 68.02 -40.03 19.38
N ALA AA 142 68.72 -40.98 19.97
CA ALA AA 142 68.60 -41.26 21.39
C ALA AA 142 69.13 -40.10 22.22
N ILE AA 143 70.33 -39.63 21.87
CA ILE AA 143 70.94 -38.51 22.56
C ILE AA 143 70.04 -37.29 22.49
N GLU AA 144 69.53 -37.01 21.29
CA GLU AA 144 68.66 -35.85 21.09
C GLU AA 144 67.39 -35.97 21.92
N MET AA 145 66.71 -37.11 21.81
CA MET AA 145 65.50 -37.33 22.57
C MET AA 145 65.75 -37.15 24.06
N ALA AA 146 66.86 -37.73 24.53
CA ALA AA 146 67.23 -37.62 25.94
C ALA AA 146 67.29 -36.16 26.36
N HIS AA 147 67.98 -35.35 25.56
CA HIS AA 147 68.13 -33.93 25.83
C HIS AA 147 66.86 -33.14 25.51
N LEU AA 148 65.72 -33.70 25.87
CA LEU AA 148 64.44 -33.02 25.74
C LEU AA 148 63.68 -33.25 27.04
N SER AA 149 63.68 -32.19 27.89
CA SER AA 149 63.15 -32.27 29.26
C SER AA 149 62.05 -31.31 29.73
N LYS AA 150 60.89 -31.94 29.67
CA LYS AA 150 59.65 -31.50 30.17
C LYS AA 150 59.31 -32.83 30.92
N HIS AA 151 58.66 -32.75 32.08
CA HIS AA 151 58.30 -33.93 32.83
C HIS AA 151 56.88 -33.82 33.28
N TRP AA 152 56.18 -34.91 33.18
CA TRP AA 152 54.81 -34.81 33.60
C TRP AA 152 54.69 -35.02 35.08
N ALA AA 153 53.90 -34.14 35.71
CA ALA AA 153 53.67 -34.19 37.15
C ALA AA 153 52.56 -33.20 37.54
N VAL BA 2 23.18 -27.47 18.03
CA VAL BA 2 24.20 -27.29 16.99
C VAL BA 2 25.47 -26.67 17.57
N PHE BA 3 26.62 -27.25 17.22
CA PHE BA 3 27.89 -26.85 17.82
C PHE BA 3 29.03 -26.69 16.81
N GLU BA 4 29.03 -25.58 16.08
CA GLU BA 4 30.11 -25.30 15.13
C GLU BA 4 31.35 -24.82 15.89
N GLY BA 5 32.50 -24.81 15.21
CA GLY BA 5 33.74 -24.38 15.82
C GLY BA 5 34.25 -23.05 15.29
N HIS BA 6 34.56 -22.15 16.21
CA HIS BA 6 35.07 -20.81 15.87
C HIS BA 6 36.33 -20.93 15.03
N LEU BA 7 36.68 -19.86 14.32
CA LEU BA 7 37.87 -19.89 13.46
C LEU BA 7 38.84 -18.74 13.72
N VAL BA 8 38.40 -17.75 14.49
CA VAL BA 8 39.28 -16.66 14.89
C VAL BA 8 39.92 -16.99 16.23
N GLY BA 9 41.22 -17.27 16.22
CA GLY BA 9 41.92 -17.68 17.43
C GLY BA 9 42.82 -16.61 17.99
N THR BA 10 42.23 -15.48 18.36
CA THR BA 10 42.99 -14.38 18.95
C THR BA 10 43.72 -14.82 20.22
N GLY BA 11 42.95 -15.21 21.23
CA GLY BA 11 43.54 -15.58 22.50
C GLY BA 11 43.83 -17.06 22.64
N LEU BA 12 44.71 -17.59 21.79
CA LEU BA 12 45.01 -19.01 21.82
C LEU BA 12 46.50 -19.28 22.05
N LYS BA 13 46.78 -20.37 22.75
CA LYS BA 13 48.15 -20.86 22.88
C LYS BA 13 48.27 -22.17 22.12
N VAL BA 14 49.14 -22.20 21.12
CA VAL BA 14 49.31 -23.40 20.30
C VAL BA 14 50.72 -23.98 20.48
N GLY BA 15 50.83 -25.29 20.35
CA GLY BA 15 52.11 -25.96 20.42
C GLY BA 15 52.32 -26.85 19.21
N VAL BA 16 53.50 -26.76 18.61
CA VAL BA 16 53.79 -27.52 17.40
C VAL BA 16 54.96 -28.46 17.57
N VAL BA 17 54.83 -29.67 17.04
CA VAL BA 17 55.89 -30.66 17.08
C VAL BA 17 56.26 -31.08 15.66
N VAL BA 18 57.44 -30.66 15.20
CA VAL BA 18 57.86 -30.91 13.83
C VAL BA 18 59.02 -31.91 13.76
N GLY BA 19 59.00 -32.75 12.73
CA GLY BA 19 60.04 -33.73 12.53
C GLY BA 19 61.17 -33.21 11.68
N ARG BA 20 62.41 -33.45 12.12
CA ARG BA 20 63.59 -32.94 11.43
C ARG BA 20 63.84 -33.67 10.12
N PHE BA 21 63.54 -34.96 10.10
CA PHE BA 21 63.72 -35.74 8.88
C PHE BA 21 62.84 -35.19 7.78
N ASN BA 22 63.36 -35.18 6.55
CA ASN BA 22 62.67 -34.53 5.45
C ASN BA 22 62.47 -33.05 5.73
N GLU BA 23 63.47 -32.44 6.35
CA GLU BA 23 63.43 -31.03 6.74
C GLU BA 23 63.11 -30.16 5.53
N PHE BA 24 63.57 -30.59 4.36
CA PHE BA 24 63.34 -29.87 3.12
C PHE BA 24 61.84 -29.61 2.90
N ILE BA 25 61.01 -30.54 3.38
CA ILE BA 25 59.56 -30.41 3.26
C ILE BA 25 58.93 -29.87 4.53
N THR BA 26 59.26 -30.49 5.65
CA THR BA 26 58.68 -30.11 6.94
C THR BA 26 58.98 -28.64 7.27
N SER BA 27 60.05 -28.10 6.69
CA SER BA 27 60.37 -26.69 6.87
C SER BA 27 59.22 -25.81 6.39
N LYS BA 28 58.96 -25.84 5.09
CA LYS BA 28 57.87 -25.08 4.51
C LYS BA 28 56.53 -25.51 5.11
N LEU BA 29 56.50 -26.72 5.66
CA LEU BA 29 55.29 -27.27 6.25
C LEU BA 29 55.02 -26.56 7.56
N LEU BA 30 56.08 -26.22 8.28
CA LEU BA 30 56.00 -25.45 9.51
C LEU BA 30 55.60 -24.02 9.18
N GLY BA 31 55.82 -23.63 7.93
CA GLY BA 31 55.36 -22.33 7.45
C GLY BA 31 53.86 -22.22 7.55
N GLY BA 32 53.21 -23.31 7.95
CA GLY BA 32 51.78 -23.32 8.18
C GLY BA 32 51.46 -22.78 9.56
N ALA BA 33 52.40 -22.97 10.50
CA ALA BA 33 52.29 -22.37 11.82
C ALA BA 33 52.24 -20.85 11.67
N LEU BA 34 53.39 -20.26 11.38
CA LEU BA 34 53.46 -18.85 11.05
C LEU BA 34 52.70 -18.62 9.74
N ASP BA 35 52.39 -17.36 9.43
CA ASP BA 35 51.57 -17.05 8.25
C ASP BA 35 50.33 -17.94 8.21
N GLY BA 36 49.97 -18.49 9.37
CA GLY BA 36 48.82 -19.38 9.47
C GLY BA 36 48.06 -19.12 10.75
N LEU BA 37 48.69 -19.43 11.89
CA LEU BA 37 48.15 -19.10 13.18
C LEU BA 37 48.22 -17.59 13.39
N LYS BA 38 49.27 -16.99 12.83
CA LYS BA 38 49.48 -15.54 12.91
C LYS BA 38 48.27 -14.78 12.38
N ARG BA 39 47.95 -15.00 11.11
CA ARG BA 39 46.89 -14.24 10.44
C ARG BA 39 45.50 -14.57 10.97
N HIS BA 40 45.39 -15.64 11.76
CA HIS BA 40 44.10 -16.01 12.33
C HIS BA 40 43.90 -15.45 13.74
N GLY BA 41 44.87 -14.67 14.21
CA GLY BA 41 44.75 -13.99 15.48
C GLY BA 41 45.79 -14.35 16.52
N VAL BA 42 46.30 -15.57 16.46
CA VAL BA 42 47.26 -16.07 17.45
C VAL BA 42 48.48 -15.14 17.56
N GLU BA 43 48.98 -14.94 18.80
CA GLU BA 43 50.08 -14.03 19.05
C GLU BA 43 51.45 -14.56 18.61
N GLU BA 44 52.22 -13.69 17.89
CA GLU BA 44 53.54 -13.96 17.34
C GLU BA 44 54.44 -14.47 18.43
N ASN BA 45 54.99 -15.64 18.12
CA ASN BA 45 55.76 -16.49 19.00
C ASN BA 45 55.13 -16.43 20.39
N ASP BA 46 53.94 -17.07 20.44
CA ASP BA 46 53.10 -17.34 21.60
C ASP BA 46 52.74 -18.76 21.32
N ILE BA 47 53.53 -19.24 20.41
CA ILE BA 47 53.44 -20.57 19.90
C ILE BA 47 54.81 -21.21 20.02
N ASP BA 48 54.86 -22.42 20.55
CA ASP BA 48 56.12 -23.13 20.72
C ASP BA 48 56.30 -24.25 19.71
N VAL BA 49 57.54 -24.41 19.24
CA VAL BA 49 57.87 -25.43 18.26
C VAL BA 49 58.86 -26.44 18.82
N ALA BA 50 58.52 -27.71 18.71
CA ALA BA 50 59.37 -28.78 19.21
C ALA BA 50 59.92 -29.63 18.07
N TRP BA 51 61.24 -29.62 17.91
CA TRP BA 51 61.88 -30.40 16.85
C TRP BA 51 62.27 -31.78 17.36
N VAL BA 52 61.72 -32.80 16.71
CA VAL BA 52 62.04 -34.18 17.05
C VAL BA 52 62.70 -34.86 15.85
N PRO BA 53 63.61 -35.80 16.13
CA PRO BA 53 64.38 -36.51 15.10
C PRO BA 53 63.51 -36.98 13.93
N GLY BA 54 62.76 -38.06 14.13
CA GLY BA 54 61.92 -38.60 13.09
C GLY BA 54 60.45 -38.43 13.38
N ALA BA 55 59.62 -38.64 12.35
CA ALA BA 55 58.17 -38.56 12.51
C ALA BA 55 57.72 -39.54 13.58
N PHE BA 56 58.55 -40.56 13.80
CA PHE BA 56 58.26 -41.61 14.76
C PHE BA 56 58.32 -41.09 16.20
N GLU BA 57 59.12 -40.05 16.42
CA GLU BA 57 59.34 -39.52 17.75
C GLU BA 57 58.31 -38.45 18.10
N ILE BA 58 57.49 -38.08 17.12
CA ILE BA 58 56.48 -37.04 17.31
C ILE BA 58 55.49 -37.35 18.44
N PRO BA 59 54.88 -38.55 18.40
CA PRO BA 59 53.87 -38.91 19.41
C PRO BA 59 54.34 -38.66 20.84
N LEU BA 60 55.57 -39.08 21.16
CA LEU BA 60 56.09 -38.93 22.52
C LEU BA 60 56.14 -37.47 22.97
N ILE BA 61 56.76 -36.62 22.16
CA ILE BA 61 56.93 -35.21 22.50
C ILE BA 61 55.65 -34.40 22.31
N ALA BA 62 54.81 -34.84 21.39
CA ALA BA 62 53.50 -34.22 21.22
C ALA BA 62 52.72 -34.39 22.50
N LYS BA 63 52.99 -35.49 23.20
CA LYS BA 63 52.38 -35.75 24.50
C LYS BA 63 52.93 -34.80 25.56
N LYS BA 64 54.23 -34.89 25.82
CA LYS BA 64 54.87 -34.11 26.88
C LYS BA 64 54.81 -32.60 26.64
N MET BA 65 53.92 -32.19 25.74
CA MET BA 65 53.61 -30.78 25.55
C MET BA 65 52.16 -30.53 25.93
N ALA BA 66 51.25 -31.22 25.25
CA ALA BA 66 49.84 -31.13 25.56
C ALA BA 66 49.52 -31.81 26.89
N ASN BA 67 50.43 -32.67 27.35
CA ASN BA 67 50.21 -33.46 28.55
C ASN BA 67 49.80 -32.60 29.73
N SER BA 68 50.54 -31.51 29.94
CA SER BA 68 50.19 -30.55 30.97
C SER BA 68 49.90 -29.19 30.34
N GLY BA 69 48.78 -28.59 30.74
CA GLY BA 69 48.31 -27.35 30.16
C GLY BA 69 49.36 -26.30 29.87
N LYS BA 70 49.68 -26.14 28.60
CA LYS BA 70 50.57 -25.08 28.14
C LYS BA 70 49.92 -24.46 26.91
N TYR BA 71 49.13 -25.27 26.20
CA TYR BA 71 48.49 -24.85 24.96
C TYR BA 71 47.05 -25.33 24.90
N ASP BA 72 46.25 -24.66 24.09
CA ASP BA 72 44.84 -25.02 23.91
C ASP BA 72 44.72 -26.11 22.85
N ALA BA 73 45.78 -26.28 22.07
CA ALA BA 73 45.81 -27.30 21.03
C ALA BA 73 47.24 -27.50 20.54
N VAL BA 74 47.58 -28.74 20.20
CA VAL BA 74 48.91 -29.07 19.71
C VAL BA 74 48.87 -29.57 18.27
N ILE BA 75 49.75 -29.02 17.43
CA ILE BA 75 49.83 -29.42 16.03
C ILE BA 75 51.06 -30.28 15.80
N THR BA 76 50.88 -31.38 15.07
CA THR BA 76 52.00 -32.26 14.72
C THR BA 76 52.33 -32.16 13.24
N LEU BA 77 53.56 -31.75 12.94
CA LEU BA 77 54.03 -31.63 11.56
C LEU BA 77 55.20 -32.57 11.30
N GLY BA 78 55.26 -33.09 10.08
CA GLY BA 78 56.32 -33.99 9.69
C GLY BA 78 56.08 -34.52 8.28
N THR BA 79 57.05 -35.25 7.75
CA THR BA 79 56.91 -35.85 6.42
C THR BA 79 57.52 -37.24 6.37
N VAL BA 80 56.86 -38.13 5.64
CA VAL BA 80 57.34 -39.50 5.47
C VAL BA 80 57.14 -39.93 4.01
N ILE BA 81 58.22 -40.37 3.38
CA ILE BA 81 58.15 -40.76 1.97
C ILE BA 81 58.53 -42.22 1.76
N ARG BA 82 57.80 -42.89 0.88
CA ARG BA 82 58.03 -44.29 0.55
C ARG BA 82 59.48 -44.64 0.24
N GLY BA 83 59.96 -45.72 0.84
CA GLY BA 83 61.28 -46.23 0.54
C GLY BA 83 61.18 -47.56 -0.16
N ALA BA 84 62.27 -48.33 -0.16
CA ALA BA 84 62.27 -49.66 -0.77
C ALA BA 84 61.69 -50.68 0.19
N THR BA 85 61.81 -50.40 1.48
CA THR BA 85 61.35 -51.30 2.52
C THR BA 85 59.96 -50.92 3.02
N THR BA 86 59.33 -51.83 3.76
CA THR BA 86 58.02 -51.57 4.35
C THR BA 86 58.15 -50.72 5.60
N HIS BA 87 59.36 -50.26 5.88
CA HIS BA 87 59.63 -49.39 7.01
C HIS BA 87 58.71 -48.16 6.99
N TYR BA 88 58.47 -47.66 5.78
CA TYR BA 88 57.62 -46.49 5.58
C TYR BA 88 56.24 -46.67 6.22
N ASP BA 89 55.74 -47.91 6.21
CA ASP BA 89 54.40 -48.20 6.69
C ASP BA 89 54.31 -48.16 8.20
N TYR BA 90 55.23 -48.84 8.87
CA TYR BA 90 55.21 -48.93 10.32
C TYR BA 90 55.42 -47.57 10.99
N VAL BA 91 56.12 -46.69 10.30
CA VAL BA 91 56.32 -45.32 10.79
C VAL BA 91 55.03 -44.52 10.66
N CYS BA 92 54.55 -44.36 9.42
CA CYS BA 92 53.30 -43.65 9.16
C CYS BA 92 52.21 -44.11 10.11
N ASN BA 93 51.96 -45.41 10.12
CA ASN BA 93 50.93 -45.98 10.98
C ASN BA 93 51.03 -45.49 12.42
N GLU BA 94 52.15 -45.76 13.05
CA GLU BA 94 52.33 -45.46 14.47
C GLU BA 94 52.30 -43.96 14.79
N VAL BA 95 52.67 -43.14 13.81
CA VAL BA 95 52.57 -41.70 13.98
C VAL BA 95 51.09 -41.32 14.08
N ALA BA 96 50.34 -41.70 13.06
CA ALA BA 96 48.89 -41.45 13.05
C ALA BA 96 48.25 -42.15 14.23
N LYS BA 97 48.70 -43.36 14.50
CA LYS BA 97 48.18 -44.16 15.61
C LYS BA 97 48.41 -43.42 16.93
N GLY BA 98 49.62 -42.93 17.13
CA GLY BA 98 49.97 -42.22 18.35
C GLY BA 98 49.23 -40.91 18.49
N VAL BA 99 49.39 -40.03 17.52
CA VAL BA 99 48.75 -38.71 17.55
C VAL BA 99 47.22 -38.79 17.73
N ALA BA 100 46.59 -39.81 17.14
CA ALA BA 100 45.15 -40.01 17.26
C ALA BA 100 44.77 -40.63 18.59
N SER BA 101 45.25 -41.85 18.81
CA SER BA 101 44.94 -42.59 20.03
C SER BA 101 45.27 -41.79 21.28
N LEU BA 102 46.43 -41.15 21.28
CA LEU BA 102 46.83 -40.32 22.41
C LEU BA 102 46.47 -38.84 22.21
N SER BA 103 45.24 -38.63 21.72
CA SER BA 103 44.65 -37.30 21.64
C SER BA 103 43.30 -37.37 22.34
N LEU BA 104 42.93 -38.58 22.75
CA LEU BA 104 41.70 -38.82 23.48
C LEU BA 104 42.01 -38.91 24.96
N GLN BA 105 43.18 -39.46 25.28
CA GLN BA 105 43.59 -39.62 26.67
C GLN BA 105 43.80 -38.27 27.34
N THR BA 106 44.36 -37.31 26.58
CA THR BA 106 44.57 -35.97 27.08
C THR BA 106 43.27 -35.22 26.99
N ASP BA 107 42.60 -35.29 25.85
CA ASP BA 107 41.38 -34.53 25.71
C ASP BA 107 41.72 -33.16 25.22
N ILE BA 108 43.00 -32.88 25.00
CA ILE BA 108 43.41 -31.61 24.43
C ILE BA 108 43.64 -31.85 22.97
N PRO BA 109 42.99 -31.00 22.19
CA PRO BA 109 43.04 -31.15 20.74
C PRO BA 109 44.41 -31.39 20.12
N VAL BA 110 44.65 -32.54 19.52
CA VAL BA 110 45.94 -32.77 18.86
C VAL BA 110 45.72 -33.05 17.37
N ILE BA 111 45.98 -32.03 16.54
CA ILE BA 111 45.76 -32.13 15.10
C ILE BA 111 46.88 -32.92 14.42
N PHE BA 112 46.49 -33.88 13.60
CA PHE BA 112 47.46 -34.71 12.88
C PHE BA 112 47.79 -34.11 11.53
N GLY BA 113 49.00 -33.58 11.40
CA GLY BA 113 49.45 -32.96 10.16
C GLY BA 113 50.76 -33.53 9.68
N VAL BA 114 50.80 -34.84 9.48
CA VAL BA 114 52.00 -35.53 8.99
C VAL BA 114 51.79 -36.02 7.56
N LEU BA 115 52.59 -35.49 6.64
CA LEU BA 115 52.51 -35.89 5.24
C LEU BA 115 52.97 -37.32 5.03
N THR BA 116 52.16 -38.08 4.32
CA THR BA 116 52.49 -39.46 4.02
C THR BA 116 52.38 -39.70 2.53
N THR BA 117 53.48 -39.49 1.82
CA THR BA 117 53.45 -39.51 0.36
C THR BA 117 54.27 -40.64 -0.26
N GLU BA 118 54.16 -40.75 -1.58
CA GLU BA 118 54.90 -41.75 -2.34
C GLU BA 118 56.10 -41.10 -3.04
N THR BA 119 55.91 -39.85 -3.45
CA THR BA 119 56.94 -39.12 -4.18
C THR BA 119 57.42 -37.90 -3.39
N ILE BA 120 58.66 -37.51 -3.62
CA ILE BA 120 59.17 -36.25 -3.11
C ILE BA 120 58.37 -35.14 -3.77
N GLU BA 121 57.86 -35.42 -4.97
CA GLU BA 121 57.08 -34.44 -5.72
C GLU BA 121 55.68 -34.30 -5.14
N GLN BA 122 55.23 -35.33 -4.42
CA GLN BA 122 53.92 -35.29 -3.78
C GLN BA 122 53.99 -34.54 -2.46
N ALA BA 123 55.14 -34.59 -1.81
CA ALA BA 123 55.37 -33.83 -0.58
C ALA BA 123 55.39 -32.34 -0.92
N ILE BA 124 56.15 -31.99 -1.95
CA ILE BA 124 56.19 -30.62 -2.43
C ILE BA 124 54.80 -30.21 -2.90
N GLU BA 125 54.09 -31.16 -3.47
CA GLU BA 125 52.74 -30.92 -3.97
C GLU BA 125 51.84 -30.43 -2.83
N ARG BA 126 52.10 -30.91 -1.63
CA ARG BA 126 51.28 -30.60 -0.47
C ARG BA 126 51.98 -29.76 0.60
N ALA BA 127 53.09 -29.13 0.22
CA ALA BA 127 53.84 -28.30 1.16
C ALA BA 127 53.84 -26.84 0.71
N GLY BA 128 52.80 -26.42 0.05
CA GLY BA 128 52.86 -25.08 -0.43
C GLY BA 128 52.73 -25.20 -1.93
N THR BA 129 52.49 -26.39 -2.46
CA THR BA 129 52.24 -26.36 -3.90
C THR BA 129 50.75 -26.60 -4.19
N LYS BA 130 50.46 -26.90 -5.46
CA LYS BA 130 49.13 -27.18 -6.10
C LYS BA 130 48.01 -27.50 -5.11
N ALA BA 131 48.30 -28.31 -4.10
CA ALA BA 131 47.23 -28.66 -3.15
C ALA BA 131 47.17 -27.69 -1.97
N GLY BA 132 48.13 -26.73 -1.94
CA GLY BA 132 48.26 -25.78 -0.86
C GLY BA 132 49.24 -26.31 0.20
N ASN BA 133 49.24 -25.67 1.37
CA ASN BA 133 50.13 -26.07 2.45
C ASN BA 133 49.39 -26.78 3.58
N LYS BA 134 49.61 -28.08 3.70
CA LYS BA 134 48.89 -28.89 4.68
C LYS BA 134 49.31 -28.58 6.10
N GLY BA 135 50.17 -27.58 6.26
CA GLY BA 135 50.56 -27.10 7.57
C GLY BA 135 49.67 -25.95 7.97
N TYR BA 136 49.41 -25.06 7.02
CA TYR BA 136 48.50 -23.95 7.23
C TYR BA 136 47.08 -24.46 7.45
N GLU BA 137 46.78 -25.61 6.88
CA GLU BA 137 45.44 -26.18 6.97
C GLU BA 137 45.25 -26.87 8.32
N SER BA 138 46.31 -27.45 8.84
CA SER BA 138 46.26 -28.13 10.12
C SER BA 138 46.27 -27.12 11.26
N ALA BA 139 46.59 -25.88 10.93
CA ALA BA 139 46.55 -24.79 11.90
C ALA BA 139 45.12 -24.29 12.06
N VAL BA 140 44.45 -24.09 10.93
CA VAL BA 140 43.04 -23.74 10.93
C VAL BA 140 42.25 -24.76 11.74
N ALA BA 141 42.55 -26.04 11.52
CA ALA BA 141 41.90 -27.13 12.24
C ALA BA 141 42.17 -27.01 13.73
N ALA BA 142 43.41 -26.67 14.09
CA ALA BA 142 43.80 -26.56 15.49
C ALA BA 142 42.99 -25.48 16.21
N ILE BA 143 42.82 -24.34 15.55
CA ILE BA 143 42.06 -23.25 16.13
C ILE BA 143 40.61 -23.64 16.32
N GLU BA 144 40.02 -24.22 15.28
CA GLU BA 144 38.62 -24.63 15.32
C GLU BA 144 38.36 -25.67 16.41
N MET BA 145 39.25 -26.64 16.52
CA MET BA 145 39.14 -27.69 17.54
C MET BA 145 39.30 -27.12 18.93
N ALA BA 146 40.20 -26.15 19.07
CA ALA BA 146 40.40 -25.48 20.35
C ALA BA 146 39.11 -24.82 20.80
N HIS BA 147 38.46 -24.11 19.88
CA HIS BA 147 37.21 -23.42 20.17
C HIS BA 147 36.01 -24.38 20.31
N LEU BA 148 36.28 -25.67 20.26
CA LEU BA 148 35.21 -26.65 20.41
C LEU BA 148 35.27 -27.35 21.76
N SER BA 149 36.31 -27.07 22.55
CA SER BA 149 36.31 -27.45 23.95
C SER BA 149 35.22 -26.62 24.61
N LYS BA 150 34.01 -27.18 24.61
CA LYS BA 150 32.80 -26.41 24.79
C LYS BA 150 31.80 -27.21 25.61
N HIS BA 151 31.92 -28.53 25.51
CA HIS BA 151 30.96 -29.43 26.14
C HIS BA 151 29.55 -29.16 25.59
N TRP BA 152 28.54 -29.73 26.22
CA TRP BA 152 27.22 -29.77 25.58
C TRP BA 152 26.02 -29.48 26.51
N ALA BA 153 24.95 -28.98 25.92
CA ALA BA 153 23.73 -28.65 26.67
C ALA BA 153 22.48 -29.06 25.89
N VAL CA 2 16.18 -64.17 24.13
CA VAL CA 2 16.05 -63.28 22.98
C VAL CA 2 16.10 -61.80 23.37
N PHE CA 3 16.82 -61.00 22.57
CA PHE CA 3 17.00 -59.58 22.85
C PHE CA 3 17.01 -58.72 21.59
N GLU CA 4 15.85 -58.52 20.99
CA GLU CA 4 15.75 -57.67 19.80
C GLU CA 4 15.66 -56.20 20.20
N GLY CA 5 16.04 -55.32 19.27
CA GLY CA 5 16.03 -53.88 19.53
C GLY CA 5 14.86 -53.14 18.89
N HIS CA 6 14.16 -52.34 19.69
CA HIS CA 6 13.04 -51.55 19.23
C HIS CA 6 13.50 -50.62 18.09
N LEU CA 7 12.55 -50.08 17.34
CA LEU CA 7 12.90 -49.20 16.23
C LEU CA 7 12.11 -47.89 16.21
N VAL CA 8 11.26 -47.69 17.21
CA VAL CA 8 10.53 -46.43 17.35
C VAL CA 8 11.12 -45.63 18.50
N GLY CA 9 11.96 -44.65 18.17
CA GLY CA 9 12.62 -43.85 19.19
C GLY CA 9 12.00 -42.49 19.43
N THR CA 10 10.80 -42.48 20.01
CA THR CA 10 10.10 -41.22 20.26
C THR CA 10 10.73 -40.42 21.39
N GLY CA 11 11.22 -41.12 22.42
CA GLY CA 11 11.78 -40.45 23.58
C GLY CA 11 13.30 -40.44 23.63
N LEU CA 12 13.92 -40.72 22.49
CA LEU CA 12 15.39 -40.76 22.43
C LEU CA 12 16.00 -39.38 22.30
N LYS CA 13 17.29 -39.30 22.62
CA LYS CA 13 18.03 -38.03 22.56
C LYS CA 13 19.38 -38.25 21.87
N VAL CA 14 19.38 -38.16 20.54
CA VAL CA 14 20.58 -38.49 19.76
C VAL CA 14 21.48 -37.28 19.52
N GLY CA 15 22.76 -37.54 19.26
CA GLY CA 15 23.70 -36.49 18.91
C GLY CA 15 24.64 -36.96 17.81
N VAL CA 16 24.91 -36.07 16.85
CA VAL CA 16 25.75 -36.43 15.71
C VAL CA 16 27.01 -35.57 15.60
N VAL CA 17 28.09 -36.18 15.10
CA VAL CA 17 29.32 -35.46 14.81
C VAL CA 17 29.69 -35.60 13.34
N VAL CA 18 29.36 -34.59 12.54
CA VAL CA 18 29.63 -34.63 11.11
C VAL CA 18 30.95 -33.92 10.75
N GLY CA 19 31.53 -34.32 9.62
CA GLY CA 19 32.79 -33.76 9.18
C GLY CA 19 32.63 -32.80 8.03
N ARG CA 20 33.33 -31.66 8.09
CA ARG CA 20 33.23 -30.64 7.07
C ARG CA 20 33.87 -31.04 5.75
N PHE CA 21 35.08 -31.58 5.81
CA PHE CA 21 35.77 -32.03 4.61
C PHE CA 21 34.84 -32.92 3.81
N ASN CA 22 34.76 -32.65 2.51
CA ASN CA 22 33.80 -33.36 1.65
C ASN CA 22 32.36 -33.04 2.05
N GLU CA 23 32.11 -31.78 2.39
CA GLU CA 23 30.78 -31.33 2.80
C GLU CA 23 29.76 -31.64 1.73
N PHE CA 24 30.21 -31.65 0.47
CA PHE CA 24 29.34 -31.94 -0.66
C PHE CA 24 28.61 -33.26 -0.43
N ILE CA 25 29.27 -34.19 0.27
CA ILE CA 25 28.69 -35.49 0.54
C ILE CA 25 28.14 -35.58 1.96
N THR CA 26 28.94 -35.16 2.93
CA THR CA 26 28.54 -35.21 4.33
C THR CA 26 27.25 -34.42 4.58
N SER CA 27 27.05 -33.37 3.79
CA SER CA 27 25.84 -32.56 3.89
C SER CA 27 24.59 -33.42 3.72
N LYS CA 28 24.43 -34.02 2.55
CA LYS CA 28 23.30 -34.90 2.29
C LYS CA 28 23.32 -36.10 3.22
N LEU CA 29 24.49 -36.37 3.79
CA LEU CA 29 24.67 -37.52 4.68
C LEU CA 29 24.08 -37.23 6.06
N LEU CA 30 24.10 -35.96 6.44
CA LEU CA 30 23.49 -35.53 7.69
C LEU CA 30 21.98 -35.40 7.52
N GLY CA 31 21.56 -34.87 6.37
CA GLY CA 31 20.15 -34.74 6.05
C GLY CA 31 19.53 -36.15 6.02
N GLY CA 32 20.40 -37.16 5.99
CA GLY CA 32 19.97 -38.54 6.01
C GLY CA 32 19.67 -38.94 7.44
N ALA CA 33 20.62 -38.64 8.34
CA ALA CA 33 20.43 -38.89 9.74
C ALA CA 33 19.11 -38.27 10.21
N LEU CA 34 18.96 -36.96 10.10
CA LEU CA 34 17.77 -36.24 10.68
C LEU CA 34 16.43 -36.42 10.05
N ASP CA 35 16.37 -36.22 8.78
CA ASP CA 35 15.02 -36.27 8.21
C ASP CA 35 14.34 -37.65 8.44
N GLY CA 36 15.16 -38.67 8.86
CA GLY CA 36 14.77 -40.05 9.10
C GLY CA 36 14.94 -40.45 10.54
N LEU CA 37 15.71 -39.63 11.26
CA LEU CA 37 15.88 -39.78 12.68
C LEU CA 37 14.63 -39.15 13.28
N LYS CA 38 14.17 -38.08 12.63
CA LYS CA 38 12.97 -37.37 13.04
C LYS CA 38 11.73 -38.22 12.77
N ARG CA 39 11.63 -38.70 11.54
CA ARG CA 39 10.44 -39.45 11.11
C ARG CA 39 10.33 -40.80 11.81
N HIS CA 40 11.31 -41.14 12.62
CA HIS CA 40 11.27 -42.37 13.41
C HIS CA 40 10.78 -42.12 14.82
N GLY CA 41 10.42 -40.87 15.11
CA GLY CA 41 9.86 -40.51 16.41
C GLY CA 41 10.64 -39.46 17.16
N VAL CA 42 11.96 -39.48 17.03
CA VAL CA 42 12.84 -38.56 17.76
C VAL CA 42 12.38 -37.12 17.61
N GLU CA 43 12.37 -36.39 18.71
CA GLU CA 43 12.04 -34.97 18.70
C GLU CA 43 13.20 -34.19 18.10
N GLU CA 44 12.91 -33.32 17.15
CA GLU CA 44 13.97 -32.60 16.43
C GLU CA 44 14.78 -31.68 17.35
N ASN CA 45 14.28 -31.48 18.57
CA ASN CA 45 14.98 -30.66 19.55
C ASN CA 45 15.89 -31.48 20.44
N ASP CA 46 15.77 -32.80 20.34
CA ASP CA 46 16.63 -33.72 21.08
C ASP CA 46 17.82 -34.14 20.21
N ILE CA 47 18.12 -33.35 19.19
CA ILE CA 47 19.21 -33.66 18.27
C ILE CA 47 20.23 -32.54 18.19
N ASP CA 48 21.46 -32.86 18.59
CA ASP CA 48 22.55 -31.91 18.51
C ASP CA 48 23.58 -32.31 17.45
N VAL CA 49 24.17 -31.32 16.80
CA VAL CA 49 25.14 -31.56 15.76
C VAL CA 49 26.49 -30.91 16.11
N ALA CA 50 27.56 -31.65 15.89
CA ALA CA 50 28.90 -31.14 16.16
C ALA CA 50 29.76 -31.19 14.90
N TRP CA 51 30.00 -30.04 14.30
CA TRP CA 51 30.81 -29.94 13.09
C TRP CA 51 32.31 -29.94 13.41
N VAL CA 52 33.02 -30.95 12.90
CA VAL CA 52 34.45 -31.05 13.07
C VAL CA 52 35.14 -30.87 11.72
N PRO CA 53 36.40 -30.40 11.73
CA PRO CA 53 37.15 -30.16 10.50
C PRO CA 53 37.19 -31.39 9.60
N GLY CA 54 38.02 -32.36 9.95
CA GLY CA 54 38.13 -33.58 9.18
C GLY CA 54 37.58 -34.79 9.92
N ALA CA 55 37.42 -35.90 9.19
CA ALA CA 55 36.93 -37.13 9.79
C ALA CA 55 37.85 -37.61 10.90
N PHE CA 56 39.10 -37.16 10.85
CA PHE CA 56 40.12 -37.56 11.83
C PHE CA 56 39.79 -37.01 13.21
N GLU CA 57 39.12 -35.86 13.25
CA GLU CA 57 38.84 -35.16 14.50
C GLU CA 57 37.56 -35.67 15.14
N ILE CA 58 36.89 -36.60 14.48
CA ILE CA 58 35.62 -37.13 14.98
C ILE CA 58 35.76 -37.84 16.33
N PRO CA 59 36.71 -38.79 16.44
CA PRO CA 59 36.86 -39.54 17.69
C PRO CA 59 36.89 -38.67 18.94
N LEU CA 60 37.59 -37.55 18.87
CA LEU CA 60 37.74 -36.67 20.03
C LEU CA 60 36.42 -36.06 20.47
N ILE CA 61 35.70 -35.45 19.52
CA ILE CA 61 34.44 -34.79 19.82
C ILE CA 61 33.28 -35.77 19.97
N ALA CA 62 33.36 -36.90 19.28
CA ALA CA 62 32.38 -37.96 19.45
C ALA CA 62 32.45 -38.47 20.89
N LYS CA 63 33.63 -38.39 21.47
CA LYS CA 63 33.83 -38.78 22.87
C LYS CA 63 33.19 -37.76 23.80
N LYS CA 64 33.68 -36.52 23.78
CA LYS CA 64 33.13 -35.45 24.58
C LYS CA 64 31.60 -35.47 24.59
N MET CA 65 31.01 -35.81 23.44
CA MET CA 65 29.57 -35.75 23.26
C MET CA 65 28.87 -36.97 23.85
N ALA CA 66 29.30 -38.15 23.45
CA ALA CA 66 28.71 -39.38 23.96
C ALA CA 66 29.06 -39.58 25.43
N ASN CA 67 29.80 -38.63 25.98
CA ASN CA 67 30.28 -38.74 27.36
C ASN CA 67 29.60 -37.73 28.26
N SER CA 68 29.01 -36.71 27.65
CA SER CA 68 28.30 -35.68 28.40
C SER CA 68 27.02 -36.23 29.02
N GLY CA 69 26.57 -37.37 28.51
CA GLY CA 69 25.38 -38.03 29.02
C GLY CA 69 24.09 -37.45 28.47
N LYS CA 70 24.20 -36.27 27.84
CA LYS CA 70 23.03 -35.60 27.27
C LYS CA 70 22.41 -36.46 26.18
N TYR CA 71 23.18 -37.40 25.66
CA TYR CA 71 22.78 -38.14 24.47
C TYR CA 71 22.57 -39.63 24.75
N ASP CA 72 21.47 -40.15 24.20
CA ASP CA 72 21.10 -41.54 24.38
C ASP CA 72 21.89 -42.42 23.41
N ALA CA 73 22.42 -41.80 22.37
CA ALA CA 73 23.27 -42.47 21.39
C ALA CA 73 23.92 -41.44 20.49
N VAL CA 74 25.03 -41.79 19.88
CA VAL CA 74 25.76 -40.85 19.03
C VAL CA 74 25.99 -41.38 17.62
N ILE CA 75 25.77 -40.53 16.62
CA ILE CA 75 25.95 -40.91 15.22
C ILE CA 75 27.10 -40.13 14.59
N THR CA 76 28.13 -40.85 14.17
CA THR CA 76 29.29 -40.22 13.52
C THR CA 76 29.15 -40.21 12.01
N LEU CA 77 29.06 -39.02 11.42
CA LEU CA 77 28.94 -38.88 9.97
C LEU CA 77 30.20 -38.24 9.40
N GLY CA 78 30.49 -38.56 8.14
CA GLY CA 78 31.65 -38.00 7.47
C GLY CA 78 31.96 -38.73 6.18
N THR CA 79 32.91 -38.20 5.41
CA THR CA 79 33.31 -38.83 4.16
C THR CA 79 34.81 -38.72 3.95
N VAL CA 80 35.41 -39.82 3.49
CA VAL CA 80 36.83 -39.84 3.15
C VAL CA 80 37.02 -40.52 1.80
N ILE CA 81 37.72 -39.85 0.89
CA ILE CA 81 37.90 -40.39 -0.45
C ILE CA 81 39.37 -40.55 -0.80
N ARG CA 82 39.68 -41.64 -1.49
CA ARG CA 82 41.05 -41.97 -1.88
C ARG CA 82 41.81 -40.82 -2.54
N GLY CA 83 43.01 -40.56 -2.04
CA GLY CA 83 43.90 -39.59 -2.66
C GLY CA 83 45.00 -40.31 -3.41
N ALA CA 84 46.08 -39.59 -3.69
CA ALA CA 84 47.22 -40.17 -4.38
C ALA CA 84 48.17 -40.80 -3.37
N THR CA 85 47.98 -40.48 -2.09
CA THR CA 85 48.86 -40.96 -1.04
C THR CA 85 48.15 -41.95 -0.12
N THR CA 86 48.94 -42.61 0.74
CA THR CA 86 48.40 -43.55 1.70
C THR CA 86 47.74 -42.83 2.87
N HIS CA 87 47.68 -41.50 2.77
CA HIS CA 87 47.05 -40.69 3.80
C HIS CA 87 45.64 -41.17 4.07
N TYR CA 88 44.90 -41.42 2.99
CA TYR CA 88 43.51 -41.88 3.08
C TYR CA 88 43.35 -43.07 4.02
N ASP CA 89 44.38 -43.90 4.10
CA ASP CA 89 44.31 -45.12 4.90
C ASP CA 89 44.39 -44.86 6.40
N TYR CA 90 45.37 -44.05 6.79
CA TYR CA 90 45.59 -43.76 8.21
C TYR CA 90 44.44 -42.97 8.80
N VAL CA 91 43.74 -42.23 7.95
CA VAL CA 91 42.56 -41.48 8.40
C VAL CA 91 41.38 -42.42 8.61
N CYS CA 92 40.98 -43.12 7.55
CA CYS CA 92 39.89 -44.08 7.63
C CYS CA 92 40.07 -45.00 8.82
N ASN CA 93 41.25 -45.60 8.94
CA ASN CA 93 41.55 -46.49 10.05
C ASN CA 93 41.25 -45.84 11.40
N GLU CA 94 41.98 -44.77 11.71
CA GLU CA 94 41.89 -44.12 13.01
C GLU CA 94 40.48 -43.63 13.33
N VAL CA 95 39.70 -43.29 12.31
CA VAL CA 95 38.31 -42.90 12.50
C VAL CA 95 37.50 -44.08 13.02
N ALA CA 96 37.46 -45.15 12.22
CA ALA CA 96 36.78 -46.37 12.60
C ALA CA 96 37.39 -46.94 13.88
N LYS CA 97 38.71 -46.78 14.01
CA LYS CA 97 39.44 -47.26 15.17
C LYS CA 97 38.98 -46.53 16.43
N GLY CA 98 38.81 -45.21 16.32
CA GLY CA 98 38.35 -44.41 17.43
C GLY CA 98 36.90 -44.69 17.78
N VAL CA 99 36.01 -44.53 16.81
CA VAL CA 99 34.58 -44.67 17.04
C VAL CA 99 34.22 -46.03 17.65
N ALA CA 100 34.89 -47.09 17.19
CA ALA CA 100 34.61 -48.43 17.68
C ALA CA 100 35.23 -48.67 19.05
N SER CA 101 36.55 -48.56 19.13
CA SER CA 101 37.27 -48.79 20.37
C SER CA 101 36.78 -47.85 21.47
N LEU CA 102 36.31 -46.68 21.08
CA LEU CA 102 35.80 -45.70 22.03
C LEU CA 102 34.28 -45.70 22.05
N SER CA 103 33.71 -46.90 21.99
CA SER CA 103 32.26 -47.09 22.10
C SER CA 103 32.03 -48.16 23.15
N LEU CA 104 33.11 -48.81 23.55
CA LEU CA 104 33.07 -49.82 24.61
C LEU CA 104 33.46 -49.17 25.92
N GLN CA 105 34.32 -48.16 25.82
CA GLN CA 105 34.80 -47.42 26.99
C GLN CA 105 33.67 -46.57 27.59
N THR CA 106 32.76 -46.07 26.78
CA THR CA 106 31.68 -45.25 27.37
C THR CA 106 30.38 -46.07 27.62
N ASP CA 107 30.17 -47.11 26.82
CA ASP CA 107 28.95 -47.95 26.88
C ASP CA 107 27.75 -47.15 26.32
N ILE CA 108 27.97 -46.00 25.69
CA ILE CA 108 26.90 -45.21 25.01
C ILE CA 108 26.98 -45.62 23.53
N PRO CA 109 25.83 -45.94 22.90
CA PRO CA 109 25.98 -46.41 21.52
C PRO CA 109 26.67 -45.43 20.60
N VAL CA 110 27.75 -45.76 19.88
CA VAL CA 110 28.33 -44.78 18.96
C VAL CA 110 28.38 -45.38 17.56
N ILE CA 111 27.31 -45.16 16.79
CA ILE CA 111 27.18 -45.71 15.45
C ILE CA 111 28.22 -45.13 14.48
N PHE CA 112 28.82 -46.00 13.68
CA PHE CA 112 29.84 -45.58 12.72
C PHE CA 112 29.24 -45.38 11.33
N GLY CA 113 29.00 -44.12 10.98
CA GLY CA 113 28.42 -43.80 9.68
C GLY CA 113 29.33 -42.93 8.86
N VAL CA 114 30.61 -43.28 8.81
CA VAL CA 114 31.58 -42.56 7.99
C VAL CA 114 31.83 -43.27 6.67
N LEU CA 115 31.51 -42.60 5.57
CA LEU CA 115 31.76 -43.14 4.25
C LEU CA 115 33.25 -43.21 3.98
N THR CA 116 33.68 -44.33 3.43
CA THR CA 116 35.09 -44.54 3.10
C THR CA 116 35.18 -45.14 1.71
N THR CA 117 35.22 -44.27 0.70
CA THR CA 117 35.11 -44.68 -0.69
C THR CA 117 36.36 -44.44 -1.53
N GLU CA 118 36.29 -44.85 -2.80
CA GLU CA 118 37.39 -44.72 -3.73
C GLU CA 118 37.14 -43.62 -4.76
N THR CA 119 35.87 -43.40 -5.06
CA THR CA 119 35.47 -42.40 -6.05
C THR CA 119 34.53 -41.38 -5.44
N ILE CA 120 34.50 -40.19 -6.03
CA ILE CA 120 33.50 -39.20 -5.66
C ILE CA 120 32.12 -39.78 -5.98
N GLU CA 121 32.07 -40.59 -7.03
CA GLU CA 121 30.82 -41.20 -7.47
C GLU CA 121 30.30 -42.19 -6.43
N GLN CA 122 31.19 -42.99 -5.88
CA GLN CA 122 30.79 -44.00 -4.89
C GLN CA 122 30.21 -43.35 -3.63
N ALA CA 123 30.74 -42.19 -3.28
CA ALA CA 123 30.24 -41.42 -2.15
C ALA CA 123 28.79 -41.00 -2.42
N ILE CA 124 28.54 -40.50 -3.61
CA ILE CA 124 27.21 -40.08 -4.01
C ILE CA 124 26.23 -41.26 -4.00
N GLU CA 125 26.70 -42.41 -4.47
CA GLU CA 125 25.89 -43.62 -4.47
C GLU CA 125 25.37 -43.92 -3.07
N ARG CA 126 26.24 -43.71 -2.09
CA ARG CA 126 25.93 -44.06 -0.70
C ARG CA 126 25.51 -42.84 0.13
N ALA CA 127 25.14 -41.77 -0.56
CA ALA CA 127 24.69 -40.56 0.11
C ALA CA 127 23.29 -40.16 -0.34
N GLY CA 128 22.45 -41.12 -0.58
CA GLY CA 128 21.14 -40.73 -1.02
C GLY CA 128 20.87 -41.14 -2.43
N THR CA 129 21.76 -41.94 -3.05
CA THR CA 129 21.45 -42.39 -4.42
C THR CA 129 21.26 -43.91 -4.47
N LYS CA 130 21.71 -44.52 -5.56
CA LYS CA 130 21.69 -45.96 -5.81
C LYS CA 130 21.66 -46.80 -4.55
N ALA CA 131 22.73 -46.77 -3.73
CA ALA CA 131 22.78 -47.64 -2.55
C ALA CA 131 21.86 -47.21 -1.38
N GLY CA 132 21.37 -45.95 -1.40
CA GLY CA 132 20.55 -45.42 -0.33
C GLY CA 132 21.33 -44.33 0.41
N ASN CA 133 20.86 -43.89 1.59
CA ASN CA 133 21.59 -42.87 2.34
C ASN CA 133 22.20 -43.44 3.60
N LYS CA 134 23.53 -43.51 3.62
CA LYS CA 134 24.27 -44.06 4.75
C LYS CA 134 23.91 -43.36 6.05
N GLY CA 135 23.59 -42.07 5.95
CA GLY CA 135 23.25 -41.27 7.13
C GLY CA 135 21.92 -41.69 7.74
N TYR CA 136 20.97 -42.04 6.87
CA TYR CA 136 19.66 -42.51 7.32
C TYR CA 136 19.77 -43.88 7.97
N GLU CA 137 20.48 -44.78 7.31
CA GLU CA 137 20.67 -46.14 7.81
C GLU CA 137 21.45 -46.15 9.12
N SER CA 138 22.31 -45.15 9.31
CA SER CA 138 23.12 -45.07 10.52
C SER CA 138 22.33 -44.47 11.68
N ALA CA 139 21.24 -43.78 11.35
CA ALA CA 139 20.36 -43.22 12.37
C ALA CA 139 19.41 -44.29 12.88
N VAL CA 140 18.84 -45.06 11.95
CA VAL CA 140 17.94 -46.15 12.30
C VAL CA 140 18.66 -47.16 13.19
N ALA CA 141 19.98 -47.25 13.02
CA ALA CA 141 20.80 -48.15 13.83
C ALA CA 141 21.03 -47.55 15.21
N ALA CA 142 21.20 -46.24 15.27
CA ALA CA 142 21.41 -45.55 16.53
C ALA CA 142 20.21 -45.74 17.45
N ILE CA 143 19.02 -45.70 16.87
CA ILE CA 143 17.80 -45.93 17.64
C ILE CA 143 17.79 -47.33 18.22
N GLU CA 144 17.90 -48.33 17.35
CA GLU CA 144 17.88 -49.72 17.77
C GLU CA 144 18.90 -50.00 18.87
N MET CA 145 20.14 -49.56 18.63
CA MET CA 145 21.20 -49.74 19.61
C MET CA 145 20.84 -49.11 20.95
N ALA CA 146 20.26 -47.92 20.90
CA ALA CA 146 19.81 -47.25 22.12
C ALA CA 146 18.80 -48.13 22.85
N HIS CA 147 17.76 -48.54 22.14
CA HIS CA 147 16.71 -49.36 22.73
C HIS CA 147 17.21 -50.71 23.21
N LEU CA 148 18.42 -51.08 22.81
CA LEU CA 148 19.05 -52.27 23.36
C LEU CA 148 19.72 -51.55 24.53
N SER CA 149 19.00 -51.49 25.63
CA SER CA 149 19.49 -51.30 26.99
C SER CA 149 19.52 -52.07 28.30
N LYS CA 150 18.88 -53.24 28.31
CA LYS CA 150 18.90 -54.11 29.48
C LYS CA 150 20.26 -54.56 30.01
N HIS CA 151 21.20 -54.79 29.11
CA HIS CA 151 22.53 -55.26 29.47
C HIS CA 151 23.38 -54.17 30.10
N TRP CA 152 23.62 -54.29 31.41
CA TRP CA 152 24.62 -53.47 32.09
C TRP CA 152 24.84 -53.96 33.52
N ALA CA 153 26.02 -54.53 33.76
CA ALA CA 153 26.38 -55.05 35.08
C ALA CA 153 27.89 -54.89 35.33
N VAL DA 2 47.85 -81.93 29.07
CA VAL DA 2 47.51 -81.95 30.48
C VAL DA 2 46.23 -81.16 30.73
N PHE DA 3 45.89 -80.26 29.80
CA PHE DA 3 44.73 -79.39 29.97
C PHE DA 3 43.83 -79.34 28.74
N GLU DA 4 43.09 -80.41 28.48
CA GLU DA 4 42.14 -80.43 27.37
C GLU DA 4 40.77 -79.92 27.79
N GLY DA 5 39.95 -79.52 26.84
CA GLY DA 5 38.64 -78.96 27.14
C GLY DA 5 37.49 -79.90 26.84
N HIS DA 6 36.67 -80.15 27.84
CA HIS DA 6 35.50 -81.01 27.71
C HIS DA 6 34.61 -80.53 26.55
N LEU DA 7 33.88 -81.45 25.93
CA LEU DA 7 33.05 -81.08 24.78
C LEU DA 7 31.56 -81.31 25.02
N VAL DA 8 31.22 -81.86 26.18
CA VAL DA 8 29.82 -82.01 26.57
C VAL DA 8 29.40 -80.83 27.44
N GLY DA 9 28.37 -80.11 27.01
CA GLY DA 9 27.94 -78.92 27.72
C GLY DA 9 26.51 -78.99 28.21
N THR DA 10 26.15 -80.11 28.82
CA THR DA 10 24.80 -80.30 29.33
C THR DA 10 24.42 -79.21 30.33
N GLY DA 11 25.38 -78.82 31.17
CA GLY DA 11 25.10 -77.85 32.21
C GLY DA 11 25.61 -76.46 31.89
N LEU DA 12 25.80 -76.18 30.61
CA LEU DA 12 26.31 -74.88 30.20
C LEU DA 12 25.18 -73.85 30.04
N LYS DA 13 25.57 -72.61 29.76
CA LYS DA 13 24.63 -71.50 29.71
C LYS DA 13 25.16 -70.42 28.78
N VAL DA 14 24.91 -70.58 27.48
CA VAL DA 14 25.51 -69.73 26.46
C VAL DA 14 24.62 -68.56 26.03
N GLY DA 15 25.24 -67.53 25.46
CA GLY DA 15 24.52 -66.40 24.91
C GLY DA 15 25.20 -65.87 23.67
N VAL DA 16 24.43 -65.63 22.60
CA VAL DA 16 25.00 -65.23 21.33
C VAL DA 16 24.52 -63.85 20.86
N VAL DA 17 25.35 -63.20 20.04
CA VAL DA 17 24.99 -61.93 19.43
C VAL DA 17 25.16 -62.01 17.93
N VAL DA 18 24.04 -62.01 17.20
CA VAL DA 18 24.07 -62.11 15.75
C VAL DA 18 23.73 -60.79 15.07
N GLY DA 19 24.33 -60.56 13.91
CA GLY DA 19 24.11 -59.33 13.17
C GLY DA 19 23.01 -59.49 12.15
N ARG DA 20 22.05 -58.56 12.17
CA ARG DA 20 20.92 -58.62 11.27
C ARG DA 20 21.33 -58.42 9.82
N PHE DA 21 22.31 -57.56 9.59
CA PHE DA 21 22.79 -57.31 8.23
C PHE DA 21 23.29 -58.61 7.62
N ASN DA 22 22.88 -58.87 6.39
CA ASN DA 22 23.13 -60.14 5.73
C ASN DA 22 22.37 -61.28 6.42
N GLU DA 23 21.16 -60.97 6.85
CA GLU DA 23 20.30 -61.94 7.51
C GLU DA 23 20.23 -63.25 6.74
N PHE DA 24 20.23 -63.13 5.41
CA PHE DA 24 20.15 -64.28 4.53
C PHE DA 24 21.20 -65.33 4.87
N ILE DA 25 22.32 -64.88 5.43
CA ILE DA 25 23.40 -65.78 5.82
C ILE DA 25 23.44 -66.01 7.32
N THR DA 26 23.37 -64.93 8.09
CA THR DA 26 23.44 -65.04 9.55
C THR DA 26 22.32 -65.90 10.13
N SER DA 27 21.20 -66.00 9.40
CA SER DA 27 20.09 -66.83 9.83
C SER DA 27 20.51 -68.28 9.96
N LYS DA 28 20.84 -68.89 8.83
CA LYS DA 28 21.30 -70.27 8.81
C LYS DA 28 22.56 -70.43 9.65
N LEU DA 29 23.25 -69.33 9.88
CA LEU DA 29 24.48 -69.33 10.65
C LEU DA 29 24.16 -69.48 12.14
N LEU DA 30 23.05 -68.88 12.55
CA LEU DA 30 22.60 -68.93 13.95
C LEU DA 30 21.97 -70.27 14.26
N GLY DA 31 21.11 -70.73 13.36
CA GLY DA 31 20.43 -72.00 13.52
C GLY DA 31 21.40 -73.14 13.70
N GLY DA 32 22.58 -73.02 13.08
CA GLY DA 32 23.61 -74.02 13.21
C GLY DA 32 24.28 -73.98 14.58
N ALA DA 33 24.39 -72.77 15.14
CA ALA DA 33 25.01 -72.59 16.46
C ALA DA 33 24.07 -73.06 17.55
N LEU DA 34 22.79 -72.74 17.40
CA LEU DA 34 21.78 -73.20 18.35
C LEU DA 34 21.68 -74.71 18.29
N ASP DA 35 21.50 -75.24 17.08
CA ASP DA 35 21.43 -76.69 16.87
C ASP DA 35 22.63 -77.39 17.49
N GLY DA 36 23.80 -76.76 17.41
CA GLY DA 36 25.01 -77.32 17.97
C GLY DA 36 24.99 -77.38 19.48
N LEU DA 37 24.81 -76.22 20.12
CA LEU DA 37 24.71 -76.16 21.57
C LEU DA 37 23.61 -77.07 22.08
N LYS DA 38 22.46 -77.01 21.42
CA LYS DA 38 21.28 -77.77 21.83
C LYS DA 38 21.55 -79.28 21.82
N ARG DA 39 22.12 -79.77 20.72
CA ARG DA 39 22.38 -81.21 20.58
C ARG DA 39 23.69 -81.63 21.25
N HIS DA 40 24.37 -80.68 21.90
CA HIS DA 40 25.59 -81.01 22.62
C HIS DA 40 25.33 -81.06 24.12
N GLY DA 41 24.07 -80.87 24.50
CA GLY DA 41 23.69 -80.93 25.90
C GLY DA 41 23.06 -79.65 26.43
N VAL DA 42 23.60 -78.51 26.01
CA VAL DA 42 23.11 -77.22 26.46
C VAL DA 42 21.59 -77.18 26.43
N GLU DA 43 20.98 -76.73 27.52
CA GLU DA 43 19.53 -76.65 27.60
C GLU DA 43 19.01 -75.63 26.60
N GLU DA 44 17.91 -75.96 25.93
CA GLU DA 44 17.39 -75.14 24.84
C GLU DA 44 16.96 -73.75 25.28
N ASN DA 45 16.91 -73.52 26.60
CA ASN DA 45 16.50 -72.23 27.12
C ASN DA 45 17.59 -71.52 27.91
N ASP DA 46 18.71 -72.22 28.13
CA ASP DA 46 19.88 -71.62 28.74
C ASP DA 46 20.63 -70.82 27.67
N ILE DA 47 19.94 -70.53 26.59
CA ILE DA 47 20.54 -69.91 25.42
C ILE DA 47 19.82 -68.61 25.04
N ASP DA 48 20.56 -67.51 24.96
CA ASP DA 48 19.99 -66.22 24.63
C ASP DA 48 20.59 -65.65 23.35
N VAL DA 49 19.79 -64.89 22.60
CA VAL DA 49 20.25 -64.29 21.36
C VAL DA 49 19.97 -62.79 21.32
N ALA DA 50 20.99 -62.01 20.98
CA ALA DA 50 20.85 -60.57 20.88
C ALA DA 50 21.11 -60.10 19.44
N TRP DA 51 20.07 -59.57 18.80
CA TRP DA 51 20.18 -59.09 17.43
C TRP DA 51 20.68 -57.65 17.35
N VAL DA 52 21.84 -57.46 16.74
CA VAL DA 52 22.42 -56.14 16.54
C VAL DA 52 22.26 -55.72 15.08
N PRO DA 53 22.36 -54.40 14.86
CA PRO DA 53 22.22 -53.87 13.50
C PRO DA 53 23.13 -54.58 12.48
N GLY DA 54 24.39 -54.77 12.83
CA GLY DA 54 25.33 -55.42 11.95
C GLY DA 54 26.61 -55.76 12.73
N ALA DA 55 27.60 -56.34 12.05
CA ALA DA 55 28.84 -56.73 12.73
C ALA DA 55 29.49 -55.55 13.48
N PHE DA 56 29.54 -54.37 12.92
CA PHE DA 56 30.22 -53.34 13.68
C PHE DA 56 29.67 -53.20 15.11
N GLU DA 57 28.40 -53.44 15.29
CA GLU DA 57 27.76 -53.27 16.59
C GLU DA 57 27.98 -54.42 17.56
N ILE DA 58 28.49 -55.56 17.07
CA ILE DA 58 28.71 -56.84 17.85
C ILE DA 58 29.72 -56.90 18.99
N PRO DA 59 30.67 -55.99 18.94
CA PRO DA 59 31.59 -55.84 20.07
C PRO DA 59 30.95 -55.19 21.30
N LEU DA 60 30.08 -54.20 21.08
CA LEU DA 60 29.47 -53.48 22.19
C LEU DA 60 28.51 -54.36 23.00
N ILE DA 61 27.61 -55.04 22.31
CA ILE DA 61 26.59 -55.85 22.97
C ILE DA 61 27.15 -57.20 23.45
N ALA DA 62 28.25 -57.65 22.85
CA ALA DA 62 28.92 -58.85 23.31
C ALA DA 62 29.56 -58.58 24.67
N LYS DA 63 30.07 -57.37 24.84
CA LYS DA 63 30.64 -56.94 26.11
C LYS DA 63 29.55 -56.80 27.16
N LYS DA 64 28.36 -56.42 26.72
CA LYS DA 64 27.22 -56.24 27.63
C LYS DA 64 26.62 -57.57 28.06
N MET DA 65 26.99 -58.65 27.38
CA MET DA 65 26.51 -59.98 27.73
C MET DA 65 27.57 -60.77 28.48
N ALA DA 66 28.83 -60.36 28.32
CA ALA DA 66 29.91 -60.97 29.07
C ALA DA 66 29.98 -60.35 30.46
N ASN DA 67 29.78 -59.04 30.53
CA ASN DA 67 29.79 -58.32 31.80
C ASN DA 67 28.50 -58.52 32.58
N SER DA 68 27.51 -59.12 31.95
CA SER DA 68 26.24 -59.41 32.61
C SER DA 68 26.40 -60.61 33.55
N GLY DA 69 27.50 -61.33 33.40
CA GLY DA 69 27.82 -62.46 34.26
C GLY DA 69 26.70 -63.48 34.38
N LYS DA 70 26.09 -63.80 33.24
CA LYS DA 70 24.96 -64.72 33.21
C LYS DA 70 25.28 -65.94 32.36
N TYR DA 71 26.28 -65.83 31.50
CA TYR DA 71 26.58 -66.88 30.55
C TYR DA 71 27.91 -67.55 30.85
N ASP DA 72 28.12 -68.74 30.30
CA ASP DA 72 29.36 -69.48 30.45
C ASP DA 72 30.26 -69.25 29.24
N ALA DA 73 29.69 -68.60 28.24
CA ALA DA 73 30.39 -68.31 27.00
C ALA DA 73 29.50 -67.45 26.12
N VAL DA 74 30.12 -66.64 25.26
CA VAL DA 74 29.38 -65.79 24.34
C VAL DA 74 29.81 -66.10 22.91
N ILE DA 75 28.85 -66.30 22.03
CA ILE DA 75 29.13 -66.58 20.64
C ILE DA 75 28.76 -65.40 19.75
N THR DA 76 29.74 -64.85 19.04
CA THR DA 76 29.49 -63.74 18.12
C THR DA 76 29.29 -64.24 16.69
N LEU DA 77 28.09 -64.03 16.15
CA LEU DA 77 27.77 -64.44 14.80
C LEU DA 77 27.45 -63.24 13.92
N GLY DA 78 27.77 -63.34 12.64
CA GLY DA 78 27.52 -62.28 11.70
C GLY DA 78 28.14 -62.58 10.35
N THR DA 79 27.95 -61.68 9.40
CA THR DA 79 28.53 -61.86 8.07
C THR DA 79 28.84 -60.51 7.41
N VAL DA 80 30.04 -60.40 6.85
CA VAL DA 80 30.45 -59.20 6.13
C VAL DA 80 30.98 -59.61 4.76
N ILE DA 81 30.54 -58.93 3.71
CA ILE DA 81 30.98 -59.27 2.36
C ILE DA 81 31.56 -58.06 1.62
N ARG DA 82 32.61 -58.32 0.85
CA ARG DA 82 33.30 -57.29 0.09
C ARG DA 82 32.39 -56.39 -0.73
N GLY DA 83 32.61 -55.09 -0.62
CA GLY DA 83 31.89 -54.13 -1.43
C GLY DA 83 32.84 -53.49 -2.42
N ALA DA 84 32.47 -52.29 -2.91
CA ALA DA 84 33.30 -51.55 -3.84
C ALA DA 84 34.33 -50.71 -3.11
N THR DA 85 34.00 -50.37 -1.86
CA THR DA 85 34.87 -49.52 -1.06
C THR DA 85 35.65 -50.34 -0.05
N THR DA 86 36.63 -49.69 0.59
CA THR DA 86 37.44 -50.33 1.62
C THR DA 86 36.70 -50.37 2.96
N HIS DA 87 35.45 -49.93 2.95
CA HIS DA 87 34.60 -49.96 4.13
C HIS DA 87 34.56 -51.35 4.75
N TYR DA 88 34.51 -52.37 3.89
CA TYR DA 88 34.47 -53.76 4.33
C TYR DA 88 35.64 -54.11 5.24
N ASP DA 89 36.79 -53.49 4.99
CA ASP DA 89 38.00 -53.80 5.74
C ASP DA 89 37.95 -53.32 7.19
N TYR DA 90 37.56 -52.08 7.37
CA TYR DA 90 37.51 -51.48 8.70
C TYR DA 90 36.46 -52.14 9.57
N VAL DA 91 35.35 -52.52 8.96
CA VAL DA 91 34.29 -53.24 9.66
C VAL DA 91 34.81 -54.58 10.15
N CYS DA 92 35.22 -55.43 9.21
CA CYS DA 92 35.76 -56.74 9.54
C CYS DA 92 36.82 -56.65 10.65
N ASN DA 93 37.75 -55.71 10.48
CA ASN DA 93 38.83 -55.54 11.45
C ASN DA 93 38.32 -55.23 12.85
N GLU DA 94 37.54 -54.17 12.98
CA GLU DA 94 37.07 -53.72 14.28
C GLU DA 94 36.20 -54.75 14.99
N VAL DA 95 35.55 -55.60 14.22
CA VAL DA 95 34.73 -56.67 14.80
C VAL DA 95 35.63 -57.68 15.50
N ALA DA 96 36.58 -58.24 14.75
CA ALA DA 96 37.54 -59.18 15.30
C ALA DA 96 38.39 -58.50 16.36
N LYS DA 97 38.91 -57.33 16.02
CA LYS DA 97 39.71 -56.53 16.94
C LYS DA 97 38.97 -56.33 18.26
N GLY DA 98 37.67 -56.08 18.17
CA GLY DA 98 36.85 -55.89 19.34
C GLY DA 98 36.59 -57.18 20.11
N VAL DA 99 36.07 -58.18 19.39
CA VAL DA 99 35.74 -59.46 20.00
C VAL DA 99 36.93 -60.15 20.66
N ALA DA 100 38.10 -60.06 20.02
CA ALA DA 100 39.31 -60.67 20.56
C ALA DA 100 39.84 -59.89 21.77
N SER DA 101 39.99 -58.58 21.60
CA SER DA 101 40.52 -57.72 22.65
C SER DA 101 39.57 -57.68 23.85
N LEU DA 102 38.28 -57.63 23.57
CA LEU DA 102 37.27 -57.62 24.63
C LEU DA 102 36.84 -59.03 24.98
N SER DA 103 37.79 -59.96 24.97
CA SER DA 103 37.60 -61.33 25.40
C SER DA 103 38.67 -61.63 26.43
N LEU DA 104 39.59 -60.68 26.59
CA LEU DA 104 40.66 -60.76 27.57
C LEU DA 104 40.36 -59.78 28.69
N GLN DA 105 39.68 -58.68 28.34
CA GLN DA 105 39.26 -57.68 29.30
C GLN DA 105 38.17 -58.24 30.20
N THR DA 106 37.61 -59.37 29.81
CA THR DA 106 36.50 -59.99 30.53
C THR DA 106 36.82 -61.41 30.97
N ASP DA 107 38.03 -61.88 30.64
CA ASP DA 107 38.48 -63.25 30.94
C ASP DA 107 37.26 -64.17 30.82
N ILE DA 108 36.51 -64.04 29.75
CA ILE DA 108 35.30 -64.83 29.53
C ILE DA 108 35.43 -65.27 28.08
N PRO DA 109 35.27 -66.58 27.83
CA PRO DA 109 35.34 -67.11 26.47
C PRO DA 109 34.36 -66.41 25.55
N VAL DA 110 34.87 -65.61 24.62
CA VAL DA 110 34.04 -64.98 23.60
C VAL DA 110 34.49 -65.45 22.22
N ILE DA 111 33.77 -66.44 21.69
CA ILE DA 111 34.10 -67.04 20.41
C ILE DA 111 33.79 -66.11 19.24
N PHE DA 112 34.76 -65.93 18.36
CA PHE DA 112 34.60 -65.09 17.18
C PHE DA 112 34.11 -65.94 16.00
N GLY DA 113 32.86 -65.76 15.61
CA GLY DA 113 32.29 -66.52 14.52
C GLY DA 113 31.61 -65.63 13.50
N VAL DA 114 32.30 -64.58 13.08
CA VAL DA 114 31.78 -63.66 12.07
C VAL DA 114 32.41 -63.96 10.71
N LEU DA 115 31.56 -64.30 9.74
CA LEU DA 115 32.02 -64.57 8.39
C LEU DA 115 32.57 -63.31 7.73
N THR DA 116 33.74 -63.44 7.13
CA THR DA 116 34.37 -62.34 6.42
C THR DA 116 34.82 -62.81 5.04
N THR DA 117 33.94 -62.63 4.05
CA THR DA 117 34.12 -63.23 2.74
C THR DA 117 34.16 -62.23 1.60
N GLU DA 118 34.36 -62.76 0.38
CA GLU DA 118 34.46 -61.92 -0.82
C GLU DA 118 33.21 -62.08 -1.68
N THR DA 119 32.62 -63.27 -1.64
CA THR DA 119 31.47 -63.59 -2.48
C THR DA 119 30.28 -64.01 -1.63
N ILE DA 120 29.07 -63.74 -2.14
CA ILE DA 120 27.86 -64.24 -1.51
C ILE DA 120 27.91 -65.76 -1.51
N GLU DA 121 28.60 -66.31 -2.51
CA GLU DA 121 28.73 -67.75 -2.67
C GLU DA 121 29.72 -68.35 -1.68
N GLN DA 122 30.61 -67.49 -1.16
CA GLN DA 122 31.56 -67.93 -0.14
C GLN DA 122 30.91 -67.96 1.24
N ALA DA 123 29.97 -67.05 1.46
CA ALA DA 123 29.23 -67.02 2.72
C ALA DA 123 28.34 -68.26 2.82
N ILE DA 124 27.55 -68.50 1.77
CA ILE DA 124 26.72 -69.70 1.69
C ILE DA 124 27.58 -70.93 1.81
N GLU DA 125 28.76 -70.87 1.18
CA GLU DA 125 29.72 -71.97 1.23
C GLU DA 125 30.01 -72.36 2.67
N ARG DA 126 29.97 -71.38 3.56
CA ARG DA 126 30.37 -71.57 4.95
C ARG DA 126 29.22 -71.39 5.92
N ALA DA 127 28.00 -71.42 5.43
CA ALA DA 127 26.83 -71.30 6.29
C ALA DA 127 25.99 -72.59 6.30
N GLY DA 128 26.66 -73.73 6.13
CA GLY DA 128 25.94 -74.99 6.07
C GLY DA 128 25.94 -75.46 4.63
N THR DA 129 27.11 -75.30 4.02
CA THR DA 129 27.30 -75.79 2.68
C THR DA 129 28.70 -76.46 2.63
N LYS DA 130 29.31 -76.62 1.44
CA LYS DA 130 30.65 -77.25 1.32
C LYS DA 130 31.52 -77.18 2.55
N ALA DA 131 31.83 -75.99 3.04
CA ALA DA 131 32.71 -75.84 4.22
C ALA DA 131 32.07 -76.26 5.56
N GLY DA 132 30.77 -76.47 5.63
CA GLY DA 132 30.13 -76.81 6.92
C GLY DA 132 29.38 -75.59 7.44
N ASN DA 133 29.03 -75.55 8.74
CA ASN DA 133 28.33 -74.37 9.28
C ASN DA 133 29.16 -73.67 10.35
N LYS DA 134 29.72 -72.53 9.98
CA LYS DA 134 30.57 -71.75 10.87
C LYS DA 134 29.93 -71.52 12.24
N GLY DA 135 28.61 -71.38 12.26
CA GLY DA 135 27.88 -71.17 13.50
C GLY DA 135 27.96 -72.38 14.40
N TYR DA 136 27.61 -73.54 13.87
CA TYR DA 136 27.69 -74.79 14.61
C TYR DA 136 29.11 -75.00 15.15
N GLU DA 137 30.11 -74.73 14.31
CA GLU DA 137 31.50 -74.88 14.70
C GLU DA 137 31.89 -73.89 15.80
N SER DA 138 31.14 -72.79 15.90
CA SER DA 138 31.40 -71.78 16.91
C SER DA 138 30.86 -72.19 18.26
N ALA DA 139 29.76 -72.95 18.25
CA ALA DA 139 29.15 -73.46 19.47
C ALA DA 139 30.02 -74.54 20.09
N VAL DA 140 30.45 -75.48 19.25
CA VAL DA 140 31.31 -76.58 19.68
C VAL DA 140 32.62 -76.02 20.23
N ALA DA 141 32.93 -74.79 19.84
CA ALA DA 141 34.12 -74.11 20.34
C ALA DA 141 33.82 -73.40 21.67
N ALA DA 142 32.61 -72.89 21.78
CA ALA DA 142 32.18 -72.20 22.99
C ALA DA 142 32.09 -73.15 24.18
N ILE DA 143 31.61 -74.36 23.92
CA ILE DA 143 31.50 -75.38 24.95
C ILE DA 143 32.87 -75.77 25.49
N GLU DA 144 33.82 -75.97 24.58
CA GLU DA 144 35.17 -76.34 24.97
C GLU DA 144 35.83 -75.24 25.80
N MET DA 145 35.72 -74.01 25.32
CA MET DA 145 36.29 -72.86 26.03
C MET DA 145 35.61 -72.70 27.38
N ALA DA 146 34.36 -73.11 27.46
CA ALA DA 146 33.58 -73.01 28.69
C ALA DA 146 34.09 -73.96 29.76
N HIS DA 147 34.80 -75.03 29.38
CA HIS DA 147 35.34 -76.01 30.30
C HIS DA 147 36.77 -75.70 30.67
N LEU DA 148 37.49 -75.12 29.71
CA LEU DA 148 38.86 -74.74 29.91
C LEU DA 148 38.98 -73.30 30.44
N SER DA 149 38.01 -72.39 30.17
CA SER DA 149 38.24 -70.95 30.50
C SER DA 149 37.30 -70.24 31.49
N LYS DA 150 36.10 -70.73 31.64
CA LYS DA 150 35.13 -70.10 32.51
C LYS DA 150 35.19 -70.63 33.93
N HIS DA 151 34.96 -71.90 34.12
CA HIS DA 151 34.93 -72.39 35.47
C HIS DA 151 36.27 -72.94 35.96
N TRP DA 152 37.21 -72.79 35.06
CA TRP DA 152 38.60 -73.13 35.26
C TRP DA 152 39.27 -71.77 35.57
N ALA DA 153 40.34 -71.70 36.34
CA ALA DA 153 40.91 -70.38 36.63
C ALA DA 153 42.43 -70.38 36.64
N VAL EA 2 -34.94 -43.03 -9.00
CA VAL EA 2 -36.30 -42.92 -8.48
C VAL EA 2 -36.33 -42.97 -6.95
N PHE EA 3 -37.17 -42.14 -6.35
CA PHE EA 3 -37.23 -42.01 -4.90
C PHE EA 3 -38.65 -41.87 -4.36
N GLU EA 4 -39.47 -42.90 -4.56
CA GLU EA 4 -40.84 -42.88 -4.01
C GLU EA 4 -40.80 -43.08 -2.50
N GLY EA 5 -41.96 -42.97 -1.86
CA GLY EA 5 -42.06 -43.14 -0.42
C GLY EA 5 -43.15 -44.12 -0.01
N HIS EA 6 -42.80 -45.04 0.89
CA HIS EA 6 -43.76 -46.02 1.40
C HIS EA 6 -45.05 -45.37 1.89
N LEU EA 7 -46.08 -46.18 2.09
CA LEU EA 7 -47.32 -45.70 2.66
C LEU EA 7 -47.70 -46.52 3.89
N VAL EA 8 -46.88 -47.52 4.20
CA VAL EA 8 -47.07 -48.33 5.40
C VAL EA 8 -46.22 -47.76 6.51
N GLY EA 9 -46.88 -47.28 7.57
CA GLY EA 9 -46.19 -46.67 8.70
C GLY EA 9 -46.12 -47.58 9.91
N THR EA 10 -45.77 -48.83 9.67
CA THR EA 10 -45.72 -49.84 10.72
C THR EA 10 -45.00 -49.36 11.98
N GLY EA 11 -43.80 -48.81 11.80
CA GLY EA 11 -43.00 -48.39 12.94
C GLY EA 11 -42.61 -46.93 12.94
N LEU EA 12 -43.62 -46.06 12.83
CA LEU EA 12 -43.38 -44.62 12.82
C LEU EA 12 -43.85 -43.99 14.13
N LYS EA 13 -43.36 -42.79 14.40
CA LYS EA 13 -43.76 -42.01 15.56
C LYS EA 13 -44.22 -40.62 15.13
N VAL EA 14 -45.53 -40.40 15.10
CA VAL EA 14 -46.07 -39.14 14.61
C VAL EA 14 -46.59 -38.26 15.74
N GLY EA 15 -46.39 -36.94 15.59
CA GLY EA 15 -46.90 -35.98 16.54
C GLY EA 15 -47.81 -34.97 15.86
N VAL EA 16 -48.99 -34.76 16.44
CA VAL EA 16 -50.00 -33.88 15.85
C VAL EA 16 -50.22 -32.62 16.68
N VAL EA 17 -50.44 -31.49 16.01
CA VAL EA 17 -50.70 -30.23 16.68
C VAL EA 17 -51.98 -29.62 16.15
N VAL EA 18 -53.02 -29.60 16.99
CA VAL EA 18 -54.34 -29.12 16.58
C VAL EA 18 -54.75 -27.83 17.30
N GLY EA 19 -55.43 -26.95 16.56
CA GLY EA 19 -55.93 -25.72 17.13
C GLY EA 19 -57.38 -25.84 17.57
N ARG EA 20 -57.67 -25.34 18.77
CA ARG EA 20 -59.00 -25.43 19.36
C ARG EA 20 -60.04 -24.61 18.62
N PHE EA 21 -59.64 -23.43 18.14
CA PHE EA 21 -60.57 -22.57 17.43
C PHE EA 21 -61.18 -23.36 16.29
N ASN EA 22 -62.50 -23.27 16.16
CA ASN EA 22 -63.23 -24.07 15.18
C ASN EA 22 -63.15 -25.56 15.52
N GLU EA 23 -63.23 -25.87 16.80
CA GLU EA 23 -63.18 -27.26 17.27
C GLU EA 23 -64.23 -28.09 16.55
N PHE EA 24 -65.34 -27.46 16.18
CA PHE EA 24 -66.42 -28.14 15.50
C PHE EA 24 -65.89 -28.83 14.25
N ILE EA 25 -64.86 -28.24 13.65
CA ILE EA 25 -64.27 -28.77 12.43
C ILE EA 25 -62.98 -29.54 12.72
N THR EA 26 -62.08 -28.91 13.48
CA THR EA 26 -60.79 -29.53 13.80
C THR EA 26 -60.96 -30.84 14.58
N SER EA 27 -62.04 -30.94 15.34
CA SER EA 27 -62.32 -32.16 16.08
C SER EA 27 -62.43 -33.34 15.14
N LYS EA 28 -63.45 -33.32 14.27
CA LYS EA 28 -63.67 -34.40 13.31
C LYS EA 28 -62.58 -34.37 12.23
N LEU EA 29 -61.69 -33.40 12.34
CA LEU EA 29 -60.56 -33.27 11.41
C LEU EA 29 -59.34 -33.99 11.98
N LEU EA 30 -59.28 -34.06 13.31
CA LEU EA 30 -58.26 -34.82 14.01
C LEU EA 30 -58.58 -36.31 13.90
N GLY EA 31 -59.80 -36.60 13.43
CA GLY EA 31 -60.20 -37.97 13.16
C GLY EA 31 -59.41 -38.53 11.98
N GLY EA 32 -58.50 -37.71 11.46
CA GLY EA 32 -57.58 -38.15 10.43
C GLY EA 32 -56.35 -38.74 11.07
N ALA EA 33 -56.03 -38.26 12.28
CA ALA EA 33 -54.96 -38.86 13.08
C ALA EA 33 -55.22 -40.36 13.20
N LEU EA 34 -56.07 -40.72 14.16
CA LEU EA 34 -56.50 -42.10 14.26
C LEU EA 34 -57.43 -42.40 13.08
N ASP EA 35 -57.82 -43.66 12.93
CA ASP EA 35 -58.57 -44.09 11.74
C ASP EA 35 -57.90 -43.52 10.49
N GLY EA 36 -56.59 -43.29 10.61
CA GLY EA 36 -55.80 -42.77 9.51
C GLY EA 36 -54.37 -43.25 9.65
N LEU EA 37 -53.66 -42.66 10.60
CA LEU EA 37 -52.33 -43.14 10.93
C LEU EA 37 -52.43 -44.57 11.43
N LYS EA 38 -53.41 -44.82 12.29
CA LYS EA 38 -53.60 -46.13 12.91
C LYS EA 38 -53.84 -47.23 11.87
N ARG EA 39 -54.78 -46.99 10.97
CA ARG EA 39 -55.16 -47.98 9.97
C ARG EA 39 -54.05 -48.20 8.95
N HIS EA 40 -53.06 -47.30 8.95
CA HIS EA 40 -51.93 -47.42 8.05
C HIS EA 40 -50.72 -48.09 8.71
N GLY EA 41 -50.86 -48.45 9.97
CA GLY EA 41 -49.82 -49.17 10.68
C GLY EA 41 -49.34 -48.51 11.94
N VAL EA 42 -49.23 -47.19 11.92
CA VAL EA 42 -48.74 -46.42 13.07
C VAL EA 42 -49.36 -46.92 14.37
N GLU EA 43 -48.55 -47.05 15.41
CA GLU EA 43 -49.02 -47.56 16.69
C GLU EA 43 -49.87 -46.55 17.43
N GLU EA 44 -50.94 -47.04 18.06
CA GLU EA 44 -51.84 -46.20 18.86
C GLU EA 44 -51.06 -45.30 19.83
N ASN EA 45 -50.01 -45.86 20.43
CA ASN EA 45 -49.26 -45.15 21.46
C ASN EA 45 -48.22 -44.18 20.91
N ASP EA 46 -47.75 -44.44 19.69
CA ASP EA 46 -46.71 -43.62 19.08
C ASP EA 46 -47.25 -42.30 18.51
N ILE EA 47 -48.48 -41.96 18.88
CA ILE EA 47 -49.12 -40.74 18.41
C ILE EA 47 -49.46 -39.80 19.55
N ASP EA 48 -48.83 -38.62 19.56
CA ASP EA 48 -49.12 -37.60 20.56
C ASP EA 48 -49.83 -36.41 19.93
N VAL EA 49 -50.66 -35.74 20.70
CA VAL EA 49 -51.43 -34.60 20.20
C VAL EA 49 -51.29 -33.36 21.08
N ALA EA 50 -51.02 -32.23 20.44
CA ALA EA 50 -50.88 -30.97 21.15
C ALA EA 50 -51.98 -29.99 20.76
N TRP EA 51 -52.75 -29.55 21.76
CA TRP EA 51 -53.82 -28.59 21.53
C TRP EA 51 -53.34 -27.16 21.74
N VAL EA 52 -53.40 -26.36 20.69
CA VAL EA 52 -53.01 -24.95 20.78
C VAL EA 52 -54.26 -24.07 20.71
N PRO EA 53 -54.15 -22.82 21.16
CA PRO EA 53 -55.35 -21.93 21.16
C PRO EA 53 -56.11 -21.83 19.82
N GLY EA 54 -55.31 -21.69 18.76
CA GLY EA 54 -55.78 -21.57 17.42
C GLY EA 54 -54.59 -21.64 16.45
N ALA EA 55 -54.87 -21.61 15.15
CA ALA EA 55 -53.84 -21.68 14.16
C ALA EA 55 -52.65 -20.74 14.39
N PHE EA 56 -52.85 -19.49 14.79
CA PHE EA 56 -51.68 -18.68 14.91
C PHE EA 56 -50.63 -19.29 15.84
N GLU EA 57 -51.05 -19.98 16.88
CA GLU EA 57 -50.08 -20.53 17.80
C GLU EA 57 -49.48 -21.90 17.38
N ILE EA 58 -49.71 -22.34 16.15
CA ILE EA 58 -49.31 -23.70 15.61
C ILE EA 58 -47.87 -23.86 15.02
N PRO EA 59 -47.30 -22.72 14.66
CA PRO EA 59 -45.87 -22.73 14.30
C PRO EA 59 -44.97 -22.93 15.51
N LEU EA 60 -45.23 -22.24 16.61
CA LEU EA 60 -44.39 -22.33 17.79
C LEU EA 60 -44.36 -23.73 18.41
N ILE EA 61 -45.54 -24.27 18.67
CA ILE EA 61 -45.65 -25.58 19.32
C ILE EA 61 -45.33 -26.72 18.35
N ALA EA 62 -45.56 -26.49 17.06
CA ALA EA 62 -45.19 -27.46 16.05
C ALA EA 62 -43.67 -27.56 15.96
N LYS EA 63 -43.00 -26.49 16.36
CA LYS EA 63 -41.54 -26.46 16.39
C LYS EA 63 -40.98 -27.23 17.58
N LYS EA 64 -41.56 -26.98 18.75
CA LYS EA 64 -41.12 -27.65 19.97
C LYS EA 64 -41.57 -29.10 20.04
N MET EA 65 -41.98 -29.64 18.90
CA MET EA 65 -42.35 -31.05 18.79
C MET EA 65 -41.46 -31.78 17.79
N ALA EA 66 -41.07 -31.05 16.75
CA ALA EA 66 -40.14 -31.60 15.76
C ALA EA 66 -38.72 -31.55 16.31
N ASN EA 67 -38.43 -30.51 17.09
CA ASN EA 67 -37.11 -30.34 17.70
C ASN EA 67 -36.87 -31.26 18.88
N SER EA 68 -37.94 -31.86 19.40
CA SER EA 68 -37.81 -32.83 20.47
C SER EA 68 -37.25 -34.15 19.94
N GLY EA 69 -37.20 -34.27 18.61
CA GLY EA 69 -36.62 -35.43 17.96
C GLY EA 69 -37.30 -36.73 18.31
N LYS EA 70 -38.52 -36.66 18.82
CA LYS EA 70 -39.26 -37.84 19.24
C LYS EA 70 -40.14 -38.37 18.12
N TYR EA 71 -40.43 -37.52 17.14
CA TYR EA 71 -41.35 -37.88 16.07
C TYR EA 71 -40.65 -37.92 14.71
N ASP EA 72 -41.05 -38.87 13.87
CA ASP EA 72 -40.51 -38.99 12.52
C ASP EA 72 -41.13 -37.92 11.63
N ALA EA 73 -42.35 -37.50 11.97
CA ALA EA 73 -43.04 -36.46 11.23
C ALA EA 73 -44.06 -35.78 12.14
N VAL EA 74 -44.33 -34.51 11.87
CA VAL EA 74 -45.30 -33.75 12.65
C VAL EA 74 -46.44 -33.28 11.77
N ILE EA 75 -47.66 -33.72 12.11
CA ILE EA 75 -48.85 -33.29 11.38
C ILE EA 75 -49.47 -32.07 12.06
N THR EA 76 -49.78 -31.06 11.27
CA THR EA 76 -50.36 -29.82 11.81
C THR EA 76 -51.81 -29.64 11.34
N LEU EA 77 -52.73 -29.60 12.29
CA LEU EA 77 -54.15 -29.49 11.99
C LEU EA 77 -54.78 -28.24 12.57
N GLY EA 78 -55.86 -27.78 11.93
CA GLY EA 78 -56.56 -26.59 12.37
C GLY EA 78 -57.54 -26.12 11.31
N THR EA 79 -58.31 -25.08 11.64
CA THR EA 79 -59.28 -24.53 10.69
C THR EA 79 -59.43 -23.03 10.86
N VAL EA 80 -59.48 -22.32 9.73
CA VAL EA 80 -59.67 -20.87 9.72
C VAL EA 80 -60.71 -20.49 8.68
N ILE EA 81 -61.64 -19.63 9.04
CA ILE EA 81 -62.71 -19.24 8.13
C ILE EA 81 -62.85 -17.72 8.00
N ARG EA 82 -63.11 -17.26 6.79
CA ARG EA 82 -63.24 -15.84 6.48
C ARG EA 82 -64.15 -15.10 7.45
N GLY EA 83 -63.65 -13.98 7.96
CA GLY EA 83 -64.46 -13.10 8.79
C GLY EA 83 -64.90 -11.88 8.00
N ALA EA 84 -65.08 -10.76 8.69
CA ALA EA 84 -65.42 -9.50 8.03
C ALA EA 84 -64.15 -8.68 7.81
N THR EA 85 -63.12 -8.97 8.59
CA THR EA 85 -61.87 -8.24 8.51
C THR EA 85 -60.81 -9.06 7.79
N THR EA 86 -59.74 -8.39 7.36
CA THR EA 86 -58.62 -9.05 6.69
C THR EA 86 -57.76 -9.82 7.69
N HIS EA 87 -58.23 -9.91 8.93
CA HIS EA 87 -57.53 -10.64 9.97
C HIS EA 87 -57.32 -12.09 9.55
N TYR EA 88 -58.31 -12.64 8.85
CA TYR EA 88 -58.25 -14.01 8.36
C TYR EA 88 -57.03 -14.24 7.48
N ASP EA 89 -56.62 -13.22 6.74
CA ASP EA 89 -55.53 -13.34 5.79
C ASP EA 89 -54.17 -13.48 6.48
N TYR EA 90 -53.89 -12.57 7.40
CA TYR EA 90 -52.61 -12.55 8.09
C TYR EA 90 -52.40 -13.80 8.93
N VAL EA 91 -53.51 -14.41 9.36
CA VAL EA 91 -53.45 -15.64 10.13
C VAL EA 91 -53.06 -16.81 9.23
N CYS EA 92 -53.89 -17.08 8.22
CA CYS EA 92 -53.64 -18.16 7.28
C CYS EA 92 -52.23 -18.09 6.73
N ASN EA 93 -51.82 -16.89 6.35
CA ASN EA 93 -50.48 -16.67 5.82
C ASN EA 93 -49.41 -17.19 6.78
N GLU EA 94 -49.41 -16.66 8.01
CA GLU EA 94 -48.37 -16.98 8.98
C GLU EA 94 -48.37 -18.45 9.39
N VAL EA 95 -49.55 -19.07 9.43
CA VAL EA 95 -49.65 -20.49 9.75
C VAL EA 95 -48.92 -21.30 8.68
N ALA EA 96 -49.25 -21.03 7.43
CA ALA EA 96 -48.61 -21.68 6.30
C ALA EA 96 -47.15 -21.26 6.18
N LYS EA 97 -46.90 -19.98 6.45
CA LYS EA 97 -45.55 -19.43 6.38
C LYS EA 97 -44.67 -20.07 7.45
N GLY EA 98 -45.26 -20.38 8.60
CA GLY EA 98 -44.54 -21.00 9.69
C GLY EA 98 -44.28 -22.47 9.45
N VAL EA 99 -45.36 -23.22 9.18
CA VAL EA 99 -45.25 -24.66 8.96
C VAL EA 99 -44.31 -25.00 7.79
N ALA EA 100 -44.25 -24.12 6.80
CA ALA EA 100 -43.40 -24.35 5.63
C ALA EA 100 -41.97 -23.91 5.89
N SER EA 101 -41.77 -22.59 5.97
CA SER EA 101 -40.43 -22.02 6.17
C SER EA 101 -39.72 -22.62 7.39
N LEU EA 102 -40.48 -23.10 8.35
CA LEU EA 102 -39.90 -23.75 9.52
C LEU EA 102 -40.12 -25.27 9.50
N SER EA 103 -39.90 -25.85 8.32
CA SER EA 103 -39.90 -27.29 8.12
C SER EA 103 -38.61 -27.63 7.41
N LEU EA 104 -37.92 -26.58 6.97
CA LEU EA 104 -36.62 -26.71 6.32
C LEU EA 104 -35.51 -26.53 7.35
N GLN EA 105 -35.86 -25.87 8.45
CA GLN EA 105 -34.89 -25.64 9.53
C GLN EA 105 -34.87 -26.81 10.50
N THR EA 106 -35.68 -27.83 10.23
CA THR EA 106 -35.77 -28.99 11.11
C THR EA 106 -35.44 -30.28 10.37
N ASP EA 107 -35.52 -30.23 9.04
CA ASP EA 107 -35.26 -31.39 8.20
C ASP EA 107 -36.25 -32.53 8.50
N ILE EA 108 -37.17 -32.27 9.41
CA ILE EA 108 -38.22 -33.24 9.75
C ILE EA 108 -39.53 -32.87 9.07
N PRO EA 109 -40.11 -33.81 8.33
CA PRO EA 109 -41.35 -33.55 7.59
C PRO EA 109 -42.45 -32.98 8.48
N VAL EA 110 -42.90 -31.77 8.16
CA VAL EA 110 -44.03 -31.15 8.86
C VAL EA 110 -45.16 -30.91 7.87
N ILE EA 111 -46.12 -31.84 7.85
CA ILE EA 111 -47.25 -31.75 6.92
C ILE EA 111 -48.21 -30.64 7.30
N PHE EA 112 -48.55 -29.80 6.32
CA PHE EA 112 -49.47 -28.69 6.55
C PHE EA 112 -50.91 -29.11 6.26
N GLY EA 113 -51.68 -29.32 7.31
CA GLY EA 113 -53.07 -29.73 7.18
C GLY EA 113 -54.02 -28.76 7.85
N VAL EA 114 -53.89 -27.47 7.51
CA VAL EA 114 -54.75 -26.44 8.07
C VAL EA 114 -55.78 -25.96 7.05
N LEU EA 115 -57.06 -26.21 7.35
CA LEU EA 115 -58.14 -25.76 6.50
C LEU EA 115 -58.20 -24.24 6.48
N THR EA 116 -58.18 -23.68 5.28
CA THR EA 116 -58.31 -22.24 5.11
C THR EA 116 -59.43 -21.96 4.12
N THR EA 117 -60.63 -21.75 4.64
CA THR EA 117 -61.83 -21.70 3.81
C THR EA 117 -62.63 -20.42 3.97
N GLU EA 118 -63.72 -20.33 3.22
CA GLU EA 118 -64.56 -19.14 3.16
C GLU EA 118 -65.90 -19.37 3.85
N THR EA 119 -66.34 -20.61 3.87
CA THR EA 119 -67.63 -20.96 4.46
C THR EA 119 -67.46 -22.04 5.52
N ILE EA 120 -68.34 -22.05 6.50
CA ILE EA 120 -68.43 -23.16 7.44
C ILE EA 120 -68.74 -24.43 6.66
N GLU EA 121 -69.50 -24.27 5.58
CA GLU EA 121 -69.88 -25.37 4.72
C GLU EA 121 -68.66 -25.98 4.01
N GLN EA 122 -67.74 -25.11 3.59
CA GLN EA 122 -66.54 -25.57 2.90
C GLN EA 122 -65.60 -26.32 3.85
N ALA EA 123 -65.50 -25.82 5.07
CA ALA EA 123 -64.72 -26.50 6.09
C ALA EA 123 -65.28 -27.90 6.35
N ILE EA 124 -66.60 -27.99 6.37
CA ILE EA 124 -67.28 -29.28 6.54
C ILE EA 124 -67.05 -30.16 5.32
N GLU EA 125 -67.05 -29.53 4.14
CA GLU EA 125 -66.81 -30.28 2.90
C GLU EA 125 -65.45 -30.97 2.94
N ARG EA 126 -64.55 -30.42 3.76
CA ARG EA 126 -63.18 -30.90 3.80
C ARG EA 126 -62.82 -31.47 5.16
N ALA EA 127 -63.82 -31.98 5.86
CA ALA EA 127 -63.57 -32.57 7.16
C ALA EA 127 -64.28 -33.91 7.30
N GLY EA 128 -64.64 -34.46 6.18
CA GLY EA 128 -65.33 -35.72 6.22
C GLY EA 128 -66.63 -35.61 5.46
N THR EA 129 -66.62 -34.86 4.40
CA THR EA 129 -67.84 -34.84 3.60
C THR EA 129 -67.50 -35.09 2.18
N LYS EA 130 -68.14 -34.39 1.24
CA LYS EA 130 -67.90 -34.79 -0.17
C LYS EA 130 -66.48 -34.46 -0.66
N ALA EA 131 -65.57 -33.96 0.17
CA ALA EA 131 -64.20 -33.73 -0.32
C ALA EA 131 -63.27 -34.72 0.40
N GLY EA 132 -63.84 -35.36 1.42
CA GLY EA 132 -63.12 -36.32 2.24
C GLY EA 132 -62.58 -35.59 3.47
N ASN EA 133 -61.77 -36.28 4.27
CA ASN EA 133 -61.20 -35.69 5.47
C ASN EA 133 -59.75 -35.27 5.25
N LYS EA 134 -59.50 -33.96 5.31
CA LYS EA 134 -58.16 -33.43 5.05
C LYS EA 134 -57.18 -33.75 6.18
N GLY EA 135 -57.68 -34.34 7.25
CA GLY EA 135 -56.84 -34.78 8.35
C GLY EA 135 -56.29 -36.16 8.08
N TYR EA 136 -57.12 -37.00 7.46
CA TYR EA 136 -56.71 -38.34 7.09
C TYR EA 136 -55.71 -38.27 5.94
N GLU EA 137 -55.92 -37.35 5.03
CA GLU EA 137 -55.04 -37.20 3.87
C GLU EA 137 -53.69 -36.64 4.30
N SER EA 138 -53.71 -35.76 5.29
CA SER EA 138 -52.48 -35.13 5.79
C SER EA 138 -51.66 -36.11 6.61
N ALA EA 139 -52.28 -37.22 7.01
CA ALA EA 139 -51.57 -38.28 7.72
C ALA EA 139 -50.87 -39.19 6.73
N VAL EA 140 -51.61 -39.61 5.70
CA VAL EA 140 -51.06 -40.41 4.63
C VAL EA 140 -49.80 -39.74 4.08
N ALA EA 141 -49.88 -38.42 3.91
CA ALA EA 141 -48.74 -37.63 3.46
C ALA EA 141 -47.61 -37.64 4.49
N ALA EA 142 -47.99 -37.56 5.76
CA ALA EA 142 -47.01 -37.55 6.84
C ALA EA 142 -46.19 -38.82 6.84
N ILE EA 143 -46.86 -39.96 6.73
CA ILE EA 143 -46.19 -41.25 6.69
C ILE EA 143 -45.22 -41.31 5.52
N GLU EA 144 -45.73 -41.03 4.32
CA GLU EA 144 -44.90 -41.07 3.12
C GLU EA 144 -43.68 -40.16 3.23
N MET EA 145 -43.88 -38.96 3.77
CA MET EA 145 -42.79 -38.00 3.91
C MET EA 145 -41.71 -38.52 4.83
N ALA EA 146 -42.09 -38.90 6.05
CA ALA EA 146 -41.14 -39.43 7.01
C ALA EA 146 -40.49 -40.69 6.44
N HIS EA 147 -41.26 -41.43 5.66
CA HIS EA 147 -40.81 -42.69 5.09
C HIS EA 147 -39.96 -42.44 3.84
N LEU EA 148 -39.83 -41.17 3.46
CA LEU EA 148 -39.10 -40.82 2.25
C LEU EA 148 -37.77 -40.16 2.62
N SER EA 149 -37.60 -39.84 3.89
CA SER EA 149 -36.34 -39.26 4.36
C SER EA 149 -35.28 -40.33 4.57
N LYS EA 150 -34.78 -40.90 3.47
CA LYS EA 150 -33.70 -41.88 3.56
C LYS EA 150 -32.41 -41.33 2.94
N HIS EA 151 -32.54 -40.56 1.86
CA HIS EA 151 -31.38 -39.84 1.34
C HIS EA 151 -31.19 -38.58 2.15
N TRP EA 152 -31.13 -38.76 3.47
CA TRP EA 152 -31.09 -37.67 4.44
C TRP EA 152 -29.92 -37.91 5.40
N ALA EA 153 -29.87 -37.14 6.47
CA ALA EA 153 -28.83 -37.29 7.48
C ALA EA 153 -27.45 -36.90 6.94
N VAL FA 2 -18.79 -10.58 -20.50
CA VAL FA 2 -20.07 -11.17 -20.90
C VAL FA 2 -20.15 -12.66 -20.56
N PHE FA 3 -20.75 -12.97 -19.42
CA PHE FA 3 -20.84 -14.34 -18.93
C PHE FA 3 -22.21 -14.95 -19.22
N GLU FA 4 -22.30 -15.74 -20.29
CA GLU FA 4 -23.55 -16.42 -20.65
C GLU FA 4 -23.48 -17.92 -20.32
N GLY FA 5 -24.58 -18.62 -20.55
CA GLY FA 5 -24.65 -20.04 -20.21
C GLY FA 5 -24.79 -20.99 -21.39
N HIS FA 6 -24.08 -22.11 -21.31
CA HIS FA 6 -24.10 -23.14 -22.32
C HIS FA 6 -25.49 -23.76 -22.42
N LEU FA 7 -25.69 -24.69 -23.35
CA LEU FA 7 -27.00 -25.34 -23.48
C LEU FA 7 -26.92 -26.84 -23.83
N VAL FA 8 -25.73 -27.31 -24.14
CA VAL FA 8 -25.53 -28.75 -24.31
C VAL FA 8 -25.05 -29.34 -22.99
N GLY FA 9 -25.75 -30.35 -22.50
CA GLY FA 9 -25.41 -30.95 -21.23
C GLY FA 9 -24.89 -32.37 -21.33
N THR FA 10 -23.83 -32.56 -22.11
CA THR FA 10 -23.26 -33.89 -22.32
C THR FA 10 -22.98 -34.60 -21.00
N GLY FA 11 -22.29 -33.92 -20.08
CA GLY FA 11 -21.94 -34.53 -18.81
C GLY FA 11 -22.58 -33.81 -17.63
N LEU FA 12 -23.89 -33.98 -17.47
CA LEU FA 12 -24.62 -33.31 -16.41
C LEU FA 12 -25.25 -34.28 -15.41
N LYS FA 13 -25.42 -33.81 -14.18
CA LYS FA 13 -26.02 -34.60 -13.12
C LYS FA 13 -27.26 -33.88 -12.62
N VAL FA 14 -28.43 -34.29 -13.10
CA VAL FA 14 -29.66 -33.57 -12.77
C VAL FA 14 -30.58 -34.37 -11.85
N GLY FA 15 -31.23 -33.65 -10.93
CA GLY FA 15 -32.19 -34.26 -10.02
C GLY FA 15 -33.54 -33.59 -10.11
N VAL FA 16 -34.60 -34.37 -10.07
CA VAL FA 16 -35.96 -33.87 -10.24
C VAL FA 16 -36.89 -34.24 -9.09
N VAL FA 17 -37.66 -33.27 -8.62
CA VAL FA 17 -38.64 -33.51 -7.57
C VAL FA 17 -40.04 -33.22 -8.10
N VAL FA 18 -40.85 -34.27 -8.25
CA VAL FA 18 -42.19 -34.12 -8.81
C VAL FA 18 -43.29 -34.41 -7.79
N GLY FA 19 -44.30 -33.55 -7.76
CA GLY FA 19 -45.41 -33.70 -6.86
C GLY FA 19 -46.45 -34.63 -7.44
N ARG FA 20 -46.89 -35.59 -6.64
CA ARG FA 20 -47.83 -36.61 -7.11
C ARG FA 20 -49.24 -36.05 -7.34
N PHE FA 21 -49.64 -35.11 -6.50
CA PHE FA 21 -50.97 -34.51 -6.63
C PHE FA 21 -51.16 -33.91 -8.02
N ASN FA 22 -52.33 -34.13 -8.59
CA ASN FA 22 -52.59 -33.76 -9.98
C ASN FA 22 -51.66 -34.51 -10.93
N GLU FA 23 -51.40 -35.77 -10.59
CA GLU FA 23 -50.52 -36.63 -11.37
C GLU FA 23 -50.87 -36.59 -12.85
N PHE FA 24 -52.15 -36.37 -13.14
CA PHE FA 24 -52.63 -36.31 -14.52
C PHE FA 24 -51.85 -35.29 -15.33
N ILE FA 25 -51.38 -34.23 -14.67
CA ILE FA 25 -50.63 -33.18 -15.34
C ILE FA 25 -49.14 -33.32 -15.09
N THR FA 26 -48.76 -33.46 -13.83
CA THR FA 26 -47.36 -33.59 -13.45
C THR FA 26 -46.69 -34.76 -14.18
N SER FA 27 -47.50 -35.75 -14.54
CA SER FA 27 -46.99 -36.90 -15.28
C SER FA 27 -46.36 -36.44 -16.60
N LYS FA 28 -47.19 -35.95 -17.51
CA LYS FA 28 -46.71 -35.44 -18.78
C LYS FA 28 -45.69 -34.33 -18.55
N LEU FA 29 -45.82 -33.64 -17.43
CA LEU FA 29 -44.94 -32.53 -17.10
C LEU FA 29 -43.52 -33.01 -16.80
N LEU FA 30 -43.41 -34.17 -16.16
CA LEU FA 30 -42.12 -34.78 -15.89
C LEU FA 30 -41.51 -35.33 -17.17
N GLY FA 31 -42.34 -36.02 -17.96
CA GLY FA 31 -41.90 -36.58 -19.22
C GLY FA 31 -41.31 -35.51 -20.12
N GLY FA 32 -41.71 -34.27 -19.90
CA GLY FA 32 -41.18 -33.16 -20.68
C GLY FA 32 -39.74 -32.88 -20.32
N ALA FA 33 -39.43 -32.88 -19.03
CA ALA FA 33 -38.07 -32.62 -18.56
C ALA FA 33 -37.19 -33.85 -18.78
N LEU FA 34 -37.76 -35.02 -18.52
CA LEU FA 34 -37.01 -36.27 -18.60
C LEU FA 34 -36.83 -36.70 -20.05
N ASP FA 35 -37.26 -35.84 -20.97
CA ASP FA 35 -37.08 -36.09 -22.41
C ASP FA 35 -36.38 -34.91 -23.05
N GLY FA 36 -36.36 -33.79 -22.34
CA GLY FA 36 -35.61 -32.63 -22.78
C GLY FA 36 -34.17 -32.77 -22.35
N LEU FA 37 -33.99 -33.35 -21.16
CA LEU FA 37 -32.66 -33.64 -20.66
C LEU FA 37 -31.99 -34.70 -21.52
N LYS FA 38 -32.68 -35.83 -21.70
CA LYS FA 38 -32.16 -36.93 -22.50
C LYS FA 38 -31.68 -36.46 -23.86
N ARG FA 39 -32.55 -35.75 -24.58
CA ARG FA 39 -32.27 -35.35 -25.96
C ARG FA 39 -31.31 -34.16 -26.04
N HIS FA 40 -31.00 -33.58 -24.91
CA HIS FA 40 -30.01 -32.52 -24.85
C HIS FA 40 -28.66 -33.10 -24.50
N GLY FA 41 -28.53 -34.41 -24.50
CA GLY FA 41 -27.23 -34.97 -24.26
C GLY FA 41 -27.00 -35.34 -22.80
N VAL FA 42 -28.02 -35.14 -21.95
CA VAL FA 42 -27.87 -35.56 -20.57
C VAL FA 42 -28.31 -36.99 -20.52
N GLU FA 43 -27.52 -37.77 -19.86
CA GLU FA 43 -27.72 -39.20 -19.63
C GLU FA 43 -29.08 -39.59 -19.09
N GLU FA 44 -29.69 -40.58 -19.74
CA GLU FA 44 -30.97 -41.15 -19.33
C GLU FA 44 -30.77 -41.93 -18.03
N ASN FA 45 -29.54 -42.25 -17.73
CA ASN FA 45 -29.21 -42.99 -16.54
C ASN FA 45 -28.63 -42.10 -15.46
N ASP FA 46 -28.56 -40.79 -15.69
CA ASP FA 46 -27.97 -39.89 -14.72
C ASP FA 46 -29.00 -38.89 -14.21
N ILE FA 47 -30.26 -39.34 -14.15
CA ILE FA 47 -31.35 -38.50 -13.68
C ILE FA 47 -32.13 -39.20 -12.57
N ASP FA 48 -32.27 -38.52 -11.43
CA ASP FA 48 -33.04 -39.05 -10.33
C ASP FA 48 -34.35 -38.28 -10.14
N VAL FA 49 -35.43 -39.01 -9.89
CA VAL FA 49 -36.74 -38.39 -9.67
C VAL FA 49 -37.25 -38.68 -8.26
N ALA FA 50 -37.73 -37.63 -7.59
CA ALA FA 50 -38.24 -37.75 -6.23
C ALA FA 50 -39.72 -37.37 -6.17
N TRP FA 51 -40.56 -38.37 -5.94
CA TRP FA 51 -42.00 -38.16 -5.85
C TRP FA 51 -42.41 -37.73 -4.43
N VAL FA 52 -42.94 -36.52 -4.33
CA VAL FA 52 -43.46 -36.04 -3.07
C VAL FA 52 -44.99 -36.01 -3.10
N PRO FA 53 -45.62 -36.00 -1.89
CA PRO FA 53 -47.10 -36.03 -1.88
C PRO FA 53 -47.65 -35.02 -2.92
N GLY FA 54 -47.31 -33.74 -2.71
CA GLY FA 54 -47.68 -32.57 -3.54
C GLY FA 54 -46.65 -31.42 -3.41
N ALA FA 55 -46.94 -30.34 -4.11
CA ALA FA 55 -46.07 -29.16 -4.14
C ALA FA 55 -45.64 -28.70 -2.75
N PHE FA 56 -46.53 -28.58 -1.77
CA PHE FA 56 -46.07 -28.07 -0.48
C PHE FA 56 -44.85 -28.85 0.04
N GLU FA 57 -44.69 -30.10 -0.29
CA GLU FA 57 -43.56 -30.85 0.25
C GLU FA 57 -42.32 -30.77 -0.60
N ILE FA 58 -42.42 -30.11 -1.78
CA ILE FA 58 -41.30 -29.98 -2.78
C ILE FA 58 -40.06 -29.13 -2.38
N PRO FA 59 -40.30 -28.17 -1.50
CA PRO FA 59 -39.17 -27.43 -0.93
C PRO FA 59 -38.28 -28.29 -0.02
N LEU FA 60 -38.90 -29.12 0.82
CA LEU FA 60 -38.14 -29.94 1.76
C LEU FA 60 -37.26 -30.97 1.06
N ILE FA 61 -37.88 -31.80 0.22
CA ILE FA 61 -37.16 -32.85 -0.48
C ILE FA 61 -36.20 -32.31 -1.55
N ALA FA 62 -36.56 -31.17 -2.14
CA ALA FA 62 -35.69 -30.52 -3.10
C ALA FA 62 -34.42 -30.01 -2.42
N LYS FA 63 -34.54 -29.70 -1.13
CA LYS FA 63 -33.41 -29.26 -0.32
C LYS FA 63 -32.43 -30.41 -0.08
N LYS FA 64 -32.97 -31.57 0.29
CA LYS FA 64 -32.15 -32.73 0.61
C LYS FA 64 -31.54 -33.38 -0.63
N MET FA 65 -31.84 -32.81 -1.79
CA MET FA 65 -31.22 -33.26 -3.04
C MET FA 65 -30.12 -32.31 -3.47
N ALA FA 66 -30.33 -31.02 -3.23
CA ALA FA 66 -29.30 -30.02 -3.47
C ALA FA 66 -28.21 -30.15 -2.41
N ASN FA 67 -28.64 -30.30 -1.16
CA ASN FA 67 -27.71 -30.53 -0.07
C ASN FA 67 -27.04 -31.89 -0.21
N SER FA 68 -27.67 -32.76 -0.98
CA SER FA 68 -27.10 -34.08 -1.27
C SER FA 68 -25.77 -33.93 -2.02
N GLY FA 69 -25.57 -32.77 -2.63
CA GLY FA 69 -24.35 -32.50 -3.37
C GLY FA 69 -24.04 -33.56 -4.41
N LYS FA 70 -25.06 -33.94 -5.18
CA LYS FA 70 -24.89 -34.98 -6.18
C LYS FA 70 -25.37 -34.49 -7.55
N TYR FA 71 -26.01 -33.33 -7.57
CA TYR FA 71 -26.59 -32.81 -8.81
C TYR FA 71 -26.09 -31.40 -9.11
N ASP FA 72 -25.89 -31.12 -10.39
CA ASP FA 72 -25.48 -29.79 -10.83
C ASP FA 72 -26.66 -28.83 -10.72
N ALA FA 73 -27.86 -29.37 -10.87
CA ALA FA 73 -29.08 -28.59 -10.78
C ALA FA 73 -30.25 -29.49 -10.43
N VAL FA 74 -31.24 -28.91 -9.76
CA VAL FA 74 -32.44 -29.65 -9.40
C VAL FA 74 -33.68 -29.01 -10.00
N ILE FA 75 -34.49 -29.83 -10.67
CA ILE FA 75 -35.72 -29.36 -11.29
C ILE FA 75 -36.93 -29.72 -10.42
N THR FA 76 -37.79 -28.74 -10.16
CA THR FA 76 -38.99 -28.97 -9.36
C THR FA 76 -40.25 -28.94 -10.23
N LEU FA 77 -40.89 -30.10 -10.36
CA LEU FA 77 -42.12 -30.22 -11.16
C LEU FA 77 -43.34 -30.45 -10.28
N GLY FA 78 -44.45 -29.81 -10.63
CA GLY FA 78 -45.68 -29.97 -9.89
C GLY FA 78 -46.81 -29.22 -10.55
N THR FA 79 -48.03 -29.40 -10.03
CA THR FA 79 -49.18 -28.68 -10.56
C THR FA 79 -50.19 -28.34 -9.46
N VAL FA 80 -50.60 -27.09 -9.41
CA VAL FA 80 -51.58 -26.62 -8.44
C VAL FA 80 -52.68 -25.85 -9.16
N ILE FA 81 -53.93 -26.22 -8.91
CA ILE FA 81 -55.05 -25.57 -9.58
C ILE FA 81 -56.05 -24.96 -8.59
N ARG FA 82 -56.55 -23.78 -8.94
CA ARG FA 82 -57.53 -23.06 -8.12
C ARG FA 82 -58.62 -23.96 -7.57
N GLY FA 83 -58.99 -23.72 -6.32
CA GLY FA 83 -60.10 -24.41 -5.69
C GLY FA 83 -61.19 -23.42 -5.38
N ALA FA 84 -61.95 -23.69 -4.33
CA ALA FA 84 -62.99 -22.77 -3.86
C ALA FA 84 -62.47 -21.92 -2.72
N THR FA 85 -61.36 -22.35 -2.12
CA THR FA 85 -60.78 -21.65 -0.98
C THR FA 85 -59.43 -21.02 -1.33
N THR FA 86 -58.95 -20.15 -0.45
CA THR FA 86 -57.67 -19.48 -0.64
C THR FA 86 -56.51 -20.43 -0.33
N HIS FA 87 -56.84 -21.69 -0.08
CA HIS FA 87 -55.84 -22.71 0.19
C HIS FA 87 -54.83 -22.76 -0.95
N TYR FA 88 -55.33 -22.56 -2.16
CA TYR FA 88 -54.51 -22.59 -3.36
C TYR FA 88 -53.39 -21.55 -3.32
N ASP FA 89 -53.67 -20.40 -2.72
CA ASP FA 89 -52.72 -19.29 -2.70
C ASP FA 89 -51.52 -19.58 -1.81
N TYR FA 90 -51.77 -20.05 -0.61
CA TYR FA 90 -50.71 -20.31 0.36
C TYR FA 90 -49.81 -21.45 -0.11
N VAL FA 91 -50.39 -22.39 -0.84
CA VAL FA 91 -49.62 -23.49 -1.42
C VAL FA 91 -48.67 -22.96 -2.49
N CYS FA 92 -49.24 -22.36 -3.53
CA CYS FA 92 -48.46 -21.80 -4.61
C CYS FA 92 -47.34 -20.91 -4.07
N ASN FA 93 -47.71 -20.00 -3.17
CA ASN FA 93 -46.75 -19.08 -2.58
C ASN FA 93 -45.56 -19.81 -1.97
N GLU FA 94 -45.83 -20.69 -1.01
CA GLU FA 94 -44.78 -21.38 -0.28
C GLU FA 94 -43.91 -22.28 -1.16
N VAL FA 95 -44.51 -22.85 -2.20
CA VAL FA 95 -43.75 -23.63 -3.17
C VAL FA 95 -42.79 -22.72 -3.92
N ALA FA 96 -43.34 -21.69 -4.56
CA ALA FA 96 -42.54 -20.69 -5.25
C ALA FA 96 -41.90 -19.72 -4.26
N LYS FA 97 -41.59 -20.22 -3.07
CA LYS FA 97 -40.96 -19.40 -2.03
C LYS FA 97 -39.79 -20.15 -1.38
N GLY FA 98 -40.03 -21.41 -1.03
CA GLY FA 98 -38.95 -22.32 -0.70
C GLY FA 98 -38.09 -22.66 -1.91
N VAL FA 99 -38.71 -23.32 -2.89
CA VAL FA 99 -38.04 -23.57 -4.17
C VAL FA 99 -37.38 -22.31 -4.71
N ALA FA 100 -37.89 -21.15 -4.29
CA ALA FA 100 -38.12 -20.05 -5.21
C ALA FA 100 -36.92 -19.12 -5.27
N SER FA 101 -36.57 -18.53 -4.12
CA SER FA 101 -35.25 -17.96 -3.92
C SER FA 101 -34.66 -18.40 -2.59
N LEU FA 102 -35.52 -18.89 -1.70
CA LEU FA 102 -35.07 -19.57 -0.49
C LEU FA 102 -33.84 -20.43 -0.78
N SER FA 103 -33.90 -21.20 -1.86
CA SER FA 103 -32.83 -22.15 -2.17
C SER FA 103 -31.67 -21.49 -2.87
N LEU FA 104 -31.18 -20.39 -2.27
CA LEU FA 104 -30.02 -19.71 -2.76
C LEU FA 104 -28.94 -20.13 -1.81
N GLN FA 105 -29.38 -20.56 -0.66
CA GLN FA 105 -28.45 -20.93 0.37
C GLN FA 105 -27.42 -21.98 -0.07
N THR FA 106 -27.85 -22.91 -0.92
CA THR FA 106 -27.01 -24.05 -1.39
C THR FA 106 -26.04 -23.69 -2.49
N ASP FA 107 -26.49 -22.75 -3.26
CA ASP FA 107 -25.76 -22.33 -4.40
C ASP FA 107 -25.74 -23.48 -5.40
N ILE FA 108 -26.84 -24.24 -5.46
CA ILE FA 108 -27.00 -25.24 -6.49
C ILE FA 108 -28.18 -24.75 -7.28
N PRO FA 109 -28.11 -24.78 -8.62
CA PRO FA 109 -29.27 -24.26 -9.37
C PRO FA 109 -30.59 -24.93 -9.08
N VAL FA 110 -31.64 -24.20 -8.65
CA VAL FA 110 -32.92 -24.89 -8.46
C VAL FA 110 -33.97 -24.23 -9.34
N ILE FA 111 -34.36 -24.94 -10.39
CA ILE FA 111 -35.34 -24.42 -11.34
C ILE FA 111 -36.76 -24.64 -10.86
N PHE FA 112 -37.53 -23.56 -10.79
CA PHE FA 112 -38.91 -23.62 -10.37
C PHE FA 112 -39.82 -23.92 -11.57
N GLY FA 113 -40.26 -25.18 -11.66
CA GLY FA 113 -41.14 -25.59 -12.75
C GLY FA 113 -42.45 -26.15 -12.23
N VAL FA 114 -43.10 -25.39 -11.36
CA VAL FA 114 -44.38 -25.80 -10.80
C VAL FA 114 -45.51 -25.00 -11.41
N LEU FA 115 -46.39 -25.70 -12.13
CA LEU FA 115 -47.54 -25.07 -12.76
C LEU FA 115 -48.52 -24.54 -11.70
N THR FA 116 -48.87 -23.28 -11.84
CA THR FA 116 -49.82 -22.65 -10.94
C THR FA 116 -50.91 -21.95 -11.76
N THR FA 117 -52.01 -22.66 -12.00
CA THR FA 117 -53.01 -22.21 -12.96
C THR FA 117 -54.38 -21.97 -12.34
N GLU FA 118 -55.36 -21.74 -13.21
CA GLU FA 118 -56.73 -21.47 -12.81
C GLU FA 118 -57.66 -22.59 -13.25
N THR FA 119 -57.37 -23.14 -14.43
CA THR FA 119 -58.22 -24.16 -15.03
C THR FA 119 -57.46 -25.46 -15.20
N ILE FA 120 -58.18 -26.57 -15.15
CA ILE FA 120 -57.62 -27.85 -15.51
C ILE FA 120 -57.23 -27.79 -16.98
N GLU FA 121 -57.93 -26.95 -17.73
CA GLU FA 121 -57.66 -26.76 -19.14
C GLU FA 121 -56.43 -25.89 -19.36
N GLN FA 122 -56.12 -25.04 -18.40
CA GLN FA 122 -54.93 -24.19 -18.51
C GLN FA 122 -53.67 -24.98 -18.19
N ALA FA 123 -53.72 -25.77 -17.13
CA ALA FA 123 -52.61 -26.63 -16.78
C ALA FA 123 -52.34 -27.61 -17.92
N ILE FA 124 -53.39 -28.06 -18.57
CA ILE FA 124 -53.27 -29.00 -19.68
C ILE FA 124 -52.70 -28.31 -20.93
N GLU FA 125 -52.70 -26.97 -20.91
CA GLU FA 125 -52.14 -26.20 -22.00
C GLU FA 125 -50.62 -26.17 -21.90
N ARG FA 126 -50.11 -26.11 -20.68
CA ARG FA 126 -48.66 -26.05 -20.45
C ARG FA 126 -48.07 -27.44 -20.20
N ALA FA 127 -48.93 -28.44 -20.16
CA ALA FA 127 -48.47 -29.82 -19.91
C ALA FA 127 -48.07 -30.54 -21.19
N GLY FA 128 -47.82 -29.78 -22.23
CA GLY FA 128 -47.47 -30.37 -23.46
C GLY FA 128 -48.58 -30.11 -24.47
N THR FA 129 -49.10 -28.88 -24.55
CA THR FA 129 -50.10 -28.55 -25.57
C THR FA 129 -49.82 -27.17 -26.07
N LYS FA 130 -50.84 -26.42 -26.36
CA LYS FA 130 -50.70 -25.07 -26.93
C LYS FA 130 -49.48 -24.26 -26.44
N ALA FA 131 -49.30 -24.09 -25.14
CA ALA FA 131 -48.18 -23.28 -24.70
C ALA FA 131 -46.86 -24.07 -24.67
N GLY FA 132 -46.90 -25.39 -24.94
CA GLY FA 132 -45.69 -26.24 -24.93
C GLY FA 132 -45.57 -26.98 -23.58
N ASN FA 133 -44.55 -27.81 -23.40
CA ASN FA 133 -44.35 -28.50 -22.14
C ASN FA 133 -43.40 -27.74 -21.22
N LYS FA 134 -43.94 -27.22 -20.11
CA LYS FA 134 -43.15 -26.41 -19.19
C LYS FA 134 -42.14 -27.24 -18.40
N GLY FA 135 -42.22 -28.55 -18.55
CA GLY FA 135 -41.22 -29.44 -17.96
C GLY FA 135 -39.98 -29.47 -18.83
N TYR FA 136 -40.19 -29.54 -20.13
CA TYR FA 136 -39.10 -29.49 -21.10
C TYR FA 136 -38.34 -28.17 -20.95
N GLU FA 137 -39.09 -27.08 -20.85
CA GLU FA 137 -38.50 -25.75 -20.76
C GLU FA 137 -37.73 -25.57 -19.44
N SER FA 138 -38.20 -26.24 -18.40
CA SER FA 138 -37.57 -26.13 -17.08
C SER FA 138 -36.33 -27.00 -16.98
N ALA FA 139 -36.16 -27.88 -17.97
CA ALA FA 139 -34.95 -28.71 -18.06
C ALA FA 139 -33.88 -27.97 -18.83
N VAL FA 140 -34.29 -27.29 -19.90
CA VAL FA 140 -33.39 -26.45 -20.67
C VAL FA 140 -32.81 -25.35 -19.78
N ALA FA 141 -33.62 -24.87 -18.85
CA ALA FA 141 -33.17 -23.87 -17.90
C ALA FA 141 -32.19 -24.46 -16.91
N ALA FA 142 -32.38 -25.73 -16.57
CA ALA FA 142 -31.49 -26.41 -15.63
C ALA FA 142 -30.10 -26.59 -16.22
N ILE FA 143 -30.04 -27.06 -17.46
CA ILE FA 143 -28.77 -27.25 -18.15
C ILE FA 143 -28.02 -25.92 -18.24
N GLU FA 144 -28.73 -24.88 -18.63
CA GLU FA 144 -28.13 -23.55 -18.77
C GLU FA 144 -27.60 -23.05 -17.44
N MET FA 145 -28.44 -23.09 -16.42
CA MET FA 145 -28.04 -22.65 -15.09
C MET FA 145 -26.80 -23.41 -14.62
N ALA FA 146 -26.81 -24.73 -14.82
CA ALA FA 146 -25.69 -25.57 -14.44
C ALA FA 146 -24.40 -25.06 -15.09
N HIS FA 147 -24.46 -24.80 -16.39
CA HIS FA 147 -23.31 -24.30 -17.13
C HIS FA 147 -23.04 -22.82 -16.84
N LEU FA 148 -23.16 -22.42 -15.59
CA LEU FA 148 -22.81 -21.08 -15.15
C LEU FA 148 -22.00 -21.22 -13.87
N SER FA 149 -20.66 -21.06 -14.03
CA SER FA 149 -19.70 -21.32 -12.96
C SER FA 149 -18.72 -20.22 -12.50
N LYS FA 150 -19.19 -19.67 -11.40
CA LYS FA 150 -18.54 -18.77 -10.55
C LYS FA 150 -18.86 -19.53 -9.23
N HIS FA 151 -17.95 -19.52 -8.27
CA HIS FA 151 -18.18 -20.20 -7.00
C HIS FA 151 -17.78 -19.30 -5.88
N TRP FA 152 -18.58 -19.30 -4.86
CA TRP FA 152 -18.21 -18.43 -3.77
C TRP FA 152 -17.25 -19.12 -2.84
N ALA FA 153 -16.20 -18.37 -2.49
CA ALA FA 153 -15.17 -18.86 -1.59
C ALA FA 153 -14.23 -17.72 -1.18
N VAL GA 2 -25.29 15.48 6.06
CA VAL GA 2 -25.94 15.30 4.76
C VAL GA 2 -25.09 14.42 3.84
N PHE GA 3 -25.72 13.43 3.21
CA PHE GA 3 -24.99 12.44 2.41
C PHE GA 3 -25.62 12.13 1.06
N GLU GA 4 -25.44 13.03 0.09
CA GLU GA 4 -25.95 12.79 -1.26
C GLU GA 4 -25.05 11.80 -2.00
N GLY GA 5 -25.54 11.26 -3.11
CA GLY GA 5 -24.79 10.30 -3.89
C GLY GA 5 -24.30 10.83 -5.22
N HIS GA 6 -23.00 10.67 -5.46
CA HIS GA 6 -22.37 11.13 -6.70
C HIS GA 6 -23.06 10.52 -7.92
N LEU GA 7 -22.88 11.12 -9.08
CA LEU GA 7 -23.53 10.61 -10.29
C LEU GA 7 -22.56 10.38 -11.46
N VAL GA 8 -21.34 10.86 -11.32
CA VAL GA 8 -20.30 10.61 -12.31
C VAL GA 8 -19.52 9.37 -11.90
N GLY GA 9 -19.70 8.27 -12.64
CA GLY GA 9 -19.07 7.02 -12.29
C GLY GA 9 -17.92 6.66 -13.21
N THR GA 10 -16.89 7.50 -13.24
CA THR GA 10 -15.72 7.25 -14.07
C THR GA 10 -15.06 5.92 -13.71
N GLY GA 11 -14.56 5.83 -12.48
CA GLY GA 11 -13.85 4.64 -12.05
C GLY GA 11 -14.73 3.61 -11.36
N LEU GA 12 -15.71 3.07 -12.08
CA LEU GA 12 -16.63 2.11 -11.52
C LEU GA 12 -16.62 0.78 -12.27
N LYS GA 13 -16.82 -0.30 -11.53
CA LYS GA 13 -17.03 -1.62 -12.11
C LYS GA 13 -18.47 -2.04 -11.86
N VAL GA 14 -19.23 -2.24 -12.93
CA VAL GA 14 -20.63 -2.63 -12.79
C VAL GA 14 -20.87 -4.03 -13.34
N GLY GA 15 -21.84 -4.73 -12.77
CA GLY GA 15 -22.22 -6.04 -13.24
C GLY GA 15 -23.71 -6.12 -13.50
N VAL GA 16 -24.09 -6.66 -14.64
CA VAL GA 16 -25.50 -6.72 -15.03
C VAL GA 16 -25.99 -8.15 -15.22
N VAL GA 17 -27.19 -8.44 -14.72
CA VAL GA 17 -27.81 -9.75 -14.90
C VAL GA 17 -29.14 -9.59 -15.61
N VAL GA 18 -29.19 -10.03 -16.87
CA VAL GA 18 -30.38 -9.86 -17.69
C VAL GA 18 -31.08 -11.19 -17.98
N GLY GA 19 -32.41 -11.14 -18.01
CA GLY GA 19 -33.20 -12.34 -18.28
C GLY GA 19 -33.49 -12.52 -19.75
N ARG GA 20 -33.30 -13.74 -20.25
CA ARG GA 20 -33.46 -14.03 -21.66
C ARG GA 20 -34.93 -14.01 -22.08
N PHE GA 21 -35.81 -14.44 -21.19
CA PHE GA 21 -37.24 -14.44 -21.47
C PHE GA 21 -37.69 -13.01 -21.73
N ASN GA 22 -38.60 -12.84 -22.69
CA ASN GA 22 -39.01 -11.50 -23.12
C ASN GA 22 -37.81 -10.72 -23.64
N GLU GA 23 -36.94 -11.43 -24.35
CA GLU GA 23 -35.72 -10.85 -24.91
C GLU GA 23 -36.04 -9.63 -25.76
N PHE GA 24 -37.19 -9.66 -26.41
CA PHE GA 24 -37.64 -8.56 -27.25
C PHE GA 24 -37.65 -7.24 -26.48
N ILE GA 25 -37.91 -7.32 -25.18
CA ILE GA 25 -37.93 -6.14 -24.33
C ILE GA 25 -36.64 -5.97 -23.56
N THR GA 26 -36.20 -7.03 -22.90
CA THR GA 26 -34.99 -6.99 -22.08
C THR GA 26 -33.77 -6.59 -22.92
N SER GA 27 -33.84 -6.84 -24.22
CA SER GA 27 -32.76 -6.45 -25.13
C SER GA 27 -32.54 -4.93 -25.06
N LYS GA 28 -33.54 -4.18 -25.51
CA LYS GA 28 -33.48 -2.72 -25.46
C LYS GA 28 -33.33 -2.23 -24.02
N LEU GA 29 -33.72 -3.07 -23.08
CA LEU GA 29 -33.65 -2.73 -21.67
C LEU GA 29 -32.20 -2.75 -21.21
N LEU GA 30 -31.44 -3.68 -21.78
CA LEU GA 30 -30.01 -3.76 -21.52
C LEU GA 30 -29.31 -2.60 -22.20
N GLY GA 31 -29.97 -2.00 -23.17
CA GLY GA 31 -29.48 -0.79 -23.81
C GLY GA 31 -29.35 0.33 -22.81
N GLY GA 32 -29.78 0.07 -21.57
CA GLY GA 32 -29.62 1.00 -20.47
C GLY GA 32 -28.23 0.90 -19.88
N ALA GA 33 -27.66 -0.30 -19.95
CA ALA GA 33 -26.27 -0.50 -19.55
C ALA GA 33 -25.37 0.38 -20.42
N LEU GA 34 -25.19 -0.04 -21.67
CA LEU GA 34 -24.49 0.80 -22.63
C LEU GA 34 -25.33 2.05 -22.89
N ASP GA 35 -24.73 3.06 -23.52
CA ASP GA 35 -25.41 4.34 -23.71
C ASP GA 35 -26.04 4.82 -22.40
N GLY GA 36 -25.55 4.29 -21.29
CA GLY GA 36 -26.07 4.64 -19.98
C GLY GA 36 -24.94 4.75 -18.96
N LEU GA 37 -24.31 3.62 -18.67
CA LEU GA 37 -23.12 3.62 -17.84
C LEU GA 37 -21.97 4.24 -18.62
N LYS GA 38 -21.97 4.03 -19.93
CA LYS GA 38 -20.95 4.58 -20.82
C LYS GA 38 -20.85 6.09 -20.67
N ARG GA 39 -21.95 6.78 -20.97
CA ARG GA 39 -21.95 8.25 -20.98
C ARG GA 39 -21.79 8.86 -19.60
N HIS GA 40 -21.91 8.05 -18.55
CA HIS GA 40 -21.74 8.55 -17.20
C HIS GA 40 -20.32 8.35 -16.67
N GLY GA 41 -19.44 7.83 -17.53
CA GLY GA 41 -18.04 7.69 -17.19
C GLY GA 41 -17.49 6.28 -17.19
N VAL GA 42 -18.34 5.31 -16.90
CA VAL GA 42 -17.92 3.91 -16.80
C VAL GA 42 -17.21 3.44 -18.07
N GLU GA 43 -16.15 2.63 -17.91
CA GLU GA 43 -15.34 2.17 -19.03
C GLU GA 43 -16.01 1.09 -19.89
N GLU GA 44 -15.97 1.30 -21.24
CA GLU GA 44 -16.55 0.44 -22.26
C GLU GA 44 -16.06 -0.97 -22.05
N ASN GA 45 -17.06 -1.84 -21.94
CA ASN GA 45 -16.97 -3.23 -21.58
C ASN GA 45 -15.89 -3.36 -20.49
N ASP GA 46 -16.29 -2.84 -19.32
CA ASP GA 46 -15.60 -2.88 -18.02
C ASP GA 46 -16.76 -3.22 -17.15
N ILE GA 47 -17.76 -3.63 -17.88
CA ILE GA 47 -19.02 -4.02 -17.33
C ILE GA 47 -19.33 -5.41 -17.86
N ASP GA 48 -19.74 -6.30 -16.97
CA ASP GA 48 -20.08 -7.67 -17.36
C ASP GA 48 -21.58 -7.93 -17.38
N VAL GA 49 -22.03 -8.71 -18.35
CA VAL GA 49 -23.43 -9.03 -18.51
C VAL GA 49 -23.67 -10.53 -18.36
N ALA GA 50 -24.60 -10.89 -17.48
CA ALA GA 50 -24.93 -12.28 -17.23
C ALA GA 50 -26.35 -12.61 -17.71
N TRP GA 51 -26.44 -13.49 -18.68
CA TRP GA 51 -27.74 -13.90 -19.22
C TRP GA 51 -28.29 -15.12 -18.48
N VAL GA 52 -29.45 -14.95 -17.87
CA VAL GA 52 -30.11 -16.04 -17.17
C VAL GA 52 -31.45 -16.34 -17.83
N PRO GA 53 -31.85 -17.61 -17.82
CA PRO GA 53 -33.09 -18.09 -18.45
C PRO GA 53 -34.29 -17.17 -18.19
N GLY GA 54 -34.85 -17.26 -16.99
CA GLY GA 54 -36.00 -16.45 -16.64
C GLY GA 54 -35.69 -15.41 -15.58
N ALA GA 55 -36.60 -14.45 -15.41
CA ALA GA 55 -36.44 -13.43 -14.39
C ALA GA 55 -36.30 -14.08 -13.03
N PHE GA 56 -36.81 -15.29 -12.93
CA PHE GA 56 -36.78 -16.05 -11.68
C PHE GA 56 -35.37 -16.48 -11.30
N GLU GA 57 -34.51 -16.63 -12.30
CA GLU GA 57 -33.14 -17.11 -12.08
C GLU GA 57 -32.19 -15.96 -11.80
N ILE GA 58 -32.69 -14.73 -11.92
CA ILE GA 58 -31.86 -13.54 -11.70
C ILE GA 58 -31.24 -13.48 -10.31
N PRO GA 59 -32.06 -13.63 -9.26
CA PRO GA 59 -31.55 -13.53 -7.89
C PRO GA 59 -30.32 -14.39 -7.63
N LEU GA 60 -30.35 -15.64 -8.08
CA LEU GA 60 -29.23 -16.55 -7.86
C LEU GA 60 -27.92 -16.04 -8.46
N ILE GA 61 -27.95 -15.70 -9.74
CA ILE GA 61 -26.76 -15.26 -10.45
C ILE GA 61 -26.38 -13.81 -10.12
N ALA GA 62 -27.37 -13.00 -9.77
CA ALA GA 62 -27.10 -11.65 -9.30
C ALA GA 62 -26.26 -11.74 -8.03
N LYS GA 63 -26.46 -12.82 -7.29
CA LYS GA 63 -25.67 -13.07 -6.09
C LYS GA 63 -24.24 -13.47 -6.45
N LYS GA 64 -24.09 -14.59 -7.16
CA LYS GA 64 -22.77 -15.12 -7.50
C LYS GA 64 -21.95 -14.19 -8.40
N MET GA 65 -22.36 -12.93 -8.46
CA MET GA 65 -21.57 -11.90 -9.11
C MET GA 65 -21.13 -10.88 -8.07
N ALA GA 66 -22.11 -10.27 -7.41
CA ALA GA 66 -21.83 -9.32 -6.35
C ALA GA 66 -21.29 -10.02 -5.10
N ASN GA 67 -21.51 -11.34 -5.03
CA ASN GA 67 -21.14 -12.12 -3.87
C ASN GA 67 -19.69 -11.91 -3.48
N SER GA 68 -18.80 -11.97 -4.47
CA SER GA 68 -17.40 -11.69 -4.24
C SER GA 68 -16.97 -10.49 -5.09
N GLY GA 69 -16.29 -9.55 -4.47
CA GLY GA 69 -15.90 -8.29 -5.11
C GLY GA 69 -15.40 -8.40 -6.53
N LYS GA 70 -16.25 -7.99 -7.47
CA LYS GA 70 -15.88 -7.90 -8.87
C LYS GA 70 -16.39 -6.56 -9.37
N TYR GA 71 -17.46 -6.08 -8.74
CA TYR GA 71 -18.13 -4.85 -9.16
C TYR GA 71 -18.50 -4.01 -7.94
N ASP GA 72 -18.66 -2.70 -8.16
CA ASP GA 72 -19.06 -1.79 -7.10
C ASP GA 72 -20.57 -1.78 -6.95
N ALA GA 73 -21.27 -2.29 -7.96
CA ALA GA 73 -22.71 -2.38 -7.94
C ALA GA 73 -23.20 -3.31 -9.04
N VAL GA 74 -24.28 -4.05 -8.76
CA VAL GA 74 -24.85 -4.98 -9.72
C VAL GA 74 -26.26 -4.56 -10.13
N ILE GA 75 -26.51 -4.54 -11.44
CA ILE GA 75 -27.82 -4.18 -11.97
C ILE GA 75 -28.56 -5.42 -12.45
N THR GA 76 -29.84 -5.53 -12.08
CA THR GA 76 -30.66 -6.65 -12.54
C THR GA 76 -31.71 -6.18 -13.55
N LEU GA 77 -31.64 -6.73 -14.75
CA LEU GA 77 -32.59 -6.41 -15.81
C LEU GA 77 -33.40 -7.63 -16.23
N GLY GA 78 -34.66 -7.41 -16.58
CA GLY GA 78 -35.54 -8.47 -17.02
C GLY GA 78 -36.94 -7.93 -17.26
N THR GA 79 -37.82 -8.78 -17.77
CA THR GA 79 -39.21 -8.40 -18.00
C THR GA 79 -40.16 -9.53 -17.69
N VAL GA 80 -41.31 -9.18 -17.11
CA VAL GA 80 -42.34 -10.15 -16.79
C VAL GA 80 -43.72 -9.59 -17.13
N ILE GA 81 -44.48 -10.31 -17.94
CA ILE GA 81 -45.79 -9.84 -18.37
C ILE GA 81 -46.92 -10.77 -17.94
N ARG GA 82 -48.02 -10.18 -17.50
CA ARG GA 82 -49.19 -10.93 -17.06
C ARG GA 82 -49.63 -12.04 -18.01
N GLY GA 83 -49.91 -13.21 -17.45
CA GLY GA 83 -50.46 -14.31 -18.22
C GLY GA 83 -51.87 -14.60 -17.76
N ALA GA 84 -52.36 -15.79 -18.10
CA ALA GA 84 -53.71 -16.20 -17.68
C ALA GA 84 -53.67 -16.73 -16.26
N THR GA 85 -52.51 -17.24 -15.85
CA THR GA 85 -52.34 -17.84 -14.53
C THR GA 85 -51.73 -16.85 -13.55
N THR GA 86 -51.79 -17.18 -12.26
CA THR GA 86 -51.19 -16.34 -11.23
C THR GA 86 -49.68 -16.57 -11.16
N HIS GA 87 -49.16 -17.34 -12.10
CA HIS GA 87 -47.73 -17.60 -12.19
C HIS GA 87 -46.95 -16.28 -12.26
N TYR GA 88 -47.51 -15.30 -12.95
CA TYR GA 88 -46.91 -13.99 -13.11
C TYR GA 88 -46.56 -13.37 -11.75
N ASP GA 89 -47.39 -13.62 -10.75
CA ASP GA 89 -47.24 -12.99 -9.45
C ASP GA 89 -46.08 -13.59 -8.66
N TYR GA 90 -46.02 -14.92 -8.59
CA TYR GA 90 -45.00 -15.60 -7.81
C TYR GA 90 -43.60 -15.34 -8.36
N VAL GA 91 -43.51 -15.10 -9.67
CA VAL GA 91 -42.24 -14.77 -10.31
C VAL GA 91 -41.82 -13.35 -9.94
N CYS GA 92 -42.63 -12.36 -10.30
CA CYS GA 92 -42.38 -10.96 -9.97
C CYS GA 92 -41.98 -10.82 -8.50
N ASN GA 93 -42.84 -11.31 -7.61
CA ASN GA 93 -42.60 -11.24 -6.18
C ASN GA 93 -41.18 -11.69 -5.81
N GLU GA 94 -40.88 -12.94 -6.12
CA GLU GA 94 -39.62 -13.56 -5.71
C GLU GA 94 -38.39 -12.90 -6.35
N VAL GA 95 -38.56 -12.32 -7.53
CA VAL GA 95 -37.48 -11.57 -8.16
C VAL GA 95 -37.16 -10.35 -7.32
N ALA GA 96 -38.18 -9.53 -7.08
CA ALA GA 96 -38.05 -8.34 -6.25
C ALA GA 96 -37.63 -8.75 -4.85
N LYS GA 97 -38.24 -9.83 -4.36
CA LYS GA 97 -37.93 -10.34 -3.03
C LYS GA 97 -36.46 -10.72 -2.94
N GLY GA 98 -35.97 -11.45 -3.93
CA GLY GA 98 -34.59 -11.89 -3.96
C GLY GA 98 -33.62 -10.73 -4.09
N VAL GA 99 -33.75 -9.96 -5.17
CA VAL GA 99 -32.87 -8.83 -5.42
C VAL GA 99 -32.80 -7.84 -4.25
N ALA GA 100 -33.92 -7.64 -3.56
CA ALA GA 100 -33.98 -6.72 -2.43
C ALA GA 100 -33.40 -7.37 -1.17
N SER GA 101 -34.05 -8.44 -0.72
CA SER GA 101 -33.63 -9.14 0.49
C SER GA 101 -32.16 -9.52 0.45
N LEU GA 102 -31.72 -10.04 -0.69
CA LEU GA 102 -30.31 -10.41 -0.86
C LEU GA 102 -29.49 -9.31 -1.51
N SER GA 103 -29.72 -8.08 -1.04
CA SER GA 103 -28.91 -6.93 -1.40
C SER GA 103 -28.45 -6.28 -0.09
N LEU GA 104 -28.96 -6.81 1.01
CA LEU GA 104 -28.58 -6.36 2.34
C LEU GA 104 -27.52 -7.30 2.91
N GLN GA 105 -27.64 -8.58 2.56
CA GLN GA 105 -26.70 -9.58 3.06
C GLN GA 105 -25.29 -9.34 2.51
N THR GA 106 -25.23 -8.92 1.23
CA THR GA 106 -23.96 -8.61 0.60
C THR GA 106 -23.54 -7.23 1.04
N ASP GA 107 -24.45 -6.27 0.97
CA ASP GA 107 -24.06 -4.93 1.32
C ASP GA 107 -23.51 -4.24 0.10
N ILE GA 108 -23.48 -4.95 -1.03
CA ILE GA 108 -23.06 -4.34 -2.28
C ILE GA 108 -24.31 -3.98 -3.02
N PRO GA 109 -24.32 -2.72 -3.44
CA PRO GA 109 -25.51 -2.18 -4.10
C PRO GA 109 -26.13 -3.05 -5.20
N VAL GA 110 -27.34 -3.55 -5.04
CA VAL GA 110 -27.98 -4.31 -6.10
C VAL GA 110 -29.27 -3.62 -6.54
N ILE GA 111 -29.21 -2.94 -7.67
CA ILE GA 111 -30.35 -2.18 -8.19
C ILE GA 111 -31.37 -3.10 -8.86
N PHE GA 112 -32.63 -2.94 -8.47
CA PHE GA 112 -33.71 -3.75 -9.03
C PHE GA 112 -34.32 -3.08 -10.25
N GLY GA 113 -34.05 -3.65 -11.42
CA GLY GA 113 -34.56 -3.11 -12.67
C GLY GA 113 -35.29 -4.15 -13.49
N VAL GA 114 -36.32 -4.76 -12.90
CA VAL GA 114 -37.12 -5.77 -13.59
C VAL GA 114 -38.53 -5.23 -13.88
N LEU GA 115 -38.85 -5.13 -15.16
CA LEU GA 115 -40.16 -4.66 -15.59
C LEU GA 115 -41.25 -5.63 -15.22
N THR GA 116 -42.31 -5.11 -14.61
CA THR GA 116 -43.44 -5.94 -14.22
C THR GA 116 -44.73 -5.30 -14.74
N THR GA 117 -45.10 -5.69 -15.95
CA THR GA 117 -46.20 -5.03 -16.65
C THR GA 117 -47.40 -5.93 -16.91
N GLU GA 118 -48.48 -5.32 -17.40
CA GLU GA 118 -49.70 -6.04 -17.75
C GLU GA 118 -49.78 -6.27 -19.25
N THR GA 119 -49.27 -5.31 -20.01
CA THR GA 119 -49.30 -5.37 -21.47
C THR GA 119 -47.91 -5.44 -22.07
N ILE GA 120 -47.80 -6.05 -23.23
CA ILE GA 120 -46.58 -6.00 -24.02
C ILE GA 120 -46.34 -4.55 -24.40
N GLU GA 121 -47.43 -3.80 -24.50
CA GLU GA 121 -47.35 -2.38 -24.87
C GLU GA 121 -46.83 -1.54 -23.70
N GLN GA 122 -46.98 -2.06 -22.49
CA GLN GA 122 -46.49 -1.37 -21.31
C GLN GA 122 -45.00 -1.61 -21.11
N ALA GA 123 -44.55 -2.78 -21.54
CA ALA GA 123 -43.12 -3.11 -21.51
C ALA GA 123 -42.38 -2.21 -22.49
N ILE GA 124 -42.91 -2.13 -23.71
CA ILE GA 124 -42.36 -1.24 -24.72
C ILE GA 124 -42.45 0.20 -24.24
N GLU GA 125 -43.52 0.50 -23.51
CA GLU GA 125 -43.74 1.82 -22.97
C GLU GA 125 -42.58 2.23 -22.06
N ARG GA 126 -41.99 1.26 -21.39
CA ARG GA 126 -40.92 1.51 -20.43
C ARG GA 126 -39.57 0.94 -20.84
N ALA GA 127 -39.42 0.62 -22.12
CA ALA GA 127 -38.16 0.08 -22.62
C ALA GA 127 -37.53 1.03 -23.64
N GLY GA 128 -37.74 2.29 -23.49
CA GLY GA 128 -37.22 3.16 -24.50
C GLY GA 128 -38.43 3.85 -25.07
N THR GA 129 -39.61 3.66 -24.53
CA THR GA 129 -40.66 4.50 -25.09
C THR GA 129 -41.07 5.59 -24.08
N LYS GA 130 -42.21 6.23 -24.35
CA LYS GA 130 -42.89 7.34 -23.60
C LYS GA 130 -42.38 7.56 -22.18
N ALA GA 131 -42.15 6.48 -21.43
CA ALA GA 131 -41.68 6.65 -20.05
C ALA GA 131 -40.16 6.69 -19.97
N GLY GA 132 -39.49 6.45 -21.12
CA GLY GA 132 -38.04 6.36 -21.20
C GLY GA 132 -37.60 4.89 -21.06
N ASN GA 133 -36.31 4.70 -20.83
CA ASN GA 133 -35.75 3.36 -20.68
C ASN GA 133 -35.39 3.05 -19.24
N LYS GA 134 -36.15 2.15 -18.63
CA LYS GA 134 -35.97 1.84 -17.21
C LYS GA 134 -34.69 1.04 -16.96
N GLY GA 135 -33.91 0.86 -18.01
CA GLY GA 135 -32.61 0.24 -17.89
C GLY GA 135 -31.55 1.31 -17.71
N TYR GA 136 -31.67 2.37 -18.50
CA TYR GA 136 -30.78 3.52 -18.38
C TYR GA 136 -30.97 4.19 -17.03
N GLU GA 137 -32.17 4.08 -16.48
CA GLU GA 137 -32.49 4.73 -15.21
C GLU GA 137 -31.93 3.92 -14.04
N SER GA 138 -31.93 2.60 -14.19
CA SER GA 138 -31.42 1.73 -13.15
C SER GA 138 -29.89 1.73 -13.15
N ALA GA 139 -29.31 2.28 -14.21
CA ALA GA 139 -27.87 2.43 -14.29
C ALA GA 139 -27.43 3.67 -13.51
N VAL GA 140 -28.15 4.76 -13.72
CA VAL GA 140 -27.93 5.98 -12.96
C VAL GA 140 -28.01 5.68 -11.46
N ALA GA 141 -29.02 4.89 -11.08
CA ALA GA 141 -29.20 4.51 -9.70
C ALA GA 141 -28.01 3.70 -9.20
N ALA GA 142 -27.52 2.80 -10.05
CA ALA GA 142 -26.39 1.95 -9.69
C ALA GA 142 -25.15 2.77 -9.38
N ILE GA 143 -24.87 3.78 -10.21
CA ILE GA 143 -23.72 4.64 -10.00
C ILE GA 143 -23.86 5.42 -8.71
N GLU GA 144 -25.03 6.01 -8.50
CA GLU GA 144 -25.28 6.81 -7.32
C GLU GA 144 -25.16 5.99 -6.03
N MET GA 145 -25.71 4.78 -6.06
CA MET GA 145 -25.65 3.87 -4.91
C MET GA 145 -24.22 3.42 -4.64
N ALA GA 146 -23.47 3.20 -5.71
CA ALA GA 146 -22.07 2.83 -5.58
C ALA GA 146 -21.30 3.92 -4.84
N HIS GA 147 -21.53 5.16 -5.24
CA HIS GA 147 -20.87 6.30 -4.62
C HIS GA 147 -21.41 6.63 -3.23
N LEU GA 148 -22.31 5.79 -2.73
CA LEU GA 148 -22.85 6.00 -1.39
C LEU GA 148 -22.30 5.00 -0.38
N SER GA 149 -21.52 4.03 -0.85
CA SER GA 149 -20.72 3.21 0.04
C SER GA 149 -19.69 4.14 0.66
N LYS GA 150 -20.07 4.74 1.79
CA LYS GA 150 -19.45 5.95 2.27
C LYS GA 150 -19.37 5.90 3.78
N HIS GA 151 -20.32 5.20 4.38
CA HIS GA 151 -20.45 5.15 5.83
C HIS GA 151 -20.69 6.56 6.37
N TRP GA 152 -20.62 6.75 7.68
CA TRP GA 152 -21.13 7.97 8.29
C TRP GA 152 -20.26 8.58 9.39
N ALA GA 153 -20.38 9.89 9.57
CA ALA GA 153 -19.61 10.62 10.56
C ALA GA 153 -20.48 11.66 11.27
N VAL HA 2 -45.16 -0.92 33.79
CA VAL HA 2 -45.44 0.14 32.83
C VAL HA 2 -44.16 0.69 32.18
N PHE HA 3 -44.22 0.93 30.87
CA PHE HA 3 -43.06 1.40 30.11
C PHE HA 3 -43.43 2.39 29.01
N GLU HA 4 -43.77 3.62 29.39
CA GLU HA 4 -44.10 4.66 28.42
C GLU HA 4 -42.82 5.30 27.87
N GLY HA 5 -42.93 5.89 26.69
CA GLY HA 5 -41.78 6.52 26.03
C GLY HA 5 -41.77 8.03 26.11
N HIS HA 6 -40.65 8.60 26.55
CA HIS HA 6 -40.48 10.04 26.64
C HIS HA 6 -40.71 10.68 25.27
N LEU HA 7 -40.92 12.00 25.24
CA LEU HA 7 -41.17 12.68 23.98
C LEU HA 7 -40.32 13.94 23.79
N VAL HA 8 -39.45 14.21 24.76
CA VAL HA 8 -38.52 15.34 24.64
C VAL HA 8 -37.11 14.81 24.37
N GLY HA 9 -36.70 14.84 23.10
CA GLY HA 9 -35.40 14.30 22.72
C GLY HA 9 -34.33 15.35 22.52
N THR HA 10 -33.89 15.98 23.61
CA THR HA 10 -32.88 17.03 23.54
C THR HA 10 -31.49 16.46 23.22
N GLY HA 11 -31.19 15.30 23.76
CA GLY HA 11 -29.87 14.71 23.60
C GLY HA 11 -29.81 13.58 22.58
N LEU HA 12 -30.83 13.49 21.75
CA LEU HA 12 -30.90 12.41 20.76
C LEU HA 12 -30.07 12.73 19.52
N LYS HA 13 -29.77 11.68 18.75
CA LYS HA 13 -28.97 11.83 17.54
C LYS HA 13 -29.62 11.03 16.39
N VAL HA 14 -30.55 11.66 15.69
CA VAL HA 14 -31.34 10.97 14.68
C VAL HA 14 -30.71 11.04 13.28
N GLY HA 15 -31.05 10.08 12.43
CA GLY HA 15 -30.62 10.07 11.05
C GLY HA 15 -31.74 9.64 10.11
N VAL HA 16 -31.87 10.33 8.98
CA VAL HA 16 -32.96 10.04 8.05
C VAL HA 16 -32.45 9.59 6.68
N VAL HA 17 -33.23 8.72 6.02
CA VAL HA 17 -32.94 8.31 4.65
C VAL HA 17 -34.13 8.62 3.76
N VAL HA 18 -34.06 9.74 3.04
CA VAL HA 18 -35.15 10.16 2.16
C VAL HA 18 -34.95 9.72 0.72
N GLY HA 19 -36.04 9.59 -0.03
CA GLY HA 19 -35.98 9.14 -1.41
C GLY HA 19 -36.22 10.28 -2.40
N ARG HA 20 -35.41 10.31 -3.45
CA ARG HA 20 -35.49 11.37 -4.44
C ARG HA 20 -36.74 11.28 -5.31
N PHE HA 21 -37.04 10.08 -5.80
CA PHE HA 21 -38.23 9.89 -6.62
C PHE HA 21 -39.43 10.47 -5.89
N ASN HA 22 -40.23 11.24 -6.62
CA ASN HA 22 -41.34 11.98 -6.02
C ASN HA 22 -40.85 13.01 -5.01
N GLU HA 23 -39.76 13.68 -5.36
CA GLU HA 23 -39.17 14.70 -4.50
C GLU HA 23 -40.19 15.78 -4.17
N PHE HA 24 -41.13 16.00 -5.08
CA PHE HA 24 -42.17 16.99 -4.89
C PHE HA 24 -42.89 16.75 -3.57
N ILE HA 25 -42.97 15.49 -3.16
CA ILE HA 25 -43.64 15.11 -1.92
C ILE HA 25 -42.65 14.85 -0.81
N THR HA 26 -41.63 14.04 -1.10
CA THR HA 26 -40.62 13.68 -0.11
C THR HA 26 -39.93 14.92 0.46
N SER HA 27 -39.83 15.97 -0.36
CA SER HA 27 -39.22 17.22 0.06
C SER HA 27 -39.92 17.77 1.30
N LYS HA 28 -41.20 18.11 1.16
CA LYS HA 28 -41.99 18.60 2.28
C LYS HA 28 -42.09 17.55 3.37
N LEU HA 29 -41.83 16.30 3.01
CA LEU HA 29 -41.93 15.18 3.94
C LEU HA 29 -40.72 15.15 4.87
N LEU HA 30 -39.59 15.62 4.36
CA LEU HA 30 -38.37 15.72 5.15
C LEU HA 30 -38.43 16.97 6.03
N GLY HA 31 -38.94 18.07 5.45
CA GLY HA 31 -39.11 19.31 6.18
C GLY HA 31 -40.06 19.06 7.35
N GLY HA 32 -40.75 17.92 7.30
CA GLY HA 32 -41.66 17.52 8.35
C GLY HA 32 -40.85 16.90 9.48
N ALA HA 33 -39.98 15.96 9.10
CA ALA HA 33 -39.10 15.34 10.07
C ALA HA 33 -38.34 16.41 10.84
N LEU HA 34 -37.56 17.24 10.19
CA LEU HA 34 -36.67 18.23 10.88
C LEU HA 34 -37.26 19.40 11.60
N ASP HA 35 -38.08 20.12 10.89
CA ASP HA 35 -38.56 21.33 11.54
C ASP HA 35 -39.31 21.01 12.88
N GLY HA 36 -39.66 19.70 13.08
CA GLY HA 36 -40.41 19.19 14.22
C GLY HA 36 -39.59 18.20 15.03
N LEU HA 37 -38.50 17.75 14.42
CA LEU HA 37 -37.53 16.90 15.09
C LEU HA 37 -36.69 17.88 15.89
N LYS HA 38 -36.46 19.05 15.29
CA LYS HA 38 -35.69 20.11 15.93
C LYS HA 38 -36.47 20.72 17.09
N ARG HA 39 -37.72 21.09 16.83
CA ARG HA 39 -38.54 21.76 17.83
C ARG HA 39 -38.93 20.85 18.99
N HIS HA 40 -38.53 19.58 18.89
CA HIS HA 40 -38.76 18.64 19.99
C HIS HA 40 -37.53 18.50 20.89
N GLY HA 41 -36.50 19.28 20.59
CA GLY HA 41 -35.30 19.29 21.41
C GLY HA 41 -34.02 18.91 20.68
N VAL HA 42 -34.12 18.00 19.72
CA VAL HA 42 -32.96 17.50 18.99
C VAL HA 42 -32.12 18.65 18.43
N GLU HA 43 -30.81 18.53 18.59
CA GLU HA 43 -29.88 19.51 18.03
C GLU HA 43 -29.81 19.32 16.53
N GLU HA 44 -29.93 20.40 15.77
CA GLU HA 44 -29.98 20.31 14.32
C GLU HA 44 -28.68 19.79 13.73
N ASN HA 45 -27.64 19.71 14.55
CA ASN HA 45 -26.36 19.18 14.11
C ASN HA 45 -26.23 17.69 14.38
N ASP HA 46 -27.17 17.15 15.14
CA ASP HA 46 -27.23 15.72 15.41
C ASP HA 46 -28.14 15.02 14.40
N ILE HA 47 -28.37 15.66 13.27
CA ILE HA 47 -29.26 15.12 12.25
C ILE HA 47 -28.57 14.96 10.90
N ASP HA 48 -28.47 13.73 10.43
CA ASP HA 48 -27.88 13.44 9.13
C ASP HA 48 -28.93 12.95 8.14
N VAL HA 49 -28.75 13.33 6.87
CA VAL HA 49 -29.68 12.95 5.83
C VAL HA 49 -28.99 12.15 4.73
N ALA HA 50 -29.63 11.07 4.30
CA ALA HA 50 -29.08 10.24 3.24
C ALA HA 50 -30.04 10.14 2.07
N TRP HA 51 -29.73 10.83 0.98
CA TRP HA 51 -30.55 10.80 -0.21
C TRP HA 51 -30.29 9.57 -1.07
N VAL HA 52 -31.34 8.77 -1.25
CA VAL HA 52 -31.27 7.58 -2.09
C VAL HA 52 -32.15 7.77 -3.32
N PRO HA 53 -31.82 7.09 -4.42
CA PRO HA 53 -32.58 7.20 -5.68
C PRO HA 53 -34.06 6.95 -5.47
N GLY HA 54 -34.44 5.68 -5.34
CA GLY HA 54 -35.82 5.31 -5.14
C GLY HA 54 -36.08 4.77 -3.74
N ALA HA 55 -37.35 4.65 -3.38
CA ALA HA 55 -37.74 4.11 -2.08
C ALA HA 55 -37.22 2.69 -1.89
N PHE HA 56 -36.95 2.03 -3.01
CA PHE HA 56 -36.46 0.64 -3.00
C PHE HA 56 -35.07 0.55 -2.40
N GLU HA 57 -34.29 1.62 -2.56
CA GLU HA 57 -32.89 1.61 -2.14
C GLU HA 57 -32.75 2.01 -0.67
N ILE HA 58 -33.87 2.33 -0.04
CA ILE HA 58 -33.87 2.75 1.37
C ILE HA 58 -33.32 1.69 2.32
N PRO HA 59 -33.86 0.46 2.24
CA PRO HA 59 -33.43 -0.60 3.17
C PRO HA 59 -31.92 -0.73 3.29
N LEU HA 60 -31.22 -0.64 2.16
CA LEU HA 60 -29.76 -0.82 2.16
C LEU HA 60 -29.04 0.27 2.94
N ILE HA 61 -29.36 1.53 2.63
CA ILE HA 61 -28.71 2.67 3.27
C ILE HA 61 -29.25 2.95 4.67
N ALA HA 62 -30.52 2.62 4.88
CA ALA HA 62 -31.11 2.71 6.22
C ALA HA 62 -30.37 1.76 7.15
N LYS HA 63 -29.87 0.67 6.59
CA LYS HA 63 -29.07 -0.29 7.36
C LYS HA 63 -27.71 0.28 7.71
N LYS HA 64 -26.91 0.57 6.68
CA LYS HA 64 -25.59 1.17 6.88
C LYS HA 64 -25.62 2.28 7.92
N MET HA 65 -26.71 3.04 7.93
CA MET HA 65 -26.82 4.21 8.79
C MET HA 65 -27.18 3.84 10.23
N ALA HA 66 -28.27 3.10 10.38
CA ALA HA 66 -28.71 2.67 11.70
C ALA HA 66 -27.74 1.66 12.29
N ASN HA 67 -26.69 1.35 11.55
CA ASN HA 67 -25.74 0.33 11.96
C ASN HA 67 -24.39 0.94 12.32
N SER HA 68 -24.18 2.18 11.86
CA SER HA 68 -22.94 2.88 12.15
C SER HA 68 -22.85 3.27 13.62
N GLY HA 69 -24.00 3.24 14.31
CA GLY HA 69 -24.06 3.55 15.72
C GLY HA 69 -24.11 5.04 16.01
N LYS HA 70 -23.79 5.84 14.99
CA LYS HA 70 -23.78 7.30 15.14
C LYS HA 70 -25.18 7.80 15.49
N TYR HA 71 -26.18 6.98 15.21
CA TYR HA 71 -27.57 7.42 15.31
C TYR HA 71 -28.34 6.70 16.40
N ASP HA 72 -29.11 7.47 17.15
CA ASP HA 72 -29.91 6.96 18.25
C ASP HA 72 -31.20 6.36 17.72
N ALA HA 73 -31.57 6.76 16.51
CA ALA HA 73 -32.74 6.21 15.82
C ALA HA 73 -32.72 6.69 14.37
N VAL HA 74 -33.41 5.95 13.50
CA VAL HA 74 -33.41 6.28 12.08
C VAL HA 74 -34.81 6.46 11.52
N ILE HA 75 -35.00 7.51 10.72
CA ILE HA 75 -36.29 7.80 10.11
C ILE HA 75 -36.23 7.65 8.59
N THR HA 76 -37.01 6.71 8.06
CA THR HA 76 -37.06 6.46 6.63
C THR HA 76 -38.20 7.25 5.98
N LEU HA 77 -37.85 8.18 5.10
CA LEU HA 77 -38.84 8.98 4.39
C LEU HA 77 -38.83 8.66 2.90
N GLY HA 78 -39.98 8.84 2.26
CA GLY HA 78 -40.10 8.57 0.84
C GLY HA 78 -41.54 8.55 0.39
N THR HA 79 -41.75 8.47 -0.92
CA THR HA 79 -43.10 8.41 -1.47
C THR HA 79 -43.18 7.45 -2.65
N VAL HA 80 -44.25 6.65 -2.69
CA VAL HA 80 -44.49 5.75 -3.80
C VAL HA 80 -45.96 5.87 -4.23
N ILE HA 81 -46.19 6.11 -5.51
CA ILE HA 81 -47.54 6.29 -6.02
C ILE HA 81 -47.89 5.28 -7.09
N ARG HA 82 -49.14 4.79 -7.04
CA ARG HA 82 -49.64 3.80 -7.99
C ARG HA 82 -49.36 4.14 -9.46
N GLY HA 83 -48.80 3.17 -10.16
CA GLY HA 83 -48.61 3.28 -11.60
C GLY HA 83 -49.63 2.44 -12.32
N ALA HA 84 -49.36 2.15 -13.59
CA ALA HA 84 -50.25 1.31 -14.38
C ALA HA 84 -49.91 -0.16 -14.20
N THR HA 85 -48.74 -0.42 -13.62
CA THR HA 85 -48.26 -1.78 -13.43
C THR HA 85 -48.24 -2.19 -11.95
N THR HA 86 -48.02 -3.48 -11.71
CA THR HA 86 -47.93 -3.99 -10.35
C THR HA 86 -46.59 -3.66 -9.73
N HIS HA 87 -45.78 -2.90 -10.46
CA HIS HA 87 -44.48 -2.47 -9.98
C HIS HA 87 -44.60 -1.80 -8.61
N TYR HA 88 -45.58 -0.91 -8.51
CA TYR HA 88 -45.85 -0.17 -7.27
C TYR HA 88 -45.92 -1.07 -6.05
N ASP HA 89 -46.41 -2.30 -6.25
CA ASP HA 89 -46.63 -3.22 -5.14
C ASP HA 89 -45.33 -3.81 -4.61
N TYR HA 90 -44.49 -4.29 -5.52
CA TYR HA 90 -43.24 -4.95 -5.13
C TYR HA 90 -42.27 -3.95 -4.49
N VAL HA 91 -42.43 -2.68 -4.83
CA VAL HA 91 -41.61 -1.63 -4.22
C VAL HA 91 -42.08 -1.34 -2.80
N CYS HA 92 -43.34 -0.93 -2.68
CA CYS HA 92 -43.93 -0.67 -1.37
C CYS HA 92 -43.65 -1.80 -0.40
N ASN HA 93 -43.95 -3.02 -0.82
CA ASN HA 93 -43.70 -4.20 0.00
C ASN HA 93 -42.27 -4.24 0.51
N GLU HA 94 -41.33 -4.37 -0.41
CA GLU HA 94 -39.92 -4.55 -0.05
C GLU HA 94 -39.36 -3.40 0.80
N VAL HA 95 -39.92 -2.20 0.64
CA VAL HA 95 -39.53 -1.07 1.46
C VAL HA 95 -39.93 -1.31 2.90
N ALA HA 96 -41.23 -1.48 3.12
CA ALA HA 96 -41.76 -1.78 4.44
C ALA HA 96 -41.18 -3.08 4.96
N LYS HA 97 -40.97 -4.02 4.04
CA LYS HA 97 -40.41 -5.32 4.38
C LYS HA 97 -38.99 -5.17 4.91
N GLY HA 98 -38.20 -4.32 4.25
CA GLY HA 98 -36.84 -4.07 4.68
C GLY HA 98 -36.78 -3.31 5.98
N VAL HA 99 -37.41 -2.14 6.02
CA VAL HA 99 -37.34 -1.27 7.20
C VAL HA 99 -37.79 -1.98 8.48
N ALA HA 100 -38.83 -2.80 8.37
CA ALA HA 100 -39.37 -3.50 9.53
C ALA HA 100 -38.49 -4.68 9.92
N SER HA 101 -38.35 -5.64 8.99
CA SER HA 101 -37.56 -6.84 9.24
C SER HA 101 -36.12 -6.49 9.60
N LEU HA 102 -35.65 -5.36 9.09
CA LEU HA 102 -34.29 -4.91 9.38
C LEU HA 102 -34.29 -3.81 10.42
N SER HA 103 -35.13 -3.97 11.43
CA SER HA 103 -35.19 -3.06 12.57
C SER HA 103 -35.11 -3.91 13.83
N LEU HA 104 -35.23 -5.22 13.65
CA LEU HA 104 -35.12 -6.17 14.74
C LEU HA 104 -33.70 -6.71 14.77
N GLN HA 105 -33.09 -6.77 13.59
CA GLN HA 105 -31.73 -7.28 13.43
C GLN HA 105 -30.72 -6.28 14.03
N THR HA 106 -31.00 -4.99 13.98
CA THR HA 106 -30.03 -4.04 14.56
C THR HA 106 -30.40 -3.62 16.01
N ASP HA 107 -31.70 -3.63 16.33
CA ASP HA 107 -32.22 -3.20 17.64
C ASP HA 107 -32.11 -1.66 17.75
N ILE HA 108 -31.82 -0.95 16.65
CA ILE HA 108 -31.82 0.54 16.62
C ILE HA 108 -33.20 0.94 16.07
N PRO HA 109 -33.88 1.90 16.71
CA PRO HA 109 -35.23 2.15 16.18
C PRO HA 109 -35.25 2.56 14.73
N VAL HA 110 -36.01 1.92 13.83
CA VAL HA 110 -36.04 2.41 12.45
C VAL HA 110 -37.48 2.70 12.04
N ILE HA 111 -37.92 3.93 12.27
CA ILE HA 111 -39.29 4.34 12.00
C ILE HA 111 -39.62 4.30 10.50
N PHE HA 112 -40.79 3.78 10.17
CA PHE HA 112 -41.22 3.67 8.79
C PHE HA 112 -42.14 4.83 8.40
N GLY HA 113 -41.57 5.81 7.70
CA GLY HA 113 -42.32 6.98 7.28
C GLY HA 113 -42.35 7.13 5.78
N VAL HA 114 -42.62 6.03 5.08
CA VAL HA 114 -42.74 6.04 3.62
C VAL HA 114 -44.20 6.09 3.19
N LEU HA 115 -44.56 7.16 2.50
CA LEU HA 115 -45.91 7.29 1.98
C LEU HA 115 -46.15 6.28 0.87
N THR HA 116 -47.31 5.64 0.91
CA THR HA 116 -47.67 4.65 -0.09
C THR HA 116 -49.11 4.89 -0.51
N THR HA 117 -49.29 5.75 -1.51
CA THR HA 117 -50.60 6.25 -1.89
C THR HA 117 -51.06 5.83 -3.28
N GLU HA 118 -52.28 6.23 -3.64
CA GLU HA 118 -52.89 5.90 -4.93
C GLU HA 118 -52.91 7.12 -5.86
N THR HA 119 -53.01 8.30 -5.26
CA THR HA 119 -53.09 9.54 -6.02
C THR HA 119 -51.97 10.48 -5.64
N ILE HA 120 -51.62 11.37 -6.54
CA ILE HA 120 -50.70 12.46 -6.23
C ILE HA 120 -51.33 13.31 -5.14
N GLU HA 121 -52.65 13.40 -5.18
CA GLU HA 121 -53.40 14.19 -4.21
C GLU HA 121 -53.29 13.62 -2.81
N GLN HA 122 -53.40 12.30 -2.69
CA GLN HA 122 -53.33 11.64 -1.39
C GLN HA 122 -51.97 11.84 -0.74
N ALA HA 123 -50.92 11.88 -1.56
CA ALA HA 123 -49.57 12.15 -1.08
C ALA HA 123 -49.51 13.53 -0.45
N ILE HA 124 -50.07 14.51 -1.15
CA ILE HA 124 -50.10 15.88 -0.66
C ILE HA 124 -50.89 15.99 0.65
N GLU HA 125 -52.00 15.26 0.72
CA GLU HA 125 -52.81 15.24 1.94
C GLU HA 125 -51.97 14.84 3.14
N ARG HA 126 -51.09 13.88 2.92
CA ARG HA 126 -50.28 13.31 4.00
C ARG HA 126 -48.87 13.87 4.03
N ALA HA 127 -48.67 15.00 3.36
CA ALA HA 127 -47.37 15.65 3.34
C ALA HA 127 -47.45 17.08 3.84
N GLY HA 128 -48.27 17.31 4.82
CA GLY HA 128 -48.36 18.67 5.29
C GLY HA 128 -49.69 19.29 5.00
N THR HA 129 -50.67 18.49 4.52
CA THR HA 129 -52.01 19.10 4.30
C THR HA 129 -53.05 18.48 5.24
N LYS HA 130 -54.26 18.33 4.73
CA LYS HA 130 -55.40 17.72 5.40
C LYS HA 130 -55.01 16.74 6.50
N ALA HA 131 -54.38 15.61 6.16
CA ALA HA 131 -54.07 14.59 7.18
C ALA HA 131 -52.92 14.98 8.14
N GLY HA 132 -52.10 15.99 7.78
CA GLY HA 132 -50.97 16.39 8.57
C GLY HA 132 -49.67 16.05 7.82
N ASN HA 133 -48.52 16.08 8.49
CA ASN HA 133 -47.26 15.74 7.80
C ASN HA 133 -46.69 14.43 8.31
N LYS HA 134 -46.71 13.42 7.46
CA LYS HA 134 -46.23 12.09 7.82
C LYS HA 134 -44.78 12.13 8.31
N GLY HA 135 -44.00 13.08 7.79
CA GLY HA 135 -42.60 13.21 8.16
C GLY HA 135 -42.45 13.70 9.59
N TYR HA 136 -43.33 14.60 10.00
CA TYR HA 136 -43.32 15.13 11.36
C TYR HA 136 -43.73 14.05 12.36
N GLU HA 137 -44.82 13.35 12.04
CA GLU HA 137 -45.35 12.30 12.90
C GLU HA 137 -44.37 11.13 13.01
N SER HA 138 -43.56 10.94 11.98
CA SER HA 138 -42.59 9.85 11.97
C SER HA 138 -41.34 10.21 12.75
N ALA HA 139 -41.13 11.51 12.96
CA ALA HA 139 -40.01 11.99 13.75
C ALA HA 139 -40.35 11.91 15.24
N VAL HA 140 -41.56 12.35 15.58
CA VAL HA 140 -42.02 12.30 16.97
C VAL HA 140 -42.02 10.86 17.47
N ALA HA 141 -42.20 9.92 16.53
CA ALA HA 141 -42.19 8.50 16.86
C ALA HA 141 -40.76 8.01 17.06
N ALA HA 142 -39.84 8.54 16.26
CA ALA HA 142 -38.43 8.18 16.37
C ALA HA 142 -37.88 8.54 17.73
N ILE HA 143 -38.30 9.70 18.24
CA ILE HA 143 -37.90 10.14 19.56
C ILE HA 143 -38.40 9.16 20.62
N GLU HA 144 -39.71 8.95 20.66
CA GLU HA 144 -40.31 8.07 21.64
C GLU HA 144 -39.66 6.70 21.63
N MET HA 145 -39.54 6.12 20.45
CA MET HA 145 -38.92 4.80 20.30
C MET HA 145 -37.50 4.80 20.87
N ALA HA 146 -36.75 5.85 20.59
CA ALA HA 146 -35.40 5.99 21.12
C ALA HA 146 -35.44 5.95 22.65
N HIS HA 147 -36.26 6.82 23.23
CA HIS HA 147 -36.38 6.90 24.68
C HIS HA 147 -36.91 5.63 25.32
N LEU HA 148 -37.44 4.73 24.49
CA LEU HA 148 -37.82 3.41 24.98
C LEU HA 148 -36.45 2.78 24.71
N SER HA 149 -35.60 2.83 25.72
CA SER HA 149 -34.45 1.97 25.95
C SER HA 149 -33.99 0.97 27.00
N LYS HA 150 -34.76 0.84 28.06
CA LYS HA 150 -34.47 -0.14 29.11
C LYS HA 150 -34.35 -1.61 28.68
N HIS HA 151 -35.18 -2.01 27.73
CA HIS HA 151 -35.19 -3.40 27.26
C HIS HA 151 -33.99 -3.75 26.39
N TRP HA 152 -33.09 -4.56 26.94
CA TRP HA 152 -32.03 -5.18 26.16
C TRP HA 152 -31.28 -6.23 26.98
N ALA HA 153 -31.47 -7.49 26.60
CA ALA HA 153 -30.83 -8.62 27.28
C ALA HA 153 -30.52 -9.75 26.31
N VAL IA 2 -52.96 -35.46 24.37
CA VAL IA 2 -51.93 -35.86 25.31
C VAL IA 2 -51.21 -34.63 25.87
N PHE IA 3 -51.33 -33.50 25.17
CA PHE IA 3 -50.62 -32.28 25.56
C PHE IA 3 -51.52 -31.04 25.54
N GLU IA 4 -52.44 -30.94 26.49
CA GLU IA 4 -53.29 -29.76 26.60
C GLU IA 4 -52.64 -28.67 27.47
N GLY IA 5 -53.10 -27.43 27.32
CA GLY IA 5 -52.51 -26.34 28.07
C GLY IA 5 -53.38 -25.83 29.21
N HIS IA 6 -52.80 -25.81 30.41
CA HIS IA 6 -53.49 -25.32 31.60
C HIS IA 6 -54.04 -23.92 31.37
N LEU IA 7 -55.12 -23.57 32.06
CA LEU IA 7 -55.75 -22.26 31.85
C LEU IA 7 -55.73 -21.39 33.11
N VAL IA 8 -55.23 -21.93 34.22
CA VAL IA 8 -55.05 -21.16 35.44
C VAL IA 8 -53.63 -20.64 35.51
N GLY IA 9 -53.48 -19.32 35.60
CA GLY IA 9 -52.16 -18.72 35.59
C GLY IA 9 -51.85 -17.92 36.85
N THR IA 10 -52.16 -18.50 38.00
CA THR IA 10 -51.90 -17.83 39.28
C THR IA 10 -50.44 -17.45 39.43
N GLY IA 11 -49.55 -18.32 38.99
CA GLY IA 11 -48.12 -18.09 39.15
C GLY IA 11 -47.43 -17.59 37.90
N LEU IA 12 -48.20 -17.03 36.98
CA LEU IA 12 -47.63 -16.55 35.73
C LEU IA 12 -47.09 -15.13 35.86
N LYS IA 13 -46.48 -14.64 34.78
CA LYS IA 13 -45.78 -13.37 34.80
C LYS IA 13 -45.75 -12.79 33.38
N VAL IA 14 -46.83 -12.10 33.00
CA VAL IA 14 -47.02 -11.66 31.62
C VAL IA 14 -46.58 -10.21 31.38
N GLY IA 15 -46.32 -9.88 30.12
CA GLY IA 15 -45.98 -8.53 29.73
C GLY IA 15 -46.55 -8.21 28.36
N VAL IA 16 -47.20 -7.06 28.24
CA VAL IA 16 -47.88 -6.68 26.99
C VAL IA 16 -47.33 -5.42 26.34
N VAL IA 17 -47.49 -5.33 25.03
CA VAL IA 17 -47.10 -4.14 24.27
C VAL IA 17 -48.29 -3.64 23.46
N VAL IA 18 -48.83 -2.49 23.87
CA VAL IA 18 -49.99 -1.92 23.18
C VAL IA 18 -49.62 -0.69 22.37
N GLY IA 19 -50.34 -0.50 21.26
CA GLY IA 19 -50.07 0.63 20.37
C GLY IA 19 -50.95 1.82 20.71
N ARG IA 20 -50.32 2.97 20.86
CA ARG IA 20 -51.05 4.19 21.23
C ARG IA 20 -52.00 4.63 20.13
N PHE IA 21 -51.59 4.45 18.87
CA PHE IA 21 -52.43 4.83 17.74
C PHE IA 21 -53.75 4.07 17.82
N ASN IA 22 -54.85 4.80 17.63
CA ASN IA 22 -56.18 4.24 17.83
C ASN IA 22 -56.43 3.91 19.29
N GLU IA 23 -55.91 4.77 20.16
CA GLU IA 23 -56.07 4.61 21.61
C GLU IA 23 -57.52 4.33 21.97
N PHE IA 24 -58.44 4.99 21.26
CA PHE IA 24 -59.87 4.85 21.51
C PHE IA 24 -60.29 3.39 21.54
N ILE IA 25 -59.56 2.55 20.81
CA ILE IA 25 -59.86 1.12 20.75
C ILE IA 25 -58.89 0.30 21.58
N THR IA 26 -57.60 0.56 21.43
CA THR IA 26 -56.57 -0.19 22.16
C THR IA 26 -56.72 -0.07 23.67
N SER IA 27 -57.34 1.02 24.13
CA SER IA 27 -57.59 1.22 25.55
C SER IA 27 -58.45 0.12 26.12
N LYS IA 28 -59.70 0.06 25.66
CA LYS IA 28 -60.62 -0.98 26.10
C LYS IA 28 -60.09 -2.36 25.75
N LEU IA 29 -59.17 -2.40 24.78
CA LEU IA 29 -58.58 -3.65 24.33
C LEU IA 29 -57.58 -4.15 25.35
N LEU IA 30 -56.88 -3.22 25.99
CA LEU IA 30 -55.88 -3.54 27.01
C LEU IA 30 -56.55 -3.90 28.32
N GLY IA 31 -57.52 -3.10 28.72
CA GLY IA 31 -58.26 -3.32 29.95
C GLY IA 31 -58.88 -4.71 30.00
N GLY IA 32 -59.24 -5.23 28.83
CA GLY IA 32 -59.80 -6.56 28.73
C GLY IA 32 -58.74 -7.63 28.94
N ALA IA 33 -57.52 -7.36 28.47
CA ALA IA 33 -56.41 -8.29 28.60
C ALA IA 33 -55.92 -8.33 30.04
N LEU IA 34 -55.83 -7.16 30.66
CA LEU IA 34 -55.42 -7.08 32.05
C LEU IA 34 -56.48 -7.76 32.92
N ASP IA 35 -57.74 -7.35 32.74
CA ASP IA 35 -58.85 -7.95 33.46
C ASP IA 35 -58.84 -9.47 33.34
N GLY IA 36 -58.48 -9.96 32.16
CA GLY IA 36 -58.42 -11.39 31.91
C GLY IA 36 -57.33 -12.09 32.71
N LEU IA 37 -56.09 -11.64 32.52
CA LEU IA 37 -54.96 -12.19 33.26
C LEU IA 37 -55.20 -12.07 34.75
N LYS IA 38 -55.67 -10.90 35.18
CA LYS IA 38 -55.86 -10.62 36.60
C LYS IA 38 -56.87 -11.58 37.24
N ARG IA 39 -58.02 -11.76 36.58
CA ARG IA 39 -59.07 -12.62 37.10
C ARG IA 39 -58.84 -14.09 36.78
N HIS IA 40 -57.72 -14.40 36.12
CA HIS IA 40 -57.38 -15.78 35.83
C HIS IA 40 -56.30 -16.29 36.76
N GLY IA 41 -55.90 -15.45 37.71
CA GLY IA 41 -54.89 -15.81 38.69
C GLY IA 41 -53.66 -14.93 38.68
N VAL IA 42 -53.22 -14.56 37.48
CA VAL IA 42 -52.02 -13.73 37.34
C VAL IA 42 -52.04 -12.58 38.33
N GLU IA 43 -50.92 -12.40 39.03
CA GLU IA 43 -50.83 -11.33 40.01
C GLU IA 43 -50.91 -9.97 39.33
N GLU IA 44 -51.64 -9.04 39.92
CA GLU IA 44 -51.91 -7.76 39.29
C GLU IA 44 -50.66 -6.92 39.05
N ASN IA 45 -49.52 -7.35 39.60
CA ASN IA 45 -48.27 -6.62 39.43
C ASN IA 45 -47.20 -7.41 38.69
N ASP IA 46 -47.50 -8.69 38.43
CA ASP IA 46 -46.63 -9.51 37.59
C ASP IA 46 -46.89 -9.18 36.14
N ILE IA 47 -47.52 -8.04 35.92
CA ILE IA 47 -47.96 -7.63 34.59
C ILE IA 47 -47.39 -6.27 34.19
N ASP IA 48 -46.71 -6.23 33.04
CA ASP IA 48 -46.11 -4.98 32.56
C ASP IA 48 -46.70 -4.57 31.21
N VAL IA 49 -46.75 -3.26 30.98
CA VAL IA 49 -47.28 -2.73 29.73
C VAL IA 49 -46.32 -1.74 29.09
N ALA IA 50 -46.05 -1.94 27.80
CA ALA IA 50 -45.17 -1.05 27.05
C ALA IA 50 -45.93 -0.36 25.93
N TRP IA 51 -46.05 0.96 26.02
CA TRP IA 51 -46.77 1.74 25.01
C TRP IA 51 -45.86 2.14 23.85
N VAL IA 52 -46.19 1.65 22.66
CA VAL IA 52 -45.45 1.99 21.45
C VAL IA 52 -46.26 2.98 20.61
N PRO IA 53 -45.55 3.69 19.71
CA PRO IA 53 -46.21 4.67 18.86
C PRO IA 53 -47.44 4.10 18.12
N GLY IA 54 -47.29 2.90 17.54
CA GLY IA 54 -48.37 2.28 16.82
C GLY IA 54 -48.00 0.83 16.51
N ALA IA 55 -48.89 0.09 15.83
CA ALA IA 55 -48.63 -1.32 15.53
C ALA IA 55 -47.29 -1.52 14.82
N PHE IA 56 -46.91 -0.71 13.86
CA PHE IA 56 -45.64 -1.02 13.22
C PHE IA 56 -44.50 -1.17 14.21
N GLU IA 57 -44.53 -0.45 15.30
CA GLU IA 57 -43.46 -0.47 16.28
C GLU IA 57 -43.49 -1.65 17.23
N ILE IA 58 -44.61 -2.39 17.28
CA ILE IA 58 -44.87 -3.55 18.21
C ILE IA 58 -44.05 -4.84 18.11
N PRO IA 59 -43.47 -5.04 16.95
CA PRO IA 59 -42.52 -6.15 16.80
C PRO IA 59 -41.17 -5.89 17.48
N LEU IA 60 -40.69 -4.66 17.42
CA LEU IA 60 -39.38 -4.32 18.00
C LEU IA 60 -39.38 -4.44 19.52
N ILE IA 61 -40.35 -3.81 20.17
CA ILE IA 61 -40.41 -3.78 21.62
C ILE IA 61 -40.94 -5.10 22.22
N ALA IA 62 -41.67 -5.86 21.42
CA ALA IA 62 -42.12 -7.18 21.84
C ALA IA 62 -40.92 -8.11 21.93
N LYS IA 63 -39.98 -7.94 21.01
CA LYS IA 63 -38.74 -8.71 21.01
C LYS IA 63 -37.87 -8.31 22.18
N LYS IA 64 -37.97 -7.04 22.58
CA LYS IA 64 -37.18 -6.52 23.69
C LYS IA 64 -37.73 -6.95 25.04
N MET IA 65 -38.96 -7.46 25.04
CA MET IA 65 -39.59 -7.95 26.26
C MET IA 65 -39.55 -9.47 26.34
N ALA IA 66 -39.37 -10.12 25.20
CA ALA IA 66 -39.22 -11.56 25.16
C ALA IA 66 -37.77 -11.91 25.46
N ASN IA 67 -36.84 -11.13 24.92
CA ASN IA 67 -35.42 -11.33 25.14
C ASN IA 67 -34.98 -10.83 26.51
N SER IA 68 -35.86 -10.12 27.20
CA SER IA 68 -35.56 -9.65 28.54
C SER IA 68 -35.65 -10.79 29.55
N GLY IA 69 -36.24 -11.90 29.11
CA GLY IA 69 -36.35 -13.10 29.93
C GLY IA 69 -36.95 -12.86 31.30
N LYS IA 70 -38.01 -12.07 31.34
CA LYS IA 70 -38.66 -11.71 32.60
C LYS IA 70 -40.10 -12.17 32.63
N TYR IA 71 -40.65 -12.46 31.46
CA TYR IA 71 -42.07 -12.80 31.35
C TYR IA 71 -42.26 -14.26 30.97
N ASP IA 72 -43.47 -14.77 31.21
CA ASP IA 72 -43.84 -16.14 30.84
C ASP IA 72 -44.58 -16.13 29.52
N ALA IA 73 -44.92 -14.93 29.05
CA ALA IA 73 -45.63 -14.75 27.80
C ALA IA 73 -45.72 -13.26 27.50
N VAL IA 74 -45.82 -12.92 26.22
CA VAL IA 74 -45.96 -11.53 25.81
C VAL IA 74 -47.22 -11.37 24.98
N ILE IA 75 -48.02 -10.37 25.32
CA ILE IA 75 -49.25 -10.10 24.58
C ILE IA 75 -49.13 -8.82 23.76
N THR IA 76 -49.29 -8.94 22.44
CA THR IA 76 -49.25 -7.78 21.56
C THR IA 76 -50.65 -7.26 21.26
N LEU IA 77 -50.92 -6.04 21.70
CA LEU IA 77 -52.21 -5.40 21.47
C LEU IA 77 -52.07 -4.16 20.60
N GLY IA 78 -53.10 -3.87 19.82
CA GLY IA 78 -53.09 -2.72 18.94
C GLY IA 78 -54.29 -2.74 18.02
N THR IA 79 -54.41 -1.71 17.19
CA THR IA 79 -55.52 -1.64 16.24
C THR IA 79 -55.12 -0.89 14.97
N VAL IA 80 -55.45 -1.46 13.82
CA VAL IA 80 -55.19 -0.82 12.53
C VAL IA 80 -56.48 -0.82 11.72
N ILE IA 81 -56.82 0.33 11.13
CA ILE IA 81 -58.04 0.44 10.36
C ILE IA 81 -57.79 0.96 8.95
N ARG IA 82 -58.53 0.40 7.98
CA ARG IA 82 -58.41 0.75 6.58
C ARG IA 82 -58.44 2.25 6.31
N GLY IA 83 -57.49 2.72 5.51
CA GLY IA 83 -57.46 4.09 5.07
C GLY IA 83 -57.76 4.17 3.59
N ALA IA 84 -57.34 5.27 2.96
CA ALA IA 84 -57.54 5.46 1.53
C ALA IA 84 -56.42 4.80 0.74
N THR IA 85 -55.27 4.66 1.38
CA THR IA 85 -54.09 4.11 0.73
C THR IA 85 -53.87 2.66 1.13
N THR IA 86 -52.96 1.98 0.43
CA THR IA 86 -52.60 0.61 0.74
C THR IA 86 -51.64 0.53 1.93
N HIS IA 87 -51.36 1.69 2.53
CA HIS IA 87 -50.51 1.76 3.70
C HIS IA 87 -50.97 0.79 4.79
N TYR IA 88 -52.28 0.69 4.96
CA TYR IA 88 -52.88 -0.18 5.95
C TYR IA 88 -52.43 -1.63 5.81
N ASP IA 89 -52.18 -2.04 4.57
CA ASP IA 89 -51.82 -3.42 4.27
C ASP IA 89 -50.42 -3.78 4.76
N TYR IA 90 -49.45 -2.93 4.45
CA TYR IA 90 -48.07 -3.20 4.81
C TYR IA 90 -47.86 -3.14 6.31
N VAL IA 91 -48.60 -2.24 6.97
CA VAL IA 91 -48.56 -2.16 8.41
C VAL IA 91 -49.07 -3.44 9.05
N CYS IA 92 -50.32 -3.77 8.76
CA CYS IA 92 -50.95 -4.98 9.27
C CYS IA 92 -50.06 -6.20 9.03
N ASN IA 93 -49.54 -6.34 7.82
CA ASN IA 93 -48.70 -7.47 7.46
C ASN IA 93 -47.45 -7.57 8.34
N GLU IA 94 -46.66 -6.50 8.36
CA GLU IA 94 -45.39 -6.51 9.06
C GLU IA 94 -45.54 -6.70 10.57
N VAL IA 95 -46.70 -6.33 11.11
CA VAL IA 95 -46.99 -6.53 12.51
C VAL IA 95 -47.12 -8.02 12.80
N ALA IA 96 -48.04 -8.66 12.08
CA ALA IA 96 -48.25 -10.10 12.23
C ALA IA 96 -47.00 -10.85 11.79
N LYS IA 97 -46.47 -10.47 10.63
CA LYS IA 97 -45.24 -11.07 10.11
C LYS IA 97 -44.13 -11.01 11.15
N GLY IA 98 -44.04 -9.89 11.86
CA GLY IA 98 -43.04 -9.71 12.90
C GLY IA 98 -43.33 -10.52 14.14
N VAL IA 99 -44.53 -10.33 14.69
CA VAL IA 99 -44.94 -11.02 15.92
C VAL IA 99 -44.89 -12.55 15.80
N ALA IA 100 -45.30 -13.07 14.64
CA ALA IA 100 -45.28 -14.51 14.41
C ALA IA 100 -43.86 -15.03 14.23
N SER IA 101 -43.12 -14.40 13.33
CA SER IA 101 -41.75 -14.82 13.02
C SER IA 101 -40.84 -14.63 14.22
N LEU IA 102 -41.03 -13.54 14.95
CA LEU IA 102 -40.24 -13.27 16.14
C LEU IA 102 -40.92 -13.82 17.39
N SER IA 103 -41.54 -15.00 17.22
CA SER IA 103 -42.13 -15.75 18.32
C SER IA 103 -41.55 -17.15 18.26
N LEU IA 104 -40.78 -17.40 17.20
CA LEU IA 104 -40.09 -18.67 17.01
C LEU IA 104 -38.60 -18.44 17.22
N GLN IA 105 -38.15 -17.23 16.90
CA GLN IA 105 -36.77 -16.83 17.13
C GLN IA 105 -36.47 -16.72 18.62
N THR IA 106 -37.54 -16.72 19.42
CA THR IA 106 -37.41 -16.55 20.86
C THR IA 106 -38.02 -17.71 21.63
N ASP IA 107 -38.58 -18.67 20.90
CA ASP IA 107 -39.25 -19.84 21.49
C ASP IA 107 -39.96 -19.37 22.76
N ILE IA 108 -40.68 -18.28 22.68
CA ILE IA 108 -41.37 -17.70 23.82
C ILE IA 108 -42.76 -17.37 23.26
N PRO IA 109 -43.81 -17.81 23.96
CA PRO IA 109 -45.18 -17.53 23.53
C PRO IA 109 -45.42 -16.03 23.36
N VAL IA 110 -45.57 -15.59 22.11
CA VAL IA 110 -45.94 -14.21 21.84
C VAL IA 110 -47.27 -14.17 21.12
N ILE IA 111 -48.32 -13.91 21.88
CA ILE IA 111 -49.68 -13.88 21.35
C ILE IA 111 -49.93 -12.66 20.48
N PHE IA 112 -50.47 -12.89 19.28
CA PHE IA 112 -50.80 -11.81 18.36
C PHE IA 112 -52.25 -11.37 18.57
N GLY IA 113 -52.42 -10.18 19.13
CA GLY IA 113 -53.76 -9.66 19.40
C GLY IA 113 -53.94 -8.25 18.88
N VAL IA 114 -53.54 -8.03 17.62
CA VAL IA 114 -53.70 -6.74 16.98
C VAL IA 114 -54.91 -6.73 16.05
N LEU IA 115 -55.86 -5.86 16.33
CA LEU IA 115 -57.04 -5.74 15.50
C LEU IA 115 -56.69 -5.20 14.12
N THR IA 116 -57.22 -5.86 13.10
CA THR IA 116 -57.02 -5.44 11.72
C THR IA 116 -58.36 -5.39 10.99
N THR IA 117 -58.98 -4.21 11.00
CA THR IA 117 -60.37 -4.07 10.58
C THR IA 117 -60.55 -3.07 9.43
N GLU IA 118 -61.80 -2.94 8.99
CA GLU IA 118 -62.16 -2.06 7.88
C GLU IA 118 -62.91 -0.83 8.38
N THR IA 119 -63.68 -1.03 9.44
CA THR IA 119 -64.54 0.01 10.00
C THR IA 119 -64.18 0.31 11.45
N ILE IA 120 -64.39 1.54 11.87
CA ILE IA 120 -64.26 1.90 13.28
C ILE IA 120 -65.27 1.08 14.07
N GLU IA 121 -66.38 0.74 13.41
CA GLU IA 121 -67.47 -0.02 14.02
C GLU IA 121 -67.10 -1.49 14.16
N GLN IA 122 -66.15 -1.94 13.36
CA GLN IA 122 -65.67 -3.31 13.44
C GLN IA 122 -64.66 -3.47 14.58
N ALA IA 123 -63.89 -2.42 14.83
CA ALA IA 123 -62.95 -2.41 15.94
C ALA IA 123 -63.70 -2.44 17.27
N ILE IA 124 -64.65 -1.52 17.42
CA ILE IA 124 -65.50 -1.48 18.60
C ILE IA 124 -66.24 -2.80 18.74
N GLU IA 125 -66.65 -3.35 17.61
CA GLU IA 125 -67.34 -4.63 17.57
C GLU IA 125 -66.52 -5.70 18.30
N ARG IA 126 -65.19 -5.57 18.22
CA ARG IA 126 -64.29 -6.58 18.74
C ARG IA 126 -63.45 -6.08 19.89
N ALA IA 127 -63.85 -4.98 20.50
CA ALA IA 127 -63.14 -4.44 21.65
C ALA IA 127 -64.00 -4.50 22.94
N GLY IA 128 -64.87 -5.49 23.02
CA GLY IA 128 -65.76 -5.58 24.15
C GLY IA 128 -67.14 -5.18 23.70
N THR IA 129 -67.49 -5.68 22.52
CA THR IA 129 -68.82 -5.47 22.01
C THR IA 129 -69.28 -6.82 21.40
N LYS IA 130 -70.27 -6.82 20.48
CA LYS IA 130 -70.77 -8.08 19.86
C LYS IA 130 -69.80 -9.23 19.83
N ALA IA 131 -68.63 -9.06 19.22
CA ALA IA 131 -67.65 -10.15 19.12
C ALA IA 131 -66.92 -10.50 20.43
N GLY IA 132 -67.01 -9.68 21.48
CA GLY IA 132 -66.29 -9.97 22.72
C GLY IA 132 -65.09 -9.03 22.84
N ASN IA 133 -64.11 -9.32 23.69
CA ASN IA 133 -62.93 -8.44 23.78
C ASN IA 133 -61.65 -9.17 23.36
N LYS IA 134 -61.16 -8.83 22.18
CA LYS IA 134 -59.97 -9.45 21.62
C LYS IA 134 -58.81 -9.48 22.60
N GLY IA 135 -58.71 -8.44 23.43
CA GLY IA 135 -57.65 -8.35 24.42
C GLY IA 135 -57.77 -9.44 25.47
N TYR IA 136 -58.95 -9.53 26.07
CA TYR IA 136 -59.23 -10.57 27.07
C TYR IA 136 -58.95 -11.96 26.49
N GLU IA 137 -59.39 -12.18 25.24
CA GLU IA 137 -59.18 -13.46 24.57
C GLU IA 137 -57.70 -13.72 24.31
N SER IA 138 -56.90 -12.65 24.27
CA SER IA 138 -55.47 -12.78 24.04
C SER IA 138 -54.74 -13.19 25.30
N ALA IA 139 -55.26 -12.76 26.45
CA ALA IA 139 -54.68 -13.13 27.74
C ALA IA 139 -54.94 -14.60 28.05
N VAL IA 140 -56.19 -15.02 27.86
CA VAL IA 140 -56.59 -16.39 28.08
C VAL IA 140 -55.79 -17.32 27.16
N ALA IA 141 -55.25 -16.75 26.08
CA ALA IA 141 -54.43 -17.50 25.15
C ALA IA 141 -52.98 -17.50 25.62
N ALA IA 142 -52.55 -16.40 26.23
CA ALA IA 142 -51.19 -16.28 26.73
C ALA IA 142 -50.94 -17.23 27.90
N ILE IA 143 -51.94 -17.38 28.76
CA ILE IA 143 -51.85 -18.28 29.90
C ILE IA 143 -51.69 -19.72 29.43
N GLU IA 144 -52.49 -20.11 28.45
CA GLU IA 144 -52.44 -21.47 27.93
C GLU IA 144 -51.08 -21.76 27.29
N MET IA 145 -50.63 -20.84 26.45
CA MET IA 145 -49.33 -20.98 25.81
C MET IA 145 -48.21 -21.00 26.83
N ALA IA 146 -48.44 -20.33 27.95
CA ALA IA 146 -47.45 -20.26 29.03
C ALA IA 146 -47.27 -21.59 29.73
N HIS IA 147 -48.27 -22.49 29.63
CA HIS IA 147 -48.23 -23.80 30.27
C HIS IA 147 -47.74 -24.86 29.29
N LEU IA 148 -48.05 -24.66 28.03
CA LEU IA 148 -47.65 -25.56 26.98
C LEU IA 148 -46.30 -25.15 26.38
N SER IA 149 -45.90 -23.85 26.41
CA SER IA 149 -44.69 -23.42 25.64
C SER IA 149 -43.49 -22.81 26.37
N LYS IA 150 -43.72 -22.25 27.53
CA LYS IA 150 -42.65 -21.61 28.27
C LYS IA 150 -41.94 -22.56 29.22
N HIS IA 151 -42.64 -23.11 30.16
CA HIS IA 151 -41.96 -23.95 31.11
C HIS IA 151 -41.95 -25.43 30.73
N TRP IA 152 -42.51 -25.65 29.58
CA TRP IA 152 -42.57 -26.93 28.92
C TRP IA 152 -41.44 -26.85 27.87
N ALA IA 153 -40.80 -27.95 27.49
CA ALA IA 153 -39.70 -27.82 26.53
C ALA IA 153 -39.69 -28.95 25.49
N VAL JA 2 -57.94 63.43 -2.92
CA VAL JA 2 -57.47 62.10 -3.33
C VAL JA 2 -56.40 61.57 -2.37
N PHE JA 3 -56.46 60.28 -2.07
CA PHE JA 3 -55.56 59.67 -1.10
C PHE JA 3 -55.08 58.28 -1.51
N GLU JA 4 -54.35 58.19 -2.63
CA GLU JA 4 -53.80 56.91 -3.05
C GLU JA 4 -52.63 56.51 -2.15
N GLY JA 5 -52.10 55.30 -2.36
CA GLY JA 5 -50.99 54.81 -1.57
C GLY JA 5 -49.85 54.27 -2.41
N HIS JA 6 -48.63 54.71 -2.09
CA HIS JA 6 -47.42 54.25 -2.79
C HIS JA 6 -47.38 52.73 -2.90
N LEU JA 7 -46.50 52.23 -3.77
CA LEU JA 7 -46.28 50.80 -3.88
C LEU JA 7 -44.79 50.48 -3.70
N VAL JA 8 -43.98 51.52 -3.51
CA VAL JA 8 -42.57 51.35 -3.24
C VAL JA 8 -42.35 51.36 -1.74
N GLY JA 9 -41.87 50.23 -1.21
CA GLY JA 9 -41.66 50.08 0.22
C GLY JA 9 -40.20 50.17 0.61
N THR JA 10 -39.51 51.15 0.04
CA THR JA 10 -38.08 51.32 0.26
C THR JA 10 -37.68 51.23 1.73
N GLY JA 11 -38.38 51.97 2.59
CA GLY JA 11 -38.02 52.02 4.00
C GLY JA 11 -39.14 51.59 4.93
N LEU JA 12 -39.68 50.40 4.70
CA LEU JA 12 -40.76 49.89 5.54
C LEU JA 12 -40.27 48.74 6.41
N LYS JA 13 -41.02 48.46 7.47
CA LYS JA 13 -40.73 47.34 8.36
C LYS JA 13 -41.97 46.44 8.50
N VAL JA 14 -41.94 45.30 7.82
CA VAL JA 14 -43.10 44.41 7.80
C VAL JA 14 -42.90 43.18 8.67
N GLY JA 15 -43.97 42.75 9.32
CA GLY JA 15 -43.95 41.53 10.12
C GLY JA 15 -44.99 40.55 9.63
N VAL JA 16 -44.59 39.29 9.43
CA VAL JA 16 -45.47 38.27 8.88
C VAL JA 16 -45.78 37.17 9.90
N VAL JA 17 -47.02 36.69 9.89
CA VAL JA 17 -47.43 35.62 10.80
C VAL JA 17 -48.04 34.47 9.99
N VAL JA 18 -47.32 33.35 9.95
CA VAL JA 18 -47.75 32.20 9.15
C VAL JA 18 -48.14 30.99 9.99
N GLY JA 19 -49.17 30.27 9.55
CA GLY JA 19 -49.60 29.06 10.23
C GLY JA 19 -48.99 27.81 9.62
N ARG JA 20 -48.49 26.92 10.47
CA ARG JA 20 -47.83 25.71 10.02
C ARG JA 20 -48.77 24.72 9.34
N PHE JA 21 -50.00 24.63 9.84
CA PHE JA 21 -50.97 23.72 9.25
C PHE JA 21 -51.08 24.01 7.77
N ASN JA 22 -51.04 22.95 6.96
CA ASN JA 22 -51.01 23.10 5.51
C ASN JA 22 -49.72 23.79 5.04
N GLU JA 23 -48.61 23.43 5.68
CA GLU JA 23 -47.31 23.99 5.33
C GLU JA 23 -47.04 23.82 3.85
N PHE JA 24 -47.57 22.75 3.28
CA PHE JA 24 -47.38 22.46 1.87
C PHE JA 24 -47.82 23.64 1.03
N ILE JA 25 -48.80 24.38 1.54
CA ILE JA 25 -49.33 25.55 0.83
C ILE JA 25 -48.77 26.85 1.39
N THR JA 26 -48.84 27.00 2.71
CA THR JA 26 -48.38 28.22 3.38
C THR JA 26 -46.88 28.46 3.14
N SER JA 27 -46.13 27.39 2.95
CA SER JA 27 -44.71 27.50 2.67
C SER JA 27 -44.48 28.33 1.41
N LYS JA 28 -44.92 27.80 0.27
CA LYS JA 28 -44.77 28.49 -1.00
C LYS JA 28 -45.68 29.71 -1.06
N LEU JA 29 -46.44 29.92 0.01
CA LEU JA 29 -47.33 31.08 0.13
C LEU JA 29 -46.61 32.21 0.86
N LEU JA 30 -45.66 31.83 1.72
CA LEU JA 30 -44.79 32.78 2.41
C LEU JA 30 -43.74 33.29 1.42
N GLY JA 31 -43.67 32.63 0.27
CA GLY JA 31 -42.81 33.08 -0.82
C GLY JA 31 -43.33 34.38 -1.38
N GLY JA 32 -44.41 34.89 -0.79
CA GLY JA 32 -44.91 36.20 -1.14
C GLY JA 32 -44.24 37.25 -0.29
N ALA JA 33 -43.82 36.85 0.91
CA ALA JA 33 -43.01 37.71 1.75
C ALA JA 33 -41.82 38.20 0.95
N LEU JA 34 -40.77 37.38 0.90
CA LEU JA 34 -39.64 37.67 0.04
C LEU JA 34 -40.08 37.50 -1.40
N ASP JA 35 -39.22 37.86 -2.35
CA ASP JA 35 -39.61 37.88 -3.76
C ASP JA 35 -40.95 38.57 -3.91
N GLY JA 36 -41.25 39.46 -2.96
CA GLY JA 36 -42.48 40.22 -2.96
C GLY JA 36 -42.26 41.53 -2.27
N LEU JA 37 -42.14 41.49 -0.95
CA LEU JA 37 -41.77 42.67 -0.19
C LEU JA 37 -40.38 43.13 -0.63
N LYS JA 38 -39.47 42.16 -0.75
CA LYS JA 38 -38.09 42.45 -1.10
C LYS JA 38 -37.96 43.16 -2.45
N ARG JA 39 -38.60 42.59 -3.48
CA ARG JA 39 -38.50 43.13 -4.83
C ARG JA 39 -39.21 44.48 -4.94
N HIS JA 40 -40.00 44.83 -3.94
CA HIS JA 40 -40.70 46.11 -3.92
C HIS JA 40 -39.95 47.16 -3.11
N GLY JA 41 -38.81 46.78 -2.55
CA GLY JA 41 -37.97 47.73 -1.84
C GLY JA 41 -37.66 47.34 -0.41
N VAL JA 42 -38.65 46.79 0.29
CA VAL JA 42 -38.49 46.41 1.69
C VAL JA 42 -37.16 45.70 1.93
N GLU JA 43 -36.49 46.05 3.01
CA GLU JA 43 -35.19 45.49 3.32
C GLU JA 43 -35.28 44.05 3.80
N GLU JA 44 -34.35 43.22 3.35
CA GLU JA 44 -34.27 41.81 3.75
C GLU JA 44 -34.38 41.65 5.27
N ASN JA 45 -33.74 42.54 6.00
CA ASN JA 45 -33.66 42.44 7.45
C ASN JA 45 -34.88 43.01 8.17
N ASP JA 46 -35.59 43.93 7.52
CA ASP JA 46 -36.75 44.56 8.15
C ASP JA 46 -38.00 43.68 8.09
N ILE JA 47 -37.81 42.40 7.80
CA ILE JA 47 -38.92 41.45 7.72
C ILE JA 47 -38.78 40.31 8.71
N ASP JA 48 -39.71 40.24 9.66
CA ASP JA 48 -39.73 39.16 10.63
C ASP JA 48 -40.91 38.24 10.39
N VAL JA 49 -40.74 36.97 10.74
CA VAL JA 49 -41.79 35.97 10.51
C VAL JA 49 -42.11 35.16 11.77
N ALA JA 50 -43.39 35.03 12.07
CA ALA JA 50 -43.85 34.29 13.23
C ALA JA 50 -44.66 33.06 12.82
N TRP JA 51 -44.17 31.88 13.22
CA TRP JA 51 -44.87 30.64 12.91
C TRP JA 51 -45.82 30.24 14.03
N VAL JA 52 -47.11 30.17 13.70
CA VAL JA 52 -48.12 29.76 14.68
C VAL JA 52 -48.61 28.35 14.34
N PRO JA 53 -49.22 27.66 15.30
CA PRO JA 53 -49.68 26.27 15.03
C PRO JA 53 -50.56 26.09 13.78
N GLY JA 54 -51.48 27.01 13.61
CA GLY JA 54 -52.42 27.04 12.53
C GLY JA 54 -53.19 28.37 12.57
N ALA JA 55 -54.06 28.58 11.58
CA ALA JA 55 -54.83 29.78 11.49
C ALA JA 55 -55.53 30.19 12.79
N PHE JA 56 -56.13 29.27 13.55
CA PHE JA 56 -56.81 29.77 14.71
C PHE JA 56 -55.89 30.58 15.62
N GLU JA 57 -54.63 30.23 15.72
CA GLU JA 57 -53.76 30.96 16.62
C GLU JA 57 -53.13 32.25 16.02
N ILE JA 58 -53.62 32.71 14.87
CA ILE JA 58 -53.08 33.89 14.09
C ILE JA 58 -53.57 35.32 14.48
N PRO JA 59 -54.73 35.34 15.13
CA PRO JA 59 -55.17 36.60 15.72
C PRO JA 59 -54.35 37.01 16.94
N LEU JA 60 -54.05 36.08 17.84
CA LEU JA 60 -53.32 36.38 19.05
C LEU JA 60 -51.90 36.88 18.78
N ILE JA 61 -51.15 36.11 18.01
CA ILE JA 61 -49.76 36.45 17.72
C ILE JA 61 -49.63 37.59 16.72
N ALA JA 62 -50.64 37.76 15.87
CA ALA JA 62 -50.68 38.88 14.95
C ALA JA 62 -50.90 40.16 15.73
N LYS JA 63 -51.50 40.04 16.90
CA LYS JA 63 -51.72 41.18 17.80
C LYS JA 63 -50.44 41.58 18.51
N LYS JA 64 -49.73 40.60 19.05
CA LYS JA 64 -48.50 40.86 19.78
C LYS JA 64 -47.34 41.19 18.85
N MET JA 65 -47.66 41.52 17.60
CA MET JA 65 -46.66 41.96 16.64
C MET JA 65 -46.96 43.37 16.15
N ALA JA 66 -48.24 43.70 16.05
CA ALA JA 66 -48.66 45.04 15.70
C ALA JA 66 -48.53 45.96 16.90
N ASN JA 67 -48.78 45.40 18.09
CA ASN JA 67 -48.70 46.15 19.33
C ASN JA 67 -47.27 46.40 19.79
N SER JA 68 -46.33 45.67 19.21
CA SER JA 68 -44.91 45.87 19.51
C SER JA 68 -44.42 47.15 18.84
N GLY JA 69 -45.24 47.71 17.96
CA GLY JA 69 -44.93 48.97 17.30
C GLY JA 69 -43.64 48.95 16.50
N LYS JA 70 -43.18 47.75 16.16
CA LYS JA 70 -41.93 47.60 15.42
C LYS JA 70 -42.17 47.55 13.92
N TYR JA 71 -43.40 47.24 13.54
CA TYR JA 71 -43.73 47.06 12.12
C TYR JA 71 -44.73 48.11 11.63
N ASP JA 72 -44.54 48.54 10.38
CA ASP JA 72 -45.45 49.50 9.76
C ASP JA 72 -46.74 48.80 9.35
N ALA JA 73 -46.63 47.51 9.06
CA ALA JA 73 -47.78 46.70 8.68
C ALA JA 73 -47.50 45.22 9.01
N VAL JA 74 -48.56 44.48 9.30
CA VAL JA 74 -48.44 43.06 9.62
C VAL JA 74 -49.20 42.22 8.60
N ILE JA 75 -48.47 41.35 7.90
CA ILE JA 75 -49.09 40.45 6.94
C ILE JA 75 -49.41 39.11 7.60
N THR JA 76 -50.65 38.64 7.41
CA THR JA 76 -51.07 37.39 8.03
C THR JA 76 -51.31 36.30 6.97
N LEU JA 77 -50.55 35.22 7.07
CA LEU JA 77 -50.61 34.13 6.09
C LEU JA 77 -51.05 32.80 6.72
N GLY JA 78 -51.64 31.95 5.90
CA GLY JA 78 -52.10 30.65 6.35
C GLY JA 78 -53.00 30.01 5.32
N THR JA 79 -53.42 28.77 5.59
CA THR JA 79 -54.31 28.05 4.67
C THR JA 79 -55.26 27.13 5.42
N VAL JA 80 -56.52 27.13 5.02
CA VAL JA 80 -57.54 26.27 5.61
C VAL JA 80 -58.36 25.62 4.50
N ILE JA 81 -58.60 24.32 4.62
CA ILE JA 81 -59.34 23.59 3.60
C ILE JA 81 -60.50 22.78 4.17
N ARG JA 82 -61.61 22.78 3.45
CA ARG JA 82 -62.83 22.07 3.87
C ARG JA 82 -62.57 20.65 4.33
N GLY JA 83 -63.11 20.31 5.50
CA GLY JA 83 -63.06 18.95 6.00
C GLY JA 83 -64.41 18.27 5.82
N ALA JA 84 -64.73 17.34 6.72
CA ALA JA 84 -66.02 16.68 6.71
C ALA JA 84 -66.95 17.36 7.70
N THR JA 85 -66.37 18.05 8.67
CA THR JA 85 -67.14 18.72 9.71
C THR JA 85 -67.20 20.22 9.44
N THR JA 86 -68.12 20.89 10.13
CA THR JA 86 -68.26 22.34 10.02
C THR JA 86 -67.17 23.06 10.79
N HIS JA 87 -66.20 22.30 11.28
CA HIS JA 87 -65.06 22.85 12.00
C HIS JA 87 -64.34 23.88 11.15
N TYR JA 88 -64.26 23.61 9.85
CA TYR JA 88 -63.62 24.50 8.90
C TYR JA 88 -64.23 25.90 8.93
N ASP JA 89 -65.54 25.97 9.18
CA ASP JA 89 -66.26 27.24 9.15
C ASP JA 89 -65.89 28.14 10.32
N TYR JA 90 -65.96 27.61 11.53
CA TYR JA 90 -65.70 28.38 12.74
C TYR JA 90 -64.26 28.87 12.77
N VAL JA 91 -63.37 28.14 12.12
CA VAL JA 91 -61.97 28.53 12.05
C VAL JA 91 -61.79 29.72 11.12
N CYS JA 92 -62.16 29.54 9.86
CA CYS JA 92 -62.05 30.60 8.86
C CYS JA 92 -62.69 31.88 9.36
N ASN JA 93 -63.88 31.75 9.95
CA ASN JA 93 -64.58 32.90 10.50
C ASN JA 93 -63.73 33.66 11.48
N GLU JA 94 -63.28 32.98 12.53
CA GLU JA 94 -62.54 33.64 13.62
C GLU JA 94 -61.20 34.22 13.17
N VAL JA 95 -60.55 33.57 12.21
CA VAL JA 95 -59.30 34.08 11.66
C VAL JA 95 -59.56 35.43 11.00
N ALA JA 96 -60.55 35.46 10.11
CA ALA JA 96 -60.93 36.69 9.44
C ALA JA 96 -61.54 37.69 10.42
N LYS JA 97 -62.31 37.18 11.37
CA LYS JA 97 -62.95 38.00 12.38
C LYS JA 97 -61.91 38.64 13.28
N GLY JA 98 -60.82 37.92 13.52
CA GLY JA 98 -59.74 38.41 14.35
C GLY JA 98 -58.88 39.43 13.62
N VAL JA 99 -58.36 39.05 12.46
CA VAL JA 99 -57.50 39.91 11.68
C VAL JA 99 -58.17 41.24 11.30
N ALA JA 100 -59.49 41.20 11.12
CA ALA JA 100 -60.24 42.39 10.75
C ALA JA 100 -60.60 43.23 11.98
N SER JA 101 -61.52 42.71 12.78
CA SER JA 101 -61.99 43.43 13.97
C SER JA 101 -60.85 43.88 14.88
N LEU JA 102 -59.74 43.16 14.83
CA LEU JA 102 -58.56 43.54 15.60
C LEU JA 102 -57.46 44.11 14.72
N SER JA 103 -57.87 44.99 13.81
CA SER JA 103 -56.96 45.77 12.97
C SER JA 103 -57.40 47.21 13.09
N LEU JA 104 -58.55 47.40 13.73
CA LEU JA 104 -59.09 48.72 14.00
C LEU JA 104 -58.69 49.17 15.40
N GLN JA 105 -58.36 48.19 16.25
CA GLN JA 105 -57.94 48.45 17.62
C GLN JA 105 -56.45 48.72 17.69
N THR JA 106 -55.77 48.68 16.55
CA THR JA 106 -54.34 48.86 16.50
C THR JA 106 -53.96 50.03 15.57
N ASP JA 107 -54.87 50.39 14.69
CA ASP JA 107 -54.64 51.46 13.73
C ASP JA 107 -53.47 51.13 12.79
N ILE JA 108 -52.90 49.95 12.97
CA ILE JA 108 -51.83 49.47 12.11
C ILE JA 108 -52.35 48.48 11.08
N PRO JA 109 -52.09 48.74 9.80
CA PRO JA 109 -52.59 47.88 8.72
C PRO JA 109 -52.24 46.41 8.95
N VAL JA 110 -53.26 45.57 9.06
CA VAL JA 110 -53.05 44.12 9.16
C VAL JA 110 -53.73 43.43 7.98
N ILE JA 111 -52.94 43.13 6.95
CA ILE JA 111 -53.45 42.52 5.73
C ILE JA 111 -53.86 41.07 5.96
N PHE JA 112 -55.07 40.72 5.53
CA PHE JA 112 -55.58 39.36 5.68
C PHE JA 112 -55.25 38.53 4.44
N GLY JA 113 -54.27 37.64 4.59
CA GLY JA 113 -53.87 36.79 3.48
C GLY JA 113 -53.97 35.32 3.84
N VAL JA 114 -55.14 34.90 4.32
CA VAL JA 114 -55.38 33.51 4.68
C VAL JA 114 -56.26 32.81 3.65
N LEU JA 115 -55.69 31.82 2.99
CA LEU JA 115 -56.43 31.03 2.02
C LEU JA 115 -57.53 30.23 2.72
N THR JA 116 -58.75 30.38 2.22
CA THR JA 116 -59.88 29.64 2.74
C THR JA 116 -60.59 28.95 1.58
N THR JA 117 -60.21 27.70 1.32
CA THR JA 117 -60.63 27.01 0.11
C THR JA 117 -61.32 25.69 0.36
N GLU JA 118 -61.73 25.04 -0.72
CA GLU JA 118 -62.50 23.80 -0.66
C GLU JA 118 -61.66 22.60 -1.10
N THR JA 119 -60.69 22.86 -1.96
CA THR JA 119 -59.84 21.79 -2.49
C THR JA 119 -58.38 22.10 -2.23
N ILE JA 120 -57.57 21.05 -2.12
CA ILE JA 120 -56.12 21.20 -2.10
C ILE JA 120 -55.70 21.85 -3.41
N GLU JA 121 -56.42 21.54 -4.47
CA GLU JA 121 -56.15 22.09 -5.80
C GLU JA 121 -56.38 23.59 -5.84
N GLN JA 122 -57.42 24.05 -5.15
CA GLN JA 122 -57.74 25.48 -5.13
C GLN JA 122 -56.71 26.26 -4.33
N ALA JA 123 -56.25 25.67 -3.23
CA ALA JA 123 -55.18 26.27 -2.44
C ALA JA 123 -53.92 26.42 -3.28
N ILE JA 124 -53.64 25.41 -4.09
CA ILE JA 124 -52.50 25.44 -5.00
C ILE JA 124 -52.72 26.49 -6.09
N GLU JA 125 -53.96 26.59 -6.56
CA GLU JA 125 -54.31 27.57 -7.57
C GLU JA 125 -53.99 28.98 -7.10
N ARG JA 126 -53.97 29.16 -5.77
CA ARG JA 126 -53.79 30.48 -5.18
C ARG JA 126 -52.52 30.57 -4.36
N ALA JA 127 -51.53 29.77 -4.74
CA ALA JA 127 -50.26 29.81 -4.05
C ALA JA 127 -49.10 29.85 -5.02
N GLY JA 128 -49.39 30.23 -6.23
CA GLY JA 128 -48.36 30.29 -7.21
C GLY JA 128 -48.76 29.45 -8.41
N THR JA 129 -50.02 29.46 -8.73
CA THR JA 129 -50.39 28.75 -9.95
C THR JA 129 -51.23 29.64 -10.80
N LYS JA 130 -52.26 29.11 -11.43
CA LYS JA 130 -52.97 29.99 -12.40
C LYS JA 130 -53.75 31.13 -11.74
N ALA JA 131 -53.69 31.32 -10.42
CA ALA JA 131 -54.38 32.48 -9.83
C ALA JA 131 -53.34 33.46 -9.30
N GLY JA 132 -52.09 32.96 -9.29
CA GLY JA 132 -50.95 33.72 -8.80
C GLY JA 132 -50.73 33.37 -7.33
N ASN JA 133 -49.81 34.07 -6.68
CA ASN JA 133 -49.51 33.82 -5.27
C ASN JA 133 -50.17 34.85 -4.36
N LYS JA 134 -51.11 34.39 -3.54
CA LYS JA 134 -51.87 35.29 -2.67
C LYS JA 134 -51.03 35.83 -1.52
N GLY JA 135 -49.80 35.34 -1.42
CA GLY JA 135 -48.88 35.85 -0.42
C GLY JA 135 -48.15 37.07 -0.95
N TYR JA 136 -47.83 37.03 -2.24
CA TYR JA 136 -47.18 38.14 -2.91
C TYR JA 136 -48.15 39.32 -3.03
N GLU JA 137 -49.40 39.01 -3.30
CA GLU JA 137 -50.43 40.04 -3.46
C GLU JA 137 -50.73 40.69 -2.12
N SER JA 138 -50.70 39.90 -1.05
CA SER JA 138 -51.00 40.40 0.29
C SER JA 138 -49.87 41.26 0.83
N ALA JA 139 -48.70 41.17 0.19
CA ALA JA 139 -47.56 42.00 0.55
C ALA JA 139 -47.68 43.35 -0.15
N VAL JA 140 -47.96 43.32 -1.44
CA VAL JA 140 -48.20 44.54 -2.21
C VAL JA 140 -49.24 45.40 -1.50
N ALA JA 141 -50.29 44.74 -1.01
CA ALA JA 141 -51.34 45.42 -0.27
C ALA JA 141 -50.80 45.96 1.06
N ALA JA 142 -49.94 45.18 1.71
CA ALA JA 142 -49.37 45.58 2.98
C ALA JA 142 -48.57 46.88 2.85
N ILE JA 143 -47.72 46.93 1.82
CA ILE JA 143 -46.93 48.13 1.56
C ILE JA 143 -47.82 49.33 1.34
N GLU JA 144 -48.75 49.20 0.41
CA GLU JA 144 -49.66 50.30 0.09
C GLU JA 144 -50.43 50.79 1.32
N MET JA 145 -50.88 49.85 2.13
CA MET JA 145 -51.65 50.19 3.33
C MET JA 145 -50.82 51.01 4.30
N ALA JA 146 -49.67 50.46 4.69
CA ALA JA 146 -48.77 51.15 5.60
C ALA JA 146 -48.35 52.48 5.00
N HIS JA 147 -48.23 52.50 3.68
CA HIS JA 147 -47.78 53.68 2.96
C HIS JA 147 -48.93 54.67 2.76
N LEU JA 148 -50.12 54.27 3.21
CA LEU JA 148 -51.30 55.10 3.04
C LEU JA 148 -51.73 55.71 4.36
N SER JA 149 -51.12 55.26 5.45
CA SER JA 149 -51.41 55.81 6.77
C SER JA 149 -50.65 57.11 7.00
N LYS JA 150 -51.06 58.17 6.30
CA LYS JA 150 -50.47 59.48 6.51
C LYS JA 150 -51.47 60.46 7.13
N HIS JA 151 -52.73 60.36 6.73
CA HIS JA 151 -53.77 61.10 7.42
C HIS JA 151 -54.17 60.34 8.68
N TRP JA 152 -53.16 60.02 9.48
CA TRP JA 152 -53.29 59.19 10.67
C TRP JA 152 -52.64 59.91 11.84
N ALA JA 153 -52.48 59.19 12.95
CA ALA JA 153 -51.85 59.75 14.15
C ALA JA 153 -52.69 60.85 14.78
N VAL KA 2 -91.54 64.34 14.87
CA VAL KA 2 -91.19 63.74 13.58
C VAL KA 2 -89.88 64.29 13.02
N PHE KA 3 -88.79 63.57 13.26
CA PHE KA 3 -87.46 64.02 12.86
C PHE KA 3 -87.01 63.32 11.57
N GLU KA 4 -87.16 64.01 10.44
CA GLU KA 4 -86.72 63.48 9.14
C GLU KA 4 -85.43 64.15 8.68
N GLY KA 5 -84.91 63.70 7.53
CA GLY KA 5 -83.65 64.21 7.02
C GLY KA 5 -83.73 64.98 5.71
N HIS KA 6 -82.98 66.07 5.64
CA HIS KA 6 -82.93 66.91 4.45
C HIS KA 6 -82.32 66.14 3.28
N LEU KA 7 -82.26 66.76 2.11
CA LEU KA 7 -81.68 66.09 0.94
C LEU KA 7 -80.85 67.00 0.03
N VAL KA 8 -80.90 68.30 0.29
CA VAL KA 8 -80.01 69.23 -0.40
C VAL KA 8 -78.76 69.44 0.45
N GLY KA 9 -77.59 69.21 -0.14
CA GLY KA 9 -76.35 69.34 0.60
C GLY KA 9 -75.48 70.49 0.13
N THR KA 10 -76.03 71.69 0.15
CA THR KA 10 -75.29 72.87 -0.29
C THR KA 10 -73.93 72.99 0.37
N GLY KA 11 -73.90 72.89 1.70
CA GLY KA 11 -72.66 73.02 2.45
C GLY KA 11 -72.29 71.75 3.19
N LEU KA 12 -71.85 70.73 2.44
CA LEU KA 12 -71.51 69.46 3.04
C LEU KA 12 -70.04 69.08 2.84
N LYS KA 13 -69.52 68.28 3.77
CA LYS KA 13 -68.14 67.83 3.72
C LYS KA 13 -68.14 66.31 3.67
N VAL KA 14 -67.99 65.74 2.48
CA VAL KA 14 -68.11 64.29 2.32
C VAL KA 14 -66.77 63.62 2.00
N GLY KA 15 -66.57 62.43 2.56
CA GLY KA 15 -65.37 61.66 2.29
C GLY KA 15 -65.72 60.28 1.78
N VAL KA 16 -64.95 59.81 0.80
CA VAL KA 16 -65.24 58.53 0.14
C VAL KA 16 -64.05 57.58 0.17
N VAL KA 17 -64.31 56.32 0.50
CA VAL KA 17 -63.29 55.28 0.49
C VAL KA 17 -63.64 54.22 -0.53
N VAL KA 18 -62.88 54.14 -1.62
CA VAL KA 18 -63.15 53.18 -2.69
C VAL KA 18 -62.09 52.10 -2.81
N GLY KA 19 -62.55 50.86 -2.96
CA GLY KA 19 -61.65 49.73 -3.09
C GLY KA 19 -61.21 49.56 -4.53
N ARG KA 20 -59.91 49.41 -4.74
CA ARG KA 20 -59.36 49.32 -6.09
C ARG KA 20 -59.70 48.00 -6.78
N PHE KA 21 -59.76 46.92 -6.03
CA PHE KA 21 -60.08 45.61 -6.58
C PHE KA 21 -61.42 45.65 -7.31
N ASN KA 22 -61.48 45.02 -8.46
CA ASN KA 22 -62.64 45.11 -9.33
C ASN KA 22 -62.88 46.55 -9.77
N GLU KA 23 -61.79 47.26 -10.02
CA GLU KA 23 -61.83 48.67 -10.44
C GLU KA 23 -62.81 48.88 -11.59
N PHE KA 24 -62.97 47.85 -12.40
CA PHE KA 24 -63.87 47.91 -13.55
C PHE KA 24 -65.27 48.31 -13.13
N ILE KA 25 -65.65 47.94 -11.90
CA ILE KA 25 -66.98 48.25 -11.38
C ILE KA 25 -66.93 49.43 -10.43
N THR KA 26 -66.04 49.36 -9.46
CA THR KA 26 -65.91 50.42 -8.45
C THR KA 26 -65.65 51.78 -9.11
N SER KA 27 -65.07 51.75 -10.30
CA SER KA 27 -64.81 52.98 -11.04
C SER KA 27 -66.12 53.72 -11.31
N LYS KA 28 -66.97 53.12 -12.14
CA LYS KA 28 -68.27 53.70 -12.43
C LYS KA 28 -69.08 53.89 -11.16
N LEU KA 29 -68.79 53.05 -10.16
CA LEU KA 29 -69.49 53.09 -8.89
C LEU KA 29 -69.16 54.35 -8.11
N LEU KA 30 -67.91 54.79 -8.20
CA LEU KA 30 -67.48 56.03 -7.56
C LEU KA 30 -68.03 57.23 -8.31
N GLY KA 31 -67.94 57.18 -9.63
CA GLY KA 31 -68.47 58.24 -10.47
C GLY KA 31 -69.94 58.50 -10.20
N GLY KA 32 -70.63 57.49 -9.68
CA GLY KA 32 -72.02 57.64 -9.33
C GLY KA 32 -72.21 58.54 -8.12
N ALA KA 33 -71.37 58.33 -7.10
CA ALA KA 33 -71.45 59.12 -5.89
C ALA KA 33 -70.84 60.50 -6.10
N LEU KA 34 -69.74 60.54 -6.84
CA LEU KA 34 -69.00 61.77 -7.06
C LEU KA 34 -69.70 62.64 -8.11
N ASP KA 35 -70.88 62.20 -8.54
CA ASP KA 35 -71.69 62.96 -9.48
C ASP KA 35 -73.09 63.17 -8.93
N GLY KA 36 -73.43 62.38 -7.90
CA GLY KA 36 -74.67 62.55 -7.18
C GLY KA 36 -74.48 63.63 -6.13
N LEU KA 37 -73.30 63.64 -5.55
CA LEU KA 37 -72.94 64.68 -4.59
C LEU KA 37 -72.86 66.03 -5.28
N LYS KA 38 -72.06 66.09 -6.34
CA LYS KA 38 -71.90 67.33 -7.09
C LYS KA 38 -73.22 67.95 -7.47
N ARG KA 39 -74.09 67.16 -8.10
CA ARG KA 39 -75.36 67.67 -8.62
C ARG KA 39 -76.41 67.88 -7.54
N HIS KA 40 -76.12 67.45 -6.34
CA HIS KA 40 -76.99 67.69 -5.21
C HIS KA 40 -76.53 68.94 -4.48
N GLY KA 41 -75.61 69.69 -5.05
CA GLY KA 41 -75.23 70.91 -4.40
C GLY KA 41 -74.01 70.76 -3.49
N VAL KA 42 -73.43 69.57 -3.44
CA VAL KA 42 -72.22 69.41 -2.66
C VAL KA 42 -71.09 69.75 -3.59
N GLU KA 43 -70.19 70.53 -3.08
CA GLU KA 43 -68.98 71.00 -3.75
C GLU KA 43 -68.13 69.91 -4.37
N GLU KA 44 -67.76 70.14 -5.64
CA GLU KA 44 -66.89 69.26 -6.40
C GLU KA 44 -65.48 69.35 -5.81
N ASN KA 45 -65.22 70.39 -5.06
CA ASN KA 45 -63.93 70.60 -4.47
C ASN KA 45 -63.94 70.25 -2.99
N ASP KA 46 -65.04 69.75 -2.46
CA ASP KA 46 -65.13 69.43 -1.03
C ASP KA 46 -65.34 67.94 -0.82
N ILE KA 47 -64.79 67.14 -1.73
CA ILE KA 47 -64.91 65.69 -1.65
C ILE KA 47 -63.54 65.03 -1.73
N ASP KA 48 -63.24 64.18 -0.74
CA ASP KA 48 -61.99 63.43 -0.73
C ASP KA 48 -62.23 61.95 -1.00
N VAL KA 49 -61.36 61.35 -1.82
CA VAL KA 49 -61.47 59.94 -2.14
C VAL KA 49 -60.23 59.18 -1.67
N ALA KA 50 -60.46 58.06 -1.00
CA ALA KA 50 -59.39 57.23 -0.47
C ALA KA 50 -59.39 55.84 -1.11
N TRP KA 51 -58.39 55.58 -1.95
CA TRP KA 51 -58.26 54.29 -2.62
C TRP KA 51 -57.56 53.26 -1.75
N VAL KA 52 -58.27 52.21 -1.39
CA VAL KA 52 -57.69 51.12 -0.63
C VAL KA 52 -57.50 49.90 -1.54
N PRO KA 53 -56.60 48.97 -1.12
CA PRO KA 53 -56.35 47.79 -1.98
C PRO KA 53 -57.70 47.23 -2.49
N GLY KA 54 -58.53 46.80 -1.52
CA GLY KA 54 -59.88 46.21 -1.72
C GLY KA 54 -60.77 46.42 -0.47
N ALA KA 55 -61.98 45.90 -0.56
CA ALA KA 55 -62.98 46.03 0.50
C ALA KA 55 -62.43 45.66 1.89
N PHE KA 56 -61.74 44.54 2.05
CA PHE KA 56 -61.31 44.23 3.41
C PHE KA 56 -60.56 45.39 4.09
N GLU KA 57 -59.91 46.25 3.35
CA GLU KA 57 -59.17 47.34 3.98
C GLU KA 57 -59.99 48.58 4.20
N ILE KA 58 -61.24 48.58 3.69
CA ILE KA 58 -62.19 49.76 3.76
C ILE KA 58 -62.71 50.19 5.17
N PRO KA 59 -62.77 49.23 6.06
CA PRO KA 59 -63.08 49.56 7.46
C PRO KA 59 -61.99 50.38 8.14
N LEU KA 60 -60.73 50.01 7.93
CA LEU KA 60 -59.62 50.69 8.59
C LEU KA 60 -59.49 52.13 8.14
N ILE KA 61 -59.36 52.35 6.83
CA ILE KA 61 -59.18 53.68 6.27
C ILE KA 61 -60.44 54.54 6.41
N ALA KA 62 -61.60 53.91 6.36
CA ALA KA 62 -62.86 54.61 6.57
C ALA KA 62 -62.94 55.14 8.00
N LYS KA 63 -62.29 54.44 8.92
CA LYS KA 63 -62.23 54.86 10.32
C LYS KA 63 -61.38 56.10 10.48
N LYS KA 64 -60.22 56.11 9.85
CA LYS KA 64 -59.28 57.24 9.97
C LYS KA 64 -59.74 58.47 9.20
N MET KA 65 -60.90 58.37 8.55
CA MET KA 65 -61.51 59.51 7.87
C MET KA 65 -62.65 60.07 8.72
N ALA KA 66 -63.38 59.18 9.37
CA ALA KA 66 -64.43 59.60 10.29
C ALA KA 66 -63.78 60.16 11.56
N ASN KA 67 -62.76 59.46 12.05
CA ASN KA 67 -62.00 59.94 13.19
C ASN KA 67 -61.21 61.19 12.83
N SER KA 68 -61.01 61.39 11.53
CA SER KA 68 -60.34 62.59 11.04
C SER KA 68 -61.15 63.84 11.40
N GLY KA 69 -62.44 63.64 11.68
CA GLY KA 69 -63.31 64.74 12.05
C GLY KA 69 -63.30 65.87 11.04
N LYS KA 70 -63.39 65.51 9.76
CA LYS KA 70 -63.35 66.50 8.70
C LYS KA 70 -64.55 66.36 7.76
N TYR KA 71 -65.31 65.28 7.95
CA TYR KA 71 -66.42 64.99 7.06
C TYR KA 71 -67.72 64.80 7.84
N ASP KA 72 -68.82 65.26 7.27
CA ASP KA 72 -70.14 65.09 7.87
C ASP KA 72 -70.59 63.64 7.72
N ALA KA 73 -70.11 63.00 6.66
CA ALA KA 73 -70.45 61.62 6.39
C ALA KA 73 -69.38 61.00 5.49
N VAL KA 74 -69.19 59.69 5.62
CA VAL KA 74 -68.22 58.97 4.80
C VAL KA 74 -68.92 57.88 4.00
N ILE KA 75 -68.66 57.86 2.69
CA ILE KA 75 -69.23 56.86 1.80
C ILE KA 75 -68.20 55.78 1.48
N THR KA 76 -68.61 54.52 1.63
CA THR KA 76 -67.72 53.40 1.34
C THR KA 76 -68.13 52.68 0.05
N LEU KA 77 -67.29 52.78 -0.97
CA LEU KA 77 -67.56 52.15 -2.25
C LEU KA 77 -66.62 50.98 -2.51
N GLY KA 78 -67.15 49.90 -3.07
CA GLY KA 78 -66.35 48.73 -3.39
C GLY KA 78 -67.17 47.68 -4.12
N THR KA 79 -66.51 46.62 -4.58
CA THR KA 79 -67.21 45.53 -5.24
C THR KA 79 -66.55 44.19 -4.95
N VAL KA 80 -67.37 43.22 -4.56
CA VAL KA 80 -66.90 41.87 -4.27
C VAL KA 80 -67.78 40.86 -5.00
N ILE KA 81 -67.16 39.96 -5.74
CA ILE KA 81 -67.91 38.98 -6.52
C ILE KA 81 -67.53 37.54 -6.17
N ARG KA 82 -68.54 36.67 -6.11
CA ARG KA 82 -68.36 35.26 -5.80
C ARG KA 82 -67.17 34.63 -6.52
N GLY KA 83 -66.45 33.79 -5.79
CA GLY KA 83 -65.36 33.03 -6.38
C GLY KA 83 -65.70 31.56 -6.33
N ALA KA 84 -64.66 30.72 -6.22
CA ALA KA 84 -64.87 29.28 -6.08
C ALA KA 84 -64.79 28.88 -4.61
N THR KA 85 -64.23 29.77 -3.78
CA THR KA 85 -64.06 29.49 -2.37
C THR KA 85 -64.95 30.38 -1.50
N THR KA 86 -65.05 30.03 -0.23
CA THR KA 86 -65.85 30.79 0.72
C THR KA 86 -65.14 32.07 1.14
N HIS KA 87 -64.01 32.34 0.49
CA HIS KA 87 -63.24 33.54 0.76
C HIS KA 87 -64.13 34.77 0.59
N TYR KA 88 -65.02 34.70 -0.40
CA TYR KA 88 -65.94 35.78 -0.71
C TYR KA 88 -66.82 36.15 0.48
N ASP KA 89 -67.21 35.16 1.26
CA ASP KA 89 -68.13 35.36 2.37
C ASP KA 89 -67.50 36.15 3.51
N TYR KA 90 -66.30 35.76 3.92
CA TYR KA 90 -65.61 36.40 5.03
C TYR KA 90 -65.25 37.84 4.70
N VAL KA 91 -64.98 38.10 3.43
CA VAL KA 91 -64.70 39.46 2.97
C VAL KA 91 -65.95 40.32 3.07
N CYS KA 92 -66.99 39.94 2.36
CA CYS KA 92 -68.26 40.66 2.40
C CYS KA 92 -68.69 40.92 3.83
N ASN KA 93 -68.69 39.87 4.64
CA ASN KA 93 -69.09 39.98 6.04
C ASN KA 93 -68.33 41.07 6.77
N GLU KA 94 -67.01 40.96 6.80
CA GLU KA 94 -66.18 41.88 7.56
C GLU KA 94 -66.25 43.32 7.05
N VAL KA 95 -66.45 43.49 5.75
CA VAL KA 95 -66.66 44.82 5.18
C VAL KA 95 -67.97 45.40 5.69
N ALA KA 96 -69.07 44.68 5.46
CA ALA KA 96 -70.37 45.07 5.98
C ALA KA 96 -70.50 44.75 7.46
N LYS KA 97 -69.37 44.83 8.17
CA LYS KA 97 -69.36 44.57 9.61
C LYS KA 97 -68.55 45.63 10.36
N GLY KA 98 -67.37 45.96 9.82
CA GLY KA 98 -66.66 47.14 10.23
C GLY KA 98 -67.35 48.42 9.77
N VAL KA 99 -67.46 48.59 8.46
CA VAL KA 99 -68.23 49.69 7.90
C VAL KA 99 -69.61 49.79 8.55
N ALA KA 100 -70.09 48.66 9.08
CA ALA KA 100 -71.47 48.25 8.89
C ALA KA 100 -72.36 48.78 10.01
N SER KA 101 -72.07 48.36 11.24
CA SER KA 101 -72.54 49.08 12.42
C SER KA 101 -71.40 49.30 13.42
N LEU KA 102 -70.32 48.55 13.26
CA LEU KA 102 -69.07 48.82 13.97
C LEU KA 102 -68.83 50.33 14.08
N SER KA 103 -69.00 51.04 12.97
CA SER KA 103 -68.70 52.46 12.92
C SER KA 103 -69.82 53.30 13.47
N LEU KA 104 -70.28 52.93 14.68
CA LEU KA 104 -71.27 53.71 15.38
C LEU KA 104 -70.50 54.44 16.42
N GLN KA 105 -69.33 53.91 16.70
CA GLN KA 105 -68.51 54.47 17.73
C GLN KA 105 -68.21 55.97 17.53
N THR KA 106 -68.05 56.37 16.28
CA THR KA 106 -67.66 57.76 15.91
C THR KA 106 -68.82 58.75 15.93
N ASP KA 107 -69.94 58.19 15.64
CA ASP KA 107 -71.12 58.95 15.52
C ASP KA 107 -70.98 59.88 14.31
N ILE KA 108 -70.31 59.41 13.27
CA ILE KA 108 -70.25 60.13 12.02
C ILE KA 108 -70.96 59.22 11.05
N PRO KA 109 -71.86 59.76 10.21
CA PRO KA 109 -72.57 58.84 9.31
C PRO KA 109 -71.70 58.01 8.39
N VAL KA 110 -71.78 56.67 8.42
CA VAL KA 110 -70.95 55.93 7.46
C VAL KA 110 -71.87 55.07 6.60
N ILE KA 111 -72.01 55.47 5.33
CA ILE KA 111 -72.89 54.77 4.40
C ILE KA 111 -72.18 53.56 3.78
N PHE KA 112 -72.81 52.39 3.91
CA PHE KA 112 -72.27 51.18 3.33
C PHE KA 112 -72.72 51.02 1.89
N GLY KA 113 -71.82 51.32 0.95
CA GLY KA 113 -72.13 51.20 -0.47
C GLY KA 113 -71.18 50.24 -1.17
N VAL KA 114 -71.03 49.05 -0.61
CA VAL KA 114 -70.16 48.04 -1.19
C VAL KA 114 -71.00 46.96 -1.87
N LEU KA 115 -70.84 46.85 -3.19
CA LEU KA 115 -71.53 45.83 -3.95
C LEU KA 115 -71.07 44.44 -3.58
N THR KA 116 -72.02 43.57 -3.26
CA THR KA 116 -71.72 42.19 -2.93
C THR KA 116 -72.61 41.27 -3.74
N THR KA 117 -72.10 40.82 -4.89
CA THR KA 117 -72.92 40.13 -5.89
C THR KA 117 -72.47 38.72 -6.17
N GLU KA 118 -73.08 38.12 -7.19
CA GLU KA 118 -72.79 36.74 -7.59
C GLU KA 118 -72.15 36.71 -8.97
N THR KA 119 -72.60 37.61 -9.83
CA THR KA 119 -72.13 37.64 -11.21
C THR KA 119 -71.43 38.96 -11.52
N ILE KA 120 -70.48 38.91 -12.44
CA ILE KA 120 -69.89 40.12 -12.98
C ILE KA 120 -70.99 40.92 -13.68
N GLU KA 121 -71.99 40.19 -14.16
CA GLU KA 121 -73.13 40.81 -14.83
C GLU KA 121 -74.09 41.44 -13.83
N GLN KA 122 -74.10 40.93 -12.60
CA GLN KA 122 -74.96 41.50 -11.56
C GLN KA 122 -74.37 42.79 -11.02
N ALA KA 123 -73.07 42.76 -10.74
CA ALA KA 123 -72.38 43.96 -10.29
C ALA KA 123 -72.50 45.05 -11.35
N ILE KA 124 -72.45 44.65 -12.60
CA ILE KA 124 -72.54 45.60 -13.71
C ILE KA 124 -73.97 46.15 -13.85
N GLU KA 125 -74.92 45.49 -13.19
CA GLU KA 125 -76.30 45.94 -13.18
C GLU KA 125 -76.48 47.10 -12.22
N ARG KA 126 -75.77 47.06 -11.09
CA ARG KA 126 -75.87 48.10 -10.09
C ARG KA 126 -74.80 49.16 -10.25
N ALA KA 127 -73.91 48.96 -11.22
CA ALA KA 127 -72.82 49.90 -11.46
C ALA KA 127 -73.22 51.04 -12.41
N GLY KA 128 -74.51 51.22 -12.57
CA GLY KA 128 -74.97 52.22 -13.45
C GLY KA 128 -75.68 51.56 -14.62
N THR KA 129 -76.54 50.56 -14.38
CA THR KA 129 -77.32 49.96 -15.46
C THR KA 129 -78.69 49.68 -14.95
N LYS KA 130 -79.28 48.58 -15.37
CA LYS KA 130 -80.66 48.25 -15.00
C LYS KA 130 -81.09 48.66 -13.57
N ALA KA 131 -80.37 48.25 -12.54
CA ALA KA 131 -80.82 48.59 -11.21
C ALA KA 131 -80.44 50.03 -10.80
N GLY KA 132 -79.66 50.74 -11.64
CA GLY KA 132 -79.21 52.12 -11.35
C GLY KA 132 -77.78 52.12 -10.76
N ASN KA 133 -77.22 53.28 -10.45
CA ASN KA 133 -75.90 53.33 -9.86
C ASN KA 133 -75.96 53.40 -8.33
N LYS KA 134 -75.52 52.33 -7.68
CA LYS KA 134 -75.59 52.23 -6.22
C LYS KA 134 -74.61 53.17 -5.53
N GLY KA 135 -73.76 53.81 -6.30
CA GLY KA 135 -72.87 54.84 -5.77
C GLY KA 135 -73.62 56.15 -5.62
N TYR KA 136 -74.41 56.47 -6.64
CA TYR KA 136 -75.27 57.65 -6.60
C TYR KA 136 -76.24 57.55 -5.43
N GLU KA 137 -76.84 56.38 -5.26
CA GLU KA 137 -77.82 56.17 -4.20
C GLU KA 137 -77.17 56.23 -2.81
N SER KA 138 -75.92 55.82 -2.73
CA SER KA 138 -75.20 55.81 -1.46
C SER KA 138 -74.69 57.20 -1.10
N ALA KA 139 -74.75 58.12 -2.06
CA ALA KA 139 -74.39 59.52 -1.83
C ALA KA 139 -75.61 60.28 -1.33
N VAL KA 140 -76.76 59.99 -1.94
CA VAL KA 140 -78.03 60.56 -1.51
C VAL KA 140 -78.29 60.18 -0.06
N ALA KA 141 -77.90 58.96 0.31
CA ALA KA 141 -78.05 58.49 1.68
C ALA KA 141 -77.09 59.23 2.61
N ALA KA 142 -75.92 59.59 2.10
CA ALA KA 142 -74.92 60.31 2.89
C ALA KA 142 -75.41 61.71 3.23
N ILE KA 143 -75.91 62.41 2.23
CA ILE KA 143 -76.43 63.76 2.43
C ILE KA 143 -77.56 63.74 3.46
N GLU KA 144 -78.48 62.80 3.30
CA GLU KA 144 -79.61 62.67 4.20
C GLU KA 144 -79.16 62.38 5.63
N MET KA 145 -78.31 61.37 5.78
CA MET KA 145 -77.79 61.03 7.10
C MET KA 145 -77.10 62.22 7.74
N ALA KA 146 -76.29 62.92 6.97
CA ALA KA 146 -75.60 64.11 7.46
C ALA KA 146 -76.60 65.10 8.05
N HIS KA 147 -77.66 65.37 7.29
CA HIS KA 147 -78.69 66.31 7.73
C HIS KA 147 -79.60 65.70 8.79
N LEU KA 148 -79.02 64.97 9.73
CA LEU KA 148 -79.75 64.44 10.86
C LEU KA 148 -78.90 64.71 12.10
N SER KA 149 -79.32 65.75 12.86
CA SER KA 149 -78.56 66.27 13.99
C SER KA 149 -79.17 66.36 15.40
N LYS KA 150 -78.76 65.34 16.10
CA LYS KA 150 -78.95 65.11 17.48
C LYS KA 150 -77.45 64.77 17.78
N HIS KA 151 -76.93 65.16 18.94
CA HIS KA 151 -75.56 64.88 19.30
C HIS KA 151 -75.51 64.36 20.70
N TRP KA 152 -74.69 63.36 20.90
CA TRP KA 152 -74.65 62.85 22.24
C TRP KA 152 -73.67 63.63 23.06
N ALA KA 153 -74.12 63.98 24.27
CA ALA KA 153 -73.31 64.73 25.22
C ALA KA 153 -74.00 64.78 26.59
N VAL LA 2 -91.38 37.09 41.04
CA VAL LA 2 -92.02 37.13 39.72
C VAL LA 2 -92.14 38.55 39.19
N PHE LA 3 -91.77 38.75 37.93
CA PHE LA 3 -91.70 40.10 37.35
C PHE LA 3 -92.30 40.22 35.95
N GLU LA 4 -93.62 40.25 35.87
CA GLU LA 4 -94.30 40.43 34.58
C GLU LA 4 -94.20 41.89 34.15
N GLY LA 5 -94.51 42.15 32.88
CA GLY LA 5 -94.44 43.50 32.34
C GLY LA 5 -95.80 44.09 32.03
N HIS LA 6 -96.06 45.29 32.54
CA HIS LA 6 -97.31 45.99 32.33
C HIS LA 6 -97.59 46.17 30.84
N LEU LA 7 -98.85 46.43 30.48
CA LEU LA 7 -99.20 46.57 29.07
C LEU LA 7 -99.96 47.87 28.77
N VAL LA 8 -100.40 48.56 29.81
CA VAL LA 8 -101.04 49.85 29.64
C VAL LA 8 -100.00 50.96 29.76
N GLY LA 9 -99.67 51.59 28.64
CA GLY LA 9 -98.63 52.61 28.62
C GLY LA 9 -99.15 54.03 28.52
N THR LA 10 -99.94 54.43 29.51
CA THR LA 10 -100.50 55.78 29.53
C THR LA 10 -99.40 56.84 29.51
N GLY LA 11 -98.57 56.85 30.55
CA GLY LA 11 -97.53 57.85 30.66
C GLY LA 11 -96.18 57.42 30.09
N LEU LA 12 -96.15 57.16 28.79
CA LEU LA 12 -94.93 56.70 28.15
C LEU LA 12 -94.47 57.62 27.03
N LYS LA 13 -93.17 57.73 26.86
CA LYS LA 13 -92.59 58.42 25.72
C LYS LA 13 -91.89 57.39 24.83
N VAL LA 14 -92.35 57.25 23.60
CA VAL LA 14 -91.78 56.27 22.68
C VAL LA 14 -91.11 56.96 21.49
N GLY LA 15 -90.07 56.34 20.96
CA GLY LA 15 -89.38 56.84 19.79
C GLY LA 15 -89.28 55.78 18.72
N VAL LA 16 -89.60 56.14 17.49
CA VAL LA 16 -89.61 55.18 16.39
C VAL LA 16 -88.63 55.57 15.29
N VAL LA 17 -87.92 54.58 14.77
CA VAL LA 17 -87.00 54.78 13.65
C VAL LA 17 -87.39 53.89 12.48
N VAL LA 18 -87.91 54.51 11.42
CA VAL LA 18 -88.42 53.75 10.27
C VAL LA 18 -87.55 53.95 9.04
N GLY LA 19 -87.40 52.88 8.26
CA GLY LA 19 -86.61 52.93 7.04
C GLY LA 19 -87.44 53.30 5.83
N ARG LA 20 -86.91 54.22 5.03
CA ARG LA 20 -87.63 54.74 3.87
C ARG LA 20 -87.72 53.70 2.76
N PHE LA 21 -86.66 52.90 2.61
CA PHE LA 21 -86.66 51.85 1.59
C PHE LA 21 -87.79 50.87 1.86
N ASN LA 22 -88.42 50.40 0.79
CA ASN LA 22 -89.61 49.57 0.92
C ASN LA 22 -90.71 50.32 1.65
N GLU LA 23 -90.81 51.61 1.37
CA GLU LA 23 -91.79 52.49 2.01
C GLU LA 23 -93.20 51.94 1.85
N PHE LA 24 -93.44 51.26 0.75
CA PHE LA 24 -94.73 50.64 0.47
C PHE LA 24 -95.16 49.73 1.61
N ILE LA 25 -94.19 49.10 2.26
CA ILE LA 25 -94.46 48.20 3.37
C ILE LA 25 -94.26 48.89 4.71
N THR LA 26 -93.10 49.53 4.89
CA THR LA 26 -92.77 50.19 6.14
C THR LA 26 -93.80 51.26 6.50
N SER LA 27 -94.50 51.79 5.50
CA SER LA 27 -95.56 52.76 5.73
C SER LA 27 -96.64 52.17 6.63
N LYS LA 28 -97.33 51.16 6.14
CA LYS LA 28 -98.36 50.48 6.92
C LYS LA 28 -97.77 49.85 8.16
N LEU LA 29 -96.46 49.62 8.14
CA LEU LA 29 -95.76 49.02 9.27
C LEU LA 29 -95.66 50.02 10.40
N LEU LA 30 -95.49 51.29 10.02
CA LEU LA 30 -95.46 52.39 10.99
C LEU LA 30 -96.86 52.62 11.52
N GLY LA 31 -97.86 52.12 10.80
CA GLY LA 31 -99.23 52.14 11.26
C GLY LA 31 -99.38 51.34 12.54
N GLY LA 32 -98.29 50.71 12.96
CA GLY LA 32 -98.25 49.98 14.21
C GLY LA 32 -97.98 50.93 15.36
N ALA LA 33 -97.25 52.00 15.07
CA ALA LA 33 -97.04 53.08 16.03
C ALA LA 33 -98.39 53.66 16.42
N LEU LA 34 -98.97 54.45 15.53
CA LEU LA 34 -100.33 54.93 15.71
C LEU LA 34 -101.27 53.73 15.66
N ASP LA 35 -102.52 53.93 16.10
CA ASP LA 35 -103.48 52.83 16.21
C ASP LA 35 -102.83 51.64 16.91
N GLY LA 36 -101.78 51.90 17.66
CA GLY LA 36 -101.06 50.86 18.39
C GLY LA 36 -100.63 51.36 19.75
N LEU LA 37 -99.71 52.31 19.76
CA LEU LA 37 -99.33 52.98 21.00
C LEU LA 37 -100.48 53.86 21.46
N LYS LA 38 -101.21 54.42 20.51
CA LYS LA 38 -102.36 55.27 20.80
C LYS LA 38 -103.36 54.55 21.69
N ARG LA 39 -103.90 53.44 21.20
CA ARG LA 39 -104.96 52.72 21.89
C ARG LA 39 -104.49 52.07 23.19
N HIS LA 40 -103.18 52.01 23.40
CA HIS LA 40 -102.65 51.43 24.63
C HIS LA 40 -102.36 52.47 25.70
N GLY LA 41 -102.70 53.73 25.40
CA GLY LA 41 -102.59 54.80 26.38
C GLY LA 41 -101.65 55.93 26.01
N VAL LA 42 -100.62 55.63 25.21
CA VAL LA 42 -99.61 56.61 24.84
C VAL LA 42 -100.23 57.86 24.21
N GLU LA 43 -99.71 59.04 24.54
CA GLU LA 43 -100.26 60.31 24.05
C GLU LA 43 -99.95 60.61 22.58
N GLU LA 44 -101.02 61.00 21.83
CA GLU LA 44 -101.01 61.33 20.41
C GLU LA 44 -99.93 62.33 20.15
N ASN LA 45 -99.08 61.91 19.21
CA ASN LA 45 -97.83 62.55 18.82
C ASN LA 45 -97.17 63.10 20.09
N ASP LA 46 -96.69 62.11 20.87
CA ASP LA 46 -95.89 62.22 22.09
C ASP LA 46 -94.87 61.16 21.82
N ILE LA 47 -94.92 60.83 20.57
CA ILE LA 47 -94.10 59.83 20.00
C ILE LA 47 -93.40 60.44 18.78
N ASP LA 48 -92.09 60.25 18.69
CA ASP LA 48 -91.32 60.79 17.57
C ASP LA 48 -90.92 59.71 16.57
N VAL LA 49 -90.95 60.09 15.29
CA VAL LA 49 -90.61 59.18 14.21
C VAL LA 49 -89.40 59.68 13.44
N ALA LA 50 -88.40 58.80 13.29
CA ALA LA 50 -87.18 59.14 12.58
C ALA LA 50 -87.05 58.34 11.29
N TRP LA 51 -87.06 59.03 10.15
CA TRP LA 51 -86.93 58.39 8.86
C TRP LA 51 -85.48 58.30 8.43
N VAL LA 52 -85.01 57.08 8.23
CA VAL LA 52 -83.65 56.84 7.76
C VAL LA 52 -83.68 56.15 6.41
N PRO LA 53 -82.69 56.44 5.55
CA PRO LA 53 -82.60 55.91 4.20
C PRO LA 53 -82.90 54.41 4.11
N GLY LA 54 -81.94 53.59 4.52
CA GLY LA 54 -82.11 52.15 4.47
C GLY LA 54 -82.19 51.52 5.84
N ALA LA 55 -82.63 50.27 5.89
CA ALA LA 55 -82.71 49.53 7.14
C ALA LA 55 -81.34 49.48 7.80
N PHE LA 56 -80.31 49.65 6.97
CA PHE LA 56 -78.93 49.60 7.43
C PHE LA 56 -78.57 50.82 8.29
N GLU LA 57 -79.28 51.93 8.07
CA GLU LA 57 -78.98 53.17 8.77
C GLU LA 57 -79.77 53.26 10.08
N ILE LA 58 -80.66 52.31 10.30
CA ILE LA 58 -81.49 52.31 11.51
C ILE LA 58 -80.69 52.29 12.80
N PRO LA 59 -79.75 51.34 12.93
CA PRO LA 59 -78.96 51.22 14.17
C PRO LA 59 -78.36 52.54 14.64
N LEU LA 60 -77.76 53.30 13.72
CA LEU LA 60 -77.11 54.55 14.07
C LEU LA 60 -78.08 55.55 14.70
N ILE LA 61 -79.20 55.80 14.01
CA ILE LA 61 -80.17 56.78 14.46
C ILE LA 61 -81.04 56.27 15.60
N ALA LA 62 -81.24 54.96 15.64
CA ALA LA 62 -81.94 54.34 16.76
C ALA LA 62 -81.15 54.62 18.04
N LYS LA 63 -79.83 54.73 17.88
CA LYS LA 63 -78.96 55.07 18.99
C LYS LA 63 -79.13 56.53 19.39
N LYS LA 64 -78.83 57.45 18.47
CA LYS LA 64 -78.87 58.88 18.76
C LYS LA 64 -80.27 59.38 19.10
N MET LA 65 -81.16 58.46 19.45
CA MET LA 65 -82.46 58.81 19.99
C MET LA 65 -82.56 58.30 21.42
N ALA LA 66 -82.41 56.99 21.58
CA ALA LA 66 -82.42 56.37 22.89
C ALA LA 66 -81.15 56.71 23.67
N ASN LA 67 -80.13 57.17 22.95
CA ASN LA 67 -78.82 57.43 23.55
C ASN LA 67 -78.93 58.36 24.74
N SER LA 68 -79.68 59.44 24.59
CA SER LA 68 -79.95 60.34 25.70
C SER LA 68 -81.44 60.39 25.97
N GLY LA 69 -81.81 60.25 27.24
CA GLY LA 69 -83.20 60.18 27.66
C GLY LA 69 -84.16 61.12 26.97
N LYS LA 70 -84.96 60.56 26.07
CA LYS LA 70 -86.04 61.30 25.43
C LYS LA 70 -87.27 60.41 25.46
N TYR LA 71 -87.02 59.10 25.47
CA TYR LA 71 -88.09 58.10 25.42
C TYR LA 71 -87.82 56.97 26.40
N ASP LA 72 -88.88 56.27 26.80
CA ASP LA 72 -88.77 55.14 27.70
C ASP LA 72 -88.45 53.87 26.92
N ALA LA 73 -88.65 53.93 25.61
CA ALA LA 73 -88.36 52.81 24.74
C ALA LA 73 -88.36 53.25 23.28
N VAL LA 74 -87.48 52.67 22.48
CA VAL LA 74 -87.37 53.00 21.07
C VAL LA 74 -87.74 51.81 20.18
N ILE LA 75 -88.61 52.06 19.19
CA ILE LA 75 -89.03 51.02 18.26
C ILE LA 75 -88.35 51.21 16.91
N THR LA 76 -87.83 50.12 16.36
CA THR LA 76 -87.21 50.16 15.03
C THR LA 76 -88.07 49.45 13.99
N LEU LA 77 -88.50 50.19 12.98
CA LEU LA 77 -89.31 49.64 11.89
C LEU LA 77 -88.58 49.74 10.55
N GLY LA 78 -88.80 48.75 9.71
CA GLY LA 78 -88.19 48.72 8.39
C GLY LA 78 -88.53 47.42 7.67
N THR LA 79 -88.13 47.32 6.41
CA THR LA 79 -88.37 46.10 5.64
C THR LA 79 -87.18 45.79 4.73
N VAL LA 80 -86.87 44.50 4.61
CA VAL LA 80 -85.80 44.04 3.74
C VAL LA 80 -86.24 42.78 3.00
N ILE LA 81 -86.15 42.81 1.67
CA ILE LA 81 -86.59 41.69 0.86
C ILE LA 81 -85.45 41.10 0.03
N ARG LA 82 -85.42 39.78 -0.05
CA ARG LA 82 -84.40 39.05 -0.82
C ARG LA 82 -84.19 39.58 -2.23
N GLY LA 83 -82.92 39.74 -2.60
CA GLY LA 83 -82.56 40.10 -3.95
C GLY LA 83 -81.83 38.96 -4.62
N ALA LA 84 -81.13 39.27 -5.70
CA ALA LA 84 -80.35 38.26 -6.41
C ALA LA 84 -79.01 38.05 -5.73
N THR LA 85 -78.54 39.09 -5.05
CA THR LA 85 -77.23 39.05 -4.38
C THR LA 85 -77.38 38.72 -2.90
N THR LA 86 -76.27 38.39 -2.26
CA THR LA 86 -76.25 38.10 -0.83
C THR LA 86 -76.27 39.38 -0.01
N HIS LA 87 -76.42 40.50 -0.70
CA HIS LA 87 -76.52 41.81 -0.05
C HIS LA 87 -77.63 41.81 1.01
N TYR LA 88 -78.72 41.12 0.70
CA TYR LA 88 -79.86 41.02 1.60
C TYR LA 88 -79.46 40.51 2.98
N ASP LA 89 -78.46 39.62 3.02
CA ASP LA 89 -78.05 38.98 4.26
C ASP LA 89 -77.27 39.93 5.16
N TYR LA 90 -76.28 40.61 4.59
CA TYR LA 90 -75.41 41.49 5.37
C TYR LA 90 -76.18 42.67 5.95
N VAL LA 91 -77.25 43.06 5.27
CA VAL LA 91 -78.10 44.14 5.75
C VAL LA 91 -78.94 43.65 6.94
N CYS LA 92 -79.78 42.64 6.70
CA CYS LA 92 -80.60 42.05 7.75
C CYS LA 92 -79.77 41.78 9.01
N ASN LA 93 -78.69 41.03 8.84
CA ASN LA 93 -77.81 40.69 9.95
C ASN LA 93 -77.44 41.90 10.79
N GLU LA 94 -76.79 42.88 10.15
CA GLU LA 94 -76.26 44.04 10.86
C GLU LA 94 -77.35 44.92 11.50
N VAL LA 95 -78.54 44.90 10.90
CA VAL LA 95 -79.66 45.62 11.49
C VAL LA 95 -80.03 44.98 12.82
N ALA LA 96 -80.31 43.67 12.77
CA ALA LA 96 -80.62 42.92 13.98
C ALA LA 96 -79.44 42.96 14.93
N LYS LA 97 -78.24 42.84 14.37
CA LYS LA 97 -77.02 42.87 15.15
C LYS LA 97 -76.90 44.20 15.88
N GLY LA 98 -77.12 45.30 15.17
CA GLY LA 98 -77.04 46.63 15.74
C GLY LA 98 -78.10 46.88 16.80
N VAL LA 99 -79.36 46.75 16.39
CA VAL LA 99 -80.49 47.00 17.29
C VAL LA 99 -80.42 46.16 18.58
N ALA LA 100 -79.93 44.93 18.46
CA ALA LA 100 -79.81 44.03 19.62
C ALA LA 100 -78.58 44.37 20.46
N SER LA 101 -77.41 44.23 19.85
CA SER LA 101 -76.15 44.49 20.54
C SER LA 101 -76.12 45.87 21.18
N LEU LA 102 -76.58 46.87 20.45
CA LEU LA 102 -76.64 48.23 20.98
C LEU LA 102 -78.00 48.57 21.57
N SER LA 103 -78.53 47.62 22.33
CA SER LA 103 -79.73 47.83 23.15
C SER LA 103 -79.38 47.42 24.57
N LEU LA 104 -78.18 46.90 24.74
CA LEU LA 104 -77.66 46.52 26.04
C LEU LA 104 -76.75 47.61 26.57
N GLN LA 105 -76.04 48.28 25.65
CA GLN LA 105 -75.13 49.34 26.03
C GLN LA 105 -75.89 50.54 26.61
N THR LA 106 -77.05 50.83 26.03
CA THR LA 106 -77.91 51.90 26.51
C THR LA 106 -78.67 51.42 27.71
N ASP LA 107 -79.26 50.24 27.60
CA ASP LA 107 -80.06 49.77 28.72
C ASP LA 107 -81.46 50.29 28.58
N ILE LA 108 -81.72 51.06 27.52
CA ILE LA 108 -83.06 51.53 27.25
C ILE LA 108 -83.64 50.61 26.22
N PRO LA 109 -84.83 50.13 26.55
CA PRO LA 109 -85.48 49.14 25.69
C PRO LA 109 -85.52 49.45 24.19
N VAL LA 110 -84.87 48.68 23.35
CA VAL LA 110 -84.94 48.92 21.92
C VAL LA 110 -85.53 47.70 21.20
N ILE LA 111 -86.81 47.79 20.84
CA ILE LA 111 -87.53 46.70 20.21
C ILE LA 111 -87.17 46.57 18.74
N PHE LA 112 -86.83 45.35 18.33
CA PHE LA 112 -86.47 45.08 16.94
C PHE LA 112 -87.67 44.69 16.11
N GLY LA 113 -88.10 45.59 15.23
CA GLY LA 113 -89.26 45.35 14.39
C GLY LA 113 -88.96 45.56 12.92
N VAL LA 114 -87.96 44.84 12.41
CA VAL LA 114 -87.58 44.94 11.00
C VAL LA 114 -87.95 43.66 10.26
N LEU LA 115 -88.85 43.79 9.28
CA LEU LA 115 -89.28 42.66 8.48
C LEU LA 115 -88.16 42.14 7.60
N THR LA 116 -87.96 40.83 7.64
CA THR LA 116 -86.94 40.20 6.82
C THR LA 116 -87.56 39.05 6.04
N THR LA 117 -88.05 39.35 4.85
CA THR LA 117 -88.83 38.39 4.08
C THR LA 117 -88.16 37.96 2.78
N GLU LA 118 -88.79 36.98 2.12
CA GLU LA 118 -88.32 36.48 0.83
C GLU LA 118 -89.15 37.05 -0.31
N THR LA 119 -90.44 37.25 -0.02
CA THR LA 119 -91.37 37.76 -1.02
C THR LA 119 -91.93 39.12 -0.63
N ILE LA 120 -92.31 39.90 -1.64
CA ILE LA 120 -93.05 41.13 -1.40
C ILE LA 120 -94.39 40.74 -0.80
N GLU LA 121 -94.85 39.53 -1.13
CA GLU LA 121 -96.12 39.03 -0.63
C GLU LA 121 -96.01 38.63 0.84
N GLN LA 122 -94.80 38.34 1.28
CA GLN LA 122 -94.57 37.97 2.67
C GLN LA 122 -94.49 39.21 3.55
N ALA LA 123 -94.00 40.31 2.96
CA ALA LA 123 -93.97 41.60 3.66
C ALA LA 123 -95.39 42.08 3.90
N ILE LA 124 -96.19 42.05 2.83
CA ILE LA 124 -97.59 42.39 2.94
C ILE LA 124 -98.30 41.45 3.89
N GLU LA 125 -97.85 40.20 3.89
CA GLU LA 125 -98.41 39.18 4.76
C GLU LA 125 -98.26 39.59 6.23
N ARG LA 126 -97.20 40.30 6.53
CA ARG LA 126 -96.88 40.70 7.90
C ARG LA 126 -96.96 42.21 8.14
N ALA LA 127 -97.61 42.93 7.24
CA ALA LA 127 -97.76 44.37 7.39
C ALA LA 127 -99.22 44.75 7.56
N GLY LA 128 -100.01 43.92 8.15
CA GLY LA 128 -101.38 44.26 8.23
C GLY LA 128 -102.09 43.16 7.48
N THR LA 129 -101.41 42.10 7.06
CA THR LA 129 -102.24 41.05 6.48
C THR LA 129 -102.29 39.84 7.44
N LYS LA 130 -102.74 38.71 6.91
CA LYS LA 130 -102.94 37.36 7.54
C LYS LA 130 -102.22 37.17 8.86
N ALA LA 131 -100.97 37.62 8.96
CA ALA LA 131 -100.23 37.43 10.22
C ALA LA 131 -100.42 38.60 11.16
N GLY LA 132 -101.13 39.65 10.70
CA GLY LA 132 -101.34 40.87 11.45
C GLY LA 132 -100.25 41.90 11.08
N ASN LA 133 -100.15 42.95 11.89
CA ASN LA 133 -99.18 44.01 11.65
C ASN LA 133 -98.02 43.95 12.65
N LYS LA 134 -96.84 43.56 12.17
CA LYS LA 134 -95.69 43.37 13.04
C LYS LA 134 -95.14 44.69 13.56
N GLY LA 135 -95.84 45.78 13.24
CA GLY LA 135 -95.50 47.08 13.78
C GLY LA 135 -96.31 47.34 15.03
N TYR LA 136 -97.59 46.98 14.97
CA TYR LA 136 -98.47 47.09 16.12
C TYR LA 136 -98.02 46.14 17.22
N GLU LA 137 -97.38 45.04 16.82
CA GLU LA 137 -96.93 44.03 17.78
C GLU LA 137 -95.65 44.46 18.46
N SER LA 138 -94.80 45.17 17.72
CA SER LA 138 -93.55 45.65 18.27
C SER LA 138 -93.77 46.86 19.17
N ALA LA 139 -94.97 47.42 19.09
CA ALA LA 139 -95.35 48.53 19.95
C ALA LA 139 -95.78 48.00 21.32
N VAL LA 140 -96.61 46.95 21.29
CA VAL LA 140 -97.01 46.28 22.51
C VAL LA 140 -95.76 45.84 23.28
N ALA LA 141 -94.79 45.29 22.56
CA ALA LA 141 -93.54 44.85 23.16
C ALA LA 141 -92.80 46.02 23.78
N ALA LA 142 -92.81 47.15 23.09
CA ALA LA 142 -92.12 48.35 23.56
C ALA LA 142 -92.68 48.83 24.90
N ILE LA 143 -94.01 48.84 25.00
CA ILE LA 143 -94.66 49.27 26.24
C ILE LA 143 -94.34 48.32 27.37
N GLU LA 144 -94.45 47.03 27.11
CA GLU LA 144 -94.18 46.01 28.13
C GLU LA 144 -92.74 46.07 28.63
N MET LA 145 -91.80 46.24 27.70
CA MET LA 145 -90.38 46.33 28.04
C MET LA 145 -90.08 47.59 28.82
N ALA LA 146 -90.77 48.67 28.47
CA ALA LA 146 -90.62 49.94 29.18
C ALA LA 146 -91.02 49.76 30.64
N HIS LA 147 -92.15 49.10 30.86
CA HIS LA 147 -92.65 48.85 32.20
C HIS LA 147 -91.86 47.77 32.95
N LEU LA 148 -90.78 47.30 32.34
CA LEU LA 148 -89.95 46.29 33.00
C LEU LA 148 -88.62 46.88 33.48
N SER LA 149 -88.37 48.14 33.16
CA SER LA 149 -87.29 48.87 33.81
C SER LA 149 -87.70 49.01 35.27
N LYS LA 150 -87.31 48.03 36.06
CA LYS LA 150 -87.94 47.77 37.33
C LYS LA 150 -86.90 47.32 38.34
N HIS LA 151 -85.84 46.71 37.82
CA HIS LA 151 -84.80 46.11 38.67
C HIS LA 151 -85.43 45.05 39.56
N TRP LA 152 -84.67 44.56 40.55
CA TRP LA 152 -85.08 43.34 41.24
C TRP LA 152 -84.90 43.35 42.76
N ALA LA 153 -85.71 42.54 43.45
CA ALA LA 153 -85.67 42.45 44.90
C ALA LA 153 -85.83 41.00 45.36
N VAL MA 2 -57.81 19.67 39.43
CA VAL MA 2 -59.19 19.26 39.17
C VAL MA 2 -60.22 20.24 39.74
N PHE MA 3 -61.26 20.52 38.98
CA PHE MA 3 -62.29 21.48 39.40
C PHE MA 3 -63.69 21.08 38.95
N GLU MA 4 -64.27 20.07 39.60
CA GLU MA 4 -65.63 19.64 39.29
C GLU MA 4 -66.66 20.54 39.99
N GLY MA 5 -67.87 20.58 39.45
CA GLY MA 5 -68.92 21.41 40.00
C GLY MA 5 -69.98 20.63 40.79
N HIS MA 6 -70.25 21.10 42.00
CA HIS MA 6 -71.26 20.49 42.87
C HIS MA 6 -72.61 20.47 42.15
N LEU MA 7 -73.54 19.66 42.65
CA LEU MA 7 -74.85 19.57 42.03
C LEU MA 7 -76.02 19.69 43.02
N VAL MA 8 -75.70 19.92 44.29
CA VAL MA 8 -76.72 20.15 45.30
C VAL MA 8 -76.74 21.63 45.69
N GLY MA 9 -77.68 22.38 45.12
CA GLY MA 9 -77.75 23.81 45.37
C GLY MA 9 -78.80 24.23 46.38
N THR MA 10 -78.57 23.88 47.65
CA THR MA 10 -79.53 24.20 48.70
C THR MA 10 -79.55 25.68 49.03
N GLY MA 11 -78.38 26.32 48.99
CA GLY MA 11 -78.28 27.72 49.37
C GLY MA 11 -78.15 28.67 48.20
N LEU MA 12 -78.49 28.19 47.00
CA LEU MA 12 -78.38 29.01 45.80
C LEU MA 12 -79.57 29.96 45.63
N LYS MA 13 -79.38 30.97 44.80
CA LYS MA 13 -80.42 31.97 44.55
C LYS MA 13 -80.52 32.24 43.04
N VAL MA 14 -81.31 31.43 42.35
CA VAL MA 14 -81.39 31.49 40.88
C VAL MA 14 -82.48 32.45 40.40
N GLY MA 15 -82.30 32.94 39.17
CA GLY MA 15 -83.31 33.76 38.52
C GLY MA 15 -83.45 33.41 37.05
N VAL MA 16 -84.70 33.36 36.58
CA VAL MA 16 -84.96 32.96 35.20
C VAL MA 16 -85.65 34.06 34.38
N VAL MA 17 -85.34 34.10 33.08
CA VAL MA 17 -86.02 35.01 32.16
C VAL MA 17 -86.67 34.21 31.02
N VAL MA 18 -87.97 33.97 31.14
CA VAL MA 18 -88.70 33.19 30.14
C VAL MA 18 -89.40 34.08 29.11
N GLY MA 19 -89.63 33.53 27.93
CA GLY MA 19 -90.26 34.27 26.86
C GLY MA 19 -91.70 33.87 26.62
N ARG MA 20 -92.56 34.87 26.43
CA ARG MA 20 -93.99 34.62 26.26
C ARG MA 20 -94.32 33.97 24.92
N PHE MA 21 -93.75 34.49 23.85
CA PHE MA 21 -93.98 33.93 22.52
C PHE MA 21 -93.73 32.43 22.57
N ASN MA 22 -94.66 31.66 22.02
CA ASN MA 22 -94.61 30.21 22.12
C ASN MA 22 -94.76 29.74 23.56
N GLU MA 23 -95.64 30.40 24.30
CA GLU MA 23 -95.88 30.07 25.70
C GLU MA 23 -96.28 28.61 25.84
N PHE MA 24 -96.92 28.08 24.81
CA PHE MA 24 -97.35 26.68 24.80
C PHE MA 24 -96.17 25.77 25.13
N ILE MA 25 -94.97 26.18 24.73
CA ILE MA 25 -93.76 25.40 24.96
C ILE MA 25 -92.96 25.94 26.14
N THR MA 26 -92.74 27.25 26.14
CA THR MA 26 -91.96 27.89 27.21
C THR MA 26 -92.58 27.63 28.58
N SER MA 27 -93.89 27.49 28.61
CA SER MA 27 -94.60 27.21 29.86
C SER MA 27 -94.06 25.94 30.52
N LYS MA 28 -94.20 24.80 29.85
CA LYS MA 28 -93.68 23.54 30.35
C LYS MA 28 -92.17 23.60 30.49
N LEU MA 29 -91.56 24.55 29.80
CA LEU MA 29 -90.11 24.70 29.80
C LEU MA 29 -89.64 25.35 31.09
N LEU MA 30 -90.49 26.21 31.65
CA LEU MA 30 -90.21 26.85 32.93
C LEU MA 30 -90.51 25.89 34.07
N GLY MA 31 -91.61 25.14 33.94
CA GLY MA 31 -91.99 24.14 34.92
C GLY MA 31 -90.87 23.09 34.99
N GLY MA 32 -89.98 23.12 34.01
CA GLY MA 32 -88.85 22.23 33.96
C GLY MA 32 -87.75 22.79 34.86
N ALA MA 33 -87.46 24.07 34.67
CA ALA MA 33 -86.49 24.75 35.50
C ALA MA 33 -86.85 24.56 36.98
N LEU MA 34 -88.02 25.00 37.42
CA LEU MA 34 -88.39 24.98 38.87
C LEU MA 34 -88.66 23.68 39.55
N ASP MA 35 -89.54 22.92 38.97
CA ASP MA 35 -89.89 21.72 39.71
C ASP MA 35 -88.65 20.81 39.98
N GLY MA 36 -87.52 21.10 39.26
CA GLY MA 36 -86.26 20.37 39.32
C GLY MA 36 -85.12 21.22 39.84
N LEU MA 37 -85.37 22.53 39.86
CA LEU MA 37 -84.46 23.48 40.44
C LEU MA 37 -84.74 23.40 41.93
N LYS MA 38 -86.02 23.21 42.25
CA LYS MA 38 -86.48 23.07 43.63
C LYS MA 38 -86.02 21.76 44.22
N ARG MA 39 -86.27 20.67 43.51
CA ARG MA 39 -85.96 19.34 44.00
C ARG MA 39 -84.45 19.08 44.08
N HIS MA 40 -83.67 20.05 43.64
CA HIS MA 40 -82.21 19.95 43.75
C HIS MA 40 -81.68 20.68 44.98
N GLY MA 41 -82.60 21.24 45.78
CA GLY MA 41 -82.23 21.90 47.01
C GLY MA 41 -82.66 23.35 47.10
N VAL MA 42 -82.62 24.06 45.97
CA VAL MA 42 -82.93 25.49 45.93
C VAL MA 42 -84.26 25.79 46.62
N GLU MA 43 -84.27 26.84 47.44
CA GLU MA 43 -85.49 27.28 48.10
C GLU MA 43 -86.39 27.96 47.07
N GLU MA 44 -87.66 27.59 47.03
CA GLU MA 44 -88.57 28.10 46.02
C GLU MA 44 -88.79 29.60 46.13
N ASN MA 45 -88.33 30.18 47.24
CA ASN MA 45 -88.44 31.63 47.44
C ASN MA 45 -87.20 32.36 46.96
N ASP MA 46 -86.16 31.61 46.64
CA ASP MA 46 -84.94 32.18 46.09
C ASP MA 46 -84.96 32.16 44.56
N ILE MA 47 -86.17 32.03 44.00
CA ILE MA 47 -86.33 31.95 42.55
C ILE MA 47 -87.24 33.05 42.01
N ASP MA 48 -86.68 33.90 41.16
CA ASP MA 48 -87.44 34.96 40.52
C ASP MA 48 -87.61 34.71 39.02
N VAL MA 49 -88.76 35.10 38.49
CA VAL MA 49 -89.05 34.91 37.08
C VAL MA 49 -89.31 36.24 36.39
N ALA MA 50 -88.74 36.41 35.21
CA ALA MA 50 -88.93 37.63 34.44
C ALA MA 50 -89.51 37.31 33.06
N TRP MA 51 -90.80 37.61 32.88
CA TRP MA 51 -91.47 37.37 31.61
C TRP MA 51 -91.19 38.49 30.60
N VAL MA 52 -90.58 38.11 29.48
CA VAL MA 52 -90.30 39.04 28.40
C VAL MA 52 -91.14 38.67 27.18
N PRO MA 53 -91.44 39.66 26.33
CA PRO MA 53 -92.26 39.43 25.13
C PRO MA 53 -91.71 38.30 24.26
N GLY MA 54 -90.65 38.58 23.51
CA GLY MA 54 -90.04 37.57 22.66
C GLY MA 54 -88.67 37.16 23.15
N ALA MA 55 -88.15 36.08 22.58
CA ALA MA 55 -86.82 35.59 22.94
C ALA MA 55 -85.75 36.64 22.66
N PHE MA 56 -86.07 37.57 21.77
CA PHE MA 56 -85.14 38.63 21.39
C PHE MA 56 -84.87 39.58 22.54
N GLU MA 57 -85.86 39.73 23.42
CA GLU MA 57 -85.78 40.70 24.51
C GLU MA 57 -85.11 40.10 25.74
N ILE MA 58 -84.73 38.84 25.65
CA ILE MA 58 -84.10 38.14 26.77
C ILE MA 58 -82.77 38.76 27.19
N PRO MA 59 -81.84 38.97 26.23
CA PRO MA 59 -80.52 39.52 26.55
C PRO MA 59 -80.57 40.75 27.46
N LEU MA 60 -81.50 41.66 27.18
CA LEU MA 60 -81.60 42.89 27.94
C LEU MA 60 -81.97 42.67 29.40
N ILE MA 61 -83.03 41.91 29.62
CA ILE MA 61 -83.52 41.64 30.97
C ILE MA 61 -82.69 40.58 31.71
N ALA MA 62 -82.11 39.65 30.94
CA ALA MA 62 -81.20 38.68 31.52
C ALA MA 62 -79.99 39.41 32.08
N LYS MA 63 -79.66 40.55 31.49
CA LYS MA 63 -78.57 41.38 31.97
C LYS MA 63 -78.95 42.07 33.27
N LYS MA 64 -79.96 42.92 33.21
CA LYS MA 64 -80.46 43.61 34.40
C LYS MA 64 -80.56 42.68 35.60
N MET MA 65 -80.93 41.43 35.35
CA MET MA 65 -81.18 40.47 36.42
C MET MA 65 -79.88 39.87 36.95
N ALA MA 66 -79.07 39.30 36.05
CA ALA MA 66 -77.81 38.71 36.44
C ALA MA 66 -76.82 39.77 36.91
N ASN MA 67 -77.27 41.02 36.88
CA ASN MA 67 -76.39 42.14 37.21
C ASN MA 67 -76.80 42.79 38.53
N SER MA 68 -78.02 42.51 38.96
CA SER MA 68 -78.53 43.05 40.22
C SER MA 68 -77.82 42.42 41.40
N GLY MA 69 -77.17 41.28 41.17
CA GLY MA 69 -76.43 40.59 42.21
C GLY MA 69 -77.30 39.72 43.09
N LYS MA 70 -78.60 39.93 43.01
CA LYS MA 70 -79.56 39.17 43.81
C LYS MA 70 -79.48 37.69 43.47
N TYR MA 71 -78.92 37.38 42.31
CA TYR MA 71 -78.97 36.03 41.78
C TYR MA 71 -77.59 35.39 41.68
N ASP MA 72 -77.53 34.12 42.10
CA ASP MA 72 -76.28 33.36 42.10
C ASP MA 72 -76.03 32.81 40.70
N ALA MA 73 -77.08 32.74 39.89
CA ALA MA 73 -76.99 32.32 38.50
C ALA MA 73 -78.30 32.61 37.80
N VAL MA 74 -78.26 32.73 36.48
CA VAL MA 74 -79.46 33.05 35.71
C VAL MA 74 -79.75 32.02 34.62
N ILE MA 75 -81.02 31.64 34.50
CA ILE MA 75 -81.46 30.68 33.49
C ILE MA 75 -82.37 31.34 32.47
N THR MA 76 -81.94 31.36 31.21
CA THR MA 76 -82.73 31.94 30.13
C THR MA 76 -83.57 30.87 29.43
N LEU MA 77 -84.88 31.00 29.52
CA LEU MA 77 -85.79 30.06 28.87
C LEU MA 77 -86.57 30.74 27.75
N GLY MA 78 -86.96 29.96 26.75
CA GLY MA 78 -87.71 30.49 25.63
C GLY MA 78 -87.77 29.51 24.48
N THR MA 79 -88.58 29.83 23.47
CA THR MA 79 -88.71 28.97 22.29
C THR MA 79 -88.80 29.80 21.01
N VAL MA 80 -88.10 29.35 19.98
CA VAL MA 80 -88.16 29.98 18.67
C VAL MA 80 -88.32 28.91 17.60
N ILE MA 81 -89.32 29.05 16.76
CA ILE MA 81 -89.58 28.05 15.72
C ILE MA 81 -89.54 28.64 14.32
N ARG MA 82 -88.96 27.87 13.40
CA ARG MA 82 -88.82 28.29 12.00
C ARG MA 82 -90.09 28.86 11.38
N GLY MA 83 -89.96 30.04 10.78
CA GLY MA 83 -91.03 30.62 10.02
C GLY MA 83 -90.77 30.47 8.54
N ALA MA 84 -91.45 31.28 7.73
CA ALA MA 84 -91.26 31.25 6.29
C ALA MA 84 -90.12 32.19 5.88
N THR MA 85 -89.71 33.04 6.82
CA THR MA 85 -88.68 34.04 6.55
C THR MA 85 -87.40 33.74 7.32
N THR MA 86 -86.33 34.45 6.98
CA THR MA 86 -85.05 34.32 7.66
C THR MA 86 -85.07 35.00 9.02
N HIS MA 87 -86.24 35.52 9.38
CA HIS MA 87 -86.41 36.20 10.67
C HIS MA 87 -85.96 35.28 11.80
N TYR MA 88 -86.38 34.02 11.74
CA TYR MA 88 -86.04 33.02 12.75
C TYR MA 88 -84.54 32.98 13.05
N ASP MA 89 -83.73 33.26 12.05
CA ASP MA 89 -82.28 33.17 12.18
C ASP MA 89 -81.69 34.30 12.99
N TYR MA 90 -82.09 35.53 12.67
CA TYR MA 90 -81.53 36.71 13.32
C TYR MA 90 -81.96 36.77 14.79
N VAL MA 91 -83.09 36.14 15.10
CA VAL MA 91 -83.55 36.07 16.48
C VAL MA 91 -82.73 35.05 17.27
N CYS MA 92 -82.75 33.80 16.82
CA CYS MA 92 -81.98 32.74 17.45
C CYS MA 92 -80.54 33.19 17.69
N ASN MA 93 -79.90 33.70 16.65
CA ASN MA 93 -78.53 34.18 16.76
C ASN MA 93 -78.37 35.18 17.90
N GLU MA 94 -79.04 36.31 17.79
CA GLU MA 94 -78.89 37.40 18.75
C GLU MA 94 -79.22 36.99 20.19
N VAL MA 95 -80.11 36.01 20.34
CA VAL MA 95 -80.43 35.48 21.66
C VAL MA 95 -79.21 34.76 22.24
N ALA MA 96 -78.76 33.74 21.54
CA ALA MA 96 -77.57 33.01 21.94
C ALA MA 96 -76.36 33.93 21.99
N LYS MA 97 -76.33 34.87 21.06
CA LYS MA 97 -75.26 35.85 20.96
C LYS MA 97 -75.22 36.73 22.21
N GLY MA 98 -76.39 37.17 22.66
CA GLY MA 98 -76.49 37.98 23.84
C GLY MA 98 -76.16 37.21 25.11
N VAL MA 99 -76.88 36.11 25.34
CA VAL MA 99 -76.73 35.33 26.56
C VAL MA 99 -75.29 34.87 26.78
N ALA MA 100 -74.60 34.48 25.70
CA ALA MA 100 -73.24 34.00 25.80
C ALA MA 100 -72.26 35.14 25.99
N SER MA 101 -72.22 36.04 25.02
CA SER MA 101 -71.30 37.17 25.04
C SER MA 101 -71.52 38.03 26.28
N LEU MA 102 -72.75 38.04 26.79
CA LEU MA 102 -73.08 38.80 27.99
C LEU MA 102 -73.17 37.89 29.21
N SER MA 103 -72.25 36.94 29.29
CA SER MA 103 -72.12 36.06 30.43
C SER MA 103 -70.67 36.08 30.88
N LEU MA 104 -69.83 36.70 30.06
CA LEU MA 104 -68.42 36.89 30.37
C LEU MA 104 -68.23 38.27 30.95
N GLN MA 105 -69.07 39.20 30.50
CA GLN MA 105 -69.02 40.60 30.96
C GLN MA 105 -69.48 40.69 32.42
N THR MA 106 -70.41 39.85 32.85
CA THR MA 106 -70.85 39.97 34.25
C THR MA 106 -70.11 38.96 35.19
N ASP MA 107 -69.68 37.81 34.63
CA ASP MA 107 -69.04 36.73 35.39
C ASP MA 107 -70.09 36.02 36.27
N ILE MA 108 -71.39 36.29 36.08
CA ILE MA 108 -72.48 35.57 36.78
C ILE MA 108 -72.93 34.46 35.82
N PRO MA 109 -73.09 33.22 36.30
CA PRO MA 109 -73.43 32.20 35.30
C PRO MA 109 -74.70 32.48 34.54
N VAL MA 110 -74.74 32.51 33.20
CA VAL MA 110 -76.02 32.73 32.52
C VAL MA 110 -76.28 31.57 31.56
N ILE MA 111 -76.95 30.54 32.05
CA ILE MA 111 -77.23 29.33 31.27
C ILE MA 111 -78.17 29.62 30.10
N PHE MA 112 -77.84 29.05 28.94
CA PHE MA 112 -78.63 29.25 27.73
C PHE MA 112 -79.59 28.08 27.52
N GLY MA 113 -80.86 28.29 27.88
CA GLY MA 113 -81.87 27.25 27.73
C GLY MA 113 -82.99 27.69 26.81
N VAL MA 114 -82.63 28.26 25.67
CA VAL MA 114 -83.61 28.66 24.66
C VAL MA 114 -83.72 27.62 23.56
N LEU MA 115 -84.90 27.04 23.42
CA LEU MA 115 -85.14 26.09 22.34
C LEU MA 115 -85.13 26.78 20.99
N THR MA 116 -84.47 26.15 20.03
CA THR MA 116 -84.38 26.70 18.70
C THR MA 116 -84.62 25.58 17.70
N THR MA 117 -85.88 25.36 17.37
CA THR MA 117 -86.30 24.19 16.59
C THR MA 117 -86.89 24.52 15.22
N GLU MA 118 -87.23 23.47 14.47
CA GLU MA 118 -87.77 23.60 13.12
C GLU MA 118 -89.27 23.30 13.09
N THR MA 119 -89.71 22.44 14.00
CA THR MA 119 -91.10 22.03 14.07
C THR MA 119 -91.68 22.33 15.43
N ILE MA 120 -93.00 22.49 15.48
CA ILE MA 120 -93.70 22.57 16.75
C ILE MA 120 -93.48 21.27 17.51
N GLU MA 121 -93.38 20.18 16.75
CA GLU MA 121 -93.18 18.86 17.34
C GLU MA 121 -91.84 18.75 18.03
N GLN MA 122 -90.79 19.27 17.39
CA GLN MA 122 -89.45 19.20 17.95
C GLN MA 122 -89.36 19.96 19.26
N ALA MA 123 -90.09 21.06 19.36
CA ALA MA 123 -90.16 21.83 20.60
C ALA MA 123 -90.75 20.99 21.72
N ILE MA 124 -91.84 20.30 21.41
CA ILE MA 124 -92.49 19.43 22.39
C ILE MA 124 -91.57 18.30 22.83
N GLU MA 125 -90.82 17.74 21.88
CA GLU MA 125 -89.87 16.68 22.17
C GLU MA 125 -88.89 17.13 23.25
N ARG MA 126 -88.47 18.39 23.16
CA ARG MA 126 -87.46 18.93 24.05
C ARG MA 126 -88.06 19.77 25.17
N ALA MA 127 -89.35 19.61 25.40
CA ALA MA 127 -90.03 20.33 26.46
C ALA MA 127 -90.71 19.38 27.44
N GLY MA 128 -90.09 18.27 27.71
CA GLY MA 128 -90.74 17.38 28.63
C GLY MA 128 -91.19 16.12 27.96
N THR MA 129 -90.79 15.88 26.70
CA THR MA 129 -91.16 14.60 26.07
C THR MA 129 -89.94 13.74 25.77
N LYS MA 130 -89.98 13.03 24.66
CA LYS MA 130 -88.92 12.18 24.13
C LYS MA 130 -87.54 12.59 24.58
N ALA MA 131 -87.05 13.78 24.18
CA ALA MA 131 -85.67 14.17 24.53
C ALA MA 131 -85.47 14.57 26.01
N GLY MA 132 -86.56 14.84 26.74
CA GLY MA 132 -86.48 15.28 28.12
C GLY MA 132 -86.94 16.74 28.22
N ASN MA 133 -86.69 17.42 29.35
CA ASN MA 133 -87.09 18.82 29.47
C ASN MA 133 -85.89 19.74 29.49
N LYS MA 134 -85.73 20.52 28.43
CA LYS MA 134 -84.61 21.44 28.30
C LYS MA 134 -84.52 22.41 29.48
N GLY MA 135 -85.68 22.74 30.06
CA GLY MA 135 -85.72 23.66 31.18
C GLY MA 135 -85.13 23.05 32.43
N TYR MA 136 -85.37 21.76 32.63
CA TYR MA 136 -84.84 21.04 33.77
C TYR MA 136 -83.32 20.89 33.65
N GLU MA 137 -82.87 20.47 32.48
CA GLU MA 137 -81.46 20.27 32.21
C GLU MA 137 -80.68 21.58 32.28
N SER MA 138 -81.36 22.69 32.00
CA SER MA 138 -80.72 24.00 32.02
C SER MA 138 -80.64 24.55 33.45
N ALA MA 139 -81.47 24.01 34.33
CA ALA MA 139 -81.45 24.38 35.73
C ALA MA 139 -80.34 23.64 36.46
N VAL MA 140 -80.24 22.34 36.19
CA VAL MA 140 -79.20 21.51 36.79
C VAL MA 140 -77.82 22.05 36.41
N ALA MA 141 -77.74 22.69 35.25
CA ALA MA 141 -76.50 23.29 34.77
C ALA MA 141 -76.23 24.61 35.50
N ALA MA 142 -77.29 25.36 35.77
CA ALA MA 142 -77.17 26.61 36.48
C ALA MA 142 -76.59 26.40 37.87
N ILE MA 143 -77.02 25.33 38.52
CA ILE MA 143 -76.50 24.97 39.84
C ILE MA 143 -75.01 24.68 39.76
N GLU MA 144 -74.64 23.72 38.91
CA GLU MA 144 -73.24 23.33 38.77
C GLU MA 144 -72.35 24.53 38.46
N MET MA 145 -72.76 25.33 37.49
CA MET MA 145 -72.00 26.52 37.12
C MET MA 145 -71.82 27.46 38.30
N ALA MA 146 -72.89 27.63 39.08
CA ALA MA 146 -72.82 28.46 40.27
C ALA MA 146 -71.76 27.92 41.23
N HIS MA 147 -71.87 26.63 41.55
CA HIS MA 147 -70.93 25.99 42.46
C HIS MA 147 -69.51 25.97 41.94
N LEU MA 148 -69.34 26.28 40.66
CA LEU MA 148 -67.99 26.47 40.12
C LEU MA 148 -67.93 27.95 40.42
N SER MA 149 -67.41 28.26 41.61
CA SER MA 149 -66.80 29.52 42.00
C SER MA 149 -65.45 30.02 42.47
N LYS MA 150 -64.52 29.10 42.64
CA LYS MA 150 -63.14 29.45 43.02
C LYS MA 150 -62.40 30.41 42.09
N HIS MA 151 -62.63 30.28 40.79
CA HIS MA 151 -61.94 31.11 39.80
C HIS MA 151 -62.45 32.55 39.77
N TRP MA 152 -61.64 33.47 40.25
CA TRP MA 152 -61.88 34.90 40.07
C TRP MA 152 -60.67 35.73 40.52
N ALA MA 153 -59.99 36.32 39.55
CA ALA MA 153 -58.82 37.16 39.82
C ALA MA 153 -58.71 38.30 38.81
N VAL NA 2 -38.11 33.72 11.91
CA VAL NA 2 -37.34 34.41 12.93
C VAL NA 2 -37.97 34.18 14.31
N PHE NA 3 -39.24 33.79 14.34
CA PHE NA 3 -39.97 33.60 15.61
C PHE NA 3 -40.73 32.29 15.66
N GLU NA 4 -40.02 31.17 15.80
CA GLU NA 4 -40.68 29.86 15.95
C GLU NA 4 -40.97 29.55 17.42
N GLY NA 5 -41.88 28.63 17.66
CA GLY NA 5 -42.27 28.29 19.03
C GLY NA 5 -41.73 26.96 19.50
N HIS NA 6 -41.02 27.00 20.63
CA HIS NA 6 -40.45 25.80 21.25
C HIS NA 6 -41.54 24.75 21.46
N LEU NA 7 -41.16 23.47 21.44
CA LEU NA 7 -42.15 22.40 21.58
C LEU NA 7 -41.93 21.55 22.83
N VAL NA 8 -40.86 21.82 23.57
CA VAL NA 8 -40.62 21.16 24.85
C VAL NA 8 -41.17 22.02 25.99
N GLY NA 9 -42.08 21.46 26.77
CA GLY NA 9 -42.70 22.22 27.84
C GLY NA 9 -42.49 21.64 29.21
N THR NA 10 -41.24 21.28 29.51
CA THR NA 10 -40.90 20.71 30.80
C THR NA 10 -41.29 21.63 31.95
N GLY NA 11 -41.09 22.93 31.76
CA GLY NA 11 -41.37 23.90 32.81
C GLY NA 11 -42.67 24.64 32.64
N LEU NA 12 -43.59 24.07 31.87
CA LEU NA 12 -44.86 24.72 31.62
C LEU NA 12 -45.88 24.41 32.71
N LYS NA 13 -47.05 25.02 32.61
CA LYS NA 13 -48.07 24.95 33.66
C LYS NA 13 -49.45 25.18 33.03
N VAL NA 14 -50.04 24.11 32.49
CA VAL NA 14 -51.27 24.22 31.70
C VAL NA 14 -52.53 23.94 32.51
N GLY NA 15 -53.66 24.43 32.00
CA GLY NA 15 -54.96 24.17 32.60
C GLY NA 15 -56.02 24.03 31.53
N VAL NA 16 -56.85 22.99 31.65
CA VAL NA 16 -57.84 22.70 30.62
C VAL NA 16 -59.28 22.74 31.14
N VAL NA 17 -60.21 23.02 30.23
CA VAL NA 17 -61.64 23.02 30.55
C VAL NA 17 -62.37 22.10 29.58
N VAL NA 18 -62.85 20.96 30.08
CA VAL NA 18 -63.54 19.99 29.24
C VAL NA 18 -65.04 19.97 29.52
N GLY NA 19 -65.82 19.69 28.48
CA GLY NA 19 -67.27 19.66 28.61
C GLY NA 19 -67.77 18.25 28.90
N ARG NA 20 -68.59 18.12 29.93
CA ARG NA 20 -69.11 16.83 30.33
C ARG NA 20 -70.03 16.23 29.29
N PHE NA 21 -70.82 17.08 28.62
CA PHE NA 21 -71.72 16.60 27.58
C PHE NA 21 -70.93 15.91 26.48
N ASN NA 22 -71.41 14.74 26.08
CA ASN NA 22 -70.68 13.88 25.16
C ASN NA 22 -69.42 13.33 25.80
N GLU NA 23 -69.52 13.02 27.09
CA GLU NA 23 -68.40 12.48 27.85
C GLU NA 23 -67.74 11.33 27.10
N PHE NA 24 -68.56 10.52 26.44
CA PHE NA 24 -68.08 9.36 25.70
C PHE NA 24 -66.94 9.73 24.75
N ILE NA 25 -66.94 10.98 24.30
CA ILE NA 25 -65.91 11.47 23.39
C ILE NA 25 -64.89 12.36 24.10
N THR NA 26 -65.38 13.31 24.88
CA THR NA 26 -64.50 14.24 25.58
C THR NA 26 -63.54 13.54 26.53
N SER NA 27 -63.92 12.36 26.99
CA SER NA 27 -63.07 11.56 27.88
C SER NA 27 -61.75 11.21 27.20
N LYS NA 28 -61.83 10.40 26.15
CA LYS NA 28 -60.66 10.03 25.38
C LYS NA 28 -59.98 11.26 24.80
N LEU NA 29 -60.74 12.35 24.69
CA LEU NA 29 -60.24 13.58 24.12
C LEU NA 29 -59.32 14.28 25.13
N LEU NA 30 -59.68 14.16 26.41
CA LEU NA 30 -58.91 14.75 27.49
C LEU NA 30 -57.66 13.95 27.79
N GLY NA 31 -57.82 12.63 27.87
CA GLY NA 31 -56.71 11.73 28.12
C GLY NA 31 -55.59 11.90 27.12
N GLY NA 32 -55.95 12.28 25.90
CA GLY NA 32 -54.97 12.53 24.86
C GLY NA 32 -54.22 13.82 25.08
N ALA NA 33 -54.92 14.82 25.62
CA ALA NA 33 -54.32 16.12 25.90
C ALA NA 33 -53.39 16.04 27.10
N LEU NA 34 -53.83 15.32 28.13
CA LEU NA 34 -53.00 15.11 29.31
C LEU NA 34 -51.77 14.31 28.93
N ASP NA 35 -52.00 13.17 28.27
CA ASP NA 35 -50.91 12.32 27.80
C ASP NA 35 -49.90 13.11 26.98
N GLY NA 36 -50.40 14.06 26.18
CA GLY NA 36 -49.54 14.89 25.37
C GLY NA 36 -48.68 15.83 26.18
N LEU NA 37 -49.31 16.67 27.00
CA LEU NA 37 -48.59 17.58 27.87
C LEU NA 37 -47.62 16.81 28.77
N LYS NA 38 -48.10 15.72 29.34
CA LYS NA 38 -47.32 14.92 30.27
C LYS NA 38 -46.05 14.38 29.63
N ARG NA 39 -46.18 13.77 28.45
CA ARG NA 39 -45.05 13.17 27.76
C ARG NA 39 -44.24 14.20 26.96
N HIS NA 40 -44.64 15.47 27.04
CA HIS NA 40 -43.89 16.52 26.37
C HIS NA 40 -43.05 17.31 27.36
N GLY NA 41 -43.08 16.89 28.62
CA GLY NA 41 -42.30 17.53 29.66
C GLY NA 41 -43.13 18.08 30.80
N VAL NA 42 -44.27 18.67 30.48
CA VAL NA 42 -45.15 19.27 31.48
C VAL NA 42 -45.30 18.35 32.67
N GLU NA 43 -45.13 18.90 33.87
CA GLU NA 43 -45.25 18.10 35.09
C GLU NA 43 -46.68 17.62 35.24
N GLU NA 44 -46.84 16.36 35.67
CA GLU NA 44 -48.15 15.73 35.73
C GLU NA 44 -49.10 16.41 36.71
N ASN NA 45 -48.59 17.33 37.52
CA ASN NA 45 -49.42 18.03 38.50
C ASN NA 45 -49.51 19.53 38.25
N ASP NA 46 -48.72 20.02 37.29
CA ASP NA 46 -48.82 21.40 36.85
C ASP NA 46 -50.01 21.54 35.91
N ILE NA 47 -50.89 20.55 35.96
CA ILE NA 47 -52.02 20.46 35.04
C ILE NA 47 -53.35 20.38 35.78
N ASP NA 48 -54.27 21.29 35.45
CA ASP NA 48 -55.57 21.33 36.10
C ASP NA 48 -56.69 21.13 35.09
N VAL NA 49 -57.79 20.53 35.54
CA VAL NA 49 -58.94 20.29 34.67
C VAL NA 49 -60.23 20.79 35.30
N ALA NA 50 -61.00 21.55 34.53
CA ALA NA 50 -62.28 22.07 34.99
C ALA NA 50 -63.42 21.52 34.15
N TRP NA 51 -64.29 20.73 34.79
CA TRP NA 51 -65.42 20.13 34.09
C TRP NA 51 -66.64 21.05 34.07
N VAL NA 52 -67.05 21.45 32.86
CA VAL NA 52 -68.22 22.30 32.67
C VAL NA 52 -69.38 21.46 32.14
N PRO NA 53 -70.59 21.99 32.31
CA PRO NA 53 -71.79 21.27 31.85
C PRO NA 53 -71.69 20.83 30.38
N GLY NA 54 -71.25 21.74 29.50
CA GLY NA 54 -71.12 21.42 28.11
C GLY NA 54 -70.33 22.54 27.42
N ALA NA 55 -70.14 22.43 26.10
CA ALA NA 55 -69.37 23.44 25.37
C ALA NA 55 -69.89 24.86 25.58
N PHE NA 56 -71.19 25.09 25.58
CA PHE NA 56 -71.58 26.48 25.74
C PHE NA 56 -70.97 27.13 26.99
N GLU NA 57 -70.76 26.37 28.02
CA GLU NA 57 -70.24 26.89 29.28
C GLU NA 57 -68.74 27.12 29.30
N ILE NA 58 -68.01 26.57 28.31
CA ILE NA 58 -66.50 26.62 28.20
C ILE NA 58 -65.77 27.95 27.99
N PRO NA 59 -66.49 28.90 27.47
CA PRO NA 59 -65.94 30.26 27.38
C PRO NA 59 -65.86 30.96 28.75
N LEU NA 60 -66.87 30.76 29.60
CA LEU NA 60 -66.91 31.44 30.88
C LEU NA 60 -65.80 30.98 31.83
N ILE NA 61 -65.67 29.67 31.99
CA ILE NA 61 -64.69 29.10 32.91
C ILE NA 61 -63.26 29.12 32.35
N ALA NA 62 -63.14 29.18 31.03
CA ALA NA 62 -61.84 29.32 30.39
C ALA NA 62 -61.29 30.71 30.70
N LYS NA 63 -62.17 31.70 30.73
CA LYS NA 63 -61.81 33.07 31.08
C LYS NA 63 -61.43 33.16 32.55
N LYS NA 64 -62.07 32.32 33.37
CA LYS NA 64 -61.80 32.30 34.80
C LYS NA 64 -60.49 31.60 35.14
N MET NA 65 -59.94 30.88 34.17
CA MET NA 65 -58.67 30.19 34.37
C MET NA 65 -57.52 30.95 33.70
N ALA NA 66 -57.86 31.80 32.74
CA ALA NA 66 -56.87 32.65 32.10
C ALA NA 66 -56.63 33.88 32.97
N ASN NA 67 -57.71 34.41 33.55
CA ASN NA 67 -57.62 35.57 34.43
C ASN NA 67 -57.12 35.21 35.81
N SER NA 68 -57.03 33.91 36.09
CA SER NA 68 -56.50 33.44 37.37
C SER NA 68 -54.99 33.59 37.41
N GLY NA 69 -54.39 33.82 36.24
CA GLY NA 69 -52.97 34.04 36.12
C GLY NA 69 -52.13 32.96 36.79
N LYS NA 70 -52.51 31.71 36.58
CA LYS NA 70 -51.82 30.58 37.20
C LYS NA 70 -51.24 29.65 36.14
N TYR NA 71 -51.74 29.75 34.92
CA TYR NA 71 -51.36 28.83 33.86
C TYR NA 71 -50.53 29.52 32.78
N ASP NA 72 -49.83 28.73 31.98
CA ASP NA 72 -49.04 29.24 30.86
C ASP NA 72 -49.82 29.10 29.57
N ALA NA 73 -50.96 28.41 29.67
CA ALA NA 73 -51.82 28.19 28.52
C ALA NA 73 -53.09 27.48 29.00
N VAL NA 74 -54.18 27.68 28.28
CA VAL NA 74 -55.44 27.03 28.61
C VAL NA 74 -55.93 26.23 27.41
N ILE NA 75 -56.30 24.98 27.65
CA ILE NA 75 -56.81 24.12 26.58
C ILE NA 75 -58.31 23.88 26.75
N THR NA 76 -59.09 24.26 25.74
CA THR NA 76 -60.53 24.03 25.75
C THR NA 76 -60.90 22.76 25.00
N LEU NA 77 -61.45 21.79 25.72
CA LEU NA 77 -61.86 20.52 25.14
C LEU NA 77 -63.37 20.33 25.26
N GLY NA 78 -63.95 19.65 24.29
CA GLY NA 78 -65.37 19.38 24.28
C GLY NA 78 -65.80 18.76 22.98
N THR NA 79 -67.09 18.44 22.87
CA THR NA 79 -67.63 17.86 21.65
C THR NA 79 -69.08 18.24 21.43
N VAL NA 80 -69.40 18.66 20.21
CA VAL NA 80 -70.77 19.01 19.83
C VAL NA 80 -71.13 18.26 18.55
N ILE NA 81 -72.30 17.62 18.54
CA ILE NA 81 -72.72 16.86 17.37
C ILE NA 81 -74.09 17.30 16.85
N ARG NA 82 -74.22 17.31 15.53
CA ARG NA 82 -75.46 17.73 14.86
C ARG NA 82 -76.71 17.06 15.40
N GLY NA 83 -77.72 17.87 15.66
CA GLY NA 83 -79.01 17.37 16.06
C GLY NA 83 -80.03 17.61 14.96
N ALA NA 84 -81.31 17.62 15.33
CA ALA NA 84 -82.39 17.87 14.38
C ALA NA 84 -82.61 19.36 14.20
N THR NA 85 -82.25 20.12 15.22
CA THR NA 85 -82.47 21.56 15.21
C THR NA 85 -81.18 22.31 14.89
N THR NA 86 -81.31 23.61 14.64
CA THR NA 86 -80.17 24.47 14.39
C THR NA 86 -79.45 24.86 15.68
N HIS NA 87 -79.92 24.30 16.79
CA HIS NA 87 -79.31 24.54 18.10
C HIS NA 87 -77.80 24.27 18.06
N TYR NA 88 -77.42 23.21 17.35
CA TYR NA 88 -76.02 22.82 17.22
C TYR NA 88 -75.15 23.95 16.69
N ASP NA 89 -75.73 24.77 15.82
CA ASP NA 89 -74.99 25.85 15.17
C ASP NA 89 -74.61 26.97 16.12
N TYR NA 90 -75.57 27.43 16.90
CA TYR NA 90 -75.35 28.54 17.81
C TYR NA 90 -74.40 28.16 18.93
N VAL NA 91 -74.50 26.90 19.37
CA VAL NA 91 -73.58 26.39 20.38
C VAL NA 91 -72.15 26.39 19.86
N CYS NA 92 -71.93 25.64 18.78
CA CYS NA 92 -70.61 25.57 18.15
C CYS NA 92 -70.03 26.97 17.94
N ASN NA 93 -70.83 27.87 17.38
CA ASN NA 93 -70.37 29.22 17.08
C ASN NA 93 -69.90 29.96 18.33
N GLU NA 94 -70.78 30.06 19.32
CA GLU NA 94 -70.49 30.83 20.52
C GLU NA 94 -69.30 30.27 21.31
N VAL NA 95 -69.04 28.99 21.17
CA VAL NA 95 -67.89 28.37 21.82
C VAL NA 95 -66.60 28.90 21.20
N ALA NA 96 -66.48 28.72 19.88
CA ALA NA 96 -65.33 29.21 19.16
C ALA NA 96 -65.26 30.74 19.23
N LYS NA 97 -66.41 31.38 18.98
CA LYS NA 97 -66.50 32.83 19.07
C LYS NA 97 -66.01 33.32 20.41
N GLY NA 98 -66.36 32.59 21.48
CA GLY NA 98 -65.94 32.95 22.82
C GLY NA 98 -64.46 32.67 23.06
N VAL NA 99 -64.05 31.44 22.81
CA VAL NA 99 -62.67 31.02 23.03
C VAL NA 99 -61.65 31.86 22.24
N ALA NA 100 -61.99 32.19 21.00
CA ALA NA 100 -61.11 32.99 20.16
C ALA NA 100 -61.07 34.44 20.61
N SER NA 101 -62.25 35.05 20.75
CA SER NA 101 -62.36 36.44 21.16
C SER NA 101 -61.82 36.67 22.56
N LEU NA 102 -62.09 35.73 23.46
CA LEU NA 102 -61.59 35.81 24.83
C LEU NA 102 -60.25 35.10 24.96
N SER NA 103 -59.42 35.25 23.93
CA SER NA 103 -58.05 34.77 23.93
C SER NA 103 -57.16 35.94 23.55
N LEU NA 104 -57.81 37.04 23.18
CA LEU NA 104 -57.13 38.28 22.84
C LEU NA 104 -57.38 39.28 23.95
N GLN NA 105 -58.53 39.16 24.61
CA GLN NA 105 -58.87 39.99 25.75
C GLN NA 105 -57.98 39.65 26.94
N THR NA 106 -57.29 38.53 26.84
CA THR NA 106 -56.46 38.04 27.94
C THR NA 106 -55.01 37.85 27.52
N ASP NA 107 -54.72 38.14 26.25
CA ASP NA 107 -53.38 37.97 25.67
C ASP NA 107 -52.75 36.73 26.31
N ILE NA 108 -53.49 35.65 26.36
CA ILE NA 108 -53.03 34.41 26.98
C ILE NA 108 -53.44 33.35 25.97
N PRO NA 109 -52.50 32.48 25.59
CA PRO NA 109 -52.77 31.39 24.65
C PRO NA 109 -53.94 30.53 25.13
N VAL NA 110 -55.07 30.62 24.45
CA VAL NA 110 -56.21 29.75 24.74
C VAL NA 110 -56.53 28.91 23.51
N ILE NA 111 -56.04 27.67 23.52
CA ILE NA 111 -56.21 26.77 22.39
C ILE NA 111 -57.65 26.26 22.28
N PHE NA 112 -58.21 26.37 21.08
CA PHE NA 112 -59.55 25.89 20.81
C PHE NA 112 -59.52 24.44 20.32
N GLY NA 113 -59.96 23.53 21.16
CA GLY NA 113 -59.95 22.12 20.81
C GLY NA 113 -61.30 21.45 21.05
N VAL NA 114 -62.37 22.10 20.58
CA VAL NA 114 -63.71 21.55 20.71
C VAL NA 114 -64.17 20.92 19.39
N LEU NA 115 -64.46 19.63 19.45
CA LEU NA 115 -64.94 18.91 18.28
C LEU NA 115 -66.30 19.40 17.85
N THR NA 116 -66.45 19.66 16.56
CA THR NA 116 -67.72 20.10 15.99
C THR NA 116 -68.05 19.26 14.75
N THR NA 117 -68.79 18.19 14.97
CA THR NA 117 -68.97 17.15 13.96
C THR NA 117 -70.44 16.91 13.59
N GLU NA 118 -70.64 16.01 12.63
CA GLU NA 118 -71.98 15.67 12.14
C GLU NA 118 -72.41 14.29 12.63
N THR NA 119 -71.43 13.41 12.77
CA THR NA 119 -71.68 12.02 13.13
C THR NA 119 -70.96 11.65 14.43
N ILE NA 120 -71.54 10.72 15.18
CA ILE NA 120 -70.86 10.17 16.34
C ILE NA 120 -69.59 9.48 15.87
N GLU NA 121 -69.63 9.00 14.63
CA GLU NA 121 -68.50 8.29 14.03
C GLU NA 121 -67.39 9.26 13.61
N GLN NA 122 -67.76 10.51 13.42
CA GLN NA 122 -66.78 11.55 13.09
C GLN NA 122 -66.05 12.04 14.34
N ALA NA 123 -66.75 12.05 15.47
CA ALA NA 123 -66.15 12.41 16.74
C ALA NA 123 -65.12 11.36 17.14
N ILE NA 124 -65.54 10.10 17.14
CA ILE NA 124 -64.64 8.98 17.42
C ILE NA 124 -63.48 9.01 16.44
N GLU NA 125 -63.79 9.34 15.20
CA GLU NA 125 -62.78 9.43 14.15
C GLU NA 125 -61.65 10.37 14.58
N ARG NA 126 -61.99 11.38 15.37
CA ARG NA 126 -61.04 12.43 15.73
C ARG NA 126 -60.75 12.44 17.23
N ALA NA 127 -61.08 11.37 17.92
CA ALA NA 127 -60.80 11.27 19.34
C ALA NA 127 -59.76 10.17 19.65
N GLY NA 128 -58.86 9.93 18.71
CA GLY NA 128 -57.88 8.87 18.88
C GLY NA 128 -58.27 7.73 17.98
N THR NA 129 -58.65 8.11 16.76
CA THR NA 129 -58.96 7.12 15.76
C THR NA 129 -58.33 7.63 14.43
N LYS NA 130 -58.80 7.15 13.26
CA LYS NA 130 -58.24 7.59 11.95
C LYS NA 130 -57.57 8.95 11.93
N ALA NA 131 -58.29 10.01 12.30
CA ALA NA 131 -57.71 11.37 12.28
C ALA NA 131 -56.69 11.66 13.38
N GLY NA 132 -56.55 10.82 14.41
CA GLY NA 132 -55.61 11.10 15.50
C GLY NA 132 -56.40 11.56 16.73
N ASN NA 133 -55.76 12.19 17.72
CA ASN NA 133 -56.50 12.67 18.90
C ASN NA 133 -56.45 14.19 19.01
N LYS NA 134 -57.57 14.83 18.70
CA LYS NA 134 -57.69 16.28 18.72
C LYS NA 134 -57.17 16.88 20.03
N GLY NA 135 -57.36 16.16 21.13
CA GLY NA 135 -56.92 16.62 22.44
C GLY NA 135 -55.41 16.69 22.51
N TYR NA 136 -54.76 15.59 22.18
CA TYR NA 136 -53.30 15.53 22.15
C TYR NA 136 -52.74 16.64 21.26
N GLU NA 137 -53.35 16.83 20.10
CA GLU NA 137 -52.91 17.86 19.15
C GLU NA 137 -53.13 19.25 19.71
N SER NA 138 -54.04 19.38 20.67
CA SER NA 138 -54.32 20.66 21.30
C SER NA 138 -53.27 21.02 22.34
N ALA NA 139 -52.72 19.99 22.99
CA ALA NA 139 -51.68 20.18 23.98
C ALA NA 139 -50.37 20.59 23.31
N VAL NA 140 -50.01 19.86 22.27
CA VAL NA 140 -48.81 20.15 21.50
C VAL NA 140 -48.88 21.56 20.93
N ALA NA 141 -50.10 22.08 20.82
CA ALA NA 141 -50.32 23.43 20.33
C ALA NA 141 -50.21 24.43 21.47
N ALA NA 142 -50.66 24.02 22.65
CA ALA NA 142 -50.62 24.87 23.84
C ALA NA 142 -49.18 25.13 24.28
N ILE NA 143 -48.34 24.11 24.17
CA ILE NA 143 -46.93 24.23 24.53
C ILE NA 143 -46.23 25.22 23.62
N GLU NA 144 -46.49 25.12 22.32
CA GLU NA 144 -45.87 26.01 21.36
C GLU NA 144 -46.30 27.46 21.59
N MET NA 145 -47.61 27.66 21.76
CA MET NA 145 -48.13 28.99 22.03
C MET NA 145 -47.59 29.53 23.33
N ALA NA 146 -47.28 28.63 24.26
CA ALA NA 146 -46.75 29.01 25.56
C ALA NA 146 -45.34 29.56 25.48
N HIS NA 147 -44.61 29.24 24.39
CA HIS NA 147 -43.25 29.70 24.19
C HIS NA 147 -43.22 30.95 23.33
N LEU NA 148 -44.16 31.05 22.42
CA LEU NA 148 -44.28 32.18 21.54
C LEU NA 148 -45.19 33.27 22.14
N SER NA 149 -46.17 32.93 23.03
CA SER NA 149 -47.18 33.95 23.43
C SER NA 149 -47.30 34.36 24.92
N LYS NA 150 -46.89 33.49 25.81
CA LYS NA 150 -47.02 33.78 27.22
C LYS NA 150 -45.80 34.47 27.78
N HIS NA 151 -44.65 33.87 27.72
CA HIS NA 151 -43.50 34.49 28.33
C HIS NA 151 -42.69 35.36 27.38
N TRP NA 152 -43.23 35.42 26.18
CA TRP NA 152 -42.75 36.23 25.09
C TRP NA 152 -43.68 37.47 25.11
N ALA NA 153 -43.25 38.65 24.70
CA ALA NA 153 -44.15 39.79 24.79
C ALA NA 153 -44.04 40.72 23.56
N VAL OA 2 -127.00 -10.10 39.54
CA VAL OA 2 -126.41 -8.91 38.91
C VAL OA 2 -125.55 -8.12 39.90
N PHE OA 3 -124.41 -7.63 39.43
CA PHE OA 3 -123.45 -6.95 40.30
C PHE OA 3 -122.81 -5.73 39.64
N GLU OA 4 -123.61 -4.72 39.29
CA GLU OA 4 -123.07 -3.50 38.72
C GLU OA 4 -122.34 -2.68 39.80
N GLY OA 5 -121.71 -1.58 39.39
CA GLY OA 5 -120.99 -0.72 40.31
C GLY OA 5 -121.37 0.74 40.17
N HIS OA 6 -121.65 1.39 41.31
CA HIS OA 6 -121.98 2.82 41.33
C HIS OA 6 -120.98 3.65 40.54
N LEU OA 7 -121.35 4.89 40.25
CA LEU OA 7 -120.43 5.82 39.62
C LEU OA 7 -120.31 7.10 40.45
N VAL OA 8 -121.06 7.16 41.54
CA VAL OA 8 -120.98 8.28 42.47
C VAL OA 8 -120.00 7.93 43.57
N GLY OA 9 -118.91 8.69 43.65
CA GLY OA 9 -117.87 8.45 44.65
C GLY OA 9 -117.90 9.43 45.79
N THR OA 10 -119.10 9.70 46.30
CA THR OA 10 -119.30 10.67 47.36
C THR OA 10 -118.29 10.52 48.50
N GLY OA 11 -118.13 9.30 49.01
CA GLY OA 11 -117.27 9.08 50.15
C GLY OA 11 -116.16 8.08 49.91
N LEU OA 12 -115.37 8.32 48.86
CA LEU OA 12 -114.27 7.43 48.53
C LEU OA 12 -112.92 8.09 48.83
N LYS OA 13 -111.88 7.27 48.94
CA LYS OA 13 -110.53 7.76 49.15
C LYS OA 13 -109.60 7.18 48.08
N VAL OA 14 -109.24 7.99 47.09
CA VAL OA 14 -108.43 7.52 45.98
C VAL OA 14 -106.99 8.00 46.06
N GLY OA 15 -106.06 7.14 45.65
CA GLY OA 15 -104.66 7.49 45.59
C GLY OA 15 -104.11 7.31 44.19
N VAL OA 16 -103.42 8.34 43.69
CA VAL OA 16 -102.90 8.33 42.32
C VAL OA 16 -101.38 8.27 42.28
N VAL OA 17 -100.85 7.55 41.31
CA VAL OA 17 -99.40 7.43 41.13
C VAL OA 17 -99.02 7.80 39.70
N VAL OA 18 -98.36 8.94 39.54
CA VAL OA 18 -98.01 9.45 38.21
C VAL OA 18 -96.51 9.45 37.96
N GLY OA 19 -96.12 9.14 36.72
CA GLY OA 19 -94.73 9.17 36.32
C GLY OA 19 -94.34 10.49 35.67
N ARG OA 20 -93.20 11.03 36.09
CA ARG OA 20 -92.73 12.33 35.59
C ARG OA 20 -92.34 12.30 34.12
N PHE OA 21 -91.75 11.20 33.68
CA PHE OA 21 -91.33 11.09 32.29
C PHE OA 21 -92.54 11.36 31.40
N ASN OA 22 -92.33 12.20 30.39
CA ASN OA 22 -93.43 12.65 29.54
C ASN OA 22 -94.43 13.49 30.32
N GLU OA 23 -93.92 14.33 31.21
CA GLU OA 23 -94.76 15.20 32.02
C GLU OA 23 -95.69 16.02 31.12
N PHE OA 24 -95.21 16.33 29.93
CA PHE OA 24 -95.99 17.11 28.98
C PHE OA 24 -97.35 16.46 28.75
N ILE OA 25 -97.39 15.14 28.87
CA ILE OA 25 -98.61 14.36 28.66
C ILE OA 25 -99.25 13.98 29.99
N THR OA 26 -98.46 13.39 30.88
CA THR OA 26 -98.96 12.92 32.17
C THR OA 26 -99.53 14.07 33.00
N SER OA 27 -99.00 15.27 32.80
CA SER OA 27 -99.49 16.44 33.51
C SER OA 27 -100.98 16.64 33.23
N LYS OA 28 -101.30 16.95 31.97
CA LYS OA 28 -102.69 17.16 31.57
C LYS OA 28 -103.46 15.84 31.59
N LEU OA 29 -102.77 14.77 31.94
CA LEU OA 29 -103.38 13.45 32.06
C LEU OA 29 -103.80 13.20 33.50
N LEU OA 30 -103.10 13.84 34.43
CA LEU OA 30 -103.45 13.83 35.84
C LEU OA 30 -104.65 14.75 36.05
N GLY OA 31 -104.98 15.53 35.04
CA GLY OA 31 -106.16 16.36 35.05
C GLY OA 31 -107.41 15.50 35.01
N GLY OA 32 -107.20 14.19 35.00
CA GLY OA 32 -108.30 13.25 35.12
C GLY OA 32 -108.58 12.96 36.58
N ALA OA 33 -107.55 13.09 37.40
CA ALA OA 33 -107.72 13.02 38.85
C ALA OA 33 -108.81 14.00 39.27
N LEU OA 34 -108.42 15.26 39.44
CA LEU OA 34 -109.39 16.31 39.69
C LEU OA 34 -110.17 16.53 38.40
N ASP OA 35 -111.20 17.37 38.46
CA ASP OA 35 -112.11 17.54 37.34
C ASP OA 35 -112.49 16.17 36.78
N GLY OA 36 -112.45 15.17 37.66
CA GLY OA 36 -112.80 13.80 37.31
C GLY OA 36 -113.32 13.08 38.53
N LEU OA 37 -112.41 12.75 39.43
CA LEU OA 37 -112.80 12.20 40.71
C LEU OA 37 -113.63 13.22 41.46
N LYS OA 38 -113.18 14.47 41.44
CA LYS OA 38 -113.85 15.55 42.16
C LYS OA 38 -115.28 15.77 41.70
N ARG OA 39 -115.47 15.89 40.39
CA ARG OA 39 -116.79 16.15 39.83
C ARG OA 39 -117.73 14.96 39.99
N HIS OA 40 -117.16 13.81 40.36
CA HIS OA 40 -117.96 12.61 40.58
C HIS OA 40 -118.30 12.40 42.05
N GLY OA 41 -117.82 13.30 42.90
CA GLY OA 41 -118.16 13.25 44.31
C GLY OA 41 -116.96 13.20 45.24
N VAL OA 42 -115.93 12.46 44.85
CA VAL OA 42 -114.74 12.29 45.67
C VAL OA 42 -114.28 13.61 46.25
N GLU OA 43 -113.89 13.60 47.53
CA GLU OA 43 -113.49 14.82 48.21
C GLU OA 43 -112.11 15.30 47.77
N GLU OA 44 -111.97 16.61 47.62
CA GLU OA 44 -110.70 17.23 47.25
C GLU OA 44 -109.54 16.71 48.09
N ASN OA 45 -109.79 16.52 49.38
CA ASN OA 45 -108.74 16.14 50.32
C ASN OA 45 -108.47 14.63 50.35
N ASP OA 46 -109.45 13.83 49.96
CA ASP OA 46 -109.30 12.38 49.99
C ASP OA 46 -108.50 11.84 48.80
N ILE OA 47 -107.82 12.74 48.09
CA ILE OA 47 -107.02 12.35 46.93
C ILE OA 47 -105.56 12.70 47.11
N ASP OA 48 -104.71 11.67 47.14
CA ASP OA 48 -103.27 11.85 47.24
C ASP OA 48 -102.59 11.46 45.94
N VAL OA 49 -101.46 12.10 45.65
CA VAL OA 49 -100.73 11.84 44.42
C VAL OA 49 -99.25 11.56 44.66
N ALA OA 50 -98.75 10.50 44.04
CA ALA OA 50 -97.36 10.11 44.17
C ALA OA 50 -96.63 10.23 42.83
N TRP OA 51 -95.59 11.05 42.80
CA TRP OA 51 -94.79 11.23 41.60
C TRP OA 51 -93.60 10.29 41.58
N VAL OA 52 -93.57 9.41 40.57
CA VAL OA 52 -92.45 8.48 40.42
C VAL OA 52 -91.59 8.91 39.22
N PRO OA 53 -90.35 8.43 39.17
CA PRO OA 53 -89.45 8.85 38.05
C PRO OA 53 -90.03 8.68 36.62
N GLY OA 54 -90.66 7.53 36.42
CA GLY OA 54 -91.28 7.14 35.19
C GLY OA 54 -92.08 5.85 35.41
N ALA OA 55 -92.76 5.41 34.35
CA ALA OA 55 -93.56 4.22 34.43
C ALA OA 55 -92.85 3.02 35.06
N PHE OA 56 -91.59 2.73 34.76
CA PHE OA 56 -91.07 1.54 35.37
C PHE OA 56 -91.17 1.55 36.89
N GLU OA 57 -91.05 2.70 37.52
CA GLU OA 57 -91.10 2.72 38.96
C GLU OA 57 -92.54 2.79 39.56
N ILE OA 58 -93.57 2.56 38.76
CA ILE OA 58 -95.03 2.67 39.14
C ILE OA 58 -95.72 1.43 39.80
N PRO OA 59 -95.11 0.28 39.56
CA PRO OA 59 -95.54 -0.91 40.29
C PRO OA 59 -95.15 -0.87 41.77
N LEU OA 60 -93.91 -0.49 42.06
CA LEU OA 60 -93.42 -0.47 43.43
C LEU OA 60 -94.19 0.50 44.33
N ILE OA 61 -94.28 1.75 43.89
CA ILE OA 61 -94.94 2.79 44.68
C ILE OA 61 -96.45 2.66 44.66
N ALA OA 62 -96.99 2.08 43.60
CA ALA OA 62 -98.42 1.80 43.52
C ALA OA 62 -98.78 0.71 44.52
N LYS OA 63 -97.80 -0.12 44.88
CA LYS OA 63 -97.98 -1.16 45.88
C LYS OA 63 -97.99 -0.59 47.28
N LYS OA 64 -97.02 0.28 47.57
CA LYS OA 64 -96.90 0.88 48.89
C LYS OA 64 -97.96 1.97 49.13
N MET OA 65 -98.99 1.97 48.29
CA MET OA 65 -100.12 2.88 48.46
C MET OA 65 -101.41 2.11 48.65
N ALA OA 66 -101.51 0.96 48.00
CA ALA OA 66 -102.66 0.08 48.17
C ALA OA 66 -102.52 -0.69 49.48
N ASN OA 67 -101.28 -1.03 49.82
CA ASN OA 67 -101.00 -1.77 51.06
C ASN OA 67 -101.08 -0.91 52.30
N SER OA 68 -101.09 0.41 52.12
CA SER OA 68 -101.26 1.32 53.24
C SER OA 68 -102.71 1.31 53.72
N GLY OA 69 -103.59 0.69 52.94
CA GLY OA 69 -104.98 0.53 53.29
C GLY OA 69 -105.71 1.84 53.53
N LYS OA 70 -105.16 2.93 52.99
CA LYS OA 70 -105.74 4.25 53.17
C LYS OA 70 -106.69 4.60 52.02
N TYR OA 71 -106.54 3.90 50.90
CA TYR OA 71 -107.31 4.22 49.71
C TYR OA 71 -108.23 3.07 49.31
N ASP OA 72 -109.42 3.42 48.82
CA ASP OA 72 -110.39 2.44 48.35
C ASP OA 72 -109.96 1.90 46.99
N ALA OA 73 -109.25 2.74 46.23
CA ALA OA 73 -108.73 2.36 44.92
C ALA OA 73 -107.51 3.20 44.59
N VAL OA 74 -106.61 2.63 43.79
CA VAL OA 74 -105.39 3.33 43.39
C VAL OA 74 -105.35 3.49 41.88
N ILE OA 75 -105.32 4.74 41.42
CA ILE OA 75 -105.22 5.03 40.00
C ILE OA 75 -103.76 5.21 39.59
N THR OA 76 -103.36 4.54 38.52
CA THR OA 76 -101.97 4.60 38.06
C THR OA 76 -101.87 5.32 36.71
N LEU OA 77 -101.13 6.43 36.69
CA LEU OA 77 -101.02 7.26 35.49
C LEU OA 77 -99.57 7.36 35.01
N GLY OA 78 -99.42 7.59 33.71
CA GLY OA 78 -98.10 7.72 33.11
C GLY OA 78 -98.19 7.68 31.60
N THR OA 79 -97.06 7.88 30.92
CA THR OA 79 -97.02 7.84 29.47
C THR OA 79 -95.70 7.29 28.96
N VAL OA 80 -95.78 6.42 27.95
CA VAL OA 80 -94.60 5.84 27.32
C VAL OA 80 -94.74 5.88 25.81
N ILE OA 81 -93.69 6.30 25.12
CA ILE OA 81 -93.75 6.43 23.66
C ILE OA 81 -92.59 5.71 22.97
N ARG OA 82 -92.90 5.07 21.84
CA ARG OA 82 -91.92 4.32 21.07
C ARG OA 82 -90.62 5.08 20.81
N GLY OA 83 -89.50 4.41 21.10
CA GLY OA 83 -88.19 4.96 20.80
C GLY OA 83 -87.62 4.29 19.56
N ALA OA 84 -86.29 4.20 19.51
CA ALA OA 84 -85.62 3.49 18.43
C ALA OA 84 -85.29 2.07 18.85
N THR OA 85 -85.21 1.86 20.17
CA THR OA 85 -84.88 0.55 20.71
C THR OA 85 -86.12 -0.15 21.24
N THR OA 86 -86.00 -1.46 21.46
CA THR OA 86 -87.09 -2.25 22.01
C THR OA 86 -87.25 -2.01 23.51
N HIS OA 87 -86.53 -1.03 24.03
CA HIS OA 87 -86.62 -0.64 25.42
C HIS OA 87 -88.05 -0.28 25.80
N TYR OA 88 -88.74 0.36 24.86
CA TYR OA 88 -90.14 0.74 25.04
C TYR OA 88 -91.02 -0.45 25.39
N ASP OA 89 -90.70 -1.61 24.82
CA ASP OA 89 -91.52 -2.80 24.99
C ASP OA 89 -91.44 -3.37 26.41
N TYR OA 90 -90.22 -3.57 26.90
CA TYR OA 90 -89.99 -4.16 28.21
C TYR OA 90 -90.55 -3.28 29.32
N VAL OA 91 -90.60 -1.97 29.06
CA VAL OA 91 -91.15 -1.02 30.01
C VAL OA 91 -92.67 -1.16 30.09
N CYS OA 92 -93.33 -0.93 28.97
CA CYS OA 92 -94.78 -1.03 28.90
C CYS OA 92 -95.27 -2.35 29.47
N ASN OA 93 -94.59 -3.43 29.10
CA ASN OA 93 -94.93 -4.75 29.59
C ASN OA 93 -94.95 -4.79 31.11
N GLU OA 94 -93.83 -4.45 31.73
CA GLU OA 94 -93.67 -4.57 33.18
C GLU OA 94 -94.61 -3.65 33.95
N VAL OA 95 -94.89 -2.47 33.39
CA VAL OA 95 -95.83 -1.54 34.01
C VAL OA 95 -97.20 -2.18 34.09
N ALA OA 96 -97.67 -2.69 32.95
CA ALA OA 96 -98.95 -3.37 32.88
C ALA OA 96 -98.90 -4.69 33.65
N LYS OA 97 -97.78 -5.38 33.56
CA LYS OA 97 -97.58 -6.65 34.25
C LYS OA 97 -97.59 -6.45 35.75
N GLY OA 98 -97.09 -5.30 36.20
CA GLY OA 98 -97.05 -4.97 37.61
C GLY OA 98 -98.41 -4.55 38.13
N VAL OA 99 -99.00 -3.55 37.49
CA VAL OA 99 -100.30 -3.02 37.91
C VAL OA 99 -101.39 -4.09 37.91
N ALA OA 100 -101.28 -5.05 37.00
CA ALA OA 100 -102.27 -6.12 36.90
C ALA OA 100 -101.99 -7.25 37.89
N SER OA 101 -100.93 -8.00 37.62
CA SER OA 101 -100.56 -9.14 38.47
C SER OA 101 -100.45 -8.77 39.95
N LEU OA 102 -100.14 -7.50 40.22
CA LEU OA 102 -100.08 -7.03 41.60
C LEU OA 102 -101.26 -6.12 41.95
N SER OA 103 -102.44 -6.58 41.53
CA SER OA 103 -103.71 -5.96 41.90
C SER OA 103 -104.60 -7.07 42.42
N LEU OA 104 -104.12 -8.30 42.25
CA LEU OA 104 -104.80 -9.48 42.75
C LEU OA 104 -104.23 -9.86 44.11
N GLN OA 105 -103.01 -9.40 44.38
CA GLN OA 105 -102.34 -9.68 45.65
C GLN OA 105 -102.71 -8.64 46.70
N THR OA 106 -103.56 -7.70 46.32
CA THR OA 106 -103.97 -6.63 47.24
C THR OA 106 -105.48 -6.58 47.41
N ASP OA 107 -106.20 -7.19 46.48
CA ASP OA 107 -107.66 -7.21 46.51
C ASP OA 107 -108.24 -5.80 46.42
N ILE OA 108 -107.36 -4.81 46.30
CA ILE OA 108 -107.76 -3.42 46.13
C ILE OA 108 -107.66 -2.99 44.68
N PRO OA 109 -108.77 -2.47 44.12
CA PRO OA 109 -108.80 -2.07 42.72
C PRO OA 109 -107.65 -1.14 42.35
N VAL OA 110 -106.80 -1.58 41.42
CA VAL OA 110 -105.73 -0.72 40.90
C VAL OA 110 -105.93 -0.51 39.41
N ILE OA 111 -106.54 0.62 39.05
CA ILE OA 111 -106.84 0.94 37.67
C ILE OA 111 -105.57 1.26 36.87
N PHE OA 112 -105.42 0.62 35.72
CA PHE OA 112 -104.27 0.83 34.85
C PHE OA 112 -104.55 1.93 33.84
N GLY OA 113 -103.98 3.11 34.07
CA GLY OA 113 -104.17 4.24 33.18
C GLY OA 113 -102.85 4.78 32.64
N VAL OA 114 -102.05 3.88 32.06
CA VAL OA 114 -100.76 4.26 31.49
C VAL OA 114 -100.82 4.27 29.97
N LEU OA 115 -100.64 5.45 29.38
CA LEU OA 115 -100.61 5.57 27.94
C LEU OA 115 -99.41 4.86 27.37
N THR OA 116 -99.66 3.98 26.40
CA THR OA 116 -98.58 3.28 25.72
C THR OA 116 -98.76 3.46 24.21
N THR OA 117 -98.11 4.47 23.66
CA THR OA 117 -98.37 4.90 22.30
C THR OA 117 -97.13 4.92 21.41
N GLU OA 118 -97.34 5.29 20.15
CA GLU OA 118 -96.28 5.28 19.14
C GLU OA 118 -95.85 6.69 18.76
N THR OA 119 -96.77 7.64 18.90
CA THR OA 119 -96.51 9.03 18.54
C THR OA 119 -96.78 9.94 19.71
N ILE OA 120 -96.07 11.07 19.74
CA ILE OA 120 -96.40 12.14 20.67
C ILE OA 120 -97.81 12.61 20.39
N GLU OA 121 -98.20 12.54 19.12
CA GLU OA 121 -99.53 12.94 18.69
C GLU OA 121 -100.60 12.02 19.25
N GLN OA 122 -100.31 10.73 19.30
CA GLN OA 122 -101.26 9.75 19.83
C GLN OA 122 -101.45 9.92 21.34
N ALA OA 123 -100.36 10.20 22.03
CA ALA OA 123 -100.43 10.47 23.46
C ALA OA 123 -101.30 11.70 23.72
N ILE OA 124 -101.16 12.70 22.86
CA ILE OA 124 -101.98 13.90 22.96
C ILE OA 124 -103.43 13.58 22.63
N GLU OA 125 -103.63 12.69 21.66
CA GLU OA 125 -104.97 12.29 21.26
C GLU OA 125 -105.71 11.67 22.44
N ARG OA 126 -104.94 11.15 23.40
CA ARG OA 126 -105.51 10.43 24.53
C ARG OA 126 -105.23 11.11 25.85
N ALA OA 127 -105.07 12.43 25.79
CA ALA OA 127 -104.83 13.18 27.02
C ALA OA 127 -105.71 14.42 27.07
N GLY OA 128 -106.75 14.41 26.30
CA GLY OA 128 -107.62 15.54 26.29
C GLY OA 128 -107.77 16.06 24.87
N THR OA 129 -107.80 15.15 23.93
CA THR OA 129 -108.05 15.63 22.58
C THR OA 129 -109.13 14.81 21.97
N LYS OA 130 -109.02 14.47 20.69
CA LYS OA 130 -110.20 13.79 20.08
C LYS OA 130 -110.43 12.39 20.60
N ALA OA 131 -109.69 11.88 21.60
CA ALA OA 131 -110.02 10.55 22.13
C ALA OA 131 -110.53 10.71 23.56
N GLY OA 132 -110.35 11.95 24.06
CA GLY OA 132 -110.74 12.32 25.40
C GLY OA 132 -109.54 12.15 26.32
N ASN OA 133 -109.75 12.31 27.62
CA ASN OA 133 -108.65 12.19 28.59
C ASN OA 133 -108.67 10.84 29.30
N LYS OA 134 -107.64 10.04 29.06
CA LYS OA 134 -107.57 8.69 29.61
C LYS OA 134 -107.33 8.69 31.12
N GLY OA 135 -107.09 9.88 31.67
CA GLY OA 135 -106.93 10.02 33.11
C GLY OA 135 -108.28 10.18 33.77
N TYR OA 136 -109.18 10.89 33.11
CA TYR OA 136 -110.54 11.08 33.60
C TYR OA 136 -111.30 9.77 33.52
N GLU OA 137 -111.06 9.01 32.45
CA GLU OA 137 -111.75 7.74 32.25
C GLU OA 137 -111.27 6.71 33.25
N SER OA 138 -109.98 6.77 33.59
CA SER OA 138 -109.38 5.82 34.53
C SER OA 138 -109.82 6.11 35.96
N ALA OA 139 -110.37 7.30 36.17
CA ALA OA 139 -110.91 7.67 37.48
C ALA OA 139 -112.32 7.14 37.62
N VAL OA 140 -113.14 7.37 36.59
CA VAL OA 140 -114.49 6.84 36.55
C VAL OA 140 -114.47 5.34 36.82
N ALA OA 141 -113.49 4.67 36.20
CA ALA OA 141 -113.31 3.23 36.41
C ALA OA 141 -112.89 2.93 37.84
N ALA OA 142 -112.03 3.79 38.39
CA ALA OA 142 -111.54 3.60 39.75
C ALA OA 142 -112.69 3.65 40.76
N ILE OA 143 -113.56 4.64 40.61
CA ILE OA 143 -114.72 4.77 41.48
C ILE OA 143 -115.59 3.54 41.40
N GLU OA 144 -115.99 3.18 40.18
CA GLU OA 144 -116.85 2.02 39.98
C GLU OA 144 -116.24 0.74 40.56
N MET OA 145 -114.94 0.56 40.37
CA MET OA 145 -114.26 -0.62 40.87
C MET OA 145 -114.32 -0.70 42.38
N ALA OA 146 -113.84 0.35 43.04
CA ALA OA 146 -113.86 0.40 44.50
C ALA OA 146 -115.29 0.28 44.99
N HIS OA 147 -116.22 0.81 44.22
CA HIS OA 147 -117.63 0.84 44.59
C HIS OA 147 -118.29 -0.49 44.26
N LEU OA 148 -117.51 -1.40 43.67
CA LEU OA 148 -118.04 -2.70 43.27
C LEU OA 148 -117.51 -3.80 44.18
N SER OA 149 -116.56 -3.46 45.02
CA SER OA 149 -116.00 -4.42 45.96
C SER OA 149 -116.90 -4.54 47.20
N LYS OA 150 -118.06 -5.16 47.02
CA LYS OA 150 -118.97 -5.41 48.13
C LYS OA 150 -119.09 -6.91 48.42
N HIS OA 151 -119.08 -7.72 47.38
CA HIS OA 151 -119.00 -9.17 47.58
C HIS OA 151 -117.53 -9.53 47.80
N TRP OA 152 -116.92 -8.84 48.75
CA TRP OA 152 -115.51 -8.95 49.04
C TRP OA 152 -115.32 -9.19 50.54
N ALA OA 153 -114.08 -9.09 51.01
CA ALA OA 153 -113.77 -9.27 52.43
C ALA OA 153 -113.99 -10.71 52.88
N VAL PA 2 -110.30 -43.39 31.92
CA VAL PA 2 -110.81 -42.37 30.99
C VAL PA 2 -111.78 -41.42 31.66
N PHE PA 3 -111.28 -40.26 32.11
CA PHE PA 3 -112.08 -39.29 32.84
C PHE PA 3 -112.52 -38.15 31.93
N GLU PA 4 -113.76 -38.21 31.44
CA GLU PA 4 -114.32 -37.16 30.59
C GLU PA 4 -115.33 -36.30 31.36
N GLY PA 5 -115.86 -35.27 30.71
CA GLY PA 5 -116.78 -34.35 31.36
C GLY PA 5 -118.20 -34.36 30.84
N HIS PA 6 -119.15 -34.27 31.75
CA HIS PA 6 -120.57 -34.25 31.42
C HIS PA 6 -120.91 -32.97 30.64
N LEU PA 7 -122.15 -32.84 30.21
CA LEU PA 7 -122.55 -31.64 29.46
C LEU PA 7 -123.96 -31.12 29.80
N VAL PA 8 -124.71 -31.90 30.57
CA VAL PA 8 -125.98 -31.40 31.09
C VAL PA 8 -125.75 -30.82 32.48
N GLY PA 9 -126.17 -29.57 32.66
CA GLY PA 9 -125.96 -28.89 33.93
C GLY PA 9 -127.23 -28.61 34.70
N THR PA 10 -128.01 -29.67 34.97
CA THR PA 10 -129.27 -29.52 35.69
C THR PA 10 -129.11 -28.71 36.98
N GLY PA 11 -128.16 -29.11 37.81
CA GLY PA 11 -127.94 -28.42 39.07
C GLY PA 11 -126.59 -27.75 39.16
N LEU PA 12 -126.43 -26.65 38.44
CA LEU PA 12 -125.16 -25.93 38.41
C LEU PA 12 -125.26 -24.52 38.96
N LYS PA 13 -124.14 -24.02 39.47
CA LYS PA 13 -124.07 -22.68 40.03
C LYS PA 13 -123.00 -21.91 39.26
N VAL PA 14 -123.43 -21.09 38.30
CA VAL PA 14 -122.48 -20.41 37.43
C VAL PA 14 -122.43 -18.91 37.68
N GLY PA 15 -121.22 -18.35 37.59
CA GLY PA 15 -121.02 -16.91 37.73
C GLY PA 15 -120.33 -16.32 36.52
N VAL PA 16 -120.78 -15.14 36.10
CA VAL PA 16 -120.26 -14.51 34.90
C VAL PA 16 -119.74 -13.09 35.15
N VAL PA 17 -118.58 -12.79 34.59
CA VAL PA 17 -118.00 -11.45 34.69
C VAL PA 17 -117.86 -10.85 33.30
N VAL PA 18 -118.67 -9.83 33.01
CA VAL PA 18 -118.67 -9.21 31.68
C VAL PA 18 -118.13 -7.78 31.71
N GLY PA 19 -117.27 -7.47 30.73
CA GLY PA 19 -116.69 -6.15 30.62
C GLY PA 19 -117.61 -5.22 29.86
N ARG PA 20 -117.85 -4.04 30.41
CA ARG PA 20 -118.79 -3.09 29.81
C ARG PA 20 -118.26 -2.47 28.53
N PHE PA 21 -116.96 -2.24 28.46
CA PHE PA 21 -116.35 -1.64 27.28
C PHE PA 21 -116.66 -2.48 26.05
N ASN PA 22 -116.97 -1.81 24.94
CA ASN PA 22 -117.45 -2.49 23.73
C ASN PA 22 -118.74 -3.25 24.02
N GLU PA 23 -119.60 -2.65 24.84
CA GLU PA 23 -120.87 -3.24 25.22
C GLU PA 23 -121.65 -3.72 24.01
N PHE PA 24 -121.44 -3.06 22.88
CA PHE PA 24 -122.13 -3.42 21.64
C PHE PA 24 -121.90 -4.88 21.29
N ILE PA 25 -120.75 -5.41 21.68
CA ILE PA 25 -120.40 -6.81 21.40
C ILE PA 25 -120.61 -7.69 22.62
N THR PA 26 -120.05 -7.27 23.75
CA THR PA 26 -120.16 -8.03 24.99
C THR PA 26 -121.60 -8.28 25.36
N SER PA 27 -122.49 -7.41 24.92
CA SER PA 27 -123.92 -7.55 25.18
C SER PA 27 -124.41 -8.87 24.59
N LYS PA 28 -124.41 -8.96 23.27
CA LYS PA 28 -124.83 -10.19 22.60
C LYS PA 28 -123.97 -11.36 23.06
N LEU PA 29 -122.74 -11.05 23.46
CA LEU PA 29 -121.80 -12.07 23.89
C LEU PA 29 -122.23 -12.71 25.21
N LEU PA 30 -122.80 -11.90 26.10
CA LEU PA 30 -123.32 -12.39 27.36
C LEU PA 30 -124.61 -13.17 27.13
N GLY PA 31 -125.49 -12.62 26.30
CA GLY PA 31 -126.73 -13.28 25.96
C GLY PA 31 -126.50 -14.68 25.41
N GLY PA 32 -125.32 -14.90 24.85
CA GLY PA 32 -124.96 -16.21 24.34
C GLY PA 32 -124.76 -17.21 25.45
N ALA PA 33 -124.05 -16.80 26.49
CA ALA PA 33 -123.79 -17.67 27.63
C ALA PA 33 -125.03 -17.80 28.51
N LEU PA 34 -125.73 -16.69 28.69
CA LEU PA 34 -126.88 -16.64 29.58
C LEU PA 34 -128.09 -17.28 28.91
N ASP PA 35 -127.88 -17.85 27.73
CA ASP PA 35 -128.94 -18.55 27.00
C ASP PA 35 -128.49 -19.95 26.66
N GLY PA 36 -127.19 -20.18 26.74
CA GLY PA 36 -126.63 -21.50 26.57
C GLY PA 36 -126.71 -22.25 27.88
N LEU PA 37 -126.51 -21.51 28.97
CA LEU PA 37 -126.65 -22.08 30.30
C LEU PA 37 -128.11 -22.45 30.55
N LYS PA 38 -129.00 -21.49 30.35
CA LYS PA 38 -130.43 -21.71 30.57
C LYS PA 38 -130.93 -22.95 29.84
N ARG PA 39 -130.64 -23.02 28.54
CA ARG PA 39 -131.17 -24.10 27.71
C ARG PA 39 -130.42 -25.43 27.90
N HIS PA 40 -129.34 -25.38 28.64
CA HIS PA 40 -128.61 -26.58 28.98
C HIS PA 40 -129.08 -27.10 30.33
N GLY PA 41 -130.15 -26.54 30.86
CA GLY PA 41 -130.65 -27.07 32.09
C GLY PA 41 -130.13 -26.34 33.33
N VAL PA 42 -129.32 -25.30 33.12
CA VAL PA 42 -128.88 -24.53 34.26
C VAL PA 42 -129.92 -23.47 34.49
N GLU PA 43 -130.29 -23.32 35.72
CA GLU PA 43 -131.27 -22.36 36.22
C GLU PA 43 -131.04 -20.93 35.78
N GLU PA 44 -132.12 -20.32 35.29
CA GLU PA 44 -132.14 -18.92 34.88
C GLU PA 44 -132.03 -18.04 36.12
N ASN PA 45 -132.31 -18.63 37.27
CA ASN PA 45 -132.27 -17.90 38.51
C ASN PA 45 -131.00 -18.24 39.31
N ASP PA 46 -130.11 -19.05 38.76
CA ASP PA 46 -128.91 -19.45 39.48
C ASP PA 46 -127.66 -18.95 38.76
N ILE PA 47 -127.78 -17.80 38.11
CA ILE PA 47 -126.67 -17.20 37.39
C ILE PA 47 -126.46 -15.75 37.81
N ASP PA 48 -125.24 -15.43 38.22
CA ASP PA 48 -124.89 -14.07 38.60
C ASP PA 48 -123.97 -13.43 37.57
N VAL PA 49 -124.24 -12.16 37.25
CA VAL PA 49 -123.42 -11.42 36.29
C VAL PA 49 -122.75 -10.22 36.96
N ALA PA 50 -121.45 -10.08 36.71
CA ALA PA 50 -120.68 -8.98 37.29
C ALA PA 50 -120.10 -8.08 36.20
N TRP PA 51 -120.65 -6.87 36.10
CA TRP PA 51 -120.19 -5.90 35.12
C TRP PA 51 -118.97 -5.12 35.60
N VAL PA 52 -117.87 -5.28 34.91
CA VAL PA 52 -116.65 -4.54 35.22
C VAL PA 52 -116.42 -3.46 34.15
N PRO PA 53 -115.61 -2.42 34.50
CA PRO PA 53 -115.40 -1.35 33.51
C PRO PA 53 -115.11 -1.97 32.11
N GLY PA 54 -114.02 -2.75 32.04
CA GLY PA 54 -113.52 -3.46 30.85
C GLY PA 54 -112.68 -4.70 31.24
N ALA PA 55 -112.17 -5.38 30.22
CA ALA PA 55 -111.38 -6.59 30.39
C ALA PA 55 -110.28 -6.46 31.44
N PHE PA 56 -109.47 -5.40 31.41
CA PHE PA 56 -108.39 -5.36 32.39
C PHE PA 56 -108.88 -5.58 33.83
N GLU PA 57 -110.11 -5.24 34.15
CA GLU PA 57 -110.58 -5.41 35.51
C GLU PA 57 -111.18 -6.77 35.77
N ILE PA 58 -111.34 -7.58 34.72
CA ILE PA 58 -111.99 -8.95 34.78
C ILE PA 58 -111.26 -10.06 35.60
N PRO PA 59 -109.96 -9.93 35.68
CA PRO PA 59 -109.21 -10.83 36.57
C PRO PA 59 -109.50 -10.60 38.05
N LEU PA 60 -109.58 -9.34 38.47
CA LEU PA 60 -109.80 -9.02 39.87
C LEU PA 60 -111.16 -9.48 40.37
N ILE PA 61 -112.22 -9.04 39.68
CA ILE PA 61 -113.58 -9.38 40.08
C ILE PA 61 -113.92 -10.85 39.85
N ALA PA 62 -113.30 -11.44 38.83
CA ALA PA 62 -113.47 -12.87 38.57
C ALA PA 62 -112.86 -13.69 39.70
N LYS PA 63 -111.85 -13.14 40.35
CA LYS PA 63 -111.20 -13.77 41.50
C LYS PA 63 -112.13 -13.78 42.70
N LYS PA 64 -112.75 -12.64 42.97
CA LYS PA 64 -113.61 -12.50 44.14
C LYS PA 64 -114.95 -13.22 43.97
N MET PA 65 -115.13 -13.86 42.83
CA MET PA 65 -116.32 -14.68 42.59
C MET PA 65 -115.97 -16.16 42.73
N ALA PA 66 -114.78 -16.52 42.30
CA ALA PA 66 -114.28 -17.89 42.50
C ALA PA 66 -113.93 -18.08 43.96
N ASN PA 67 -113.26 -17.09 44.54
CA ASN PA 67 -112.95 -17.10 45.97
C ASN PA 67 -114.22 -16.98 46.80
N SER PA 68 -115.27 -16.48 46.16
CA SER PA 68 -116.58 -16.38 46.81
C SER PA 68 -117.10 -17.77 47.18
N GLY PA 69 -116.57 -18.80 46.52
CA GLY PA 69 -116.96 -20.16 46.78
C GLY PA 69 -118.46 -20.36 46.67
N LYS PA 70 -119.06 -19.82 45.61
CA LYS PA 70 -120.49 -19.91 45.43
C LYS PA 70 -120.83 -20.47 44.06
N TYR PA 71 -119.82 -20.60 43.21
CA TYR PA 71 -120.03 -21.05 41.84
C TYR PA 71 -119.16 -22.25 41.49
N ASP PA 72 -119.71 -23.16 40.70
CA ASP PA 72 -118.97 -24.33 40.24
C ASP PA 72 -117.96 -23.92 39.17
N ALA PA 73 -118.29 -22.86 38.45
CA ALA PA 73 -117.42 -22.33 37.42
C ALA PA 73 -117.75 -20.86 37.15
N VAL PA 74 -116.75 -20.11 36.71
CA VAL PA 74 -116.95 -18.70 36.40
C VAL PA 74 -116.60 -18.43 34.94
N ILE PA 75 -117.51 -17.78 34.24
CA ILE PA 75 -117.31 -17.42 32.83
C ILE PA 75 -116.91 -15.96 32.71
N THR PA 76 -115.84 -15.69 31.95
CA THR PA 76 -115.37 -14.33 31.73
C THR PA 76 -115.66 -13.86 30.31
N LEU PA 77 -116.56 -12.88 30.18
CA LEU PA 77 -116.93 -12.35 28.89
C LEU PA 77 -116.41 -10.92 28.70
N GLY PA 78 -115.94 -10.62 27.50
CA GLY PA 78 -115.44 -9.29 27.19
C GLY PA 78 -115.05 -9.17 25.73
N THR PA 79 -114.71 -7.95 25.31
CA THR PA 79 -114.26 -7.74 23.94
C THR PA 79 -113.20 -6.65 23.86
N VAL PA 80 -112.10 -6.95 23.17
CA VAL PA 80 -111.02 -6.00 22.98
C VAL PA 80 -110.65 -5.95 21.51
N ILE PA 81 -110.60 -4.75 20.95
CA ILE PA 81 -110.30 -4.59 19.52
C ILE PA 81 -109.09 -3.70 19.28
N ARG PA 82 -108.28 -4.08 18.31
CA ARG PA 82 -107.07 -3.33 17.93
C ARG PA 82 -107.29 -1.83 17.85
N GLY PA 83 -106.32 -1.09 18.33
CA GLY PA 83 -106.33 0.36 18.22
C GLY PA 83 -105.19 0.81 17.35
N ALA PA 84 -104.68 2.01 17.62
CA ALA PA 84 -103.51 2.52 16.89
C ALA PA 84 -102.25 2.27 17.70
N THR PA 85 -102.41 1.99 18.99
CA THR PA 85 -101.28 1.78 19.88
C THR PA 85 -101.20 0.34 20.35
N THR PA 86 -100.06 -0.01 20.95
CA THR PA 86 -99.84 -1.36 21.47
C THR PA 86 -100.59 -1.57 22.78
N HIS PA 87 -101.40 -0.58 23.15
CA HIS PA 87 -102.21 -0.67 24.36
C HIS PA 87 -103.07 -1.92 24.32
N TYR PA 88 -103.53 -2.26 23.12
CA TYR PA 88 -104.39 -3.42 22.91
C TYR PA 88 -103.71 -4.72 23.34
N ASP PA 89 -102.40 -4.80 23.15
CA ASP PA 89 -101.64 -6.01 23.42
C ASP PA 89 -101.55 -6.30 24.93
N TYR PA 90 -101.18 -5.30 25.69
CA TYR PA 90 -100.99 -5.45 27.13
C TYR PA 90 -102.31 -5.76 27.83
N VAL PA 91 -103.40 -5.24 27.28
CA VAL PA 91 -104.73 -5.54 27.80
C VAL PA 91 -105.07 -7.00 27.58
N CYS PA 92 -105.12 -7.39 26.31
CA CYS PA 92 -105.42 -8.77 25.94
C CYS PA 92 -104.56 -9.74 26.74
N ASN PA 93 -103.26 -9.48 26.76
CA ASN PA 93 -102.33 -10.34 27.49
C ASN PA 93 -102.75 -10.53 28.94
N GLU PA 94 -102.85 -9.44 29.67
CA GLU PA 94 -103.12 -9.49 31.11
C GLU PA 94 -104.49 -10.10 31.43
N VAL PA 95 -105.46 -9.89 30.54
CA VAL PA 95 -106.77 -10.53 30.70
C VAL PA 95 -106.63 -12.04 30.55
N ALA PA 96 -106.10 -12.46 29.41
CA ALA PA 96 -105.82 -13.88 29.17
C ALA PA 96 -104.57 -14.33 29.90
N LYS PA 97 -104.32 -13.72 31.07
CA LYS PA 97 -103.17 -14.07 31.88
C LYS PA 97 -103.55 -14.22 33.35
N GLY PA 98 -104.33 -13.26 33.84
CA GLY PA 98 -105.03 -13.42 35.11
C GLY PA 98 -106.14 -14.45 35.02
N VAL PA 99 -107.14 -14.17 34.20
CA VAL PA 99 -108.18 -15.15 33.91
C VAL PA 99 -107.60 -16.51 33.58
N ALA PA 100 -106.35 -16.51 33.10
CA ALA PA 100 -105.97 -17.34 31.97
C ALA PA 100 -105.45 -18.71 32.42
N SER PA 101 -104.36 -18.68 33.20
CA SER PA 101 -104.00 -19.81 34.04
C SER PA 101 -103.66 -19.37 35.46
N LEU PA 102 -103.40 -18.08 35.62
CA LEU PA 102 -103.32 -17.46 36.94
C LEU PA 102 -104.36 -18.06 37.89
N SER PA 103 -105.59 -18.17 37.42
CA SER PA 103 -106.70 -18.62 38.25
C SER PA 103 -106.75 -20.11 38.35
N LEU PA 104 -105.60 -20.72 38.69
CA LEU PA 104 -105.53 -22.14 38.95
C LEU PA 104 -105.48 -22.24 40.43
N GLN PA 105 -105.08 -21.15 41.04
CA GLN PA 105 -104.91 -21.12 42.46
C GLN PA 105 -106.16 -21.56 43.22
N THR PA 106 -107.34 -21.21 42.71
CA THR PA 106 -108.65 -21.47 43.36
C THR PA 106 -109.16 -22.89 43.18
N ASP PA 107 -108.79 -23.41 42.06
CA ASP PA 107 -109.22 -24.68 41.67
C ASP PA 107 -110.73 -24.62 41.41
N ILE PA 108 -111.20 -23.49 40.89
CA ILE PA 108 -112.58 -23.38 40.47
C ILE PA 108 -112.46 -23.15 38.98
N PRO PA 109 -113.28 -23.84 38.17
CA PRO PA 109 -113.11 -23.64 36.72
C PRO PA 109 -113.28 -22.22 36.24
N VAL PA 110 -112.28 -21.61 35.55
CA VAL PA 110 -112.54 -20.27 35.05
C VAL PA 110 -112.35 -20.28 33.54
N ILE PA 111 -113.47 -20.15 32.84
CA ILE PA 111 -113.47 -20.18 31.38
C ILE PA 111 -113.13 -18.81 30.80
N PHE PA 112 -112.10 -18.77 29.95
CA PHE PA 112 -111.71 -17.53 29.29
C PHE PA 112 -112.50 -17.32 28.01
N GLY PA 113 -113.49 -16.42 28.08
CA GLY PA 113 -114.32 -16.12 26.93
C GLY PA 113 -114.26 -14.65 26.56
N VAL PA 114 -113.04 -14.13 26.42
CA VAL PA 114 -112.85 -12.74 26.06
C VAL PA 114 -112.39 -12.62 24.61
N LEU PA 115 -113.23 -11.99 23.79
CA LEU PA 115 -112.91 -11.78 22.39
C LEU PA 115 -111.73 -10.83 22.24
N THR PA 116 -110.74 -11.27 21.47
CA THR PA 116 -109.57 -10.46 21.20
C THR PA 116 -109.33 -10.43 19.69
N THR PA 117 -109.86 -9.40 19.03
CA THR PA 117 -109.90 -9.38 17.56
C THR PA 117 -109.15 -8.21 16.96
N GLU PA 118 -109.31 -8.05 15.64
CA GLU PA 118 -108.65 -6.99 14.89
C GLU PA 118 -109.66 -5.99 14.35
N THR PA 119 -110.82 -6.50 13.97
CA THR PA 119 -111.86 -5.68 13.35
C THR PA 119 -113.12 -5.67 14.20
N ILE PA 120 -113.85 -4.56 14.13
CA ILE PA 120 -115.18 -4.51 14.72
C ILE PA 120 -116.04 -5.55 14.00
N GLU PA 121 -115.70 -5.83 12.75
CA GLU PA 121 -116.42 -6.80 11.95
C GLU PA 121 -116.04 -8.23 12.35
N GLN PA 122 -114.85 -8.41 12.89
CA GLN PA 122 -114.42 -9.72 13.34
C GLN PA 122 -115.06 -10.09 14.67
N ALA PA 123 -115.06 -9.14 15.59
CA ALA PA 123 -115.72 -9.33 16.87
C ALA PA 123 -117.21 -9.61 16.64
N ILE PA 124 -117.78 -8.94 15.66
CA ILE PA 124 -119.19 -9.11 15.35
C ILE PA 124 -119.46 -10.47 14.69
N GLU PA 125 -118.39 -11.12 14.25
CA GLU PA 125 -118.49 -12.45 13.65
C GLU PA 125 -118.64 -13.50 14.74
N ARG PA 126 -117.96 -13.30 15.86
CA ARG PA 126 -118.01 -14.25 16.97
C ARG PA 126 -119.05 -13.87 18.00
N ALA PA 127 -119.71 -12.73 17.79
CA ALA PA 127 -120.72 -12.26 18.74
C ALA PA 127 -122.12 -12.81 18.43
N GLY PA 128 -122.14 -13.88 17.65
CA GLY PA 128 -123.39 -14.44 17.30
C GLY PA 128 -123.60 -14.27 15.80
N THR PA 129 -122.58 -14.54 14.98
CA THR PA 129 -122.76 -14.48 13.53
C THR PA 129 -122.00 -15.62 12.92
N LYS PA 130 -121.41 -15.39 11.77
CA LYS PA 130 -120.69 -16.44 11.04
C LYS PA 130 -119.94 -17.49 11.92
N ALA PA 131 -119.07 -17.06 12.82
CA ALA PA 131 -118.34 -18.05 13.59
C ALA PA 131 -119.16 -18.59 14.77
N GLY PA 132 -120.37 -18.05 15.02
CA GLY PA 132 -121.22 -18.48 16.14
C GLY PA 132 -121.05 -17.55 17.36
N ASN PA 133 -121.76 -17.78 18.45
CA ASN PA 133 -121.61 -16.96 19.64
C ASN PA 133 -120.62 -17.56 20.63
N LYS PA 134 -119.48 -16.90 20.80
CA LYS PA 134 -118.41 -17.41 21.66
C LYS PA 134 -118.77 -17.35 23.13
N GLY PA 135 -119.89 -16.71 23.44
CA GLY PA 135 -120.41 -16.70 24.80
C GLY PA 135 -121.13 -18.00 25.09
N TYR PA 136 -121.91 -18.45 24.12
CA TYR PA 136 -122.61 -19.73 24.22
C TYR PA 136 -121.59 -20.85 24.37
N GLU PA 137 -120.54 -20.81 23.56
CA GLU PA 137 -119.52 -21.85 23.58
C GLU PA 137 -118.73 -21.84 24.88
N SER PA 138 -118.57 -20.66 25.47
CA SER PA 138 -117.81 -20.52 26.70
C SER PA 138 -118.65 -20.95 27.91
N ALA PA 139 -119.95 -21.11 27.70
CA ALA PA 139 -120.85 -21.60 28.74
C ALA PA 139 -120.87 -23.12 28.72
N VAL PA 140 -120.89 -23.69 27.51
CA VAL PA 140 -120.81 -25.12 27.33
C VAL PA 140 -119.52 -25.65 27.93
N ALA PA 141 -118.46 -24.86 27.81
CA ALA PA 141 -117.16 -25.21 28.39
C ALA PA 141 -117.21 -25.14 29.91
N ALA PA 142 -118.01 -24.21 30.43
CA ALA PA 142 -118.14 -24.04 31.88
C ALA PA 142 -118.84 -25.24 32.51
N ILE PA 143 -119.95 -25.65 31.90
CA ILE PA 143 -120.70 -26.81 32.38
C ILE PA 143 -119.81 -28.05 32.38
N GLU PA 144 -119.09 -28.25 31.27
CA GLU PA 144 -118.21 -29.41 31.15
C GLU PA 144 -117.12 -29.38 32.20
N MET PA 145 -116.41 -28.26 32.31
CA MET PA 145 -115.35 -28.13 33.29
C MET PA 145 -115.88 -28.40 34.69
N ALA PA 146 -117.05 -27.84 35.00
CA ALA PA 146 -117.67 -28.04 36.30
C ALA PA 146 -117.83 -29.53 36.58
N HIS PA 147 -118.37 -30.25 35.61
CA HIS PA 147 -118.59 -31.69 35.74
C HIS PA 147 -117.29 -32.49 35.60
N LEU PA 148 -116.23 -31.98 36.20
CA LEU PA 148 -114.95 -32.68 36.25
C LEU PA 148 -114.44 -32.57 37.68
N SER PA 149 -114.61 -33.68 38.44
CA SER PA 149 -114.35 -33.72 39.88
C SER PA 149 -113.35 -34.74 40.47
N LYS PA 150 -112.20 -34.15 40.67
CA LYS PA 150 -111.08 -34.65 41.35
C LYS PA 150 -110.87 -33.39 42.26
N HIS PA 151 -110.44 -33.58 43.50
CA HIS PA 151 -110.21 -32.45 44.40
C HIS PA 151 -108.91 -32.64 45.08
N TRP PA 152 -108.19 -31.57 45.21
CA TRP PA 152 -106.92 -31.73 45.86
C TRP PA 152 -107.07 -31.63 47.36
N ALA PA 153 -106.42 -32.58 48.04
CA ALA PA 153 -106.47 -32.64 49.49
C ALA PA 153 -105.46 -33.67 50.01
N VAL QA 2 -73.03 -38.66 35.83
CA VAL QA 2 -73.84 -38.73 34.61
C VAL QA 2 -75.21 -39.36 34.89
N PHE QA 3 -76.26 -38.73 34.38
CA PHE QA 3 -77.63 -39.14 34.71
C PHE QA 3 -78.57 -39.20 33.50
N GLU QA 4 -78.44 -40.24 32.68
CA GLU QA 4 -79.33 -40.43 31.55
C GLU QA 4 -80.70 -40.94 32.03
N GLY QA 5 -81.70 -40.88 31.15
CA GLY QA 5 -83.04 -41.31 31.48
C GLY QA 5 -83.46 -42.58 30.77
N HIS QA 6 -83.94 -43.55 31.55
CA HIS QA 6 -84.39 -44.83 31.01
C HIS QA 6 -85.48 -44.63 29.96
N LEU QA 7 -85.70 -45.63 29.12
CA LEU QA 7 -86.71 -45.50 28.07
C LEU QA 7 -87.73 -46.65 28.05
N VAL QA 8 -87.44 -47.70 28.81
CA VAL QA 8 -88.40 -48.80 28.95
C VAL QA 8 -89.27 -48.56 30.17
N GLY QA 9 -90.54 -48.24 29.94
CA GLY QA 9 -91.44 -47.90 31.03
C GLY QA 9 -92.44 -49.00 31.34
N THR QA 10 -91.94 -50.16 31.73
CA THR QA 10 -92.80 -51.28 32.07
C THR QA 10 -93.75 -50.93 33.21
N GLY QA 11 -93.19 -50.64 34.38
CA GLY QA 11 -94.00 -50.34 35.55
C GLY QA 11 -94.29 -48.87 35.75
N LEU QA 12 -94.99 -48.26 34.80
CA LEU QA 12 -95.28 -46.84 34.87
C LEU QA 12 -96.78 -46.55 34.85
N LYS QA 13 -97.18 -45.50 35.57
CA LYS QA 13 -98.54 -44.99 35.49
C LYS QA 13 -98.51 -43.63 34.82
N VAL QA 14 -99.18 -43.50 33.68
CA VAL QA 14 -99.18 -42.24 32.96
C VAL QA 14 -100.59 -41.64 32.91
N GLY QA 15 -100.66 -40.33 32.86
CA GLY QA 15 -101.92 -39.63 32.75
C GLY QA 15 -101.90 -38.65 31.59
N VAL QA 16 -102.95 -38.66 30.78
CA VAL QA 16 -103.00 -37.81 29.59
C VAL QA 16 -104.18 -36.84 29.64
N VAL QA 17 -103.93 -35.60 29.23
CA VAL QA 17 -104.98 -34.59 29.15
C VAL QA 17 -105.07 -34.06 27.72
N VAL QA 18 -106.15 -34.42 27.02
CA VAL QA 18 -106.31 -34.05 25.63
C VAL QA 18 -107.41 -33.03 25.42
N GLY QA 19 -107.21 -32.11 24.48
CA GLY QA 19 -108.18 -31.08 24.17
C GLY QA 19 -109.14 -31.52 23.08
N ARG QA 20 -110.43 -31.29 23.31
CA ARG QA 20 -111.47 -31.71 22.39
C ARG QA 20 -111.46 -30.89 21.11
N PHE QA 21 -111.16 -29.59 21.25
CA PHE QA 21 -111.10 -28.72 20.09
C PHE QA 21 -110.03 -29.22 19.12
N ASN QA 22 -110.32 -29.12 17.82
CA ASN QA 22 -109.45 -29.70 16.80
C ASN QA 22 -109.31 -31.20 17.01
N GLU QA 23 -110.42 -31.82 17.40
CA GLU QA 23 -110.46 -33.26 17.67
C GLU QA 23 -109.94 -34.05 16.46
N PHE QA 24 -110.16 -33.52 15.27
CA PHE QA 24 -109.72 -34.15 14.04
C PHE QA 24 -108.21 -34.43 14.09
N ILE QA 25 -107.48 -33.56 14.78
CA ILE QA 25 -106.03 -33.71 14.91
C ILE QA 25 -105.65 -34.37 16.24
N THR QA 26 -106.18 -33.82 17.33
CA THR QA 26 -105.86 -34.32 18.66
C THR QA 26 -106.22 -35.80 18.82
N SER QA 27 -107.17 -36.26 18.01
CA SER QA 27 -107.54 -37.68 18.01
C SER QA 27 -106.33 -38.55 17.69
N LYS QA 28 -105.83 -38.42 16.46
CA LYS QA 28 -104.65 -39.18 16.03
C LYS QA 28 -103.45 -38.82 16.89
N LEU QA 29 -103.50 -37.65 17.53
CA LEU QA 29 -102.42 -37.18 18.38
C LEU QA 29 -102.39 -37.99 19.66
N LEU QA 30 -103.58 -38.35 20.13
CA LEU QA 30 -103.73 -39.22 21.30
C LEU QA 30 -103.30 -40.63 20.94
N GLY QA 31 -103.28 -40.93 19.65
CA GLY QA 31 -102.77 -42.19 19.16
C GLY QA 31 -101.30 -42.35 19.52
N GLY QA 32 -100.74 -41.31 20.11
CA GLY QA 32 -99.37 -41.35 20.62
C GLY QA 32 -99.33 -42.00 21.98
N ALA QA 33 -100.41 -41.85 22.73
CA ALA QA 33 -100.56 -42.55 24.00
C ALA QA 33 -100.49 -44.05 23.74
N LEU QA 34 -101.58 -44.60 23.20
CA LEU QA 34 -101.58 -45.98 22.76
C LEU QA 34 -100.61 -46.12 21.60
N ASP QA 35 -100.25 -47.36 21.25
CA ASP QA 35 -99.24 -47.61 20.23
C ASP QA 35 -98.00 -46.75 20.49
N GLY QA 36 -97.85 -46.30 21.73
CA GLY QA 36 -96.73 -45.45 22.11
C GLY QA 36 -96.23 -45.82 23.49
N LEU QA 37 -97.05 -45.58 24.50
CA LEU QA 37 -96.76 -46.02 25.85
C LEU QA 37 -96.89 -47.54 25.91
N LYS QA 38 -97.82 -48.07 25.12
CA LYS QA 38 -98.06 -49.51 25.06
C LYS QA 38 -96.77 -50.27 24.70
N ARG QA 39 -96.23 -49.96 23.52
CA ARG QA 39 -95.07 -50.69 23.02
C ARG QA 39 -93.80 -50.43 23.82
N HIS QA 40 -93.83 -49.43 24.69
CA HIS QA 40 -92.65 -49.14 25.52
C HIS QA 40 -92.73 -49.81 26.88
N GLY QA 41 -93.78 -50.60 27.10
CA GLY QA 41 -93.91 -51.37 28.32
C GLY QA 41 -95.12 -51.06 29.18
N VAL QA 42 -95.60 -49.82 29.12
CA VAL QA 42 -96.72 -49.39 29.95
C VAL QA 42 -97.95 -50.28 29.77
N GLU QA 43 -98.66 -50.57 30.87
CA GLU QA 43 -99.80 -51.47 30.85
C GLU QA 43 -101.06 -50.87 30.20
N GLU QA 44 -101.69 -51.66 29.28
CA GLU QA 44 -102.89 -51.32 28.52
C GLU QA 44 -103.96 -50.87 29.47
N ASN QA 45 -104.43 -49.66 29.16
CA ASN QA 45 -105.35 -48.86 29.95
C ASN QA 45 -104.99 -49.05 31.42
N ASP QA 46 -103.82 -48.44 31.73
CA ASP QA 46 -103.20 -48.27 33.05
C ASP QA 46 -102.78 -46.85 32.95
N ILE QA 47 -103.39 -46.29 31.95
CA ILE QA 47 -103.19 -44.93 31.57
C ILE QA 47 -104.56 -44.27 31.49
N ASP QA 48 -104.68 -43.10 32.10
CA ASP QA 48 -105.95 -42.38 32.09
C ASP QA 48 -105.93 -41.17 31.14
N VAL QA 49 -107.06 -40.95 30.47
CA VAL QA 49 -107.19 -39.85 29.53
C VAL QA 49 -108.26 -38.86 29.98
N ALA QA 50 -107.89 -37.59 30.04
CA ALA QA 50 -108.81 -36.54 30.46
C ALA QA 50 -109.13 -35.59 29.30
N TRP QA 51 -110.39 -35.56 28.90
CA TRP QA 51 -110.82 -34.69 27.81
C TRP QA 51 -111.28 -33.34 28.34
N VAL QA 52 -110.61 -32.29 27.89
CA VAL QA 52 -110.97 -30.93 28.26
C VAL QA 52 -111.39 -30.15 27.02
N PRO QA 53 -112.33 -29.21 27.20
CA PRO QA 53 -112.89 -28.40 26.10
C PRO QA 53 -111.82 -27.86 25.15
N GLY QA 54 -111.10 -26.83 25.58
CA GLY QA 54 -110.08 -26.23 24.75
C GLY QA 54 -108.69 -26.46 25.29
N ALA QA 55 -107.69 -26.20 24.46
CA ALA QA 55 -106.29 -26.33 24.87
C ALA QA 55 -106.04 -25.44 26.08
N PHE QA 56 -106.88 -24.42 26.23
CA PHE QA 56 -106.75 -23.45 27.31
C PHE QA 56 -107.10 -24.07 28.66
N GLU QA 57 -107.93 -25.11 28.65
CA GLU QA 57 -108.39 -25.73 29.87
C GLU QA 57 -107.46 -26.86 30.31
N ILE QA 58 -106.47 -27.15 29.47
CA ILE QA 58 -105.53 -28.24 29.77
C ILE QA 58 -104.77 -28.03 31.08
N PRO QA 59 -104.13 -26.85 31.25
CA PRO QA 59 -103.33 -26.60 32.45
C PRO QA 59 -104.07 -26.94 33.75
N LEU QA 60 -105.32 -26.52 33.87
CA LEU QA 60 -106.09 -26.76 35.09
C LEU QA 60 -106.23 -28.24 35.41
N ILE QA 61 -106.70 -29.02 34.44
CA ILE QA 61 -106.95 -30.44 34.63
C ILE QA 61 -105.66 -31.26 34.61
N ALA QA 62 -104.66 -30.78 33.89
CA ALA QA 62 -103.36 -31.42 33.92
C ALA QA 62 -102.81 -31.36 35.34
N LYS QA 63 -103.20 -30.32 36.06
CA LYS QA 63 -102.84 -30.18 37.46
C LYS QA 63 -103.59 -31.18 38.33
N LYS QA 64 -104.92 -31.08 38.35
CA LYS QA 64 -105.75 -31.93 39.21
C LYS QA 64 -105.66 -33.41 38.86
N MET QA 65 -104.62 -33.77 38.11
CA MET QA 65 -104.29 -35.17 37.87
C MET QA 65 -102.95 -35.49 38.51
N ALA QA 66 -101.92 -34.76 38.06
CA ALA QA 66 -100.58 -34.92 38.61
C ALA QA 66 -100.51 -34.34 40.03
N ASN QA 67 -101.48 -33.50 40.37
CA ASN QA 67 -101.48 -32.81 41.66
C ASN QA 67 -101.31 -33.77 42.81
N SER QA 68 -102.08 -34.84 42.80
CA SER QA 68 -101.93 -35.89 43.80
C SER QA 68 -101.55 -37.20 43.13
N GLY QA 69 -100.53 -37.87 43.67
CA GLY QA 69 -99.97 -39.07 43.10
C GLY QA 69 -100.96 -40.06 42.54
N LYS QA 70 -101.04 -40.12 41.21
CA LYS QA 70 -101.84 -41.12 40.53
C LYS QA 70 -100.98 -41.67 39.39
N TYR QA 71 -100.08 -40.82 38.92
CA TYR QA 71 -99.22 -41.16 37.77
C TYR QA 71 -97.79 -40.71 38.02
N ASP QA 72 -96.85 -41.35 37.32
CA ASP QA 72 -95.44 -41.00 37.43
C ASP QA 72 -95.11 -39.85 36.49
N ALA QA 73 -96.01 -39.59 35.55
CA ALA QA 73 -95.84 -38.49 34.60
C ALA QA 73 -97.14 -38.22 33.88
N VAL QA 74 -97.40 -36.95 33.58
CA VAL QA 74 -98.61 -36.54 32.88
C VAL QA 74 -98.31 -35.94 31.52
N ILE QA 75 -99.01 -36.40 30.50
CA ILE QA 75 -98.83 -35.91 29.14
C ILE QA 75 -99.99 -35.00 28.74
N THR QA 76 -99.67 -33.85 28.16
CA THR QA 76 -100.69 -32.92 27.68
C THR QA 76 -100.75 -32.91 26.15
N LEU QA 77 -101.90 -33.26 25.61
CA LEU QA 77 -102.11 -33.26 24.17
C LEU QA 77 -103.21 -32.28 23.76
N GLY QA 78 -103.03 -31.66 22.60
CA GLY QA 78 -104.00 -30.71 22.08
C GLY QA 78 -103.51 -30.09 20.79
N THR QA 79 -104.34 -29.28 20.15
CA THR QA 79 -103.95 -28.59 18.93
C THR QA 79 -104.53 -27.19 18.87
N VAL QA 80 -103.74 -26.26 18.36
CA VAL QA 80 -104.15 -24.88 18.20
C VAL QA 80 -103.69 -24.34 16.84
N ILE QA 81 -104.62 -23.82 16.06
CA ILE QA 81 -104.30 -23.34 14.72
C ILE QA 81 -104.63 -21.85 14.56
N ARG QA 82 -103.72 -21.14 13.88
CA ARG QA 82 -103.88 -19.70 13.63
C ARG QA 82 -105.25 -19.31 13.09
N GLY QA 83 -105.82 -18.26 13.67
CA GLY QA 83 -107.05 -17.69 13.17
C GLY QA 83 -106.81 -16.31 12.61
N ALA QA 84 -107.87 -15.53 12.47
CA ALA QA 84 -107.75 -14.16 11.97
C ALA QA 84 -107.35 -13.23 13.11
N THR QA 85 -107.70 -13.60 14.33
CA THR QA 85 -107.43 -12.79 15.50
C THR QA 85 -106.16 -13.25 16.21
N THR QA 86 -105.67 -12.41 17.13
CA THR QA 86 -104.49 -12.75 17.92
C THR QA 86 -104.86 -13.67 19.07
N HIS QA 87 -106.10 -14.13 19.07
CA HIS QA 87 -106.59 -15.07 20.07
C HIS QA 87 -105.70 -16.32 20.11
N TYR QA 88 -105.24 -16.74 18.93
CA TYR QA 88 -104.37 -17.91 18.81
C TYR QA 88 -103.14 -17.80 19.70
N ASP QA 89 -102.64 -16.58 19.87
CA ASP QA 89 -101.40 -16.37 20.61
C ASP QA 89 -101.60 -16.53 22.11
N TYR QA 90 -102.63 -15.88 22.65
CA TYR QA 90 -102.86 -15.89 24.09
C TYR QA 90 -103.20 -17.29 24.60
N VAL QA 91 -103.78 -18.11 23.71
CA VAL QA 91 -104.08 -19.49 24.05
C VAL QA 91 -102.81 -20.32 24.10
N CYS QA 92 -102.11 -20.40 22.96
CA CYS QA 92 -100.84 -21.12 22.88
C CYS QA 92 -99.92 -20.76 24.05
N ASN QA 93 -99.66 -19.46 24.21
CA ASN QA 93 -98.82 -18.99 25.28
C ASN QA 93 -99.18 -19.58 26.63
N GLU QA 94 -100.40 -19.34 27.07
CA GLU QA 94 -100.85 -19.74 28.40
C GLU QA 94 -100.87 -21.25 28.60
N VAL QA 95 -101.08 -21.98 27.52
CA VAL QA 95 -101.02 -23.45 27.58
C VAL QA 95 -99.60 -23.86 27.93
N ALA QA 96 -98.65 -23.42 27.10
CA ALA QA 96 -97.25 -23.71 27.34
C ALA QA 96 -96.81 -23.12 28.67
N LYS QA 97 -97.29 -21.92 28.95
CA LYS QA 97 -96.98 -21.23 30.19
C LYS QA 97 -97.45 -22.04 31.39
N GLY QA 98 -98.70 -22.52 31.31
CA GLY QA 98 -99.28 -23.31 32.38
C GLY QA 98 -98.58 -24.65 32.57
N VAL QA 99 -98.57 -25.46 31.50
CA VAL QA 99 -97.95 -26.78 31.56
C VAL QA 99 -96.49 -26.75 32.02
N ALA QA 100 -95.76 -25.70 31.63
CA ALA QA 100 -94.35 -25.56 32.02
C ALA QA 100 -94.22 -25.03 33.45
N SER QA 101 -94.72 -23.83 33.68
CA SER QA 101 -94.63 -23.19 34.98
C SER QA 101 -95.19 -24.08 36.08
N LEU QA 102 -96.34 -24.69 35.83
CA LEU QA 102 -96.95 -25.59 36.80
C LEU QA 102 -96.57 -27.05 36.55
N SER QA 103 -95.29 -27.27 36.27
CA SER QA 103 -94.70 -28.60 36.20
C SER QA 103 -93.49 -28.62 37.14
N LEU QA 104 -93.20 -27.45 37.71
CA LEU QA 104 -92.12 -27.30 38.66
C LEU QA 104 -92.70 -27.30 40.07
N GLN QA 105 -93.91 -26.76 40.20
CA GLN QA 105 -94.56 -26.69 41.51
C GLN QA 105 -94.92 -28.09 42.03
N THR QA 106 -95.33 -28.96 41.10
CA THR QA 106 -95.64 -30.34 41.43
C THR QA 106 -94.35 -31.11 41.53
N ASP QA 107 -93.49 -30.97 40.55
CA ASP QA 107 -92.27 -31.75 40.58
C ASP QA 107 -92.51 -33.07 39.92
N ILE QA 108 -93.74 -33.29 39.45
CA ILE QA 108 -94.05 -34.51 38.72
C ILE QA 108 -94.00 -34.16 37.26
N PRO QA 109 -93.24 -34.96 36.55
CA PRO QA 109 -93.01 -34.71 35.13
C PRO QA 109 -94.25 -34.37 34.29
N VAL QA 110 -94.36 -33.18 33.75
CA VAL QA 110 -95.49 -32.87 32.89
C VAL QA 110 -95.00 -32.49 31.49
N ILE QA 111 -95.12 -33.43 30.56
CA ILE QA 111 -94.64 -33.24 29.19
C ILE QA 111 -95.60 -32.37 28.38
N PHE QA 112 -95.06 -31.35 27.72
CA PHE QA 112 -95.86 -30.45 26.90
C PHE QA 112 -95.96 -30.95 25.46
N GLY QA 113 -97.13 -31.43 25.08
CA GLY QA 113 -97.34 -31.95 23.74
C GLY QA 113 -98.54 -31.30 23.06
N VAL QA 114 -98.52 -29.97 22.97
CA VAL QA 114 -99.61 -29.24 22.31
C VAL QA 114 -99.13 -28.64 20.99
N LEU QA 115 -99.75 -29.08 19.90
CA LEU QA 115 -99.40 -28.59 18.58
C LEU QA 115 -99.80 -27.14 18.41
N THR QA 116 -98.87 -26.33 17.91
CA THR QA 116 -99.13 -24.93 17.68
C THR QA 116 -98.73 -24.58 16.25
N THR QA 117 -99.69 -24.71 15.33
CA THR QA 117 -99.40 -24.58 13.91
C THR QA 117 -100.07 -23.40 13.23
N GLU QA 118 -99.72 -23.18 11.98
CA GLU QA 118 -100.31 -22.11 11.17
C GLU QA 118 -101.35 -22.67 10.22
N THR QA 119 -101.11 -23.88 9.74
CA THR QA 119 -101.99 -24.54 8.78
C THR QA 119 -102.61 -25.80 9.37
N ILE QA 120 -103.80 -26.14 8.89
CA ILE QA 120 -104.40 -27.43 9.20
C ILE QA 120 -103.50 -28.51 8.61
N GLU QA 121 -102.79 -28.16 7.55
CA GLU QA 121 -101.89 -29.08 6.89
C GLU QA 121 -100.62 -29.31 7.71
N GLN QA 122 -100.30 -28.35 8.57
CA GLN QA 122 -99.14 -28.46 9.43
C GLN QA 122 -99.45 -29.31 10.66
N ALA QA 123 -100.71 -29.28 11.09
CA ALA QA 123 -101.17 -30.12 12.18
C ALA QA 123 -101.14 -31.58 11.74
N ILE QA 124 -101.70 -31.83 10.56
CA ILE QA 124 -101.66 -33.16 9.98
C ILE QA 124 -100.22 -33.58 9.74
N GLU QA 125 -99.39 -32.60 9.38
CA GLU QA 125 -97.99 -32.83 9.13
C GLU QA 125 -97.31 -33.43 10.37
N ARG QA 126 -97.79 -33.04 11.53
CA ARG QA 126 -97.20 -33.45 12.80
C ARG QA 126 -98.10 -34.35 13.65
N ALA QA 127 -99.13 -34.93 13.02
CA ALA QA 127 -100.05 -35.81 13.74
C ALA QA 127 -99.97 -37.23 13.18
N GLY QA 128 -98.84 -37.63 12.70
CA GLY QA 128 -98.82 -38.93 12.11
C GLY QA 128 -98.42 -38.69 10.68
N THR QA 129 -98.06 -37.47 10.30
CA THR QA 129 -97.56 -37.40 8.92
C THR QA 129 -96.04 -37.17 8.94
N LYS QA 130 -95.51 -36.79 7.76
CA LYS QA 130 -94.08 -36.49 7.41
C LYS QA 130 -93.16 -36.27 8.60
N ALA QA 131 -93.62 -35.53 9.60
CA ALA QA 131 -92.75 -35.28 10.76
C ALA QA 131 -92.92 -36.34 11.84
N GLY QA 132 -93.87 -37.27 11.62
CA GLY QA 132 -94.22 -38.30 12.59
C GLY QA 132 -95.37 -37.83 13.48
N ASN QA 133 -95.58 -38.56 14.58
CA ASN QA 133 -96.67 -38.22 15.51
C ASN QA 133 -96.13 -37.61 16.80
N LYS QA 134 -96.36 -36.32 16.98
CA LYS QA 134 -95.82 -35.60 18.14
C LYS QA 134 -96.51 -36.01 19.44
N GLY QA 135 -97.40 -36.99 19.35
CA GLY QA 135 -98.02 -37.56 20.53
C GLY QA 135 -97.22 -38.77 20.99
N TYR QA 136 -96.81 -39.59 20.04
CA TYR QA 136 -95.97 -40.73 20.33
C TYR QA 136 -94.61 -40.27 20.84
N GLU QA 137 -94.19 -39.09 20.43
CA GLU QA 137 -92.88 -38.55 20.81
C GLU QA 137 -92.93 -37.99 22.22
N SER QA 138 -94.08 -37.41 22.58
CA SER QA 138 -94.25 -36.83 23.90
C SER QA 138 -94.48 -37.92 24.94
N ALA QA 139 -94.75 -39.13 24.45
CA ALA QA 139 -94.90 -40.29 25.33
C ALA QA 139 -93.53 -40.83 25.71
N VAL QA 140 -92.66 -40.96 24.71
CA VAL QA 140 -91.28 -41.35 24.95
C VAL QA 140 -90.64 -40.41 25.96
N ALA QA 141 -90.89 -39.12 25.78
CA ALA QA 141 -90.36 -38.10 26.70
C ALA QA 141 -90.91 -38.32 28.11
N ALA QA 142 -92.19 -38.65 28.19
CA ALA QA 142 -92.83 -38.86 29.49
C ALA QA 142 -92.19 -40.01 30.25
N ILE QA 143 -91.91 -41.11 29.56
CA ILE QA 143 -91.28 -42.26 30.18
C ILE QA 143 -89.88 -41.92 30.66
N GLU QA 144 -89.11 -41.27 29.79
CA GLU QA 144 -87.74 -40.90 30.12
C GLU QA 144 -87.68 -39.96 31.32
N MET QA 145 -88.57 -38.97 31.33
CA MET QA 145 -88.62 -38.01 32.43
C MET QA 145 -89.05 -38.68 33.73
N ALA QA 146 -89.97 -39.64 33.62
CA ALA QA 146 -90.41 -40.39 34.78
C ALA QA 146 -89.23 -41.11 35.42
N HIS QA 147 -88.43 -41.77 34.58
CA HIS QA 147 -87.26 -42.51 35.03
C HIS QA 147 -86.10 -41.59 35.46
N LEU QA 148 -86.34 -40.29 35.46
CA LEU QA 148 -85.31 -39.36 35.90
C LEU QA 148 -85.61 -38.76 37.26
N SER QA 149 -86.78 -39.07 37.82
CA SER QA 149 -87.04 -38.80 39.22
C SER QA 149 -86.09 -39.70 40.01
N LYS QA 150 -84.91 -39.17 40.27
CA LYS QA 150 -83.75 -39.98 40.61
C LYS QA 150 -82.92 -39.27 41.66
N HIS QA 151 -82.99 -37.95 41.64
CA HIS QA 151 -82.16 -37.11 42.50
C HIS QA 151 -80.68 -37.38 42.21
N TRP QA 152 -79.79 -36.88 43.05
CA TRP QA 152 -78.37 -36.83 42.66
C TRP QA 152 -77.38 -37.22 43.77
N ALA QA 153 -76.21 -37.70 43.35
CA ALA QA 153 -75.16 -38.12 44.28
C ALA QA 153 -73.78 -37.67 43.78
N VAL RA 2 -66.90 -2.70 45.97
CA VAL RA 2 -66.57 -3.51 44.79
C VAL RA 2 -66.72 -5.01 45.05
N PHE RA 3 -67.28 -5.73 44.07
CA PHE RA 3 -67.52 -7.16 44.21
C PHE RA 3 -67.31 -7.93 42.90
N GLU RA 4 -66.05 -8.11 42.51
CA GLU RA 4 -65.75 -8.87 41.29
C GLU RA 4 -65.74 -10.36 41.57
N GLY RA 5 -65.95 -11.17 40.54
CA GLY RA 5 -66.01 -12.61 40.68
C GLY RA 5 -64.75 -13.33 40.21
N HIS RA 6 -64.23 -14.21 41.06
CA HIS RA 6 -63.04 -14.99 40.74
C HIS RA 6 -63.29 -15.81 39.48
N LEU RA 7 -62.23 -16.33 38.87
CA LEU RA 7 -62.37 -17.11 37.65
C LEU RA 7 -61.61 -18.43 37.68
N VAL RA 8 -60.96 -18.73 38.80
CA VAL RA 8 -60.28 -20.01 38.97
C VAL RA 8 -61.08 -20.90 39.92
N GLY RA 9 -61.86 -21.82 39.38
CA GLY RA 9 -62.70 -22.67 40.18
C GLY RA 9 -62.15 -24.07 40.43
N THR RA 10 -61.09 -24.16 41.22
CA THR RA 10 -60.45 -25.44 41.49
C THR RA 10 -61.30 -26.31 42.42
N GLY RA 11 -61.95 -25.68 43.39
CA GLY RA 11 -62.72 -26.42 44.38
C GLY RA 11 -64.22 -26.40 44.14
N LEU RA 12 -64.63 -26.02 42.94
CA LEU RA 12 -66.05 -25.92 42.62
C LEU RA 12 -66.65 -27.28 42.27
N LYS RA 13 -67.97 -27.36 42.33
CA LYS RA 13 -68.70 -28.59 42.03
C LYS RA 13 -69.90 -28.30 41.13
N VAL RA 14 -69.66 -28.27 39.82
CA VAL RA 14 -70.69 -27.86 38.87
C VAL RA 14 -71.54 -29.04 38.37
N GLY RA 15 -72.74 -28.73 37.91
CA GLY RA 15 -73.62 -29.71 37.30
C GLY RA 15 -74.33 -29.15 36.09
N VAL RA 16 -74.42 -29.95 35.03
CA VAL RA 16 -75.03 -29.49 33.78
C VAL RA 16 -76.26 -30.30 33.39
N VAL RA 17 -77.22 -29.63 32.74
CA VAL RA 17 -78.40 -30.30 32.17
C VAL RA 17 -78.48 -30.03 30.68
N VAL RA 18 -78.02 -31.00 29.87
CA VAL RA 18 -78.03 -30.84 28.43
C VAL RA 18 -79.25 -31.49 27.78
N GLY RA 19 -79.62 -30.99 26.61
CA GLY RA 19 -80.78 -31.49 25.89
C GLY RA 19 -80.43 -32.36 24.70
N ARG RA 20 -81.13 -33.48 24.56
CA ARG RA 20 -80.85 -34.43 23.49
C ARG RA 20 -81.24 -33.92 22.12
N PHE RA 21 -82.43 -33.34 22.00
CA PHE RA 21 -82.88 -32.79 20.73
C PHE RA 21 -81.81 -31.87 20.18
N ASN RA 22 -81.49 -32.02 18.90
CA ASN RA 22 -80.38 -31.30 18.29
C ASN RA 22 -79.05 -31.68 18.93
N GLU RA 23 -78.88 -32.97 19.20
CA GLU RA 23 -77.66 -33.48 19.82
C GLU RA 23 -76.45 -33.11 18.97
N PHE RA 24 -76.66 -32.99 17.67
CA PHE RA 24 -75.60 -32.65 16.74
C PHE RA 24 -74.91 -31.36 17.19
N ILE RA 25 -75.67 -30.48 17.83
CA ILE RA 25 -75.14 -29.21 18.32
C ILE RA 25 -74.86 -29.24 19.81
N THR RA 26 -75.83 -29.72 20.58
CA THR RA 26 -75.69 -29.78 22.03
C THR RA 26 -74.48 -30.61 22.45
N SER RA 27 -74.14 -31.60 21.62
CA SER RA 27 -72.99 -32.45 21.88
C SER RA 27 -71.71 -31.62 22.02
N LYS RA 28 -71.34 -30.93 20.95
CA LYS RA 28 -70.16 -30.06 20.96
C LYS RA 28 -70.35 -28.94 21.97
N LEU RA 29 -71.60 -28.69 22.34
CA LEU RA 29 -71.93 -27.60 23.26
C LEU RA 29 -71.60 -28.01 24.69
N LEU RA 30 -71.71 -29.29 24.97
CA LEU RA 30 -71.34 -29.84 26.28
C LEU RA 30 -69.83 -29.99 26.38
N GLY RA 31 -69.20 -30.45 25.28
CA GLY RA 31 -67.76 -30.58 25.22
C GLY RA 31 -67.14 -29.19 25.41
N GLY RA 32 -67.97 -28.16 25.30
CA GLY RA 32 -67.55 -26.81 25.51
C GLY RA 32 -67.51 -26.52 27.00
N ALA RA 33 -68.60 -26.85 27.67
CA ALA RA 33 -68.67 -26.72 29.10
C ALA RA 33 -67.48 -27.40 29.76
N LEU RA 34 -67.32 -28.72 29.58
CA LEU RA 34 -66.27 -29.49 30.30
C LEU RA 34 -64.83 -29.30 29.95
N ASP RA 35 -64.54 -29.42 28.69
CA ASP RA 35 -63.12 -29.35 28.39
C ASP RA 35 -62.47 -28.00 28.85
N GLY RA 36 -63.35 -27.00 29.19
CA GLY RA 36 -62.99 -25.65 29.60
C GLY RA 36 -63.42 -25.35 31.02
N LEU RA 37 -64.31 -26.21 31.51
CA LEU RA 37 -64.74 -26.16 32.90
C LEU RA 37 -63.64 -26.87 33.66
N LYS RA 38 -63.08 -27.89 33.02
CA LYS RA 38 -61.97 -28.66 33.59
C LYS RA 38 -60.70 -27.83 33.61
N ARG RA 39 -60.37 -27.25 32.47
CA ARG RA 39 -59.12 -26.50 32.33
C ARG RA 39 -59.12 -25.22 33.13
N HIS RA 40 -60.24 -24.91 33.78
CA HIS RA 40 -60.32 -23.75 34.65
C HIS RA 40 -60.10 -24.12 36.12
N GLY RA 41 -59.81 -25.39 36.36
CA GLY RA 41 -59.51 -25.86 37.70
C GLY RA 41 -60.43 -26.95 38.22
N VAL RA 42 -61.71 -26.88 37.85
CA VAL RA 42 -62.71 -27.83 38.33
C VAL RA 42 -62.24 -29.27 38.15
N GLU RA 43 -62.45 -30.09 39.17
CA GLU RA 43 -62.13 -31.50 39.11
C GLU RA 43 -63.17 -32.20 38.25
N GLU RA 44 -62.73 -33.01 37.30
CA GLU RA 44 -63.64 -33.65 36.36
C GLU RA 44 -64.61 -34.62 37.03
N ASN RA 45 -64.35 -34.92 38.31
CA ASN RA 45 -65.23 -35.79 39.07
C ASN RA 45 -66.28 -35.01 39.84
N ASP RA 46 -66.12 -33.70 39.88
CA ASP RA 46 -67.10 -32.82 40.51
C ASP RA 46 -68.11 -32.30 39.48
N ILE RA 47 -68.21 -33.00 38.36
CA ILE RA 47 -69.11 -32.60 37.28
C ILE RA 47 -70.12 -33.68 36.93
N ASP RA 48 -71.39 -33.37 37.11
CA ASP RA 48 -72.47 -34.29 36.77
C ASP RA 48 -73.27 -33.78 35.57
N VAL RA 49 -73.73 -34.70 34.75
CA VAL RA 49 -74.51 -34.36 33.56
C VAL RA 49 -75.89 -35.00 33.61
N ALA RA 50 -76.91 -34.22 33.25
CA ALA RA 50 -78.28 -34.72 33.23
C ALA RA 50 -78.89 -34.55 31.85
N TRP RA 51 -79.02 -35.65 31.12
CA TRP RA 51 -79.60 -35.63 29.78
C TRP RA 51 -81.13 -35.62 29.83
N VAL RA 52 -81.71 -34.56 29.27
CA VAL RA 52 -83.17 -34.43 29.18
C VAL RA 52 -83.59 -34.50 27.72
N PRO RA 53 -84.83 -34.93 27.47
CA PRO RA 53 -85.35 -35.06 26.10
C PRO RA 53 -85.20 -33.77 25.31
N GLY RA 54 -86.07 -32.81 25.58
CA GLY RA 54 -86.03 -31.53 24.90
C GLY RA 54 -85.62 -30.39 25.81
N ALA RA 55 -85.31 -29.25 25.22
CA ALA RA 55 -84.92 -28.07 25.99
C ALA RA 55 -86.03 -27.65 26.94
N PHE RA 56 -87.26 -28.06 26.64
CA PHE RA 56 -88.42 -27.71 27.44
C PHE RA 56 -88.37 -28.37 28.81
N GLU RA 57 -87.73 -29.54 28.87
CA GLU RA 57 -87.69 -30.33 30.09
C GLU RA 57 -86.55 -29.92 31.01
N ILE RA 58 -85.75 -28.96 30.55
CA ILE RA 58 -84.60 -28.49 31.32
C ILE RA 58 -84.97 -27.89 32.66
N PRO RA 59 -85.92 -26.92 32.68
CA PRO RA 59 -86.29 -26.26 33.93
C PRO RA 59 -86.56 -27.22 35.09
N LEU RA 60 -87.26 -28.32 34.80
CA LEU RA 60 -87.62 -29.27 35.85
C LEU RA 60 -86.40 -29.95 36.46
N ILE RA 61 -85.53 -30.49 35.62
CA ILE RA 61 -84.36 -31.22 36.09
C ILE RA 61 -83.24 -30.28 36.53
N ALA RA 62 -83.17 -29.09 35.92
CA ALA RA 62 -82.22 -28.08 36.36
C ALA RA 62 -82.55 -27.68 37.79
N LYS RA 63 -83.84 -27.77 38.14
CA LYS RA 63 -84.27 -27.49 39.50
C LYS RA 63 -83.83 -28.58 40.46
N LYS RA 64 -84.32 -29.80 40.24
CA LYS RA 64 -83.94 -30.95 41.06
C LYS RA 64 -82.43 -30.97 41.33
N MET RA 65 -81.66 -30.55 40.34
CA MET RA 65 -80.20 -30.63 40.42
C MET RA 65 -79.60 -29.49 41.23
N ALA RA 66 -79.94 -28.26 40.85
CA ALA RA 66 -79.44 -27.09 41.55
C ALA RA 66 -80.05 -27.00 42.95
N ASN RA 67 -80.90 -27.96 43.29
CA ASN RA 67 -81.62 -27.94 44.55
C ASN RA 67 -81.12 -29.04 45.49
N SER RA 68 -80.44 -30.03 44.91
CA SER RA 68 -79.89 -31.12 45.69
C SER RA 68 -78.75 -30.65 46.58
N GLY RA 69 -78.19 -29.48 46.26
CA GLY RA 69 -77.11 -28.90 47.03
C GLY RA 69 -75.75 -29.47 46.68
N LYS RA 70 -75.75 -30.58 45.95
CA LYS RA 70 -74.51 -31.25 45.55
C LYS RA 70 -73.69 -30.33 44.66
N TYR RA 71 -74.35 -29.33 44.08
CA TYR RA 71 -73.73 -28.51 43.05
C TYR RA 71 -73.54 -27.05 43.48
N ASP RA 72 -72.37 -26.52 43.18
CA ASP RA 72 -72.02 -25.16 43.53
C ASP RA 72 -72.60 -24.19 42.51
N ALA RA 73 -72.94 -24.72 41.34
CA ALA RA 73 -73.59 -23.94 40.28
C ALA RA 73 -74.07 -24.91 39.20
N VAL RA 74 -75.05 -24.47 38.42
CA VAL RA 74 -75.62 -25.32 37.38
C VAL RA 74 -75.58 -24.68 36.00
N ILE RA 75 -75.18 -25.46 34.99
CA ILE RA 75 -75.10 -24.98 33.62
C ILE RA 75 -76.12 -25.68 32.74
N THR RA 76 -77.05 -24.92 32.18
CA THR RA 76 -78.08 -25.45 31.30
C THR RA 76 -77.65 -25.35 29.83
N LEU RA 77 -77.47 -26.50 29.19
CA LEU RA 77 -77.09 -26.53 27.78
C LEU RA 77 -78.23 -27.09 26.93
N GLY RA 78 -78.28 -26.68 25.66
CA GLY RA 78 -79.30 -27.15 24.75
C GLY RA 78 -79.36 -26.33 23.49
N THR RA 79 -80.14 -26.77 22.52
CA THR RA 79 -80.31 -26.05 21.26
C THR RA 79 -81.75 -26.10 20.78
N VAL RA 80 -82.24 -24.95 20.30
CA VAL RA 80 -83.58 -24.86 19.71
C VAL RA 80 -83.50 -24.08 18.41
N ILE RA 81 -84.02 -24.67 17.33
CA ILE RA 81 -83.96 -24.03 16.02
C ILE RA 81 -85.34 -23.80 15.43
N ARG RA 82 -85.50 -22.65 14.79
CA ARG RA 82 -86.77 -22.26 14.17
C ARG RA 82 -87.41 -23.34 13.29
N GLY RA 83 -88.68 -23.61 13.55
CA GLY RA 83 -89.45 -24.51 12.71
C GLY RA 83 -90.38 -23.71 11.84
N ALA RA 84 -91.40 -24.38 11.30
CA ALA RA 84 -92.39 -23.71 10.46
C ALA RA 84 -93.51 -23.13 11.32
N THR RA 85 -93.56 -23.56 12.58
CA THR RA 85 -94.62 -23.14 13.49
C THR RA 85 -94.08 -22.23 14.60
N THR RA 86 -95.00 -21.63 15.35
CA THR RA 86 -94.63 -20.77 16.47
C THR RA 86 -94.21 -21.60 17.67
N HIS RA 87 -94.15 -22.92 17.48
CA HIS RA 87 -93.73 -23.82 18.54
C HIS RA 87 -92.38 -23.40 19.10
N TYR RA 88 -91.46 -23.09 18.21
CA TYR RA 88 -90.11 -22.66 18.57
C TYR RA 88 -90.11 -21.56 19.62
N ASP RA 89 -91.12 -20.70 19.59
CA ASP RA 89 -91.18 -19.55 20.47
C ASP RA 89 -91.55 -19.93 21.90
N TYR RA 90 -92.59 -20.74 22.05
CA TYR RA 90 -93.08 -21.12 23.37
C TYR RA 90 -92.06 -21.99 24.10
N VAL RA 91 -91.22 -22.68 23.34
CA VAL RA 91 -90.16 -23.49 23.93
C VAL RA 91 -89.03 -22.60 24.43
N CYS RA 92 -88.43 -21.83 23.52
CA CYS RA 92 -87.36 -20.90 23.87
C CYS RA 92 -87.74 -20.07 25.09
N ASN RA 93 -88.92 -19.45 25.03
CA ASN RA 93 -89.42 -18.65 26.13
C ASN RA 93 -89.38 -19.41 27.45
N GLU RA 94 -90.16 -20.47 27.55
CA GLU RA 94 -90.32 -21.22 28.78
C GLU RA 94 -88.99 -21.77 29.32
N VAL RA 95 -88.05 -22.04 28.43
CA VAL RA 95 -86.71 -22.49 28.84
C VAL RA 95 -86.01 -21.36 29.59
N ALA RA 96 -85.82 -20.24 28.90
CA ALA RA 96 -85.21 -19.07 29.50
C ALA RA 96 -86.04 -18.59 30.69
N LYS RA 97 -87.34 -18.72 30.55
CA LYS RA 97 -88.28 -18.32 31.60
C LYS RA 97 -88.07 -19.15 32.85
N GLY RA 98 -87.89 -20.45 32.67
CA GLY RA 98 -87.66 -21.36 33.79
C GLY RA 98 -86.30 -21.14 34.42
N VAL RA 99 -85.25 -21.25 33.61
CA VAL RA 99 -83.88 -21.15 34.13
C VAL RA 99 -83.62 -19.85 34.89
N ALA RA 100 -84.19 -18.75 34.40
CA ALA RA 100 -83.98 -17.44 35.03
C ALA RA 100 -84.85 -17.30 36.27
N SER RA 101 -86.15 -17.38 36.11
CA SER RA 101 -87.10 -17.23 37.21
C SER RA 101 -86.84 -18.25 38.30
N LEU RA 102 -86.31 -19.41 37.92
CA LEU RA 102 -85.99 -20.47 38.87
C LEU RA 102 -84.49 -20.51 39.16
N SER RA 103 -83.90 -19.33 39.30
CA SER RA 103 -82.51 -19.18 39.69
C SER RA 103 -82.45 -18.19 40.85
N LEU RA 104 -83.60 -17.55 41.10
CA LEU RA 104 -83.73 -16.63 42.21
C LEU RA 104 -84.37 -17.36 43.37
N GLN RA 105 -85.21 -18.35 43.05
CA GLN RA 105 -85.91 -19.15 44.05
C GLN RA 105 -84.91 -20.08 44.77
N THR RA 106 -83.87 -20.53 44.10
CA THR RA 106 -82.94 -21.42 44.81
C THR RA 106 -81.69 -20.67 45.37
N ASP RA 107 -81.32 -19.56 44.70
CA ASP RA 107 -80.12 -18.76 45.04
C ASP RA 107 -78.85 -19.55 44.65
N ILE RA 108 -78.97 -20.65 43.91
CA ILE RA 108 -77.80 -21.40 43.38
C ILE RA 108 -77.59 -20.88 41.95
N PRO RA 109 -76.34 -20.55 41.56
CA PRO RA 109 -76.24 -19.97 40.22
C PRO RA 109 -76.75 -20.86 39.12
N VAL RA 110 -77.68 -20.45 38.24
CA VAL RA 110 -78.08 -21.34 37.15
C VAL RA 110 -77.87 -20.64 35.82
N ILE RA 111 -76.69 -20.83 35.24
CA ILE RA 111 -76.30 -20.18 33.99
C ILE RA 111 -77.15 -20.67 32.81
N PHE RA 112 -77.58 -19.72 31.98
CA PHE RA 112 -78.41 -20.04 30.83
C PHE RA 112 -77.57 -20.15 29.56
N GLY RA 113 -77.28 -21.38 29.15
CA GLY RA 113 -76.48 -21.62 27.98
C GLY RA 113 -77.23 -22.41 26.93
N VAL RA 114 -78.47 -22.01 26.67
CA VAL RA 114 -79.29 -22.65 25.64
C VAL RA 114 -79.28 -21.84 24.35
N LEU RA 115 -78.76 -22.44 23.28
CA LEU RA 115 -78.76 -21.79 21.98
C LEU RA 115 -80.18 -21.66 21.45
N THR RA 116 -80.49 -20.49 20.91
CA THR RA 116 -81.80 -20.23 20.35
C THR RA 116 -81.63 -19.52 19.02
N THR RA 117 -81.50 -20.31 17.95
CA THR RA 117 -81.12 -19.80 16.64
C THR RA 117 -82.19 -19.95 15.57
N GLU RA 118 -81.89 -19.44 14.38
CA GLU RA 118 -82.80 -19.47 13.25
C GLU RA 118 -82.38 -20.51 12.21
N THR RA 119 -81.08 -20.74 12.12
CA THR RA 119 -80.51 -21.66 11.15
C THR RA 119 -79.71 -22.75 11.84
N ILE RA 120 -79.59 -23.89 11.18
CA ILE RA 120 -78.68 -24.93 11.64
C ILE RA 120 -77.27 -24.36 11.63
N GLU RA 121 -77.01 -23.48 10.67
CA GLU RA 121 -75.70 -22.86 10.52
C GLU RA 121 -75.35 -21.97 11.71
N GLN RA 122 -76.32 -21.18 12.15
CA GLN RA 122 -76.11 -20.27 13.28
C GLN RA 122 -75.78 -21.02 14.55
N ALA RA 123 -76.39 -22.19 14.71
CA ALA RA 123 -76.10 -23.06 15.86
C ALA RA 123 -74.63 -23.49 15.83
N ILE RA 124 -74.17 -23.91 14.65
CA ILE RA 124 -72.79 -24.33 14.48
C ILE RA 124 -71.82 -23.18 14.76
N GLU RA 125 -72.18 -21.98 14.31
CA GLU RA 125 -71.37 -20.80 14.55
C GLU RA 125 -71.13 -20.62 16.04
N ARG RA 126 -72.15 -20.88 16.83
CA ARG RA 126 -72.11 -20.65 18.27
C ARG RA 126 -71.86 -21.93 19.06
N ALA RA 127 -71.38 -22.96 18.36
CA ALA RA 127 -71.07 -24.22 19.02
C ALA RA 127 -69.63 -24.63 18.79
N GLY RA 128 -68.74 -23.67 18.79
CA GLY RA 128 -67.37 -24.06 18.57
C GLY RA 128 -66.85 -23.55 17.28
N THR RA 129 -67.59 -22.69 16.58
CA THR RA 129 -67.04 -22.13 15.31
C THR RA 129 -66.81 -20.63 15.42
N LYS RA 130 -67.05 -19.92 14.32
CA LYS RA 130 -66.97 -18.48 14.19
C LYS RA 130 -67.18 -17.73 15.50
N ALA RA 131 -68.37 -17.79 16.10
CA ALA RA 131 -68.64 -17.01 17.32
C ALA RA 131 -67.95 -17.56 18.59
N GLY RA 132 -67.48 -18.82 18.57
CA GLY RA 132 -66.87 -19.45 19.73
C GLY RA 132 -67.79 -20.57 20.22
N ASN RA 133 -67.55 -21.10 21.43
CA ASN RA 133 -68.42 -22.16 21.95
C ASN RA 133 -69.24 -21.67 23.12
N LYS RA 134 -70.55 -21.57 22.91
CA LYS RA 134 -71.48 -21.09 23.92
C LYS RA 134 -71.38 -21.91 25.21
N GLY RA 135 -71.05 -23.18 25.07
CA GLY RA 135 -70.94 -24.08 26.21
C GLY RA 135 -69.75 -23.74 27.09
N TYR RA 136 -68.65 -23.35 26.44
CA TYR RA 136 -67.44 -22.95 27.15
C TYR RA 136 -67.66 -21.63 27.88
N GLU RA 137 -68.22 -20.66 27.18
CA GLU RA 137 -68.49 -19.34 27.74
C GLU RA 137 -69.50 -19.40 28.87
N SER RA 138 -70.38 -20.40 28.83
CA SER RA 138 -71.41 -20.55 29.85
C SER RA 138 -70.85 -21.25 31.09
N ALA RA 139 -69.73 -21.95 30.92
CA ALA RA 139 -69.06 -22.60 32.03
C ALA RA 139 -68.21 -21.59 32.79
N VAL RA 140 -67.47 -20.78 32.04
CA VAL RA 140 -66.63 -19.74 32.65
C VAL RA 140 -67.50 -18.77 33.46
N ALA RA 141 -68.76 -18.64 33.06
CA ALA RA 141 -69.70 -17.79 33.76
C ALA RA 141 -70.20 -18.48 35.03
N ALA RA 142 -70.38 -19.79 34.96
CA ALA RA 142 -70.83 -20.57 36.10
C ALA RA 142 -69.83 -20.47 37.23
N ILE RA 143 -68.55 -20.50 36.89
CA ILE RA 143 -67.48 -20.36 37.88
C ILE RA 143 -67.57 -19.00 38.56
N GLU RA 144 -67.51 -17.94 37.77
CA GLU RA 144 -67.54 -16.58 38.29
C GLU RA 144 -68.75 -16.37 39.20
N MET RA 145 -69.93 -16.76 38.71
CA MET RA 145 -71.15 -16.62 39.48
C MET RA 145 -71.05 -17.36 40.82
N ALA RA 146 -70.48 -18.55 40.79
CA ALA RA 146 -70.27 -19.32 42.00
C ALA RA 146 -69.41 -18.53 42.98
N HIS RA 147 -68.25 -18.10 42.50
CA HIS RA 147 -67.32 -17.35 43.33
C HIS RA 147 -67.88 -16.02 43.81
N LEU RA 148 -69.00 -15.59 43.23
CA LEU RA 148 -69.71 -14.43 43.75
C LEU RA 148 -70.58 -15.22 44.72
N SER RA 149 -70.08 -15.39 45.94
CA SER RA 149 -70.82 -15.66 47.15
C SER RA 149 -71.07 -14.99 48.49
N LYS RA 150 -70.44 -13.84 48.71
CA LYS RA 150 -70.66 -13.06 49.92
C LYS RA 150 -72.10 -12.63 50.23
N HIS RA 151 -72.85 -12.30 49.18
CA HIS RA 151 -74.22 -11.83 49.34
C HIS RA 151 -75.19 -12.94 49.71
N TRP RA 152 -75.66 -12.91 50.96
CA TRP RA 152 -76.77 -13.76 51.38
C TRP RA 152 -77.25 -13.36 52.79
N ALA RA 153 -78.45 -12.79 52.84
CA ALA RA 153 -79.05 -12.36 54.10
C ALA RA 153 -80.57 -12.50 54.07
N VAL SA 2 -98.75 15.42 46.39
CA VAL SA 2 -98.67 15.33 47.84
C VAL SA 2 -97.47 14.48 48.25
N PHE SA 3 -96.97 13.65 47.34
CA PHE SA 3 -95.88 12.73 47.65
C PHE SA 3 -94.77 12.75 46.60
N GLU SA 4 -93.98 13.82 46.57
CA GLU SA 4 -92.85 13.91 45.65
C GLU SA 4 -91.57 13.33 46.28
N GLY SA 5 -90.60 12.98 45.46
CA GLY SA 5 -89.38 12.37 45.97
C GLY SA 5 -88.18 13.30 45.94
N HIS SA 6 -87.56 13.46 47.11
CA HIS SA 6 -86.37 14.30 47.25
C HIS SA 6 -85.29 13.88 46.25
N LEU SA 7 -84.45 14.83 45.84
CA LEU SA 7 -83.43 14.52 44.83
C LEU SA 7 -82.00 14.70 45.36
N VAL SA 8 -81.87 15.15 46.60
CA VAL SA 8 -80.56 15.24 47.25
C VAL SA 8 -80.34 13.98 48.09
N GLY SA 9 -79.24 13.27 47.80
CA GLY SA 9 -78.97 12.02 48.49
C GLY SA 9 -77.65 12.03 49.23
N THR SA 10 -77.40 13.09 49.98
CA THR SA 10 -76.17 13.20 50.75
C THR SA 10 -75.99 12.04 51.71
N GLY SA 11 -77.08 11.61 52.32
CA GLY SA 11 -77.02 10.55 53.32
C GLY SA 11 -77.47 9.20 52.80
N LEU SA 12 -77.43 9.02 51.49
CA LEU SA 12 -77.87 7.76 50.90
C LEU SA 12 -76.74 6.73 50.87
N LYS SA 13 -77.07 5.52 50.42
CA LYS SA 13 -76.15 4.39 50.46
C LYS SA 13 -76.52 3.40 49.36
N VAL SA 14 -76.02 3.65 48.16
CA VAL SA 14 -76.44 2.89 46.97
C VAL SA 14 -75.49 1.75 46.62
N GLY SA 15 -76.01 0.77 45.87
CA GLY SA 15 -75.22 -0.34 45.38
C GLY SA 15 -75.67 -0.74 43.99
N VAL SA 16 -74.71 -0.92 43.08
CA VAL SA 16 -75.05 -1.22 41.69
C VAL SA 16 -74.50 -2.57 41.20
N VAL SA 17 -75.17 -3.14 40.20
CA VAL SA 17 -74.71 -4.36 39.57
C VAL SA 17 -74.60 -4.17 38.07
N VAL SA 18 -73.37 -4.14 37.56
CA VAL SA 18 -73.12 -3.92 36.14
C VAL SA 18 -72.69 -5.21 35.43
N GLY SA 19 -73.06 -5.33 34.18
CA GLY SA 19 -72.73 -6.50 33.39
C GLY SA 19 -71.44 -6.30 32.61
N ARG SA 20 -70.52 -7.24 32.73
CA ARG SA 20 -69.23 -7.15 32.07
C ARG SA 20 -69.37 -7.23 30.55
N PHE SA 21 -70.31 -8.05 30.08
CA PHE SA 21 -70.54 -8.18 28.64
C PHE SA 21 -70.89 -6.82 28.05
N ASN SA 22 -70.26 -6.49 26.94
CA ASN SA 22 -70.38 -5.16 26.34
C ASN SA 22 -69.75 -4.10 27.25
N GLU SA 23 -68.63 -4.47 27.87
CA GLU SA 23 -67.90 -3.57 28.75
C GLU SA 23 -67.69 -2.22 28.10
N PHE SA 24 -67.43 -2.24 26.79
CA PHE SA 24 -67.17 -1.02 26.03
C PHE SA 24 -68.26 0.03 26.27
N ILE SA 25 -69.47 -0.44 26.58
CA ILE SA 25 -70.60 0.46 26.82
C ILE SA 25 -70.91 0.58 28.30
N THR SA 26 -70.99 -0.56 28.99
CA THR SA 26 -71.33 -0.56 30.41
C THR SA 26 -70.33 0.23 31.26
N SER SA 27 -69.10 0.35 30.76
CA SER SA 27 -68.07 1.11 31.44
C SER SA 27 -68.49 2.57 31.61
N LYS SA 28 -68.61 3.28 30.49
CA LYS SA 28 -69.04 4.67 30.49
C LYS SA 28 -70.43 4.79 31.10
N LEU SA 29 -71.16 3.68 31.11
CA LEU SA 29 -72.51 3.66 31.64
C LEU SA 29 -72.47 3.69 33.17
N LEU SA 30 -71.47 3.04 33.73
CA LEU SA 30 -71.29 2.97 35.18
C LEU SA 30 -70.71 4.27 35.71
N GLY SA 31 -69.68 4.77 35.03
CA GLY SA 31 -69.03 6.02 35.41
C GLY SA 31 -70.01 7.15 35.49
N GLY SA 32 -71.05 7.10 34.66
CA GLY SA 32 -72.09 8.12 34.68
C GLY SA 32 -72.99 7.99 35.89
N ALA SA 33 -73.23 6.76 36.33
CA ALA SA 33 -74.07 6.48 37.48
C ALA SA 33 -73.34 6.86 38.76
N LEU SA 34 -72.06 6.51 38.83
CA LEU SA 34 -71.25 6.87 39.98
C LEU SA 34 -71.12 8.39 40.06
N ASP SA 35 -70.71 8.99 38.95
CA ASP SA 35 -70.58 10.44 38.87
C ASP SA 35 -71.87 11.13 39.32
N GLY SA 36 -73.01 10.54 38.96
CA GLY SA 36 -74.31 11.08 39.34
C GLY SA 36 -74.56 11.03 40.83
N LEU SA 37 -74.51 9.83 41.40
CA LEU SA 37 -74.68 9.65 42.83
C LEU SA 37 -73.68 10.50 43.60
N LYS SA 38 -72.43 10.46 43.16
CA LYS SA 38 -71.35 11.16 43.84
C LYS SA 38 -71.59 12.66 43.90
N ARG SA 39 -71.94 13.25 42.76
CA ARG SA 39 -72.16 14.69 42.68
C ARG SA 39 -73.56 15.10 43.13
N HIS SA 40 -74.36 14.14 43.57
CA HIS SA 40 -75.69 14.43 44.09
C HIS SA 40 -75.71 14.36 45.60
N GLY SA 41 -74.55 14.11 46.19
CA GLY SA 41 -74.44 14.06 47.65
C GLY SA 41 -73.92 12.73 48.17
N VAL SA 42 -74.39 11.63 47.57
CA VAL SA 42 -74.00 10.30 48.00
C VAL SA 42 -72.50 10.23 48.24
N GLU SA 43 -72.12 9.68 49.39
CA GLU SA 43 -70.70 9.57 49.72
C GLU SA 43 -70.02 8.61 48.76
N GLU SA 44 -68.81 8.97 48.34
CA GLU SA 44 -68.11 8.22 47.30
C GLU SA 44 -67.78 6.78 47.71
N ASN SA 45 -67.97 6.46 48.99
CA ASN SA 45 -67.68 5.11 49.48
C ASN SA 45 -68.91 4.37 49.98
N ASP SA 46 -70.04 5.09 50.06
CA ASP SA 46 -71.32 4.47 50.38
C ASP SA 46 -71.86 3.77 49.15
N ILE SA 47 -70.97 3.55 48.19
CA ILE SA 47 -71.36 3.02 46.89
C ILE SA 47 -70.59 1.75 46.55
N ASP SA 48 -71.33 0.67 46.25
CA ASP SA 48 -70.72 -0.61 45.91
C ASP SA 48 -71.07 -1.06 44.51
N VAL SA 49 -70.16 -1.78 43.86
CA VAL SA 49 -70.39 -2.27 42.52
C VAL SA 49 -70.11 -3.77 42.41
N ALA SA 50 -71.06 -4.50 41.82
CA ALA SA 50 -70.93 -5.93 41.64
C ALA SA 50 -70.91 -6.28 40.15
N TRP SA 51 -69.79 -6.80 39.67
CA TRP SA 51 -69.65 -7.16 38.26
C TRP SA 51 -70.14 -8.58 37.98
N VAL SA 52 -71.17 -8.69 37.16
CA VAL SA 52 -71.72 -9.98 36.75
C VAL SA 52 -71.29 -10.30 35.33
N PRO SA 53 -71.36 -11.59 34.99
CA PRO SA 53 -70.98 -12.02 33.64
C PRO SA 53 -71.67 -11.22 32.53
N GLY SA 54 -72.99 -11.02 32.66
CA GLY SA 54 -73.73 -10.28 31.67
C GLY SA 54 -75.13 -9.98 32.22
N ALA SA 55 -75.98 -9.31 31.42
CA ALA SA 55 -77.32 -8.95 31.89
C ALA SA 55 -78.10 -10.16 32.40
N PHE SA 56 -78.06 -11.29 31.76
CA PHE SA 56 -78.89 -12.36 32.31
C PHE SA 56 -78.61 -12.63 33.80
N GLU SA 57 -77.39 -12.43 34.23
CA GLU SA 57 -77.00 -12.71 35.60
C GLU SA 57 -77.39 -11.64 36.60
N ILE SA 58 -77.77 -10.45 36.11
CA ILE SA 58 -78.13 -9.22 36.94
C ILE SA 58 -79.33 -9.23 37.87
N PRO SA 59 -80.27 -10.11 37.58
CA PRO SA 59 -81.38 -10.32 38.51
C PRO SA 59 -80.98 -11.07 39.78
N LEU SA 60 -80.10 -12.07 39.65
CA LEU SA 60 -79.71 -12.88 40.80
C LEU SA 60 -78.92 -12.09 41.83
N ILE SA 61 -77.89 -11.39 41.38
CA ILE SA 61 -77.01 -10.65 42.27
C ILE SA 61 -77.63 -9.32 42.75
N ALA SA 62 -78.59 -8.81 41.99
CA ALA SA 62 -79.33 -7.63 42.41
C ALA SA 62 -80.20 -7.98 43.60
N LYS SA 63 -80.75 -9.19 43.58
CA LYS SA 63 -81.55 -9.71 44.69
C LYS SA 63 -80.68 -9.96 45.90
N LYS SA 64 -79.42 -10.32 45.66
CA LYS SA 64 -78.48 -10.60 46.75
C LYS SA 64 -77.95 -9.33 47.39
N MET SA 65 -78.18 -8.19 46.74
CA MET SA 65 -77.76 -6.90 47.27
C MET SA 65 -78.93 -6.14 47.87
N ALA SA 66 -80.15 -6.50 47.46
CA ALA SA 66 -81.34 -5.92 48.03
C ALA SA 66 -81.68 -6.64 49.34
N ASN SA 67 -81.50 -7.95 49.35
CA ASN SA 67 -81.75 -8.76 50.53
C ASN SA 67 -80.63 -8.66 51.55
N SER SA 68 -79.53 -8.04 51.15
CA SER SA 68 -78.40 -7.83 52.07
C SER SA 68 -78.72 -6.71 53.05
N GLY SA 69 -79.78 -5.95 52.75
CA GLY SA 69 -80.23 -4.88 53.61
C GLY SA 69 -79.14 -3.90 54.02
N LYS SA 70 -78.33 -3.52 53.05
CA LYS SA 70 -77.20 -2.61 53.31
C LYS SA 70 -77.34 -1.33 52.50
N TYR SA 71 -78.17 -1.35 51.47
CA TYR SA 71 -78.28 -0.23 50.55
C TYR SA 71 -79.63 0.45 50.67
N ASP SA 72 -79.72 1.68 50.17
CA ASP SA 72 -80.98 2.44 50.16
C ASP SA 72 -81.62 2.33 48.79
N ALA SA 73 -80.88 1.74 47.86
CA ALA SA 73 -81.35 1.55 46.50
C ALA SA 73 -80.33 0.73 45.72
N VAL SA 74 -80.79 0.02 44.71
CA VAL SA 74 -79.90 -0.78 43.87
C VAL SA 74 -80.06 -0.35 42.42
N ILE SA 75 -78.94 -0.11 41.76
CA ILE SA 75 -78.96 0.28 40.35
C ILE SA 75 -78.44 -0.84 39.47
N THR SA 76 -79.28 -1.31 38.54
CA THR SA 76 -78.87 -2.35 37.60
C THR SA 76 -78.40 -1.75 36.27
N LEU SA 77 -77.13 -1.94 35.96
CA LEU SA 77 -76.56 -1.44 34.72
C LEU SA 77 -76.09 -2.58 33.82
N GLY SA 78 -76.17 -2.38 32.52
CA GLY SA 78 -75.76 -3.38 31.56
C GLY SA 78 -76.12 -2.96 30.15
N THR SA 79 -75.78 -3.80 29.18
CA THR SA 79 -76.10 -3.51 27.78
C THR SA 79 -76.29 -4.77 26.97
N VAL SA 80 -77.37 -4.81 26.20
CA VAL SA 80 -77.65 -5.95 25.32
C VAL SA 80 -77.92 -5.43 23.92
N ILE SA 81 -77.30 -6.05 22.92
CA ILE SA 81 -77.47 -5.58 21.54
C ILE SA 81 -77.92 -6.72 20.61
N ARG SA 82 -78.81 -6.38 19.68
CA ARG SA 82 -79.36 -7.34 18.73
C ARG SA 82 -78.32 -8.18 18.02
N GLY SA 83 -78.57 -9.49 17.99
CA GLY SA 83 -77.72 -10.40 17.25
C GLY SA 83 -78.48 -10.95 16.06
N ALA SA 84 -78.03 -12.10 15.56
CA ALA SA 84 -78.69 -12.76 14.43
C ALA SA 84 -79.85 -13.62 14.90
N THR SA 85 -79.76 -14.06 16.15
CA THR SA 85 -80.76 -14.95 16.71
C THR SA 85 -81.73 -14.19 17.62
N THR SA 86 -82.81 -14.86 18.01
CA THR SA 86 -83.78 -14.29 18.93
C THR SA 86 -83.30 -14.35 20.38
N HIS SA 87 -82.07 -14.83 20.56
CA HIS SA 87 -81.45 -14.91 21.88
C HIS SA 87 -81.52 -13.56 22.60
N TYR SA 88 -81.30 -12.49 21.85
CA TYR SA 88 -81.32 -11.14 22.40
C TYR SA 88 -82.64 -10.82 23.10
N ASP SA 89 -83.73 -11.40 22.61
CA ASP SA 89 -85.06 -11.12 23.13
C ASP SA 89 -85.28 -11.70 24.52
N TYR SA 90 -84.94 -12.98 24.68
CA TYR SA 90 -85.15 -13.67 25.94
C TYR SA 90 -84.25 -13.10 27.04
N VAL SA 91 -83.05 -12.70 26.67
CA VAL SA 91 -82.13 -12.06 27.61
C VAL SA 91 -82.72 -10.75 28.10
N CYS SA 92 -82.95 -9.83 27.17
CA CYS SA 92 -83.53 -8.53 27.50
C CYS SA 92 -84.78 -8.68 28.38
N ASN SA 93 -85.67 -9.58 27.98
CA ASN SA 93 -86.91 -9.79 28.71
C ASN SA 93 -86.68 -10.21 30.15
N GLU SA 94 -85.93 -11.30 30.33
CA GLU SA 94 -85.73 -11.87 31.67
C GLU SA 94 -84.99 -10.92 32.61
N VAL SA 95 -84.19 -10.02 32.03
CA VAL SA 95 -83.48 -9.02 32.84
C VAL SA 95 -84.49 -8.05 33.43
N ALA SA 96 -85.28 -7.41 32.57
CA ALA SA 96 -86.30 -6.49 33.01
C ALA SA 96 -87.36 -7.22 33.83
N LYS SA 97 -87.81 -8.36 33.32
CA LYS SA 97 -88.77 -9.19 34.01
C LYS SA 97 -88.30 -9.51 35.42
N GLY SA 98 -87.00 -9.78 35.56
CA GLY SA 98 -86.41 -10.09 36.84
C GLY SA 98 -86.28 -8.86 37.73
N VAL SA 99 -85.64 -7.83 37.21
CA VAL SA 99 -85.41 -6.60 37.97
C VAL SA 99 -86.70 -5.94 38.45
N ALA SA 100 -87.73 -5.95 37.60
CA ALA SA 100 -89.01 -5.35 37.96
C ALA SA 100 -89.75 -6.20 38.98
N SER SA 101 -89.89 -7.50 38.67
CA SER SA 101 -90.62 -8.42 39.55
C SER SA 101 -89.91 -8.57 40.89
N LEU SA 102 -88.58 -8.63 40.85
CA LEU SA 102 -87.80 -8.75 42.08
C LEU SA 102 -87.40 -7.37 42.60
N SER SA 103 -88.34 -6.43 42.49
CA SER SA 103 -88.22 -5.10 43.06
C SER SA 103 -89.46 -4.85 43.90
N LEU SA 104 -90.39 -5.78 43.80
CA LEU SA 104 -91.62 -5.75 44.59
C LEU SA 104 -91.54 -6.83 45.65
N GLN SA 105 -90.83 -7.90 45.35
CA GLN SA 105 -90.60 -8.99 46.29
C GLN SA 105 -89.69 -8.53 47.42
N THR SA 106 -89.06 -7.38 47.22
CA THR SA 106 -88.09 -6.85 48.18
C THR SA 106 -88.48 -5.45 48.67
N ASP SA 107 -89.59 -4.93 48.15
CA ASP SA 107 -90.08 -3.58 48.47
C ASP SA 107 -88.85 -2.68 48.65
N ILE SA 108 -87.92 -2.75 47.74
CA ILE SA 108 -86.69 -1.98 47.80
C ILE SA 108 -86.54 -1.43 46.40
N PRO SA 109 -86.32 -0.12 46.28
CA PRO SA 109 -86.13 0.53 44.97
C PRO SA 109 -85.00 -0.13 44.19
N VAL SA 110 -85.35 -0.85 43.13
CA VAL SA 110 -84.34 -1.41 42.23
C VAL SA 110 -84.52 -0.82 40.84
N ILE SA 111 -83.71 0.18 40.53
CA ILE SA 111 -83.79 0.89 39.25
C ILE SA 111 -83.28 0.03 38.11
N PHE SA 112 -84.08 -0.06 37.04
CA PHE SA 112 -83.71 -0.81 35.85
C PHE SA 112 -83.01 0.12 34.85
N GLY SA 113 -81.70 -0.07 34.69
CA GLY SA 113 -80.93 0.76 33.78
C GLY SA 113 -80.09 -0.06 32.83
N VAL SA 114 -80.70 -1.07 32.21
CA VAL SA 114 -80.01 -1.92 31.24
C VAL SA 114 -80.36 -1.50 29.82
N LEU SA 115 -79.35 -1.11 29.06
CA LEU SA 115 -79.56 -0.73 27.67
C LEU SA 115 -79.99 -1.92 26.83
N THR SA 116 -81.02 -1.72 26.03
CA THR SA 116 -81.52 -2.75 25.13
C THR SA 116 -81.71 -2.17 23.73
N THR SA 117 -80.66 -2.29 22.91
CA THR SA 117 -80.59 -1.58 21.64
C THR SA 117 -80.43 -2.50 20.44
N GLU SA 118 -80.39 -1.88 19.25
CA GLU SA 118 -80.27 -2.61 17.98
C GLU SA 118 -78.89 -2.43 17.39
N THR SA 119 -78.31 -1.26 17.62
CA THR SA 119 -77.02 -0.90 17.04
C THR SA 119 -76.00 -0.58 18.12
N ILE SA 120 -74.73 -0.84 17.83
CA ILE SA 120 -73.64 -0.42 18.71
C ILE SA 120 -73.67 1.10 18.81
N GLU SA 121 -74.15 1.74 17.75
CA GLU SA 121 -74.24 3.19 17.68
C GLU SA 121 -75.39 3.73 18.52
N GLN SA 122 -76.36 2.87 18.80
CA GLN SA 122 -77.49 3.24 19.65
C GLN SA 122 -77.10 3.16 21.13
N ALA SA 123 -76.24 2.21 21.45
CA ALA SA 123 -75.74 2.07 22.81
C ALA SA 123 -74.87 3.27 23.17
N ILE SA 124 -73.91 3.58 22.31
CA ILE SA 124 -73.05 4.74 22.48
C ILE SA 124 -73.91 6.00 22.53
N GLU SA 125 -74.95 6.02 21.71
CA GLU SA 125 -75.88 7.12 21.65
C GLU SA 125 -76.44 7.42 23.04
N ARG SA 126 -76.58 6.37 23.85
CA ARG SA 126 -77.24 6.46 25.15
C ARG SA 126 -76.28 6.19 26.30
N ALA SA 127 -74.99 6.22 26.04
CA ALA SA 127 -73.99 6.01 27.08
C ALA SA 127 -73.17 7.28 27.36
N GLY SA 128 -73.77 8.44 27.15
CA GLY SA 128 -73.05 9.68 27.32
C GLY SA 128 -72.78 10.25 25.95
N THR SA 129 -73.82 10.17 25.13
CA THR SA 129 -73.74 10.77 23.81
C THR SA 129 -75.11 11.47 23.57
N LYS SA 130 -75.48 11.73 22.29
CA LYS SA 130 -76.77 12.41 21.98
C LYS SA 130 -77.86 12.28 23.02
N ALA SA 131 -78.25 11.05 23.36
CA ALA SA 131 -79.34 10.84 24.34
C ALA SA 131 -78.96 11.13 25.80
N GLY SA 132 -77.69 11.30 26.14
CA GLY SA 132 -77.31 11.54 27.53
C GLY SA 132 -76.67 10.26 28.10
N ASN SA 133 -76.56 10.12 29.42
CA ASN SA 133 -75.99 8.89 29.98
C ASN SA 133 -77.01 8.13 30.82
N LYS SA 134 -77.51 7.02 30.27
CA LYS SA 134 -78.51 6.21 30.93
C LYS SA 134 -78.14 5.86 32.37
N GLY SA 135 -76.84 5.68 32.62
CA GLY SA 135 -76.36 5.36 33.95
C GLY SA 135 -76.60 6.50 34.92
N TYR SA 136 -76.14 7.69 34.55
CA TYR SA 136 -76.35 8.89 35.35
C TYR SA 136 -77.83 9.09 35.64
N GLU SA 137 -78.66 8.90 34.62
CA GLU SA 137 -80.10 9.06 34.76
C GLU SA 137 -80.70 8.00 35.67
N SER SA 138 -79.99 6.88 35.83
CA SER SA 138 -80.45 5.81 36.69
C SER SA 138 -80.16 6.10 38.16
N ALA SA 139 -79.07 6.83 38.39
CA ALA SA 139 -78.69 7.23 39.75
C ALA SA 139 -79.66 8.29 40.28
N VAL SA 140 -79.90 9.30 39.45
CA VAL SA 140 -80.81 10.38 39.80
C VAL SA 140 -82.21 9.81 40.06
N ALA SA 141 -82.46 8.62 39.53
CA ALA SA 141 -83.73 7.93 39.75
C ALA SA 141 -83.69 7.13 41.04
N ALA SA 142 -82.51 6.58 41.35
CA ALA SA 142 -82.34 5.79 42.56
C ALA SA 142 -82.46 6.65 43.81
N ILE SA 143 -81.92 7.86 43.73
CA ILE SA 143 -81.99 8.79 44.84
C ILE SA 143 -83.43 9.17 45.14
N GLU SA 144 -84.20 9.46 44.10
CA GLU SA 144 -85.59 9.84 44.26
C GLU SA 144 -86.40 8.70 44.86
N MET SA 145 -86.23 7.50 44.32
CA MET SA 145 -86.92 6.32 44.82
C MET SA 145 -86.51 6.04 46.26
N ALA SA 146 -85.28 6.41 46.60
CA ALA SA 146 -84.75 6.19 47.94
C ALA SA 146 -85.44 7.08 48.98
N HIS SA 147 -86.06 8.19 48.54
CA HIS SA 147 -86.74 9.11 49.43
C HIS SA 147 -88.23 8.80 49.49
N LEU SA 148 -88.76 8.32 48.39
CA LEU SA 148 -90.14 7.96 48.30
C LEU SA 148 -90.37 6.50 48.68
N SER SA 149 -89.38 5.58 48.52
CA SER SA 149 -89.68 4.12 48.70
C SER SA 149 -88.95 3.31 49.78
N LYS SA 150 -87.80 3.77 50.19
CA LYS SA 150 -87.01 3.04 51.17
C LYS SA 150 -87.33 3.47 52.60
N HIS SA 151 -87.12 4.72 52.92
CA HIS SA 151 -87.33 5.10 54.29
C HIS SA 151 -88.74 5.64 54.56
N TRP SA 152 -89.49 5.59 53.50
CA TRP SA 152 -90.90 5.94 53.47
C TRP SA 152 -91.62 4.58 53.54
N ALA SA 153 -92.82 4.48 54.10
CA ALA SA 153 -93.45 3.16 54.17
C ALA SA 153 -94.95 3.20 53.90
N VAL TA 2 -48.78 61.19 -25.74
CA VAL TA 2 -49.91 60.72 -26.54
C VAL TA 2 -49.61 60.81 -28.05
N PHE TA 3 -50.02 59.78 -28.79
CA PHE TA 3 -49.71 59.70 -30.22
C PHE TA 3 -50.88 59.17 -31.05
N GLU TA 4 -51.99 59.90 -31.08
CA GLU TA 4 -53.12 59.50 -31.91
C GLU TA 4 -52.82 59.76 -33.39
N GLY TA 5 -53.73 59.34 -34.25
CA GLY TA 5 -53.56 59.52 -35.69
C GLY TA 5 -54.76 60.15 -36.37
N HIS TA 6 -54.52 61.16 -37.18
CA HIS TA 6 -55.58 61.85 -37.93
C HIS TA 6 -56.47 60.86 -38.67
N LEU TA 7 -57.63 61.35 -39.12
CA LEU TA 7 -58.51 60.54 -39.95
C LEU TA 7 -58.83 61.26 -41.25
N VAL TA 8 -58.28 62.46 -41.39
CA VAL TA 8 -58.43 63.22 -42.63
C VAL TA 8 -57.23 62.96 -43.52
N GLY TA 9 -57.48 62.36 -44.67
CA GLY TA 9 -56.41 62.01 -45.60
C GLY TA 9 -56.33 62.94 -46.79
N THR TA 10 -56.44 64.24 -46.53
CA THR TA 10 -56.45 65.25 -47.57
C THR TA 10 -55.35 65.04 -48.61
N GLY TA 11 -54.12 64.86 -48.16
CA GLY TA 11 -53.00 64.74 -49.08
C GLY TA 11 -52.22 63.44 -48.95
N LEU TA 12 -52.92 62.33 -49.05
CA LEU TA 12 -52.28 61.03 -48.94
C LEU TA 12 -52.25 60.32 -50.29
N LYS TA 13 -51.37 59.33 -50.40
CA LYS TA 13 -51.27 58.51 -51.60
C LYS TA 13 -51.38 57.03 -51.24
N VAL TA 14 -52.54 56.44 -51.50
CA VAL TA 14 -52.79 55.05 -51.09
C VAL TA 14 -52.75 54.10 -52.29
N GLY TA 15 -52.22 52.90 -52.06
CA GLY TA 15 -52.21 51.85 -53.06
C GLY TA 15 -52.91 50.61 -52.57
N VAL TA 16 -53.80 50.08 -53.40
CA VAL TA 16 -54.62 48.92 -53.01
C VAL TA 16 -54.27 47.68 -53.84
N VAL TA 17 -54.30 46.52 -53.18
CA VAL TA 17 -54.02 45.26 -53.85
C VAL TA 17 -55.16 44.27 -53.61
N VAL TA 18 -55.92 43.99 -54.65
CA VAL TA 18 -57.11 43.14 -54.53
C VAL TA 18 -56.96 41.80 -55.28
N GLY TA 19 -57.48 40.74 -54.68
CA GLY TA 19 -57.47 39.43 -55.31
C GLY TA 19 -58.74 39.14 -56.06
N ARG TA 20 -58.60 38.62 -57.28
CA ARG TA 20 -59.75 38.35 -58.15
C ARG TA 20 -60.64 37.23 -57.64
N PHE TA 21 -60.03 36.20 -57.04
CA PHE TA 21 -60.79 35.08 -56.52
C PHE TA 21 -61.85 35.61 -55.58
N ASN TA 22 -63.08 35.14 -55.74
CA ASN TA 22 -64.21 35.66 -54.97
C ASN TA 22 -64.50 37.11 -55.33
N GLU TA 23 -64.38 37.43 -56.62
CA GLU TA 23 -64.63 38.79 -57.09
C GLU TA 23 -66.01 39.26 -56.65
N PHE TA 24 -66.93 38.31 -56.53
CA PHE TA 24 -68.30 38.63 -56.13
C PHE TA 24 -68.29 39.38 -54.80
N ILE TA 25 -67.28 39.10 -53.98
CA ILE TA 25 -67.15 39.75 -52.67
C ILE TA 25 -66.12 40.87 -52.70
N THR TA 26 -64.93 40.55 -53.21
CA THR TA 26 -63.84 41.53 -53.27
C THR TA 26 -64.21 42.77 -54.09
N SER TA 27 -65.07 42.58 -55.08
CA SER TA 27 -65.53 43.68 -55.91
C SER TA 27 -66.19 44.75 -55.05
N LYS TA 28 -67.32 44.40 -54.44
CA LYS TA 28 -68.04 45.33 -53.58
C LYS TA 28 -67.28 45.58 -52.29
N LEU TA 29 -66.13 44.93 -52.15
CA LEU TA 29 -65.25 45.09 -51.00
C LEU TA 29 -64.21 46.15 -51.31
N LEU TA 30 -63.87 46.29 -52.59
CA LEU TA 30 -62.99 47.34 -53.07
C LEU TA 30 -63.75 48.67 -53.09
N GLY TA 31 -65.06 48.58 -52.91
CA GLY TA 31 -65.90 49.76 -52.78
C GLY TA 31 -65.59 50.47 -51.47
N GLY TA 32 -64.62 49.94 -50.74
CA GLY TA 32 -64.13 50.60 -49.54
C GLY TA 32 -63.01 51.54 -49.92
N ALA TA 33 -62.30 51.22 -51.01
CA ALA TA 33 -61.31 52.13 -51.57
C ALA TA 33 -61.96 53.49 -51.79
N LEU TA 34 -62.64 53.64 -52.92
CA LEU TA 34 -63.43 54.82 -53.17
C LEU TA 34 -64.63 54.80 -52.23
N ASP TA 35 -65.40 55.88 -52.21
CA ASP TA 35 -66.49 56.02 -51.23
C ASP TA 35 -65.98 55.64 -49.85
N GLY TA 36 -64.68 55.81 -49.66
CA GLY TA 36 -64.03 55.50 -48.40
C GLY TA 36 -62.81 56.38 -48.23
N LEU TA 37 -61.76 56.06 -48.99
CA LEU TA 37 -60.59 56.91 -49.03
C LEU TA 37 -60.99 58.28 -49.58
N LYS TA 38 -61.79 58.26 -50.65
CA LYS TA 38 -62.20 59.48 -51.32
C LYS TA 38 -62.98 60.42 -50.41
N ARG TA 39 -63.99 59.88 -49.73
CA ARG TA 39 -64.85 60.69 -48.88
C ARG TA 39 -64.10 61.18 -47.64
N HIS TA 40 -62.93 60.61 -47.39
CA HIS TA 40 -62.10 61.02 -46.26
C HIS TA 40 -61.04 62.04 -46.65
N GLY TA 41 -61.00 62.39 -47.94
CA GLY TA 41 -60.08 63.41 -48.40
C GLY TA 41 -59.16 62.95 -49.53
N VAL TA 42 -58.67 61.72 -49.44
CA VAL TA 42 -57.73 61.19 -50.42
C VAL TA 42 -58.18 61.52 -51.84
N GLU TA 43 -57.22 61.92 -52.68
CA GLU TA 43 -57.53 62.32 -54.04
C GLU TA 43 -57.86 61.12 -54.93
N GLU TA 44 -58.86 61.30 -55.79
CA GLU TA 44 -59.28 60.27 -56.74
C GLU TA 44 -58.08 59.66 -57.49
N ASN TA 45 -57.14 60.52 -57.86
CA ASN TA 45 -56.00 60.10 -58.68
C ASN TA 45 -54.86 59.48 -57.87
N ASP TA 46 -54.78 59.81 -56.59
CA ASP TA 46 -53.70 59.31 -55.74
C ASP TA 46 -53.95 57.88 -55.26
N ILE TA 47 -54.90 57.20 -55.90
CA ILE TA 47 -55.24 55.82 -55.52
C ILE TA 47 -55.04 54.86 -56.69
N ASP TA 48 -54.11 53.93 -56.52
CA ASP TA 48 -53.85 52.90 -57.52
C ASP TA 48 -54.31 51.54 -57.02
N VAL TA 49 -54.71 50.67 -57.94
CA VAL TA 49 -55.21 49.35 -57.58
C VAL TA 49 -54.51 48.24 -58.37
N ALA TA 50 -54.08 47.21 -57.66
CA ALA TA 50 -53.41 46.07 -58.27
C ALA TA 50 -54.24 44.80 -58.12
N TRP TA 51 -54.60 44.19 -59.24
CA TRP TA 51 -55.38 42.95 -59.21
C TRP TA 51 -54.46 41.73 -59.28
N VAL TA 52 -54.51 40.92 -58.24
CA VAL TA 52 -53.71 39.69 -58.19
C VAL TA 52 -54.64 38.48 -58.38
N PRO TA 53 -54.07 37.33 -58.75
CA PRO TA 53 -54.92 36.13 -58.98
C PRO TA 53 -55.90 35.76 -57.84
N GLY TA 54 -55.35 35.83 -56.63
CA GLY TA 54 -56.06 35.52 -55.41
C GLY TA 54 -55.17 35.91 -54.22
N ALA TA 55 -55.71 35.74 -53.02
CA ALA TA 55 -55.00 36.08 -51.82
C ALA TA 55 -53.57 35.53 -51.76
N PHE TA 56 -53.30 34.30 -52.15
CA PHE TA 56 -51.93 33.88 -51.97
C PHE TA 56 -50.95 34.79 -52.67
N GLU TA 57 -51.30 35.38 -53.80
CA GLU TA 57 -50.35 36.21 -54.50
C GLU TA 57 -50.30 37.69 -54.01
N ILE TA 58 -50.92 37.99 -52.87
CA ILE TA 58 -51.05 39.38 -52.29
C ILE TA 58 -49.89 39.95 -51.41
N PRO TA 59 -49.11 39.00 -50.89
CA PRO TA 59 -47.86 39.41 -50.23
C PRO TA 59 -46.80 39.92 -51.21
N LEU TA 60 -46.61 39.22 -52.32
CA LEU TA 60 -45.59 39.60 -53.28
C LEU TA 60 -45.83 40.97 -53.91
N ILE TA 61 -47.03 41.15 -54.47
CA ILE TA 61 -47.37 42.38 -55.16
C ILE TA 61 -47.64 43.54 -54.18
N ALA TA 62 -48.06 43.20 -52.97
CA ALA TA 62 -48.23 44.21 -51.93
C ALA TA 62 -46.86 44.74 -51.50
N LYS TA 63 -45.83 43.93 -51.71
CA LYS TA 63 -44.46 44.32 -51.41
C LYS TA 63 -43.91 45.26 -52.49
N LYS TA 64 -44.12 44.90 -53.74
CA LYS TA 64 -43.62 45.71 -54.86
C LYS TA 64 -44.45 46.98 -55.07
N MET TA 65 -45.25 47.33 -54.07
CA MET TA 65 -46.03 48.56 -54.09
C MET TA 65 -45.64 49.48 -52.94
N ALA TA 66 -45.29 48.87 -51.81
CA ALA TA 66 -44.80 49.62 -50.66
C ALA TA 66 -43.35 50.01 -50.89
N ASN TA 67 -42.60 49.13 -51.56
CA ASN TA 67 -41.19 49.36 -51.84
C ASN TA 67 -40.97 50.37 -52.97
N SER TA 68 -42.03 50.65 -53.72
CA SER TA 68 -41.95 51.65 -54.77
C SER TA 68 -41.94 53.06 -54.17
N GLY TA 69 -42.22 53.13 -52.87
CA GLY TA 69 -42.17 54.38 -52.14
C GLY TA 69 -43.09 55.46 -52.69
N LYS TA 70 -44.10 55.04 -53.45
CA LYS TA 70 -45.04 55.97 -54.07
C LYS TA 70 -46.26 56.18 -53.18
N TYR TA 71 -46.50 55.24 -52.27
CA TYR TA 71 -47.69 55.29 -51.43
C TYR TA 71 -47.36 55.48 -49.95
N ASP TA 72 -48.19 56.24 -49.26
CA ASP TA 72 -48.03 56.47 -47.83
C ASP TA 72 -48.48 55.23 -47.06
N ALA TA 73 -49.42 54.49 -47.64
CA ALA TA 73 -49.93 53.26 -47.05
C ALA TA 73 -50.47 52.35 -48.13
N VAL TA 74 -50.41 51.04 -47.88
CA VAL TA 74 -50.91 50.06 -48.84
C VAL TA 74 -52.05 49.25 -48.23
N ILE TA 75 -53.22 49.32 -48.84
CA ILE TA 75 -54.37 48.54 -48.38
C ILE TA 75 -54.44 47.22 -49.13
N THR TA 76 -54.61 46.12 -48.40
CA THR TA 76 -54.66 44.80 -49.02
C THR TA 76 -56.06 44.18 -48.88
N LEU TA 77 -56.69 43.91 -50.01
CA LEU TA 77 -58.05 43.39 -50.03
C LEU TA 77 -58.15 42.01 -50.69
N GLY TA 78 -59.15 41.24 -50.29
CA GLY TA 78 -59.36 39.92 -50.83
C GLY TA 78 -60.36 39.15 -50.01
N THR TA 79 -60.71 37.94 -50.45
CA THR TA 79 -61.67 37.10 -49.74
C THR TA 79 -61.32 35.62 -49.88
N VAL TA 80 -61.41 34.88 -48.77
CA VAL TA 80 -61.17 33.45 -48.77
C VAL TA 80 -62.26 32.75 -47.96
N ILE TA 81 -62.78 31.66 -48.50
CA ILE TA 81 -63.87 30.94 -47.83
C ILE TA 81 -63.58 29.45 -47.69
N ARG TA 82 -63.96 28.89 -46.55
CA ARG TA 82 -63.73 27.48 -46.23
C ARG TA 82 -64.15 26.54 -47.36
N GLY TA 83 -63.25 25.63 -47.71
CA GLY TA 83 -63.55 24.58 -48.67
C GLY TA 83 -63.78 23.26 -47.96
N ALA TA 84 -63.46 22.17 -48.63
CA ALA TA 84 -63.55 20.85 -48.02
C ALA TA 84 -62.18 20.43 -47.50
N THR TA 85 -61.14 21.02 -48.05
CA THR TA 85 -59.77 20.69 -47.66
C THR TA 85 -59.19 21.76 -46.75
N THR TA 86 -58.09 21.41 -46.08
CA THR TA 86 -57.40 22.35 -45.20
C THR TA 86 -56.60 23.37 -46.00
N HIS TA 87 -56.79 23.36 -47.32
CA HIS TA 87 -56.13 24.30 -48.21
C HIS TA 87 -56.45 25.73 -47.80
N TYR TA 88 -57.68 25.95 -47.35
CA TYR TA 88 -58.14 27.26 -46.90
C TYR TA 88 -57.25 27.81 -45.78
N ASP TA 89 -56.75 26.92 -44.94
CA ASP TA 89 -55.97 27.32 -43.77
C ASP TA 89 -54.60 27.87 -44.15
N TYR TA 90 -53.87 27.12 -44.95
CA TYR TA 90 -52.52 27.50 -45.35
C TYR TA 90 -52.52 28.79 -46.15
N VAL TA 91 -53.61 29.07 -46.84
CA VAL TA 91 -53.76 30.29 -47.62
C VAL TA 91 -53.93 31.48 -46.69
N CYS TA 92 -55.01 31.46 -45.91
CA CYS TA 92 -55.31 32.53 -44.97
C CYS TA 92 -54.09 32.86 -44.10
N ASN TA 93 -53.44 31.82 -43.61
CA ASN TA 93 -52.25 31.98 -42.80
C ASN TA 93 -51.19 32.82 -43.50
N GLU TA 94 -50.77 32.36 -44.68
CA GLU TA 94 -49.69 33.02 -45.41
C GLU TA 94 -50.02 34.43 -45.86
N VAL TA 95 -51.28 34.68 -46.19
CA VAL TA 95 -51.72 36.02 -46.55
C VAL TA 95 -51.51 36.96 -45.38
N ALA TA 96 -52.03 36.56 -44.22
CA ALA TA 96 -51.87 37.34 -43.00
C ALA TA 96 -50.41 37.36 -42.55
N LYS TA 97 -49.74 36.22 -42.71
CA LYS TA 97 -48.34 36.08 -42.33
C LYS TA 97 -47.48 37.00 -43.20
N GLY TA 98 -47.86 37.14 -44.46
CA GLY TA 98 -47.14 37.99 -45.39
C GLY TA 98 -47.39 39.46 -45.13
N VAL TA 99 -48.65 39.87 -45.14
CA VAL TA 99 -49.02 41.26 -44.94
C VAL TA 99 -48.51 41.82 -43.61
N ALA TA 100 -48.42 40.96 -42.60
CA ALA TA 100 -47.95 41.39 -41.28
C ALA TA 100 -46.43 41.39 -41.20
N SER TA 101 -45.85 40.20 -41.20
CA SER TA 101 -44.39 40.05 -41.07
C SER TA 101 -43.63 40.87 -42.12
N LEU TA 102 -44.28 41.14 -43.25
CA LEU TA 102 -43.67 41.98 -44.28
C LEU TA 102 -44.32 43.36 -44.35
N SER TA 103 -44.54 43.94 -43.17
CA SER TA 103 -45.01 45.31 -43.02
C SER TA 103 -44.07 45.98 -42.05
N LEU TA 104 -43.21 45.17 -41.44
CA LEU TA 104 -42.19 45.65 -40.52
C LEU TA 104 -40.87 45.84 -41.28
N GLN TA 105 -40.75 45.15 -42.41
CA GLN TA 105 -39.56 45.24 -43.25
C GLN TA 105 -39.66 46.40 -44.22
N THR TA 106 -40.77 47.13 -44.15
CA THR TA 106 -41.00 48.25 -45.07
C THR TA 106 -41.24 49.55 -44.32
N ASP TA 107 -41.59 49.43 -43.04
CA ASP TA 107 -41.88 50.59 -42.21
C ASP TA 107 -43.06 51.40 -42.74
N ILE TA 108 -43.65 50.92 -43.84
CA ILE TA 108 -44.83 51.54 -44.43
C ILE TA 108 -46.08 50.78 -44.05
N PRO TA 109 -47.07 51.49 -43.49
CA PRO TA 109 -48.31 50.86 -43.03
C PRO TA 109 -48.97 50.01 -44.12
N VAL TA 110 -49.09 48.71 -43.87
CA VAL TA 110 -49.81 47.82 -44.78
C VAL TA 110 -51.02 47.22 -44.07
N ILE TA 111 -52.19 47.82 -44.29
CA ILE TA 111 -53.41 47.39 -43.62
C ILE TA 111 -53.90 46.04 -44.17
N PHE TA 112 -54.19 45.11 -43.27
CA PHE TA 112 -54.67 43.79 -43.65
C PHE TA 112 -56.20 43.77 -43.70
N GLY TA 113 -56.74 43.77 -44.92
CA GLY TA 113 -58.18 43.75 -45.11
C GLY TA 113 -58.64 42.57 -45.94
N VAL TA 114 -58.21 41.37 -45.54
CA VAL TA 114 -58.59 40.15 -46.24
C VAL TA 114 -59.63 39.36 -45.45
N LEU TA 115 -60.82 39.23 -46.05
CA LEU TA 115 -61.88 38.46 -45.44
C LEU TA 115 -61.50 36.98 -45.38
N THR TA 116 -61.58 36.41 -44.19
CA THR TA 116 -61.32 34.99 -44.02
C THR TA 116 -62.51 34.36 -43.28
N THR TA 117 -63.45 33.83 -44.05
CA THR TA 117 -64.72 33.40 -43.51
C THR TA 117 -65.06 31.95 -43.80
N GLU TA 118 -66.22 31.52 -43.30
CA GLU TA 118 -66.66 30.14 -43.40
C GLU TA 118 -67.82 29.98 -44.37
N THR TA 119 -68.59 31.05 -44.54
CA THR TA 119 -69.76 31.03 -45.40
C THR TA 119 -69.68 32.15 -46.43
N ILE TA 120 -70.29 31.93 -47.59
CA ILE TA 120 -70.49 32.99 -48.56
C ILE TA 120 -71.32 34.08 -47.90
N GLU TA 121 -72.21 33.67 -47.02
CA GLU TA 121 -73.08 34.59 -46.29
C GLU TA 121 -72.29 35.50 -45.35
N GLN TA 122 -71.27 34.93 -44.70
CA GLN TA 122 -70.44 35.69 -43.78
C GLN TA 122 -69.59 36.71 -44.52
N ALA TA 123 -69.07 36.31 -45.68
CA ALA TA 123 -68.31 37.22 -46.53
C ALA TA 123 -69.19 38.40 -46.94
N ILE TA 124 -70.45 38.11 -47.26
CA ILE TA 124 -71.41 39.14 -47.62
C ILE TA 124 -71.72 40.01 -46.41
N GLU TA 125 -71.80 39.38 -45.24
CA GLU TA 125 -72.07 40.10 -44.00
C GLU TA 125 -71.00 41.16 -43.76
N ARG TA 126 -69.82 40.94 -44.34
CA ARG TA 126 -68.67 41.80 -44.09
C ARG TA 126 -68.20 42.50 -45.35
N ALA TA 127 -69.13 42.71 -46.27
CA ALA TA 127 -68.79 43.40 -47.51
C ALA TA 127 -69.81 44.47 -47.83
N GLY TA 128 -70.55 44.87 -46.85
CA GLY TA 128 -71.55 45.86 -47.08
C GLY TA 128 -72.90 45.36 -46.63
N THR TA 129 -72.90 44.60 -45.56
CA THR TA 129 -74.21 44.19 -45.06
C THR TA 129 -74.28 44.48 -43.60
N LYS TA 130 -74.88 43.59 -42.81
CA LYS TA 130 -75.08 43.99 -41.39
C LYS TA 130 -73.78 44.08 -40.59
N ALA TA 131 -72.59 43.89 -41.19
CA ALA TA 131 -71.36 44.06 -40.38
C ALA TA 131 -70.63 45.30 -40.91
N GLY TA 132 -71.13 45.79 -42.06
CA GLY TA 132 -70.55 46.93 -42.74
C GLY TA 132 -69.56 46.44 -43.78
N ASN TA 133 -68.85 47.37 -44.41
CA ASN TA 133 -67.86 47.01 -45.44
C ASN TA 133 -66.44 47.03 -44.89
N LYS TA 134 -65.81 45.85 -44.85
CA LYS TA 134 -64.47 45.73 -44.28
C LYS TA 134 -63.41 46.36 -45.17
N GLY TA 135 -63.81 46.82 -46.35
CA GLY TA 135 -62.91 47.52 -47.24
C GLY TA 135 -62.86 48.98 -46.90
N TYR TA 136 -64.02 49.52 -46.51
CA TYR TA 136 -64.12 50.92 -46.10
C TYR TA 136 -63.41 51.11 -44.76
N GLU TA 137 -63.54 50.12 -43.88
CA GLU TA 137 -62.93 50.20 -42.56
C GLU TA 137 -61.42 50.08 -42.65
N SER TA 138 -60.96 49.27 -43.60
CA SER TA 138 -59.53 49.04 -43.78
C SER TA 138 -58.86 50.25 -44.43
N ALA TA 139 -59.67 51.14 -45.01
CA ALA TA 139 -59.17 52.37 -45.57
C ALA TA 139 -59.01 53.42 -44.48
N VAL TA 140 -60.05 53.57 -43.65
CA VAL TA 140 -59.99 54.46 -42.51
C VAL TA 140 -58.75 54.17 -41.68
N ALA TA 141 -58.48 52.88 -41.50
CA ALA TA 141 -57.29 52.45 -40.77
C ALA TA 141 -56.03 52.81 -41.52
N ALA TA 142 -56.06 52.67 -42.85
CA ALA TA 142 -54.91 52.99 -43.68
C ALA TA 142 -54.51 54.46 -43.55
N ILE TA 143 -55.51 55.34 -43.62
CA ILE TA 143 -55.26 56.76 -43.47
C ILE TA 143 -54.64 57.06 -42.11
N GLU TA 144 -55.30 56.60 -41.05
CA GLU TA 144 -54.80 56.84 -39.70
C GLU TA 144 -53.37 56.33 -39.51
N MET TA 145 -53.09 55.14 -40.05
CA MET TA 145 -51.77 54.56 -39.91
C MET TA 145 -50.70 55.41 -40.58
N ALA TA 146 -50.89 55.69 -41.85
CA ALA TA 146 -49.96 56.51 -42.60
C ALA TA 146 -49.84 57.87 -41.94
N HIS TA 147 -50.95 58.33 -41.37
CA HIS TA 147 -51.03 59.66 -40.76
C HIS TA 147 -50.45 59.62 -39.35
N LEU TA 148 -50.04 58.43 -38.91
CA LEU TA 148 -49.52 58.26 -37.57
C LEU TA 148 -48.01 58.04 -37.60
N SER TA 149 -47.47 57.83 -38.80
CA SER TA 149 -46.03 57.66 -38.95
C SER TA 149 -45.32 59.00 -38.96
N LYS TA 150 -45.26 59.64 -37.80
CA LYS TA 150 -44.52 60.90 -37.66
C LYS TA 150 -43.30 60.73 -36.77
N HIS TA 151 -43.42 59.93 -35.72
CA HIS TA 151 -42.26 59.56 -34.93
C HIS TA 151 -41.52 58.42 -35.64
N TRP TA 152 -41.24 58.67 -36.92
CA TRP TA 152 -40.67 57.67 -37.82
C TRP TA 152 -39.45 58.29 -38.50
N ALA TA 153 -38.92 57.60 -39.52
CA ALA TA 153 -37.77 58.08 -40.27
C ALA TA 153 -36.50 58.10 -39.43
N VAL UA 2 -26.81 34.50 -9.92
CA VAL UA 2 -28.26 34.68 -9.84
C VAL UA 2 -28.69 36.09 -10.23
N PHE UA 3 -29.10 36.25 -11.48
CA PHE UA 3 -29.46 37.56 -12.02
C PHE UA 3 -30.99 37.73 -12.06
N GLU UA 4 -31.54 38.42 -11.06
CA GLU UA 4 -32.97 38.70 -11.01
C GLU UA 4 -33.28 40.16 -11.36
N GLY UA 5 -34.56 40.50 -11.41
CA GLY UA 5 -34.97 41.84 -11.80
C GLY UA 5 -35.64 42.67 -10.71
N HIS UA 6 -35.28 43.95 -10.67
CA HIS UA 6 -35.83 44.89 -9.71
C HIS UA 6 -37.32 45.08 -9.96
N LEU UA 7 -37.99 45.87 -9.12
CA LEU UA 7 -39.43 46.10 -9.30
C LEU UA 7 -39.87 47.54 -9.00
N VAL UA 8 -38.97 48.34 -8.44
CA VAL UA 8 -39.24 49.76 -8.28
C VAL UA 8 -38.67 50.52 -9.48
N GLY UA 9 -39.51 51.30 -10.14
CA GLY UA 9 -39.09 52.02 -11.33
C GLY UA 9 -39.05 53.52 -11.15
N THR UA 10 -38.29 53.98 -10.17
CA THR UA 10 -38.19 55.40 -9.88
C THR UA 10 -37.86 56.22 -11.13
N GLY UA 11 -36.81 55.81 -11.84
CA GLY UA 11 -36.38 56.52 -13.03
C GLY UA 11 -36.51 55.70 -14.29
N LEU UA 12 -37.73 55.50 -14.74
CA LEU UA 12 -37.98 54.67 -15.93
C LEU UA 12 -38.62 55.45 -17.06
N LYS UA 13 -38.38 54.99 -18.29
CA LYS UA 13 -38.94 55.61 -19.49
C LYS UA 13 -39.77 54.57 -20.22
N VAL UA 14 -41.08 54.61 -20.02
CA VAL UA 14 -41.95 53.57 -20.59
C VAL UA 14 -42.83 54.09 -21.73
N GLY UA 15 -43.02 53.26 -22.74
CA GLY UA 15 -43.89 53.58 -23.86
C GLY UA 15 -44.97 52.54 -24.05
N VAL UA 16 -46.19 52.99 -24.34
CA VAL UA 16 -47.33 52.10 -24.46
C VAL UA 16 -48.05 52.23 -25.81
N VAL UA 17 -48.38 51.09 -26.40
CA VAL UA 17 -49.13 51.07 -27.65
C VAL UA 17 -50.46 50.36 -27.44
N VAL UA 18 -51.55 51.13 -27.49
CA VAL UA 18 -52.88 50.57 -27.25
C VAL UA 18 -53.76 50.56 -28.49
N GLY UA 19 -54.45 49.44 -28.71
CA GLY UA 19 -55.32 49.29 -29.86
C GLY UA 19 -56.69 49.86 -29.55
N ARG UA 20 -57.20 50.68 -30.46
CA ARG UA 20 -58.49 51.35 -30.24
C ARG UA 20 -59.68 50.41 -30.31
N PHE UA 21 -59.60 49.41 -31.19
CA PHE UA 21 -60.68 48.45 -31.34
C PHE UA 21 -60.99 47.78 -30.00
N ASN UA 22 -62.28 47.62 -29.72
CA ASN UA 22 -62.72 47.14 -28.41
C ASN UA 22 -62.27 48.09 -27.31
N GLU UA 23 -62.32 49.39 -27.61
CA GLU UA 23 -61.93 50.43 -26.68
C GLU UA 23 -62.58 50.24 -25.32
N PHE UA 24 -63.77 49.65 -25.31
CA PHE UA 24 -64.50 49.41 -24.08
C PHE UA 24 -63.65 48.63 -23.07
N ILE UA 25 -62.76 47.78 -23.58
CA ILE UA 25 -61.91 46.97 -22.74
C ILE UA 25 -60.50 47.56 -22.64
N THR UA 26 -59.91 47.85 -23.79
CA THR UA 26 -58.56 48.39 -23.85
C THR UA 26 -58.45 49.67 -23.04
N SER UA 27 -59.56 50.38 -22.89
CA SER UA 27 -59.59 51.59 -22.10
C SER UA 27 -59.17 51.29 -20.66
N LYS UA 28 -60.00 50.54 -19.94
CA LYS UA 28 -59.68 50.16 -18.58
C LYS UA 28 -58.36 49.41 -18.53
N LEU UA 29 -58.03 48.74 -19.64
CA LEU UA 29 -56.81 47.96 -19.72
C LEU UA 29 -55.57 48.84 -19.72
N LEU UA 30 -55.67 50.00 -20.35
CA LEU UA 30 -54.58 50.97 -20.36
C LEU UA 30 -54.47 51.64 -18.99
N GLY UA 31 -55.60 52.03 -18.43
CA GLY UA 31 -55.64 52.63 -17.13
C GLY UA 31 -54.97 51.76 -16.08
N GLY UA 32 -54.93 50.46 -16.33
CA GLY UA 32 -54.29 49.53 -15.43
C GLY UA 32 -52.78 49.69 -15.44
N ALA UA 33 -52.21 49.83 -16.63
CA ALA UA 33 -50.77 50.01 -16.78
C ALA UA 33 -50.36 51.43 -16.42
N LEU UA 34 -51.17 52.38 -16.83
CA LEU UA 34 -50.87 53.79 -16.63
C LEU UA 34 -51.14 54.20 -15.18
N ASP UA 35 -51.48 53.23 -14.35
CA ASP UA 35 -51.71 53.47 -12.94
C ASP UA 35 -50.86 52.52 -12.11
N GLY UA 36 -50.35 51.48 -12.76
CA GLY UA 36 -49.41 50.58 -12.12
C GLY UA 36 -48.02 51.15 -12.24
N LEU UA 37 -47.76 51.81 -13.37
CA LEU UA 37 -46.50 52.48 -13.57
C LEU UA 37 -46.39 53.66 -12.63
N LYS UA 38 -47.40 54.53 -12.63
CA LYS UA 38 -47.40 55.71 -11.77
C LYS UA 38 -47.13 55.35 -10.32
N ARG UA 39 -47.89 54.40 -9.80
CA ARG UA 39 -47.80 54.04 -8.38
C ARG UA 39 -46.58 53.19 -8.04
N HIS UA 40 -45.88 52.76 -9.06
CA HIS UA 40 -44.64 52.02 -8.87
C HIS UA 40 -43.47 53.00 -8.92
N GLY UA 41 -43.74 54.29 -8.93
CA GLY UA 41 -42.64 55.21 -8.90
C GLY UA 41 -42.21 55.68 -10.29
N VAL UA 42 -42.90 55.22 -11.33
CA VAL UA 42 -42.58 55.71 -12.66
C VAL UA 42 -43.41 56.97 -12.86
N GLU UA 43 -42.75 57.96 -13.35
CA GLU UA 43 -43.31 59.28 -13.66
C GLU UA 43 -44.57 59.26 -14.50
N GLU UA 44 -45.56 60.02 -14.03
CA GLU UA 44 -46.83 60.20 -14.74
C GLU UA 44 -46.59 61.05 -15.98
N ASN UA 45 -45.46 61.73 -16.01
CA ASN UA 45 -45.13 62.57 -17.12
C ASN UA 45 -44.08 61.93 -18.02
N ASP UA 46 -43.68 60.70 -17.73
CA ASP UA 46 -42.65 60.03 -18.52
C ASP UA 46 -43.21 58.79 -19.21
N ILE UA 47 -44.49 58.86 -19.57
CA ILE UA 47 -45.16 57.76 -20.24
C ILE UA 47 -45.84 58.24 -21.52
N ASP UA 48 -45.52 57.58 -22.63
CA ASP UA 48 -46.15 57.90 -23.90
C ASP UA 48 -47.11 56.79 -24.35
N VAL UA 49 -48.26 57.18 -24.86
CA VAL UA 49 -49.26 56.22 -25.34
C VAL UA 49 -49.50 56.39 -26.84
N ALA UA 50 -49.49 55.27 -27.56
CA ALA UA 50 -49.71 55.29 -29.00
C ALA UA 50 -50.95 54.50 -29.38
N TRP UA 51 -51.99 55.20 -29.82
CA TRP UA 51 -53.24 54.58 -30.22
C TRP UA 51 -53.19 54.11 -31.67
N VAL UA 52 -53.30 52.81 -31.86
CA VAL UA 52 -53.36 52.23 -33.20
C VAL UA 52 -54.78 51.76 -33.50
N PRO UA 53 -55.10 51.61 -34.81
CA PRO UA 53 -56.48 51.20 -35.15
C PRO UA 53 -56.92 50.04 -34.23
N GLY UA 54 -56.18 48.92 -34.32
CA GLY UA 54 -56.38 47.67 -33.55
C GLY UA 54 -55.05 46.88 -33.41
N ALA UA 55 -55.16 45.73 -32.77
CA ALA UA 55 -54.01 44.87 -32.51
C ALA UA 55 -53.16 44.59 -33.75
N PHE UA 56 -53.74 44.24 -34.90
CA PHE UA 56 -52.87 43.95 -36.02
C PHE UA 56 -51.86 45.06 -36.31
N GLU UA 57 -52.15 46.30 -35.98
CA GLU UA 57 -51.20 47.37 -36.27
C GLU UA 57 -50.21 47.61 -35.17
N ILE UA 58 -50.37 46.93 -34.03
CA ILE UA 58 -49.51 47.09 -32.79
C ILE UA 58 -48.02 46.65 -32.89
N PRO UA 59 -47.77 45.69 -33.77
CA PRO UA 59 -46.37 45.34 -34.05
C PRO UA 59 -45.60 46.45 -34.77
N LEU UA 60 -46.22 47.09 -35.75
CA LEU UA 60 -45.55 48.13 -36.52
C LEU UA 60 -45.19 49.34 -35.67
N ILE UA 61 -46.19 49.93 -35.02
CA ILE UA 61 -46.00 51.13 -34.21
C ILE UA 61 -45.19 50.85 -32.94
N ALA UA 62 -45.31 49.63 -32.41
CA ALA UA 62 -44.52 49.22 -31.26
C ALA UA 62 -43.04 49.14 -31.62
N LYS UA 63 -42.78 48.84 -32.89
CA LYS UA 63 -41.42 48.79 -33.42
C LYS UA 63 -40.80 50.18 -33.48
N LYS UA 64 -41.55 51.14 -34.00
CA LYS UA 64 -41.06 52.51 -34.16
C LYS UA 64 -40.96 53.26 -32.83
N MET UA 65 -41.32 52.60 -31.75
CA MET UA 65 -41.16 53.16 -30.42
C MET UA 65 -39.94 52.56 -29.72
N ALA UA 66 -39.71 51.27 -29.96
CA ALA UA 66 -38.52 50.61 -29.46
C ALA UA 66 -37.31 51.09 -30.26
N ASN UA 67 -37.47 51.15 -31.58
CA ASN UA 67 -36.43 51.68 -32.44
C ASN UA 67 -36.24 53.17 -32.21
N SER UA 68 -37.24 53.80 -31.61
CA SER UA 68 -37.17 55.20 -31.24
C SER UA 68 -36.05 55.44 -30.23
N GLY UA 69 -35.66 54.37 -29.55
CA GLY UA 69 -34.60 54.43 -28.55
C GLY UA 69 -34.86 55.50 -27.50
N LYS UA 70 -36.09 55.54 -26.99
CA LYS UA 70 -36.47 56.54 -26.00
C LYS UA 70 -37.06 55.89 -24.76
N TYR UA 71 -37.33 54.60 -24.85
CA TYR UA 71 -37.99 53.88 -23.76
C TYR UA 71 -37.18 52.67 -23.31
N ASP UA 72 -37.19 52.41 -22.00
CA ASP UA 72 -36.51 51.25 -21.44
C ASP UA 72 -37.30 49.98 -21.77
N ALA UA 73 -38.61 50.16 -21.91
CA ALA UA 73 -39.50 49.05 -22.24
C ALA UA 73 -40.78 49.57 -22.87
N VAL UA 74 -41.39 48.76 -23.73
CA VAL UA 74 -42.64 49.13 -24.37
C VAL UA 74 -43.73 48.13 -24.04
N ILE UA 75 -44.88 48.65 -23.58
CA ILE UA 75 -46.02 47.82 -23.25
C ILE UA 75 -47.05 47.85 -24.37
N THR UA 76 -47.52 46.67 -24.79
CA THR UA 76 -48.52 46.56 -25.84
C THR UA 76 -49.88 46.13 -25.27
N LEU UA 77 -50.84 47.05 -25.33
CA LEU UA 77 -52.18 46.79 -24.82
C LEU UA 77 -53.20 46.68 -25.96
N GLY UA 78 -54.12 45.73 -25.84
CA GLY UA 78 -55.15 45.54 -26.84
C GLY UA 78 -56.14 44.47 -26.43
N THR UA 79 -57.20 44.30 -27.20
CA THR UA 79 -58.18 43.26 -26.93
C THR UA 79 -58.78 42.69 -28.21
N VAL UA 80 -58.79 41.37 -28.30
CA VAL UA 80 -59.34 40.67 -29.46
C VAL UA 80 -60.29 39.58 -28.97
N ILE UA 81 -61.51 39.57 -29.51
CA ILE UA 81 -62.51 38.61 -29.07
C ILE UA 81 -63.04 37.77 -30.24
N ARG UA 82 -63.25 36.48 -29.97
CA ARG UA 82 -63.77 35.54 -30.96
C ARG UA 82 -64.93 36.10 -31.77
N GLY UA 83 -64.91 35.81 -33.08
CA GLY UA 83 -66.01 36.16 -33.94
C GLY UA 83 -66.67 34.90 -34.47
N ALA UA 84 -67.23 34.98 -35.67
CA ALA UA 84 -67.82 33.82 -36.32
C ALA UA 84 -66.82 33.19 -37.29
N THR UA 85 -65.78 33.95 -37.65
CA THR UA 85 -64.79 33.49 -38.60
C THR UA 85 -63.44 33.27 -37.94
N THR UA 86 -62.54 32.61 -38.66
CA THR UA 86 -61.19 32.35 -38.17
C THR UA 86 -60.33 33.59 -38.24
N HIS UA 87 -60.94 34.71 -38.61
CA HIS UA 87 -60.25 35.98 -38.68
C HIS UA 87 -59.58 36.29 -37.35
N TYR UA 88 -60.25 35.91 -36.27
CA TYR UA 88 -59.76 36.14 -34.92
C TYR UA 88 -58.40 35.48 -34.68
N ASP UA 89 -58.20 34.31 -35.29
CA ASP UA 89 -56.99 33.53 -35.07
C ASP UA 89 -55.75 34.20 -35.67
N TYR UA 90 -55.86 34.61 -36.93
CA TYR UA 90 -54.74 35.21 -37.63
C TYR UA 90 -54.34 36.53 -37.02
N VAL UA 91 -55.32 37.24 -36.45
CA VAL UA 91 -55.04 38.50 -35.76
C VAL UA 91 -54.25 38.24 -34.49
N CYS UA 92 -54.83 37.46 -33.58
CA CYS UA 92 -54.17 37.11 -32.33
C CYS UA 92 -52.76 36.60 -32.59
N ASN UA 93 -52.64 35.67 -33.52
CA ASN UA 93 -51.35 35.08 -33.86
C ASN UA 93 -50.32 36.15 -34.20
N GLU UA 94 -50.62 36.94 -35.23
CA GLU UA 94 -49.68 37.94 -35.73
C GLU UA 94 -49.33 39.02 -34.71
N VAL UA 95 -50.29 39.35 -33.84
CA VAL UA 95 -50.02 40.29 -32.76
C VAL UA 95 -49.02 39.67 -31.78
N ALA UA 96 -49.38 38.51 -31.24
CA ALA UA 96 -48.48 37.76 -30.37
C ALA UA 96 -47.39 37.06 -31.16
N LYS UA 97 -46.98 37.67 -32.26
CA LYS UA 97 -45.92 37.11 -33.10
C LYS UA 97 -44.93 38.18 -33.52
N GLY UA 98 -45.43 39.33 -33.94
CA GLY UA 98 -44.62 40.53 -34.06
C GLY UA 98 -44.19 41.07 -32.70
N VAL UA 99 -45.17 41.47 -31.89
CA VAL UA 99 -44.91 41.87 -30.52
C VAL UA 99 -44.04 40.84 -29.81
N ALA UA 100 -44.09 39.60 -30.28
CA ALA UA 100 -44.18 38.44 -29.41
C ALA UA 100 -42.80 37.89 -29.05
N SER UA 101 -42.06 37.47 -30.07
CA SER UA 101 -40.61 37.33 -29.95
C SER UA 101 -39.89 37.97 -31.14
N LEU UA 102 -40.64 38.21 -32.21
CA LEU UA 102 -40.16 39.05 -33.31
C LEU UA 102 -39.33 40.22 -32.79
N SER UA 103 -39.84 40.90 -31.77
CA SER UA 103 -39.21 42.10 -31.26
C SER UA 103 -38.08 41.78 -30.31
N LEU UA 104 -37.18 40.89 -30.74
CA LEU UA 104 -36.00 40.57 -29.97
C LEU UA 104 -34.91 41.32 -30.68
N GLN UA 105 -35.19 41.65 -31.92
CA GLN UA 105 -34.21 42.30 -32.72
C GLN UA 105 -33.65 43.59 -32.10
N THR UA 106 -34.52 44.33 -31.41
CA THR UA 106 -34.18 45.65 -30.80
C THR UA 106 -33.41 45.55 -29.49
N ASP UA 107 -33.72 44.49 -28.81
CA ASP UA 107 -33.18 44.27 -27.54
C ASP UA 107 -33.71 45.33 -26.58
N ILE UA 108 -34.97 45.73 -26.79
CA ILE UA 108 -35.64 46.62 -25.86
C ILE UA 108 -36.77 45.77 -25.34
N PRO UA 109 -37.01 45.78 -24.02
CA PRO UA 109 -38.10 44.90 -23.53
C PRO UA 109 -39.47 45.17 -24.11
N VAL UA 110 -40.13 44.18 -24.76
CA VAL UA 110 -41.48 44.48 -25.24
C VAL UA 110 -42.45 43.51 -24.59
N ILE UA 111 -43.27 44.03 -23.68
CA ILE UA 111 -44.22 43.22 -22.94
C ILE UA 111 -45.50 43.02 -23.75
N PHE UA 112 -45.89 41.77 -23.95
CA PHE UA 112 -47.10 41.44 -24.67
C PHE UA 112 -48.30 41.43 -23.71
N GLY UA 113 -49.10 42.49 -23.75
CA GLY UA 113 -50.27 42.59 -22.91
C GLY UA 113 -51.54 42.76 -23.72
N VAL UA 114 -51.74 41.87 -24.69
CA VAL UA 114 -52.92 41.91 -25.53
C VAL UA 114 -53.88 40.79 -25.15
N LEU UA 115 -55.06 41.18 -24.67
CA LEU UA 115 -56.09 40.22 -24.30
C LEU UA 115 -56.60 39.46 -25.52
N THR UA 116 -56.59 38.14 -25.43
CA THR UA 116 -57.09 37.30 -26.50
C THR UA 116 -58.08 36.29 -25.92
N THR UA 117 -59.36 36.64 -25.96
CA THR UA 117 -60.38 35.88 -25.23
C THR UA 117 -61.44 35.28 -26.12
N GLU UA 118 -62.48 34.73 -25.48
CA GLU UA 118 -63.59 34.09 -26.19
C GLU UA 118 -64.88 34.87 -25.98
N THR UA 119 -65.04 35.43 -24.79
CA THR UA 119 -66.25 36.14 -24.43
C THR UA 119 -65.96 37.60 -24.13
N ILE UA 120 -66.95 38.45 -24.38
CA ILE UA 120 -66.88 39.83 -23.94
C ILE UA 120 -66.83 39.84 -22.42
N GLU UA 121 -67.40 38.80 -21.82
CA GLU UA 121 -67.40 38.65 -20.37
C GLU UA 121 -66.05 38.17 -19.86
N GLN UA 122 -65.29 37.48 -20.70
CA GLN UA 122 -63.97 37.01 -20.31
C GLN UA 122 -62.96 38.14 -20.36
N ALA UA 123 -63.01 38.92 -21.43
CA ALA UA 123 -62.15 40.09 -21.55
C ALA UA 123 -62.43 41.05 -20.41
N ILE UA 124 -63.69 41.16 -20.03
CA ILE UA 124 -64.09 42.05 -18.95
C ILE UA 124 -63.64 41.52 -17.59
N GLU UA 125 -63.25 40.25 -17.56
CA GLU UA 125 -62.73 39.62 -16.34
C GLU UA 125 -61.29 40.05 -16.10
N ARG UA 126 -60.52 40.18 -17.18
CA ARG UA 126 -59.11 40.57 -17.08
C ARG UA 126 -58.92 42.06 -17.24
N ALA UA 127 -60.00 42.78 -17.50
CA ALA UA 127 -59.93 44.22 -17.69
C ALA UA 127 -60.05 44.99 -16.38
N GLY UA 128 -59.81 44.30 -15.28
CA GLY UA 128 -59.94 44.93 -14.03
C GLY UA 128 -61.12 44.33 -13.27
N THR UA 129 -61.26 42.99 -13.27
CA THR UA 129 -62.32 42.34 -12.49
C THR UA 129 -61.76 41.09 -11.90
N LYS UA 130 -62.56 40.06 -11.82
CA LYS UA 130 -62.16 38.80 -11.18
C LYS UA 130 -60.67 38.40 -11.37
N ALA UA 131 -60.17 38.33 -12.59
CA ALA UA 131 -58.80 37.90 -12.74
C ALA UA 131 -57.79 39.05 -12.50
N GLY UA 132 -58.28 40.28 -12.29
CA GLY UA 132 -57.40 41.45 -12.07
C GLY UA 132 -57.20 42.24 -13.38
N ASN UA 133 -56.45 43.34 -13.35
CA ASN UA 133 -56.19 44.11 -14.56
C ASN UA 133 -54.89 43.69 -15.23
N LYS UA 134 -54.99 43.07 -16.40
CA LYS UA 134 -53.81 42.56 -17.10
C LYS UA 134 -52.94 43.67 -17.68
N GLY UA 135 -53.43 44.89 -17.58
CA GLY UA 135 -52.63 46.05 -17.97
C GLY UA 135 -51.68 46.42 -16.84
N TYR UA 136 -52.19 46.38 -15.62
CA TYR UA 136 -51.37 46.62 -14.44
C TYR UA 136 -50.26 45.59 -14.37
N GLU UA 137 -50.60 44.32 -14.60
CA GLU UA 137 -49.64 43.24 -14.53
C GLU UA 137 -48.58 43.34 -15.63
N SER UA 138 -48.99 43.87 -16.77
CA SER UA 138 -48.08 43.99 -17.91
C SER UA 138 -47.15 45.19 -17.75
N ALA UA 139 -47.47 46.05 -16.79
CA ALA UA 139 -46.61 47.19 -16.47
C ALA UA 139 -45.56 46.77 -15.44
N VAL UA 140 -45.99 45.96 -14.47
CA VAL UA 140 -45.08 45.40 -13.50
C VAL UA 140 -44.02 44.56 -14.20
N ALA UA 141 -44.43 43.88 -15.27
CA ALA UA 141 -43.50 43.08 -16.07
C ALA UA 141 -42.54 43.98 -16.84
N ALA UA 142 -43.01 45.15 -17.23
CA ALA UA 142 -42.18 46.10 -17.98
C ALA UA 142 -41.08 46.65 -17.11
N ILE UA 143 -41.43 47.08 -15.91
CA ILE UA 143 -40.45 47.60 -14.95
C ILE UA 143 -39.39 46.55 -14.66
N GLU UA 144 -39.84 45.33 -14.39
CA GLU UA 144 -38.92 44.24 -14.09
C GLU UA 144 -37.98 43.96 -15.26
N MET UA 145 -38.55 43.79 -16.44
CA MET UA 145 -37.74 43.53 -17.62
C MET UA 145 -36.72 44.63 -17.83
N ALA UA 146 -37.16 45.88 -17.68
CA ALA UA 146 -36.28 47.02 -17.82
C ALA UA 146 -35.07 46.90 -16.90
N HIS UA 147 -35.34 46.58 -15.64
CA HIS UA 147 -34.29 46.41 -14.65
C HIS UA 147 -33.54 45.09 -14.81
N LEU UA 148 -33.25 44.72 -16.05
CA LEU UA 148 -32.45 43.55 -16.35
C LEU UA 148 -31.45 43.97 -17.42
N SER UA 149 -30.19 44.21 -16.97
CA SER UA 149 -29.13 44.77 -17.81
C SER UA 149 -27.80 44.02 -18.01
N LYS UA 150 -27.83 43.40 -19.16
CA LYS UA 150 -26.76 42.76 -19.81
C LYS UA 150 -27.00 43.44 -21.20
N HIS UA 151 -25.94 43.73 -21.95
CA HIS UA 151 -26.07 44.36 -23.25
C HIS UA 151 -25.19 43.65 -24.22
N TRP UA 152 -25.70 43.45 -25.39
CA TRP UA 152 -24.87 42.76 -26.35
C TRP UA 152 -23.97 43.73 -27.05
N ALA UA 153 -22.70 43.33 -27.15
CA ALA UA 153 -21.68 44.14 -27.80
C ALA UA 153 -20.39 43.34 -27.97
N VAL VA 2 -19.35 8.64 -36.40
CA VAL VA 2 -20.29 8.58 -35.30
C VAL VA 2 -19.96 9.63 -34.23
N PHE VA 3 -20.97 10.37 -33.79
CA PHE VA 3 -20.77 11.51 -32.89
C PHE VA 3 -21.75 11.56 -31.71
N GLU VA 4 -21.53 10.73 -30.71
CA GLU VA 4 -22.37 10.75 -29.51
C GLU VA 4 -21.99 11.94 -28.63
N GLY VA 5 -22.84 12.26 -27.66
CA GLY VA 5 -22.60 13.39 -26.76
C GLY VA 5 -22.28 12.97 -25.35
N HIS VA 6 -21.18 13.50 -24.82
CA HIS VA 6 -20.73 13.20 -23.47
C HIS VA 6 -21.82 13.53 -22.46
N LEU VA 7 -21.73 12.97 -21.25
CA LEU VA 7 -22.75 13.22 -20.23
C LEU VA 7 -22.18 13.69 -18.90
N VAL VA 8 -20.86 13.59 -18.74
CA VAL VA 8 -20.21 14.11 -17.56
C VAL VA 8 -19.74 15.54 -17.81
N GLY VA 9 -20.40 16.50 -17.18
CA GLY VA 9 -20.10 17.90 -17.41
C GLY VA 9 -19.34 18.55 -16.28
N THR VA 10 -18.15 18.04 -15.99
CA THR VA 10 -17.31 18.60 -14.94
C THR VA 10 -17.01 20.07 -15.19
N GLY VA 11 -16.29 20.35 -16.27
CA GLY VA 11 -15.89 21.71 -16.58
C GLY VA 11 -16.86 22.46 -17.47
N LEU VA 12 -18.08 22.66 -16.99
CA LEU VA 12 -19.10 23.33 -17.78
C LEU VA 12 -19.64 24.58 -17.10
N LYS VA 13 -19.98 25.58 -17.90
CA LYS VA 13 -20.69 26.76 -17.41
C LYS VA 13 -22.10 26.74 -18.00
N VAL VA 14 -23.11 26.68 -17.13
CA VAL VA 14 -24.48 26.64 -17.59
C VAL VA 14 -25.24 27.89 -17.15
N GLY VA 15 -26.23 28.30 -17.94
CA GLY VA 15 -27.07 29.42 -17.60
C GLY VA 15 -28.53 29.05 -17.69
N VAL VA 16 -29.30 29.42 -16.68
CA VAL VA 16 -30.71 29.06 -16.62
C VAL VA 16 -31.63 30.28 -16.58
N VAL VA 17 -32.72 30.21 -17.34
CA VAL VA 17 -33.71 31.27 -17.35
C VAL VA 17 -35.07 30.71 -16.94
N VAL VA 18 -35.52 31.07 -15.75
CA VAL VA 18 -36.77 30.52 -15.20
C VAL VA 18 -37.87 31.58 -15.13
N GLY VA 19 -39.09 31.15 -15.38
CA GLY VA 19 -40.24 32.04 -15.34
C GLY VA 19 -40.88 32.08 -13.96
N ARG VA 20 -41.18 33.29 -13.48
CA ARG VA 20 -41.73 33.48 -12.14
C ARG VA 20 -43.17 33.01 -12.06
N PHE VA 21 -43.92 33.20 -13.14
CA PHE VA 21 -45.31 32.76 -13.18
C PHE VA 21 -45.38 31.26 -12.99
N ASN VA 22 -46.38 30.80 -12.25
CA ASN VA 22 -46.46 29.39 -11.87
C ASN VA 22 -45.24 28.97 -11.07
N GLU VA 23 -44.79 29.88 -10.21
CA GLU VA 23 -43.61 29.66 -9.39
C GLU VA 23 -43.74 28.37 -8.58
N PHE VA 24 -44.97 28.04 -8.21
CA PHE VA 24 -45.25 26.83 -7.45
C PHE VA 24 -44.70 25.59 -8.16
N ILE VA 25 -44.68 25.64 -9.49
CA ILE VA 25 -44.17 24.53 -10.28
C ILE VA 25 -42.74 24.77 -10.74
N THR VA 26 -42.49 25.94 -11.33
CA THR VA 26 -41.17 26.28 -11.85
C THR VA 26 -40.11 26.23 -10.75
N SER VA 27 -40.53 26.41 -9.51
CA SER VA 27 -39.62 26.31 -8.37
C SER VA 27 -38.95 24.93 -8.34
N LYS VA 28 -39.76 23.90 -8.10
CA LYS VA 28 -39.27 22.53 -8.08
C LYS VA 28 -38.67 22.15 -9.43
N LEU VA 29 -39.07 22.87 -10.48
CA LEU VA 29 -38.60 22.62 -11.82
C LEU VA 29 -37.16 23.07 -11.95
N LEU VA 30 -36.84 24.16 -11.26
CA LEU VA 30 -35.47 24.67 -11.18
C LEU VA 30 -34.63 23.74 -10.34
N GLY VA 31 -35.29 22.94 -9.52
CA GLY VA 31 -34.62 21.91 -8.74
C GLY VA 31 -33.94 20.91 -9.66
N GLY VA 32 -34.15 21.08 -10.97
CA GLY VA 32 -33.49 20.27 -11.97
C GLY VA 32 -32.10 20.80 -12.25
N ALA VA 33 -31.92 22.10 -12.09
CA ALA VA 33 -30.61 22.72 -12.17
C ALA VA 33 -29.71 22.11 -11.10
N LEU VA 34 -29.93 22.52 -9.86
CA LEU VA 34 -29.25 21.89 -8.74
C LEU VA 34 -29.73 20.44 -8.63
N ASP VA 35 -29.01 19.63 -7.86
CA ASP VA 35 -29.31 18.20 -7.78
C ASP VA 35 -29.47 17.61 -9.18
N GLY VA 36 -28.92 18.30 -10.17
CA GLY VA 36 -29.01 17.86 -11.55
C GLY VA 36 -27.71 18.12 -12.28
N LEU VA 37 -27.38 19.39 -12.47
CA LEU VA 37 -26.09 19.77 -13.01
C LEU VA 37 -25.01 19.49 -11.98
N LYS VA 38 -25.37 19.64 -10.71
CA LYS VA 38 -24.45 19.39 -9.60
C LYS VA 38 -23.88 17.97 -9.67
N ARG VA 39 -24.76 16.98 -9.60
CA ARG VA 39 -24.34 15.58 -9.54
C ARG VA 39 -23.70 15.08 -10.84
N HIS VA 40 -23.83 15.87 -11.91
CA HIS VA 40 -23.21 15.49 -13.18
C HIS VA 40 -21.84 16.10 -13.38
N GLY VA 41 -21.37 16.83 -12.37
CA GLY VA 41 -20.03 17.38 -12.39
C GLY VA 41 -19.93 18.89 -12.31
N VAL VA 42 -20.95 19.58 -12.82
CA VAL VA 42 -20.94 21.05 -12.86
C VAL VA 42 -20.70 21.66 -11.49
N GLU VA 43 -19.91 22.74 -11.43
CA GLU VA 43 -19.54 23.38 -10.17
C GLU VA 43 -20.68 24.19 -9.52
N GLU VA 44 -20.87 23.95 -8.19
CA GLU VA 44 -21.88 24.57 -7.34
C GLU VA 44 -21.80 26.06 -7.48
N ASN VA 45 -22.96 26.60 -7.85
CA ASN VA 45 -23.21 27.98 -8.24
C ASN VA 45 -22.00 28.46 -9.04
N ASP VA 46 -21.95 27.88 -10.27
CA ASP VA 46 -21.04 28.17 -11.38
C ASP VA 46 -22.02 28.19 -12.50
N ILE VA 47 -23.23 28.26 -12.03
CA ILE VA 47 -24.40 28.28 -12.84
C ILE VA 47 -25.22 29.50 -12.45
N ASP VA 48 -25.66 30.26 -13.43
CA ASP VA 48 -26.46 31.46 -13.17
C ASP VA 48 -27.93 31.26 -13.49
N VAL VA 49 -28.79 31.84 -12.66
CA VAL VA 49 -30.23 31.74 -12.84
C VAL VA 49 -30.85 33.11 -13.08
N ALA VA 50 -31.63 33.20 -14.16
CA ALA VA 50 -32.29 34.46 -14.52
C ALA VA 50 -33.81 34.33 -14.38
N TRP VA 51 -34.38 35.12 -13.47
CA TRP VA 51 -35.82 35.11 -13.26
C TRP VA 51 -36.52 36.14 -14.13
N VAL VA 52 -37.42 35.66 -14.98
CA VAL VA 52 -38.20 36.53 -15.84
C VAL VA 52 -39.68 36.40 -15.50
N PRO VA 53 -40.43 37.50 -15.66
CA PRO VA 53 -41.86 37.56 -15.32
C PRO VA 53 -42.65 36.35 -15.82
N GLY VA 54 -42.93 36.32 -17.11
CA GLY VA 54 -43.69 35.22 -17.69
C GLY VA 54 -42.86 34.36 -18.61
N ALA VA 55 -43.38 33.18 -18.94
CA ALA VA 55 -42.71 32.28 -19.87
C ALA VA 55 -42.47 32.99 -21.19
N PHE VA 56 -43.27 34.01 -21.45
CA PHE VA 56 -43.19 34.79 -22.68
C PHE VA 56 -41.92 35.62 -22.74
N GLU VA 57 -41.38 35.98 -21.58
CA GLU VA 57 -40.21 36.84 -21.51
C GLU VA 57 -38.92 36.04 -21.54
N ILE VA 58 -39.05 34.71 -21.49
CA ILE VA 58 -37.89 33.83 -21.48
C ILE VA 58 -36.99 34.00 -22.70
N PRO VA 59 -37.56 33.93 -23.92
CA PRO VA 59 -36.75 34.03 -25.13
C PRO VA 59 -35.80 35.23 -25.13
N LEU VA 60 -36.29 36.39 -24.74
CA LEU VA 60 -35.47 37.60 -24.74
C LEU VA 60 -34.23 37.47 -23.85
N ILE VA 61 -34.46 37.09 -22.60
CA ILE VA 61 -33.37 37.00 -21.63
C ILE VA 61 -32.52 35.74 -21.82
N ALA VA 62 -33.13 34.68 -22.36
CA ALA VA 62 -32.38 33.50 -22.70
C ALA VA 62 -31.33 33.87 -23.76
N LYS VA 63 -31.67 34.86 -24.56
CA LYS VA 63 -30.75 35.38 -25.56
C LYS VA 63 -29.62 36.17 -24.90
N LYS VA 64 -29.96 37.26 -24.22
CA LYS VA 64 -28.97 38.14 -23.61
C LYS VA 64 -28.14 37.46 -22.52
N MET VA 65 -28.16 36.14 -22.52
CA MET VA 65 -27.27 35.36 -21.68
C MET VA 65 -26.32 34.55 -22.55
N ALA VA 66 -26.91 33.70 -23.40
CA ALA VA 66 -26.14 32.91 -24.34
C ALA VA 66 -25.57 33.79 -25.46
N ASN VA 67 -26.14 34.98 -25.61
CA ASN VA 67 -25.77 35.87 -26.70
C ASN VA 67 -24.27 36.11 -26.75
N SER VA 68 -23.68 36.41 -25.59
CA SER VA 68 -22.24 36.54 -25.49
C SER VA 68 -21.69 35.51 -24.53
N GLY VA 69 -20.63 34.82 -24.95
CA GLY VA 69 -20.05 33.72 -24.20
C GLY VA 69 -19.94 33.91 -22.70
N LYS VA 70 -20.81 33.23 -21.97
CA LYS VA 70 -20.75 33.20 -20.52
C LYS VA 70 -20.94 31.75 -20.09
N TYR VA 71 -21.65 31.01 -20.93
CA TYR VA 71 -22.00 29.62 -20.64
C TYR VA 71 -21.83 28.75 -21.88
N ASP VA 72 -21.65 27.46 -21.66
CA ASP VA 72 -21.52 26.49 -22.75
C ASP VA 72 -22.89 26.05 -23.24
N ALA VA 73 -23.90 26.31 -22.43
CA ALA VA 73 -25.28 25.97 -22.77
C ALA VA 73 -26.25 26.67 -21.84
N VAL VA 74 -27.40 27.07 -22.37
CA VAL VA 74 -28.42 27.75 -21.58
C VAL VA 74 -29.70 26.93 -21.49
N ILE VA 75 -30.22 26.80 -20.27
CA ILE VA 75 -31.44 26.05 -20.02
C ILE VA 75 -32.61 27.00 -19.76
N THR VA 76 -33.74 26.75 -20.40
CA THR VA 76 -34.94 27.56 -20.18
C THR VA 76 -36.00 26.76 -19.41
N LEU VA 77 -36.37 27.27 -18.24
CA LEU VA 77 -37.39 26.65 -17.41
C LEU VA 77 -38.59 27.57 -17.22
N GLY VA 78 -39.77 26.97 -17.15
CA GLY VA 78 -41.01 27.71 -16.95
C GLY VA 78 -42.19 26.78 -17.01
N THR VA 79 -43.38 27.33 -16.74
CA THR VA 79 -44.61 26.53 -16.81
C THR VA 79 -45.76 27.35 -17.36
N VAL VA 80 -46.59 26.70 -18.17
CA VAL VA 80 -47.77 27.34 -18.75
C VAL VA 80 -48.96 26.38 -18.70
N ILE VA 81 -50.06 26.83 -18.10
CA ILE VA 81 -51.24 25.98 -17.95
C ILE VA 81 -52.46 26.57 -18.65
N ARG VA 82 -53.22 25.68 -19.30
CA ARG VA 82 -54.43 26.07 -20.02
C ARG VA 82 -55.38 26.96 -19.23
N GLY VA 83 -55.85 28.02 -19.86
CA GLY VA 83 -56.85 28.89 -19.28
C GLY VA 83 -58.15 28.77 -20.05
N ALA VA 84 -59.03 29.75 -19.87
CA ALA VA 84 -60.30 29.77 -20.59
C ALA VA 84 -60.12 30.33 -21.99
N THR VA 85 -59.10 31.17 -22.14
CA THR VA 85 -58.83 31.83 -23.41
C THR VA 85 -57.75 31.10 -24.19
N THR VA 86 -57.61 31.45 -25.47
CA THR VA 86 -56.58 30.86 -26.33
C THR VA 86 -55.23 31.52 -26.07
N HIS VA 87 -55.18 32.38 -25.06
CA HIS VA 87 -53.94 33.04 -24.66
C HIS VA 87 -52.85 32.01 -24.37
N TYR VA 88 -53.25 30.89 -23.79
CA TYR VA 88 -52.32 29.81 -23.46
C TYR VA 88 -51.52 29.36 -24.68
N ASP VA 89 -52.15 29.40 -25.85
CA ASP VA 89 -51.54 28.89 -27.07
C ASP VA 89 -50.46 29.82 -27.60
N TYR VA 90 -50.77 31.11 -27.70
CA TYR VA 90 -49.85 32.08 -28.26
C TYR VA 90 -48.60 32.24 -27.39
N VAL VA 91 -48.74 31.97 -26.10
CA VAL VA 91 -47.60 32.00 -25.19
C VAL VA 91 -46.70 30.79 -25.41
N CYS VA 92 -47.26 29.60 -25.20
CA CYS VA 92 -46.53 28.35 -25.42
C CYS VA 92 -45.79 28.37 -26.76
N ASN VA 93 -46.55 28.62 -27.83
CA ASN VA 93 -45.98 28.68 -29.16
C ASN VA 93 -44.71 29.53 -29.23
N GLU VA 94 -44.87 30.82 -28.90
CA GLU VA 94 -43.79 31.78 -29.04
C GLU VA 94 -42.59 31.49 -28.13
N VAL VA 95 -42.84 30.85 -27.00
CA VAL VA 95 -41.76 30.43 -26.12
C VAL VA 95 -40.92 29.38 -26.83
N ALA VA 96 -41.57 28.30 -27.26
CA ALA VA 96 -40.91 27.24 -28.01
C ALA VA 96 -40.34 27.80 -29.29
N LYS VA 97 -41.10 28.67 -29.94
CA LYS VA 97 -40.68 29.29 -31.18
C LYS VA 97 -39.41 30.10 -30.95
N GLY VA 98 -39.38 30.90 -29.90
CA GLY VA 98 -38.23 31.71 -29.58
C GLY VA 98 -37.01 30.90 -29.20
N VAL VA 99 -37.16 30.08 -28.16
CA VAL VA 99 -36.06 29.25 -27.67
C VAL VA 99 -35.45 28.36 -28.76
N ALA VA 100 -36.28 27.86 -29.67
CA ALA VA 100 -35.81 27.02 -30.77
C ALA VA 100 -35.19 27.84 -31.89
N SER VA 101 -36.01 28.70 -32.51
CA SER VA 101 -35.54 29.52 -33.62
C SER VA 101 -34.30 30.32 -33.26
N LEU VA 102 -34.30 30.91 -32.07
CA LEU VA 102 -33.14 31.67 -31.61
C LEU VA 102 -32.19 30.83 -30.75
N SER VA 103 -31.94 29.61 -31.22
CA SER VA 103 -30.93 28.72 -30.66
C SER VA 103 -30.02 28.29 -31.80
N LEU VA 104 -30.40 28.69 -33.01
CA LEU VA 104 -29.62 28.41 -34.21
C LEU VA 104 -28.79 29.63 -34.57
N GLN VA 105 -29.35 30.82 -34.29
CA GLN VA 105 -28.66 32.06 -34.60
C GLN VA 105 -27.41 32.23 -33.74
N THR VA 106 -27.51 31.81 -32.48
CA THR VA 106 -26.38 31.85 -31.57
C THR VA 106 -25.48 30.68 -31.85
N ASP VA 107 -26.06 29.49 -31.95
CA ASP VA 107 -25.23 28.33 -32.17
C ASP VA 107 -24.78 27.79 -30.83
N ILE VA 108 -25.22 28.44 -29.75
CA ILE VA 108 -24.92 27.94 -28.42
C ILE VA 108 -26.14 27.21 -27.96
N PRO VA 109 -25.89 25.98 -27.52
CA PRO VA 109 -26.97 25.10 -27.12
C PRO VA 109 -28.04 25.69 -26.21
N VAL VA 110 -29.28 25.82 -26.65
CA VAL VA 110 -30.33 26.33 -25.78
C VAL VA 110 -31.44 25.28 -25.62
N ILE VA 111 -31.42 24.60 -24.48
CA ILE VA 111 -32.38 23.53 -24.20
C ILE VA 111 -33.75 24.08 -23.81
N PHE VA 112 -34.79 23.58 -24.46
CA PHE VA 112 -36.15 24.02 -24.19
C PHE VA 112 -36.79 23.17 -23.11
N GLY VA 113 -36.97 23.74 -21.93
CA GLY VA 113 -37.56 23.03 -20.80
C GLY VA 113 -38.73 23.78 -20.20
N VAL VA 114 -39.73 24.09 -21.03
CA VAL VA 114 -40.92 24.79 -20.56
C VAL VA 114 -42.14 23.86 -20.57
N LEU VA 115 -42.70 23.62 -19.39
CA LEU VA 115 -43.86 22.77 -19.25
C LEU VA 115 -45.08 23.39 -19.89
N THR VA 116 -45.78 22.61 -20.70
CA THR VA 116 -46.99 23.08 -21.35
C THR VA 116 -48.11 22.09 -21.10
N THR VA 117 -48.85 22.30 -20.02
CA THR VA 117 -49.83 21.32 -19.57
C THR VA 117 -51.27 21.82 -19.62
N GLU VA 118 -52.20 20.91 -19.34
CA GLU VA 118 -53.62 21.22 -19.31
C GLU VA 118 -54.10 21.37 -17.87
N THR VA 119 -53.51 20.58 -16.98
CA THR VA 119 -53.88 20.57 -15.57
C THR VA 119 -52.73 21.03 -14.68
N ILE VA 120 -53.08 21.60 -13.53
CA ILE VA 120 -52.10 21.88 -12.51
C ILE VA 120 -51.53 20.55 -12.03
N GLU VA 121 -52.34 19.50 -12.15
CA GLU VA 121 -51.94 18.17 -11.73
C GLU VA 121 -50.96 17.56 -12.72
N GLN VA 122 -50.97 18.05 -13.95
CA GLN VA 122 -50.06 17.57 -14.98
C GLN VA 122 -48.70 18.25 -14.85
N ALA VA 123 -48.71 19.49 -14.36
CA ALA VA 123 -47.47 20.21 -14.08
C ALA VA 123 -46.75 19.53 -12.94
N ILE VA 124 -47.48 19.26 -11.87
CA ILE VA 124 -46.93 18.53 -10.73
C ILE VA 124 -46.50 17.15 -11.17
N GLU VA 125 -47.24 16.59 -12.11
CA GLU VA 125 -46.93 15.27 -12.64
C GLU VA 125 -45.53 15.25 -13.26
N ARG VA 126 -45.12 16.37 -13.81
CA ARG VA 126 -43.84 16.49 -14.50
C ARG VA 126 -42.84 17.41 -13.82
N ALA VA 127 -43.07 17.72 -12.55
CA ALA VA 127 -42.17 18.58 -11.80
C ALA VA 127 -41.54 17.82 -10.64
N GLY VA 128 -41.34 16.56 -10.79
CA GLY VA 128 -40.81 15.85 -9.67
C GLY VA 128 -41.86 14.81 -9.34
N THR VA 129 -42.89 14.67 -10.15
CA THR VA 129 -43.76 13.54 -9.81
C THR VA 129 -43.59 12.41 -10.86
N LYS VA 130 -44.53 11.46 -10.82
CA LYS VA 130 -44.67 10.23 -11.67
C LYS VA 130 -43.81 10.21 -12.93
N ALA VA 131 -43.76 11.34 -13.64
CA ALA VA 131 -42.96 11.36 -14.88
C ALA VA 131 -41.52 11.78 -14.62
N GLY VA 132 -41.22 12.16 -13.36
CA GLY VA 132 -39.92 12.66 -12.97
C GLY VA 132 -39.90 14.19 -13.05
N ASN VA 133 -38.70 14.77 -12.99
CA ASN VA 133 -38.54 16.21 -13.05
C ASN VA 133 -37.98 16.68 -14.40
N LYS VA 134 -38.82 17.33 -15.19
CA LYS VA 134 -38.43 17.73 -16.53
C LYS VA 134 -37.41 18.87 -16.52
N GLY VA 135 -36.98 19.24 -15.32
CA GLY VA 135 -35.91 20.22 -15.18
C GLY VA 135 -34.57 19.52 -15.08
N TYR VA 136 -34.55 18.44 -14.31
CA TYR VA 136 -33.37 17.61 -14.19
C TYR VA 136 -33.04 16.94 -15.53
N GLU VA 137 -34.07 16.73 -16.34
CA GLU VA 137 -33.90 16.05 -17.62
C GLU VA 137 -33.37 17.02 -18.66
N SER VA 138 -33.78 18.29 -18.55
CA SER VA 138 -33.33 19.31 -19.49
C SER VA 138 -31.91 19.75 -19.15
N ALA VA 139 -31.44 19.36 -17.97
CA ALA VA 139 -30.07 19.63 -17.57
C ALA VA 139 -29.13 18.62 -18.19
N VAL VA 140 -29.52 17.35 -18.11
CA VAL VA 140 -28.79 16.27 -18.77
C VAL VA 140 -28.63 16.59 -20.25
N ALA VA 141 -29.71 17.05 -20.86
CA ALA VA 141 -29.70 17.42 -22.27
C ALA VA 141 -28.71 18.56 -22.51
N ALA VA 142 -28.70 19.53 -21.60
CA ALA VA 142 -27.82 20.69 -21.73
C ALA VA 142 -26.35 20.28 -21.73
N ILE VA 143 -25.99 19.37 -20.84
CA ILE VA 143 -24.61 18.89 -20.75
C ILE VA 143 -24.23 18.15 -22.02
N GLU VA 144 -25.09 17.25 -22.46
CA GLU VA 144 -24.83 16.45 -23.65
C GLU VA 144 -24.68 17.32 -24.89
N MET VA 145 -25.56 18.31 -25.04
CA MET VA 145 -25.52 19.24 -26.17
C MET VA 145 -24.26 20.09 -26.13
N ALA VA 146 -23.85 20.49 -24.93
CA ALA VA 146 -22.63 21.26 -24.75
C ALA VA 146 -21.44 20.47 -25.26
N HIS VA 147 -21.37 19.20 -24.89
CA HIS VA 147 -20.28 18.32 -25.31
C HIS VA 147 -20.38 17.90 -26.78
N LEU VA 148 -21.36 18.46 -27.49
CA LEU VA 148 -21.50 18.15 -28.91
C LEU VA 148 -21.07 19.30 -29.80
N SER VA 149 -20.72 20.43 -29.20
CA SER VA 149 -20.02 21.49 -29.92
C SER VA 149 -18.65 20.91 -30.27
N LYS VA 150 -18.58 20.28 -31.42
CA LYS VA 150 -17.54 19.32 -31.73
C LYS VA 150 -17.15 19.44 -33.18
N HIS VA 151 -18.11 19.86 -34.00
CA HIS VA 151 -17.92 19.92 -35.45
C HIS VA 151 -17.62 18.52 -35.98
N TRP VA 152 -17.20 18.41 -37.23
CA TRP VA 152 -17.19 17.11 -37.90
C TRP VA 152 -15.95 16.82 -38.76
N ALA VA 153 -15.65 15.54 -38.91
CA ALA VA 153 -14.49 15.10 -39.70
C ALA VA 153 -14.84 13.87 -40.54
N VAL WA 2 -36.50 19.47 -68.37
CA VAL WA 2 -36.65 18.34 -67.46
C VAL WA 2 -35.46 18.17 -66.52
N PHE WA 3 -35.74 17.89 -65.24
CA PHE WA 3 -34.68 17.74 -64.23
C PHE WA 3 -34.98 16.64 -63.21
N GLU WA 4 -34.85 15.39 -63.63
CA GLU WA 4 -35.07 14.27 -62.71
C GLU WA 4 -33.82 14.00 -61.88
N GLY WA 5 -33.99 13.37 -60.73
CA GLY WA 5 -32.90 13.08 -59.81
C GLY WA 5 -32.43 11.64 -59.84
N HIS WA 6 -31.12 11.44 -59.99
CA HIS WA 6 -30.52 10.11 -60.01
C HIS WA 6 -30.85 9.39 -58.71
N LEU WA 7 -30.67 8.07 -58.68
CA LEU WA 7 -30.97 7.30 -57.48
C LEU WA 7 -29.85 6.34 -57.07
N VAL WA 8 -28.75 6.36 -57.81
CA VAL WA 8 -27.58 5.57 -57.45
C VAL WA 8 -26.49 6.46 -56.89
N GLY WA 9 -26.38 6.51 -55.57
CA GLY WA 9 -25.42 7.38 -54.92
C GLY WA 9 -24.15 6.69 -54.45
N THR WA 10 -23.32 6.26 -55.40
CA THR WA 10 -22.09 5.55 -55.07
C THR WA 10 -21.04 6.48 -54.47
N GLY WA 11 -20.97 7.71 -54.98
CA GLY WA 11 -19.95 8.64 -54.54
C GLY WA 11 -20.46 9.71 -53.58
N LEU WA 12 -21.62 9.47 -52.99
CA LEU WA 12 -22.21 10.44 -52.08
C LEU WA 12 -21.62 10.34 -50.68
N LYS WA 13 -21.82 11.40 -49.89
CA LYS WA 13 -21.30 11.46 -48.52
C LYS WA 13 -22.39 11.99 -47.58
N VAL WA 14 -23.23 11.09 -47.08
CA VAL WA 14 -24.40 11.49 -46.28
C VAL WA 14 -24.08 11.55 -44.79
N GLY WA 15 -24.88 12.33 -44.07
CA GLY WA 15 -24.79 12.42 -42.62
C GLY WA 15 -26.16 12.47 -41.98
N VAL WA 16 -26.34 11.74 -40.88
CA VAL WA 16 -27.63 11.66 -40.22
C VAL WA 16 -27.60 12.19 -38.79
N VAL WA 17 -28.71 12.78 -38.35
CA VAL WA 17 -28.88 13.20 -36.96
C VAL WA 17 -30.10 12.52 -36.35
N VAL WA 18 -29.86 11.46 -35.59
CA VAL WA 18 -30.95 10.70 -34.97
C VAL WA 18 -31.20 11.14 -33.52
N GLY WA 19 -32.42 10.91 -33.05
CA GLY WA 19 -32.80 11.30 -31.71
C GLY WA 19 -32.92 10.12 -30.76
N ARG WA 20 -32.38 10.28 -29.55
CA ARG WA 20 -32.37 9.21 -28.57
C ARG WA 20 -33.75 8.90 -28.00
N PHE WA 21 -34.48 9.94 -27.63
CA PHE WA 21 -35.83 9.76 -27.10
C PHE WA 21 -36.62 8.87 -28.05
N ASN WA 22 -37.29 7.87 -27.50
CA ASN WA 22 -37.98 6.86 -28.31
C ASN WA 22 -37.00 6.06 -29.15
N GLU WA 23 -35.86 5.72 -28.54
CA GLU WA 23 -34.82 4.95 -29.22
C GLU WA 23 -35.38 3.64 -29.74
N PHE WA 24 -36.39 3.11 -29.04
CA PHE WA 24 -37.03 1.87 -29.43
C PHE WA 24 -37.47 1.93 -30.88
N ILE WA 25 -37.84 3.13 -31.34
CA ILE WA 25 -38.30 3.34 -32.71
C ILE WA 25 -37.19 3.93 -33.59
N THR WA 26 -36.56 4.98 -33.10
CA THR WA 26 -35.51 5.65 -33.85
C THR WA 26 -34.37 4.69 -34.21
N SER WA 27 -34.15 3.69 -33.35
CA SER WA 27 -33.12 2.69 -33.59
C SER WA 27 -33.34 2.00 -34.94
N LYS WA 28 -34.47 1.31 -35.07
CA LYS WA 28 -34.80 0.64 -36.33
C LYS WA 28 -34.97 1.65 -37.45
N LEU WA 29 -35.16 2.91 -37.07
CA LEU WA 29 -35.38 3.98 -38.04
C LEU WA 29 -34.06 4.40 -38.68
N LEU WA 30 -32.99 4.26 -37.91
CA LEU WA 30 -31.64 4.55 -38.41
C LEU WA 30 -31.13 3.37 -39.24
N GLY WA 31 -31.42 2.15 -38.76
CA GLY WA 31 -31.05 0.93 -39.46
C GLY WA 31 -31.76 0.94 -40.83
N GLY WA 32 -32.75 1.82 -40.97
CA GLY WA 32 -33.47 1.98 -42.20
C GLY WA 32 -32.65 2.85 -43.14
N ALA WA 33 -32.20 3.99 -42.63
CA ALA WA 33 -31.35 4.87 -43.38
C ALA WA 33 -30.16 4.09 -43.93
N LEU WA 34 -29.33 3.50 -43.09
CA LEU WA 34 -28.06 2.86 -43.55
C LEU WA 34 -28.11 1.59 -44.34
N ASP WA 35 -28.82 0.63 -43.80
CA ASP WA 35 -28.76 -0.64 -44.51
C ASP WA 35 -29.26 -0.51 -45.99
N GLY WA 36 -29.93 0.64 -46.30
CA GLY WA 36 -30.52 0.96 -47.60
C GLY WA 36 -29.87 2.17 -48.24
N LEU WA 37 -29.13 2.90 -47.41
CA LEU WA 37 -28.32 4.01 -47.88
C LEU WA 37 -27.07 3.36 -48.43
N LYS WA 38 -26.66 2.28 -47.77
CA LYS WA 38 -25.49 1.51 -48.19
C LYS WA 38 -25.78 0.75 -49.47
N ARG WA 39 -26.89 0.02 -49.48
CA ARG WA 39 -27.23 -0.83 -50.62
C ARG WA 39 -27.60 -0.03 -51.86
N HIS WA 40 -27.62 1.30 -51.72
CA HIS WA 40 -27.87 2.17 -52.86
C HIS WA 40 -26.57 2.70 -53.47
N GLY WA 41 -25.44 2.24 -52.93
CA GLY WA 41 -24.15 2.61 -53.47
C GLY WA 41 -23.23 3.31 -52.47
N VAL WA 42 -23.81 4.14 -51.60
CA VAL WA 42 -23.03 4.92 -50.65
C VAL WA 42 -22.04 4.05 -49.88
N GLU WA 43 -20.81 4.56 -49.74
CA GLU WA 43 -19.79 3.86 -48.97
C GLU WA 43 -20.10 4.02 -47.49
N GLU WA 44 -20.08 2.91 -46.75
CA GLU WA 44 -20.47 2.94 -45.34
C GLU WA 44 -19.54 3.79 -44.49
N ASN WA 45 -18.42 4.20 -45.07
CA ASN WA 45 -17.47 5.07 -44.38
C ASN WA 45 -17.74 6.54 -44.65
N ASP WA 46 -18.61 6.81 -45.62
CA ASP WA 46 -19.01 8.17 -45.94
C ASP WA 46 -20.29 8.55 -45.19
N ILE WA 47 -20.57 7.81 -44.11
CA ILE WA 47 -21.78 8.05 -43.33
C ILE WA 47 -21.47 8.34 -41.87
N ASP WA 48 -21.85 9.54 -41.43
CA ASP WA 48 -21.67 9.93 -40.04
C ASP WA 48 -23.01 10.06 -39.33
N VAL WA 49 -23.02 9.71 -38.05
CA VAL WA 49 -24.23 9.76 -37.24
C VAL WA 49 -24.05 10.69 -36.04
N ALA WA 50 -25.06 11.52 -35.80
CA ALA WA 50 -25.02 12.44 -34.68
C ALA WA 50 -26.22 12.21 -33.75
N TRP WA 51 -25.96 11.61 -32.60
CA TRP WA 51 -27.00 11.34 -31.61
C TRP WA 51 -27.31 12.57 -30.76
N VAL WA 52 -28.56 13.03 -30.83
CA VAL WA 52 -29.03 14.15 -30.04
C VAL WA 52 -30.06 13.67 -29.04
N PRO WA 53 -30.20 14.38 -27.91
CA PRO WA 53 -31.14 14.01 -26.85
C PRO WA 53 -32.56 13.82 -27.39
N GLY WA 54 -33.25 14.93 -27.64
CA GLY WA 54 -34.60 14.87 -28.16
C GLY WA 54 -34.69 15.37 -29.59
N ALA WA 55 -35.83 15.12 -30.23
CA ALA WA 55 -36.05 15.58 -31.60
C ALA WA 55 -35.95 17.09 -31.70
N PHE WA 56 -36.14 17.77 -30.58
CA PHE WA 56 -36.09 19.23 -30.53
C PHE WA 56 -34.69 19.75 -30.81
N GLU WA 57 -33.69 18.96 -30.45
CA GLU WA 57 -32.29 19.37 -30.55
C GLU WA 57 -31.72 19.09 -31.93
N ILE WA 58 -32.53 18.48 -32.79
CA ILE WA 58 -32.09 18.12 -34.14
C ILE WA 58 -31.69 19.33 -34.99
N PRO WA 59 -32.57 20.35 -35.07
CA PRO WA 59 -32.28 21.52 -35.90
C PRO WA 59 -30.87 22.10 -35.69
N LEU WA 60 -30.44 22.17 -34.44
CA LEU WA 60 -29.14 22.76 -34.12
C LEU WA 60 -27.98 21.97 -34.69
N ILE WA 61 -27.98 20.66 -34.42
CA ILE WA 61 -26.89 19.78 -34.85
C ILE WA 61 -27.01 19.41 -36.34
N ALA WA 62 -28.24 19.36 -36.84
CA ALA WA 62 -28.46 19.14 -38.26
C ALA WA 62 -27.85 20.29 -39.04
N LYS WA 63 -27.82 21.46 -38.42
CA LYS WA 63 -27.20 22.64 -39.01
C LYS WA 63 -25.69 22.51 -39.03
N LYS WA 64 -25.09 22.43 -37.85
CA LYS WA 64 -23.64 22.25 -37.72
C LYS WA 64 -23.11 21.22 -38.71
N MET WA 65 -23.90 20.17 -38.95
CA MET WA 65 -23.47 19.05 -39.77
C MET WA 65 -23.60 19.35 -41.26
N ALA WA 66 -24.80 19.75 -41.67
CA ALA WA 66 -25.04 20.08 -43.07
C ALA WA 66 -24.30 21.35 -43.48
N ASN WA 67 -23.57 21.92 -42.51
CA ASN WA 67 -22.89 23.19 -42.75
C ASN WA 67 -21.38 23.00 -42.78
N SER WA 68 -20.92 21.88 -42.24
CA SER WA 68 -19.50 21.57 -42.23
C SER WA 68 -18.99 21.29 -43.64
N GLY WA 69 -19.91 21.00 -44.55
CA GLY WA 69 -19.55 20.73 -45.94
C GLY WA 69 -19.10 19.31 -46.18
N LYS WA 70 -18.80 18.60 -45.10
CA LYS WA 70 -18.33 17.22 -45.18
C LYS WA 70 -19.40 16.34 -45.82
N TYR WA 71 -20.64 16.82 -45.80
CA TYR WA 71 -21.78 16.00 -46.19
C TYR WA 71 -22.47 16.49 -47.44
N ASP WA 72 -22.79 15.56 -48.32
CA ASP WA 72 -23.44 15.86 -49.59
C ASP WA 72 -24.94 16.03 -49.38
N ALA WA 73 -25.44 15.51 -48.26
CA ALA WA 73 -26.83 15.65 -47.87
C ALA WA 73 -26.99 15.17 -46.43
N VAL WA 74 -28.04 15.63 -45.76
CA VAL WA 74 -28.27 15.27 -44.36
C VAL WA 74 -29.64 14.66 -44.14
N ILE WA 75 -29.68 13.58 -43.36
CA ILE WA 75 -30.93 12.89 -43.04
C ILE WA 75 -31.26 13.01 -41.55
N THR WA 76 -32.38 13.66 -41.24
CA THR WA 76 -32.81 13.83 -39.86
C THR WA 76 -33.79 12.72 -39.46
N LEU WA 77 -33.37 11.90 -38.49
CA LEU WA 77 -34.22 10.83 -38.00
C LEU WA 77 -34.64 11.09 -36.55
N GLY WA 78 -35.80 10.55 -36.17
CA GLY WA 78 -36.30 10.72 -34.83
C GLY WA 78 -37.75 10.31 -34.71
N THR WA 79 -38.26 10.28 -33.48
CA THR WA 79 -39.65 9.92 -33.24
C THR WA 79 -40.27 10.77 -32.14
N VAL WA 80 -41.50 11.22 -32.37
CA VAL WA 80 -42.25 11.97 -31.37
C VAL WA 80 -43.66 11.41 -31.27
N ILE WA 81 -44.09 11.07 -30.06
CA ILE WA 81 -45.41 10.48 -29.88
C ILE WA 81 -46.28 11.31 -28.93
N ARG WA 82 -47.55 11.41 -29.26
CA ARG WA 82 -48.52 12.17 -28.48
C ARG WA 82 -48.49 11.89 -26.98
N GLY WA 83 -48.42 12.96 -26.20
CA GLY WA 83 -48.52 12.85 -24.76
C GLY WA 83 -49.87 13.33 -24.31
N ALA WA 84 -49.99 13.64 -23.02
CA ALA WA 84 -51.23 14.16 -22.47
C ALA WA 84 -51.31 15.67 -22.63
N THR WA 85 -50.17 16.28 -22.94
CA THR WA 85 -50.09 17.73 -23.06
C THR WA 85 -49.86 18.17 -24.49
N THR WA 86 -49.98 19.48 -24.74
CA THR WA 86 -49.74 20.05 -26.06
C THR WA 86 -48.26 20.14 -26.36
N HIS WA 87 -47.44 19.62 -25.44
CA HIS WA 87 -46.00 19.62 -25.61
C HIS WA 87 -45.63 18.98 -26.95
N TYR WA 88 -46.25 17.85 -27.23
CA TYR WA 88 -46.00 17.11 -28.47
C TYR WA 88 -46.07 17.99 -29.71
N ASP WA 89 -46.92 19.01 -29.66
CA ASP WA 89 -47.16 19.87 -30.81
C ASP WA 89 -46.00 20.84 -31.06
N TYR WA 90 -45.56 21.51 -30.01
CA TYR WA 90 -44.51 22.51 -30.13
C TYR WA 90 -43.17 21.87 -30.51
N VAL WA 91 -43.02 20.59 -30.17
CA VAL WA 91 -41.82 19.85 -30.55
C VAL WA 91 -41.86 19.49 -32.03
N CYS WA 92 -42.88 18.73 -32.42
CA CYS WA 92 -43.06 18.35 -33.81
C CYS WA 92 -42.91 19.55 -34.74
N ASN WA 93 -43.64 20.61 -34.43
CA ASN WA 93 -43.58 21.83 -35.22
C ASN WA 93 -42.14 22.33 -35.40
N GLU WA 94 -41.51 22.70 -34.29
CA GLU WA 94 -40.18 23.28 -34.33
C GLU WA 94 -39.13 22.38 -35.01
N VAL WA 95 -39.34 21.07 -34.93
CA VAL WA 95 -38.45 20.13 -35.60
C VAL WA 95 -38.59 20.29 -37.12
N ALA WA 96 -39.80 20.08 -37.62
CA ALA WA 96 -40.09 20.25 -39.03
C ALA WA 96 -39.81 21.69 -39.44
N LYS WA 97 -40.09 22.61 -38.54
CA LYS WA 97 -39.87 24.04 -38.78
C LYS WA 97 -38.40 24.32 -38.98
N GLY WA 98 -37.56 23.72 -38.14
CA GLY WA 98 -36.13 23.89 -38.25
C GLY WA 98 -35.55 23.24 -39.48
N VAL WA 99 -35.78 21.93 -39.62
CA VAL WA 99 -35.22 21.16 -40.73
C VAL WA 99 -35.56 21.74 -42.09
N ALA WA 100 -36.78 22.23 -42.24
CA ALA WA 100 -37.24 22.78 -43.52
C ALA WA 100 -36.68 24.18 -43.74
N SER WA 101 -37.03 25.10 -42.83
CA SER WA 101 -36.60 26.48 -42.94
C SER WA 101 -35.08 26.59 -42.97
N LEU WA 102 -34.41 25.64 -42.33
CA LEU WA 102 -32.96 25.61 -42.29
C LEU WA 102 -32.39 24.58 -43.27
N SER WA 103 -33.01 24.53 -44.45
CA SER WA 103 -32.54 23.69 -45.54
C SER WA 103 -32.45 24.56 -46.78
N LEU WA 104 -32.98 25.77 -46.67
CA LEU WA 104 -32.91 26.75 -47.74
C LEU WA 104 -31.74 27.68 -47.47
N GLN WA 105 -31.46 27.89 -46.19
CA GLN WA 105 -30.37 28.76 -45.75
C GLN WA 105 -29.01 28.12 -46.08
N THR WA 106 -28.91 26.80 -46.05
CA THR WA 106 -27.60 26.20 -46.36
C THR WA 106 -27.49 25.74 -47.85
N ASP WA 107 -28.63 25.39 -48.44
CA ASP WA 107 -28.70 24.87 -49.83
C ASP WA 107 -28.13 23.43 -49.86
N ILE WA 108 -27.89 22.80 -48.71
CA ILE WA 108 -27.46 21.38 -48.62
C ILE WA 108 -28.76 20.57 -48.38
N PRO WA 109 -28.96 19.47 -49.13
CA PRO WA 109 -30.26 18.82 -48.90
C PRO WA 109 -30.49 18.36 -47.48
N VAL WA 110 -31.57 18.73 -46.78
CA VAL WA 110 -31.77 18.21 -45.43
C VAL WA 110 -33.11 17.50 -45.35
N ILE WA 111 -33.11 16.20 -45.63
CA ILE WA 111 -34.33 15.40 -45.65
C ILE WA 111 -34.96 15.28 -44.27
N PHE WA 112 -36.28 15.43 -44.23
CA PHE WA 112 -37.03 15.36 -42.97
C PHE WA 112 -37.62 13.97 -42.76
N GLY WA 113 -36.96 13.17 -41.92
CA GLY WA 113 -37.41 11.83 -41.65
C GLY WA 113 -37.73 11.62 -40.18
N VAL WA 114 -38.45 12.57 -39.59
CA VAL WA 114 -38.88 12.47 -38.19
C VAL WA 114 -40.31 11.98 -38.11
N LEU WA 115 -40.51 10.82 -37.47
CA LEU WA 115 -41.84 10.29 -37.25
C LEU WA 115 -42.60 11.15 -36.26
N THR WA 116 -43.85 11.42 -36.58
CA THR WA 116 -44.70 12.23 -35.73
C THR WA 116 -46.07 11.56 -35.63
N THR WA 117 -46.20 10.64 -34.66
CA THR WA 117 -47.36 9.78 -34.57
C THR WA 117 -48.22 10.00 -33.32
N GLU WA 118 -49.30 9.24 -33.24
CA GLU WA 118 -50.26 9.33 -32.13
C GLU WA 118 -50.13 8.13 -31.19
N THR WA 119 -49.73 7.00 -31.76
CA THR WA 119 -49.62 5.76 -30.99
C THR WA 119 -48.21 5.21 -31.08
N ILE WA 120 -47.83 4.42 -30.09
CA ILE WA 120 -46.59 3.67 -30.16
C ILE WA 120 -46.68 2.71 -31.34
N GLU WA 121 -47.89 2.23 -31.59
CA GLU WA 121 -48.15 1.29 -32.67
C GLU WA 121 -47.90 1.92 -34.04
N GLN WA 122 -48.36 3.15 -34.21
CA GLN WA 122 -48.20 3.85 -35.49
C GLN WA 122 -46.73 4.08 -35.82
N ALA WA 123 -45.93 4.31 -34.78
CA ALA WA 123 -44.49 4.47 -34.95
C ALA WA 123 -43.89 3.19 -35.50
N ILE WA 124 -44.28 2.06 -34.91
CA ILE WA 124 -43.80 0.76 -35.35
C ILE WA 124 -44.22 0.47 -36.79
N GLU WA 125 -45.44 0.84 -37.13
CA GLU WA 125 -45.93 0.67 -38.50
C GLU WA 125 -45.00 1.34 -39.50
N ARG WA 126 -44.51 2.51 -39.12
CA ARG WA 126 -43.69 3.33 -40.01
C ARG WA 126 -42.20 3.20 -39.71
N ALA WA 127 -41.83 2.16 -38.97
CA ALA WA 127 -40.44 1.92 -38.64
C ALA WA 127 -40.00 0.55 -39.10
N GLY WA 128 -40.47 0.12 -40.24
CA GLY WA 128 -40.04 -1.18 -40.67
C GLY WA 128 -41.17 -2.17 -40.65
N THR WA 129 -42.41 -1.73 -40.44
CA THR WA 129 -43.53 -2.70 -40.51
C THR WA 129 -44.47 -2.38 -41.67
N LYS WA 130 -45.76 -2.61 -41.44
CA LYS WA 130 -46.85 -2.34 -42.37
C LYS WA 130 -46.54 -1.25 -43.38
N ALA WA 131 -46.34 0.00 -42.95
CA ALA WA 131 -46.13 1.10 -43.91
C ALA WA 131 -44.74 1.11 -44.58
N GLY WA 132 -43.76 0.38 -44.01
CA GLY WA 132 -42.41 0.35 -44.52
C GLY WA 132 -41.48 1.02 -43.51
N ASN WA 133 -40.24 1.35 -43.90
CA ASN WA 133 -39.33 2.01 -42.96
C ASN WA 133 -39.06 3.46 -43.38
N LYS WA 134 -39.57 4.39 -42.59
CA LYS WA 134 -39.42 5.81 -42.87
C LYS WA 134 -37.96 6.21 -43.03
N GLY WA 135 -37.08 5.52 -42.32
CA GLY WA 135 -35.66 5.81 -42.37
C GLY WA 135 -35.05 5.44 -43.71
N TYR WA 136 -35.51 4.34 -44.27
CA TYR WA 136 -35.06 3.89 -45.58
C TYR WA 136 -35.53 4.83 -46.68
N GLU WA 137 -36.82 5.15 -46.63
CA GLU WA 137 -37.43 6.05 -47.62
C GLU WA 137 -36.84 7.45 -47.55
N SER WA 138 -36.35 7.84 -46.37
CA SER WA 138 -35.79 9.17 -46.20
C SER WA 138 -34.34 9.21 -46.66
N ALA WA 139 -33.72 8.04 -46.78
CA ALA WA 139 -32.36 7.94 -47.29
C ALA WA 139 -32.37 7.96 -48.80
N VAL WA 140 -33.29 7.20 -49.40
CA VAL WA 140 -33.43 7.16 -50.85
C VAL WA 140 -33.75 8.56 -51.39
N ALA WA 141 -34.39 9.37 -50.55
CA ALA WA 141 -34.73 10.75 -50.90
C ALA WA 141 -33.49 11.64 -50.80
N ALA WA 142 -32.66 11.37 -49.80
CA ALA WA 142 -31.43 12.13 -49.60
C ALA WA 142 -30.51 11.99 -50.81
N ILE WA 143 -30.45 10.78 -51.35
CA ILE WA 143 -29.65 10.53 -52.53
C ILE WA 143 -30.17 11.35 -53.71
N GLU WA 144 -31.44 11.17 -54.04
CA GLU WA 144 -32.04 11.87 -55.16
C GLU WA 144 -31.84 13.38 -55.05
N MET WA 145 -32.16 13.92 -53.89
CA MET WA 145 -32.00 15.36 -53.66
C MET WA 145 -30.56 15.80 -53.89
N ALA WA 146 -29.62 15.00 -53.42
CA ALA WA 146 -28.21 15.27 -53.64
C ALA WA 146 -27.92 15.36 -55.13
N HIS WA 147 -28.29 14.31 -55.85
CA HIS WA 147 -28.05 14.24 -57.29
C HIS WA 147 -28.79 15.32 -58.07
N LEU WA 148 -29.73 16.01 -57.41
CA LEU WA 148 -30.34 17.17 -58.01
C LEU WA 148 -29.32 18.17 -57.47
N SER WA 149 -28.28 18.40 -58.26
CA SER WA 149 -27.43 19.57 -58.25
C SER WA 149 -27.05 20.70 -59.21
N LYS WA 150 -27.57 20.64 -60.42
CA LYS WA 150 -27.36 21.70 -61.41
C LYS WA 150 -27.78 23.11 -61.01
N HIS WA 151 -28.87 23.22 -60.27
CA HIS WA 151 -29.39 24.52 -59.87
C HIS WA 151 -28.57 25.18 -58.76
N TRP WA 152 -27.85 26.24 -59.12
CA TRP WA 152 -27.22 27.12 -58.15
C TRP WA 152 -26.66 28.36 -58.81
N ALA WA 153 -27.29 29.51 -58.54
CA ALA WA 153 -26.87 30.78 -59.09
C ALA WA 153 -27.12 31.93 -58.11
N VAL XA 2 -55.96 49.87 -62.02
CA VAL XA 2 -54.90 50.58 -62.73
C VAL XA 2 -53.76 49.64 -63.07
N PHE XA 3 -53.69 48.50 -62.37
CA PHE XA 3 -52.59 47.54 -62.55
C PHE XA 3 -53.06 46.11 -62.70
N GLU XA 4 -53.67 45.77 -63.83
CA GLU XA 4 -54.10 44.39 -64.08
C GLU XA 4 -52.98 43.58 -64.75
N GLY XA 5 -53.08 42.26 -64.68
CA GLY XA 5 -52.05 41.40 -65.23
C GLY XA 5 -52.46 40.71 -66.52
N HIS XA 6 -51.65 40.91 -67.56
CA HIS XA 6 -51.87 40.29 -68.85
C HIS XA 6 -52.03 38.77 -68.70
N LEU XA 7 -52.79 38.14 -69.60
CA LEU XA 7 -53.03 36.70 -69.50
C LEU XA 7 -52.48 35.92 -70.70
N VAL XA 8 -51.93 36.63 -71.69
CA VAL XA 8 -51.27 35.97 -72.81
C VAL XA 8 -49.76 35.90 -72.55
N GLY XA 9 -49.22 34.69 -72.56
CA GLY XA 9 -47.82 34.50 -72.24
C GLY XA 9 -47.03 33.87 -73.37
N THR XA 10 -47.22 34.38 -74.58
CA THR XA 10 -46.52 33.86 -75.75
C THR XA 10 -45.00 33.92 -75.56
N GLY XA 11 -44.52 35.01 -74.96
CA GLY XA 11 -43.10 35.20 -74.79
C GLY XA 11 -42.59 34.89 -73.40
N LEU XA 12 -43.34 34.08 -72.66
CA LEU XA 12 -42.95 33.75 -71.30
C LEU XA 12 -42.00 32.57 -71.26
N LYS XA 13 -41.52 32.24 -70.05
CA LYS XA 13 -40.50 31.22 -69.88
C LYS XA 13 -40.62 30.63 -68.48
N VAL XA 14 -41.50 29.64 -68.33
CA VAL XA 14 -41.85 29.11 -67.00
C VAL XA 14 -41.07 27.85 -66.63
N GLY XA 15 -41.01 27.57 -65.33
CA GLY XA 15 -40.39 26.36 -64.83
C GLY XA 15 -41.14 25.84 -63.61
N VAL XA 16 -41.42 24.54 -63.60
CA VAL XA 16 -42.22 23.95 -62.53
C VAL XA 16 -41.48 22.88 -61.74
N VAL XA 17 -41.90 22.70 -60.48
CA VAL XA 17 -41.36 21.64 -59.62
C VAL XA 17 -42.49 20.79 -59.08
N VAL XA 18 -42.58 19.55 -59.55
CA VAL XA 18 -43.64 18.64 -59.13
C VAL XA 18 -43.11 17.54 -58.21
N GLY XA 19 -43.96 17.11 -57.29
CA GLY XA 19 -43.59 16.08 -56.33
C GLY XA 19 -43.98 14.71 -56.82
N ARG XA 20 -43.02 13.79 -56.78
CA ARG XA 20 -43.26 12.43 -57.26
C ARG XA 20 -44.26 11.68 -56.38
N PHE XA 21 -44.21 11.93 -55.08
CA PHE XA 21 -45.13 11.29 -54.15
C PHE XA 21 -46.57 11.63 -54.54
N ASN XA 22 -47.41 10.61 -54.58
CA ASN XA 22 -48.77 10.75 -55.09
C ASN XA 22 -48.77 11.05 -56.58
N GLU XA 23 -47.85 10.42 -57.29
CA GLU XA 23 -47.72 10.57 -58.74
C GLU XA 23 -49.07 10.42 -59.41
N PHE XA 24 -49.88 9.50 -58.91
CA PHE XA 24 -51.20 9.22 -59.47
C PHE XA 24 -52.02 10.50 -59.64
N ILE XA 25 -51.75 11.49 -58.80
CA ILE XA 25 -52.45 12.77 -58.84
C ILE XA 25 -51.61 13.87 -59.47
N THR XA 26 -50.36 13.98 -59.03
CA THR XA 26 -49.48 15.02 -59.53
C THR XA 26 -49.25 14.92 -61.04
N SER XA 27 -49.40 13.72 -61.59
CA SER XA 27 -49.25 13.50 -63.01
C SER XA 27 -50.26 14.33 -63.80
N LYS XA 28 -51.54 14.00 -63.64
CA LYS XA 28 -52.61 14.73 -64.30
C LYS XA 28 -52.59 16.20 -63.88
N LEU XA 29 -51.96 16.47 -62.74
CA LEU XA 29 -51.88 17.82 -62.21
C LEU XA 29 -50.87 18.63 -63.00
N LEU XA 30 -49.80 17.97 -63.44
CA LEU XA 30 -48.74 18.60 -64.21
C LEU XA 30 -49.17 18.81 -65.66
N GLY XA 31 -49.76 17.76 -66.23
CA GLY XA 31 -50.24 17.80 -67.60
C GLY XA 31 -51.20 18.95 -67.82
N GLY XA 32 -51.96 19.29 -66.79
CA GLY XA 32 -52.88 20.41 -66.85
C GLY XA 32 -52.18 21.75 -66.85
N ALA XA 33 -51.07 21.82 -66.12
CA ALA XA 33 -50.28 23.04 -66.04
C ALA XA 33 -49.51 23.29 -67.33
N LEU XA 34 -48.94 22.21 -67.87
CA LEU XA 34 -48.24 22.30 -69.15
C LEU XA 34 -49.23 22.67 -70.24
N ASP XA 35 -50.31 21.91 -70.33
CA ASP XA 35 -51.37 22.18 -71.31
C ASP XA 35 -51.83 23.63 -71.23
N GLY XA 36 -51.90 24.16 -70.02
CA GLY XA 36 -52.31 25.54 -69.81
C GLY XA 36 -51.33 26.55 -70.36
N LEU XA 37 -50.09 26.48 -69.89
CA LEU XA 37 -49.03 27.35 -70.38
C LEU XA 37 -48.89 27.23 -71.89
N LYS XA 38 -48.89 25.99 -72.37
CA LYS XA 38 -48.68 25.70 -73.78
C LYS XA 38 -49.75 26.35 -74.66
N ARG XA 39 -51.02 26.16 -74.27
CA ARG XA 39 -52.13 26.70 -75.06
C ARG XA 39 -52.42 28.16 -74.72
N HIS XA 40 -51.62 28.76 -73.85
CA HIS XA 40 -51.77 30.17 -73.53
C HIS XA 40 -50.70 31.01 -74.23
N GLY XA 41 -49.87 30.34 -75.03
CA GLY XA 41 -48.84 31.03 -75.77
C GLY XA 41 -47.43 30.55 -75.46
N VAL XA 42 -47.17 30.28 -74.18
CA VAL XA 42 -45.85 29.83 -73.75
C VAL XA 42 -45.31 28.76 -74.69
N GLU XA 43 -44.06 28.95 -75.12
CA GLU XA 43 -43.45 27.98 -76.02
C GLU XA 43 -43.28 26.64 -75.31
N GLU XA 44 -43.55 25.55 -76.04
CA GLU XA 44 -43.57 24.22 -75.44
C GLU XA 44 -42.21 23.78 -74.90
N ASN XA 45 -41.16 24.55 -75.20
CA ASN XA 45 -39.81 24.21 -74.74
C ASN XA 45 -39.22 25.25 -73.80
N ASP XA 46 -39.92 26.37 -73.65
CA ASP XA 46 -39.54 27.39 -72.67
C ASP XA 46 -40.01 26.94 -71.30
N ILE XA 47 -40.30 25.65 -71.18
CA ILE XA 47 -40.90 25.10 -69.98
C ILE XA 47 -40.05 23.94 -69.43
N ASP XA 48 -39.67 24.06 -68.15
CA ASP XA 48 -38.85 23.03 -67.51
C ASP XA 48 -39.57 22.41 -66.31
N VAL XA 49 -39.28 21.14 -66.05
CA VAL XA 49 -39.89 20.45 -64.94
C VAL XA 49 -38.86 19.75 -64.06
N ALA XA 50 -38.94 19.97 -62.76
CA ALA XA 50 -38.03 19.36 -61.80
C ALA XA 50 -38.79 18.43 -60.85
N TRP XA 51 -38.50 17.15 -60.93
CA TRP XA 51 -39.16 16.15 -60.08
C TRP XA 51 -38.45 15.99 -58.73
N VAL XA 52 -39.16 16.32 -57.66
CA VAL XA 52 -38.65 16.17 -56.30
C VAL XA 52 -39.30 14.96 -55.64
N PRO XA 53 -38.63 14.46 -54.58
CA PRO XA 53 -39.14 13.30 -53.86
C PRO XA 53 -40.62 13.46 -53.44
N GLY XA 54 -40.96 14.62 -52.88
CA GLY XA 54 -42.30 14.87 -52.44
C GLY XA 54 -42.46 16.36 -52.11
N ALA XA 55 -43.65 16.78 -51.66
CA ALA XA 55 -43.88 18.19 -51.35
C ALA XA 55 -42.85 18.75 -50.36
N PHE XA 56 -42.47 18.05 -49.33
CA PHE XA 56 -41.53 18.70 -48.42
C PHE XA 56 -40.29 19.23 -49.15
N GLU XA 57 -39.86 18.56 -50.19
CA GLU XA 57 -38.66 18.92 -50.91
C GLU XA 57 -38.82 20.08 -51.88
N ILE XA 58 -40.08 20.45 -52.19
CA ILE XA 58 -40.45 21.53 -53.20
C ILE XA 58 -40.08 22.99 -52.96
N PRO XA 59 -39.87 23.31 -51.70
CA PRO XA 59 -39.34 24.64 -51.38
C PRO XA 59 -37.86 24.81 -51.75
N LEU XA 60 -37.06 23.77 -51.54
CA LEU XA 60 -35.62 23.87 -51.81
C LEU XA 60 -35.30 24.02 -53.29
N ILE XA 61 -35.88 23.17 -54.11
CA ILE XA 61 -35.61 23.17 -55.54
C ILE XA 61 -36.35 24.29 -56.29
N ALA XA 62 -37.44 24.77 -55.69
CA ALA XA 62 -38.15 25.92 -56.24
C ALA XA 62 -37.29 27.17 -56.10
N LYS XA 63 -36.57 27.24 -54.98
CA LYS XA 63 -35.65 28.35 -54.73
C LYS XA 63 -34.44 28.26 -55.67
N LYS XA 64 -34.08 27.03 -56.04
CA LYS XA 64 -32.95 26.79 -56.93
C LYS XA 64 -33.30 27.10 -58.39
N MET XA 65 -34.59 27.24 -58.67
CA MET XA 65 -35.04 27.56 -60.02
C MET XA 65 -35.43 29.03 -60.13
N ALA XA 66 -35.71 29.65 -59.00
CA ALA XA 66 -36.00 31.08 -58.97
C ALA XA 66 -34.69 31.86 -58.96
N ASN XA 67 -33.71 31.35 -58.19
CA ASN XA 67 -32.40 31.96 -58.11
C ASN XA 67 -31.54 31.67 -59.32
N SER XA 68 -32.00 30.75 -60.17
CA SER XA 68 -31.28 30.44 -61.41
C SER XA 68 -31.49 31.54 -62.44
N GLY XA 69 -32.45 32.42 -62.18
CA GLY XA 69 -32.72 33.56 -63.04
C GLY XA 69 -32.90 33.20 -64.50
N LYS XA 70 -33.65 32.12 -64.75
CA LYS XA 70 -33.87 31.64 -66.10
C LYS XA 70 -35.35 31.66 -66.47
N TYR XA 71 -36.20 31.74 -65.47
CA TYR XA 71 -37.64 31.65 -65.68
C TYR XA 71 -38.34 32.97 -65.41
N ASP XA 72 -39.56 33.11 -65.92
CA ASP XA 72 -40.38 34.30 -65.68
C ASP XA 72 -41.36 34.03 -64.55
N ALA XA 73 -41.42 32.77 -64.13
CA ALA XA 73 -42.30 32.33 -63.08
C ALA XA 73 -42.04 30.88 -62.75
N VAL XA 74 -42.31 30.48 -61.52
CA VAL XA 74 -42.12 29.10 -61.10
C VAL XA 74 -43.43 28.55 -60.57
N ILE XA 75 -43.81 27.37 -61.04
CA ILE XA 75 -45.04 26.73 -60.58
C ILE XA 75 -44.73 25.51 -59.72
N THR XA 76 -45.21 25.53 -58.48
CA THR XA 76 -45.02 24.40 -57.57
C THR XA 76 -46.24 23.48 -57.57
N LEU XA 77 -46.03 22.25 -58.03
CA LEU XA 77 -47.10 21.26 -58.07
C LEU XA 77 -46.80 20.09 -57.15
N GLY XA 78 -47.84 19.48 -56.60
CA GLY XA 78 -47.69 18.35 -55.71
C GLY XA 78 -49.01 17.98 -55.07
N THR XA 79 -49.02 16.94 -54.26
CA THR XA 79 -50.23 16.51 -53.57
C THR XA 79 -49.92 15.85 -52.23
N VAL XA 80 -50.64 16.27 -51.21
CA VAL XA 80 -50.50 15.69 -49.87
C VAL XA 80 -51.87 15.28 -49.36
N ILE XA 81 -51.98 14.07 -48.83
CA ILE XA 81 -53.27 13.58 -48.34
C ILE XA 81 -53.20 13.11 -46.89
N ARG XA 82 -54.25 13.39 -46.14
CA ARG XA 82 -54.35 13.04 -44.72
C ARG XA 82 -54.00 11.59 -44.42
N GLY XA 83 -53.16 11.40 -43.42
CA GLY XA 83 -52.83 10.08 -42.95
C GLY XA 83 -53.41 9.86 -41.57
N ALA XA 84 -52.84 8.91 -40.82
CA ALA XA 84 -53.28 8.62 -39.45
C ALA XA 84 -52.61 9.54 -38.46
N THR XA 85 -51.43 10.04 -38.84
CA THR XA 85 -50.65 10.89 -37.96
C THR XA 85 -50.78 12.36 -38.35
N THR XA 86 -50.28 13.24 -37.48
CA THR XA 86 -50.28 14.67 -37.75
C THR XA 86 -49.15 15.07 -38.70
N HIS XA 87 -48.42 14.07 -39.20
CA HIS XA 87 -47.34 14.28 -40.14
C HIS XA 87 -47.82 15.12 -41.34
N TYR XA 88 -49.03 14.83 -41.79
CA TYR XA 88 -49.63 15.53 -42.92
C TYR XA 88 -49.65 17.04 -42.73
N ASP XA 89 -49.82 17.46 -41.48
CA ASP XA 89 -49.96 18.88 -41.15
C ASP XA 89 -48.66 19.64 -41.33
N TYR XA 90 -47.58 19.10 -40.78
CA TYR XA 90 -46.28 19.77 -40.83
C TYR XA 90 -45.75 19.84 -42.25
N VAL XA 91 -46.02 18.79 -43.02
CA VAL XA 91 -45.63 18.77 -44.42
C VAL XA 91 -46.35 19.87 -45.19
N CYS XA 92 -47.68 19.80 -45.21
CA CYS XA 92 -48.50 20.80 -45.88
C CYS XA 92 -48.07 22.22 -45.49
N ASN XA 93 -47.90 22.45 -44.19
CA ASN XA 93 -47.53 23.76 -43.70
C ASN XA 93 -46.21 24.26 -44.28
N GLU XA 94 -45.16 23.47 -44.08
CA GLU XA 94 -43.82 23.87 -44.49
C GLU XA 94 -43.68 24.07 -46.00
N VAL XA 95 -44.53 23.39 -46.77
CA VAL XA 95 -44.55 23.55 -48.21
C VAL XA 95 -45.04 24.94 -48.56
N ALA XA 96 -46.26 25.27 -48.10
CA ALA XA 96 -46.83 26.58 -48.33
C ALA XA 96 -45.99 27.66 -47.65
N LYS XA 97 -45.63 27.41 -46.39
CA LYS XA 97 -44.79 28.31 -45.63
C LYS XA 97 -43.51 28.62 -46.39
N GLY XA 98 -42.94 27.59 -47.03
CA GLY XA 98 -41.73 27.75 -47.80
C GLY XA 98 -41.96 28.48 -49.12
N VAL XA 99 -42.90 27.98 -49.91
CA VAL XA 99 -43.20 28.55 -51.21
C VAL XA 99 -43.63 30.02 -51.13
N ALA XA 100 -44.42 30.37 -50.12
CA ALA XA 100 -44.88 31.74 -49.95
C ALA XA 100 -43.75 32.65 -49.47
N SER XA 101 -43.07 32.23 -48.40
CA SER XA 101 -42.00 33.02 -47.82
C SER XA 101 -40.82 33.15 -48.78
N LEU XA 102 -40.51 32.08 -49.49
CA LEU XA 102 -39.44 32.09 -50.47
C LEU XA 102 -39.97 32.46 -51.84
N SER XA 103 -40.92 33.41 -51.86
CA SER XA 103 -41.44 33.98 -53.09
C SER XA 103 -41.33 35.49 -52.95
N LEU XA 104 -40.93 35.91 -51.76
CA LEU XA 104 -40.69 37.32 -51.45
C LEU XA 104 -39.20 37.55 -51.32
N GLN XA 105 -38.49 36.51 -50.88
CA GLN XA 105 -37.04 36.55 -50.77
C GLN XA 105 -36.41 36.58 -52.16
N THR XA 106 -37.21 36.30 -53.17
CA THR XA 106 -36.73 36.22 -54.54
C THR XA 106 -37.47 37.18 -55.47
N ASP XA 107 -38.43 37.92 -54.91
CA ASP XA 107 -39.26 38.85 -55.67
C ASP XA 107 -39.51 38.24 -57.05
N ILE XA 108 -39.87 36.98 -57.10
CA ILE XA 108 -40.10 36.26 -58.34
C ILE XA 108 -41.41 35.53 -58.09
N PRO XA 109 -42.36 35.66 -59.02
CA PRO XA 109 -43.66 34.97 -58.90
C PRO XA 109 -43.48 33.48 -58.74
N VAL XA 110 -43.77 32.97 -57.55
CA VAL XA 110 -43.75 31.53 -57.32
C VAL XA 110 -45.15 31.06 -56.91
N ILE XA 111 -45.88 30.53 -57.88
CA ILE XA 111 -47.25 30.10 -57.66
C ILE XA 111 -47.32 28.82 -56.83
N PHE XA 112 -48.15 28.85 -55.79
CA PHE XA 112 -48.35 27.68 -54.93
C PHE XA 112 -49.51 26.85 -55.43
N GLY XA 113 -49.21 25.68 -55.99
CA GLY XA 113 -50.24 24.81 -56.52
C GLY XA 113 -50.12 23.39 -56.00
N VAL XA 114 -49.95 23.25 -54.70
CA VAL XA 114 -49.86 21.93 -54.06
C VAL XA 114 -51.19 21.55 -53.42
N LEU XA 115 -51.76 20.44 -53.88
CA LEU XA 115 -53.01 19.96 -53.33
C LEU XA 115 -52.83 19.50 -51.89
N THR XA 116 -53.75 19.93 -51.03
CA THR XA 116 -53.73 19.55 -49.63
C THR XA 116 -55.12 19.08 -49.21
N THR XA 117 -55.37 17.77 -49.33
CA THR XA 117 -56.70 17.22 -49.21
C THR XA 117 -56.84 16.17 -48.11
N GLU XA 118 -58.06 15.67 -47.94
CA GLU XA 118 -58.38 14.68 -46.92
C GLU XA 118 -58.60 13.31 -47.53
N THR XA 119 -59.15 13.31 -48.75
CA THR XA 119 -59.51 12.08 -49.44
C THR XA 119 -58.78 11.96 -50.77
N ILE XA 120 -58.53 10.72 -51.19
CA ILE XA 120 -57.98 10.48 -52.52
C ILE XA 120 -58.99 10.98 -53.54
N GLU XA 121 -60.27 10.96 -53.15
CA GLU XA 121 -61.36 11.39 -54.02
C GLU XA 121 -61.42 12.91 -54.13
N GLN XA 122 -60.84 13.58 -53.14
CA GLN XA 122 -60.77 15.04 -53.15
C GLN XA 122 -59.64 15.53 -54.05
N ALA XA 123 -58.55 14.76 -54.09
CA ALA XA 123 -57.43 15.07 -54.96
C ALA XA 123 -57.85 14.92 -56.42
N ILE XA 124 -58.43 13.77 -56.75
CA ILE XA 124 -58.95 13.52 -58.08
C ILE XA 124 -59.99 14.58 -58.43
N GLU XA 125 -60.79 14.94 -57.43
CA GLU XA 125 -61.81 15.96 -57.60
C GLU XA 125 -61.19 17.25 -58.16
N ARG XA 126 -59.94 17.51 -57.78
CA ARG XA 126 -59.28 18.77 -58.12
C ARG XA 126 -58.09 18.57 -59.05
N ALA XA 127 -58.02 17.41 -59.69
CA ALA XA 127 -56.94 17.15 -60.63
C ALA XA 127 -57.46 16.99 -62.08
N GLY XA 128 -58.56 17.69 -62.37
CA GLY XA 128 -59.16 17.56 -63.69
C GLY XA 128 -60.43 16.76 -63.54
N THR XA 129 -61.15 17.10 -62.49
CA THR XA 129 -62.45 16.48 -62.27
C THR XA 129 -63.40 17.63 -61.82
N LYS XA 130 -64.53 17.29 -61.15
CA LYS XA 130 -65.50 18.32 -60.69
C LYS XA 130 -64.94 19.72 -60.49
N ALA XA 131 -63.94 19.87 -59.62
CA ALA XA 131 -63.37 21.21 -59.34
C ALA XA 131 -62.50 21.80 -60.48
N GLY XA 132 -62.12 21.03 -61.49
CA GLY XA 132 -61.26 21.55 -62.55
C GLY XA 132 -59.84 21.01 -62.37
N ASN XA 133 -58.81 21.60 -62.98
CA ASN XA 133 -57.44 21.12 -62.80
C ASN XA 133 -56.57 22.17 -62.12
N LYS XA 134 -56.27 21.94 -60.84
CA LYS XA 134 -55.47 22.87 -60.06
C LYS XA 134 -54.17 23.27 -60.76
N GLY XA 135 -53.60 22.33 -61.51
CA GLY XA 135 -52.37 22.59 -62.24
C GLY XA 135 -52.56 23.64 -63.32
N TYR XA 136 -53.56 23.41 -64.18
CA TYR XA 136 -53.90 24.35 -65.24
C TYR XA 136 -54.18 25.73 -64.66
N GLU XA 137 -54.92 25.77 -63.55
CA GLU XA 137 -55.25 27.02 -62.89
C GLU XA 137 -54.01 27.69 -62.31
N SER XA 138 -52.97 26.91 -62.07
CA SER XA 138 -51.72 27.44 -61.53
C SER XA 138 -50.88 28.10 -62.61
N ALA XA 139 -50.99 27.57 -63.83
CA ALA XA 139 -50.28 28.14 -64.97
C ALA XA 139 -50.88 29.48 -65.37
N VAL XA 140 -52.20 29.51 -65.49
CA VAL XA 140 -52.92 30.72 -65.82
C VAL XA 140 -52.65 31.80 -64.78
N ALA XA 141 -52.24 31.37 -63.59
CA ALA XA 141 -51.88 32.30 -62.53
C ALA XA 141 -50.43 32.75 -62.67
N ALA XA 142 -49.58 31.83 -63.13
CA ALA XA 142 -48.17 32.13 -63.32
C ALA XA 142 -47.96 33.16 -64.42
N ILE XA 143 -48.75 33.03 -65.49
CA ILE XA 143 -48.67 33.96 -66.61
C ILE XA 143 -49.05 35.37 -66.17
N GLU XA 144 -50.12 35.49 -65.41
CA GLU XA 144 -50.58 36.77 -64.93
C GLU XA 144 -49.56 37.43 -64.01
N MET XA 145 -49.04 36.65 -63.06
CA MET XA 145 -48.01 37.14 -62.15
C MET XA 145 -46.76 37.52 -62.90
N ALA XA 146 -46.53 36.85 -64.03
CA ALA XA 146 -45.35 37.11 -64.84
C ALA XA 146 -45.42 38.47 -65.54
N HIS XA 147 -46.63 39.02 -65.69
CA HIS XA 147 -46.83 40.31 -66.34
C HIS XA 147 -46.90 41.43 -65.32
N LEU XA 148 -47.42 41.12 -64.15
CA LEU XA 148 -47.53 42.05 -63.07
C LEU XA 148 -46.29 42.03 -62.17
N SER XA 149 -45.53 40.90 -62.07
CA SER XA 149 -44.46 40.82 -61.03
C SER XA 149 -42.99 40.62 -61.46
N LYS XA 150 -42.79 40.06 -62.63
CA LYS XA 150 -41.44 39.78 -63.09
C LYS XA 150 -40.85 40.92 -63.89
N HIS XA 151 -41.46 41.29 -64.98
CA HIS XA 151 -40.86 42.32 -65.78
C HIS XA 151 -41.37 43.73 -65.46
N TRP XA 152 -42.21 43.73 -64.46
CA TRP XA 152 -42.78 44.91 -63.87
C TRP XA 152 -41.94 45.14 -62.60
N ALA XA 153 -41.76 46.36 -62.12
CA ALA XA 153 -40.91 46.53 -60.93
C ALA XA 153 -41.45 47.57 -59.96
N VAL YA 2 -37.98 -47.19 -33.07
CA VAL YA 2 -38.00 -45.80 -32.60
C VAL YA 2 -36.94 -44.95 -33.32
N PHE YA 3 -37.31 -43.72 -33.68
CA PHE YA 3 -36.42 -42.84 -34.46
C PHE YA 3 -36.48 -41.39 -33.98
N GLU YA 4 -36.07 -41.13 -32.75
CA GLU YA 4 -36.00 -39.76 -32.27
C GLU YA 4 -34.84 -39.01 -32.90
N GLY YA 5 -34.73 -37.71 -32.61
CA GLY YA 5 -33.67 -36.90 -33.16
C GLY YA 5 -32.94 -36.08 -32.11
N HIS YA 6 -31.61 -36.13 -32.15
CA HIS YA 6 -30.77 -35.37 -31.22
C HIS YA 6 -31.19 -33.90 -31.15
N LEU YA 7 -30.71 -33.20 -30.13
CA LEU YA 7 -30.92 -31.77 -30.02
C LEU YA 7 -29.60 -31.04 -29.87
N VAL YA 8 -28.51 -31.79 -29.85
CA VAL YA 8 -27.17 -31.21 -29.81
C VAL YA 8 -26.64 -31.11 -31.23
N GLY YA 9 -26.41 -29.88 -31.67
CA GLY YA 9 -25.93 -29.63 -33.03
C GLY YA 9 -24.46 -29.28 -33.09
N THR YA 10 -23.65 -30.04 -32.34
CA THR YA 10 -22.22 -29.79 -32.24
C THR YA 10 -21.56 -29.54 -33.59
N GLY YA 11 -21.81 -30.42 -34.55
CA GLY YA 11 -21.16 -30.32 -35.85
C GLY YA 11 -22.12 -30.21 -37.01
N LEU YA 12 -23.02 -29.23 -36.95
CA LEU YA 12 -23.98 -29.03 -38.02
C LEU YA 12 -23.66 -27.77 -38.81
N LYS YA 13 -24.22 -27.68 -40.02
CA LYS YA 13 -24.06 -26.49 -40.86
C LYS YA 13 -25.44 -25.99 -41.29
N VAL YA 14 -25.90 -24.91 -40.67
CA VAL YA 14 -27.24 -24.40 -40.93
C VAL YA 14 -27.21 -23.12 -41.78
N GLY YA 15 -28.20 -23.00 -42.67
CA GLY YA 15 -28.34 -21.80 -43.47
C GLY YA 15 -29.71 -21.18 -43.27
N VAL YA 16 -29.74 -19.87 -43.03
CA VAL YA 16 -30.97 -19.15 -42.72
C VAL YA 16 -31.35 -18.17 -43.83
N VAL YA 17 -32.64 -18.05 -44.10
CA VAL YA 17 -33.14 -17.13 -45.11
C VAL YA 17 -34.21 -16.23 -44.51
N VAL YA 18 -33.88 -14.95 -44.34
CA VAL YA 18 -34.79 -14.00 -43.69
C VAL YA 18 -35.30 -12.92 -44.64
N GLY YA 19 -36.57 -12.54 -44.46
CA GLY YA 19 -37.17 -11.49 -45.27
C GLY YA 19 -37.10 -10.14 -44.58
N ARG YA 20 -36.70 -9.12 -45.33
CA ARG YA 20 -36.53 -7.77 -44.79
C ARG YA 20 -37.84 -7.12 -44.37
N PHE YA 21 -38.91 -7.38 -45.12
CA PHE YA 21 -40.19 -6.79 -44.79
C PHE YA 21 -40.54 -7.15 -43.36
N ASN YA 22 -40.98 -6.15 -42.60
CA ASN YA 22 -41.23 -6.33 -41.17
C ASN YA 22 -39.94 -6.64 -40.41
N GLU YA 23 -38.86 -5.95 -40.81
CA GLU YA 23 -37.56 -6.13 -40.17
C GLU YA 23 -37.69 -5.93 -38.66
N PHE YA 24 -38.61 -5.07 -38.26
CA PHE YA 24 -38.84 -4.78 -36.86
C PHE YA 24 -39.08 -6.07 -36.09
N ILE YA 25 -39.67 -7.05 -36.77
CA ILE YA 25 -39.99 -8.34 -36.16
C ILE YA 25 -38.97 -9.41 -36.54
N THR YA 26 -38.70 -9.53 -37.84
CA THR YA 26 -37.77 -10.54 -38.34
C THR YA 26 -36.37 -10.36 -37.78
N SER YA 27 -36.01 -9.12 -37.47
CA SER YA 27 -34.71 -8.82 -36.88
C SER YA 27 -34.54 -9.58 -35.57
N LYS YA 28 -35.36 -9.24 -34.58
CA LYS YA 28 -35.29 -9.90 -33.28
C LYS YA 28 -35.80 -11.34 -33.38
N LEU YA 29 -36.21 -11.72 -34.58
CA LEU YA 29 -36.70 -13.07 -34.85
C LEU YA 29 -35.53 -13.92 -35.36
N LEU YA 30 -34.58 -13.27 -36.01
CA LEU YA 30 -33.34 -13.91 -36.45
C LEU YA 30 -32.43 -14.11 -35.25
N GLY YA 31 -32.80 -13.51 -34.13
CA GLY YA 31 -32.12 -13.72 -32.87
C GLY YA 31 -32.34 -15.13 -32.38
N GLY YA 32 -33.07 -15.91 -33.17
CA GLY YA 32 -33.25 -17.32 -32.90
C GLY YA 32 -32.14 -18.11 -33.54
N ALA YA 33 -31.59 -17.56 -34.64
CA ALA YA 33 -30.40 -18.13 -35.25
C ALA YA 33 -29.32 -18.28 -34.19
N LEU YA 34 -28.59 -17.20 -33.94
CA LEU YA 34 -27.64 -17.17 -32.85
C LEU YA 34 -28.43 -17.18 -31.54
N ASP YA 35 -27.73 -17.30 -30.41
CA ASP YA 35 -28.40 -17.48 -29.12
C ASP YA 35 -29.49 -18.52 -29.25
N GLY YA 36 -29.29 -19.43 -30.20
CA GLY YA 36 -30.22 -20.52 -30.45
C GLY YA 36 -29.49 -21.70 -31.03
N LEU YA 37 -29.10 -21.58 -32.29
CA LEU YA 37 -28.25 -22.58 -32.91
C LEU YA 37 -26.92 -22.63 -32.18
N LYS YA 38 -26.38 -21.45 -31.88
CA LYS YA 38 -25.08 -21.34 -31.22
C LYS YA 38 -25.06 -22.02 -29.86
N ARG YA 39 -26.03 -21.70 -29.02
CA ARG YA 39 -26.10 -22.23 -27.66
C ARG YA 39 -26.39 -23.72 -27.65
N HIS YA 40 -26.81 -24.26 -28.80
CA HIS YA 40 -27.09 -25.68 -28.92
C HIS YA 40 -25.91 -26.45 -29.50
N GLY YA 41 -24.83 -25.74 -29.83
CA GLY YA 41 -23.62 -26.38 -30.30
C GLY YA 41 -23.13 -25.88 -31.64
N VAL YA 42 -24.05 -25.61 -32.55
CA VAL YA 42 -23.70 -25.17 -33.90
C VAL YA 42 -22.62 -24.09 -33.86
N GLU YA 43 -21.65 -24.22 -34.76
CA GLU YA 43 -20.53 -23.28 -34.80
C GLU YA 43 -20.93 -21.91 -35.34
N GLU YA 44 -20.39 -20.86 -34.72
CA GLU YA 44 -20.65 -19.49 -35.15
C GLU YA 44 -20.46 -19.32 -36.65
N ASN YA 45 -19.43 -19.96 -37.20
CA ASN YA 45 -19.08 -19.79 -38.60
C ASN YA 45 -19.89 -20.67 -39.54
N ASP YA 46 -20.44 -21.77 -39.04
CA ASP YA 46 -21.20 -22.69 -39.88
C ASP YA 46 -22.63 -22.22 -40.13
N ILE YA 47 -22.88 -20.94 -39.84
CA ILE YA 47 -24.22 -20.36 -40.04
C ILE YA 47 -24.19 -19.20 -41.02
N ASP YA 48 -24.87 -19.36 -42.15
CA ASP YA 48 -24.98 -18.31 -43.14
C ASP YA 48 -26.40 -17.77 -43.20
N VAL YA 49 -26.54 -16.49 -43.54
CA VAL YA 49 -27.84 -15.86 -43.59
C VAL YA 49 -28.09 -15.13 -44.91
N ALA YA 50 -29.26 -15.37 -45.48
CA ALA YA 50 -29.64 -14.76 -46.75
C ALA YA 50 -30.84 -13.82 -46.56
N TRP YA 51 -30.65 -12.54 -46.89
CA TRP YA 51 -31.72 -11.56 -46.79
C TRP YA 51 -32.47 -11.42 -48.10
N VAL YA 52 -33.76 -11.73 -48.07
CA VAL YA 52 -34.60 -11.60 -49.25
C VAL YA 52 -35.55 -10.39 -49.08
N PRO YA 53 -36.11 -9.89 -50.18
CA PRO YA 53 -37.00 -8.70 -50.07
C PRO YA 53 -38.14 -8.81 -49.03
N GLY YA 54 -38.78 -9.97 -49.05
CA GLY YA 54 -39.87 -10.30 -48.18
C GLY YA 54 -40.21 -11.80 -48.35
N ALA YA 55 -41.18 -12.26 -47.57
CA ALA YA 55 -41.57 -13.64 -47.61
C ALA YA 55 -41.82 -14.19 -49.03
N PHE YA 56 -42.47 -13.46 -49.92
CA PHE YA 56 -42.71 -14.11 -51.19
C PHE YA 56 -41.42 -14.59 -51.85
N GLU YA 57 -40.32 -13.89 -51.67
CA GLU YA 57 -39.10 -14.30 -52.33
C GLU YA 57 -38.28 -15.38 -51.57
N ILE YA 58 -38.86 -16.00 -50.55
CA ILE YA 58 -38.18 -17.00 -49.62
C ILE YA 58 -38.14 -18.49 -50.06
N PRO YA 59 -39.08 -18.82 -50.94
CA PRO YA 59 -38.99 -20.15 -51.58
C PRO YA 59 -37.84 -20.27 -52.56
N LEU YA 60 -37.65 -19.25 -53.41
CA LEU YA 60 -36.60 -19.30 -54.43
C LEU YA 60 -35.20 -19.38 -53.84
N ILE YA 61 -34.88 -18.45 -52.94
CA ILE YA 61 -33.55 -18.38 -52.34
C ILE YA 61 -33.32 -19.47 -51.30
N ALA YA 62 -34.40 -19.94 -50.69
CA ALA YA 62 -34.32 -21.05 -49.76
C ALA YA 62 -33.98 -22.33 -50.53
N LYS YA 63 -34.33 -22.35 -51.80
CA LYS YA 63 -34.01 -23.47 -52.68
C LYS YA 63 -32.54 -23.47 -53.09
N LYS YA 64 -32.05 -22.30 -53.49
CA LYS YA 64 -30.66 -22.17 -53.92
C LYS YA 64 -29.69 -22.19 -52.75
N MET YA 65 -30.17 -22.63 -51.59
CA MET YA 65 -29.32 -22.79 -50.42
C MET YA 65 -29.30 -24.24 -49.96
N ALA YA 66 -30.42 -24.92 -50.13
CA ALA YA 66 -30.50 -26.35 -49.82
C ALA YA 66 -29.85 -27.15 -50.94
N ASN YA 67 -29.99 -26.66 -52.17
CA ASN YA 67 -29.42 -27.32 -53.34
C ASN YA 67 -27.93 -27.13 -53.47
N SER YA 68 -27.38 -26.17 -52.72
CA SER YA 68 -25.94 -25.95 -52.70
C SER YA 68 -25.25 -27.05 -51.89
N GLY YA 69 -26.05 -27.85 -51.19
CA GLY YA 69 -25.55 -28.98 -50.44
C GLY YA 69 -24.53 -28.63 -49.38
N LYS YA 70 -24.51 -27.36 -48.98
CA LYS YA 70 -23.56 -26.88 -47.99
C LYS YA 70 -24.12 -26.94 -46.59
N TYR YA 71 -25.45 -27.01 -46.49
CA TYR YA 71 -26.12 -26.98 -45.20
C TYR YA 71 -26.86 -28.28 -44.89
N ASP YA 72 -26.83 -28.69 -43.63
CA ASP YA 72 -27.54 -29.88 -43.18
C ASP YA 72 -29.03 -29.59 -43.09
N ALA YA 73 -29.36 -28.33 -42.82
CA ALA YA 73 -30.75 -27.89 -42.74
C ALA YA 73 -30.85 -26.40 -43.05
N VAL YA 74 -31.98 -25.98 -43.58
CA VAL YA 74 -32.20 -24.57 -43.92
C VAL YA 74 -33.37 -24.02 -43.13
N ILE YA 75 -33.10 -23.01 -42.31
CA ILE YA 75 -34.15 -22.34 -41.55
C ILE YA 75 -34.69 -21.14 -42.31
N THR YA 76 -36.01 -21.05 -42.41
CA THR YA 76 -36.63 -19.95 -43.14
C THR YA 76 -37.40 -19.01 -42.20
N LEU YA 77 -36.99 -17.75 -42.18
CA LEU YA 77 -37.57 -16.76 -41.27
C LEU YA 77 -38.21 -15.60 -42.02
N GLY YA 78 -39.20 -14.98 -41.38
CA GLY YA 78 -39.90 -13.84 -41.97
C GLY YA 78 -41.14 -13.52 -41.19
N THR YA 79 -41.83 -12.45 -41.58
CA THR YA 79 -43.07 -12.04 -40.91
C THR YA 79 -44.05 -11.41 -41.88
N VAL YA 80 -45.32 -11.79 -41.76
CA VAL YA 80 -46.39 -11.23 -42.59
C VAL YA 80 -47.59 -10.89 -41.72
N ILE YA 81 -48.16 -9.71 -41.94
CA ILE YA 81 -49.28 -9.25 -41.12
C ILE YA 81 -50.46 -8.80 -41.96
N ARG YA 82 -51.67 -9.13 -41.50
CA ARG YA 82 -52.90 -8.79 -42.21
C ARG YA 82 -52.97 -7.34 -42.64
N GLY YA 83 -53.31 -7.13 -43.91
CA GLY YA 83 -53.55 -5.81 -44.44
C GLY YA 83 -55.05 -5.55 -44.58
N ALA YA 84 -55.40 -4.72 -45.55
CA ALA YA 84 -56.81 -4.46 -45.86
C ALA YA 84 -57.27 -5.36 -47.00
N THR YA 85 -56.30 -5.82 -47.80
CA THR YA 85 -56.61 -6.65 -48.95
C THR YA 85 -56.29 -8.11 -48.67
N THR YA 86 -56.81 -9.00 -49.50
CA THR YA 86 -56.55 -10.42 -49.38
C THR YA 86 -55.15 -10.78 -49.88
N HIS YA 87 -54.36 -9.76 -50.16
CA HIS YA 87 -52.99 -9.94 -50.60
C HIS YA 87 -52.19 -10.74 -49.56
N TYR YA 88 -52.50 -10.50 -48.30
CA TYR YA 88 -51.85 -11.20 -47.19
C TYR YA 88 -52.00 -12.71 -47.31
N ASP YA 89 -53.15 -13.14 -47.83
CA ASP YA 89 -53.46 -14.57 -47.91
C ASP YA 89 -52.60 -15.30 -48.95
N TYR YA 90 -52.57 -14.76 -50.17
CA TYR YA 90 -51.83 -15.39 -51.25
C TYR YA 90 -50.33 -15.45 -50.96
N VAL YA 91 -49.85 -14.50 -50.16
CA VAL YA 91 -48.45 -14.48 -49.77
C VAL YA 91 -48.16 -15.60 -48.78
N CYS YA 92 -48.83 -15.56 -47.63
CA CYS YA 92 -48.64 -16.58 -46.60
C CYS YA 92 -48.76 -17.98 -47.19
N ASN YA 93 -49.77 -18.18 -48.02
CA ASN YA 93 -49.99 -19.46 -48.67
C ASN YA 93 -48.75 -19.92 -49.42
N GLU YA 94 -48.28 -19.11 -50.36
CA GLU YA 94 -47.18 -19.49 -51.23
C GLU YA 94 -45.86 -19.67 -50.49
N VAL YA 95 -45.65 -18.89 -49.43
CA VAL YA 95 -44.46 -19.04 -48.60
C VAL YA 95 -44.46 -20.42 -47.97
N ALA YA 96 -45.56 -20.77 -47.33
CA ALA YA 96 -45.72 -22.08 -46.70
C ALA YA 96 -45.77 -23.17 -47.77
N LYS YA 97 -46.45 -22.88 -48.88
CA LYS YA 97 -46.59 -23.82 -49.98
C LYS YA 97 -45.23 -24.11 -50.59
N GLY YA 98 -44.37 -23.09 -50.62
CA GLY YA 98 -43.04 -23.23 -51.18
C GLY YA 98 -42.10 -23.98 -50.24
N VAL YA 99 -41.98 -23.50 -49.01
CA VAL YA 99 -41.10 -24.11 -48.02
C VAL YA 99 -41.44 -25.58 -47.76
N ALA YA 100 -42.71 -25.92 -47.87
CA ALA YA 100 -43.16 -27.29 -47.64
C ALA YA 100 -42.98 -28.17 -48.88
N SER YA 101 -43.80 -27.91 -49.88
CA SER YA 101 -43.79 -28.70 -51.11
C SER YA 101 -42.40 -28.77 -51.74
N LEU YA 102 -41.56 -27.75 -51.47
CA LEU YA 102 -40.19 -27.76 -51.97
C LEU YA 102 -39.19 -28.02 -50.84
N SER YA 103 -39.52 -29.01 -50.01
CA SER YA 103 -38.64 -29.51 -48.96
C SER YA 103 -38.60 -31.02 -49.13
N LEU YA 104 -39.48 -31.51 -50.00
CA LEU YA 104 -39.55 -32.93 -50.33
C LEU YA 104 -38.74 -33.18 -51.60
N GLN YA 105 -38.53 -32.13 -52.37
CA GLN YA 105 -37.76 -32.23 -53.62
C GLN YA 105 -36.28 -32.04 -53.35
N THR YA 106 -35.91 -31.85 -52.09
CA THR YA 106 -34.52 -31.62 -51.72
C THR YA 106 -34.04 -32.65 -50.70
N ASP YA 107 -34.98 -33.29 -50.02
CA ASP YA 107 -34.68 -34.28 -48.99
C ASP YA 107 -33.89 -33.65 -47.84
N ILE YA 108 -33.65 -32.35 -47.93
CA ILE YA 108 -32.98 -31.61 -46.87
C ILE YA 108 -33.97 -30.84 -46.02
N PRO YA 109 -33.94 -31.05 -44.70
CA PRO YA 109 -34.88 -30.41 -43.78
C PRO YA 109 -34.93 -28.90 -43.98
N VAL YA 110 -36.10 -28.38 -44.35
CA VAL YA 110 -36.31 -26.93 -44.45
C VAL YA 110 -37.39 -26.50 -43.47
N ILE YA 111 -36.97 -26.02 -42.31
CA ILE YA 111 -37.89 -25.62 -41.24
C ILE YA 111 -38.63 -24.34 -41.61
N PHE YA 112 -39.96 -24.37 -41.47
CA PHE YA 112 -40.79 -23.21 -41.77
C PHE YA 112 -41.00 -22.36 -40.54
N GLY YA 113 -40.31 -21.22 -40.48
CA GLY YA 113 -40.42 -20.31 -39.35
C GLY YA 113 -40.85 -18.93 -39.77
N VAL YA 114 -41.96 -18.86 -40.51
CA VAL YA 114 -42.50 -17.58 -40.97
C VAL YA 114 -43.75 -17.20 -40.18
N LEU YA 115 -43.65 -16.10 -39.44
CA LEU YA 115 -44.77 -15.58 -38.69
C LEU YA 115 -45.88 -15.11 -39.63
N THR YA 116 -47.08 -15.63 -39.41
CA THR YA 116 -48.23 -15.22 -40.19
C THR YA 116 -49.35 -14.80 -39.23
N THR YA 117 -49.40 -13.51 -38.94
CA THR YA 117 -50.26 -13.00 -37.88
C THR YA 117 -51.23 -11.92 -38.33
N GLU YA 118 -52.04 -11.46 -37.38
CA GLU YA 118 -53.09 -10.49 -37.64
C GLU YA 118 -52.77 -9.12 -37.08
N THR YA 119 -51.96 -9.11 -36.02
CA THR YA 119 -51.60 -7.87 -35.35
C THR YA 119 -50.08 -7.72 -35.27
N ILE YA 120 -49.61 -6.48 -35.24
CA ILE YA 120 -48.21 -6.21 -34.94
C ILE YA 120 -47.91 -6.75 -33.55
N GLU YA 121 -48.93 -6.70 -32.68
CA GLU YA 121 -48.80 -7.18 -31.32
C GLU YA 121 -48.60 -8.69 -31.27
N GLN YA 122 -49.28 -9.41 -32.15
CA GLN YA 122 -49.16 -10.87 -32.20
C GLN YA 122 -47.79 -11.30 -32.72
N ALA YA 123 -47.29 -10.56 -33.72
CA ALA YA 123 -45.95 -10.82 -34.23
C ALA YA 123 -44.92 -10.61 -33.12
N ILE YA 124 -45.13 -9.59 -32.31
CA ILE YA 124 -44.26 -9.33 -31.18
C ILE YA 124 -44.40 -10.42 -30.12
N GLU YA 125 -45.63 -10.89 -29.94
CA GLU YA 125 -45.90 -11.96 -28.98
C GLU YA 125 -45.09 -13.19 -29.34
N ARG YA 126 -44.73 -13.32 -30.61
CA ARG YA 126 -44.06 -14.52 -31.10
C ARG YA 126 -42.66 -14.21 -31.62
N ALA YA 127 -42.05 -13.18 -31.06
CA ALA YA 127 -40.70 -12.83 -31.46
C ALA YA 127 -39.83 -12.57 -30.25
N GLY YA 128 -40.25 -13.04 -29.13
CA GLY YA 128 -39.50 -12.83 -27.94
C GLY YA 128 -40.36 -12.19 -26.88
N THR YA 129 -41.60 -12.57 -26.85
CA THR YA 129 -42.42 -12.04 -25.77
C THR YA 129 -43.13 -13.15 -25.09
N LYS YA 130 -44.40 -12.96 -24.71
CA LYS YA 130 -45.01 -14.04 -23.90
C LYS YA 130 -45.27 -15.32 -24.68
N ALA YA 131 -44.86 -15.46 -25.95
CA ALA YA 131 -45.06 -16.75 -26.63
C ALA YA 131 -43.68 -17.36 -26.88
N GLY YA 132 -42.65 -16.53 -26.64
CA GLY YA 132 -41.27 -16.91 -26.84
C GLY YA 132 -40.85 -16.48 -28.23
N ASN YA 133 -39.64 -16.86 -28.64
CA ASN YA 133 -39.13 -16.49 -29.96
C ASN YA 133 -39.25 -17.64 -30.96
N LYS YA 134 -40.07 -17.44 -31.99
CA LYS YA 134 -40.33 -18.49 -32.97
C LYS YA 134 -39.14 -18.74 -33.88
N GLY YA 135 -38.11 -17.92 -33.73
CA GLY YA 135 -36.89 -18.11 -34.48
C GLY YA 135 -35.97 -19.07 -33.76
N TYR YA 136 -35.97 -18.99 -32.43
CA TYR YA 136 -35.19 -19.89 -31.61
C TYR YA 136 -35.78 -21.30 -31.65
N GLU YA 137 -37.11 -21.37 -31.69
CA GLU YA 137 -37.80 -22.65 -31.72
C GLU YA 137 -37.61 -23.33 -33.07
N SER YA 138 -37.56 -22.53 -34.13
CA SER YA 138 -37.41 -23.04 -35.48
C SER YA 138 -35.98 -23.53 -35.73
N ALA YA 139 -35.07 -23.12 -34.85
CA ALA YA 139 -33.69 -23.58 -34.92
C ALA YA 139 -33.56 -24.93 -34.23
N VAL YA 140 -34.12 -25.02 -33.02
CA VAL YA 140 -34.15 -26.28 -32.29
C VAL YA 140 -34.72 -27.38 -33.18
N ALA YA 141 -35.79 -27.04 -33.91
CA ALA YA 141 -36.40 -27.97 -34.84
C ALA YA 141 -35.46 -28.29 -36.00
N ALA YA 142 -34.73 -27.28 -36.46
CA ALA YA 142 -33.80 -27.46 -37.57
C ALA YA 142 -32.71 -28.47 -37.22
N ILE YA 143 -32.13 -28.31 -36.03
CA ILE YA 143 -31.11 -29.23 -35.56
C ILE YA 143 -31.65 -30.64 -35.50
N GLU YA 144 -32.76 -30.83 -34.79
CA GLU YA 144 -33.35 -32.14 -34.65
C GLU YA 144 -33.67 -32.79 -35.99
N MET YA 145 -34.18 -32.01 -36.93
CA MET YA 145 -34.54 -32.52 -38.24
C MET YA 145 -33.31 -33.02 -38.98
N ALA YA 146 -32.31 -32.16 -39.13
CA ALA YA 146 -31.08 -32.53 -39.80
C ALA YA 146 -30.44 -33.70 -39.07
N HIS YA 147 -30.61 -33.73 -37.76
CA HIS YA 147 -30.00 -34.75 -36.92
C HIS YA 147 -30.83 -36.03 -36.94
N LEU YA 148 -31.96 -35.99 -37.65
CA LEU YA 148 -32.87 -37.13 -37.72
C LEU YA 148 -32.79 -37.80 -39.08
N SER YA 149 -32.12 -37.16 -40.02
CA SER YA 149 -31.94 -37.72 -41.35
C SER YA 149 -30.81 -38.74 -41.37
N LYS YA 150 -31.04 -39.89 -40.74
CA LYS YA 150 -30.07 -40.98 -40.77
C LYS YA 150 -30.59 -42.17 -41.55
N HIS YA 151 -31.88 -42.45 -41.45
CA HIS YA 151 -32.49 -43.45 -42.32
C HIS YA 151 -32.80 -42.80 -43.66
N TRP YA 152 -31.76 -42.18 -44.22
CA TRP YA 152 -31.87 -41.38 -45.44
C TRP YA 152 -30.80 -41.84 -46.42
N ALA YA 153 -30.61 -41.08 -47.50
CA ALA YA 153 -29.60 -41.39 -48.50
C ALA YA 153 -29.93 -42.67 -49.27
N VAL ZA 2 -65.13 -57.18 -57.74
CA VAL ZA 2 -65.26 -56.54 -56.42
C VAL ZA 2 -64.00 -56.72 -55.57
N PHE ZA 3 -63.14 -55.70 -55.59
CA PHE ZA 3 -61.87 -55.76 -54.90
C PHE ZA 3 -61.93 -55.00 -53.57
N GLU ZA 4 -62.11 -55.73 -52.47
CA GLU ZA 4 -62.14 -55.13 -51.13
C GLU ZA 4 -60.85 -55.43 -50.36
N GLY ZA 5 -60.74 -54.88 -49.15
CA GLY ZA 5 -59.53 -55.03 -48.35
C GLY ZA 5 -59.68 -55.83 -47.08
N HIS ZA 6 -58.68 -56.66 -46.80
CA HIS ZA 6 -58.65 -57.49 -45.60
C HIS ZA 6 -58.57 -56.61 -44.36
N LEU ZA 7 -58.60 -57.22 -43.17
CA LEU ZA 7 -58.50 -56.44 -41.93
C LEU ZA 7 -57.66 -57.10 -40.84
N VAL ZA 8 -57.27 -58.35 -41.05
CA VAL ZA 8 -56.34 -59.00 -40.16
C VAL ZA 8 -54.92 -58.83 -40.70
N GLY ZA 9 -54.02 -58.28 -39.88
CA GLY ZA 9 -52.67 -58.03 -40.32
C GLY ZA 9 -51.63 -58.88 -39.64
N THR ZA 10 -51.79 -60.20 -39.74
CA THR ZA 10 -50.87 -61.14 -39.10
C THR ZA 10 -49.42 -60.83 -39.45
N GLY ZA 11 -49.13 -60.69 -40.74
CA GLY ZA 11 -47.77 -60.43 -41.18
C GLY ZA 11 -47.62 -59.09 -41.87
N LEU ZA 12 -47.67 -58.02 -41.09
CA LEU ZA 12 -47.59 -56.67 -41.64
C LEU ZA 12 -46.36 -55.90 -41.14
N LYS ZA 13 -45.91 -54.96 -41.95
CA LYS ZA 13 -44.76 -54.13 -41.62
C LYS ZA 13 -45.21 -52.67 -41.63
N VAL ZA 14 -45.49 -52.12 -40.45
CA VAL ZA 14 -46.05 -50.77 -40.37
C VAL ZA 14 -45.06 -49.77 -39.79
N GLY ZA 15 -45.09 -48.56 -40.33
CA GLY ZA 15 -44.27 -47.47 -39.84
C GLY ZA 15 -45.09 -46.26 -39.47
N VAL ZA 16 -44.74 -45.62 -38.35
CA VAL ZA 16 -45.51 -44.50 -37.82
C VAL ZA 16 -44.67 -43.25 -37.62
N VAL ZA 17 -45.20 -42.11 -38.04
CA VAL ZA 17 -44.54 -40.83 -37.84
C VAL ZA 17 -45.41 -39.93 -36.97
N VAL ZA 18 -44.95 -39.67 -35.74
CA VAL ZA 18 -45.72 -38.87 -34.79
C VAL ZA 18 -45.07 -37.52 -34.48
N GLY ZA 19 -45.88 -36.48 -34.48
CA GLY ZA 19 -45.40 -35.14 -34.20
C GLY ZA 19 -45.36 -34.91 -32.70
N ARG ZA 20 -44.24 -34.38 -32.21
CA ARG ZA 20 -44.04 -34.18 -30.78
C ARG ZA 20 -44.89 -33.04 -30.22
N PHE ZA 21 -45.09 -32.00 -31.02
CA PHE ZA 21 -45.88 -30.85 -30.59
C PHE ZA 21 -47.28 -31.31 -30.17
N ASN ZA 22 -47.77 -30.74 -29.07
CA ASN ZA 22 -49.03 -31.20 -28.49
C ASN ZA 22 -48.93 -32.66 -28.06
N GLU ZA 23 -47.76 -33.04 -27.55
CA GLU ZA 23 -47.48 -34.40 -27.11
C GLU ZA 23 -48.59 -34.92 -26.19
N PHE ZA 24 -49.22 -34.01 -25.46
CA PHE ZA 24 -50.28 -34.36 -24.54
C PHE ZA 24 -51.39 -35.14 -25.25
N ILE ZA 25 -51.58 -34.85 -26.53
CA ILE ZA 25 -52.62 -35.51 -27.32
C ILE ZA 25 -52.03 -36.61 -28.20
N THR ZA 26 -50.99 -36.25 -28.96
CA THR ZA 26 -50.35 -37.19 -29.87
C THR ZA 26 -49.86 -38.43 -29.13
N SER ZA 27 -49.58 -38.27 -27.83
CA SER ZA 27 -49.16 -39.40 -27.01
C SER ZA 27 -50.23 -40.49 -27.02
N LYS ZA 28 -51.37 -40.19 -26.41
CA LYS ZA 28 -52.48 -41.13 -26.39
C LYS ZA 28 -52.90 -41.50 -27.80
N LEU ZA 29 -52.66 -40.58 -28.73
CA LEU ZA 29 -53.03 -40.80 -30.13
C LEU ZA 29 -52.18 -41.88 -30.78
N LEU ZA 30 -50.90 -41.94 -30.41
CA LEU ZA 30 -50.01 -42.99 -30.88
C LEU ZA 30 -50.35 -44.32 -30.23
N GLY ZA 31 -50.57 -44.28 -28.93
CA GLY ZA 31 -50.93 -45.47 -28.19
C GLY ZA 31 -52.16 -46.14 -28.77
N GLY ZA 32 -52.99 -45.35 -29.46
CA GLY ZA 32 -54.17 -45.89 -30.10
C GLY ZA 32 -53.82 -46.76 -31.29
N ALA ZA 33 -52.88 -46.29 -32.10
CA ALA ZA 33 -52.45 -47.04 -33.28
C ALA ZA 33 -51.54 -48.20 -32.90
N LEU ZA 34 -50.66 -47.93 -31.92
CA LEU ZA 34 -49.67 -48.90 -31.50
C LEU ZA 34 -50.31 -49.97 -30.60
N ASP ZA 35 -51.63 -49.90 -30.47
CA ASP ZA 35 -52.37 -50.89 -29.69
C ASP ZA 35 -53.50 -51.46 -30.54
N GLY ZA 36 -53.80 -50.79 -31.63
CA GLY ZA 36 -54.76 -51.29 -32.60
C GLY ZA 36 -54.05 -52.23 -33.55
N LEU ZA 37 -52.80 -51.89 -33.86
CA LEU ZA 37 -51.97 -52.74 -34.69
C LEU ZA 37 -51.66 -54.03 -33.95
N LYS ZA 38 -51.13 -53.90 -32.73
CA LYS ZA 38 -50.77 -55.06 -31.92
C LYS ZA 38 -51.93 -56.05 -31.82
N ARG ZA 39 -53.10 -55.55 -31.42
CA ARG ZA 39 -54.25 -56.42 -31.17
C ARG ZA 39 -54.93 -56.90 -32.45
N HIS ZA 40 -54.52 -56.36 -33.57
CA HIS ZA 40 -55.02 -56.80 -34.85
C HIS ZA 40 -54.07 -57.86 -35.43
N GLY ZA 41 -53.11 -58.32 -34.65
CA GLY ZA 41 -52.28 -59.36 -35.15
C GLY ZA 41 -50.98 -58.85 -35.77
N VAL ZA 42 -50.77 -57.53 -35.74
CA VAL ZA 42 -49.51 -57.01 -36.24
C VAL ZA 42 -48.56 -57.03 -35.08
N GLU ZA 43 -47.39 -57.51 -35.35
CA GLU ZA 43 -46.27 -57.63 -34.42
C GLU ZA 43 -45.94 -56.37 -33.65
N GLU ZA 44 -45.80 -56.52 -32.33
CA GLU ZA 44 -45.41 -55.44 -31.43
C GLU ZA 44 -43.93 -55.11 -31.69
N ASN ZA 45 -43.23 -56.01 -32.33
CA ASN ZA 45 -41.84 -55.82 -32.62
C ASN ZA 45 -41.62 -55.44 -34.08
N ASP ZA 46 -42.68 -55.27 -34.85
CA ASP ZA 46 -42.54 -54.95 -36.27
C ASP ZA 46 -43.13 -53.57 -36.58
N ILE ZA 47 -43.03 -52.67 -35.60
CA ILE ZA 47 -43.54 -51.32 -35.74
C ILE ZA 47 -42.48 -50.29 -35.40
N ASP ZA 48 -42.22 -49.37 -36.32
CA ASP ZA 48 -41.27 -48.30 -36.08
C ASP ZA 48 -41.97 -46.95 -35.93
N VAL ZA 49 -41.52 -46.15 -34.96
CA VAL ZA 49 -42.09 -44.84 -34.71
C VAL ZA 49 -41.06 -43.74 -34.94
N ALA ZA 50 -41.44 -42.71 -35.68
CA ALA ZA 50 -40.56 -41.59 -35.98
C ALA ZA 50 -41.11 -40.29 -35.41
N TRP ZA 51 -40.43 -39.77 -34.38
CA TRP ZA 51 -40.83 -38.53 -33.75
C TRP ZA 51 -40.27 -37.32 -34.48
N VAL ZA 52 -41.17 -36.49 -35.02
CA VAL ZA 52 -40.77 -35.26 -35.67
C VAL ZA 52 -41.13 -34.07 -34.79
N PRO ZA 53 -40.48 -32.90 -35.03
CA PRO ZA 53 -40.77 -31.74 -34.18
C PRO ZA 53 -42.30 -31.60 -34.00
N GLY ZA 54 -42.99 -31.39 -35.14
CA GLY ZA 54 -44.46 -31.23 -35.26
C GLY ZA 54 -44.96 -31.65 -36.67
N ALA ZA 55 -46.26 -31.49 -36.87
CA ALA ZA 55 -46.92 -31.87 -38.11
C ALA ZA 55 -46.20 -31.33 -39.35
N PHE ZA 56 -45.84 -30.05 -39.42
CA PHE ZA 56 -45.23 -29.58 -40.64
C PHE ZA 56 -44.05 -30.45 -41.10
N GLU ZA 57 -43.36 -31.12 -40.21
CA GLU ZA 57 -42.22 -31.93 -40.63
C GLU ZA 57 -42.59 -33.34 -40.98
N ILE ZA 58 -43.86 -33.72 -40.76
CA ILE ZA 58 -44.39 -35.12 -40.99
C ILE ZA 58 -44.44 -35.64 -42.45
N PRO ZA 59 -44.58 -34.71 -43.38
CA PRO ZA 59 -44.47 -35.07 -44.79
C PRO ZA 59 -43.06 -35.51 -45.20
N LEU ZA 60 -42.04 -34.80 -44.73
CA LEU ZA 60 -40.67 -35.12 -45.10
C LEU ZA 60 -40.22 -36.48 -44.58
N ILE ZA 61 -40.33 -36.69 -43.27
CA ILE ZA 61 -39.91 -37.93 -42.64
C ILE ZA 61 -40.81 -39.11 -43.02
N ALA ZA 62 -42.08 -38.84 -43.26
CA ALA ZA 62 -43.01 -39.88 -43.71
C ALA ZA 62 -42.62 -40.36 -45.10
N LYS ZA 63 -42.00 -39.47 -45.87
CA LYS ZA 63 -41.52 -39.81 -47.22
C LYS ZA 63 -40.34 -40.76 -47.15
N LYS ZA 64 -39.39 -40.46 -46.27
CA LYS ZA 64 -38.17 -41.25 -46.14
C LYS ZA 64 -38.42 -42.59 -45.45
N MET ZA 65 -39.67 -42.85 -45.08
CA MET ZA 65 -40.05 -44.14 -44.51
C MET ZA 65 -40.77 -44.98 -45.55
N ALA ZA 66 -41.57 -44.32 -46.39
CA ALA ZA 66 -42.22 -44.99 -47.51
C ALA ZA 66 -41.17 -45.30 -48.58
N ASN ZA 67 -40.32 -44.32 -48.86
CA ASN ZA 67 -39.21 -44.52 -49.78
C ASN ZA 67 -38.20 -45.50 -49.21
N SER ZA 68 -38.25 -45.68 -47.90
CA SER ZA 68 -37.40 -46.65 -47.23
C SER ZA 68 -37.71 -48.06 -47.71
N GLY ZA 69 -38.89 -48.24 -48.28
CA GLY ZA 69 -39.32 -49.53 -48.79
C GLY ZA 69 -39.20 -50.64 -47.76
N LYS ZA 70 -39.67 -50.36 -46.55
CA LYS ZA 70 -39.58 -51.33 -45.47
C LYS ZA 70 -40.94 -51.56 -44.84
N TYR ZA 71 -41.92 -50.75 -45.20
CA TYR ZA 71 -43.24 -50.82 -44.61
C TYR ZA 71 -44.34 -50.99 -45.66
N ASP ZA 72 -45.35 -51.76 -45.32
CA ASP ZA 72 -46.50 -51.96 -46.20
C ASP ZA 72 -47.37 -50.71 -46.20
N ALA ZA 73 -47.34 -49.99 -45.09
CA ALA ZA 73 -48.11 -48.76 -44.94
C ALA ZA 73 -47.48 -47.89 -43.86
N VAL ZA 74 -47.66 -46.58 -44.00
CA VAL ZA 74 -47.15 -45.64 -43.01
C VAL ZA 74 -48.28 -44.82 -42.41
N ILE ZA 75 -48.34 -44.77 -41.08
CA ILE ZA 75 -49.35 -44.00 -40.37
C ILE ZA 75 -48.77 -42.68 -39.88
N THR ZA 76 -49.48 -41.58 -40.15
CA THR ZA 76 -49.03 -40.26 -39.71
C THR ZA 76 -49.91 -39.73 -38.57
N LEU ZA 77 -49.32 -39.61 -37.39
CA LEU ZA 77 -50.03 -39.13 -36.21
C LEU ZA 77 -49.54 -37.75 -35.80
N GLY ZA 78 -50.48 -36.89 -35.41
CA GLY ZA 78 -50.14 -35.55 -34.95
C GLY ZA 78 -51.36 -34.80 -34.47
N THR ZA 79 -51.15 -33.62 -33.91
CA THR ZA 79 -52.26 -32.79 -33.46
C THR ZA 79 -51.97 -31.30 -33.64
N VAL ZA 80 -52.93 -30.60 -34.23
CA VAL ZA 80 -52.80 -29.17 -34.46
C VAL ZA 80 -54.07 -28.47 -33.99
N ILE ZA 81 -53.92 -27.45 -33.15
CA ILE ZA 81 -55.07 -26.76 -32.60
C ILE ZA 81 -55.05 -25.26 -32.90
N ARG ZA 82 -56.23 -24.73 -33.21
CA ARG ZA 82 -56.40 -23.30 -33.52
C ARG ZA 82 -55.63 -22.39 -32.58
N GLY ZA 83 -55.04 -21.34 -33.16
CA GLY ZA 83 -54.37 -20.32 -32.38
C GLY ZA 83 -55.10 -19.00 -32.56
N ALA ZA 84 -54.36 -17.91 -32.46
CA ALA ZA 84 -54.93 -16.58 -32.70
C ALA ZA 84 -54.64 -16.14 -34.12
N THR ZA 85 -53.69 -16.80 -34.77
CA THR ZA 85 -53.29 -16.44 -36.13
C THR ZA 85 -53.68 -17.52 -37.14
N THR ZA 86 -53.60 -17.17 -38.41
CA THR ZA 86 -53.92 -18.11 -39.49
C THR ZA 86 -52.80 -19.11 -39.70
N HIS ZA 87 -51.80 -19.07 -38.81
CA HIS ZA 87 -50.68 -20.00 -38.86
C HIS ZA 87 -51.19 -21.43 -38.83
N TYR ZA 88 -52.27 -21.64 -38.08
CA TYR ZA 88 -52.87 -22.95 -37.94
C TYR ZA 88 -53.34 -23.53 -39.28
N ASP ZA 89 -53.81 -22.65 -40.16
CA ASP ZA 89 -54.36 -23.09 -41.43
C ASP ZA 89 -53.30 -23.63 -42.38
N TYR ZA 90 -52.21 -22.90 -42.53
CA TYR ZA 90 -51.14 -23.28 -43.44
C TYR ZA 90 -50.46 -24.57 -42.99
N VAL ZA 91 -50.42 -24.78 -41.68
CA VAL ZA 91 -49.86 -26.00 -41.12
C VAL ZA 91 -50.75 -27.19 -41.48
N CYS ZA 92 -52.00 -27.14 -41.03
CA CYS ZA 92 -52.96 -28.20 -41.31
C CYS ZA 92 -52.97 -28.52 -42.79
N ASN ZA 93 -53.09 -27.49 -43.61
CA ASN ZA 93 -53.13 -27.67 -45.06
C ASN ZA 93 -51.94 -28.48 -45.57
N GLU ZA 94 -50.75 -27.99 -45.31
CA GLU ZA 94 -49.53 -28.61 -45.84
C GLU ZA 94 -49.30 -30.02 -45.31
N VAL ZA 95 -49.74 -30.28 -44.08
CA VAL ZA 95 -49.66 -31.64 -43.52
C VAL ZA 95 -50.61 -32.55 -44.30
N ALA ZA 96 -51.88 -32.17 -44.33
CA ALA ZA 96 -52.88 -32.91 -45.10
C ALA ZA 96 -52.76 -32.60 -46.59
N LYS ZA 97 -51.53 -32.33 -47.04
CA LYS ZA 97 -51.28 -32.04 -48.44
C LYS ZA 97 -50.06 -32.80 -48.96
N GLY ZA 98 -48.99 -32.78 -48.17
CA GLY ZA 98 -47.89 -33.71 -48.35
C GLY ZA 98 -48.27 -35.13 -48.02
N VAL ZA 99 -48.61 -35.38 -46.76
CA VAL ZA 99 -49.14 -36.67 -46.34
C VAL ZA 99 -50.25 -37.13 -47.29
N ALA ZA 100 -50.89 -36.18 -47.94
CA ALA ZA 100 -52.35 -36.20 -48.08
C ALA ZA 100 -52.78 -36.92 -49.35
N SER ZA 101 -52.35 -36.39 -50.49
CA SER ZA 101 -52.33 -37.18 -51.73
C SER ZA 101 -50.99 -37.04 -52.44
N LEU ZA 102 -50.24 -36.01 -52.07
CA LEU ZA 102 -48.84 -35.89 -52.48
C LEU ZA 102 -48.15 -37.26 -52.49
N SER ZA 103 -48.36 -38.02 -51.42
CA SER ZA 103 -47.67 -39.30 -51.25
C SER ZA 103 -48.35 -40.41 -52.01
N LEU ZA 104 -48.62 -40.15 -53.29
CA LEU ZA 104 -49.18 -41.16 -54.16
C LEU ZA 104 -48.01 -41.61 -54.98
N GLN ZA 105 -47.02 -40.75 -55.02
CA GLN ZA 105 -45.87 -41.03 -55.83
C GLN ZA 105 -45.20 -42.37 -55.52
N THR ZA 106 -45.20 -42.76 -54.24
CA THR ZA 106 -44.53 -43.99 -53.75
C THR ZA 106 -45.32 -45.26 -54.00
N ASP ZA 107 -46.59 -45.06 -53.96
CA ASP ZA 107 -47.49 -46.14 -54.09
C ASP ZA 107 -47.36 -47.02 -52.86
N ILE ZA 108 -47.11 -46.41 -51.70
CA ILE ZA 108 -47.12 -47.12 -50.44
C ILE ZA 108 -48.26 -46.48 -49.69
N PRO ZA 109 -49.12 -47.28 -49.04
CA PRO ZA 109 -50.25 -46.63 -48.35
C PRO ZA 109 -49.87 -45.61 -47.30
N VAL ZA 110 -50.32 -44.35 -47.38
CA VAL ZA 110 -49.97 -43.43 -46.30
C VAL ZA 110 -51.27 -42.90 -45.69
N ILE ZA 111 -51.56 -43.36 -44.47
CA ILE ZA 111 -52.78 -42.97 -43.78
C ILE ZA 111 -52.61 -41.63 -43.06
N PHE ZA 112 -53.49 -40.70 -43.37
CA PHE ZA 112 -53.47 -39.38 -42.72
C PHE ZA 112 -54.26 -39.41 -41.42
N GLY ZA 113 -53.54 -39.46 -40.30
CA GLY ZA 113 -54.16 -39.49 -39.00
C GLY ZA 113 -53.71 -38.32 -38.13
N VAL ZA 114 -53.80 -37.12 -38.69
CA VAL ZA 114 -53.41 -35.91 -37.97
C VAL ZA 114 -54.64 -35.14 -37.52
N LEU ZA 115 -54.81 -35.03 -36.21
CA LEU ZA 115 -55.93 -34.28 -35.65
C LEU ZA 115 -55.81 -32.79 -35.96
N THR ZA 116 -56.87 -32.23 -36.51
CA THR ZA 116 -56.92 -30.81 -36.81
C THR ZA 116 -58.19 -30.21 -36.25
N THR ZA 117 -58.10 -29.68 -35.03
CA THR ZA 117 -59.28 -29.28 -34.27
C THR ZA 117 -59.33 -27.80 -33.95
N GLU ZA 118 -60.29 -27.44 -33.11
CA GLU ZA 118 -60.51 -26.05 -32.69
C GLU ZA 118 -60.21 -25.88 -31.21
N THR ZA 119 -60.56 -26.89 -30.43
CA THR ZA 119 -60.43 -26.84 -28.99
C THR ZA 119 -59.46 -27.90 -28.49
N ILE ZA 120 -58.79 -27.61 -27.38
CA ILE ZA 120 -58.01 -28.61 -26.69
C ILE ZA 120 -58.96 -29.71 -26.23
N GLU ZA 121 -60.21 -29.32 -25.99
CA GLU ZA 121 -61.24 -30.26 -25.57
C GLU ZA 121 -61.73 -31.11 -26.73
N GLN ZA 122 -61.63 -30.59 -27.95
CA GLN ZA 122 -62.03 -31.35 -29.13
C GLN ZA 122 -61.00 -32.39 -29.49
N ALA ZA 123 -59.73 -32.00 -29.47
CA ALA ZA 123 -58.64 -32.92 -29.71
C ALA ZA 123 -58.67 -34.04 -28.68
N ILE ZA 124 -59.02 -33.67 -27.45
CA ILE ZA 124 -59.07 -34.65 -26.36
C ILE ZA 124 -60.27 -35.58 -26.52
N GLU ZA 125 -61.21 -35.20 -27.39
CA GLU ZA 125 -62.36 -36.03 -27.68
C GLU ZA 125 -61.99 -37.17 -28.63
N ARG ZA 126 -61.09 -36.89 -29.57
CA ARG ZA 126 -60.66 -37.89 -30.54
C ARG ZA 126 -59.39 -38.60 -30.10
N ALA ZA 127 -58.84 -38.18 -28.98
CA ALA ZA 127 -57.61 -38.78 -28.47
C ALA ZA 127 -57.86 -40.00 -27.59
N GLY ZA 128 -59.05 -40.56 -27.72
CA GLY ZA 128 -59.38 -41.67 -26.93
C GLY ZA 128 -60.49 -41.28 -25.95
N THR ZA 129 -61.53 -40.57 -26.42
CA THR ZA 129 -62.66 -40.24 -25.55
C THR ZA 129 -63.91 -40.36 -26.35
N LYS ZA 130 -64.87 -39.49 -26.12
CA LYS ZA 130 -66.16 -39.55 -26.79
C LYS ZA 130 -66.14 -40.02 -28.27
N ALA ZA 131 -65.35 -39.40 -29.13
CA ALA ZA 131 -65.38 -39.81 -30.51
C ALA ZA 131 -64.52 -41.07 -30.78
N GLY ZA 132 -63.78 -41.55 -29.75
CA GLY ZA 132 -62.90 -42.73 -29.90
C GLY ZA 132 -61.44 -42.30 -30.16
N ASN ZA 133 -60.52 -43.23 -30.30
CA ASN ZA 133 -59.13 -42.89 -30.58
C ASN ZA 133 -58.84 -42.92 -32.08
N LYS ZA 134 -58.58 -41.75 -32.66
CA LYS ZA 134 -58.36 -41.64 -34.10
C LYS ZA 134 -57.03 -42.23 -34.53
N GLY ZA 135 -56.22 -42.64 -33.56
CA GLY ZA 135 -54.98 -43.34 -33.85
C GLY ZA 135 -55.27 -44.80 -34.11
N TYR ZA 136 -56.15 -45.37 -33.30
CA TYR ZA 136 -56.60 -46.74 -33.48
C TYR ZA 136 -57.27 -46.90 -34.83
N GLU ZA 137 -58.13 -45.94 -35.17
CA GLU ZA 137 -58.87 -45.99 -36.43
C GLU ZA 137 -57.94 -45.82 -37.63
N SER ZA 138 -56.87 -45.06 -37.46
CA SER ZA 138 -55.93 -44.81 -38.54
C SER ZA 138 -54.98 -45.99 -38.73
N ALA ZA 139 -54.98 -46.90 -37.77
CA ALA ZA 139 -54.19 -48.13 -37.88
C ALA ZA 139 -55.00 -49.19 -38.60
N VAL ZA 140 -56.29 -49.27 -38.26
CA VAL ZA 140 -57.21 -50.17 -38.94
C VAL ZA 140 -57.25 -49.84 -40.43
N ALA ZA 141 -57.16 -48.55 -40.74
CA ALA ZA 141 -57.12 -48.09 -42.13
C ALA ZA 141 -55.81 -48.51 -42.81
N ALA ZA 142 -54.74 -48.53 -42.03
CA ALA ZA 142 -53.43 -48.90 -42.55
C ALA ZA 142 -53.40 -50.37 -42.95
N ILE ZA 143 -53.89 -51.23 -42.05
CA ILE ZA 143 -53.94 -52.66 -42.33
C ILE ZA 143 -54.78 -52.93 -43.57
N GLU ZA 144 -55.94 -52.29 -43.64
CA GLU ZA 144 -56.83 -52.47 -44.79
C GLU ZA 144 -56.18 -52.02 -46.08
N MET ZA 145 -55.64 -50.81 -46.09
CA MET ZA 145 -54.97 -50.29 -47.27
C MET ZA 145 -53.84 -51.21 -47.71
N ALA ZA 146 -53.06 -51.68 -46.75
CA ALA ZA 146 -51.96 -52.60 -47.03
C ALA ZA 146 -52.48 -53.82 -47.79
N HIS ZA 147 -53.56 -54.41 -47.27
CA HIS ZA 147 -54.15 -55.60 -47.89
C HIS ZA 147 -54.95 -55.24 -49.15
N LEU ZA 148 -54.40 -54.35 -49.96
CA LEU ZA 148 -54.99 -54.01 -51.25
C LEU ZA 148 -53.84 -53.98 -52.26
N SER ZA 149 -53.77 -55.08 -53.05
CA SER ZA 149 -52.66 -55.33 -53.97
C SER ZA 149 -52.91 -55.54 -55.48
N LYS ZA 150 -52.66 -54.42 -56.11
CA LYS ZA 150 -52.59 -54.22 -57.50
C LYS ZA 150 -51.23 -53.45 -57.47
N HIS ZA 151 -50.38 -53.63 -58.48
CA HIS ZA 151 -49.11 -52.96 -58.54
C HIS ZA 151 -48.90 -52.41 -59.91
N TRP ZA 152 -48.38 -51.22 -59.96
CA TRP ZA 152 -48.19 -50.67 -61.27
C TRP ZA 152 -46.87 -51.12 -61.84
N ALA ZA 153 -46.93 -51.53 -63.11
CA ALA ZA 153 -45.76 -52.01 -63.82
C ALA ZA 153 -46.07 -52.20 -65.30
N VAL AB 2 -67.06 -30.26 -84.17
CA VAL AB 2 -67.94 -30.51 -83.03
C VAL AB 2 -67.75 -31.93 -82.49
N PHE AB 3 -67.63 -32.05 -81.17
CA PHE AB 3 -67.30 -33.33 -80.54
C PHE AB 3 -68.14 -33.66 -79.31
N GLU AB 4 -69.38 -34.08 -79.51
CA GLU AB 4 -70.23 -34.49 -78.40
C GLU AB 4 -69.82 -35.87 -77.91
N GLY AB 5 -70.31 -36.25 -76.72
CA GLY AB 5 -69.98 -37.54 -76.13
C GLY AB 5 -71.16 -38.50 -76.11
N HIS AB 6 -70.93 -39.71 -76.62
CA HIS AB 6 -71.95 -40.75 -76.66
C HIS AB 6 -72.48 -41.04 -75.27
N LEU AB 7 -73.66 -41.65 -75.19
CA LEU AB 7 -74.25 -41.94 -73.88
C LEU AB 7 -74.66 -43.41 -73.70
N VAL AB 8 -74.65 -44.17 -74.80
CA VAL AB 8 -74.91 -45.60 -74.72
C VAL AB 8 -73.59 -46.34 -74.58
N GLY AB 9 -73.35 -46.90 -73.39
CA GLY AB 9 -72.10 -47.57 -73.11
C GLY AB 9 -72.20 -49.08 -73.08
N THR AB 10 -72.60 -49.67 -74.20
CA THR AB 10 -72.72 -51.12 -74.29
C THR AB 10 -71.40 -51.81 -73.99
N GLY AB 11 -70.40 -51.56 -74.83
CA GLY AB 11 -69.10 -52.21 -74.67
C GLY AB 11 -68.10 -51.43 -73.84
N LEU AB 12 -68.43 -51.21 -72.57
CA LEU AB 12 -67.57 -50.43 -71.69
C LEU AB 12 -67.13 -51.23 -70.47
N LYS AB 13 -65.91 -50.97 -70.02
CA LYS AB 13 -65.42 -51.48 -68.75
C LYS AB 13 -65.27 -50.32 -67.77
N VAL AB 14 -66.01 -50.36 -66.67
CA VAL AB 14 -65.95 -49.28 -65.69
C VAL AB 14 -65.39 -49.80 -64.36
N GLY AB 15 -64.73 -48.90 -63.64
CA GLY AB 15 -64.19 -49.23 -62.33
C GLY AB 15 -64.64 -48.21 -61.30
N VAL AB 16 -65.10 -48.70 -60.16
CA VAL AB 16 -65.63 -47.81 -59.12
C VAL AB 16 -64.85 -47.93 -57.81
N VAL AB 17 -64.58 -46.79 -57.19
CA VAL AB 17 -63.91 -46.77 -55.89
C VAL AB 17 -64.79 -46.06 -54.86
N VAL AB 18 -65.33 -46.83 -53.92
CA VAL AB 18 -66.27 -46.29 -52.94
C VAL AB 18 -65.67 -46.26 -51.54
N GLY AB 19 -66.01 -45.22 -50.79
CA GLY AB 19 -65.53 -45.07 -49.43
C GLY AB 19 -66.46 -45.71 -48.42
N ARG AB 20 -65.89 -46.47 -47.49
CA ARG AB 20 -66.66 -47.19 -46.49
C ARG AB 20 -67.29 -46.26 -45.46
N PHE AB 21 -66.56 -45.20 -45.11
CA PHE AB 21 -67.08 -44.22 -44.16
C PHE AB 21 -68.36 -43.60 -44.70
N ASN AB 22 -69.32 -43.37 -43.81
CA ASN AB 22 -70.63 -42.91 -44.23
C ASN AB 22 -71.28 -43.92 -45.16
N GLU AB 23 -71.07 -45.20 -44.85
CA GLU AB 23 -71.59 -46.30 -45.66
C GLU AB 23 -73.10 -46.18 -45.84
N PHE AB 24 -73.76 -45.62 -44.83
CA PHE AB 24 -75.20 -45.42 -44.88
C PHE AB 24 -75.61 -44.64 -46.10
N ILE AB 25 -74.74 -43.74 -46.56
CA ILE AB 25 -75.01 -42.92 -47.73
C ILE AB 25 -74.33 -43.47 -48.98
N THR AB 26 -73.04 -43.75 -48.86
CA THR AB 26 -72.26 -44.26 -49.99
C THR AB 26 -72.83 -45.56 -50.53
N SER AB 27 -73.55 -46.29 -49.68
CA SER AB 27 -74.21 -47.53 -50.11
C SER AB 27 -75.18 -47.24 -51.25
N LYS AB 28 -76.22 -46.49 -50.95
CA LYS AB 28 -77.22 -46.11 -51.96
C LYS AB 28 -76.57 -45.30 -53.07
N LEU AB 29 -75.42 -44.71 -52.77
CA LEU AB 29 -74.69 -43.89 -53.73
C LEU AB 29 -74.06 -44.79 -54.77
N LEU AB 30 -73.61 -45.97 -54.33
CA LEU AB 30 -73.08 -46.99 -55.22
C LEU AB 30 -74.20 -47.59 -56.05
N GLY AB 31 -75.43 -47.41 -55.57
CA GLY AB 31 -76.60 -47.83 -56.33
C GLY AB 31 -76.68 -47.07 -57.64
N GLY AB 32 -75.76 -46.12 -57.83
CA GLY AB 32 -75.65 -45.39 -59.07
C GLY AB 32 -74.87 -46.19 -60.09
N ALA AB 33 -73.95 -47.01 -59.61
CA ALA AB 33 -73.24 -47.94 -60.47
C ALA AB 33 -74.24 -48.87 -61.12
N LEU AB 34 -74.76 -49.83 -60.34
CA LEU AB 34 -75.84 -50.67 -60.81
C LEU AB 34 -77.08 -49.80 -61.01
N ASP AB 35 -78.09 -50.33 -61.70
CA ASP AB 35 -79.27 -49.55 -62.05
C ASP AB 35 -78.86 -48.20 -62.64
N GLY AB 36 -77.63 -48.13 -63.14
CA GLY AB 36 -77.10 -46.90 -63.72
C GLY AB 36 -76.26 -47.21 -64.94
N LEU AB 37 -75.13 -47.87 -64.71
CA LEU AB 37 -74.31 -48.36 -65.81
C LEU AB 37 -75.02 -49.51 -66.49
N LYS AB 38 -75.76 -50.28 -65.69
CA LYS AB 38 -76.51 -51.43 -66.21
C LYS AB 38 -77.47 -51.01 -67.33
N ARG AB 39 -78.40 -50.10 -67.00
CA ARG AB 39 -79.43 -49.70 -67.94
C ARG AB 39 -78.90 -48.90 -69.12
N HIS AB 40 -77.65 -48.46 -69.04
CA HIS AB 40 -77.06 -47.72 -70.14
C HIS AB 40 -76.25 -48.61 -71.09
N GLY AB 41 -76.27 -49.91 -70.82
CA GLY AB 41 -75.65 -50.87 -71.71
C GLY AB 41 -74.52 -51.70 -71.10
N VAL AB 42 -73.82 -51.13 -70.12
CA VAL AB 42 -72.68 -51.80 -69.50
C VAL AB 42 -73.05 -53.19 -68.98
N GLU AB 43 -72.15 -54.17 -69.15
CA GLU AB 43 -72.40 -55.54 -68.75
C GLU AB 43 -72.36 -55.79 -67.23
N GLU AB 44 -73.40 -56.50 -66.72
CA GLU AB 44 -73.62 -56.84 -65.32
C GLU AB 44 -72.37 -57.51 -64.79
N ASN AB 45 -71.90 -56.89 -63.70
CA ASN AB 45 -70.64 -57.15 -63.03
C ASN AB 45 -69.60 -57.46 -64.11
N ASP AB 46 -69.26 -56.34 -64.79
CA ASP AB 46 -68.21 -56.19 -65.81
C ASP AB 46 -67.62 -54.89 -65.36
N ILE AB 47 -68.04 -54.62 -64.16
CA ILE AB 47 -67.68 -53.44 -63.45
C ILE AB 47 -67.12 -53.86 -62.10
N ASP AB 48 -65.98 -53.30 -61.72
CA ASP AB 48 -65.35 -53.64 -60.46
C ASP AB 48 -65.50 -52.52 -59.42
N VAL AB 49 -65.72 -52.93 -58.17
CA VAL AB 49 -65.88 -51.99 -57.07
C VAL AB 49 -64.78 -52.15 -56.03
N ALA AB 50 -64.14 -51.03 -55.70
CA ALA AB 50 -63.06 -51.02 -54.73
C ALA AB 50 -63.46 -50.26 -53.47
N TRP AB 51 -63.51 -50.95 -52.35
CA TRP AB 51 -63.87 -50.33 -51.08
C TRP AB 51 -62.62 -49.84 -50.34
N VAL AB 52 -62.59 -48.55 -50.08
CA VAL AB 52 -61.49 -47.95 -49.34
C VAL AB 52 -62.02 -47.33 -48.05
N PRO AB 53 -61.19 -47.36 -46.99
CA PRO AB 53 -61.57 -46.86 -45.66
C PRO AB 53 -62.29 -45.52 -45.70
N GLY AB 54 -61.54 -44.44 -45.92
CA GLY AB 54 -62.12 -43.11 -45.95
C GLY AB 54 -62.08 -42.50 -47.33
N ALA AB 55 -62.84 -41.41 -47.52
CA ALA AB 55 -62.85 -40.69 -48.79
C ALA AB 55 -61.44 -40.24 -49.12
N PHE AB 56 -60.61 -40.13 -48.09
CA PHE AB 56 -59.24 -39.68 -48.23
C PHE AB 56 -58.37 -40.71 -48.96
N GLU AB 57 -58.76 -41.97 -48.85
CA GLU AB 57 -57.97 -43.06 -49.43
C GLU AB 57 -58.39 -43.34 -50.87
N ILE AB 58 -59.44 -42.67 -51.32
CA ILE AB 58 -59.95 -42.88 -52.67
C ILE AB 58 -58.92 -42.59 -53.76
N PRO AB 59 -58.29 -41.40 -53.73
CA PRO AB 59 -57.33 -41.02 -54.76
C PRO AB 59 -56.28 -42.09 -55.03
N LEU AB 60 -55.71 -42.68 -53.98
CA LEU AB 60 -54.67 -43.69 -54.14
C LEU AB 60 -55.15 -44.91 -54.92
N ILE AB 61 -56.26 -45.49 -54.49
CA ILE AB 61 -56.79 -46.69 -55.12
C ILE AB 61 -57.50 -46.41 -56.44
N ALA AB 62 -58.05 -45.20 -56.57
CA ALA AB 62 -58.63 -44.79 -57.84
C ALA AB 62 -57.55 -44.79 -58.89
N LYS AB 63 -56.31 -44.52 -58.45
CA LYS AB 63 -55.15 -44.56 -59.33
C LYS AB 63 -54.80 -46.00 -59.71
N LYS AB 64 -54.46 -46.82 -58.71
CA LYS AB 64 -54.03 -48.19 -58.95
C LYS AB 64 -55.11 -49.06 -59.57
N MET AB 65 -56.13 -48.43 -60.14
CA MET AB 65 -57.13 -49.12 -60.94
C MET AB 65 -57.05 -48.62 -62.38
N ALA AB 66 -57.25 -47.32 -62.54
CA ALA AB 66 -57.15 -46.69 -63.85
C ALA AB 66 -55.70 -46.63 -64.31
N ASN AB 67 -54.77 -46.79 -63.37
CA ASN AB 67 -53.35 -46.65 -63.66
C ASN AB 67 -52.92 -47.53 -64.81
N SER AB 68 -53.34 -48.79 -64.79
CA SER AB 68 -53.09 -49.69 -65.90
C SER AB 68 -54.41 -50.17 -66.48
N GLY AB 69 -54.52 -50.10 -67.81
CA GLY AB 69 -55.74 -50.41 -68.52
C GLY AB 69 -56.52 -51.61 -68.03
N LYS AB 70 -57.62 -51.34 -67.35
CA LYS AB 70 -58.56 -52.37 -66.93
C LYS AB 70 -59.96 -51.87 -67.26
N TYR AB 71 -60.10 -50.54 -67.27
CA TYR AB 71 -61.39 -49.90 -67.48
C TYR AB 71 -61.25 -48.70 -68.42
N ASP AB 72 -62.35 -48.34 -69.07
CA ASP AB 72 -62.37 -47.18 -69.97
C ASP AB 72 -62.60 -45.90 -69.17
N ALA AB 73 -63.07 -46.06 -67.94
CA ALA AB 73 -63.31 -44.92 -67.06
C ALA AB 73 -63.50 -45.40 -65.63
N VAL AB 74 -63.03 -44.60 -64.68
CA VAL AB 74 -63.15 -44.94 -63.26
C VAL AB 74 -64.02 -43.93 -62.52
N ILE AB 75 -64.97 -44.44 -61.74
CA ILE AB 75 -65.86 -43.60 -60.96
C ILE AB 75 -65.48 -43.63 -59.48
N THR AB 76 -65.42 -42.45 -58.86
CA THR AB 76 -65.13 -42.36 -57.44
C THR AB 76 -66.36 -41.95 -56.64
N LEU AB 77 -66.77 -42.82 -55.71
CA LEU AB 77 -67.92 -42.56 -54.86
C LEU AB 77 -67.51 -42.49 -53.39
N GLY AB 78 -68.18 -41.62 -52.65
CA GLY AB 78 -67.92 -41.46 -51.23
C GLY AB 78 -68.77 -40.34 -50.65
N THR AB 79 -68.69 -40.16 -49.33
CA THR AB 79 -69.44 -39.08 -48.68
C THR AB 79 -68.62 -38.47 -47.54
N VAL AB 80 -68.73 -37.16 -47.40
CA VAL AB 80 -68.05 -36.43 -46.34
C VAL AB 80 -68.98 -35.38 -45.75
N ILE AB 81 -69.18 -35.42 -44.44
CA ILE AB 81 -70.09 -34.50 -43.78
C ILE AB 81 -69.38 -33.63 -42.74
N ARG AB 82 -69.75 -32.36 -42.70
CA ARG AB 82 -69.18 -31.39 -41.77
C ARG AB 82 -69.14 -31.88 -40.32
N GLY AB 83 -67.99 -31.67 -39.68
CA GLY AB 83 -67.85 -31.97 -38.27
C GLY AB 83 -67.65 -30.69 -37.49
N ALA AB 84 -67.13 -30.81 -36.27
CA ALA AB 84 -66.85 -29.64 -35.45
C ALA AB 84 -65.51 -29.03 -35.83
N THR AB 85 -64.62 -29.87 -36.35
CA THR AB 85 -63.28 -29.44 -36.72
C THR AB 85 -63.19 -29.12 -38.21
N THR AB 86 -62.09 -28.46 -38.60
CA THR AB 86 -61.86 -28.13 -39.99
C THR AB 86 -61.32 -29.35 -40.76
N HIS AB 87 -61.30 -30.49 -40.08
CA HIS AB 87 -60.87 -31.74 -40.70
C HIS AB 87 -61.67 -32.03 -41.95
N TYR AB 88 -62.95 -31.70 -41.92
CA TYR AB 88 -63.85 -31.89 -43.05
C TYR AB 88 -63.31 -31.25 -44.33
N ASP AB 89 -62.63 -30.11 -44.18
CA ASP AB 89 -62.16 -29.35 -45.33
C ASP AB 89 -60.96 -30.00 -46.00
N TYR AB 90 -59.97 -30.37 -45.20
CA TYR AB 90 -58.73 -30.94 -45.73
C TYR AB 90 -58.99 -32.29 -46.42
N VAL AB 91 -60.02 -32.99 -45.98
CA VAL AB 91 -60.40 -34.25 -46.62
C VAL AB 91 -61.05 -33.99 -47.96
N CYS AB 92 -62.18 -33.27 -47.95
CA CYS AB 92 -62.89 -32.91 -49.17
C CYS AB 92 -61.92 -32.37 -50.23
N ASN AB 93 -61.17 -31.34 -49.86
CA ASN AB 93 -60.20 -30.74 -50.76
C ASN AB 93 -59.32 -31.77 -51.46
N GLU AB 94 -58.58 -32.54 -50.67
CA GLU AB 94 -57.59 -33.47 -51.19
C GLU AB 94 -58.22 -34.60 -52.02
N VAL AB 95 -59.45 -34.96 -51.70
CA VAL AB 95 -60.17 -35.95 -52.50
C VAL AB 95 -60.41 -35.39 -53.89
N ALA AB 96 -61.06 -34.23 -53.95
CA ALA AB 96 -61.30 -33.56 -55.22
C ALA AB 96 -59.97 -33.23 -55.89
N LYS AB 97 -59.01 -32.79 -55.09
CA LYS AB 97 -57.69 -32.44 -55.59
C LYS AB 97 -57.04 -33.66 -56.23
N GLY AB 98 -57.09 -34.80 -55.54
CA GLY AB 98 -56.50 -36.03 -56.04
C GLY AB 98 -57.19 -36.55 -57.28
N VAL AB 99 -58.49 -36.80 -57.17
CA VAL AB 99 -59.27 -37.33 -58.29
C VAL AB 99 -59.16 -36.47 -59.55
N ALA AB 100 -59.09 -35.14 -59.37
CA ALA AB 100 -58.98 -34.23 -60.51
C ALA AB 100 -57.55 -34.17 -61.05
N SER AB 101 -56.63 -33.71 -60.20
CA SER AB 101 -55.23 -33.58 -60.59
C SER AB 101 -54.67 -34.87 -61.16
N LEU AB 102 -54.97 -35.99 -60.51
CA LEU AB 102 -54.52 -37.29 -60.99
C LEU AB 102 -55.56 -37.99 -61.86
N SER AB 103 -56.16 -37.21 -62.76
CA SER AB 103 -57.04 -37.72 -63.80
C SER AB 103 -56.52 -37.19 -65.13
N LEU AB 104 -55.51 -36.34 -65.04
CA LEU AB 104 -54.86 -35.79 -66.21
C LEU AB 104 -53.58 -36.56 -66.50
N GLN AB 105 -52.92 -37.03 -65.42
CA GLN AB 105 -51.69 -37.78 -65.55
C GLN AB 105 -51.92 -39.12 -66.24
N THR AB 106 -53.05 -39.75 -65.92
CA THR AB 106 -53.43 -40.99 -66.54
C THR AB 106 -54.02 -40.71 -67.89
N ASP AB 107 -54.94 -39.76 -67.96
CA ASP AB 107 -55.57 -39.51 -69.24
C ASP AB 107 -56.75 -40.41 -69.39
N ILE AB 108 -57.01 -41.26 -68.38
CA ILE AB 108 -58.18 -42.11 -68.40
C ILE AB 108 -59.21 -41.42 -67.55
N PRO AB 109 -60.39 -41.28 -68.15
CA PRO AB 109 -61.47 -40.56 -67.49
C PRO AB 109 -61.74 -40.91 -66.03
N VAL AB 110 -61.54 -40.01 -65.09
CA VAL AB 110 -61.86 -40.31 -63.70
C VAL AB 110 -62.91 -39.33 -63.18
N ILE AB 111 -64.15 -39.80 -63.10
CA ILE AB 111 -65.29 -38.97 -62.69
C ILE AB 111 -65.31 -38.79 -61.17
N PHE AB 112 -65.43 -37.54 -60.74
CA PHE AB 112 -65.47 -37.22 -59.31
C PHE AB 112 -66.90 -37.22 -58.79
N GLY AB 113 -67.23 -38.24 -58.00
CA GLY AB 113 -68.56 -38.36 -57.44
C GLY AB 113 -68.54 -38.52 -55.93
N VAL AB 114 -67.93 -37.57 -55.24
CA VAL AB 114 -67.86 -37.58 -53.78
C VAL AB 114 -68.74 -36.49 -53.18
N LEU AB 115 -69.74 -36.91 -52.42
CA LEU AB 115 -70.65 -35.97 -51.77
C LEU AB 115 -69.95 -35.17 -50.68
N THR AB 116 -70.14 -33.86 -50.73
CA THR AB 116 -69.55 -32.99 -49.73
C THR AB 116 -70.62 -32.09 -49.14
N THR AB 117 -71.24 -32.55 -48.07
CA THR AB 117 -72.42 -31.89 -47.53
C THR AB 117 -72.21 -31.33 -46.12
N GLU AB 118 -73.22 -30.59 -45.66
CA GLU AB 118 -73.20 -30.01 -44.32
C GLU AB 118 -74.07 -30.83 -43.37
N THR AB 119 -75.14 -31.39 -43.91
CA THR AB 119 -76.10 -32.16 -43.13
C THR AB 119 -76.14 -33.62 -43.59
N ILE AB 120 -76.48 -34.51 -42.66
CA ILE AB 120 -76.77 -35.89 -43.01
C ILE AB 120 -78.01 -35.88 -43.91
N GLU AB 121 -78.85 -34.87 -43.73
CA GLU AB 121 -80.08 -34.74 -44.51
C GLU AB 121 -79.77 -34.27 -45.93
N GLN AB 122 -78.62 -33.64 -46.11
CA GLN AB 122 -78.20 -33.18 -47.43
C GLN AB 122 -77.57 -34.32 -48.23
N ALA AB 123 -76.94 -35.24 -47.51
CA ALA AB 123 -76.39 -36.44 -48.13
C ALA AB 123 -77.52 -37.31 -48.65
N ILE AB 124 -78.51 -37.54 -47.80
CA ILE AB 124 -79.70 -38.28 -48.19
C ILE AB 124 -80.41 -37.54 -49.32
N GLU AB 125 -80.35 -36.22 -49.25
CA GLU AB 125 -80.97 -35.38 -50.26
C GLU AB 125 -80.40 -35.68 -51.64
N ARG AB 126 -79.14 -36.05 -51.69
CA ARG AB 126 -78.43 -36.30 -52.93
C ARG AB 126 -78.01 -37.75 -53.14
N ALA AB 127 -78.61 -38.66 -52.38
CA ALA AB 127 -78.30 -40.08 -52.50
C ALA AB 127 -79.52 -40.86 -52.97
N GLY AB 128 -80.36 -40.27 -53.75
CA GLY AB 128 -81.53 -40.98 -54.11
C GLY AB 128 -82.67 -40.16 -53.58
N THR AB 129 -82.43 -38.98 -53.05
CA THR AB 129 -83.64 -38.21 -52.71
C THR AB 129 -83.81 -37.04 -53.70
N LYS AB 130 -84.69 -36.11 -53.32
CA LYS AB 130 -85.12 -34.86 -54.02
C LYS AB 130 -84.21 -34.42 -55.16
N ALA AB 131 -82.89 -34.49 -54.96
CA ALA AB 131 -81.98 -34.06 -56.04
C ALA AB 131 -81.61 -35.21 -56.97
N GLY AB 132 -82.07 -36.43 -56.63
CA GLY AB 132 -81.75 -37.63 -57.36
C GLY AB 132 -80.53 -38.32 -56.73
N ASN AB 133 -79.95 -39.27 -57.46
CA ASN AB 133 -78.79 -40.01 -56.99
C ASN AB 133 -77.51 -39.58 -57.70
N LYS AB 134 -76.64 -38.90 -56.98
CA LYS AB 134 -75.42 -38.35 -57.59
C LYS AB 134 -74.42 -39.45 -57.94
N GLY AB 135 -74.82 -40.69 -57.74
CA GLY AB 135 -74.02 -41.84 -58.15
C GLY AB 135 -74.42 -42.28 -59.53
N TYR AB 136 -75.73 -42.30 -59.77
CA TYR AB 136 -76.27 -42.63 -61.09
C TYR AB 136 -75.88 -41.55 -62.09
N GLU AB 137 -75.68 -40.32 -61.60
CA GLU AB 137 -75.35 -39.20 -62.46
C GLU AB 137 -73.88 -39.23 -62.83
N SER AB 138 -73.05 -39.68 -61.90
CA SER AB 138 -71.62 -39.76 -62.15
C SER AB 138 -71.28 -40.95 -63.03
N ALA AB 139 -72.26 -41.84 -63.20
CA ALA AB 139 -72.12 -42.99 -64.08
C ALA AB 139 -72.36 -42.56 -65.52
N VAL AB 140 -73.44 -41.80 -65.72
CA VAL AB 140 -73.73 -41.23 -67.02
C VAL AB 140 -72.53 -40.43 -67.51
N ALA AB 141 -71.94 -39.64 -66.62
CA ALA AB 141 -70.77 -38.84 -66.94
C ALA AB 141 -69.61 -39.74 -67.35
N ALA AB 142 -69.45 -40.84 -66.63
CA ALA AB 142 -68.35 -41.77 -66.90
C ALA AB 142 -68.45 -42.35 -68.31
N ILE AB 143 -69.66 -42.75 -68.70
CA ILE AB 143 -69.88 -43.30 -70.03
C ILE AB 143 -69.59 -42.27 -71.10
N GLU AB 144 -70.12 -41.07 -70.92
CA GLU AB 144 -69.93 -39.99 -71.88
C GLU AB 144 -68.47 -39.62 -72.05
N MET AB 145 -67.75 -39.53 -70.93
CA MET AB 145 -66.33 -39.20 -70.94
C MET AB 145 -65.52 -40.31 -71.61
N ALA AB 146 -65.92 -41.55 -71.37
CA ALA AB 146 -65.26 -42.69 -72.00
C ALA AB 146 -65.36 -42.59 -73.51
N HIS AB 147 -66.56 -42.28 -73.99
CA HIS AB 147 -66.81 -42.15 -75.42
C HIS AB 147 -66.22 -40.86 -76.01
N LEU AB 148 -65.48 -40.11 -75.20
CA LEU AB 148 -64.85 -38.90 -75.69
C LEU AB 148 -63.35 -39.06 -75.86
N SER AB 149 -62.81 -40.21 -75.45
CA SER AB 149 -61.45 -40.58 -75.80
C SER AB 149 -61.47 -40.79 -77.32
N LYS AB 150 -61.22 -39.70 -78.04
CA LYS AB 150 -61.61 -39.60 -79.43
C LYS AB 150 -60.53 -38.85 -80.20
N HIS AB 151 -59.84 -37.96 -79.49
CA HIS AB 151 -58.86 -37.08 -80.10
C HIS AB 151 -59.55 -36.20 -81.15
N TRP AB 152 -58.77 -35.49 -81.97
CA TRP AB 152 -59.35 -34.41 -82.77
C TRP AB 152 -58.84 -34.33 -84.21
N ALA AB 153 -59.68 -33.78 -85.09
CA ALA AB 153 -59.36 -33.62 -86.50
C ALA AB 153 -59.80 -32.26 -87.03
N VAL BB 2 -41.11 -3.97 -75.86
CA VAL BB 2 -42.57 -3.99 -75.92
C VAL BB 2 -43.12 -5.20 -76.68
N PHE BB 3 -44.18 -5.80 -76.15
CA PHE BB 3 -44.77 -7.00 -76.74
C PHE BB 3 -46.29 -7.03 -76.63
N GLU BB 4 -46.98 -6.21 -77.43
CA GLU BB 4 -48.44 -6.20 -77.44
C GLU BB 4 -48.98 -7.32 -78.32
N GLY BB 5 -50.22 -7.73 -78.05
CA GLY BB 5 -50.85 -8.81 -78.79
C GLY BB 5 -51.87 -8.36 -79.82
N HIS BB 6 -51.73 -8.85 -81.05
CA HIS BB 6 -52.65 -8.53 -82.13
C HIS BB 6 -54.08 -8.91 -81.73
N LEU BB 7 -55.07 -8.40 -82.46
CA LEU BB 7 -56.46 -8.70 -82.14
C LEU BB 7 -57.29 -9.12 -83.35
N VAL BB 8 -56.64 -9.21 -84.50
CA VAL BB 8 -57.31 -9.70 -85.71
C VAL BB 8 -56.82 -11.10 -86.04
N GLY BB 9 -57.60 -12.11 -85.67
CA GLY BB 9 -57.20 -13.48 -85.87
C GLY BB 9 -57.84 -14.15 -87.08
N THR BB 10 -57.45 -13.73 -88.27
CA THR BB 10 -58.03 -14.28 -89.49
C THR BB 10 -57.55 -15.70 -89.77
N GLY BB 11 -56.28 -15.97 -89.46
CA GLY BB 11 -55.70 -17.26 -89.76
C GLY BB 11 -55.56 -18.17 -88.55
N LEU BB 12 -56.29 -17.86 -87.47
CA LEU BB 12 -56.21 -18.64 -86.25
C LEU BB 12 -57.08 -19.88 -86.31
N LYS BB 13 -56.80 -20.83 -85.43
CA LYS BB 13 -57.54 -22.10 -85.37
C LYS BB 13 -57.89 -22.43 -83.92
N VAL BB 14 -59.01 -21.89 -83.44
CA VAL BB 14 -59.37 -22.03 -82.03
C VAL BB 14 -60.22 -23.27 -81.75
N GLY BB 15 -60.20 -23.73 -80.50
CA GLY BB 15 -61.04 -24.83 -80.06
C GLY BB 15 -61.60 -24.58 -78.68
N VAL BB 16 -62.88 -24.89 -78.49
CA VAL BB 16 -63.54 -24.63 -77.21
C VAL BB 16 -64.04 -25.90 -76.53
N VAL BB 17 -64.03 -25.90 -75.20
CA VAL BB 17 -64.60 -26.98 -74.41
C VAL BB 17 -65.69 -26.45 -73.47
N VAL BB 18 -66.95 -26.59 -73.88
CA VAL BB 18 -68.07 -26.08 -73.10
C VAL BB 18 -68.69 -27.16 -72.21
N GLY BB 19 -69.32 -26.74 -71.13
CA GLY BB 19 -69.94 -27.67 -70.20
C GLY BB 19 -71.45 -27.71 -70.29
N ARG BB 20 -72.01 -28.91 -70.27
CA ARG BB 20 -73.45 -29.09 -70.42
C ARG BB 20 -74.23 -28.61 -69.21
N PHE BB 21 -73.78 -28.98 -68.01
CA PHE BB 21 -74.46 -28.55 -66.79
C PHE BB 21 -74.64 -27.04 -66.84
N ASN BB 22 -75.86 -26.58 -66.53
CA ASN BB 22 -76.20 -25.17 -66.67
C ASN BB 22 -76.15 -24.72 -68.12
N GLU BB 23 -76.63 -25.58 -69.02
CA GLU BB 23 -76.64 -25.29 -70.44
C GLU BB 23 -77.39 -24.01 -70.72
N PHE BB 24 -78.37 -23.71 -69.87
CA PHE BB 24 -79.16 -22.51 -70.01
C PHE BB 24 -78.27 -21.27 -70.11
N ILE BB 25 -77.12 -21.35 -69.44
CA ILE BB 25 -76.16 -20.24 -69.42
C ILE BB 25 -75.01 -20.48 -70.38
N THR BB 26 -74.42 -21.68 -70.29
CA THR BB 26 -73.27 -22.03 -71.13
C THR BB 26 -73.62 -21.92 -72.61
N SER BB 27 -74.88 -22.16 -72.94
CA SER BB 27 -75.36 -22.05 -74.31
C SER BB 27 -75.06 -20.67 -74.89
N LYS BB 28 -75.67 -19.65 -74.30
CA LYS BB 28 -75.44 -18.27 -74.73
C LYS BB 28 -73.98 -17.88 -74.53
N LEU BB 29 -73.29 -18.64 -73.69
CA LEU BB 29 -71.89 -18.36 -73.36
C LEU BB 29 -70.98 -18.82 -74.50
N LEU BB 30 -71.42 -19.87 -75.21
CA LEU BB 30 -70.68 -20.36 -76.37
C LEU BB 30 -70.99 -19.49 -77.59
N GLY BB 31 -72.26 -19.10 -77.71
CA GLY BB 31 -72.68 -18.21 -78.79
C GLY BB 31 -71.93 -16.89 -78.66
N GLY BB 32 -71.31 -16.69 -77.50
CA GLY BB 32 -70.51 -15.52 -77.23
C GLY BB 32 -69.14 -15.71 -77.85
N ALA BB 33 -68.53 -16.86 -77.56
CA ALA BB 33 -67.26 -17.20 -78.14
C ALA BB 33 -67.33 -17.08 -79.65
N LEU BB 34 -68.19 -17.82 -80.33
CA LEU BB 34 -68.22 -17.87 -81.82
C LEU BB 34 -68.69 -16.68 -82.60
N ASP BB 35 -69.86 -16.22 -82.24
CA ASP BB 35 -70.38 -15.15 -83.09
C ASP BB 35 -69.42 -13.91 -83.11
N GLY BB 36 -68.43 -13.89 -82.16
CA GLY BB 36 -67.46 -12.83 -81.95
C GLY BB 36 -66.04 -13.30 -82.19
N LEU BB 37 -65.90 -14.62 -82.22
CA LEU BB 37 -64.64 -15.25 -82.55
C LEU BB 37 -64.60 -15.22 -84.07
N LYS BB 38 -65.78 -15.39 -84.66
CA LYS BB 38 -65.94 -15.35 -86.10
C LYS BB 38 -65.76 -13.94 -86.64
N ARG BB 39 -66.46 -12.99 -86.03
CA ARG BB 39 -66.44 -11.61 -86.49
C ARG BB 39 -65.10 -10.93 -86.26
N HIS BB 40 -64.18 -11.64 -85.62
CA HIS BB 40 -62.84 -11.13 -85.41
C HIS BB 40 -61.86 -11.64 -86.46
N GLY BB 41 -62.38 -12.41 -87.42
CA GLY BB 41 -61.58 -12.91 -88.52
C GLY BB 41 -61.54 -14.42 -88.65
N VAL BB 42 -61.54 -15.11 -87.52
CA VAL BB 42 -61.44 -16.57 -87.50
C VAL BB 42 -62.44 -17.21 -88.45
N GLU BB 43 -61.97 -18.20 -89.20
CA GLU BB 43 -62.83 -18.96 -90.11
C GLU BB 43 -63.69 -19.90 -89.28
N GLU BB 44 -65.00 -19.91 -89.53
CA GLU BB 44 -65.92 -20.69 -88.72
C GLU BB 44 -65.67 -22.19 -88.83
N ASN BB 45 -64.84 -22.58 -89.79
CA ASN BB 45 -64.47 -23.98 -89.97
C ASN BB 45 -63.21 -24.35 -89.20
N ASP BB 46 -62.52 -23.34 -88.68
CA ASP BB 46 -61.35 -23.56 -87.86
C ASP BB 46 -61.72 -23.58 -86.37
N ILE BB 47 -63.00 -23.83 -86.09
CA ILE BB 47 -63.49 -23.83 -84.72
C ILE BB 47 -64.14 -25.16 -84.35
N ASP BB 48 -63.56 -25.85 -83.38
CA ASP BB 48 -64.11 -27.10 -82.88
C ASP BB 48 -64.66 -26.95 -81.46
N VAL BB 49 -65.74 -27.67 -81.18
CA VAL BB 49 -66.38 -27.62 -79.88
C VAL BB 49 -66.39 -28.99 -79.22
N ALA BB 50 -66.07 -29.03 -77.94
CA ALA BB 50 -66.07 -30.27 -77.18
C ALA BB 50 -67.01 -30.17 -75.98
N TRP BB 51 -68.15 -30.83 -76.07
CA TRP BB 51 -69.13 -30.84 -74.99
C TRP BB 51 -68.77 -31.86 -73.90
N VAL BB 52 -68.55 -31.36 -72.68
CA VAL BB 52 -68.27 -32.20 -71.53
C VAL BB 52 -69.42 -32.12 -70.55
N PRO BB 53 -69.61 -33.18 -69.74
CA PRO BB 53 -70.70 -33.23 -68.76
C PRO BB 53 -70.70 -32.01 -67.85
N GLY BB 54 -69.80 -32.00 -66.87
CA GLY BB 54 -69.71 -30.90 -65.94
C GLY BB 54 -68.44 -30.08 -66.13
N ALA BB 55 -68.39 -28.92 -65.51
CA ALA BB 55 -67.22 -28.05 -65.57
C ALA BB 55 -65.98 -28.77 -65.04
N PHE BB 56 -66.20 -29.77 -64.20
CA PHE BB 56 -65.11 -30.52 -63.59
C PHE BB 56 -64.33 -31.33 -64.63
N GLU BB 57 -65.02 -31.74 -65.69
CA GLU BB 57 -64.44 -32.61 -66.70
C GLU BB 57 -63.70 -31.80 -67.77
N ILE BB 58 -63.74 -30.48 -67.65
CA ILE BB 58 -63.09 -29.60 -68.63
C ILE BB 58 -61.58 -29.81 -68.72
N PRO BB 59 -60.87 -29.76 -67.57
CA PRO BB 59 -59.42 -29.89 -67.58
C PRO BB 59 -58.91 -31.06 -68.44
N LEU BB 60 -59.58 -32.20 -68.34
CA LEU BB 60 -59.14 -33.40 -69.05
C LEU BB 60 -59.23 -33.24 -70.56
N ILE BB 61 -60.40 -32.81 -71.05
CA ILE BB 61 -60.63 -32.66 -72.48
C ILE BB 61 -60.00 -31.38 -73.04
N ALA BB 62 -59.90 -30.35 -72.21
CA ALA BB 62 -59.20 -29.14 -72.59
C ALA BB 62 -57.74 -29.47 -72.86
N LYS BB 63 -57.23 -30.48 -72.17
CA LYS BB 63 -55.87 -30.96 -72.37
C LYS BB 63 -55.74 -31.68 -73.70
N LYS BB 64 -56.46 -32.79 -73.84
CA LYS BB 64 -56.46 -33.56 -75.08
C LYS BB 64 -56.55 -32.66 -76.30
N MET BB 65 -57.32 -31.58 -76.18
CA MET BB 65 -57.59 -30.69 -77.31
C MET BB 65 -56.44 -29.73 -77.57
N ALA BB 66 -56.05 -29.00 -76.54
CA ALA BB 66 -54.95 -28.04 -76.66
C ALA BB 66 -53.63 -28.76 -76.86
N ASN BB 67 -53.68 -30.09 -76.89
CA ASN BB 67 -52.48 -30.90 -76.98
C ASN BB 67 -52.38 -31.59 -78.33
N SER BB 68 -53.51 -31.67 -79.03
CA SER BB 68 -53.55 -32.29 -80.35
C SER BB 68 -52.80 -31.45 -81.38
N GLY BB 69 -52.57 -30.18 -81.04
CA GLY BB 69 -51.86 -29.26 -81.91
C GLY BB 69 -52.72 -28.66 -82.99
N LYS BB 70 -53.91 -29.24 -83.19
CA LYS BB 70 -54.83 -28.76 -84.21
C LYS BB 70 -55.25 -27.34 -83.92
N TYR BB 71 -55.08 -26.91 -82.67
CA TYR BB 71 -55.62 -25.65 -82.21
C TYR BB 71 -54.55 -24.64 -81.84
N ASP BB 72 -54.76 -23.40 -82.28
CA ASP BB 72 -53.83 -22.31 -82.03
C ASP BB 72 -54.04 -21.75 -80.63
N ALA BB 73 -55.22 -22.02 -80.07
CA ALA BB 73 -55.55 -21.63 -78.71
C ALA BB 73 -56.86 -22.31 -78.31
N VAL BB 74 -57.07 -22.44 -77.00
CA VAL BB 74 -58.26 -23.12 -76.50
C VAL BB 74 -59.07 -22.26 -75.54
N ILE BB 75 -60.40 -22.27 -75.72
CA ILE BB 75 -61.30 -21.50 -74.87
C ILE BB 75 -62.19 -22.42 -74.04
N THR BB 76 -62.05 -22.35 -72.72
CA THR BB 76 -62.87 -23.16 -71.82
C THR BB 76 -64.11 -22.40 -71.36
N LEU BB 77 -65.27 -22.90 -71.72
CA LEU BB 77 -66.53 -22.28 -71.33
C LEU BB 77 -67.30 -23.20 -70.38
N GLY BB 78 -68.12 -22.60 -69.52
CA GLY BB 78 -68.91 -23.35 -68.57
C GLY BB 78 -69.51 -22.46 -67.50
N THR BB 79 -70.39 -23.03 -66.68
CA THR BB 79 -71.01 -22.28 -65.59
C THR BB 79 -71.14 -23.14 -64.34
N VAL BB 80 -70.84 -22.55 -63.19
CA VAL BB 80 -71.00 -23.20 -61.90
C VAL BB 80 -71.69 -22.25 -60.93
N ILE BB 81 -72.78 -22.70 -60.32
CA ILE BB 81 -73.54 -21.85 -59.40
C ILE BB 81 -73.63 -22.44 -58.01
N ARG BB 82 -73.52 -21.58 -57.01
CA ARG BB 82 -73.57 -21.98 -55.61
C ARG BB 82 -74.73 -22.91 -55.25
N GLY BB 83 -74.40 -24.01 -54.60
CA GLY BB 83 -75.41 -24.90 -54.07
C GLY BB 83 -75.53 -24.73 -52.57
N ALA BB 84 -76.11 -25.72 -51.90
CA ALA BB 84 -76.25 -25.69 -50.46
C ALA BB 84 -75.01 -26.27 -49.79
N THR BB 85 -74.18 -26.94 -50.58
CA THR BB 85 -72.99 -27.59 -50.06
C THR BB 85 -71.71 -26.92 -50.54
N THR BB 86 -70.58 -27.31 -49.94
CA THR BB 86 -69.28 -26.79 -50.33
C THR BB 86 -68.81 -27.41 -51.63
N HIS BB 87 -69.66 -28.24 -52.24
CA HIS BB 87 -69.35 -28.88 -53.50
C HIS BB 87 -68.94 -27.85 -54.54
N TYR BB 88 -69.71 -26.77 -54.61
CA TYR BB 88 -69.46 -25.68 -55.55
C TYR BB 88 -68.00 -25.20 -55.53
N ASP BB 89 -67.39 -25.27 -54.35
CA ASP BB 89 -66.03 -24.75 -54.18
C ASP BB 89 -64.98 -25.65 -54.80
N TYR BB 90 -65.07 -26.95 -54.53
CA TYR BB 90 -64.08 -27.90 -55.01
C TYR BB 90 -64.13 -28.03 -56.52
N VAL BB 91 -65.29 -27.74 -57.10
CA VAL BB 91 -65.45 -27.77 -58.54
C VAL BB 91 -64.80 -26.54 -59.16
N CYS BB 92 -65.27 -25.35 -58.78
CA CYS BB 92 -64.71 -24.10 -59.26
C CYS BB 92 -63.20 -24.10 -59.17
N ASN BB 93 -62.69 -24.45 -58.00
CA ASN BB 93 -61.25 -24.52 -57.78
C ASN BB 93 -60.55 -25.38 -58.83
N GLU BB 94 -60.88 -26.67 -58.83
CA GLU BB 94 -60.21 -27.63 -59.70
C GLU BB 94 -60.33 -27.28 -61.18
N VAL BB 95 -61.40 -26.60 -61.56
CA VAL BB 95 -61.56 -26.15 -62.94
C VAL BB 95 -60.50 -25.10 -63.26
N ALA BB 96 -60.52 -24.01 -62.52
CA ALA BB 96 -59.54 -22.95 -62.67
C ALA BB 96 -58.14 -23.49 -62.41
N LYS BB 97 -58.05 -24.42 -61.47
CA LYS BB 97 -56.79 -25.05 -61.11
C LYS BB 97 -56.23 -25.83 -62.28
N GLY BB 98 -57.10 -26.57 -62.97
CA GLY BB 98 -56.69 -27.35 -64.11
C GLY BB 98 -56.34 -26.48 -65.31
N VAL BB 99 -57.27 -25.63 -65.72
CA VAL BB 99 -57.08 -24.79 -66.91
C VAL BB 99 -55.82 -23.93 -66.82
N ALA BB 100 -55.54 -23.40 -65.64
CA ALA BB 100 -54.38 -22.53 -65.46
C ALA BB 100 -53.08 -23.34 -65.38
N SER BB 101 -53.01 -24.23 -64.38
CA SER BB 101 -51.81 -25.05 -64.18
C SER BB 101 -51.50 -25.89 -65.40
N LEU BB 102 -52.54 -26.23 -66.16
CA LEU BB 102 -52.37 -27.03 -67.38
C LEU BB 102 -52.45 -26.14 -68.62
N SER BB 103 -51.84 -24.97 -68.53
CA SER BB 103 -51.73 -24.05 -69.65
C SER BB 103 -50.26 -23.65 -69.78
N LEU BB 104 -49.49 -24.03 -68.76
CA LEU BB 104 -48.06 -23.78 -68.75
C LEU BB 104 -47.34 -25.04 -69.22
N GLN BB 105 -47.96 -26.18 -68.94
CA GLN BB 105 -47.41 -27.48 -69.33
C GLN BB 105 -47.50 -27.67 -70.85
N THR BB 106 -48.50 -27.11 -71.50
CA THR BB 106 -48.57 -27.31 -72.96
C THR BB 106 -47.97 -26.10 -73.75
N ASP BB 107 -48.03 -24.91 -73.15
CA ASP BB 107 -47.56 -23.66 -73.78
C ASP BB 107 -48.57 -23.25 -74.90
N ILE BB 108 -49.73 -23.89 -74.99
CA ILE BB 108 -50.81 -23.50 -75.94
C ILE BB 108 -51.76 -22.59 -75.13
N PRO BB 109 -52.16 -21.43 -75.68
CA PRO BB 109 -52.99 -20.58 -74.81
C PRO BB 109 -54.26 -21.24 -74.34
N VAL BB 110 -54.57 -21.33 -73.05
CA VAL BB 110 -55.86 -21.93 -72.66
C VAL BB 110 -56.64 -20.93 -71.81
N ILE BB 111 -57.47 -20.11 -72.48
CA ILE BB 111 -58.24 -19.06 -71.81
C ILE BB 111 -59.29 -19.63 -70.88
N PHE BB 112 -59.39 -19.04 -69.69
CA PHE BB 112 -60.34 -19.48 -68.69
C PHE BB 112 -61.63 -18.65 -68.72
N GLY BB 113 -62.66 -19.20 -69.34
CA GLY BB 113 -63.93 -18.51 -69.46
C GLY BB 113 -65.06 -19.27 -68.79
N VAL BB 114 -64.81 -19.76 -67.58
CA VAL BB 114 -65.83 -20.45 -66.80
C VAL BB 114 -66.47 -19.52 -65.77
N LEU BB 115 -67.77 -19.31 -65.92
CA LEU BB 115 -68.51 -18.49 -64.96
C LEU BB 115 -68.59 -19.20 -63.62
N THR BB 116 -68.36 -18.43 -62.56
CA THR BB 116 -68.41 -18.97 -61.22
C THR BB 116 -69.18 -17.99 -60.33
N THR BB 117 -70.51 -18.16 -60.30
CA THR BB 117 -71.39 -17.19 -59.67
C THR BB 117 -72.14 -17.72 -58.45
N GLU BB 118 -72.93 -16.83 -57.84
CA GLU BB 118 -73.69 -17.15 -56.64
C GLU BB 118 -75.18 -17.30 -56.94
N THR BB 119 -75.63 -16.57 -57.96
CA THR BB 119 -77.04 -16.57 -58.33
C THR BB 119 -77.20 -16.98 -59.78
N ILE BB 120 -78.38 -17.52 -60.12
CA ILE BB 120 -78.72 -17.77 -61.51
C ILE BB 120 -78.72 -16.43 -62.23
N GLU BB 121 -79.10 -15.38 -61.51
CA GLU BB 121 -79.17 -14.04 -62.08
C GLU BB 121 -77.80 -13.53 -62.47
N GLN BB 122 -76.82 -13.74 -61.61
CA GLN BB 122 -75.46 -13.28 -61.87
C GLN BB 122 -74.86 -13.94 -63.10
N ALA BB 123 -75.22 -15.19 -63.32
CA ALA BB 123 -74.79 -15.91 -64.51
C ALA BB 123 -75.33 -15.24 -65.76
N ILE BB 124 -76.62 -14.91 -65.72
CA ILE BB 124 -77.26 -14.23 -66.84
C ILE BB 124 -76.63 -12.87 -67.11
N GLU BB 125 -76.30 -12.15 -66.04
CA GLU BB 125 -75.65 -10.85 -66.16
C GLU BB 125 -74.37 -10.97 -66.98
N ARG BB 126 -73.65 -12.06 -66.76
CA ARG BB 126 -72.34 -12.26 -67.38
C ARG BB 126 -72.41 -13.20 -68.57
N ALA BB 127 -73.62 -13.41 -69.08
CA ALA BB 127 -73.81 -14.26 -70.24
C ALA BB 127 -74.50 -13.53 -71.38
N GLY BB 128 -74.18 -12.28 -71.54
CA GLY BB 128 -74.85 -11.58 -72.61
C GLY BB 128 -75.77 -10.52 -72.11
N THR BB 129 -75.73 -10.22 -70.80
CA THR BB 129 -76.60 -9.12 -70.32
C THR BB 129 -75.78 -7.95 -69.78
N LYS BB 130 -76.26 -7.31 -68.73
CA LYS BB 130 -75.64 -6.22 -68.01
C LYS BB 130 -74.11 -6.20 -68.14
N ALA BB 131 -73.41 -7.20 -67.61
CA ALA BB 131 -71.93 -7.18 -67.62
C ALA BB 131 -71.31 -7.45 -69.01
N GLY BB 132 -72.09 -8.00 -69.96
CA GLY BB 132 -71.58 -8.36 -71.27
C GLY BB 132 -71.58 -9.89 -71.41
N ASN BB 133 -70.90 -10.43 -72.43
CA ASN BB 133 -70.85 -11.89 -72.59
C ASN BB 133 -69.45 -12.42 -72.31
N LYS BB 134 -69.31 -13.15 -71.22
CA LYS BB 134 -68.03 -13.71 -70.82
C LYS BB 134 -67.41 -14.57 -71.92
N GLY BB 135 -68.26 -15.21 -72.71
CA GLY BB 135 -67.81 -16.07 -73.79
C GLY BB 135 -67.15 -15.28 -74.92
N TYR BB 136 -67.70 -14.11 -75.20
CA TYR BB 136 -67.15 -13.22 -76.21
C TYR BB 136 -65.81 -12.65 -75.78
N GLU BB 137 -65.78 -12.15 -74.54
CA GLU BB 137 -64.57 -11.57 -73.98
C GLU BB 137 -63.45 -12.60 -73.83
N SER BB 138 -63.83 -13.86 -73.67
CA SER BB 138 -62.85 -14.93 -73.51
C SER BB 138 -62.30 -15.40 -74.86
N ALA BB 139 -63.05 -15.08 -75.92
CA ALA BB 139 -62.61 -15.40 -77.26
C ALA BB 139 -61.62 -14.34 -77.75
N VAL BB 140 -61.96 -13.08 -77.52
CA VAL BB 140 -61.10 -11.97 -77.91
C VAL BB 140 -59.74 -12.09 -77.22
N ALA BB 141 -59.75 -12.73 -76.05
CA ALA BB 141 -58.53 -12.96 -75.29
C ALA BB 141 -57.73 -14.11 -75.89
N ALA BB 142 -58.44 -15.12 -76.36
CA ALA BB 142 -57.81 -16.28 -76.99
C ALA BB 142 -57.03 -15.87 -78.22
N ILE BB 143 -57.59 -14.94 -78.99
CA ILE BB 143 -56.92 -14.41 -80.16
C ILE BB 143 -55.63 -13.70 -79.77
N GLU BB 144 -55.75 -12.72 -78.90
CA GLU BB 144 -54.59 -11.94 -78.47
C GLU BB 144 -53.49 -12.84 -77.94
N MET BB 145 -53.85 -13.75 -77.04
CA MET BB 145 -52.88 -14.68 -76.47
C MET BB 145 -52.18 -15.50 -77.57
N ALA BB 146 -52.96 -15.95 -78.54
CA ALA BB 146 -52.40 -16.68 -79.66
C ALA BB 146 -51.36 -15.82 -80.38
N HIS BB 147 -51.75 -14.62 -80.76
CA HIS BB 147 -50.87 -13.71 -81.47
C HIS BB 147 -49.65 -13.29 -80.65
N LEU BB 148 -49.68 -13.57 -79.36
CA LEU BB 148 -48.50 -13.39 -78.52
C LEU BB 148 -47.94 -14.78 -78.75
N SER BB 149 -47.12 -14.89 -79.79
CA SER BB 149 -46.11 -15.91 -79.99
C SER BB 149 -44.60 -15.99 -80.12
N LYS BB 150 -43.95 -14.83 -80.14
CA LYS BB 150 -42.49 -14.76 -80.19
C LYS BB 150 -41.72 -15.49 -79.08
N HIS BB 151 -42.26 -15.48 -77.87
CA HIS BB 151 -41.59 -16.10 -76.73
C HIS BB 151 -41.67 -17.63 -76.76
N TRP BB 152 -40.54 -18.26 -77.02
CA TRP BB 152 -40.39 -19.70 -76.85
C TRP BB 152 -38.93 -20.14 -76.99
N ALA BB 153 -38.34 -20.54 -75.87
CA ALA BB 153 -36.95 -20.99 -75.85
C ALA BB 153 -36.74 -22.08 -74.81
N VAL CB 2 -24.75 -12.59 -44.23
CA VAL CB 2 -23.61 -13.00 -45.03
C VAL CB 2 -23.95 -12.91 -46.52
N PHE CB 3 -25.25 -12.91 -46.84
CA PHE CB 3 -25.70 -12.90 -48.23
C PHE CB 3 -26.79 -11.86 -48.51
N GLU CB 4 -26.41 -10.58 -48.53
CA GLU CB 4 -27.36 -9.53 -48.86
C GLU CB 4 -27.40 -9.26 -50.37
N GLY CB 5 -28.47 -8.64 -50.84
CA GLY CB 5 -28.61 -8.38 -52.26
C GLY CB 5 -28.40 -6.93 -52.66
N HIS CB 6 -27.48 -6.73 -53.59
CA HIS CB 6 -27.16 -5.40 -54.12
C HIS CB 6 -28.43 -4.70 -54.60
N LEU CB 7 -28.45 -3.37 -54.55
CA LEU CB 7 -29.64 -2.63 -54.94
C LEU CB 7 -29.42 -1.71 -56.14
N VAL CB 8 -28.17 -1.64 -56.61
CA VAL CB 8 -27.86 -0.90 -57.83
C VAL CB 8 -27.87 -1.85 -59.03
N GLY CB 9 -28.70 -1.55 -60.01
CA GLY CB 9 -28.84 -2.43 -61.16
C GLY CB 9 -28.49 -1.76 -62.47
N THR CB 10 -27.37 -1.05 -62.50
CA THR CB 10 -26.94 -0.37 -63.71
C THR CB 10 -26.78 -1.33 -64.89
N GLY CB 11 -26.27 -2.52 -64.61
CA GLY CB 11 -26.02 -3.49 -65.66
C GLY CB 11 -27.06 -4.58 -65.75
N LEU CB 12 -28.25 -4.32 -65.22
CA LEU CB 12 -29.30 -5.32 -65.24
C LEU CB 12 -30.10 -5.28 -66.54
N LYS CB 13 -31.04 -6.22 -66.67
CA LYS CB 13 -31.78 -6.40 -67.91
C LYS CB 13 -33.13 -7.03 -67.59
N VAL CB 14 -34.11 -6.20 -67.23
CA VAL CB 14 -35.40 -6.68 -66.74
C VAL CB 14 -36.48 -6.75 -67.80
N GLY CB 15 -37.50 -7.56 -67.54
CA GLY CB 15 -38.65 -7.68 -68.42
C GLY CB 15 -39.93 -7.88 -67.62
N VAL CB 16 -40.96 -7.11 -67.94
CA VAL CB 16 -42.21 -7.16 -67.17
C VAL CB 16 -43.42 -7.59 -67.99
N VAL CB 17 -44.41 -8.16 -67.30
CA VAL CB 17 -45.67 -8.54 -67.92
C VAL CB 17 -46.83 -7.92 -67.17
N VAL CB 18 -47.48 -6.94 -67.80
CA VAL CB 18 -48.60 -6.23 -67.16
C VAL CB 18 -49.95 -6.64 -67.78
N GLY CB 19 -50.98 -6.63 -66.94
CA GLY CB 19 -52.31 -7.00 -67.38
C GLY CB 19 -53.11 -5.80 -67.81
N ARG CB 20 -53.69 -5.88 -69.01
CA ARG CB 20 -54.46 -4.78 -69.56
C ARG CB 20 -55.73 -4.50 -68.76
N PHE CB 21 -56.36 -5.56 -68.26
CA PHE CB 21 -57.56 -5.40 -67.46
C PHE CB 21 -57.27 -4.54 -66.24
N ASN CB 22 -58.14 -3.57 -65.99
CA ASN CB 22 -57.91 -2.56 -64.96
C ASN CB 22 -56.73 -1.66 -65.34
N GLU CB 23 -56.64 -1.36 -66.63
CA GLU CB 23 -55.60 -0.48 -67.15
C GLU CB 23 -55.47 0.78 -66.31
N PHE CB 24 -56.61 1.29 -65.86
CA PHE CB 24 -56.66 2.52 -65.07
C PHE CB 24 -55.70 2.47 -63.89
N ILE CB 25 -55.44 1.26 -63.41
CA ILE CB 25 -54.53 1.06 -62.27
C ILE CB 25 -53.18 0.52 -62.71
N THR CB 26 -53.19 -0.50 -63.56
CA THR CB 26 -51.95 -1.12 -64.01
C THR CB 26 -51.05 -0.14 -64.75
N SER CB 27 -51.65 0.90 -65.33
CA SER CB 27 -50.88 1.92 -66.04
C SER CB 27 -49.89 2.61 -65.10
N LYS CB 28 -50.44 3.34 -64.12
CA LYS CB 28 -49.61 4.02 -63.12
C LYS CB 28 -48.76 3.01 -62.36
N LEU CB 29 -49.18 1.75 -62.38
CA LEU CB 29 -48.47 0.69 -61.68
C LEU CB 29 -47.21 0.32 -62.44
N LEU CB 30 -47.29 0.37 -63.76
CA LEU CB 30 -46.16 0.04 -64.63
C LEU CB 30 -45.16 1.19 -64.67
N GLY CB 31 -45.68 2.40 -64.83
CA GLY CB 31 -44.85 3.60 -64.87
C GLY CB 31 -43.97 3.72 -63.64
N GLY CB 32 -44.47 3.23 -62.52
CA GLY CB 32 -43.71 3.24 -61.28
C GLY CB 32 -42.60 2.22 -61.28
N ALA CB 33 -42.84 1.08 -61.93
CA ALA CB 33 -41.84 0.02 -62.02
C ALA CB 33 -40.74 0.40 -63.00
N LEU CB 34 -41.12 0.99 -64.12
CA LEU CB 34 -40.16 1.46 -65.10
C LEU CB 34 -39.32 2.57 -64.48
N ASP CB 35 -40.01 3.58 -63.93
CA ASP CB 35 -39.34 4.70 -63.27
C ASP CB 35 -38.35 4.20 -62.21
N GLY CB 36 -38.72 3.13 -61.52
CA GLY CB 36 -37.86 2.55 -60.50
C GLY CB 36 -36.60 1.93 -61.08
N LEU CB 37 -36.77 0.97 -61.98
CA LEU CB 37 -35.65 0.33 -62.65
C LEU CB 37 -34.76 1.37 -63.32
N LYS CB 38 -35.41 2.29 -64.04
CA LYS CB 38 -34.70 3.31 -64.81
C LYS CB 38 -33.81 4.18 -63.91
N ARG CB 39 -34.37 4.68 -62.82
CA ARG CB 39 -33.64 5.56 -61.91
C ARG CB 39 -32.77 4.79 -60.92
N HIS CB 40 -32.75 3.46 -61.04
CA HIS CB 40 -31.90 2.64 -60.19
C HIS CB 40 -30.67 2.16 -60.95
N GLY CB 41 -30.55 2.60 -62.20
CA GLY CB 41 -29.40 2.24 -63.02
C GLY CB 41 -29.77 1.50 -64.29
N VAL CB 42 -30.74 0.60 -64.19
CA VAL CB 42 -31.17 -0.20 -65.35
C VAL CB 42 -31.31 0.68 -66.58
N GLU CB 43 -30.73 0.24 -67.69
CA GLU CB 43 -30.80 1.00 -68.93
C GLU CB 43 -32.24 1.07 -69.42
N GLU CB 44 -32.65 2.23 -69.91
CA GLU CB 44 -34.04 2.46 -70.28
C GLU CB 44 -34.52 1.56 -71.41
N ASN CB 45 -33.61 0.86 -72.06
CA ASN CB 45 -33.96 -0.02 -73.18
C ASN CB 45 -33.67 -1.49 -72.90
N ASP CB 46 -33.01 -1.76 -71.77
CA ASP CB 46 -32.80 -3.13 -71.32
C ASP CB 46 -34.07 -3.63 -70.66
N ILE CB 47 -35.17 -2.94 -70.95
CA ILE CB 47 -36.43 -3.20 -70.28
C ILE CB 47 -37.55 -3.48 -71.30
N ASP CB 48 -38.21 -4.63 -71.15
CA ASP CB 48 -39.27 -5.02 -72.06
C ASP CB 48 -40.61 -5.18 -71.33
N VAL CB 49 -41.70 -4.90 -72.03
CA VAL CB 49 -43.03 -5.04 -71.45
C VAL CB 49 -43.95 -5.86 -72.33
N ALA CB 50 -44.62 -6.84 -71.71
CA ALA CB 50 -45.56 -7.70 -72.43
C ALA CB 50 -46.97 -7.51 -71.88
N TRP CB 51 -47.86 -6.99 -72.72
CA TRP CB 51 -49.26 -6.77 -72.31
C TRP CB 51 -50.12 -8.00 -72.52
N VAL CB 52 -50.65 -8.53 -71.42
CA VAL CB 52 -51.54 -9.68 -71.46
C VAL CB 52 -52.98 -9.23 -71.23
N PRO CB 53 -53.93 -10.08 -71.65
CA PRO CB 53 -55.35 -9.75 -71.48
C PRO CB 53 -55.70 -9.35 -70.03
N GLY CB 54 -55.22 -10.11 -69.05
CA GLY CB 54 -55.51 -9.83 -67.66
C GLY CB 54 -54.60 -10.69 -66.79
N ALA CB 55 -54.74 -10.57 -65.46
CA ALA CB 55 -53.89 -11.33 -64.54
C ALA CB 55 -53.93 -12.84 -64.83
N PHE CB 56 -55.07 -13.43 -65.10
CA PHE CB 56 -55.01 -14.86 -65.30
C PHE CB 56 -53.98 -15.27 -66.35
N GLU CB 57 -53.76 -14.46 -67.34
CA GLU CB 57 -52.86 -14.76 -68.43
C GLU CB 57 -51.39 -14.55 -68.11
N ILE CB 58 -51.08 -13.85 -67.02
CA ILE CB 58 -49.69 -13.46 -66.57
C ILE CB 58 -48.67 -14.52 -66.16
N PRO CB 59 -49.18 -15.67 -65.78
CA PRO CB 59 -48.30 -16.81 -65.54
C PRO CB 59 -47.72 -17.42 -66.82
N LEU CB 60 -48.53 -17.50 -67.87
CA LEU CB 60 -48.09 -18.12 -69.11
C LEU CB 60 -46.98 -17.33 -69.81
N ILE CB 61 -47.20 -16.03 -69.97
CA ILE CB 61 -46.25 -15.17 -70.68
C ILE CB 61 -45.04 -14.80 -69.82
N ALA CB 62 -45.20 -14.87 -68.51
CA ALA CB 62 -44.08 -14.65 -67.60
C ALA CB 62 -43.10 -15.81 -67.73
N LYS CB 63 -43.64 -17.02 -67.91
CA LYS CB 63 -42.83 -18.20 -68.13
C LYS CB 63 -42.12 -18.14 -69.47
N LYS CB 64 -42.77 -17.49 -70.44
CA LYS CB 64 -42.23 -17.36 -71.78
C LYS CB 64 -41.13 -16.29 -71.86
N MET CB 65 -41.04 -15.48 -70.81
CA MET CB 65 -40.00 -14.45 -70.75
C MET CB 65 -38.86 -14.86 -69.83
N ALA CB 66 -39.14 -15.80 -68.93
CA ALA CB 66 -38.12 -16.35 -68.06
C ALA CB 66 -37.34 -17.44 -68.81
N ASN CB 67 -38.07 -18.24 -69.58
CA ASN CB 67 -37.46 -19.30 -70.39
C ASN CB 67 -36.80 -18.76 -71.64
N SER CB 68 -37.03 -17.49 -71.94
CA SER CB 68 -36.39 -16.85 -73.09
C SER CB 68 -34.93 -16.55 -72.79
N GLY CB 69 -34.56 -16.63 -71.52
CA GLY CB 69 -33.19 -16.44 -71.08
C GLY CB 69 -32.57 -15.15 -71.58
N LYS CB 70 -33.34 -14.06 -71.50
CA LYS CB 70 -32.89 -12.77 -71.99
C LYS CB 70 -32.84 -11.74 -70.86
N TYR CB 71 -33.55 -12.02 -69.78
CA TYR CB 71 -33.69 -11.05 -68.70
C TYR CB 71 -32.96 -11.52 -67.44
N ASP CB 72 -32.71 -10.58 -66.53
CA ASP CB 72 -32.06 -10.88 -65.26
C ASP CB 72 -33.12 -11.01 -64.16
N ALA CB 73 -34.35 -10.67 -64.54
CA ALA CB 73 -35.48 -10.74 -63.62
C ALA CB 73 -36.75 -10.41 -64.39
N VAL CB 74 -37.87 -10.94 -63.91
CA VAL CB 74 -39.17 -10.67 -64.53
C VAL CB 74 -40.11 -10.08 -63.50
N ILE CB 75 -40.77 -8.98 -63.86
CA ILE CB 75 -41.72 -8.34 -62.96
C ILE CB 75 -43.15 -8.53 -63.45
N THR CB 76 -43.99 -9.15 -62.64
CA THR CB 76 -45.39 -9.35 -62.98
C THR CB 76 -46.27 -8.26 -62.36
N LEU CB 77 -46.90 -7.46 -63.22
CA LEU CB 77 -47.77 -6.39 -62.78
C LEU CB 77 -49.21 -6.63 -63.24
N GLY CB 78 -50.16 -6.18 -62.44
CA GLY CB 78 -51.57 -6.33 -62.76
C GLY CB 78 -52.44 -5.90 -61.60
N THR CB 79 -53.75 -5.97 -61.78
CA THR CB 79 -54.68 -5.60 -60.73
C THR CB 79 -55.98 -6.39 -60.83
N VAL CB 80 -56.42 -6.93 -59.69
CA VAL CB 80 -57.68 -7.66 -59.61
C VAL CB 80 -58.51 -7.08 -58.47
N ILE CB 81 -59.79 -6.82 -58.73
CA ILE CB 81 -60.66 -6.24 -57.71
C ILE CB 81 -61.92 -7.07 -57.49
N ARG CB 82 -62.34 -7.17 -56.23
CA ARG CB 82 -63.51 -7.93 -55.83
C ARG CB 82 -64.75 -7.64 -56.66
N GLY CB 83 -65.41 -8.70 -57.10
CA GLY CB 83 -66.67 -8.58 -57.79
C GLY CB 83 -67.79 -9.13 -56.94
N ALA CB 84 -68.90 -9.50 -57.58
CA ALA CB 84 -70.05 -10.07 -56.88
C ALA CB 84 -69.87 -11.57 -56.70
N THR CB 85 -69.09 -12.17 -57.59
CA THR CB 85 -68.88 -13.60 -57.58
C THR CB 85 -67.53 -13.96 -56.96
N THR CB 86 -67.34 -15.26 -56.70
CA THR CB 86 -66.07 -15.75 -56.16
C THR CB 86 -65.01 -15.89 -57.25
N HIS CB 87 -65.36 -15.45 -58.46
CA HIS CB 87 -64.44 -15.46 -59.59
C HIS CB 87 -63.12 -14.78 -59.23
N TYR CB 88 -63.22 -13.67 -58.50
CA TYR CB 88 -62.06 -12.90 -58.08
C TYR CB 88 -61.05 -13.74 -57.33
N ASP CB 89 -61.54 -14.73 -56.58
CA ASP CB 89 -60.68 -15.57 -55.75
C ASP CB 89 -59.79 -16.50 -56.56
N TYR CB 90 -60.39 -17.19 -57.51
CA TYR CB 90 -59.67 -18.17 -58.31
C TYR CB 90 -58.65 -17.49 -59.21
N VAL CB 91 -59.00 -16.31 -59.70
CA VAL CB 91 -58.07 -15.52 -60.51
C VAL CB 91 -56.86 -15.13 -59.68
N CYS CB 92 -57.09 -14.37 -58.61
CA CYS CB 92 -56.02 -13.95 -57.72
C CYS CB 92 -55.12 -15.12 -57.32
N ASN CB 93 -55.74 -16.23 -56.93
CA ASN CB 93 -55.00 -17.40 -56.48
C ASN CB 93 -54.07 -17.94 -57.57
N GLU CB 94 -54.63 -18.26 -58.74
CA GLU CB 94 -53.88 -18.88 -59.82
C GLU CB 94 -52.75 -17.98 -60.34
N VAL CB 95 -52.92 -16.67 -60.18
CA VAL CB 95 -51.88 -15.74 -60.60
C VAL CB 95 -50.66 -15.88 -59.68
N ALA CB 96 -50.89 -15.73 -58.39
CA ALA CB 96 -49.83 -15.89 -57.40
C ALA CB 96 -49.32 -17.32 -57.41
N LYS CB 97 -50.25 -18.27 -57.39
CA LYS CB 97 -49.91 -19.68 -57.45
C LYS CB 97 -49.01 -19.98 -58.63
N GLY CB 98 -49.31 -19.35 -59.77
CA GLY CB 98 -48.53 -19.53 -60.98
C GLY CB 98 -47.17 -18.84 -60.91
N VAL CB 99 -47.19 -17.54 -60.61
CA VAL CB 99 -45.98 -16.74 -60.54
C VAL CB 99 -44.96 -17.28 -59.51
N ALA CB 100 -45.46 -17.73 -58.37
CA ALA CB 100 -44.59 -18.26 -57.32
C ALA CB 100 -44.04 -19.63 -57.70
N SER CB 101 -44.93 -20.54 -58.09
CA SER CB 101 -44.55 -21.90 -58.45
C SER CB 101 -43.67 -21.91 -59.70
N LEU CB 102 -44.00 -21.06 -60.66
CA LEU CB 102 -43.20 -20.95 -61.88
C LEU CB 102 -42.12 -19.89 -61.74
N SER CB 103 -41.54 -19.83 -60.56
CA SER CB 103 -40.39 -18.96 -60.27
C SER CB 103 -39.32 -19.85 -59.66
N LEU CB 104 -39.70 -21.09 -59.40
CA LEU CB 104 -38.78 -22.10 -58.89
C LEU CB 104 -38.48 -23.10 -59.99
N GLN CB 105 -39.44 -23.29 -60.88
CA GLN CB 105 -39.27 -24.15 -62.05
C GLN CB 105 -38.28 -23.54 -63.02
N THR CB 106 -37.97 -22.26 -62.82
CA THR CB 106 -37.10 -21.52 -63.72
C THR CB 106 -35.90 -20.94 -63.00
N ASP CB 107 -35.82 -21.18 -61.69
CA ASP CB 107 -34.75 -20.64 -60.83
C ASP CB 107 -34.38 -19.25 -61.37
N ILE CB 108 -35.36 -18.43 -61.63
CA ILE CB 108 -35.15 -17.10 -62.16
C ILE CB 108 -36.07 -16.22 -61.30
N PRO CB 109 -35.52 -15.13 -60.76
CA PRO CB 109 -36.30 -14.20 -59.94
C PRO CB 109 -37.52 -13.69 -60.69
N VAL CB 110 -38.71 -14.12 -60.28
CA VAL CB 110 -39.94 -13.61 -60.84
C VAL CB 110 -40.75 -12.93 -59.74
N ILE CB 111 -40.65 -11.60 -59.68
CA ILE CB 111 -41.31 -10.82 -58.65
C ILE CB 111 -42.83 -10.76 -58.87
N PHE CB 112 -43.58 -11.05 -57.82
CA PHE CB 112 -45.04 -11.00 -57.88
C PHE CB 112 -45.53 -9.62 -57.43
N GLY CB 113 -46.03 -8.83 -58.39
CA GLY CB 113 -46.50 -7.51 -58.09
C GLY CB 113 -47.89 -7.25 -58.64
N VAL CB 114 -48.81 -8.18 -58.38
CA VAL CB 114 -50.19 -8.05 -58.83
C VAL CB 114 -51.08 -7.61 -57.67
N LEU CB 115 -51.71 -6.45 -57.84
CA LEU CB 115 -52.62 -5.94 -56.82
C LEU CB 115 -53.84 -6.82 -56.69
N THR CB 116 -54.18 -7.15 -55.45
CA THR CB 116 -55.37 -7.95 -55.15
C THR CB 116 -56.19 -7.28 -54.05
N THR CB 117 -57.14 -6.44 -54.46
CA THR CB 117 -57.84 -5.55 -53.55
C THR CB 117 -59.35 -5.75 -53.52
N GLU CB 118 -60.01 -4.97 -52.66
CA GLU CB 118 -61.47 -5.04 -52.49
C GLU CB 118 -62.15 -3.84 -53.11
N THR CB 119 -61.46 -2.71 -53.06
CA THR CB 119 -62.01 -1.43 -53.52
C THR CB 119 -61.16 -0.83 -54.64
N ILE CB 120 -61.80 -0.09 -55.53
CA ILE CB 120 -61.07 0.67 -56.54
C ILE CB 120 -60.19 1.68 -55.83
N GLU CB 121 -60.63 2.10 -54.63
CA GLU CB 121 -59.91 3.08 -53.83
C GLU CB 121 -58.70 2.45 -53.14
N GLN CB 122 -58.72 1.13 -53.01
CA GLN CB 122 -57.59 0.42 -52.43
C GLN CB 122 -56.49 0.20 -53.47
N ALA CB 123 -56.89 0.03 -54.72
CA ALA CB 123 -55.95 -0.11 -55.82
C ALA CB 123 -55.20 1.20 -56.03
N ILE CB 124 -55.95 2.29 -56.15
CA ILE CB 124 -55.37 3.62 -56.27
C ILE CB 124 -54.50 3.91 -55.06
N GLU CB 125 -54.96 3.46 -53.89
CA GLU CB 125 -54.23 3.62 -52.65
C GLU CB 125 -52.82 3.08 -52.79
N ARG CB 126 -52.67 2.03 -53.60
CA ARG CB 126 -51.41 1.31 -53.72
C ARG CB 126 -50.80 1.43 -55.11
N ALA CB 127 -51.27 2.38 -55.89
CA ALA CB 127 -50.71 2.60 -57.23
C ALA CB 127 -49.99 3.96 -57.33
N GLY CB 128 -49.43 4.42 -56.22
CA GLY CB 128 -48.79 5.72 -56.22
C GLY CB 128 -49.68 6.67 -55.46
N THR CB 129 -50.19 6.16 -54.35
CA THR CB 129 -50.98 6.99 -53.47
C THR CB 129 -50.54 6.64 -52.02
N LYS CB 130 -51.37 6.93 -51.00
CA LYS CB 130 -51.01 6.63 -49.59
C LYS CB 130 -50.01 5.52 -49.38
N ALA CB 131 -50.28 4.31 -49.86
CA ALA CB 131 -49.36 3.18 -49.65
C ALA CB 131 -48.07 3.24 -50.50
N GLY CB 132 -47.97 4.10 -51.50
CA GLY CB 132 -46.77 4.14 -52.34
C GLY CB 132 -47.10 3.51 -53.70
N ASN CB 133 -46.11 3.12 -54.50
CA ASN CB 133 -46.40 2.48 -55.80
C ASN CB 133 -45.90 1.05 -55.84
N LYS CB 134 -46.82 0.10 -55.77
CA LYS CB 134 -46.51 -1.32 -55.76
C LYS CB 134 -45.57 -1.71 -56.90
N GLY CB 135 -45.72 -1.05 -58.05
CA GLY CB 135 -44.89 -1.31 -59.20
C GLY CB 135 -43.44 -0.94 -58.95
N TYR CB 136 -43.22 0.29 -58.51
CA TYR CB 136 -41.88 0.76 -58.17
C TYR CB 136 -41.23 -0.16 -57.13
N GLU CB 137 -42.01 -0.55 -56.13
CA GLU CB 137 -41.51 -1.44 -55.08
C GLU CB 137 -41.19 -2.83 -55.63
N SER CB 138 -41.79 -3.18 -56.76
CA SER CB 138 -41.55 -4.47 -57.38
C SER CB 138 -40.24 -4.47 -58.16
N ALA CB 139 -39.89 -3.31 -58.71
CA ALA CB 139 -38.64 -3.17 -59.44
C ALA CB 139 -37.45 -3.21 -58.49
N VAL CB 140 -37.55 -2.44 -57.41
CA VAL CB 140 -36.51 -2.39 -56.40
C VAL CB 140 -36.31 -3.78 -55.79
N ALA CB 141 -37.32 -4.63 -55.94
CA ALA CB 141 -37.24 -6.01 -55.47
C ALA CB 141 -36.61 -6.89 -56.52
N ALA CB 142 -36.88 -6.59 -57.79
CA ALA CB 142 -36.33 -7.35 -58.90
C ALA CB 142 -34.82 -7.18 -59.00
N ILE CB 143 -34.36 -5.96 -58.76
CA ILE CB 143 -32.93 -5.66 -58.79
C ILE CB 143 -32.19 -6.43 -57.72
N GLU CB 144 -32.74 -6.46 -56.52
CA GLU CB 144 -32.13 -7.16 -55.40
C GLU CB 144 -32.06 -8.66 -55.67
N MET CB 145 -33.18 -9.22 -56.12
CA MET CB 145 -33.23 -10.65 -56.45
C MET CB 145 -32.27 -10.97 -57.59
N ALA CB 146 -32.05 -9.98 -58.45
CA ALA CB 146 -31.16 -10.16 -59.60
C ALA CB 146 -29.70 -10.28 -59.18
N HIS CB 147 -29.36 -9.81 -57.98
CA HIS CB 147 -27.99 -9.86 -57.46
C HIS CB 147 -27.80 -11.07 -56.58
N LEU CB 148 -28.85 -11.46 -55.88
CA LEU CB 148 -28.84 -12.60 -55.02
C LEU CB 148 -29.24 -13.88 -55.76
N SER CB 149 -30.05 -13.82 -56.85
CA SER CB 149 -30.61 -15.07 -57.43
C SER CB 149 -30.28 -15.46 -58.89
N LYS CB 150 -29.94 -14.48 -59.70
CA LYS CB 150 -29.68 -14.74 -61.10
C LYS CB 150 -28.21 -15.04 -61.36
N HIS CB 151 -27.33 -14.13 -61.06
CA HIS CB 151 -25.96 -14.39 -61.39
C HIS CB 151 -25.15 -15.01 -60.24
N TRP CB 152 -25.91 -15.26 -59.20
CA TRP CB 152 -25.46 -15.93 -58.00
C TRP CB 152 -25.97 -17.39 -58.18
N ALA CB 153 -25.31 -18.40 -57.64
CA ALA CB 153 -25.81 -19.75 -57.88
C ALA CB 153 -25.71 -20.65 -56.64
N VAL DB 2 -114.34 4.22 -91.91
CA VAL DB 2 -113.57 3.24 -91.14
C VAL DB 2 -112.32 2.78 -91.89
N PHE DB 3 -111.21 2.64 -91.17
CA PHE DB 3 -109.93 2.29 -91.79
C PHE DB 3 -109.12 1.30 -90.96
N GLU DB 4 -109.64 0.09 -90.77
CA GLU DB 4 -108.90 -0.94 -90.05
C GLU DB 4 -107.75 -1.47 -90.92
N GLY DB 5 -106.93 -2.34 -90.34
CA GLY DB 5 -105.81 -2.92 -91.06
C GLY DB 5 -105.75 -4.43 -90.96
N HIS DB 6 -105.57 -5.09 -92.10
CA HIS DB 6 -105.45 -6.55 -92.15
C HIS DB 6 -104.45 -7.08 -91.14
N LEU DB 7 -104.48 -8.39 -90.90
CA LEU DB 7 -103.50 -9.02 -90.05
C LEU DB 7 -102.83 -10.19 -90.80
N VAL DB 8 -103.28 -10.43 -92.02
CA VAL DB 8 -102.67 -11.44 -92.87
C VAL DB 8 -101.62 -10.79 -93.75
N GLY DB 9 -100.36 -11.18 -93.56
CA GLY DB 9 -99.26 -10.61 -94.31
C GLY DB 9 -98.74 -11.52 -95.41
N THR DB 10 -99.68 -12.11 -96.15
CA THR DB 10 -99.35 -13.06 -97.21
C THR DB 10 -98.21 -12.59 -98.10
N GLY DB 11 -98.31 -11.37 -98.61
CA GLY DB 11 -97.33 -10.86 -99.55
C GLY DB 11 -96.64 -9.58 -99.10
N LEU DB 12 -96.07 -9.62 -97.90
CA LEU DB 12 -95.36 -8.46 -97.37
C LEU DB 12 -93.85 -8.68 -97.36
N LYS DB 13 -93.11 -7.57 -97.26
CA LYS DB 13 -91.66 -7.63 -97.15
C LYS DB 13 -91.20 -6.84 -95.94
N VAL DB 14 -90.83 -7.55 -94.87
CA VAL DB 14 -90.46 -6.90 -93.62
C VAL DB 14 -88.95 -6.93 -93.38
N GLY DB 15 -88.44 -5.84 -92.80
CA GLY DB 15 -87.04 -5.77 -92.44
C GLY DB 15 -86.88 -5.48 -90.95
N VAL DB 16 -86.04 -6.26 -90.29
CA VAL DB 16 -85.86 -6.16 -88.83
C VAL DB 16 -84.47 -5.66 -88.48
N VAL DB 17 -84.39 -4.83 -87.43
CA VAL DB 17 -83.12 -4.30 -86.95
C VAL DB 17 -82.96 -4.59 -85.47
N VAL DB 18 -82.04 -5.49 -85.13
CA VAL DB 18 -81.86 -5.91 -83.74
C VAL DB 18 -80.50 -5.49 -83.17
N GLY DB 19 -80.51 -5.12 -81.88
CA GLY DB 19 -79.29 -4.73 -81.20
C GLY DB 19 -78.68 -5.90 -80.44
N ARG DB 20 -77.37 -6.06 -80.58
CA ARG DB 20 -76.66 -7.18 -79.95
C ARG DB 20 -76.62 -7.09 -78.43
N PHE DB 21 -76.49 -5.88 -77.91
CA PHE DB 21 -76.44 -5.70 -76.48
C PHE DB 21 -77.66 -6.34 -75.85
N ASN DB 22 -77.44 -7.11 -74.80
CA ASN DB 22 -78.51 -7.89 -74.19
C ASN DB 22 -79.03 -8.97 -75.13
N GLU DB 23 -78.11 -9.59 -75.87
CA GLU DB 23 -78.46 -10.65 -76.81
C GLU DB 23 -79.28 -11.72 -76.11
N PHE DB 24 -79.01 -11.93 -74.82
CA PHE DB 24 -79.71 -12.92 -74.04
C PHE DB 24 -81.20 -12.72 -74.13
N ILE DB 25 -81.60 -11.46 -74.30
CA ILE DB 25 -83.02 -11.09 -74.38
C ILE DB 25 -83.44 -10.87 -75.83
N THR DB 26 -82.69 -10.04 -76.54
CA THR DB 26 -83.02 -9.70 -77.93
C THR DB 26 -83.03 -10.94 -78.83
N SER DB 27 -82.23 -11.94 -78.48
CA SER DB 27 -82.18 -13.18 -79.24
C SER DB 27 -83.56 -13.82 -79.27
N LYS DB 28 -84.05 -14.25 -78.11
CA LYS DB 28 -85.36 -14.87 -78.01
C LYS DB 28 -86.46 -13.84 -78.23
N LEU DB 29 -86.06 -12.60 -78.47
CA LEU DB 29 -86.99 -11.51 -78.75
C LEU DB 29 -87.15 -11.36 -80.25
N LEU DB 30 -86.11 -11.74 -80.99
CA LEU DB 30 -86.14 -11.78 -82.45
C LEU DB 30 -86.94 -13.00 -82.88
N GLY DB 31 -87.23 -13.88 -81.93
CA GLY DB 31 -88.08 -15.03 -82.17
C GLY DB 31 -89.50 -14.57 -82.43
N GLY DB 32 -89.71 -13.25 -82.43
CA GLY DB 32 -90.98 -12.67 -82.80
C GLY DB 32 -91.01 -12.44 -84.30
N ALA DB 33 -89.84 -12.24 -84.88
CA ALA DB 33 -89.71 -12.16 -86.33
C ALA DB 33 -90.34 -13.41 -86.94
N LEU DB 34 -89.56 -14.49 -86.99
CA LEU DB 34 -90.10 -15.78 -87.40
C LEU DB 34 -91.04 -16.26 -86.30
N ASP DB 35 -91.75 -17.36 -86.56
CA ASP DB 35 -92.79 -17.83 -85.64
C ASP DB 35 -93.66 -16.65 -85.23
N GLY DB 36 -93.73 -15.66 -86.11
CA GLY DB 36 -94.53 -14.48 -85.89
C GLY DB 36 -94.96 -13.90 -87.22
N LEU DB 37 -94.02 -13.28 -87.92
CA LEU DB 37 -94.27 -12.82 -89.27
C LEU DB 37 -94.59 -14.03 -90.14
N LYS DB 38 -93.80 -15.09 -89.99
CA LYS DB 38 -93.95 -16.29 -90.80
C LYS DB 38 -95.32 -16.93 -90.65
N ARG DB 39 -95.74 -17.14 -89.41
CA ARG DB 39 -97.01 -17.81 -89.13
C ARG DB 39 -98.19 -16.94 -89.53
N HIS DB 40 -97.94 -15.67 -89.80
CA HIS DB 40 -98.99 -14.75 -90.23
C HIS DB 40 -99.04 -14.61 -91.75
N GLY DB 41 -98.15 -15.29 -92.44
CA GLY DB 41 -98.17 -15.30 -93.90
C GLY DB 41 -96.87 -14.87 -94.55
N VAL DB 42 -96.22 -13.86 -93.96
CA VAL DB 42 -94.99 -13.31 -94.52
C VAL DB 42 -94.04 -14.44 -94.94
N GLU DB 43 -93.42 -14.27 -96.11
CA GLU DB 43 -92.53 -15.29 -96.65
C GLU DB 43 -91.21 -15.35 -95.91
N GLU DB 44 -90.71 -16.57 -95.69
CA GLU DB 44 -89.43 -16.79 -95.03
C GLU DB 44 -88.33 -15.93 -95.62
N ASN DB 45 -88.33 -15.78 -96.94
CA ASN DB 45 -87.27 -15.07 -97.64
C ASN DB 45 -87.45 -13.56 -97.65
N ASP DB 46 -88.68 -13.09 -97.52
CA ASP DB 46 -88.97 -11.66 -97.56
C ASP DB 46 -88.65 -10.96 -96.25
N ILE DB 47 -87.89 -11.62 -95.38
CA ILE DB 47 -87.52 -11.06 -94.09
C ILE DB 47 -86.01 -10.95 -93.94
N ASP DB 48 -85.52 -9.72 -93.82
CA ASP DB 48 -84.10 -9.46 -93.61
C ASP DB 48 -83.86 -8.93 -92.21
N VAL DB 49 -82.68 -9.22 -91.66
CA VAL DB 49 -82.35 -8.80 -90.30
C VAL DB 49 -81.01 -8.09 -90.23
N ALA DB 50 -80.99 -6.95 -89.56
CA ALA DB 50 -79.78 -6.16 -89.39
C ALA DB 50 -79.35 -6.10 -87.93
N TRP DB 51 -78.14 -6.58 -87.65
CA TRP DB 51 -77.60 -6.55 -86.29
C TRP DB 51 -76.78 -5.29 -86.05
N VAL DB 52 -77.22 -4.49 -85.09
CA VAL DB 52 -76.49 -3.27 -84.74
C VAL DB 52 -75.82 -3.46 -83.36
N PRO DB 53 -74.82 -2.65 -83.06
CA PRO DB 53 -74.11 -2.81 -81.76
C PRO DB 53 -75.00 -2.88 -80.50
N GLY DB 54 -75.97 -1.97 -80.48
CA GLY DB 54 -76.93 -1.82 -79.41
C GLY DB 54 -78.00 -0.81 -79.84
N ALA DB 55 -78.99 -0.62 -78.98
CA ALA DB 55 -80.08 0.27 -79.26
C ALA DB 55 -79.64 1.65 -79.77
N PHE DB 56 -78.61 2.28 -79.21
CA PHE DB 56 -78.34 3.60 -79.73
C PHE DB 56 -78.11 3.60 -81.23
N GLU DB 57 -77.52 2.56 -81.79
CA GLU DB 57 -77.25 2.57 -83.21
C GLU DB 57 -78.44 2.12 -84.10
N ILE DB 58 -79.64 2.00 -83.54
CA ILE DB 58 -80.88 1.48 -84.23
C ILE DB 58 -81.75 2.46 -85.06
N PRO DB 59 -81.58 3.75 -84.72
CA PRO DB 59 -82.17 4.77 -85.58
C PRO DB 59 -81.48 4.91 -86.93
N LEU DB 60 -80.15 4.91 -86.94
CA LEU DB 60 -79.39 5.08 -88.18
C LEU DB 60 -79.63 3.97 -89.19
N ILE DB 61 -79.44 2.73 -88.74
CA ILE DB 61 -79.57 1.56 -89.62
C ILE DB 61 -81.04 1.24 -89.92
N ALA DB 62 -81.93 1.61 -89.02
CA ALA DB 62 -83.36 1.45 -89.25
C ALA DB 62 -83.80 2.41 -90.35
N LYS DB 63 -83.05 3.50 -90.51
CA LYS DB 63 -83.31 4.48 -91.56
C LYS DB 63 -82.85 3.97 -92.92
N LYS DB 64 -81.63 3.44 -92.97
CA LYS DB 64 -81.06 2.94 -94.21
C LYS DB 64 -81.68 1.60 -94.63
N MET DB 65 -82.82 1.27 -94.04
CA MET DB 65 -83.55 0.07 -94.41
C MET DB 65 -84.95 0.43 -94.90
N ALA DB 66 -85.52 1.48 -94.32
CA ALA DB 66 -86.81 1.98 -94.77
C ALA DB 66 -86.63 2.81 -96.04
N ASN DB 67 -85.50 3.51 -96.13
CA ASN DB 67 -85.19 4.33 -97.28
C ASN DB 67 -84.74 3.53 -98.50
N SER DB 68 -84.41 2.26 -98.27
CA SER DB 68 -84.06 1.37 -99.37
C SER DB 68 -85.30 0.97 -100.16
N GLY DB 69 -86.46 1.29 -99.60
CA GLY DB 69 -87.74 1.04 -100.25
C GLY DB 69 -87.98 -0.42 -100.59
N LYS DB 70 -87.27 -1.31 -99.92
CA LYS DB 70 -87.38 -2.74 -100.17
C LYS DB 70 -88.40 -3.39 -99.25
N TYR DB 71 -88.70 -2.72 -98.13
CA TYR DB 71 -89.59 -3.28 -97.13
C TYR DB 71 -90.88 -2.47 -96.98
N ASP DB 72 -91.97 -3.18 -96.75
CA ASP DB 72 -93.27 -2.54 -96.53
C ASP DB 72 -93.32 -1.95 -95.12
N ALA DB 73 -92.57 -2.56 -94.21
CA ALA DB 73 -92.49 -2.10 -92.83
C ALA DB 73 -91.17 -2.54 -92.22
N VAL DB 74 -90.67 -1.76 -91.26
CA VAL DB 74 -89.42 -2.07 -90.58
C VAL DB 74 -89.65 -2.27 -89.09
N ILE DB 75 -89.36 -3.47 -88.60
CA ILE DB 75 -89.49 -3.76 -87.18
C ILE DB 75 -88.16 -3.52 -86.46
N THR DB 76 -88.21 -2.79 -85.35
CA THR DB 76 -87.01 -2.46 -84.60
C THR DB 76 -86.99 -3.16 -83.24
N LEU DB 77 -85.99 -4.00 -83.02
CA LEU DB 77 -85.89 -4.80 -81.81
C LEU DB 77 -84.62 -4.49 -81.02
N GLY DB 78 -84.68 -4.71 -79.70
CA GLY DB 78 -83.55 -4.46 -78.83
C GLY DB 78 -83.97 -4.49 -77.38
N THR DB 79 -83.00 -4.37 -76.47
CA THR DB 79 -83.29 -4.37 -75.04
C THR DB 79 -82.34 -3.47 -74.28
N VAL DB 80 -82.88 -2.69 -73.34
CA VAL DB 80 -82.09 -1.81 -72.49
C VAL DB 80 -82.54 -1.94 -71.04
N ILE DB 81 -81.59 -2.06 -70.13
CA ILE DB 81 -81.91 -2.24 -68.72
C ILE DB 81 -81.20 -1.24 -67.82
N ARG DB 82 -81.91 -0.76 -66.80
CA ARG DB 82 -81.38 0.22 -65.86
C ARG DB 82 -80.02 -0.12 -65.33
N GLY DB 83 -79.11 0.85 -65.38
CA GLY DB 83 -77.79 0.70 -64.78
C GLY DB 83 -77.72 1.49 -63.48
N ALA DB 84 -76.53 1.95 -63.14
CA ALA DB 84 -76.34 2.79 -61.96
C ALA DB 84 -76.36 4.26 -62.36
N THR DB 85 -76.07 4.52 -63.63
CA THR DB 85 -76.02 5.89 -64.13
C THR DB 85 -77.27 6.21 -64.93
N THR DB 86 -77.50 7.51 -65.17
CA THR DB 86 -78.63 7.96 -65.97
C THR DB 86 -78.39 7.72 -67.46
N HIS DB 87 -77.32 7.02 -67.77
CA HIS DB 87 -76.99 6.68 -69.14
C HIS DB 87 -78.13 5.92 -69.79
N TYR DB 88 -78.79 5.08 -69.01
CA TYR DB 88 -79.93 4.29 -69.48
C TYR DB 88 -81.04 5.19 -70.05
N ASP DB 89 -81.20 6.36 -69.46
CA ASP DB 89 -82.27 7.27 -69.84
C ASP DB 89 -82.06 7.88 -71.23
N TYR DB 90 -80.88 8.45 -71.44
CA TYR DB 90 -80.57 9.12 -72.70
C TYR DB 90 -80.58 8.15 -73.87
N VAL DB 91 -80.30 6.88 -73.58
CA VAL DB 91 -80.33 5.85 -74.62
C VAL DB 91 -81.77 5.53 -75.01
N CYS DB 92 -82.55 5.08 -74.05
CA CYS DB 92 -83.95 4.74 -74.30
C CYS DB 92 -84.68 5.89 -75.01
N ASN DB 93 -84.45 7.10 -74.53
CA ASN DB 93 -85.04 8.28 -75.13
C ASN DB 93 -84.74 8.36 -76.62
N GLU DB 94 -83.46 8.39 -76.96
CA GLU DB 94 -83.04 8.59 -78.35
C GLU DB 94 -83.47 7.46 -79.28
N VAL DB 95 -83.51 6.23 -78.75
CA VAL DB 95 -83.98 5.09 -79.54
C VAL DB 95 -85.43 5.30 -79.93
N ALA DB 96 -86.26 5.60 -78.93
CA ALA DB 96 -87.67 5.88 -79.16
C ALA DB 96 -87.85 7.18 -79.95
N LYS DB 97 -87.02 8.17 -79.64
CA LYS DB 97 -87.07 9.46 -80.31
C LYS DB 97 -86.70 9.30 -81.78
N GLY DB 98 -85.79 8.38 -82.05
CA GLY DB 98 -85.35 8.12 -83.42
C GLY DB 98 -86.39 7.34 -84.20
N VAL DB 99 -86.77 6.18 -83.68
CA VAL DB 99 -87.74 5.31 -84.35
C VAL DB 99 -89.07 6.00 -84.62
N ALA DB 100 -89.45 6.93 -83.73
CA ALA DB 100 -90.71 7.65 -83.89
C ALA DB 100 -90.56 8.84 -84.83
N SER DB 101 -89.85 9.87 -84.37
CA SER DB 101 -89.67 11.10 -85.15
C SER DB 101 -89.13 10.82 -86.55
N LEU DB 102 -88.42 9.71 -86.72
CA LEU DB 102 -87.92 9.32 -88.03
C LEU DB 102 -88.68 8.13 -88.60
N SER DB 103 -90.00 8.19 -88.46
CA SER DB 103 -90.92 7.23 -89.07
C SER DB 103 -91.96 8.05 -89.81
N LEU DB 104 -91.92 9.36 -89.58
CA LEU DB 104 -92.80 10.31 -90.26
C LEU DB 104 -92.08 10.89 -91.48
N GLN DB 105 -90.76 10.81 -91.45
CA GLN DB 105 -89.94 11.31 -92.56
C GLN DB 105 -89.75 10.25 -93.63
N THR DB 106 -90.35 9.08 -93.42
CA THR DB 106 -90.21 7.97 -94.35
C THR DB 106 -91.57 7.49 -94.86
N ASP DB 107 -92.62 7.83 -94.12
CA ASP DB 107 -93.97 7.42 -94.46
C ASP DB 107 -94.12 5.90 -94.45
N ILE DB 108 -93.03 5.21 -94.11
CA ILE DB 108 -93.03 3.75 -94.00
C ILE DB 108 -93.12 3.32 -92.53
N PRO DB 109 -94.12 2.50 -92.21
CA PRO DB 109 -94.34 2.05 -90.83
C PRO DB 109 -93.06 1.48 -90.20
N VAL DB 110 -92.61 2.12 -89.13
CA VAL DB 110 -91.47 1.61 -88.35
C VAL DB 110 -91.91 1.29 -86.93
N ILE DB 111 -92.22 0.03 -86.69
CA ILE DB 111 -92.70 -0.41 -85.38
C ILE DB 111 -91.61 -0.38 -84.32
N PHE DB 112 -91.90 0.25 -83.19
CA PHE DB 112 -90.94 0.36 -82.09
C PHE DB 112 -91.11 -0.81 -81.12
N GLY DB 113 -90.18 -1.76 -81.19
CA GLY DB 113 -90.21 -2.92 -80.33
C GLY DB 113 -88.95 -3.06 -79.49
N VAL DB 114 -88.58 -1.98 -78.80
CA VAL DB 114 -87.40 -1.99 -77.94
C VAL DB 114 -87.78 -2.06 -76.46
N LEU DB 115 -87.40 -3.15 -75.82
CA LEU DB 115 -87.63 -3.32 -74.40
C LEU DB 115 -86.84 -2.30 -73.60
N THR DB 116 -87.54 -1.57 -72.75
CA THR DB 116 -86.90 -0.60 -71.87
C THR DB 116 -87.34 -0.86 -70.43
N THR DB 117 -86.54 -1.66 -69.72
CA THR DB 117 -86.95 -2.19 -68.43
C THR DB 117 -85.99 -1.87 -67.30
N GLU DB 118 -86.34 -2.33 -66.11
CA GLU DB 118 -85.59 -2.05 -64.89
C GLU DB 118 -84.85 -3.27 -64.38
N THR DB 119 -85.39 -4.44 -64.68
CA THR DB 119 -84.82 -5.70 -64.22
C THR DB 119 -84.55 -6.63 -65.40
N ILE DB 120 -83.55 -7.50 -65.24
CA ILE DB 120 -83.33 -8.57 -66.18
C ILE DB 120 -84.57 -9.45 -66.19
N GLU DB 121 -85.22 -9.54 -65.04
CA GLU DB 121 -86.44 -10.34 -64.89
C GLU DB 121 -87.60 -9.76 -65.70
N GLN DB 122 -87.68 -8.43 -65.74
CA GLN DB 122 -88.75 -7.77 -66.49
C GLN DB 122 -88.56 -7.93 -67.99
N ALA DB 123 -87.30 -7.85 -68.43
CA ALA DB 123 -86.97 -8.08 -69.83
C ALA DB 123 -87.37 -9.51 -70.23
N ILE DB 124 -87.13 -10.45 -69.33
CA ILE DB 124 -87.52 -11.83 -69.56
C ILE DB 124 -89.04 -11.96 -69.56
N GLU DB 125 -89.68 -11.21 -68.68
CA GLU DB 125 -91.14 -11.23 -68.60
C GLU DB 125 -91.76 -10.83 -69.92
N ARG DB 126 -90.99 -10.07 -70.71
CA ARG DB 126 -91.50 -9.51 -71.96
C ARG DB 126 -90.75 -10.03 -73.17
N ALA DB 127 -90.23 -11.24 -73.04
CA ALA DB 127 -89.51 -11.85 -74.15
C ALA DB 127 -89.95 -13.29 -74.36
N GLY DB 128 -91.09 -13.62 -73.83
CA GLY DB 128 -91.56 -14.95 -73.96
C GLY DB 128 -91.86 -15.54 -72.60
N THR DB 129 -92.35 -14.71 -71.72
CA THR DB 129 -92.74 -15.28 -70.43
C THR DB 129 -94.12 -14.84 -70.10
N LYS DB 130 -94.39 -14.52 -68.84
CA LYS DB 130 -95.82 -14.26 -68.51
C LYS DB 130 -96.35 -12.96 -69.13
N ALA DB 131 -95.59 -12.23 -69.95
CA ALA DB 131 -96.17 -11.03 -70.58
C ALA DB 131 -96.28 -11.29 -72.08
N GLY DB 132 -95.65 -12.41 -72.50
CA GLY DB 132 -95.62 -12.82 -73.88
C GLY DB 132 -94.35 -12.29 -74.52
N ASN DB 133 -94.21 -12.46 -75.83
CA ASN DB 133 -93.02 -11.99 -76.54
C ASN DB 133 -93.29 -10.68 -77.29
N LYS DB 134 -92.61 -9.62 -76.86
CA LYS DB 134 -92.84 -8.30 -77.42
C LYS DB 134 -92.28 -8.18 -78.84
N GLY DB 135 -91.60 -9.22 -79.30
CA GLY DB 135 -91.09 -9.26 -80.66
C GLY DB 135 -92.15 -9.79 -81.60
N TYR DB 136 -92.93 -10.75 -81.11
CA TYR DB 136 -94.03 -11.32 -81.86
C TYR DB 136 -95.15 -10.30 -82.00
N GLU DB 137 -95.38 -9.54 -80.94
CA GLU DB 137 -96.43 -8.54 -80.94
C GLU DB 137 -96.07 -7.37 -81.84
N SER DB 138 -94.79 -7.03 -81.88
CA SER DB 138 -94.31 -5.92 -82.71
C SER DB 138 -94.32 -6.29 -84.19
N ALA DB 139 -94.44 -7.58 -84.48
CA ALA DB 139 -94.54 -8.04 -85.86
C ALA DB 139 -96.00 -7.94 -86.31
N VAL DB 140 -96.90 -8.45 -85.48
CA VAL DB 140 -98.33 -8.34 -85.75
C VAL DB 140 -98.69 -6.89 -86.05
N ALA DB 141 -98.12 -5.99 -85.26
CA ALA DB 141 -98.33 -4.56 -85.48
C ALA DB 141 -97.72 -4.10 -86.79
N ALA DB 142 -96.55 -4.64 -87.11
CA ALA DB 142 -95.85 -4.28 -88.34
C ALA DB 142 -96.69 -4.63 -89.57
N ILE DB 143 -97.24 -5.84 -89.58
CA ILE DB 143 -98.09 -6.28 -90.68
C ILE DB 143 -99.28 -5.36 -90.82
N GLU DB 144 -100.03 -5.17 -89.73
CA GLU DB 144 -101.21 -4.32 -89.75
C GLU DB 144 -100.89 -2.91 -90.24
N MET DB 145 -99.77 -2.35 -89.78
CA MET DB 145 -99.39 -1.01 -90.16
C MET DB 145 -99.14 -0.90 -91.66
N ALA DB 146 -98.25 -1.75 -92.16
CA ALA DB 146 -97.93 -1.75 -93.57
C ALA DB 146 -99.19 -2.04 -94.38
N HIS DB 147 -100.07 -2.85 -93.80
CA HIS DB 147 -101.29 -3.28 -94.47
C HIS DB 147 -102.37 -2.20 -94.34
N LEU DB 148 -102.05 -1.13 -93.61
CA LEU DB 148 -103.00 -0.06 -93.38
C LEU DB 148 -102.65 1.18 -94.19
N SER DB 149 -101.46 1.16 -94.80
CA SER DB 149 -101.03 2.27 -95.64
C SER DB 149 -101.64 2.17 -97.03
N LYS DB 150 -102.95 2.40 -97.13
CA LYS DB 150 -103.62 2.41 -98.42
C LYS DB 150 -104.11 3.81 -98.78
N HIS DB 151 -104.58 4.56 -97.79
CA HIS DB 151 -104.88 5.97 -98.01
C HIS DB 151 -103.58 6.76 -97.92
N TRP DB 152 -102.60 6.31 -98.70
CA TRP DB 152 -101.25 6.83 -98.68
C TRP DB 152 -100.83 7.17 -100.11
N ALA DB 153 -99.54 7.46 -100.30
CA ALA DB 153 -99.00 7.77 -101.62
C ALA DB 153 -99.53 9.09 -102.17
N VAL EB 2 -110.26 40.70 -81.99
CA VAL EB 2 -110.63 39.55 -81.16
C VAL EB 2 -111.11 38.37 -81.99
N PHE EB 3 -110.20 37.44 -82.27
CA PHE EB 3 -110.51 36.30 -83.13
C PHE EB 3 -110.78 35.04 -82.29
N GLU EB 4 -112.05 34.72 -82.10
CA GLU EB 4 -112.45 33.51 -81.35
C GLU EB 4 -112.97 32.43 -82.29
N GLY EB 5 -113.29 31.27 -81.73
CA GLY EB 5 -113.74 30.14 -82.54
C GLY EB 5 -115.18 29.71 -82.33
N HIS EB 6 -115.85 29.38 -83.43
CA HIS EB 6 -117.23 28.92 -83.41
C HIS EB 6 -117.33 27.58 -82.68
N LEU EB 7 -118.55 27.07 -82.52
CA LEU EB 7 -118.73 25.78 -81.84
C LEU EB 7 -119.80 24.88 -82.45
N VAL EB 8 -120.56 25.43 -83.39
CA VAL EB 8 -121.50 24.60 -84.16
C VAL EB 8 -120.81 24.15 -85.44
N GLY EB 9 -120.79 22.84 -85.67
CA GLY EB 9 -120.12 22.30 -86.84
C GLY EB 9 -121.07 21.68 -87.85
N THR EB 10 -122.02 22.47 -88.32
CA THR EB 10 -123.01 21.97 -89.28
C THR EB 10 -122.36 21.30 -90.48
N GLY EB 11 -121.39 21.98 -91.10
CA GLY EB 11 -120.72 21.44 -92.27
C GLY EB 11 -119.24 21.19 -92.05
N LEU EB 12 -118.93 20.17 -91.27
CA LEU EB 12 -117.55 19.86 -90.94
C LEU EB 12 -117.09 18.49 -91.45
N LYS EB 13 -115.79 18.37 -91.70
CA LYS EB 13 -115.21 17.13 -92.18
C LYS EB 13 -114.16 16.68 -91.18
N VAL EB 14 -114.52 15.75 -90.30
CA VAL EB 14 -113.62 15.34 -89.21
C VAL EB 14 -113.08 13.93 -89.41
N GLY EB 15 -111.81 13.74 -89.04
CA GLY EB 15 -111.17 12.44 -89.09
C GLY EB 15 -110.61 12.04 -87.75
N VAL EB 16 -110.77 10.78 -87.39
CA VAL EB 16 -110.36 10.27 -86.08
C VAL EB 16 -109.41 9.09 -86.17
N VAL EB 17 -108.35 9.13 -85.37
CA VAL EB 17 -107.40 8.02 -85.30
C VAL EB 17 -107.39 7.44 -83.88
N VAL EB 18 -107.90 6.23 -83.74
CA VAL EB 18 -108.00 5.58 -82.43
C VAL EB 18 -107.08 4.38 -82.28
N GLY EB 19 -106.39 4.31 -81.14
CA GLY EB 19 -105.48 3.21 -80.87
C GLY EB 19 -106.24 2.03 -80.29
N ARG EB 20 -105.99 0.85 -80.83
CA ARG EB 20 -106.71 -0.35 -80.43
C ARG EB 20 -106.32 -0.83 -79.03
N PHE EB 21 -105.05 -0.67 -78.68
CA PHE EB 21 -104.55 -1.10 -77.37
C PHE EB 21 -105.36 -0.42 -76.27
N ASN EB 22 -105.69 -1.19 -75.23
CA ASN EB 22 -106.59 -0.72 -74.19
C ASN EB 22 -107.96 -0.37 -74.76
N GLU EB 23 -108.39 -1.18 -75.73
CA GLU EB 23 -109.68 -0.97 -76.40
C GLU EB 23 -110.81 -0.78 -75.39
N PHE EB 24 -110.65 -1.39 -74.23
CA PHE EB 24 -111.67 -1.30 -73.18
C PHE EB 24 -111.97 0.16 -72.83
N ILE EB 25 -110.96 1.02 -72.98
CA ILE EB 25 -111.12 2.44 -72.67
C ILE EB 25 -111.32 3.26 -73.95
N THR EB 26 -110.42 3.06 -74.91
CA THR EB 26 -110.48 3.81 -76.16
C THR EB 26 -111.82 3.63 -76.86
N SER EB 27 -112.48 2.51 -76.58
CA SER EB 27 -113.79 2.24 -77.14
C SER EB 27 -114.77 3.33 -76.73
N LYS EB 28 -115.08 3.38 -75.43
CA LYS EB 28 -115.98 4.40 -74.91
C LYS EB 28 -115.43 5.79 -75.21
N LEU EB 29 -114.11 5.87 -75.33
CA LEU EB 29 -113.44 7.14 -75.59
C LEU EB 29 -113.75 7.66 -76.99
N LEU EB 30 -113.84 6.75 -77.95
CA LEU EB 30 -114.21 7.11 -79.31
C LEU EB 30 -115.68 7.47 -79.39
N GLY EB 31 -116.52 6.66 -78.75
CA GLY EB 31 -117.93 6.91 -78.71
C GLY EB 31 -118.26 8.29 -78.17
N GLY EB 32 -117.34 8.84 -77.37
CA GLY EB 32 -117.51 10.17 -76.83
C GLY EB 32 -117.38 11.23 -77.91
N ALA EB 33 -116.38 11.08 -78.77
CA ALA EB 33 -116.14 12.02 -79.85
C ALA EB 33 -117.14 11.81 -80.98
N LEU EB 34 -117.43 10.55 -81.28
CA LEU EB 34 -118.30 10.19 -82.38
C LEU EB 34 -119.76 10.41 -82.01
N ASP EB 35 -119.99 10.97 -80.83
CA ASP EB 35 -121.33 11.32 -80.37
C ASP EB 35 -121.40 12.78 -79.97
N GLY EB 36 -120.23 13.38 -79.80
CA GLY EB 36 -120.14 14.81 -79.55
C GLY EB 36 -120.16 15.53 -80.87
N LEU EB 37 -119.53 14.93 -81.87
CA LEU EB 37 -119.55 15.47 -83.21
C LEU EB 37 -120.95 15.40 -83.79
N LYS EB 38 -121.54 14.21 -83.75
CA LYS EB 38 -122.88 14.01 -84.28
C LYS EB 38 -123.87 15.03 -83.72
N ARG EB 39 -123.91 15.13 -82.40
CA ARG EB 39 -124.89 15.99 -81.73
C ARG EB 39 -124.54 17.48 -81.79
N HIS EB 40 -123.37 17.78 -82.29
CA HIS EB 40 -122.97 19.16 -82.50
C HIS EB 40 -123.28 19.54 -83.94
N GLY EB 41 -123.99 18.72 -84.67
CA GLY EB 41 -124.34 19.12 -85.99
C GLY EB 41 -123.38 18.61 -87.06
N VAL EB 42 -122.36 17.85 -86.65
CA VAL EB 42 -121.47 17.28 -87.64
C VAL EB 42 -122.08 15.97 -88.05
N GLU EB 43 -122.12 15.77 -89.33
CA GLU EB 43 -122.64 14.57 -90.00
C GLU EB 43 -122.11 13.25 -89.47
N GLU EB 44 -123.04 12.34 -89.21
CA GLU EB 44 -122.72 10.98 -88.76
C GLU EB 44 -122.10 10.22 -89.93
N ASN EB 45 -122.28 10.72 -91.12
CA ASN EB 45 -121.76 10.10 -92.30
C ASN EB 45 -120.52 10.81 -92.82
N ASP EB 46 -120.04 11.83 -92.12
CA ASP EB 46 -118.89 12.59 -92.58
C ASP EB 46 -117.73 12.46 -91.59
N ILE EB 47 -117.64 11.30 -90.95
CA ILE EB 47 -116.59 11.03 -89.98
C ILE EB 47 -115.88 9.73 -90.31
N ASP EB 48 -114.56 9.80 -90.43
CA ASP EB 48 -113.75 8.61 -90.68
C ASP EB 48 -112.92 8.24 -89.45
N VAL EB 49 -112.86 6.94 -89.16
CA VAL EB 49 -112.09 6.44 -88.02
C VAL EB 49 -110.97 5.52 -88.48
N ALA EB 50 -109.77 5.75 -87.96
CA ALA EB 50 -108.60 4.96 -88.32
C ALA EB 50 -108.04 4.23 -87.10
N TRP EB 51 -108.20 2.91 -87.09
CA TRP EB 51 -107.70 2.08 -86.00
C TRP EB 51 -106.23 1.71 -86.19
N VAL EB 52 -105.40 2.18 -85.26
CA VAL EB 52 -103.99 1.84 -85.28
C VAL EB 52 -103.69 0.84 -84.15
N PRO EB 53 -102.55 0.11 -84.28
CA PRO EB 53 -102.24 -0.89 -83.25
C PRO EB 53 -102.46 -0.26 -81.84
N GLY EB 54 -101.68 0.81 -81.56
CA GLY EB 54 -101.70 1.59 -80.31
C GLY EB 54 -101.20 3.04 -80.56
N ALA EB 55 -101.14 3.79 -79.47
CA ALA EB 55 -100.73 5.20 -79.51
C ALA EB 55 -99.43 5.43 -80.28
N PHE EB 56 -98.37 4.66 -80.05
CA PHE EB 56 -97.15 4.97 -80.77
C PHE EB 56 -97.37 5.08 -82.29
N GLU EB 57 -98.33 4.40 -82.86
CA GLU EB 57 -98.53 4.48 -84.30
C GLU EB 57 -99.44 5.59 -84.73
N ILE EB 58 -100.05 6.31 -83.76
CA ILE EB 58 -101.04 7.41 -84.00
C ILE EB 58 -100.52 8.72 -84.69
N PRO EB 59 -99.25 8.98 -84.48
CA PRO EB 59 -98.62 10.09 -85.21
C PRO EB 59 -98.50 9.84 -86.71
N LEU EB 60 -98.12 8.62 -87.09
CA LEU EB 60 -97.93 8.29 -88.50
C LEU EB 60 -99.23 8.35 -89.29
N ILE EB 61 -100.22 7.60 -88.84
CA ILE EB 61 -101.51 7.52 -89.53
C ILE EB 61 -102.31 8.82 -89.42
N ALA EB 62 -102.12 9.54 -88.32
CA ALA EB 62 -102.76 10.85 -88.15
C ALA EB 62 -102.20 11.84 -89.16
N LYS EB 63 -100.94 11.64 -89.55
CA LYS EB 63 -100.29 12.47 -90.54
C LYS EB 63 -100.89 12.24 -91.92
N LYS EB 64 -101.08 10.98 -92.29
CA LYS EB 64 -101.59 10.63 -93.61
C LYS EB 64 -103.08 10.91 -93.75
N MET EB 65 -103.70 11.43 -92.70
CA MET EB 65 -105.09 11.87 -92.74
C MET EB 65 -105.17 13.38 -92.87
N ALA EB 66 -104.26 14.07 -92.20
CA ALA EB 66 -104.16 15.52 -92.32
C ALA EB 66 -103.58 15.86 -93.69
N ASN EB 67 -102.53 15.13 -94.08
CA ASN EB 67 -101.95 15.28 -95.40
C ASN EB 67 -102.91 14.82 -96.47
N SER EB 68 -103.88 14.00 -96.07
CA SER EB 68 -104.92 13.55 -96.97
C SER EB 68 -105.74 14.72 -97.49
N GLY EB 69 -105.68 15.84 -96.77
CA GLY EB 69 -106.41 17.04 -97.15
C GLY EB 69 -107.88 16.79 -97.39
N LYS EB 70 -108.50 16.06 -96.46
CA LYS EB 70 -109.91 15.71 -96.59
C LYS EB 70 -110.68 16.11 -95.34
N TYR EB 71 -109.96 16.51 -94.30
CA TYR EB 71 -110.58 16.82 -93.01
C TYR EB 71 -110.21 18.22 -92.54
N ASP EB 72 -111.16 18.90 -91.91
CA ASP EB 72 -110.91 20.22 -91.34
C ASP EB 72 -110.08 20.08 -90.07
N ALA EB 73 -110.22 18.95 -89.40
CA ALA EB 73 -109.49 18.67 -88.19
C ALA EB 73 -109.42 17.16 -87.95
N VAL EB 74 -108.36 16.73 -87.29
CA VAL EB 74 -108.20 15.31 -86.97
C VAL EB 74 -108.10 15.11 -85.46
N ILE EB 75 -108.91 14.19 -84.95
CA ILE EB 75 -108.92 13.86 -83.53
C ILE EB 75 -108.14 12.58 -83.27
N THR EB 76 -107.23 12.62 -82.29
CA THR EB 76 -106.43 11.45 -81.94
C THR EB 76 -106.87 10.87 -80.59
N LEU EB 77 -107.44 9.68 -80.63
CA LEU EB 77 -107.91 9.01 -79.43
C LEU EB 77 -107.05 7.78 -79.09
N GLY EB 78 -106.78 7.60 -77.80
CA GLY EB 78 -105.98 6.47 -77.35
C GLY EB 78 -105.91 6.42 -75.84
N THR EB 79 -105.31 5.35 -75.32
CA THR EB 79 -105.13 5.24 -73.87
C THR EB 79 -103.84 4.50 -73.53
N VAL EB 80 -103.06 5.09 -72.63
CA VAL EB 80 -101.80 4.50 -72.18
C VAL EB 80 -101.75 4.52 -70.66
N ILE EB 81 -101.49 3.36 -70.05
CA ILE EB 81 -101.47 3.25 -68.60
C ILE EB 81 -100.12 2.75 -68.07
N ARG EB 82 -99.69 3.33 -66.96
CA ARG EB 82 -98.43 2.96 -66.31
C ARG EB 82 -98.22 1.45 -66.23
N GLY EB 83 -96.98 1.04 -66.47
CA GLY EB 83 -96.59 -0.35 -66.32
C GLY EB 83 -95.58 -0.46 -65.20
N ALA EB 84 -94.69 -1.44 -65.31
CA ALA EB 84 -93.61 -1.62 -64.34
C ALA EB 84 -92.33 -0.99 -64.86
N THR EB 85 -92.29 -0.72 -66.17
CA THR EB 85 -91.11 -0.15 -66.81
C THR EB 85 -91.36 1.27 -67.29
N THR EB 86 -90.27 1.95 -67.65
CA THR EB 86 -90.35 3.32 -68.15
C THR EB 86 -90.84 3.34 -69.60
N HIS EB 87 -91.21 2.18 -70.10
CA HIS EB 87 -91.73 2.06 -71.45
C HIS EB 87 -92.92 3.00 -71.65
N TYR EB 88 -93.70 3.14 -70.59
CA TYR EB 88 -94.89 4.00 -70.60
C TYR EB 88 -94.55 5.45 -70.92
N ASP EB 89 -93.38 5.90 -70.45
CA ASP EB 89 -92.99 7.29 -70.60
C ASP EB 89 -92.66 7.64 -72.05
N TYR EB 90 -91.85 6.82 -72.69
CA TYR EB 90 -91.42 7.08 -74.05
C TYR EB 90 -92.59 7.01 -75.03
N VAL EB 91 -93.57 6.17 -74.71
CA VAL EB 91 -94.77 6.07 -75.52
C VAL EB 91 -95.58 7.36 -75.42
N CYS EB 92 -96.01 7.68 -74.20
CA CYS EB 92 -96.78 8.90 -73.96
C CYS EB 92 -96.09 10.10 -74.59
N ASN EB 93 -94.80 10.24 -74.32
CA ASN EB 93 -94.03 11.35 -74.86
C ASN EB 93 -94.16 11.47 -76.36
N GLU EB 94 -93.77 10.42 -77.07
CA GLU EB 94 -93.75 10.43 -78.53
C GLU EB 94 -95.12 10.62 -79.16
N VAL EB 95 -96.16 10.11 -78.50
CA VAL EB 95 -97.53 10.33 -78.95
C VAL EB 95 -97.87 11.81 -78.82
N ALA EB 96 -97.75 12.33 -77.61
CA ALA EB 96 -97.96 13.76 -77.36
C ALA EB 96 -96.78 14.58 -77.83
N LYS EB 97 -96.11 14.12 -78.89
CA LYS EB 97 -94.97 14.82 -79.45
C LYS EB 97 -95.06 14.88 -80.97
N GLY EB 98 -95.38 13.75 -81.59
CA GLY EB 98 -95.81 13.74 -82.98
C GLY EB 98 -97.17 14.40 -83.17
N VAL EB 99 -98.20 13.81 -82.56
CA VAL EB 99 -99.51 14.42 -82.54
C VAL EB 99 -99.44 15.90 -82.13
N ALA EB 100 -98.39 16.24 -81.40
CA ALA EB 100 -98.52 17.11 -80.24
C ALA EB 100 -98.34 18.58 -80.63
N SER EB 101 -97.16 18.91 -81.15
CA SER EB 101 -96.97 20.12 -81.93
C SER EB 101 -96.22 19.84 -83.21
N LEU EB 102 -95.57 18.69 -83.28
CA LEU EB 102 -95.02 18.17 -84.53
C LEU EB 102 -95.96 18.47 -85.70
N SER EB 103 -97.24 18.19 -85.51
CA SER EB 103 -98.23 18.31 -86.57
C SER EB 103 -98.69 19.74 -86.74
N LEU EB 104 -97.73 20.67 -86.83
CA LEU EB 104 -98.03 22.05 -87.11
C LEU EB 104 -97.69 22.21 -88.55
N GLN EB 105 -96.87 21.31 -89.03
CA GLN EB 105 -96.40 21.38 -90.39
C GLN EB 105 -97.53 21.45 -91.42
N THR EB 106 -98.63 20.74 -91.15
CA THR EB 106 -99.79 20.63 -92.08
C THR EB 106 -100.72 21.83 -92.06
N ASP EB 107 -100.76 22.39 -90.90
CA ASP EB 107 -101.63 23.47 -90.65
C ASP EB 107 -103.08 22.96 -90.73
N ILE EB 108 -103.29 21.73 -90.29
CA ILE EB 108 -104.63 21.20 -90.16
C ILE EB 108 -104.77 20.97 -88.68
N PRO EB 109 -105.92 21.37 -88.08
CA PRO EB 109 -106.02 21.17 -86.62
C PRO EB 109 -105.85 19.75 -86.14
N VAL EB 110 -104.89 19.45 -85.25
CA VAL EB 110 -104.83 18.07 -84.77
C VAL EB 110 -104.99 18.08 -83.25
N ILE EB 111 -106.15 17.61 -82.79
CA ILE EB 111 -106.46 17.59 -81.37
C ILE EB 111 -105.87 16.36 -80.69
N PHE EB 112 -105.09 16.60 -79.64
CA PHE EB 112 -104.49 15.51 -78.87
C PHE EB 112 -105.45 15.03 -77.79
N GLY EB 113 -106.09 13.88 -78.03
CA GLY EB 113 -107.02 13.32 -77.07
C GLY EB 113 -106.61 11.92 -76.65
N VAL EB 114 -105.36 11.77 -76.25
CA VAL EB 114 -104.83 10.49 -75.81
C VAL EB 114 -104.70 10.46 -74.29
N LEU EB 115 -105.46 9.59 -73.64
CA LEU EB 115 -105.41 9.43 -72.20
C LEU EB 115 -104.06 8.87 -71.76
N THR EB 116 -103.43 9.56 -70.81
CA THR EB 116 -102.16 9.12 -70.28
C THR EB 116 -102.25 9.11 -68.75
N THR EB 117 -102.58 7.97 -68.18
CA THR EB 117 -102.93 7.87 -66.77
C THR EB 117 -102.01 6.97 -65.97
N GLU EB 118 -102.40 6.71 -64.72
CA GLU EB 118 -101.63 5.88 -63.81
C GLU EB 118 -102.40 4.61 -63.46
N THR EB 119 -103.71 4.74 -63.36
CA THR EB 119 -104.56 3.63 -62.95
C THR EB 119 -105.55 3.27 -64.05
N ILE EB 120 -105.93 2.01 -64.10
CA ILE EB 120 -107.02 1.58 -64.97
C ILE EB 120 -108.28 2.29 -64.48
N GLU EB 121 -108.32 2.61 -63.20
CA GLU EB 121 -109.44 3.31 -62.60
C GLU EB 121 -109.43 4.79 -62.96
N GLN EB 122 -108.25 5.33 -63.24
CA GLN EB 122 -108.15 6.74 -63.62
C GLN EB 122 -108.56 6.94 -65.07
N ALA EB 123 -108.09 6.06 -65.94
CA ALA EB 123 -108.49 6.09 -67.34
C ALA EB 123 -109.99 5.92 -67.45
N ILE EB 124 -110.55 5.07 -66.59
CA ILE EB 124 -111.98 4.80 -66.59
C ILE EB 124 -112.77 6.00 -66.05
N GLU EB 125 -112.06 6.92 -65.41
CA GLU EB 125 -112.67 8.14 -64.90
C GLU EB 125 -112.90 9.14 -66.02
N ARG EB 126 -111.95 9.19 -66.97
CA ARG EB 126 -112.04 10.11 -68.09
C ARG EB 126 -112.69 9.47 -69.31
N ALA EB 127 -113.00 8.19 -69.21
CA ALA EB 127 -113.60 7.47 -70.32
C ALA EB 127 -115.12 7.57 -70.34
N GLY EB 128 -115.63 8.56 -69.64
CA GLY EB 128 -117.04 8.71 -69.58
C GLY EB 128 -117.51 8.44 -68.15
N THR EB 129 -116.82 8.98 -67.14
CA THR EB 129 -117.28 8.82 -65.75
C THR EB 129 -117.03 10.10 -65.04
N LYS EB 130 -116.66 10.04 -63.79
CA LYS EB 130 -116.46 11.23 -62.95
C LYS EB 130 -115.88 12.46 -63.68
N ALA EB 131 -114.75 12.36 -64.36
CA ALA EB 131 -114.21 13.53 -64.98
C ALA EB 131 -114.88 13.86 -66.34
N GLY EB 132 -115.77 12.98 -66.82
CA GLY EB 132 -116.47 13.17 -68.12
C GLY EB 132 -115.76 12.37 -69.23
N ASN EB 133 -116.26 12.42 -70.46
CA ASN EB 133 -115.62 11.72 -71.56
C ASN EB 133 -114.67 12.62 -72.33
N LYS EB 134 -113.37 12.34 -72.23
CA LYS EB 134 -112.35 13.17 -72.85
C LYS EB 134 -112.34 13.04 -74.37
N GLY EB 135 -113.14 12.13 -74.89
CA GLY EB 135 -113.31 12.00 -76.32
C GLY EB 135 -114.31 13.04 -76.81
N TYR EB 136 -115.39 13.20 -76.05
CA TYR EB 136 -116.37 14.22 -76.33
C TYR EB 136 -115.74 15.60 -76.31
N GLU EB 137 -114.92 15.84 -75.28
CA GLU EB 137 -114.27 17.14 -75.11
C GLU EB 137 -113.25 17.41 -76.21
N SER EB 138 -112.63 16.35 -76.72
CA SER EB 138 -111.62 16.48 -77.76
C SER EB 138 -112.27 16.68 -79.13
N ALA EB 139 -113.57 16.44 -79.21
CA ALA EB 139 -114.33 16.67 -80.44
C ALA EB 139 -114.80 18.13 -80.47
N VAL EB 140 -115.25 18.62 -79.31
CA VAL EB 140 -115.64 20.01 -79.16
C VAL EB 140 -114.46 20.91 -79.49
N ALA EB 141 -113.26 20.46 -79.12
CA ALA EB 141 -112.04 21.19 -79.41
C ALA EB 141 -111.73 21.17 -80.91
N ALA EB 142 -112.09 20.06 -81.57
CA ALA EB 142 -111.85 19.91 -82.99
C ALA EB 142 -112.73 20.87 -83.79
N ILE EB 143 -114.00 20.91 -83.46
CA ILE EB 143 -114.94 21.81 -84.12
C ILE EB 143 -114.48 23.26 -83.97
N GLU EB 144 -114.11 23.63 -82.74
CA GLU EB 144 -113.66 24.99 -82.47
C GLU EB 144 -112.41 25.33 -83.26
N MET EB 145 -111.41 24.46 -83.18
CA MET EB 145 -110.16 24.68 -83.91
C MET EB 145 -110.44 24.83 -85.40
N ALA EB 146 -111.28 23.96 -85.93
CA ALA EB 146 -111.65 24.01 -87.35
C ALA EB 146 -112.18 25.40 -87.70
N HIS EB 147 -113.10 25.90 -86.89
CA HIS EB 147 -113.70 27.21 -87.11
C HIS EB 147 -112.75 28.35 -86.72
N LEU EB 148 -111.48 28.20 -87.06
CA LEU EB 148 -110.50 29.25 -86.86
C LEU EB 148 -109.67 29.33 -88.15
N SER EB 149 -110.01 30.38 -88.95
CA SER EB 149 -109.45 30.54 -90.30
C SER EB 149 -108.71 31.83 -90.70
N LYS EB 150 -107.42 31.60 -90.63
CA LYS EB 150 -106.38 32.44 -91.08
C LYS EB 150 -105.62 31.32 -91.87
N HIS EB 151 -105.00 31.67 -92.99
CA HIS EB 151 -104.26 30.70 -93.78
C HIS EB 151 -102.95 31.28 -94.18
N TRP EB 152 -101.94 30.47 -94.12
CA TRP EB 152 -100.67 31.03 -94.48
C TRP EB 152 -100.46 30.93 -95.97
N ALA EB 153 -99.99 32.05 -96.53
CA ALA EB 153 -99.74 32.15 -97.96
C ALA EB 153 -98.99 33.45 -98.29
N VAL FB 2 -73.33 47.32 -77.64
CA VAL FB 2 -74.37 47.12 -76.63
C VAL FB 2 -75.76 47.32 -77.21
N PHE FB 3 -76.67 46.40 -76.92
CA PHE FB 3 -78.00 46.39 -77.54
C PHE FB 3 -79.15 46.13 -76.57
N GLU FB 4 -79.51 47.14 -75.78
CA GLU FB 4 -80.64 47.01 -74.87
C GLU FB 4 -81.96 47.11 -75.64
N GLY FB 5 -83.06 46.73 -75.00
CA GLY FB 5 -84.37 46.76 -75.64
C GLY FB 5 -85.28 47.82 -75.06
N HIS FB 6 -85.85 48.63 -75.96
CA HIS FB 6 -86.76 49.71 -75.58
C HIS FB 6 -87.94 49.16 -74.78
N LEU FB 7 -88.62 50.02 -74.04
CA LEU FB 7 -89.75 49.56 -73.22
C LEU FB 7 -91.05 50.36 -73.47
N VAL FB 8 -90.93 51.47 -74.18
CA VAL FB 8 -92.10 52.24 -74.56
C VAL FB 8 -92.58 51.79 -75.93
N GLY FB 9 -93.72 51.11 -75.98
CA GLY FB 9 -94.23 50.56 -77.22
C GLY FB 9 -95.42 51.31 -77.77
N THR FB 10 -95.22 52.59 -78.08
CA THR FB 10 -96.28 53.41 -78.64
C THR FB 10 -96.81 52.83 -79.94
N GLY FB 11 -95.94 52.76 -80.95
CA GLY FB 11 -96.36 52.27 -82.25
C GLY FB 11 -96.15 50.78 -82.47
N LEU FB 12 -96.83 49.97 -81.67
CA LEU FB 12 -96.67 48.52 -81.75
C LEU FB 12 -97.98 47.82 -82.05
N LYS FB 13 -97.89 46.71 -82.80
CA LYS FB 13 -99.02 45.82 -83.00
C LYS FB 13 -98.72 44.51 -82.30
N VAL FB 14 -99.56 44.15 -81.32
CA VAL FB 14 -99.35 42.92 -80.56
C VAL FB 14 -100.48 41.94 -80.81
N GLY FB 15 -100.17 40.65 -80.73
CA GLY FB 15 -101.17 39.61 -80.87
C GLY FB 15 -101.11 38.64 -79.71
N VAL FB 16 -102.27 38.32 -79.14
CA VAL FB 16 -102.32 37.46 -77.97
C VAL FB 16 -103.12 36.18 -78.22
N VAL FB 17 -102.61 35.06 -77.74
CA VAL FB 17 -103.30 33.78 -77.84
C VAL FB 17 -103.54 33.21 -76.46
N VAL FB 18 -104.80 33.20 -76.02
CA VAL FB 18 -105.13 32.75 -74.68
C VAL FB 18 -105.91 31.45 -74.68
N GLY FB 19 -105.64 30.61 -73.70
CA GLY FB 19 -106.32 29.33 -73.56
C GLY FB 19 -107.58 29.42 -72.73
N ARG FB 20 -108.65 28.82 -73.22
CA ARG FB 20 -109.96 28.90 -72.55
C ARG FB 20 -109.97 28.06 -71.27
N PHE FB 21 -109.28 26.93 -71.29
CA PHE FB 21 -109.21 26.07 -70.12
C PHE FB 21 -108.58 26.82 -68.97
N ASN FB 22 -109.09 26.62 -67.76
CA ASN FB 22 -108.68 27.39 -66.60
C ASN FB 22 -108.95 28.86 -66.82
N GLU FB 23 -110.08 29.15 -67.45
CA GLU FB 23 -110.48 30.52 -67.77
C GLU FB 23 -110.50 31.39 -66.53
N PHE FB 24 -110.80 30.77 -65.38
CA PHE FB 24 -110.83 31.47 -64.11
C PHE FB 24 -109.51 32.18 -63.84
N ILE FB 25 -108.42 31.60 -64.33
CA ILE FB 25 -107.09 32.18 -64.14
C ILE FB 25 -106.64 32.94 -65.38
N THR FB 26 -106.73 32.30 -66.55
CA THR FB 26 -106.29 32.92 -67.79
C THR FB 26 -107.03 34.23 -68.07
N SER FB 27 -108.23 34.37 -67.50
CA SER FB 27 -109.00 35.61 -67.63
C SER FB 27 -108.20 36.79 -67.09
N LYS FB 28 -107.95 36.77 -65.78
CA LYS FB 28 -107.18 37.82 -65.13
C LYS FB 28 -105.76 37.87 -65.70
N LEU FB 29 -105.34 36.76 -66.29
CA LEU FB 29 -104.00 36.66 -66.87
C LEU FB 29 -103.95 37.48 -68.15
N LEU FB 30 -105.05 37.50 -68.88
CA LEU FB 30 -105.19 38.32 -70.08
C LEU FB 30 -105.28 39.78 -69.68
N GLY FB 31 -105.64 40.02 -68.41
CA GLY FB 31 -105.64 41.36 -67.87
C GLY FB 31 -104.25 41.96 -67.91
N GLY FB 32 -103.28 41.15 -68.35
CA GLY FB 32 -101.92 41.62 -68.53
C GLY FB 32 -101.77 42.29 -69.88
N ALA FB 33 -102.57 41.86 -70.84
CA ALA FB 33 -102.64 42.53 -72.13
C ALA FB 33 -103.09 43.96 -71.92
N LEU FB 34 -104.37 44.14 -71.64
CA LEU FB 34 -104.89 45.45 -71.27
C LEU FB 34 -104.27 45.84 -69.93
N ASP FB 35 -104.38 47.10 -69.55
CA ASP FB 35 -103.72 47.61 -68.34
C ASP FB 35 -102.27 47.16 -68.30
N GLY FB 36 -101.72 46.81 -69.46
CA GLY FB 36 -100.35 46.35 -69.56
C GLY FB 36 -99.70 46.90 -70.81
N LEU FB 37 -100.17 46.45 -71.96
CA LEU FB 37 -99.74 47.02 -73.24
C LEU FB 37 -100.30 48.43 -73.37
N LYS FB 38 -101.49 48.63 -72.82
CA LYS FB 38 -102.14 49.94 -72.86
C LYS FB 38 -101.26 51.02 -72.26
N ARG FB 39 -100.91 50.87 -70.99
CA ARG FB 39 -100.15 51.88 -70.27
C ARG FB 39 -98.73 52.04 -70.77
N HIS FB 40 -98.27 51.10 -71.58
CA HIS FB 40 -96.91 51.20 -72.13
C HIS FB 40 -96.89 51.85 -73.51
N GLY FB 41 -98.05 52.30 -73.97
CA GLY FB 41 -98.14 53.05 -75.22
C GLY FB 41 -98.99 52.42 -76.30
N VAL FB 42 -99.08 51.10 -76.30
CA VAL FB 42 -99.81 50.38 -77.34
C VAL FB 42 -101.25 50.86 -77.46
N GLU FB 43 -101.76 50.96 -78.69
CA GLU FB 43 -103.11 51.49 -78.95
C GLU FB 43 -104.24 50.52 -78.57
N GLU FB 44 -105.26 51.06 -77.84
CA GLU FB 44 -106.44 50.35 -77.34
C GLU FB 44 -107.10 49.64 -78.48
N ASN FB 45 -107.25 48.34 -78.24
CA ASN FB 45 -107.69 47.32 -79.17
C ASN FB 45 -107.10 47.66 -80.55
N ASP FB 46 -105.76 47.44 -80.58
CA ASP FB 46 -104.86 47.51 -81.73
C ASP FB 46 -104.07 46.26 -81.50
N ILE FB 47 -104.68 45.52 -80.63
CA ILE FB 47 -104.18 44.27 -80.17
C ILE FB 47 -105.27 43.23 -80.36
N ASP FB 48 -104.91 42.09 -80.95
CA ASP FB 48 -105.88 41.02 -81.18
C ASP FB 48 -105.70 39.85 -80.22
N VAL FB 49 -106.84 39.29 -79.80
CA VAL FB 49 -106.83 38.16 -78.87
C VAL FB 49 -107.44 36.92 -79.51
N ALA FB 50 -106.71 35.81 -79.44
CA ALA FB 50 -107.16 34.55 -80.01
C ALA FB 50 -107.43 33.52 -78.93
N TRP FB 51 -108.68 33.11 -78.80
CA TRP FB 51 -109.06 32.11 -77.80
C TRP FB 51 -108.97 30.70 -78.37
N VAL FB 52 -108.14 29.88 -77.75
CA VAL FB 52 -107.99 28.48 -78.16
C VAL FB 52 -108.42 27.57 -77.01
N PRO FB 53 -108.98 26.41 -77.35
CA PRO FB 53 -109.49 25.44 -76.38
C PRO FB 53 -108.54 25.22 -75.20
N GLY FB 54 -107.48 24.45 -75.43
CA GLY FB 54 -106.53 24.15 -74.38
C GLY FB 54 -105.18 24.79 -74.61
N ALA FB 55 -104.35 24.83 -73.57
CA ALA FB 55 -103.00 25.37 -73.68
C ALA FB 55 -102.24 24.63 -74.78
N PHE FB 56 -102.69 23.41 -75.06
CA PHE FB 56 -102.06 22.56 -76.06
C PHE FB 56 -102.27 23.09 -77.48
N GLU FB 57 -103.35 23.84 -77.68
CA GLU FB 57 -103.71 24.35 -78.99
C GLU FB 57 -103.07 25.70 -79.26
N ILE FB 58 -102.43 26.26 -78.24
CA ILE FB 58 -101.80 27.57 -78.36
C ILE FB 58 -100.75 27.64 -79.47
N PRO FB 59 -99.78 26.71 -79.46
CA PRO FB 59 -98.70 26.74 -80.46
C PRO FB 59 -99.20 26.90 -81.89
N LEU FB 60 -100.22 26.13 -82.26
CA LEU FB 60 -100.75 26.17 -83.63
C LEU FB 60 -101.25 27.55 -84.02
N ILE FB 61 -102.13 28.12 -83.20
CA ILE FB 61 -102.73 29.41 -83.49
C ILE FB 61 -101.78 30.58 -83.22
N ALA FB 62 -100.86 30.40 -82.29
CA ALA FB 62 -99.83 31.39 -82.05
C ALA FB 62 -99.00 31.54 -83.32
N LYS FB 63 -98.91 30.45 -84.07
CA LYS FB 63 -98.22 30.47 -85.35
C LYS FB 63 -99.02 31.23 -86.40
N LYS FB 64 -100.23 30.75 -86.70
CA LYS FB 64 -101.06 31.34 -87.75
C LYS FB 64 -101.50 32.77 -87.44
N MET FB 65 -100.79 33.41 -86.50
CA MET FB 65 -100.96 34.82 -86.24
C MET FB 65 -99.66 35.55 -86.57
N ALA FB 66 -98.60 35.14 -85.90
CA ALA FB 66 -97.27 35.70 -86.15
C ALA FB 66 -96.73 35.23 -87.49
N ASN FB 67 -97.32 34.15 -88.02
CA ASN FB 67 -96.82 33.52 -89.24
C ASN FB 67 -96.70 34.52 -90.37
N SER FB 68 -97.75 35.33 -90.56
CA SER FB 68 -97.70 36.40 -91.54
C SER FB 68 -97.87 37.74 -90.85
N GLY FB 69 -97.01 38.69 -91.18
CA GLY FB 69 -96.96 39.99 -90.53
C GLY FB 69 -98.30 40.63 -90.24
N LYS FB 70 -98.68 40.62 -88.97
CA LYS FB 70 -99.86 41.32 -88.49
C LYS FB 70 -99.47 42.06 -87.22
N TYR FB 71 -98.47 41.51 -86.53
CA TYR FB 71 -98.03 42.03 -85.24
C TYR FB 71 -96.51 42.04 -85.16
N ASP FB 72 -95.98 42.91 -84.30
CA ASP FB 72 -94.54 43.00 -84.09
C ASP FB 72 -94.09 41.96 -83.07
N ALA FB 73 -95.05 41.41 -82.33
CA ALA FB 73 -94.77 40.39 -81.34
C ALA FB 73 -96.07 39.72 -80.90
N VAL FB 74 -96.00 38.42 -80.63
CA VAL FB 74 -97.16 37.65 -80.20
C VAL FB 74 -96.98 37.12 -78.78
N ILE FB 75 -98.00 37.32 -77.94
CA ILE FB 75 -97.98 36.86 -76.56
C ILE FB 75 -98.87 35.63 -76.39
N THR FB 76 -98.35 34.61 -75.71
CA THR FB 76 -99.13 33.41 -75.44
C THR FB 76 -99.51 33.33 -73.96
N LEU FB 77 -100.81 33.30 -73.68
CA LEU FB 77 -101.31 33.19 -72.32
C LEU FB 77 -102.13 31.92 -72.13
N GLY FB 78 -102.04 31.34 -70.94
CA GLY FB 78 -102.76 30.13 -70.61
C GLY FB 78 -102.39 29.65 -69.23
N THR FB 79 -103.08 28.60 -68.76
CA THR FB 79 -102.77 28.03 -67.45
C THR FB 79 -102.91 26.52 -67.48
N VAL FB 80 -102.01 25.85 -66.77
CA VAL FB 80 -102.02 24.40 -66.66
C VAL FB 80 -101.72 23.97 -65.23
N ILE FB 81 -102.61 23.18 -64.63
CA ILE FB 81 -102.45 22.77 -63.25
C ILE FB 81 -102.35 21.25 -63.10
N ARG FB 82 -101.45 20.81 -62.23
CA ARG FB 82 -101.22 19.39 -61.97
C ARG FB 82 -102.49 18.60 -61.73
N GLY FB 83 -102.59 17.44 -62.38
CA GLY FB 83 -103.68 16.51 -62.15
C GLY FB 83 -103.16 15.24 -61.49
N ALA FB 84 -103.95 14.18 -61.55
CA ALA FB 84 -103.54 12.90 -61.01
C ALA FB 84 -102.65 12.15 -61.99
N THR FB 85 -102.82 12.46 -63.28
CA THR FB 85 -102.07 11.79 -64.33
C THR FB 85 -100.88 12.63 -64.77
N THR FB 86 -99.99 12.01 -65.53
CA THR FB 86 -98.82 12.70 -66.06
C THR FB 86 -99.19 13.51 -67.29
N HIS FB 87 -100.48 13.58 -67.58
CA HIS FB 87 -100.99 14.38 -68.68
C HIS FB 87 -100.53 15.83 -68.58
N TYR FB 88 -100.47 16.33 -67.35
CA TYR FB 88 -100.03 17.69 -67.07
C TYR FB 88 -98.67 17.99 -67.67
N ASP FB 89 -97.80 16.98 -67.69
CA ASP FB 89 -96.42 17.16 -68.14
C ASP FB 89 -96.33 17.30 -69.65
N TYR FB 90 -96.98 16.40 -70.38
CA TYR FB 90 -96.90 16.39 -71.83
C TYR FB 90 -97.53 17.64 -72.45
N VAL FB 91 -98.49 18.22 -71.74
CA VAL FB 91 -99.11 19.46 -72.18
C VAL FB 91 -98.15 20.64 -71.98
N CYS FB 92 -97.77 20.89 -70.72
CA CYS FB 92 -96.81 21.94 -70.39
C CYS FB 92 -95.60 21.91 -71.33
N ASN FB 93 -94.95 20.76 -71.38
CA ASN FB 93 -93.78 20.57 -72.23
C ASN FB 93 -94.01 21.08 -73.65
N GLU FB 94 -94.99 20.50 -74.33
CA GLU FB 94 -95.23 20.80 -75.74
C GLU FB 94 -95.66 22.24 -76.00
N VAL FB 95 -96.30 22.85 -75.00
CA VAL FB 95 -96.66 24.26 -75.10
C VAL FB 95 -95.40 25.09 -75.14
N ALA FB 96 -94.56 24.92 -74.12
CA ALA FB 96 -93.28 25.62 -74.05
C ALA FB 96 -92.42 25.23 -75.25
N LYS FB 97 -92.45 23.94 -75.57
CA LYS FB 97 -91.69 23.42 -76.70
C LYS FB 97 -92.11 24.10 -77.99
N GLY FB 98 -93.43 24.19 -78.21
CA GLY FB 98 -93.96 24.81 -79.41
C GLY FB 98 -93.67 26.29 -79.48
N VAL FB 99 -94.13 27.03 -78.46
CA VAL FB 99 -93.94 28.49 -78.42
C VAL FB 99 -92.46 28.89 -78.57
N ALA FB 100 -91.55 28.10 -78.00
CA ALA FB 100 -90.13 28.39 -78.07
C ALA FB 100 -89.54 27.98 -79.42
N SER FB 101 -89.60 26.69 -79.70
CA SER FB 101 -89.05 26.14 -80.94
C SER FB 101 -89.59 26.86 -82.17
N LEU FB 102 -90.90 27.10 -82.18
CA LEU FB 102 -91.52 27.81 -83.29
C LEU FB 102 -91.66 29.31 -83.02
N SER FB 103 -90.59 29.88 -82.48
CA SER FB 103 -90.44 31.34 -82.32
C SER FB 103 -89.13 31.73 -82.99
N LEU FB 104 -88.39 30.72 -83.43
CA LEU FB 104 -87.14 30.93 -84.12
C LEU FB 104 -87.36 30.81 -85.63
N GLN FB 105 -88.30 29.93 -86.01
CA GLN FB 105 -88.61 29.72 -87.41
C GLN FB 105 -89.24 30.97 -88.03
N THR FB 106 -90.08 31.65 -87.25
CA THR FB 106 -90.71 32.88 -87.69
C THR FB 106 -89.72 34.01 -87.54
N ASP FB 107 -89.09 34.09 -86.38
CA ASP FB 107 -88.17 35.19 -86.18
C ASP FB 107 -88.93 36.36 -85.63
N ILE FB 108 -90.25 36.21 -85.44
CA ILE FB 108 -91.05 37.25 -84.84
C ILE FB 108 -91.21 36.87 -83.39
N PRO FB 109 -90.90 37.86 -82.56
CA PRO FB 109 -90.90 37.62 -81.12
C PRO FB 109 -92.14 36.92 -80.55
N VAL FB 110 -92.01 35.72 -80.00
CA VAL FB 110 -93.16 35.06 -79.40
C VAL FB 110 -92.90 34.80 -77.91
N ILE FB 111 -93.48 35.64 -77.06
CA ILE FB 111 -93.27 35.55 -75.62
C ILE FB 111 -94.09 34.41 -75.00
N PHE FB 112 -93.43 33.58 -74.21
CA PHE FB 112 -94.08 32.45 -73.55
C PHE FB 112 -94.62 32.84 -72.19
N GLY FB 113 -95.94 32.95 -72.08
CA GLY FB 113 -96.57 33.33 -70.84
C GLY FB 113 -97.65 32.35 -70.42
N VAL FB 114 -97.26 31.09 -70.27
CA VAL FB 114 -98.19 30.04 -69.85
C VAL FB 114 -97.86 29.56 -68.43
N LEU FB 115 -98.79 29.76 -67.52
CA LEU FB 115 -98.62 29.35 -66.14
C LEU FB 115 -98.59 27.84 -66.00
N THR FB 116 -97.59 27.33 -65.29
CA THR FB 116 -97.48 25.91 -65.07
C THR FB 116 -97.31 25.64 -63.58
N THR FB 117 -98.43 25.46 -62.90
CA THR FB 117 -98.42 25.38 -61.44
C THR FB 117 -98.85 24.03 -60.89
N GLU FB 118 -98.73 23.87 -59.58
CA GLU FB 118 -99.13 22.66 -58.88
C GLU FB 118 -100.47 22.86 -58.19
N THR FB 119 -100.71 24.07 -57.72
CA THR FB 119 -101.93 24.40 -57.00
C THR FB 119 -102.76 25.44 -57.74
N ILE FB 120 -104.07 25.41 -57.54
CA ILE FB 120 -104.94 26.46 -58.02
C ILE FB 120 -104.55 27.74 -57.29
N GLU FB 121 -104.01 27.57 -56.08
CA GLU FB 121 -103.59 28.72 -55.28
C GLU FB 121 -102.30 29.33 -55.81
N GLN FB 122 -101.53 28.54 -56.55
CA GLN FB 122 -100.29 29.02 -57.15
C GLN FB 122 -100.58 29.77 -58.44
N ALA FB 123 -101.64 29.38 -59.12
CA ALA FB 123 -102.08 30.09 -60.32
C ALA FB 123 -102.59 31.48 -59.93
N ILE FB 124 -103.43 31.51 -58.91
CA ILE FB 124 -103.91 32.78 -58.38
C ILE FB 124 -102.74 33.59 -57.84
N GLU FB 125 -101.77 32.88 -57.29
CA GLU FB 125 -100.58 33.51 -56.75
C GLU FB 125 -99.86 34.32 -57.83
N ARG FB 126 -99.94 33.85 -59.06
CA ARG FB 126 -99.24 34.47 -60.18
C ARG FB 126 -100.16 35.09 -61.24
N ALA FB 127 -101.42 35.30 -60.87
CA ALA FB 127 -102.38 35.90 -61.79
C ALA FB 127 -102.85 37.25 -61.27
N GLY FB 128 -102.03 37.96 -60.57
CA GLY FB 128 -102.51 39.18 -60.04
C GLY FB 128 -102.38 39.02 -58.54
N THR FB 129 -101.77 37.96 -58.05
CA THR FB 129 -101.58 38.00 -56.60
C THR FB 129 -100.09 38.22 -56.27
N LYS FB 130 -99.74 37.98 -55.01
CA LYS FB 130 -98.40 38.10 -54.35
C LYS FB 130 -97.22 38.21 -55.30
N ALA FB 131 -97.21 37.40 -56.36
CA ALA FB 131 -96.08 37.46 -57.29
C ALA FB 131 -96.31 38.46 -58.42
N GLY FB 132 -97.52 39.05 -58.44
CA GLY FB 132 -97.94 39.96 -59.49
C GLY FB 132 -98.68 39.21 -60.60
N ASN FB 133 -98.87 39.87 -61.74
CA ASN FB 133 -99.57 39.25 -62.87
C ASN FB 133 -98.61 38.87 -64.00
N LYS FB 134 -98.41 37.57 -64.18
CA LYS FB 134 -97.45 37.10 -65.16
C LYS FB 134 -97.92 37.33 -66.59
N GLY FB 135 -99.06 38.00 -66.73
CA GLY FB 135 -99.56 38.40 -68.04
C GLY FB 135 -99.08 39.79 -68.36
N TYR FB 136 -99.13 40.67 -67.37
CA TYR FB 136 -98.62 42.02 -67.50
C TYR FB 136 -97.11 42.00 -67.70
N GLU FB 137 -96.46 40.98 -67.17
CA GLU FB 137 -95.01 40.87 -67.25
C GLU FB 137 -94.59 40.35 -68.61
N SER FB 138 -95.40 39.48 -69.19
CA SER FB 138 -95.11 38.92 -70.50
C SER FB 138 -95.42 39.93 -71.58
N ALA FB 139 -96.13 40.99 -71.22
CA ALA FB 139 -96.43 42.08 -72.14
C ALA FB 139 -95.22 43.01 -72.23
N VAL FB 140 -94.67 43.36 -71.08
CA VAL FB 140 -93.45 44.15 -71.03
C VAL FB 140 -92.36 43.47 -71.85
N ALA FB 141 -92.24 42.15 -71.69
CA ALA FB 141 -91.26 41.38 -72.43
C ALA FB 141 -91.53 41.47 -73.92
N ALA FB 142 -92.80 41.41 -74.30
CA ALA FB 142 -93.19 41.46 -75.71
C ALA FB 142 -92.77 42.78 -76.36
N ILE FB 143 -92.98 43.88 -75.65
CA ILE FB 143 -92.60 45.19 -76.16
C ILE FB 143 -91.09 45.29 -76.32
N GLU FB 144 -90.36 44.87 -75.29
CA GLU FB 144 -88.91 44.93 -75.30
C GLU FB 144 -88.32 44.09 -76.42
N MET FB 145 -88.84 42.89 -76.60
CA MET FB 145 -88.39 41.97 -77.65
C MET FB 145 -88.70 42.54 -79.04
N ALA FB 146 -89.86 43.18 -79.15
CA ALA FB 146 -90.24 43.81 -80.41
C ALA FB 146 -89.23 44.87 -80.80
N HIS FB 147 -88.85 45.70 -79.82
CA HIS FB 147 -87.88 46.76 -80.05
C HIS FB 147 -86.44 46.25 -80.19
N LEU FB 148 -86.28 44.94 -80.20
CA LEU FB 148 -84.96 44.36 -80.36
C LEU FB 148 -84.76 43.74 -81.75
N SER FB 149 -85.82 43.72 -82.55
CA SER FB 149 -85.67 43.43 -83.97
C SER FB 149 -84.89 44.60 -84.55
N LYS FB 150 -83.58 44.45 -84.54
CA LYS FB 150 -82.67 45.58 -84.64
C LYS FB 150 -81.47 45.18 -85.47
N HIS FB 151 -81.14 43.89 -85.42
CA HIS FB 151 -79.93 43.37 -86.07
C HIS FB 151 -78.71 44.06 -85.47
N TRP FB 152 -77.53 43.86 -86.08
CA TRP FB 152 -76.29 44.23 -85.39
C TRP FB 152 -75.24 44.92 -86.28
N ALA FB 153 -74.38 45.71 -85.63
CA ALA FB 153 -73.34 46.45 -86.32
C ALA FB 153 -72.03 46.42 -85.53
N VAL GB 2 -54.81 15.14 -85.02
CA VAL GB 2 -55.00 15.96 -83.83
C VAL GB 2 -55.53 17.36 -84.16
N PHE GB 3 -56.47 17.85 -83.35
CA PHE GB 3 -57.09 19.16 -83.59
C PHE GB 3 -57.41 19.90 -82.29
N GLU GB 4 -56.38 20.44 -81.64
CA GLU GB 4 -56.57 21.22 -80.41
C GLU GB 4 -56.95 22.65 -80.74
N GLY GB 5 -57.60 23.32 -79.79
CA GLY GB 5 -58.06 24.68 -80.00
C GLY GB 5 -57.20 25.73 -79.30
N HIS GB 6 -56.78 26.75 -80.04
CA HIS GB 6 -55.98 27.85 -79.50
C HIS GB 6 -56.73 28.51 -78.35
N LEU GB 7 -56.02 29.29 -77.54
CA LEU GB 7 -56.65 29.96 -76.41
C LEU GB 7 -56.34 31.45 -76.31
N VAL GB 8 -55.57 31.96 -77.27
CA VAL GB 8 -55.28 33.39 -77.34
C VAL GB 8 -56.07 34.02 -78.47
N GLY GB 9 -57.19 34.66 -78.14
CA GLY GB 9 -58.06 35.25 -79.14
C GLY GB 9 -57.91 36.75 -79.30
N THR GB 10 -56.76 37.18 -79.84
CA THR GB 10 -56.49 38.60 -80.02
C THR GB 10 -57.33 39.22 -81.14
N GLY GB 11 -57.56 38.45 -82.20
CA GLY GB 11 -58.28 38.96 -83.36
C GLY GB 11 -59.71 38.48 -83.45
N LEU GB 12 -60.25 37.97 -82.35
CA LEU GB 12 -61.61 37.44 -82.34
C LEU GB 12 -62.64 38.55 -82.17
N LYS GB 13 -63.89 38.24 -82.52
CA LYS GB 13 -64.99 39.19 -82.43
C LYS GB 13 -66.21 38.52 -81.79
N VAL GB 14 -66.27 38.54 -80.47
CA VAL GB 14 -67.30 37.82 -79.74
C VAL GB 14 -68.55 38.66 -79.48
N GLY GB 15 -69.68 38.00 -79.28
CA GLY GB 15 -70.91 38.66 -78.90
C GLY GB 15 -71.68 37.86 -77.85
N VAL GB 16 -72.22 38.57 -76.87
CA VAL GB 16 -72.92 37.91 -75.76
C VAL GB 16 -74.40 38.31 -75.67
N VAL GB 17 -75.23 37.37 -75.23
CA VAL GB 17 -76.64 37.64 -74.95
C VAL GB 17 -76.96 37.31 -73.50
N VAL GB 18 -77.00 38.34 -72.64
CA VAL GB 18 -77.26 38.14 -71.22
C VAL GB 18 -78.73 38.37 -70.87
N GLY GB 19 -79.18 37.76 -69.79
CA GLY GB 19 -80.57 37.87 -69.37
C GLY GB 19 -80.75 38.76 -68.16
N ARG GB 20 -81.77 39.62 -68.21
CA ARG GB 20 -82.01 40.57 -67.13
C ARG GB 20 -82.51 39.92 -65.86
N PHE GB 21 -83.49 39.02 -65.99
CA PHE GB 21 -84.02 38.33 -64.82
C PHE GB 21 -82.87 37.73 -64.02
N ASN GB 22 -82.88 37.95 -62.71
CA ASN GB 22 -81.77 37.56 -61.85
C ASN GB 22 -80.51 38.32 -62.20
N GLU GB 23 -80.67 39.62 -62.48
CA GLU GB 23 -79.55 40.48 -62.83
C GLU GB 23 -78.50 40.47 -61.73
N PHE GB 24 -78.94 40.25 -60.50
CA PHE GB 24 -78.05 40.20 -59.36
C PHE GB 24 -76.92 39.20 -59.60
N ILE GB 25 -77.24 38.14 -60.37
CA ILE GB 25 -76.26 37.10 -60.68
C ILE GB 25 -75.69 37.27 -62.08
N THR GB 26 -76.57 37.47 -63.05
CA THR GB 26 -76.15 37.61 -64.44
C THR GB 26 -75.18 38.77 -64.62
N SER GB 27 -75.33 39.79 -63.77
CA SER GB 27 -74.46 40.96 -63.80
C SER GB 27 -73.00 40.54 -63.64
N LYS GB 28 -72.66 39.96 -62.49
CA LYS GB 28 -71.32 39.48 -62.22
C LYS GB 28 -70.94 38.38 -63.21
N LEU GB 29 -71.96 37.78 -63.83
CA LEU GB 29 -71.74 36.68 -64.76
C LEU GB 29 -71.25 37.21 -66.11
N LEU GB 30 -71.66 38.42 -66.44
CA LEU GB 30 -71.21 39.09 -67.65
C LEU GB 30 -69.82 39.68 -67.44
N GLY GB 31 -69.61 40.27 -66.25
CA GLY GB 31 -68.33 40.83 -65.88
C GLY GB 31 -67.30 39.69 -65.88
N GLY GB 32 -67.78 38.45 -65.92
CA GLY GB 32 -66.94 37.29 -65.99
C GLY GB 32 -66.50 37.08 -67.43
N ALA GB 33 -67.48 37.10 -68.33
CA ALA GB 33 -67.20 36.99 -69.74
C ALA GB 33 -66.15 38.02 -70.14
N LEU GB 34 -66.43 39.31 -69.98
CA LEU GB 34 -65.52 40.39 -70.48
C LEU GB 34 -64.20 40.61 -69.82
N ASP GB 35 -64.23 40.77 -68.54
CA ASP GB 35 -62.95 41.12 -67.93
C ASP GB 35 -61.85 40.04 -68.20
N GLY GB 36 -62.30 38.83 -68.69
CA GLY GB 36 -61.48 37.67 -68.97
C GLY GB 36 -61.49 37.30 -70.44
N LEU GB 37 -62.47 37.87 -71.14
CA LEU GB 37 -62.55 37.75 -72.57
C LEU GB 37 -61.57 38.76 -73.11
N LYS GB 38 -61.48 39.89 -72.40
CA LYS GB 38 -60.57 40.97 -72.74
C LYS GB 38 -59.13 40.56 -72.46
N ARG GB 39 -58.89 40.06 -71.25
CA ARG GB 39 -57.54 39.72 -70.82
C ARG GB 39 -56.98 38.51 -71.57
N HIS GB 40 -57.80 37.91 -72.43
CA HIS GB 40 -57.35 36.81 -73.25
C HIS GB 40 -56.94 37.27 -74.65
N GLY GB 41 -57.00 38.58 -74.87
CA GLY GB 41 -56.56 39.16 -76.13
C GLY GB 41 -57.63 39.94 -76.87
N VAL GB 42 -58.88 39.49 -76.78
CA VAL GB 42 -59.98 40.12 -77.50
C VAL GB 42 -60.02 41.62 -77.27
N GLU GB 43 -60.24 42.38 -78.35
CA GLU GB 43 -60.36 43.82 -78.25
C GLU GB 43 -61.72 44.15 -77.67
N GLU GB 44 -61.76 45.03 -76.67
CA GLU GB 44 -63.00 45.33 -75.96
C GLU GB 44 -64.03 45.99 -76.87
N ASN GB 45 -63.61 46.39 -78.06
CA ASN GB 45 -64.51 47.01 -79.02
C ASN GB 45 -65.10 45.96 -79.98
N ASP GB 46 -64.57 44.76 -79.93
CA ASP GB 46 -65.07 43.65 -80.73
C ASP GB 46 -66.08 42.83 -79.93
N ILE GB 47 -66.63 43.43 -78.88
CA ILE GB 47 -67.58 42.75 -78.01
C ILE GB 47 -68.91 43.47 -77.91
N ASP GB 48 -69.97 42.80 -78.36
CA ASP GB 48 -71.31 43.35 -78.28
C ASP GB 48 -72.17 42.59 -77.28
N VAL GB 49 -73.06 43.31 -76.60
CA VAL GB 49 -73.93 42.71 -75.60
C VAL GB 49 -75.39 42.92 -75.96
N ALA GB 50 -76.18 41.86 -75.81
CA ALA GB 50 -77.60 41.93 -76.10
C ALA GB 50 -78.42 41.54 -74.87
N TRP GB 51 -79.02 42.53 -74.22
CA TRP GB 51 -79.85 42.29 -73.04
C TRP GB 51 -81.26 41.84 -73.41
N VAL GB 52 -81.61 40.63 -72.96
CA VAL GB 52 -82.94 40.08 -73.19
C VAL GB 52 -83.67 39.97 -71.85
N PRO GB 53 -85.01 40.00 -71.89
CA PRO GB 53 -85.82 39.93 -70.66
C PRO GB 53 -85.47 38.71 -69.81
N GLY GB 54 -85.96 37.55 -70.24
CA GLY GB 54 -85.69 36.31 -69.52
C GLY GB 54 -84.76 35.39 -70.29
N ALA GB 55 -84.25 34.36 -69.61
CA ALA GB 55 -83.38 33.37 -70.24
C ALA GB 55 -84.09 32.68 -71.39
N PHE GB 56 -85.41 32.70 -71.37
CA PHE GB 56 -86.23 32.05 -72.40
C PHE GB 56 -86.08 32.74 -73.74
N GLU GB 57 -85.82 34.04 -73.71
CA GLU GB 57 -85.75 34.85 -74.92
C GLU GB 57 -84.37 34.83 -75.55
N ILE GB 58 -83.44 34.13 -74.90
CA ILE GB 58 -82.07 34.05 -75.38
C ILE GB 58 -81.94 33.40 -76.76
N PRO GB 59 -82.53 32.21 -76.94
CA PRO GB 59 -82.42 31.50 -78.22
C PRO GB 59 -82.71 32.38 -79.44
N LEU GB 60 -83.73 33.22 -79.35
CA LEU GB 60 -84.14 34.05 -80.47
C LEU GB 60 -83.07 35.08 -80.84
N ILE GB 61 -82.60 35.82 -79.85
CA ILE GB 61 -81.62 36.88 -80.08
C ILE GB 61 -80.20 36.33 -80.24
N ALA GB 62 -79.92 35.20 -79.59
CA ALA GB 62 -78.65 34.52 -79.77
C ALA GB 62 -78.53 34.09 -81.23
N LYS GB 63 -79.67 33.81 -81.85
CA LYS GB 63 -79.71 33.45 -83.27
C LYS GB 63 -79.41 34.66 -84.14
N LYS GB 64 -80.27 35.68 -84.07
CA LYS GB 64 -80.08 36.91 -84.82
C LYS GB 64 -78.63 37.38 -84.78
N MET GB 65 -77.99 37.19 -83.63
CA MET GB 65 -76.64 37.70 -83.39
C MET GB 65 -75.57 36.81 -84.03
N ALA GB 66 -75.61 35.52 -83.68
CA ALA GB 66 -74.66 34.57 -84.22
C ALA GB 66 -74.88 34.35 -85.71
N ASN GB 67 -75.89 35.03 -86.25
CA ASN GB 67 -76.28 34.84 -87.64
C ASN GB 67 -75.94 36.07 -88.48
N SER GB 68 -75.72 37.19 -87.81
CA SER GB 68 -75.37 38.42 -88.50
C SER GB 68 -73.97 38.34 -89.10
N GLY GB 69 -73.19 37.38 -88.62
CA GLY GB 69 -71.84 37.17 -89.12
C GLY GB 69 -70.82 38.10 -88.50
N LYS GB 70 -71.30 39.15 -87.83
CA LYS GB 70 -70.43 40.12 -87.20
C LYS GB 70 -69.58 39.47 -86.12
N TYR GB 71 -70.03 38.30 -85.66
CA TYR GB 71 -69.42 37.66 -84.50
C TYR GB 71 -68.74 36.35 -84.83
N ASP GB 72 -67.55 36.17 -84.26
CA ASP GB 72 -66.74 34.98 -84.49
C ASP GB 72 -67.22 33.85 -83.58
N ALA GB 73 -67.95 34.22 -82.53
CA ALA GB 73 -68.54 33.26 -81.61
C ALA GB 73 -69.51 34.00 -80.69
N VAL GB 74 -70.46 33.27 -80.13
CA VAL GB 74 -71.46 33.87 -79.27
C VAL GB 74 -71.53 33.23 -77.88
N ILE GB 75 -71.61 34.06 -76.85
CA ILE GB 75 -71.69 33.57 -75.47
C ILE GB 75 -73.04 33.92 -74.85
N THR GB 76 -73.80 32.89 -74.49
CA THR GB 76 -75.10 33.08 -73.86
C THR GB 76 -74.99 33.06 -72.34
N LEU GB 77 -75.30 34.19 -71.70
CA LEU GB 77 -75.26 34.28 -70.24
C LEU GB 77 -76.66 34.46 -69.68
N GLY GB 78 -76.86 34.01 -68.45
CA GLY GB 78 -78.15 34.13 -67.79
C GLY GB 78 -78.23 33.27 -66.54
N THR GB 79 -79.31 33.44 -65.79
CA THR GB 79 -79.51 32.66 -64.57
C THR GB 79 -80.97 32.26 -64.40
N VAL GB 80 -81.20 31.01 -64.00
CA VAL GB 80 -82.54 30.51 -63.72
C VAL GB 80 -82.52 29.75 -62.41
N ILE GB 81 -83.41 30.11 -61.48
CA ILE GB 81 -83.43 29.48 -60.17
C ILE GB 81 -84.79 28.84 -59.88
N ARG GB 82 -84.74 27.67 -59.25
CA ARG GB 82 -85.93 26.90 -58.91
C ARG GB 82 -87.03 27.72 -58.22
N GLY GB 83 -88.24 27.61 -58.75
CA GLY GB 83 -89.40 28.21 -58.13
C GLY GB 83 -90.23 27.14 -57.44
N ALA GB 84 -91.48 27.46 -57.17
CA ALA GB 84 -92.39 26.51 -56.54
C ALA GB 84 -93.08 25.66 -57.60
N THR GB 85 -92.98 26.08 -58.86
CA THR GB 85 -93.64 25.40 -59.96
C THR GB 85 -92.63 24.74 -60.89
N THR GB 86 -93.15 23.90 -61.80
CA THR GB 86 -92.31 23.23 -62.79
C THR GB 86 -91.91 24.18 -63.91
N HIS GB 87 -92.28 25.45 -63.75
CA HIS GB 87 -91.93 26.48 -64.72
C HIS GB 87 -90.43 26.50 -64.96
N TYR GB 88 -89.67 26.44 -63.87
CA TYR GB 88 -88.21 26.44 -63.93
C TYR GB 88 -87.66 25.43 -64.92
N ASP GB 89 -88.37 24.31 -65.08
CA ASP GB 89 -87.89 23.21 -65.91
C ASP GB 89 -88.03 23.51 -67.40
N TYR GB 90 -89.21 23.99 -67.80
CA TYR GB 90 -89.49 24.25 -69.21
C TYR GB 90 -88.64 25.40 -69.73
N VAL GB 91 -88.22 26.28 -68.83
CA VAL GB 91 -87.35 27.39 -69.20
C VAL GB 91 -85.92 26.88 -69.42
N CYS GB 92 -85.34 26.31 -68.38
CA CYS GB 92 -84.00 25.75 -68.46
C CYS GB 92 -83.84 24.87 -69.70
N ASN GB 93 -84.77 23.94 -69.88
CA ASN GB 93 -84.75 23.06 -71.03
C ASN GB 93 -84.66 23.83 -72.34
N GLU GB 94 -85.69 24.62 -72.63
CA GLU GB 94 -85.78 25.34 -73.90
C GLU GB 94 -84.59 26.27 -74.16
N VAL GB 95 -83.99 26.78 -73.09
CA VAL GB 95 -82.80 27.61 -73.23
C VAL GB 95 -81.64 26.77 -73.77
N ALA GB 96 -81.28 25.74 -73.02
CA ALA GB 96 -80.23 24.82 -73.42
C ALA GB 96 -80.61 24.15 -74.74
N LYS GB 97 -81.90 23.88 -74.90
CA LYS GB 97 -82.43 23.26 -76.11
C LYS GB 97 -82.20 24.16 -77.32
N GLY GB 98 -82.46 25.45 -77.15
CA GLY GB 98 -82.28 26.41 -78.21
C GLY GB 98 -80.81 26.63 -78.54
N VAL GB 99 -80.03 27.01 -77.52
CA VAL GB 99 -78.62 27.35 -77.72
C VAL GB 99 -77.83 26.21 -78.37
N ALA GB 100 -78.14 24.97 -77.98
CA ALA GB 100 -77.43 23.81 -78.50
C ALA GB 100 -77.92 23.46 -79.90
N SER GB 101 -79.20 23.14 -80.01
CA SER GB 101 -79.80 22.75 -81.30
C SER GB 101 -79.62 23.85 -82.34
N LEU GB 102 -79.55 25.09 -81.89
CA LEU GB 102 -79.36 26.23 -82.77
C LEU GB 102 -77.92 26.72 -82.76
N SER GB 103 -76.99 25.77 -82.72
CA SER GB 103 -75.57 26.06 -82.80
C SER GB 103 -74.98 25.17 -83.88
N LEU GB 104 -75.79 24.22 -84.36
CA LEU GB 104 -75.42 23.33 -85.44
C LEU GB 104 -75.97 23.89 -86.73
N GLN GB 105 -77.10 24.57 -86.62
CA GLN GB 105 -77.78 25.17 -87.77
C GLN GB 105 -76.98 26.36 -88.31
N THR GB 106 -76.28 27.09 -87.44
CA THR GB 106 -75.52 28.24 -87.97
C THR GB 106 -74.03 27.89 -88.21
N ASP GB 107 -73.49 26.93 -87.44
CA ASP GB 107 -72.07 26.52 -87.50
C ASP GB 107 -71.20 27.65 -86.86
N ILE GB 108 -71.80 28.63 -86.20
CA ILE GB 108 -71.05 29.68 -85.46
C ILE GB 108 -71.00 29.20 -84.00
N PRO GB 109 -69.83 29.25 -83.34
CA PRO GB 109 -69.85 28.68 -81.99
C PRO GB 109 -70.83 29.34 -81.05
N VAL GB 110 -71.75 28.64 -80.38
CA VAL GB 110 -72.63 29.33 -79.44
C VAL GB 110 -72.52 28.69 -78.06
N ILE GB 111 -71.59 29.21 -77.26
CA ILE GB 111 -71.31 28.65 -75.93
C ILE GB 111 -72.49 28.83 -74.98
N PHE GB 112 -72.80 27.78 -74.23
CA PHE GB 112 -73.91 27.80 -73.29
C PHE GB 112 -73.43 28.11 -71.88
N GLY GB 113 -73.62 29.35 -71.46
CA GLY GB 113 -73.20 29.78 -70.14
C GLY GB 113 -74.36 30.27 -69.31
N VAL GB 114 -75.44 29.52 -69.31
CA VAL GB 114 -76.62 29.86 -68.50
C VAL GB 114 -76.64 29.04 -67.21
N LEU GB 115 -76.58 29.73 -66.08
CA LEU GB 115 -76.66 29.07 -64.79
C LEU GB 115 -78.05 28.52 -64.57
N THR GB 116 -78.11 27.28 -64.07
CA THR GB 116 -79.38 26.63 -63.80
C THR GB 116 -79.29 25.96 -62.44
N THR GB 117 -79.63 26.72 -61.40
CA THR GB 117 -79.41 26.30 -60.02
C THR GB 117 -80.69 26.09 -59.21
N GLU GB 118 -80.51 25.66 -57.97
CA GLU GB 118 -81.62 25.37 -57.05
C GLU GB 118 -81.75 26.46 -55.98
N THR GB 119 -80.62 27.06 -55.63
CA THR GB 119 -80.58 28.07 -54.59
C THR GB 119 -80.01 29.37 -55.13
N ILE GB 120 -80.37 30.48 -54.50
CA ILE GB 120 -79.73 31.75 -54.78
C ILE GB 120 -78.26 31.63 -54.45
N GLU GB 121 -77.96 30.83 -53.42
CA GLU GB 121 -76.59 30.62 -52.98
C GLU GB 121 -75.75 29.91 -54.04
N GLN GB 122 -76.32 28.89 -54.66
CA GLN GB 122 -75.62 28.12 -55.67
C GLN GB 122 -75.26 28.98 -56.87
N ALA GB 123 -76.13 29.92 -57.20
CA ALA GB 123 -75.86 30.87 -58.28
C ALA GB 123 -74.65 31.71 -57.95
N ILE GB 124 -74.59 32.21 -56.72
CA ILE GB 124 -73.46 33.02 -56.27
C ILE GB 124 -72.16 32.21 -56.29
N GLU GB 125 -72.24 30.95 -55.90
CA GLU GB 125 -71.09 30.07 -55.92
C GLU GB 125 -70.48 30.01 -57.31
N ARG GB 126 -71.34 29.99 -58.32
CA ARG GB 126 -70.92 29.83 -59.70
C ARG GB 126 -70.90 31.15 -60.46
N ALA GB 127 -70.91 32.25 -59.71
CA ALA GB 127 -70.85 33.57 -60.32
C ALA GB 127 -69.67 34.37 -59.81
N GLY GB 128 -68.57 33.72 -59.59
CA GLY GB 128 -67.46 34.49 -59.10
C GLY GB 128 -67.10 34.12 -57.69
N THR GB 129 -67.69 33.05 -57.14
CA THR GB 129 -67.28 32.65 -55.78
C THR GB 129 -66.61 31.27 -55.79
N LYS GB 130 -66.85 30.49 -54.74
CA LYS GB 130 -66.38 29.13 -54.54
C LYS GB 130 -66.07 28.41 -55.85
N ALA GB 131 -67.08 28.13 -56.69
CA ALA GB 131 -66.82 27.35 -57.91
C ALA GB 131 -66.08 28.11 -59.02
N GLY GB 132 -66.01 29.46 -58.94
CA GLY GB 132 -65.38 30.27 -59.95
C GLY GB 132 -66.47 31.10 -60.67
N ASN GB 133 -66.14 31.70 -61.82
CA ASN GB 133 -67.14 32.49 -62.55
C ASN GB 133 -67.52 31.81 -63.86
N LYS GB 134 -68.75 31.32 -63.92
CA LYS GB 134 -69.25 30.62 -65.10
C LYS GB 134 -69.13 31.47 -66.35
N GLY GB 135 -69.23 32.79 -66.20
CA GLY GB 135 -69.14 33.71 -67.32
C GLY GB 135 -67.75 33.76 -67.91
N TYR GB 136 -66.75 33.70 -67.03
CA TYR GB 136 -65.35 33.69 -67.44
C TYR GB 136 -65.00 32.40 -68.16
N GLU GB 137 -65.40 31.28 -67.56
CA GLU GB 137 -65.13 29.95 -68.12
C GLU GB 137 -65.85 29.76 -69.45
N SER GB 138 -66.98 30.45 -69.63
CA SER GB 138 -67.75 30.32 -70.86
C SER GB 138 -67.18 31.19 -71.97
N ALA GB 139 -66.38 32.18 -71.58
CA ALA GB 139 -65.71 33.04 -72.54
C ALA GB 139 -64.45 32.36 -73.06
N VAL GB 140 -63.68 31.77 -72.16
CA VAL GB 140 -62.47 31.04 -72.53
C VAL GB 140 -62.81 29.90 -73.47
N ALA GB 141 -64.03 29.39 -73.35
CA ALA GB 141 -64.52 28.31 -74.22
C ALA GB 141 -64.90 28.86 -75.58
N ALA GB 142 -65.49 30.05 -75.58
CA ALA GB 142 -65.88 30.71 -76.83
C ALA GB 142 -64.66 30.95 -77.72
N ILE GB 143 -63.56 31.34 -77.11
CA ILE GB 143 -62.32 31.56 -77.83
C ILE GB 143 -61.85 30.26 -78.47
N GLU GB 144 -61.65 29.24 -77.65
CA GLU GB 144 -61.18 27.95 -78.13
C GLU GB 144 -62.04 27.42 -79.27
N MET GB 145 -63.35 27.42 -79.05
CA MET GB 145 -64.28 26.95 -80.07
C MET GB 145 -64.12 27.73 -81.37
N ALA GB 146 -63.95 29.05 -81.26
CA ALA GB 146 -63.72 29.88 -82.43
C ALA GB 146 -62.48 29.42 -83.17
N HIS GB 147 -61.37 29.32 -82.44
CA HIS GB 147 -60.09 28.91 -83.02
C HIS GB 147 -60.13 27.49 -83.57
N LEU GB 148 -61.16 26.74 -83.23
CA LEU GB 148 -61.38 25.44 -83.85
C LEU GB 148 -62.22 25.96 -85.01
N SER GB 149 -61.53 26.30 -86.09
CA SER GB 149 -62.04 26.39 -87.45
C SER GB 149 -61.80 25.71 -88.79
N LYS GB 150 -60.81 24.82 -88.83
CA LYS GB 150 -60.53 24.04 -90.04
C LYS GB 150 -61.67 23.21 -90.62
N HIS GB 151 -62.51 22.64 -89.76
CA HIS GB 151 -63.61 21.80 -90.19
C HIS GB 151 -64.76 22.59 -90.80
N TRP GB 152 -64.92 22.46 -92.11
CA TRP GB 152 -66.11 22.95 -92.80
C TRP GB 152 -66.15 22.48 -94.25
N ALA GB 153 -67.07 21.58 -94.55
CA ALA GB 153 -67.23 21.04 -95.90
C ALA GB 153 -68.70 20.72 -96.19
N VAL HB 2 -79.02 -11.56 -91.67
CA VAL HB 2 -78.67 -11.41 -93.08
C VAL HB 2 -77.71 -10.23 -93.26
N PHE HB 3 -77.69 -9.32 -92.28
CA PHE HB 3 -76.87 -8.10 -92.39
C PHE HB 3 -76.05 -7.84 -91.12
N GLU HB 4 -75.02 -8.62 -90.88
CA GLU HB 4 -74.13 -8.40 -89.74
C GLU HB 4 -72.99 -7.45 -90.10
N GLY HB 5 -72.36 -6.85 -89.10
CA GLY HB 5 -71.30 -5.90 -89.35
C GLY HB 5 -69.90 -6.43 -89.04
N HIS HB 6 -69.03 -6.36 -90.04
CA HIS HB 6 -67.64 -6.80 -89.90
C HIS HB 6 -66.99 -6.13 -88.70
N LEU HB 7 -66.00 -6.79 -88.09
CA LEU HB 7 -65.36 -6.24 -86.90
C LEU HB 7 -63.87 -5.96 -87.09
N VAL HB 8 -63.35 -6.31 -88.27
CA VAL HB 8 -61.97 -5.98 -88.62
C VAL HB 8 -61.94 -4.69 -89.43
N GLY HB 9 -61.20 -3.70 -88.94
CA GLY HB 9 -61.17 -2.41 -89.59
C GLY HB 9 -59.78 -1.99 -90.03
N THR HB 10 -59.07 -2.91 -90.67
CA THR HB 10 -57.72 -2.63 -91.14
C THR HB 10 -57.69 -1.43 -92.09
N GLY HB 11 -58.71 -1.32 -92.94
CA GLY HB 11 -58.75 -0.27 -93.93
C GLY HB 11 -59.68 0.88 -93.57
N LEU HB 12 -59.98 1.02 -92.29
CA LEU HB 12 -60.88 2.07 -91.85
C LEU HB 12 -60.14 3.38 -91.61
N LYS HB 13 -60.90 4.42 -91.28
CA LYS HB 13 -60.37 5.78 -91.16
C LYS HB 13 -61.24 6.57 -90.20
N VAL HB 14 -60.97 6.44 -88.91
CA VAL HB 14 -61.83 7.01 -87.87
C VAL HB 14 -61.37 8.37 -87.36
N GLY HB 15 -62.30 9.12 -86.77
CA GLY HB 15 -61.99 10.40 -86.15
C GLY HB 15 -62.83 10.62 -84.91
N VAL HB 16 -62.19 11.04 -83.82
CA VAL HB 16 -62.89 11.17 -82.55
C VAL HB 16 -62.87 12.60 -82.00
N VAL HB 17 -63.89 12.92 -81.19
CA VAL HB 17 -63.96 14.20 -80.52
C VAL HB 17 -64.12 13.99 -79.01
N VAL HB 18 -63.08 14.33 -78.26
CA VAL HB 18 -63.09 14.14 -76.81
C VAL HB 18 -63.21 15.47 -76.07
N GLY HB 19 -63.87 15.44 -74.92
CA GLY HB 19 -64.07 16.63 -74.13
C GLY HB 19 -62.99 16.79 -73.08
N ARG HB 20 -62.38 17.98 -73.04
CA ARG HB 20 -61.29 18.24 -72.11
C ARG HB 20 -61.77 18.22 -70.65
N PHE HB 21 -62.99 18.72 -70.42
CA PHE HB 21 -63.55 18.72 -69.08
C PHE HB 21 -63.61 17.31 -68.53
N ASN HB 22 -63.16 17.14 -67.29
CA ASN HB 22 -63.00 15.81 -66.70
C ASN HB 22 -61.91 15.01 -67.41
N GLU HB 23 -60.85 15.71 -67.79
CA GLU HB 23 -59.71 15.11 -68.47
C GLU HB 23 -59.25 13.86 -67.73
N PHE HB 24 -59.30 13.91 -66.40
CA PHE HB 24 -58.87 12.79 -65.56
C PHE HB 24 -59.52 11.49 -66.00
N ILE HB 25 -60.71 11.58 -66.58
CA ILE HB 25 -61.45 10.41 -67.03
C ILE HB 25 -61.39 10.24 -68.54
N THR HB 26 -61.64 11.33 -69.26
CA THR HB 26 -61.65 11.27 -70.72
C THR HB 26 -60.31 10.85 -71.30
N SER HB 27 -59.24 11.08 -70.54
CA SER HB 27 -57.90 10.67 -70.97
C SER HB 27 -57.83 9.16 -71.17
N LYS HB 28 -57.97 8.42 -70.08
CA LYS HB 28 -57.96 6.96 -70.13
C LYS HB 28 -59.09 6.46 -71.03
N LEU HB 29 -60.09 7.29 -71.22
CA LEU HB 29 -61.24 6.93 -72.04
C LEU HB 29 -60.87 6.97 -73.51
N LEU HB 30 -60.01 7.91 -73.87
CA LEU HB 30 -59.55 8.07 -75.25
C LEU HB 30 -58.51 7.02 -75.60
N GLY HB 31 -57.55 6.82 -74.69
CA GLY HB 31 -56.50 5.84 -74.88
C GLY HB 31 -57.06 4.45 -75.14
N GLY HB 32 -58.22 4.17 -74.56
CA GLY HB 32 -58.88 2.90 -74.76
C GLY HB 32 -59.50 2.80 -76.14
N ALA HB 33 -59.99 3.92 -76.66
CA ALA HB 33 -60.60 3.96 -77.98
C ALA HB 33 -59.55 3.87 -79.07
N LEU HB 34 -58.44 4.58 -78.87
CA LEU HB 34 -57.33 4.52 -79.80
C LEU HB 34 -56.75 3.11 -79.80
N ASP HB 35 -56.42 2.61 -78.60
CA ASP HB 35 -55.90 1.26 -78.45
C ASP HB 35 -56.80 0.24 -79.14
N GLY HB 36 -58.10 0.46 -79.06
CA GLY HB 36 -59.07 -0.43 -79.69
C GLY HB 36 -59.00 -0.41 -81.20
N LEU HB 37 -59.19 0.77 -81.78
CA LEU HB 37 -59.09 0.95 -83.22
C LEU HB 37 -57.75 0.45 -83.74
N LYS HB 38 -56.69 0.85 -83.04
CA LYS HB 38 -55.33 0.52 -83.44
C LYS HB 38 -55.09 -0.99 -83.51
N ARG HB 39 -55.49 -1.70 -82.45
CA ARG HB 39 -55.28 -3.14 -82.38
C ARG HB 39 -56.38 -3.92 -83.10
N HIS HB 40 -57.31 -3.22 -83.73
CA HIS HB 40 -58.35 -3.88 -84.50
C HIS HB 40 -58.06 -3.77 -86.00
N GLY HB 41 -56.92 -3.17 -86.34
CA GLY HB 41 -56.52 -3.04 -87.73
C GLY HB 41 -56.33 -1.60 -88.17
N VAL HB 42 -57.21 -0.71 -87.72
CA VAL HB 42 -57.15 0.69 -88.11
C VAL HB 42 -55.73 1.21 -88.02
N GLU HB 43 -55.28 1.88 -89.08
CA GLU HB 43 -53.93 2.42 -89.10
C GLU HB 43 -53.78 3.51 -88.04
N GLU HB 44 -52.64 3.50 -87.36
CA GLU HB 44 -52.44 4.40 -86.22
C GLU HB 44 -52.46 5.88 -86.59
N ASN HB 45 -52.47 6.17 -87.89
CA ASN HB 45 -52.48 7.56 -88.36
C ASN HB 45 -53.74 7.91 -89.14
N ASP HB 46 -54.57 6.91 -89.43
CA ASP HB 46 -55.86 7.13 -90.05
C ASP HB 46 -56.84 7.59 -88.98
N ILE HB 47 -56.29 8.04 -87.85
CA ILE HB 47 -57.08 8.38 -86.69
C ILE HB 47 -56.82 9.82 -86.23
N ASP HB 48 -57.88 10.62 -86.13
CA ASP HB 48 -57.76 12.01 -85.72
C ASP HB 48 -58.53 12.29 -84.44
N VAL HB 49 -58.03 13.23 -83.64
CA VAL HB 49 -58.68 13.58 -82.38
C VAL HB 49 -58.90 15.09 -82.28
N ALA HB 50 -60.12 15.48 -81.94
CA ALA HB 50 -60.46 16.89 -81.77
C ALA HB 50 -60.87 17.17 -80.32
N TRP HB 51 -60.07 17.98 -79.63
CA TRP HB 51 -60.35 18.33 -78.25
C TRP HB 51 -61.28 19.53 -78.12
N VAL HB 52 -62.47 19.30 -77.54
CA VAL HB 52 -63.43 20.36 -77.31
C VAL HB 52 -63.44 20.74 -75.83
N PRO HB 53 -63.96 21.94 -75.55
CA PRO HB 53 -64.02 22.43 -74.18
C PRO HB 53 -64.67 21.42 -73.21
N GLY HB 54 -65.81 20.84 -73.62
CA GLY HB 54 -66.50 19.89 -72.78
C GLY HB 54 -67.58 19.20 -73.62
N ALA HB 55 -68.35 18.29 -73.00
CA ALA HB 55 -69.38 17.56 -73.73
C ALA HB 55 -70.36 18.50 -74.44
N PHE HB 56 -70.80 19.59 -73.84
CA PHE HB 56 -71.77 20.37 -74.59
C PHE HB 56 -71.27 20.76 -75.98
N GLU HB 57 -69.99 20.95 -76.14
CA GLU HB 57 -69.41 21.36 -77.40
C GLU HB 57 -69.23 20.26 -78.42
N ILE HB 58 -69.35 18.99 -78.00
CA ILE HB 58 -69.14 17.76 -78.85
C ILE HB 58 -70.07 17.44 -80.02
N PRO HB 59 -71.25 17.99 -79.95
CA PRO HB 59 -72.16 17.89 -81.10
C PRO HB 59 -71.74 18.77 -82.29
N LEU HB 60 -71.24 19.97 -82.00
CA LEU HB 60 -70.87 20.90 -83.07
C LEU HB 60 -69.67 20.41 -83.88
N ILE HB 61 -68.60 20.03 -83.19
CA ILE HB 61 -67.37 19.61 -83.85
C ILE HB 61 -67.45 18.18 -84.40
N ALA HB 62 -68.36 17.39 -83.85
CA ALA HB 62 -68.60 16.05 -84.39
C ALA HB 62 -69.26 16.17 -85.75
N LYS HB 63 -70.15 17.15 -85.89
CA LYS HB 63 -70.80 17.45 -87.16
C LYS HB 63 -69.80 17.98 -88.17
N LYS HB 64 -68.79 18.69 -87.67
CA LYS HB 64 -67.77 19.27 -88.53
C LYS HB 64 -66.76 18.24 -89.01
N MET HB 65 -66.78 17.07 -88.38
CA MET HB 65 -65.89 15.98 -88.77
C MET HB 65 -66.63 14.93 -89.58
N ALA HB 66 -67.95 14.90 -89.46
CA ALA HB 66 -68.77 14.01 -90.26
C ALA HB 66 -69.01 14.64 -91.63
N ASN HB 67 -69.24 15.94 -91.63
CA ASN HB 67 -69.45 16.69 -92.87
C ASN HB 67 -68.16 16.95 -93.62
N SER HB 68 -67.03 16.68 -92.97
CA SER HB 68 -65.73 16.83 -93.62
C SER HB 68 -65.49 15.70 -94.60
N GLY HB 69 -66.31 14.65 -94.52
CA GLY HB 69 -66.23 13.52 -95.43
C GLY HB 69 -64.84 12.93 -95.55
N LYS HB 70 -64.17 12.76 -94.41
CA LYS HB 70 -62.81 12.25 -94.39
C LYS HB 70 -62.72 10.95 -93.60
N TYR HB 71 -63.73 10.70 -92.77
CA TYR HB 71 -63.70 9.56 -91.87
C TYR HB 71 -64.74 8.51 -92.25
N ASP HB 72 -64.55 7.30 -91.74
CA ASP HB 72 -65.50 6.20 -91.98
C ASP HB 72 -66.43 6.07 -90.78
N ALA HB 73 -66.11 6.82 -89.73
CA ALA HB 73 -66.90 6.82 -88.51
C ALA HB 73 -66.34 7.87 -87.56
N VAL HB 74 -67.21 8.40 -86.69
CA VAL HB 74 -66.80 9.38 -85.70
C VAL HB 74 -67.14 8.89 -84.31
N ILE HB 75 -66.17 8.97 -83.41
CA ILE HB 75 -66.37 8.54 -82.04
C ILE HB 75 -66.41 9.74 -81.09
N THR HB 76 -67.52 9.90 -80.38
CA THR HB 76 -67.66 11.00 -79.42
C THR HB 76 -67.34 10.51 -78.00
N LEU HB 77 -66.28 11.06 -77.42
CA LEU HB 77 -65.86 10.71 -76.08
C LEU HB 77 -65.96 11.91 -75.15
N GLY HB 78 -66.25 11.64 -73.87
CA GLY HB 78 -66.37 12.69 -72.88
C GLY HB 78 -66.88 12.14 -71.58
N THR HB 79 -67.01 13.01 -70.57
CA THR HB 79 -67.53 12.59 -69.27
C THR HB 79 -68.26 13.73 -68.57
N VAL HB 80 -69.44 13.42 -68.05
CA VAL HB 80 -70.22 14.38 -67.28
C VAL HB 80 -70.63 13.77 -65.96
N ILE HB 81 -70.44 14.50 -64.86
CA ILE HB 81 -70.77 13.97 -63.54
C ILE HB 81 -71.72 14.89 -62.78
N ARG HB 82 -72.65 14.27 -62.05
CA ARG HB 82 -73.65 14.99 -61.27
C ARG HB 82 -73.09 16.09 -60.38
N GLY HB 83 -73.70 17.25 -60.45
CA GLY HB 83 -73.35 18.35 -59.58
C GLY HB 83 -74.47 18.61 -58.59
N ALA HB 84 -74.51 19.82 -58.05
CA ALA HB 84 -75.55 20.23 -57.10
C ALA HB 84 -76.77 20.72 -57.84
N THR HB 85 -76.56 21.22 -59.05
CA THR HB 85 -77.63 21.78 -59.85
C THR HB 85 -78.11 20.80 -60.92
N THR HB 86 -79.23 21.13 -61.56
CA THR HB 86 -79.78 20.32 -62.64
C THR HB 86 -79.04 20.58 -63.96
N HIS HB 87 -77.99 21.40 -63.89
CA HIS HB 87 -77.15 21.70 -65.04
C HIS HB 87 -76.67 20.42 -65.72
N TYR HB 88 -76.31 19.44 -64.91
CA TYR HB 88 -75.81 18.16 -65.39
C TYR HB 88 -76.79 17.50 -66.36
N ASP HB 89 -78.08 17.71 -66.13
CA ASP HB 89 -79.13 17.06 -66.92
C ASP HB 89 -79.20 17.60 -68.33
N TYR HB 90 -79.22 18.92 -68.46
CA TYR HB 90 -79.35 19.56 -69.77
C TYR HB 90 -78.12 19.32 -70.62
N VAL HB 91 -76.96 19.28 -69.99
CA VAL HB 91 -75.72 18.97 -70.68
C VAL HB 91 -75.77 17.56 -71.26
N CYS HB 92 -75.90 16.58 -70.37
CA CYS HB 92 -75.99 15.18 -70.77
C CYS HB 92 -77.01 14.99 -71.90
N ASN HB 93 -78.19 15.57 -71.73
CA ASN HB 93 -79.26 15.42 -72.72
C ASN HB 93 -78.84 15.95 -74.09
N GLU HB 94 -78.44 17.21 -74.15
CA GLU HB 94 -78.12 17.85 -75.42
C GLU HB 94 -76.95 17.20 -76.14
N VAL HB 95 -76.08 16.55 -75.38
CA VAL HB 95 -74.96 15.84 -75.98
C VAL HB 95 -75.47 14.63 -76.75
N ALA HB 96 -76.20 13.76 -76.05
CA ALA HB 96 -76.79 12.58 -76.67
C ALA HB 96 -77.81 13.00 -77.73
N LYS HB 97 -78.67 13.95 -77.35
CA LYS HB 97 -79.67 14.48 -78.26
C LYS HB 97 -79.02 14.97 -79.55
N GLY HB 98 -77.87 15.62 -79.41
CA GLY HB 98 -77.13 16.12 -80.55
C GLY HB 98 -76.45 15.02 -81.35
N VAL HB 99 -75.66 14.21 -80.67
CA VAL HB 99 -74.92 13.13 -81.32
C VAL HB 99 -75.82 12.14 -82.04
N ALA HB 100 -76.97 11.81 -81.44
CA ALA HB 100 -77.91 10.87 -82.04
C ALA HB 100 -78.63 11.50 -83.23
N SER HB 101 -79.21 12.68 -83.01
CA SER HB 101 -79.97 13.37 -84.04
C SER HB 101 -79.06 13.78 -85.21
N LEU HB 102 -77.85 14.23 -84.89
CA LEU HB 102 -76.89 14.61 -85.92
C LEU HB 102 -76.01 13.43 -86.31
N SER HB 103 -76.62 12.25 -86.36
CA SER HB 103 -75.99 11.03 -86.85
C SER HB 103 -76.90 10.45 -87.92
N LEU HB 104 -78.07 11.07 -88.06
CA LEU HB 104 -79.04 10.70 -89.09
C LEU HB 104 -79.05 11.79 -90.16
N GLN HB 105 -78.77 13.02 -89.73
CA GLN HB 105 -78.67 14.15 -90.65
C GLN HB 105 -77.45 14.01 -91.53
N THR HB 106 -76.56 13.10 -91.17
CA THR HB 106 -75.30 12.90 -91.88
C THR HB 106 -75.14 11.47 -92.38
N ASP HB 107 -76.14 10.63 -92.11
CA ASP HB 107 -76.12 9.21 -92.48
C ASP HB 107 -74.68 8.72 -92.36
N ILE HB 108 -74.02 9.03 -91.28
CA ILE HB 108 -72.63 8.66 -91.04
C ILE HB 108 -72.64 8.13 -89.62
N PRO HB 109 -72.07 6.93 -89.41
CA PRO HB 109 -71.98 6.33 -88.08
C PRO HB 109 -71.29 7.28 -87.09
N VAL HB 110 -72.05 7.82 -86.15
CA VAL HB 110 -71.48 8.62 -85.09
C VAL HB 110 -71.78 7.96 -83.74
N ILE HB 111 -70.78 7.24 -83.24
CA ILE HB 111 -70.94 6.50 -81.99
C ILE HB 111 -70.96 7.43 -80.77
N PHE HB 112 -71.95 7.24 -79.92
CA PHE HB 112 -72.08 8.03 -78.69
C PHE HB 112 -71.37 7.32 -77.54
N GLY HB 113 -70.25 7.87 -77.11
CA GLY HB 113 -69.48 7.28 -76.03
C GLY HB 113 -69.14 8.28 -74.95
N VAL HB 114 -70.14 9.05 -74.51
CA VAL HB 114 -69.96 10.03 -73.44
C VAL HB 114 -70.47 9.49 -72.11
N LEU HB 115 -69.58 9.39 -71.14
CA LEU HB 115 -69.96 8.92 -69.82
C LEU HB 115 -70.88 9.89 -69.13
N THR HB 116 -71.96 9.37 -68.57
CA THR HB 116 -72.93 10.17 -67.84
C THR HB 116 -73.23 9.52 -66.48
N THR HB 117 -72.47 9.93 -65.46
CA THR HB 117 -72.46 9.23 -64.19
C THR HB 117 -72.85 10.11 -63.01
N GLU HB 118 -72.89 9.50 -61.82
CA GLU HB 118 -73.26 10.18 -60.58
C GLU HB 118 -72.04 10.40 -59.70
N THR HB 119 -71.11 9.46 -59.76
CA THR HB 119 -69.93 9.48 -58.91
C THR HB 119 -68.66 9.51 -59.73
N ILE HB 120 -67.61 10.12 -59.17
CA ILE HB 120 -66.29 10.07 -59.80
C ILE HB 120 -65.84 8.62 -59.86
N GLU HB 121 -66.33 7.83 -58.90
CA GLU HB 121 -66.00 6.41 -58.80
C GLU HB 121 -66.73 5.59 -59.85
N GLN HB 122 -67.83 6.12 -60.35
CA GLN HB 122 -68.58 5.47 -61.42
C GLN HB 122 -67.93 5.71 -62.78
N ALA HB 123 -67.33 6.89 -62.94
CA ALA HB 123 -66.62 7.21 -64.16
C ALA HB 123 -65.38 6.33 -64.29
N ILE HB 124 -64.57 6.30 -63.23
CA ILE HB 124 -63.40 5.44 -63.17
C ILE HB 124 -63.81 3.99 -63.36
N GLU HB 125 -64.96 3.64 -62.78
CA GLU HB 125 -65.51 2.30 -62.89
C GLU HB 125 -65.64 1.91 -64.37
N ARG HB 126 -65.91 2.89 -65.21
CA ARG HB 126 -66.20 2.64 -66.62
C ARG HB 126 -65.16 3.23 -67.55
N ALA HB 127 -64.00 3.57 -67.01
CA ALA HB 127 -62.91 4.11 -67.83
C ALA HB 127 -61.70 3.15 -67.88
N GLY HB 128 -61.97 1.85 -67.76
CA GLY HB 128 -60.89 0.89 -67.74
C GLY HB 128 -60.77 0.38 -66.32
N THR HB 129 -61.93 0.11 -65.74
CA THR HB 129 -61.97 -0.47 -64.42
C THR HB 129 -63.09 -1.55 -64.45
N LYS HB 130 -63.63 -1.95 -63.28
CA LYS HB 130 -64.70 -3.00 -63.23
C LYS HB 130 -65.53 -3.16 -64.49
N ALA HB 131 -66.19 -2.09 -64.94
CA ALA HB 131 -67.05 -2.18 -66.14
C ALA HB 131 -66.30 -2.30 -67.46
N GLY HB 132 -64.99 -2.08 -67.52
CA GLY HB 132 -64.26 -2.14 -68.79
C GLY HB 132 -63.93 -0.72 -69.25
N ASN HB 133 -63.58 -0.49 -70.52
CA ASN HB 133 -63.30 0.87 -70.99
C ASN HB 133 -64.29 1.31 -72.06
N LYS HB 134 -65.20 2.21 -71.66
CA LYS HB 134 -66.23 2.71 -72.55
C LYS HB 134 -65.67 3.20 -73.88
N GLY HB 135 -64.47 3.76 -73.85
CA GLY HB 135 -63.83 4.25 -75.06
C GLY HB 135 -63.50 3.12 -76.02
N TYR HB 136 -62.81 2.11 -75.52
CA TYR HB 136 -62.48 0.93 -76.32
C TYR HB 136 -63.74 0.31 -76.91
N GLU HB 137 -64.78 0.21 -76.08
CA GLU HB 137 -66.04 -0.37 -76.53
C GLU HB 137 -66.72 0.50 -77.59
N SER HB 138 -66.35 1.78 -77.62
CA SER HB 138 -66.92 2.71 -78.60
C SER HB 138 -66.24 2.55 -79.96
N ALA HB 139 -64.96 2.19 -79.93
CA ALA HB 139 -64.20 1.97 -81.16
C ALA HB 139 -64.67 0.69 -81.85
N VAL HB 140 -64.77 -0.38 -81.06
CA VAL HB 140 -65.23 -1.67 -81.57
C VAL HB 140 -66.64 -1.53 -82.13
N ALA HB 141 -67.34 -0.48 -81.70
CA ALA HB 141 -68.68 -0.20 -82.21
C ALA HB 141 -68.60 0.62 -83.49
N ALA HB 142 -67.61 1.52 -83.56
CA ALA HB 142 -67.41 2.36 -84.73
C ALA HB 142 -67.01 1.54 -85.94
N ILE HB 143 -66.16 0.54 -85.71
CA ILE HB 143 -65.71 -0.34 -86.79
C ILE HB 143 -66.88 -1.12 -87.38
N GLU HB 144 -67.73 -1.65 -86.51
CA GLU HB 144 -68.88 -2.42 -86.96
C GLU HB 144 -69.85 -1.55 -87.75
N MET HB 145 -70.15 -0.37 -87.23
CA MET HB 145 -71.04 0.57 -87.91
C MET HB 145 -70.43 1.02 -89.23
N ALA HB 146 -69.10 1.02 -89.29
CA ALA HB 146 -68.39 1.43 -90.49
C ALA HB 146 -68.54 0.42 -91.62
N HIS HB 147 -68.88 -0.83 -91.29
CA HIS HB 147 -69.06 -1.89 -92.28
C HIS HB 147 -70.51 -2.04 -92.67
N LEU HB 148 -71.39 -1.77 -91.72
CA LEU HB 148 -72.81 -1.84 -91.95
C LEU HB 148 -73.37 -0.49 -92.41
N SER HB 149 -72.75 0.67 -92.08
CA SER HB 149 -73.42 1.97 -92.36
C SER HB 149 -72.75 3.01 -93.29
N LYS HB 150 -71.45 2.92 -93.43
CA LYS HB 150 -70.73 3.88 -94.23
C LYS HB 150 -70.59 3.42 -95.68
N HIS HB 151 -69.95 2.31 -95.91
CA HIS HB 151 -69.75 1.92 -97.28
C HIS HB 151 -70.83 1.00 -97.83
N TRP HB 152 -71.78 0.79 -96.96
CA TRP HB 152 -72.99 0.04 -97.22
C TRP HB 152 -74.06 1.13 -97.48
N ALA HB 153 -75.08 0.88 -98.29
CA ALA HB 153 -76.04 1.96 -98.54
C ALA HB 153 -77.48 1.47 -98.59
N VAL IB 2 -30.73 83.69 48.64
CA VAL IB 2 -30.39 82.26 48.56
C VAL IB 2 -30.47 81.74 47.12
N PHE IB 3 -29.52 80.91 46.72
CA PHE IB 3 -29.44 80.43 45.35
C PHE IB 3 -29.04 78.95 45.26
N GLU IB 4 -29.87 78.06 45.79
CA GLU IB 4 -29.61 76.63 45.69
C GLU IB 4 -29.87 76.15 44.25
N GLY IB 5 -29.56 74.88 44.00
CA GLY IB 5 -29.76 74.31 42.68
C GLY IB 5 -30.52 72.99 42.71
N HIS IB 6 -31.53 72.87 41.85
CA HIS IB 6 -32.33 71.65 41.73
C HIS IB 6 -31.45 70.41 41.60
N LEU IB 7 -32.06 69.25 41.80
CA LEU IB 7 -31.36 67.99 41.58
C LEU IB 7 -32.14 67.10 40.60
N VAL IB 8 -33.29 67.61 40.16
CA VAL IB 8 -34.08 66.92 39.16
C VAL IB 8 -33.72 67.45 37.78
N GLY IB 9 -33.17 66.58 36.94
CA GLY IB 9 -32.74 66.97 35.61
C GLY IB 9 -33.69 66.50 34.52
N THR IB 10 -34.98 66.69 34.76
CA THR IB 10 -36.02 66.23 33.85
C THR IB 10 -35.72 66.60 32.38
N GLY IB 11 -35.40 67.86 32.14
CA GLY IB 11 -35.19 68.33 30.78
C GLY IB 11 -33.82 68.92 30.53
N LEU IB 12 -32.78 68.17 30.85
CA LEU IB 12 -31.42 68.65 30.65
C LEU IB 12 -30.74 67.90 29.50
N LYS IB 13 -29.67 68.50 28.98
CA LYS IB 13 -28.87 67.87 27.93
C LYS IB 13 -27.40 67.83 28.35
N VAL IB 14 -26.94 66.66 28.75
CA VAL IB 14 -25.58 66.52 29.27
C VAL IB 14 -24.65 65.84 28.27
N GLY IB 15 -23.40 66.29 28.23
CA GLY IB 15 -22.39 65.67 27.39
C GLY IB 15 -21.20 65.21 28.22
N VAL IB 16 -20.78 63.97 28.01
CA VAL IB 16 -19.70 63.37 28.80
C VAL IB 16 -18.46 63.12 27.96
N VAL IB 17 -17.29 63.32 28.56
CA VAL IB 17 -16.02 63.08 27.88
C VAL IB 17 -15.15 62.15 28.71
N VAL IB 18 -14.97 60.92 28.24
CA VAL IB 18 -14.23 59.90 28.98
C VAL IB 18 -12.91 59.52 28.31
N GLY IB 19 -11.89 59.27 29.13
CA GLY IB 19 -10.60 58.83 28.63
C GLY IB 19 -10.46 57.32 28.65
N ARG IB 20 -9.96 56.77 27.56
CA ARG IB 20 -9.81 55.32 27.42
C ARG IB 20 -8.77 54.72 28.36
N PHE IB 21 -7.69 55.44 28.58
CA PHE IB 21 -6.64 54.96 29.46
C PHE IB 21 -7.25 54.61 30.80
N ASN IB 22 -6.91 53.43 31.32
CA ASN IB 22 -7.52 52.91 32.53
C ASN IB 22 -9.00 52.63 32.34
N GLU IB 23 -9.34 52.10 31.17
CA GLU IB 23 -10.73 51.76 30.84
C GLU IB 23 -11.32 50.87 31.91
N PHE IB 24 -10.47 50.05 32.54
CA PHE IB 24 -10.91 49.15 33.58
C PHE IB 24 -11.63 49.91 34.68
N ILE IB 25 -11.23 51.17 34.87
CA ILE IB 25 -11.82 52.01 35.89
C ILE IB 25 -12.84 52.99 35.30
N THR IB 26 -12.44 53.70 34.25
CA THR IB 26 -13.29 54.69 33.61
C THR IB 26 -14.57 54.07 33.05
N SER IB 27 -14.50 52.80 32.66
CA SER IB 27 -15.66 52.09 32.16
C SER IB 27 -16.76 52.08 33.20
N LYS IB 28 -16.52 51.40 34.32
CA LYS IB 28 -17.50 51.32 35.40
C LYS IB 28 -17.63 52.67 36.09
N LEU IB 29 -16.86 53.65 35.63
CA LEU IB 29 -16.92 55.01 36.15
C LEU IB 29 -17.88 55.85 35.31
N LEU IB 30 -18.01 55.47 34.05
CA LEU IB 30 -18.98 56.08 33.14
C LEU IB 30 -20.37 55.56 33.47
N GLY IB 31 -20.41 54.52 34.31
CA GLY IB 31 -21.66 54.00 34.82
C GLY IB 31 -22.32 55.01 35.75
N GLY IB 32 -21.68 56.16 35.89
CA GLY IB 32 -22.25 57.26 36.63
C GLY IB 32 -23.09 58.12 35.70
N ALA IB 33 -22.72 58.11 34.42
CA ALA IB 33 -23.53 58.75 33.39
C ALA IB 33 -24.96 58.22 33.50
N LEU IB 34 -25.19 57.06 32.87
CA LEU IB 34 -26.47 56.38 33.03
C LEU IB 34 -26.54 55.84 34.46
N ASP IB 35 -27.69 55.31 34.84
CA ASP IB 35 -27.93 54.91 36.23
C ASP IB 35 -27.46 56.02 37.16
N GLY IB 36 -27.49 57.24 36.64
CA GLY IB 36 -27.10 58.42 37.40
C GLY IB 36 -27.84 59.63 36.87
N LEU IB 37 -27.44 60.09 35.70
CA LEU IB 37 -28.18 61.14 35.02
C LEU IB 37 -29.57 60.65 34.71
N LYS IB 38 -29.66 59.42 34.21
CA LYS IB 38 -30.93 58.83 33.81
C LYS IB 38 -31.93 58.74 34.97
N ARG IB 39 -31.48 58.18 36.09
CA ARG IB 39 -32.34 57.98 37.24
C ARG IB 39 -32.74 59.30 37.90
N HIS IB 40 -32.05 60.37 37.52
CA HIS IB 40 -32.35 61.70 38.04
C HIS IB 40 -33.26 62.50 37.11
N GLY IB 41 -33.63 61.90 35.98
CA GLY IB 41 -34.56 62.53 35.07
C GLY IB 41 -34.04 62.69 33.65
N VAL IB 42 -32.77 63.04 33.52
CA VAL IB 42 -32.16 63.26 32.21
C VAL IB 42 -32.57 62.18 31.22
N GLU IB 43 -32.89 62.59 30.00
CA GLU IB 43 -33.34 61.67 28.97
C GLU IB 43 -32.21 60.80 28.43
N GLU IB 44 -32.50 59.53 28.20
CA GLU IB 44 -31.54 58.59 27.64
C GLU IB 44 -30.84 59.15 26.40
N ASN IB 45 -31.60 59.84 25.57
CA ASN IB 45 -31.08 60.34 24.30
C ASN IB 45 -30.33 61.66 24.41
N ASP IB 46 -30.63 62.44 25.45
CA ASP IB 46 -30.00 63.74 25.63
C ASP IB 46 -28.59 63.63 26.22
N ILE IB 47 -28.03 62.43 26.20
CA ILE IB 47 -26.69 62.21 26.73
C ILE IB 47 -25.74 61.68 25.67
N ASP IB 48 -24.71 62.47 25.36
CA ASP IB 48 -23.68 62.07 24.41
C ASP IB 48 -22.36 61.81 25.12
N VAL IB 49 -21.57 60.90 24.57
CA VAL IB 49 -20.29 60.54 25.17
C VAL IB 49 -19.13 60.60 24.18
N ALA IB 50 -18.05 61.25 24.60
CA ALA IB 50 -16.87 61.39 23.77
C ALA IB 50 -15.67 60.65 24.37
N TRP IB 51 -15.14 59.68 23.62
CA TRP IB 51 -13.98 58.92 24.09
C TRP IB 51 -12.68 59.55 23.60
N VAL IB 52 -11.84 59.96 24.55
CA VAL IB 52 -10.54 60.54 24.21
C VAL IB 52 -9.43 59.55 24.57
N PRO IB 53 -8.24 59.72 23.99
CA PRO IB 53 -7.14 58.76 24.28
C PRO IB 53 -6.85 58.50 25.77
N GLY IB 54 -6.83 59.59 26.52
CA GLY IB 54 -6.57 59.60 27.94
C GLY IB 54 -6.84 61.01 28.48
N ALA IB 55 -6.70 61.16 29.80
CA ALA IB 55 -6.94 62.42 30.44
C ALA IB 55 -6.26 63.61 29.77
N PHE IB 56 -5.01 63.51 29.34
CA PHE IB 56 -4.44 64.72 28.79
C PHE IB 56 -5.28 65.29 27.65
N GLU IB 57 -5.92 64.46 26.86
CA GLU IB 57 -6.67 64.98 25.74
C GLU IB 57 -8.12 65.43 26.08
N ILE IB 58 -8.46 65.53 27.36
CA ILE IB 58 -9.84 65.85 27.87
C ILE IB 58 -10.27 67.34 28.00
N PRO IB 59 -9.24 68.18 28.08
CA PRO IB 59 -9.51 69.62 27.98
C PRO IB 59 -9.93 70.06 26.58
N LEU IB 60 -9.23 69.57 25.55
CA LEU IB 60 -9.52 69.99 24.18
C LEU IB 60 -10.92 69.57 23.73
N ILE IB 61 -11.24 68.30 23.88
CA ILE IB 61 -12.52 67.77 23.42
C ILE IB 61 -13.67 68.16 24.35
N ALA IB 62 -13.36 68.40 25.61
CA ALA IB 62 -14.35 68.91 26.56
C ALA IB 62 -14.74 70.33 26.19
N LYS IB 63 -13.82 71.02 25.51
CA LYS IB 63 -14.07 72.38 25.04
C LYS IB 63 -14.98 72.38 23.81
N LYS IB 64 -14.67 71.52 22.85
CA LYS IB 64 -15.45 71.43 21.61
C LYS IB 64 -16.79 70.74 21.82
N MET IB 65 -17.20 70.62 23.08
CA MET IB 65 -18.51 70.07 23.42
C MET IB 65 -19.35 71.09 24.18
N ALA IB 66 -18.68 71.91 24.98
CA ALA IB 66 -19.36 72.99 25.68
C ALA IB 66 -19.61 74.15 24.72
N ASN IB 67 -18.67 74.35 23.80
CA ASN IB 67 -18.77 75.42 22.81
C ASN IB 67 -19.77 75.11 21.70
N SER IB 68 -20.17 73.85 21.59
CA SER IB 68 -21.18 73.46 20.62
C SER IB 68 -22.57 73.93 21.08
N GLY IB 69 -22.64 74.38 22.33
CA GLY IB 69 -23.87 74.92 22.89
C GLY IB 69 -25.04 73.95 22.87
N LYS IB 70 -24.74 72.66 22.76
CA LYS IB 70 -25.78 71.64 22.68
C LYS IB 70 -26.09 71.08 24.07
N TYR IB 71 -25.16 71.26 25.00
CA TYR IB 71 -25.31 70.68 26.33
C TYR IB 71 -25.42 71.76 27.42
N ASP IB 72 -26.26 71.48 28.42
CA ASP IB 72 -26.43 72.39 29.55
C ASP IB 72 -25.23 72.28 30.47
N ALA IB 73 -24.61 71.10 30.49
CA ALA IB 73 -23.42 70.88 31.31
C ALA IB 73 -22.58 69.75 30.69
N VAL IB 74 -21.28 69.80 30.91
CA VAL IB 74 -20.37 68.79 30.39
C VAL IB 74 -19.66 68.07 31.53
N ILE IB 75 -19.87 66.77 31.62
CA ILE IB 75 -19.20 65.96 32.63
C ILE IB 75 -17.91 65.36 32.07
N THR IB 76 -16.82 65.50 32.82
CA THR IB 76 -15.53 65.00 32.37
C THR IB 76 -15.04 63.83 33.23
N LEU IB 77 -14.85 62.68 32.60
CA LEU IB 77 -14.48 61.46 33.30
C LEU IB 77 -13.14 60.90 32.84
N GLY IB 78 -12.46 60.19 33.73
CA GLY IB 78 -11.17 59.60 33.42
C GLY IB 78 -10.49 59.10 34.67
N THR IB 79 -9.33 58.46 34.50
CA THR IB 79 -8.58 57.94 35.65
C THR IB 79 -7.08 58.00 35.39
N VAL IB 80 -6.34 58.44 36.41
CA VAL IB 80 -4.88 58.51 36.34
C VAL IB 80 -4.27 57.94 37.62
N ILE IB 81 -3.25 57.11 37.47
CA ILE IB 81 -2.63 56.47 38.62
C ILE IB 81 -1.12 56.63 38.64
N ARG IB 82 -0.58 56.85 39.83
CA ARG IB 82 0.85 57.07 40.03
C ARG IB 82 1.73 56.04 39.32
N GLY IB 83 2.71 56.53 38.59
CA GLY IB 83 3.70 55.68 37.96
C GLY IB 83 5.01 55.72 38.73
N ALA IB 84 6.11 55.54 38.03
CA ALA IB 84 7.44 55.64 38.63
C ALA IB 84 8.01 57.04 38.38
N THR IB 85 7.50 57.71 37.35
CA THR IB 85 7.98 59.02 36.98
C THR IB 85 7.00 60.10 37.42
N THR IB 86 7.46 61.34 37.44
CA THR IB 86 6.62 62.48 37.80
C THR IB 86 5.66 62.84 36.66
N HIS IB 87 5.63 61.99 35.64
CA HIS IB 87 4.74 62.19 34.51
C HIS IB 87 3.29 62.27 34.97
N TYR IB 88 2.96 61.48 35.99
CA TYR IB 88 1.62 61.45 36.56
C TYR IB 88 1.19 62.83 37.04
N ASP IB 89 2.15 63.61 37.54
CA ASP IB 89 1.85 64.92 38.12
C ASP IB 89 1.43 65.94 37.07
N TYR IB 90 2.23 66.07 36.02
CA TYR IB 90 1.98 67.06 34.96
C TYR IB 90 0.67 66.76 34.23
N VAL IB 91 0.29 65.49 34.22
CA VAL IB 91 -0.97 65.09 33.58
C VAL IB 91 -2.15 65.54 34.43
N CYS IB 92 -2.21 65.03 35.66
CA CYS IB 92 -3.29 65.38 36.58
C CYS IB 92 -3.48 66.88 36.66
N ASN IB 93 -2.36 67.59 36.79
CA ASN IB 93 -2.39 69.05 36.86
C ASN IB 93 -3.13 69.65 35.67
N GLU IB 94 -2.67 69.35 34.47
CA GLU IB 94 -3.22 69.96 33.26
C GLU IB 94 -4.67 69.58 33.00
N VAL IB 95 -5.05 68.37 33.37
CA VAL IB 95 -6.44 67.93 33.24
C VAL IB 95 -7.33 68.81 34.10
N ALA IB 96 -6.96 68.93 35.38
CA ALA IB 96 -7.69 69.78 36.31
C ALA IB 96 -7.55 71.25 35.93
N LYS IB 97 -6.36 71.63 35.49
CA LYS IB 97 -6.07 73.00 35.09
C LYS IB 97 -6.90 73.37 33.87
N GLY IB 98 -7.13 72.39 32.99
CA GLY IB 98 -7.91 72.62 31.79
C GLY IB 98 -9.39 72.68 32.08
N VAL IB 99 -9.92 71.64 32.72
CA VAL IB 99 -11.35 71.56 33.05
C VAL IB 99 -11.82 72.74 33.89
N ALA IB 100 -10.94 73.26 34.74
CA ALA IB 100 -11.28 74.39 35.60
C ALA IB 100 -11.13 75.72 34.89
N SER IB 101 -9.89 76.11 34.62
CA SER IB 101 -9.59 77.39 33.98
C SER IB 101 -10.35 77.58 32.67
N LEU IB 102 -10.72 76.47 32.02
CA LEU IB 102 -11.51 76.53 30.80
C LEU IB 102 -12.95 76.07 31.03
N SER IB 103 -13.52 76.55 32.13
CA SER IB 103 -14.93 76.37 32.46
C SER IB 103 -15.48 77.74 32.78
N LEU IB 104 -14.57 78.71 32.88
CA LEU IB 104 -14.93 80.09 33.12
C LEU IB 104 -15.00 80.83 31.78
N GLN IB 105 -14.33 80.29 30.78
CA GLN IB 105 -14.32 80.87 29.44
C GLN IB 105 -15.50 80.39 28.62
N THR IB 106 -16.34 79.55 29.22
CA THR IB 106 -17.49 78.99 28.52
C THR IB 106 -18.79 79.30 29.25
N ASP IB 107 -18.69 79.65 30.52
CA ASP IB 107 -19.85 79.96 31.35
C ASP IB 107 -20.78 78.75 31.48
N ILE IB 108 -20.39 77.64 30.86
CA ILE IB 108 -21.14 76.40 30.95
C ILE IB 108 -20.50 75.45 31.95
N PRO IB 109 -21.29 74.97 32.93
CA PRO IB 109 -20.77 74.09 33.98
C PRO IB 109 -20.02 72.90 33.42
N VAL IB 110 -18.74 72.78 33.74
CA VAL IB 110 -17.95 71.62 33.37
C VAL IB 110 -17.45 70.91 34.61
N ILE IB 111 -18.18 69.86 35.02
CA ILE IB 111 -17.85 69.12 36.23
C ILE IB 111 -16.58 68.28 36.06
N PHE IB 112 -15.66 68.42 37.01
CA PHE IB 112 -14.40 67.69 36.99
C PHE IB 112 -14.53 66.36 37.73
N GLY IB 113 -14.62 65.28 36.98
CA GLY IB 113 -14.75 63.95 37.57
C GLY IB 113 -13.63 63.02 37.13
N VAL IB 114 -12.40 63.47 37.29
CA VAL IB 114 -11.23 62.66 36.93
C VAL IB 114 -10.53 62.11 38.16
N LEU IB 115 -10.54 60.79 38.28
CA LEU IB 115 -9.86 60.12 39.38
C LEU IB 115 -8.36 60.33 39.28
N THR IB 116 -7.76 60.81 40.36
CA THR IB 116 -6.32 61.00 40.42
C THR IB 116 -5.80 60.32 41.69
N THR IB 117 -5.38 59.07 41.53
CA THR IB 117 -5.07 58.22 42.67
C THR IB 117 -3.66 57.64 42.65
N GLU IB 118 -3.35 56.87 43.69
CA GLU IB 118 -2.02 56.32 43.89
C GLU IB 118 -2.01 54.81 43.65
N THR IB 119 -3.14 54.17 43.88
CA THR IB 119 -3.26 52.73 43.75
C THR IB 119 -4.39 52.38 42.79
N ILE IB 120 -4.26 51.22 42.14
CA ILE IB 120 -5.36 50.67 41.36
C ILE IB 120 -6.51 50.40 42.32
N GLU IB 121 -6.17 50.06 43.56
CA GLU IB 121 -7.16 49.79 44.59
C GLU IB 121 -7.96 51.04 44.96
N GLN IB 122 -7.28 52.18 45.00
CA GLN IB 122 -7.93 53.44 45.33
C GLN IB 122 -8.88 53.89 44.21
N ALA IB 123 -8.45 53.68 42.98
CA ALA IB 123 -9.30 53.98 41.83
C ALA IB 123 -10.57 53.13 41.89
N ILE IB 124 -10.41 51.87 42.29
CA ILE IB 124 -11.54 50.97 42.45
C ILE IB 124 -12.42 51.42 43.62
N GLU IB 125 -11.77 51.89 44.67
CA GLU IB 125 -12.49 52.38 45.84
C GLU IB 125 -13.43 53.51 45.46
N ARG IB 126 -13.10 54.19 44.36
CA ARG IB 126 -13.84 55.38 43.95
C ARG IB 126 -14.52 55.19 42.60
N ALA IB 127 -14.84 53.95 42.29
CA ALA IB 127 -15.52 53.67 41.03
C ALA IB 127 -16.70 52.73 41.25
N GLY IB 128 -17.14 52.65 42.46
CA GLY IB 128 -18.23 51.78 42.75
C GLY IB 128 -17.85 50.82 43.85
N THR IB 129 -17.08 51.30 44.79
CA THR IB 129 -16.79 50.41 45.91
C THR IB 129 -17.06 51.14 47.19
N LYS IB 130 -16.22 50.96 48.20
CA LYS IB 130 -16.61 51.56 49.50
C LYS IB 130 -16.54 53.09 49.51
N ALA IB 131 -16.25 53.77 48.40
CA ALA IB 131 -16.29 55.24 48.43
C ALA IB 131 -17.44 55.72 47.56
N GLY IB 132 -18.01 54.74 46.81
CA GLY IB 132 -19.10 54.99 45.91
C GLY IB 132 -18.54 55.24 44.51
N ASN IB 133 -19.40 55.61 43.57
CA ASN IB 133 -18.96 55.87 42.20
C ASN IB 133 -18.83 57.37 41.92
N LYS IB 134 -17.60 57.81 41.68
CA LYS IB 134 -17.33 59.23 41.47
C LYS IB 134 -17.87 59.74 40.14
N GLY IB 135 -18.38 58.83 39.33
CA GLY IB 135 -19.01 59.19 38.07
C GLY IB 135 -20.47 59.55 38.29
N TYR IB 136 -21.10 58.84 39.20
CA TYR IB 136 -22.49 59.09 39.56
C TYR IB 136 -22.59 60.40 40.34
N GLU IB 137 -21.59 60.66 41.18
CA GLU IB 137 -21.59 61.86 41.99
C GLU IB 137 -21.31 63.09 41.13
N SER IB 138 -20.47 62.91 40.10
CA SER IB 138 -20.12 64.01 39.21
C SER IB 138 -21.26 64.35 38.27
N ALA IB 139 -22.24 63.45 38.18
CA ALA IB 139 -23.44 63.71 37.39
C ALA IB 139 -24.44 64.51 38.21
N VAL IB 140 -24.66 64.07 39.44
CA VAL IB 140 -25.52 64.80 40.37
C VAL IB 140 -25.09 66.26 40.44
N ALA IB 141 -23.77 66.46 40.50
CA ALA IB 141 -23.21 67.80 40.52
C ALA IB 141 -23.47 68.52 39.20
N ALA IB 142 -23.36 67.79 38.10
CA ALA IB 142 -23.58 68.36 36.78
C ALA IB 142 -24.98 68.92 36.64
N ILE IB 143 -25.97 68.12 37.05
CA ILE IB 143 -27.37 68.55 37.01
C ILE IB 143 -27.56 69.81 37.83
N GLU IB 144 -27.15 69.76 39.10
CA GLU IB 144 -27.31 70.90 39.99
C GLU IB 144 -26.65 72.16 39.43
N MET IB 145 -25.46 72.01 38.86
CA MET IB 145 -24.73 73.15 38.31
C MET IB 145 -25.48 73.79 37.16
N ALA IB 146 -25.81 72.98 36.16
CA ALA IB 146 -26.56 73.47 35.01
C ALA IB 146 -27.89 74.04 35.46
N HIS IB 147 -28.44 73.45 36.52
CA HIS IB 147 -29.75 73.82 37.03
C HIS IB 147 -29.62 75.04 37.94
N LEU IB 148 -28.39 75.50 38.15
CA LEU IB 148 -28.14 76.64 39.02
C LEU IB 148 -27.77 77.87 38.22
N SER IB 149 -27.55 77.70 36.93
CA SER IB 149 -27.22 78.81 36.05
C SER IB 149 -28.48 79.55 35.63
N LYS IB 150 -29.10 80.26 36.56
CA LYS IB 150 -30.26 81.08 36.26
C LYS IB 150 -29.96 82.57 36.40
N HIS IB 151 -29.15 82.92 37.38
CA HIS IB 151 -28.64 84.29 37.47
C HIS IB 151 -27.46 84.43 36.52
N TRP IB 152 -27.69 84.03 35.27
CA TRP IB 152 -26.67 83.97 34.24
C TRP IB 152 -27.17 84.71 32.99
N ALA IB 153 -26.47 84.55 31.89
CA ALA IB 153 -26.84 85.18 30.62
C ALA IB 153 -26.71 86.70 30.68
N VAL JB 2 -1.62 107.97 51.65
CA VAL JB 2 -1.94 106.80 52.47
C VAL JB 2 -3.40 106.36 52.32
N PHE JB 3 -3.63 105.38 51.45
CA PHE JB 3 -4.98 104.92 51.13
C PHE JB 3 -5.30 103.62 51.88
N GLU JB 4 -6.02 103.74 53.00
CA GLU JB 4 -6.43 102.57 53.78
C GLU JB 4 -7.92 102.27 53.58
N GLY JB 5 -8.40 101.20 54.20
CA GLY JB 5 -9.78 100.77 54.03
C GLY JB 5 -10.65 100.86 55.28
N HIS JB 6 -11.89 101.30 55.08
CA HIS JB 6 -12.86 101.42 56.16
C HIS JB 6 -13.20 100.04 56.72
N LEU JB 7 -14.03 99.99 57.75
CA LEU JB 7 -14.42 98.70 58.34
C LEU JB 7 -15.88 98.63 58.78
N VAL JB 8 -16.58 99.76 58.76
CA VAL JB 8 -18.01 99.75 58.99
C VAL JB 8 -18.72 99.68 57.64
N GLY JB 9 -19.61 98.69 57.49
CA GLY JB 9 -20.31 98.51 56.22
C GLY JB 9 -21.79 98.78 56.30
N THR JB 10 -22.15 99.99 56.74
CA THR JB 10 -23.56 100.35 56.89
C THR JB 10 -24.36 100.07 55.61
N GLY JB 11 -23.86 100.55 54.47
CA GLY JB 11 -24.55 100.36 53.22
C GLY JB 11 -23.78 99.52 52.23
N LEU JB 12 -23.70 98.22 52.50
CA LEU JB 12 -22.94 97.32 51.64
C LEU JB 12 -23.80 96.25 50.97
N LYS JB 13 -23.34 95.78 49.82
CA LYS JB 13 -24.05 94.76 49.07
C LYS JB 13 -23.11 93.55 48.91
N VAL JB 14 -23.28 92.55 49.75
CA VAL JB 14 -22.34 91.42 49.75
C VAL JB 14 -22.98 90.13 49.22
N GLY JB 15 -22.18 89.36 48.48
CA GLY JB 15 -22.62 88.08 47.97
C GLY JB 15 -21.70 86.96 48.40
N VAL JB 16 -22.27 85.82 48.76
CA VAL JB 16 -21.50 84.70 49.29
C VAL JB 16 -21.74 83.40 48.51
N VAL JB 17 -20.65 82.70 48.21
CA VAL JB 17 -20.73 81.41 47.53
C VAL JB 17 -20.16 80.32 48.43
N VAL JB 18 -21.03 79.45 48.92
CA VAL JB 18 -20.60 78.39 49.84
C VAL JB 18 -20.71 76.99 49.23
N GLY JB 19 -19.67 76.19 49.43
CA GLY JB 19 -19.64 74.83 48.92
C GLY JB 19 -20.33 73.89 49.88
N ARG JB 20 -21.22 73.06 49.34
CA ARG JB 20 -22.02 72.16 50.17
C ARG JB 20 -21.19 71.01 50.76
N PHE JB 21 -20.21 70.53 49.99
CA PHE JB 21 -19.36 69.44 50.46
C PHE JB 21 -18.71 69.80 51.78
N ASN JB 22 -18.67 68.85 52.71
CA ASN JB 22 -18.20 69.12 54.07
C ASN JB 22 -19.09 70.15 54.74
N GLU JB 23 -20.38 70.07 54.47
CA GLU JB 23 -21.38 70.99 55.02
C GLU JB 23 -21.21 71.13 56.53
N PHE JB 24 -20.74 70.07 57.17
CA PHE JB 24 -20.55 70.06 58.61
C PHE JB 24 -19.67 71.23 59.06
N ILE JB 25 -18.75 71.64 58.20
CA ILE JB 25 -17.83 72.73 58.50
C ILE JB 25 -18.27 74.02 57.83
N THR JB 26 -18.53 73.95 56.52
CA THR JB 26 -18.93 75.12 55.76
C THR JB 26 -20.18 75.77 56.35
N SER JB 27 -20.98 74.96 57.04
CA SER JB 27 -22.19 75.47 57.69
C SER JB 27 -21.81 76.54 58.70
N LYS JB 28 -21.13 76.15 59.77
CA LYS JB 28 -20.69 77.09 60.78
C LYS JB 28 -19.80 78.16 60.16
N LEU JB 29 -19.14 77.80 59.07
CA LEU JB 29 -18.24 78.71 58.39
C LEU JB 29 -18.98 79.85 57.72
N LEU JB 30 -20.17 79.55 57.19
CA LEU JB 30 -21.03 80.58 56.59
C LEU JB 30 -21.64 81.44 57.68
N GLY JB 31 -22.13 80.80 58.73
CA GLY JB 31 -22.71 81.51 59.84
C GLY JB 31 -21.75 82.53 60.43
N GLY JB 32 -20.46 82.30 60.23
CA GLY JB 32 -19.44 83.24 60.70
C GLY JB 32 -19.46 84.52 59.89
N ALA JB 33 -19.57 84.40 58.58
CA ALA JB 33 -19.60 85.56 57.70
C ALA JB 33 -20.96 86.24 57.75
N LEU JB 34 -22.00 85.43 57.79
CA LEU JB 34 -23.37 85.93 57.75
C LEU JB 34 -23.78 86.48 59.11
N ASP JB 35 -22.83 86.54 60.04
CA ASP JB 35 -23.06 87.10 61.36
C ASP JB 35 -22.02 88.16 61.66
N GLY JB 36 -20.94 88.16 60.88
CA GLY JB 36 -19.93 89.19 60.95
C GLY JB 36 -20.37 90.37 60.11
N LEU JB 37 -21.01 90.06 59.00
CA LEU JB 37 -21.57 91.10 58.15
C LEU JB 37 -22.70 91.81 58.86
N LYS JB 38 -23.67 91.03 59.34
CA LYS JB 38 -24.82 91.58 60.04
C LYS JB 38 -24.41 92.53 61.16
N ARG JB 39 -23.53 92.06 62.03
CA ARG JB 39 -23.14 92.84 63.20
C ARG JB 39 -22.16 93.97 62.89
N HIS JB 40 -21.68 94.01 61.67
CA HIS JB 40 -20.82 95.08 61.21
C HIS JB 40 -21.67 96.14 60.53
N GLY JB 41 -22.98 96.04 60.60
CA GLY JB 41 -23.78 97.07 60.04
C GLY JB 41 -24.25 96.75 58.62
N VAL JB 42 -23.88 95.57 58.10
CA VAL JB 42 -24.37 95.21 56.79
C VAL JB 42 -25.69 94.53 57.00
N GLU JB 43 -26.63 94.93 56.20
CA GLU JB 43 -28.00 94.43 56.18
C GLU JB 43 -28.14 92.92 56.12
N GLU JB 44 -28.98 92.38 57.01
CA GLU JB 44 -29.30 90.97 57.07
C GLU JB 44 -30.14 90.60 55.84
N ASN JB 45 -30.71 91.61 55.21
CA ASN JB 45 -31.55 91.41 54.06
C ASN JB 45 -30.82 91.76 52.78
N ASP JB 46 -29.54 92.13 52.85
CA ASP JB 46 -28.80 92.53 51.66
C ASP JB 46 -27.64 91.57 51.40
N ILE JB 47 -27.85 90.31 51.76
CA ILE JB 47 -26.82 89.28 51.57
C ILE JB 47 -27.40 88.08 50.83
N ASP JB 48 -26.74 87.72 49.73
CA ASP JB 48 -27.15 86.55 48.95
C ASP JB 48 -26.15 85.40 49.10
N VAL JB 49 -26.67 84.19 49.26
CA VAL JB 49 -25.82 83.02 49.39
C VAL JB 49 -26.04 82.03 48.24
N ALA JB 50 -24.95 81.56 47.66
CA ALA JB 50 -25.01 80.64 46.54
C ALA JB 50 -24.36 79.30 46.89
N TRP JB 51 -25.18 78.27 47.03
CA TRP JB 51 -24.70 76.94 47.35
C TRP JB 51 -24.26 76.18 46.10
N VAL JB 52 -22.97 75.86 46.04
CA VAL JB 52 -22.44 75.06 44.95
C VAL JB 52 -22.12 73.65 45.45
N PRO JB 53 -22.02 72.68 44.49
CA PRO JB 53 -21.77 71.30 44.93
C PRO JB 53 -20.64 71.28 45.99
N GLY JB 54 -19.45 71.76 45.57
CA GLY JB 54 -18.21 71.86 46.36
C GLY JB 54 -17.28 72.99 45.83
N ALA JB 55 -16.14 73.12 46.47
CA ALA JB 55 -15.15 74.14 46.12
C ALA JB 55 -14.84 74.19 44.63
N PHE JB 56 -14.57 73.07 43.96
CA PHE JB 56 -14.21 73.19 42.56
C PHE JB 56 -15.22 74.02 41.76
N GLU JB 57 -16.47 74.06 42.15
CA GLU JB 57 -17.45 74.81 41.37
C GLU JB 57 -17.57 76.26 41.78
N ILE JB 58 -16.87 76.65 42.87
CA ILE JB 58 -16.92 78.02 43.47
C ILE JB 58 -16.34 79.20 42.63
N PRO JB 59 -15.39 78.87 41.78
CA PRO JB 59 -14.90 79.87 40.83
C PRO JB 59 -15.94 80.26 39.77
N LEU JB 60 -16.67 79.29 39.24
CA LEU JB 60 -17.64 79.56 38.19
C LEU JB 60 -18.80 80.42 38.70
N ILE JB 61 -19.46 79.96 39.75
CA ILE JB 61 -20.61 80.67 40.30
C ILE JB 61 -20.22 81.99 40.98
N ALA JB 62 -19.02 82.05 41.53
CA ALA JB 62 -18.51 83.27 42.12
C ALA JB 62 -18.30 84.33 41.03
N LYS JB 63 -18.00 83.87 39.83
CA LYS JB 63 -17.82 84.74 38.68
C LYS JB 63 -19.13 85.37 38.26
N LYS JB 64 -20.18 84.56 38.18
CA LYS JB 64 -21.49 85.02 37.73
C LYS JB 64 -22.21 85.87 38.79
N MET JB 65 -21.55 86.07 39.93
CA MET JB 65 -22.08 86.95 40.97
C MET JB 65 -21.33 88.28 40.94
N ALA JB 66 -20.04 88.23 40.66
CA ALA JB 66 -19.25 89.44 40.50
C ALA JB 66 -19.62 90.10 39.17
N ASN JB 67 -19.72 89.28 38.12
CA ASN JB 67 -20.17 89.76 36.82
C ASN JB 67 -21.62 90.20 36.88
N SER JB 68 -22.34 89.71 37.89
CA SER JB 68 -23.73 90.11 38.11
C SER JB 68 -23.82 91.60 38.40
N GLY JB 69 -22.69 92.19 38.81
CA GLY JB 69 -22.64 93.61 39.11
C GLY JB 69 -23.70 94.04 40.11
N LYS JB 70 -23.85 93.27 41.18
CA LYS JB 70 -24.87 93.55 42.18
C LYS JB 70 -24.25 93.62 43.57
N TYR JB 71 -22.99 93.23 43.68
CA TYR JB 71 -22.33 93.17 44.98
C TYR JB 71 -21.03 93.97 44.98
N ASP JB 72 -20.74 94.61 46.11
CA ASP JB 72 -19.51 95.36 46.28
C ASP JB 72 -18.34 94.40 46.46
N ALA JB 73 -18.64 93.23 47.01
CA ALA JB 73 -17.64 92.20 47.22
C ALA JB 73 -18.31 90.84 47.32
N VAL JB 74 -17.57 89.80 46.94
CA VAL JB 74 -18.09 88.44 47.02
C VAL JB 74 -17.19 87.59 47.91
N ILE JB 75 -17.81 86.90 48.87
CA ILE JB 75 -17.10 86.02 49.79
C ILE JB 75 -17.25 84.57 49.37
N THR JB 76 -16.13 83.84 49.29
CA THR JB 76 -16.15 82.43 48.92
C THR JB 76 -15.86 81.53 50.11
N LEU JB 77 -16.86 80.78 50.54
CA LEU JB 77 -16.72 79.88 51.67
C LEU JB 77 -16.74 78.41 51.24
N GLY JB 78 -15.88 77.60 51.85
CA GLY JB 78 -15.82 76.19 51.54
C GLY JB 78 -14.85 75.46 52.43
N THR JB 79 -14.80 74.14 52.33
CA THR JB 79 -13.86 73.35 53.12
C THR JB 79 -13.37 72.12 52.34
N VAL JB 80 -12.06 71.94 52.32
CA VAL JB 80 -11.46 70.79 51.64
C VAL JB 80 -10.46 70.13 52.58
N ILE JB 81 -10.58 68.83 52.76
CA ILE JB 81 -9.71 68.10 53.68
C ILE JB 81 -8.96 66.96 53.00
N ARG JB 82 -7.70 66.81 53.37
CA ARG JB 82 -6.83 65.76 52.83
C ARG JB 82 -7.52 64.40 52.71
N GLY JB 83 -7.26 63.71 51.61
CA GLY JB 83 -7.74 62.36 51.42
C GLY JB 83 -6.56 61.42 51.35
N ALA JB 84 -6.72 60.32 50.62
CA ALA JB 84 -5.64 59.36 50.41
C ALA JB 84 -4.94 59.65 49.08
N THR JB 85 -5.60 60.42 48.22
CA THR JB 85 -5.06 60.72 46.89
C THR JB 85 -4.69 62.19 46.76
N THR JB 86 -3.97 62.51 45.70
CA THR JB 86 -3.55 63.89 45.43
C THR JB 86 -4.71 64.71 44.88
N HIS JB 87 -5.89 64.10 44.85
CA HIS JB 87 -7.10 64.78 44.39
C HIS JB 87 -7.30 66.07 45.17
N TYR JB 88 -6.97 66.02 46.45
CA TYR JB 88 -7.11 67.16 47.34
C TYR JB 88 -6.31 68.37 46.87
N ASP JB 89 -5.15 68.12 46.27
CA ASP JB 89 -4.24 69.19 45.86
C ASP JB 89 -4.78 69.99 44.68
N TYR JB 90 -5.24 69.28 43.65
CA TYR JB 90 -5.74 69.92 42.45
C TYR JB 90 -7.01 70.71 42.72
N VAL JB 91 -7.79 70.24 43.68
CA VAL JB 91 -9.00 70.96 44.09
C VAL JB 91 -8.63 72.27 44.77
N CYS JB 92 -7.90 72.17 45.88
CA CYS JB 92 -7.46 73.35 46.62
C CYS JB 92 -6.82 74.36 45.68
N ASN JB 93 -5.89 73.89 44.85
CA ASN JB 93 -5.19 74.75 43.92
C ASN JB 93 -6.16 75.54 43.05
N GLU JB 94 -7.00 74.84 42.30
CA GLU JB 94 -7.90 75.48 41.35
C GLU JB 94 -8.92 76.39 42.01
N VAL JB 95 -9.33 76.07 43.23
CA VAL JB 95 -10.21 76.96 43.99
C VAL JB 95 -9.47 78.25 44.33
N ALA JB 96 -8.34 78.11 45.00
CA ALA JB 96 -7.49 79.26 45.33
C ALA JB 96 -6.70 79.71 44.10
N LYS JB 97 -7.29 79.54 42.93
CA LYS JB 97 -6.64 79.94 41.68
C LYS JB 97 -7.62 80.69 40.77
N GLY JB 98 -8.82 80.14 40.63
CA GLY JB 98 -9.93 80.89 40.07
C GLY JB 98 -10.39 82.00 40.99
N VAL JB 99 -10.88 81.63 42.17
CA VAL JB 99 -11.22 82.61 43.20
C VAL JB 99 -10.09 83.62 43.39
N ALA JB 100 -8.88 83.21 43.05
CA ALA JB 100 -7.70 83.47 43.89
C ALA JB 100 -7.02 84.78 43.49
N SER JB 101 -6.55 84.84 42.26
CA SER JB 101 -6.26 86.11 41.60
C SER JB 101 -6.85 86.16 40.20
N LEU JB 102 -7.19 85.00 39.66
CA LEU JB 102 -8.00 84.92 38.44
C LEU JB 102 -9.07 86.01 38.42
N SER JB 103 -9.77 86.16 39.54
CA SER JB 103 -10.89 87.09 39.60
C SER JB 103 -10.44 88.51 39.84
N LEU JB 104 -9.48 88.96 39.04
CA LEU JB 104 -9.02 90.33 39.08
C LEU JB 104 -9.67 90.96 37.89
N GLN JB 105 -10.06 90.11 36.97
CA GLN JB 105 -10.63 90.59 35.75
C GLN JB 105 -11.83 91.50 35.95
N THR JB 106 -12.64 91.22 36.97
CA THR JB 106 -13.91 91.95 37.27
C THR JB 106 -13.70 93.27 37.99
N ASP JB 107 -12.66 93.25 38.76
CA ASP JB 107 -12.36 94.35 39.58
C ASP JB 107 -13.45 94.49 40.64
N ILE JB 108 -13.98 93.36 41.10
CA ILE JB 108 -14.91 93.36 42.21
C ILE JB 108 -14.17 92.58 43.28
N PRO JB 109 -14.17 93.08 44.53
CA PRO JB 109 -13.40 92.32 45.54
C PRO JB 109 -13.82 90.88 45.73
N VAL JB 110 -12.91 89.89 45.57
CA VAL JB 110 -13.36 88.53 45.84
C VAL JB 110 -12.48 87.93 46.93
N ILE JB 111 -13.05 87.77 48.12
CA ILE JB 111 -12.32 87.26 49.27
C ILE JB 111 -12.27 85.73 49.25
N PHE JB 112 -11.08 85.18 49.32
CA PHE JB 112 -10.89 83.74 49.36
C PHE JB 112 -10.97 83.23 50.80
N GLY JB 113 -12.11 82.62 51.13
CA GLY JB 113 -12.30 82.08 52.47
C GLY JB 113 -12.62 80.60 52.43
N VAL JB 114 -11.78 79.85 51.72
CA VAL JB 114 -11.95 78.40 51.62
C VAL JB 114 -10.93 77.68 52.48
N LEU JB 115 -11.43 76.97 53.49
CA LEU JB 115 -10.56 76.20 54.37
C LEU JB 115 -9.89 75.05 53.62
N THR JB 116 -8.58 74.98 53.74
CA THR JB 116 -7.82 73.91 53.11
C THR JB 116 -6.89 73.28 54.15
N THR JB 117 -7.37 72.21 54.78
CA THR JB 117 -6.70 71.65 55.95
C THR JB 117 -6.23 70.22 55.76
N GLU JB 118 -5.77 69.61 56.86
CA GLU JB 118 -5.27 68.25 56.86
C GLU JB 118 -6.17 67.33 57.68
N THR JB 119 -6.72 67.88 58.75
CA THR JB 119 -7.53 67.10 59.67
C THR JB 119 -8.95 67.65 59.73
N ILE JB 120 -9.90 66.76 59.99
CA ILE JB 120 -11.27 67.18 60.29
C ILE JB 120 -11.22 68.02 61.56
N GLU JB 121 -10.24 67.74 62.40
CA GLU JB 121 -10.06 68.48 63.65
C GLU JB 121 -9.44 69.85 63.40
N GLN JB 122 -8.69 69.98 62.31
CA GLN JB 122 -8.08 71.27 61.98
C GLN JB 122 -9.11 72.21 61.38
N ALA JB 123 -9.91 71.69 60.45
CA ALA JB 123 -10.99 72.47 59.87
C ALA JB 123 -11.95 72.92 60.96
N ILE JB 124 -12.17 72.05 61.94
CA ILE JB 124 -13.08 72.35 63.04
C ILE JB 124 -12.48 73.40 63.98
N GLU JB 125 -11.16 73.62 63.84
CA GLU JB 125 -10.47 74.63 64.64
C GLU JB 125 -10.74 76.02 64.08
N ARG JB 126 -10.82 76.13 62.76
CA ARG JB 126 -11.06 77.40 62.09
C ARG JB 126 -12.52 77.64 61.81
N ALA JB 127 -13.36 76.66 62.12
CA ALA JB 127 -14.79 76.77 61.87
C ALA JB 127 -15.55 77.42 63.04
N GLY JB 128 -14.81 78.11 63.87
CA GLY JB 128 -15.41 78.72 64.98
C GLY JB 128 -14.91 78.05 66.26
N THR JB 129 -13.60 77.80 66.38
CA THR JB 129 -13.05 77.24 67.62
C THR JB 129 -11.73 77.91 67.89
N LYS JB 130 -10.79 77.17 68.39
CA LYS JB 130 -9.48 77.72 68.76
C LYS JB 130 -8.94 78.84 67.85
N ALA JB 131 -8.85 78.63 66.56
CA ALA JB 131 -8.28 79.67 65.72
C ALA JB 131 -9.31 80.77 65.37
N GLY JB 132 -10.59 80.59 65.76
CA GLY JB 132 -11.66 81.56 65.46
C GLY JB 132 -12.45 81.12 64.21
N ASN JB 133 -13.47 81.88 63.81
CA ASN JB 133 -14.23 81.54 62.61
C ASN JB 133 -13.70 82.27 61.38
N LYS JB 134 -13.12 81.51 60.45
CA LYS JB 134 -12.50 82.08 59.26
C LYS JB 134 -13.53 82.64 58.28
N GLY JB 135 -14.81 82.40 58.57
CA GLY JB 135 -15.88 82.99 57.79
C GLY JB 135 -16.13 84.41 58.24
N TYR JB 136 -16.11 84.62 59.55
CA TYR JB 136 -16.24 85.94 60.13
C TYR JB 136 -15.10 86.82 59.64
N GLU JB 137 -13.88 86.29 59.67
CA GLU JB 137 -12.70 87.05 59.27
C GLU JB 137 -12.72 87.36 57.78
N SER JB 138 -13.32 86.49 56.98
CA SER JB 138 -13.37 86.68 55.54
C SER JB 138 -14.47 87.67 55.15
N ALA JB 139 -15.34 87.98 56.11
CA ALA JB 139 -16.38 88.98 55.91
C ALA JB 139 -15.83 90.36 56.25
N VAL JB 140 -15.05 90.43 57.33
CA VAL JB 140 -14.38 91.66 57.71
C VAL JB 140 -13.44 92.12 56.59
N ALA JB 141 -12.84 91.14 55.91
CA ALA JB 141 -11.97 91.42 54.77
C ALA JB 141 -12.78 91.94 53.59
N ALA JB 142 -14.01 91.44 53.45
CA ALA JB 142 -14.87 91.85 52.35
C ALA JB 142 -15.30 93.30 52.50
N ILE JB 143 -15.73 93.67 53.71
CA ILE JB 143 -16.13 95.04 53.99
C ILE JB 143 -14.98 96.00 53.73
N GLU JB 144 -13.79 95.64 54.22
CA GLU JB 144 -12.62 96.47 54.05
C GLU JB 144 -12.26 96.63 52.57
N MET JB 145 -12.17 95.51 51.86
CA MET JB 145 -11.87 95.56 50.43
C MET JB 145 -12.87 96.43 49.69
N ALA JB 146 -14.15 96.25 50.01
CA ALA JB 146 -15.20 97.03 49.39
C ALA JB 146 -14.93 98.53 49.55
N HIS JB 147 -14.61 98.93 50.79
CA HIS JB 147 -14.33 100.32 51.09
C HIS JB 147 -12.94 100.74 50.61
N LEU JB 148 -12.57 100.30 49.41
CA LEU JB 148 -11.34 100.72 48.78
C LEU JB 148 -11.67 101.04 47.32
N SER JB 149 -11.77 102.37 47.06
CA SER JB 149 -12.24 102.89 45.77
C SER JB 149 -11.37 103.84 44.93
N LYS JB 150 -10.78 103.16 43.98
CA LYS JB 150 -10.04 103.66 42.89
C LYS JB 150 -10.77 102.81 41.81
N HIS JB 151 -10.98 103.35 40.61
CA HIS JB 151 -11.64 102.63 39.55
C HIS JB 151 -10.87 102.80 38.29
N TRP JB 152 -10.76 101.73 37.56
CA TRP JB 152 -10.01 101.88 36.34
C TRP JB 152 -10.89 102.36 35.23
N ALA JB 153 -10.38 103.36 34.50
CA ALA JB 153 -11.09 103.96 33.39
C ALA JB 153 -10.17 104.90 32.60
N VAL KB 2 24.28 98.02 26.02
CA VAL KB 2 24.26 97.79 27.47
C VAL KB 2 23.27 98.72 28.16
N PHE KB 3 22.45 98.17 29.05
CA PHE KB 3 21.35 98.92 29.67
C PHE KB 3 21.23 98.70 31.18
N GLU KB 4 22.11 99.33 31.96
CA GLU KB 4 22.02 99.24 33.41
C GLU KB 4 20.89 100.14 33.93
N GLY KB 5 20.50 99.95 35.18
CA GLY KB 5 19.44 100.73 35.78
C GLY KB 5 19.92 101.70 36.85
N HIS KB 6 19.51 102.95 36.71
CA HIS KB 6 19.88 104.02 37.64
C HIS KB 6 19.46 103.65 39.06
N LEU KB 7 20.06 104.29 40.06
CA LEU KB 7 19.73 103.97 41.45
C LEU KB 7 19.35 105.21 42.28
N VAL KB 8 19.58 106.39 41.73
CA VAL KB 8 19.17 107.62 42.39
C VAL KB 8 17.79 108.02 41.88
N GLY KB 9 16.77 107.88 42.74
CA GLY KB 9 15.41 108.15 42.33
C GLY KB 9 14.85 109.45 42.88
N THR KB 10 15.48 110.56 42.52
CA THR KB 10 15.04 111.87 42.98
C THR KB 10 13.61 112.15 42.56
N GLY KB 11 13.38 112.20 41.25
CA GLY KB 11 12.05 112.53 40.73
C GLY KB 11 11.19 111.31 40.45
N LEU KB 12 10.88 110.54 41.48
CA LEU KB 12 10.09 109.33 41.31
C LEU KB 12 8.82 109.36 42.13
N LYS KB 13 7.76 108.75 41.59
CA LYS KB 13 6.54 108.51 42.33
C LYS KB 13 6.39 107.01 42.57
N VAL KB 14 6.38 106.60 43.83
CA VAL KB 14 6.26 105.19 44.16
C VAL KB 14 4.96 104.89 44.89
N GLY KB 15 4.44 103.68 44.70
CA GLY KB 15 3.24 103.25 45.38
C GLY KB 15 3.46 101.93 46.09
N VAL KB 16 3.03 101.84 47.34
CA VAL KB 16 3.26 100.64 48.14
C VAL KB 16 1.96 100.01 48.60
N VAL KB 17 1.89 98.68 48.53
CA VAL KB 17 0.74 97.93 49.00
C VAL KB 17 1.17 96.93 50.07
N VAL KB 18 0.79 97.21 51.31
CA VAL KB 18 1.22 96.38 52.44
C VAL KB 18 0.06 95.59 53.04
N GLY KB 19 0.35 94.37 53.47
CA GLY KB 19 -0.65 93.51 54.08
C GLY KB 19 -0.71 93.69 55.58
N ARG KB 20 -1.94 93.79 56.10
CA ARG KB 20 -2.15 94.04 57.52
C ARG KB 20 -1.83 92.81 58.36
N PHE KB 21 -2.12 91.64 57.82
CA PHE KB 21 -1.81 90.40 58.53
C PHE KB 21 -0.32 90.28 58.77
N ASN KB 22 0.04 89.78 59.94
CA ASN KB 22 1.45 89.76 60.36
C ASN KB 22 2.00 91.18 60.42
N GLU KB 23 1.16 92.10 60.88
CA GLU KB 23 1.52 93.51 60.98
C GLU KB 23 2.81 93.69 61.77
N PHE KB 24 3.02 92.81 62.75
CA PHE KB 24 4.21 92.84 63.58
C PHE KB 24 5.47 92.83 62.73
N ILE KB 25 5.41 92.16 61.59
CA ILE KB 25 6.55 92.07 60.68
C ILE KB 25 6.44 93.07 59.54
N THR KB 26 5.29 93.08 58.87
CA THR KB 26 5.06 93.97 57.74
C THR KB 26 5.25 95.43 58.12
N SER KB 27 5.06 95.75 59.40
CA SER KB 27 5.28 97.10 59.90
C SER KB 27 6.71 97.54 59.63
N LYS KB 28 7.66 96.88 60.27
CA LYS KB 28 9.08 97.18 60.09
C LYS KB 28 9.49 96.94 58.63
N LEU KB 29 8.70 96.13 57.93
CA LEU KB 29 8.97 95.81 56.54
C LEU KB 29 8.65 97.02 55.67
N LEU KB 30 7.62 97.75 56.07
CA LEU KB 30 7.25 99.00 55.39
C LEU KB 30 8.29 100.07 55.72
N GLY KB 31 9.04 99.85 56.79
CA GLY KB 31 10.14 100.72 57.13
C GLY KB 31 11.18 100.72 56.03
N GLY KB 32 10.97 99.88 55.02
CA GLY KB 32 11.82 99.85 53.84
C GLY KB 32 11.43 100.93 52.87
N ALA KB 33 10.14 101.29 52.87
CA ALA KB 33 9.67 102.43 52.09
C ALA KB 33 10.38 103.68 52.56
N LEU KB 34 9.99 104.17 53.72
CA LEU KB 34 10.71 105.28 54.36
C LEU KB 34 12.09 104.78 54.74
N ASP KB 35 13.00 105.72 55.06
CA ASP KB 35 14.39 105.37 55.32
C ASP KB 35 14.93 104.45 54.23
N GLY KB 36 14.29 104.46 53.07
CA GLY KB 36 14.68 103.62 51.95
C GLY KB 36 14.54 104.37 50.65
N LEU KB 37 13.30 104.68 50.27
CA LEU KB 37 13.04 105.54 49.14
C LEU KB 37 13.46 106.96 49.46
N LYS KB 38 13.29 107.33 50.73
CA LYS KB 38 13.66 108.66 51.20
C LYS KB 38 15.13 108.97 50.90
N ARG KB 39 16.03 108.16 51.44
CA ARG KB 39 17.46 108.41 51.32
C ARG KB 39 17.98 108.23 49.91
N HIS KB 40 17.17 107.65 49.03
CA HIS KB 40 17.59 107.47 47.64
C HIS KB 40 17.10 108.60 46.74
N GLY KB 41 16.45 109.59 47.33
CA GLY KB 41 16.04 110.78 46.59
C GLY KB 41 14.55 111.04 46.56
N VAL KB 42 13.75 109.98 46.63
CA VAL KB 42 12.29 110.11 46.54
C VAL KB 42 11.73 111.09 47.57
N GLU KB 43 10.73 111.89 47.17
CA GLU KB 43 10.16 112.92 48.04
C GLU KB 43 9.27 112.38 49.16
N GLU KB 44 9.51 112.87 50.39
CA GLU KB 44 8.80 112.51 51.62
C GLU KB 44 7.32 112.66 51.41
N ASN KB 45 6.66 111.54 51.69
CA ASN KB 45 5.26 111.26 51.44
C ASN KB 45 4.90 111.92 50.09
N ASP KB 46 5.45 111.26 49.06
CA ASP KB 46 5.23 111.49 47.62
C ASP KB 46 5.08 110.06 47.17
N ILE KB 47 4.90 109.30 48.20
CA ILE KB 47 4.75 107.89 48.12
C ILE KB 47 3.46 107.51 48.83
N ASP KB 48 2.63 106.70 48.19
CA ASP KB 48 1.36 106.27 48.80
C ASP KB 48 1.41 104.83 49.29
N VAL KB 49 0.76 104.60 50.43
CA VAL KB 49 0.71 103.27 51.03
C VAL KB 49 -0.71 102.75 51.10
N ALA KB 50 -0.91 101.54 50.57
CA ALA KB 50 -2.22 100.91 50.57
C ALA KB 50 -2.25 99.69 51.48
N TRP KB 51 -3.07 99.75 52.52
CA TRP KB 51 -3.20 98.64 53.45
C TRP KB 51 -4.32 97.69 53.03
N VAL KB 52 -3.95 96.43 52.79
CA VAL KB 52 -4.91 95.41 52.43
C VAL KB 52 -4.93 94.32 53.50
N PRO KB 53 -6.10 93.72 53.72
CA PRO KB 53 -6.30 92.68 54.74
C PRO KB 53 -5.18 91.63 54.77
N GLY KB 54 -5.20 90.72 53.81
CA GLY KB 54 -4.21 89.67 53.75
C GLY KB 54 -3.28 89.82 52.56
N ALA KB 55 -2.17 89.07 52.59
CA ALA KB 55 -1.22 89.07 51.48
C ALA KB 55 -1.93 88.67 50.20
N PHE KB 56 -3.04 87.95 50.37
CA PHE KB 56 -3.83 87.45 49.25
C PHE KB 56 -4.53 88.58 48.49
N GLU KB 57 -4.81 89.67 49.20
CA GLU KB 57 -5.55 90.79 48.62
C GLU KB 57 -4.61 91.78 47.96
N ILE KB 58 -3.31 91.57 48.12
CA ILE KB 58 -2.32 92.48 47.54
C ILE KB 58 -2.42 92.63 46.03
N PRO KB 59 -2.43 91.51 45.29
CA PRO KB 59 -2.49 91.57 43.83
C PRO KB 59 -3.58 92.49 43.30
N LEU KB 60 -4.78 92.39 43.85
CA LEU KB 60 -5.90 93.21 43.38
C LEU KB 60 -5.63 94.71 43.50
N ILE KB 61 -5.25 95.14 44.69
CA ILE KB 61 -5.02 96.56 44.97
C ILE KB 61 -3.69 97.06 44.41
N ALA KB 62 -2.72 96.15 44.30
CA ALA KB 62 -1.46 96.49 43.65
C ALA KB 62 -1.75 96.86 42.20
N LYS KB 63 -2.79 96.26 41.65
CA LYS KB 63 -3.24 96.58 40.30
C LYS KB 63 -3.89 97.95 40.25
N LYS KB 64 -4.99 98.12 40.98
CA LYS KB 64 -5.76 99.37 40.96
C LYS KB 64 -4.97 100.57 41.47
N MET KB 65 -3.66 100.43 41.54
CA MET KB 65 -2.78 101.55 41.82
C MET KB 65 -1.89 101.82 40.61
N ALA KB 66 -1.13 100.80 40.22
CA ALA KB 66 -0.29 100.89 39.03
C ALA KB 66 -1.12 100.87 37.76
N ASN KB 67 -2.37 100.43 37.88
CA ASN KB 67 -3.24 100.27 36.73
C ASN KB 67 -3.33 101.54 35.90
N SER KB 68 -3.55 102.66 36.58
CA SER KB 68 -3.53 103.95 35.91
C SER KB 68 -2.42 104.81 36.48
N GLY KB 69 -1.64 105.42 35.60
CA GLY KB 69 -0.47 106.21 35.96
C GLY KB 69 -0.62 107.09 37.18
N LYS KB 70 -0.02 106.67 38.28
CA LYS KB 70 0.05 107.48 39.49
C LYS KB 70 1.48 107.39 40.00
N TYR KB 71 2.14 106.27 39.68
CA TYR KB 71 3.48 105.99 40.16
C TYR KB 71 4.34 105.41 39.04
N ASP KB 72 5.65 105.55 39.18
CA ASP KB 72 6.60 105.00 38.21
C ASP KB 72 6.89 103.54 38.53
N ALA KB 73 6.54 103.13 39.74
CA ALA KB 73 6.74 101.75 40.17
C ALA KB 73 5.97 101.49 41.45
N VAL KB 74 5.44 100.26 41.58
CA VAL KB 74 4.67 99.89 42.75
C VAL KB 74 5.36 98.76 43.53
N ILE KB 75 5.48 98.95 44.84
CA ILE KB 75 6.10 97.95 45.71
C ILE KB 75 5.04 97.20 46.51
N THR KB 76 5.16 95.88 46.55
CA THR KB 76 4.25 95.05 47.34
C THR KB 76 4.94 94.49 48.57
N LEU KB 77 4.41 94.83 49.75
CA LEU KB 77 4.97 94.32 51.00
C LEU KB 77 3.93 93.50 51.76
N GLY KB 78 4.41 92.47 52.46
CA GLY KB 78 3.55 91.59 53.23
C GLY KB 78 4.35 90.46 53.83
N THR KB 79 3.71 89.65 54.67
CA THR KB 79 4.36 88.50 55.28
C THR KB 79 3.42 87.31 55.38
N VAL KB 80 3.97 86.13 55.13
CA VAL KB 80 3.20 84.88 55.22
C VAL KB 80 4.03 83.81 55.92
N ILE KB 81 3.49 83.23 56.98
CA ILE KB 81 4.23 82.22 57.75
C ILE KB 81 3.51 80.88 57.76
N ARG KB 82 4.29 79.81 57.64
CA ARG KB 82 3.77 78.45 57.63
C ARG KB 82 2.80 78.14 58.79
N GLY KB 83 1.68 77.51 58.44
CA GLY KB 83 0.74 77.05 59.44
C GLY KB 83 0.71 75.54 59.46
N ALA KB 84 -0.35 74.98 60.04
CA ALA KB 84 -0.51 73.53 60.08
C ALA KB 84 -1.09 73.02 58.76
N THR KB 85 -1.82 73.88 58.08
CA THR KB 85 -2.48 73.51 56.84
C THR KB 85 -1.67 73.96 55.63
N THR KB 86 -2.02 73.44 54.45
CA THR KB 86 -1.36 73.81 53.22
C THR KB 86 -1.87 75.16 52.71
N HIS KB 87 -2.69 75.81 53.52
CA HIS KB 87 -3.22 77.13 53.19
C HIS KB 87 -2.08 78.11 52.90
N TYR KB 88 -0.99 77.97 53.65
CA TYR KB 88 0.19 78.81 53.48
C TYR KB 88 0.70 78.82 52.03
N ASP KB 89 0.56 77.68 51.36
CA ASP KB 89 1.11 77.52 50.03
C ASP KB 89 0.27 78.25 48.98
N TYR KB 90 -1.04 78.05 49.02
CA TYR KB 90 -1.93 78.65 48.03
C TYR KB 90 -1.94 80.17 48.11
N VAL KB 91 -1.67 80.70 49.30
CA VAL KB 91 -1.57 82.14 49.48
C VAL KB 91 -0.27 82.67 48.87
N CYS KB 92 0.87 82.19 49.38
CA CYS KB 92 2.17 82.57 48.85
C CYS KB 92 2.19 82.50 47.32
N ASN KB 93 1.86 81.34 46.80
CA ASN KB 93 1.82 81.13 45.36
C ASN KB 93 1.10 82.24 44.62
N GLU KB 94 -0.19 82.41 44.93
CA GLU KB 94 -1.04 83.35 44.22
C GLU KB 94 -0.60 84.81 44.38
N VAL KB 95 0.03 85.12 45.51
CA VAL KB 95 0.58 86.46 45.70
C VAL KB 95 1.68 86.70 44.69
N ALA KB 96 2.69 85.81 44.71
CA ALA KB 96 3.79 85.88 43.77
C ALA KB 96 3.26 85.76 42.35
N LYS KB 97 2.31 84.86 42.17
CA LYS KB 97 1.69 84.63 40.87
C LYS KB 97 1.03 85.91 40.36
N GLY KB 98 0.26 86.56 41.23
CA GLY KB 98 -0.44 87.78 40.88
C GLY KB 98 0.51 88.93 40.59
N VAL KB 99 1.34 89.27 41.59
CA VAL KB 99 2.28 90.37 41.46
C VAL KB 99 3.20 90.24 40.23
N ALA KB 100 3.60 89.01 39.91
CA ALA KB 100 4.47 88.76 38.76
C ALA KB 100 3.68 88.78 37.46
N SER KB 101 2.74 87.86 37.32
CA SER KB 101 1.93 87.75 36.11
C SER KB 101 1.27 89.07 35.74
N LEU KB 102 0.72 89.75 36.73
CA LEU KB 102 0.09 91.04 36.50
C LEU KB 102 1.04 92.21 36.77
N SER KB 103 2.27 92.05 36.28
CA SER KB 103 3.26 93.13 36.26
C SER KB 103 3.75 93.27 34.83
N LEU KB 104 3.29 92.35 33.99
CA LEU KB 104 3.63 92.36 32.57
C LEU KB 104 2.48 93.00 31.79
N GLN KB 105 1.25 92.78 32.28
CA GLN KB 105 0.08 93.33 31.62
C GLN KB 105 0.06 94.85 31.69
N THR KB 106 0.50 95.39 32.84
CA THR KB 106 0.58 96.82 33.02
C THR KB 106 1.84 97.32 32.36
N ASP KB 107 2.96 96.66 32.60
CA ASP KB 107 4.19 97.14 32.03
C ASP KB 107 4.80 98.16 32.96
N ILE KB 108 4.13 98.42 34.09
CA ILE KB 108 4.69 99.32 35.09
C ILE KB 108 5.31 98.44 36.14
N PRO KB 109 6.56 98.77 36.42
CA PRO KB 109 7.35 97.96 37.35
C PRO KB 109 6.65 97.59 38.66
N VAL KB 110 6.39 96.32 38.93
CA VAL KB 110 5.80 95.93 40.20
C VAL KB 110 6.74 94.98 40.95
N ILE KB 111 7.45 95.51 41.94
CA ILE KB 111 8.42 94.74 42.70
C ILE KB 111 7.74 93.84 43.73
N PHE KB 112 8.12 92.57 43.73
CA PHE KB 112 7.55 91.59 44.67
C PHE KB 112 8.37 91.53 45.94
N GLY KB 113 7.80 92.06 47.03
CA GLY KB 113 8.47 92.06 48.31
C GLY KB 113 7.62 91.46 49.41
N VAL KB 114 7.19 90.22 49.22
CA VAL KB 114 6.38 89.51 50.20
C VAL KB 114 7.19 88.38 50.86
N LEU KB 115 7.40 88.50 52.17
CA LEU KB 115 8.13 87.49 52.92
C LEU KB 115 7.37 86.19 53.00
N THR KB 116 8.06 85.10 52.68
CA THR KB 116 7.46 83.78 52.75
C THR KB 116 8.34 82.86 53.57
N THR KB 117 8.08 82.82 54.87
CA THR KB 117 8.97 82.13 55.80
C THR KB 117 8.32 80.93 56.48
N GLU KB 118 9.13 80.19 57.23
CA GLU KB 118 8.69 79.03 57.99
C GLU KB 118 8.52 79.39 59.46
N THR KB 119 9.39 80.27 59.94
CA THR KB 119 9.39 80.69 61.34
C THR KB 119 9.07 82.17 61.49
N ILE KB 120 8.50 82.53 62.64
CA ILE KB 120 8.33 83.92 62.99
C ILE KB 120 9.73 84.52 63.15
N GLU KB 121 10.68 83.67 63.51
CA GLU KB 121 12.06 84.10 63.70
C GLU KB 121 12.74 84.36 62.36
N GLN KB 122 12.23 83.75 61.29
CA GLN KB 122 12.77 83.96 59.96
C GLN KB 122 12.23 85.24 59.34
N ALA KB 123 11.01 85.60 59.73
CA ALA KB 123 10.43 86.86 59.30
C ALA KB 123 11.20 88.02 59.92
N ILE KB 124 11.41 87.93 61.23
CA ILE KB 124 12.22 88.91 61.94
C ILE KB 124 13.63 88.92 61.37
N GLU KB 125 14.09 87.74 60.98
CA GLU KB 125 15.43 87.59 60.41
C GLU KB 125 15.57 88.46 59.16
N ARG KB 126 14.48 88.63 58.44
CA ARG KB 126 14.48 89.36 57.18
C ARG KB 126 13.68 90.67 57.21
N ALA KB 127 13.38 91.15 58.40
CA ALA KB 127 12.63 92.40 58.56
C ALA KB 127 13.48 93.46 59.24
N GLY KB 128 14.75 93.44 59.04
CA GLY KB 128 15.53 94.40 59.75
C GLY KB 128 16.46 93.57 60.61
N THR KB 129 16.49 92.26 60.46
CA THR KB 129 17.54 91.59 61.25
C THR KB 129 18.65 91.09 60.30
N LYS KB 130 19.50 90.21 60.85
CA LYS KB 130 20.70 89.54 60.24
C LYS KB 130 20.76 89.60 58.73
N ALA KB 131 19.63 89.39 58.04
CA ALA KB 131 19.67 89.43 56.57
C ALA KB 131 19.40 90.83 56.02
N GLY KB 132 19.09 91.77 56.94
CA GLY KB 132 18.72 93.13 56.59
C GLY KB 132 17.19 93.25 56.45
N ASN KB 133 16.74 94.35 55.86
CA ASN KB 133 15.32 94.60 55.68
C ASN KB 133 14.89 94.42 54.23
N LYS KB 134 14.14 93.36 53.96
CA LYS KB 134 13.76 93.03 52.60
C LYS KB 134 12.72 94.01 52.05
N GLY KB 135 12.42 95.04 52.82
CA GLY KB 135 11.56 96.12 52.37
C GLY KB 135 12.39 97.23 51.78
N TYR KB 136 13.49 97.54 52.45
CA TYR KB 136 14.44 98.53 51.98
C TYR KB 136 15.09 98.05 50.69
N GLU KB 137 15.19 96.73 50.54
CA GLU KB 137 15.85 96.15 49.37
C GLU KB 137 14.91 96.15 48.17
N SER KB 138 13.62 95.98 48.44
CA SER KB 138 12.63 95.98 47.38
C SER KB 138 12.33 97.40 46.91
N ALA KB 139 12.80 98.37 47.69
CA ALA KB 139 12.68 99.77 47.31
C ALA KB 139 13.77 100.15 46.33
N VAL KB 140 14.99 99.73 46.64
CA VAL KB 140 16.11 99.92 45.73
C VAL KB 140 15.78 99.31 44.37
N ALA KB 141 15.20 98.11 44.39
CA ALA KB 141 14.80 97.44 43.17
C ALA KB 141 13.76 98.25 42.42
N ALA KB 142 12.82 98.83 43.16
CA ALA KB 142 11.75 99.63 42.55
C ALA KB 142 12.32 100.82 41.80
N ILE KB 143 13.27 101.52 42.41
CA ILE KB 143 13.89 102.68 41.78
C ILE KB 143 14.64 102.28 40.53
N GLU KB 144 15.44 101.22 40.63
CA GLU KB 144 16.23 100.75 39.50
C GLU KB 144 15.36 100.32 38.33
N MET KB 145 14.28 99.60 38.63
CA MET KB 145 13.34 99.13 37.62
C MET KB 145 12.62 100.31 36.96
N ALA KB 146 12.29 101.31 37.77
CA ALA KB 146 11.65 102.52 37.26
C ALA KB 146 12.54 103.18 36.23
N HIS KB 147 13.82 103.31 36.55
CA HIS KB 147 14.79 103.93 35.66
C HIS KB 147 15.17 103.03 34.47
N LEU KB 148 14.50 101.90 34.34
CA LEU KB 148 14.76 101.01 33.22
C LEU KB 148 13.64 101.03 32.19
N SER KB 149 12.56 101.75 32.50
CA SER KB 149 11.57 102.06 31.48
C SER KB 149 12.27 102.99 30.49
N LYS KB 150 12.89 102.39 29.48
CA LYS KB 150 13.94 103.03 28.72
C LYS KB 150 13.82 102.61 27.27
N HIS KB 151 13.29 101.41 27.05
CA HIS KB 151 13.22 100.81 25.73
C HIS KB 151 14.64 100.67 25.16
N TRP KB 152 14.75 100.35 23.87
CA TRP KB 152 16.04 99.90 23.35
C TRP KB 152 16.42 100.47 21.98
N ALA KB 153 17.73 100.53 21.73
CA ALA KB 153 18.26 101.05 20.48
C ALA KB 153 19.44 100.21 19.98
N VAL LB 2 11.07 67.90 7.26
CA VAL LB 2 12.20 68.14 8.16
C VAL LB 2 12.51 69.63 8.35
N PHE LB 3 12.80 70.02 9.58
CA PHE LB 3 13.06 71.42 9.91
C PHE LB 3 14.15 71.59 10.97
N GLU LB 4 15.41 71.37 10.59
CA GLU LB 4 16.52 71.56 11.53
C GLU LB 4 16.92 73.03 11.60
N GLY LB 5 17.57 73.41 12.70
CA GLY LB 5 17.98 74.79 12.91
C GLY LB 5 19.46 75.03 12.70
N HIS LB 6 19.79 76.04 11.89
CA HIS LB 6 21.16 76.41 11.61
C HIS LB 6 21.88 76.74 12.92
N LEU LB 7 23.21 76.78 12.89
CA LEU LB 7 23.98 77.07 14.10
C LEU LB 7 25.06 78.13 13.90
N VAL LB 8 25.13 78.69 12.70
CA VAL LB 8 26.05 79.79 12.43
C VAL LB 8 25.28 81.10 12.31
N GLY LB 9 25.27 81.88 13.38
CA GLY LB 9 24.51 83.12 13.40
C GLY LB 9 25.33 84.38 13.16
N THR LB 10 25.83 84.54 11.94
CA THR LB 10 26.67 85.69 11.61
C THR LB 10 25.85 86.99 11.54
N GLY LB 11 24.64 86.90 11.03
CA GLY LB 11 23.81 88.08 10.84
C GLY LB 11 22.72 88.26 11.89
N LEU LB 12 22.85 87.55 13.02
CA LEU LB 12 21.85 87.62 14.06
C LEU LB 12 22.04 88.84 14.96
N LYS LB 13 20.98 89.18 15.69
CA LYS LB 13 21.01 90.33 16.59
C LYS LB 13 20.39 89.95 17.94
N VAL LB 14 21.21 89.40 18.84
CA VAL LB 14 20.72 88.88 20.11
C VAL LB 14 20.71 89.92 21.22
N GLY LB 15 19.87 89.70 22.22
CA GLY LB 15 19.84 90.54 23.41
C GLY LB 15 19.65 89.71 24.67
N VAL LB 16 20.39 90.06 25.72
CA VAL LB 16 20.35 89.30 26.97
C VAL LB 16 19.86 90.12 28.15
N VAL LB 17 19.18 89.46 29.08
CA VAL LB 17 18.77 90.09 30.34
C VAL LB 17 19.33 89.31 31.53
N VAL LB 18 20.43 89.80 32.09
CA VAL LB 18 21.09 89.12 33.20
C VAL LB 18 20.67 89.70 34.55
N GLY LB 19 20.77 88.89 35.60
CA GLY LB 19 20.38 89.30 36.94
C GLY LB 19 21.56 89.58 37.83
N ARG LB 20 21.48 90.68 38.58
CA ARG LB 20 22.57 91.09 39.45
C ARG LB 20 22.74 90.19 40.66
N PHE LB 21 21.65 89.86 41.33
CA PHE LB 21 21.71 88.98 42.49
C PHE LB 21 22.49 87.73 42.11
N ASN LB 22 23.43 87.34 42.97
CA ASN LB 22 24.35 86.24 42.67
C ASN LB 22 25.22 86.56 41.47
N GLU LB 23 25.69 87.81 41.41
CA GLU LB 23 26.55 88.26 40.32
C GLU LB 23 27.78 87.38 40.21
N PHE LB 24 28.21 86.84 41.35
CA PHE LB 24 29.38 85.98 41.39
C PHE LB 24 29.25 84.85 40.38
N ILE LB 25 28.00 84.43 40.14
CA ILE LB 25 27.72 83.34 39.19
C ILE LB 25 27.23 83.87 37.85
N THR LB 26 26.26 84.77 37.90
CA THR LB 26 25.68 85.34 36.69
C THR LB 26 26.73 86.02 35.83
N SER LB 27 27.77 86.56 36.48
CA SER LB 27 28.87 87.20 35.77
C SER LB 27 29.50 86.25 34.76
N LYS LB 28 30.08 85.16 35.25
CA LYS LB 28 30.69 84.16 34.39
C LYS LB 28 29.64 83.53 33.48
N LEU LB 29 28.37 83.69 33.86
CA LEU LB 29 27.27 83.11 33.10
C LEU LB 29 26.97 83.93 31.86
N LEU LB 30 27.22 85.24 31.96
CA LEU LB 30 27.07 86.14 30.83
C LEU LB 30 28.27 86.03 29.91
N GLY LB 31 29.46 85.92 30.50
CA GLY LB 31 30.70 85.75 29.75
C GLY LB 31 30.59 84.44 28.95
N GLY LB 32 29.61 83.61 29.31
CA GLY LB 32 29.35 82.37 28.63
C GLY LB 32 28.54 82.66 27.37
N ALA LB 33 27.47 83.43 27.54
CA ALA LB 33 26.66 83.84 26.43
C ALA LB 33 27.54 84.49 25.35
N LEU LB 34 28.23 85.57 25.67
CA LEU LB 34 29.00 86.35 24.64
C LEU LB 34 30.23 85.77 24.04
N ASP LB 35 31.13 85.35 24.89
CA ASP LB 35 32.38 84.91 24.30
C ASP LB 35 32.18 83.73 23.29
N GLY LB 36 30.94 83.12 23.33
CA GLY LB 36 30.54 81.98 22.52
C GLY LB 36 29.39 82.31 21.59
N LEU LB 37 28.76 83.44 21.89
CA LEU LB 37 27.72 83.99 21.04
C LEU LB 37 28.49 84.70 19.94
N LYS LB 38 29.61 85.29 20.32
CA LYS LB 38 30.49 85.99 19.39
C LYS LB 38 31.19 85.01 18.47
N ARG LB 39 31.81 83.98 19.06
CA ARG LB 39 32.59 83.02 18.30
C ARG LB 39 31.73 82.14 17.40
N HIS LB 40 30.41 82.32 17.49
CA HIS LB 40 29.50 81.60 16.61
C HIS LB 40 29.09 82.44 15.40
N GLY LB 41 29.66 83.63 15.29
CA GLY LB 41 29.41 84.49 14.15
C GLY LB 41 28.83 85.86 14.49
N VAL LB 42 27.97 85.89 15.51
CA VAL LB 42 27.29 87.13 15.90
C VAL LB 42 28.27 88.28 16.07
N GLU LB 43 27.90 89.44 15.54
CA GLU LB 43 28.71 90.65 15.68
C GLU LB 43 28.55 91.17 17.11
N GLU LB 44 29.67 91.47 17.76
CA GLU LB 44 29.64 91.86 19.17
C GLU LB 44 28.89 93.19 19.38
N ASN LB 45 28.59 93.88 18.29
CA ASN LB 45 27.84 95.13 18.37
C ASN LB 45 26.34 94.89 18.21
N ASP LB 46 25.97 93.68 17.83
CA ASP LB 46 24.57 93.30 17.72
C ASP LB 46 24.08 92.65 19.01
N ILE LB 47 24.80 92.89 20.10
CA ILE LB 47 24.47 92.30 21.39
C ILE LB 47 24.24 93.34 22.47
N ASP LB 48 23.02 93.37 23.00
CA ASP LB 48 22.67 94.28 24.08
C ASP LB 48 22.43 93.53 25.39
N VAL LB 49 22.81 94.16 26.50
CA VAL LB 49 22.65 93.55 27.81
C VAL LB 49 21.77 94.41 28.71
N ALA LB 50 20.85 93.76 29.42
CA ALA LB 50 19.96 94.47 30.32
C ALA LB 50 20.09 93.91 31.74
N TRP LB 51 20.74 94.68 32.61
CA TRP LB 51 20.92 94.28 34.00
C TRP LB 51 19.69 94.58 34.85
N VAL LB 52 19.10 93.52 35.41
CA VAL LB 52 17.95 93.64 36.30
C VAL LB 52 18.36 93.23 37.71
N PRO LB 53 17.65 93.78 38.72
CA PRO LB 53 17.97 93.49 40.13
C PRO LB 53 18.00 91.99 40.41
N GLY LB 54 16.81 91.38 40.51
CA GLY LB 54 16.71 89.96 40.77
C GLY LB 54 16.18 89.19 39.58
N ALA LB 55 16.30 87.87 39.63
CA ALA LB 55 15.81 87.00 38.56
C ALA LB 55 14.30 87.19 38.36
N PHE LB 56 13.63 87.68 39.40
CA PHE LB 56 12.19 87.89 39.37
C PHE LB 56 11.80 88.99 38.40
N GLU LB 57 12.70 89.95 38.21
CA GLU LB 57 12.42 91.12 37.39
C GLU LB 57 12.74 90.85 35.92
N ILE LB 58 13.24 89.66 35.61
CA ILE LB 58 13.61 89.30 34.25
C ILE LB 58 12.43 89.32 33.28
N PRO LB 59 11.33 88.63 33.62
CA PRO LB 59 10.17 88.55 32.72
C PRO LB 59 9.75 89.92 32.17
N LEU LB 60 9.74 90.94 33.00
CA LEU LB 60 9.29 92.26 32.59
C LEU LB 60 10.19 92.87 31.53
N ILE LB 61 11.49 92.90 31.80
CA ILE LB 61 12.47 93.50 30.89
C ILE LB 61 12.79 92.60 29.70
N ALA LB 62 12.71 91.29 29.91
CA ALA LB 62 12.88 90.34 28.82
C ALA LB 62 11.77 90.57 27.80
N LYS LB 63 10.62 91.03 28.28
CA LYS LB 63 9.50 91.35 27.40
C LYS LB 63 9.78 92.62 26.60
N LYS LB 64 9.95 93.74 27.30
CA LYS LB 64 10.27 95.01 26.66
C LYS LB 64 11.33 94.85 25.58
N MET LB 65 12.29 93.96 25.83
CA MET LB 65 13.43 93.78 24.93
C MET LB 65 13.08 92.93 23.72
N ALA LB 66 12.56 91.74 23.98
CA ALA LB 66 12.18 90.84 22.90
C ALA LB 66 10.98 91.37 22.13
N ASN LB 67 10.50 92.55 22.55
CA ASN LB 67 9.31 93.13 21.96
C ASN LB 67 9.64 94.38 21.16
N SER LB 68 10.82 94.94 21.41
CA SER LB 68 11.26 96.12 20.70
C SER LB 68 11.57 95.80 19.24
N GLY LB 69 11.75 94.52 18.94
CA GLY LB 69 12.01 94.07 17.59
C GLY LB 69 13.47 94.19 17.19
N LYS LB 70 14.24 94.94 17.99
CA LYS LB 70 15.65 95.16 17.71
C LYS LB 70 16.40 93.83 17.76
N TYR LB 71 15.80 92.83 18.40
CA TYR LB 71 16.50 91.59 18.69
C TYR LB 71 15.90 90.40 17.95
N ASP LB 72 16.79 89.57 17.40
CA ASP LB 72 16.40 88.39 16.64
C ASP LB 72 16.08 87.25 17.60
N ALA LB 73 16.58 87.36 18.83
CA ALA LB 73 16.29 86.39 19.88
C ALA LB 73 16.80 86.95 21.21
N VAL LB 74 16.24 86.46 22.30
CA VAL LB 74 16.61 86.96 23.63
C VAL LB 74 17.09 85.85 24.57
N ILE LB 75 18.17 86.11 25.28
CA ILE LB 75 18.73 85.15 26.23
C ILE LB 75 18.61 85.65 27.66
N THR LB 76 17.86 84.93 28.48
CA THR LB 76 17.68 85.29 29.89
C THR LB 76 18.69 84.58 30.78
N LEU LB 77 19.57 85.35 31.41
CA LEU LB 77 20.57 84.78 32.31
C LEU LB 77 20.30 85.19 33.75
N GLY LB 78 20.72 84.36 34.70
CA GLY LB 78 20.53 84.65 36.11
C GLY LB 78 20.80 83.44 36.97
N THR LB 79 20.81 83.64 38.28
CA THR LB 79 21.03 82.54 39.22
C THR LB 79 20.15 82.68 40.46
N VAL LB 80 19.57 81.57 40.89
CA VAL LB 80 18.77 81.52 42.11
C VAL LB 80 19.18 80.31 42.93
N ILE LB 81 19.51 80.55 44.20
CA ILE LB 81 19.96 79.46 45.07
C ILE LB 81 19.07 79.31 46.30
N ARG LB 82 18.84 78.05 46.67
CA ARG LB 82 18.00 77.72 47.82
C ARG LB 82 18.32 78.49 49.09
N GLY LB 83 17.28 79.07 49.68
CA GLY LB 83 17.40 79.72 50.96
C GLY LB 83 16.80 78.85 52.04
N ALA LB 84 16.50 79.45 53.19
CA ALA LB 84 15.88 78.72 54.29
C ALA LB 84 14.37 78.74 54.15
N THR LB 85 13.87 79.60 53.26
CA THR LB 85 12.44 79.75 53.07
C THR LB 85 11.98 79.23 51.70
N THR LB 86 10.67 79.13 51.52
CA THR LB 86 10.10 78.70 50.25
C THR LB 86 10.15 79.82 49.22
N HIS LB 87 10.77 80.93 49.60
CA HIS LB 87 10.92 82.07 48.71
C HIS LB 87 11.55 81.64 47.39
N TYR LB 88 12.62 80.85 47.51
CA TYR LB 88 13.34 80.33 46.35
C TYR LB 88 12.43 79.72 45.29
N ASP LB 89 11.33 79.12 45.75
CA ASP LB 89 10.42 78.41 44.86
C ASP LB 89 9.58 79.36 44.01
N TYR LB 90 8.98 80.35 44.65
CA TYR LB 90 8.08 81.27 43.98
C TYR LB 90 8.85 82.14 42.98
N VAL LB 91 10.13 82.33 43.23
CA VAL LB 91 10.98 83.08 42.31
C VAL LB 91 11.31 82.24 41.08
N CYS LB 92 11.95 81.10 41.30
CA CYS LB 92 12.28 80.18 40.22
C CYS LB 92 11.08 79.94 39.31
N ASN LB 93 9.96 79.58 39.92
CA ASN LB 93 8.73 79.36 39.17
C ASN LB 93 8.39 80.52 38.26
N GLU LB 94 8.11 81.68 38.86
CA GLU LB 94 7.66 82.84 38.10
C GLU LB 94 8.65 83.29 37.03
N VAL LB 95 9.93 83.02 37.24
CA VAL LB 95 10.95 83.33 36.23
C VAL LB 95 10.73 82.45 35.01
N ALA LB 96 10.82 81.14 35.22
CA ALA LB 96 10.58 80.18 34.16
C ALA LB 96 9.17 80.33 33.61
N LYS LB 97 8.24 80.66 34.50
CA LYS LB 97 6.84 80.86 34.13
C LYS LB 97 6.70 82.04 33.18
N GLY LB 98 7.41 83.13 33.48
CA GLY LB 98 7.37 84.30 32.65
C GLY LB 98 8.06 84.09 31.32
N VAL LB 99 9.33 83.68 31.36
CA VAL LB 99 10.13 83.53 30.15
C VAL LB 99 9.48 82.58 29.13
N ALA LB 100 8.88 81.50 29.63
CA ALA LB 100 8.25 80.52 28.76
C ALA LB 100 6.91 81.00 28.24
N SER LB 101 5.98 81.27 29.16
CA SER LB 101 4.65 81.72 28.79
C SER LB 101 4.69 83.01 27.98
N LEU LB 102 5.73 83.81 28.21
CA LEU LB 102 5.89 85.07 27.49
C LEU LB 102 6.95 84.92 26.40
N SER LB 103 6.92 83.79 25.71
CA SER LB 103 7.77 83.53 24.57
C SER LB 103 6.90 83.05 23.42
N LEU LB 104 5.64 82.78 23.76
CA LEU LB 104 4.64 82.38 22.77
C LEU LB 104 3.84 83.60 22.37
N GLN LB 105 3.69 84.53 23.31
CA GLN LB 105 2.95 85.77 23.08
C GLN LB 105 3.71 86.68 22.12
N THR LB 106 5.04 86.66 22.13
CA THR LB 106 5.75 87.55 21.21
C THR LB 106 6.19 86.83 19.90
N ASP LB 107 6.41 85.51 20.00
CA ASP LB 107 6.89 84.68 18.88
C ASP LB 107 8.38 85.01 18.60
N ILE LB 108 9.06 85.75 19.48
CA ILE LB 108 10.53 86.02 19.37
C ILE LB 108 11.20 84.98 20.27
N PRO LB 109 12.25 84.30 19.78
CA PRO LB 109 12.77 83.25 20.67
C PRO LB 109 13.24 83.76 22.02
N VAL LB 110 12.78 83.22 23.17
CA VAL LB 110 13.31 83.72 24.44
C VAL LB 110 13.88 82.54 25.23
N ILE LB 111 15.17 82.28 25.03
CA ILE LB 111 15.84 81.15 25.68
C ILE LB 111 15.93 81.32 27.19
N PHE LB 112 15.64 80.24 27.90
CA PHE LB 112 15.67 80.25 29.37
C PHE LB 112 17.00 79.73 29.90
N GLY LB 113 17.87 80.64 30.30
CA GLY LB 113 19.17 80.27 30.82
C GLY LB 113 19.38 80.75 32.24
N VAL LB 114 18.37 80.53 33.08
CA VAL LB 114 18.46 80.88 34.50
C VAL LB 114 18.81 79.66 35.34
N LEU LB 115 19.95 79.72 36.01
CA LEU LB 115 20.36 78.65 36.91
C LEU LB 115 19.45 78.60 38.13
N THR LB 116 19.03 77.40 38.49
CA THR LB 116 18.17 77.20 39.65
C THR LB 116 18.70 76.03 40.45
N THR LB 117 19.61 76.33 41.37
CA THR LB 117 20.37 75.30 42.09
C THR LB 117 20.09 75.25 43.59
N GLU LB 118 20.73 74.29 44.26
CA GLU LB 118 20.57 74.07 45.69
C GLU LB 118 21.80 74.55 46.47
N THR LB 119 22.95 74.48 45.82
CA THR LB 119 24.21 74.86 46.46
C THR LB 119 24.91 75.94 45.66
N ILE LB 120 25.74 76.71 46.35
CA ILE LB 120 26.62 77.66 45.66
C ILE LB 120 27.54 76.87 44.74
N GLU LB 121 27.88 75.66 45.17
CA GLU LB 121 28.77 74.80 44.40
C GLU LB 121 28.14 74.36 43.08
N GLN LB 122 26.87 73.99 43.15
CA GLN LB 122 26.16 73.54 41.95
C GLN LB 122 26.07 74.64 40.90
N ALA LB 123 25.94 75.87 41.36
CA ALA LB 123 25.93 77.02 40.47
C ALA LB 123 27.26 77.13 39.73
N ILE LB 124 28.34 76.99 40.46
CA ILE LB 124 29.68 77.05 39.89
C ILE LB 124 29.89 75.92 38.88
N GLU LB 125 29.39 74.74 39.20
CA GLU LB 125 29.49 73.59 38.30
C GLU LB 125 28.88 73.92 36.94
N ARG LB 126 27.77 74.66 36.97
CA ARG LB 126 27.02 74.96 35.76
C ARG LB 126 27.31 76.38 35.24
N ALA LB 127 28.40 76.96 35.72
CA ALA LB 127 28.79 78.29 35.28
C ALA LB 127 30.19 78.31 34.70
N GLY LB 128 30.55 77.27 34.00
CA GLY LB 128 31.87 77.28 33.45
C GLY LB 128 32.75 76.24 34.08
N THR LB 129 32.17 75.33 34.90
CA THR LB 129 33.03 74.26 35.45
C THR LB 129 32.61 72.88 34.94
N LYS LB 130 32.70 71.89 35.81
CA LYS LB 130 32.30 70.51 35.57
C LYS LB 130 31.22 70.35 34.50
N ALA LB 131 30.00 70.86 34.74
CA ALA LB 131 28.91 70.65 33.77
C ALA LB 131 29.03 71.49 32.48
N GLY LB 132 29.88 72.54 32.48
CA GLY LB 132 30.03 73.42 31.34
C GLY LB 132 29.47 74.80 31.70
N ASN LB 133 29.25 75.68 30.72
CA ASN LB 133 28.71 77.01 31.01
C ASN LB 133 27.29 77.14 30.47
N LYS LB 134 26.33 77.22 31.38
CA LYS LB 134 24.92 77.34 31.02
C LYS LB 134 24.67 78.54 30.11
N GLY LB 135 25.46 79.58 30.28
CA GLY LB 135 25.32 80.80 29.49
C GLY LB 135 25.71 80.59 28.05
N TYR LB 136 26.75 79.79 27.83
CA TYR LB 136 27.22 79.45 26.50
C TYR LB 136 26.21 78.57 25.78
N GLU LB 137 25.75 77.53 26.47
CA GLU LB 137 24.79 76.59 25.91
C GLU LB 137 23.46 77.26 25.62
N SER LB 138 23.14 78.32 26.36
CA SER LB 138 21.88 79.03 26.18
C SER LB 138 21.97 80.01 25.02
N ALA LB 139 23.20 80.37 24.65
CA ALA LB 139 23.42 81.25 23.51
C ALA LB 139 23.36 80.45 22.21
N VAL LB 140 24.02 79.29 22.22
CA VAL LB 140 24.01 78.42 21.04
C VAL LB 140 22.57 78.01 20.70
N ALA LB 141 21.72 77.97 21.73
CA ALA LB 141 20.32 77.64 21.55
C ALA LB 141 19.55 78.83 20.97
N ALA LB 142 19.92 80.02 21.41
CA ALA LB 142 19.29 81.24 20.91
C ALA LB 142 19.50 81.38 19.41
N ILE LB 143 20.69 81.04 18.95
CA ILE LB 143 21.01 81.07 17.53
C ILE LB 143 20.11 80.11 16.77
N GLU LB 144 20.16 78.84 17.16
CA GLU LB 144 19.38 77.80 16.48
C GLU LB 144 17.90 78.18 16.42
N MET LB 145 17.35 78.58 17.57
CA MET LB 145 15.95 78.97 17.63
C MET LB 145 15.64 80.11 16.67
N ALA LB 146 16.55 81.08 16.61
CA ALA LB 146 16.40 82.19 15.68
C ALA LB 146 16.32 81.67 14.25
N HIS LB 147 17.31 80.87 13.86
CA HIS LB 147 17.36 80.32 12.52
C HIS LB 147 16.20 79.40 12.20
N LEU LB 148 15.44 79.01 13.21
CA LEU LB 148 14.20 78.29 12.99
C LEU LB 148 13.33 79.53 12.90
N SER LB 149 13.19 80.02 11.67
CA SER LB 149 12.11 80.87 11.19
C SER LB 149 11.00 80.81 10.15
N LYS LB 150 10.99 79.72 9.38
CA LYS LB 150 9.94 79.50 8.39
C LYS LB 150 8.50 79.49 8.90
N HIS LB 151 8.29 78.95 10.10
CA HIS LB 151 6.95 78.84 10.67
C HIS LB 151 6.40 80.18 11.16
N TRP LB 152 5.42 80.70 10.44
CA TRP LB 152 4.64 81.84 10.91
C TRP LB 152 3.42 82.09 10.01
N ALA LB 153 2.23 81.81 10.54
CA ALA LB 153 0.99 82.01 9.80
C ALA LB 153 -0.14 82.41 10.73
N VAL MB 2 -20.98 57.64 21.76
CA VAL MB 2 -21.60 58.24 20.59
C VAL MB 2 -20.54 58.95 19.73
N PHE MB 3 -19.40 59.26 20.32
CA PHE MB 3 -18.34 60.00 19.63
C PHE MB 3 -16.96 59.38 19.81
N GLU MB 4 -16.71 58.24 19.17
CA GLU MB 4 -15.39 57.62 19.22
C GLU MB 4 -14.48 58.13 18.09
N GLY MB 5 -13.17 57.96 18.26
CA GLY MB 5 -12.23 58.47 17.28
C GLY MB 5 -11.62 57.39 16.41
N HIS MB 6 -11.75 57.55 15.10
CA HIS MB 6 -11.18 56.62 14.12
C HIS MB 6 -9.69 56.43 14.38
N LEU MB 7 -9.17 55.25 14.03
CA LEU MB 7 -7.76 54.96 14.29
C LEU MB 7 -6.94 54.73 13.01
N VAL MB 8 -7.61 54.75 11.86
CA VAL MB 8 -6.93 54.67 10.57
C VAL MB 8 -6.69 56.07 10.03
N GLY MB 9 -5.44 56.41 9.77
CA GLY MB 9 -5.10 57.74 9.32
C GLY MB 9 -4.41 57.77 7.97
N THR MB 10 -4.97 57.02 7.02
CA THR MB 10 -4.40 56.97 5.67
C THR MB 10 -4.31 58.36 5.04
N GLY MB 11 -5.32 59.18 5.27
CA GLY MB 11 -5.37 60.49 4.67
C GLY MB 11 -4.98 61.62 5.60
N LEU MB 12 -4.25 61.28 6.66
CA LEU MB 12 -3.84 62.29 7.63
C LEU MB 12 -2.56 63.00 7.20
N LYS MB 13 -2.16 64.01 7.99
CA LYS MB 13 -1.05 64.87 7.65
C LYS MB 13 -0.44 65.43 8.93
N VAL MB 14 0.45 64.67 9.55
CA VAL MB 14 0.98 65.01 10.88
C VAL MB 14 2.32 65.74 10.84
N GLY MB 15 2.63 66.44 11.92
CA GLY MB 15 3.91 67.11 12.07
C GLY MB 15 4.37 67.06 13.52
N VAL MB 16 5.64 66.70 13.72
CA VAL MB 16 6.17 66.52 15.07
C VAL MB 16 7.33 67.46 15.40
N VAL MB 17 7.50 67.73 16.69
CA VAL MB 17 8.61 68.54 17.18
C VAL MB 17 9.36 67.77 18.26
N VAL MB 18 10.58 67.34 17.94
CA VAL MB 18 11.38 66.56 18.88
C VAL MB 18 12.54 67.38 19.43
N GLY MB 19 12.91 67.10 20.68
CA GLY MB 19 13.99 67.82 21.34
C GLY MB 19 15.31 67.10 21.17
N ARG MB 20 16.32 67.83 20.73
CA ARG MB 20 17.64 67.25 20.49
C ARG MB 20 18.30 66.79 21.78
N PHE MB 21 18.09 67.53 22.87
CA PHE MB 21 18.65 67.17 24.16
C PHE MB 21 18.17 65.78 24.56
N ASN MB 22 19.09 64.94 25.01
CA ASN MB 22 18.81 63.54 25.27
C ASN MB 22 18.47 62.79 23.99
N GLU MB 23 19.18 63.15 22.92
CA GLU MB 23 19.01 62.52 21.61
C GLU MB 23 19.01 61.00 21.74
N PHE MB 24 19.85 60.49 22.63
CA PHE MB 24 19.98 59.05 22.84
C PHE MB 24 18.63 58.39 23.07
N ILE MB 25 17.68 59.16 23.62
CA ILE MB 25 16.35 58.66 23.90
C ILE MB 25 15.33 59.16 22.89
N THR MB 26 15.34 60.45 22.62
CA THR MB 26 14.38 61.05 21.69
C THR MB 26 14.48 60.45 20.29
N SER MB 27 15.64 59.92 19.95
CA SER MB 27 15.85 59.28 18.65
C SER MB 27 14.91 58.09 18.48
N LYS MB 28 15.10 57.06 19.29
CA LYS MB 28 14.26 55.89 19.26
C LYS MB 28 12.81 56.26 19.56
N LEU MB 29 12.63 57.41 20.19
CA LEU MB 29 11.30 57.89 20.56
C LEU MB 29 10.58 58.42 19.33
N LEU MB 30 11.34 59.03 18.44
CA LEU MB 30 10.80 59.59 17.20
C LEU MB 30 10.53 58.49 16.17
N GLY MB 31 11.49 57.58 16.03
CA GLY MB 31 11.37 56.48 15.10
C GLY MB 31 10.13 55.65 15.37
N GLY MB 32 9.73 55.59 16.64
CA GLY MB 32 8.53 54.88 17.02
C GLY MB 32 7.27 55.61 16.61
N ALA MB 33 7.32 56.93 16.65
CA ALA MB 33 6.19 57.77 16.29
C ALA MB 33 6.00 57.78 14.77
N LEU MB 34 7.11 57.87 14.05
CA LEU MB 34 7.07 57.81 12.59
C LEU MB 34 6.57 56.44 12.16
N ASP MB 35 7.22 55.40 12.67
CA ASP MB 35 6.83 54.02 12.38
C ASP MB 35 5.34 53.81 12.64
N GLY MB 36 4.82 54.43 13.69
CA GLY MB 36 3.41 54.32 14.03
C GLY MB 36 2.51 54.97 13.01
N LEU MB 37 2.71 56.26 12.78
CA LEU MB 37 1.93 56.99 11.79
C LEU MB 37 2.04 56.32 10.42
N LYS MB 38 3.26 55.94 10.05
CA LYS MB 38 3.53 55.36 8.75
C LYS MB 38 2.76 54.05 8.54
N ARG MB 39 2.83 53.16 9.52
CA ARG MB 39 2.17 51.87 9.42
C ARG MB 39 0.68 51.93 9.81
N HIS MB 40 0.19 53.13 10.11
CA HIS MB 40 -1.22 53.30 10.42
C HIS MB 40 -1.96 53.93 9.25
N GLY MB 41 -1.23 54.15 8.15
CA GLY MB 41 -1.83 54.71 6.95
C GLY MB 41 -1.20 56.02 6.50
N VAL MB 42 -0.87 56.87 7.47
CA VAL MB 42 -0.29 58.18 7.18
C VAL MB 42 0.81 58.05 6.13
N GLU MB 43 0.74 58.90 5.10
CA GLU MB 43 1.75 58.86 4.04
C GLU MB 43 3.11 59.24 4.60
N GLU MB 44 4.14 58.53 4.16
CA GLU MB 44 5.48 58.70 4.73
C GLU MB 44 6.06 60.09 4.50
N ASN MB 45 5.41 60.89 3.67
CA ASN MB 45 5.89 62.24 3.38
C ASN MB 45 4.93 63.34 3.84
N ASP MB 46 3.74 62.93 4.29
CA ASP MB 46 2.80 63.86 4.89
C ASP MB 46 3.23 64.13 6.33
N ILE MB 47 4.48 63.81 6.62
CA ILE MB 47 5.00 63.88 7.98
C ILE MB 47 6.25 64.78 8.06
N ASP MB 48 6.19 65.77 8.93
CA ASP MB 48 7.32 66.70 9.10
C ASP MB 48 7.88 66.65 10.51
N VAL MB 49 9.18 66.90 10.63
CA VAL MB 49 9.84 66.90 11.93
C VAL MB 49 10.65 68.17 12.16
N ALA MB 50 10.44 68.79 13.31
CA ALA MB 50 11.18 70.00 13.67
C ALA MB 50 12.03 69.76 14.91
N TRP MB 51 13.36 69.84 14.73
CA TRP MB 51 14.28 69.63 15.84
C TRP MB 51 14.55 70.91 16.62
N VAL MB 52 14.17 70.90 17.90
CA VAL MB 52 14.41 72.02 18.79
C VAL MB 52 15.56 71.71 19.74
N PRO MB 53 16.15 72.77 20.30
CA PRO MB 53 17.26 72.59 21.23
C PRO MB 53 16.97 71.58 22.34
N GLY MB 54 15.78 71.70 22.97
CA GLY MB 54 15.42 70.81 24.04
C GLY MB 54 13.93 71.00 24.35
N ALA MB 55 13.40 70.26 25.34
CA ALA MB 55 11.98 70.35 25.67
C ALA MB 55 11.54 71.79 25.96
N PHE MB 56 12.30 72.59 26.67
CA PHE MB 56 11.77 73.92 26.93
C PHE MB 56 11.36 74.65 25.66
N GLU MB 57 12.04 74.40 24.57
CA GLU MB 57 11.79 75.09 23.31
C GLU MB 57 10.60 74.56 22.53
N ILE MB 58 10.08 73.37 22.90
CA ILE MB 58 8.96 72.63 22.21
C ILE MB 58 7.56 73.22 22.17
N PRO MB 59 7.27 74.08 23.11
CA PRO MB 59 6.02 74.83 23.08
C PRO MB 59 5.99 75.91 21.98
N LEU MB 60 7.11 76.60 21.79
CA LEU MB 60 7.16 77.69 20.81
C LEU MB 60 7.00 77.20 19.36
N ILE MB 61 7.77 76.19 19.00
CA ILE MB 61 7.76 75.68 17.63
C ILE MB 61 6.56 74.77 17.35
N ALA MB 62 5.98 74.21 18.40
CA ALA MB 62 4.76 73.42 18.26
C ALA MB 62 3.61 74.36 17.89
N LYS MB 63 3.62 75.56 18.48
CA LYS MB 63 2.63 76.58 18.16
C LYS MB 63 2.82 77.10 16.74
N LYS MB 64 4.07 77.10 16.28
CA LYS MB 64 4.39 77.58 14.94
C LYS MB 64 4.02 76.55 13.87
N MET MB 65 3.76 75.32 14.30
CA MET MB 65 3.36 74.27 13.36
C MET MB 65 1.86 74.02 13.42
N ALA MB 66 1.23 74.43 14.52
CA ALA MB 66 -0.22 74.34 14.63
C ALA MB 66 -0.86 75.53 13.94
N ASN MB 67 -0.23 76.70 14.11
CA ASN MB 67 -0.71 77.94 13.48
C ASN MB 67 -0.36 78.00 11.99
N SER MB 68 0.48 77.08 11.55
CA SER MB 68 0.84 77.01 10.13
C SER MB 68 -0.29 76.41 9.32
N GLY MB 69 -1.26 75.81 10.01
CA GLY MB 69 -2.43 75.25 9.38
C GLY MB 69 -2.13 74.30 8.24
N LYS MB 70 -1.14 73.43 8.45
CA LYS MB 70 -0.71 72.50 7.42
C LYS MB 70 -0.90 71.06 7.87
N TYR MB 71 -1.03 70.85 9.18
CA TYR MB 71 -1.09 69.51 9.74
C TYR MB 71 -2.48 69.20 10.29
N ASP MB 72 -2.75 67.91 10.49
CA ASP MB 72 -4.01 67.45 11.08
C ASP MB 72 -3.81 67.17 12.55
N ALA MB 73 -2.56 67.22 12.98
CA ALA MB 73 -2.19 66.98 14.36
C ALA MB 73 -0.71 67.24 14.54
N VAL MB 74 -0.31 67.60 15.75
CA VAL MB 74 1.09 67.85 16.06
C VAL MB 74 1.51 66.96 17.21
N ILE MB 75 2.65 66.28 17.05
CA ILE MB 75 3.17 65.40 18.09
C ILE MB 75 4.43 66.00 18.72
N THR MB 76 4.39 66.24 20.02
CA THR MB 76 5.55 66.76 20.74
C THR MB 76 6.34 65.64 21.40
N LEU MB 77 7.58 65.46 20.95
CA LEU MB 77 8.46 64.43 21.49
C LEU MB 77 9.68 65.05 22.17
N GLY MB 78 10.17 64.40 23.20
CA GLY MB 78 11.33 64.88 23.92
C GLY MB 78 11.58 64.04 25.15
N THR MB 79 12.64 64.37 25.89
CA THR MB 79 12.96 63.66 27.12
C THR MB 79 13.67 64.56 28.13
N VAL MB 80 13.21 64.51 29.38
CA VAL MB 80 13.83 65.26 30.46
C VAL MB 80 14.11 64.32 31.62
N ILE MB 81 15.32 64.39 32.17
CA ILE MB 81 15.69 63.50 33.27
C ILE MB 81 16.20 64.27 34.49
N ARG MB 82 15.82 63.79 35.68
CA ARG MB 82 16.20 64.41 36.94
C ARG MB 82 17.68 64.73 37.06
N GLY MB 83 17.97 65.95 37.49
CA GLY MB 83 19.33 66.34 37.76
C GLY MB 83 19.52 66.55 39.26
N ALA MB 84 20.54 67.32 39.63
CA ALA MB 84 20.81 67.62 41.03
C ALA MB 84 19.98 68.80 41.50
N THR MB 85 19.60 69.65 40.56
CA THR MB 85 18.85 70.86 40.87
C THR MB 85 17.37 70.68 40.55
N THR MB 86 16.56 71.65 41.01
CA THR MB 86 15.13 71.64 40.73
C THR MB 86 14.82 72.15 39.32
N HIS MB 87 15.89 72.42 38.55
CA HIS MB 87 15.76 72.87 37.17
C HIS MB 87 14.86 71.92 36.37
N TYR MB 88 15.01 70.63 36.62
CA TYR MB 88 14.24 69.60 35.94
C TYR MB 88 12.74 69.82 36.08
N ASP MB 89 12.33 70.37 37.21
CA ASP MB 89 10.91 70.57 37.51
C ASP MB 89 10.27 71.65 36.66
N TYR MB 90 10.93 72.80 36.59
CA TYR MB 90 10.39 73.94 35.85
C TYR MB 90 10.36 73.66 34.35
N VAL MB 91 11.35 72.93 33.88
CA VAL MB 91 11.39 72.53 32.47
C VAL MB 91 10.19 71.62 32.16
N CYS MB 92 10.14 70.48 32.84
CA CYS MB 92 9.04 69.53 32.65
C CYS MB 92 7.68 70.24 32.71
N ASN MB 93 7.50 71.07 33.72
CA ASN MB 93 6.23 71.78 33.91
C ASN MB 93 5.87 72.65 32.72
N GLU MB 94 6.77 73.56 32.36
CA GLU MB 94 6.49 74.53 31.30
C GLU MB 94 6.26 73.87 29.95
N VAL MB 95 6.84 72.68 29.75
CA VAL MB 95 6.65 71.95 28.51
C VAL MB 95 5.21 71.47 28.43
N ALA MB 96 4.78 70.72 29.43
CA ALA MB 96 3.40 70.23 29.50
C ALA MB 96 2.44 71.41 29.61
N LYS MB 97 2.75 72.34 30.50
CA LYS MB 97 1.95 73.54 30.68
C LYS MB 97 1.76 74.27 29.36
N GLY MB 98 2.81 74.31 28.56
CA GLY MB 98 2.76 74.96 27.26
C GLY MB 98 1.99 74.15 26.24
N VAL MB 99 2.37 72.88 26.07
CA VAL MB 99 1.74 72.01 25.08
C VAL MB 99 0.23 71.83 25.33
N ALA MB 100 -0.16 71.72 26.59
CA ALA MB 100 -1.57 71.56 26.94
C ALA MB 100 -2.35 72.85 26.73
N SER MB 101 -1.84 73.94 27.30
CA SER MB 101 -2.50 75.23 27.21
C SER MB 101 -2.54 75.75 25.78
N LEU MB 102 -1.45 75.53 25.05
CA LEU MB 102 -1.38 75.93 23.65
C LEU MB 102 -1.83 74.81 22.73
N SER MB 103 -2.87 74.09 23.17
CA SER MB 103 -3.53 73.06 22.38
C SER MB 103 -5.01 73.38 22.40
N LEU MB 104 -5.36 74.38 23.19
CA LEU MB 104 -6.73 74.87 23.29
C LEU MB 104 -6.81 76.23 22.62
N GLN MB 105 -5.70 76.96 22.66
CA GLN MB 105 -5.58 78.25 21.99
C GLN MB 105 -5.58 78.07 20.49
N THR MB 106 -5.40 76.83 20.05
CA THR MB 106 -5.30 76.53 18.63
C THR MB 106 -6.35 75.51 18.18
N ASP MB 107 -7.17 75.06 19.13
CA ASP MB 107 -8.20 74.04 18.89
C ASP MB 107 -7.65 73.05 17.86
N ILE MB 108 -6.43 72.60 18.05
CA ILE MB 108 -5.77 71.69 17.13
C ILE MB 108 -5.17 70.64 18.05
N PRO MB 109 -5.42 69.36 17.75
CA PRO MB 109 -4.86 68.26 18.54
C PRO MB 109 -3.35 68.35 18.64
N VAL MB 110 -2.84 68.68 19.83
CA VAL MB 110 -1.40 68.66 20.06
C VAL MB 110 -1.08 67.65 21.14
N ILE MB 111 -0.64 66.47 20.73
CA ILE MB 111 -0.35 65.37 21.64
C ILE MB 111 0.93 65.62 22.42
N PHE MB 112 0.86 65.47 23.74
CA PHE MB 112 2.01 65.64 24.61
C PHE MB 112 2.71 64.30 24.81
N GLY MB 113 3.89 64.14 24.22
CA GLY MB 113 4.64 62.92 24.33
C GLY MB 113 6.08 63.15 24.75
N VAL MB 114 6.26 63.95 25.80
CA VAL MB 114 7.59 64.23 26.34
C VAL MB 114 7.86 63.40 27.59
N LEU MB 115 8.89 62.57 27.52
CA LEU MB 115 9.26 61.75 28.66
C LEU MB 115 9.76 62.60 29.81
N THR MB 116 9.26 62.32 31.00
CA THR MB 116 9.67 63.02 32.21
C THR MB 116 10.01 62.01 33.30
N THR MB 117 11.28 61.63 33.37
CA THR MB 117 11.71 60.49 34.19
C THR MB 117 12.75 60.85 35.24
N GLU MB 118 13.13 59.85 36.03
CA GLU MB 118 14.11 60.02 37.10
C GLU MB 118 15.44 59.36 36.74
N THR MB 119 15.36 58.28 35.98
CA THR MB 119 16.53 57.49 35.62
C THR MB 119 16.69 57.41 34.11
N ILE MB 120 17.94 57.29 33.66
CA ILE MB 120 18.22 57.03 32.25
C ILE MB 120 17.59 55.69 31.88
N GLU MB 121 17.49 54.81 32.88
CA GLU MB 121 16.93 53.47 32.69
C GLU MB 121 15.41 53.51 32.58
N GLN MB 122 14.82 54.59 33.10
CA GLN MB 122 13.37 54.77 33.01
C GLN MB 122 12.99 55.33 31.63
N ALA MB 123 13.86 56.15 31.06
CA ALA MB 123 13.65 56.68 29.72
C ALA MB 123 13.71 55.55 28.70
N ILE MB 124 14.79 54.78 28.76
CA ILE MB 124 14.96 53.61 27.90
C ILE MB 124 13.79 52.65 28.10
N GLU MB 125 13.37 52.53 29.36
CA GLU MB 125 12.25 51.68 29.72
C GLU MB 125 11.03 52.03 28.87
N ARG MB 126 10.90 53.31 28.54
CA ARG MB 126 9.71 53.82 27.86
C ARG MB 126 10.01 54.33 26.46
N ALA MB 127 11.15 53.96 25.92
CA ALA MB 127 11.50 54.35 24.56
C ALA MB 127 11.56 53.14 23.60
N GLY MB 128 10.76 52.12 23.89
CA GLY MB 128 10.80 50.91 23.08
C GLY MB 128 11.47 49.84 23.90
N THR MB 129 11.09 49.79 25.16
CA THR MB 129 11.57 48.76 26.04
C THR MB 129 10.35 48.29 26.88
N LYS MB 130 10.57 47.65 28.05
CA LYS MB 130 9.46 47.17 28.91
C LYS MB 130 8.14 47.88 28.74
N ALA MB 131 8.10 49.19 28.96
CA ALA MB 131 6.85 49.96 28.85
C ALA MB 131 6.32 50.15 27.43
N GLY MB 132 7.11 49.88 26.38
CA GLY MB 132 6.65 50.11 25.01
C GLY MB 132 7.33 51.36 24.45
N ASN MB 133 6.83 51.96 23.37
CA ASN MB 133 7.46 53.19 22.84
C ASN MB 133 6.51 54.37 22.92
N LYS MB 134 6.79 55.27 23.86
CA LYS MB 134 5.97 56.45 24.10
C LYS MB 134 5.68 57.23 22.81
N GLY MB 135 6.66 57.23 21.89
CA GLY MB 135 6.50 57.92 20.63
C GLY MB 135 5.43 57.30 19.77
N TYR MB 136 5.54 55.98 19.56
CA TYR MB 136 4.54 55.23 18.80
C TYR MB 136 3.16 55.44 19.40
N GLU MB 137 3.06 55.39 20.72
CA GLU MB 137 1.80 55.57 21.41
C GLU MB 137 1.26 56.99 21.25
N SER MB 138 2.15 57.92 20.94
CA SER MB 138 1.76 59.31 20.74
C SER MB 138 1.17 59.52 19.35
N ALA MB 139 1.65 58.75 18.39
CA ALA MB 139 1.14 58.82 17.02
C ALA MB 139 -0.27 58.23 16.95
N VAL MB 140 -0.42 57.05 17.53
CA VAL MB 140 -1.71 56.37 17.57
C VAL MB 140 -2.74 57.25 18.29
N ALA MB 141 -2.24 58.19 19.10
CA ALA MB 141 -3.10 59.13 19.80
C ALA MB 141 -3.41 60.33 18.91
N ALA MB 142 -2.43 60.72 18.11
CA ALA MB 142 -2.58 61.86 17.21
C ALA MB 142 -3.61 61.56 16.11
N ILE MB 143 -3.59 60.32 15.62
CA ILE MB 143 -4.53 59.90 14.59
C ILE MB 143 -5.96 59.94 15.11
N GLU MB 144 -6.15 59.44 16.33
CA GLU MB 144 -7.48 59.42 16.93
C GLU MB 144 -8.00 60.83 17.15
N MET MB 145 -7.16 61.69 17.72
CA MET MB 145 -7.52 63.08 17.96
C MET MB 145 -7.79 63.79 16.64
N ALA MB 146 -7.12 63.34 15.59
CA ALA MB 146 -7.29 63.94 14.27
C ALA MB 146 -8.66 63.65 13.67
N HIS MB 147 -9.33 62.60 14.15
CA HIS MB 147 -10.66 62.21 13.66
C HIS MB 147 -11.75 62.79 14.52
N LEU MB 148 -11.46 62.93 15.80
CA LEU MB 148 -12.38 63.48 16.75
C LEU MB 148 -12.22 65.01 16.88
N SER MB 149 -11.02 65.59 16.61
CA SER MB 149 -10.81 67.04 16.94
C SER MB 149 -10.47 68.04 15.82
N LYS MB 150 -9.92 67.55 14.74
CA LYS MB 150 -9.50 68.42 13.65
C LYS MB 150 -10.61 68.62 12.63
N HIS MB 151 -11.05 67.58 11.99
CA HIS MB 151 -12.04 67.77 10.97
C HIS MB 151 -13.47 67.64 11.45
N TRP MB 152 -13.54 67.45 12.74
CA TRP MB 152 -14.76 67.38 13.51
C TRP MB 152 -14.88 68.79 14.15
N ALA MB 153 -16.07 69.31 14.42
CA ALA MB 153 -16.11 70.66 14.98
C ALA MB 153 -17.19 70.80 16.07
N VAL NB 2 78.10 78.03 39.77
CA VAL NB 2 76.73 78.40 40.13
C VAL NB 2 75.98 79.01 38.94
N PHE NB 3 74.70 78.63 38.78
CA PHE NB 3 73.92 79.06 37.63
C PHE NB 3 72.47 79.42 38.01
N GLU NB 4 72.30 80.44 38.84
CA GLU NB 4 70.95 80.89 39.18
C GLU NB 4 70.31 81.63 37.99
N GLY NB 5 69.04 82.00 38.13
CA GLY NB 5 68.32 82.70 37.09
C GLY NB 5 67.62 83.95 37.57
N HIS NB 6 67.81 85.05 36.84
CA HIS NB 6 67.17 86.32 37.16
C HIS NB 6 65.67 86.16 37.40
N LEU NB 7 65.05 87.18 37.99
CA LEU NB 7 63.61 87.20 38.15
C LEU NB 7 63.02 88.48 37.55
N VAL NB 8 63.89 89.33 37.03
CA VAL NB 8 63.47 90.54 36.34
C VAL NB 8 63.37 90.26 34.85
N GLY NB 9 62.17 90.35 34.30
CA GLY NB 9 61.94 90.07 32.89
C GLY NB 9 61.74 91.32 32.07
N THR NB 10 62.60 92.30 32.30
CA THR NB 10 62.51 93.59 31.63
C THR NB 10 62.29 93.46 30.13
N GLY NB 11 63.11 92.65 29.46
CA GLY NB 11 63.05 92.53 28.02
C GLY NB 11 62.80 91.13 27.52
N LEU NB 12 61.74 90.50 28.01
CA LEU NB 12 61.40 89.14 27.60
C LEU NB 12 60.16 89.13 26.72
N LYS NB 13 59.98 88.04 25.99
CA LYS NB 13 58.79 87.85 25.15
C LYS NB 13 58.14 86.51 25.50
N VAL NB 14 57.04 86.57 26.22
CA VAL NB 14 56.37 85.35 26.70
C VAL NB 14 55.09 85.06 25.92
N GLY NB 15 54.83 83.77 25.68
CA GLY NB 15 53.61 83.35 25.03
C GLY NB 15 52.85 82.37 25.90
N VAL NB 16 51.55 82.62 26.08
CA VAL NB 16 50.72 81.80 26.96
C VAL NB 16 49.67 81.01 26.19
N VAL NB 17 49.42 79.78 26.63
CA VAL NB 17 48.41 78.93 26.00
C VAL NB 17 47.42 78.44 27.04
N VAL NB 18 46.19 78.94 26.98
CA VAL NB 18 45.16 78.62 27.97
C VAL NB 18 44.01 77.79 27.40
N GLY NB 19 43.51 76.86 28.20
CA GLY NB 19 42.38 76.04 27.80
C GLY NB 19 41.06 76.61 28.30
N ARG NB 20 40.06 76.64 27.42
CA ARG NB 20 38.76 77.22 27.74
C ARG NB 20 37.99 76.41 28.77
N PHE NB 21 38.10 75.08 28.70
CA PHE NB 21 37.40 74.22 29.64
C PHE NB 21 37.76 74.65 31.05
N ASN NB 22 36.74 74.78 31.89
CA ASN NB 22 36.93 75.31 33.24
C ASN NB 22 37.39 76.76 33.21
N GLU NB 23 36.81 77.53 32.30
CA GLU NB 23 37.14 78.95 32.17
C GLU NB 23 36.97 79.65 33.50
N PHE NB 24 36.03 79.17 34.30
CA PHE NB 24 35.76 79.76 35.60
C PHE NB 24 37.04 79.82 36.43
N ILE NB 25 37.92 78.85 36.19
CA ILE NB 25 39.19 78.77 36.92
C ILE NB 25 40.34 79.32 36.10
N THR NB 26 40.46 78.85 34.86
CA THR NB 26 41.56 79.26 33.97
C THR NB 26 41.53 80.77 33.71
N SER NB 27 40.34 81.36 33.74
CA SER NB 27 40.20 82.80 33.55
C SER NB 27 41.02 83.55 34.60
N LYS NB 28 40.62 83.43 35.86
CA LYS NB 28 41.31 84.10 36.95
C LYS NB 28 42.69 83.45 37.19
N LEU NB 29 42.99 82.43 36.40
CA LEU NB 29 44.28 81.76 36.46
C LEU NB 29 45.23 82.37 35.45
N LEU NB 30 44.66 82.90 34.36
CA LEU NB 30 45.42 83.65 33.37
C LEU NB 30 45.76 85.02 33.92
N GLY NB 31 45.14 85.37 35.05
CA GLY NB 31 45.47 86.59 35.76
C GLY NB 31 46.86 86.50 36.34
N GLY NB 32 47.53 85.39 36.09
CA GLY NB 32 48.92 85.23 36.46
C GLY NB 32 49.81 85.75 35.34
N ALA NB 33 49.29 85.70 34.12
CA ALA NB 33 49.97 86.31 32.98
C ALA NB 33 50.26 87.77 33.32
N LEU NB 34 49.26 88.62 33.11
CA LEU NB 34 49.38 90.01 33.54
C LEU NB 34 49.33 90.03 35.07
N ASP NB 35 49.56 91.20 35.66
CA ASP NB 35 49.70 91.31 37.11
C ASP NB 35 50.63 90.20 37.61
N GLY NB 36 51.52 89.78 36.73
CA GLY NB 36 52.49 88.74 37.05
C GLY NB 36 53.73 88.94 36.20
N LEU NB 37 53.61 88.61 34.93
CA LEU NB 37 54.67 88.90 33.99
C LEU NB 37 54.89 90.40 33.92
N LYS NB 38 53.78 91.14 33.85
CA LYS NB 38 53.83 92.59 33.72
C LYS NB 38 54.55 93.27 34.89
N ARG NB 39 54.14 92.90 36.10
CA ARG NB 39 54.70 93.52 37.31
C ARG NB 39 56.16 93.11 37.51
N HIS NB 40 56.60 92.10 36.78
CA HIS NB 40 57.99 91.66 36.87
C HIS NB 40 58.87 92.26 35.78
N GLY NB 41 58.27 93.08 34.92
CA GLY NB 41 59.03 93.78 33.90
C GLY NB 41 58.54 93.55 32.48
N VAL NB 42 58.15 92.32 32.18
CA VAL NB 42 57.71 91.95 30.84
C VAL NB 42 56.76 93.00 30.27
N GLU NB 43 56.95 93.32 29.00
CA GLU NB 43 56.15 94.36 28.35
C GLU NB 43 54.74 93.88 28.05
N GLU NB 44 53.76 94.76 28.26
CA GLU NB 44 52.36 94.47 27.98
C GLU NB 44 52.16 93.85 26.61
N ASN NB 45 52.91 94.36 25.63
CA ASN NB 45 52.74 93.95 24.24
C ASN NB 45 53.48 92.67 23.89
N ASP NB 46 54.53 92.37 24.64
CA ASP NB 46 55.36 91.19 24.37
C ASP NB 46 54.72 89.89 24.88
N ILE NB 47 53.43 89.96 25.22
CA ILE NB 47 52.71 88.80 25.73
C ILE NB 47 51.53 88.43 24.84
N ASP NB 48 51.60 87.23 24.25
CA ASP NB 48 50.50 86.73 23.43
C ASP NB 48 49.82 85.56 24.11
N VAL NB 49 48.52 85.40 23.84
CA VAL NB 49 47.74 84.33 24.47
C VAL NB 49 46.97 83.50 23.45
N ALA NB 50 47.07 82.19 23.59
CA ALA NB 50 46.37 81.27 22.70
C ALA NB 50 45.32 80.46 23.45
N TRP NB 51 44.07 80.58 23.03
CA TRP NB 51 42.97 79.84 23.64
C TRP NB 51 42.73 78.52 22.91
N VAL NB 52 42.89 77.41 23.64
CA VAL NB 52 42.65 76.09 23.07
C VAL NB 52 41.36 75.52 23.67
N PRO NB 53 40.76 74.53 23.01
CA PRO NB 53 39.49 73.95 23.53
C PRO NB 53 39.50 73.52 25.02
N GLY NB 54 40.59 72.85 25.37
CA GLY NB 54 40.82 72.34 26.70
C GLY NB 54 42.28 71.81 26.78
N ALA NB 55 42.66 71.37 27.97
CA ALA NB 55 43.98 70.87 28.18
C ALA NB 55 44.46 69.86 27.13
N PHE NB 56 43.64 68.90 26.69
CA PHE NB 56 44.22 67.98 25.75
C PHE NB 56 44.82 68.67 24.54
N GLU NB 57 44.25 69.77 24.08
CA GLU NB 57 44.77 70.40 22.89
C GLU NB 57 45.95 71.38 23.15
N ILE NB 58 46.53 71.37 24.34
CA ILE NB 58 47.62 72.32 24.80
C ILE NB 58 49.10 71.97 24.46
N PRO NB 59 49.31 70.68 24.21
CA PRO NB 59 50.61 70.28 23.68
C PRO NB 59 50.83 70.72 22.23
N LEU NB 60 49.82 70.55 21.38
CA LEU NB 60 49.95 70.89 19.97
C LEU NB 60 50.20 72.37 19.73
N ILE NB 61 49.33 73.21 20.30
CA ILE NB 61 49.41 74.65 20.11
C ILE NB 61 50.55 75.28 20.91
N ALA NB 62 50.92 74.65 22.02
CA ALA NB 62 52.06 75.08 22.80
C ALA NB 62 53.34 74.83 22.01
N LYS NB 63 53.28 73.87 21.10
CA LYS NB 63 54.42 73.55 20.23
C LYS NB 63 54.56 74.59 19.11
N LYS NB 64 53.44 74.90 18.47
CA LYS NB 64 53.45 75.86 17.37
C LYS NB 64 53.60 77.31 17.86
N MET NB 65 54.03 77.46 19.11
CA MET NB 65 54.30 78.77 19.67
C MET NB 65 55.75 78.88 20.09
N ALA NB 66 56.31 77.78 20.56
CA ALA NB 66 57.72 77.72 20.91
C ALA NB 66 58.56 77.59 19.64
N ASN NB 67 58.02 76.88 18.65
CA ASN NB 67 58.72 76.67 17.39
C ASN NB 67 58.67 77.90 16.48
N SER NB 68 57.81 78.85 16.81
CA SER NB 68 57.74 80.10 16.06
C SER NB 68 58.93 80.99 16.42
N GLY NB 69 59.66 80.60 17.46
CA GLY NB 69 60.86 81.30 17.87
C GLY NB 69 60.64 82.76 18.23
N LYS NB 70 59.39 83.11 18.52
CA LYS NB 70 59.05 84.49 18.83
C LYS NB 70 59.08 84.74 20.34
N TYR NB 71 59.01 83.67 21.11
CA TYR NB 71 58.95 83.79 22.57
C TYR NB 71 60.17 83.19 23.25
N ASP NB 72 60.60 83.82 24.33
CA ASP NB 72 61.73 83.34 25.11
C ASP NB 72 61.28 82.16 25.97
N ALA NB 73 60.01 82.15 26.33
CA ALA NB 73 59.42 81.08 27.12
C ALA NB 73 57.93 80.99 26.85
N VAL NB 74 57.37 79.79 26.98
CA VAL NB 74 55.95 79.58 26.76
C VAL NB 74 55.28 79.06 28.03
N ILE NB 75 54.33 79.82 28.55
CA ILE NB 75 53.58 79.41 29.73
C ILE NB 75 52.31 78.67 29.33
N THR NB 76 52.07 77.52 29.93
CA THR NB 76 50.90 76.72 29.60
C THR NB 76 49.91 76.66 30.77
N LEU NB 77 48.69 77.15 30.53
CA LEU NB 77 47.67 77.25 31.57
C LEU NB 77 46.43 76.44 31.24
N GLY NB 78 45.73 76.00 32.28
CA GLY NB 78 44.52 75.22 32.11
C GLY NB 78 44.08 74.61 33.42
N THR NB 79 42.93 73.93 33.41
CA THR NB 79 42.42 73.29 34.62
C THR NB 79 41.66 72.02 34.28
N VAL NB 80 41.91 70.97 35.07
CA VAL NB 80 41.21 69.69 34.91
C VAL NB 80 40.77 69.17 36.27
N ILE NB 81 39.52 68.70 36.35
CA ILE NB 81 38.98 68.23 37.61
C ILE NB 81 38.38 66.83 37.50
N ARG NB 82 38.59 66.03 38.53
CA ARG NB 82 38.11 64.64 38.57
C ARG NB 82 36.64 64.50 38.20
N GLY NB 83 36.37 63.57 37.29
CA GLY NB 83 35.00 63.24 36.92
C GLY NB 83 34.59 61.93 37.58
N ALA NB 84 33.71 61.20 36.91
CA ALA NB 84 33.29 59.88 37.38
C ALA NB 84 34.10 58.80 36.67
N THR NB 85 34.63 59.15 35.51
CA THR NB 85 35.40 58.19 34.72
C THR NB 85 36.88 58.46 34.84
N THR NB 86 37.70 57.49 34.42
CA THR NB 86 39.15 57.63 34.45
C THR NB 86 39.63 58.51 33.30
N HIS NB 87 38.69 59.14 32.61
CA HIS NB 87 39.01 60.04 31.52
C HIS NB 87 39.92 61.17 32.01
N TYR NB 88 39.68 61.61 33.24
CA TYR NB 88 40.47 62.66 33.86
C TYR NB 88 41.96 62.31 33.89
N ASP NB 89 42.25 61.02 34.07
CA ASP NB 89 43.64 60.57 34.20
C ASP NB 89 44.41 60.67 32.89
N TYR NB 90 43.86 60.13 31.83
CA TYR NB 90 44.52 60.11 30.53
C TYR NB 90 44.75 61.52 30.00
N VAL NB 91 43.89 62.44 30.40
CA VAL NB 91 44.03 63.83 29.99
C VAL NB 91 45.19 64.49 30.72
N CYS NB 92 45.12 64.53 32.04
CA CYS NB 92 46.18 65.12 32.85
C CYS NB 92 47.54 64.57 32.47
N ASN NB 93 47.61 63.25 32.30
CA ASN NB 93 48.84 62.59 31.90
C ASN NB 93 49.41 63.20 30.62
N GLU NB 94 48.63 63.17 29.56
CA GLU NB 94 49.09 63.62 28.24
C GLU NB 94 49.44 65.09 28.19
N VAL NB 95 48.72 65.91 28.95
CA VAL NB 95 49.02 67.34 29.04
C VAL NB 95 50.40 67.53 29.61
N ALA NB 96 50.65 66.90 30.76
CA ALA NB 96 51.94 66.96 31.41
C ALA NB 96 53.01 66.23 30.57
N LYS NB 97 52.61 65.12 29.98
CA LYS NB 97 53.50 64.33 29.15
C LYS NB 97 53.91 65.11 27.91
N GLY NB 98 53.00 65.93 27.40
CA GLY NB 98 53.26 66.76 26.24
C GLY NB 98 54.13 67.95 26.57
N VAL NB 99 53.69 68.75 27.53
CA VAL NB 99 54.42 69.96 27.93
C VAL NB 99 55.85 69.66 28.38
N ALA NB 100 56.07 68.48 28.97
CA ALA NB 100 57.39 68.09 29.44
C ALA NB 100 58.23 67.48 28.33
N SER NB 101 57.87 66.29 27.89
CA SER NB 101 58.61 65.57 26.87
C SER NB 101 58.81 66.42 25.61
N LEU NB 102 57.91 67.36 25.36
CA LEU NB 102 58.05 68.26 24.22
C LEU NB 102 58.44 69.68 24.66
N SER NB 103 59.40 69.73 25.58
CA SER NB 103 60.03 70.97 26.02
C SER NB 103 61.53 70.76 25.90
N LEU NB 104 61.90 69.50 25.65
CA LEU NB 104 63.29 69.13 25.44
C LEU NB 104 63.60 69.11 23.95
N GLN NB 105 62.56 69.00 23.14
CA GLN NB 105 62.70 68.98 21.70
C GLN NB 105 62.68 70.39 21.13
N THR NB 106 62.56 71.38 22.01
CA THR NB 106 62.49 72.77 21.58
C THR NB 106 63.59 73.61 22.23
N ASP NB 107 64.15 73.10 23.32
CA ASP NB 107 65.19 73.81 24.07
C ASP NB 107 64.68 75.14 24.62
N ILE NB 108 63.41 75.43 24.37
CA ILE NB 108 62.77 76.63 24.89
C ILE NB 108 61.92 76.32 26.12
N PRO NB 109 62.18 77.01 27.23
CA PRO NB 109 61.46 76.76 28.47
C PRO NB 109 59.95 76.78 28.28
N VAL NB 110 59.29 75.65 28.58
CA VAL NB 110 57.84 75.58 28.55
C VAL NB 110 57.32 75.22 29.94
N ILE NB 111 56.92 76.24 30.69
CA ILE NB 111 56.45 76.06 32.06
C ILE NB 111 55.09 75.38 32.10
N PHE NB 112 54.98 74.33 32.91
CA PHE NB 112 53.73 73.59 33.06
C PHE NB 112 52.89 74.16 34.20
N GLY NB 113 51.84 74.88 33.84
CA GLY NB 113 50.96 75.49 34.82
C GLY NB 113 49.52 75.04 34.65
N VAL NB 114 49.31 73.73 34.60
CA VAL NB 114 47.98 73.16 34.46
C VAL NB 114 47.48 72.56 35.77
N LEU NB 115 46.42 73.15 36.30
CA LEU NB 115 45.81 72.64 37.52
C LEU NB 115 45.20 71.27 37.28
N THR NB 116 45.59 70.31 38.12
CA THR NB 116 45.04 68.98 38.05
C THR NB 116 44.53 68.57 39.43
N THR NB 117 43.25 68.82 39.67
CA THR NB 117 42.68 68.71 41.01
C THR NB 117 41.50 67.76 41.11
N GLU NB 118 40.97 67.64 42.31
CA GLU NB 118 39.89 66.70 42.61
C GLU NB 118 38.58 67.42 42.87
N THR NB 119 38.69 68.65 43.35
CA THR NB 119 37.51 69.45 43.69
C THR NB 119 37.53 70.78 42.96
N ILE NB 120 36.35 71.32 42.69
CA ILE NB 120 36.23 72.69 42.20
C ILE NB 120 36.84 73.62 43.25
N GLU NB 121 36.70 73.23 44.51
CA GLU NB 121 37.24 74.00 45.63
C GLU NB 121 38.76 74.04 45.60
N GLN NB 122 39.38 72.93 45.24
CA GLN NB 122 40.83 72.85 45.19
C GLN NB 122 41.38 73.68 44.04
N ALA NB 123 40.69 73.66 42.91
CA ALA NB 123 41.06 74.49 41.78
C ALA NB 123 41.01 75.97 42.16
N ILE NB 124 39.99 76.33 42.94
CA ILE NB 124 39.85 77.69 43.43
C ILE NB 124 40.95 78.00 44.44
N GLU NB 125 41.29 77.01 45.25
CA GLU NB 125 42.35 77.17 46.24
C GLU NB 125 43.66 77.54 45.56
N ARG NB 126 43.79 77.17 44.29
CA ARG NB 126 45.03 77.34 43.56
C ARG NB 126 44.87 78.29 42.38
N ALA NB 127 43.91 79.20 42.50
CA ALA NB 127 43.70 80.17 41.43
C ALA NB 127 43.57 81.57 42.00
N GLY NB 128 44.03 81.75 43.20
CA GLY NB 128 43.93 83.05 43.80
C GLY NB 128 43.23 82.93 45.13
N THR NB 129 43.48 81.85 45.82
CA THR NB 129 42.89 81.79 47.15
C THR NB 129 43.94 81.43 48.14
N LYS NB 130 43.63 80.58 49.12
CA LYS NB 130 44.66 80.38 50.17
C LYS NB 130 45.89 79.62 49.69
N ALA NB 131 46.02 79.28 48.40
CA ALA NB 131 47.27 78.62 47.97
C ALA NB 131 48.02 79.58 47.05
N GLY NB 132 47.30 80.66 46.68
CA GLY NB 132 47.82 81.69 45.80
C GLY NB 132 47.40 81.36 44.38
N ASN NB 133 47.90 82.12 43.40
CA ASN NB 133 47.55 81.91 42.00
C ASN NB 133 48.65 81.16 41.25
N LYS NB 134 48.34 79.95 40.82
CA LYS NB 134 49.33 79.09 40.15
C LYS NB 134 49.68 79.60 38.75
N GLY NB 135 48.98 80.63 38.31
CA GLY NB 135 49.27 81.26 37.04
C GLY NB 135 50.35 82.30 37.20
N TYR NB 136 50.30 83.01 38.32
CA TYR NB 136 51.30 84.02 38.65
C TYR NB 136 52.63 83.34 38.96
N GLU NB 137 52.56 82.19 39.64
CA GLU NB 137 53.77 81.46 40.02
C GLU NB 137 54.42 80.84 38.79
N SER NB 138 53.60 80.40 37.84
CA SER NB 138 54.11 79.77 36.63
C SER NB 138 54.71 80.80 35.68
N ALA NB 139 54.44 82.08 35.94
CA ALA NB 139 55.04 83.15 35.17
C ALA NB 139 56.42 83.48 35.74
N VAL NB 140 56.48 83.64 37.05
CA VAL NB 140 57.75 83.86 37.73
C VAL NB 140 58.76 82.80 37.32
N ALA NB 141 58.29 81.55 37.24
CA ALA NB 141 59.12 80.45 36.81
C ALA NB 141 59.51 80.60 35.33
N ALA NB 142 58.57 81.07 34.52
CA ALA NB 142 58.82 81.26 33.10
C ALA NB 142 59.94 82.25 32.86
N ILE NB 143 59.88 83.38 33.56
CA ILE NB 143 60.91 84.40 33.45
C ILE NB 143 62.27 83.83 33.83
N GLU NB 144 62.34 83.25 35.02
CA GLU NB 144 63.59 82.68 35.51
C GLU NB 144 64.17 81.64 34.54
N MET NB 145 63.30 80.79 33.99
CA MET NB 145 63.75 79.75 33.07
C MET NB 145 64.36 80.35 31.83
N ALA NB 146 63.60 81.20 31.15
CA ALA NB 146 64.09 81.85 29.94
C ALA NB 146 65.33 82.65 30.26
N HIS NB 147 65.38 83.19 31.47
CA HIS NB 147 66.49 84.05 31.90
C HIS NB 147 67.67 83.20 32.35
N LEU NB 148 67.48 81.88 32.34
CA LEU NB 148 68.52 80.96 32.80
C LEU NB 148 69.16 80.23 31.63
N SER NB 149 68.56 80.37 30.45
CA SER NB 149 69.11 79.75 29.25
C SER NB 149 70.24 80.61 28.67
N LYS NB 150 71.38 80.62 29.36
CA LYS NB 150 72.56 81.32 28.87
C LYS NB 150 73.67 80.34 28.50
N HIS NB 151 73.82 79.27 29.29
CA HIS NB 151 74.71 78.20 28.90
C HIS NB 151 74.00 77.30 27.89
N TRP NB 152 73.47 77.94 26.86
CA TRP NB 152 72.64 77.29 25.86
C TRP NB 152 73.19 77.63 24.46
N ALA NB 153 72.42 77.31 23.43
CA ALA NB 153 72.81 77.61 22.05
C ALA NB 153 74.03 76.79 21.62
N VAL OB 2 84.48 41.09 33.37
CA VAL OB 2 83.87 41.74 34.55
C VAL OB 2 84.20 43.23 34.61
N PHE OB 3 83.27 44.06 34.12
CA PHE OB 3 83.49 45.50 34.04
C PHE OB 3 82.77 46.22 35.17
N GLU OB 4 83.50 46.57 36.23
CA GLU OB 4 82.94 47.30 37.36
C GLU OB 4 83.39 48.77 37.35
N GLY OB 5 82.90 49.55 38.30
CA GLY OB 5 83.18 50.98 38.35
C GLY OB 5 84.01 51.44 39.54
N HIS OB 6 84.94 52.34 39.28
CA HIS OB 6 85.80 52.91 40.30
C HIS OB 6 84.97 53.73 41.29
N LEU OB 7 85.60 54.26 42.33
CA LEU OB 7 84.88 55.07 43.31
C LEU OB 7 85.66 56.29 43.83
N VAL OB 8 86.93 56.37 43.48
CA VAL OB 8 87.70 57.57 43.78
C VAL OB 8 87.66 58.49 42.56
N GLY OB 9 87.24 59.74 42.77
CA GLY OB 9 87.11 60.67 41.67
C GLY OB 9 88.10 61.83 41.74
N THR OB 10 89.39 61.50 41.78
CA THR OB 10 90.43 62.52 41.87
C THR OB 10 90.28 63.59 40.79
N GLY OB 11 90.14 63.18 39.55
CA GLY OB 11 90.01 64.11 38.45
C GLY OB 11 88.67 64.02 37.74
N LEU OB 12 87.62 64.50 38.40
CA LEU OB 12 86.27 64.42 37.85
C LEU OB 12 85.65 65.80 37.61
N LYS OB 13 84.74 65.85 36.63
CA LYS OB 13 84.05 67.08 36.29
C LYS OB 13 82.56 66.85 36.47
N VAL OB 14 82.01 67.29 37.60
CA VAL OB 14 80.61 66.99 37.92
C VAL OB 14 79.72 68.24 37.85
N GLY OB 15 78.51 68.06 37.37
CA GLY OB 15 77.53 69.14 37.32
C GLY OB 15 76.25 68.76 38.04
N VAL OB 16 75.68 69.72 38.77
CA VAL OB 16 74.50 69.45 39.60
C VAL OB 16 73.34 70.40 39.28
N VAL OB 17 72.15 69.85 39.17
CA VAL OB 17 70.95 70.64 38.94
C VAL OB 17 69.99 70.46 40.12
N VAL OB 18 69.82 71.52 40.91
CA VAL OB 18 68.96 71.46 42.10
C VAL OB 18 67.70 72.31 41.97
N GLY OB 19 66.58 71.74 42.37
CA GLY OB 19 65.31 72.44 42.32
C GLY OB 19 65.11 73.28 43.56
N ARG OB 20 64.73 74.54 43.36
CA ARG OB 20 64.59 75.48 44.47
C ARG OB 20 63.39 75.17 45.35
N PHE OB 21 62.30 74.69 44.75
CA PHE OB 21 61.09 74.37 45.49
C PHE OB 21 61.40 73.36 46.59
N ASN OB 22 60.83 73.58 47.77
CA ASN OB 22 61.16 72.79 48.95
C ASN OB 22 62.63 72.94 49.30
N GLU OB 23 63.15 74.16 49.13
CA GLU OB 23 64.54 74.47 49.41
C GLU OB 23 64.96 73.97 50.79
N PHE OB 24 64.01 73.92 51.71
CA PHE OB 24 64.27 73.47 53.06
C PHE OB 24 64.91 72.08 53.07
N ILE OB 25 64.57 71.27 52.07
CA ILE OB 25 65.09 69.91 51.96
C ILE OB 25 66.22 69.83 50.94
N THR OB 26 65.96 70.35 49.74
CA THR OB 26 66.94 70.32 48.66
C THR OB 26 68.24 70.98 49.08
N SER OB 27 68.16 71.91 50.02
CA SER OB 27 69.33 72.59 50.54
C SER OB 27 70.30 71.57 51.13
N LYS OB 28 69.90 70.95 52.23
CA LYS OB 28 70.72 69.93 52.87
C LYS OB 28 71.00 68.79 51.89
N LEU OB 29 70.10 68.61 50.95
CA LEU OB 29 70.22 67.54 49.96
C LEU OB 29 71.38 67.81 49.00
N LEU OB 30 71.58 69.07 48.65
CA LEU OB 30 72.70 69.46 47.81
C LEU OB 30 74.01 69.37 48.58
N GLY OB 31 73.98 69.88 49.81
CA GLY OB 31 75.15 69.83 50.66
C GLY OB 31 75.67 68.42 50.84
N GLY OB 32 74.79 67.45 50.66
CA GLY OB 32 75.17 66.05 50.75
C GLY OB 32 76.04 65.63 49.59
N ALA OB 33 75.66 66.05 48.39
CA ALA OB 33 76.41 65.71 47.19
C ALA OB 33 77.67 66.57 47.08
N LEU OB 34 77.52 67.84 47.43
CA LEU OB 34 78.61 68.80 47.30
C LEU OB 34 79.62 68.63 48.43
N ASP OB 35 79.42 67.60 49.24
CA ASP OB 35 80.34 67.26 50.33
C ASP OB 35 80.78 65.82 50.21
N GLY OB 36 80.04 65.04 49.42
CA GLY OB 36 80.41 63.67 49.11
C GLY OB 36 81.39 63.68 47.97
N LEU OB 37 81.18 64.61 47.03
CA LEU OB 37 82.09 64.78 45.92
C LEU OB 37 83.43 65.31 46.43
N LYS OB 38 83.39 66.40 47.19
CA LYS OB 38 84.60 67.01 47.72
C LYS OB 38 85.46 65.98 48.45
N ARG OB 39 84.86 65.26 49.38
CA ARG OB 39 85.61 64.33 50.23
C ARG OB 39 85.98 63.02 49.52
N HIS OB 40 85.44 62.84 48.33
CA HIS OB 40 85.80 61.70 47.51
C HIS OB 40 86.93 62.08 46.56
N GLY OB 41 87.52 63.26 46.74
CA GLY OB 41 88.62 63.59 45.91
C GLY OB 41 88.24 64.41 44.69
N VAL OB 42 86.94 64.75 44.56
CA VAL OB 42 86.55 65.60 43.45
C VAL OB 42 86.71 67.01 43.95
N GLU OB 43 87.30 67.81 43.11
CA GLU OB 43 87.56 69.22 43.33
C GLU OB 43 86.36 70.05 43.76
N GLU OB 44 86.56 70.84 44.81
CA GLU OB 44 85.56 71.75 45.33
C GLU OB 44 85.38 72.90 44.33
N ASN OB 45 86.33 73.06 43.45
CA ASN OB 45 86.29 74.10 42.47
C ASN OB 45 85.89 73.57 41.09
N ASP OB 46 85.58 72.28 40.98
CA ASP OB 46 85.24 71.69 39.70
C ASP OB 46 83.80 71.18 39.70
N ILE OB 47 82.94 71.86 40.45
CA ILE OB 47 81.54 71.49 40.55
C ILE OB 47 80.64 72.68 40.26
N ASP OB 48 79.73 72.51 39.30
CA ASP OB 48 78.77 73.56 38.97
C ASP OB 48 77.36 73.18 39.42
N VAL OB 49 76.65 74.15 39.98
CA VAL OB 49 75.28 73.94 40.45
C VAL OB 49 74.30 74.81 39.68
N ALA OB 50 73.21 74.20 39.22
CA ALA OB 50 72.18 74.91 38.46
C ALA OB 50 70.85 74.88 39.20
N TRP OB 51 70.44 76.04 39.70
CA TRP OB 51 69.17 76.18 40.40
C TRP OB 51 68.00 76.39 39.44
N VAL OB 52 67.08 75.43 39.43
CA VAL OB 52 65.88 75.55 38.63
C VAL OB 52 64.68 75.83 39.53
N PRO OB 53 63.58 76.39 38.94
CA PRO OB 53 62.42 76.71 39.78
C PRO OB 53 62.12 75.53 40.74
N GLY OB 54 61.81 74.36 40.12
CA GLY OB 54 61.48 73.08 40.79
C GLY OB 54 61.82 71.87 39.86
N ALA OB 55 61.51 70.69 40.37
CA ALA OB 55 61.79 69.44 39.67
C ALA OB 55 61.29 69.44 38.22
N PHE OB 56 60.05 69.86 37.94
CA PHE OB 56 59.62 69.78 36.56
C PHE OB 56 60.60 70.43 35.59
N GLU OB 57 61.36 71.42 36.00
CA GLU OB 57 62.27 72.06 35.07
C GLU OB 57 63.63 71.42 35.01
N ILE OB 58 63.88 70.43 35.88
CA ILE OB 58 65.20 69.72 36.00
C ILE OB 58 65.68 68.84 34.80
N PRO OB 59 64.71 68.34 34.06
CA PRO OB 59 65.05 67.65 32.80
C PRO OB 59 65.63 68.58 31.73
N LEU OB 60 65.05 69.76 31.59
CA LEU OB 60 65.50 70.70 30.56
C LEU OB 60 66.91 71.20 30.81
N ILE OB 61 67.13 71.77 31.99
CA ILE OB 61 68.43 72.34 32.33
C ILE OB 61 69.51 71.26 32.53
N ALA OB 62 69.09 70.08 32.98
CA ALA OB 62 70.00 68.96 33.12
C ALA OB 62 70.50 68.50 31.75
N LYS OB 63 69.66 68.71 30.74
CA LYS OB 63 70.00 68.37 29.36
C LYS OB 63 71.08 69.32 28.82
N LYS OB 64 70.90 70.61 29.06
CA LYS OB 64 71.82 71.62 28.56
C LYS OB 64 73.15 71.63 29.31
N MET OB 65 73.28 70.75 30.30
CA MET OB 65 74.53 70.58 31.02
C MET OB 65 75.26 69.34 30.54
N ALA OB 66 74.50 68.30 30.23
CA ALA OB 66 75.07 67.09 29.64
C ALA OB 66 75.46 67.38 28.19
N ASN OB 67 74.58 68.05 27.48
CA ASN OB 67 74.87 68.48 26.12
C ASN OB 67 75.97 69.53 26.10
N SER OB 68 76.17 70.17 27.25
CA SER OB 68 77.24 71.14 27.40
C SER OB 68 78.60 70.47 27.20
N GLY OB 69 78.64 69.15 27.34
CA GLY OB 69 79.86 68.39 27.18
C GLY OB 69 81.00 68.91 28.03
N LYS OB 70 80.70 69.18 29.29
CA LYS OB 70 81.71 69.73 30.20
C LYS OB 70 81.81 68.89 31.47
N TYR OB 71 80.89 67.95 31.63
CA TYR OB 71 80.84 67.15 32.85
C TYR OB 71 80.86 65.66 32.53
N ASP OB 72 81.53 64.88 33.38
CA ASP OB 72 81.58 63.43 33.23
C ASP OB 72 80.25 62.83 33.65
N ALA OB 73 79.56 63.52 34.56
CA ALA OB 73 78.27 63.07 35.04
C ALA OB 73 77.50 64.26 35.61
N VAL OB 74 76.17 64.19 35.54
CA VAL OB 74 75.32 65.23 36.08
C VAL OB 74 74.40 64.67 37.15
N ILE OB 75 74.38 65.33 38.31
CA ILE OB 75 73.53 64.93 39.43
C ILE OB 75 72.29 65.81 39.50
N THR OB 76 71.12 65.19 39.60
CA THR OB 76 69.86 65.93 39.71
C THR OB 76 69.27 65.84 41.11
N LEU OB 77 69.25 66.98 41.81
CA LEU OB 77 68.72 67.05 43.17
C LEU OB 77 67.42 67.82 43.21
N GLY OB 78 66.47 67.33 44.01
CA GLY OB 78 65.19 67.99 44.17
C GLY OB 78 64.33 67.30 45.20
N THR OB 79 63.18 67.89 45.52
CA THR OB 79 62.26 67.27 46.47
C THR OB 79 60.81 67.58 46.11
N VAL OB 80 59.99 66.53 46.08
CA VAL OB 80 58.57 66.66 45.78
C VAL OB 80 57.77 65.92 46.83
N ILE OB 81 56.79 66.59 47.42
CA ILE OB 81 55.98 65.99 48.48
C ILE OB 81 54.50 65.99 48.16
N ARG OB 82 53.82 64.89 48.50
CA ARG OB 82 52.39 64.73 48.27
C ARG OB 82 51.58 65.97 48.64
N GLY OB 83 50.60 66.27 47.80
CA GLY OB 83 49.67 67.36 48.09
C GLY OB 83 48.29 66.79 48.27
N ALA OB 84 47.27 67.58 47.92
CA ALA OB 84 45.89 67.13 47.98
C ALA OB 84 45.44 66.65 46.60
N THR OB 85 46.18 67.05 45.57
CA THR OB 85 45.83 66.71 44.19
C THR OB 85 46.83 65.74 43.58
N THR OB 86 46.46 65.18 42.44
CA THR OB 86 47.32 64.24 41.72
C THR OB 86 48.44 64.98 40.99
N HIS OB 87 48.53 66.28 41.22
CA HIS OB 87 49.56 67.11 40.63
C HIS OB 87 50.94 66.54 40.96
N TYR OB 88 51.05 66.01 42.17
CA TYR OB 88 52.30 65.43 42.66
C TYR OB 88 52.78 64.28 41.78
N ASP OB 89 51.84 63.51 41.25
CA ASP OB 89 52.18 62.32 40.46
C ASP OB 89 52.81 62.66 39.12
N TYR OB 90 52.18 63.59 38.40
CA TYR OB 90 52.66 63.96 37.07
C TYR OB 90 54.02 64.65 37.15
N VAL OB 91 54.27 65.34 38.24
CA VAL OB 91 55.56 65.98 38.46
C VAL OB 91 56.64 64.93 38.67
N CYS OB 92 56.47 64.11 39.71
CA CYS OB 92 57.41 63.04 40.01
C CYS OB 92 57.69 62.21 38.76
N ASN OB 93 56.63 61.79 38.09
CA ASN OB 93 56.76 60.98 36.89
C ASN OB 93 57.68 61.62 35.85
N GLU OB 94 57.33 62.83 35.42
CA GLU OB 94 58.06 63.51 34.36
C GLU OB 94 59.50 63.83 34.74
N VAL OB 95 59.74 64.09 36.03
CA VAL OB 95 61.11 64.30 36.50
C VAL OB 95 61.90 62.99 36.37
N ALA OB 96 61.39 61.94 37.00
CA ALA OB 96 62.00 60.62 36.89
C ALA OB 96 61.66 59.97 35.55
N LYS OB 97 61.52 60.79 34.52
CA LYS OB 97 61.21 60.30 33.18
C LYS OB 97 62.08 60.99 32.14
N GLY OB 98 62.20 62.31 32.24
CA GLY OB 98 63.23 63.04 31.52
C GLY OB 98 64.62 62.75 32.05
N VAL OB 99 64.86 63.10 33.31
CA VAL OB 99 66.10 62.73 34.00
C VAL OB 99 66.41 61.25 33.79
N ALA OB 100 65.38 60.45 33.55
CA ALA OB 100 65.23 59.16 34.20
C ALA OB 100 65.88 58.05 33.36
N SER OB 101 65.38 57.86 32.15
CA SER OB 101 66.12 57.16 31.12
C SER OB 101 66.10 57.93 29.80
N LEU OB 102 65.17 58.86 29.68
CA LEU OB 102 65.20 59.84 28.60
C LEU OB 102 66.62 60.27 28.27
N SER OB 103 67.38 60.59 29.31
CA SER OB 103 68.73 61.12 29.14
C SER OB 103 69.74 60.03 28.89
N LEU OB 104 69.43 59.15 27.93
CA LEU OB 104 70.35 58.12 27.52
C LEU OB 104 70.89 58.63 26.22
N GLN OB 105 70.15 59.54 25.64
CA GLN OB 105 70.52 60.06 24.35
C GLN OB 105 71.94 60.64 24.31
N THR OB 106 72.35 61.27 25.41
CA THR OB 106 73.66 61.97 25.52
C THR OB 106 74.84 61.04 25.77
N ASP OB 107 74.50 59.99 26.46
CA ASP OB 107 75.47 59.06 26.86
C ASP OB 107 76.40 59.73 27.87
N ILE OB 108 75.85 60.61 28.69
CA ILE OB 108 76.59 61.19 29.80
C ILE OB 108 75.85 60.69 31.01
N PRO OB 109 76.57 60.22 32.03
CA PRO OB 109 75.82 59.70 33.20
C PRO OB 109 74.88 60.68 33.87
N VAL OB 110 73.57 60.38 33.99
CA VAL OB 110 72.74 61.34 34.70
C VAL OB 110 72.09 60.62 35.88
N ILE OB 111 72.54 60.97 37.07
CA ILE OB 111 72.04 60.34 38.30
C ILE OB 111 70.75 61.00 38.77
N PHE OB 112 69.72 60.19 38.95
CA PHE OB 112 68.43 60.69 39.44
C PHE OB 112 68.42 60.71 40.96
N GLY OB 113 68.57 61.90 41.54
CA GLY OB 113 68.56 62.05 42.98
C GLY OB 113 67.48 63.01 43.43
N VAL OB 114 66.26 62.77 42.97
CA VAL OB 114 65.13 63.61 43.34
C VAL OB 114 64.22 62.88 44.33
N LEU OB 115 64.14 63.43 45.54
CA LEU OB 115 63.29 62.87 46.58
C LEU OB 115 61.82 62.97 46.20
N THR OB 116 61.13 61.83 46.28
CA THR OB 116 59.71 61.79 45.98
C THR OB 116 59.00 61.06 47.12
N THR OB 117 58.50 61.85 48.09
CA THR OB 117 58.01 61.29 49.35
C THR OB 117 56.54 61.57 49.59
N GLU OB 118 56.09 61.23 50.81
CA GLU OB 118 54.71 61.42 51.22
C GLU OB 118 54.61 62.46 52.32
N THR OB 119 55.60 62.47 53.20
CA THR OB 119 55.60 63.35 54.35
C THR OB 119 56.77 64.31 54.31
N ILE OB 120 56.59 65.49 54.90
CA ILE OB 120 57.68 66.42 55.10
C ILE OB 120 58.69 65.73 56.04
N GLU OB 121 58.17 64.84 56.88
CA GLU OB 121 59.00 64.09 57.81
C GLU OB 121 59.77 62.99 57.10
N GLN OB 122 59.23 62.49 56.00
CA GLN OB 122 59.90 61.44 55.24
C GLN OB 122 61.05 62.02 54.41
N ALA OB 123 60.79 63.14 53.75
CA ALA OB 123 61.81 63.84 53.00
C ALA OB 123 62.95 64.25 53.93
N ILE OB 124 62.59 64.64 55.15
CA ILE OB 124 63.58 65.05 56.13
C ILE OB 124 64.37 63.86 56.66
N GLU OB 125 63.88 62.66 56.40
CA GLU OB 125 64.57 61.43 56.79
C GLU OB 125 65.71 61.14 55.82
N ARG OB 126 65.50 61.43 54.54
CA ARG OB 126 66.52 61.17 53.52
C ARG OB 126 67.37 62.41 53.26
N ALA OB 127 67.04 63.51 53.91
CA ALA OB 127 67.78 64.75 53.70
C ALA OB 127 68.99 64.87 54.64
N GLY OB 128 69.41 63.74 55.16
CA GLY OB 128 70.51 63.76 56.06
C GLY OB 128 70.03 63.38 57.45
N THR OB 129 69.19 62.33 57.57
CA THR OB 129 68.78 61.87 58.90
C THR OB 129 68.73 60.38 58.88
N LYS OB 130 67.78 59.78 59.55
CA LYS OB 130 67.68 58.33 59.65
C LYS OB 130 68.11 57.52 58.40
N ALA OB 131 67.56 57.80 57.24
CA ALA OB 131 67.93 57.00 56.09
C ALA OB 131 69.26 57.47 55.45
N GLY OB 132 69.84 58.58 55.95
CA GLY OB 132 71.11 59.12 55.41
C GLY OB 132 70.83 60.25 54.41
N ASN OB 133 71.85 60.88 53.83
CA ASN OB 133 71.65 61.92 52.85
C ASN OB 133 71.67 61.38 51.43
N LYS OB 134 70.52 61.41 50.76
CA LYS OB 134 70.39 60.86 49.41
C LYS OB 134 71.12 61.69 48.37
N GLY OB 135 71.62 62.85 48.77
CA GLY OB 135 72.45 63.66 47.91
C GLY OB 135 73.87 63.13 47.88
N TYR OB 136 74.36 62.76 49.06
CA TYR OB 136 75.67 62.14 49.19
C TYR OB 136 75.72 60.85 48.39
N GLU OB 137 74.66 60.04 48.52
CA GLU OB 137 74.60 58.75 47.85
C GLU OB 137 74.50 58.92 46.33
N SER OB 138 73.87 60.00 45.89
CA SER OB 138 73.68 60.25 44.47
C SER OB 138 74.96 60.82 43.84
N ALA OB 139 75.88 61.24 44.69
CA ALA OB 139 77.19 61.72 44.22
C ALA OB 139 78.14 60.54 44.07
N VAL OB 140 78.08 59.62 45.04
CA VAL OB 140 78.86 58.39 44.97
C VAL OB 140 78.48 57.61 43.72
N ALA OB 141 77.21 57.67 43.36
CA ALA OB 141 76.72 57.01 42.15
C ALA OB 141 77.25 57.71 40.90
N ALA OB 142 77.41 59.03 41.00
CA ALA OB 142 77.90 59.82 39.87
C ALA OB 142 79.35 59.48 39.57
N ILE OB 143 80.18 59.45 40.61
CA ILE OB 143 81.59 59.11 40.46
C ILE OB 143 81.74 57.72 39.85
N GLU OB 144 80.98 56.77 40.38
CA GLU OB 144 81.04 55.40 39.87
C GLU OB 144 80.62 55.32 38.41
N MET OB 145 79.47 55.90 38.10
CA MET OB 145 78.99 55.90 36.73
C MET OB 145 80.02 56.51 35.79
N ALA OB 146 80.59 57.64 36.21
CA ALA OB 146 81.61 58.32 35.43
C ALA OB 146 82.75 57.36 35.09
N HIS OB 147 83.24 56.66 36.10
CA HIS OB 147 84.33 55.70 35.93
C HIS OB 147 83.86 54.41 35.27
N LEU OB 148 83.01 54.53 34.27
CA LEU OB 148 82.57 53.40 33.47
C LEU OB 148 82.65 53.84 32.01
N SER OB 149 83.72 53.36 31.34
CA SER OB 149 84.06 53.80 29.97
C SER OB 149 84.21 52.77 28.83
N LYS OB 150 83.11 52.76 28.12
CA LYS OB 150 82.87 52.12 26.90
C LYS OB 150 82.25 53.35 26.18
N HIS OB 151 82.50 53.52 24.89
CA HIS OB 151 81.96 54.64 24.14
C HIS OB 151 81.41 54.16 22.86
N TRP OB 152 80.28 54.70 22.50
CA TRP OB 152 79.70 54.22 21.26
C TRP OB 152 80.28 54.99 20.11
N ALA OB 153 80.66 54.23 19.07
CA ALA OB 153 81.23 54.79 17.86
C ALA OB 153 81.34 53.72 16.77
N VAL PB 2 56.79 28.40 11.03
CA VAL PB 2 56.98 28.23 12.47
C VAL PB 2 58.43 28.52 12.88
N PHE PB 3 58.60 29.30 13.94
CA PHE PB 3 59.93 29.78 14.34
C PHE PB 3 60.19 29.69 15.84
N GLU PB 4 60.47 28.48 16.34
CA GLU PB 4 60.81 28.30 17.75
C GLU PB 4 62.25 28.76 18.00
N GLY PB 5 62.60 28.93 19.27
CA GLY PB 5 63.94 29.38 19.64
C GLY PB 5 64.77 28.31 20.31
N HIS PB 6 65.98 28.11 19.79
CA HIS PB 6 66.91 27.11 20.32
C HIS PB 6 67.18 27.37 21.80
N LEU PB 7 67.66 26.35 22.51
CA LEU PB 7 67.92 26.49 23.94
C LEU PB 7 69.35 26.10 24.36
N VAL PB 8 70.07 25.46 23.44
CA VAL PB 8 71.46 25.13 23.69
C VAL PB 8 72.35 26.24 23.15
N GLY PB 9 72.96 27.00 24.05
CA GLY PB 9 73.77 28.14 23.65
C GLY PB 9 75.26 27.91 23.78
N THR PB 10 75.77 26.93 23.06
CA THR PB 10 77.19 26.62 23.09
C THR PB 10 78.03 27.82 22.67
N GLY PB 11 77.87 28.26 21.43
CA GLY PB 11 78.65 29.36 20.90
C GLY PB 11 78.01 30.73 21.06
N LEU PB 12 77.79 31.13 22.31
CA LEU PB 12 77.13 32.40 22.57
C LEU PB 12 77.99 33.34 23.41
N LYS PB 13 77.88 34.64 23.14
CA LYS PB 13 78.48 35.66 23.98
C LYS PB 13 77.38 36.43 24.70
N VAL PB 14 77.37 36.37 26.02
CA VAL PB 14 76.33 37.05 26.79
C VAL PB 14 76.92 38.17 27.64
N GLY PB 15 76.14 39.21 27.88
CA GLY PB 15 76.55 40.31 28.73
C GLY PB 15 75.52 40.58 29.80
N VAL PB 16 75.98 40.74 31.03
CA VAL PB 16 75.07 40.93 32.16
C VAL PB 16 75.31 42.26 32.87
N VAL PB 17 74.23 42.94 33.22
CA VAL PB 17 74.30 44.19 33.97
C VAL PB 17 73.54 44.06 35.28
N VAL PB 18 74.27 44.01 36.38
CA VAL PB 18 73.66 43.79 37.70
C VAL PB 18 73.74 45.04 38.57
N GLY PB 19 72.68 45.25 39.36
CA GLY PB 19 72.63 46.39 40.26
C GLY PB 19 73.19 46.07 41.63
N ARG PB 20 74.03 46.97 42.14
CA ARG PB 20 74.70 46.75 43.43
C ARG PB 20 73.73 46.87 44.59
N PHE PB 21 72.76 47.78 44.48
CA PHE PB 21 71.76 47.95 45.52
C PHE PB 21 70.99 46.65 45.72
N ASN PB 22 70.68 46.33 46.97
CA ASN PB 22 70.07 45.04 47.30
C ASN PB 22 70.98 43.90 46.87
N GLU PB 23 72.29 44.10 47.05
CA GLU PB 23 73.30 43.12 46.68
C GLU PB 23 73.01 41.77 47.31
N PHE PB 24 72.43 41.80 48.51
CA PHE PB 24 72.07 40.58 49.22
C PHE PB 24 71.21 39.67 48.37
N ILE PB 25 70.40 40.26 47.50
CA ILE PB 25 69.52 39.50 46.61
C ILE PB 25 70.12 39.36 45.21
N THR PB 26 70.53 40.49 44.64
CA THR PB 26 71.08 40.50 43.29
C THR PB 26 72.31 39.59 43.17
N SER PB 27 72.99 39.35 44.29
CA SER PB 27 74.12 38.45 44.32
C SER PB 27 73.71 37.06 43.84
N LYS PB 28 72.86 36.41 44.63
CA LYS PB 28 72.35 35.09 44.28
C LYS PB 28 71.58 35.13 42.96
N LEU PB 29 71.12 36.32 42.60
CA LEU PB 29 70.37 36.52 41.37
C LEU PB 29 71.30 36.40 40.18
N LEU PB 30 72.53 36.89 40.36
CA LEU PB 30 73.57 36.77 39.35
C LEU PB 30 74.02 35.33 39.27
N GLY PB 31 73.74 34.56 40.31
CA GLY PB 31 74.00 33.13 40.30
C GLY PB 31 73.20 32.45 39.21
N GLY PB 32 72.35 33.23 38.53
CA GLY PB 32 71.60 32.74 37.39
C GLY PB 32 72.45 32.78 36.13
N ALA PB 33 73.38 33.72 36.08
CA ALA PB 33 74.37 33.77 35.01
C ALA PB 33 75.17 32.49 35.02
N LEU PB 34 76.07 32.37 35.98
CA LEU PB 34 76.79 31.12 36.19
C LEU PB 34 75.79 30.06 36.63
N ASP PB 35 76.19 28.79 36.59
CA ASP PB 35 75.27 27.69 36.88
C ASP PB 35 73.96 27.86 36.12
N GLY PB 36 74.01 28.65 35.05
CA GLY PB 36 72.83 28.91 34.24
C GLY PB 36 73.19 28.95 32.78
N LEU PB 37 73.97 29.96 32.38
CA LEU PB 37 74.51 30.03 31.04
C LEU PB 37 75.57 28.94 30.87
N LYS PB 38 76.28 28.66 31.97
CA LYS PB 38 77.32 27.63 31.98
C LYS PB 38 76.77 26.29 31.51
N ARG PB 39 75.78 25.77 32.24
CA ARG PB 39 75.25 24.44 31.98
C ARG PB 39 74.48 24.36 30.66
N HIS PB 40 74.17 25.50 30.06
CA HIS PB 40 73.47 25.50 28.79
C HIS PB 40 74.41 25.59 27.59
N GLY PB 41 75.71 25.58 27.86
CA GLY PB 41 76.71 25.54 26.82
C GLY PB 41 77.67 26.71 26.77
N VAL PB 42 77.20 27.88 27.22
CA VAL PB 42 78.00 29.09 27.17
C VAL PB 42 79.36 28.92 27.85
N GLU PB 43 80.42 29.50 27.27
CA GLU PB 43 81.78 29.34 27.78
C GLU PB 43 82.07 30.15 29.06
N GLU PB 44 82.68 29.46 30.07
CA GLU PB 44 83.03 29.98 31.38
C GLU PB 44 83.84 31.24 31.20
N ASN PB 45 83.31 32.28 31.85
CA ASN PB 45 83.72 33.66 31.78
C ASN PB 45 84.10 33.95 30.32
N ASP PB 46 83.02 33.99 29.52
CA ASP PB 46 82.94 34.36 28.10
C ASP PB 46 81.73 35.22 28.13
N ILE PB 47 81.45 35.52 29.36
CA ILE PB 47 80.33 36.33 29.74
C ILE PB 47 80.85 37.47 30.61
N ASP PB 48 80.43 38.69 30.31
CA ASP PB 48 80.86 39.85 31.08
C ASP PB 48 79.76 40.39 32.00
N VAL PB 49 80.18 40.82 33.18
CA VAL PB 49 79.26 41.35 34.17
C VAL PB 49 79.55 42.82 34.48
N ALA PB 50 78.52 43.64 34.39
CA ALA PB 50 78.66 45.07 34.65
C ALA PB 50 77.88 45.47 35.90
N TRP PB 51 78.60 45.94 36.91
CA TRP PB 51 77.99 46.38 38.16
C TRP PB 51 77.65 47.86 38.12
N VAL PB 52 76.37 48.17 38.27
CA VAL PB 52 75.91 49.55 38.31
C VAL PB 52 75.28 49.84 39.66
N PRO PB 53 75.42 51.09 40.13
CA PRO PB 53 74.93 51.53 41.44
C PRO PB 53 73.51 51.04 41.74
N GLY PB 54 72.51 51.67 41.12
CA GLY PB 54 71.14 51.30 41.36
C GLY PB 54 70.49 50.67 40.14
N ALA PB 55 69.33 50.05 40.35
CA ALA PB 55 68.57 49.45 39.25
C ALA PB 55 68.27 50.51 38.21
N PHE PB 56 68.27 51.76 38.65
CA PHE PB 56 67.97 52.90 37.79
C PHE PB 56 69.06 53.14 36.76
N GLU PB 57 70.28 52.73 37.09
CA GLU PB 57 71.43 52.98 36.22
C GLU PB 57 71.62 51.85 35.22
N ILE PB 58 70.84 50.78 35.37
CA ILE PB 58 70.94 49.62 34.49
C ILE PB 58 70.74 49.95 33.02
N PRO PB 59 69.63 50.63 32.68
CA PRO PB 59 69.32 50.93 31.28
C PRO PB 59 70.50 51.57 30.53
N LEU PB 60 71.16 52.54 31.15
CA LEU PB 60 72.27 53.23 30.50
C LEU PB 60 73.42 52.28 30.12
N ILE PB 61 73.88 51.51 31.10
CA ILE PB 61 75.01 50.61 30.89
C ILE PB 61 74.62 49.35 30.13
N ALA PB 62 73.36 48.94 30.27
CA ALA PB 62 72.85 47.82 29.48
C ALA PB 62 72.94 48.19 28.01
N LYS PB 63 72.81 49.49 27.73
CA LYS PB 63 72.95 50.01 26.37
C LYS PB 63 74.41 49.95 25.92
N LYS PB 64 75.29 50.67 26.61
CA LYS PB 64 76.68 50.77 26.23
C LYS PB 64 77.43 49.43 26.29
N MET PB 65 76.67 48.35 26.33
CA MET PB 65 77.23 47.01 26.19
C MET PB 65 76.70 46.37 24.92
N ALA PB 66 75.38 46.25 24.84
CA ALA PB 66 74.73 45.72 23.65
C ALA PB 66 74.81 46.71 22.49
N ASN PB 67 75.09 47.97 22.81
CA ASN PB 67 75.10 49.03 21.82
C ASN PB 67 75.98 48.70 20.63
N SER PB 68 77.20 48.22 20.92
CA SER PB 68 78.09 47.76 19.87
C SER PB 68 78.40 46.29 20.08
N GLY PB 69 78.29 45.50 19.00
CA GLY PB 69 78.44 44.06 19.05
C GLY PB 69 79.57 43.54 19.92
N LYS PB 70 79.20 42.99 21.07
CA LYS PB 70 80.14 42.32 21.95
C LYS PB 70 79.49 41.01 22.38
N TYR PB 71 78.15 41.03 22.41
CA TYR PB 71 77.37 39.89 22.89
C TYR PB 71 76.17 39.65 21.98
N ASP PB 72 75.67 38.42 22.00
CA ASP PB 72 74.50 38.04 21.21
C ASP PB 72 73.23 38.39 21.96
N ALA PB 73 73.36 38.64 23.25
CA ALA PB 73 72.23 39.02 24.09
C ALA PB 73 72.72 39.55 25.43
N VAL PB 74 72.01 40.54 25.96
CA VAL PB 74 72.37 41.15 27.24
C VAL PB 74 71.30 40.91 28.29
N ILE PB 75 71.73 40.47 29.48
CA ILE PB 75 70.82 40.20 30.58
C ILE PB 75 70.92 41.30 31.64
N THR PB 76 69.78 41.80 32.09
CA THR PB 76 69.75 42.81 33.15
C THR PB 76 69.24 42.22 34.47
N LEU PB 77 70.08 42.28 35.49
CA LEU PB 77 69.72 41.78 36.82
C LEU PB 77 69.74 42.90 37.85
N GLY PB 78 68.82 42.82 38.81
CA GLY PB 78 68.74 43.81 39.87
C GLY PB 78 67.55 43.52 40.76
N THR PB 79 67.42 44.29 41.84
CA THR PB 79 66.28 44.11 42.74
C THR PB 79 65.79 45.46 43.27
N VAL PB 80 64.48 45.58 43.39
CA VAL PB 80 63.85 46.79 43.92
C VAL PB 80 62.72 46.43 44.87
N ILE PB 81 62.78 46.95 46.10
CA ILE PB 81 61.78 46.61 47.11
C ILE PB 81 61.02 47.85 47.60
N ARG PB 82 59.72 47.69 47.78
CA ARG PB 82 58.85 48.77 48.24
C ARG PB 82 59.37 49.51 49.46
N GLY PB 83 59.31 50.84 49.40
CA GLY PB 83 59.66 51.67 50.54
C GLY PB 83 58.43 52.39 51.04
N ALA PB 84 58.63 53.44 51.82
CA ALA PB 84 57.53 54.23 52.34
C ALA PB 84 57.05 55.23 51.29
N THR PB 85 57.97 55.61 50.40
CA THR PB 85 57.68 56.61 49.37
C THR PB 85 57.32 55.94 48.04
N THR PB 86 56.78 56.72 47.12
CA THR PB 86 56.44 56.23 45.79
C THR PB 86 57.67 56.15 44.91
N HIS PB 87 58.83 56.40 45.51
CA HIS PB 87 60.11 56.31 44.80
C HIS PB 87 60.28 54.94 44.16
N TYR PB 88 59.81 53.91 44.85
CA TYR PB 88 59.88 52.54 44.36
C TYR PB 88 59.26 52.39 42.98
N ASP PB 89 58.21 53.16 42.72
CA ASP PB 89 57.47 53.04 41.46
C ASP PB 89 58.22 53.63 40.28
N TYR PB 90 58.73 54.85 40.45
CA TYR PB 90 59.40 55.54 39.36
C TYR PB 90 60.70 54.84 38.95
N VAL PB 91 61.30 54.12 39.89
CA VAL PB 91 62.49 53.33 39.60
C VAL PB 91 62.13 52.09 38.79
N CYS PB 92 61.30 51.23 39.37
CA CYS PB 92 60.82 50.02 38.68
C CYS PB 92 60.37 50.35 37.26
N ASN PB 93 59.43 51.29 37.15
CA ASN PB 93 58.92 51.69 35.85
C ASN PB 93 60.01 51.96 34.83
N GLU PB 94 60.88 52.92 35.15
CA GLU PB 94 61.90 53.38 34.21
C GLU PB 94 62.93 52.31 33.87
N VAL PB 95 63.16 51.38 34.80
CA VAL PB 95 64.05 50.26 34.54
C VAL PB 95 63.43 49.38 33.45
N ALA PB 96 62.20 48.93 33.70
CA ALA PB 96 61.48 48.13 32.73
C ALA PB 96 61.27 48.92 31.45
N LYS PB 97 60.96 50.20 31.61
CA LYS PB 97 60.74 51.10 30.49
C LYS PB 97 62.00 51.19 29.64
N GLY PB 98 63.15 51.38 30.28
CA GLY PB 98 64.42 51.49 29.60
C GLY PB 98 64.82 50.20 28.92
N VAL PB 99 64.94 49.13 29.71
CA VAL PB 99 65.35 47.83 29.18
C VAL PB 99 64.48 47.35 28.02
N ALA PB 100 63.17 47.63 28.09
CA ALA PB 100 62.24 47.24 27.04
C ALA PB 100 62.32 48.17 25.83
N SER PB 101 61.99 49.43 26.05
CA SER PB 101 61.99 50.42 24.99
C SER PB 101 63.32 50.46 24.24
N LEU PB 102 64.42 50.43 24.99
CA LEU PB 102 65.74 50.42 24.39
C LEU PB 102 66.30 49.02 24.22
N SER PB 103 65.45 48.12 23.75
CA SER PB 103 65.83 46.78 23.34
C SER PB 103 65.33 46.57 21.92
N LEU PB 104 64.58 47.56 21.43
CA LEU PB 104 64.07 47.55 20.07
C LEU PB 104 64.97 48.40 19.18
N GLN PB 105 65.53 49.47 19.77
CA GLN PB 105 66.40 50.37 19.03
C GLN PB 105 67.69 49.67 18.62
N THR PB 106 68.21 48.82 19.51
CA THR PB 106 69.40 48.05 19.22
C THR PB 106 69.02 46.87 18.37
N ASP PB 107 67.98 46.15 18.76
CA ASP PB 107 67.62 44.97 18.00
C ASP PB 107 68.38 43.79 18.52
N ILE PB 108 69.22 44.02 19.54
CA ILE PB 108 69.94 42.93 20.17
C ILE PB 108 69.18 42.59 21.42
N PRO PB 109 68.90 41.29 21.51
CA PRO PB 109 68.08 40.80 22.61
C PRO PB 109 68.44 41.30 24.01
N VAL PB 110 67.58 42.06 24.68
CA VAL PB 110 67.89 42.48 26.04
C VAL PB 110 66.82 41.97 27.00
N ILE PB 111 67.16 40.91 27.73
CA ILE PB 111 66.24 40.27 28.66
C ILE PB 111 66.08 41.07 29.95
N PHE PB 112 64.84 41.32 30.34
CA PHE PB 112 64.56 42.07 31.56
C PHE PB 112 64.42 41.14 32.75
N GLY PB 113 65.42 41.17 33.64
CA GLY PB 113 65.41 40.32 34.81
C GLY PB 113 65.62 41.12 36.10
N VAL PB 114 64.75 42.10 36.33
CA VAL PB 114 64.82 42.93 37.53
C VAL PB 114 63.65 42.61 38.47
N LEU PB 115 63.98 42.12 39.66
CA LEU PB 115 62.97 41.79 40.66
C LEU PB 115 62.29 43.03 41.19
N THR PB 116 60.96 43.00 41.21
CA THR PB 116 60.18 44.11 41.72
C THR PB 116 59.19 43.60 42.74
N THR PB 117 59.61 43.59 44.00
CA THR PB 117 58.84 42.95 45.06
C THR PB 117 58.34 43.92 46.13
N GLU PB 118 57.51 43.40 47.02
CA GLU PB 118 56.98 44.18 48.14
C GLU PB 118 57.73 43.85 49.43
N THR PB 119 58.15 42.60 49.54
CA THR PB 119 58.84 42.13 50.74
C THR PB 119 60.27 41.69 50.42
N ILE PB 120 61.15 41.80 51.41
CA ILE PB 120 62.47 41.23 51.32
C ILE PB 120 62.32 39.72 51.20
N GLU PB 121 61.22 39.21 51.76
CA GLU PB 121 60.94 37.78 51.74
C GLU PB 121 60.48 37.34 50.36
N GLN PB 122 59.96 38.28 49.57
CA GLN PB 122 59.51 37.99 48.22
C GLN PB 122 60.69 37.98 47.26
N ALA PB 123 61.70 38.79 47.56
CA ALA PB 123 62.92 38.81 46.78
C ALA PB 123 63.66 37.49 46.96
N ILE PB 124 63.81 37.08 48.21
CA ILE PB 124 64.40 35.79 48.53
C ILE PB 124 63.56 34.68 47.92
N GLU PB 125 62.26 34.89 47.90
CA GLU PB 125 61.33 33.93 47.34
C GLU PB 125 61.65 33.65 45.88
N ARG PB 126 62.15 34.66 45.19
CA ARG PB 126 62.44 34.58 43.77
C ARG PB 126 63.92 34.67 43.42
N ALA PB 127 64.78 34.46 44.41
CA ALA PB 127 66.22 34.52 44.19
C ALA PB 127 66.86 33.16 44.45
N GLY PB 128 66.15 32.10 44.21
CA GLY PB 128 66.73 30.84 44.54
C GLY PB 128 65.81 30.25 45.56
N THR PB 129 64.67 30.86 45.85
CA THR PB 129 63.79 30.10 46.75
C THR PB 129 62.58 29.56 45.96
N LYS PB 130 61.57 29.11 46.72
CA LYS PB 130 60.26 28.50 46.30
C LYS PB 130 59.90 28.73 44.84
N ALA PB 131 60.11 29.93 44.32
CA ALA PB 131 59.75 30.19 42.91
C ALA PB 131 60.90 29.89 41.97
N GLY PB 132 62.07 29.54 42.54
CA GLY PB 132 63.30 29.31 41.79
C GLY PB 132 64.12 30.60 41.70
N ASN PB 133 65.11 30.60 40.81
CA ASN PB 133 65.98 31.76 40.63
C ASN PB 133 65.67 32.50 39.33
N LYS PB 134 65.10 33.69 39.45
CA LYS PB 134 64.67 34.45 38.29
C LYS PB 134 65.86 35.01 37.50
N GLY PB 135 67.06 34.64 37.92
CA GLY PB 135 68.27 34.99 37.20
C GLY PB 135 68.62 33.87 36.24
N TYR PB 136 68.51 32.64 36.73
CA TYR PB 136 68.73 31.46 35.90
C TYR PB 136 67.68 31.37 34.81
N GLU PB 137 66.50 31.92 35.09
CA GLU PB 137 65.39 31.86 34.14
C GLU PB 137 65.56 32.91 33.05
N SER PB 138 66.13 34.05 33.42
CA SER PB 138 66.35 35.12 32.46
C SER PB 138 67.55 34.82 31.59
N ALA PB 139 68.33 33.81 31.98
CA ALA PB 139 69.46 33.35 31.19
C ALA PB 139 68.97 32.43 30.08
N VAL PB 140 68.09 31.50 30.45
CA VAL PB 140 67.46 30.63 29.48
C VAL PB 140 66.77 31.47 28.40
N ALA PB 141 66.08 32.51 28.83
CA ALA PB 141 65.40 33.41 27.91
C ALA PB 141 66.40 34.09 26.99
N ALA PB 142 67.54 34.49 27.55
CA ALA PB 142 68.58 35.17 26.78
C ALA PB 142 69.11 34.29 25.65
N ILE PB 143 69.35 33.02 25.96
CA ILE PB 143 69.85 32.08 24.96
C ILE PB 143 68.82 31.87 23.87
N GLU PB 144 67.57 31.64 24.27
CA GLU PB 144 66.49 31.40 23.31
C GLU PB 144 66.28 32.59 22.38
N MET PB 145 66.30 33.78 22.95
CA MET PB 145 66.12 35.03 22.18
C MET PB 145 67.29 35.25 21.23
N ALA PB 146 68.49 34.90 21.69
CA ALA PB 146 69.68 35.01 20.85
C ALA PB 146 69.52 34.13 19.62
N HIS PB 147 69.07 32.90 19.82
CA HIS PB 147 68.87 31.96 18.73
C HIS PB 147 67.65 32.28 17.87
N LEU PB 148 67.00 33.40 18.15
CA LEU PB 148 65.85 33.81 17.36
C LEU PB 148 66.16 34.98 16.43
N SER PB 149 67.37 35.53 16.55
CA SER PB 149 67.87 36.44 15.53
C SER PB 149 68.04 35.61 14.26
N LYS PB 150 66.97 35.56 13.49
CA LYS PB 150 66.79 34.51 12.50
C LYS PB 150 66.13 35.09 11.26
N HIS PB 151 65.35 36.15 11.47
CA HIS PB 151 64.55 36.74 10.40
C HIS PB 151 63.58 35.70 9.85
N TRP PB 152 62.93 36.00 8.72
CA TRP PB 152 61.78 35.20 8.31
C TRP PB 152 61.71 34.88 6.81
N ALA PB 153 61.05 33.77 6.49
CA ALA PB 153 60.89 33.32 5.11
C ALA PB 153 59.48 32.80 4.85
N VAL QB 2 33.65 57.42 3.60
CA VAL QB 2 33.51 56.15 4.31
C VAL QB 2 34.63 55.17 4.00
N PHE QB 3 35.14 54.48 5.03
CA PHE QB 3 36.25 53.55 4.88
C PHE QB 3 36.12 52.31 5.77
N GLU QB 4 35.21 51.41 5.43
CA GLU QB 4 35.05 50.17 6.19
C GLU QB 4 36.08 49.13 5.76
N GLY QB 5 36.35 48.18 6.65
CA GLY QB 5 37.35 47.15 6.39
C GLY QB 5 36.76 45.80 6.03
N HIS QB 6 37.23 45.21 4.93
CA HIS QB 6 36.77 43.90 4.49
C HIS QB 6 37.02 42.86 5.58
N LEU QB 7 36.38 41.71 5.47
CA LEU QB 7 36.55 40.67 6.49
C LEU QB 7 36.85 39.29 5.90
N VAL QB 8 36.97 39.21 4.58
CA VAL QB 8 37.35 37.97 3.93
C VAL QB 8 38.79 38.07 3.43
N GLY QB 9 39.72 37.49 4.20
CA GLY QB 9 41.13 37.58 3.85
C GLY QB 9 41.69 36.33 3.19
N THR QB 10 41.27 36.07 1.95
CA THR QB 10 41.72 34.89 1.24
C THR QB 10 43.18 35.01 0.79
N GLY QB 11 43.59 36.20 0.40
CA GLY QB 11 44.93 36.42 -0.11
C GLY QB 11 45.88 37.06 0.87
N LEU QB 12 45.52 37.05 2.15
CA LEU QB 12 46.34 37.67 3.18
C LEU QB 12 47.49 36.77 3.63
N LYS QB 13 48.49 37.38 4.26
CA LYS QB 13 49.66 36.65 4.74
C LYS QB 13 49.99 37.08 6.17
N VAL QB 14 49.36 36.45 7.15
CA VAL QB 14 49.49 36.86 8.55
C VAL QB 14 50.64 36.16 9.27
N GLY QB 15 51.13 36.79 10.33
CA GLY QB 15 52.15 36.20 11.18
C GLY QB 15 51.87 36.48 12.65
N VAL QB 16 52.07 35.47 13.49
CA VAL QB 16 51.77 35.61 14.91
C VAL QB 16 53.00 35.41 15.81
N VAL QB 17 53.02 36.12 16.93
CA VAL QB 17 54.07 35.94 17.93
C VAL QB 17 53.44 35.57 19.28
N VAL QB 18 53.44 34.28 19.60
CA VAL QB 18 52.83 33.80 20.84
C VAL QB 18 53.88 33.62 21.94
N GLY QB 19 53.41 33.70 23.19
CA GLY QB 19 54.29 33.58 24.34
C GLY QB 19 54.17 32.24 25.05
N ARG QB 20 55.31 31.66 25.41
CA ARG QB 20 55.33 30.35 26.04
C ARG QB 20 54.80 30.37 27.47
N PHE QB 21 55.24 31.34 28.26
CA PHE QB 21 54.77 31.46 29.63
C PHE QB 21 53.25 31.44 29.64
N ASN QB 22 52.68 30.63 30.53
CA ASN QB 22 51.24 30.40 30.56
C ASN QB 22 50.76 29.73 29.27
N GLU QB 23 51.54 28.77 28.80
CA GLU QB 23 51.22 28.04 27.57
C GLU QB 23 49.84 27.39 27.69
N PHE QB 24 49.47 27.04 28.91
CA PHE QB 24 48.19 26.41 29.17
C PHE QB 24 47.06 27.26 28.58
N ILE QB 25 47.27 28.58 28.55
CA ILE QB 25 46.27 29.50 28.02
C ILE QB 25 46.62 29.95 26.61
N THR QB 26 47.86 30.37 26.42
CA THR QB 26 48.31 30.86 25.12
C THR QB 26 48.13 29.80 24.03
N SER QB 27 48.22 28.53 24.43
CA SER QB 27 48.03 27.43 23.49
C SER QB 27 46.67 27.52 22.80
N LYS QB 28 45.60 27.42 23.60
CA LYS QB 28 44.25 27.53 23.07
C LYS QB 28 44.02 28.91 22.46
N LEU QB 29 44.87 29.86 22.84
CA LEU QB 29 44.74 31.24 22.36
C LEU QB 29 45.28 31.36 20.93
N LEU QB 30 46.25 30.52 20.60
CA LEU QB 30 46.78 30.47 19.25
C LEU QB 30 45.86 29.67 18.35
N GLY QB 31 45.32 28.56 18.88
CA GLY QB 31 44.38 27.73 18.17
C GLY QB 31 43.14 28.58 17.84
N GLY QB 32 43.04 29.73 18.50
CA GLY QB 32 41.96 30.66 18.27
C GLY QB 32 42.28 31.48 17.01
N ALA QB 33 43.50 32.03 16.99
CA ALA QB 33 43.96 32.76 15.84
C ALA QB 33 43.79 31.92 14.58
N LEU QB 34 44.42 30.76 14.48
CA LEU QB 34 44.42 29.95 13.23
C LEU QB 34 43.17 29.26 12.78
N ASP QB 35 42.60 28.51 13.68
CA ASP QB 35 41.45 27.74 13.20
C ASP QB 35 40.32 28.67 12.63
N GLY QB 36 40.44 30.01 12.93
CA GLY QB 36 39.49 31.04 12.56
C GLY QB 36 40.10 32.07 11.62
N LEU QB 37 41.43 32.04 11.57
CA LEU QB 37 42.18 32.86 10.65
C LEU QB 37 42.11 32.09 9.33
N LYS QB 38 42.13 30.77 9.46
CA LYS QB 38 42.04 29.88 8.30
C LYS QB 38 40.64 29.91 7.72
N ARG QB 39 39.65 29.72 8.57
CA ARG QB 39 38.27 29.64 8.12
C ARG QB 39 37.73 30.97 7.59
N HIS QB 40 38.55 32.01 7.68
CA HIS QB 40 38.19 33.31 7.13
C HIS QB 40 38.78 33.52 5.73
N GLY QB 41 39.46 32.50 5.23
CA GLY QB 41 40.01 32.55 3.88
C GLY QB 41 41.51 32.36 3.79
N VAL QB 42 42.23 32.87 4.79
CA VAL QB 42 43.69 32.82 4.80
C VAL QB 42 44.21 31.41 4.54
N GLU QB 43 45.22 31.31 3.67
CA GLU QB 43 45.85 30.03 3.40
C GLU QB 43 46.71 29.64 4.58
N GLU QB 44 46.58 28.40 5.05
CA GLU QB 44 47.28 27.96 6.25
C GLU QB 44 48.79 27.96 6.07
N ASN QB 45 49.24 28.12 4.83
CA ASN QB 45 50.67 28.18 4.54
C ASN QB 45 51.20 29.61 4.54
N ASP QB 46 50.27 30.57 4.59
CA ASP QB 46 50.63 31.99 4.68
C ASP QB 46 50.66 32.45 6.13
N ILE QB 47 50.78 31.49 7.05
CA ILE QB 47 50.77 31.79 8.48
C ILE QB 47 52.04 31.30 9.17
N ASP QB 48 52.80 32.23 9.72
CA ASP QB 48 54.01 31.89 10.48
C ASP QB 48 53.83 32.19 11.96
N VAL QB 49 54.45 31.34 12.79
CA VAL QB 49 54.36 31.50 14.24
C VAL QB 49 55.74 31.69 14.85
N ALA QB 50 55.85 32.64 15.77
CA ALA QB 50 57.10 32.90 16.46
C ALA QB 50 56.94 32.76 17.96
N TRP QB 51 57.47 31.67 18.51
CA TRP QB 51 57.39 31.42 19.95
C TRP QB 51 58.48 32.18 20.72
N VAL QB 52 58.03 33.05 21.62
CA VAL QB 52 58.94 33.81 22.47
C VAL QB 52 58.76 33.36 23.91
N PRO QB 53 59.82 33.52 24.73
CA PRO QB 53 59.78 33.11 26.14
C PRO QB 53 58.60 33.71 26.88
N GLY QB 54 58.71 34.99 27.24
CA GLY QB 54 57.64 35.67 27.94
C GLY QB 54 56.96 36.72 27.09
N ALA QB 55 55.83 37.22 27.56
CA ALA QB 55 55.09 38.26 26.85
C ALA QB 55 55.94 39.52 26.67
N PHE QB 56 56.94 39.67 27.54
CA PHE QB 56 57.83 40.82 27.52
C PHE QB 56 58.68 40.85 26.26
N GLU QB 57 58.98 39.67 25.72
CA GLU QB 57 59.87 39.54 24.58
C GLU QB 57 59.13 39.69 23.26
N ILE QB 58 57.81 39.86 23.34
CA ILE QB 58 56.98 39.97 22.15
C ILE QB 58 57.34 41.18 21.28
N PRO QB 59 57.40 42.39 21.88
CA PRO QB 59 57.69 43.60 21.10
C PRO QB 59 58.89 43.46 20.16
N LEU QB 60 59.96 42.82 20.63
CA LEU QB 60 61.17 42.69 19.84
C LEU QB 60 60.96 41.84 18.59
N ILE QB 61 60.40 40.65 18.78
CA ILE QB 61 60.18 39.71 17.68
C ILE QB 61 58.96 40.09 16.82
N ALA QB 62 57.98 40.71 17.44
CA ALA QB 62 56.83 41.23 16.71
C ALA QB 62 57.30 42.29 15.72
N LYS QB 63 58.38 42.98 16.09
CA LYS QB 63 59.00 43.97 15.21
C LYS QB 63 59.70 43.30 14.03
N LYS QB 64 60.72 42.51 14.33
CA LYS QB 64 61.45 41.77 13.30
C LYS QB 64 60.51 41.15 12.27
N MET QB 65 59.35 40.68 12.75
CA MET QB 65 58.42 39.95 11.91
C MET QB 65 57.57 40.88 11.04
N ALA QB 66 56.91 41.83 11.69
CA ALA QB 66 56.08 42.80 10.98
C ALA QB 66 56.93 43.73 10.14
N ASN QB 67 58.25 43.53 10.19
CA ASN QB 67 59.18 44.42 9.50
C ASN QB 67 59.84 43.71 8.33
N SER QB 68 59.78 42.38 8.33
CA SER QB 68 60.36 41.60 7.25
C SER QB 68 59.56 41.78 5.96
N GLY QB 69 58.34 42.27 6.08
CA GLY QB 69 57.48 42.53 4.94
C GLY QB 69 56.76 41.28 4.45
N LYS QB 70 57.21 40.12 4.92
CA LYS QB 70 56.61 38.85 4.53
C LYS QB 70 55.15 38.80 4.94
N TYR QB 71 54.79 39.65 5.91
CA TYR QB 71 53.48 39.56 6.54
C TYR QB 71 52.60 40.77 6.26
N ASP QB 72 51.33 40.49 5.96
CA ASP QB 72 50.37 41.52 5.64
C ASP QB 72 49.82 42.14 6.93
N ALA QB 73 49.97 41.40 8.03
CA ALA QB 73 49.58 41.88 9.35
C ALA QB 73 50.12 40.92 10.40
N VAL QB 74 50.28 41.41 11.63
CA VAL QB 74 50.85 40.59 12.70
C VAL QB 74 49.92 40.50 13.91
N ILE QB 75 49.78 39.29 14.46
CA ILE QB 75 48.95 39.06 15.63
C ILE QB 75 49.80 38.64 16.83
N THR QB 76 49.78 39.47 17.88
CA THR QB 76 50.53 39.17 19.09
C THR QB 76 49.65 38.44 20.12
N LEU QB 77 50.01 37.21 20.43
CA LEU QB 77 49.28 36.42 21.41
C LEU QB 77 50.12 36.17 22.66
N GLY QB 78 49.46 36.00 23.79
CA GLY QB 78 50.15 35.75 25.04
C GLY QB 78 49.24 35.91 26.24
N THR QB 79 49.73 35.53 27.41
CA THR QB 79 48.96 35.65 28.64
C THR QB 79 49.82 36.11 29.81
N VAL QB 80 49.29 37.04 30.60
CA VAL QB 80 49.96 37.50 31.81
C VAL QB 80 48.97 37.53 32.96
N ILE QB 81 49.32 36.89 34.07
CA ILE QB 81 48.43 36.81 35.22
C ILE QB 81 49.04 37.41 36.47
N ARG QB 82 48.21 38.11 37.23
CA ARG QB 82 48.65 38.77 38.47
C ARG QB 82 49.46 37.88 39.41
N GLY QB 83 50.60 38.39 39.83
CA GLY QB 83 51.41 37.72 40.83
C GLY QB 83 51.26 38.43 42.16
N ALA QB 84 52.20 38.18 43.07
CA ALA QB 84 52.19 38.83 44.38
C ALA QB 84 52.92 40.16 44.31
N THR QB 85 53.65 40.38 43.23
CA THR QB 85 54.44 41.59 43.06
C THR QB 85 53.90 42.49 41.95
N THR QB 86 54.42 43.71 41.89
CA THR QB 86 54.03 44.66 40.85
C THR QB 86 54.66 44.31 39.52
N HIS QB 87 55.37 43.19 39.49
CA HIS QB 87 56.02 42.72 38.27
C HIS QB 87 55.00 42.63 37.14
N TYR QB 88 53.85 42.05 37.44
CA TYR QB 88 52.77 41.88 36.48
C TYR QB 88 52.45 43.17 35.71
N ASP QB 89 52.61 44.31 36.39
CA ASP QB 89 52.25 45.60 35.82
C ASP QB 89 53.24 46.06 34.76
N TYR QB 90 54.52 46.00 35.09
CA TYR QB 90 55.56 46.49 34.19
C TYR QB 90 55.65 45.63 32.93
N VAL QB 91 55.22 44.38 33.04
CA VAL QB 91 55.19 43.48 31.89
C VAL QB 91 54.01 43.83 30.98
N CYS QB 92 52.81 43.75 31.53
CA CYS QB 92 51.60 44.11 30.78
C CYS QB 92 51.78 45.44 30.06
N ASN QB 93 52.20 46.46 30.80
CA ASN QB 93 52.42 47.77 30.23
C ASN QB 93 53.32 47.72 29.00
N GLU QB 94 54.57 47.31 29.22
CA GLU QB 94 55.58 47.31 28.16
C GLU QB 94 55.18 46.47 26.94
N VAL QB 95 54.38 45.44 27.17
CA VAL QB 95 53.87 44.62 26.07
C VAL QB 95 52.93 45.45 25.20
N ALA QB 96 51.87 45.94 25.81
CA ALA QB 96 50.91 46.80 25.13
C ALA QB 96 51.60 48.06 24.63
N LYS QB 97 52.57 48.54 25.41
CA LYS QB 97 53.32 49.73 25.08
C LYS QB 97 54.14 49.50 23.80
N GLY QB 98 54.76 48.34 23.71
CA GLY QB 98 55.54 47.99 22.54
C GLY QB 98 54.68 47.75 21.31
N VAL QB 99 53.73 46.84 21.43
CA VAL QB 99 52.89 46.46 20.29
C VAL QB 99 52.17 47.66 19.67
N ALA QB 100 51.71 48.58 20.51
CA ALA QB 100 50.97 49.74 20.03
C ALA QB 100 51.92 50.79 19.44
N SER QB 101 52.83 51.28 20.27
CA SER QB 101 53.78 52.31 19.86
C SER QB 101 54.62 51.84 18.67
N LEU QB 102 54.83 50.54 18.58
CA LEU QB 102 55.60 49.96 17.49
C LEU QB 102 54.68 49.32 16.45
N SER QB 103 53.58 50.02 16.17
CA SER QB 103 52.65 49.62 15.12
C SER QB 103 52.40 50.83 14.24
N LEU QB 104 52.88 51.99 14.70
CA LEU QB 104 52.79 53.22 13.96
C LEU QB 104 54.10 53.44 13.22
N GLN QB 105 55.19 52.94 13.82
CA GLN QB 105 56.53 53.08 13.24
C GLN QB 105 56.66 52.19 12.00
N THR QB 106 55.98 51.05 11.96
CA THR QB 106 56.13 50.20 10.76
C THR QB 106 54.97 50.42 9.74
N ASP QB 107 53.80 50.81 10.23
CA ASP QB 107 52.59 51.00 9.41
C ASP QB 107 52.04 49.62 8.97
N ILE QB 108 52.56 48.51 9.53
CA ILE QB 108 52.02 47.15 9.27
C ILE QB 108 51.05 46.85 10.43
N PRO QB 109 49.83 46.36 10.13
CA PRO QB 109 48.94 46.21 11.28
C PRO QB 109 49.46 45.31 12.37
N VAL QB 110 49.55 45.71 13.65
CA VAL QB 110 50.01 44.77 14.67
C VAL QB 110 48.96 44.66 15.76
N ILE QB 111 48.04 43.70 15.60
CA ILE QB 111 46.93 43.51 16.53
C ILE QB 111 47.42 43.06 17.90
N PHE QB 112 46.84 43.65 18.95
CA PHE QB 112 47.22 43.33 20.32
C PHE QB 112 46.25 42.31 20.93
N GLY QB 113 46.68 41.06 20.97
CA GLY QB 113 45.85 40.00 21.51
C GLY QB 113 46.51 39.32 22.69
N VAL QB 114 47.05 40.12 23.62
CA VAL QB 114 47.65 39.59 24.84
C VAL QB 114 46.67 39.69 26.01
N LEU QB 115 46.33 38.53 26.56
CA LEU QB 115 45.47 38.49 27.73
C LEU QB 115 46.20 39.06 28.94
N THR QB 116 45.49 39.89 29.71
CA THR QB 116 46.05 40.49 30.89
C THR QB 116 45.02 40.42 32.01
N THR QB 117 45.05 39.30 32.74
CA THR QB 117 44.01 38.97 33.71
C THR QB 117 44.49 38.93 35.16
N GLU QB 118 43.54 38.68 36.06
CA GLU QB 118 43.80 38.64 37.50
C GLU QB 118 43.79 37.20 38.03
N THR QB 119 43.00 36.36 37.38
CA THR QB 119 42.83 34.98 37.79
C THR QB 119 43.19 34.04 36.66
N ILE QB 120 43.59 32.82 37.00
CA ILE QB 120 43.75 31.77 36.02
C ILE QB 120 42.41 31.52 35.36
N GLU QB 121 41.35 31.69 36.13
CA GLU QB 121 39.99 31.47 35.65
C GLU QB 121 39.60 32.48 34.57
N GLN QB 122 39.95 33.74 34.80
CA GLN QB 122 39.63 34.80 33.86
C GLN QB 122 40.32 34.58 32.51
N ALA QB 123 41.52 34.04 32.56
CA ALA QB 123 42.24 33.71 31.34
C ALA QB 123 41.49 32.65 30.54
N ILE QB 124 41.02 31.62 31.23
CA ILE QB 124 40.25 30.56 30.59
C ILE QB 124 38.95 31.10 30.00
N GLU QB 125 38.31 32.01 30.71
CA GLU QB 125 37.08 32.64 30.22
C GLU QB 125 37.31 33.27 28.85
N ARG QB 126 38.48 33.89 28.70
CA ARG QB 126 38.80 34.64 27.49
C ARG QB 126 39.70 33.86 26.54
N ALA QB 127 39.76 32.55 26.75
CA ALA QB 127 40.55 31.69 25.89
C ALA QB 127 39.72 30.58 25.27
N GLY QB 128 38.51 30.89 24.92
CA GLY QB 128 37.72 29.85 24.33
C GLY QB 128 36.58 29.45 25.21
N THR QB 129 36.32 30.19 26.30
CA THR QB 129 35.14 29.83 27.13
C THR QB 129 34.08 30.94 27.11
N LYS QB 130 33.43 31.13 28.24
CA LYS QB 130 32.43 32.17 28.48
C LYS QB 130 32.57 33.38 27.57
N ALA QB 131 33.64 34.16 27.70
CA ALA QB 131 33.78 35.39 26.91
C ALA QB 131 34.08 35.16 25.40
N GLY QB 132 34.53 33.94 25.03
CA GLY QB 132 34.90 33.64 23.66
C GLY QB 132 36.41 33.42 23.58
N ASN QB 133 37.00 33.39 22.38
CA ASN QB 133 38.44 33.20 22.27
C ASN QB 133 39.12 34.47 21.79
N LYS QB 134 39.91 35.08 22.66
CA LYS QB 134 40.61 36.32 22.35
C LYS QB 134 41.50 36.18 21.12
N GLY QB 135 42.02 34.97 20.91
CA GLY QB 135 42.89 34.70 19.78
C GLY QB 135 42.15 34.76 18.46
N TYR QB 136 40.92 34.26 18.48
CA TYR QB 136 40.07 34.27 17.29
C TYR QB 136 39.65 35.70 16.94
N GLU QB 137 39.20 36.43 17.95
CA GLU QB 137 38.76 37.81 17.78
C GLU QB 137 39.90 38.72 17.34
N SER QB 138 41.13 38.35 17.73
CA SER QB 138 42.29 39.16 17.39
C SER QB 138 42.78 38.85 15.97
N ALA QB 139 42.36 37.71 15.45
CA ALA QB 139 42.68 37.33 14.07
C ALA QB 139 41.72 38.02 13.11
N VAL QB 140 40.44 37.98 13.44
CA VAL QB 140 39.42 38.63 12.62
C VAL QB 140 39.71 40.12 12.50
N ALA QB 141 40.37 40.67 13.52
CA ALA QB 141 40.75 42.08 13.53
C ALA QB 141 41.96 42.31 12.64
N ALA QB 142 42.88 41.36 12.65
CA ALA QB 142 44.08 41.44 11.82
C ALA QB 142 43.71 41.50 10.35
N ILE QB 143 42.71 40.71 9.97
CA ILE QB 143 42.22 40.72 8.59
C ILE QB 143 41.67 42.08 8.22
N GLU QB 144 40.69 42.55 8.99
CA GLU QB 144 40.06 43.84 8.73
C GLU QB 144 41.09 44.95 8.63
N MET QB 145 41.98 45.02 9.61
CA MET QB 145 43.03 46.04 9.62
C MET QB 145 43.88 45.97 8.35
N ALA QB 146 44.22 44.75 7.94
CA ALA QB 146 44.97 44.56 6.71
C ALA QB 146 44.22 45.15 5.54
N HIS QB 147 42.97 44.75 5.37
CA HIS QB 147 42.14 45.21 4.28
C HIS QB 147 41.87 46.72 4.32
N LEU QB 148 42.19 47.34 5.45
CA LEU QB 148 42.14 48.79 5.53
C LEU QB 148 43.59 49.00 5.08
N SER QB 149 43.76 49.14 3.77
CA SER QB 149 44.88 49.78 3.10
C SER QB 149 45.11 50.98 2.20
N LYS QB 150 44.02 51.65 1.82
CA LYS QB 150 44.11 52.86 1.00
C LYS QB 150 44.95 54.01 1.56
N HIS QB 151 44.91 54.19 2.88
CA HIS QB 151 45.64 55.28 3.52
C HIS QB 151 47.13 55.04 3.58
N TRP QB 152 47.89 55.81 2.79
CA TRP QB 152 49.34 55.87 2.91
C TRP QB 152 49.92 56.97 2.03
N ALA QB 153 50.41 58.02 2.68
CA ALA QB 153 51.01 59.16 1.99
C ALA QB 153 52.15 59.78 2.80
N VAL RB 2 44.82 86.95 22.20
CA VAL RB 2 45.32 87.45 20.93
C VAL RB 2 45.16 86.39 19.84
N PHE RB 3 45.00 85.13 20.25
CA PHE RB 3 44.91 84.02 19.30
C PHE RB 3 43.76 83.06 19.60
N GLU RB 4 42.53 83.51 19.35
CA GLU RB 4 41.36 82.63 19.53
C GLU RB 4 41.05 81.84 18.26
N GLY RB 5 40.31 80.76 18.40
CA GLY RB 5 40.00 79.91 17.25
C GLY RB 5 38.57 80.04 16.76
N HIS RB 6 38.44 80.35 15.47
CA HIS RB 6 37.14 80.48 14.81
C HIS RB 6 36.30 79.22 15.05
N LEU RB 7 34.98 79.38 15.06
CA LEU RB 7 34.10 78.23 15.33
C LEU RB 7 33.17 77.90 14.16
N VAL RB 8 33.23 78.70 13.10
CA VAL RB 8 32.49 78.41 11.88
C VAL RB 8 33.40 77.67 10.90
N GLY RB 9 32.98 76.47 10.48
CA GLY RB 9 33.82 75.67 9.61
C GLY RB 9 33.15 75.33 8.29
N THR RB 10 32.57 76.35 7.65
CA THR RB 10 31.90 76.15 6.38
C THR RB 10 32.84 75.55 5.33
N GLY RB 11 34.09 76.01 5.34
CA GLY RB 11 35.05 75.58 4.34
C GLY RB 11 36.02 74.53 4.84
N LEU RB 12 35.65 73.84 5.91
CA LEU RB 12 36.53 72.83 6.48
C LEU RB 12 36.38 71.48 5.79
N LYS RB 13 37.21 70.52 6.21
CA LYS RB 13 37.28 69.22 5.54
C LYS RB 13 37.77 68.18 6.54
N VAL RB 14 36.85 67.63 7.33
CA VAL RB 14 37.21 66.76 8.45
C VAL RB 14 37.13 65.27 8.11
N GLY RB 15 37.83 64.46 8.90
CA GLY RB 15 37.79 63.02 8.77
C GLY RB 15 37.88 62.35 10.12
N VAL RB 16 37.01 61.37 10.36
CA VAL RB 16 36.93 60.73 11.67
C VAL RB 16 37.21 59.23 11.62
N VAL RB 17 37.70 58.70 12.75
CA VAL RB 17 37.92 57.27 12.90
C VAL RB 17 37.19 56.74 14.14
N VAL RB 18 36.14 55.97 13.90
CA VAL RB 18 35.34 55.43 15.00
C VAL RB 18 35.59 53.94 15.21
N GLY RB 19 35.48 53.50 16.45
CA GLY RB 19 35.71 52.10 16.79
C GLY RB 19 34.41 51.32 16.81
N ARG RB 20 34.40 50.20 16.09
CA ARG RB 20 33.20 49.38 15.99
C ARG RB 20 32.82 48.76 17.33
N PHE RB 21 33.81 48.38 18.13
CA PHE RB 21 33.55 47.80 19.44
C PHE RB 21 32.76 48.78 20.28
N ASN RB 22 31.71 48.27 20.93
CA ASN RB 22 30.76 49.11 21.64
C ASN RB 22 29.98 49.99 20.69
N GLU RB 23 29.65 49.43 19.53
CA GLU RB 23 28.88 50.14 18.50
C GLU RB 23 27.66 50.81 19.11
N PHE RB 24 27.04 50.13 20.07
CA PHE RB 24 25.83 50.63 20.72
C PHE RB 24 26.02 52.06 21.23
N ILE RB 25 27.27 52.42 21.55
CA ILE RB 25 27.59 53.75 22.04
C ILE RB 25 28.26 54.62 20.97
N THR RB 26 29.26 54.05 20.30
CA THR RB 26 29.99 54.80 19.28
C THR RB 26 29.09 55.28 18.14
N SER RB 27 27.98 54.57 17.93
CA SER RB 27 27.02 54.96 16.90
C SER RB 27 26.47 56.35 17.16
N LYS RB 28 25.72 56.49 18.25
CA LYS RB 28 25.16 57.77 18.63
C LYS RB 28 26.26 58.78 18.87
N LEU RB 29 27.47 58.29 19.12
CA LEU RB 29 28.61 59.14 19.37
C LEU RB 29 29.10 59.77 18.08
N LEU RB 30 29.00 59.02 16.99
CA LEU RB 30 29.42 59.48 15.67
C LEU RB 30 28.40 60.42 15.08
N GLY RB 31 27.12 60.03 15.18
CA GLY RB 31 26.03 60.84 14.66
C GLY RB 31 26.03 62.23 15.24
N GLY RB 32 26.50 62.35 16.49
CA GLY RB 32 26.61 63.64 17.13
C GLY RB 32 27.74 64.47 16.57
N ALA RB 33 28.82 63.81 16.19
CA ALA RB 33 29.99 64.49 15.62
C ALA RB 33 29.69 64.95 14.20
N LEU RB 34 29.03 64.09 13.43
CA LEU RB 34 28.64 64.45 12.08
C LEU RB 34 27.64 65.59 12.13
N ASP RB 35 26.58 65.41 12.92
CA ASP RB 35 25.57 66.44 13.10
C ASP RB 35 26.20 67.77 13.49
N GLY RB 36 27.24 67.72 14.31
CA GLY RB 36 27.94 68.92 14.74
C GLY RB 36 28.67 69.61 13.62
N LEU RB 37 29.58 68.89 12.97
CA LEU RB 37 30.31 69.43 11.84
C LEU RB 37 29.36 69.92 10.75
N LYS RB 38 28.34 69.11 10.46
CA LYS RB 38 27.39 69.40 9.41
C LYS RB 38 26.64 70.71 9.67
N ARG RB 39 26.13 70.87 10.87
CA ARG RB 39 25.35 72.06 11.23
C ARG RB 39 26.24 73.22 11.65
N HIS RB 40 27.55 73.04 11.57
CA HIS RB 40 28.48 74.13 11.88
C HIS RB 40 29.06 74.72 10.60
N GLY RB 41 28.61 74.20 9.47
CA GLY RB 41 29.08 74.70 8.18
C GLY RB 41 29.73 73.64 7.31
N VAL RB 42 30.52 72.78 7.93
CA VAL RB 42 31.24 71.74 7.20
C VAL RB 42 30.31 71.06 6.20
N GLU RB 43 30.79 70.92 4.96
CA GLU RB 43 29.99 70.29 3.93
C GLU RB 43 29.76 68.82 4.25
N GLU RB 44 28.54 68.34 4.02
CA GLU RB 44 28.16 67.00 4.43
C GLU RB 44 28.97 65.90 3.74
N ASN RB 45 29.75 66.26 2.74
CA ASN RB 45 30.56 65.28 2.01
C ASN RB 45 32.06 65.52 2.14
N ASP RB 46 32.42 66.64 2.75
CA ASP RB 46 33.82 66.91 3.08
C ASP RB 46 34.20 66.13 4.31
N ILE RB 47 33.38 65.13 4.64
CA ILE RB 47 33.53 64.38 5.87
C ILE RB 47 33.67 62.88 5.60
N ASP RB 48 34.75 62.28 6.11
CA ASP RB 48 34.99 60.86 5.91
C ASP RB 48 35.03 60.10 7.23
N VAL RB 49 34.62 58.83 7.20
CA VAL RB 49 34.61 58.01 8.39
C VAL RB 49 35.33 56.68 8.16
N ALA RB 50 36.23 56.33 9.07
CA ALA RB 50 36.97 55.07 8.98
C ALA RB 50 36.66 54.19 10.18
N TRP RB 51 36.02 53.06 9.93
CA TRP RB 51 35.66 52.12 11.00
C TRP RB 51 36.80 51.15 11.32
N VAL RB 52 37.30 51.23 12.55
CA VAL RB 52 38.34 50.32 13.01
C VAL RB 52 37.74 49.28 13.96
N PRO RB 53 38.48 48.17 14.12
CA PRO RB 53 38.01 47.10 15.00
C PRO RB 53 37.61 47.59 16.40
N GLY RB 54 38.44 48.45 17.01
CA GLY RB 54 38.17 48.96 18.32
C GLY RB 54 39.14 50.09 18.63
N ALA RB 55 39.04 50.70 19.83
CA ALA RB 55 39.92 51.81 20.18
C ALA RB 55 41.40 51.46 20.01
N PHE RB 56 41.86 50.30 20.39
CA PHE RB 56 43.29 50.10 20.25
C PHE RB 56 43.78 50.37 18.82
N GLU RB 57 42.95 50.12 17.83
CA GLU RB 57 43.33 50.28 16.45
C GLU RB 57 43.29 51.71 15.93
N ILE RB 58 42.65 52.62 16.69
CA ILE RB 58 42.42 54.07 16.32
C ILE RB 58 43.60 55.04 16.17
N PRO RB 59 44.69 54.68 16.80
CA PRO RB 59 45.93 55.44 16.59
C PRO RB 59 46.56 55.18 15.22
N LEU RB 60 46.52 53.94 14.74
CA LEU RB 60 47.15 53.60 13.47
C LEU RB 60 46.47 54.25 12.27
N ILE RB 61 45.15 54.11 12.21
CA ILE RB 61 44.38 54.63 11.07
C ILE RB 61 44.16 56.14 11.17
N ALA RB 62 44.24 56.69 12.37
CA ALA RB 62 44.17 58.13 12.54
C ALA RB 62 45.43 58.77 11.95
N LYS RB 63 46.56 58.10 12.12
CA LYS RB 63 47.82 58.54 11.55
C LYS RB 63 47.79 58.43 10.03
N LYS RB 64 47.05 57.45 9.54
CA LYS RB 64 46.94 57.22 8.10
C LYS RB 64 46.01 58.22 7.43
N MET RB 65 45.23 58.93 8.23
CA MET RB 65 44.33 59.95 7.72
C MET RB 65 44.88 61.35 7.92
N ALA RB 66 45.81 61.49 8.86
CA ALA RB 66 46.49 62.75 9.07
C ALA RB 66 47.63 62.89 8.06
N ASN RB 67 48.33 61.79 7.82
CA ASN RB 67 49.42 61.77 6.85
C ASN RB 67 48.92 61.73 5.41
N SER RB 68 47.62 61.51 5.23
CA SER RB 68 47.03 61.51 3.90
C SER RB 68 46.88 62.94 3.38
N GLY RB 69 47.05 63.90 4.28
CA GLY RB 69 47.02 65.31 3.92
C GLY RB 69 45.78 65.71 3.12
N LYS RB 70 44.63 65.22 3.56
CA LYS RB 70 43.37 65.47 2.87
C LYS RB 70 42.38 66.21 3.77
N TYR RB 71 42.62 66.16 5.06
CA TYR RB 71 41.68 66.71 6.03
C TYR RB 71 42.25 67.94 6.73
N ASP RB 72 41.36 68.72 7.34
CA ASP RB 72 41.76 69.91 8.10
C ASP RB 72 41.81 69.57 9.58
N ALA RB 73 41.33 68.37 9.91
CA ALA RB 73 41.31 67.89 11.28
C ALA RB 73 40.82 66.45 11.29
N VAL RB 74 41.23 65.70 12.30
CA VAL RB 74 40.81 64.32 12.44
C VAL RB 74 40.16 64.12 13.79
N ILE RB 75 38.99 63.49 13.79
CA ILE RB 75 38.27 63.23 15.04
C ILE RB 75 38.30 61.74 15.38
N THR RB 76 38.86 61.40 16.54
CA THR RB 76 38.88 60.02 16.99
C THR RB 76 37.73 59.71 17.93
N LEU RB 77 36.85 58.82 17.51
CA LEU RB 77 35.70 58.41 18.31
C LEU RB 77 35.78 56.94 18.68
N GLY RB 78 35.25 56.61 19.85
CA GLY RB 78 35.24 55.23 20.32
C GLY RB 78 34.74 55.15 21.74
N THR RB 79 34.68 53.94 22.27
CA THR RB 79 34.24 53.74 23.65
C THR RB 79 34.89 52.51 24.28
N VAL RB 80 35.39 52.68 25.50
CA VAL RB 80 35.99 51.59 26.25
C VAL RB 80 35.36 51.53 27.64
N ILE RB 81 34.96 50.35 28.08
CA ILE RB 81 34.31 50.22 29.38
C ILE RB 81 35.01 49.18 30.26
N ARG RB 82 35.11 49.48 31.55
CA ARG RB 82 35.75 48.62 32.54
C ARG RB 82 35.31 47.17 32.47
N GLY RB 83 36.27 46.27 32.48
CA GLY RB 83 36.00 44.85 32.54
C GLY RB 83 36.45 44.29 33.88
N ALA RB 84 36.68 42.98 33.93
CA ALA RB 84 37.16 42.33 35.14
C ALA RB 84 38.66 42.41 35.25
N THR RB 85 39.32 42.54 34.10
CA THR RB 85 40.77 42.58 34.06
C THR RB 85 41.28 44.00 33.88
N THR RB 86 42.60 44.16 34.04
CA THR RB 86 43.24 45.46 33.86
C THR RB 86 43.45 45.77 32.37
N HIS RB 87 42.96 44.89 31.51
CA HIS RB 87 43.03 45.07 30.07
C HIS RB 87 42.49 46.44 29.66
N TYR RB 88 41.41 46.85 30.31
CA TYR RB 88 40.77 48.14 30.02
C TYR RB 88 41.75 49.30 30.16
N ASP RB 89 42.69 49.18 31.08
CA ASP RB 89 43.64 50.26 31.37
C ASP RB 89 44.64 50.48 30.24
N TYR RB 90 45.24 49.40 29.78
CA TYR RB 90 46.27 49.49 28.74
C TYR RB 90 45.67 49.95 27.42
N VAL RB 91 44.45 49.52 27.14
CA VAL RB 91 43.74 49.96 25.95
C VAL RB 91 43.51 51.47 26.00
N CYS RB 92 42.76 51.91 27.01
CA CYS RB 92 42.48 53.32 27.19
C CYS RB 92 43.75 54.16 27.09
N ASN RB 93 44.80 53.74 27.79
CA ASN RB 93 46.06 54.47 27.81
C ASN RB 93 46.66 54.62 26.42
N GLU RB 94 46.88 53.50 25.74
CA GLU RB 94 47.54 53.52 24.45
C GLU RB 94 46.76 54.28 23.38
N VAL RB 95 45.45 54.36 23.55
CA VAL RB 95 44.61 55.12 22.62
C VAL RB 95 44.91 56.60 22.76
N ALA RB 96 44.77 57.11 23.99
CA ALA RB 96 45.07 58.52 24.27
C ALA RB 96 46.56 58.79 24.05
N LYS RB 97 47.39 57.91 24.57
CA LYS RB 97 48.83 58.01 24.41
C LYS RB 97 49.19 58.12 22.93
N GLY RB 98 48.50 57.34 22.10
CA GLY RB 98 48.73 57.35 20.66
C GLY RB 98 48.18 58.60 20.00
N VAL RB 99 46.90 58.89 20.22
CA VAL RB 99 46.24 60.03 19.61
C VAL RB 99 46.90 61.36 19.97
N ALA RB 100 47.34 61.50 21.22
CA ALA RB 100 47.99 62.73 21.66
C ALA RB 100 49.40 62.84 21.09
N SER RB 101 50.19 61.80 21.27
CA SER RB 101 51.58 61.79 20.80
C SER RB 101 51.65 61.88 19.28
N LEU RB 102 50.74 61.18 18.61
CA LEU RB 102 50.68 61.22 17.15
C LEU RB 102 49.74 62.30 16.67
N SER RB 103 49.78 63.44 17.37
CA SER RB 103 49.05 64.65 16.98
C SER RB 103 50.06 65.79 16.97
N LEU RB 104 51.26 65.47 17.42
CA LEU RB 104 52.38 66.41 17.42
C LEU RB 104 53.37 65.98 16.35
N GLN RB 105 53.43 64.67 16.10
CA GLN RB 105 54.28 64.12 15.05
C GLN RB 105 53.75 64.51 13.68
N THR RB 106 52.52 65.01 13.65
CA THR RB 106 51.85 65.35 12.41
C THR RB 106 51.41 66.81 12.36
N ASP RB 107 51.69 67.53 13.45
CA ASP RB 107 51.30 68.94 13.59
C ASP RB 107 49.95 69.12 12.90
N ILE RB 108 49.02 68.24 13.17
CA ILE RB 108 47.70 68.27 12.56
C ILE RB 108 46.76 68.05 13.74
N PRO RB 109 45.74 68.91 13.88
CA PRO RB 109 44.75 68.79 14.95
C PRO RB 109 44.11 67.40 14.94
N VAL RB 110 44.42 66.58 15.92
CA VAL RB 110 43.75 65.30 16.09
C VAL RB 110 43.03 65.26 17.42
N ILE RB 111 41.72 65.51 17.38
CA ILE RB 111 40.91 65.57 18.58
C ILE RB 111 40.67 64.19 19.17
N PHE RB 112 40.91 64.07 20.48
CA PHE RB 112 40.70 62.82 21.19
C PHE RB 112 39.29 62.78 21.78
N GLY RB 113 38.44 61.95 21.20
CA GLY RB 113 37.07 61.84 21.67
C GLY RB 113 36.66 60.40 21.92
N VAL RB 114 37.50 59.67 22.63
CA VAL RB 114 37.20 58.28 22.99
C VAL RB 114 36.70 58.18 24.43
N LEU RB 115 35.47 57.68 24.58
CA LEU RB 115 34.90 57.50 25.90
C LEU RB 115 35.64 56.45 26.69
N THR RB 116 35.97 56.77 27.93
CA THR RB 116 36.65 55.85 28.83
C THR RB 116 35.93 55.81 30.18
N THR RB 117 34.98 54.87 30.30
CA THR RB 117 34.05 54.85 31.41
C THR RB 117 34.09 53.58 32.24
N GLU RB 118 33.26 53.54 33.29
CA GLU RB 118 33.19 52.40 34.20
C GLU RB 118 31.90 51.63 34.01
N THR RB 119 30.84 52.35 33.64
CA THR RB 119 29.52 51.78 33.49
C THR RB 119 28.98 51.97 32.08
N ILE RB 120 28.14 51.04 31.63
CA ILE RB 120 27.44 51.20 30.36
C ILE RB 120 26.54 52.43 30.48
N GLU RB 121 26.12 52.73 31.71
CA GLU RB 121 25.25 53.86 31.99
C GLU RB 121 26.01 55.17 31.95
N GLN RB 122 27.32 55.10 32.12
CA GLN RB 122 28.17 56.28 32.04
C GLN RB 122 28.47 56.64 30.59
N ALA RB 123 28.57 55.62 29.74
CA ALA RB 123 28.78 55.82 28.31
C ALA RB 123 27.56 56.49 27.70
N ILE RB 124 26.38 55.90 27.96
CA ILE RB 124 25.12 56.47 27.50
C ILE RB 124 24.96 57.86 28.07
N GLU RB 125 25.39 58.04 29.31
CA GLU RB 125 25.33 59.33 29.98
C GLU RB 125 26.02 60.39 29.13
N ARG RB 126 27.06 59.99 28.41
CA ARG RB 126 27.90 60.91 27.68
C ARG RB 126 27.82 60.71 26.17
N ALA RB 127 26.80 60.01 25.71
CA ALA RB 127 26.61 59.79 24.28
C ALA RB 127 25.33 60.48 23.76
N GLY RB 128 24.96 61.59 24.40
CA GLY RB 128 23.73 62.27 24.01
C GLY RB 128 22.71 62.02 25.11
N THR RB 129 23.20 62.12 26.33
CA THR RB 129 22.31 62.00 27.47
C THR RB 129 22.75 63.10 28.48
N LYS RB 130 22.41 62.96 29.78
CA LYS RB 130 22.77 63.98 30.80
C LYS RB 130 23.99 64.83 30.48
N ALA RB 131 25.15 64.21 30.26
CA ALA RB 131 26.38 64.98 29.99
C ALA RB 131 26.44 65.62 28.60
N GLY RB 132 25.56 65.28 27.66
CA GLY RB 132 25.63 65.85 26.32
C GLY RB 132 26.18 64.79 25.34
N ASN RB 133 26.65 65.16 24.15
CA ASN RB 133 27.22 64.17 23.23
C ASN RB 133 28.70 64.43 22.98
N LYS RB 134 29.55 63.58 23.56
CA LYS RB 134 30.99 63.71 23.45
C LYS RB 134 31.44 63.86 21.99
N GLY RB 135 30.73 63.19 21.08
CA GLY RB 135 31.05 63.26 19.67
C GLY RB 135 30.85 64.66 19.11
N TYR RB 136 29.66 65.20 19.33
CA TYR RB 136 29.35 66.56 18.90
C TYR RB 136 30.36 67.56 19.47
N GLU RB 137 30.69 67.39 20.74
CA GLU RB 137 31.66 68.27 21.40
C GLU RB 137 33.06 68.11 20.81
N SER RB 138 33.31 66.96 20.18
CA SER RB 138 34.60 66.70 19.56
C SER RB 138 34.72 67.41 18.22
N ALA RB 139 33.59 67.53 17.53
CA ALA RB 139 33.56 68.22 16.24
C ALA RB 139 33.75 69.73 16.43
N VAL RB 140 33.01 70.28 17.37
CA VAL RB 140 33.10 71.70 17.69
C VAL RB 140 34.51 72.03 18.14
N ALA RB 141 35.25 71.02 18.58
CA ALA RB 141 36.63 71.19 18.98
C ALA RB 141 37.56 71.08 17.78
N ALA RB 142 37.19 70.21 16.84
CA ALA RB 142 37.98 70.02 15.62
C ALA RB 142 37.96 71.25 14.74
N ILE RB 143 36.81 71.91 14.66
CA ILE RB 143 36.67 73.12 13.88
C ILE RB 143 37.54 74.24 14.43
N GLU RB 144 37.54 74.39 15.74
CA GLU RB 144 38.33 75.42 16.38
C GLU RB 144 39.82 75.18 16.17
N MET RB 145 40.25 73.94 16.40
CA MET RB 145 41.65 73.57 16.19
C MET RB 145 42.04 73.74 14.74
N ALA RB 146 41.06 73.59 13.85
CA ALA RB 146 41.30 73.71 12.42
C ALA RB 146 41.59 75.16 12.00
N HIS RB 147 41.17 76.13 12.83
CA HIS RB 147 41.39 77.55 12.55
C HIS RB 147 42.65 78.05 13.24
N LEU RB 148 42.94 77.49 14.40
CA LEU RB 148 44.09 77.83 15.16
C LEU RB 148 45.31 76.97 14.79
N SER RB 149 45.13 75.72 14.29
CA SER RB 149 46.30 74.81 14.12
C SER RB 149 46.67 74.28 12.72
N LYS RB 150 45.73 74.24 11.82
CA LYS RB 150 45.97 73.70 10.50
C LYS RB 150 46.42 74.78 9.53
N HIS RB 151 45.62 75.76 9.28
CA HIS RB 151 46.00 76.74 8.29
C HIS RB 151 46.74 77.94 8.87
N TRP RB 152 46.94 77.83 10.16
CA TRP RB 152 47.69 78.77 10.97
C TRP RB 152 49.07 78.09 11.13
N ALA RB 153 50.17 78.82 11.28
CA ALA RB 153 51.45 78.13 11.38
C ALA RB 153 52.39 78.78 12.41
N VAL SB 2 17.47 -12.00 28.06
CA VAL SB 2 18.55 -11.04 28.34
C VAL SB 2 19.12 -10.42 27.07
N PHE SB 3 19.41 -9.13 27.11
CA PHE SB 3 19.87 -8.40 25.92
C PHE SB 3 20.96 -7.39 26.24
N GLU SB 4 22.12 -7.86 26.72
CA GLU SB 4 23.24 -6.96 26.97
C GLU SB 4 23.87 -6.51 25.65
N GLY SB 5 24.84 -5.60 25.74
CA GLY SB 5 25.51 -5.09 24.56
C GLY SB 5 27.02 -5.14 24.66
N HIS SB 6 27.66 -5.66 23.62
CA HIS SB 6 29.12 -5.73 23.56
C HIS SB 6 29.79 -4.41 23.91
N LEU SB 7 31.08 -4.46 24.17
CA LEU SB 7 31.85 -3.25 24.40
C LEU SB 7 33.05 -3.19 23.46
N VAL SB 8 33.21 -4.24 22.64
CA VAL SB 8 34.25 -4.27 21.63
C VAL SB 8 33.69 -3.77 20.32
N GLY SB 9 34.22 -2.65 19.84
CA GLY SB 9 33.75 -2.04 18.60
C GLY SB 9 34.67 -2.27 17.43
N THR SB 10 35.14 -3.51 17.30
CA THR SB 10 36.09 -3.88 16.26
C THR SB 10 35.71 -3.33 14.89
N GLY SB 11 34.47 -3.55 14.48
CA GLY SB 11 34.04 -3.15 13.14
C GLY SB 11 32.86 -2.19 13.13
N LEU SB 12 32.99 -1.10 13.85
CA LEU SB 12 31.92 -0.11 13.91
C LEU SB 12 32.31 1.16 13.15
N LYS SB 13 31.30 1.96 12.80
CA LYS SB 13 31.51 3.24 12.14
C LYS SB 13 30.81 4.35 12.91
N VAL SB 14 31.58 5.14 13.65
CA VAL SB 14 31.01 6.17 14.50
C VAL SB 14 31.20 7.57 13.94
N GLY SB 15 30.21 8.42 14.12
CA GLY SB 15 30.29 9.81 13.71
C GLY SB 15 30.06 10.74 14.89
N VAL SB 16 30.96 11.72 15.05
CA VAL SB 16 30.91 12.64 16.18
C VAL SB 16 30.57 14.06 15.75
N VAL SB 17 29.79 14.75 16.58
CA VAL SB 17 29.41 16.14 16.31
C VAL SB 17 29.76 17.01 17.50
N VAL SB 18 30.76 17.87 17.35
CA VAL SB 18 31.25 18.70 18.44
C VAL SB 18 30.98 20.20 18.22
N GLY SB 19 30.65 20.90 19.31
CA GLY SB 19 30.43 22.32 19.24
C GLY SB 19 31.67 23.11 19.61
N ARG SB 20 31.97 24.14 18.81
CA ARG SB 20 33.18 24.94 19.01
C ARG SB 20 33.14 25.78 20.28
N PHE SB 21 31.97 26.29 20.62
CA PHE SB 21 31.83 27.11 21.82
C PHE SB 21 32.36 26.32 23.01
N ASN SB 22 33.19 26.97 23.82
CA ASN SB 22 33.86 26.30 24.91
C ASN SB 22 34.85 25.25 24.42
N GLU SB 23 35.54 25.58 23.32
CA GLU SB 23 36.53 24.69 22.74
C GLU SB 23 37.53 24.25 23.79
N PHE SB 24 37.80 25.12 24.75
CA PHE SB 24 38.74 24.82 25.81
C PHE SB 24 38.37 23.53 26.50
N ILE SB 25 37.07 23.24 26.54
CA ILE SB 25 36.56 22.04 27.19
C ILE SB 25 36.24 20.94 26.17
N THR SB 26 35.48 21.30 25.14
CA THR SB 26 35.07 20.34 24.11
C THR SB 26 36.26 19.73 23.39
N SER SB 27 37.36 20.49 23.30
CA SER SB 27 38.57 20.00 22.67
C SER SB 27 39.06 18.74 23.38
N LYS SB 28 39.47 18.89 24.64
CA LYS SB 28 39.95 17.77 25.43
C LYS SB 28 38.81 16.82 25.78
N LEU SB 29 37.61 17.18 25.33
CA LEU SB 29 36.42 16.36 25.53
C LEU SB 29 36.21 15.45 24.33
N LEU SB 30 36.67 15.91 23.17
CA LEU SB 30 36.66 15.12 21.95
C LEU SB 30 37.78 14.09 22.02
N GLY SB 31 38.65 14.24 23.01
CA GLY SB 31 39.69 13.27 23.28
C GLY SB 31 39.08 11.97 23.79
N GLY SB 32 37.75 11.95 23.86
CA GLY SB 32 37.03 10.74 24.19
C GLY SB 32 36.75 9.96 22.92
N ALA SB 33 36.65 10.68 21.81
CA ALA SB 33 36.55 10.03 20.49
C ALA SB 33 37.70 9.05 20.35
N LEU SB 34 38.85 9.57 19.93
CA LEU SB 34 40.06 8.76 19.89
C LEU SB 34 40.48 8.49 21.34
N ASP SB 35 41.50 7.64 21.52
CA ASP SB 35 41.88 7.19 22.86
C ASP SB 35 40.62 6.78 23.63
N GLY SB 36 39.61 6.37 22.88
CA GLY SB 36 38.34 5.94 23.45
C GLY SB 36 37.69 4.94 22.53
N LEU SB 37 37.15 5.44 21.42
CA LEU SB 37 36.63 4.57 20.39
C LEU SB 37 37.77 3.71 19.83
N LYS SB 38 38.90 4.36 19.59
CA LYS SB 38 40.06 3.69 19.01
C LYS SB 38 40.56 2.53 19.87
N ARG SB 39 40.77 2.79 21.16
CA ARG SB 39 41.30 1.80 22.07
C ARG SB 39 40.29 0.67 22.32
N HIS SB 40 39.05 0.89 21.91
CA HIS SB 40 38.02 -0.13 22.07
C HIS SB 40 37.81 -0.95 20.80
N GLY SB 41 38.58 -0.63 19.76
CA GLY SB 41 38.53 -1.40 18.54
C GLY SB 41 38.22 -0.59 17.29
N VAL SB 42 37.31 0.37 17.42
CA VAL SB 42 36.89 1.19 16.28
C VAL SB 42 38.08 1.65 15.46
N GLU SB 43 37.94 1.58 14.14
CA GLU SB 43 39.04 1.94 13.25
C GLU SB 43 39.27 3.46 13.20
N GLU SB 44 40.54 3.85 13.17
CA GLU SB 44 40.92 5.26 13.07
C GLU SB 44 40.16 5.98 11.96
N ASN SB 45 39.97 5.31 10.83
CA ASN SB 45 39.35 5.92 9.67
C ASN SB 45 37.83 5.92 9.70
N ASP SB 46 37.25 4.99 10.45
CA ASP SB 46 35.79 4.87 10.52
C ASP SB 46 35.16 5.91 11.44
N ILE SB 47 35.94 6.93 11.81
CA ILE SB 47 35.45 7.98 12.70
C ILE SB 47 35.50 9.35 12.05
N ASP SB 48 34.34 9.95 11.85
CA ASP SB 48 34.23 11.30 11.29
C ASP SB 48 33.77 12.29 12.35
N VAL SB 49 34.21 13.54 12.22
CA VAL SB 49 33.86 14.57 13.18
C VAL SB 49 33.30 15.83 12.52
N ALA SB 50 32.19 16.31 13.06
CA ALA SB 50 31.53 17.51 12.54
C ALA SB 50 31.57 18.64 13.56
N TRP SB 51 32.18 19.76 13.19
CA TRP SB 51 32.26 20.91 14.07
C TRP SB 51 31.10 21.88 13.81
N VAL SB 52 30.29 22.08 14.84
CA VAL SB 52 29.16 23.02 14.73
C VAL SB 52 29.47 24.28 15.56
N PRO SB 53 28.77 25.38 15.27
CA PRO SB 53 29.05 26.64 16.02
C PRO SB 53 29.05 26.52 17.56
N GLY SB 54 28.05 25.80 18.04
CA GLY SB 54 27.84 25.58 19.45
C GLY SB 54 26.71 24.55 19.61
N ALA SB 55 26.44 24.17 20.87
CA ALA SB 55 25.42 23.20 21.15
C ALA SB 55 24.08 23.45 20.46
N PHE SB 56 23.59 24.68 20.38
CA PHE SB 56 22.29 24.78 19.75
C PHE SB 56 22.27 24.19 18.35
N GLU SB 57 23.34 24.29 17.61
CA GLU SB 57 23.31 23.79 16.25
C GLU SB 57 23.62 22.27 16.12
N ILE SB 58 23.62 21.53 17.23
CA ILE SB 58 24.00 20.06 17.30
C ILE SB 58 22.89 19.00 17.01
N PRO SB 59 21.64 19.46 17.17
CA PRO SB 59 20.54 18.62 16.72
C PRO SB 59 20.44 18.52 15.20
N LEU SB 60 20.58 19.64 14.50
CA LEU SB 60 20.44 19.66 13.05
C LEU SB 60 21.51 18.82 12.35
N ILE SB 61 22.77 19.08 12.66
CA ILE SB 61 23.89 18.39 12.02
C ILE SB 61 24.04 16.95 12.53
N ALA SB 62 23.61 16.70 13.76
CA ALA SB 62 23.60 15.35 14.29
C ALA SB 62 22.57 14.51 13.56
N LYS SB 63 21.56 15.18 13.01
CA LYS SB 63 20.53 14.52 12.21
C LYS SB 63 21.04 14.15 10.83
N LYS SB 64 21.70 15.10 10.18
CA LYS SB 64 22.22 14.88 8.83
C LYS SB 64 23.47 13.99 8.83
N MET SB 65 23.70 13.30 9.94
CA MET SB 65 24.80 12.36 10.05
C MET SB 65 24.27 10.96 10.34
N ALA SB 66 23.19 10.88 11.09
CA ALA SB 66 22.54 9.62 11.37
C ALA SB 66 21.70 9.19 10.17
N ASN SB 67 21.12 10.18 9.49
CA ASN SB 67 20.29 9.94 8.31
C ASN SB 67 21.11 9.59 7.07
N SER SB 68 22.41 9.86 7.12
CA SER SB 68 23.30 9.49 6.02
C SER SB 68 23.54 7.99 6.02
N GLY SB 69 23.12 7.32 7.09
CA GLY SB 69 23.22 5.88 7.19
C GLY SB 69 24.63 5.33 7.08
N LYS SB 70 25.61 6.21 7.31
CA LYS SB 70 27.01 5.81 7.20
C LYS SB 70 27.58 5.37 8.53
N TYR SB 71 26.91 5.76 9.62
CA TYR SB 71 27.41 5.47 10.96
C TYR SB 71 26.47 4.54 11.72
N ASP SB 72 27.06 3.65 12.52
CA ASP SB 72 26.30 2.75 13.37
C ASP SB 72 25.75 3.50 14.57
N ALA SB 73 26.47 4.53 14.98
CA ALA SB 73 26.05 5.37 16.10
C ALA SB 73 26.65 6.77 15.95
N VAL SB 74 25.95 7.76 16.49
CA VAL SB 74 26.43 9.15 16.43
C VAL SB 74 26.64 9.70 17.82
N ILE SB 75 27.88 10.08 18.12
CA ILE SB 75 28.20 10.68 19.42
C ILE SB 75 28.11 12.20 19.33
N THR SB 76 27.42 12.82 20.28
CA THR SB 76 27.24 14.26 20.28
C THR SB 76 27.98 14.91 21.46
N LEU SB 77 28.93 15.79 21.14
CA LEU SB 77 29.77 16.42 22.16
C LEU SB 77 29.63 17.93 22.17
N GLY SB 78 29.87 18.54 23.32
CA GLY SB 78 29.77 19.98 23.47
C GLY SB 78 29.81 20.37 24.93
N THR SB 79 29.81 21.68 25.20
CA THR SB 79 29.83 22.18 26.56
C THR SB 79 29.05 23.48 26.69
N VAL SB 80 28.25 23.59 27.76
CA VAL SB 80 27.49 24.80 28.05
C VAL SB 80 27.62 25.15 29.52
N ILE SB 81 27.85 26.42 29.81
CA ILE SB 81 28.05 26.86 31.19
C ILE SB 81 27.16 28.04 31.56
N ARG SB 82 26.64 28.02 32.78
CA ARG SB 82 25.74 29.05 33.27
C ARG SB 82 26.24 30.46 33.03
N GLY SB 83 25.37 31.31 32.49
CA GLY SB 83 25.68 32.72 32.32
C GLY SB 83 24.95 33.53 33.37
N ALA SB 84 24.62 34.77 33.02
CA ALA SB 84 23.85 35.63 33.91
C ALA SB 84 22.37 35.56 33.53
N THR SB 85 22.10 35.18 32.30
CA THR SB 85 20.73 35.10 31.80
C THR SB 85 20.26 33.66 31.75
N THR SB 86 18.94 33.48 31.64
CA THR SB 86 18.33 32.16 31.53
C THR SB 86 18.55 31.56 30.13
N HIS SB 87 19.36 32.24 29.33
CA HIS SB 87 19.70 31.76 28.00
C HIS SB 87 20.31 30.37 28.06
N TYR SB 88 21.10 30.13 29.09
CA TYR SB 88 21.74 28.84 29.32
C TYR SB 88 20.72 27.71 29.38
N ASP SB 89 19.55 27.99 29.93
CA ASP SB 89 18.52 26.98 30.13
C ASP SB 89 17.89 26.51 28.83
N TYR SB 90 17.44 27.46 28.01
CA TYR SB 90 16.77 27.14 26.75
C TYR SB 90 17.71 26.41 25.78
N VAL SB 91 19.01 26.66 25.92
CA VAL SB 91 20.00 25.99 25.10
C VAL SB 91 20.15 24.54 25.50
N CYS SB 92 20.54 24.32 26.75
CA CYS SB 92 20.72 22.98 27.28
C CYS SB 92 19.49 22.12 27.02
N ASN SB 93 18.32 22.69 27.27
CA ASN SB 93 17.07 21.99 27.03
C ASN SB 93 16.96 21.48 25.60
N GLU SB 94 17.07 22.38 24.63
CA GLU SB 94 16.87 22.05 23.23
C GLU SB 94 17.93 21.08 22.69
N VAL SB 95 19.16 21.19 23.20
CA VAL SB 95 20.21 20.26 22.82
C VAL SB 95 19.84 18.85 23.23
N ALA SB 96 19.48 18.71 24.50
CA ALA SB 96 19.05 17.41 25.02
C ALA SB 96 17.72 16.98 24.41
N LYS SB 97 16.83 17.96 24.21
CA LYS SB 97 15.52 17.71 23.63
C LYS SB 97 15.66 17.25 22.19
N GLY SB 98 16.67 17.77 21.50
CA GLY SB 98 16.94 17.40 20.12
C GLY SB 98 17.59 16.04 20.01
N VAL SB 99 18.71 15.85 20.70
CA VAL SB 99 19.45 14.60 20.64
C VAL SB 99 18.61 13.41 21.10
N ALA SB 100 17.68 13.64 22.01
CA ALA SB 100 16.82 12.57 22.51
C ALA SB 100 15.63 12.33 21.60
N SER SB 101 14.70 13.28 21.60
CA SER SB 101 13.47 13.16 20.80
C SER SB 101 13.75 12.86 19.33
N LEU SB 102 14.93 13.26 18.85
CA LEU SB 102 15.34 12.96 17.48
C LEU SB 102 16.42 11.89 17.43
N SER SB 103 16.23 10.85 18.23
CA SER SB 103 17.06 9.65 18.22
C SER SB 103 16.11 8.47 18.11
N LEU SB 104 14.83 8.76 18.24
CA LEU SB 104 13.77 7.77 18.09
C LEU SB 104 13.23 7.81 16.66
N GLN SB 105 13.44 8.93 15.98
CA GLN SB 105 13.00 9.10 14.61
C GLN SB 105 14.05 8.59 13.63
N THR SB 106 15.15 8.07 14.15
CA THR SB 106 16.24 7.59 13.32
C THR SB 106 16.56 6.13 13.61
N ASP SB 107 16.13 5.65 14.77
CA ASP SB 107 16.39 4.28 15.20
C ASP SB 107 17.89 4.01 15.33
N ILE SB 108 18.69 5.03 15.07
CA ILE SB 108 20.14 4.93 15.22
C ILE SB 108 20.61 5.57 16.52
N PRO SB 109 21.34 4.80 17.34
CA PRO SB 109 21.80 5.29 18.65
C PRO SB 109 22.51 6.63 18.54
N VAL SB 110 21.96 7.66 19.20
CA VAL SB 110 22.62 8.96 19.27
C VAL SB 110 22.92 9.29 20.74
N ILE SB 111 24.16 9.02 21.14
CA ILE SB 111 24.58 9.24 22.52
C ILE SB 111 24.69 10.74 22.85
N PHE SB 112 24.08 11.13 23.95
CA PHE SB 112 24.10 12.53 24.39
C PHE SB 112 25.28 12.76 25.33
N GLY SB 113 26.31 13.43 24.82
CA GLY SB 113 27.49 13.72 25.62
C GLY SB 113 27.78 15.21 25.68
N VAL SB 114 26.78 15.99 26.05
CA VAL SB 114 26.93 17.44 26.16
C VAL SB 114 27.01 17.87 27.62
N LEU SB 115 28.16 18.42 28.00
CA LEU SB 115 28.35 18.94 29.34
C LEU SB 115 27.43 20.13 29.59
N THR SB 116 26.66 20.07 30.66
CA THR SB 116 25.79 21.17 31.04
C THR SB 116 26.06 21.51 32.51
N THR SB 117 26.96 22.47 32.72
CA THR SB 117 27.47 22.74 34.05
C THR SB 117 27.30 24.18 34.50
N GLU SB 118 27.75 24.46 35.72
CA GLU SB 118 27.58 25.76 36.36
C GLU SB 118 28.90 26.52 36.44
N THR SB 119 29.99 25.77 36.51
CA THR SB 119 31.32 26.37 36.63
C THR SB 119 32.23 25.89 35.52
N ILE SB 120 33.20 26.73 35.16
CA ILE SB 120 34.27 26.30 34.27
C ILE SB 120 35.01 25.15 34.93
N GLU SB 121 35.07 25.19 36.27
CA GLU SB 121 35.73 24.16 37.05
C GLU SB 121 35.01 22.82 36.93
N GLN SB 122 33.68 22.86 36.91
CA GLN SB 122 32.88 21.64 36.81
C GLN SB 122 33.02 21.00 35.43
N ALA SB 123 33.06 21.85 34.40
CA ALA SB 123 33.28 21.37 33.04
C ALA SB 123 34.64 20.67 32.95
N ILE SB 124 35.63 21.25 33.62
CA ILE SB 124 36.96 20.65 33.66
C ILE SB 124 36.93 19.35 34.46
N GLU SB 125 36.14 19.33 35.53
CA GLU SB 125 36.01 18.15 36.35
C GLU SB 125 35.50 16.97 35.52
N ARG SB 126 34.80 17.30 34.43
CA ARG SB 126 34.15 16.28 33.61
C ARG SB 126 34.72 16.22 32.21
N ALA SB 127 35.98 16.62 32.09
CA ALA SB 127 36.64 16.57 30.78
C ALA SB 127 38.01 15.94 30.88
N GLY SB 128 38.23 15.22 31.94
CA GLY SB 128 39.50 14.60 32.10
C GLY SB 128 40.09 14.99 33.44
N THR SB 129 39.24 15.14 34.42
CA THR SB 129 39.81 15.40 35.74
C THR SB 129 39.24 14.45 36.73
N LYS SB 130 38.93 14.92 37.93
CA LYS SB 130 38.52 13.91 38.94
C LYS SB 130 37.15 13.28 38.66
N ALA SB 131 36.48 13.57 37.54
CA ALA SB 131 35.21 12.87 37.27
C ALA SB 131 35.42 11.97 36.05
N GLY SB 132 36.58 12.17 35.41
CA GLY SB 132 36.95 11.43 34.23
C GLY SB 132 36.54 12.23 33.00
N ASN SB 133 36.69 11.66 31.81
CA ASN SB 133 36.32 12.33 30.57
C ASN SB 133 34.97 11.86 30.03
N LYS SB 134 33.99 12.77 30.03
CA LYS SB 134 32.64 12.43 29.61
C LYS SB 134 32.53 12.18 28.11
N GLY SB 135 33.64 12.41 27.40
CA GLY SB 135 33.69 12.13 25.98
C GLY SB 135 34.07 10.68 25.74
N TYR SB 136 34.97 10.17 26.59
CA TYR SB 136 35.39 8.79 26.53
C TYR SB 136 34.25 7.88 26.97
N GLU SB 137 33.49 8.32 27.97
CA GLU SB 137 32.39 7.53 28.50
C GLU SB 137 31.25 7.48 27.50
N SER SB 138 31.05 8.59 26.79
CA SER SB 138 29.97 8.69 25.80
C SER SB 138 30.28 7.88 24.55
N ALA SB 139 31.55 7.48 24.40
CA ALA SB 139 31.95 6.63 23.30
C ALA SB 139 31.69 5.17 23.66
N VAL SB 140 32.12 4.78 24.86
CA VAL SB 140 31.85 3.44 25.37
C VAL SB 140 30.37 3.14 25.25
N ALA SB 141 29.54 4.12 25.60
CA ALA SB 141 28.10 3.98 25.49
C ALA SB 141 27.67 3.87 24.03
N ALA SB 142 28.32 4.64 23.16
CA ALA SB 142 27.99 4.62 21.74
C ALA SB 142 28.21 3.24 21.14
N ILE SB 143 29.36 2.64 21.45
CA ILE SB 143 29.67 1.30 20.98
C ILE SB 143 28.63 0.31 21.44
N GLU SB 144 28.40 0.27 22.76
CA GLU SB 144 27.43 -0.65 23.32
C GLU SB 144 26.04 -0.49 22.71
N MET SB 145 25.63 0.76 22.50
CA MET SB 145 24.31 1.03 21.94
C MET SB 145 24.19 0.48 20.52
N ALA SB 146 25.11 0.88 19.66
CA ALA SB 146 25.10 0.41 18.29
C ALA SB 146 25.23 -1.10 18.26
N HIS SB 147 25.97 -1.63 19.24
CA HIS SB 147 26.24 -3.06 19.32
C HIS SB 147 25.06 -3.78 19.96
N LEU SB 148 24.06 -3.03 20.37
CA LEU SB 148 22.89 -3.61 21.04
C LEU SB 148 21.68 -3.59 20.12
N SER SB 149 21.80 -2.91 18.99
CA SER SB 149 20.72 -2.86 18.02
C SER SB 149 20.72 -4.12 17.15
N LYS SB 150 20.34 -5.25 17.74
CA LYS SB 150 20.21 -6.48 16.99
C LYS SB 150 18.76 -6.94 16.89
N HIS SB 151 18.00 -6.74 17.96
CA HIS SB 151 16.56 -6.96 17.88
C HIS SB 151 15.91 -5.73 17.26
N TRP SB 152 16.45 -5.35 16.10
CA TRP SB 152 16.07 -4.13 15.40
C TRP SB 152 15.73 -4.49 13.95
N ALA SB 153 15.58 -3.48 13.11
CA ALA SB 153 15.29 -3.67 11.68
C ALA SB 153 13.90 -4.26 11.47
N VAL TB 2 -18.05 0.51 33.33
CA VAL TB 2 -16.92 0.50 34.26
C VAL TB 2 -15.82 -0.46 33.84
N PHE TB 3 -14.80 0.05 33.15
CA PHE TB 3 -13.73 -0.77 32.62
C PHE TB 3 -12.48 -0.69 33.50
N GLU TB 4 -12.29 -1.70 34.35
CA GLU TB 4 -11.12 -1.78 35.23
C GLU TB 4 -10.12 -2.83 34.72
N GLY TB 5 -8.98 -2.94 35.40
CA GLY TB 5 -7.93 -3.85 34.99
C GLY TB 5 -7.65 -5.01 35.93
N HIS TB 6 -7.43 -6.18 35.34
CA HIS TB 6 -7.11 -7.39 36.08
C HIS TB 6 -5.78 -7.24 36.82
N LEU TB 7 -5.39 -8.24 37.60
CA LEU TB 7 -4.11 -8.18 38.31
C LEU TB 7 -3.35 -9.50 38.37
N VAL TB 8 -4.00 -10.58 37.95
CA VAL TB 8 -3.31 -11.85 37.81
C VAL TB 8 -2.82 -11.99 36.36
N GLY TB 9 -1.53 -12.24 36.19
CA GLY TB 9 -0.95 -12.33 34.86
C GLY TB 9 -0.47 -13.72 34.51
N THR TB 10 -1.35 -14.70 34.59
CA THR TB 10 -1.00 -16.09 34.29
C THR TB 10 -0.30 -16.22 32.95
N GLY TB 11 -0.89 -15.66 31.90
CA GLY TB 11 -0.33 -15.75 30.57
C GLY TB 11 0.08 -14.42 30.00
N LEU TB 12 1.16 -13.85 30.53
CA LEU TB 12 1.62 -12.54 30.09
C LEU TB 12 3.02 -12.56 29.47
N LYS TB 13 3.27 -11.61 28.59
CA LYS TB 13 4.55 -11.50 27.90
C LYS TB 13 5.15 -10.13 28.23
N VAL TB 14 6.05 -10.08 29.19
CA VAL TB 14 6.58 -8.80 29.65
C VAL TB 14 8.04 -8.58 29.26
N GLY TB 15 8.37 -7.34 28.91
CA GLY TB 15 9.73 -6.97 28.58
C GLY TB 15 10.23 -5.83 29.45
N VAL TB 16 11.48 -5.92 29.87
CA VAL TB 16 12.06 -4.94 30.80
C VAL TB 16 13.33 -4.30 30.26
N VAL TB 17 13.44 -3.00 30.39
CA VAL TB 17 14.64 -2.27 29.99
C VAL TB 17 15.26 -1.59 31.20
N VAL TB 18 16.42 -2.08 31.63
CA VAL TB 18 17.09 -1.55 32.82
C VAL TB 18 18.38 -0.81 32.50
N GLY TB 19 18.57 0.35 33.12
CA GLY TB 19 19.75 1.14 32.92
C GLY TB 19 20.87 0.68 33.83
N ARG TB 20 22.05 0.48 33.27
CA ARG TB 20 23.19 -0.04 34.03
C ARG TB 20 23.74 0.97 35.03
N PHE TB 21 23.73 2.25 34.66
CA PHE TB 21 24.24 3.30 35.54
C PHE TB 21 23.53 3.26 36.88
N ASN TB 22 24.29 3.43 37.95
CA ASN TB 22 23.75 3.27 39.30
C ASN TB 22 23.25 1.85 39.51
N GLU TB 23 23.96 0.88 38.94
CA GLU TB 23 23.61 -0.53 39.04
C GLU TB 23 23.33 -0.94 40.48
N PHE TB 24 23.98 -0.28 41.41
CA PHE TB 24 23.81 -0.58 42.83
C PHE TB 24 22.35 -0.49 43.23
N ILE TB 25 21.59 0.37 42.56
CA ILE TB 25 20.17 0.54 42.86
C ILE TB 25 19.30 -0.19 41.85
N THR TB 26 19.56 0.05 40.57
CA THR TB 26 18.77 -0.58 39.51
C THR TB 26 18.79 -2.10 39.62
N SER TB 27 19.84 -2.63 40.23
CA SER TB 27 19.95 -4.07 40.44
C SER TB 27 18.77 -4.57 41.28
N LYS TB 28 18.74 -4.15 42.53
CA LYS TB 28 17.63 -4.52 43.42
C LYS TB 28 16.31 -4.06 42.84
N LEU TB 29 16.36 -3.00 42.05
CA LEU TB 29 15.17 -2.43 41.44
C LEU TB 29 14.57 -3.36 40.39
N LEU TB 30 15.45 -4.05 39.65
CA LEU TB 30 15.01 -5.03 38.66
C LEU TB 30 14.49 -6.28 39.35
N GLY TB 31 15.22 -6.74 40.36
CA GLY TB 31 14.83 -7.90 41.12
C GLY TB 31 13.44 -7.74 41.71
N GLY TB 32 13.02 -6.49 41.90
CA GLY TB 32 11.68 -6.21 42.40
C GLY TB 32 10.61 -6.54 41.39
N ALA TB 33 10.85 -6.15 40.14
CA ALA TB 33 9.90 -6.42 39.06
C ALA TB 33 9.97 -7.88 38.62
N LEU TB 34 11.19 -8.40 38.57
CA LEU TB 34 11.42 -9.76 38.08
C LEU TB 34 11.05 -10.78 39.15
N ASP TB 35 10.49 -10.30 40.25
CA ASP TB 35 10.04 -11.16 41.34
C ASP TB 35 8.59 -10.86 41.66
N GLY TB 36 8.11 -9.72 41.20
CA GLY TB 36 6.72 -9.35 41.32
C GLY TB 36 5.94 -9.98 40.17
N LEU TB 37 6.59 -10.03 39.02
CA LEU TB 37 6.01 -10.68 37.86
C LEU TB 37 5.91 -12.18 38.10
N LYS TB 38 7.03 -12.79 38.48
CA LYS TB 38 7.08 -14.22 38.73
C LYS TB 38 5.98 -14.66 39.69
N ARG TB 39 5.90 -13.99 40.85
CA ARG TB 39 4.97 -14.39 41.90
C ARG TB 39 3.53 -13.97 41.62
N HIS TB 40 3.34 -13.20 40.57
CA HIS TB 40 2.01 -12.82 40.14
C HIS TB 40 1.54 -13.78 39.07
N GLY TB 41 2.27 -14.86 38.84
CA GLY TB 41 1.79 -15.81 37.88
C GLY TB 41 2.36 -15.60 36.48
N VAL TB 42 3.24 -14.61 36.32
CA VAL TB 42 3.87 -14.43 35.03
C VAL TB 42 5.09 -15.31 35.05
N GLU TB 43 5.26 -16.01 33.97
CA GLU TB 43 6.37 -16.93 33.71
C GLU TB 43 7.75 -16.35 33.92
N GLU TB 44 8.57 -17.09 34.65
CA GLU TB 44 9.96 -16.74 34.91
C GLU TB 44 10.76 -16.89 33.61
N ASN TB 45 10.19 -17.62 32.67
CA ASN TB 45 10.85 -17.86 31.42
C ASN TB 45 10.25 -17.00 30.32
N ASP TB 46 9.30 -16.12 30.63
CA ASP TB 46 8.66 -15.30 29.61
C ASP TB 46 8.94 -13.82 29.86
N ILE TB 47 10.12 -13.54 30.40
CA ILE TB 47 10.53 -12.17 30.69
C ILE TB 47 11.89 -11.87 30.07
N ASP TB 48 11.95 -10.81 29.27
CA ASP TB 48 13.22 -10.38 28.68
C ASP TB 48 13.72 -9.08 29.30
N VAL TB 49 15.02 -9.01 29.57
CA VAL TB 49 15.62 -7.83 30.15
C VAL TB 49 16.65 -7.21 29.19
N ALA TB 50 16.56 -5.90 29.01
CA ALA TB 50 17.46 -5.17 28.12
C ALA TB 50 18.28 -4.15 28.89
N TRP TB 51 19.59 -4.42 29.02
CA TRP TB 51 20.49 -3.52 29.72
C TRP TB 51 21.01 -2.42 28.81
N VAL TB 52 20.66 -1.17 29.14
CA VAL TB 52 21.15 -0.02 28.41
C VAL TB 52 22.20 0.71 29.24
N PRO TB 53 23.05 1.53 28.56
CA PRO TB 53 24.11 2.22 29.32
C PRO TB 53 23.50 2.83 30.61
N GLY TB 54 22.53 3.74 30.42
CA GLY TB 54 21.79 4.47 31.47
C GLY TB 54 20.39 4.92 30.96
N ALA TB 55 19.68 5.62 31.83
CA ALA TB 55 18.33 6.09 31.54
C ALA TB 55 18.21 6.81 30.20
N PHE TB 56 19.10 7.75 29.86
CA PHE TB 56 18.89 8.44 28.60
C PHE TB 56 18.72 7.48 27.42
N GLU TB 57 19.27 6.30 27.47
CA GLU TB 57 19.13 5.40 26.32
C GLU TB 57 17.91 4.52 26.39
N ILE TB 58 17.17 4.58 27.53
CA ILE TB 58 15.96 3.72 27.80
C ILE TB 58 14.69 3.95 26.92
N PRO TB 59 14.57 5.17 26.42
CA PRO TB 59 13.51 5.44 25.43
C PRO TB 59 13.74 4.72 24.10
N LEU TB 60 14.97 4.73 23.61
CA LEU TB 60 15.27 4.12 22.31
C LEU TB 60 15.05 2.61 22.32
N ILE TB 61 15.72 1.92 23.24
CA ILE TB 61 15.63 0.47 23.33
C ILE TB 61 14.27 -0.02 23.79
N ALA TB 62 13.60 0.80 24.62
CA ALA TB 62 12.24 0.48 25.06
C ALA TB 62 11.27 0.54 23.87
N LYS TB 63 11.61 1.38 22.90
CA LYS TB 63 10.82 1.51 21.68
C LYS TB 63 10.93 0.25 20.82
N LYS TB 64 12.16 -0.23 20.64
CA LYS TB 64 12.42 -1.40 19.80
C LYS TB 64 11.97 -2.70 20.44
N MET TB 65 11.42 -2.61 21.65
CA MET TB 65 10.84 -3.77 22.32
C MET TB 65 9.32 -3.74 22.21
N ALA TB 66 8.75 -2.55 22.28
CA ALA TB 66 7.32 -2.38 22.08
C ALA TB 66 7.01 -2.55 20.60
N ASN TB 67 7.83 -1.94 19.75
CA ASN TB 67 7.69 -2.12 18.31
C ASN TB 67 8.03 -3.55 17.90
N SER TB 68 8.74 -4.24 18.78
CA SER TB 68 9.06 -5.65 18.57
C SER TB 68 7.78 -6.49 18.51
N GLY TB 69 6.70 -5.95 19.07
CA GLY TB 69 5.43 -6.63 19.08
C GLY TB 69 5.51 -8.03 19.66
N LYS TB 70 6.20 -8.16 20.79
CA LYS TB 70 6.38 -9.45 21.43
C LYS TB 70 5.94 -9.41 22.88
N TYR TB 71 5.66 -8.22 23.39
CA TYR TB 71 5.33 -8.05 24.79
C TYR TB 71 3.99 -7.33 24.96
N ASP TB 72 3.23 -7.73 25.97
CA ASP TB 72 1.96 -7.08 26.30
C ASP TB 72 2.22 -5.74 26.94
N ALA TB 73 3.35 -5.64 27.62
CA ALA TB 73 3.74 -4.41 28.30
C ALA TB 73 5.26 -4.40 28.50
N VAL TB 74 5.82 -3.19 28.53
CA VAL TB 74 7.26 -3.03 28.76
C VAL TB 74 7.51 -2.19 30.00
N ILE TB 75 8.35 -2.71 30.89
CA ILE TB 75 8.73 -2.01 32.11
C ILE TB 75 10.10 -1.36 31.97
N THR TB 76 10.18 -0.07 32.32
CA THR TB 76 11.44 0.66 32.25
C THR TB 76 12.00 0.93 33.64
N LEU TB 77 13.14 0.29 33.95
CA LEU TB 77 13.79 0.46 35.24
C LEU TB 77 15.10 1.23 35.11
N GLY TB 78 15.35 2.12 36.07
CA GLY TB 78 16.58 2.90 36.08
C GLY TB 78 16.68 3.75 37.33
N THR TB 79 17.81 4.40 37.51
CA THR TB 79 18.00 5.30 38.64
C THR TB 79 18.87 6.49 38.29
N VAL TB 80 18.40 7.69 38.62
CA VAL TB 80 19.13 8.92 38.38
C VAL TB 80 19.17 9.75 39.65
N ILE TB 81 20.36 10.18 40.05
CA ILE TB 81 20.52 10.93 41.29
C ILE TB 81 21.18 12.29 41.05
N ARG TB 82 20.68 13.30 41.76
CA ARG TB 82 21.20 14.66 41.68
C ARG TB 82 22.72 14.73 41.67
N GLY TB 83 23.25 15.62 40.84
CA GLY TB 83 24.68 15.87 40.82
C GLY TB 83 24.93 17.30 41.24
N ALA TB 84 26.01 17.89 40.72
CA ALA TB 84 26.32 19.28 40.99
C ALA TB 84 25.81 20.17 39.85
N THR TB 85 25.52 19.55 38.71
CA THR TB 85 25.06 20.28 37.54
C THR TB 85 23.60 19.97 37.22
N THR TB 86 23.03 20.78 36.32
CA THR TB 86 21.64 20.60 35.89
C THR TB 86 21.52 19.44 34.92
N HIS TB 87 22.63 18.73 34.71
CA HIS TB 87 22.65 17.58 33.83
C HIS TB 87 21.58 16.57 34.26
N TYR TB 88 21.39 16.46 35.57
CA TYR TB 88 20.42 15.55 36.14
C TYR TB 88 19.00 15.84 35.65
N ASP TB 89 18.69 17.10 35.43
CA ASP TB 89 17.34 17.52 35.06
C ASP TB 89 16.98 17.07 33.64
N TYR TB 90 17.87 17.34 32.70
CA TYR TB 90 17.62 17.02 31.30
C TYR TB 90 17.53 15.51 31.08
N VAL TB 91 18.27 14.76 31.88
CA VAL TB 91 18.22 13.30 31.82
C VAL TB 91 16.86 12.82 32.29
N CYS TB 92 16.53 13.12 33.54
CA CYS TB 92 15.25 12.72 34.12
C CYS TB 92 14.10 13.10 33.18
N ASN TB 93 14.11 14.35 32.74
CA ASN TB 93 13.06 14.85 31.85
C ASN TB 93 12.89 13.96 30.62
N GLU TB 94 13.96 13.81 29.85
CA GLU TB 94 13.90 13.07 28.59
C GLU TB 94 13.55 11.60 28.76
N VAL TB 95 13.97 11.02 29.88
CA VAL TB 95 13.59 9.64 30.21
C VAL TB 95 12.09 9.57 30.45
N ALA TB 96 11.61 10.37 31.41
CA ALA TB 96 10.18 10.46 31.68
C ALA TB 96 9.47 11.32 30.64
N LYS TB 97 9.98 11.28 29.42
CA LYS TB 97 9.38 12.03 28.32
C LYS TB 97 9.26 11.18 27.06
N GLY TB 98 10.33 10.45 26.73
CA GLY TB 98 10.25 9.37 25.78
C GLY TB 98 9.45 8.19 26.30
N VAL TB 99 9.94 7.58 27.36
CA VAL TB 99 9.20 6.53 28.05
C VAL TB 99 7.76 6.96 28.32
N ALA TB 100 7.54 8.27 28.38
CA ALA TB 100 6.70 8.85 29.42
C ALA TB 100 5.25 8.96 28.95
N SER TB 101 5.04 9.73 27.88
CA SER TB 101 3.82 9.61 27.09
C SER TB 101 4.14 9.55 25.60
N LEU TB 102 5.35 9.95 25.24
CA LEU TB 102 5.88 9.71 23.90
C LEU TB 102 5.45 8.33 23.38
N SER TB 103 5.61 7.32 24.22
CA SER TB 103 5.34 5.93 23.82
C SER TB 103 3.87 5.61 23.88
N LEU TB 104 3.06 6.48 23.27
CA LEU TB 104 1.64 6.22 23.15
C LEU TB 104 1.47 5.77 21.73
N GLN TB 105 2.45 6.13 20.93
CA GLN TB 105 2.38 5.83 19.53
C GLN TB 105 2.15 4.34 19.24
N THR TB 106 2.75 3.48 20.05
CA THR TB 106 2.71 1.99 19.87
C THR TB 106 1.42 1.35 20.34
N ASP TB 107 0.89 1.98 21.33
CA ASP TB 107 -0.27 1.48 21.96
C ASP TB 107 0.08 0.17 22.66
N ILE TB 108 1.31 0.08 23.19
CA ILE TB 108 1.69 -1.05 24.00
C ILE TB 108 1.94 -0.43 25.36
N PRO TB 109 1.45 -1.04 26.44
CA PRO TB 109 1.68 -0.38 27.75
C PRO TB 109 3.12 -0.15 28.12
N VAL TB 110 3.55 1.11 28.39
CA VAL TB 110 4.94 1.25 28.81
C VAL TB 110 4.96 1.90 30.19
N ILE TB 111 5.33 1.12 31.19
CA ILE TB 111 5.35 1.59 32.58
C ILE TB 111 6.65 2.31 32.88
N PHE TB 112 6.54 3.54 33.37
CA PHE TB 112 7.70 4.34 33.74
C PHE TB 112 8.11 4.03 35.18
N GLY TB 113 9.17 3.24 35.33
CA GLY TB 113 9.67 2.90 36.65
C GLY TB 113 11.11 3.32 36.83
N VAL TB 114 11.40 4.58 36.54
CA VAL TB 114 12.75 5.10 36.68
C VAL TB 114 12.83 6.01 37.91
N LEU TB 115 13.64 5.60 38.87
CA LEU TB 115 13.85 6.38 40.09
C LEU TB 115 14.55 7.69 39.78
N THR TB 116 13.97 8.78 40.24
CA THR TB 116 14.56 10.10 40.05
C THR TB 116 14.60 10.83 41.40
N THR TB 117 15.73 10.70 42.09
CA THR TB 117 15.83 11.14 43.49
C THR TB 117 16.85 12.23 43.71
N GLU TB 118 17.09 12.52 44.99
CA GLU TB 118 18.03 13.57 45.39
C GLU TB 118 19.22 12.96 46.12
N THR TB 119 18.96 11.92 46.90
CA THR TB 119 19.98 11.29 47.71
C THR TB 119 20.20 9.84 47.29
N ILE TB 120 21.42 9.37 47.49
CA ILE TB 120 21.70 7.94 47.34
C ILE TB 120 20.87 7.20 48.38
N GLU TB 121 20.59 7.88 49.48
CA GLU TB 121 19.80 7.30 50.56
C GLU TB 121 18.31 7.28 50.20
N GLN TB 122 17.89 8.20 49.34
CA GLN TB 122 16.50 8.24 48.91
C GLN TB 122 16.20 7.15 47.89
N ALA TB 123 17.10 7.00 46.93
CA ALA TB 123 16.99 5.94 45.94
C ALA TB 123 17.00 4.60 46.64
N ILE TB 124 17.81 4.48 47.69
CA ILE TB 124 17.92 3.23 48.43
C ILE TB 124 16.66 2.97 49.27
N GLU TB 125 15.84 4.01 49.42
CA GLU TB 125 14.58 3.88 50.14
C GLU TB 125 13.52 3.22 49.26
N ARG TB 126 13.56 3.52 47.97
CA ARG TB 126 12.59 2.96 47.02
C ARG TB 126 13.12 1.72 46.34
N ALA TB 127 14.37 1.37 46.62
CA ALA TB 127 14.99 0.21 46.01
C ALA TB 127 14.72 -1.08 46.78
N GLY TB 128 13.70 -1.05 47.62
CA GLY TB 128 13.41 -2.19 48.39
C GLY TB 128 13.67 -1.87 49.86
N THR TB 129 13.24 -0.70 50.36
CA THR TB 129 13.39 -0.40 51.78
C THR TB 129 12.16 0.33 52.23
N LYS TB 130 12.31 1.29 53.11
CA LYS TB 130 11.17 2.02 53.67
C LYS TB 130 9.97 2.26 52.72
N ALA TB 131 10.19 2.84 51.56
CA ALA TB 131 9.06 3.11 50.70
C ALA TB 131 8.62 1.88 49.88
N GLY TB 132 9.38 0.77 49.97
CA GLY TB 132 9.07 -0.47 49.21
C GLY TB 132 9.91 -0.54 47.93
N ASN TB 133 9.77 -1.60 47.13
CA ASN TB 133 10.51 -1.70 45.88
C ASN TB 133 9.68 -1.19 44.70
N LYS TB 134 10.12 -0.08 44.12
CA LYS TB 134 9.38 0.57 43.03
C LYS TB 134 9.45 -0.23 41.73
N GLY TB 135 10.27 -1.28 41.73
CA GLY TB 135 10.32 -2.19 40.61
C GLY TB 135 9.18 -3.18 40.68
N TYR TB 136 8.92 -3.67 41.89
CA TYR TB 136 7.79 -4.56 42.13
C TYR TB 136 6.49 -3.85 41.77
N GLU TB 137 6.37 -2.61 42.21
CA GLU TB 137 5.16 -1.82 41.98
C GLU TB 137 4.97 -1.50 40.50
N SER TB 138 6.07 -1.36 39.78
CA SER TB 138 6.01 -1.03 38.36
C SER TB 138 5.71 -2.27 37.52
N ALA TB 139 5.80 -3.44 38.15
CA ALA TB 139 5.45 -4.68 37.48
C ALA TB 139 3.96 -4.96 37.67
N VAL TB 140 3.47 -4.68 38.87
CA VAL TB 140 2.04 -4.78 39.15
C VAL TB 140 1.25 -3.86 38.23
N ALA TB 141 1.84 -2.70 37.94
CA ALA TB 141 1.23 -1.74 37.03
C ALA TB 141 1.25 -2.26 35.59
N ALA TB 142 2.29 -3.02 35.26
CA ALA TB 142 2.42 -3.58 33.92
C ALA TB 142 1.35 -4.64 33.66
N ILE TB 143 1.18 -5.54 34.61
CA ILE TB 143 0.16 -6.58 34.50
C ILE TB 143 -1.22 -5.96 34.36
N GLU TB 144 -1.51 -4.97 35.20
CA GLU TB 144 -2.80 -4.30 35.15
C GLU TB 144 -3.03 -3.61 33.81
N MET TB 145 -2.06 -2.81 33.39
CA MET TB 145 -2.17 -2.12 32.11
C MET TB 145 -2.39 -3.11 30.98
N ALA TB 146 -1.64 -4.19 30.99
CA ALA TB 146 -1.77 -5.23 29.98
C ALA TB 146 -3.21 -5.71 29.90
N HIS TB 147 -3.78 -6.03 31.07
CA HIS TB 147 -5.16 -6.50 31.15
C HIS TB 147 -6.17 -5.38 30.96
N LEU TB 148 -5.91 -4.50 30.01
CA LEU TB 148 -6.83 -3.44 29.63
C LEU TB 148 -6.87 -3.41 28.11
N SER TB 149 -7.96 -4.00 27.56
CA SER TB 149 -8.11 -4.22 26.11
C SER TB 149 -9.32 -3.65 25.35
N LYS TB 150 -8.96 -2.55 24.74
CA LYS TB 150 -9.69 -1.81 23.79
C LYS TB 150 -8.54 -1.70 22.76
N HIS TB 151 -8.84 -1.72 21.47
CA HIS TB 151 -7.83 -1.61 20.44
C HIS TB 151 -8.28 -0.64 19.40
N TRP TB 152 -7.37 0.16 18.96
CA TRP TB 152 -7.79 1.11 17.97
C TRP TB 152 -7.72 0.50 16.60
N ALA TB 153 -8.80 0.73 15.84
CA ALA TB 153 -8.91 0.22 14.48
C ALA TB 153 -10.14 0.82 13.78
N VAL UB 2 -20.57 34.77 17.64
CA VAL UB 2 -20.45 34.40 19.06
C VAL UB 2 -20.82 32.93 19.28
N PHE UB 3 -19.98 32.21 20.02
CA PHE UB 3 -20.13 30.76 20.18
C PHE UB 3 -19.97 30.27 21.62
N GLU UB 4 -20.99 30.48 22.45
CA GLU UB 4 -20.96 29.98 23.82
C GLU UB 4 -21.22 28.47 23.84
N GLY UB 5 -20.92 27.83 24.97
CA GLY UB 5 -21.12 26.40 25.11
C GLY UB 5 -22.26 26.03 26.04
N HIS UB 6 -23.15 25.17 25.55
CA HIS UB 6 -24.30 24.72 26.31
C HIS UB 6 -23.86 24.07 27.63
N LEU UB 7 -24.77 23.97 28.59
CA LEU UB 7 -24.41 23.39 29.88
C LEU UB 7 -25.35 22.26 30.33
N VAL UB 8 -26.46 22.10 29.63
CA VAL UB 8 -27.36 20.98 29.90
C VAL UB 8 -27.01 19.82 28.98
N GLY UB 9 -26.45 18.76 29.56
CA GLY UB 9 -25.99 17.63 28.78
C GLY UB 9 -26.88 16.41 28.90
N THR UB 10 -28.14 16.55 28.49
CA THR UB 10 -29.09 15.46 28.55
C THR UB 10 -28.60 14.27 27.72
N GLY UB 11 -28.47 14.46 26.42
CA GLY UB 11 -28.08 13.38 25.53
C GLY UB 11 -26.59 13.29 25.29
N LEU UB 12 -25.82 13.05 26.35
CA LEU UB 12 -24.37 12.98 26.23
C LEU UB 12 -23.81 11.64 26.69
N LYS UB 13 -22.74 11.21 26.03
CA LYS UB 13 -21.97 10.06 26.47
C LYS UB 13 -20.60 10.53 26.96
N VAL UB 14 -20.32 10.30 28.24
CA VAL UB 14 -19.05 10.73 28.81
C VAL UB 14 -18.20 9.53 29.23
N GLY UB 15 -16.88 9.71 29.16
CA GLY UB 15 -15.96 8.67 29.59
C GLY UB 15 -14.96 9.22 30.58
N VAL UB 16 -14.74 8.51 31.67
CA VAL UB 16 -13.85 8.99 32.73
C VAL UB 16 -12.68 8.03 32.97
N VAL UB 17 -11.50 8.59 33.15
CA VAL UB 17 -10.31 7.82 33.46
C VAL UB 17 -9.71 8.28 34.78
N VAL UB 18 -9.83 7.44 35.80
CA VAL UB 18 -9.39 7.81 37.15
C VAL UB 18 -8.16 7.00 37.59
N GLY UB 19 -7.27 7.66 38.31
CA GLY UB 19 -6.07 7.02 38.81
C GLY UB 19 -6.27 6.40 40.17
N ARG UB 20 -5.80 5.16 40.34
CA ARG UB 20 -5.99 4.42 41.58
C ARG UB 20 -5.13 4.97 42.70
N PHE UB 21 -3.93 5.43 42.36
CA PHE UB 21 -3.03 6.01 43.35
C PHE UB 21 -3.69 7.23 43.98
N ASN UB 22 -3.49 7.39 45.29
CA ASN UB 22 -4.18 8.44 46.03
C ASN UB 22 -5.69 8.25 45.95
N GLU UB 23 -6.10 6.99 45.98
CA GLU UB 23 -7.52 6.62 45.88
C GLU UB 23 -8.35 7.37 46.93
N PHE UB 24 -7.73 7.62 48.08
CA PHE UB 24 -8.39 8.34 49.17
C PHE UB 24 -8.95 9.68 48.69
N ILE UB 25 -8.27 10.29 47.72
CA ILE UB 25 -8.70 11.57 47.17
C ILE UB 25 -9.45 11.39 45.85
N THR UB 26 -8.86 10.64 44.93
CA THR UB 26 -9.46 10.42 43.61
C THR UB 26 -10.84 9.79 43.73
N SER UB 27 -11.10 9.09 44.83
CA SER UB 27 -12.41 8.51 45.08
C SER UB 27 -13.48 9.59 45.10
N LYS UB 28 -13.41 10.47 46.09
CA LYS UB 28 -14.34 11.58 46.21
C LYS UB 28 -14.26 12.49 44.98
N LEU UB 29 -13.13 12.43 44.28
CA LEU UB 29 -12.90 13.24 43.10
C LEU UB 29 -13.75 12.71 41.96
N LEU UB 30 -13.91 11.39 41.91
CA LEU UB 30 -14.78 10.74 40.94
C LEU UB 30 -16.22 11.02 41.28
N GLY UB 31 -16.47 11.41 42.53
CA GLY UB 31 -17.79 11.83 42.96
C GLY UB 31 -18.23 13.05 42.18
N GLY UB 32 -17.34 13.57 41.34
CA GLY UB 32 -17.66 14.68 40.45
C GLY UB 32 -18.35 14.17 39.21
N ALA UB 33 -18.04 12.94 38.81
CA ALA UB 33 -18.75 12.28 37.73
C ALA UB 33 -20.22 12.17 38.10
N LEU UB 34 -20.52 11.24 39.00
CA LEU UB 34 -21.87 11.15 39.56
C LEU UB 34 -22.15 12.41 40.37
N ASP UB 35 -23.41 12.65 40.70
CA ASP UB 35 -23.80 13.88 41.38
C ASP UB 35 -23.20 15.09 40.67
N GLY UB 36 -22.84 14.91 39.41
CA GLY UB 36 -22.23 15.97 38.62
C GLY UB 36 -22.75 15.93 37.20
N LEU UB 37 -22.39 14.88 36.48
CA LEU UB 37 -22.94 14.65 35.15
C LEU UB 37 -24.40 14.25 35.28
N LYS UB 38 -24.72 13.55 36.36
CA LYS UB 38 -26.09 13.12 36.64
C LYS UB 38 -27.05 14.30 36.64
N ARG UB 39 -26.82 15.23 37.55
CA ARG UB 39 -27.72 16.35 37.76
C ARG UB 39 -27.75 17.32 36.58
N HIS UB 40 -26.79 17.19 35.67
CA HIS UB 40 -26.76 18.06 34.49
C HIS UB 40 -27.45 17.44 33.28
N GLY UB 41 -28.04 16.26 33.48
CA GLY UB 41 -28.82 15.62 32.45
C GLY UB 41 -28.32 14.27 31.97
N VAL UB 42 -27.01 14.05 32.06
CA VAL UB 42 -26.40 12.80 31.58
C VAL UB 42 -27.06 11.57 32.22
N GLU UB 43 -27.25 10.51 31.42
CA GLU UB 43 -27.91 9.29 31.89
C GLU UB 43 -27.06 8.43 32.83
N GLU UB 44 -27.68 8.02 33.97
CA GLU UB 44 -27.09 7.19 35.02
C GLU UB 44 -26.48 5.96 34.42
N ASN UB 45 -25.20 5.82 34.74
CA ASN UB 45 -24.27 4.85 34.20
C ASN UB 45 -24.58 4.68 32.71
N ASP UB 46 -24.22 5.76 32.00
CA ASP UB 46 -24.22 5.94 30.54
C ASP UB 46 -22.89 6.61 30.37
N ILE UB 47 -22.20 6.46 31.45
CA ILE UB 47 -20.89 6.99 31.61
C ILE UB 47 -19.98 5.86 32.05
N ASP UB 48 -18.82 5.73 31.40
CA ASP UB 48 -17.87 4.68 31.73
C ASP UB 48 -16.66 5.19 32.50
N VAL UB 49 -16.21 4.40 33.46
CA VAL UB 49 -15.06 4.76 34.29
C VAL UB 49 -13.91 3.78 34.10
N ALA UB 50 -12.73 4.31 33.81
CA ALA UB 50 -11.55 3.51 33.59
C ALA UB 50 -10.51 3.74 34.69
N TRP UB 51 -10.22 2.70 35.46
CA TRP UB 51 -9.25 2.79 36.54
C TRP UB 51 -7.86 2.42 36.05
N VAL UB 52 -6.93 3.36 36.16
CA VAL UB 52 -5.55 3.12 35.79
C VAL UB 52 -4.65 3.26 37.01
N PRO UB 53 -3.56 2.48 37.05
CA PRO UB 53 -2.63 2.45 38.17
C PRO UB 53 -2.26 3.84 38.69
N GLY UB 54 -1.39 4.55 37.97
CA GLY UB 54 -0.96 5.86 38.38
C GLY UB 54 -1.47 6.95 37.46
N ALA UB 55 -1.37 8.20 37.91
CA ALA UB 55 -1.78 9.34 37.10
C ALA UB 55 -1.00 9.34 35.80
N PHE UB 56 0.15 8.68 35.82
CA PHE UB 56 1.04 8.60 34.66
C PHE UB 56 0.43 7.76 33.55
N GLU UB 57 -0.43 6.81 33.92
CA GLU UB 57 -1.00 5.87 32.97
C GLU UB 57 -2.29 6.42 32.37
N ILE UB 58 -2.74 7.55 32.88
CA ILE UB 58 -3.99 8.16 32.42
C ILE UB 58 -3.98 8.49 30.93
N PRO UB 59 -2.95 9.21 30.45
CA PRO UB 59 -2.91 9.61 29.04
C PRO UB 59 -3.14 8.47 28.07
N LEU UB 60 -2.51 7.32 28.31
CA LEU UB 60 -2.64 6.17 27.42
C LEU UB 60 -4.09 5.68 27.30
N ILE UB 61 -4.72 5.43 28.44
CA ILE UB 61 -6.07 4.90 28.47
C ILE UB 61 -7.13 5.97 28.17
N ALA UB 62 -6.81 7.22 28.49
CA ALA UB 62 -7.69 8.33 28.13
C ALA UB 62 -7.78 8.37 26.62
N LYS UB 63 -6.71 7.96 25.95
CA LYS UB 63 -6.70 7.87 24.50
C LYS UB 63 -7.58 6.72 24.01
N LYS UB 64 -7.23 5.50 24.39
CA LYS UB 64 -7.93 4.31 23.91
C LYS UB 64 -9.40 4.26 24.36
N MET UB 65 -9.92 5.40 24.78
CA MET UB 65 -11.34 5.55 25.04
C MET UB 65 -11.93 6.56 24.07
N ALA UB 66 -11.40 7.77 24.10
CA ALA UB 66 -11.82 8.82 23.18
C ALA UB 66 -11.33 8.53 21.76
N ASN UB 67 -10.34 7.65 21.65
CA ASN UB 67 -9.70 7.36 20.37
C ASN UB 67 -10.72 6.97 19.31
N SER UB 68 -11.63 6.09 19.67
CA SER UB 68 -12.73 5.73 18.77
C SER UB 68 -14.06 6.08 19.42
N GLY UB 69 -14.92 6.75 18.66
CA GLY UB 69 -16.19 7.25 19.15
C GLY UB 69 -16.95 6.34 20.08
N LYS UB 70 -16.95 6.68 21.36
CA LYS UB 70 -17.75 5.99 22.36
C LYS UB 70 -18.40 7.08 23.21
N TYR UB 71 -17.73 8.22 23.30
CA TYR UB 71 -18.17 9.32 24.15
C TYR UB 71 -18.02 10.65 23.43
N ASP UB 72 -18.79 11.64 23.87
CA ASP UB 72 -18.72 12.98 23.29
C ASP UB 72 -17.60 13.78 23.96
N ALA UB 73 -17.14 13.29 25.12
CA ALA UB 73 -16.07 13.94 25.84
C ALA UB 73 -15.53 13.00 26.91
N VAL UB 74 -14.22 13.07 27.15
CA VAL UB 74 -13.57 12.22 28.14
C VAL UB 74 -12.98 13.05 29.28
N ILE UB 75 -13.26 12.65 30.51
CA ILE UB 75 -12.75 13.33 31.69
C ILE UB 75 -11.63 12.54 32.33
N THR UB 76 -10.53 13.21 32.68
CA THR UB 76 -9.42 12.56 33.35
C THR UB 76 -9.33 13.00 34.81
N LEU UB 77 -9.43 12.04 35.72
CA LEU UB 77 -9.34 12.31 37.16
C LEU UB 77 -8.16 11.59 37.78
N GLY UB 78 -7.53 12.23 38.76
CA GLY UB 78 -6.40 11.65 39.46
C GLY UB 78 -5.83 12.63 40.46
N THR UB 79 -4.86 12.19 41.25
CA THR UB 79 -4.21 13.06 42.22
C THR UB 79 -2.72 12.78 42.32
N VAL UB 80 -1.94 13.83 42.46
CA VAL UB 80 -0.50 13.72 42.61
C VAL UB 80 0.00 14.68 43.70
N ILE UB 81 0.71 14.15 44.68
CA ILE UB 81 1.18 14.96 45.80
C ILE UB 81 2.70 14.97 45.91
N ARG UB 82 3.27 16.13 46.20
CA ARG UB 82 4.71 16.31 46.35
C ARG UB 82 5.37 15.27 47.24
N GLY UB 83 6.48 14.73 46.77
CA GLY UB 83 7.29 13.83 47.56
C GLY UB 83 8.62 14.47 47.89
N ALA UB 84 9.60 13.66 48.28
CA ALA UB 84 10.94 14.15 48.57
C ALA UB 84 11.74 14.32 47.29
N THR UB 85 11.38 13.53 46.28
CA THR UB 85 12.09 13.55 45.00
C THR UB 85 11.37 14.42 43.98
N THR UB 86 12.07 14.73 42.89
CA THR UB 86 11.49 15.51 41.80
C THR UB 86 10.59 14.65 40.92
N HIS UB 87 10.38 13.41 41.34
CA HIS UB 87 9.51 12.48 40.64
C HIS UB 87 8.12 13.08 40.45
N TYR UB 88 7.67 13.82 41.46
CA TYR UB 88 6.36 14.48 41.44
C TYR UB 88 6.20 15.36 40.19
N ASP UB 89 7.29 15.98 39.76
CA ASP UB 89 7.24 16.92 38.66
C ASP UB 89 7.06 16.23 37.31
N TYR UB 90 7.88 15.22 37.06
CA TYR UB 90 7.85 14.52 35.77
C TYR UB 90 6.52 13.81 35.54
N VAL UB 91 5.86 13.43 36.62
CA VAL UB 91 4.54 12.80 36.53
C VAL UB 91 3.49 13.84 36.17
N CYS UB 92 3.33 14.84 37.04
CA CYS UB 92 2.38 15.94 36.80
C CYS UB 92 2.52 16.47 35.36
N ASN UB 93 3.73 16.87 35.02
CA ASN UB 93 4.01 17.40 33.69
C ASN UB 93 3.44 16.53 32.58
N GLU UB 94 3.88 15.28 32.52
CA GLU UB 94 3.53 14.38 31.44
C GLU UB 94 2.04 14.03 31.40
N VAL UB 95 1.39 14.07 32.56
CA VAL UB 95 -0.04 13.86 32.63
C VAL UB 95 -0.74 15.00 31.91
N ALA UB 96 -0.46 16.22 32.35
CA ALA UB 96 -1.01 17.42 31.72
C ALA UB 96 -0.57 17.49 30.27
N LYS UB 97 0.70 17.15 30.04
CA LYS UB 97 1.26 17.16 28.70
C LYS UB 97 0.50 16.19 27.79
N GLY UB 98 0.27 14.98 28.30
CA GLY UB 98 -0.44 13.97 27.53
C GLY UB 98 -1.89 14.33 27.27
N VAL UB 99 -2.64 14.55 28.35
CA VAL UB 99 -4.06 14.89 28.25
C VAL UB 99 -4.32 16.11 27.35
N ALA UB 100 -3.42 17.09 27.39
CA ALA UB 100 -3.56 18.29 26.57
C ALA UB 100 -3.12 18.05 25.13
N SER UB 101 -1.85 17.71 24.95
CA SER UB 101 -1.29 17.48 23.63
C SER UB 101 -2.10 16.46 22.84
N LEU UB 102 -2.48 15.37 23.50
CA LEU UB 102 -3.28 14.34 22.86
C LEU UB 102 -4.78 14.52 23.12
N SER UB 103 -5.22 15.77 23.00
CA SER UB 103 -6.63 16.13 23.02
C SER UB 103 -6.92 16.94 21.76
N LEU UB 104 -5.84 17.23 21.03
CA LEU UB 104 -5.94 17.95 19.77
C LEU UB 104 -5.89 16.96 18.61
N GLN UB 105 -5.13 15.88 18.81
CA GLN UB 105 -5.00 14.87 17.77
C GLN UB 105 -6.33 14.14 17.53
N THR UB 106 -7.07 13.90 18.62
CA THR UB 106 -8.37 13.28 18.53
C THR UB 106 -9.38 14.31 18.12
N ASP UB 107 -9.36 15.46 18.76
CA ASP UB 107 -10.35 16.46 18.44
C ASP UB 107 -11.58 16.22 19.26
N ILE UB 108 -11.55 15.19 20.10
CA ILE UB 108 -12.66 14.94 21.01
C ILE UB 108 -12.25 15.51 22.34
N PRO UB 109 -13.17 16.32 22.85
CA PRO UB 109 -12.90 17.04 24.10
C PRO UB 109 -12.31 16.21 25.24
N VAL UB 110 -11.10 16.47 25.68
CA VAL UB 110 -10.55 15.75 26.82
C VAL UB 110 -10.21 16.72 27.95
N ILE UB 111 -11.07 16.76 28.96
CA ILE UB 111 -10.93 17.67 30.08
C ILE UB 111 -9.87 17.17 31.07
N PHE UB 112 -8.94 18.05 31.43
CA PHE UB 112 -7.87 17.73 32.36
C PHE UB 112 -8.27 18.03 33.79
N GLY UB 113 -8.52 16.97 34.57
CA GLY UB 113 -8.93 17.12 35.95
C GLY UB 113 -8.05 16.32 36.90
N VAL UB 114 -6.75 16.59 36.85
CA VAL UB 114 -5.79 15.92 37.73
C VAL UB 114 -5.25 16.88 38.78
N LEU UB 115 -5.52 16.58 40.05
CA LEU UB 115 -5.05 17.41 41.15
C LEU UB 115 -3.54 17.33 41.29
N THR UB 116 -2.91 18.50 41.39
CA THR UB 116 -1.47 18.56 41.57
C THR UB 116 -1.15 19.45 42.75
N THR UB 117 -1.06 18.84 43.93
CA THR UB 117 -0.94 19.59 45.18
C THR UB 117 0.38 19.37 45.91
N GLU UB 118 0.58 20.14 46.96
CA GLU UB 118 1.78 20.04 47.80
C GLU UB 118 1.45 19.27 49.08
N THR UB 119 0.24 19.45 49.57
CA THR UB 119 -0.20 18.82 50.81
C THR UB 119 -1.35 17.85 50.57
N ILE UB 120 -1.44 16.84 51.43
CA ILE UB 120 -2.60 15.96 51.46
C ILE UB 120 -3.81 16.80 51.83
N GLU UB 121 -3.55 17.87 52.58
CA GLU UB 121 -4.61 18.78 53.02
C GLU UB 121 -5.10 19.65 51.88
N GLN UB 122 -4.25 19.84 50.87
CA GLN UB 122 -4.62 20.63 49.70
C GLN UB 122 -5.44 19.80 48.73
N ALA UB 123 -5.18 18.50 48.70
CA ALA UB 123 -5.97 17.58 47.89
C ALA UB 123 -7.39 17.50 48.44
N ILE UB 124 -7.49 17.31 49.75
CA ILE UB 124 -8.77 17.32 50.42
C ILE UB 124 -9.45 18.67 50.24
N GLU UB 125 -8.63 19.71 50.23
CA GLU UB 125 -9.11 21.07 50.06
C GLU UB 125 -9.87 21.20 48.74
N ARG UB 126 -9.45 20.45 47.74
CA ARG UB 126 -10.01 20.52 46.40
C ARG UB 126 -10.75 19.26 45.97
N ALA UB 127 -11.11 18.41 46.93
CA ALA UB 127 -11.82 17.18 46.62
C ALA UB 127 -13.20 17.19 47.26
N GLY UB 128 -13.80 18.33 47.41
CA GLY UB 128 -15.05 18.33 48.09
C GLY UB 128 -14.83 19.20 49.30
N THR UB 129 -13.69 19.86 49.43
CA THR UB 129 -13.67 20.78 50.57
C THR UB 129 -13.72 22.23 50.06
N LYS UB 130 -13.40 23.16 50.97
CA LYS UB 130 -13.37 24.66 50.84
C LYS UB 130 -13.37 25.17 49.40
N ALA UB 131 -12.60 24.54 48.52
CA ALA UB 131 -12.56 25.02 47.13
C ALA UB 131 -13.62 24.34 46.27
N GLY UB 132 -14.34 23.37 46.85
CA GLY UB 132 -15.32 22.57 46.14
C GLY UB 132 -14.68 21.28 45.61
N ASN UB 133 -15.39 20.60 44.72
CA ASN UB 133 -14.89 19.36 44.14
C ASN UB 133 -14.45 19.54 42.69
N LYS UB 134 -13.14 19.47 42.45
CA LYS UB 134 -12.59 19.73 41.14
C LYS UB 134 -12.91 18.61 40.15
N GLY UB 135 -13.71 17.64 40.61
CA GLY UB 135 -14.19 16.60 39.75
C GLY UB 135 -15.54 16.98 39.18
N TYR UB 136 -16.38 17.54 40.03
CA TYR UB 136 -17.68 18.04 39.61
C TYR UB 136 -17.51 19.21 38.66
N GLU UB 137 -16.41 19.94 38.80
CA GLU UB 137 -16.14 21.11 37.98
C GLU UB 137 -15.63 20.71 36.61
N SER UB 138 -14.86 19.63 36.57
CA SER UB 138 -14.31 19.14 35.32
C SER UB 138 -15.39 18.41 34.52
N ALA UB 139 -16.50 18.11 35.17
CA ALA UB 139 -17.64 17.50 34.50
C ALA UB 139 -18.45 18.57 33.77
N VAL UB 140 -18.70 19.67 34.46
CA VAL UB 140 -19.36 20.82 33.85
C VAL UB 140 -18.59 21.25 32.60
N ALA UB 141 -17.26 21.29 32.72
CA ALA UB 141 -16.41 21.65 31.59
C ALA UB 141 -16.57 20.65 30.45
N ALA UB 142 -16.66 19.37 30.79
CA ALA UB 142 -16.79 18.32 29.79
C ALA UB 142 -18.08 18.49 28.98
N ILE UB 143 -19.17 18.79 29.66
CA ILE UB 143 -20.45 18.98 28.98
C ILE UB 143 -20.40 20.19 28.07
N GLU UB 144 -19.87 21.29 28.59
CA GLU UB 144 -19.78 22.53 27.82
C GLU UB 144 -18.91 22.36 26.57
N MET UB 145 -17.78 21.69 26.73
CA MET UB 145 -16.85 21.43 25.63
C MET UB 145 -17.49 20.51 24.59
N ALA UB 146 -18.26 19.54 25.07
CA ALA UB 146 -18.96 18.62 24.18
C ALA UB 146 -19.92 19.40 23.29
N HIS UB 147 -20.68 20.31 23.90
CA HIS UB 147 -21.64 21.13 23.17
C HIS UB 147 -20.98 22.22 22.32
N LEU UB 148 -19.66 22.22 22.26
CA LEU UB 148 -18.95 23.19 21.45
C LEU UB 148 -18.35 22.57 20.19
N SER UB 149 -18.46 21.25 20.06
CA SER UB 149 -18.20 20.60 18.78
C SER UB 149 -19.30 21.09 17.83
N LYS UB 150 -19.01 22.20 17.16
CA LYS UB 150 -20.04 23.03 16.57
C LYS UB 150 -19.54 23.58 15.26
N HIS UB 151 -18.22 23.74 15.16
CA HIS UB 151 -17.60 24.37 14.01
C HIS UB 151 -18.13 25.80 13.85
N TRP UB 152 -17.84 26.45 12.73
CA TRP UB 152 -18.04 27.90 12.65
C TRP UB 152 -18.65 28.41 11.34
N ALA UB 153 -19.33 29.55 11.42
CA ALA UB 153 -19.98 30.16 10.26
C ALA UB 153 -19.77 31.68 10.26
N VAL VB 2 13.16 43.19 2.67
CA VAL VB 2 12.36 43.75 3.76
C VAL VB 2 10.90 43.28 3.70
N PHE VB 3 10.34 42.95 4.87
CA PHE VB 3 8.97 42.44 4.96
C PHE VB 3 8.23 42.94 6.20
N GLU VB 4 7.84 44.19 6.21
CA GLU VB 4 7.08 44.75 7.34
C GLU VB 4 5.59 44.41 7.21
N GLY VB 5 4.89 44.42 8.33
CA GLY VB 5 3.48 44.08 8.36
C GLY VB 5 2.55 45.28 8.48
N HIS VB 6 1.56 45.36 7.59
CA HIS VB 6 0.58 46.43 7.61
C HIS VB 6 -0.13 46.47 8.95
N LEU VB 7 -0.81 47.57 9.25
CA LEU VB 7 -1.50 47.70 10.54
C LEU VB 7 -2.95 48.18 10.40
N VAL VB 8 -3.40 48.38 9.18
CA VAL VB 8 -4.80 48.74 8.92
C VAL VB 8 -5.55 47.55 8.35
N GLY VB 9 -6.29 46.85 9.21
CA GLY VB 9 -7.00 45.65 8.78
C GLY VB 9 -8.48 45.85 8.51
N THR VB 10 -8.79 46.59 7.45
CA THR VB 10 -10.18 46.88 7.11
C THR VB 10 -10.92 45.64 6.58
N GLY VB 11 -10.22 44.82 5.81
CA GLY VB 11 -10.83 43.66 5.18
C GLY VB 11 -10.52 42.35 5.86
N LEU VB 12 -10.03 42.42 7.10
CA LEU VB 12 -9.65 41.21 7.83
C LEU VB 12 -10.85 40.54 8.48
N LYS VB 13 -10.69 39.27 8.84
CA LYS VB 13 -11.74 38.48 9.46
C LYS VB 13 -11.20 37.71 10.65
N VAL VB 14 -11.18 38.35 11.82
CA VAL VB 14 -10.54 37.78 13.00
C VAL VB 14 -11.51 36.95 13.85
N GLY VB 15 -10.96 36.02 14.63
CA GLY VB 15 -11.74 35.23 15.57
C GLY VB 15 -11.01 35.06 16.88
N VAL VB 16 -11.73 35.18 17.99
CA VAL VB 16 -11.12 35.09 19.31
C VAL VB 16 -11.66 33.93 20.15
N VAL VB 17 -10.80 33.36 20.99
CA VAL VB 17 -11.21 32.34 21.95
C VAL VB 17 -10.88 32.78 23.37
N VAL VB 18 -11.88 33.31 24.08
CA VAL VB 18 -11.67 33.79 25.44
C VAL VB 18 -12.05 32.75 26.49
N GLY VB 19 -11.45 32.87 27.67
CA GLY VB 19 -11.69 31.94 28.75
C GLY VB 19 -12.56 32.50 29.85
N ARG VB 20 -13.53 31.72 30.31
CA ARG VB 20 -14.47 32.16 31.33
C ARG VB 20 -13.83 32.32 32.70
N PHE VB 21 -13.05 31.34 33.12
CA PHE VB 21 -12.37 31.41 34.41
C PHE VB 21 -11.64 32.75 34.50
N ASN VB 22 -11.81 33.44 35.63
CA ASN VB 22 -11.27 34.78 35.80
C ASN VB 22 -11.92 35.76 34.82
N GLU VB 23 -13.23 35.62 34.63
CA GLU VB 23 -13.98 36.48 33.72
C GLU VB 23 -13.82 37.94 34.11
N PHE VB 24 -13.61 38.17 35.40
CA PHE VB 24 -13.44 39.52 35.92
C PHE VB 24 -12.33 40.24 35.14
N ILE VB 25 -11.34 39.47 34.69
CA ILE VB 25 -10.21 40.01 33.95
C ILE VB 25 -10.36 39.79 32.45
N THR VB 26 -10.67 38.56 32.07
CA THR VB 26 -10.82 38.21 30.67
C THR VB 26 -11.87 39.07 29.98
N SER VB 27 -12.88 39.48 30.75
CA SER VB 27 -13.94 40.34 30.22
C SER VB 27 -13.37 41.61 29.61
N LYS VB 28 -12.72 42.42 30.45
CA LYS VB 28 -12.10 43.66 29.98
C LYS VB 28 -10.99 43.35 28.98
N LEU VB 29 -10.52 42.10 29.00
CA LEU VB 29 -9.44 41.68 28.12
C LEU VB 29 -9.95 41.46 26.71
N LEU VB 30 -11.21 41.06 26.60
CA LEU VB 30 -11.86 40.88 25.31
C LEU VB 30 -12.29 42.24 24.76
N GLY VB 31 -12.82 43.09 25.64
CA GLY VB 31 -13.22 44.44 25.27
C GLY VB 31 -11.99 45.19 24.76
N GLY VB 32 -10.81 44.62 25.02
CA GLY VB 32 -9.56 45.18 24.57
C GLY VB 32 -9.36 44.78 23.12
N ALA VB 33 -9.51 43.49 22.85
CA ALA VB 33 -9.41 42.98 21.50
C ALA VB 33 -10.33 43.76 20.58
N LEU VB 34 -11.64 43.75 20.83
CA LEU VB 34 -12.64 44.37 19.89
C LEU VB 34 -12.70 45.86 19.76
N ASP VB 35 -12.82 46.52 20.87
CA ASP VB 35 -13.01 47.96 20.72
C ASP VB 35 -11.83 48.63 19.95
N GLY VB 36 -10.69 47.87 19.80
CA GLY VB 36 -9.46 48.29 19.17
C GLY VB 36 -9.13 47.49 17.93
N LEU VB 37 -9.83 46.35 17.82
CA LEU VB 37 -9.75 45.52 16.64
C LEU VB 37 -10.68 46.19 15.65
N LYS VB 38 -11.77 46.74 16.18
CA LYS VB 38 -12.75 47.46 15.37
C LYS VB 38 -12.19 48.78 14.88
N ARG VB 39 -11.63 49.56 15.81
CA ARG VB 39 -11.13 50.88 15.47
C ARG VB 39 -9.89 50.85 14.58
N HIS VB 40 -9.42 49.64 14.29
CA HIS VB 40 -8.29 49.48 13.38
C HIS VB 40 -8.75 49.15 11.97
N GLY VB 41 -10.06 49.12 11.77
CA GLY VB 41 -10.63 48.89 10.45
C GLY VB 41 -11.55 47.69 10.35
N VAL VB 42 -11.23 46.64 11.09
CA VAL VB 42 -11.99 45.39 11.04
C VAL VB 42 -13.48 45.63 11.21
N GLU VB 43 -14.28 44.98 10.37
CA GLU VB 43 -15.73 45.07 10.48
C GLU VB 43 -16.19 44.25 11.68
N GLU VB 44 -17.03 44.84 12.52
CA GLU VB 44 -17.45 44.19 13.76
C GLU VB 44 -18.24 42.91 13.51
N ASN VB 45 -18.63 42.70 12.26
CA ASN VB 45 -19.36 41.48 11.89
C ASN VB 45 -18.42 40.38 11.41
N ASP VB 46 -17.16 40.74 11.20
CA ASP VB 46 -16.14 39.77 10.82
C ASP VB 46 -15.41 39.24 12.05
N ILE VB 47 -16.03 39.39 13.22
CA ILE VB 47 -15.42 38.97 14.47
C ILE VB 47 -16.28 37.96 15.23
N ASP VB 48 -15.74 36.76 15.41
CA ASP VB 48 -16.43 35.72 16.17
C ASP VB 48 -15.72 35.44 17.48
N VAL VB 49 -16.52 35.13 18.51
CA VAL VB 49 -15.99 34.84 19.83
C VAL VB 49 -16.35 33.43 20.28
N ALA VB 50 -15.39 32.72 20.85
CA ALA VB 50 -15.62 31.38 21.35
C ALA VB 50 -15.28 31.28 22.83
N TRP VB 51 -16.31 31.21 23.66
CA TRP VB 51 -16.13 31.09 25.11
C TRP VB 51 -15.83 29.66 25.54
N VAL VB 52 -14.66 29.46 26.13
CA VAL VB 52 -14.26 28.17 26.66
C VAL VB 52 -14.18 28.23 28.18
N PRO VB 53 -14.37 27.09 28.85
CA PRO VB 53 -14.34 27.02 30.31
C PRO VB 53 -13.06 27.63 30.89
N GLY VB 54 -11.97 26.89 30.82
CA GLY VB 54 -10.70 27.36 31.33
C GLY VB 54 -9.69 27.64 30.22
N ALA VB 55 -8.61 28.30 30.57
CA ALA VB 55 -7.56 28.62 29.61
C ALA VB 55 -6.97 27.34 29.00
N PHE VB 56 -7.13 26.23 29.71
CA PHE VB 56 -6.61 24.94 29.28
C PHE VB 56 -7.31 24.44 28.03
N GLU VB 57 -8.58 24.82 27.89
CA GLU VB 57 -9.41 24.33 26.80
C GLU VB 57 -9.26 25.18 25.53
N ILE VB 58 -8.45 26.22 25.63
CA ILE VB 58 -8.24 27.13 24.51
C ILE VB 58 -7.62 26.44 23.28
N PRO VB 59 -6.50 25.72 23.47
CA PRO VB 59 -5.83 25.08 22.33
C PRO VB 59 -6.77 24.29 21.43
N LEU VB 60 -7.70 23.56 22.01
CA LEU VB 60 -8.62 22.73 21.24
C LEU VB 60 -9.54 23.55 20.34
N ILE VB 61 -10.20 24.54 20.92
CA ILE VB 61 -11.15 25.37 20.19
C ILE VB 61 -10.45 26.43 19.32
N ALA VB 62 -9.29 26.88 19.77
CA ALA VB 62 -8.48 27.79 18.96
C ALA VB 62 -8.08 27.09 17.67
N LYS VB 63 -7.95 25.77 17.75
CA LYS VB 63 -7.64 24.96 16.57
C LYS VB 63 -8.83 24.89 15.63
N LYS VB 64 -9.93 24.30 16.11
CA LYS VB 64 -11.15 24.21 15.32
C LYS VB 64 -11.47 25.51 14.60
N MET VB 65 -11.18 26.63 15.26
CA MET VB 65 -11.53 27.94 14.74
C MET VB 65 -10.55 28.42 13.67
N ALA VB 66 -9.27 28.44 14.02
CA ALA VB 66 -8.24 28.87 13.09
C ALA VB 66 -8.09 27.88 11.95
N ASN VB 67 -8.89 26.82 11.99
CA ASN VB 67 -8.78 25.74 11.01
C ASN VB 67 -9.99 25.72 10.08
N SER VB 68 -11.06 26.38 10.51
CA SER VB 68 -12.27 26.44 9.71
C SER VB 68 -12.06 27.31 8.47
N GLY VB 69 -11.01 28.13 8.49
CA GLY VB 69 -10.67 28.98 7.37
C GLY VB 69 -11.47 30.27 7.33
N LYS VB 70 -12.54 30.32 8.13
CA LYS VB 70 -13.40 31.49 8.19
C LYS VB 70 -12.62 32.70 8.69
N TYR VB 71 -11.50 32.44 9.34
CA TYR VB 71 -10.76 33.49 10.05
C TYR VB 71 -9.39 33.76 9.44
N ASP VB 72 -9.07 35.04 9.31
CA ASP VB 72 -7.82 35.48 8.73
C ASP VB 72 -6.72 35.42 9.79
N ALA VB 73 -7.12 35.40 11.06
CA ALA VB 73 -6.20 35.26 12.18
C ALA VB 73 -7.01 35.00 13.44
N VAL VB 74 -6.37 34.41 14.44
CA VAL VB 74 -7.06 34.07 15.68
C VAL VB 74 -6.37 34.67 16.91
N ILE VB 75 -7.19 35.24 17.82
CA ILE VB 75 -6.67 35.82 19.05
C ILE VB 75 -7.13 35.04 20.28
N THR VB 76 -6.18 34.48 21.01
CA THR VB 76 -6.49 33.72 22.21
C THR VB 76 -6.40 34.60 23.46
N LEU VB 77 -7.54 34.79 24.13
CA LEU VB 77 -7.59 35.59 25.35
C LEU VB 77 -7.89 34.72 26.56
N GLY VB 78 -7.43 35.14 27.72
CA GLY VB 78 -7.67 34.40 28.95
C GLY VB 78 -6.79 34.89 30.08
N THR VB 79 -7.05 34.39 31.28
CA THR VB 79 -6.25 34.77 32.45
C THR VB 79 -6.02 33.57 33.37
N VAL VB 80 -4.78 33.46 33.85
CA VAL VB 80 -4.42 32.42 34.81
C VAL VB 80 -3.62 33.03 35.95
N ILE VB 81 -4.05 32.80 37.18
CA ILE VB 81 -3.38 33.39 38.34
C ILE VB 81 -2.87 32.33 39.31
N ARG VB 82 -1.69 32.58 39.85
CA ARG VB 82 -1.05 31.66 40.79
C ARG VB 82 -1.95 31.17 41.92
N GLY VB 83 -1.98 29.85 42.10
CA GLY VB 83 -2.69 29.26 43.21
C GLY VB 83 -1.69 28.80 44.26
N ALA VB 84 -2.14 27.92 45.15
CA ALA VB 84 -1.26 27.38 46.18
C ALA VB 84 -0.53 26.15 45.66
N THR VB 85 -0.98 25.62 44.52
CA THR VB 85 -0.41 24.42 43.94
C THR VB 85 0.34 24.71 42.65
N THR VB 86 1.08 23.71 42.16
CA THR VB 86 1.80 23.83 40.90
C THR VB 86 0.86 23.70 39.72
N HIS VB 87 -0.43 23.60 40.00
CA HIS VB 87 -1.44 23.50 38.97
C HIS VB 87 -1.30 24.65 37.97
N TYR VB 88 -1.14 25.85 38.51
CA TYR VB 88 -0.99 27.06 37.70
C TYR VB 88 0.06 26.92 36.59
N ASP VB 89 1.09 26.11 36.86
CA ASP VB 89 2.21 25.97 35.93
C ASP VB 89 1.84 25.10 34.73
N TYR VB 90 1.24 23.95 34.99
CA TYR VB 90 0.90 23.01 33.93
C TYR VB 90 -0.17 23.58 33.00
N VAL VB 91 -0.97 24.49 33.53
CA VAL VB 91 -1.99 25.15 32.73
C VAL VB 91 -1.35 26.19 31.82
N CYS VB 92 -0.68 27.17 32.42
CA CYS VB 92 0.02 28.21 31.66
C CYS VB 92 0.86 27.60 30.56
N ASN VB 93 1.68 26.62 30.91
CA ASN VB 93 2.53 25.94 29.94
C ASN VB 93 1.73 25.42 28.75
N GLU VB 94 0.83 24.49 29.02
CA GLU VB 94 0.07 23.83 27.96
C GLU VB 94 -0.73 24.79 27.09
N VAL VB 95 -1.14 25.92 27.68
CA VAL VB 95 -1.84 26.94 26.92
C VAL VB 95 -0.91 27.55 25.88
N ALA VB 96 0.18 28.14 26.37
CA ALA VB 96 1.19 28.71 25.49
C ALA VB 96 1.77 27.64 24.59
N LYS VB 97 1.89 26.43 25.13
CA LYS VB 97 2.43 25.29 24.39
C LYS VB 97 1.52 24.95 23.22
N GLY VB 98 0.21 24.96 23.46
CA GLY VB 98 -0.76 24.67 22.42
C GLY VB 98 -0.83 25.76 21.39
N VAL VB 99 -1.10 26.99 21.83
CA VAL VB 99 -1.28 28.11 20.92
C VAL VB 99 -0.08 28.32 19.98
N ALA VB 100 1.12 28.14 20.52
CA ALA VB 100 2.34 28.35 19.73
C ALA VB 100 2.59 27.16 18.80
N SER VB 101 2.77 25.99 19.38
CA SER VB 101 3.05 24.77 18.61
C SER VB 101 1.95 24.50 17.59
N LEU VB 102 0.73 24.93 17.91
CA LEU VB 102 -0.40 24.74 17.02
C LEU VB 102 -0.74 26.02 16.28
N SER VB 103 0.31 26.73 15.85
CA SER VB 103 0.18 27.93 15.03
C SER VB 103 1.09 27.77 13.83
N LEU VB 104 1.92 26.73 13.88
CA LEU VB 104 2.82 26.40 12.78
C LEU VB 104 2.17 25.31 11.95
N GLN VB 105 1.37 24.48 12.61
CA GLN VB 105 0.67 23.37 11.96
C GLN VB 105 -0.44 23.90 11.06
N THR VB 106 -1.07 25.02 11.41
CA THR VB 106 -2.15 25.51 10.54
C THR VB 106 -1.65 26.62 9.56
N ASP VB 107 -0.62 27.36 9.97
CA ASP VB 107 -0.07 28.49 9.19
C ASP VB 107 -1.07 29.68 9.24
N ILE VB 108 -2.10 29.62 10.10
CA ILE VB 108 -3.04 30.77 10.31
C ILE VB 108 -2.51 31.51 11.55
N PRO VB 109 -2.41 32.85 11.49
CA PRO VB 109 -1.79 33.48 12.67
C PRO VB 109 -2.53 33.21 13.96
N VAL VB 110 -1.92 32.70 15.03
CA VAL VB 110 -2.68 32.51 16.28
C VAL VB 110 -1.98 33.26 17.41
N ILE VB 111 -2.36 34.51 17.60
CA ILE VB 111 -1.74 35.38 18.60
C ILE VB 111 -2.02 34.89 20.02
N PHE VB 112 -0.98 34.91 20.86
CA PHE VB 112 -1.09 34.46 22.24
C PHE VB 112 -1.31 35.63 23.19
N GLY VB 113 -2.56 35.82 23.60
CA GLY VB 113 -2.89 36.91 24.49
C GLY VB 113 -3.49 36.43 25.79
N VAL VB 114 -2.86 35.41 26.38
CA VAL VB 114 -3.28 34.88 27.67
C VAL VB 114 -2.44 35.45 28.80
N LEU VB 115 -3.08 36.16 29.72
CA LEU VB 115 -2.40 36.68 30.88
C LEU VB 115 -1.99 35.56 31.81
N THR VB 116 -0.75 35.64 32.30
CA THR VB 116 -0.22 34.64 33.21
C THR VB 116 0.49 35.35 34.35
N THR VB 117 -0.27 35.68 35.39
CA THR VB 117 0.22 36.54 36.47
C THR VB 117 0.31 35.86 37.82
N GLU VB 118 0.80 36.61 38.81
CA GLU VB 118 0.98 36.11 40.17
C GLU VB 118 -0.07 36.68 41.13
N THR VB 119 -0.54 37.88 40.82
CA THR VB 119 -1.51 38.56 41.65
C THR VB 119 -2.76 38.91 40.87
N ILE VB 120 -3.88 39.05 41.56
CA ILE VB 120 -5.09 39.57 40.94
C ILE VB 120 -4.80 40.99 40.46
N GLU VB 121 -3.94 41.69 41.20
CA GLU VB 121 -3.57 43.05 40.88
C GLU VB 121 -2.81 43.14 39.57
N GLN VB 122 -1.87 42.22 39.37
CA GLN VB 122 -1.06 42.22 38.15
C GLN VB 122 -1.92 41.99 36.91
N ALA VB 123 -2.95 41.18 37.06
CA ALA VB 123 -3.91 40.94 35.98
C ALA VB 123 -4.60 42.23 35.60
N ILE VB 124 -5.05 42.97 36.60
CA ILE VB 124 -5.72 44.24 36.38
C ILE VB 124 -4.78 45.25 35.70
N GLU VB 125 -3.52 45.26 36.12
CA GLU VB 125 -2.52 46.14 35.53
C GLU VB 125 -2.45 45.92 34.02
N ARG VB 126 -2.54 44.66 33.62
CA ARG VB 126 -2.38 44.28 32.22
C ARG VB 126 -3.72 44.04 31.52
N ALA VB 127 -4.79 44.54 32.13
CA ALA VB 127 -6.11 44.41 31.55
C ALA VB 127 -6.77 45.76 31.35
N GLY VB 128 -6.00 46.74 30.98
CA GLY VB 128 -6.63 48.02 30.80
C GLY VB 128 -6.19 49.02 31.81
N THR VB 129 -5.17 48.68 32.63
CA THR VB 129 -4.68 49.71 33.59
C THR VB 129 -3.24 50.13 33.28
N LYS VB 130 -2.47 50.38 34.33
CA LYS VB 130 -1.06 50.73 34.28
C LYS VB 130 -0.34 50.24 33.03
N ALA VB 131 -0.20 48.92 32.84
CA ALA VB 131 0.57 48.41 31.70
C ALA VB 131 -0.14 48.56 30.33
N GLY VB 132 -1.47 48.80 30.33
CA GLY VB 132 -2.24 48.88 29.11
C GLY VB 132 -3.19 47.68 29.03
N ASN VB 133 -3.81 47.42 27.86
CA ASN VB 133 -4.71 46.28 27.74
C ASN VB 133 -4.11 45.21 26.85
N LYS VB 134 -3.77 44.08 27.45
CA LYS VB 134 -3.15 42.97 26.73
C LYS VB 134 -4.03 42.51 25.55
N GLY VB 135 -5.35 42.65 25.71
CA GLY VB 135 -6.28 42.24 24.68
C GLY VB 135 -6.21 43.12 23.45
N TYR VB 136 -6.00 44.42 23.68
CA TYR VB 136 -5.87 45.38 22.61
C TYR VB 136 -4.56 45.17 21.85
N GLU VB 137 -3.48 45.02 22.60
CA GLU VB 137 -2.16 44.82 22.02
C GLU VB 137 -2.07 43.50 21.26
N SER VB 138 -2.88 42.53 21.67
CA SER VB 138 -2.87 41.22 21.03
C SER VB 138 -3.71 41.22 19.76
N ALA VB 139 -4.60 42.21 19.65
CA ALA VB 139 -5.41 42.36 18.45
C ALA VB 139 -4.61 43.08 17.37
N VAL VB 140 -3.92 44.15 17.77
CA VAL VB 140 -3.09 44.90 16.84
C VAL VB 140 -2.01 44.00 16.24
N ALA VB 141 -1.62 42.97 17.00
CA ALA VB 141 -0.63 42.00 16.54
C ALA VB 141 -1.27 41.02 15.56
N ALA VB 142 -2.52 40.65 15.82
CA ALA VB 142 -3.24 39.74 14.95
C ALA VB 142 -3.38 40.33 13.56
N ILE VB 143 -3.63 41.63 13.49
CA ILE VB 143 -3.74 42.33 12.22
C ILE VB 143 -2.42 42.25 11.47
N GLU VB 144 -1.36 42.74 12.10
CA GLU VB 144 -0.04 42.76 11.47
C GLU VB 144 0.36 41.37 10.97
N MET VB 145 0.23 40.38 11.84
CA MET VB 145 0.56 39.01 11.46
C MET VB 145 -0.24 38.55 10.24
N ALA VB 146 -1.52 38.90 10.22
CA ALA VB 146 -2.36 38.57 9.07
C ALA VB 146 -1.79 39.19 7.81
N HIS VB 147 -1.55 40.49 7.86
CA HIS VB 147 -1.02 41.22 6.71
C HIS VB 147 0.37 40.76 6.29
N LEU VB 148 1.01 39.98 7.15
CA LEU VB 148 2.27 39.34 6.77
C LEU VB 148 1.61 38.07 6.20
N SER VB 149 1.32 38.13 4.91
CA SER VB 149 1.14 37.01 4.02
C SER VB 149 1.79 36.45 2.76
N LYS VB 150 2.79 37.16 2.25
CA LYS VB 150 3.55 36.70 1.10
C LYS VB 150 4.23 35.33 1.21
N HIS VB 151 4.73 35.02 2.40
CA HIS VB 151 5.45 33.76 2.62
C HIS VB 151 4.52 32.55 2.68
N TRP VB 152 4.60 31.73 1.65
CA TRP VB 152 3.96 30.41 1.67
C TRP VB 152 4.38 29.57 0.46
N ALA VB 153 5.17 28.54 0.72
CA ALA VB 153 5.65 27.65 -0.33
C ALA VB 153 5.80 26.22 0.18
N VAL WB 2 36.92 16.38 10.36
CA VAL WB 2 36.77 15.96 8.98
C VAL WB 2 35.68 16.81 8.29
N PHE WB 3 34.81 17.43 9.09
CA PHE WB 3 33.70 18.20 8.54
C PHE WB 3 33.54 19.58 9.18
N GLU WB 4 34.45 20.50 8.87
CA GLU WB 4 34.36 21.87 9.37
C GLU WB 4 33.53 22.75 8.44
N GLY WB 5 33.03 23.87 8.95
CA GLY WB 5 32.18 24.74 8.16
C GLY WB 5 32.87 26.03 7.72
N HIS WB 6 32.87 26.26 6.41
CA HIS WB 6 33.45 27.45 5.82
C HIS WB 6 32.89 28.71 6.48
N LEU WB 7 33.67 29.79 6.51
CA LEU WB 7 33.22 31.01 7.17
C LEU WB 7 33.10 32.21 6.22
N VAL WB 8 33.47 32.00 4.96
CA VAL WB 8 33.29 33.02 3.93
C VAL WB 8 31.98 32.76 3.19
N GLY WB 9 31.09 33.74 3.20
CA GLY WB 9 29.79 33.57 2.58
C GLY WB 9 29.51 34.56 1.48
N THR WB 10 30.48 34.73 0.59
CA THR WB 10 30.33 35.66 -0.54
C THR WB 10 29.11 35.32 -1.39
N GLY WB 11 28.87 34.02 -1.59
CA GLY WB 11 27.79 33.59 -2.44
C GLY WB 11 26.56 33.12 -1.69
N LEU WB 12 26.43 33.54 -0.44
CA LEU WB 12 25.30 33.12 0.37
C LEU WB 12 24.07 34.01 0.15
N LYS WB 13 22.97 33.64 0.80
CA LYS WB 13 21.69 34.30 0.59
C LYS WB 13 20.83 34.14 1.84
N VAL WB 14 21.02 35.04 2.81
CA VAL WB 14 20.41 34.90 4.13
C VAL WB 14 19.11 35.70 4.28
N GLY WB 15 18.29 35.30 5.24
CA GLY WB 15 17.07 36.02 5.57
C GLY WB 15 16.81 35.99 7.06
N VAL WB 16 16.49 37.14 7.65
CA VAL WB 16 16.32 37.22 9.09
C VAL WB 16 14.92 37.66 9.51
N VAL WB 17 14.52 37.27 10.72
CA VAL WB 17 13.25 37.68 11.29
C VAL WB 17 13.48 38.31 12.66
N VAL WB 18 13.30 39.63 12.76
CA VAL WB 18 13.52 40.35 14.01
C VAL WB 18 12.20 40.77 14.66
N GLY WB 19 12.20 40.81 15.99
CA GLY WB 19 11.02 41.18 16.73
C GLY WB 19 11.01 42.66 17.06
N ARG WB 20 9.90 43.33 16.75
CA ARG WB 20 9.77 44.75 16.97
C ARG WB 20 9.79 45.10 18.46
N PHE WB 21 9.18 44.25 19.28
CA PHE WB 21 9.15 44.48 20.71
C PHE WB 21 10.57 44.55 21.25
N ASN WB 22 10.83 45.56 22.08
CA ASN WB 22 12.17 45.86 22.54
C ASN WB 22 13.06 46.33 21.40
N GLU WB 23 12.47 47.11 20.50
CA GLU WB 23 13.17 47.65 19.34
C GLU WB 23 14.49 48.29 19.76
N PHE WB 24 14.47 48.95 20.93
CA PHE WB 24 15.65 49.63 21.45
C PHE WB 24 16.87 48.72 21.46
N ILE WB 25 16.63 47.41 21.59
CA ILE WB 25 17.70 46.43 21.61
C ILE WB 25 17.83 45.67 20.30
N THR WB 26 16.70 45.20 19.78
CA THR WB 26 16.71 44.42 18.54
C THR WB 26 17.25 45.21 17.36
N SER WB 27 17.17 46.54 17.44
CA SER WB 27 17.70 47.41 16.39
C SER WB 27 19.20 47.21 16.23
N LYS WB 28 19.95 47.58 17.26
CA LYS WB 28 21.40 47.41 17.25
C LYS WB 28 21.76 45.93 17.09
N LEU WB 29 20.81 45.06 17.41
CA LEU WB 29 21.02 43.63 17.33
C LEU WB 29 20.99 43.18 15.87
N LEU WB 30 20.13 43.83 15.10
CA LEU WB 30 19.98 43.52 13.68
C LEU WB 30 21.13 44.10 12.87
N GLY WB 31 21.45 45.36 13.15
CA GLY WB 31 22.53 46.05 12.47
C GLY WB 31 23.83 45.30 12.59
N GLY WB 32 24.01 44.59 13.69
CA GLY WB 32 25.20 43.78 13.90
C GLY WB 32 25.20 42.53 13.04
N ALA WB 33 24.01 41.97 12.83
CA ALA WB 33 23.86 40.76 12.01
C ALA WB 33 24.04 41.09 10.54
N LEU WB 34 23.46 42.21 10.12
CA LEU WB 34 23.60 42.66 8.74
C LEU WB 34 25.07 43.00 8.48
N ASP WB 35 25.63 43.84 9.34
CA ASP WB 35 27.04 44.22 9.24
C ASP WB 35 27.93 42.99 9.16
N GLY WB 36 27.58 41.95 9.90
CA GLY WB 36 28.35 40.72 9.89
C GLY WB 36 28.28 39.98 8.57
N LEU WB 37 27.07 39.65 8.13
CA LEU WB 37 26.88 38.99 6.84
C LEU WB 37 27.49 39.82 5.72
N LYS WB 38 27.24 41.12 5.76
CA LYS WB 38 27.69 42.03 4.71
C LYS WB 38 29.21 42.03 4.58
N ARG WB 39 29.90 42.18 5.71
CA ARG WB 39 31.36 42.23 5.70
C ARG WB 39 32.00 40.85 5.68
N HIS WB 40 31.18 39.81 5.61
CA HIS WB 40 31.69 38.45 5.50
C HIS WB 40 31.58 37.93 4.07
N GLY WB 41 31.09 38.78 3.18
CA GLY WB 41 30.96 38.41 1.79
C GLY WB 41 29.54 38.50 1.26
N VAL WB 42 28.59 38.07 2.07
CA VAL WB 42 27.17 38.08 1.68
C VAL WB 42 26.81 39.39 0.99
N GLU WB 43 26.16 39.28 -0.16
CA GLU WB 43 25.76 40.47 -0.91
C GLU WB 43 24.74 41.26 -0.11
N GLU WB 44 24.88 42.58 -0.11
CA GLU WB 44 24.05 43.45 0.72
C GLU WB 44 22.56 43.38 0.37
N ASN WB 45 22.23 42.74 -0.74
CA ASN WB 45 20.84 42.63 -1.17
C ASN WB 45 20.32 41.20 -1.20
N ASP WB 46 21.23 40.24 -0.99
CA ASP WB 46 20.85 38.84 -0.85
C ASP WB 46 20.33 38.62 0.56
N ILE WB 47 19.98 39.72 1.22
CA ILE WB 47 19.58 39.69 2.63
C ILE WB 47 18.20 40.30 2.83
N ASP WB 48 17.29 39.54 3.44
CA ASP WB 48 15.94 40.01 3.69
C ASP WB 48 15.62 40.05 5.19
N VAL WB 49 14.76 40.99 5.57
CA VAL WB 49 14.37 41.13 6.97
C VAL WB 49 12.86 41.16 7.13
N ALA WB 50 12.34 40.35 8.05
CA ALA WB 50 10.91 40.29 8.33
C ALA WB 50 10.64 40.73 9.77
N TRP WB 51 9.93 41.84 9.91
CA TRP WB 51 9.60 42.37 11.24
C TRP WB 51 8.31 41.77 11.79
N VAL WB 52 8.44 41.05 12.90
CA VAL WB 52 7.29 40.46 13.58
C VAL WB 52 6.96 41.26 14.83
N PRO WB 53 5.71 41.10 15.30
CA PRO WB 53 5.27 41.81 16.49
C PRO WB 53 6.23 41.65 17.69
N GLY WB 54 6.67 40.43 17.95
CA GLY WB 54 7.57 40.17 19.04
C GLY WB 54 8.11 38.74 18.92
N ALA WB 55 8.96 38.32 19.88
CA ALA WB 55 9.55 36.98 19.81
C ALA WB 55 8.49 35.88 19.68
N PHE WB 56 7.39 35.94 20.40
CA PHE WB 56 6.47 34.81 20.23
C PHE WB 56 6.10 34.55 18.77
N GLU WB 57 6.05 35.57 17.97
CA GLU WB 57 5.65 35.45 16.58
C GLU WB 57 6.74 34.95 15.64
N ILE WB 58 8.00 34.93 16.11
CA ILE WB 58 9.22 34.55 15.31
C ILE WB 58 9.40 33.12 14.80
N PRO WB 59 8.74 32.20 15.46
CA PRO WB 59 8.70 30.83 14.94
C PRO WB 59 7.83 30.67 13.69
N LEU WB 60 6.70 31.36 13.63
CA LEU WB 60 5.79 31.22 12.51
C LEU WB 60 6.37 31.76 11.20
N ILE WB 61 6.89 32.99 11.25
CA ILE WB 61 7.41 33.65 10.06
C ILE WB 61 8.81 33.13 9.68
N ALA WB 62 9.53 32.56 10.64
CA ALA WB 62 10.81 31.93 10.35
C ALA WB 62 10.57 30.68 9.52
N LYS WB 63 9.50 29.97 9.84
CA LYS WB 63 9.10 28.79 9.09
C LYS WB 63 8.64 29.17 7.69
N LYS WB 64 8.06 30.35 7.57
CA LYS WB 64 7.57 30.84 6.28
C LYS WB 64 8.70 31.33 5.38
N MET WB 65 9.87 31.52 5.96
CA MET WB 65 11.04 31.95 5.20
C MET WB 65 11.98 30.79 4.92
N ALA WB 66 11.86 29.74 5.71
CA ALA WB 66 12.64 28.53 5.48
C ALA WB 66 11.94 27.68 4.43
N ASN WB 67 10.62 27.62 4.50
CA ASN WB 67 9.82 26.87 3.53
C ASN WB 67 9.68 27.61 2.21
N SER WB 68 10.09 28.88 2.18
CA SER WB 68 10.05 29.65 0.95
C SER WB 68 11.18 29.23 0.01
N GLY WB 69 12.13 28.47 0.55
CA GLY WB 69 13.23 27.94 -0.24
C GLY WB 69 13.97 28.99 -1.04
N LYS WB 70 14.23 30.13 -0.42
CA LYS WB 70 14.89 31.24 -1.09
C LYS WB 70 16.22 31.59 -0.43
N TYR WB 71 16.39 31.14 0.82
CA TYR WB 71 17.55 31.52 1.61
C TYR WB 71 18.47 30.33 1.85
N ASP WB 72 19.72 30.61 2.22
CA ASP WB 72 20.70 29.58 2.55
C ASP WB 72 20.76 29.40 4.06
N ALA WB 73 20.08 30.29 4.77
CA ALA WB 73 20.04 30.25 6.22
C ALA WB 73 19.07 31.33 6.71
N VAL WB 74 18.50 31.11 7.88
CA VAL WB 74 17.58 32.07 8.48
C VAL WB 74 18.08 32.46 9.86
N ILE WB 75 18.13 33.76 10.12
CA ILE WB 75 18.58 34.26 11.42
C ILE WB 75 17.41 34.84 12.21
N THR WB 76 17.15 34.28 13.38
CA THR WB 76 16.09 34.79 14.25
C THR WB 76 16.64 35.74 15.30
N LEU WB 77 16.23 37.00 15.23
CA LEU WB 77 16.66 38.02 16.17
C LEU WB 77 15.49 38.55 17.00
N GLY WB 78 15.76 38.94 18.23
CA GLY WB 78 14.74 39.46 19.10
C GLY WB 78 15.26 39.64 20.51
N THR WB 79 14.42 40.14 21.40
CA THR WB 79 14.82 40.34 22.79
C THR WB 79 13.63 40.21 23.74
N VAL WB 80 13.83 39.45 24.82
CA VAL WB 80 12.80 39.28 25.84
C VAL WB 80 13.42 39.57 27.20
N ILE WB 81 12.75 40.37 28.01
CA ILE WB 81 13.28 40.72 29.32
C ILE WB 81 12.29 40.41 30.45
N ARG WB 82 12.82 39.95 31.57
CA ARG WB 82 12.03 39.57 32.73
C ARG WB 82 11.03 40.63 33.17
N GLY WB 83 9.80 40.19 33.40
CA GLY WB 83 8.77 41.07 33.93
C GLY WB 83 8.42 40.66 35.35
N ALA WB 84 7.23 41.04 35.79
CA ALA WB 84 6.74 40.69 37.13
C ALA WB 84 6.11 39.31 37.13
N THR WB 85 5.60 38.92 35.97
CA THR WB 85 4.90 37.66 35.82
C THR WB 85 5.79 36.60 35.19
N THR WB 86 5.32 35.35 35.22
CA THR WB 86 6.04 34.23 34.59
C THR WB 86 5.82 34.21 33.07
N HIS WB 87 5.11 35.21 32.57
CA HIS WB 87 4.87 35.35 31.14
C HIS WB 87 6.18 35.28 30.35
N TYR WB 88 7.21 35.91 30.88
CA TYR WB 88 8.52 35.93 30.25
C TYR WB 88 9.05 34.53 29.96
N ASP WB 89 8.71 33.58 30.82
CA ASP WB 89 9.21 32.22 30.70
C ASP WB 89 8.63 31.48 29.51
N TYR WB 90 7.31 31.53 29.38
CA TYR WB 90 6.63 30.80 28.32
C TYR WB 90 6.97 31.38 26.95
N VAL WB 91 7.15 32.69 26.89
CA VAL WB 91 7.56 33.34 25.66
C VAL WB 91 8.95 32.86 25.24
N CYS WB 92 9.93 33.10 26.11
CA CYS WB 92 11.30 32.67 25.85
C CYS WB 92 11.35 31.20 25.41
N ASN WB 93 10.65 30.34 26.16
CA ASN WB 93 10.64 28.92 25.87
C ASN WB 93 10.13 28.60 24.47
N GLU WB 94 8.92 29.05 24.17
CA GLU WB 94 8.27 28.73 22.91
C GLU WB 94 9.03 29.28 21.70
N VAL WB 95 9.79 30.35 21.91
CA VAL WB 95 10.60 30.91 20.84
C VAL WB 95 11.73 29.95 20.48
N ALA WB 96 12.53 29.59 21.48
CA ALA WB 96 13.62 28.64 21.29
C ALA WB 96 13.06 27.28 20.92
N LYS WB 97 12.04 26.84 21.65
CA LYS WB 97 11.38 25.57 21.38
C LYS WB 97 10.92 25.51 19.93
N GLY WB 98 10.41 26.63 19.43
CA GLY WB 98 9.94 26.71 18.05
C GLY WB 98 11.08 26.75 17.05
N VAL WB 99 12.00 27.70 17.25
CA VAL WB 99 13.13 27.87 16.34
C VAL WB 99 14.00 26.62 16.23
N ALA WB 100 14.22 25.93 17.34
CA ALA WB 100 15.04 24.72 17.34
C ALA WB 100 14.30 23.56 16.68
N SER WB 101 13.07 23.31 17.14
CA SER WB 101 12.27 22.21 16.62
C SER WB 101 11.92 22.41 15.16
N LEU WB 102 11.63 23.64 14.78
CA LEU WB 102 11.31 23.97 13.40
C LEU WB 102 12.58 24.38 12.64
N SER WB 103 13.67 23.71 12.95
CA SER WB 103 14.94 23.86 12.24
C SER WB 103 15.39 22.48 11.81
N LEU WB 104 14.64 21.48 12.28
CA LEU WB 104 14.87 20.08 11.92
C LEU WB 104 13.76 19.63 10.99
N GLN WB 105 12.59 20.22 11.16
CA GLN WB 105 11.44 19.95 10.30
C GLN WB 105 11.68 20.51 8.91
N THR WB 106 12.70 21.35 8.78
CA THR WB 106 13.00 22.03 7.54
C THR WB 106 14.42 21.75 7.06
N ASP WB 107 15.16 20.96 7.84
CA ASP WB 107 16.56 20.63 7.55
C ASP WB 107 17.21 21.87 6.91
N ILE WB 108 17.00 23.02 7.49
CA ILE WB 108 17.52 24.28 6.98
C ILE WB 108 18.09 24.96 8.21
N PRO WB 109 19.35 25.42 8.13
CA PRO WB 109 19.99 26.12 9.23
C PRO WB 109 19.16 27.31 9.70
N VAL WB 110 18.57 27.22 10.87
CA VAL WB 110 17.87 28.35 11.47
C VAL WB 110 18.52 28.72 12.78
N ILE WB 111 19.37 29.75 12.73
CA ILE WB 111 20.13 30.20 13.90
C ILE WB 111 19.24 30.91 14.91
N PHE WB 112 19.35 30.49 16.16
CA PHE WB 112 18.58 31.10 17.25
C PHE WB 112 19.39 32.23 17.89
N GLY WB 113 18.97 33.46 17.65
CA GLY WB 113 19.68 34.61 18.20
C GLY WB 113 18.75 35.57 18.91
N VAL WB 114 17.90 35.03 19.79
CA VAL WB 114 16.98 35.84 20.57
C VAL WB 114 17.51 36.04 21.99
N LEU WB 115 17.73 37.29 22.36
CA LEU WB 115 18.20 37.62 23.70
C LEU WB 115 17.14 37.28 24.75
N THR WB 116 17.57 36.61 25.80
CA THR WB 116 16.69 36.26 26.91
C THR WB 116 17.34 36.64 28.23
N THR WB 117 17.06 37.85 28.69
CA THR WB 117 17.80 38.45 29.80
C THR WB 117 16.90 38.83 30.98
N GLU WB 118 17.55 39.34 32.03
CA GLU WB 118 16.86 39.75 33.26
C GLU WB 118 16.81 41.26 33.39
N THR WB 119 17.84 41.92 32.87
CA THR WB 119 17.98 43.37 32.99
C THR WB 119 18.05 44.03 31.62
N ILE WB 120 17.57 45.26 31.53
CA ILE WB 120 17.74 46.06 30.31
C ILE WB 120 19.23 46.25 30.08
N GLU WB 121 19.99 46.23 31.17
CA GLU WB 121 21.44 46.43 31.13
C GLU WB 121 22.15 45.18 30.63
N GLN WB 122 21.48 44.04 30.76
CA GLN WB 122 22.02 42.78 30.26
C GLN WB 122 21.81 42.65 28.76
N ALA WB 123 20.70 43.19 28.26
CA ALA WB 123 20.41 43.20 26.84
C ALA WB 123 21.43 44.09 26.11
N ILE WB 124 21.57 45.32 26.60
CA ILE WB 124 22.56 46.25 26.06
C ILE WB 124 23.94 45.64 26.16
N GLU WB 125 24.19 44.94 27.26
CA GLU WB 125 25.45 44.27 27.49
C GLU WB 125 25.79 43.36 26.32
N ARG WB 126 24.75 42.79 25.71
CA ARG WB 126 24.93 41.78 24.66
C ARG WB 126 24.42 42.25 23.31
N ALA WB 127 24.22 43.55 23.16
CA ALA WB 127 23.78 44.10 21.88
C ALA WB 127 24.86 45.00 21.23
N GLY WB 128 26.12 44.69 21.51
CA GLY WB 128 27.20 45.52 21.00
C GLY WB 128 27.77 46.30 22.16
N THR WB 129 27.92 45.59 23.27
CA THR WB 129 28.54 46.19 24.43
C THR WB 129 29.49 45.11 25.02
N LYS WB 130 29.87 45.22 26.31
CA LYS WB 130 30.79 44.23 26.93
C LYS WB 130 30.82 42.85 26.31
N ALA WB 131 29.68 42.16 26.24
CA ALA WB 131 29.64 40.80 25.66
C ALA WB 131 29.80 40.73 24.13
N GLY WB 132 29.72 41.85 23.41
CA GLY WB 132 29.82 41.79 21.95
C GLY WB 132 28.43 41.99 21.34
N ASN WB 133 28.21 41.64 20.06
CA ASN WB 133 26.87 41.79 19.47
C ASN WB 133 26.29 40.44 19.06
N LYS WB 134 25.32 39.97 19.85
CA LYS WB 134 24.68 38.69 19.62
C LYS WB 134 24.21 38.52 18.17
N GLY WB 135 23.79 39.61 17.55
CA GLY WB 135 23.33 39.58 16.18
C GLY WB 135 24.45 39.23 15.23
N TYR WB 136 25.55 39.98 15.32
CA TYR WB 136 26.73 39.72 14.50
C TYR WB 136 27.20 38.29 14.67
N GLU WB 137 27.22 37.81 15.91
CA GLU WB 137 27.63 36.45 16.21
C GLU WB 137 26.67 35.42 15.62
N SER WB 138 25.43 35.84 15.38
CA SER WB 138 24.43 34.96 14.80
C SER WB 138 24.61 34.80 13.30
N ALA WB 139 25.10 35.87 12.66
CA ALA WB 139 25.37 35.85 11.23
C ALA WB 139 26.57 34.96 10.92
N VAL WB 140 27.64 35.16 11.69
CA VAL WB 140 28.86 34.38 11.53
C VAL WB 140 28.56 32.90 11.77
N ALA WB 141 27.45 32.64 12.48
CA ALA WB 141 27.02 31.27 12.73
C ALA WB 141 26.16 30.76 11.56
N ALA WB 142 25.39 31.67 10.97
CA ALA WB 142 24.53 31.32 9.85
C ALA WB 142 25.35 30.94 8.62
N ILE WB 143 26.44 31.66 8.41
CA ILE WB 143 27.33 31.39 7.28
C ILE WB 143 27.96 30.02 7.40
N GLU WB 144 28.42 29.69 8.60
CA GLU WB 144 29.06 28.41 8.84
C GLU WB 144 28.06 27.26 8.64
N MET WB 145 26.88 27.41 9.21
CA MET WB 145 25.83 26.41 9.06
C MET WB 145 25.42 26.27 7.61
N ALA WB 146 25.54 27.37 6.87
CA ALA WB 146 25.17 27.39 5.46
C ALA WB 146 26.13 26.57 4.59
N HIS WB 147 27.35 26.32 5.10
CA HIS WB 147 28.35 25.54 4.37
C HIS WB 147 28.34 24.09 4.81
N LEU WB 148 28.00 23.86 6.06
CA LEU WB 148 27.91 22.55 6.61
C LEU WB 148 26.51 21.96 6.47
N SER WB 149 25.42 22.79 6.39
CA SER WB 149 24.05 22.22 6.47
C SER WB 149 23.07 22.40 5.29
N LYS WB 150 23.28 23.43 4.50
CA LYS WB 150 22.38 23.72 3.41
C LYS WB 150 22.81 23.04 2.12
N HIS WB 151 23.97 23.35 1.62
CA HIS WB 151 24.34 22.76 0.35
C HIS WB 151 25.13 21.46 0.47
N TRP WB 152 25.26 21.08 1.73
CA TRP WB 152 25.86 19.84 2.15
C TRP WB 152 24.67 18.92 2.45
N ALA WB 153 24.77 17.61 2.30
CA ALA WB 153 23.60 16.78 2.54
C ALA WB 153 23.93 15.47 3.27
N VAL XB 2 74.80 93.66 58.39
CA VAL XB 2 74.58 92.79 59.55
C VAL XB 2 74.66 93.57 60.86
N PHE XB 3 73.77 93.25 61.81
CA PHE XB 3 73.69 93.99 63.06
C PHE XB 3 73.42 93.08 64.26
N GLU XB 4 74.35 92.17 64.56
CA GLU XB 4 74.21 91.31 65.73
C GLU XB 4 74.46 92.12 67.01
N GLY XB 5 74.26 91.47 68.16
CA GLY XB 5 74.46 92.12 69.44
C GLY XB 5 75.34 91.32 70.39
N HIS XB 6 76.32 91.99 70.99
CA HIS XB 6 77.22 91.35 71.95
C HIS XB 6 76.44 90.58 73.02
N LEU XB 7 77.16 89.73 73.76
CA LEU XB 7 76.56 89.04 74.89
C LEU XB 7 77.39 89.28 76.16
N VAL XB 8 78.47 90.03 76.01
CA VAL XB 8 79.30 90.41 77.15
C VAL XB 8 78.85 91.77 77.64
N GLY XB 9 78.34 91.81 78.88
CA GLY XB 9 77.84 93.05 79.46
C GLY XB 9 78.80 93.65 80.48
N THR XB 10 80.07 93.68 80.12
CA THR XB 10 81.11 94.18 81.01
C THR XB 10 80.75 95.50 81.68
N GLY XB 11 80.31 96.48 80.90
CA GLY XB 11 80.03 97.80 81.43
C GLY XB 11 78.60 98.26 81.20
N LEU XB 12 77.64 97.45 81.61
CA LEU XB 12 76.24 97.81 81.44
C LEU XB 12 75.59 98.15 82.78
N LYS XB 13 74.46 98.85 82.71
CA LYS XB 13 73.69 99.19 83.91
C LYS XB 13 72.25 98.72 83.73
N VAL XB 14 71.89 97.63 84.39
CA VAL XB 14 70.56 97.03 84.22
C VAL XB 14 69.66 97.29 85.44
N GLY XB 15 68.39 97.51 85.17
CA GLY XB 15 67.40 97.68 86.22
C GLY XB 15 66.29 96.66 86.10
N VAL XB 16 65.97 95.99 87.20
CA VAL XB 16 64.96 94.92 87.20
C VAL XB 16 63.73 95.31 88.00
N VAL XB 17 62.56 94.88 87.51
CA VAL XB 17 61.30 95.15 88.18
C VAL XB 17 60.53 93.84 88.40
N VAL XB 18 60.45 93.41 89.65
CA VAL XB 18 59.82 92.13 89.98
C VAL XB 18 58.52 92.28 90.77
N GLY XB 19 57.55 91.43 90.48
CA GLY XB 19 56.29 91.43 91.19
C GLY XB 19 56.27 90.44 92.33
N ARG XB 20 55.78 90.87 93.49
CA ARG XB 20 55.77 90.04 94.69
C ARG XB 20 54.82 88.86 94.59
N PHE XB 21 53.67 89.07 93.94
CA PHE XB 21 52.69 88.00 93.79
C PHE XB 21 53.38 86.79 93.16
N ASN XB 22 53.15 85.62 93.75
CA ASN XB 22 53.84 84.42 93.32
C ASN XB 22 55.33 84.49 93.60
N GLU XB 23 55.68 85.07 94.75
CA GLU XB 23 57.08 85.21 95.15
C GLU XB 23 57.78 83.87 95.10
N PHE XB 24 57.02 82.81 95.37
CA PHE XB 24 57.57 81.46 95.38
C PHE XB 24 58.26 81.17 94.05
N ILE XB 25 57.76 81.79 92.99
CA ILE XB 25 58.31 81.61 91.64
C ILE XB 25 59.22 82.76 91.24
N THR XB 26 58.71 83.99 91.39
CA THR XB 26 59.46 85.18 91.01
C THR XB 26 60.78 85.31 91.78
N SER XB 27 60.80 84.78 93.01
CA SER XB 27 62.01 84.81 93.82
C SER XB 27 63.14 84.09 93.10
N LYS XB 28 62.98 82.78 92.91
CA LYS XB 28 64.00 81.99 92.23
C LYS XB 28 64.04 82.33 90.74
N LEU XB 29 63.19 83.26 90.33
CA LEU XB 29 63.14 83.73 88.95
C LEU XB 29 63.99 84.98 88.82
N LEU XB 30 64.12 85.72 89.91
CA LEU XB 30 65.00 86.87 89.99
C LEU XB 30 66.44 86.39 90.11
N GLY XB 31 66.59 85.09 90.35
CA GLY XB 31 67.91 84.46 90.37
C GLY XB 31 68.49 84.45 88.97
N GLY XB 32 67.76 85.04 88.03
CA GLY XB 32 68.26 85.23 86.69
C GLY XB 32 68.99 86.55 86.60
N ALA XB 33 68.59 87.49 87.45
CA ALA XB 33 69.32 88.75 87.58
C ALA XB 33 70.79 88.44 87.86
N LEU XB 34 71.10 88.19 89.13
CA LEU XB 34 72.43 87.74 89.49
C LEU XB 34 72.59 86.31 88.97
N ASP XB 35 73.80 85.75 89.08
CA ASP XB 35 74.10 84.46 88.48
C ASP XB 35 73.57 84.42 87.05
N GLY XB 36 73.48 85.61 86.45
CA GLY XB 36 73.01 85.77 85.09
C GLY XB 36 73.63 86.99 84.46
N LEU XB 37 73.16 88.16 84.89
CA LEU XB 37 73.78 89.40 84.49
C LEU XB 37 75.21 89.44 85.00
N LYS XB 38 75.38 89.03 86.26
CA LYS XB 38 76.68 89.05 86.91
C LYS XB 38 77.72 88.19 86.18
N ARG XB 39 77.36 86.95 85.91
CA ARG XB 39 78.27 86.00 85.27
C ARG XB 39 78.56 86.39 83.83
N HIS XB 40 77.77 87.31 83.29
CA HIS XB 40 77.98 87.78 81.93
C HIS XB 40 78.79 89.08 81.87
N GLY XB 41 79.17 89.58 83.05
CA GLY XB 41 80.02 90.76 83.10
C GLY XB 41 79.45 91.89 83.92
N VAL XB 42 78.15 92.11 83.81
CA VAL XB 42 77.49 93.22 84.51
C VAL XB 42 77.95 93.31 85.96
N GLU XB 43 78.20 94.53 86.41
CA GLU XB 43 78.70 94.76 87.76
C GLU XB 43 77.63 94.53 88.82
N GLU XB 44 78.03 93.91 89.92
CA GLU XB 44 77.13 93.67 91.05
C GLU XB 44 76.35 94.91 91.45
N ASN XB 45 77.02 96.05 91.43
CA ASN XB 45 76.43 97.30 91.89
C ASN XB 45 75.57 98.01 90.84
N ASP XB 46 75.84 97.73 89.57
CA ASP XB 46 75.10 98.37 88.49
C ASP XB 46 73.73 97.75 88.25
N ILE XB 47 73.27 96.95 89.21
CA ILE XB 47 71.97 96.29 89.10
C ILE XB 47 71.03 96.70 90.23
N ASP XB 48 69.93 97.36 89.87
CA ASP XB 48 68.92 97.74 90.85
C ASP XB 48 67.64 96.93 90.64
N VAL XB 49 66.91 96.71 91.73
CA VAL XB 49 65.69 95.91 91.67
C VAL XB 49 64.50 96.63 92.31
N ALA XB 50 63.38 96.63 91.61
CA ALA XB 50 62.16 97.27 92.09
C ALA XB 50 61.07 96.23 92.32
N TRP XB 51 60.58 96.15 93.56
CA TRP XB 51 59.51 95.22 93.90
C TRP XB 51 58.15 95.89 93.80
N VAL XB 52 57.31 95.37 92.90
CA VAL XB 52 55.96 95.89 92.74
C VAL XB 52 54.94 94.89 93.32
N PRO XB 53 53.73 95.35 93.62
CA PRO XB 53 52.71 94.44 94.21
C PRO XB 53 52.49 93.11 93.46
N GLY XB 54 52.41 93.23 92.15
CA GLY XB 54 52.18 92.13 91.24
C GLY XB 54 52.35 92.65 89.80
N ALA XB 55 52.24 91.72 88.84
CA ALA XB 55 52.40 92.06 87.46
C ALA XB 55 51.59 93.29 87.02
N PHE XB 56 50.34 93.45 87.42
CA PHE XB 56 49.66 94.61 86.89
C PHE XB 56 50.41 95.91 87.14
N GLU XB 57 51.09 96.03 88.27
CA GLU XB 57 51.75 97.28 88.55
C GLU XB 57 53.17 97.41 87.92
N ILE XB 58 53.54 96.52 87.01
CA ILE XB 58 54.91 96.45 86.37
C ILE XB 58 55.21 97.34 85.12
N PRO XB 59 54.11 97.74 84.48
CA PRO XB 59 54.25 98.76 83.44
C PRO XB 59 54.59 100.14 83.99
N LEU XB 60 53.92 100.57 85.05
CA LEU XB 60 54.13 101.90 85.61
C LEU XB 60 55.55 102.09 86.15
N ILE XB 61 55.98 101.18 87.02
CA ILE XB 61 57.29 101.28 87.66
C ILE XB 61 58.42 100.92 86.70
N ALA XB 62 58.13 100.09 85.71
CA ALA XB 62 59.10 99.76 84.68
C ALA XB 62 59.34 100.99 83.81
N LYS XB 63 58.36 101.88 83.77
CA LYS XB 63 58.48 103.13 83.03
C LYS XB 63 59.35 104.14 83.77
N LYS XB 64 59.08 104.30 85.07
CA LYS XB 64 59.83 105.24 85.89
C LYS XB 64 61.24 104.74 86.22
N MET XB 65 61.69 103.74 85.48
CA MET XB 65 63.05 103.23 85.62
C MET XB 65 63.81 103.38 84.32
N ALA XB 66 63.11 103.24 83.20
CA ALA XB 66 63.71 103.44 81.90
C ALA XB 66 63.83 104.94 81.61
N ASN XB 67 62.85 105.70 82.11
CA ASN XB 67 62.83 107.15 81.92
C ASN XB 67 63.82 107.88 82.82
N SER XB 68 64.32 107.19 83.84
CA SER XB 68 65.34 107.75 84.71
C SER XB 68 66.68 107.81 84.00
N GLY XB 69 66.76 107.15 82.85
CA GLY XB 69 67.95 107.17 82.02
C GLY XB 69 69.20 106.65 82.72
N LYS XB 70 69.01 105.89 83.79
CA LYS XB 70 70.13 105.36 84.55
C LYS XB 70 70.53 103.97 84.09
N TYR XB 71 69.61 103.31 83.38
CA TYR XB 71 69.85 101.93 82.96
C TYR XB 71 69.91 101.80 81.44
N ASP XB 72 70.79 100.92 80.97
CA ASP XB 72 70.92 100.66 79.53
C ASP XB 72 69.76 99.78 79.07
N ALA XB 73 69.24 98.97 79.97
CA ALA XB 73 68.10 98.11 79.69
C ALA XB 73 67.35 97.79 80.97
N VAL XB 74 66.05 97.55 80.86
CA VAL XB 74 65.22 97.23 82.01
C VAL XB 74 64.61 95.85 81.86
N ILE XB 75 64.93 94.96 82.78
CA ILE XB 75 64.36 93.61 82.78
C ILE XB 75 63.11 93.56 83.66
N THR XB 76 62.03 93.00 83.11
CA THR XB 76 60.78 92.92 83.85
C THR XB 76 60.43 91.47 84.20
N LEU XB 77 60.32 91.20 85.50
CA LEU XB 77 60.07 89.85 85.98
C LEU XB 77 58.76 89.75 86.78
N GLY XB 78 58.17 88.55 86.78
CA GLY XB 78 56.93 88.31 87.49
C GLY XB 78 56.33 86.99 87.10
N THR XB 79 55.24 86.61 87.75
CA THR XB 79 54.57 85.35 87.44
C THR XB 79 53.05 85.46 87.62
N VAL XB 80 52.30 84.91 86.67
CA VAL XB 80 50.84 84.89 86.72
C VAL XB 80 50.33 83.51 86.37
N ILE XB 81 49.38 83.00 87.15
CA ILE XB 81 48.85 81.66 86.91
C ILE XB 81 47.33 81.65 86.85
N ARG XB 82 46.81 80.82 85.93
CA ARG XB 82 45.37 80.71 85.71
C ARG XB 82 44.57 80.52 86.99
N GLY XB 83 43.52 81.32 87.14
CA GLY XB 83 42.59 81.17 88.24
C GLY XB 83 41.32 80.51 87.76
N ALA XB 84 40.20 80.85 88.42
CA ALA XB 84 38.90 80.35 88.00
C ALA XB 84 38.21 81.38 87.13
N THR XB 85 38.62 82.64 87.26
CA THR XB 85 38.02 83.73 86.52
C THR XB 85 38.91 84.15 85.36
N THR XB 86 38.35 84.91 84.43
CA THR XB 86 39.11 85.43 83.29
C THR XB 86 39.99 86.60 83.70
N HIS XB 87 40.06 86.84 85.01
CA HIS XB 87 40.90 87.91 85.55
C HIS XB 87 42.36 87.71 85.12
N TYR XB 88 42.77 86.45 85.05
CA TYR XB 88 44.13 86.10 84.63
C TYR XB 88 44.45 86.65 83.25
N ASP XB 89 43.45 86.70 82.38
CA ASP XB 89 43.65 87.13 81.00
C ASP XB 89 43.95 88.61 80.88
N TYR XB 90 43.11 89.44 81.49
CA TYR XB 90 43.24 90.89 81.42
C TYR XB 90 44.55 91.36 82.06
N VAL XB 91 45.04 90.59 83.02
CA VAL XB 91 46.30 90.92 83.67
C VAL XB 91 47.47 90.64 82.73
N CYS XB 92 47.62 89.39 82.31
CA CYS XB 92 48.69 88.99 81.41
C CYS XB 92 48.75 89.90 80.20
N ASN XB 93 47.57 90.18 79.62
CA ASN XB 93 47.48 91.06 78.47
C ASN XB 93 48.13 92.41 78.74
N GLU XB 94 47.66 93.10 79.77
CA GLU XB 94 48.12 94.46 80.06
C GLU XB 94 49.59 94.54 80.45
N VAL XB 95 50.08 93.49 81.12
CA VAL XB 95 51.50 93.42 81.47
C VAL XB 95 52.34 93.40 80.21
N ALA XB 96 52.00 92.47 79.31
CA ALA XB 96 52.68 92.36 78.02
C ALA XB 96 52.41 93.58 77.15
N LYS XB 97 51.17 94.07 77.21
CA LYS XB 97 50.76 95.23 76.43
C LYS XB 97 51.51 96.47 76.89
N GLY XB 98 51.80 96.53 78.20
CA GLY XB 98 52.52 97.65 78.77
C GLY XB 98 54.01 97.58 78.46
N VAL XB 99 54.63 96.46 78.81
CA VAL XB 99 56.07 96.28 78.60
C VAL XB 99 56.47 96.43 77.13
N ALA XB 100 55.57 96.05 76.23
CA ALA XB 100 55.85 96.14 74.79
C ALA XB 100 55.56 97.53 74.25
N SER XB 101 54.28 97.88 74.18
CA SER XB 101 53.85 99.17 73.64
C SER XB 101 54.55 100.35 74.31
N LEU XB 102 54.99 100.16 75.55
CA LEU XB 102 55.74 101.19 76.25
C LEU XB 102 57.22 100.83 76.39
N SER XB 103 57.78 100.35 75.29
CA SER XB 103 59.21 100.10 75.16
C SER XB 103 59.65 100.77 73.88
N LEU XB 104 58.67 101.24 73.11
CA LEU XB 104 58.91 101.97 71.89
C LEU XB 104 58.88 103.47 72.18
N GLN XB 105 58.23 103.83 73.28
CA GLN XB 105 58.12 105.23 73.69
C GLN XB 105 59.32 105.65 74.54
N THR XB 106 60.25 104.71 74.75
CA THR XB 106 61.42 104.98 75.58
C THR XB 106 62.72 104.72 74.80
N ASP XB 107 62.61 103.96 73.72
CA ASP XB 107 63.77 103.62 72.90
C ASP XB 107 64.80 102.82 73.70
N ILE XB 108 64.49 102.56 74.96
CA ILE XB 108 65.34 101.74 75.82
C ILE XB 108 64.82 100.31 75.92
N PRO XB 109 65.68 99.34 75.61
CA PRO XB 109 65.27 97.93 75.63
C PRO XB 109 64.61 97.53 76.95
N VAL XB 110 63.35 97.11 76.88
CA VAL XB 110 62.65 96.59 78.05
C VAL XB 110 62.25 95.14 77.80
N ILE XB 111 63.07 94.22 78.30
CA ILE XB 111 62.85 92.79 78.11
C ILE XB 111 61.65 92.28 78.91
N PHE XB 112 60.76 91.58 78.24
CA PHE XB 112 59.57 91.03 78.87
C PHE XB 112 59.83 89.62 79.40
N GLY XB 113 59.99 89.50 80.70
CA GLY XB 113 60.24 88.22 81.32
C GLY XB 113 59.21 87.86 82.37
N VAL XB 114 57.93 87.93 81.98
CA VAL XB 114 56.83 87.60 82.89
C VAL XB 114 56.22 86.24 82.54
N LEU XB 115 56.34 85.31 83.47
CA LEU XB 115 55.75 83.99 83.31
C LEU XB 115 54.24 84.08 83.27
N THR XB 116 53.65 83.53 82.24
CA THR XB 116 52.19 83.48 82.12
C THR XB 116 51.77 82.05 81.85
N THR XB 117 51.45 81.33 82.93
CA THR XB 117 51.25 79.89 82.84
C THR XB 117 49.90 79.42 83.37
N GLU XB 118 49.68 78.11 83.30
CA GLU XB 118 48.41 77.50 83.66
C GLU XB 118 48.52 76.72 84.96
N THR XB 119 49.71 76.21 85.24
CA THR XB 119 49.95 75.41 86.42
C THR XB 119 51.08 75.99 87.26
N ILE XB 120 51.02 75.75 88.57
CA ILE XB 120 52.14 76.06 89.44
C ILE XB 120 53.35 75.26 88.96
N GLU XB 121 53.07 74.07 88.44
CA GLU XB 121 54.12 73.18 87.94
C GLU XB 121 54.80 73.77 86.71
N GLN XB 122 54.03 74.41 85.85
CA GLN XB 122 54.59 75.02 84.64
C GLN XB 122 55.46 76.23 84.98
N ALA XB 123 55.02 77.01 85.96
CA ALA XB 123 55.81 78.14 86.43
C ALA XB 123 57.13 77.65 86.99
N ILE XB 124 57.10 76.53 87.69
CA ILE XB 124 58.31 75.92 88.22
C ILE XB 124 59.17 75.38 87.09
N GLU XB 125 58.52 74.83 86.07
CA GLU XB 125 59.24 74.30 84.91
C GLU XB 125 60.07 75.40 84.25
N ARG XB 126 59.64 76.64 84.46
CA ARG XB 126 60.27 77.78 83.79
C ARG XB 126 60.91 78.75 84.77
N ALA XB 127 61.33 78.21 85.90
CA ALA XB 127 62.00 79.03 86.90
C ALA XB 127 63.25 78.37 87.42
N GLY XB 128 63.74 77.41 86.68
CA GLY XB 128 64.92 76.72 87.10
C GLY XB 128 64.65 75.24 87.14
N THR XB 129 63.86 74.77 86.21
CA THR XB 129 63.69 73.32 86.17
C THR XB 129 63.92 72.83 84.78
N LYS XB 130 63.13 71.87 84.30
CA LYS XB 130 63.51 71.30 82.99
C LYS XB 130 63.32 72.28 81.82
N ALA XB 131 62.93 73.54 82.04
CA ALA XB 131 62.83 74.46 80.89
C ALA XB 131 63.94 75.52 81.03
N GLY XB 132 64.56 75.50 82.23
CA GLY XB 132 65.60 76.44 82.58
C GLY XB 132 64.97 77.61 83.31
N ASN XB 133 65.77 78.65 83.59
CA ASN XB 133 65.28 79.83 84.30
C ASN XB 133 65.00 80.99 83.34
N LYS XB 134 63.74 81.36 83.22
CA LYS XB 134 63.34 82.41 82.29
C LYS XB 134 63.79 83.80 82.73
N GLY XB 135 64.36 83.87 83.93
CA GLY XB 135 64.91 85.11 84.43
C GLY XB 135 66.34 85.29 83.95
N TYR XB 136 67.06 84.18 83.88
CA TYR XB 136 68.43 84.18 83.39
C TYR XB 136 68.43 84.44 81.88
N GLU XB 137 67.45 83.88 81.19
CA GLU XB 137 67.36 84.03 79.74
C GLU XB 137 66.96 85.46 79.39
N SER XB 138 66.11 86.05 80.22
CA SER XB 138 65.64 87.42 79.97
C SER XB 138 66.72 88.45 80.26
N ALA XB 139 67.77 88.01 80.96
CA ALA XB 139 68.91 88.87 81.22
C ALA XB 139 69.87 88.84 80.04
N VAL XB 140 70.17 87.64 79.56
CA VAL XB 140 70.99 87.46 78.38
C VAL XB 140 70.43 88.31 77.24
N ALA XB 141 69.11 88.29 77.11
CA ALA XB 141 68.43 89.09 76.09
C ALA XB 141 68.59 90.58 76.39
N ALA XB 142 68.50 90.95 77.66
CA ALA XB 142 68.64 92.34 78.06
C ALA XB 142 69.99 92.90 77.67
N ILE XB 143 71.05 92.15 77.96
CA ILE XB 143 72.40 92.57 77.60
C ILE XB 143 72.51 92.77 76.10
N GLU XB 144 72.15 91.74 75.34
CA GLU XB 144 72.23 91.80 73.88
C GLU XB 144 71.45 92.99 73.32
N MET XB 145 70.26 93.23 73.85
CA MET XB 145 69.42 94.32 73.38
C MET XB 145 70.08 95.67 73.59
N ALA XB 146 70.46 95.94 74.83
CA ALA XB 146 71.12 97.19 75.17
C ALA XB 146 72.40 97.31 74.38
N HIS XB 147 73.04 96.17 74.13
CA HIS XB 147 74.32 96.12 73.46
C HIS XB 147 74.12 96.21 71.95
N LEU XB 148 72.86 96.24 71.52
CA LEU XB 148 72.54 96.28 70.10
C LEU XB 148 72.04 97.66 69.69
N SER XB 149 71.78 98.52 70.67
CA SER XB 149 71.35 99.87 70.40
C SER XB 149 72.53 100.77 70.05
N LYS XB 150 73.12 100.55 68.88
CA LYS XB 150 74.19 101.41 68.39
C LYS XB 150 73.77 102.23 67.19
N HIS XB 151 72.96 101.65 66.32
CA HIS XB 151 72.34 102.43 65.24
C HIS XB 151 71.11 103.15 65.81
N TRP XB 152 71.36 103.86 66.90
CA TRP XB 152 70.31 104.52 67.67
C TRP XB 152 70.70 105.98 67.88
N ALA XB 153 69.97 106.68 68.75
CA ALA XB 153 70.26 108.07 69.07
C ALA XB 153 70.01 108.99 67.87
N VAL YB 2 43.83 104.68 39.29
CA VAL YB 2 44.26 103.33 39.64
C VAL YB 2 45.75 103.28 40.01
N PHE YB 3 46.04 103.33 41.31
CA PHE YB 3 47.41 103.38 41.79
C PHE YB 3 47.87 102.00 42.28
N GLU YB 4 48.61 101.28 41.44
CA GLU YB 4 49.14 99.96 41.81
C GLU YB 4 50.64 100.04 42.09
N GLY YB 5 51.23 98.92 42.50
CA GLY YB 5 52.64 98.88 42.86
C GLY YB 5 53.53 98.05 41.95
N HIS YB 6 54.72 98.58 41.68
CA HIS YB 6 55.71 97.92 40.85
C HIS YB 6 56.18 96.62 41.53
N LEU YB 7 57.05 95.87 40.85
CA LEU YB 7 57.56 94.62 41.45
C LEU YB 7 59.04 94.35 41.15
N VAL YB 8 59.64 95.15 40.27
CA VAL YB 8 61.06 95.08 40.06
C VAL YB 8 61.74 96.12 40.95
N GLY YB 9 62.71 95.68 41.76
CA GLY YB 9 63.38 96.58 42.68
C GLY YB 9 64.84 96.80 42.35
N THR YB 10 65.11 97.27 41.14
CA THR YB 10 66.48 97.50 40.70
C THR YB 10 67.26 98.36 41.70
N GLY YB 11 66.69 99.49 42.10
CA GLY YB 11 67.36 100.39 43.01
C GLY YB 11 66.63 100.55 44.32
N LEU YB 12 66.67 99.50 45.15
CA LEU YB 12 65.96 99.52 46.43
C LEU YB 12 66.89 99.41 47.63
N LYS YB 13 66.44 99.95 48.76
CA LYS YB 13 67.22 99.92 49.99
C LYS YB 13 66.38 99.20 51.05
N VAL YB 14 66.65 97.93 51.26
CA VAL YB 14 65.82 97.13 52.17
C VAL YB 14 66.55 96.76 53.47
N GLY YB 15 65.80 96.76 54.57
CA GLY YB 15 66.33 96.37 55.86
C GLY YB 15 65.52 95.25 56.47
N VAL YB 16 66.20 94.29 57.08
CA VAL YB 16 65.55 93.10 57.63
C VAL YB 16 65.86 92.89 59.11
N VAL YB 17 64.83 92.58 59.90
CA VAL YB 17 65.01 92.28 61.30
C VAL YB 17 64.56 90.85 61.58
N VAL YB 18 65.51 89.98 61.89
CA VAL YB 18 65.21 88.57 62.13
C VAL YB 18 65.41 88.14 63.58
N GLY YB 19 64.46 87.39 64.10
CA GLY YB 19 64.52 86.91 65.47
C GLY YB 19 65.32 85.64 65.54
N ARG YB 20 66.26 85.58 66.48
CA ARG YB 20 67.16 84.43 66.61
C ARG YB 20 66.46 83.18 67.14
N PHE YB 21 65.49 83.37 68.04
CA PHE YB 21 64.76 82.25 68.61
C PHE YB 21 64.11 81.42 67.50
N ASN YB 22 64.18 80.10 67.64
CA ASN YB 22 63.74 79.20 66.59
C ASN YB 22 64.55 79.42 65.31
N GLU YB 23 65.84 79.68 65.49
CA GLU YB 23 66.75 79.92 64.38
C GLU YB 23 66.63 78.85 63.31
N PHE YB 24 66.27 77.64 63.73
CA PHE YB 24 66.13 76.52 62.81
C PHE YB 24 65.16 76.86 61.68
N ILE YB 25 64.18 77.71 61.98
CA ILE YB 25 63.19 78.11 60.98
C ILE YB 25 63.50 79.48 60.40
N THR YB 26 63.71 80.46 61.29
CA THR YB 26 64.00 81.82 60.87
C THR YB 26 65.20 81.87 59.94
N SER YB 27 66.09 80.90 60.08
CA SER YB 27 67.26 80.83 59.21
C SER YB 27 66.83 80.71 57.75
N LYS YB 28 66.22 79.59 57.41
CA LYS YB 28 65.73 79.38 56.05
C LYS YB 28 64.73 80.48 55.68
N LEU YB 29 64.08 81.02 56.69
CA LEU YB 29 63.08 82.06 56.48
C LEU YB 29 63.71 83.37 56.00
N LEU YB 30 64.89 83.67 56.52
CA LEU YB 30 65.64 84.84 56.09
C LEU YB 30 66.22 84.62 54.69
N GLY YB 31 66.78 83.45 54.48
CA GLY YB 31 67.34 83.09 53.19
C GLY YB 31 66.31 83.23 52.08
N GLY YB 32 65.04 83.14 52.44
CA GLY YB 32 63.96 83.30 51.49
C GLY YB 32 63.84 84.74 51.00
N ALA YB 33 63.92 85.67 51.95
CA ALA YB 33 63.82 87.08 51.64
C ALA YB 33 65.13 87.59 51.01
N LEU YB 34 66.24 87.13 51.56
CA LEU YB 34 67.55 87.58 51.14
C LEU YB 34 67.95 86.93 49.82
N ASP YB 35 67.02 86.18 49.23
CA ASP YB 35 67.24 85.55 47.93
C ASP YB 35 66.13 85.93 46.98
N GLY YB 36 65.03 86.43 47.54
CA GLY YB 36 63.94 86.96 46.75
C GLY YB 36 64.25 88.39 46.37
N LEU YB 37 64.89 89.09 47.29
CA LEU YB 37 65.32 90.46 47.04
C LEU YB 37 66.42 90.45 45.98
N LYS YB 38 67.46 89.66 46.22
CA LYS YB 38 68.58 89.58 45.30
C LYS YB 38 68.12 89.31 43.86
N ARG YB 39 67.30 88.27 43.70
CA ARG YB 39 66.89 87.83 42.37
C ARG YB 39 65.80 88.72 41.75
N HIS YB 40 65.30 89.64 42.54
CA HIS YB 40 64.33 90.62 42.05
C HIS YB 40 65.07 91.88 41.65
N GLY YB 41 66.39 91.85 41.61
CA GLY YB 41 67.07 93.02 41.16
C GLY YB 41 67.52 93.94 42.29
N VAL YB 42 67.24 93.54 43.53
CA VAL YB 42 67.72 94.36 44.65
C VAL YB 42 69.10 93.85 44.97
N GLU YB 43 69.98 94.79 45.13
CA GLU YB 43 71.39 94.59 45.46
C GLU YB 43 71.65 93.67 46.64
N GLU YB 44 72.56 92.72 46.44
CA GLU YB 44 73.00 91.79 47.47
C GLU YB 44 73.84 92.57 48.50
N ASN YB 45 74.30 93.73 48.12
CA ASN YB 45 75.11 94.54 48.97
C ASN YB 45 74.32 95.70 49.56
N ASP YB 46 73.02 95.78 49.30
CA ASP YB 46 72.21 96.88 49.79
C ASP YB 46 71.13 96.37 50.74
N ILE YB 47 71.45 95.31 51.46
CA ILE YB 47 70.52 94.72 52.41
C ILE YB 47 71.17 94.56 53.78
N ASP YB 48 70.51 95.11 54.80
CA ASP YB 48 71.00 94.98 56.17
C ASP YB 48 70.11 94.06 57.00
N VAL YB 49 70.72 93.20 57.80
CA VAL YB 49 69.99 92.28 58.65
C VAL YB 49 70.27 92.55 60.12
N ALA YB 50 69.19 92.61 60.92
CA ALA YB 50 69.31 92.88 62.34
C ALA YB 50 68.78 91.70 63.17
N TRP YB 51 69.69 91.00 63.83
CA TRP YB 51 69.34 89.86 64.66
C TRP YB 51 68.92 90.29 66.06
N VAL YB 52 67.67 90.02 66.41
CA VAL YB 52 67.17 90.31 67.74
C VAL YB 52 66.99 89.00 68.51
N PRO YB 53 66.95 89.09 69.87
CA PRO YB 53 66.83 87.85 70.65
C PRO YB 53 65.74 86.94 70.02
N GLY YB 54 64.50 87.48 69.99
CA GLY YB 54 63.28 86.84 69.45
C GLY YB 54 62.24 87.90 68.99
N ALA YB 55 61.11 87.41 68.53
CA ALA YB 55 60.03 88.25 68.01
C ALA YB 55 59.67 89.41 68.96
N PHE YB 56 59.47 89.17 70.26
CA PHE YB 56 59.07 90.29 71.08
C PHE YB 56 59.98 91.51 70.92
N GLU YB 57 61.23 91.35 70.59
CA GLU YB 57 62.11 92.49 70.46
C GLU YB 57 62.12 93.10 69.09
N ILE YB 58 61.43 92.47 68.13
CA ILE YB 58 61.38 92.90 66.69
C ILE YB 58 60.67 94.26 66.36
N PRO YB 59 59.73 94.62 67.20
CA PRO YB 59 59.13 95.95 67.08
C PRO YB 59 60.10 97.08 67.41
N LEU YB 60 60.89 96.92 68.47
CA LEU YB 60 61.81 97.97 68.89
C LEU YB 60 62.90 98.23 67.86
N ILE YB 61 63.63 97.19 67.49
CA ILE YB 61 64.74 97.31 66.54
C ILE YB 61 64.25 97.61 65.12
N ALA YB 62 63.08 97.13 64.78
CA ALA YB 62 62.47 97.43 63.49
C ALA YB 62 62.13 98.91 63.39
N LYS YB 63 61.84 99.52 64.54
CA LYS YB 63 61.56 100.94 64.62
C LYS YB 63 62.80 101.77 64.35
N LYS YB 64 63.91 101.39 64.97
CA LYS YB 64 65.16 102.13 64.85
C LYS YB 64 65.83 101.93 63.49
N MET YB 65 65.20 101.13 62.63
CA MET YB 65 65.68 100.95 61.27
C MET YB 65 64.82 101.76 60.29
N ALA YB 66 63.53 101.84 60.58
CA ALA YB 66 62.63 102.68 59.80
C ALA YB 66 62.90 104.14 60.14
N ASN YB 67 63.05 104.43 61.42
CA ASN YB 67 63.42 105.76 61.87
C ASN YB 67 64.83 106.11 61.44
N SER YB 68 65.61 105.09 61.13
CA SER YB 68 66.96 105.27 60.62
C SER YB 68 66.93 106.02 59.29
N GLY YB 69 65.78 106.00 58.63
CA GLY YB 69 65.61 106.67 57.35
C GLY YB 69 66.66 106.27 56.33
N LYS YB 70 66.91 104.97 56.22
CA LYS YB 70 67.93 104.47 55.31
C LYS YB 70 67.35 103.40 54.39
N TYR YB 71 66.13 102.97 54.68
CA TYR YB 71 65.51 101.89 53.92
C TYR YB 71 64.15 102.29 53.36
N ASP YB 72 63.85 101.83 52.15
CA ASP YB 72 62.55 102.09 51.53
C ASP YB 72 61.48 101.24 52.21
N ALA YB 73 61.90 100.10 52.73
CA ALA YB 73 60.99 99.20 53.42
C ALA YB 73 61.77 98.29 54.36
N VAL YB 74 61.13 97.86 55.44
CA VAL YB 74 61.75 96.96 56.40
C VAL YB 74 60.96 95.67 56.52
N ILE YB 75 61.67 94.55 56.40
CA ILE YB 75 61.05 93.22 56.50
C ILE YB 75 61.32 92.62 57.88
N THR YB 76 60.26 92.13 58.53
CA THR YB 76 60.40 91.51 59.85
C THR YB 76 60.21 90.00 59.77
N LEU YB 77 61.29 89.27 60.03
CA LEU YB 77 61.26 87.81 60.00
C LEU YB 77 61.40 87.21 61.39
N GLY YB 78 60.63 86.16 61.65
CA GLY YB 78 60.68 85.49 62.93
C GLY YB 78 59.80 84.26 62.95
N THR YB 79 59.87 83.49 64.03
CA THR YB 79 59.02 82.31 64.16
C THR YB 79 58.63 82.07 65.62
N VAL YB 80 57.33 81.87 65.85
CA VAL YB 80 56.80 81.61 67.18
C VAL YB 80 55.89 80.39 67.13
N ILE YB 81 56.14 79.42 68.01
CA ILE YB 81 55.36 78.19 68.00
C ILE YB 81 54.69 77.93 69.34
N ARG YB 82 53.45 77.44 69.28
CA ARG YB 82 52.65 77.11 70.47
C ARG YB 82 53.46 76.38 71.55
N GLY YB 83 53.22 76.76 72.79
CA GLY YB 83 53.82 76.08 73.93
C GLY YB 83 52.72 75.43 74.74
N ALA YB 84 52.95 75.30 76.04
CA ALA YB 84 51.95 74.76 76.96
C ALA YB 84 51.19 75.91 77.63
N THR YB 85 51.76 77.11 77.57
CA THR YB 85 51.16 78.27 78.22
C THR YB 85 50.66 79.28 77.19
N THR YB 86 49.87 80.24 77.67
CA THR YB 86 49.33 81.30 76.81
C THR YB 86 50.40 82.34 76.50
N HIS YB 87 51.63 82.06 76.92
CA HIS YB 87 52.75 82.94 76.66
C HIS YB 87 52.88 83.19 75.15
N TYR YB 88 52.58 82.15 74.38
CA TYR YB 88 52.65 82.22 72.93
C TYR YB 88 51.74 83.29 72.35
N ASP YB 89 50.59 83.49 72.97
CA ASP YB 89 49.58 84.43 72.46
C ASP YB 89 50.02 85.87 72.59
N TYR YB 90 50.50 86.24 73.78
CA TYR YB 90 50.91 87.62 74.05
C TYR YB 90 52.11 88.02 73.20
N VAL YB 91 52.97 87.05 72.90
CA VAL YB 91 54.12 87.28 72.04
C VAL YB 91 53.66 87.57 70.61
N CYS YB 92 52.97 86.61 70.02
CA CYS YB 92 52.44 86.76 68.66
C CYS YB 92 51.69 88.08 68.52
N ASN YB 93 50.79 88.33 69.45
CA ASN YB 93 49.99 89.55 69.43
C ASN YB 93 50.86 90.80 69.35
N GLU YB 94 51.74 90.98 70.33
CA GLU YB 94 52.55 92.18 70.42
C GLU YB 94 53.51 92.35 69.24
N VAL YB 95 53.98 91.25 68.68
CA VAL YB 95 54.81 91.30 67.48
C VAL YB 95 53.97 91.81 66.30
N ALA YB 96 52.87 91.11 66.02
CA ALA YB 96 51.94 91.54 64.99
C ALA YB 96 51.07 92.70 65.47
N LYS YB 97 51.64 93.54 66.33
CA LYS YB 97 50.93 94.70 66.86
C LYS YB 97 51.80 95.94 66.83
N GLY YB 98 53.05 95.79 67.28
CA GLY YB 98 54.07 96.78 67.02
C GLY YB 98 54.47 96.85 65.56
N VAL YB 99 55.01 95.74 65.06
CA VAL YB 99 55.30 95.61 63.63
C VAL YB 99 54.10 96.02 62.79
N ALA YB 100 52.91 95.92 63.37
CA ALA YB 100 51.75 95.36 62.69
C ALA YB 100 50.95 96.44 61.98
N SER YB 101 50.43 97.39 62.76
CA SER YB 101 50.01 98.69 62.22
C SER YB 101 50.56 99.84 63.06
N LEU YB 102 50.98 99.52 64.28
CA LEU YB 102 51.75 100.47 65.09
C LEU YB 102 52.72 101.27 64.23
N SER YB 103 53.44 100.57 63.35
CA SER YB 103 54.49 101.20 62.55
C SER YB 103 53.92 101.89 61.34
N LEU YB 104 52.89 102.72 61.56
CA LEU YB 104 52.33 103.53 60.51
C LEU YB 104 52.88 104.89 60.76
N GLN YB 105 53.31 105.09 61.99
CA GLN YB 105 53.81 106.36 62.38
C GLN YB 105 54.93 106.90 61.50
N THR YB 106 55.80 106.00 61.03
CA THR YB 106 57.00 106.34 60.22
C THR YB 106 56.70 106.62 58.75
N ASP YB 107 55.69 105.94 58.32
CA ASP YB 107 55.32 105.99 56.96
C ASP YB 107 56.43 105.36 56.13
N ILE YB 108 57.07 104.33 56.66
CA ILE YB 108 58.02 103.55 55.90
C ILE YB 108 57.39 102.18 55.84
N PRO YB 109 57.38 101.55 54.66
CA PRO YB 109 56.71 100.22 54.62
C PRO YB 109 57.26 99.18 55.57
N VAL YB 110 56.44 98.60 56.48
CA VAL YB 110 57.00 97.56 57.32
C VAL YB 110 56.21 96.27 57.10
N ILE YB 111 56.83 95.31 56.44
CA ILE YB 111 56.18 94.05 56.12
C ILE YB 111 56.27 93.08 57.30
N PHE YB 112 55.11 92.58 57.72
CA PHE YB 112 55.05 91.60 58.81
C PHE YB 112 55.22 90.19 58.26
N GLY YB 113 56.42 89.63 58.46
CA GLY YB 113 56.70 88.29 58.01
C GLY YB 113 57.14 87.39 59.14
N VAL YB 114 56.35 87.37 60.21
CA VAL YB 114 56.65 86.55 61.37
C VAL YB 114 55.71 85.35 61.41
N LEU YB 115 56.30 84.16 61.29
CA LEU YB 115 55.53 82.92 61.35
C LEU YB 115 54.94 82.71 62.73
N THR YB 116 53.64 82.46 62.77
CA THR YB 116 52.95 82.20 64.02
C THR YB 116 52.11 80.93 63.88
N THR YB 117 52.71 79.80 64.26
CA THR YB 117 52.12 78.49 63.96
C THR YB 117 51.77 77.69 65.19
N GLU YB 118 51.40 76.42 64.97
CA GLU YB 118 51.01 75.51 66.03
C GLU YB 118 52.01 74.38 66.16
N THR YB 119 52.54 73.94 65.02
CA THR YB 119 53.45 72.80 64.99
C THR YB 119 54.81 73.22 64.47
N ILE YB 120 55.84 72.52 64.93
CA ILE YB 120 57.18 72.67 64.36
C ILE YB 120 57.10 72.24 62.90
N GLU YB 121 56.16 71.34 62.61
CA GLU YB 121 55.96 70.85 61.26
C GLU YB 121 55.22 71.86 60.40
N GLN YB 122 54.42 72.72 61.03
CA GLN YB 122 53.70 73.76 60.30
C GLN YB 122 54.63 74.91 59.93
N ALA YB 123 55.45 75.33 60.87
CA ALA YB 123 56.44 76.36 60.62
C ALA YB 123 57.38 75.90 59.53
N ILE YB 124 57.71 74.61 59.54
CA ILE YB 124 58.62 74.04 58.55
C ILE YB 124 57.96 73.94 57.18
N GLU YB 125 56.63 74.08 57.16
CA GLU YB 125 55.87 74.08 55.91
C GLU YB 125 56.01 75.41 55.20
N ARG YB 126 56.05 76.50 55.98
CA ARG YB 126 56.14 77.84 55.41
C ARG YB 126 57.59 78.32 55.35
N ALA YB 127 58.51 77.51 55.86
CA ALA YB 127 59.91 77.88 55.87
C ALA YB 127 60.64 77.48 54.59
N GLY YB 128 59.88 77.23 53.55
CA GLY YB 128 60.46 76.81 52.33
C GLY YB 128 60.06 75.37 52.05
N THR YB 129 58.76 75.03 52.22
CA THR YB 129 58.31 73.68 51.88
C THR YB 129 56.95 73.79 51.26
N LYS YB 130 56.09 72.86 51.53
CA LYS YB 130 54.75 72.82 50.93
C LYS YB 130 54.09 74.20 50.69
N ALA YB 131 53.97 75.04 51.70
CA ALA YB 131 53.29 76.30 51.47
C ALA YB 131 54.21 77.36 50.81
N GLY YB 132 55.51 77.04 50.64
CA GLY YB 132 56.49 77.98 50.04
C GLY YB 132 57.29 78.71 51.14
N ASN YB 133 58.22 79.59 50.78
CA ASN YB 133 58.97 80.34 51.78
C ASN YB 133 58.34 81.70 52.04
N LYS YB 134 57.80 81.88 53.24
CA LYS YB 134 57.11 83.12 53.60
C LYS YB 134 58.06 84.30 53.76
N GLY YB 135 59.35 84.02 53.71
CA GLY YB 135 60.35 85.08 53.71
C GLY YB 135 60.48 85.67 52.32
N TYR YB 136 60.49 84.80 51.32
CA TYR YB 136 60.52 85.21 49.93
C TYR YB 136 59.29 86.07 49.62
N GLU YB 137 58.13 85.61 50.08
CA GLU YB 137 56.89 86.30 49.81
C GLU YB 137 56.82 87.65 50.53
N SER YB 138 57.47 87.74 51.68
CA SER YB 138 57.46 88.96 52.47
C SER YB 138 58.46 89.98 51.91
N ALA YB 139 59.32 89.52 51.01
CA ALA YB 139 60.27 90.39 50.33
C ALA YB 139 59.61 90.98 49.09
N VAL YB 140 58.86 90.14 48.37
CA VAL YB 140 58.10 90.58 47.22
C VAL YB 140 57.11 91.66 47.64
N ALA YB 141 56.56 91.51 48.84
CA ALA YB 141 55.64 92.49 49.41
C ALA YB 141 56.36 93.79 49.74
N ALA YB 142 57.63 93.67 50.16
CA ALA YB 142 58.43 94.83 50.51
C ALA YB 142 58.73 95.68 49.28
N ILE YB 143 59.16 95.04 48.21
CA ILE YB 143 59.45 95.73 46.96
C ILE YB 143 58.21 96.46 46.46
N GLU YB 144 57.08 95.75 46.47
CA GLU YB 144 55.83 96.33 46.00
C GLU YB 144 55.42 97.53 46.84
N MET YB 145 55.41 97.35 48.16
CA MET YB 145 55.06 98.44 49.05
C MET YB 145 55.96 99.64 48.83
N ALA YB 146 57.26 99.39 48.70
CA ALA YB 146 58.22 100.45 48.45
C ALA YB 146 57.82 101.26 47.22
N HIS YB 147 57.51 100.55 46.14
CA HIS YB 147 57.12 101.19 44.89
C HIS YB 147 55.68 101.72 44.95
N LEU YB 148 55.31 102.32 46.06
CA LEU YB 148 54.03 102.98 46.22
C LEU YB 148 54.29 104.32 46.89
N SER YB 149 54.27 105.38 46.05
CA SER YB 149 54.66 106.74 46.47
C SER YB 149 53.69 107.92 46.32
N LYS YB 150 53.12 108.16 47.48
CA LYS YB 150 52.31 109.25 47.83
C LYS YB 150 53.08 109.59 49.15
N HIS YB 151 53.21 110.87 49.50
CA HIS YB 151 53.90 111.27 50.71
C HIS YB 151 53.08 112.28 51.42
N TRP YB 152 53.03 112.14 52.71
CA TRP YB 152 52.23 113.11 53.43
C TRP YB 152 53.05 114.34 53.73
N ALA YB 153 52.42 115.48 53.46
CA ALA YB 153 53.05 116.78 53.69
C ALA YB 153 52.03 117.91 53.52
N VAL ZB 2 18.12 115.84 64.62
CA VAL ZB 2 18.20 114.59 63.86
C VAL ZB 2 19.12 114.73 62.65
N PHE ZB 3 20.02 113.76 62.46
CA PHE ZB 3 21.06 113.86 61.43
C PHE ZB 3 21.25 112.57 60.62
N GLU ZB 4 20.35 112.32 59.69
CA GLU ZB 4 20.49 111.16 58.80
C GLU ZB 4 21.54 111.43 57.74
N GLY ZB 5 21.99 110.37 57.05
CA GLY ZB 5 23.00 110.50 56.02
C GLY ZB 5 22.47 110.27 54.62
N HIS ZB 6 22.76 111.22 53.74
CA HIS ZB 6 22.33 111.15 52.34
C HIS ZB 6 22.83 109.87 51.69
N LEU ZB 7 22.20 109.48 50.58
CA LEU ZB 7 22.60 108.24 49.90
C LEU ZB 7 22.89 108.42 48.41
N VAL ZB 8 22.55 109.58 47.88
CA VAL ZB 8 22.88 109.90 46.50
C VAL ZB 8 24.21 110.65 46.46
N GLY ZB 9 25.24 110.00 45.96
CA GLY ZB 9 26.58 110.58 45.95
C GLY ZB 9 27.02 111.04 44.58
N THR ZB 10 26.29 111.98 44.00
CA THR ZB 10 26.63 112.51 42.68
C THR ZB 10 28.02 113.12 42.68
N GLY ZB 11 28.22 114.17 43.46
CA GLY ZB 11 29.48 114.87 43.50
C GLY ZB 11 30.44 114.38 44.57
N LEU ZB 12 30.85 113.12 44.46
CA LEU ZB 12 31.73 112.54 45.47
C LEU ZB 12 33.03 112.02 44.85
N LYS ZB 13 34.11 112.11 45.62
CA LYS ZB 13 35.37 111.50 45.27
C LYS ZB 13 35.65 110.36 46.25
N VAL ZB 14 35.74 109.14 45.74
CA VAL ZB 14 35.99 107.99 46.61
C VAL ZB 14 37.34 107.36 46.30
N GLY ZB 15 37.94 106.76 47.32
CA GLY ZB 15 39.21 106.06 47.15
C GLY ZB 15 39.11 104.66 47.71
N VAL ZB 16 39.58 103.68 46.95
CA VAL ZB 16 39.48 102.28 47.36
C VAL ZB 16 40.85 101.62 47.50
N VAL ZB 17 41.03 100.83 48.56
CA VAL ZB 17 42.26 100.08 48.76
C VAL ZB 17 41.94 98.59 48.85
N VAL ZB 18 42.33 97.85 47.82
CA VAL ZB 18 42.02 96.43 47.74
C VAL ZB 18 43.25 95.55 47.90
N GLY ZB 19 43.07 94.41 48.58
CA GLY ZB 19 44.16 93.48 48.78
C GLY ZB 19 44.26 92.45 47.69
N ARG ZB 20 45.49 92.22 47.20
CA ARG ZB 20 45.72 91.30 46.09
C ARG ZB 20 45.52 89.85 46.50
N PHE ZB 21 45.90 89.53 47.73
CA PHE ZB 21 45.73 88.17 48.24
C PHE ZB 21 44.25 87.80 48.23
N ASN ZB 22 43.96 86.55 47.88
CA ASN ZB 22 42.58 86.12 47.68
C ASN ZB 22 41.92 86.93 46.59
N GLU ZB 23 42.68 87.24 45.56
CA GLU ZB 23 42.21 88.04 44.43
C GLU ZB 23 40.93 87.45 43.84
N PHE ZB 24 40.83 86.12 43.89
CA PHE ZB 24 39.66 85.41 43.39
C PHE ZB 24 38.38 85.95 44.00
N ILE ZB 25 38.47 86.40 45.25
CA ILE ZB 25 37.32 86.95 45.96
C ILE ZB 25 37.30 88.47 45.93
N THR ZB 26 38.44 89.08 46.29
CA THR ZB 26 38.54 90.53 46.34
C THR ZB 26 38.25 91.16 44.98
N SER ZB 27 38.44 90.40 43.92
CA SER ZB 27 38.13 90.88 42.57
C SER ZB 27 36.65 91.25 42.47
N LYS ZB 28 35.78 90.25 42.60
CA LYS ZB 28 34.35 90.49 42.56
C LYS ZB 28 33.92 91.41 43.69
N LEU ZB 29 34.75 91.48 44.74
CA LEU ZB 29 34.46 92.33 45.89
C LEU ZB 29 34.64 93.78 45.52
N LEU ZB 30 35.62 94.04 44.66
CA LEU ZB 30 35.86 95.37 44.12
C LEU ZB 30 34.75 95.74 43.15
N GLY ZB 31 34.05 94.72 42.66
CA GLY ZB 31 32.89 94.93 41.82
C GLY ZB 31 31.81 95.69 42.58
N GLY ZB 32 32.08 95.95 43.86
CA GLY ZB 32 31.20 96.74 44.69
C GLY ZB 32 31.47 98.22 44.48
N ALA ZB 33 32.71 98.54 44.14
CA ALA ZB 33 33.06 99.91 43.75
C ALA ZB 33 32.26 100.29 42.52
N LEU ZB 34 32.65 99.76 41.38
CA LEU ZB 34 31.86 99.93 40.16
C LEU ZB 34 30.53 99.21 40.36
N ASP ZB 35 29.55 99.50 39.48
CA ASP ZB 35 28.21 98.96 39.64
C ASP ZB 35 27.71 99.16 41.07
N GLY ZB 36 28.33 100.11 41.77
CA GLY ZB 36 27.98 100.39 43.16
C GLY ZB 36 28.01 101.88 43.42
N LEU ZB 37 29.21 102.46 43.36
CA LEU ZB 37 29.36 103.90 43.45
C LEU ZB 37 28.83 104.53 42.17
N LYS ZB 38 29.00 103.81 41.06
CA LYS ZB 38 28.53 104.27 39.76
C LYS ZB 38 27.03 104.59 39.78
N ARG ZB 39 26.22 103.59 40.09
CA ARG ZB 39 24.77 103.72 40.05
C ARG ZB 39 24.22 104.65 41.12
N HIS ZB 40 25.05 105.00 42.09
CA HIS ZB 40 24.62 105.92 43.14
C HIS ZB 40 24.97 107.37 42.84
N GLY ZB 41 25.56 107.62 41.68
CA GLY ZB 41 25.84 108.96 41.23
C GLY ZB 41 27.31 109.27 40.98
N VAL ZB 42 28.20 108.60 41.70
CA VAL ZB 42 29.63 108.87 41.61
C VAL ZB 42 30.14 108.75 40.16
N GLU ZB 43 31.04 109.65 39.76
CA GLU ZB 43 31.55 109.69 38.39
C GLU ZB 43 32.53 108.56 38.05
N GLU ZB 44 32.28 107.91 36.87
CA GLU ZB 44 33.05 106.80 36.32
C GLU ZB 44 34.51 107.17 36.28
N ASN ZB 45 35.27 106.29 36.93
CA ASN ZB 45 36.68 106.41 37.23
C ASN ZB 45 36.95 107.88 37.58
N ASP ZB 46 36.42 108.22 38.78
CA ASP ZB 46 36.58 109.47 39.53
C ASP ZB 46 36.83 108.92 40.89
N ILE ZB 47 37.11 107.66 40.80
CA ILE ZB 47 37.38 106.83 41.93
C ILE ZB 47 38.72 106.14 41.69
N ASP ZB 48 39.59 106.17 42.69
CA ASP ZB 48 40.91 105.54 42.56
C ASP ZB 48 41.01 104.24 43.34
N VAL ZB 49 41.70 103.26 42.75
CA VAL ZB 49 41.88 101.96 43.38
C VAL ZB 49 43.34 101.68 43.67
N ALA ZB 50 43.63 101.31 44.92
CA ALA ZB 50 45.00 101.02 45.33
C ALA ZB 50 45.16 99.54 45.68
N TRP ZB 51 45.99 98.85 44.92
CA TRP ZB 51 46.25 97.44 45.16
C TRP ZB 51 47.43 97.24 46.10
N VAL ZB 52 47.16 96.59 47.24
CA VAL ZB 52 48.21 96.28 48.20
C VAL ZB 52 48.33 94.77 48.35
N PRO ZB 53 49.57 94.31 48.61
CA PRO ZB 53 49.88 92.88 48.73
C PRO ZB 53 48.86 92.10 49.56
N GLY ZB 54 48.93 92.24 50.88
CA GLY ZB 54 48.02 91.54 51.76
C GLY ZB 54 47.06 92.47 52.47
N ALA ZB 55 46.01 91.89 53.06
CA ALA ZB 55 45.04 92.66 53.82
C ALA ZB 55 45.74 93.42 54.93
N PHE ZB 56 46.91 92.93 55.31
CA PHE ZB 56 47.71 93.52 56.38
C PHE ZB 56 48.29 94.87 55.97
N GLU ZB 57 48.50 95.06 54.67
CA GLU ZB 57 49.11 96.27 54.15
C GLU ZB 57 48.08 97.35 53.86
N ILE ZB 58 46.81 96.99 53.99
CA ILE ZB 58 45.72 97.93 53.72
C ILE ZB 58 45.77 99.19 54.56
N PRO ZB 59 45.86 99.03 55.90
CA PRO ZB 59 45.86 100.19 56.80
C PRO ZB 59 46.85 101.28 56.39
N LEU ZB 60 48.07 100.89 56.05
CA LEU ZB 60 49.11 101.85 55.68
C LEU ZB 60 48.71 102.70 54.47
N ILE ZB 61 48.32 102.04 53.39
CA ILE ZB 61 47.99 102.72 52.14
C ILE ZB 61 46.61 103.36 52.19
N ALA ZB 62 45.70 102.80 52.99
CA ALA ZB 62 44.40 103.41 53.20
C ALA ZB 62 44.62 104.77 53.85
N LYS ZB 63 45.69 104.89 54.62
CA LYS ZB 63 46.07 106.16 55.23
C LYS ZB 63 46.60 107.13 54.18
N LYS ZB 64 47.71 106.77 53.53
CA LYS ZB 64 48.36 107.64 52.56
C LYS ZB 64 47.49 107.96 51.34
N MET ZB 65 46.19 107.72 51.47
CA MET ZB 65 45.22 108.15 50.48
C MET ZB 65 44.29 109.17 51.10
N ALA ZB 66 43.61 108.77 52.15
CA ALA ZB 66 42.73 109.66 52.89
C ALA ZB 66 43.52 110.69 53.69
N ASN ZB 67 44.80 110.40 53.89
CA ASN ZB 67 45.65 111.25 54.72
C ASN ZB 67 45.61 112.70 54.28
N SER ZB 68 45.74 112.92 52.98
CA SER ZB 68 45.60 114.26 52.43
C SER ZB 68 44.44 114.30 51.44
N GLY ZB 69 43.58 115.31 51.59
CA GLY ZB 69 42.36 115.43 50.81
C GLY ZB 69 42.48 115.08 49.34
N LYS ZB 70 41.94 113.93 48.97
CA LYS ZB 70 41.84 113.51 47.59
C LYS ZB 70 40.43 112.96 47.39
N TYR ZB 71 39.88 112.43 48.47
CA TYR ZB 71 38.58 111.78 48.44
C TYR ZB 71 37.73 112.19 49.65
N ASP ZB 72 36.42 112.08 49.52
CA ASP ZB 72 35.49 112.39 50.60
C ASP ZB 72 35.33 111.19 51.52
N ALA ZB 73 35.75 110.03 51.04
CA ALA ZB 73 35.68 108.80 51.82
C ALA ZB 73 36.52 107.72 51.17
N VAL ZB 74 37.16 106.88 51.99
CA VAL ZB 74 37.98 105.79 51.49
C VAL ZB 74 37.42 104.43 51.87
N ILE ZB 75 37.33 103.53 50.89
CA ILE ZB 75 36.82 102.19 51.12
C ILE ZB 75 37.96 101.18 51.13
N THR ZB 76 37.95 100.28 52.11
CA THR ZB 76 38.95 99.22 52.18
C THR ZB 76 38.35 97.86 51.87
N LEU ZB 77 38.88 97.23 50.82
CA LEU ZB 77 38.41 95.90 50.41
C LEU ZB 77 39.54 94.87 50.51
N GLY ZB 78 39.16 93.65 50.87
CA GLY ZB 78 40.12 92.56 50.98
C GLY ZB 78 39.44 91.31 51.49
N THR ZB 79 40.18 90.21 51.55
CA THR ZB 79 39.64 88.96 52.07
C THR ZB 79 40.68 88.19 52.86
N VAL ZB 80 40.23 87.57 53.95
CA VAL ZB 80 41.10 86.76 54.79
C VAL ZB 80 40.38 85.48 55.21
N ILE ZB 81 41.01 84.34 54.95
CA ILE ZB 81 40.38 83.06 55.24
C ILE ZB 81 41.22 82.23 56.23
N ARG ZB 82 40.52 81.57 57.16
CA ARG ZB 82 41.16 80.75 58.17
C ARG ZB 82 42.18 79.77 57.62
N GLY ZB 83 43.33 79.70 58.28
CA GLY ZB 83 44.35 78.73 57.94
C GLY ZB 83 44.51 77.73 59.08
N ALA ZB 84 45.64 77.02 59.09
CA ALA ZB 84 45.91 76.07 60.16
C ALA ZB 84 46.49 76.79 61.37
N THR ZB 85 47.14 77.92 61.11
CA THR ZB 85 47.78 78.68 62.17
C THR ZB 85 46.90 79.83 62.65
N THR ZB 86 47.26 80.42 63.78
CA THR ZB 86 46.53 81.55 64.33
C THR ZB 86 46.91 82.85 63.61
N HIS ZB 87 47.70 82.71 62.55
CA HIS ZB 87 48.10 83.85 61.73
C HIS ZB 87 46.88 84.61 61.22
N TYR ZB 88 45.82 83.86 60.91
CA TYR ZB 88 44.57 84.44 60.41
C TYR ZB 88 44.03 85.50 61.37
N ASP ZB 89 44.23 85.29 62.66
CA ASP ZB 89 43.67 86.17 63.67
C ASP ZB 89 44.40 87.51 63.75
N TYR ZB 90 45.73 87.45 63.82
CA TYR ZB 90 46.54 88.66 63.97
C TYR ZB 90 46.41 89.58 62.75
N VAL ZB 91 46.13 88.98 61.59
CA VAL ZB 91 45.92 89.76 60.38
C VAL ZB 91 44.56 90.47 60.44
N CYS ZB 92 43.49 89.68 60.53
CA CYS ZB 92 42.13 90.22 60.64
C CYS ZB 92 42.07 91.35 61.67
N ASN ZB 93 42.50 91.03 62.89
CA ASN ZB 93 42.50 92.00 63.97
C ASN ZB 93 43.11 93.33 63.57
N GLU ZB 94 44.38 93.30 63.16
CA GLU ZB 94 45.13 94.51 62.88
C GLU ZB 94 44.58 95.29 61.68
N VAL ZB 95 43.95 94.58 60.75
CA VAL ZB 95 43.30 95.24 59.62
C VAL ZB 95 42.14 96.08 60.15
N ALA ZB 96 41.23 95.43 60.85
CA ALA ZB 96 40.09 96.11 61.45
C ALA ZB 96 40.58 97.15 62.44
N LYS ZB 97 41.61 96.79 63.20
CA LYS ZB 97 42.19 97.68 64.18
C LYS ZB 97 42.73 98.94 63.51
N GLY ZB 98 43.47 98.75 62.42
CA GLY ZB 98 44.04 99.86 61.68
C GLY ZB 98 42.99 100.73 61.03
N VAL ZB 99 42.18 100.13 60.18
CA VAL ZB 99 41.13 100.86 59.46
C VAL ZB 99 40.20 101.64 60.39
N ALA ZB 100 39.90 101.07 61.55
CA ALA ZB 100 39.03 101.72 62.54
C ALA ZB 100 39.76 102.79 63.32
N SER ZB 101 40.78 102.38 64.07
CA SER ZB 101 41.56 103.29 64.90
C SER ZB 101 42.09 104.48 64.10
N LEU ZB 102 42.61 104.20 62.91
CA LEU ZB 102 43.12 105.25 62.05
C LEU ZB 102 42.08 105.72 61.03
N SER ZB 103 40.86 105.89 61.51
CA SER ZB 103 39.77 106.52 60.75
C SER ZB 103 39.23 107.66 61.60
N LEU ZB 104 39.74 107.75 62.82
CA LEU ZB 104 39.38 108.82 63.74
C LEU ZB 104 40.43 109.92 63.70
N GLN ZB 105 41.68 109.50 63.50
CA GLN ZB 105 42.79 110.45 63.46
C GLN ZB 105 42.68 111.36 62.24
N THR ZB 106 42.23 110.80 61.12
CA THR ZB 106 42.02 111.57 59.91
C THR ZB 106 40.71 112.30 60.01
N ASP ZB 107 39.67 111.60 60.42
CA ASP ZB 107 38.38 112.26 60.47
C ASP ZB 107 37.71 112.14 59.13
N ILE ZB 108 38.38 111.51 58.17
CA ILE ZB 108 37.78 111.28 56.87
C ILE ZB 108 37.27 109.86 56.89
N PRO ZB 109 36.01 109.77 56.51
CA PRO ZB 109 35.33 108.47 56.56
C PRO ZB 109 36.08 107.28 55.96
N VAL ZB 110 36.46 106.29 56.75
CA VAL ZB 110 37.12 105.12 56.18
C VAL ZB 110 36.29 103.87 56.49
N ILE ZB 111 35.58 103.39 55.47
CA ILE ZB 111 34.69 102.24 55.61
C ILE ZB 111 35.47 100.93 55.60
N PHE ZB 112 35.20 100.08 56.59
CA PHE ZB 112 35.87 98.80 56.70
C PHE ZB 112 35.12 97.70 55.96
N GLY ZB 113 35.67 97.27 54.84
CA GLY ZB 113 35.04 96.23 54.03
C GLY ZB 113 35.97 95.08 53.74
N VAL ZB 114 36.49 94.46 54.79
CA VAL ZB 114 37.38 93.31 54.66
C VAL ZB 114 36.70 92.03 55.13
N LEU ZB 115 36.53 91.09 54.21
CA LEU ZB 115 35.90 89.81 54.53
C LEU ZB 115 36.78 88.98 55.44
N THR ZB 116 36.17 88.46 56.51
CA THR ZB 116 36.88 87.62 57.44
C THR ZB 116 36.10 86.33 57.65
N THR ZB 117 36.40 85.34 56.83
CA THR ZB 117 35.62 84.11 56.81
C THR ZB 117 36.38 82.86 57.24
N GLU ZB 118 35.65 81.75 57.35
CA GLU ZB 118 36.23 80.48 57.73
C GLU ZB 118 36.41 79.59 56.50
N THR ZB 119 35.47 79.73 55.55
CA THR ZB 119 35.48 78.92 54.33
C THR ZB 119 35.68 79.79 53.09
N ILE ZB 120 36.25 79.19 52.06
CA ILE ZB 120 36.30 79.83 50.76
C ILE ZB 120 34.88 79.98 50.27
N GLU ZB 121 34.01 79.08 50.73
CA GLU ZB 121 32.60 79.10 50.34
C GLU ZB 121 31.85 80.24 51.04
N GLN ZB 122 32.40 80.70 52.17
CA GLN ZB 122 31.80 81.81 52.89
C GLN ZB 122 32.20 83.15 52.29
N ALA ZB 123 33.40 83.18 51.71
CA ALA ZB 123 33.86 84.36 51.00
C ALA ZB 123 33.02 84.57 49.75
N ILE ZB 124 32.83 83.50 48.98
CA ILE ZB 124 31.97 83.52 47.83
C ILE ZB 124 30.55 83.85 48.25
N GLU ZB 125 30.18 83.36 49.41
CA GLU ZB 125 28.85 83.59 49.95
C GLU ZB 125 28.60 85.09 50.11
N ARG ZB 126 29.64 85.84 50.39
CA ARG ZB 126 29.54 87.27 50.64
C ARG ZB 126 30.22 88.15 49.60
N ALA ZB 127 30.52 87.56 48.44
CA ALA ZB 127 31.17 88.31 47.36
C ALA ZB 127 30.26 88.41 46.15
N GLY ZB 128 28.98 88.44 46.36
CA GLY ZB 128 28.15 88.45 45.20
C GLY ZB 128 27.32 87.20 45.32
N THR ZB 129 27.39 86.46 46.42
CA THR ZB 129 26.44 85.36 46.46
C THR ZB 129 25.33 85.66 47.51
N LYS ZB 130 24.59 84.62 47.86
CA LYS ZB 130 23.43 84.56 48.83
C LYS ZB 130 23.31 85.75 49.75
N ALA ZB 131 24.43 86.23 50.30
CA ALA ZB 131 24.35 87.37 51.23
C ALA ZB 131 24.49 88.70 50.50
N GLY ZB 132 24.74 88.63 49.18
CA GLY ZB 132 24.98 89.81 48.35
C GLY ZB 132 26.48 90.11 48.28
N ASN ZB 133 26.82 91.30 47.80
CA ASN ZB 133 28.22 91.71 47.66
C ASN ZB 133 28.62 92.74 48.71
N LYS ZB 134 29.45 92.31 49.66
CA LYS ZB 134 29.82 93.18 50.78
C LYS ZB 134 30.75 94.31 50.34
N GLY ZB 135 30.98 94.40 49.03
CA GLY ZB 135 31.74 95.49 48.47
C GLY ZB 135 30.79 96.60 48.04
N TYR ZB 136 29.69 96.20 47.41
CA TYR ZB 136 28.65 97.12 47.01
C TYR ZB 136 28.00 97.75 48.24
N GLU ZB 137 28.01 97.01 49.35
CA GLU ZB 137 27.37 97.47 50.58
C GLU ZB 137 28.28 98.47 51.31
N SER ZB 138 29.58 98.25 51.21
CA SER ZB 138 30.54 99.14 51.84
C SER ZB 138 30.69 100.43 51.05
N ALA ZB 139 30.16 100.43 49.83
CA ALA ZB 139 30.16 101.63 48.99
C ALA ZB 139 29.00 102.53 49.39
N VAL ZB 140 27.83 101.92 49.57
CA VAL ZB 140 26.67 102.65 50.07
C VAL ZB 140 27.01 103.32 51.39
N ALA ZB 141 27.70 102.59 52.26
CA ALA ZB 141 28.12 103.12 53.55
C ALA ZB 141 29.06 104.30 53.37
N ALA ZB 142 29.97 104.17 52.41
CA ALA ZB 142 30.94 105.23 52.14
C ALA ZB 142 30.26 106.53 51.73
N ILE ZB 143 29.27 106.43 50.87
CA ILE ZB 143 28.54 107.61 50.41
C ILE ZB 143 27.79 108.25 51.56
N GLU ZB 144 27.08 107.43 52.34
CA GLU ZB 144 26.30 107.93 53.47
C GLU ZB 144 27.18 108.61 54.50
N MET ZB 145 28.32 108.00 54.81
CA MET ZB 145 29.26 108.56 55.77
C MET ZB 145 29.87 109.86 55.27
N ALA ZB 146 30.13 109.92 53.96
CA ALA ZB 146 30.64 111.13 53.35
C ALA ZB 146 29.67 112.28 53.55
N HIS ZB 147 28.40 112.01 53.30
CA HIS ZB 147 27.35 113.02 53.45
C HIS ZB 147 27.01 113.31 54.91
N LEU ZB 148 27.77 112.73 55.83
CA LEU ZB 148 27.55 113.00 57.25
C LEU ZB 148 28.64 113.88 57.84
N SER ZB 149 29.66 114.20 57.06
CA SER ZB 149 30.59 115.25 57.42
C SER ZB 149 29.78 116.55 57.38
N LYS ZB 150 29.19 116.88 58.53
CA LYS ZB 150 28.07 117.79 58.57
C LYS ZB 150 28.18 118.64 59.83
N HIS ZB 151 28.81 118.08 60.85
CA HIS ZB 151 28.88 118.71 62.16
C HIS ZB 151 27.48 118.95 62.69
N TRP ZB 152 27.35 119.72 63.78
CA TRP ZB 152 26.09 119.73 64.53
C TRP ZB 152 25.61 121.11 65.00
N ALA ZB 153 24.30 121.24 65.17
CA ALA ZB 153 23.68 122.49 65.61
C ALA ZB 153 22.58 122.23 66.62
N VAL AC 2 33.29 111.86 99.07
CA VAL AC 2 32.17 111.24 98.36
C VAL AC 2 31.74 112.03 97.13
N PHE AC 3 31.46 111.32 96.04
CA PHE AC 3 31.09 111.95 94.78
C PHE AC 3 30.02 111.16 94.00
N GLU AC 4 28.78 111.22 94.47
CA GLU AC 4 27.68 110.53 93.78
C GLU AC 4 27.15 111.39 92.64
N GLY AC 5 26.51 110.75 91.67
CA GLY AC 5 26.00 111.43 90.49
C GLY AC 5 24.49 111.64 90.52
N HIS AC 6 24.06 112.87 90.28
CA HIS AC 6 22.64 113.21 90.24
C HIS AC 6 21.93 112.37 89.18
N LEU AC 7 20.61 112.32 89.23
CA LEU AC 7 19.86 111.52 88.26
C LEU AC 7 18.69 112.27 87.63
N VAL AC 8 18.53 113.54 87.99
CA VAL AC 8 17.52 114.38 87.37
C VAL AC 8 18.17 115.37 86.42
N GLY AC 9 18.15 115.05 85.12
CA GLY AC 9 18.79 115.90 84.13
C GLY AC 9 17.86 116.82 83.37
N THR AC 10 17.32 117.82 84.05
CA THR AC 10 16.37 118.74 83.43
C THR AC 10 17.06 119.68 82.44
N GLY AC 11 18.27 120.11 82.78
CA GLY AC 11 18.98 121.08 81.96
C GLY AC 11 20.08 120.48 81.10
N LEU AC 12 20.05 119.16 80.93
CA LEU AC 12 21.07 118.47 80.14
C LEU AC 12 20.80 118.56 78.65
N LYS AC 13 21.85 118.31 77.87
CA LYS AC 13 21.76 118.36 76.41
C LYS AC 13 22.44 117.13 75.79
N VAL AC 14 21.69 116.03 75.67
CA VAL AC 14 22.27 114.77 75.24
C VAL AC 14 22.22 114.59 73.72
N GLY AC 15 23.11 113.74 73.20
CA GLY AC 15 23.11 113.38 71.80
C GLY AC 15 23.39 111.90 71.61
N VAL AC 16 22.66 111.27 70.69
CA VAL AC 16 22.80 109.83 70.47
C VAL AC 16 23.26 109.49 69.05
N VAL AC 17 24.03 108.41 68.92
CA VAL AC 17 24.42 107.88 67.62
C VAL AC 17 23.96 106.44 67.47
N VAL AC 18 22.83 106.24 66.79
CA VAL AC 18 22.27 104.89 66.61
C VAL AC 18 22.69 104.27 65.28
N GLY AC 19 22.67 102.94 65.24
CA GLY AC 19 23.08 102.22 64.04
C GLY AC 19 21.90 101.62 63.29
N ARG AC 20 21.91 101.76 61.98
CA ARG AC 20 20.82 101.28 61.14
C ARG AC 20 20.75 99.76 61.06
N PHE AC 21 21.89 99.13 60.83
CA PHE AC 21 21.94 97.67 60.75
C PHE AC 21 21.27 97.09 61.99
N ASN AC 22 20.38 96.12 61.78
CA ASN AC 22 19.56 95.57 62.85
C ASN AC 22 18.61 96.62 63.42
N GLU AC 23 18.05 97.43 62.53
CA GLU AC 23 17.12 98.49 62.93
C GLU AC 23 15.96 97.92 63.73
N PHE AC 24 15.61 96.67 63.43
CA PHE AC 24 14.53 95.99 64.11
C PHE AC 24 14.73 96.04 65.62
N ILE AC 25 16.00 96.05 66.04
CA ILE AC 25 16.34 96.10 67.46
C ILE AC 25 16.75 97.50 67.90
N THR AC 26 17.63 98.12 67.13
CA THR AC 26 18.13 99.45 67.46
C THR AC 26 16.99 100.47 67.54
N SER AC 27 15.93 100.23 66.77
CA SER AC 27 14.76 101.09 66.77
C SER AC 27 14.18 101.22 68.18
N LYS AC 28 13.72 100.09 68.72
CA LYS AC 28 13.17 100.06 70.08
C LYS AC 28 14.25 100.44 71.09
N LEU AC 29 15.50 100.34 70.67
CA LEU AC 29 16.64 100.64 71.55
C LEU AC 29 16.82 102.13 71.70
N LEU AC 30 16.46 102.87 70.66
CA LEU AC 30 16.50 104.33 70.69
C LEU AC 30 15.29 104.87 71.43
N GLY AC 31 14.12 104.26 71.19
CA GLY AC 31 12.90 104.63 71.86
C GLY AC 31 13.09 104.40 73.36
N GLY AC 32 14.14 103.67 73.72
CA GLY AC 32 14.49 103.42 75.09
C GLY AC 32 15.22 104.62 75.65
N ALA AC 33 16.24 105.07 74.90
CA ALA AC 33 16.97 106.25 75.27
C ALA AC 33 16.01 107.41 75.51
N LEU AC 34 15.24 107.81 74.52
CA LEU AC 34 14.37 109.04 74.62
C LEU AC 34 13.18 109.03 75.51
N ASP AC 35 12.35 108.04 75.32
CA ASP AC 35 11.11 108.11 76.09
C ASP AC 35 11.40 108.15 77.63
N GLY AC 36 12.67 107.82 78.02
CA GLY AC 36 13.16 107.73 79.39
C GLY AC 36 14.24 108.74 79.68
N LEU AC 37 14.78 109.29 78.60
CA LEU AC 37 15.74 110.38 78.69
C LEU AC 37 14.88 111.61 78.90
N LYS AC 38 13.73 111.61 78.25
CA LYS AC 38 12.77 112.70 78.35
C LYS AC 38 12.12 112.72 79.73
N ARG AC 39 11.62 111.57 80.15
CA ARG AC 39 10.90 111.47 81.42
C ARG AC 39 11.81 111.65 82.63
N HIS AC 40 13.10 111.81 82.38
CA HIS AC 40 14.05 112.09 83.45
C HIS AC 40 14.35 113.58 83.57
N GLY AC 41 13.68 114.38 82.75
CA GLY AC 41 13.81 115.83 82.83
C GLY AC 41 14.29 116.48 81.55
N VAL AC 42 15.16 115.80 80.81
CA VAL AC 42 15.75 116.34 79.59
C VAL AC 42 14.67 116.88 78.64
N GLU AC 43 14.93 118.06 78.09
CA GLU AC 43 14.03 118.65 77.11
C GLU AC 43 14.18 117.92 75.79
N GLU AC 44 13.06 117.52 75.19
CA GLU AC 44 13.10 116.71 73.98
C GLU AC 44 13.74 117.45 72.80
N ASN AC 45 13.95 118.75 72.96
CA ASN AC 45 14.60 119.54 71.92
C ASN AC 45 16.10 119.63 72.13
N ASP AC 46 16.57 119.18 73.29
CA ASP AC 46 17.99 119.13 73.58
C ASP AC 46 18.57 117.76 73.22
N ILE AC 47 17.86 117.02 72.37
CA ILE AC 47 18.28 115.68 71.98
C ILE AC 47 18.45 115.55 70.47
N ASP AC 48 19.68 115.26 70.05
CA ASP AC 48 19.98 115.05 68.64
C ASP AC 48 20.32 113.59 68.36
N VAL AC 49 19.93 113.11 67.18
CA VAL AC 49 20.18 111.73 66.79
C VAL AC 49 21.02 111.67 65.52
N ALA AC 50 22.00 110.79 65.50
CA ALA AC 50 22.86 110.61 64.34
C ALA AC 50 22.82 109.17 63.85
N TRP AC 51 22.13 108.94 62.74
CA TRP AC 51 22.02 107.61 62.16
C TRP AC 51 23.25 107.25 61.32
N VAL AC 52 23.93 106.19 61.74
CA VAL AC 52 25.10 105.68 61.02
C VAL AC 52 24.77 104.31 60.43
N PRO AC 53 25.45 103.94 59.35
CA PRO AC 53 25.22 102.65 58.67
C PRO AC 53 25.32 101.48 59.63
N GLY AC 54 26.55 101.11 59.97
CA GLY AC 54 26.78 100.00 60.89
C GLY AC 54 27.34 100.46 62.22
N ALA AC 55 27.33 99.56 63.19
CA ALA AC 55 27.87 99.87 64.52
C ALA AC 55 29.35 100.25 64.43
N PHE AC 56 30.00 99.83 63.36
CA PHE AC 56 31.43 100.09 63.16
C PHE AC 56 31.69 101.58 62.94
N GLU AC 57 30.70 102.26 62.36
CA GLU AC 57 30.86 103.66 61.99
C GLU AC 57 30.52 104.59 63.16
N ILE AC 58 30.11 104.01 64.28
CA ILE AC 58 29.74 104.79 65.46
C ILE AC 58 30.88 105.64 66.01
N PRO AC 59 32.04 105.02 66.27
CA PRO AC 59 33.18 105.75 66.85
C PRO AC 59 33.46 107.09 66.16
N LEU AC 60 33.41 107.10 64.83
CA LEU AC 60 33.73 108.31 64.07
C LEU AC 60 32.75 109.44 64.33
N ILE AC 61 31.46 109.14 64.20
CA ILE AC 61 30.42 110.14 64.37
C ILE AC 61 30.13 110.44 65.85
N ALA AC 62 30.33 109.45 66.70
CA ALA AC 62 30.22 109.67 68.14
C ALA AC 62 31.27 110.67 68.57
N LYS AC 63 32.39 110.70 67.86
CA LYS AC 63 33.45 111.67 68.12
C LYS AC 63 33.03 113.06 67.68
N LYS AC 64 32.80 113.23 66.38
CA LYS AC 64 32.34 114.51 65.84
C LYS AC 64 31.27 115.15 66.72
N MET AC 65 30.40 114.31 67.28
CA MET AC 65 29.25 114.80 68.03
C MET AC 65 29.63 115.21 69.46
N ALA AC 66 30.26 114.29 70.18
CA ALA AC 66 30.69 114.55 71.54
C ALA AC 66 31.81 115.58 71.57
N ASN AC 67 32.21 116.05 70.39
CA ASN AC 67 33.34 116.97 70.26
C ASN AC 67 32.87 118.36 69.85
N SER AC 68 31.65 118.43 69.31
CA SER AC 68 31.08 119.70 68.89
C SER AC 68 30.76 120.58 70.10
N GLY AC 69 30.69 119.97 71.27
CA GLY AC 69 30.42 120.70 72.51
C GLY AC 69 28.95 120.96 72.73
N LYS AC 70 28.14 120.77 71.68
CA LYS AC 70 26.71 121.01 71.76
C LYS AC 70 26.07 120.07 72.78
N TYR AC 71 26.78 118.99 73.09
CA TYR AC 71 26.20 117.92 73.89
C TYR AC 71 26.87 117.77 75.25
N ASP AC 72 26.05 117.58 76.27
CA ASP AC 72 26.52 117.44 77.64
C ASP AC 72 26.97 115.99 77.88
N ALA AC 73 26.49 115.09 77.03
CA ALA AC 73 26.89 113.69 77.07
C ALA AC 73 26.37 112.99 75.81
N VAL AC 74 27.01 111.89 75.45
CA VAL AC 74 26.64 111.17 74.23
C VAL AC 74 26.29 109.71 74.50
N ILE AC 75 25.20 109.24 73.89
CA ILE AC 75 24.76 107.86 74.04
C ILE AC 75 24.87 107.10 72.71
N THR AC 76 25.70 106.06 72.70
CA THR AC 76 25.90 105.24 71.51
C THR AC 76 24.97 104.02 71.53
N LEU AC 77 24.06 103.96 70.58
CA LEU AC 77 23.14 102.83 70.47
C LEU AC 77 23.41 102.02 69.21
N GLY AC 78 23.09 100.73 69.26
CA GLY AC 78 23.29 99.86 68.12
C GLY AC 78 23.17 98.40 68.50
N THR AC 79 23.17 97.53 67.50
CA THR AC 79 23.07 96.10 67.74
C THR AC 79 23.98 95.31 66.80
N VAL AC 80 24.66 94.31 67.34
CA VAL AC 80 25.50 93.41 66.56
C VAL AC 80 25.22 91.97 66.96
N ILE AC 81 24.91 91.12 65.98
CA ILE AC 81 24.57 89.73 66.26
C ILE AC 81 25.51 88.76 65.55
N ARG AC 82 25.86 87.69 66.26
CA ARG AC 82 26.76 86.68 65.74
C ARG AC 82 26.41 86.17 64.34
N GLY AC 83 27.41 86.17 63.47
CA GLY AC 83 27.27 85.60 62.14
C GLY AC 83 27.97 84.27 62.09
N ALA AC 84 28.26 83.80 60.87
CA ALA AC 84 28.97 82.54 60.68
C ALA AC 84 30.47 82.77 60.70
N THR AC 85 30.87 84.04 60.60
CA THR AC 85 32.28 84.40 60.53
C THR AC 85 32.74 85.15 61.78
N THR AC 86 34.05 85.32 61.92
CA THR AC 86 34.61 86.06 63.04
C THR AC 86 34.44 87.56 62.86
N HIS AC 87 33.74 87.93 61.79
CA HIS AC 87 33.47 89.34 61.51
C HIS AC 87 32.83 90.01 62.72
N TYR AC 88 31.84 89.34 63.30
CA TYR AC 88 31.13 89.83 64.47
C TYR AC 88 32.06 90.31 65.57
N ASP AC 89 33.22 89.68 65.69
CA ASP AC 89 34.15 89.97 66.76
C ASP AC 89 34.88 91.29 66.55
N TYR AC 90 35.43 91.47 65.35
CA TYR AC 90 36.22 92.66 65.04
C TYR AC 90 35.36 93.91 65.06
N VAL AC 91 34.05 93.74 64.82
CA VAL AC 91 33.12 94.86 64.87
C VAL AC 91 32.83 95.23 66.33
N CYS AC 92 32.30 94.28 67.08
CA CYS AC 92 32.01 94.50 68.50
C CYS AC 92 33.20 95.13 69.21
N ASN AC 93 34.37 94.52 69.04
CA ASN AC 93 35.59 95.04 69.64
C ASN AC 93 35.80 96.52 69.32
N GLU AC 94 36.00 96.82 68.05
CA GLU AC 94 36.33 98.17 67.62
C GLU AC 94 35.27 99.21 68.02
N VAL AC 95 34.02 98.77 68.13
CA VAL AC 95 32.96 99.66 68.60
C VAL AC 95 33.21 100.05 70.05
N ALA AC 96 33.25 99.04 70.92
CA ALA AC 96 33.53 99.26 72.33
C ALA AC 96 34.90 99.89 72.50
N LYS AC 97 35.83 99.48 71.64
CA LYS AC 97 37.19 100.00 71.65
C LYS AC 97 37.21 101.49 71.36
N GLY AC 98 36.42 101.91 70.38
CA GLY AC 98 36.32 103.31 70.01
C GLY AC 98 35.62 104.13 71.07
N VAL AC 99 34.39 103.73 71.40
CA VAL AC 99 33.57 104.49 72.34
C VAL AC 99 34.27 104.71 73.69
N ALA AC 100 34.98 103.69 74.16
CA ALA AC 100 35.66 103.77 75.45
C ALA AC 100 36.94 104.59 75.35
N SER AC 101 37.86 104.13 74.52
CA SER AC 101 39.15 104.80 74.34
C SER AC 101 38.97 106.24 73.89
N LEU AC 102 37.87 106.50 73.17
CA LEU AC 102 37.58 107.83 72.69
C LEU AC 102 36.51 108.50 73.55
N SER AC 103 36.62 108.30 74.85
CA SER AC 103 35.75 108.95 75.84
C SER AC 103 36.64 109.57 76.89
N LEU AC 104 37.92 109.25 76.84
CA LEU AC 104 38.92 109.82 77.73
C LEU AC 104 39.60 110.97 77.02
N GLN AC 105 39.69 110.86 75.70
CA GLN AC 105 40.32 111.88 74.87
C GLN AC 105 39.46 113.15 74.83
N THR AC 106 38.14 113.01 74.89
CA THR AC 106 37.32 114.24 74.84
C THR AC 106 36.91 114.74 76.26
N ASP AC 107 36.80 113.81 77.22
CA ASP AC 107 36.36 114.10 78.60
C ASP AC 107 34.84 114.40 78.59
N ILE AC 108 34.13 114.15 77.49
CA ILE AC 108 32.65 114.29 77.42
C ILE AC 108 32.09 112.88 77.66
N PRO AC 109 31.09 112.74 78.54
CA PRO AC 109 30.68 111.35 78.80
C PRO AC 109 30.22 110.60 77.56
N VAL AC 110 30.75 109.43 77.20
CA VAL AC 110 30.22 108.72 76.03
C VAL AC 110 29.78 107.33 76.44
N ILE AC 111 28.51 107.20 76.82
CA ILE AC 111 27.95 105.94 77.30
C ILE AC 111 27.90 104.89 76.21
N PHE AC 112 28.29 103.66 76.55
CA PHE AC 112 28.31 102.56 75.59
C PHE AC 112 27.05 101.71 75.72
N GLY AC 113 26.11 101.92 74.80
CA GLY AC 113 24.87 101.19 74.81
C GLY AC 113 24.67 100.39 73.54
N VAL AC 114 25.71 99.68 73.12
CA VAL AC 114 25.63 98.82 71.94
C VAL AC 114 25.42 97.38 72.34
N LEU AC 115 24.29 96.81 71.92
CA LEU AC 115 24.01 95.41 72.17
C LEU AC 115 24.95 94.51 71.38
N THR AC 116 25.48 93.49 72.04
CA THR AC 116 26.39 92.57 71.41
C THR AC 116 25.99 91.15 71.81
N THR AC 117 25.08 90.57 71.03
CA THR AC 117 24.44 89.30 71.37
C THR AC 117 24.76 88.15 70.43
N GLU AC 118 24.22 86.98 70.76
CA GLU AC 118 24.44 85.75 70.00
C GLU AC 118 23.21 85.37 69.19
N THR AC 119 22.04 85.72 69.72
CA THR AC 119 20.78 85.39 69.09
C THR AC 119 19.97 86.64 68.79
N ILE AC 120 19.09 86.55 67.80
CA ILE AC 120 18.11 87.60 67.56
C ILE AC 120 17.24 87.73 68.81
N GLU AC 121 17.01 86.60 69.46
CA GLU AC 121 16.18 86.56 70.66
C GLU AC 121 16.81 87.33 71.81
N GLN AC 122 18.11 87.15 72.00
CA GLN AC 122 18.82 87.84 73.08
C GLN AC 122 18.78 89.34 72.92
N ALA AC 123 18.82 89.80 71.67
CA ALA AC 123 18.70 91.22 71.37
C ALA AC 123 17.35 91.75 71.83
N ILE AC 124 16.30 91.01 71.51
CA ILE AC 124 14.95 91.39 71.90
C ILE AC 124 14.80 91.41 73.43
N GLU AC 125 15.42 90.44 74.09
CA GLU AC 125 15.39 90.39 75.55
C GLU AC 125 15.92 91.69 76.14
N ARG AC 126 16.97 92.22 75.52
CA ARG AC 126 17.64 93.41 76.03
C ARG AC 126 17.23 94.68 75.30
N ALA AC 127 16.11 94.61 74.59
CA ALA AC 127 15.59 95.76 73.88
C ALA AC 127 14.18 96.10 74.32
N GLY AC 128 13.90 95.95 75.57
CA GLY AC 128 12.55 96.27 75.97
C GLY AC 128 11.80 95.06 76.41
N THR AC 129 12.46 93.91 76.54
CA THR AC 129 11.72 92.72 77.04
C THR AC 129 12.25 92.25 78.40
N LYS AC 130 12.26 90.95 78.62
CA LYS AC 130 12.78 90.27 79.80
C LYS AC 130 13.82 91.08 80.55
N ALA AC 131 15.00 91.32 79.97
CA ALA AC 131 16.08 92.01 80.69
C ALA AC 131 15.85 93.52 80.89
N GLY AC 132 14.91 94.13 80.13
CA GLY AC 132 14.66 95.55 80.20
C GLY AC 132 15.10 96.21 78.90
N ASN AC 133 15.21 97.54 78.85
CA ASN AC 133 15.66 98.21 77.62
C ASN AC 133 17.04 98.82 77.80
N LYS AC 134 18.01 98.25 77.10
CA LYS AC 134 19.40 98.72 77.18
C LYS AC 134 19.52 100.19 76.85
N GLY AC 135 18.64 100.67 75.97
CA GLY AC 135 18.66 102.06 75.55
C GLY AC 135 18.25 103.00 76.67
N TYR AC 136 17.27 102.57 77.45
CA TYR AC 136 16.79 103.33 78.59
C TYR AC 136 17.85 103.40 79.69
N GLU AC 137 18.42 102.24 80.00
CA GLU AC 137 19.44 102.13 81.04
C GLU AC 137 20.70 102.90 80.66
N SER AC 138 20.95 103.02 79.36
CA SER AC 138 22.14 103.72 78.88
C SER AC 138 21.93 105.23 78.88
N ALA AC 139 20.66 105.65 78.91
CA ALA AC 139 20.33 107.07 78.98
C ALA AC 139 20.43 107.55 80.42
N VAL AC 140 19.87 106.76 81.33
CA VAL AC 140 19.92 107.09 82.76
C VAL AC 140 21.37 107.19 83.22
N ALA AC 141 22.25 106.45 82.55
CA ALA AC 141 23.68 106.49 82.84
C ALA AC 141 24.32 107.75 82.29
N ALA AC 142 23.85 108.16 81.11
CA ALA AC 142 24.38 109.36 80.47
C ALA AC 142 24.10 110.59 81.34
N ILE AC 143 22.93 110.62 81.96
CA ILE AC 143 22.58 111.71 82.86
C ILE AC 143 23.53 111.74 84.04
N GLU AC 144 23.60 110.62 84.77
CA GLU AC 144 24.45 110.54 85.95
C GLU AC 144 25.88 110.94 85.63
N MET AC 145 26.44 110.36 84.57
CA MET AC 145 27.80 110.67 84.17
C MET AC 145 27.97 112.17 83.90
N ALA AC 146 26.99 112.77 83.25
CA ALA AC 146 27.01 114.20 82.99
C ALA AC 146 27.10 114.96 84.31
N HIS AC 147 26.17 114.66 85.21
CA HIS AC 147 26.12 115.34 86.50
C HIS AC 147 27.35 115.07 87.36
N LEU AC 148 28.16 114.11 86.96
CA LEU AC 148 29.46 113.91 87.61
C LEU AC 148 30.21 114.85 86.68
N SER AC 149 30.28 116.11 87.09
CA SER AC 149 31.26 117.11 86.70
C SER AC 149 32.34 117.94 87.37
N LYS AC 150 32.42 117.85 88.69
CA LYS AC 150 33.46 118.53 89.45
C LYS AC 150 34.92 118.25 89.06
N HIS AC 151 35.21 117.01 88.70
CA HIS AC 151 36.56 116.61 88.34
C HIS AC 151 37.00 117.13 86.98
N TRP AC 152 37.92 118.09 87.00
CA TRP AC 152 38.62 118.52 85.79
C TRP AC 152 39.78 119.46 86.13
N ALA AC 153 41.00 118.97 85.94
CA ALA AC 153 42.20 119.76 86.21
C ALA AC 153 43.33 119.40 85.25
N VAL BC 2 66.53 96.71 96.05
CA VAL BC 2 67.06 98.05 96.32
C VAL BC 2 65.91 99.08 96.39
N PHE BC 3 64.76 98.72 95.82
CA PHE BC 3 63.63 99.65 95.74
C PHE BC 3 62.31 99.01 96.17
N GLU BC 4 62.14 98.75 97.46
CA GLU BC 4 60.88 98.20 97.97
C GLU BC 4 59.90 99.32 98.35
N GLY BC 5 58.62 98.99 98.42
CA GLY BC 5 57.61 99.99 98.72
C GLY BC 5 57.05 99.91 100.13
N HIS BC 6 57.14 101.02 100.85
CA HIS BC 6 56.63 101.13 102.20
C HIS BC 6 55.17 100.69 102.27
N LEU BC 7 54.73 100.17 103.41
CA LEU BC 7 53.36 99.68 103.53
C LEU BC 7 52.53 100.43 104.58
N VAL BC 8 53.16 101.37 105.27
CA VAL BC 8 52.45 102.25 106.20
C VAL BC 8 52.08 103.54 105.48
N GLY BC 9 50.79 103.86 105.45
CA GLY BC 9 50.33 105.04 104.74
C GLY BC 9 49.60 106.04 105.63
N THR BC 10 50.19 106.33 106.78
CA THR BC 10 49.59 107.27 107.71
C THR BC 10 49.36 108.63 107.07
N GLY BC 11 50.31 109.07 106.24
CA GLY BC 11 50.23 110.38 105.63
C GLY BC 11 49.77 110.36 104.19
N LEU BC 12 49.10 109.28 103.80
CA LEU BC 12 48.63 109.16 102.42
C LEU BC 12 47.29 109.84 102.20
N LYS BC 13 46.83 109.84 100.96
CA LYS BC 13 45.63 110.57 100.57
C LYS BC 13 45.02 109.91 99.34
N VAL BC 14 44.21 108.87 99.56
CA VAL BC 14 43.70 108.03 98.48
C VAL BC 14 42.30 108.43 98.01
N GLY BC 15 41.96 108.02 96.79
CA GLY BC 15 40.64 108.25 96.23
C GLY BC 15 40.21 107.08 95.37
N VAL BC 16 38.99 106.59 95.57
CA VAL BC 16 38.52 105.40 94.87
C VAL BC 16 37.30 105.66 93.99
N VAL BC 17 37.15 104.84 92.94
CA VAL BC 17 35.98 104.89 92.07
C VAL BC 17 35.34 103.52 91.99
N VAL BC 18 34.15 103.39 92.59
CA VAL BC 18 33.43 102.12 92.60
C VAL BC 18 32.23 102.13 91.67
N GLY BC 19 31.93 100.96 91.10
CA GLY BC 19 30.81 100.84 90.19
C GLY BC 19 29.55 100.40 90.90
N ARG BC 20 28.47 101.14 90.67
CA ARG BC 20 27.20 100.84 91.33
C ARG BC 20 26.62 99.50 90.88
N PHE BC 21 26.80 99.17 89.61
CA PHE BC 21 26.30 97.91 89.09
C PHE BC 21 26.93 96.75 89.85
N ASN BC 22 26.09 95.80 90.25
CA ASN BC 22 26.51 94.72 91.13
C ASN BC 22 26.86 95.25 92.52
N GLU BC 23 26.09 96.24 92.97
CA GLU BC 23 26.27 96.84 94.27
C GLU BC 23 26.41 95.77 95.36
N PHE BC 24 25.64 94.70 95.21
CA PHE BC 24 25.64 93.60 96.18
C PHE BC 24 27.04 93.11 96.46
N ILE BC 25 27.94 93.26 95.48
CA ILE BC 25 29.33 92.82 95.63
C ILE BC 25 30.27 93.99 95.85
N THR BC 26 30.13 95.04 95.04
CA THR BC 26 31.01 96.20 95.14
C THR BC 26 30.92 96.88 96.50
N SER BC 27 29.79 96.71 97.18
CA SER BC 27 29.61 97.27 98.52
C SER BC 27 30.64 96.71 99.48
N LYS BC 28 30.56 95.43 99.76
CA LYS BC 28 31.51 94.75 100.64
C LYS BC 28 32.92 94.89 100.09
N LEU BC 29 33.02 95.14 98.79
CA LEU BC 29 34.31 95.27 98.14
C LEU BC 29 34.95 96.61 98.50
N LEU BC 30 34.11 97.63 98.65
CA LEU BC 30 34.57 98.97 98.98
C LEU BC 30 34.90 99.06 100.47
N GLY BC 31 34.02 98.53 101.29
CA GLY BC 31 34.21 98.53 102.73
C GLY BC 31 35.52 97.89 103.13
N GLY BC 32 35.96 96.91 102.35
CA GLY BC 32 37.23 96.25 102.59
C GLY BC 32 38.40 97.14 102.24
N ALA BC 33 38.24 97.95 101.20
CA ALA BC 33 39.30 98.86 100.76
C ALA BC 33 39.44 100.03 101.72
N LEU BC 34 38.30 100.56 102.16
CA LEU BC 34 38.31 101.64 103.14
C LEU BC 34 38.90 101.13 104.44
N ASP BC 35 38.36 100.01 104.94
CA ASP BC 35 38.86 99.39 106.16
C ASP BC 35 40.37 99.17 106.09
N GLY BC 36 40.86 98.81 104.90
CA GLY BC 36 42.28 98.58 104.70
C GLY BC 36 43.10 99.85 104.82
N LEU BC 37 42.78 100.84 104.00
CA LEU BC 37 43.46 102.12 104.05
C LEU BC 37 43.37 102.73 105.45
N LYS BC 38 42.18 102.68 106.03
CA LYS BC 38 41.92 103.27 107.33
C LYS BC 38 42.80 102.66 108.42
N ARG BC 39 42.83 101.33 108.46
CA ARG BC 39 43.60 100.62 109.49
C ARG BC 39 45.08 100.49 109.13
N HIS BC 40 45.47 101.06 108.00
CA HIS BC 40 46.88 101.05 107.60
C HIS BC 40 47.53 102.40 107.85
N GLY BC 41 46.75 103.33 108.42
CA GLY BC 41 47.26 104.65 108.73
C GLY BC 41 46.51 105.77 108.05
N VAL BC 42 46.14 105.56 106.79
CA VAL BC 42 45.44 106.59 106.01
C VAL BC 42 44.33 107.21 106.84
N GLU BC 43 44.28 108.54 106.85
CA GLU BC 43 43.26 109.25 107.61
C GLU BC 43 41.88 108.96 107.02
N GLU BC 44 40.90 108.75 107.90
CA GLU BC 44 39.57 108.33 107.47
C GLU BC 44 38.86 109.35 106.58
N ASN BC 45 39.42 110.55 106.47
CA ASN BC 45 38.82 111.60 105.65
C ASN BC 45 39.70 112.02 104.48
N ASP BC 46 40.92 111.52 104.44
CA ASP BC 46 41.80 111.72 103.29
C ASP BC 46 41.40 110.77 102.19
N ILE BC 47 40.18 110.24 102.30
CA ILE BC 47 39.71 109.21 101.39
C ILE BC 47 38.39 109.63 100.72
N ASP BC 48 38.38 109.60 99.39
CA ASP BC 48 37.19 109.99 98.63
C ASP BC 48 36.67 108.83 97.78
N VAL BC 49 35.36 108.81 97.57
CA VAL BC 49 34.74 107.76 96.76
C VAL BC 49 33.83 108.34 95.69
N ALA BC 50 34.01 107.87 94.46
CA ALA BC 50 33.20 108.32 93.34
C ALA BC 50 32.40 107.15 92.76
N TRP BC 51 31.07 107.24 92.88
CA TRP BC 51 30.20 106.18 92.37
C TRP BC 51 29.85 106.38 90.90
N VAL BC 52 30.26 105.43 90.07
CA VAL BC 52 29.96 105.45 88.64
C VAL BC 52 28.87 104.43 88.33
N PRO BC 53 28.21 104.64 87.18
CA PRO BC 53 27.14 103.73 86.77
C PRO BC 53 27.56 102.26 86.80
N GLY BC 54 28.74 101.94 86.25
CA GLY BC 54 29.22 100.59 86.23
C GLY BC 54 30.70 100.60 85.81
N ALA BC 55 31.31 99.40 85.72
CA ALA BC 55 32.73 99.32 85.36
C ALA BC 55 33.05 100.06 84.06
N PHE BC 56 32.24 99.96 83.03
CA PHE BC 56 32.66 100.66 81.82
C PHE BC 56 32.97 102.13 82.07
N GLU BC 57 32.28 102.76 82.99
CA GLU BC 57 32.45 104.17 83.26
C GLU BC 57 33.66 104.51 84.12
N ILE BC 58 34.27 103.51 84.76
CA ILE BC 58 35.43 103.66 85.72
C ILE BC 58 36.79 104.17 85.24
N PRO BC 59 37.01 104.03 83.96
CA PRO BC 59 38.20 104.64 83.35
C PRO BC 59 38.10 106.16 83.23
N LEU BC 60 36.93 106.67 82.89
CA LEU BC 60 36.75 108.11 82.69
C LEU BC 60 36.92 108.91 83.98
N ILE BC 61 36.22 108.48 85.03
CA ILE BC 61 36.23 109.21 86.30
C ILE BC 61 37.50 108.93 87.11
N ALA BC 62 38.16 107.81 86.84
CA ALA BC 62 39.43 107.51 87.47
C ALA BC 62 40.49 108.47 86.94
N LYS BC 63 40.38 108.80 85.65
CA LYS BC 63 41.28 109.77 85.03
C LYS BC 63 41.00 111.17 85.56
N LYS BC 64 39.75 111.43 85.91
CA LYS BC 64 39.34 112.73 86.43
C LYS BC 64 39.76 112.91 87.89
N MET BC 65 40.15 111.83 88.54
CA MET BC 65 40.61 111.89 89.92
C MET BC 65 42.12 111.81 90.01
N ALA BC 66 42.75 111.29 88.96
CA ALA BC 66 44.20 111.25 88.89
C ALA BC 66 44.72 112.60 88.39
N ASN BC 67 44.00 113.18 87.42
CA ASN BC 67 44.36 114.48 86.86
C ASN BC 67 43.96 115.62 87.78
N SER BC 68 43.18 115.31 88.82
CA SER BC 68 42.78 116.32 89.80
C SER BC 68 43.94 116.64 90.74
N GLY BC 69 44.98 115.80 90.69
CA GLY BC 69 46.18 116.02 91.47
C GLY BC 69 45.91 116.25 92.95
N LYS BC 70 45.02 115.46 93.53
CA LYS BC 70 44.64 115.61 94.92
C LYS BC 70 44.96 114.35 95.72
N TYR BC 71 45.15 113.24 95.02
CA TYR BC 71 45.34 111.96 95.68
C TYR BC 71 46.76 111.43 95.50
N ASP BC 72 47.15 110.48 96.34
CA ASP BC 72 48.46 109.84 96.25
C ASP BC 72 48.33 108.52 95.52
N ALA BC 73 47.09 108.13 95.27
CA ALA BC 73 46.79 106.88 94.57
C ALA BC 73 45.30 106.80 94.34
N VAL BC 74 44.90 106.08 93.29
CA VAL BC 74 43.51 105.89 92.98
C VAL BC 74 43.19 104.41 92.93
N ILE BC 75 42.12 104.01 93.60
CA ILE BC 75 41.70 102.61 93.62
C ILE BC 75 40.42 102.42 92.82
N THR BC 76 40.47 101.59 91.79
CA THR BC 76 39.29 101.28 90.99
C THR BC 76 38.62 99.99 91.45
N LEU BC 77 37.39 100.12 91.94
CA LEU BC 77 36.62 98.98 92.40
C LEU BC 77 35.37 98.78 91.56
N GLY BC 78 34.95 97.52 91.42
CA GLY BC 78 33.78 97.19 90.64
C GLY BC 78 33.64 95.69 90.48
N THR BC 79 32.59 95.26 89.81
CA THR BC 79 32.37 93.83 89.58
C THR BC 79 31.61 93.59 88.28
N VAL BC 80 32.11 92.65 87.48
CA VAL BC 80 31.46 92.26 86.24
C VAL BC 80 31.30 90.75 86.22
N ILE BC 81 30.11 90.27 85.87
CA ILE BC 81 29.85 88.83 85.86
C ILE BC 81 29.32 88.36 84.51
N ARG BC 82 29.76 87.18 84.09
CA ARG BC 82 29.37 86.58 82.82
C ARG BC 82 27.87 86.57 82.56
N GLY BC 83 27.49 87.00 81.37
CA GLY BC 83 26.10 86.94 80.95
C GLY BC 83 25.94 85.92 79.85
N ALA BC 84 24.88 86.05 79.07
CA ALA BC 84 24.62 85.16 77.94
C ALA BC 84 25.36 85.62 76.70
N THR BC 85 25.64 86.91 76.64
CA THR BC 85 26.29 87.51 75.48
C THR BC 85 27.77 87.76 75.75
N THR BC 86 28.50 88.09 74.70
CA THR BC 86 29.92 88.41 74.81
C THR BC 86 30.14 89.84 75.31
N HIS BC 87 29.04 90.51 75.65
CA HIS BC 87 29.08 91.85 76.20
C HIS BC 87 30.04 91.93 77.39
N TYR BC 88 30.01 90.90 78.23
CA TYR BC 88 30.85 90.83 79.41
C TYR BC 88 32.33 90.98 79.08
N ASP BC 89 32.72 90.49 77.90
CA ASP BC 89 34.12 90.49 77.51
C ASP BC 89 34.65 91.90 77.20
N TYR BC 90 33.89 92.63 76.40
CA TYR BC 90 34.30 93.97 75.98
C TYR BC 90 34.33 94.93 77.16
N VAL BC 91 33.38 94.76 78.07
CA VAL BC 91 33.34 95.56 79.28
C VAL BC 91 34.58 95.32 80.13
N CYS BC 92 34.76 94.07 80.56
CA CYS BC 92 35.92 93.69 81.34
C CYS BC 92 37.23 94.20 80.71
N ASN BC 93 37.37 93.98 79.41
CA ASN BC 93 38.57 94.39 78.69
C ASN BC 93 38.82 95.88 78.78
N GLU BC 94 37.85 96.67 78.36
CA GLU BC 94 38.01 98.13 78.29
C GLU BC 94 38.24 98.76 79.66
N VAL BC 95 37.76 98.11 80.71
CA VAL BC 95 37.98 98.58 82.07
C VAL BC 95 39.45 98.46 82.42
N ALA BC 96 39.98 97.24 82.32
CA ALA BC 96 41.39 96.99 82.58
C ALA BC 96 42.26 97.74 81.57
N LYS BC 97 41.90 97.62 80.30
CA LYS BC 97 42.60 98.32 79.23
C LYS BC 97 42.69 99.81 79.52
N GLY BC 98 41.60 100.37 80.05
CA GLY BC 98 41.56 101.78 80.40
C GLY BC 98 42.37 102.10 81.65
N VAL BC 99 42.09 101.39 82.73
CA VAL BC 99 42.77 101.62 84.00
C VAL BC 99 44.29 101.44 83.91
N ALA BC 100 44.73 100.44 83.16
CA ALA BC 100 46.15 100.18 83.00
C ALA BC 100 46.81 101.24 82.11
N SER BC 101 46.23 101.45 80.93
CA SER BC 101 46.78 102.40 79.97
C SER BC 101 46.72 103.83 80.51
N LEU BC 102 45.64 104.16 81.19
CA LEU BC 102 45.50 105.48 81.79
C LEU BC 102 46.01 105.50 83.22
N SER BC 103 47.11 104.78 83.43
CA SER BC 103 47.84 104.77 84.71
C SER BC 103 49.29 105.08 84.38
N LEU BC 104 49.58 105.14 83.09
CA LEU BC 104 50.90 105.50 82.59
C LEU BC 104 50.84 106.88 81.99
N GLN BC 105 49.67 107.23 81.46
CA GLN BC 105 49.43 108.56 80.90
C GLN BC 105 49.40 109.60 82.02
N THR BC 106 49.31 109.12 83.25
CA THR BC 106 49.19 110.00 84.40
C THR BC 106 50.32 109.76 85.42
N ASP BC 107 51.20 108.82 85.11
CA ASP BC 107 52.31 108.43 85.99
C ASP BC 107 51.80 108.54 87.44
N ILE BC 108 50.65 108.01 87.71
CA ILE BC 108 50.03 108.08 89.04
C ILE BC 108 49.55 106.65 89.27
N PRO BC 109 49.89 106.08 90.43
CA PRO BC 109 49.46 104.73 90.78
C PRO BC 109 47.95 104.59 90.72
N VAL BC 110 47.46 103.86 89.74
CA VAL BC 110 46.03 103.56 89.66
C VAL BC 110 45.82 102.05 89.74
N ILE BC 111 45.48 101.59 90.93
CA ILE BC 111 45.31 100.17 91.19
C ILE BC 111 44.04 99.62 90.56
N PHE BC 112 44.17 98.52 89.82
CA PHE BC 112 43.03 97.87 89.18
C PHE BC 112 42.45 96.80 90.11
N GLY BC 113 41.27 97.07 90.65
CA GLY BC 113 40.63 96.14 91.56
C GLY BC 113 39.20 95.85 91.17
N VAL BC 114 38.98 95.56 89.90
CA VAL BC 114 37.63 95.23 89.40
C VAL BC 114 37.49 93.72 89.24
N LEU BC 115 36.52 93.15 89.95
CA LEU BC 115 36.25 91.73 89.87
C LEU BC 115 35.72 91.36 88.49
N THR BC 116 36.28 90.31 87.92
CA THR BC 116 35.84 89.80 86.62
C THR BC 116 35.63 88.29 86.70
N THR BC 117 34.39 87.90 87.02
CA THR BC 117 34.09 86.52 87.37
C THR BC 117 33.06 85.86 86.47
N GLU BC 118 32.78 84.58 86.74
CA GLU BC 118 31.82 83.79 85.96
C GLU BC 118 30.55 83.55 86.75
N THR BC 119 30.71 83.44 88.07
CA THR BC 119 29.59 83.11 88.96
C THR BC 119 29.39 84.20 90.01
N ILE BC 120 28.15 84.38 90.44
CA ILE BC 120 27.86 85.26 91.56
C ILE BC 120 28.59 84.74 92.80
N GLU BC 121 28.78 83.42 92.82
CA GLU BC 121 29.45 82.75 93.93
C GLU BC 121 30.96 82.97 93.90
N GLN BC 122 31.48 83.31 92.72
CA GLN BC 122 32.89 83.62 92.57
C GLN BC 122 33.18 85.05 93.02
N ALA BC 123 32.23 85.95 92.81
CA ALA BC 123 32.36 87.32 93.25
C ALA BC 123 32.36 87.37 94.78
N ILE BC 124 31.35 86.74 95.37
CA ILE BC 124 31.26 86.64 96.83
C ILE BC 124 32.51 85.97 97.37
N GLU BC 125 32.97 84.96 96.63
CA GLU BC 125 34.18 84.23 97.01
C GLU BC 125 35.34 85.20 97.22
N ARG BC 126 35.35 86.28 96.46
CA ARG BC 126 36.47 87.22 96.44
C ARG BC 126 36.09 88.59 96.98
N ALA BC 127 34.97 88.67 97.67
CA ALA BC 127 34.54 89.94 98.27
C ALA BC 127 34.55 89.89 99.80
N GLY BC 128 35.45 89.07 100.36
CA GLY BC 128 35.49 88.92 101.80
C GLY BC 128 34.93 87.56 102.13
N THR BC 129 35.36 86.60 101.32
CA THR BC 129 35.00 85.22 101.57
C THR BC 129 36.27 84.37 101.33
N LYS BC 130 36.14 83.05 101.07
CA LYS BC 130 37.31 82.17 100.84
C LYS BC 130 38.56 82.86 100.33
N ALA BC 131 38.50 83.54 99.19
CA ALA BC 131 39.68 84.20 98.63
C ALA BC 131 40.15 85.46 99.37
N GLY BC 132 39.35 86.02 100.28
CA GLY BC 132 39.75 87.25 100.97
C GLY BC 132 38.94 88.43 100.42
N ASN BC 133 39.36 89.67 100.63
CA ASN BC 133 38.62 90.82 100.07
C ASN BC 133 39.46 91.59 99.06
N LYS BC 134 39.13 91.43 97.79
CA LYS BC 134 39.86 92.08 96.70
C LYS BC 134 40.03 93.57 96.93
N GLY BC 135 39.04 94.20 97.56
CA GLY BC 135 39.10 95.62 97.85
C GLY BC 135 40.19 95.95 98.83
N TYR BC 136 40.19 95.27 99.97
CA TYR BC 136 41.22 95.44 100.98
C TYR BC 136 42.61 95.23 100.37
N GLU BC 137 42.74 94.19 99.55
CA GLU BC 137 44.01 93.87 98.91
C GLU BC 137 44.41 94.96 97.91
N SER BC 138 43.43 95.72 97.44
CA SER BC 138 43.70 96.80 96.49
C SER BC 138 44.23 98.04 97.19
N ALA BC 139 43.79 98.24 98.44
CA ALA BC 139 44.25 99.36 99.24
C ALA BC 139 45.70 99.15 99.67
N VAL BC 140 45.97 97.96 100.18
CA VAL BC 140 47.31 97.60 100.61
C VAL BC 140 48.29 97.69 99.43
N ALA BC 141 47.73 97.64 98.22
CA ALA BC 141 48.53 97.77 97.01
C ALA BC 141 48.71 99.25 96.65
N ALA BC 142 47.67 100.04 96.92
CA ALA BC 142 47.71 101.46 96.63
C ALA BC 142 48.72 102.18 97.52
N ILE BC 143 48.79 101.77 98.77
CA ILE BC 143 49.73 102.35 99.71
C ILE BC 143 51.17 102.09 99.28
N GLU BC 144 51.44 100.86 98.88
CA GLU BC 144 52.78 100.49 98.44
C GLU BC 144 53.18 101.27 97.20
N MET BC 145 52.29 101.32 96.21
CA MET BC 145 52.54 102.05 94.98
C MET BC 145 52.71 103.54 95.27
N ALA BC 146 52.06 104.00 96.33
CA ALA BC 146 52.12 105.41 96.72
C ALA BC 146 53.49 105.79 97.28
N HIS BC 147 54.27 104.80 97.73
CA HIS BC 147 55.61 105.03 98.27
C HIS BC 147 56.67 104.83 97.22
N LEU BC 148 56.41 103.92 96.30
CA LEU BC 148 57.30 103.62 95.22
C LEU BC 148 57.02 104.48 93.99
N SER BC 149 55.77 104.97 93.77
CA SER BC 149 55.44 105.64 92.48
C SER BC 149 54.98 107.11 92.45
N LYS BC 150 54.45 107.58 93.55
CA LYS BC 150 53.93 108.93 93.59
C LYS BC 150 54.99 109.92 94.05
N HIS BC 151 55.50 109.77 95.24
CA HIS BC 151 56.43 110.76 95.71
C HIS BC 151 57.88 110.42 95.43
N TRP BC 152 58.00 109.31 94.74
CA TRP BC 152 59.26 108.78 94.24
C TRP BC 152 59.26 109.20 92.76
N ALA BC 153 60.41 109.41 92.12
CA ALA BC 153 60.36 109.85 90.73
C ALA BC 153 61.45 109.21 89.87
N VAL CC 2 89.26 73.62 61.28
CA VAL CC 2 88.49 72.53 60.67
C VAL CC 2 89.34 71.28 60.46
N PHE CC 3 88.77 70.11 60.73
CA PHE CC 3 89.51 68.84 60.66
C PHE CC 3 88.70 67.71 60.05
N GLU CC 4 88.32 67.84 58.79
CA GLU CC 4 87.60 66.76 58.11
C GLU CC 4 88.55 65.61 57.79
N GLY CC 5 88.01 64.51 57.27
CA GLY CC 5 88.80 63.34 56.93
C GLY CC 5 88.55 62.84 55.52
N HIS CC 6 89.63 62.60 54.78
CA HIS CC 6 89.55 62.07 53.42
C HIS CC 6 88.64 60.85 53.33
N LEU CC 7 88.25 60.50 52.11
CA LEU CC 7 87.49 59.28 51.89
C LEU CC 7 88.19 58.38 50.87
N VAL CC 8 89.31 58.86 50.36
CA VAL CC 8 90.12 58.07 49.43
C VAL CC 8 91.19 57.35 50.22
N GLY CC 9 91.13 56.02 50.22
CA GLY CC 9 92.09 55.20 50.96
C GLY CC 9 93.14 54.56 50.09
N THR CC 10 93.69 55.35 49.17
CA THR CC 10 94.67 54.87 48.21
C THR CC 10 95.75 54.01 48.85
N GLY CC 11 96.36 54.51 49.92
CA GLY CC 11 97.47 53.80 50.55
C GLY CC 11 97.25 53.47 52.01
N LEU CC 12 96.15 52.80 52.30
CA LEU CC 12 95.83 52.42 53.67
C LEU CC 12 95.99 50.91 53.88
N LYS CC 13 96.11 50.51 55.13
CA LYS CC 13 96.20 49.10 55.49
C LYS CC 13 95.13 48.77 56.54
N VAL CC 14 94.07 48.12 56.11
CA VAL CC 14 92.94 47.83 57.01
C VAL CC 14 92.90 46.36 57.42
N GLY CC 15 92.51 46.13 58.68
CA GLY CC 15 92.34 44.78 59.19
C GLY CC 15 90.93 44.57 59.69
N VAL CC 16 90.30 43.48 59.27
CA VAL CC 16 88.91 43.19 59.62
C VAL CC 16 88.78 41.97 60.53
N VAL CC 17 87.85 42.03 61.49
CA VAL CC 17 87.60 40.93 62.39
C VAL CC 17 86.13 40.55 62.38
N VAL CC 18 85.83 39.39 61.81
CA VAL CC 18 84.44 38.96 61.65
C VAL CC 18 84.09 37.73 62.50
N GLY CC 19 82.87 37.72 63.03
CA GLY CC 19 82.39 36.60 63.81
C GLY CC 19 81.60 35.61 62.98
N ARG CC 20 81.90 34.32 63.16
CA ARG CC 20 81.26 33.27 62.38
C ARG CC 20 79.78 33.10 62.68
N PHE CC 21 79.40 33.28 63.94
CA PHE CC 21 78.01 33.14 64.34
C PHE CC 21 77.18 34.06 63.46
N ASN CC 22 76.08 33.53 62.93
CA ASN CC 22 75.26 34.26 61.99
C ASN CC 22 76.01 34.54 60.68
N GLU CC 23 76.79 33.55 60.24
CA GLU CC 23 77.56 33.68 59.02
C GLU CC 23 76.65 34.08 57.86
N PHE CC 24 75.41 33.64 57.93
CA PHE CC 24 74.43 33.93 56.88
C PHE CC 24 74.35 35.43 56.66
N ILE CC 25 74.59 36.20 57.73
CA ILE CC 25 74.53 37.65 57.67
C ILE CC 25 75.91 38.27 57.58
N THR CC 26 76.81 37.85 58.47
CA THR CC 26 78.17 38.39 58.51
C THR CC 26 78.93 38.15 57.21
N SER CC 27 78.59 37.05 56.53
CA SER CC 27 79.21 36.73 55.25
C SER CC 27 78.99 37.86 54.25
N LYS CC 28 77.74 38.09 53.88
CA LYS CC 28 77.40 39.15 52.94
C LYS CC 28 77.58 40.52 53.58
N LEU CC 29 77.99 40.52 54.85
CA LEU CC 29 78.26 41.74 55.58
C LEU CC 29 79.74 42.09 55.48
N LEU CC 30 80.56 41.06 55.31
CA LEU CC 30 81.99 41.22 55.06
C LEU CC 30 82.20 41.67 53.62
N GLY CC 31 81.13 41.60 52.83
CA GLY CC 31 81.13 42.11 51.48
C GLY CC 31 81.25 43.62 51.49
N GLY CC 32 81.35 44.19 52.68
CA GLY CC 32 81.61 45.60 52.84
C GLY CC 32 83.10 45.84 52.85
N ALA CC 33 83.85 44.84 53.29
CA ALA CC 33 85.31 44.88 53.19
C ALA CC 33 85.69 45.18 51.75
N LEU CC 34 85.74 44.14 50.93
CA LEU CC 34 85.94 44.32 49.50
C LEU CC 34 84.69 44.97 48.93
N ASP CC 35 84.73 45.34 47.65
CA ASP CC 35 83.64 46.11 47.05
C ASP CC 35 83.25 47.25 47.99
N GLY CC 36 84.20 47.69 48.79
CA GLY CC 36 84.01 48.77 49.74
C GLY CC 36 85.31 49.48 49.98
N LEU CC 37 86.19 48.83 50.73
CA LEU CC 37 87.54 49.33 50.91
C LEU CC 37 88.24 49.37 49.56
N LYS CC 38 88.07 48.30 48.80
CA LYS CC 38 88.73 48.17 47.50
C LYS CC 38 88.34 49.28 46.53
N ARG CC 39 87.04 49.49 46.38
CA ARG CC 39 86.52 50.49 45.44
C ARG CC 39 86.86 51.91 45.88
N HIS CC 40 87.28 52.05 47.13
CA HIS CC 40 87.67 53.36 47.65
C HIS CC 40 89.17 53.61 47.57
N GLY CC 41 89.90 52.62 47.06
CA GLY CC 41 91.33 52.78 46.86
C GLY CC 41 92.18 51.73 47.54
N VAL CC 42 91.80 51.34 48.75
CA VAL CC 42 92.56 50.37 49.53
C VAL CC 42 93.00 49.18 48.67
N GLU CC 43 94.24 48.76 48.84
CA GLU CC 43 94.80 47.68 48.03
C GLU CC 43 94.22 46.32 48.44
N GLU CC 44 93.95 45.48 47.45
CA GLU CC 44 93.44 44.13 47.67
C GLU CC 44 94.26 43.39 48.73
N ASN CC 45 95.58 43.56 48.68
CA ASN CC 45 96.48 42.83 49.55
C ASN CC 45 96.63 43.43 50.95
N ASP CC 46 96.37 44.73 51.06
CA ASP CC 46 96.53 45.42 52.33
C ASP CC 46 95.35 45.18 53.28
N ILE CC 47 94.53 44.19 52.97
CA ILE CC 47 93.37 43.87 53.79
C ILE CC 47 93.43 42.44 54.33
N ASP CC 48 93.51 42.33 55.64
CA ASP CC 48 93.51 41.03 56.31
C ASP CC 48 92.21 40.82 57.07
N VAL CC 49 91.79 39.56 57.20
CA VAL CC 49 90.55 39.23 57.87
C VAL CC 49 90.72 38.15 58.93
N ALA CC 50 90.18 38.39 60.11
CA ALA CC 50 90.26 37.45 61.22
C ALA CC 50 88.88 36.92 61.59
N TRP CC 51 88.71 35.60 61.50
CA TRP CC 51 87.45 34.97 61.85
C TRP CC 51 87.45 34.52 63.31
N VAL CC 52 86.53 35.08 64.09
CA VAL CC 52 86.40 34.70 65.50
C VAL CC 52 85.11 33.87 65.69
N PRO CC 53 85.03 33.12 66.78
CA PRO CC 53 83.83 32.27 67.00
C PRO CC 53 82.47 32.99 66.86
N GLY CC 54 82.41 34.16 67.46
CA GLY CC 54 81.25 35.01 67.48
C GLY CC 54 81.63 36.37 68.09
N ALA CC 55 80.66 37.28 68.12
CA ALA CC 55 80.90 38.60 68.63
C ALA CC 55 81.60 38.64 70.00
N PHE CC 56 81.24 37.78 70.96
CA PHE CC 56 81.93 37.96 72.22
C PHE CC 56 83.44 37.88 72.08
N GLU CC 57 83.96 37.08 71.17
CA GLU CC 57 85.40 36.96 71.07
C GLU CC 57 86.07 38.06 70.18
N ILE CC 58 85.35 39.10 69.81
CA ILE CC 58 85.81 40.20 68.87
C ILE CC 58 86.62 41.39 69.48
N PRO CC 59 86.44 41.57 70.78
CA PRO CC 59 87.31 42.52 71.49
C PRO CC 59 88.75 42.02 71.61
N LEU CC 60 88.94 40.76 71.98
CA LEU CC 60 90.27 40.21 72.19
C LEU CC 60 91.12 40.21 70.92
N ILE CC 61 90.58 39.63 69.86
CA ILE CC 61 91.30 39.50 68.59
C ILE CC 61 91.38 40.83 67.84
N ALA CC 62 90.41 41.70 68.06
CA ALA CC 62 90.44 43.04 67.50
C ALA CC 62 91.56 43.84 68.14
N LYS CC 63 91.92 43.46 69.35
CA LYS CC 63 93.03 44.10 70.07
C LYS CC 63 94.38 43.64 69.53
N LYS CC 64 94.53 42.34 69.35
CA LYS CC 64 95.78 41.77 68.86
C LYS CC 64 95.97 42.01 67.37
N MET CC 65 95.21 42.94 66.82
CA MET CC 65 95.35 43.33 65.43
C MET CC 65 95.68 44.81 65.31
N ALA CC 66 95.15 45.61 66.23
CA ALA CC 66 95.47 47.02 66.30
C ALA CC 66 96.83 47.21 66.97
N ASN CC 67 97.14 46.34 67.92
CA ASN CC 67 98.41 46.40 68.65
C ASN CC 67 99.57 45.86 67.83
N SER CC 68 99.27 45.16 66.75
CA SER CC 68 100.31 44.67 65.84
C SER CC 68 100.88 45.82 65.02
N GLY CC 69 100.20 46.96 65.08
CA GLY CC 69 100.65 48.16 64.40
C GLY CC 69 100.81 48.01 62.90
N LYS CC 70 100.15 47.01 62.34
CA LYS CC 70 100.24 46.73 60.91
C LYS CC 70 99.13 47.43 60.14
N TYR CC 71 98.06 47.79 60.85
CA TYR CC 71 96.89 48.38 60.21
C TYR CC 71 96.65 49.82 60.65
N ASP CC 72 96.20 50.65 59.71
CA ASP CC 72 95.89 52.04 59.98
C ASP CC 72 94.56 52.12 60.73
N ALA CC 73 93.69 51.15 60.47
CA ALA CC 73 92.39 51.07 61.14
C ALA CC 73 91.91 49.62 61.15
N VAL CC 74 91.11 49.28 62.16
CA VAL CC 74 90.58 47.93 62.29
C VAL CC 74 89.06 47.95 62.24
N ILE CC 75 88.49 47.27 61.26
CA ILE CC 75 87.04 47.18 61.13
C ILE CC 75 86.53 45.92 61.83
N THR CC 76 85.51 46.07 62.66
CA THR CC 76 84.96 44.94 63.41
C THR CC 76 83.55 44.59 62.93
N LEU CC 77 83.38 43.36 62.43
CA LEU CC 77 82.11 42.93 61.87
C LEU CC 77 81.53 41.73 62.62
N GLY CC 78 80.21 41.60 62.57
CA GLY CC 78 79.52 40.50 63.24
C GLY CC 78 78.03 40.75 63.28
N THR CC 79 77.29 39.78 63.79
CA THR CC 79 75.83 39.92 63.91
C THR CC 79 75.30 39.19 65.13
N VAL CC 80 74.39 39.85 65.85
CA VAL CC 80 73.74 39.26 67.03
C VAL CC 80 72.24 39.51 66.97
N ILE CC 81 71.45 38.48 67.25
CA ILE CC 81 69.99 38.60 67.17
C ILE CC 81 69.31 38.12 68.45
N ARG CC 82 68.27 38.84 68.85
CA ARG CC 82 67.51 38.54 70.05
C ARG CC 82 67.12 37.07 70.18
N GLY CC 83 67.40 36.50 71.34
CA GLY CC 83 66.96 35.14 71.65
C GLY CC 83 65.77 35.17 72.58
N ALA CC 84 65.64 34.14 73.40
CA ALA CC 84 64.59 34.08 74.42
C ALA CC 84 65.13 34.57 75.75
N THR CC 85 66.45 34.50 75.91
CA THR CC 85 67.09 34.89 77.15
C THR CC 85 67.75 36.25 77.01
N THR CC 86 68.09 36.86 78.15
CA THR CC 86 68.78 38.15 78.16
C THR CC 86 70.25 37.99 77.80
N HIS CC 87 70.63 36.80 77.37
CA HIS CC 87 71.99 36.52 76.96
C HIS CC 87 72.40 37.46 75.83
N TYR CC 88 71.46 37.77 74.95
CA TYR CC 88 71.69 38.67 73.84
C TYR CC 88 72.19 40.03 74.31
N ASP CC 89 71.72 40.47 75.46
CA ASP CC 89 72.05 41.80 75.98
C ASP CC 89 73.50 41.90 76.43
N TYR CC 90 73.93 40.97 77.27
CA TYR CC 90 75.28 40.98 77.81
C TYR CC 90 76.33 40.83 76.73
N VAL CC 91 75.96 40.17 75.64
CA VAL CC 91 76.86 40.00 74.51
C VAL CC 91 77.03 41.32 73.76
N CYS CC 92 75.92 41.85 73.24
CA CYS CC 92 75.94 43.11 72.50
C CYS CC 92 76.67 44.18 73.29
N ASN CC 93 76.35 44.27 74.58
CA ASN CC 93 76.99 45.24 75.46
C ASN CC 93 78.51 45.13 75.41
N GLU CC 94 79.02 43.94 75.75
CA GLU CC 94 80.47 43.74 75.86
C GLU CC 94 81.21 43.91 74.53
N VAL CC 95 80.56 43.54 73.44
CA VAL CC 95 81.14 43.74 72.11
C VAL CC 95 81.36 45.22 71.87
N ALA CC 96 80.31 46.00 72.06
CA ALA CC 96 80.38 47.45 71.91
C ALA CC 96 81.26 48.07 72.98
N LYS CC 97 81.16 47.53 74.20
CA LYS CC 97 81.95 48.01 75.32
C LYS CC 97 83.43 47.76 75.08
N GLY CC 98 83.73 46.65 74.41
CA GLY CC 98 85.11 46.30 74.10
C GLY CC 98 85.66 47.14 72.95
N VAL CC 99 84.97 47.12 71.81
CA VAL CC 99 85.41 47.84 70.64
C VAL CC 99 85.58 49.35 70.89
N ALA CC 100 84.75 49.89 71.79
CA ALA CC 100 84.81 51.31 72.12
C ALA CC 100 85.89 51.60 73.16
N SER CC 101 85.64 51.18 74.40
CA SER CC 101 86.55 51.44 75.51
C SER CC 101 87.97 50.98 75.19
N LEU CC 102 88.12 50.00 74.31
CA LEU CC 102 89.44 49.54 73.90
C LEU CC 102 89.77 49.98 72.48
N SER CC 103 89.47 51.24 72.19
CA SER CC 103 89.85 51.90 70.95
C SER CC 103 90.53 53.19 71.34
N LEU CC 104 90.45 53.51 72.63
CA LEU CC 104 91.09 54.68 73.20
C LEU CC 104 92.45 54.29 73.77
N GLN CC 105 92.59 53.00 74.08
CA GLN CC 105 93.84 52.48 74.63
C GLN CC 105 94.81 52.10 73.52
N THR CC 106 94.40 52.31 72.28
CA THR CC 106 95.23 51.94 71.13
C THR CC 106 95.49 53.15 70.23
N ASP CC 107 94.66 54.18 70.37
CA ASP CC 107 94.78 55.39 69.55
C ASP CC 107 94.59 55.08 68.07
N ILE CC 108 94.34 53.81 67.75
CA ILE CC 108 94.07 53.39 66.38
C ILE CC 108 92.58 53.21 66.16
N PRO CC 109 92.04 53.89 65.13
CA PRO CC 109 90.60 53.82 64.84
C PRO CC 109 90.09 52.39 64.74
N VAL CC 110 89.15 52.03 65.61
CA VAL CC 110 88.50 50.73 65.54
C VAL CC 110 87.00 50.92 65.31
N ILE CC 111 86.58 50.82 64.06
CA ILE CC 111 85.19 51.03 63.68
C ILE CC 111 84.30 49.89 64.17
N PHE CC 112 83.20 50.24 64.83
CA PHE CC 112 82.26 49.26 65.35
C PHE CC 112 81.16 48.98 64.33
N GLY CC 113 81.25 47.82 63.67
CA GLY CC 113 80.27 47.44 62.66
C GLY CC 113 79.61 46.12 63.00
N VAL CC 114 79.08 46.01 64.22
CA VAL CC 114 78.40 44.80 64.65
C VAL CC 114 76.88 45.00 64.68
N LEU CC 115 76.18 44.25 63.84
CA LEU CC 115 74.73 44.29 63.80
C LEU CC 115 74.16 43.75 65.10
N THR CC 116 73.30 44.55 65.72
CA THR CC 116 72.62 44.12 66.94
C THR CC 116 71.12 44.33 66.76
N THR CC 117 70.44 43.28 66.32
CA THR CC 117 69.06 43.39 65.88
C THR CC 117 68.10 42.45 66.60
N GLU CC 118 66.83 42.53 66.23
CA GLU CC 118 65.77 41.78 66.87
C GLU CC 118 65.23 40.67 65.98
N THR CC 119 65.34 40.88 64.67
CA THR CC 119 64.83 39.94 63.70
C THR CC 119 65.93 39.52 62.73
N ILE CC 120 65.82 38.31 62.20
CA ILE CC 120 66.66 37.88 61.10
C ILE CC 120 66.42 38.81 59.92
N GLU CC 121 65.18 39.29 59.82
CA GLU CC 121 64.79 40.20 58.75
C GLU CC 121 65.49 41.55 58.88
N GLN CC 122 65.66 42.03 60.10
CA GLN CC 122 66.33 43.30 60.35
C GLN CC 122 67.82 43.21 60.04
N ALA CC 123 68.43 42.09 60.39
CA ALA CC 123 69.83 41.85 60.08
C ALA CC 123 70.02 41.86 58.56
N ILE CC 124 69.07 41.27 57.85
CA ILE CC 124 69.11 41.26 56.39
C ILE CC 124 68.89 42.66 55.85
N GLU CC 125 68.01 43.42 56.51
CA GLU CC 125 67.74 44.79 56.10
C GLU CC 125 69.01 45.62 56.14
N ARG CC 126 69.96 45.19 56.96
CA ARG CC 126 71.18 45.95 57.18
C ARG CC 126 72.42 45.20 56.72
N ALA CC 127 72.23 44.34 55.74
CA ALA CC 127 73.36 43.60 55.20
C ALA CC 127 73.36 43.62 53.69
N GLY CC 128 72.64 44.56 53.13
CA GLY CC 128 72.59 44.64 51.71
C GLY CC 128 71.14 44.62 51.25
N THR CC 129 70.29 45.23 52.03
CA THR CC 129 68.92 45.31 51.55
C THR CC 129 68.45 46.73 51.64
N LYS CC 130 67.20 46.95 52.04
CA LYS CC 130 66.72 48.36 51.96
C LYS CC 130 67.39 49.30 52.96
N ALA CC 131 68.38 48.87 53.75
CA ALA CC 131 69.05 49.83 54.65
C ALA CC 131 70.49 50.01 54.16
N GLY CC 132 70.86 49.13 53.22
CA GLY CC 132 72.18 49.11 52.64
C GLY CC 132 73.04 48.12 53.41
N ASN CC 133 74.34 48.06 53.11
CA ASN CC 133 75.25 47.14 53.78
C ASN CC 133 76.07 47.84 54.85
N LYS CC 134 75.85 47.46 56.10
CA LYS CC 134 76.51 48.10 57.23
C LYS CC 134 78.00 47.75 57.30
N GLY CC 135 78.43 46.84 56.44
CA GLY CC 135 79.83 46.48 56.35
C GLY CC 135 80.57 47.44 55.43
N TYR CC 136 79.88 47.84 54.37
CA TYR CC 136 80.43 48.81 53.42
C TYR CC 136 80.52 50.18 54.07
N GLU CC 137 79.51 50.51 54.88
CA GLU CC 137 79.48 51.81 55.53
C GLU CC 137 80.54 51.89 56.62
N SER CC 138 80.79 50.76 57.28
CA SER CC 138 81.77 50.71 58.36
C SER CC 138 83.19 50.76 57.81
N ALA CC 139 83.34 50.53 56.52
CA ALA CC 139 84.62 50.63 55.85
C ALA CC 139 84.89 52.08 55.48
N VAL CC 140 83.90 52.72 54.87
CA VAL CC 140 83.99 54.14 54.54
C VAL CC 140 84.39 54.93 55.78
N ALA CC 141 83.78 54.57 56.91
CA ALA CC 141 84.11 55.20 58.18
C ALA CC 141 85.54 54.88 58.60
N ALA CC 142 85.96 53.64 58.37
CA ALA CC 142 87.30 53.20 58.74
C ALA CC 142 88.36 54.02 58.02
N ILE CC 143 88.17 54.19 56.71
CA ILE CC 143 89.09 54.99 55.90
C ILE CC 143 89.18 56.41 56.44
N GLU CC 144 88.03 57.06 56.56
CA GLU CC 144 87.97 58.43 57.04
C GLU CC 144 88.64 58.59 58.40
N MET CC 145 88.40 57.64 59.29
CA MET CC 145 88.96 57.69 60.63
C MET CC 145 90.47 57.63 60.60
N ALA CC 146 91.00 56.59 59.98
CA ALA CC 146 92.44 56.42 59.86
C ALA CC 146 93.03 57.62 59.13
N HIS CC 147 92.26 58.16 58.20
CA HIS CC 147 92.72 59.27 57.37
C HIS CC 147 92.56 60.59 58.11
N LEU CC 148 92.00 60.53 59.32
CA LEU CC 148 91.75 61.73 60.10
C LEU CC 148 92.72 61.82 61.27
N SER CC 149 93.48 60.75 61.50
CA SER CC 149 94.48 60.74 62.56
C SER CC 149 95.76 61.42 62.09
N LYS CC 150 95.70 62.74 61.95
CA LYS CC 150 96.89 63.52 61.61
C LYS CC 150 97.33 64.42 62.75
N HIS CC 151 96.37 64.98 63.47
CA HIS CC 151 96.68 65.70 64.71
C HIS CC 151 96.85 64.67 65.83
N TRP CC 152 97.71 63.69 65.55
CA TRP CC 152 97.92 62.55 66.43
C TRP CC 152 99.42 62.38 66.68
N ALA CC 153 99.81 61.26 67.26
CA ALA CC 153 101.22 60.96 67.53
C ALA CC 153 101.80 61.92 68.57
N VAL DC 2 83.77 79.28 98.47
CA VAL DC 2 82.78 79.21 97.39
C VAL DC 2 83.42 79.42 96.02
N PHE DC 3 83.72 78.31 95.34
CA PHE DC 3 84.40 78.36 94.05
C PHE DC 3 83.41 78.17 92.90
N GLU DC 4 83.01 79.27 92.27
CA GLU DC 4 82.11 79.23 91.13
C GLU DC 4 82.86 79.50 89.82
N GLY DC 5 82.14 79.42 88.69
CA GLY DC 5 82.76 79.59 87.39
C GLY DC 5 82.32 80.83 86.62
N HIS DC 6 83.29 81.47 85.97
CA HIS DC 6 83.03 82.66 85.15
C HIS DC 6 82.16 82.30 83.96
N LEU DC 7 81.78 83.29 83.15
CA LEU DC 7 80.96 83.02 81.97
C LEU DC 7 81.33 83.85 80.74
N VAL DC 8 82.21 84.82 80.92
CA VAL DC 8 82.75 85.55 79.78
C VAL DC 8 84.07 84.89 79.36
N GLY DC 9 84.16 84.52 78.08
CA GLY DC 9 85.35 83.84 77.59
C GLY DC 9 86.16 84.65 76.61
N THR DC 10 86.58 85.84 77.02
CA THR DC 10 87.35 86.73 76.16
C THR DC 10 88.54 86.04 75.53
N GLY DC 11 89.35 85.36 76.35
CA GLY DC 11 90.53 84.69 75.87
C GLY DC 11 90.48 83.19 76.07
N LEU DC 12 89.64 82.52 75.28
CA LEU DC 12 89.47 81.08 75.42
C LEU DC 12 89.90 80.31 74.18
N LYS DC 13 90.31 79.05 74.37
CA LYS DC 13 90.73 78.18 73.29
C LYS DC 13 89.83 76.96 73.29
N VAL DC 14 88.82 76.95 72.42
CA VAL DC 14 87.84 75.87 72.42
C VAL DC 14 87.95 74.96 71.20
N GLY DC 15 87.73 73.67 71.43
CA GLY DC 15 87.74 72.69 70.35
C GLY DC 15 86.44 71.91 70.31
N VAL DC 16 85.94 71.66 69.10
CA VAL DC 16 84.64 71.00 68.93
C VAL DC 16 84.74 69.76 68.04
N VAL DC 17 84.09 68.68 68.48
CA VAL DC 17 84.03 67.45 67.70
C VAL DC 17 82.59 67.14 67.34
N VAL DC 18 82.25 67.26 66.06
CA VAL DC 18 80.87 67.04 65.60
C VAL DC 18 80.73 65.80 64.73
N GLY DC 19 79.69 65.02 65.00
CA GLY DC 19 79.43 63.81 64.25
C GLY DC 19 78.64 64.14 63.00
N ARG DC 20 79.09 63.61 61.87
CA ARG DC 20 78.47 63.90 60.58
C ARG DC 20 77.09 63.26 60.42
N PHE DC 21 76.93 62.05 60.97
CA PHE DC 21 75.66 61.34 60.88
C PHE DC 21 74.53 62.19 61.45
N ASN DC 22 73.39 62.19 60.76
CA ASN DC 22 72.29 63.08 61.11
C ASN DC 22 72.71 64.54 60.99
N GLU DC 23 73.52 64.82 59.97
CA GLU DC 23 74.03 66.17 59.72
C GLU DC 23 72.92 67.20 59.73
N PHE DC 24 71.72 66.77 59.35
CA PHE DC 24 70.56 67.64 59.31
C PHE DC 24 70.33 68.32 60.66
N ILE DC 25 70.70 67.63 61.74
CA ILE DC 25 70.53 68.16 63.08
C ILE DC 25 71.84 68.71 63.64
N THR DC 26 72.89 67.89 63.57
CA THR DC 26 74.19 68.28 64.09
C THR DC 26 74.67 69.58 63.45
N SER DC 27 74.21 69.85 62.24
CA SER DC 27 74.56 71.08 61.56
C SER DC 27 74.13 72.29 62.38
N LYS DC 28 72.82 72.48 62.51
CA LYS DC 28 72.29 73.57 63.31
C LYS DC 28 72.80 73.48 64.75
N LEU DC 29 73.10 72.26 65.17
CA LEU DC 29 73.58 72.01 66.53
C LEU DC 29 74.97 72.59 66.75
N LEU DC 30 75.82 72.51 65.73
CA LEU DC 30 77.15 73.10 65.78
C LEU DC 30 77.06 74.61 65.71
N GLY DC 31 76.24 75.11 64.79
CA GLY DC 31 76.04 76.53 64.65
C GLY DC 31 75.60 77.18 65.95
N GLY DC 32 75.00 76.38 66.83
CA GLY DC 32 74.58 76.88 68.13
C GLY DC 32 75.77 77.16 69.02
N ALA DC 33 76.73 76.25 69.03
CA ALA DC 33 77.93 76.41 69.85
C ALA DC 33 78.89 77.40 69.22
N LEU DC 34 79.01 77.34 67.91
CA LEU DC 34 79.94 78.17 67.17
C LEU DC 34 79.41 79.59 67.04
N ASP DC 35 78.27 79.86 67.67
CA ASP DC 35 77.68 81.19 67.68
C ASP DC 35 77.43 81.64 69.10
N GLY DC 36 77.48 80.69 70.03
CA GLY DC 36 77.38 80.99 71.45
C GLY DC 36 78.76 81.34 71.96
N LEU DC 37 79.77 80.67 71.42
CA LEU DC 37 81.15 80.97 71.75
C LEU DC 37 81.52 82.34 71.22
N LYS DC 38 81.28 82.55 69.92
CA LYS DC 38 81.61 83.83 69.30
C LYS DC 38 81.03 85.01 70.06
N ARG DC 39 79.72 84.95 70.34
CA ARG DC 39 79.03 86.07 70.97
C ARG DC 39 79.29 86.17 72.47
N HIS DC 40 79.97 85.18 73.02
CA HIS DC 40 80.37 85.22 74.40
C HIS DC 40 81.78 85.76 74.50
N GLY DC 41 82.33 86.27 73.41
CA GLY DC 41 83.63 86.86 73.52
C GLY DC 41 84.76 85.90 73.16
N VAL DC 42 84.41 84.67 72.77
CA VAL DC 42 85.45 83.76 72.33
C VAL DC 42 85.63 84.01 70.86
N GLU DC 43 86.87 84.10 70.49
CA GLU DC 43 87.34 84.32 69.12
C GLU DC 43 86.74 83.37 68.08
N GLU DC 44 86.27 83.97 66.99
CA GLU DC 44 85.73 83.24 65.84
C GLU DC 44 86.89 82.54 65.13
N ASN DC 45 88.09 82.98 65.40
CA ASN DC 45 89.26 82.41 64.78
C ASN DC 45 90.01 81.48 65.73
N ASP DC 46 89.48 81.26 66.93
CA ASP DC 46 90.16 80.42 67.91
C ASP DC 46 89.33 79.18 68.23
N ILE DC 47 88.59 78.70 67.24
CA ILE DC 47 87.75 77.53 67.41
C ILE DC 47 88.03 76.51 66.32
N ASP DC 48 88.34 75.29 66.73
CA ASP DC 48 88.56 74.20 65.78
C ASP DC 48 87.43 73.18 65.83
N VAL DC 49 87.01 72.72 64.64
CA VAL DC 49 85.94 71.73 64.54
C VAL DC 49 86.45 70.44 63.91
N ALA DC 50 86.11 69.32 64.53
CA ALA DC 50 86.54 68.00 64.04
C ALA DC 50 85.34 67.14 63.67
N TRP DC 51 85.17 66.91 62.36
CA TRP DC 51 84.08 66.10 61.87
C TRP DC 51 84.42 64.61 61.90
N VAL DC 52 83.66 63.86 62.69
CA VAL DC 52 83.83 62.41 62.75
C VAL DC 52 82.66 61.74 62.04
N PRO DC 53 82.87 60.45 61.63
CA PRO DC 53 81.77 59.77 60.91
C PRO DC 53 80.43 60.03 61.63
N GLY DC 54 80.37 59.57 62.90
CA GLY DC 54 79.21 59.67 63.82
C GLY DC 54 79.66 59.65 65.30
N ALA DC 55 78.69 59.70 66.19
CA ALA DC 55 78.92 59.73 67.62
C ALA DC 55 79.88 58.62 68.10
N PHE DC 56 79.71 57.37 67.68
CA PHE DC 56 80.62 56.37 68.22
C PHE DC 56 82.10 56.75 68.07
N GLU DC 57 82.46 57.54 67.07
CA GLU DC 57 83.86 57.88 66.89
C GLU DC 57 84.28 59.12 67.65
N ILE DC 58 83.32 59.81 68.29
CA ILE DC 58 83.55 61.09 69.03
C ILE DC 58 84.41 61.04 70.33
N PRO DC 59 84.41 59.89 70.97
CA PRO DC 59 85.33 59.68 72.08
C PRO DC 59 86.79 59.64 71.67
N LEU DC 60 87.10 58.96 70.57
CA LEU DC 60 88.47 58.82 70.12
C LEU DC 60 89.09 60.16 69.70
N ILE DC 61 88.44 60.84 68.77
CA ILE DC 61 88.94 62.11 68.26
C ILE DC 61 88.86 63.23 69.29
N ALA DC 62 87.87 63.16 70.18
CA ALA DC 62 87.75 64.13 71.26
C ALA DC 62 88.92 63.98 72.23
N LYS DC 63 89.45 62.76 72.33
CA LYS DC 63 90.61 62.48 73.17
C LYS DC 63 91.87 63.12 72.60
N LYS DC 64 92.07 62.96 71.29
CA LYS DC 64 93.27 63.48 70.64
C LYS DC 64 93.24 65.00 70.48
N MET DC 65 92.16 65.63 70.96
CA MET DC 65 92.08 67.09 70.97
C MET DC 65 92.34 67.61 72.38
N ALA DC 66 91.88 66.88 73.38
CA ALA DC 66 92.16 67.21 74.76
C ALA DC 66 93.62 66.89 75.06
N ASN DC 67 94.07 65.72 74.60
CA ASN DC 67 95.46 65.33 74.73
C ASN DC 67 96.35 66.23 73.87
N SER DC 68 95.74 66.88 72.89
CA SER DC 68 96.44 67.82 72.05
C SER DC 68 96.98 68.99 72.87
N GLY DC 69 96.39 69.19 74.05
CA GLY DC 69 96.79 70.26 74.94
C GLY DC 69 96.79 71.62 74.27
N LYS DC 70 95.73 71.91 73.52
CA LYS DC 70 95.63 73.16 72.79
C LYS DC 70 94.33 73.89 73.13
N TYR DC 71 93.44 73.21 73.84
CA TYR DC 71 92.13 73.77 74.15
C TYR DC 71 91.86 73.76 75.65
N ASP DC 72 91.18 74.81 76.12
CA ASP DC 72 90.79 74.90 77.52
C ASP DC 72 89.63 73.95 77.80
N ALA DC 73 88.84 73.70 76.77
CA ALA DC 73 87.71 72.79 76.87
C ALA DC 73 87.33 72.28 75.49
N VAL DC 74 86.77 71.07 75.44
CA VAL DC 74 86.33 70.48 74.19
C VAL DC 74 84.84 70.18 74.23
N ILE DC 75 84.13 70.64 73.21
CA ILE DC 75 82.69 70.41 73.09
C ILE DC 75 82.41 69.28 72.11
N THR DC 76 81.57 68.32 72.53
CA THR DC 76 81.20 67.19 71.68
C THR DC 76 79.76 67.31 71.19
N LEU DC 77 79.60 67.52 69.89
CA LEU DC 77 78.27 67.65 69.29
C LEU DC 77 77.93 66.45 68.41
N GLY DC 78 76.69 66.01 68.50
CA GLY DC 78 76.23 64.88 67.69
C GLY DC 78 74.74 64.65 67.87
N THR DC 79 74.19 63.73 67.09
CA THR DC 79 72.78 63.37 67.22
C THR DC 79 72.54 61.90 66.93
N VAL DC 80 71.82 61.24 67.83
CA VAL DC 80 71.49 59.83 67.67
C VAL DC 80 69.99 59.63 67.90
N ILE DC 81 69.32 58.98 66.96
CA ILE DC 81 67.87 58.80 67.06
C ILE DC 81 67.48 57.33 67.01
N ARG DC 82 66.50 56.96 67.84
CA ARG DC 82 65.98 55.61 67.92
C ARG DC 82 65.78 54.95 66.56
N GLY DC 83 66.13 53.67 66.48
CA GLY DC 83 65.89 52.90 65.28
C GLY DC 83 64.92 51.79 65.61
N ALA DC 84 65.03 50.67 64.89
CA ALA DC 84 64.20 49.50 65.16
C ALA DC 84 64.96 48.51 66.04
N THR DC 85 66.27 48.68 66.12
CA THR DC 85 67.11 47.77 66.90
C THR DC 85 67.71 48.47 68.12
N THR DC 86 68.28 47.67 69.02
CA THR DC 86 68.90 48.19 70.24
C THR DC 86 70.26 48.79 69.92
N HIS DC 87 70.59 48.87 68.64
CA HIS DC 87 71.84 49.46 68.20
C HIS DC 87 71.97 50.88 68.74
N TYR DC 88 70.84 51.56 68.81
CA TYR DC 88 70.79 52.94 69.29
C TYR DC 88 71.30 53.07 70.73
N ASP DC 89 71.03 52.04 71.55
CA ASP DC 89 71.37 52.08 72.96
C ASP DC 89 72.88 52.01 73.19
N TYR DC 90 73.53 51.06 72.53
CA TYR DC 90 74.97 50.86 72.71
C TYR DC 90 75.77 52.05 72.19
N VAL DC 91 75.23 52.71 71.16
CA VAL DC 91 75.86 53.91 70.63
C VAL DC 91 75.78 55.04 71.64
N CYS DC 92 74.56 55.42 72.01
CA CYS DC 92 74.34 56.48 72.99
C CYS DC 92 75.18 56.24 74.24
N ASN DC 93 75.10 55.03 74.77
CA ASN DC 93 75.86 54.66 75.96
C ASN DC 93 77.34 54.97 75.83
N GLU DC 94 77.97 54.36 74.83
CA GLU DC 94 79.42 54.48 74.66
C GLU DC 94 79.87 55.91 74.37
N VAL DC 95 79.03 56.69 73.69
CA VAL DC 95 79.32 58.10 73.46
C VAL DC 95 79.30 58.84 74.80
N ALA DC 96 78.17 58.76 75.49
CA ALA DC 96 78.05 59.34 76.82
C ALA DC 96 78.76 58.49 77.87
N LYS DC 97 79.84 57.83 77.47
CA LYS DC 97 80.61 57.00 78.38
C LYS DC 97 82.11 57.25 78.21
N GLY DC 98 82.56 57.30 76.96
CA GLY DC 98 83.87 57.84 76.64
C GLY DC 98 83.95 59.33 76.87
N VAL DC 99 83.15 60.08 76.11
CA VAL DC 99 83.02 61.52 76.33
C VAL DC 99 82.77 61.83 77.80
N ALA DC 100 82.23 60.86 78.52
CA ALA DC 100 81.16 61.13 79.48
C ALA DC 100 81.71 61.41 80.88
N SER DC 101 82.41 60.43 81.44
CA SER DC 101 83.33 60.68 82.54
C SER DC 101 84.68 60.01 82.30
N LEU DC 102 84.70 59.06 81.37
CA LEU DC 102 85.96 58.51 80.86
C LEU DC 102 87.02 59.61 80.73
N SER DC 103 86.63 60.73 80.14
CA SER DC 103 87.57 61.81 79.85
C SER DC 103 87.82 62.68 81.04
N LEU DC 104 88.14 62.04 82.18
CA LEU DC 104 88.51 62.75 83.38
C LEU DC 104 90.00 62.61 83.42
N GLN DC 105 90.48 61.62 82.72
CA GLN DC 105 91.87 61.33 82.74
C GLN DC 105 92.75 62.52 82.35
N THR DC 106 92.27 63.33 81.41
CA THR DC 106 93.02 64.50 80.86
C THR DC 106 93.01 65.73 81.75
N ASP DC 107 91.91 65.82 82.44
CA ASP DC 107 91.67 66.94 83.25
C ASP DC 107 91.50 68.17 82.37
N ILE DC 108 90.91 67.98 81.19
CA ILE DC 108 90.55 69.09 80.35
C ILE DC 108 89.05 69.02 80.28
N PRO DC 109 88.36 70.16 80.43
CA PRO DC 109 86.88 70.06 80.41
C PRO DC 109 86.28 69.45 79.17
N VAL DC 110 85.50 68.35 79.27
CA VAL DC 110 84.89 67.86 78.03
C VAL DC 110 83.37 67.86 78.21
N ILE DC 111 82.72 68.78 77.50
CA ILE DC 111 81.27 68.94 77.60
C ILE DC 111 80.56 67.95 76.69
N PHE DC 112 79.65 67.17 77.26
CA PHE DC 112 78.86 66.21 76.49
C PHE DC 112 77.61 66.89 75.93
N GLY DC 113 77.65 67.18 74.63
CA GLY DC 113 76.52 67.81 73.97
C GLY DC 113 76.02 66.98 72.80
N VAL DC 114 75.77 65.70 73.06
CA VAL DC 114 75.27 64.80 72.05
C VAL DC 114 73.79 64.50 72.27
N LEU DC 115 72.97 64.92 71.31
CA LEU DC 115 71.54 64.69 71.38
C LEU DC 115 71.22 63.20 71.27
N THR DC 116 70.45 62.71 72.22
CA THR DC 116 70.03 61.31 72.23
C THR DC 116 68.52 61.24 72.41
N THR DC 117 67.80 61.18 71.29
CA THR DC 117 66.34 61.35 71.30
C THR DC 117 65.59 60.13 70.80
N GLU DC 118 64.28 60.31 70.63
CA GLU DC 118 63.39 59.25 70.17
C GLU DC 118 62.83 59.57 68.80
N THR DC 119 62.55 60.85 68.58
CA THR DC 119 61.93 61.30 67.34
C THR DC 119 62.85 62.25 66.58
N ILE DC 120 62.72 62.25 65.26
CA ILE DC 120 63.37 63.25 64.44
C ILE DC 120 62.81 64.62 64.83
N GLU DC 121 61.57 64.61 65.31
CA GLU DC 121 60.90 65.83 65.74
C GLU DC 121 61.42 66.28 67.12
N GLN DC 122 61.90 65.33 67.91
CA GLN DC 122 62.43 65.67 69.23
C GLN DC 122 63.83 66.27 69.11
N ALA DC 123 64.67 65.66 68.28
CA ALA DC 123 65.99 66.19 68.01
C ALA DC 123 65.88 67.57 67.41
N ILE DC 124 64.87 67.78 66.57
CA ILE DC 124 64.67 69.06 65.93
C ILE DC 124 64.15 70.10 66.93
N GLU DC 125 63.70 69.64 68.08
CA GLU DC 125 63.24 70.52 69.15
C GLU DC 125 64.42 71.13 69.89
N ARG DC 126 65.49 70.34 70.05
CA ARG DC 126 66.67 70.80 70.76
C ARG DC 126 67.73 71.36 69.81
N ALA DC 127 67.45 71.27 68.52
CA ALA DC 127 68.40 71.74 67.51
C ALA DC 127 68.23 73.22 67.20
N GLY DC 128 67.57 73.93 68.08
CA GLY DC 128 67.34 75.30 67.85
C GLY DC 128 65.85 75.53 67.66
N THR DC 129 64.99 74.92 68.50
CA THR DC 129 63.55 75.19 68.41
C THR DC 129 63.00 75.25 69.80
N LYS DC 130 61.81 74.76 70.01
CA LYS DC 130 61.14 74.83 71.30
C LYS DC 130 62.06 74.71 72.55
N ALA DC 131 62.87 73.68 72.66
CA ALA DC 131 63.68 73.54 73.84
C ALA DC 131 64.96 74.41 73.78
N GLY DC 132 65.22 75.06 72.64
CA GLY DC 132 66.43 75.91 72.46
C GLY DC 132 67.54 75.11 71.73
N ASN DC 133 68.69 75.72 71.48
CA ASN DC 133 69.79 75.02 70.84
C ASN DC 133 70.76 74.44 71.86
N LYS DC 134 70.80 73.11 71.95
CA LYS DC 134 71.64 72.44 72.94
C LYS DC 134 73.13 72.53 72.62
N GLY DC 135 73.44 73.08 71.45
CA GLY DC 135 74.82 73.36 71.09
C GLY DC 135 75.27 74.65 71.73
N TYR DC 136 74.40 75.65 71.70
CA TYR DC 136 74.65 76.92 72.36
C TYR DC 136 74.85 76.71 73.86
N GLU DC 137 73.97 75.89 74.45
CA GLU DC 137 74.03 75.63 75.89
C GLU DC 137 75.28 74.85 76.27
N SER DC 138 75.75 74.00 75.36
CA SER DC 138 76.93 73.18 75.62
C SER DC 138 78.21 73.99 75.44
N ALA DC 139 78.08 75.17 74.85
CA ALA DC 139 79.22 76.07 74.70
C ALA DC 139 79.34 76.95 75.94
N VAL DC 140 78.19 77.39 76.44
CA VAL DC 140 78.14 78.16 77.68
C VAL DC 140 78.72 77.32 78.83
N ALA DC 141 78.46 76.02 78.78
CA ALA DC 141 78.98 75.10 79.77
C ALA DC 141 80.50 74.94 79.63
N ALA DC 142 80.98 75.03 78.38
CA ALA DC 142 82.40 74.90 78.10
C ALA DC 142 83.18 76.09 78.68
N ILE DC 143 82.68 77.28 78.41
CA ILE DC 143 83.30 78.49 78.93
C ILE DC 143 83.36 78.46 80.44
N GLU DC 144 82.25 78.10 81.07
CA GLU DC 144 82.17 78.03 82.52
C GLU DC 144 83.16 77.01 83.08
N MET DC 145 83.12 75.80 82.54
CA MET DC 145 84.02 74.76 82.99
C MET DC 145 85.47 75.20 82.86
N ALA DC 146 85.80 75.81 81.72
CA ALA DC 146 87.14 76.31 81.48
C ALA DC 146 87.57 77.25 82.60
N HIS DC 147 86.69 78.19 82.93
CA HIS DC 147 86.96 79.16 83.99
C HIS DC 147 86.83 78.55 85.39
N LEU DC 148 87.32 77.33 85.55
CA LEU DC 148 87.36 76.68 86.83
C LEU DC 148 88.74 76.05 86.97
N SER DC 149 89.60 76.73 87.76
CA SER DC 149 91.02 76.40 87.89
C SER DC 149 91.65 76.08 89.27
N LYS DC 150 91.73 74.79 89.41
CA LYS DC 150 92.39 74.08 90.43
C LYS DC 150 93.16 73.11 89.48
N HIS DC 151 94.38 72.74 89.81
CA HIS DC 151 95.15 71.84 88.99
C HIS DC 151 95.79 70.79 89.86
N TRP DC 152 95.76 69.59 89.37
CA TRP DC 152 96.35 68.57 90.20
C TRP DC 152 97.83 68.49 89.95
N ALA DC 153 98.57 68.42 91.07
CA ALA DC 153 100.02 68.34 91.04
C ALA DC 153 100.57 68.04 92.44
N VAL EC 2 85.03 45.58 115.50
CA VAL EC 2 83.88 46.42 115.16
C VAL EC 2 84.30 47.86 114.88
N PHE EC 3 83.79 48.43 113.79
CA PHE EC 3 84.23 49.76 113.34
C PHE EC 3 83.09 50.67 112.91
N GLU EC 4 82.38 51.23 113.88
CA GLU EC 4 81.31 52.19 113.57
C GLU EC 4 81.91 53.55 113.20
N GLY EC 5 81.09 54.42 112.61
CA GLY EC 5 81.55 55.74 112.20
C GLY EC 5 80.97 56.87 113.05
N HIS EC 6 81.86 57.73 113.54
CA HIS EC 6 81.48 58.86 114.37
C HIS EC 6 80.48 59.75 113.63
N LEU EC 7 79.75 60.58 114.36
CA LEU EC 7 78.74 61.44 113.73
C LEU EC 7 78.89 62.92 114.10
N VAL EC 8 79.73 63.20 115.09
CA VAL EC 8 80.03 64.58 115.45
C VAL EC 8 81.28 65.04 114.71
N GLY EC 9 81.09 65.94 113.73
CA GLY EC 9 82.20 66.38 112.90
C GLY EC 9 82.67 67.78 113.21
N THR EC 10 83.13 67.99 114.45
CA THR EC 10 83.62 69.30 114.87
C THR EC 10 84.77 69.76 113.98
N GLY EC 11 85.87 69.02 114.01
CA GLY EC 11 87.05 69.39 113.26
C GLY EC 11 87.14 68.79 111.88
N LEU EC 12 86.18 69.12 111.03
CA LEU EC 12 86.14 68.56 109.69
C LEU EC 12 86.18 69.63 108.61
N LYS EC 13 86.81 69.30 107.49
CA LYS EC 13 86.77 70.15 106.29
C LYS EC 13 85.98 69.42 105.22
N VAL EC 14 84.88 70.00 104.78
CA VAL EC 14 84.03 69.38 103.78
C VAL EC 14 84.02 70.21 102.49
N GLY EC 15 83.85 69.53 101.37
CA GLY EC 15 83.75 70.19 100.07
C GLY EC 15 82.51 69.74 99.34
N VAL EC 16 81.77 70.70 98.79
CA VAL EC 16 80.52 70.37 98.11
C VAL EC 16 80.53 70.81 96.64
N VAL EC 17 80.01 69.94 95.78
CA VAL EC 17 79.89 70.26 94.37
C VAL EC 17 78.43 70.17 93.94
N VAL EC 18 77.84 71.33 93.66
CA VAL EC 18 76.41 71.39 93.31
C VAL EC 18 76.18 71.76 91.85
N GLY EC 19 75.16 71.16 91.27
CA GLY EC 19 74.81 71.43 89.88
C GLY EC 19 73.83 72.56 89.74
N ARG EC 20 74.10 73.47 88.81
CA ARG EC 20 73.29 74.66 88.61
C ARG EC 20 71.93 74.31 87.98
N PHE EC 21 71.93 73.33 87.09
CA PHE EC 21 70.69 72.90 86.46
C PHE EC 21 69.72 72.41 87.50
N ASN EC 22 68.44 72.71 87.33
CA ASN EC 22 67.43 72.42 88.33
C ASN EC 22 67.76 73.13 89.64
N GLU EC 23 68.27 74.36 89.52
CA GLU EC 23 68.67 75.17 90.65
C GLU EC 23 67.53 75.30 91.66
N PHE EC 24 66.30 75.31 91.14
CA PHE EC 24 65.11 75.42 91.97
C PHE EC 24 65.10 74.34 93.05
N ILE EC 25 65.66 73.17 92.72
CA ILE EC 25 65.71 72.06 93.66
C ILE EC 25 67.07 71.96 94.35
N THR EC 26 68.14 71.99 93.55
CA THR EC 26 69.49 71.87 94.08
C THR EC 26 69.80 72.98 95.09
N SER EC 27 69.09 74.10 94.98
CA SER EC 27 69.26 75.20 95.92
C SER EC 27 68.94 74.72 97.35
N LYS EC 28 67.68 74.37 97.58
CA LYS EC 28 67.25 73.86 98.88
C LYS EC 28 68.01 72.58 99.23
N LEU EC 29 68.54 71.92 98.21
CA LEU EC 29 69.28 70.68 98.40
C LEU EC 29 70.62 70.98 99.03
N LEU EC 30 71.20 72.11 98.64
CA LEU EC 30 72.44 72.60 99.22
C LEU EC 30 72.18 73.08 100.64
N GLY EC 31 70.92 73.35 100.94
CA GLY EC 31 70.52 73.69 102.29
C GLY EC 31 70.82 72.54 103.24
N GLY EC 32 71.28 71.43 102.68
CA GLY EC 32 71.70 70.28 103.46
C GLY EC 32 73.11 70.46 103.96
N ALA EC 33 73.91 71.20 103.20
CA ALA EC 33 75.25 71.59 103.64
C ALA EC 33 75.13 72.40 104.92
N LEU EC 34 74.70 73.65 104.78
CA LEU EC 34 74.39 74.48 105.93
C LEU EC 34 73.19 73.87 106.65
N ASP EC 35 72.94 74.30 107.88
CA ASP EC 35 71.89 73.71 108.70
C ASP EC 35 71.99 72.19 108.68
N GLY EC 36 73.17 71.69 108.34
CA GLY EC 36 73.41 70.25 108.27
C GLY EC 36 74.78 69.92 108.80
N LEU EC 37 75.81 70.35 108.09
CA LEU EC 37 77.18 70.22 108.57
C LEU EC 37 77.38 71.17 109.73
N LYS EC 38 76.71 72.31 109.68
CA LYS EC 38 76.79 73.32 110.74
C LYS EC 38 76.43 72.73 112.10
N ARG EC 39 75.20 72.22 112.21
CA ARG EC 39 74.70 71.73 113.48
C ARG EC 39 75.39 70.46 113.96
N HIS EC 40 76.17 69.83 113.08
CA HIS EC 40 76.90 68.64 113.47
C HIS EC 40 78.33 68.92 113.91
N GLY EC 41 78.67 70.20 113.96
CA GLY EC 41 79.96 70.62 114.48
C GLY EC 41 80.86 71.36 113.50
N VAL EC 42 80.71 71.06 112.21
CA VAL EC 42 81.56 71.66 111.18
C VAL EC 42 81.54 73.19 111.23
N GLU EC 43 82.70 73.83 111.03
CA GLU EC 43 82.83 75.28 111.11
C GLU EC 43 82.20 76.05 109.93
N GLU EC 44 81.40 77.09 110.28
CA GLU EC 44 80.68 77.97 109.35
C GLU EC 44 81.65 78.50 108.33
N ASN EC 45 81.26 78.24 107.08
CA ASN EC 45 82.01 78.47 105.86
C ASN EC 45 83.48 78.13 106.16
N ASP EC 46 83.66 76.80 106.31
CA ASP EC 46 84.93 76.07 106.47
C ASP EC 46 84.67 74.93 105.53
N ILE EC 47 83.66 75.22 104.78
CA ILE EC 47 83.15 74.33 103.78
C ILE EC 47 83.08 75.08 102.47
N ASP EC 48 83.59 74.48 101.41
CA ASP EC 48 83.58 75.11 100.09
C ASP EC 48 82.54 74.52 99.16
N VAL EC 49 81.92 75.39 98.36
CA VAL EC 49 80.88 74.97 97.42
C VAL EC 49 81.30 75.26 95.98
N ALA EC 50 81.22 74.24 95.15
CA ALA EC 50 81.60 74.36 93.74
C ALA EC 50 80.38 74.21 92.84
N TRP EC 51 80.04 75.27 92.11
CA TRP EC 51 78.91 75.25 91.19
C TRP EC 51 79.34 74.81 89.80
N VAL EC 52 78.75 73.72 89.33
CA VAL EC 52 79.03 73.22 87.98
C VAL EC 52 77.74 73.25 87.17
N PRO EC 53 77.88 73.49 85.85
CA PRO EC 53 76.76 73.60 84.92
C PRO EC 53 75.70 72.51 85.13
N GLY EC 54 75.99 71.30 84.66
CA GLY EC 54 75.05 70.21 84.78
C GLY EC 54 75.53 69.13 85.73
N ALA EC 55 74.61 68.25 86.12
CA ALA EC 55 74.95 67.13 87.00
C ALA EC 55 76.06 66.31 86.35
N PHE EC 56 76.15 66.41 85.03
CA PHE EC 56 77.14 65.65 84.26
C PHE EC 56 78.56 66.14 84.52
N GLU EC 57 78.68 67.41 84.90
CA GLU EC 57 79.99 68.03 85.10
C GLU EC 57 80.48 67.84 86.54
N ILE EC 58 79.62 67.28 87.38
CA ILE EC 58 79.96 67.09 88.79
C ILE EC 58 81.20 66.21 89.00
N PRO EC 59 81.22 65.01 88.38
CA PRO EC 59 82.34 64.09 88.57
C PRO EC 59 83.70 64.75 88.38
N LEU EC 60 83.86 65.55 87.31
CA LEU EC 60 85.14 66.19 87.03
C LEU EC 60 85.60 67.10 88.15
N ILE EC 61 84.74 68.02 88.57
CA ILE EC 61 85.08 69.00 89.59
C ILE EC 61 85.06 68.41 91.00
N ALA EC 62 84.24 67.39 91.20
CA ALA EC 62 84.24 66.66 92.46
C ALA EC 62 85.62 66.04 92.65
N LYS EC 63 86.27 65.71 91.54
CA LYS EC 63 87.63 65.18 91.57
C LYS EC 63 88.62 66.28 91.94
N LYS EC 64 88.71 67.31 91.10
CA LYS EC 64 89.69 68.38 91.30
C LYS EC 64 89.48 69.17 92.59
N MET EC 65 88.71 68.60 93.51
CA MET EC 65 88.58 69.14 94.85
C MET EC 65 89.15 68.15 95.85
N ALA EC 66 88.58 66.94 95.85
CA ALA EC 66 89.07 65.87 96.71
C ALA EC 66 90.41 65.34 96.22
N ASN EC 67 90.74 65.64 94.97
CA ASN EC 67 91.95 65.12 94.34
C ASN EC 67 93.19 65.40 95.17
N SER EC 68 93.31 66.65 95.62
CA SER EC 68 94.40 67.00 96.53
C SER EC 68 93.83 67.48 97.85
N GLY EC 69 94.37 66.97 98.95
CA GLY EC 69 93.87 67.24 100.28
C GLY EC 69 93.47 68.67 100.57
N LYS EC 70 92.16 68.90 100.63
CA LYS EC 70 91.61 70.19 101.03
C LYS EC 70 90.49 69.90 102.01
N TYR EC 71 89.89 68.73 101.86
CA TYR EC 71 88.73 68.33 102.65
C TYR EC 71 88.85 66.87 103.08
N ASP EC 72 88.16 66.53 104.18
CA ASP EC 72 88.16 65.16 104.68
C ASP EC 72 87.10 64.34 103.96
N ALA EC 73 86.18 65.02 103.27
CA ALA EC 73 85.14 64.37 102.51
C ALA EC 73 84.47 65.37 101.58
N VAL EC 74 84.07 64.90 100.40
CA VAL EC 74 83.41 65.74 99.41
C VAL EC 74 81.98 65.28 99.14
N ILE EC 75 81.04 66.22 99.17
CA ILE EC 75 79.64 65.94 98.92
C ILE EC 75 79.24 66.42 97.54
N THR EC 76 78.53 65.57 96.80
CA THR EC 76 78.03 65.94 95.47
C THR EC 76 76.51 66.12 95.49
N LEU EC 77 76.06 67.33 95.15
CA LEU EC 77 74.64 67.65 95.10
C LEU EC 77 74.22 68.04 93.69
N GLY EC 78 72.99 67.67 93.32
CA GLY EC 78 72.45 67.98 92.02
C GLY EC 78 71.08 67.35 91.84
N THR EC 79 70.42 67.66 90.74
CA THR EC 79 69.13 67.07 90.44
C THR EC 79 68.96 66.77 88.96
N VAL EC 80 68.33 65.64 88.67
CA VAL EC 80 68.06 65.23 87.29
C VAL EC 80 66.65 64.69 87.18
N ILE EC 81 65.86 65.25 86.25
CA ILE EC 81 64.47 64.84 86.10
C ILE EC 81 64.19 64.29 84.70
N ARG EC 82 63.40 63.22 84.64
CA ARG EC 82 63.03 62.57 83.40
C ARG EC 82 62.53 63.53 82.32
N GLY EC 83 63.05 63.35 81.10
CA GLY EC 83 62.58 64.10 79.95
C GLY EC 83 61.87 63.17 78.99
N ALA EC 84 61.72 63.63 77.74
CA ALA EC 84 61.10 62.81 76.71
C ALA EC 84 62.12 61.85 76.12
N THR EC 85 63.39 62.23 76.18
CA THR EC 85 64.46 61.43 75.61
C THR EC 85 65.14 60.56 76.67
N THR EC 86 65.94 59.61 76.22
CA THR EC 86 66.69 58.74 77.12
C THR EC 86 67.93 59.45 77.64
N HIS EC 87 68.06 60.74 77.31
CA HIS EC 87 69.16 61.55 77.77
C HIS EC 87 69.27 61.52 79.30
N TYR EC 88 68.11 61.50 79.94
CA TYR EC 88 68.04 61.45 81.40
C TYR EC 88 68.84 60.28 81.98
N ASP EC 89 68.87 59.17 81.26
CA ASP EC 89 69.51 57.96 81.74
C ASP EC 89 71.03 58.06 81.70
N TYR EC 90 71.57 58.49 80.56
CA TYR EC 90 73.02 58.55 80.38
C TYR EC 90 73.66 59.56 81.31
N VAL EC 91 72.90 60.58 81.70
CA VAL EC 91 73.37 61.57 82.66
C VAL EC 91 73.43 60.98 84.05
N CYS EC 92 72.27 60.56 84.57
CA CYS EC 92 72.18 59.93 85.88
C CYS EC 92 73.25 58.86 86.05
N ASN EC 93 73.28 57.91 85.13
CA ASN EC 93 74.25 56.82 85.16
C ASN EC 93 75.67 57.33 85.39
N GLU EC 94 76.15 58.16 84.48
CA GLU EC 94 77.54 58.61 84.50
C GLU EC 94 77.88 59.46 85.72
N VAL EC 95 76.88 60.15 86.26
CA VAL EC 95 77.08 60.92 87.49
C VAL EC 95 77.38 59.94 88.62
N ALA EC 96 76.46 59.01 88.83
CA ALA EC 96 76.63 57.97 89.85
C ALA EC 96 77.87 57.17 89.56
N LYS EC 97 78.06 56.86 88.28
CA LYS EC 97 79.22 56.09 87.84
C LYS EC 97 80.51 56.82 88.19
N GLY EC 98 80.56 58.11 87.89
CA GLY EC 98 81.73 58.92 88.17
C GLY EC 98 81.99 59.08 89.65
N VAL EC 99 81.02 59.63 90.36
CA VAL EC 99 81.15 59.86 91.80
C VAL EC 99 81.53 58.59 92.58
N ALA EC 100 81.00 57.44 92.15
CA ALA EC 100 81.30 56.18 92.81
C ALA EC 100 82.66 55.63 92.40
N SER EC 101 82.79 55.33 91.11
CA SER EC 101 84.04 54.77 90.57
C SER EC 101 85.25 55.62 90.94
N LEU EC 102 85.11 56.93 90.81
CA LEU EC 102 86.19 57.84 91.17
C LEU EC 102 86.06 58.38 92.60
N SER EC 103 85.73 57.47 93.51
CA SER EC 103 85.75 57.73 94.94
C SER EC 103 86.61 56.66 95.59
N LEU EC 104 87.05 55.71 94.77
CA LEU EC 104 87.92 54.64 95.22
C LEU EC 104 89.35 54.98 94.84
N GLN EC 105 89.52 55.65 93.70
CA GLN EC 105 90.84 56.03 93.22
C GLN EC 105 91.50 57.04 94.15
N THR EC 106 90.68 57.97 94.67
CA THR EC 106 91.16 58.96 95.62
C THR EC 106 91.25 58.33 96.97
N ASP EC 107 90.22 57.63 97.39
CA ASP EC 107 90.24 57.06 98.72
C ASP EC 107 89.73 58.07 99.69
N ILE EC 108 89.35 59.25 99.20
CA ILE EC 108 88.75 60.26 100.06
C ILE EC 108 87.27 60.17 99.86
N PRO EC 109 86.59 60.06 101.00
CA PRO EC 109 85.15 59.87 100.97
C PRO EC 109 84.35 60.79 100.03
N VAL EC 110 83.71 60.26 99.01
CA VAL EC 110 82.89 61.11 98.15
C VAL EC 110 81.44 60.63 98.17
N ILE EC 111 80.60 61.35 98.92
CA ILE EC 111 79.20 60.99 99.09
C ILE EC 111 78.37 61.38 97.87
N PHE EC 112 77.59 60.43 97.37
CA PHE EC 112 76.74 60.67 96.21
C PHE EC 112 75.36 61.15 96.62
N GLY EC 113 75.10 62.43 96.37
CA GLY EC 113 73.82 63.03 96.73
C GLY EC 113 73.16 63.73 95.56
N VAL EC 114 72.94 62.98 94.48
CA VAL EC 114 72.29 63.52 93.29
C VAL EC 114 70.88 62.93 93.12
N LEU EC 115 69.89 63.79 93.18
CA LEU EC 115 68.50 63.37 93.02
C LEU EC 115 68.22 62.90 91.60
N THR EC 116 67.60 61.73 91.50
CA THR EC 116 67.25 61.18 90.20
C THR EC 116 65.78 60.80 90.20
N THR EC 117 64.94 61.75 89.80
CA THR EC 117 63.49 61.58 89.93
C THR EC 117 62.76 61.54 88.60
N GLU EC 118 61.46 61.26 88.68
CA GLU EC 118 60.59 61.22 87.50
C GLU EC 118 59.76 62.50 87.41
N THR EC 119 59.39 63.03 88.57
CA THR EC 119 58.55 64.21 88.64
C THR EC 119 59.29 65.37 89.31
N ILE EC 120 58.91 66.59 88.94
CA ILE EC 120 59.37 67.77 89.64
C ILE EC 120 58.84 67.69 91.06
N GLU EC 121 57.71 67.02 91.23
CA GLU EC 121 57.08 66.86 92.53
C GLU EC 121 57.83 65.86 93.39
N GLN EC 122 58.58 64.98 92.75
CA GLN EC 122 59.38 63.99 93.46
C GLN EC 122 60.70 64.60 93.93
N ALA EC 123 61.19 65.57 93.18
CA ALA EC 123 62.39 66.32 93.57
C ALA EC 123 62.09 67.15 94.80
N ILE EC 124 60.97 67.88 94.74
CA ILE EC 124 60.51 68.65 95.88
C ILE EC 124 60.22 67.72 97.06
N GLU EC 125 59.73 66.53 96.72
CA GLU EC 125 59.42 65.53 97.72
C GLU EC 125 60.67 65.18 98.55
N ARG EC 126 61.81 65.24 97.91
CA ARG EC 126 63.08 64.86 98.53
C ARG EC 126 64.06 66.02 98.73
N ALA EC 127 63.55 67.24 98.64
CA ALA EC 127 64.39 68.42 98.83
C ALA EC 127 63.96 69.21 100.05
N GLY EC 128 63.46 68.56 101.05
CA GLY EC 128 62.99 69.32 102.15
C GLY EC 128 61.52 69.00 102.24
N THR EC 129 61.00 68.07 101.45
CA THR EC 129 59.60 67.75 101.74
C THR EC 129 59.51 66.37 102.41
N LYS EC 130 58.28 65.84 102.44
CA LYS EC 130 57.81 64.53 103.03
C LYS EC 130 58.92 63.54 103.31
N ALA EC 131 59.89 63.39 102.40
CA ALA EC 131 60.96 62.42 102.64
C ALA EC 131 62.14 63.04 103.37
N GLY EC 132 62.08 64.37 103.60
CA GLY EC 132 63.14 65.13 104.22
C GLY EC 132 64.06 65.73 103.14
N ASN EC 133 65.22 66.21 103.56
CA ASN EC 133 66.18 66.81 102.64
C ASN EC 133 67.38 65.90 102.39
N LYS EC 134 67.45 65.35 101.18
CA LYS EC 134 68.50 64.39 100.85
C LYS EC 134 69.87 65.05 100.74
N GLY EC 135 69.92 66.34 101.05
CA GLY EC 135 71.18 67.06 101.12
C GLY EC 135 71.72 67.03 102.54
N TYR EC 136 70.82 67.24 103.48
CA TYR EC 136 71.16 67.17 104.90
C TYR EC 136 71.54 65.74 105.27
N GLU EC 137 71.00 64.77 104.53
CA GLU EC 137 71.26 63.37 104.82
C GLU EC 137 72.61 62.94 104.26
N SER EC 138 72.98 63.53 103.13
CA SER EC 138 74.25 63.21 102.50
C SER EC 138 75.40 63.90 103.22
N ALA EC 139 75.04 64.85 104.09
CA ALA EC 139 76.03 65.53 104.92
C ALA EC 139 76.38 64.67 106.13
N VAL EC 140 75.35 64.13 106.76
CA VAL EC 140 75.54 63.19 107.86
C VAL EC 140 76.42 62.03 107.40
N ALA EC 141 76.14 61.53 106.20
CA ALA EC 141 76.92 60.45 105.63
C ALA EC 141 78.37 60.87 105.44
N ALA EC 142 78.56 62.10 104.98
CA ALA EC 142 79.91 62.61 104.73
C ALA EC 142 80.74 62.65 106.02
N ILE EC 143 80.13 63.12 107.10
CA ILE EC 143 80.82 63.18 108.38
C ILE EC 143 81.18 61.79 108.88
N GLU EC 144 80.22 60.88 108.81
CA GLU EC 144 80.43 59.51 109.27
C GLU EC 144 81.53 58.81 108.48
N MET EC 145 81.50 58.98 107.16
CA MET EC 145 82.51 58.39 106.28
C MET EC 145 83.89 58.98 106.54
N ALA EC 146 83.92 60.28 106.81
CA ALA EC 146 85.18 60.95 107.13
C ALA EC 146 85.80 60.32 108.37
N HIS EC 147 84.98 60.12 109.40
CA HIS EC 147 85.43 59.51 110.65
C HIS EC 147 85.71 58.02 110.53
N LEU EC 148 85.61 57.48 109.33
CA LEU EC 148 85.88 56.07 109.12
C LEU EC 148 87.21 55.84 108.40
N SER EC 149 87.85 56.92 107.98
CA SER EC 149 89.24 56.84 107.54
C SER EC 149 90.05 56.49 108.79
N LYS EC 150 90.20 55.19 109.01
CA LYS EC 150 90.53 54.66 110.32
C LYS EC 150 91.46 53.48 110.16
N HIS EC 151 91.33 52.79 109.02
CA HIS EC 151 92.06 51.55 108.78
C HIS EC 151 91.71 50.53 109.85
N TRP EC 152 92.44 49.42 109.90
CA TRP EC 152 91.98 48.26 110.68
C TRP EC 152 93.06 47.55 111.51
N ALA EC 153 92.62 46.91 112.59
CA ALA EC 153 93.51 46.18 113.49
C ALA EC 153 92.90 44.85 113.92
N VAL FC 2 91.45 19.39 88.92
CA VAL FC 2 90.33 19.69 89.83
C VAL FC 2 90.72 20.62 90.98
N PHE FC 3 89.86 21.58 91.28
CA PHE FC 3 90.14 22.58 92.32
C PHE FC 3 88.90 22.96 93.12
N GLU FC 4 88.44 22.07 94.01
CA GLU FC 4 87.30 22.37 94.85
C GLU FC 4 87.72 23.17 96.07
N GLY FC 5 86.77 23.89 96.66
CA GLY FC 5 87.04 24.74 97.81
C GLY FC 5 86.57 24.15 99.13
N HIS FC 6 87.47 24.12 100.13
CA HIS FC 6 87.16 23.63 101.46
C HIS FC 6 85.99 24.41 102.04
N LEU FC 7 85.37 23.89 103.09
CA LEU FC 7 84.24 24.58 103.71
C LEU FC 7 84.34 24.69 105.23
N VAL FC 8 85.44 24.20 105.79
CA VAL FC 8 85.69 24.35 107.22
C VAL FC 8 86.77 25.39 107.45
N GLY FC 9 86.35 26.61 107.80
CA GLY FC 9 87.29 27.70 107.99
C GLY FC 9 87.62 28.00 109.44
N THR FC 10 88.36 27.10 110.08
CA THR FC 10 88.71 27.26 111.49
C THR FC 10 89.76 28.35 111.69
N GLY FC 11 90.70 28.44 110.75
CA GLY FC 11 91.80 29.39 110.88
C GLY FC 11 91.66 30.63 110.02
N LEU FC 12 90.44 30.89 109.53
CA LEU FC 12 90.20 32.02 108.67
C LEU FC 12 90.01 33.31 109.46
N LYS FC 13 90.16 34.45 108.78
CA LYS FC 13 90.02 35.76 109.39
C LYS FC 13 89.17 36.67 108.51
N VAL FC 14 87.85 36.60 108.68
CA VAL FC 14 86.92 37.30 107.81
C VAL FC 14 86.59 38.71 108.32
N GLY FC 15 86.17 39.57 107.39
CA GLY FC 15 85.71 40.91 107.74
C GLY FC 15 84.50 41.30 106.92
N VAL FC 16 83.52 41.93 107.58
CA VAL FC 16 82.27 42.30 106.90
C VAL FC 16 82.02 43.81 106.88
N VAL FC 17 81.37 44.29 105.83
CA VAL FC 17 80.95 45.69 105.74
C VAL FC 17 79.44 45.75 105.53
N VAL FC 18 78.70 45.99 106.61
CA VAL FC 18 77.24 46.06 106.56
C VAL FC 18 76.73 47.49 106.42
N GLY FC 19 75.54 47.64 105.85
CA GLY FC 19 74.95 48.95 105.64
C GLY FC 19 73.83 49.25 106.60
N ARG FC 20 73.83 50.48 107.13
CA ARG FC 20 72.84 50.88 108.13
C ARG FC 20 71.44 51.05 107.54
N PHE FC 21 71.35 51.73 106.40
CA PHE FC 21 70.06 51.92 105.74
C PHE FC 21 69.37 50.57 105.61
N ASN FC 22 68.09 50.53 105.98
CA ASN FC 22 67.35 49.27 106.03
C ASN FC 22 67.94 48.32 107.06
N GLU FC 23 68.33 48.87 108.21
CA GLU FC 23 68.91 48.09 109.29
C GLU FC 23 67.96 46.98 109.72
N PHE FC 24 66.67 47.22 109.56
CA PHE FC 24 65.66 46.24 109.91
C PHE FC 24 65.95 44.91 109.23
N ILE FC 25 66.55 44.98 108.04
CA ILE FC 25 66.88 43.78 107.27
C ILE FC 25 68.34 43.42 107.39
N THR FC 26 69.22 44.41 107.20
CA THR FC 26 70.66 44.18 107.28
C THR FC 26 71.07 43.62 108.63
N SER FC 27 70.33 43.97 109.67
CA SER FC 27 70.60 43.47 111.01
C SER FC 27 70.59 41.94 111.04
N LYS FC 28 69.43 41.35 110.74
CA LYS FC 28 69.30 39.90 110.69
C LYS FC 28 70.20 39.32 109.60
N LEU FC 29 70.62 40.18 108.67
CA LEU FC 29 71.46 39.75 107.56
C LEU FC 29 72.89 39.56 108.01
N LEU FC 30 73.30 40.34 109.00
CA LEU FC 30 74.63 40.22 109.60
C LEU FC 30 74.65 39.05 110.57
N GLY FC 31 73.57 38.90 111.34
CA GLY FC 31 73.43 37.79 112.28
C GLY FC 31 73.46 36.49 111.49
N GLY FC 32 73.30 36.60 110.17
CA GLY FC 32 73.35 35.47 109.28
C GLY FC 32 74.82 35.13 109.01
N ALA FC 33 75.58 36.16 108.64
CA ALA FC 33 76.99 35.99 108.42
C ALA FC 33 77.64 35.33 109.63
N LEU FC 34 77.57 35.95 110.80
CA LEU FC 34 78.30 35.44 112.01
C LEU FC 34 77.85 34.18 112.68
N ASP FC 35 76.59 34.14 112.99
CA ASP FC 35 76.20 32.97 113.76
C ASP FC 35 76.50 31.63 113.00
N GLY FC 36 76.79 31.76 111.66
CA GLY FC 36 77.06 30.67 110.74
C GLY FC 36 78.47 30.71 110.18
N LEU FC 37 79.09 31.87 110.36
CA LEU FC 37 80.48 32.06 110.02
C LEU FC 37 81.24 31.47 111.19
N LYS FC 38 80.67 31.65 112.39
CA LYS FC 38 81.24 31.11 113.61
C LYS FC 38 81.11 29.60 113.65
N ARG FC 39 79.90 29.12 113.41
CA ARG FC 39 79.62 27.69 113.52
C ARG FC 39 80.30 26.88 112.42
N HIS FC 40 80.98 27.58 111.50
CA HIS FC 40 81.74 26.90 110.46
C HIS FC 40 83.22 26.77 110.83
N GLY FC 41 83.57 27.23 112.03
CA GLY FC 41 84.93 27.11 112.53
C GLY FC 41 85.60 28.43 112.89
N VAL FC 42 85.29 29.47 112.13
CA VAL FC 42 85.92 30.78 112.32
C VAL FC 42 85.85 31.23 113.77
N GLU FC 43 86.96 31.74 114.28
CA GLU FC 43 87.00 32.28 115.64
C GLU FC 43 86.27 33.62 115.65
N GLU FC 44 85.37 33.80 116.61
CA GLU FC 44 84.54 35.00 116.67
C GLU FC 44 85.36 36.26 116.88
N ASN FC 45 86.64 36.10 117.23
CA ASN FC 45 87.53 37.23 117.42
C ASN FC 45 88.29 37.59 116.15
N ASP FC 46 88.20 36.71 115.15
CA ASP FC 46 88.80 36.96 113.84
C ASP FC 46 87.78 37.61 112.89
N ILE FC 47 86.74 38.20 113.47
CA ILE FC 47 85.69 38.82 112.67
C ILE FC 47 85.49 40.29 113.00
N ASP FC 48 85.73 41.15 112.01
CA ASP FC 48 85.53 42.58 112.18
C ASP FC 48 84.35 43.08 111.36
N VAL FC 49 83.63 44.06 111.89
CA VAL FC 49 82.47 44.62 111.22
C VAL FC 49 82.66 46.11 110.96
N ALA FC 50 82.29 46.54 109.76
CA ALA FC 50 82.40 47.95 109.40
C ALA FC 50 81.04 48.49 108.97
N TRP FC 51 80.42 49.29 109.83
CA TRP FC 51 79.13 49.90 109.54
C TRP FC 51 79.26 51.15 108.68
N VAL FC 52 78.65 51.09 107.49
CA VAL FC 52 78.63 52.22 106.58
C VAL FC 52 77.21 52.75 106.45
N PRO FC 53 77.07 54.04 106.11
CA PRO FC 53 75.75 54.67 105.98
C PRO FC 53 74.83 53.90 105.04
N GLY FC 54 75.06 54.07 103.74
CA GLY FC 54 74.26 53.38 102.74
C GLY FC 54 75.05 52.31 102.00
N ALA FC 55 74.34 51.47 101.26
CA ALA FC 55 74.98 50.42 100.47
C ALA FC 55 75.95 50.99 99.46
N PHE FC 56 75.75 52.27 99.11
CA PHE FC 56 76.59 52.95 98.13
C PHE FC 56 78.01 53.14 98.65
N GLU FC 57 78.14 53.26 99.97
CA GLU FC 57 79.43 53.56 100.60
C GLU FC 57 80.23 52.29 100.86
N ILE FC 58 79.64 51.14 100.54
CA ILE FC 58 80.28 49.86 100.77
C ILE FC 58 81.60 49.69 100.00
N PRO FC 59 81.57 49.92 98.67
CA PRO FC 59 82.78 49.73 97.86
C PRO FC 59 84.03 50.39 98.46
N LEU FC 60 83.90 51.59 98.98
CA LEU FC 60 85.04 52.32 99.52
C LEU FC 60 85.64 51.64 100.73
N ILE FC 61 84.80 51.32 101.71
CA ILE FC 61 85.27 50.71 102.95
C ILE FC 61 85.56 49.21 102.79
N ALA FC 62 84.84 48.56 101.89
CA ALA FC 62 85.13 47.17 101.56
C ALA FC 62 86.53 47.07 100.99
N LYS FC 63 86.96 48.14 100.32
CA LYS FC 63 88.32 48.21 99.78
C LYS FC 63 89.34 48.36 100.89
N LYS FC 64 89.26 49.47 101.62
CA LYS FC 64 90.16 49.71 102.75
C LYS FC 64 90.34 48.46 103.61
N MET FC 65 89.27 47.68 103.76
CA MET FC 65 89.28 46.53 104.65
C MET FC 65 89.95 45.31 104.00
N ALA FC 66 89.48 44.95 102.82
CA ALA FC 66 90.04 43.81 102.10
C ALA FC 66 91.45 44.11 101.62
N ASN FC 67 91.92 45.32 101.91
CA ASN FC 67 93.22 45.77 101.44
C ASN FC 67 94.22 45.88 102.58
N SER FC 68 93.70 45.93 103.81
CA SER FC 68 94.55 46.02 104.98
C SER FC 68 95.32 44.72 105.21
N GLY FC 69 94.86 43.65 104.57
CA GLY FC 69 95.51 42.36 104.67
C GLY FC 69 95.13 41.59 105.93
N LYS FC 70 94.51 42.29 106.88
CA LYS FC 70 94.10 41.68 108.13
C LYS FC 70 93.09 40.58 107.89
N TYR FC 71 92.46 40.62 106.72
CA TYR FC 71 91.32 39.75 106.44
C TYR FC 71 91.61 38.74 105.32
N ASP FC 72 91.18 37.51 105.56
CA ASP FC 72 91.39 36.42 104.62
C ASP FC 72 90.32 36.47 103.53
N ALA FC 73 89.22 37.15 103.83
CA ALA FC 73 88.14 37.36 102.88
C ALA FC 73 87.18 38.39 103.44
N VAL FC 74 86.42 39.04 102.56
CA VAL FC 74 85.50 40.10 102.98
C VAL FC 74 84.07 39.83 102.54
N ILE FC 75 83.12 40.04 103.45
CA ILE FC 75 81.70 39.85 103.15
C ILE FC 75 80.94 41.17 103.19
N THR FC 76 80.38 41.56 102.06
CA THR FC 76 79.61 42.80 101.97
C THR FC 76 78.12 42.53 102.18
N LEU FC 77 77.57 43.10 103.26
CA LEU FC 77 76.15 42.95 103.55
C LEU FC 77 75.42 44.27 103.43
N GLY FC 78 74.14 44.21 103.11
CA GLY FC 78 73.33 45.41 102.95
C GLY FC 78 72.01 45.12 102.29
N THR FC 79 71.13 46.12 102.26
CA THR FC 79 69.83 45.97 101.62
C THR FC 79 69.42 47.23 100.86
N VAL FC 80 68.87 47.04 99.67
CA VAL FC 80 68.36 48.15 98.87
C VAL FC 80 66.99 47.78 98.33
N ILE FC 81 66.01 48.64 98.55
CA ILE FC 81 64.64 48.37 98.12
C ILE FC 81 64.12 49.44 97.17
N ARG FC 82 63.37 48.99 96.16
CA ARG FC 82 62.80 49.87 95.16
C ARG FC 82 62.07 51.10 95.72
N GLY FC 83 62.42 52.27 95.21
CA GLY FC 83 61.72 53.47 95.55
C GLY FC 83 60.82 53.89 94.40
N ALA FC 84 60.41 55.15 94.41
CA ALA FC 84 59.57 55.68 93.33
C ALA FC 84 60.44 56.19 92.18
N THR FC 85 61.74 56.34 92.45
CA THR FC 85 62.66 56.89 91.47
C THR FC 85 63.65 55.83 90.98
N THR FC 86 64.39 56.17 89.93
CA THR FC 86 65.41 55.28 89.38
C THR FC 86 66.65 55.27 90.25
N HIS FC 87 66.58 55.98 91.37
CA HIS FC 87 67.70 56.04 92.31
C HIS FC 87 68.13 54.63 92.70
N TYR FC 88 67.15 53.79 93.01
CA TYR FC 88 67.41 52.40 93.40
C TYR FC 88 68.35 51.68 92.45
N ASP FC 89 68.30 52.04 91.17
CA ASP FC 89 69.07 51.36 90.15
C ASP FC 89 70.55 51.73 90.20
N TYR FC 90 70.83 53.02 90.27
CA TYR FC 90 72.21 53.50 90.25
C TYR FC 90 72.96 53.08 91.50
N VAL FC 91 72.21 52.85 92.58
CA VAL FC 91 72.81 52.37 93.82
C VAL FC 91 73.16 50.89 93.71
N CYS FC 92 72.15 50.07 93.46
CA CYS FC 92 72.35 48.63 93.28
C CYS FC 92 73.51 48.36 92.32
N ASN FC 93 73.47 48.99 91.16
CA ASN FC 93 74.52 48.83 90.17
C ASN FC 93 75.90 49.09 90.75
N GLU FC 94 76.13 50.33 91.18
CA GLU FC 94 77.44 50.74 91.66
C GLU FC 94 77.95 49.91 92.83
N VAL FC 95 77.03 49.37 93.64
CA VAL FC 95 77.40 48.49 94.74
C VAL FC 95 78.00 47.20 94.18
N ALA FC 96 77.21 46.48 93.40
CA ALA FC 96 77.66 45.26 92.75
C ALA FC 96 78.83 45.56 91.84
N LYS FC 97 78.79 46.72 91.20
CA LYS FC 97 79.84 47.16 90.29
C LYS FC 97 81.17 47.32 91.06
N GLY FC 98 81.08 47.93 92.24
CA GLY FC 98 82.26 48.13 93.06
C GLY FC 98 82.80 46.83 93.62
N VAL FC 99 81.95 46.10 94.34
CA VAL FC 99 82.36 44.87 95.02
C VAL FC 99 82.99 43.86 94.06
N ALA FC 100 82.43 43.75 92.85
CA ALA FC 100 82.92 42.80 91.87
C ALA FC 100 84.21 43.29 91.21
N SER FC 101 84.12 44.44 90.54
CA SER FC 101 85.26 45.01 89.83
C SER FC 101 86.43 45.26 90.78
N LEU FC 102 86.11 45.52 92.05
CA LEU FC 102 87.14 45.76 93.06
C LEU FC 102 87.35 44.51 93.92
N SER FC 103 87.33 43.35 93.28
CA SER FC 103 87.63 42.08 93.93
C SER FC 103 88.69 41.37 93.10
N LEU FC 104 88.95 41.92 91.91
CA LEU FC 104 89.97 41.41 91.02
C LEU FC 104 91.24 42.23 91.21
N GLN FC 105 91.05 43.49 91.58
CA GLN FC 105 92.16 44.42 91.80
C GLN FC 105 92.91 44.06 93.09
N THR FC 106 92.22 43.52 94.09
CA THR FC 106 92.95 43.18 95.32
C THR FC 106 93.36 41.67 95.37
N ASP FC 107 92.57 40.81 94.71
CA ASP FC 107 92.78 39.35 94.70
C ASP FC 107 92.39 38.78 96.09
N ILE FC 108 91.75 39.57 96.96
CA ILE FC 108 91.23 39.09 98.26
C ILE FC 108 89.74 38.76 98.01
N PRO FC 109 89.26 37.60 98.46
CA PRO FC 109 87.87 37.31 98.10
C PRO FC 109 86.88 38.34 98.60
N VAL FC 110 86.03 38.97 97.77
CA VAL FC 110 85.06 39.91 98.33
C VAL FC 110 83.65 39.48 97.93
N ILE FC 111 83.02 38.66 98.78
CA ILE FC 111 81.70 38.12 98.50
C ILE FC 111 80.62 39.19 98.48
N PHE FC 112 79.74 39.11 97.50
CA PHE FC 112 78.66 40.08 97.33
C PHE FC 112 77.35 39.58 97.96
N GLY FC 113 77.05 40.07 99.15
CA GLY FC 113 75.86 39.67 99.85
C GLY FC 113 74.93 40.83 100.12
N VAL FC 114 74.71 41.66 99.10
CA VAL FC 114 73.79 42.79 99.22
C VAL FC 114 72.44 42.45 98.60
N LEU FC 115 71.41 42.48 99.44
CA LEU FC 115 70.05 42.24 98.96
C LEU FC 115 69.59 43.39 98.08
N THR FC 116 68.97 43.04 96.96
CA THR FC 116 68.47 44.03 96.02
C THR FC 116 67.07 43.62 95.59
N THR FC 117 66.07 44.06 96.36
CA THR FC 117 64.70 43.60 96.21
C THR FC 117 63.71 44.68 95.77
N GLU FC 118 62.46 44.26 95.59
CA GLU FC 118 61.39 45.15 95.13
C GLU FC 118 60.43 45.48 96.27
N THR FC 119 60.29 44.55 97.21
CA THR FC 119 59.38 44.70 98.32
C THR FC 119 60.11 44.58 99.65
N ILE FC 120 59.56 45.18 100.69
CA ILE FC 120 60.05 44.96 102.04
C ILE FC 120 59.92 43.49 102.36
N GLU FC 121 58.86 42.88 101.83
CA GLU FC 121 58.58 41.48 102.07
C GLU FC 121 59.66 40.57 101.47
N GLN FC 122 60.08 40.88 100.26
CA GLN FC 122 61.10 40.08 99.58
C GLN FC 122 62.42 40.10 100.34
N ALA FC 123 62.73 41.24 100.95
CA ALA FC 123 63.92 41.38 101.78
C ALA FC 123 63.85 40.41 102.96
N ILE FC 124 62.70 40.38 103.62
CA ILE FC 124 62.47 39.51 104.75
C ILE FC 124 62.60 38.04 104.34
N GLU FC 125 62.06 37.71 103.16
CA GLU FC 125 62.14 36.36 102.64
C GLU FC 125 63.59 35.90 102.57
N ARG FC 126 64.46 36.81 102.17
CA ARG FC 126 65.87 36.50 101.95
C ARG FC 126 66.75 36.93 103.11
N ALA FC 127 66.14 37.18 104.25
CA ALA FC 127 66.88 37.57 105.44
C ALA FC 127 66.61 36.64 106.60
N GLY FC 128 66.47 35.37 106.32
CA GLY FC 128 66.21 34.49 107.42
C GLY FC 128 64.84 33.90 107.36
N THR FC 129 64.10 34.11 106.24
CA THR FC 129 62.77 33.46 106.15
C THR FC 129 62.73 32.42 105.04
N LYS FC 130 61.58 32.33 104.38
CA LYS FC 130 61.31 31.47 103.23
C LYS FC 130 62.56 31.09 102.45
N ALA FC 131 63.23 32.05 101.80
CA ALA FC 131 64.39 31.71 100.95
C ALA FC 131 65.66 31.32 101.74
N GLY FC 132 65.73 31.64 103.04
CA GLY FC 132 66.89 31.38 103.86
C GLY FC 132 67.55 32.71 104.25
N ASN FC 133 68.79 32.69 104.76
CA ASN FC 133 69.45 33.94 105.13
C ASN FC 133 70.62 34.23 104.19
N LYS FC 134 70.47 35.28 103.39
CA LYS FC 134 71.49 35.67 102.42
C LYS FC 134 72.83 35.91 103.09
N GLY FC 135 72.80 36.37 104.34
CA GLY FC 135 74.01 36.67 105.09
C GLY FC 135 74.78 35.40 105.44
N TYR FC 136 74.03 34.35 105.77
CA TYR FC 136 74.64 33.06 106.10
C TYR FC 136 75.25 32.42 104.86
N GLU FC 137 74.50 32.42 103.77
CA GLU FC 137 74.95 31.84 102.51
C GLU FC 137 76.14 32.59 101.94
N SER FC 138 76.24 33.88 102.26
CA SER FC 138 77.34 34.71 101.76
C SER FC 138 78.59 34.52 102.60
N ALA FC 139 78.42 34.00 103.81
CA ALA FC 139 79.55 33.71 104.69
C ALA FC 139 80.16 32.36 104.30
N VAL FC 140 79.30 31.37 104.09
CA VAL FC 140 79.76 30.04 103.68
C VAL FC 140 80.52 30.13 102.36
N ALA FC 141 80.19 31.14 101.55
CA ALA FC 141 80.87 31.37 100.28
C ALA FC 141 82.22 32.04 100.51
N ALA FC 142 82.27 32.94 101.49
CA ALA FC 142 83.51 33.62 101.83
C ALA FC 142 84.58 32.62 102.27
N ILE FC 143 84.15 31.62 103.04
CA ILE FC 143 85.05 30.56 103.48
C ILE FC 143 85.62 29.80 102.29
N GLU FC 144 84.72 29.25 101.48
CA GLU FC 144 85.13 28.46 100.32
C GLU FC 144 86.08 29.25 99.42
N MET FC 145 85.70 30.48 99.10
CA MET FC 145 86.53 31.33 98.25
C MET FC 145 87.92 31.53 98.86
N ALA FC 146 87.96 31.73 100.18
CA ALA FC 146 89.23 31.87 100.87
C ALA FC 146 90.08 30.63 100.67
N HIS FC 147 89.50 29.47 100.98
CA HIS FC 147 90.20 28.20 100.86
C HIS FC 147 90.59 27.87 99.42
N LEU FC 148 90.03 28.61 98.47
CA LEU FC 148 90.49 28.50 97.09
C LEU FC 148 91.56 29.56 97.20
N SER FC 149 92.77 29.11 97.56
CA SER FC 149 94.04 29.76 97.32
C SER FC 149 95.33 29.45 96.57
N LYS FC 150 95.41 28.27 95.98
CA LYS FC 150 96.55 27.89 95.15
C LYS FC 150 96.90 28.80 93.97
N HIS FC 151 95.87 29.34 93.32
CA HIS FC 151 96.07 30.18 92.16
C HIS FC 151 96.59 31.57 92.51
N TRP FC 152 97.85 31.82 92.17
CA TRP FC 152 98.43 33.15 92.21
C TRP FC 152 99.81 33.19 91.56
N ALA FC 153 99.88 33.84 90.40
CA ALA FC 153 101.14 33.98 89.66
C ALA FC 153 101.20 35.31 88.91
N VAL GC 2 92.06 35.40 55.97
CA VAL GC 2 93.50 35.25 56.02
C VAL GC 2 93.92 34.68 57.38
N PHE GC 3 93.06 34.84 58.38
CA PHE GC 3 93.39 34.41 59.75
C PHE GC 3 92.29 33.59 60.40
N GLU GC 4 92.10 32.34 59.96
CA GLU GC 4 91.12 31.46 60.58
C GLU GC 4 91.73 30.68 61.74
N GLY GC 5 90.88 30.15 62.63
CA GLY GC 5 91.36 29.45 63.79
C GLY GC 5 91.19 27.94 63.71
N HIS GC 6 92.30 27.22 63.88
CA HIS GC 6 92.30 25.76 63.86
C HIS GC 6 91.27 25.21 64.85
N LEU GC 7 90.73 24.03 64.57
CA LEU GC 7 89.70 23.45 65.44
C LEU GC 7 90.12 22.13 66.08
N VAL GC 8 91.31 21.64 65.73
CA VAL GC 8 91.87 20.46 66.37
C VAL GC 8 92.80 20.89 67.50
N GLY GC 9 92.51 20.42 68.71
CA GLY GC 9 93.30 20.82 69.86
C GLY GC 9 93.96 19.67 70.58
N THR GC 10 94.59 18.79 69.81
CA THR GC 10 95.26 17.63 70.38
C THR GC 10 96.33 18.05 71.40
N GLY GC 11 97.04 19.12 71.11
CA GLY GC 11 98.12 19.56 71.97
C GLY GC 11 97.76 20.74 72.86
N LEU GC 12 96.48 20.94 73.08
CA LEU GC 12 96.02 22.06 73.89
C LEU GC 12 96.03 21.71 75.37
N LYS GC 13 95.70 22.70 76.20
CA LYS GC 13 95.80 22.58 77.65
C LYS GC 13 94.82 23.55 78.31
N VAL GC 14 93.56 23.13 78.44
CA VAL GC 14 92.49 24.01 78.88
C VAL GC 14 92.19 23.91 80.37
N GLY GC 15 91.57 24.95 80.91
CA GLY GC 15 91.13 24.97 82.30
C GLY GC 15 89.81 25.71 82.44
N VAL GC 16 88.87 25.11 83.16
CA VAL GC 16 87.53 25.69 83.28
C VAL GC 16 87.14 26.03 84.72
N VAL GC 17 86.24 27.01 84.85
CA VAL GC 17 85.70 27.39 86.15
C VAL GC 17 84.18 27.34 86.11
N VAL GC 18 83.60 26.37 86.81
CA VAL GC 18 82.15 26.18 86.83
C VAL GC 18 81.55 26.61 88.17
N GLY GC 19 80.32 27.12 88.11
CA GLY GC 19 79.63 27.57 89.30
C GLY GC 19 78.76 26.49 89.89
N ARG GC 20 78.92 26.24 91.18
CA ARG GC 20 78.17 25.20 91.87
C ARG GC 20 76.68 25.51 91.91
N PHE GC 21 76.34 26.78 92.08
CA PHE GC 21 74.94 27.18 92.13
C PHE GC 21 74.25 26.78 90.83
N ASN GC 22 73.07 26.18 90.96
CA ASN GC 22 72.36 25.60 89.82
C ASN GC 22 73.13 24.40 89.27
N GLU GC 23 73.72 23.63 90.17
CA GLU GC 23 74.48 22.43 89.81
C GLU GC 23 73.68 21.56 88.85
N PHE GC 24 72.37 21.49 89.06
CA PHE GC 24 71.49 20.67 88.24
C PHE GC 24 71.68 20.96 86.75
N ILE GC 25 72.11 22.18 86.44
CA ILE GC 25 72.34 22.59 85.06
C ILE GC 25 73.82 22.63 84.71
N THR GC 26 74.61 23.26 85.57
CA THR GC 26 76.04 23.40 85.33
C THR GC 26 76.75 22.05 85.21
N SER GC 27 76.17 21.02 85.82
CA SER GC 27 76.73 19.67 85.73
C SER GC 27 76.78 19.19 84.29
N LYS GC 28 75.61 19.00 83.70
CA LYS GC 28 75.50 18.57 82.31
C LYS GC 28 76.19 19.59 81.40
N LEU GC 29 76.33 20.81 81.89
CA LEU GC 29 76.95 21.88 81.13
C LEU GC 29 78.46 21.68 81.06
N LEU GC 30 79.02 21.17 82.14
CA LEU GC 30 80.45 20.90 82.23
C LEU GC 30 80.82 19.64 81.47
N GLY GC 31 80.04 18.59 81.67
CA GLY GC 31 80.27 17.33 80.99
C GLY GC 31 80.30 17.48 79.49
N GLY GC 32 79.55 18.45 78.98
CA GLY GC 32 79.53 18.73 77.57
C GLY GC 32 80.80 19.42 77.10
N ALA GC 33 81.36 20.27 77.96
CA ALA GC 33 82.58 21.00 77.67
C ALA GC 33 83.79 20.06 77.71
N LEU GC 34 83.81 19.19 78.72
CA LEU GC 34 84.87 18.20 78.84
C LEU GC 34 84.80 17.25 77.66
N ASP GC 35 83.61 16.68 77.44
CA ASP GC 35 83.40 15.77 76.31
C ASP GC 35 83.85 16.41 75.00
N GLY GC 36 83.62 17.71 74.86
CA GLY GC 36 84.02 18.43 73.67
C GLY GC 36 85.52 18.52 73.50
N LEU GC 37 86.18 19.10 74.49
CA LEU GC 37 87.64 19.20 74.49
C LEU GC 37 88.27 17.81 74.32
N LYS GC 38 87.77 16.85 75.07
CA LYS GC 38 88.31 15.51 75.09
C LYS GC 38 88.25 14.86 73.70
N ARG GC 39 87.08 14.93 73.07
CA ARG GC 39 86.88 14.30 71.76
C ARG GC 39 87.37 15.19 70.62
N HIS GC 40 87.94 16.34 70.95
CA HIS GC 40 88.51 17.22 69.93
C HIS GC 40 90.03 17.12 69.90
N GLY GC 41 90.57 16.25 70.74
CA GLY GC 41 92.00 16.04 70.79
C GLY GC 41 92.62 16.31 72.14
N VAL GC 42 92.16 17.37 72.81
CA VAL GC 42 92.69 17.75 74.11
C VAL GC 42 92.84 16.53 75.01
N GLU GC 43 94.01 16.41 75.62
CA GLU GC 43 94.27 15.28 76.50
C GLU GC 43 93.36 15.35 77.73
N GLU GC 44 92.83 14.19 78.12
CA GLU GC 44 91.83 14.14 79.19
C GLU GC 44 92.35 14.63 80.54
N ASN GC 45 93.66 14.85 80.64
CA ASN GC 45 94.25 15.30 81.90
C ASN GC 45 94.91 16.68 81.79
N ASP GC 46 94.98 17.20 80.56
CA ASP GC 46 95.43 18.57 80.33
C ASP GC 46 94.30 19.52 80.65
N ILE GC 47 93.31 19.02 81.38
CA ILE GC 47 92.09 19.76 81.65
C ILE GC 47 91.82 19.88 83.15
N ASP GC 48 91.66 21.11 83.63
CA ASP GC 48 91.41 21.36 85.04
C ASP GC 48 90.08 22.05 85.27
N VAL GC 49 89.46 21.76 86.41
CA VAL GC 49 88.18 22.37 86.75
C VAL GC 49 88.19 22.99 88.13
N ALA GC 50 87.74 24.24 88.22
CA ALA GC 50 87.67 24.95 89.49
C ALA GC 50 86.23 25.28 89.85
N TRP GC 51 85.74 24.68 90.93
CA TRP GC 51 84.36 24.92 91.38
C TRP GC 51 84.24 26.14 92.28
N VAL GC 52 83.48 27.14 91.81
CA VAL GC 52 83.24 28.35 92.59
C VAL GC 52 81.82 28.32 93.14
N PRO GC 53 81.61 29.14 94.19
CA PRO GC 53 80.29 29.20 94.82
C PRO GC 53 79.15 29.43 93.82
N GLY GC 54 79.33 30.39 92.90
CA GLY GC 54 78.33 30.69 91.92
C GLY GC 54 78.93 31.61 90.85
N ALA GC 55 78.12 32.01 89.85
CA ALA GC 55 78.64 32.86 88.78
C ALA GC 55 79.31 34.14 89.31
N PHE GC 56 78.77 34.81 90.30
CA PHE GC 56 79.46 36.03 90.69
C PHE GC 56 80.94 35.79 91.00
N GLU GC 57 81.28 34.65 91.51
CA GLU GC 57 82.65 34.34 91.90
C GLU GC 57 83.56 33.96 90.75
N ILE GC 58 83.00 33.66 89.57
CA ILE GC 58 83.74 33.18 88.33
C ILE GC 58 84.73 34.09 87.62
N PRO GC 59 84.57 35.37 87.81
CA PRO GC 59 85.58 36.32 87.32
C PRO GC 59 86.89 36.28 88.12
N LEU GC 60 86.80 36.13 89.43
CA LEU GC 60 87.99 36.15 90.28
C LEU GC 60 88.91 34.94 90.04
N ILE GC 61 88.32 33.75 90.05
CA ILE GC 61 89.10 32.52 89.91
C ILE GC 61 89.48 32.24 88.44
N ALA GC 62 88.74 32.82 87.51
CA ALA GC 62 89.09 32.73 86.10
C ALA GC 62 90.36 33.53 85.85
N LYS GC 63 90.48 34.66 86.53
CA LYS GC 63 91.68 35.49 86.45
C LYS GC 63 92.86 34.79 87.10
N LYS GC 64 92.58 33.99 88.11
CA LYS GC 64 93.62 33.27 88.84
C LYS GC 64 94.12 32.05 88.06
N MET GC 65 93.37 31.67 87.03
CA MET GC 65 93.76 30.55 86.18
C MET GC 65 94.35 31.02 84.86
N ALA GC 66 94.06 32.26 84.49
CA ALA GC 66 94.64 32.86 83.32
C ALA GC 66 96.03 33.41 83.66
N ASN GC 67 96.14 34.00 84.84
CA ASN GC 67 97.41 34.54 85.32
C ASN GC 67 98.35 33.46 85.83
N SER GC 68 97.83 32.24 85.96
CA SER GC 68 98.65 31.12 86.38
C SER GC 68 99.54 30.65 85.23
N GLY GC 69 99.24 31.12 84.03
CA GLY GC 69 100.03 30.81 82.84
C GLY GC 69 100.27 29.33 82.64
N LYS GC 70 99.22 28.53 82.83
CA LYS GC 70 99.33 27.08 82.71
C LYS GC 70 98.42 26.55 81.60
N TYR GC 71 97.44 27.35 81.20
CA TYR GC 71 96.44 26.91 80.25
C TYR GC 71 96.58 27.63 78.92
N ASP GC 72 95.97 27.05 77.88
CA ASP GC 72 95.96 27.66 76.54
C ASP GC 72 94.65 28.40 76.33
N ALA GC 73 93.73 28.22 77.27
CA ALA GC 73 92.43 28.85 77.22
C ALA GC 73 91.67 28.53 78.50
N VAL GC 74 90.76 29.42 78.88
CA VAL GC 74 89.94 29.21 80.08
C VAL GC 74 88.48 29.25 79.70
N ILE GC 75 87.72 28.27 80.16
CA ILE GC 75 86.29 28.21 79.89
C ILE GC 75 85.48 28.49 81.14
N THR GC 76 84.65 29.54 81.10
CA THR GC 76 83.80 29.88 82.22
C THR GC 76 82.40 29.30 82.05
N LEU GC 77 82.03 28.39 82.94
CA LEU GC 77 80.71 27.76 82.90
C LEU GC 77 79.90 28.11 84.15
N GLY GC 78 78.58 28.19 83.98
CA GLY GC 78 77.70 28.51 85.09
C GLY GC 78 76.28 28.71 84.60
N THR GC 79 75.37 28.99 85.52
CA THR GC 79 73.98 29.23 85.16
C THR GC 79 73.30 30.18 86.14
N VAL GC 80 72.59 31.17 85.59
CA VAL GC 80 71.85 32.12 86.41
C VAL GC 80 70.41 32.20 85.88
N ILE GC 81 69.45 32.12 86.78
CA ILE GC 81 68.04 32.15 86.37
C ILE GC 81 67.25 33.25 87.08
N ARG GC 82 66.35 33.89 86.34
CA ARG GC 82 65.52 34.97 86.86
C ARG GC 82 64.83 34.66 88.18
N GLY GC 83 64.94 35.59 89.11
CA GLY GC 83 64.24 35.48 90.37
C GLY GC 83 63.14 36.53 90.45
N ALA GC 84 62.73 36.87 91.68
CA ALA GC 84 61.71 37.88 91.89
C ALA GC 84 62.32 39.27 91.92
N THR GC 85 63.60 39.32 92.29
CA THR GC 85 64.29 40.59 92.42
C THR GC 85 65.19 40.86 91.22
N THR GC 86 65.70 42.09 91.13
CA THR GC 86 66.62 42.48 90.07
C THR GC 86 68.04 41.97 90.34
N HIS GC 87 68.19 41.20 91.41
CA HIS GC 87 69.47 40.61 91.77
C HIS GC 87 70.07 39.84 90.60
N TYR GC 88 69.22 39.14 89.87
CA TYR GC 88 69.63 38.35 88.72
C TYR GC 88 70.38 39.18 87.69
N ASP GC 89 70.01 40.45 87.57
CA ASP GC 89 70.58 41.33 86.56
C ASP GC 89 72.03 41.70 86.86
N TYR GC 90 72.29 42.12 88.09
CA TYR GC 90 73.61 42.54 88.49
C TYR GC 90 74.60 41.39 88.48
N VAL GC 91 74.13 40.20 88.85
CA VAL GC 91 74.94 39.01 88.80
C VAL GC 91 75.35 38.71 87.36
N CYS GC 92 74.36 38.47 86.52
CA CYS GC 92 74.60 38.18 85.11
C CYS GC 92 75.56 39.21 84.49
N ASN GC 93 75.29 40.48 84.74
CA ASN GC 93 76.11 41.55 84.18
C ASN GC 93 77.57 41.45 84.60
N GLU GC 94 77.81 41.43 85.91
CA GLU GC 94 79.17 41.44 86.43
C GLU GC 94 79.97 40.21 86.03
N VAL GC 95 79.27 39.11 85.76
CA VAL GC 95 79.94 37.88 85.30
C VAL GC 95 80.50 38.10 83.90
N ALA GC 96 79.64 38.48 82.98
CA ALA GC 96 80.04 38.77 81.61
C ALA GC 96 80.99 39.96 81.58
N LYS GC 97 80.61 41.02 82.30
CA LYS GC 97 81.44 42.22 82.41
C LYS GC 97 82.83 41.86 82.88
N GLY GC 98 82.92 40.94 83.83
CA GLY GC 98 84.20 40.49 84.36
C GLY GC 98 84.95 39.60 83.39
N VAL GC 99 84.31 38.56 82.92
CA VAL GC 99 84.93 37.60 82.01
C VAL GC 99 85.42 38.24 80.71
N ALA GC 100 84.65 39.18 80.18
CA ALA GC 100 85.02 39.87 78.93
C ALA GC 100 86.15 40.85 79.18
N SER GC 101 85.98 41.72 80.18
CA SER GC 101 86.98 42.74 80.49
C SER GC 101 88.29 42.11 80.96
N LEU GC 102 88.18 41.06 81.76
CA LEU GC 102 89.36 40.35 82.25
C LEU GC 102 89.74 39.21 81.31
N SER GC 103 89.59 39.47 80.01
CA SER GC 103 90.02 38.55 78.96
C SER GC 103 90.90 39.35 78.02
N LEU GC 104 90.96 40.66 78.26
CA LEU GC 104 91.80 41.57 77.51
C LEU GC 104 92.96 42.01 78.39
N GLN GC 105 92.70 42.05 79.69
CA GLN GC 105 93.73 42.38 80.68
C GLN GC 105 94.76 41.25 80.76
N THR GC 106 94.42 40.11 80.18
CA THR GC 106 95.26 38.92 80.25
C THR GC 106 95.64 38.41 78.86
N ASP GC 107 95.15 39.09 77.82
CA ASP GC 107 95.37 38.70 76.43
C ASP GC 107 95.39 37.17 76.37
N ILE GC 108 94.44 36.54 77.00
CA ILE GC 108 94.37 35.08 77.06
C ILE GC 108 92.89 34.79 76.74
N PRO GC 109 92.64 33.89 75.79
CA PRO GC 109 91.28 33.50 75.42
C PRO GC 109 90.50 33.02 76.64
N VAL GC 110 89.52 33.81 77.08
CA VAL GC 110 88.64 33.39 78.15
C VAL GC 110 87.21 33.35 77.62
N ILE GC 111 86.75 32.15 77.28
CA ILE GC 111 85.44 31.95 76.70
C ILE GC 111 84.33 32.12 77.74
N PHE GC 112 83.34 32.93 77.41
CA PHE GC 112 82.20 33.16 78.29
C PHE GC 112 81.08 32.18 77.97
N GLY GC 113 80.86 31.22 78.87
CA GLY GC 113 79.83 30.22 78.66
C GLY GC 113 78.91 30.07 79.85
N VAL GC 114 78.42 31.21 80.37
CA VAL GC 114 77.51 31.21 81.49
C VAL GC 114 76.07 31.41 81.01
N LEU GC 115 75.21 30.45 81.30
CA LEU GC 115 73.81 30.53 80.92
C LEU GC 115 73.11 31.64 81.70
N THR GC 116 72.36 32.46 80.97
CA THR GC 116 71.60 33.54 81.58
C THR GC 116 70.16 33.50 81.06
N THR GC 117 69.30 32.80 81.79
CA THR GC 117 67.97 32.46 81.31
C THR GC 117 66.83 32.96 82.20
N GLU GC 118 65.61 32.71 81.76
CA GLU GC 118 64.40 33.15 82.49
C GLU GC 118 63.71 31.97 83.14
N THR GC 119 63.81 30.81 82.50
CA THR GC 119 63.12 29.60 82.95
C THR GC 119 64.11 28.48 83.22
N ILE GC 120 63.75 27.61 84.16
CA ILE GC 120 64.53 26.40 84.40
C ILE GC 120 64.50 25.56 83.13
N GLU GC 121 63.42 25.71 82.37
CA GLU GC 121 63.21 24.97 81.13
C GLU GC 121 64.07 25.53 79.99
N GLN GC 122 64.47 26.78 80.15
CA GLN GC 122 65.36 27.41 79.16
C GLN GC 122 66.81 27.00 79.38
N ALA GC 123 67.17 26.78 80.65
CA ALA GC 123 68.50 26.31 80.99
C ALA GC 123 68.70 24.89 80.47
N ILE GC 124 67.76 24.01 80.81
CA ILE GC 124 67.77 22.64 80.32
C ILE GC 124 67.75 22.64 78.80
N GLU GC 125 66.99 23.57 78.23
CA GLU GC 125 66.89 23.72 76.79
C GLU GC 125 68.29 23.87 76.18
N ARG GC 126 69.19 24.49 76.92
CA ARG GC 126 70.51 24.84 76.41
C ARG GC 126 71.62 24.11 77.14
N ALA GC 127 71.28 23.04 77.85
CA ALA GC 127 72.29 22.24 78.54
C ALA GC 127 72.39 20.83 77.96
N GLY GC 128 72.11 20.69 76.67
CA GLY GC 128 72.12 19.39 76.05
C GLY GC 128 70.69 18.98 75.79
N THR GC 129 69.95 19.96 75.31
CA THR GC 129 68.58 19.70 74.91
C THR GC 129 68.35 20.45 73.57
N LYS GC 130 67.09 20.74 73.20
CA LYS GC 130 66.79 21.45 71.93
C LYS GC 130 67.91 22.32 71.37
N ALA GC 131 68.36 23.30 72.14
CA ALA GC 131 69.43 24.22 71.65
C ALA GC 131 70.82 23.59 71.58
N GLY GC 132 71.07 22.42 72.13
CA GLY GC 132 72.41 21.83 72.10
C GLY GC 132 73.05 21.96 73.48
N ASN GC 133 74.38 21.82 73.61
CA ASN GC 133 75.02 21.98 74.93
C ASN GC 133 75.98 23.16 74.93
N LYS GC 134 75.57 24.25 75.59
CA LYS GC 134 76.36 25.47 75.66
C LYS GC 134 77.80 25.21 76.10
N GLY GC 135 77.98 24.21 76.97
CA GLY GC 135 79.31 23.87 77.45
C GLY GC 135 80.18 23.33 76.34
N TYR GC 136 79.68 22.32 75.62
CA TYR GC 136 80.38 21.74 74.49
C TYR GC 136 80.73 22.82 73.48
N GLU GC 137 79.78 23.70 73.20
CA GLU GC 137 79.99 24.79 72.24
C GLU GC 137 81.04 25.78 72.74
N SER GC 138 81.25 25.81 74.06
CA SER GC 138 82.23 26.70 74.65
C SER GC 138 83.64 26.15 74.51
N ALA GC 139 83.76 24.83 74.52
CA ALA GC 139 85.04 24.16 74.34
C ALA GC 139 85.52 24.29 72.90
N VAL GC 140 84.62 24.01 71.97
CA VAL GC 140 84.93 24.13 70.54
C VAL GC 140 85.32 25.58 70.21
N ALA GC 141 84.91 26.50 71.07
CA ALA GC 141 85.26 27.90 70.91
C ALA GC 141 86.62 28.19 71.54
N ALA GC 142 86.90 27.50 72.65
CA ALA GC 142 88.17 27.68 73.35
C ALA GC 142 89.34 27.17 72.52
N ILE GC 143 89.12 26.06 71.83
CA ILE GC 143 90.15 25.48 70.96
C ILE GC 143 90.50 26.42 69.83
N GLU GC 144 89.48 26.99 69.20
CA GLU GC 144 89.68 27.91 68.10
C GLU GC 144 90.43 29.16 68.55
N MET GC 145 89.99 29.74 69.66
CA MET GC 145 90.64 30.92 70.22
C MET GC 145 92.07 30.60 70.63
N ALA GC 146 92.30 29.34 70.99
CA ALA GC 146 93.63 28.90 71.42
C ALA GC 146 94.62 28.86 70.25
N HIS GC 147 94.12 28.79 69.02
CA HIS GC 147 94.96 28.75 67.82
C HIS GC 147 95.14 30.13 67.23
N LEU GC 148 94.12 30.95 67.38
CA LEU GC 148 94.14 32.30 66.89
C LEU GC 148 94.67 33.28 67.94
N SER GC 149 94.54 32.99 69.27
CA SER GC 149 94.85 34.03 70.29
C SER GC 149 95.98 33.78 71.33
N LYS GC 150 96.27 32.53 71.59
CA LYS GC 150 97.27 32.20 72.59
C LYS GC 150 98.66 32.08 72.00
N HIS GC 151 98.86 31.17 71.08
CA HIS GC 151 100.20 31.00 70.58
C HIS GC 151 100.49 31.82 69.33
N TRP GC 152 99.49 32.58 68.99
CA TRP GC 152 99.51 33.54 67.90
C TRP GC 152 99.75 34.89 68.61
N ALA GC 153 100.38 35.88 67.99
CA ALA GC 153 100.61 37.12 68.72
C ALA GC 153 100.43 38.36 67.85
N VAL HC 2 33.59 44.95 146.97
CA VAL HC 2 32.46 45.25 146.09
C VAL HC 2 31.80 46.59 146.44
N PHE HC 3 31.42 47.35 145.42
CA PHE HC 3 30.88 48.69 145.64
C PHE HC 3 29.71 49.00 144.70
N GLU HC 4 28.62 48.26 144.79
CA GLU HC 4 27.44 48.55 143.98
C GLU HC 4 26.74 49.80 144.48
N GLY HC 5 25.71 50.23 143.76
CA GLY HC 5 24.95 51.43 144.13
C GLY HC 5 23.46 51.20 144.17
N HIS HC 6 22.82 51.63 145.25
CA HIS HC 6 21.36 51.53 145.40
C HIS HC 6 20.63 52.04 144.17
N LEU HC 7 19.34 51.71 144.09
CA LEU HC 7 18.50 52.25 143.04
C LEU HC 7 17.26 52.92 143.63
N VAL HC 8 17.16 52.88 144.95
CA VAL HC 8 16.08 53.56 145.66
C VAL HC 8 16.56 54.93 146.09
N GLY HC 9 15.93 55.97 145.55
CA GLY HC 9 16.32 57.34 145.85
C GLY HC 9 15.36 58.03 146.81
N THR HC 10 14.99 57.31 147.86
CA THR HC 10 14.03 57.82 148.84
C THR HC 10 14.33 59.25 149.28
N GLY HC 11 15.56 59.52 149.68
CA GLY HC 11 15.92 60.83 150.20
C GLY HC 11 17.02 61.53 149.42
N LEU HC 12 16.84 61.66 148.12
CA LEU HC 12 17.83 62.32 147.28
C LEU HC 12 17.34 63.68 146.80
N LYS HC 13 18.26 64.52 146.37
CA LYS HC 13 17.94 65.83 145.83
C LYS HC 13 18.58 65.98 144.44
N VAL HC 14 17.78 65.86 143.39
CA VAL HC 14 18.31 65.88 142.03
C VAL HC 14 17.99 67.21 141.32
N GLY HC 15 18.93 67.68 140.51
CA GLY HC 15 18.74 68.86 139.71
C GLY HC 15 18.93 68.56 138.24
N VAL HC 16 17.97 69.00 137.41
CA VAL HC 16 18.00 68.70 135.98
C VAL HC 16 18.21 69.96 135.14
N VAL HC 17 18.98 69.81 134.06
CA VAL HC 17 19.24 70.92 133.15
C VAL HC 17 18.87 70.53 131.72
N VAL HC 18 17.81 71.12 131.20
CA VAL HC 18 17.30 70.77 129.87
C VAL HC 18 17.44 71.90 128.86
N GLY HC 19 17.77 71.53 127.61
CA GLY HC 19 17.88 72.50 126.54
C GLY HC 19 16.60 72.63 125.74
N ARG HC 20 16.19 73.87 125.47
CA ARG HC 20 14.94 74.14 124.77
C ARG HC 20 14.96 73.68 123.31
N PHE HC 21 16.11 73.84 122.66
CA PHE HC 21 16.24 73.43 121.26
C PHE HC 21 15.80 71.99 121.14
N ASN HC 22 14.96 71.71 120.15
CA ASN HC 22 14.37 70.39 119.98
C ASN HC 22 13.44 70.04 121.15
N GLU HC 23 12.69 71.04 121.60
CA GLU HC 23 11.75 70.85 122.71
C GLU HC 23 10.82 69.69 122.42
N PHE HC 24 10.54 69.48 121.14
CA PHE HC 24 9.65 68.41 120.72
C PHE HC 24 10.13 67.07 121.26
N ILE HC 25 11.45 66.96 121.42
CA ILE HC 25 12.07 65.74 121.93
C ILE HC 25 12.43 65.86 123.40
N THR HC 26 13.13 66.94 123.75
CA THR HC 26 13.57 67.15 125.12
C THR HC 26 12.40 67.23 126.10
N SER HC 27 11.26 67.70 125.61
CA SER HC 27 10.06 67.79 126.44
C SER HC 27 9.68 66.41 126.97
N LYS HC 28 9.32 65.51 126.07
CA LYS HC 28 8.94 64.15 126.45
C LYS HC 28 10.17 63.36 126.92
N LEU HC 29 11.32 64.02 126.89
CA LEU HC 29 12.57 63.43 127.35
C LEU HC 29 12.80 63.80 128.81
N LEU HC 30 12.27 64.96 129.20
CA LEU HC 30 12.29 65.39 130.59
C LEU HC 30 11.25 64.61 131.38
N GLY HC 31 10.40 63.88 130.65
CA GLY HC 31 9.44 62.97 131.27
C GLY HC 31 10.17 61.82 131.92
N GLY HC 32 11.50 61.84 131.85
CA GLY HC 32 12.32 60.88 132.55
C GLY HC 32 12.61 61.38 133.95
N ALA HC 33 12.62 62.70 134.11
CA ALA HC 33 12.72 63.31 135.43
C ALA HC 33 11.64 62.72 136.31
N LEU HC 34 10.43 63.29 136.22
CA LEU HC 34 9.29 62.71 136.91
C LEU HC 34 8.94 61.39 136.22
N ASP HC 35 8.00 60.64 136.79
CA ASP HC 35 7.70 59.30 136.31
C ASP HC 35 9.00 58.54 136.09
N GLY HC 36 10.02 58.93 136.84
CA GLY HC 36 11.33 58.31 136.78
C GLY HC 36 12.03 58.44 138.11
N LEU HC 37 12.49 59.64 138.41
CA LEU HC 37 13.03 59.94 139.72
C LEU HC 37 11.94 59.74 140.76
N LYS HC 38 10.75 60.24 140.46
CA LYS HC 38 9.62 60.19 141.39
C LYS HC 38 9.24 58.75 141.76
N ARG HC 39 9.06 57.92 140.74
CA ARG HC 39 8.63 56.54 140.94
C ARG HC 39 9.73 55.70 141.62
N HIS HC 40 10.94 56.25 141.67
CA HIS HC 40 12.05 55.56 142.32
C HIS HC 40 12.26 56.03 143.75
N GLY HC 41 11.44 56.99 144.19
CA GLY HC 41 11.50 57.44 145.57
C GLY HC 41 11.70 58.94 145.71
N VAL HC 42 12.55 59.51 144.86
CA VAL HC 42 12.87 60.94 144.94
C VAL HC 42 11.62 61.78 145.15
N GLU HC 43 11.71 62.77 146.03
CA GLU HC 43 10.56 63.60 146.36
C GLU HC 43 10.23 64.58 145.24
N GLU HC 44 8.93 64.76 145.00
CA GLU HC 44 8.45 65.70 143.99
C GLU HC 44 9.11 67.06 144.10
N ASN HC 45 9.32 67.52 145.34
CA ASN HC 45 9.83 68.86 145.59
C ASN HC 45 11.36 68.94 145.52
N ASP HC 46 12.04 67.82 145.73
CA ASP HC 46 13.49 67.80 145.73
C ASP HC 46 14.08 67.78 144.32
N ILE HC 47 13.25 68.09 143.32
CA ILE HC 47 13.69 68.10 141.94
C ILE HC 47 13.51 69.47 141.30
N ASP HC 48 14.63 70.09 140.92
CA ASP HC 48 14.60 71.37 140.23
C ASP HC 48 15.03 71.23 138.78
N VAL HC 49 14.51 72.08 137.92
CA VAL HC 49 14.81 72.01 136.49
C VAL HC 49 15.25 73.36 135.93
N ALA HC 50 16.35 73.34 135.17
CA ALA HC 50 16.89 74.53 134.56
C ALA HC 50 16.81 74.46 133.04
N TRP HC 51 16.11 75.41 132.44
CA TRP HC 51 15.98 75.46 130.98
C TRP HC 51 17.05 76.35 130.37
N VAL HC 52 17.89 75.76 129.53
CA VAL HC 52 18.94 76.51 128.84
C VAL HC 52 18.57 76.65 127.35
N PRO HC 53 19.18 77.61 126.67
CA PRO HC 53 18.83 77.81 125.23
C PRO HC 53 18.89 76.56 124.34
N GLY HC 54 19.95 75.80 124.53
CA GLY HC 54 20.24 74.59 123.82
C GLY HC 54 21.44 73.89 124.47
N ALA HC 55 21.78 72.72 123.96
CA ALA HC 55 22.87 71.94 124.48
C ALA HC 55 24.16 72.75 124.69
N PHE HC 56 24.57 73.62 123.77
CA PHE HC 56 25.84 74.26 124.05
C PHE HC 56 25.85 74.96 125.39
N GLU HC 57 24.74 75.52 125.83
CA GLU HC 57 24.76 76.26 127.08
C GLU HC 57 24.57 75.37 128.34
N ILE HC 58 24.65 74.05 128.21
CA ILE HC 58 24.39 73.04 129.31
C ILE HC 58 25.56 72.67 130.27
N PRO HC 59 26.77 72.93 129.78
CA PRO HC 59 27.92 72.83 130.68
C PRO HC 59 27.97 73.94 131.72
N LEU HC 60 27.73 75.18 131.30
CA LEU HC 60 27.81 76.32 132.20
C LEU HC 60 26.78 76.25 133.33
N ILE HC 61 25.52 76.08 132.98
CA ILE HC 61 24.43 76.05 133.95
C ILE HC 61 24.39 74.75 134.74
N ALA HC 62 24.89 73.67 134.14
CA ALA HC 62 25.02 72.41 134.84
C ALA HC 62 26.08 72.51 135.92
N LYS HC 63 27.02 73.44 135.73
CA LYS HC 63 28.07 73.71 136.70
C LYS HC 63 27.53 74.50 137.89
N LYS HC 64 26.79 75.56 137.59
CA LYS HC 64 26.23 76.42 138.64
C LYS HC 64 25.06 75.78 139.35
N MET HC 65 24.92 74.47 139.19
CA MET HC 65 23.90 73.71 139.89
C MET HC 65 24.52 72.64 140.77
N ALA HC 66 25.64 72.08 140.30
CA ALA HC 66 26.39 71.11 141.09
C ALA HC 66 27.22 71.83 142.15
N ASN HC 67 27.69 73.02 141.80
CA ASN HC 67 28.49 73.83 142.71
C ASN HC 67 27.67 74.52 143.79
N SER HC 68 26.35 74.55 143.60
CA SER HC 68 25.45 75.10 144.60
C SER HC 68 25.32 74.13 145.79
N GLY HC 69 25.82 72.92 145.59
CA GLY HC 69 25.84 71.91 146.65
C GLY HC 69 24.46 71.56 147.18
N LYS HC 70 23.43 71.86 146.40
CA LYS HC 70 22.06 71.60 146.82
C LYS HC 70 21.58 70.24 146.34
N TYR HC 71 22.24 69.71 145.33
CA TYR HC 71 21.82 68.45 144.71
C TYR HC 71 22.85 67.34 144.90
N ASP HC 72 22.36 66.12 145.10
CA ASP HC 72 23.21 64.95 145.24
C ASP HC 72 23.75 64.54 143.88
N ALA HC 73 22.97 64.83 142.84
CA ALA HC 73 23.36 64.53 141.47
C ALA HC 73 22.66 65.48 140.51
N VAL HC 74 23.30 65.75 139.37
CA VAL HC 74 22.73 66.63 138.37
C VAL HC 74 22.52 65.89 137.06
N ILE HC 75 21.27 65.81 136.61
CA ILE HC 75 20.95 65.17 135.34
C ILE HC 75 20.92 66.20 134.22
N THR HC 76 21.61 65.90 133.12
CA THR HC 76 21.68 66.83 132.00
C THR HC 76 20.94 66.28 130.77
N LEU HC 77 19.92 67.01 130.33
CA LEU HC 77 19.07 66.57 129.22
C LEU HC 77 19.11 67.53 128.05
N GLY HC 78 18.86 67.00 126.86
CA GLY HC 78 18.86 67.81 125.65
C GLY HC 78 18.85 66.93 124.42
N THR HC 79 18.76 67.55 123.24
CA THR HC 79 18.75 66.80 121.98
C THR HC 79 19.44 67.59 120.87
N VAL HC 80 20.26 66.89 120.09
CA VAL HC 80 20.95 67.49 118.95
C VAL HC 80 20.85 66.57 117.74
N ILE HC 81 20.52 67.13 116.58
CA ILE HC 81 20.35 66.33 115.38
C ILE HC 81 21.16 66.86 114.20
N ARG HC 82 21.73 65.94 113.42
CA ARG HC 82 22.56 66.27 112.28
C ARG HC 82 21.95 67.31 111.36
N GLY HC 83 22.74 68.33 111.03
CA GLY HC 83 22.32 69.34 110.06
C GLY HC 83 23.02 69.10 108.74
N ALA HC 84 23.25 70.17 107.99
CA ALA HC 84 23.99 70.09 106.73
C ALA HC 84 25.46 70.44 106.98
N THR HC 85 25.71 71.18 108.06
CA THR HC 85 27.06 71.61 108.38
C THR HC 85 27.64 70.77 109.51
N THR HC 86 28.96 70.85 109.68
CA THR HC 86 29.65 70.13 110.75
C THR HC 86 29.43 70.81 112.10
N HIS HC 87 28.55 71.79 112.11
CA HIS HC 87 28.20 72.51 113.33
C HIS HC 87 27.70 71.53 114.40
N TYR HC 88 26.96 70.52 113.95
CA TYR HC 88 26.42 69.49 114.84
C TYR HC 88 27.53 68.80 115.63
N ASP HC 89 28.69 68.65 115.01
CA ASP HC 89 29.80 67.92 115.64
C ASP HC 89 30.41 68.68 116.82
N TYR HC 90 30.76 69.94 116.58
CA TYR HC 90 31.41 70.76 117.60
C TYR HC 90 30.50 70.97 118.80
N VAL HC 91 29.19 70.93 118.57
CA VAL HC 91 28.22 71.08 119.64
C VAL HC 91 28.19 69.82 120.51
N CYS HC 92 27.85 68.69 119.90
CA CYS HC 92 27.80 67.42 120.61
C CYS HC 92 29.07 67.18 121.39
N ASN HC 93 30.20 67.43 120.76
CA ASN HC 93 31.50 67.27 121.40
C ASN HC 93 31.59 68.05 122.70
N GLU HC 94 31.38 69.36 122.62
CA GLU HC 94 31.55 70.25 123.77
C GLU HC 94 30.55 69.97 124.89
N VAL HC 95 29.34 69.56 124.53
CA VAL HC 95 28.33 69.20 125.52
C VAL HC 95 28.83 68.01 126.34
N ALA HC 96 29.24 66.97 125.63
CA ALA HC 96 29.79 65.77 126.27
C ALA HC 96 31.12 66.07 126.95
N LYS HC 97 31.93 66.91 126.29
CA LYS HC 97 33.23 67.29 126.82
C LYS HC 97 33.06 68.10 128.09
N GLY HC 98 32.00 68.89 128.16
CA GLY HC 98 31.72 69.70 129.33
C GLY HC 98 31.16 68.88 130.47
N VAL HC 99 30.08 68.15 130.22
CA VAL HC 99 29.44 67.34 131.24
C VAL HC 99 30.37 66.30 131.84
N ALA HC 100 31.32 65.81 131.05
CA ALA HC 100 32.27 64.81 131.53
C ALA HC 100 33.45 65.45 132.25
N SER HC 101 34.31 66.13 131.49
CA SER HC 101 35.50 66.75 132.05
C SER HC 101 35.18 67.67 133.23
N LEU HC 102 33.97 68.21 133.26
CA LEU HC 102 33.54 69.04 134.38
C LEU HC 102 32.54 68.33 135.28
N SER HC 103 32.83 67.06 135.56
CA SER HC 103 32.09 66.26 136.52
C SER HC 103 33.11 65.66 137.47
N LEU HC 104 34.38 65.84 137.12
CA LEU HC 104 35.50 65.41 137.95
C LEU HC 104 35.98 66.57 138.81
N GLN HC 105 35.67 67.79 138.37
CA GLN HC 105 36.04 68.99 139.10
C GLN HC 105 35.01 69.35 140.16
N THR HC 106 33.96 68.53 140.25
CA THR HC 106 32.89 68.79 141.20
C THR HC 106 32.68 67.62 142.15
N ASP HC 107 33.19 66.45 141.76
CA ASP HC 107 33.04 65.24 142.56
C ASP HC 107 31.57 64.85 142.74
N ILE HC 108 30.69 65.63 142.14
CA ILE HC 108 29.25 65.35 142.18
C ILE HC 108 28.80 64.72 140.87
N PRO HC 109 28.15 63.55 140.97
CA PRO HC 109 27.70 62.82 139.77
C PRO HC 109 26.89 63.70 138.82
N VAL HC 110 27.39 63.87 137.60
CA VAL HC 110 26.64 64.59 136.57
C VAL HC 110 26.36 63.66 135.39
N ILE HC 111 25.17 63.09 135.38
CA ILE HC 111 24.78 62.13 134.35
C ILE HC 111 24.57 62.80 133.00
N PHE HC 112 25.19 62.26 131.97
CA PHE HC 112 25.08 62.80 130.62
C PHE HC 112 23.92 62.14 129.87
N GLY HC 113 22.83 62.87 129.73
CA GLY HC 113 21.66 62.36 129.03
C GLY HC 113 21.25 63.24 127.86
N VAL HC 114 22.22 63.52 126.98
CA VAL HC 114 21.96 64.33 125.80
C VAL HC 114 21.91 63.48 124.54
N LEU HC 115 20.74 63.45 123.91
CA LEU HC 115 20.56 62.72 122.66
C LEU HC 115 21.39 63.36 121.56
N THR HC 116 22.20 62.55 120.91
CA THR HC 116 23.00 63.01 119.79
C THR HC 116 22.76 62.08 118.59
N THR HC 117 21.81 62.46 117.75
CA THR HC 117 21.32 61.57 116.71
C THR HC 117 21.41 62.14 115.31
N GLU HC 118 20.98 61.34 114.33
CA GLU HC 118 21.08 61.69 112.92
C GLU HC 118 19.71 62.00 112.32
N THR HC 119 18.68 61.41 112.90
CA THR HC 119 17.32 61.58 112.40
C THR HC 119 16.41 62.07 113.51
N ILE HC 120 15.36 62.81 113.13
CA ILE HC 120 14.30 63.14 114.05
C ILE HC 120 13.66 61.85 114.54
N GLU HC 121 13.65 60.85 113.67
CA GLU HC 121 13.10 59.54 113.99
C GLU HC 121 13.91 58.84 115.07
N GLN HC 122 15.22 58.97 115.01
CA GLN HC 122 16.11 58.34 115.99
C GLN HC 122 15.97 58.99 117.36
N ALA HC 123 15.83 60.32 117.37
CA ALA HC 123 15.59 61.05 118.60
C ALA HC 123 14.29 60.59 119.25
N ILE HC 124 13.28 60.35 118.41
CA ILE HC 124 12.00 59.84 118.89
C ILE HC 124 12.15 58.41 119.38
N GLU HC 125 12.99 57.63 118.69
CA GLU HC 125 13.23 56.25 119.08
C GLU HC 125 13.79 56.19 120.49
N ARG HC 126 14.42 57.28 120.91
CA ARG HC 126 15.12 57.32 122.20
C ARG HC 126 14.50 58.33 123.15
N ALA HC 127 13.21 58.57 122.97
CA ALA HC 127 12.52 59.51 123.86
C ALA HC 127 11.20 58.94 124.32
N GLY HC 128 11.07 57.64 124.22
CA GLY HC 128 9.86 57.03 124.63
C GLY HC 128 9.29 56.21 123.49
N THR HC 129 10.15 55.60 122.74
CA THR HC 129 9.61 54.72 121.71
C THR HC 129 10.29 53.39 121.80
N LYS HC 130 10.60 52.78 120.66
CA LYS HC 130 11.13 51.39 120.78
C LYS HC 130 12.51 51.31 121.40
N ALA HC 131 13.13 52.41 121.87
CA ALA HC 131 14.43 52.27 122.53
C ALA HC 131 14.25 52.62 124.01
N GLY HC 132 13.05 53.16 124.31
CA GLY HC 132 12.69 53.58 125.64
C GLY HC 132 13.01 55.07 125.79
N ASN HC 133 12.86 55.60 127.00
CA ASN HC 133 13.13 57.01 127.24
C ASN HC 133 14.49 57.23 127.90
N LYS HC 134 15.39 57.88 127.18
CA LYS HC 134 16.75 58.08 127.65
C LYS HC 134 16.83 59.09 128.80
N GLY HC 135 15.70 59.71 129.11
CA GLY HC 135 15.61 60.62 130.24
C GLY HC 135 15.33 59.86 131.52
N TYR HC 136 14.50 58.82 131.39
CA TYR HC 136 14.18 57.96 132.52
C TYR HC 136 15.40 57.12 132.90
N GLU HC 137 16.15 56.69 131.90
CA GLU HC 137 17.33 55.86 132.14
C GLU HC 137 18.44 56.69 132.77
N SER HC 138 18.52 57.95 132.36
CA SER HC 138 19.56 58.85 132.88
C SER HC 138 19.27 59.28 134.31
N ALA HC 139 18.03 59.05 134.74
CA ALA HC 139 17.64 59.33 136.12
C ALA HC 139 18.02 58.15 137.01
N VAL HC 140 17.67 56.96 136.56
CA VAL HC 140 18.04 55.72 137.26
C VAL HC 140 19.54 55.73 137.52
N ALA HC 141 20.31 56.15 136.51
CA ALA HC 141 21.75 56.25 136.64
C ALA HC 141 22.13 57.34 137.64
N ALA HC 142 21.40 58.45 137.62
CA ALA HC 142 21.67 59.56 138.52
C ALA HC 142 21.54 59.13 139.98
N ILE HC 143 20.45 58.43 140.29
CA ILE HC 143 20.22 57.92 141.63
C ILE HC 143 21.35 57.02 142.06
N GLU HC 144 21.63 55.99 141.25
CA GLU HC 144 22.68 55.05 141.57
C GLU HC 144 24.03 55.72 141.79
N MET HC 145 24.35 56.70 140.95
CA MET HC 145 25.61 57.40 141.05
C MET HC 145 25.73 58.15 142.37
N ALA HC 146 24.75 59.01 142.64
CA ALA HC 146 24.74 59.77 143.88
C ALA HC 146 24.72 58.82 145.06
N HIS HC 147 24.07 57.68 144.87
CA HIS HC 147 23.90 56.70 145.93
C HIS HC 147 25.15 55.82 146.05
N LEU HC 148 26.12 56.07 145.16
CA LEU HC 148 27.34 55.26 145.15
C LEU HC 148 28.51 56.07 145.67
N SER HC 149 28.30 57.37 145.87
CA SER HC 149 29.35 58.22 146.43
C SER HC 149 29.40 58.10 147.94
N LYS HC 150 29.88 56.96 148.42
CA LYS HC 150 30.07 56.77 149.86
C LYS HC 150 31.55 56.66 150.22
N HIS HC 151 32.34 56.02 149.35
CA HIS HC 151 33.79 56.05 149.52
C HIS HC 151 34.32 57.35 148.95
N TRP HC 152 33.72 58.45 149.41
CA TRP HC 152 33.98 59.78 148.91
C TRP HC 152 34.29 60.70 150.09
N ALA HC 153 34.33 62.01 149.85
CA ALA HC 153 34.59 63.00 150.88
C ALA HC 153 36.01 62.89 151.43
N VAL IC 2 68.28 51.40 132.79
CA VAL IC 2 67.18 50.59 132.24
C VAL IC 2 66.14 50.22 133.29
N PHE IC 3 65.07 51.01 133.36
CA PHE IC 3 64.04 50.83 134.37
C PHE IC 3 62.83 50.09 133.79
N GLU IC 4 62.74 48.79 134.03
CA GLU IC 4 61.61 47.98 133.58
C GLU IC 4 60.67 47.63 134.74
N GLY IC 5 59.57 46.95 134.44
CA GLY IC 5 58.57 46.62 135.43
C GLY IC 5 58.41 45.15 135.74
N HIS IC 6 58.25 44.84 137.03
CA HIS IC 6 58.06 43.46 137.49
C HIS IC 6 56.74 42.91 136.96
N LEU IC 7 56.45 41.64 137.26
CA LEU IC 7 55.19 41.05 136.79
C LEU IC 7 54.54 40.10 137.80
N VAL IC 8 55.24 39.79 138.87
CA VAL IC 8 54.63 39.05 139.97
C VAL IC 8 54.12 40.04 141.01
N GLY IC 9 52.84 39.92 141.35
CA GLY IC 9 52.23 40.84 142.29
C GLY IC 9 51.82 40.20 143.60
N THR IC 10 52.79 39.59 144.28
CA THR IC 10 52.53 38.91 145.54
C THR IC 10 51.79 39.81 146.53
N GLY IC 11 52.30 41.02 146.74
CA GLY IC 11 51.70 41.94 147.68
C GLY IC 11 51.17 43.19 147.02
N LEU IC 12 50.07 43.07 146.29
CA LEU IC 12 49.50 44.20 145.56
C LEU IC 12 48.10 44.56 146.03
N LYS IC 13 47.74 45.83 145.87
CA LYS IC 13 46.43 46.33 146.26
C LYS IC 13 45.76 46.90 145.01
N VAL IC 14 44.88 46.12 144.40
CA VAL IC 14 44.28 46.53 143.12
C VAL IC 14 42.79 46.87 143.27
N GLY IC 15 42.36 47.90 142.54
CA GLY IC 15 40.96 48.29 142.51
C GLY IC 15 40.42 48.31 141.10
N VAL IC 16 39.19 47.83 140.94
CA VAL IC 16 38.58 47.70 139.62
C VAL IC 16 37.23 48.41 139.51
N VAL IC 17 37.04 49.14 138.41
CA VAL IC 17 35.78 49.82 138.15
C VAL IC 17 35.16 49.26 136.88
N VAL IC 18 34.06 48.54 137.02
CA VAL IC 18 33.39 47.91 135.87
C VAL IC 18 32.03 48.52 135.55
N GLY IC 19 31.79 48.77 134.27
CA GLY IC 19 30.54 49.34 133.83
C GLY IC 19 29.51 48.26 133.64
N ARG IC 20 28.32 48.48 134.19
CA ARG IC 20 27.25 47.48 134.14
C ARG IC 20 26.66 47.31 132.75
N PHE IC 21 26.57 48.40 132.00
CA PHE IC 21 26.01 48.35 130.66
C PHE IC 21 26.77 47.35 129.80
N ASN IC 22 26.04 46.56 129.01
CA ASN IC 22 26.62 45.47 128.26
C ASN IC 22 27.25 44.44 129.21
N GLU IC 23 26.58 44.22 130.34
CA GLU IC 23 27.04 43.28 131.36
C GLU IC 23 27.40 41.94 130.76
N PHE IC 24 26.73 41.59 129.66
CA PHE IC 24 26.97 40.32 128.99
C PHE IC 24 28.44 40.16 128.62
N ILE IC 25 29.11 41.28 128.35
CA ILE IC 25 30.52 41.27 127.98
C ILE IC 25 31.41 41.64 129.16
N THR IC 26 31.08 42.76 129.80
CA THR IC 26 31.87 43.24 130.93
C THR IC 26 31.97 42.19 132.03
N SER IC 27 30.98 41.31 132.09
CA SER IC 27 30.99 40.23 133.07
C SER IC 27 32.23 39.36 132.88
N LYS IC 28 32.28 38.65 131.76
CA LYS IC 28 33.43 37.82 131.45
C LYS IC 28 34.71 38.66 131.42
N LEU IC 29 34.54 39.93 131.11
CA LEU IC 29 35.67 40.84 131.01
C LEU IC 29 36.30 41.12 132.38
N LEU IC 30 35.46 41.19 133.40
CA LEU IC 30 35.92 41.36 134.77
C LEU IC 30 36.55 40.07 135.28
N GLY IC 31 35.89 38.96 135.02
CA GLY IC 31 36.40 37.66 135.42
C GLY IC 31 37.80 37.41 134.88
N GLY IC 32 38.13 38.09 133.78
CA GLY IC 32 39.45 37.97 133.20
C GLY IC 32 40.51 38.62 134.06
N ALA IC 33 40.20 39.81 134.58
CA ALA IC 33 41.12 40.54 135.42
C ALA IC 33 41.15 39.96 136.83
N LEU IC 34 39.97 39.58 137.32
CA LEU IC 34 39.82 39.08 138.67
C LEU IC 34 40.30 37.64 138.77
N ASP IC 35 40.86 37.12 137.67
CA ASP IC 35 41.42 35.78 137.65
C ASP IC 35 42.85 35.82 137.15
N GLY IC 36 43.22 36.94 136.55
CA GLY IC 36 44.59 37.18 136.14
C GLY IC 36 45.36 37.72 137.33
N LEU IC 37 44.69 38.53 138.13
CA LEU IC 37 45.27 39.06 139.34
C LEU IC 37 45.49 37.93 140.34
N LYS IC 38 44.43 37.18 140.62
CA LYS IC 38 44.50 36.07 141.57
C LYS IC 38 45.67 35.13 141.25
N ARG IC 39 45.72 34.67 140.00
CA ARG IC 39 46.72 33.68 139.60
C ARG IC 39 48.11 34.26 139.41
N HIS IC 40 48.21 35.57 139.46
CA HIS IC 40 49.50 36.25 139.41
C HIS IC 40 50.00 36.50 140.82
N GLY IC 41 49.34 35.94 141.82
CA GLY IC 41 49.85 36.11 143.15
C GLY IC 41 49.22 37.28 143.89
N VAL IC 42 48.26 37.96 143.25
CA VAL IC 42 47.58 39.03 143.96
C VAL IC 42 46.42 38.38 144.67
N GLU IC 43 46.28 38.74 145.91
CA GLU IC 43 45.22 38.29 146.81
C GLU IC 43 43.82 38.40 146.28
N GLU IC 44 43.07 37.29 146.41
CA GLU IC 44 41.67 37.21 146.02
C GLU IC 44 40.85 38.05 147.00
N ASN IC 45 41.43 38.37 148.13
CA ASN IC 45 40.74 39.14 149.13
C ASN IC 45 41.24 40.58 149.15
N ASP IC 46 42.13 40.96 148.25
CA ASP IC 46 42.68 42.31 148.24
C ASP IC 46 42.30 43.03 146.95
N ILE IC 47 41.12 42.71 146.43
CA ILE IC 47 40.63 43.33 145.20
C ILE IC 47 39.22 43.88 145.41
N ASP IC 48 39.05 45.17 145.10
CA ASP IC 48 37.74 45.80 145.20
C ASP IC 48 37.18 46.11 143.81
N VAL IC 49 35.88 45.85 143.64
CA VAL IC 49 35.21 46.11 142.37
C VAL IC 49 34.12 47.15 142.53
N ALA IC 50 34.10 48.14 141.63
CA ALA IC 50 33.12 49.21 141.68
C ALA IC 50 32.25 49.20 140.42
N TRP IC 51 30.98 48.84 140.60
CA TRP IC 51 30.03 48.81 139.48
C TRP IC 51 29.41 50.17 139.22
N VAL IC 52 29.68 50.72 138.05
CA VAL IC 52 29.07 51.97 137.64
C VAL IC 52 28.01 51.72 136.58
N PRO IC 53 27.07 52.70 136.41
CA PRO IC 53 25.99 52.48 135.43
C PRO IC 53 26.59 51.91 134.12
N GLY IC 54 27.49 52.72 133.50
CA GLY IC 54 28.22 52.42 132.25
C GLY IC 54 29.56 53.20 132.18
N ALA IC 55 30.25 53.02 131.06
CA ALA IC 55 31.55 53.64 130.84
C ALA IC 55 31.57 55.14 131.13
N PHE IC 56 30.61 55.92 130.65
CA PHE IC 56 30.71 57.34 130.92
C PHE IC 56 30.92 57.67 132.40
N GLU IC 57 30.45 56.85 133.30
CA GLU IC 57 30.63 57.16 134.72
C GLU IC 57 31.90 56.63 135.31
N ILE IC 58 32.67 55.86 134.52
CA ILE IC 58 33.95 55.20 134.96
C ILE IC 58 35.16 56.12 135.31
N PRO IC 59 35.18 57.28 134.69
CA PRO IC 59 36.18 58.28 135.07
C PRO IC 59 35.96 58.85 136.47
N LEU IC 60 34.72 59.14 136.82
CA LEU IC 60 34.41 59.73 138.12
C LEU IC 60 34.74 58.79 139.28
N ILE IC 61 34.17 57.59 139.25
CA ILE IC 61 34.36 56.61 140.31
C ILE IC 61 35.78 56.05 140.34
N ALA IC 62 36.41 55.97 139.17
CA ALA IC 62 37.80 55.54 139.09
C ALA IC 62 38.71 56.56 139.76
N LYS IC 63 38.29 57.81 139.75
CA LYS IC 63 39.02 58.89 140.40
C LYS IC 63 38.97 58.76 141.91
N LYS IC 64 37.77 58.49 142.44
CA LYS IC 64 37.57 58.40 143.88
C LYS IC 64 38.14 57.10 144.47
N MET IC 65 38.73 56.27 143.61
CA MET IC 65 39.41 55.07 144.05
C MET IC 65 40.92 55.27 144.05
N ALA IC 66 41.40 56.01 143.06
CA ALA IC 66 42.81 56.38 143.02
C ALA IC 66 43.08 57.43 144.08
N ASN IC 67 42.20 58.41 144.18
CA ASN IC 67 42.28 59.42 145.22
C ASN IC 67 42.04 58.81 146.60
N SER IC 68 41.41 57.65 146.60
CA SER IC 68 41.19 56.90 147.84
C SER IC 68 42.51 56.51 148.47
N GLY IC 69 43.58 56.50 147.67
CA GLY IC 69 44.90 56.14 148.14
C GLY IC 69 44.94 54.81 148.85
N LYS IC 70 44.30 53.81 148.25
CA LYS IC 70 44.23 52.49 148.86
C LYS IC 70 44.72 51.41 147.89
N TYR IC 71 44.93 51.80 146.63
CA TYR IC 71 45.31 50.85 145.60
C TYR IC 71 46.59 51.28 144.89
N ASP IC 72 47.41 50.29 144.54
CA ASP IC 72 48.64 50.54 143.79
C ASP IC 72 48.31 50.88 142.34
N ALA IC 73 47.19 50.34 141.87
CA ALA IC 73 46.73 50.57 140.51
C ALA IC 73 45.24 50.32 140.41
N VAL IC 74 44.58 51.01 139.49
CA VAL IC 74 43.15 50.83 139.27
C VAL IC 74 42.88 50.38 137.85
N ILE IC 75 42.11 49.30 137.71
CA ILE IC 75 41.74 48.77 136.40
C ILE IC 75 40.32 49.21 136.03
N THR IC 76 40.15 49.73 134.82
CA THR IC 76 38.85 50.16 134.34
C THR IC 76 38.31 49.21 133.27
N LEU IC 77 37.23 48.50 133.61
CA LEU IC 77 36.62 47.55 132.68
C LEU IC 77 35.26 48.05 132.21
N GLY IC 78 34.97 47.85 130.92
CA GLY IC 78 33.70 48.24 130.36
C GLY IC 78 33.58 47.81 128.91
N THR IC 79 32.40 48.01 128.33
CA THR IC 79 32.19 47.69 126.93
C THR IC 79 31.23 48.65 126.26
N VAL IC 80 31.62 49.17 125.11
CA VAL IC 80 30.79 50.10 124.34
C VAL IC 80 30.74 49.64 122.88
N ILE IC 81 29.53 49.51 122.34
CA ILE IC 81 29.37 49.03 120.98
C ILE IC 81 28.61 50.01 120.10
N ARG IC 82 29.06 50.14 118.86
CA ARG IC 82 28.43 51.03 117.88
C ARG IC 82 26.91 50.96 117.88
N GLY IC 83 26.28 52.13 117.76
CA GLY IC 83 24.85 52.20 117.61
C GLY IC 83 24.50 52.76 116.25
N ALA IC 84 23.37 53.46 116.16
CA ALA IC 84 22.97 54.11 114.92
C ALA IC 84 23.37 55.58 114.95
N THR IC 85 23.67 56.10 116.14
CA THR IC 85 24.03 57.50 116.30
C THR IC 85 25.49 57.66 116.70
N THR IC 86 25.98 58.90 116.63
CA THR IC 86 27.35 59.21 117.00
C THR IC 86 27.52 59.25 118.51
N HIS IC 87 26.47 58.87 119.22
CA HIS IC 87 26.49 58.81 120.67
C HIS IC 87 27.65 57.93 121.14
N TYR IC 88 27.89 56.87 120.38
CA TYR IC 88 28.95 55.92 120.69
C TYR IC 88 30.32 56.58 120.74
N ASP IC 89 30.53 57.57 119.88
CA ASP IC 89 31.84 58.22 119.77
C ASP IC 89 32.18 59.06 120.99
N TYR IC 90 31.23 59.89 121.42
CA TYR IC 90 31.46 60.80 122.54
C TYR IC 90 31.65 60.02 123.84
N VAL IC 91 30.99 58.86 123.94
CA VAL IC 91 31.15 57.99 125.09
C VAL IC 91 32.56 57.42 125.13
N CYS IC 92 32.92 56.67 124.08
CA CYS IC 92 34.24 56.08 123.98
C CYS IC 92 35.32 57.12 124.24
N ASN IC 93 35.21 58.25 123.56
CA ASN IC 93 36.18 59.33 123.72
C ASN IC 93 36.37 59.73 125.17
N GLU IC 94 35.29 60.15 125.82
CA GLU IC 94 35.36 60.66 127.18
C GLU IC 94 35.81 59.62 128.19
N VAL IC 95 35.49 58.35 127.95
CA VAL IC 95 35.98 57.26 128.80
C VAL IC 95 37.49 57.14 128.64
N ALA IC 96 37.94 56.94 127.41
CA ALA IC 96 39.36 56.89 127.10
C ALA IC 96 39.97 58.29 127.08
N LYS IC 97 39.43 59.17 127.92
CA LYS IC 97 39.93 60.54 128.01
C LYS IC 97 40.06 60.98 129.47
N GLY IC 98 39.05 60.69 130.27
CA GLY IC 98 39.16 60.75 131.70
C GLY IC 98 40.07 59.66 132.26
N VAL IC 99 39.66 58.41 132.07
CA VAL IC 99 40.50 57.27 132.41
C VAL IC 99 41.92 57.45 131.87
N ALA IC 100 42.04 58.24 130.80
CA ALA IC 100 42.87 57.87 129.67
C ALA IC 100 44.29 58.42 129.83
N SER IC 101 44.41 59.73 129.91
CA SER IC 101 45.60 60.37 130.47
C SER IC 101 45.23 61.44 131.48
N LEU IC 102 43.98 61.89 131.44
CA LEU IC 102 43.43 62.72 132.49
C LEU IC 102 43.94 62.28 133.86
N SER IC 103 43.89 60.99 134.12
CA SER IC 103 44.24 60.45 135.42
C SER IC 103 45.73 60.31 135.60
N LEU IC 104 46.46 61.38 135.29
CA LEU IC 104 47.89 61.42 135.51
C LEU IC 104 48.04 62.24 136.75
N GLN IC 105 47.00 63.01 137.02
CA GLN IC 105 47.04 63.90 138.14
C GLN IC 105 47.37 63.20 139.46
N THR IC 106 46.87 61.99 139.64
CA THR IC 106 47.00 61.20 140.89
C THR IC 106 48.35 60.52 141.06
N ASP IC 107 48.88 60.19 139.92
CA ASP IC 107 50.09 59.47 139.86
C ASP IC 107 49.85 58.08 140.45
N ILE IC 108 48.67 57.53 140.22
CA ILE IC 108 48.39 56.15 140.58
C ILE IC 108 48.14 55.49 139.24
N PRO IC 109 48.72 54.29 139.01
CA PRO IC 109 48.49 53.69 137.68
C PRO IC 109 47.04 53.44 137.31
N VAL IC 110 46.54 53.99 136.19
CA VAL IC 110 45.15 53.67 135.85
C VAL IC 110 45.13 53.02 134.48
N ILE IC 111 44.87 51.71 134.46
CA ILE IC 111 44.85 50.95 133.22
C ILE IC 111 43.51 51.07 132.51
N PHE IC 112 43.55 51.49 131.26
CA PHE IC 112 42.35 51.61 130.45
C PHE IC 112 42.02 50.28 129.77
N GLY IC 113 41.02 49.59 130.31
CA GLY IC 113 40.60 48.31 129.76
C GLY IC 113 39.14 48.32 129.37
N VAL IC 114 38.75 49.34 128.59
CA VAL IC 114 37.37 49.46 128.15
C VAL IC 114 37.26 49.08 126.66
N LEU IC 115 36.53 48.01 126.39
CA LEU IC 115 36.30 47.57 125.03
C LEU IC 115 35.49 48.57 124.25
N THR IC 116 36.01 48.96 123.09
CA THR IC 116 35.32 49.89 122.20
C THR IC 116 35.27 49.30 120.80
N THR IC 117 34.18 48.61 120.48
CA THR IC 117 34.11 47.80 119.27
C THR IC 117 33.02 48.24 118.31
N GLU IC 118 32.80 47.43 117.29
CA GLU IC 118 31.80 47.71 116.25
C GLU IC 118 30.68 46.68 116.30
N THR IC 119 31.04 45.44 116.61
CA THR IC 119 30.10 44.33 116.61
C THR IC 119 29.98 43.72 117.99
N ILE IC 120 28.80 43.18 118.29
CA ILE IC 120 28.62 42.38 119.48
C ILE IC 120 29.53 41.16 119.37
N GLU IC 121 29.80 40.76 118.13
CA GLU IC 121 30.68 39.63 117.86
C GLU IC 121 32.14 40.00 118.06
N GLN IC 122 32.47 41.28 117.89
CA GLN IC 122 33.84 41.73 118.08
C GLN IC 122 34.18 41.86 119.56
N ALA IC 123 33.26 42.44 120.31
CA ALA IC 123 33.41 42.54 121.76
C ALA IC 123 33.52 41.15 122.36
N ILE IC 124 32.76 40.21 121.81
CA ILE IC 124 32.76 38.84 122.29
C ILE IC 124 34.07 38.13 121.92
N GLU IC 125 34.82 38.72 120.99
CA GLU IC 125 36.11 38.18 120.59
C GLU IC 125 37.18 38.51 121.63
N ARG IC 126 37.09 39.70 122.21
CA ARG IC 126 38.05 40.15 123.21
C ARG IC 126 37.59 39.85 124.63
N ALA IC 127 36.38 39.31 124.76
CA ALA IC 127 35.82 39.01 126.07
C ALA IC 127 36.21 37.61 126.57
N GLY IC 128 37.25 37.07 125.97
CA GLY IC 128 37.65 35.77 126.34
C GLY IC 128 37.42 34.82 125.18
N THR IC 129 37.78 35.21 123.94
CA THR IC 129 37.66 34.30 122.81
C THR IC 129 38.85 34.49 121.92
N LYS IC 130 38.67 34.41 120.64
CA LYS IC 130 39.77 34.51 119.67
C LYS IC 130 40.91 35.49 120.05
N ALA IC 131 40.61 36.75 120.35
CA ALA IC 131 41.69 37.66 120.65
C ALA IC 131 42.18 37.54 122.10
N GLY IC 132 41.51 36.72 122.92
CA GLY IC 132 41.88 36.53 124.35
C GLY IC 132 41.00 37.43 125.26
N ASN IC 133 41.18 37.38 126.57
CA ASN IC 133 40.43 38.22 127.47
C ASN IC 133 41.17 39.52 127.80
N LYS IC 134 40.63 40.65 127.32
CA LYS IC 134 41.29 41.94 127.50
C LYS IC 134 41.22 42.43 128.93
N GLY IC 135 40.47 41.72 129.77
CA GLY IC 135 40.45 42.00 131.19
C GLY IC 135 41.67 41.40 131.88
N TYR IC 136 42.01 40.18 131.48
CA TYR IC 136 43.20 39.52 131.97
C TYR IC 136 44.44 40.33 131.60
N GLU IC 137 44.49 40.79 130.35
CA GLU IC 137 45.62 41.55 129.86
C GLU IC 137 45.74 42.90 130.55
N SER IC 138 44.61 43.47 130.93
CA SER IC 138 44.59 44.78 131.58
C SER IC 138 44.95 44.66 133.06
N ALA IC 139 44.96 43.44 133.57
CA ALA IC 139 45.39 43.18 134.95
C ALA IC 139 46.90 42.99 134.98
N VAL IC 140 47.41 42.27 133.99
CA VAL IC 140 48.85 42.09 133.84
C VAL IC 140 49.53 43.44 133.68
N ALA IC 141 48.85 44.36 133.00
CA ALA IC 141 49.35 45.71 132.82
C ALA IC 141 49.33 46.49 134.13
N ALA IC 142 48.33 46.19 134.96
CA ALA IC 142 48.19 46.85 136.25
C ALA IC 142 49.33 46.47 137.19
N ILE IC 143 49.60 45.17 137.28
CA ILE IC 143 50.69 44.67 138.12
C ILE IC 143 52.01 45.28 137.69
N GLU IC 144 52.26 45.28 136.39
CA GLU IC 144 53.50 45.83 135.84
C GLU IC 144 53.63 47.32 136.16
N MET IC 145 52.59 48.08 135.84
CA MET IC 145 52.60 49.50 136.11
C MET IC 145 52.86 49.78 137.59
N ALA IC 146 52.18 49.02 138.45
CA ALA IC 146 52.36 49.16 139.89
C ALA IC 146 53.82 49.01 140.26
N HIS IC 147 54.46 47.96 139.75
CA HIS IC 147 55.87 47.70 140.02
C HIS IC 147 56.78 48.63 139.24
N LEU IC 148 56.42 49.90 139.16
CA LEU IC 148 57.26 50.92 138.56
C LEU IC 148 57.24 52.12 139.51
N SER IC 149 58.35 52.25 140.26
CA SER IC 149 58.46 53.23 141.35
C SER IC 149 59.60 54.27 141.36
N LYS IC 150 59.14 55.42 140.90
CA LYS IC 150 59.78 56.67 140.92
C LYS IC 150 58.59 57.46 141.52
N HIS IC 151 58.84 58.46 142.36
CA HIS IC 151 57.79 59.24 142.96
C HIS IC 151 58.14 60.69 142.86
N TRP IC 152 57.15 61.47 142.55
CA TRP IC 152 57.47 62.88 142.43
C TRP IC 152 57.40 63.54 143.78
N ALA IC 153 58.43 64.35 144.05
CA ALA IC 153 58.53 65.08 145.30
C ALA IC 153 59.68 66.09 145.25
N VAL JC 2 67.75 85.35 116.25
CA VAL JC 2 67.71 84.02 115.64
C VAL JC 2 68.18 82.94 116.62
N PHE JC 3 67.44 81.85 116.73
CA PHE JC 3 67.71 80.83 117.75
C PHE JC 3 67.62 79.40 117.21
N GLU JC 4 68.65 78.96 116.49
CA GLU JC 4 68.71 77.58 116.01
C GLU JC 4 69.08 76.63 117.15
N GLY JC 5 68.87 75.34 116.93
CA GLY JC 5 69.18 74.34 117.94
C GLY JC 5 70.37 73.47 117.60
N HIS JC 6 71.30 73.37 118.53
CA HIS JC 6 72.51 72.58 118.37
C HIS JC 6 72.16 71.13 118.05
N LEU JC 7 73.11 70.38 117.48
CA LEU JC 7 72.85 68.99 117.11
C LEU JC 7 73.87 68.00 117.68
N VAL JC 8 74.96 68.53 118.21
CA VAL JC 8 75.96 67.69 118.87
C VAL JC 8 75.66 67.62 120.36
N GLY JC 9 75.20 66.47 120.83
CA GLY JC 9 74.80 66.32 122.22
C GLY JC 9 75.78 65.52 123.04
N THR JC 10 77.00 66.02 123.15
CA THR JC 10 78.04 65.35 123.93
C THR JC 10 77.61 65.19 125.38
N GLY JC 11 77.42 66.32 126.07
CA GLY JC 11 77.07 66.29 127.48
C GLY JC 11 75.57 66.31 127.75
N LEU JC 12 74.87 65.28 127.29
CA LEU JC 12 73.43 65.23 127.47
C LEU JC 12 72.98 63.98 128.23
N LYS JC 13 71.92 64.14 129.02
CA LYS JC 13 71.26 63.01 129.65
C LYS JC 13 69.88 62.83 129.02
N VAL JC 14 69.65 61.68 128.41
CA VAL JC 14 68.38 61.42 127.74
C VAL JC 14 67.63 60.28 128.43
N GLY JC 15 66.30 60.34 128.38
CA GLY JC 15 65.48 59.29 128.93
C GLY JC 15 64.47 58.80 127.92
N VAL JC 16 64.35 57.49 127.78
CA VAL JC 16 63.46 56.91 126.78
C VAL JC 16 62.37 56.04 127.40
N VAL JC 17 61.16 56.17 126.89
CA VAL JC 17 60.04 55.35 127.33
C VAL JC 17 59.46 54.58 126.15
N VAL JC 18 59.68 53.27 126.15
CA VAL JC 18 59.25 52.43 125.03
C VAL JC 18 58.11 51.50 125.40
N GLY JC 19 57.19 51.28 124.47
CA GLY JC 19 56.06 50.41 124.69
C GLY JC 19 56.35 48.98 124.29
N ARG JC 20 55.98 48.04 125.16
CA ARG JC 20 56.28 46.63 124.93
C ARG JC 20 55.41 46.04 123.82
N PHE JC 21 54.17 46.51 123.72
CA PHE JC 21 53.27 46.05 122.67
C PHE JC 21 53.85 46.38 121.32
N ASN JC 22 53.69 45.46 120.37
CA ASN JC 22 54.33 45.60 119.06
C ASN JC 22 55.84 45.65 119.22
N GLU JC 23 56.35 44.86 120.14
CA GLU JC 23 57.78 44.80 120.44
C GLU JC 23 58.59 44.54 119.18
N PHE JC 24 58.00 43.77 118.26
CA PHE JC 24 58.65 43.43 117.00
C PHE JC 24 59.09 44.69 116.26
N ILE JC 25 58.33 45.77 116.43
CA ILE JC 25 58.64 47.04 115.78
C ILE JC 25 59.36 47.99 116.72
N THR JC 26 58.80 48.19 117.91
CA THR JC 26 59.36 49.10 118.89
C THR JC 26 60.80 48.72 119.26
N SER JC 27 61.13 47.44 119.09
CA SER JC 27 62.49 46.98 119.33
C SER JC 27 63.49 47.73 118.45
N LYS JC 28 63.38 47.52 117.15
CA LYS JC 28 64.24 48.20 116.19
C LYS JC 28 64.05 49.71 116.26
N LEU JC 29 62.90 50.13 116.80
CA LEU JC 29 62.57 51.53 116.93
C LEU JC 29 63.42 52.15 118.03
N LEU JC 30 63.67 51.37 119.07
CA LEU JC 30 64.55 51.77 120.17
C LEU JC 30 65.99 51.78 119.68
N GLY JC 31 66.23 51.08 118.58
CA GLY JC 31 67.54 51.12 117.94
C GLY JC 31 67.87 52.53 117.48
N GLY JC 32 66.91 53.43 117.65
CA GLY JC 32 67.11 54.84 117.34
C GLY JC 32 67.80 55.53 118.50
N ALA JC 33 67.56 55.03 119.71
CA ALA JC 33 68.28 55.51 120.89
C ALA JC 33 69.77 55.26 120.69
N LEU JC 34 70.17 53.99 120.83
CA LEU JC 34 71.54 53.61 120.50
C LEU JC 34 71.75 53.80 119.00
N ASP JC 35 73.01 53.78 118.56
CA ASP JC 35 73.33 54.07 117.16
C ASP JC 35 72.63 55.33 116.70
N GLY JC 36 72.23 56.17 117.65
CA GLY JC 36 71.52 57.41 117.36
C GLY JC 36 71.99 58.51 118.27
N LEU JC 37 71.68 58.39 119.56
CA LEU JC 37 72.19 59.30 120.56
C LEU JC 37 73.68 59.05 120.74
N LYS JC 38 74.09 57.80 120.58
CA LYS JC 38 75.50 57.41 120.69
C LYS JC 38 76.37 58.22 119.74
N ARG JC 39 76.10 58.09 118.45
CA ARG JC 39 76.94 58.72 117.42
C ARG JC 39 76.84 60.24 117.42
N HIS JC 40 75.87 60.78 118.15
CA HIS JC 40 75.73 62.23 118.22
C HIS JC 40 76.42 62.82 119.44
N GLY JC 41 77.10 61.97 120.21
CA GLY JC 41 77.89 62.43 121.33
C GLY JC 41 77.48 61.89 122.69
N VAL JC 42 76.19 61.60 122.85
CA VAL JC 42 75.66 61.13 124.13
C VAL JC 42 76.41 59.92 124.66
N GLU JC 43 76.65 59.86 125.98
CA GLU JC 43 77.42 58.78 126.60
C GLU JC 43 76.67 57.46 126.70
N GLU JC 44 77.36 56.36 126.27
CA GLU JC 44 76.87 54.98 126.25
C GLU JC 44 76.34 54.63 127.61
N ASN JC 45 75.07 54.20 127.55
CA ASN JC 45 74.20 53.92 128.67
C ASN JC 45 74.46 54.99 129.74
N ASP JC 46 74.01 56.20 129.37
CA ASP JC 46 73.95 57.44 130.16
C ASP JC 46 72.57 57.89 129.80
N ILE JC 47 71.92 56.92 129.26
CA ILE JC 47 70.57 57.03 128.79
C ILE JC 47 69.77 55.91 129.42
N ASP JC 48 68.60 56.25 129.96
CA ASP JC 48 67.74 55.25 130.59
C ASP JC 48 66.53 54.89 129.75
N VAL JC 49 66.17 53.63 129.76
CA VAL JC 49 65.03 53.13 128.99
C VAL JC 49 63.94 52.57 129.91
N ALA JC 50 62.72 53.05 129.73
CA ALA JC 50 61.59 52.62 130.53
C ALA JC 50 60.59 51.84 129.68
N TRP JC 51 60.40 50.57 130.01
CA TRP JC 51 59.46 49.72 129.28
C TRP JC 51 58.08 49.76 129.93
N VAL JC 52 57.09 50.20 129.16
CA VAL JC 52 55.72 50.23 129.63
C VAL JC 52 54.86 49.31 128.77
N PRO JC 53 53.83 48.72 129.39
CA PRO JC 53 52.93 47.76 128.72
C PRO JC 53 52.49 48.21 127.34
N GLY JC 54 51.55 49.15 127.28
CA GLY JC 54 51.05 49.64 126.02
C GLY JC 54 51.44 51.07 125.75
N ALA JC 55 51.27 51.50 124.50
CA ALA JC 55 51.55 52.88 124.12
C ALA JC 55 50.73 53.83 124.98
N PHE JC 56 49.63 53.31 125.52
CA PHE JC 56 48.72 54.09 126.34
C PHE JC 56 49.34 54.46 127.68
N GLU JC 57 50.27 53.63 128.15
CA GLU JC 57 50.89 53.82 129.45
C GLU JC 57 52.11 54.72 129.37
N ILE JC 58 52.50 55.07 128.15
CA ILE JC 58 53.68 55.91 127.94
C ILE JC 58 53.59 57.27 128.63
N PRO JC 59 52.50 58.02 128.41
CA PRO JC 59 52.37 59.35 129.00
C PRO JC 59 52.66 59.38 130.50
N LEU JC 60 52.12 58.44 131.25
CA LEU JC 60 52.30 58.40 132.70
C LEU JC 60 53.77 58.30 133.09
N ILE JC 61 54.46 57.30 132.54
CA ILE JC 61 55.86 57.05 132.89
C ILE JC 61 56.82 58.03 132.22
N ALA JC 62 56.42 58.54 131.06
CA ALA JC 62 57.20 59.59 130.41
C ALA JC 62 57.24 60.80 131.33
N LYS JC 63 56.18 60.97 132.12
CA LYS JC 63 56.12 62.03 133.11
C LYS JC 63 57.06 61.75 134.28
N LYS JC 64 56.82 60.66 134.99
CA LYS JC 64 57.60 60.32 136.19
C LYS JC 64 59.06 60.06 135.89
N MET JC 65 59.52 60.49 134.72
CA MET JC 65 60.94 60.48 134.39
C MET JC 65 61.42 61.92 134.21
N ALA JC 66 60.80 62.62 133.28
CA ALA JC 66 61.11 64.03 133.05
C ALA JC 66 60.59 64.90 134.19
N ASN JC 67 59.67 64.36 134.96
CA ASN JC 67 59.00 65.11 136.03
C ASN JC 67 60.02 65.76 136.96
N SER JC 68 61.00 64.99 137.39
CA SER JC 68 62.09 65.54 138.20
C SER JC 68 63.41 65.35 137.47
N GLY JC 69 64.20 66.43 137.41
CA GLY JC 69 65.43 66.47 136.66
C GLY JC 69 66.30 65.23 136.75
N LYS JC 70 66.31 64.46 135.67
CA LYS JC 70 67.20 63.31 135.54
C LYS JC 70 67.80 63.37 134.15
N TYR JC 71 67.05 63.98 133.22
CA TYR JC 71 67.43 64.06 131.82
C TYR JC 71 67.17 65.44 131.26
N ASP JC 72 67.88 65.79 130.19
CA ASP JC 72 67.69 67.07 129.52
C ASP JC 72 66.55 66.98 128.52
N ALA JC 73 66.16 65.76 128.18
CA ALA JC 73 65.07 65.52 127.25
C ALA JC 73 64.63 64.06 127.32
N VAL JC 74 63.33 63.83 127.17
CA VAL JC 74 62.79 62.48 127.20
C VAL JC 74 62.17 62.08 125.86
N ILE JC 75 62.53 60.89 125.38
CA ILE JC 75 62.01 60.38 124.12
C ILE JC 75 60.98 59.30 124.36
N THR JC 76 59.86 59.38 123.66
CA THR JC 76 58.81 58.37 123.76
C THR JC 76 58.74 57.52 122.50
N LEU JC 77 58.95 56.21 122.65
CA LEU JC 77 58.88 55.28 121.55
C LEU JC 77 57.78 54.25 121.74
N GLY JC 78 57.14 53.85 120.65
CA GLY JC 78 56.08 52.87 120.69
C GLY JC 78 55.48 52.67 119.32
N THR JC 79 54.57 51.71 119.19
CA THR JC 79 53.90 51.47 117.91
C THR JC 79 52.43 51.10 118.12
N VAL JC 80 51.58 51.59 117.24
CA VAL JC 80 50.15 51.31 117.28
C VAL JC 80 49.63 51.04 115.87
N ILE JC 81 49.00 49.89 115.68
CA ILE JC 81 48.51 49.51 114.35
C ILE JC 81 47.00 49.31 114.34
N ARG JC 82 46.37 49.79 113.27
CA ARG JC 82 44.92 49.69 113.09
C ARG JC 82 44.37 48.28 113.34
N GLY JC 83 43.28 48.22 114.10
CA GLY JC 83 42.56 46.99 114.32
C GLY JC 83 41.19 47.05 113.66
N ALA JC 84 40.30 46.16 114.08
CA ALA JC 84 38.94 46.15 113.55
C ALA JC 84 38.08 47.18 114.26
N THR JC 85 38.46 47.49 115.50
CA THR JC 85 37.70 48.42 116.32
C THR JC 85 38.32 49.83 116.27
N THR JC 86 37.57 50.81 116.76
CA THR JC 86 38.05 52.18 116.83
C THR JC 86 38.98 52.38 118.02
N HIS JC 87 39.29 51.28 118.70
CA HIS JC 87 40.21 51.31 119.83
C HIS JC 87 41.54 51.94 119.44
N TYR JC 88 41.98 51.66 118.22
CA TYR JC 88 43.22 52.19 117.69
C TYR JC 88 43.29 53.72 117.78
N ASP JC 89 42.14 54.36 117.63
CA ASP JC 89 42.07 55.81 117.59
C ASP JC 89 42.26 56.43 118.98
N TYR JC 90 41.50 55.92 119.95
CA TYR JC 90 41.54 56.48 121.30
C TYR JC 90 42.90 56.31 121.95
N VAL JC 91 43.63 55.27 121.54
CA VAL JC 91 44.98 55.04 122.03
C VAL JC 91 45.95 56.06 121.42
N CYS JC 92 46.07 56.04 120.09
CA CYS JC 92 46.92 56.99 119.37
C CYS JC 92 46.70 58.41 119.88
N ASN JC 93 45.44 58.86 119.83
CA ASN JC 93 45.09 60.19 120.27
C ASN JC 93 45.68 60.54 121.63
N GLU JC 94 45.32 59.75 122.65
CA GLU JC 94 45.70 60.04 124.01
C GLU JC 94 47.21 59.96 124.25
N VAL JC 95 47.89 59.13 123.47
CA VAL JC 95 49.34 59.07 123.54
C VAL JC 95 49.93 60.40 123.09
N ALA JC 96 49.58 60.80 121.88
CA ALA JC 96 50.01 62.08 121.34
C ALA JC 96 49.52 63.21 122.23
N LYS JC 97 48.28 63.09 122.67
CA LYS JC 97 47.66 64.08 123.54
C LYS JC 97 48.46 64.23 124.83
N GLY JC 98 48.80 63.09 125.44
CA GLY JC 98 49.55 63.09 126.69
C GLY JC 98 50.96 63.62 126.52
N VAL JC 99 51.73 62.99 125.63
CA VAL JC 99 53.11 63.39 125.40
C VAL JC 99 53.26 64.87 125.02
N ALA JC 100 52.29 65.40 124.27
CA ALA JC 100 52.30 66.80 123.86
C ALA JC 100 51.84 67.72 124.97
N SER JC 101 50.59 67.56 125.39
CA SER JC 101 50.01 68.39 126.43
C SER JC 101 50.85 68.40 127.70
N LEU JC 102 51.34 67.23 128.10
CA LEU JC 102 52.19 67.13 129.27
C LEU JC 102 53.68 67.17 128.92
N SER JC 103 54.03 68.07 128.01
CA SER JC 103 55.41 68.39 127.68
C SER JC 103 55.58 69.89 127.84
N LEU JC 104 54.47 70.57 128.12
CA LEU JC 104 54.46 72.00 128.36
C LEU JC 104 54.45 72.25 129.86
N GLN JC 105 53.78 71.37 130.60
CA GLN JC 105 53.68 71.51 132.05
C GLN JC 105 55.05 71.34 132.71
N THR JC 106 55.84 70.41 132.18
CA THR JC 106 57.18 70.18 132.68
C THR JC 106 58.10 71.23 132.11
N ASP JC 107 58.02 71.45 130.81
CA ASP JC 107 58.93 72.41 130.21
C ASP JC 107 60.19 71.70 129.83
N ILE JC 108 60.27 70.40 130.09
CA ILE JC 108 61.43 69.63 129.67
C ILE JC 108 61.03 68.93 128.39
N PRO JC 109 61.91 69.11 127.42
CA PRO JC 109 61.62 68.59 126.09
C PRO JC 109 61.14 67.14 126.01
N VAL JC 110 59.93 66.88 125.57
CA VAL JC 110 59.47 65.50 125.43
C VAL JC 110 59.10 65.22 123.98
N ILE JC 111 59.99 64.53 123.28
CA ILE JC 111 59.82 64.23 121.86
C ILE JC 111 58.84 63.08 121.65
N PHE JC 112 57.86 63.30 120.77
CA PHE JC 112 56.85 62.28 120.47
C PHE JC 112 57.29 61.40 119.31
N GLY JC 113 57.64 60.15 119.63
CA GLY JC 113 58.08 59.21 118.61
C GLY JC 113 57.29 57.92 118.65
N VAL JC 114 55.97 58.02 118.52
CA VAL JC 114 55.10 56.85 118.51
C VAL JC 114 54.52 56.61 117.12
N LEU JC 115 54.86 55.47 116.54
CA LEU JC 115 54.37 55.10 115.22
C LEU JC 115 52.88 54.84 115.23
N THR JC 116 52.17 55.44 114.29
CA THR JC 116 50.74 55.25 114.18
C THR JC 116 50.39 54.87 112.76
N THR JC 117 50.38 53.57 112.49
CA THR JC 117 50.26 53.07 111.12
C THR JC 117 48.99 52.28 110.87
N GLU JC 118 48.77 51.93 109.60
CA GLU JC 118 47.62 51.14 109.19
C GLU JC 118 48.04 49.69 108.96
N THR JC 119 49.26 49.51 108.47
CA THR JC 119 49.79 48.19 108.15
C THR JC 119 50.99 47.84 109.02
N ILE JC 120 51.18 46.55 109.24
CA ILE JC 120 52.40 46.06 109.87
C ILE JC 120 53.55 46.40 108.93
N GLU JC 121 53.25 46.47 107.64
CA GLU JC 121 54.26 46.78 106.63
C GLU JC 121 54.64 48.25 106.66
N GLN JC 122 53.75 49.08 107.19
CA GLN JC 122 54.02 50.51 107.32
C GLN JC 122 54.86 50.80 108.55
N ALA JC 123 54.70 49.98 109.57
CA ALA JC 123 55.53 50.07 110.77
C ALA JC 123 56.96 49.72 110.43
N ILE JC 124 57.12 48.59 109.75
CA ILE JC 124 58.43 48.17 109.26
C ILE JC 124 58.99 49.21 108.31
N GLU JC 125 58.09 49.82 107.55
CA GLU JC 125 58.48 50.85 106.60
C GLU JC 125 59.17 52.00 107.31
N ARG JC 126 58.77 52.26 108.53
CA ARG JC 126 59.28 53.38 109.32
C ARG JC 126 60.10 52.98 110.54
N ALA JC 127 60.54 51.73 110.57
CA ALA JC 127 61.34 51.24 111.69
C ALA JC 127 62.74 50.85 111.22
N GLY JC 128 63.25 51.50 110.23
CA GLY JC 128 64.52 51.07 109.77
C GLY JC 128 64.29 50.67 108.33
N THR JC 129 63.11 50.89 107.77
CA THR JC 129 63.05 50.60 106.34
C THR JC 129 62.99 51.92 105.54
N LYS JC 130 62.63 51.78 104.26
CA LYS JC 130 62.48 52.83 103.19
C LYS JC 130 62.40 54.26 103.71
N ALA JC 131 61.64 54.48 104.78
CA ALA JC 131 61.52 55.86 105.29
C ALA JC 131 62.60 56.18 106.34
N GLY JC 132 63.40 55.16 106.68
CA GLY JC 132 64.42 55.26 107.72
C GLY JC 132 63.85 54.81 109.07
N ASN JC 133 64.57 55.13 110.14
CA ASN JC 133 64.16 54.75 111.49
C ASN JC 133 63.64 55.96 112.28
N LYS JC 134 62.34 55.99 112.52
CA LYS JC 134 61.72 57.14 113.18
C LYS JC 134 62.09 57.20 114.66
N GLY JC 135 62.97 56.31 115.09
CA GLY JC 135 63.50 56.35 116.44
C GLY JC 135 64.80 57.12 116.46
N TYR JC 136 65.63 56.89 115.45
CA TYR JC 136 66.87 57.61 115.30
C TYR JC 136 66.57 59.09 114.99
N GLU JC 137 65.43 59.34 114.38
CA GLU JC 137 65.05 60.70 114.01
C GLU JC 137 64.52 61.47 115.20
N SER JC 138 63.84 60.75 116.09
CA SER JC 138 63.28 61.37 117.28
C SER JC 138 64.37 61.61 118.31
N ALA JC 139 65.53 61.00 118.09
CA ALA JC 139 66.69 61.20 118.95
C ALA JC 139 67.38 62.50 118.57
N VAL JC 140 67.58 62.69 117.26
CA VAL JC 140 68.13 63.94 116.76
C VAL JC 140 67.29 65.11 117.24
N ALA JC 141 65.97 64.96 117.18
CA ALA JC 141 65.05 65.99 117.64
C ALA JC 141 65.25 66.25 119.13
N ALA JC 142 65.44 65.18 119.90
CA ALA JC 142 65.61 65.30 121.34
C ALA JC 142 66.84 66.12 121.69
N ILE JC 143 67.94 65.87 120.98
CA ILE JC 143 69.18 66.61 121.22
C ILE JC 143 69.01 68.07 120.88
N GLU JC 144 68.42 68.33 119.71
CA GLU JC 144 68.22 69.70 119.26
C GLU JC 144 67.32 70.49 120.20
N MET JC 145 66.24 69.86 120.66
CA MET JC 145 65.30 70.49 121.59
C MET JC 145 65.97 70.76 122.94
N ALA JC 146 66.81 69.81 123.36
CA ALA JC 146 67.56 69.97 124.60
C ALA JC 146 68.42 71.23 124.54
N HIS JC 147 69.13 71.38 123.42
CA HIS JC 147 70.00 72.54 123.22
C HIS JC 147 69.23 73.83 122.94
N LEU JC 148 67.91 73.77 123.03
CA LEU JC 148 67.11 74.97 122.82
C LEU JC 148 66.52 75.50 124.12
N SER JC 149 66.72 74.78 125.21
CA SER JC 149 66.46 75.34 126.53
C SER JC 149 67.48 76.45 126.73
N LYS JC 150 67.10 77.65 126.31
CA LYS JC 150 68.04 78.71 126.00
C LYS JC 150 67.46 80.04 126.43
N HIS JC 151 66.12 80.12 126.42
CA HIS JC 151 65.43 81.36 126.68
C HIS JC 151 65.84 82.42 125.66
N TRP JC 152 65.47 83.67 125.88
CA TRP JC 152 65.55 84.66 124.81
C TRP JC 152 66.08 86.04 125.24
N ALA JC 153 66.68 86.76 124.28
CA ALA JC 153 67.23 88.08 124.52
C ALA JC 153 66.92 89.03 123.36
N VAL KC 2 32.99 99.74 120.41
CA VAL KC 2 33.79 99.31 119.26
C VAL KC 2 35.28 99.17 119.61
N PHE KC 3 35.90 98.10 119.10
CA PHE KC 3 37.30 97.81 119.39
C PHE KC 3 38.05 97.22 118.20
N GLU KC 4 38.36 98.04 117.20
CA GLU KC 4 39.11 97.59 116.04
C GLU KC 4 40.61 97.57 116.33
N GLY KC 5 41.35 96.77 115.59
CA GLY KC 5 42.79 96.64 115.78
C GLY KC 5 43.62 97.37 114.75
N HIS KC 6 44.57 98.16 115.22
CA HIS KC 6 45.47 98.91 114.35
C HIS KC 6 46.23 97.94 113.44
N LEU KC 7 46.84 98.46 112.37
CA LEU KC 7 47.57 97.60 111.44
C LEU KC 7 48.97 98.11 111.11
N VAL KC 8 49.35 99.23 111.72
CA VAL KC 8 50.71 99.74 111.55
C VAL KC 8 51.52 99.49 112.81
N GLY KC 9 52.34 98.44 112.78
CA GLY KC 9 53.12 98.07 113.95
C GLY KC 9 54.58 98.51 113.91
N THR KC 10 54.80 99.82 114.01
CA THR KC 10 56.16 100.36 113.96
C THR KC 10 56.96 100.05 115.21
N GLY KC 11 56.28 100.07 116.37
CA GLY KC 11 56.97 99.87 117.64
C GLY KC 11 56.77 98.48 118.24
N LEU KC 12 56.31 97.54 117.41
CA LEU KC 12 56.06 96.18 117.89
C LEU KC 12 57.33 95.35 117.96
N LYS KC 13 57.27 94.26 118.72
CA LYS KC 13 58.40 93.36 118.89
C LYS KC 13 57.95 91.90 118.74
N VAL KC 14 57.93 91.42 117.51
CA VAL KC 14 57.38 90.09 117.23
C VAL KC 14 58.44 88.99 117.29
N GLY KC 15 57.98 87.75 117.53
CA GLY KC 15 58.85 86.59 117.51
C GLY KC 15 58.18 85.42 116.83
N VAL KC 16 58.93 84.69 116.02
CA VAL KC 16 58.37 83.57 115.27
C VAL KC 16 59.02 82.23 115.61
N VAL KC 17 58.24 81.16 115.54
CA VAL KC 17 58.76 79.80 115.71
C VAL KC 17 58.44 78.96 114.47
N VAL KC 18 59.42 78.82 113.58
CA VAL KC 18 59.23 78.07 112.34
C VAL KC 18 59.72 76.63 112.47
N GLY KC 19 59.15 75.75 111.64
CA GLY KC 19 59.50 74.34 111.67
C GLY KC 19 60.38 73.91 110.51
N ARG KC 20 61.40 73.12 110.79
CA ARG KC 20 62.35 72.69 109.78
C ARG KC 20 61.74 71.70 108.79
N PHE KC 21 61.06 70.69 109.31
CA PHE KC 21 60.42 69.70 108.46
C PHE KC 21 59.60 70.41 107.39
N ASN KC 22 59.76 69.99 106.14
CA ASN KC 22 59.13 70.67 105.00
C ASN KC 22 59.67 72.10 104.85
N GLU KC 23 60.98 72.24 105.05
CA GLU KC 23 61.63 73.54 104.93
C GLU KC 23 61.38 74.15 103.57
N PHE KC 24 61.21 73.29 102.57
CA PHE KC 24 60.94 73.74 101.21
C PHE KC 24 59.76 74.70 101.19
N ILE KC 25 58.82 74.49 102.10
CA ILE KC 25 57.62 75.33 102.19
C ILE KC 25 57.73 76.35 103.31
N THR KC 26 58.13 75.89 104.49
CA THR KC 26 58.24 76.77 105.65
C THR KC 26 59.22 77.92 105.39
N SER KC 27 60.21 77.66 104.55
CA SER KC 27 61.19 78.68 104.18
C SER KC 27 60.50 79.92 103.60
N LYS KC 28 59.83 79.74 102.46
CA LYS KC 28 59.10 80.83 101.83
C LYS KC 28 57.98 81.32 102.75
N LEU KC 29 57.62 80.49 103.72
CA LEU KC 29 56.53 80.82 104.64
C LEU KC 29 57.00 81.80 105.69
N LEU KC 30 58.28 81.73 106.03
CA LEU KC 30 58.90 82.67 106.96
C LEU KC 30 59.22 83.98 106.25
N GLY KC 31 59.71 83.88 105.01
CA GLY KC 31 59.99 85.04 104.20
C GLY KC 31 58.70 85.81 103.98
N GLY KC 32 57.57 85.17 104.30
CA GLY KC 32 56.28 85.78 104.19
C GLY KC 32 56.04 86.64 105.44
N ALA KC 33 56.28 86.03 106.60
CA ALA KC 33 56.17 86.75 107.84
C ALA KC 33 57.01 88.02 107.80
N LEU KC 34 58.31 87.91 107.60
CA LEU KC 34 59.23 89.11 107.68
C LEU KC 34 59.17 90.15 106.62
N ASP KC 35 59.29 89.72 105.40
CA ASP KC 35 59.37 90.76 104.38
C ASP KC 35 58.12 91.69 104.39
N GLY KC 36 57.03 91.24 105.11
CA GLY KC 36 55.75 91.91 105.22
C GLY KC 36 55.45 92.33 106.64
N LEU KC 37 56.22 91.75 107.57
CA LEU KC 37 56.16 92.12 108.96
C LEU KC 37 57.00 93.39 109.05
N LYS KC 38 58.06 93.40 108.24
CA LYS KC 38 58.96 94.54 108.17
C LYS KC 38 58.28 95.72 107.49
N ARG KC 39 57.71 95.46 106.32
CA ARG KC 39 57.10 96.52 105.52
C ARG KC 39 55.83 97.09 106.15
N HIS KC 40 55.44 96.51 107.29
CA HIS KC 40 54.29 97.03 108.03
C HIS KC 40 54.73 97.96 109.17
N GLY KC 41 56.04 98.18 109.27
CA GLY KC 41 56.57 99.10 110.27
C GLY KC 41 57.56 98.48 111.23
N VAL KC 42 57.35 97.22 111.58
CA VAL KC 42 58.20 96.53 112.55
C VAL KC 42 59.67 96.66 112.20
N GLU KC 43 60.49 96.94 113.21
CA GLU KC 43 61.93 97.03 113.03
C GLU KC 43 62.49 95.62 112.87
N GLU KC 44 63.31 95.41 111.86
CA GLU KC 44 63.82 94.07 111.56
C GLU KC 44 64.69 93.51 112.68
N ASN KC 45 65.06 94.37 113.63
CA ASN KC 45 65.86 93.94 114.77
C ASN KC 45 64.98 93.55 115.96
N ASP KC 46 63.70 93.85 115.86
CA ASP KC 46 62.73 93.44 116.88
C ASP KC 46 62.08 92.11 116.53
N ILE KC 47 62.74 91.35 115.65
CA ILE KC 47 62.20 90.06 115.20
C ILE KC 47 63.17 88.92 115.47
N ASP KC 48 62.71 87.98 116.30
CA ASP KC 48 63.50 86.79 116.60
C ASP KC 48 62.88 85.54 116.00
N VAL KC 49 63.72 84.60 115.57
CA VAL KC 49 63.26 83.37 114.96
C VAL KC 49 63.74 82.16 115.75
N ALA KC 50 62.85 81.19 115.96
CA ALA KC 50 63.20 79.98 116.68
C ALA KC 50 62.91 78.75 115.82
N TRP KC 51 63.98 78.14 115.32
CA TRP KC 51 63.85 76.94 114.49
C TRP KC 51 63.68 75.68 115.33
N VAL KC 52 62.55 75.01 115.14
CA VAL KC 52 62.26 73.76 115.82
C VAL KC 52 62.24 72.62 114.81
N PRO KC 53 62.52 71.40 115.27
CA PRO KC 53 62.55 70.22 114.38
C PRO KC 53 61.26 70.06 113.59
N GLY KC 54 60.22 69.57 114.25
CA GLY KC 54 58.94 69.39 113.60
C GLY KC 54 57.89 70.34 114.12
N ALA KC 55 56.76 70.42 113.42
CA ALA KC 55 55.65 71.27 113.84
C ALA KC 55 55.14 70.89 115.21
N PHE KC 56 55.40 69.65 115.61
CA PHE KC 56 54.96 69.13 116.90
C PHE KC 56 55.66 69.83 118.06
N GLU KC 57 56.89 70.27 117.81
CA GLU KC 57 57.71 70.87 118.86
C GLU KC 57 57.45 72.36 119.01
N ILE KC 58 56.57 72.90 118.17
CA ILE KC 58 56.26 74.32 118.19
C ILE KC 58 55.66 74.78 119.52
N PRO KC 59 54.60 74.10 119.99
CA PRO KC 59 53.93 74.52 121.23
C PRO KC 59 54.90 74.79 122.39
N LEU KC 60 55.90 73.95 122.55
CA LEU KC 60 56.84 74.08 123.66
C LEU KC 60 57.67 75.36 123.57
N ILE KC 61 58.27 75.59 122.41
CA ILE KC 61 59.13 76.75 122.20
C ILE KC 61 58.33 78.03 121.95
N ALA KC 62 57.15 77.89 121.36
CA ALA KC 62 56.25 79.02 121.21
C ALA KC 62 55.86 79.55 122.58
N LYS KC 63 55.82 78.65 123.56
CA LYS KC 63 55.53 79.02 124.94
C LYS KC 63 56.71 79.79 125.55
N LYS KC 64 57.85 79.13 125.66
CA LYS KC 64 59.06 79.76 126.18
C LYS KC 64 59.25 81.17 125.63
N MET KC 65 58.90 81.35 124.36
CA MET KC 65 59.14 82.61 123.66
C MET KC 65 58.09 83.66 124.00
N ALA KC 66 56.82 83.31 123.82
CA ALA KC 66 55.73 84.22 124.11
C ALA KC 66 55.61 84.46 125.61
N ASN KC 67 56.49 83.81 126.38
CA ASN KC 67 56.43 83.88 127.83
C ASN KC 67 57.60 84.67 128.39
N SER KC 68 58.63 84.84 127.58
CA SER KC 68 59.80 85.60 127.99
C SER KC 68 59.49 87.09 128.12
N GLY KC 69 58.39 87.51 127.51
CA GLY KC 69 57.95 88.88 127.58
C GLY KC 69 58.64 89.78 126.58
N LYS KC 70 59.74 89.28 126.01
CA LYS KC 70 60.51 90.04 125.03
C LYS KC 70 59.67 90.36 123.81
N TYR KC 71 58.58 89.61 123.63
CA TYR KC 71 57.80 89.68 122.40
C TYR KC 71 56.40 90.21 122.62
N ASP KC 72 55.98 91.10 121.73
CA ASP KC 72 54.67 91.73 121.80
C ASP KC 72 53.62 90.80 121.21
N ALA KC 73 54.08 89.84 120.41
CA ALA KC 73 53.21 88.82 119.84
C ALA KC 73 54.07 87.74 119.20
N VAL KC 74 53.52 86.55 119.04
CA VAL KC 74 54.27 85.42 118.49
C VAL KC 74 53.59 84.80 117.27
N ILE KC 75 54.38 84.53 116.24
CA ILE KC 75 53.88 83.91 115.02
C ILE KC 75 54.43 82.51 114.82
N THR KC 76 53.55 81.51 114.82
CA THR KC 76 53.96 80.12 114.63
C THR KC 76 53.86 79.72 113.16
N LEU KC 77 54.99 79.40 112.55
CA LEU KC 77 55.02 78.97 111.16
C LEU KC 77 55.45 77.51 111.05
N GLY KC 78 54.99 76.84 110.00
CA GLY KC 78 55.32 75.45 109.78
C GLY KC 78 54.45 74.83 108.71
N THR KC 79 54.79 73.60 108.33
CA THR KC 79 54.01 72.87 107.32
C THR KC 79 53.89 71.40 107.67
N VAL KC 80 52.68 70.86 107.49
CA VAL KC 80 52.44 69.44 107.69
C VAL KC 80 51.64 68.90 106.52
N ILE KC 81 52.12 67.82 105.91
CA ILE KC 81 51.45 67.25 104.74
C ILE KC 81 51.06 65.80 104.96
N ARG KC 82 49.88 65.45 104.46
CA ARG KC 82 49.34 64.10 104.60
C ARG KC 82 50.32 62.99 104.22
N GLY KC 83 50.45 62.01 105.12
CA GLY KC 83 51.24 60.83 104.85
C GLY KC 83 50.31 59.66 104.56
N ALA KC 84 50.85 58.46 104.67
CA ALA KC 84 50.06 57.25 104.46
C ALA KC 84 49.39 56.82 105.76
N THR KC 85 49.84 57.40 106.87
CA THR KC 85 49.33 57.04 108.19
C THR KC 85 48.53 58.18 108.82
N THR KC 86 47.84 57.86 109.91
CA THR KC 86 47.06 58.85 110.64
C THR KC 86 47.97 59.76 111.47
N HIS KC 87 49.28 59.57 111.33
CA HIS KC 87 50.26 60.37 112.03
C HIS KC 87 50.00 61.85 111.78
N TYR KC 88 49.76 62.19 110.52
CA TYR KC 88 49.50 63.57 110.10
C TYR KC 88 48.44 64.25 110.96
N ASP KC 89 47.47 63.47 111.44
CA ASP KC 89 46.34 64.01 112.18
C ASP KC 89 46.72 64.41 113.59
N TYR KC 90 47.43 63.53 114.30
CA TYR KC 90 47.78 63.77 115.69
C TYR KC 90 48.77 64.93 115.81
N VAL KC 91 49.53 65.16 114.74
CA VAL KC 91 50.46 66.27 114.70
C VAL KC 91 49.72 67.58 114.50
N CYS KC 92 49.00 67.69 113.38
CA CYS KC 92 48.21 68.87 113.09
C CYS KC 92 47.37 69.28 114.30
N ASN KC 93 46.63 68.33 114.84
CA ASN KC 93 45.81 68.59 116.01
C ASN KC 93 46.60 69.23 117.15
N GLU KC 94 47.57 68.50 117.68
CA GLU KC 94 48.34 68.95 118.83
C GLU KC 94 49.04 70.29 118.60
N VAL KC 95 49.39 70.59 117.36
CA VAL KC 95 49.99 71.88 117.02
C VAL KC 95 48.97 72.99 117.24
N ALA KC 96 47.87 72.91 116.52
CA ALA KC 96 46.78 73.86 116.65
C ALA KC 96 46.25 73.84 118.09
N LYS KC 97 46.23 72.65 118.67
CA LYS KC 97 45.75 72.46 120.04
C LYS KC 97 46.65 73.21 121.02
N GLY KC 98 47.96 73.13 120.81
CA GLY KC 98 48.90 73.81 121.67
C GLY KC 98 48.86 75.32 121.48
N VAL KC 99 49.06 75.77 120.25
CA VAL KC 99 49.13 77.20 119.95
C VAL KC 99 47.88 77.96 120.43
N ALA KC 100 46.71 77.35 120.26
CA ALA KC 100 45.46 77.99 120.65
C ALA KC 100 45.26 77.94 122.16
N SER KC 101 45.20 76.74 122.71
CA SER KC 101 44.97 76.55 124.14
C SER KC 101 46.05 77.24 124.96
N LEU KC 102 47.25 77.36 124.38
CA LEU KC 102 48.36 78.00 125.06
C LEU KC 102 48.57 79.42 124.53
N SER KC 103 47.47 80.11 124.29
CA SER KC 103 47.48 81.51 123.88
C SER KC 103 46.54 82.27 124.80
N LEU KC 104 45.78 81.52 125.60
CA LEU KC 104 44.88 82.08 126.58
C LEU KC 104 45.58 82.08 127.93
N GLN KC 105 46.45 81.10 128.13
CA GLN KC 105 47.21 80.96 129.37
C GLN KC 105 48.25 82.07 129.50
N THR KC 106 48.81 82.55 128.39
CA THR KC 106 49.81 83.62 128.53
C THR KC 106 49.21 85.04 128.31
N ASP KC 107 48.13 85.12 127.51
CA ASP KC 107 47.48 86.40 127.15
C ASP KC 107 48.40 87.18 126.17
N ILE KC 108 49.45 86.56 125.63
CA ILE KC 108 50.31 87.18 124.60
C ILE KC 108 49.77 86.66 123.25
N PRO KC 109 49.56 87.55 122.26
CA PRO KC 109 48.96 86.99 121.05
C PRO KC 109 49.76 85.87 120.41
N VAL KC 110 49.22 84.67 120.14
CA VAL KC 110 50.04 83.66 119.46
C VAL KC 110 49.32 83.21 118.19
N ILE KC 111 49.63 83.88 117.09
CA ILE KC 111 48.98 83.61 115.80
C ILE KC 111 49.34 82.22 115.27
N PHE KC 112 48.33 81.52 114.76
CA PHE KC 112 48.52 80.18 114.23
C PHE KC 112 48.69 80.21 112.71
N GLY KC 113 49.93 80.10 112.25
CA GLY KC 113 50.22 80.13 110.84
C GLY KC 113 50.90 78.86 110.37
N VAL KC 114 50.36 77.72 110.80
CA VAL KC 114 50.87 76.42 110.38
C VAL KC 114 50.02 75.83 109.25
N LEU KC 115 50.65 75.63 108.09
CA LEU KC 115 49.97 75.01 106.97
C LEU KC 115 49.67 73.56 107.26
N THR KC 116 48.46 73.14 106.93
CA THR KC 116 48.04 71.77 107.14
C THR KC 116 47.31 71.28 105.90
N THR KC 117 48.08 70.75 104.95
CA THR KC 117 47.58 70.43 103.62
C THR KC 117 47.57 68.94 103.28
N GLU KC 118 47.07 68.62 102.09
CA GLU KC 118 46.97 67.24 101.61
C GLU KC 118 48.01 66.94 100.54
N THR KC 119 48.38 67.97 99.79
CA THR KC 119 49.34 67.83 98.70
C THR KC 119 50.52 68.76 98.90
N ILE KC 120 51.66 68.38 98.31
CA ILE KC 120 52.80 69.28 98.25
C ILE KC 120 52.39 70.53 97.49
N GLU KC 121 51.51 70.33 96.51
CA GLU KC 121 51.04 71.42 95.67
C GLU KC 121 50.22 72.43 96.46
N GLN KC 122 49.34 71.94 97.32
CA GLN KC 122 48.50 72.80 98.13
C GLN KC 122 49.32 73.69 99.07
N ALA KC 123 50.42 73.13 99.55
CA ALA KC 123 51.35 73.89 100.40
C ALA KC 123 51.93 75.06 99.62
N ILE KC 124 52.36 74.78 98.40
CA ILE KC 124 52.93 75.80 97.53
C ILE KC 124 51.90 76.89 97.22
N GLU KC 125 50.66 76.48 96.99
CA GLU KC 125 49.57 77.42 96.73
C GLU KC 125 49.47 78.43 97.85
N ARG KC 126 49.64 77.95 99.08
CA ARG KC 126 49.45 78.78 100.26
C ARG KC 126 50.78 79.27 100.84
N ALA KC 127 51.83 79.20 100.04
CA ALA KC 127 53.14 79.66 100.46
C ALA KC 127 53.69 80.72 99.52
N GLY KC 128 52.84 81.57 99.03
CA GLY KC 128 53.36 82.56 98.14
C GLY KC 128 52.88 82.37 96.74
N THR KC 129 51.92 81.46 96.51
CA THR KC 129 51.39 81.33 95.13
C THR KC 129 49.92 81.73 95.05
N LYS KC 130 49.17 81.03 94.22
CA LYS KC 130 47.74 81.18 94.02
C LYS KC 130 47.01 81.78 95.22
N ALA KC 131 46.95 81.09 96.36
CA ALA KC 131 46.19 81.59 97.50
C ALA KC 131 46.85 82.78 98.24
N GLY KC 132 48.15 83.03 98.02
CA GLY KC 132 48.87 84.09 98.69
C GLY KC 132 49.90 83.46 99.63
N ASN KC 133 50.49 84.24 100.56
CA ASN KC 133 51.47 83.68 101.48
C ASN KC 133 50.92 83.65 102.90
N LYS KC 134 50.67 82.44 103.40
CA LYS KC 134 50.13 82.25 104.74
C LYS KC 134 50.98 82.92 105.80
N GLY KC 135 52.29 82.99 105.56
CA GLY KC 135 53.22 83.59 106.51
C GLY KC 135 53.04 85.10 106.60
N TYR KC 136 52.75 85.73 105.46
CA TYR KC 136 52.50 87.16 105.41
C TYR KC 136 51.19 87.51 106.10
N GLU KC 137 50.15 86.76 105.77
CA GLU KC 137 48.82 86.98 106.33
C GLU KC 137 48.81 86.71 107.84
N SER KC 138 49.70 85.84 108.31
CA SER KC 138 49.77 85.51 109.72
C SER KC 138 50.56 86.56 110.50
N ALA KC 139 51.37 87.33 109.78
CA ALA KC 139 52.12 88.42 110.39
C ALA KC 139 51.24 89.64 110.55
N VAL KC 140 50.49 89.97 109.50
CA VAL KC 140 49.56 91.08 109.53
C VAL KC 140 48.53 90.89 110.65
N ALA KC 141 48.26 89.64 110.97
CA ALA KC 141 47.33 89.30 112.04
C ALA KC 141 47.99 89.48 113.41
N ALA KC 142 49.27 89.14 113.48
CA ALA KC 142 50.02 89.29 114.71
C ALA KC 142 50.08 90.75 115.14
N ILE KC 143 50.23 91.64 114.17
CA ILE KC 143 50.24 93.08 114.43
C ILE KC 143 48.90 93.51 115.01
N GLU KC 144 47.83 93.25 114.28
CA GLU KC 144 46.49 93.65 114.71
C GLU KC 144 46.18 93.13 116.10
N MET KC 145 46.42 91.85 116.33
CA MET KC 145 46.16 91.24 117.62
C MET KC 145 46.95 91.95 118.73
N ALA KC 146 48.21 92.28 118.43
CA ALA KC 146 49.03 93.02 119.38
C ALA KC 146 48.36 94.34 119.73
N HIS KC 147 48.04 95.12 118.70
CA HIS KC 147 47.42 96.42 118.88
C HIS KC 147 46.06 96.35 119.55
N LEU KC 148 45.49 95.15 119.63
CA LEU KC 148 44.28 94.94 120.41
C LEU KC 148 45.00 94.63 121.72
N SER KC 149 45.25 95.69 122.49
CA SER KC 149 45.47 95.68 123.91
C SER KC 149 44.82 96.24 125.17
N LYS KC 150 43.76 97.01 124.98
CA LYS KC 150 42.98 97.55 126.10
C LYS KC 150 42.41 96.55 127.10
N HIS KC 151 41.98 95.40 126.60
CA HIS KC 151 41.36 94.39 127.44
C HIS KC 151 42.38 93.64 128.31
N TRP KC 152 42.33 93.91 129.61
CA TRP KC 152 43.05 93.11 130.59
C TRP KC 152 42.66 93.48 132.02
N ALA KC 153 41.95 92.58 132.68
CA ALA KC 153 41.50 92.78 134.06
C ALA KC 153 41.47 91.47 134.83
N VAL LC 2 11.53 75.11 136.99
CA VAL LC 2 11.67 75.92 138.19
C VAL LC 2 12.65 77.07 137.94
N PHE LC 3 13.50 76.93 136.92
CA PHE LC 3 14.55 77.91 136.63
C PHE LC 3 14.62 78.29 135.17
N GLU LC 4 13.63 79.05 134.69
CA GLU LC 4 13.65 79.53 133.30
C GLU LC 4 14.38 80.88 133.19
N GLY LC 5 14.82 81.21 131.99
CA GLY LC 5 15.56 82.45 131.78
C GLY LC 5 14.78 83.54 131.10
N HIS LC 6 14.71 84.70 131.75
CA HIS LC 6 14.02 85.87 131.23
C HIS LC 6 14.52 86.20 129.81
N LEU LC 7 13.66 86.80 128.99
CA LEU LC 7 14.04 87.09 127.61
C LEU LC 7 14.04 88.59 127.30
N VAL LC 8 13.64 89.41 128.27
CA VAL LC 8 13.72 90.86 128.12
C VAL LC 8 15.01 91.36 128.75
N GLY LC 9 15.83 92.05 127.96
CA GLY LC 9 17.12 92.50 128.44
C GLY LC 9 17.28 94.01 128.38
N THR LC 10 16.27 94.73 128.84
CA THR LC 10 16.32 96.19 128.82
C THR LC 10 17.53 96.72 129.59
N GLY LC 11 17.85 96.08 130.71
CA GLY LC 11 18.94 96.54 131.56
C GLY LC 11 20.22 95.75 131.40
N LEU LC 12 20.35 95.06 130.28
CA LEU LC 12 21.55 94.25 130.04
C LEU LC 12 22.69 95.07 129.46
N LYS LC 13 23.84 94.42 129.29
CA LYS LC 13 25.07 95.10 128.88
C LYS LC 13 25.98 94.10 128.17
N VAL LC 14 25.75 93.90 126.88
CA VAL LC 14 26.42 92.85 126.12
C VAL LC 14 27.66 93.33 125.36
N GLY LC 15 28.54 92.40 125.03
CA GLY LC 15 29.72 92.69 124.22
C GLY LC 15 30.03 91.53 123.30
N VAL LC 16 30.29 91.83 122.03
CA VAL LC 16 30.51 90.78 121.03
C VAL LC 16 31.89 90.85 120.38
N VAL LC 17 32.35 89.70 119.91
CA VAL LC 17 33.61 89.60 119.17
C VAL LC 17 33.38 88.93 117.82
N VAL LC 18 33.47 89.70 116.75
CA VAL LC 18 33.24 89.17 115.41
C VAL LC 18 34.54 89.04 114.62
N GLY LC 19 34.59 88.04 113.75
CA GLY LC 19 35.78 87.79 112.95
C GLY LC 19 35.68 88.47 111.59
N ARG LC 20 36.73 89.21 111.25
CA ARG LC 20 36.76 89.95 110.00
C ARG LC 20 36.78 89.03 108.79
N PHE LC 21 37.48 87.90 108.91
CA PHE LC 21 37.53 86.94 107.82
C PHE LC 21 36.13 86.47 107.46
N ASN LC 22 35.83 86.45 106.16
CA ASN LC 22 34.49 86.19 105.68
C ASN LC 22 33.53 87.30 106.08
N GLU LC 23 34.03 88.53 106.04
CA GLU LC 23 33.25 89.71 106.37
C GLU LC 23 31.91 89.69 105.65
N PHE LC 24 31.92 89.21 104.41
CA PHE LC 24 30.72 89.16 103.59
C PHE LC 24 29.56 88.48 104.32
N ILE LC 25 29.90 87.57 105.24
CA ILE LC 25 28.90 86.85 106.02
C ILE LC 25 28.79 87.38 107.44
N THR LC 26 29.92 87.56 108.10
CA THR LC 26 29.93 88.02 109.48
C THR LC 26 29.29 89.40 109.64
N SER LC 27 29.27 90.18 108.57
CA SER LC 27 28.65 91.49 108.58
C SER LC 27 27.16 91.38 108.90
N LYS LC 28 26.42 90.78 107.98
CA LYS LC 28 24.99 90.56 108.17
C LYS LC 28 24.73 89.72 109.41
N LEU LC 29 25.75 88.99 109.85
CA LEU LC 29 25.64 88.14 111.02
C LEU LC 29 25.66 88.98 112.28
N LEU LC 30 26.44 90.05 112.26
CA LEU LC 30 26.57 90.96 113.39
C LEU LC 30 25.35 91.87 113.49
N GLY LC 31 24.95 92.43 112.35
CA GLY LC 31 23.80 93.31 112.29
C GLY LC 31 22.55 92.65 112.83
N GLY LC 32 22.46 91.34 112.69
CA GLY LC 32 21.35 90.57 113.22
C GLY LC 32 21.41 90.45 114.72
N ALA LC 33 22.63 90.34 115.26
CA ALA LC 33 22.83 90.22 116.70
C ALA LC 33 22.59 91.54 117.39
N LEU LC 34 23.07 92.62 116.78
CA LEU LC 34 22.83 93.96 117.31
C LEU LC 34 21.34 94.26 117.27
N ASP LC 35 20.75 94.09 116.08
CA ASP LC 35 19.32 94.30 115.90
C ASP LC 35 18.51 93.53 116.93
N GLY LC 36 18.96 92.33 117.26
CA GLY LC 36 18.29 91.50 118.24
C GLY LC 36 18.36 92.06 119.64
N LEU LC 37 19.58 92.27 120.14
CA LEU LC 37 19.78 92.86 121.45
C LEU LC 37 19.07 94.21 121.55
N LYS LC 38 19.23 95.02 120.52
CA LYS LC 38 18.68 96.37 120.50
C LYS LC 38 17.15 96.36 120.62
N ARG LC 39 16.49 95.53 119.83
CA ARG LC 39 15.03 95.47 119.83
C ARG LC 39 14.49 94.56 120.93
N HIS LC 40 15.39 94.01 121.76
CA HIS LC 40 14.96 93.20 122.89
C HIS LC 40 15.06 93.98 124.19
N GLY LC 41 15.46 95.24 124.09
CA GLY LC 41 15.56 96.09 125.25
C GLY LC 41 16.96 96.66 125.48
N VAL LC 42 17.97 95.83 125.25
CA VAL LC 42 19.36 96.24 125.46
C VAL LC 42 19.60 97.63 124.86
N GLU LC 43 20.22 98.50 125.66
CA GLU LC 43 20.50 99.85 125.20
C GLU LC 43 21.50 99.82 124.05
N GLU LC 44 21.26 100.65 123.04
CA GLU LC 44 22.05 100.61 121.82
C GLU LC 44 23.53 100.96 122.03
N ASN LC 45 23.86 101.43 123.23
CA ASN LC 45 25.25 101.79 123.54
C ASN LC 45 25.86 100.94 124.65
N ASP LC 46 25.03 100.11 125.28
CA ASP LC 46 25.52 99.14 126.25
C ASP LC 46 26.11 97.96 125.51
N ILE LC 47 26.41 98.16 124.23
CA ILE LC 47 26.84 97.09 123.35
C ILE LC 47 28.20 97.42 122.70
N ASP LC 48 29.16 96.53 122.87
CA ASP LC 48 30.50 96.73 122.31
C ASP LC 48 30.86 95.64 121.32
N VAL LC 49 31.66 95.99 120.32
CA VAL LC 49 32.09 95.03 119.31
C VAL LC 49 33.60 95.04 119.12
N ALA LC 50 34.20 93.85 119.16
CA ALA LC 50 35.64 93.72 118.96
C ALA LC 50 35.94 92.90 117.71
N TRP LC 51 36.56 93.54 116.73
CA TRP LC 51 36.90 92.88 115.47
C TRP LC 51 38.25 92.16 115.55
N VAL LC 52 38.22 90.85 115.39
CA VAL LC 52 39.43 90.03 115.39
C VAL LC 52 39.75 89.60 113.96
N PRO LC 53 41.02 89.23 113.74
CA PRO LC 53 41.45 88.78 112.42
C PRO LC 53 40.54 87.70 111.82
N GLY LC 54 40.21 86.69 112.61
CA GLY LC 54 39.36 85.61 112.15
C GLY LC 54 38.92 84.76 113.34
N ALA LC 55 38.14 83.70 113.09
CA ALA LC 55 37.65 82.87 114.18
C ALA LC 55 38.78 82.35 115.07
N PHE LC 56 39.91 81.92 114.54
CA PHE LC 56 40.89 81.40 115.48
C PHE LC 56 41.22 82.38 116.59
N GLU LC 57 41.18 83.65 116.32
CA GLU LC 57 41.54 84.68 117.28
C GLU LC 57 40.45 85.00 118.30
N ILE LC 58 39.21 84.55 118.06
CA ILE LC 58 37.99 84.82 118.90
C ILE LC 58 37.89 84.30 120.34
N PRO LC 59 38.65 83.26 120.61
CA PRO LC 59 38.77 82.79 121.99
C PRO LC 59 39.60 83.72 122.88
N LEU LC 60 40.68 84.28 122.34
CA LEU LC 60 41.56 85.13 123.13
C LEU LC 60 40.90 86.44 123.57
N ILE LC 61 40.29 87.13 122.61
CA ILE LC 61 39.67 88.43 122.88
C ILE LC 61 38.31 88.30 123.57
N ALA LC 62 37.67 87.14 123.41
CA ALA LC 62 36.43 86.88 124.13
C ALA LC 62 36.71 86.73 125.61
N LYS LC 63 37.86 86.12 125.92
CA LYS LC 63 38.31 85.98 127.30
C LYS LC 63 38.69 87.33 127.88
N LYS LC 64 39.18 88.22 127.03
CA LYS LC 64 39.60 89.56 127.46
C LYS LC 64 38.41 90.48 127.69
N MET LC 65 37.24 90.06 127.21
CA MET LC 65 36.02 90.84 127.39
C MET LC 65 35.15 90.25 128.50
N ALA LC 66 35.36 88.98 128.80
CA ALA LC 66 34.68 88.34 129.91
C ALA LC 66 35.39 88.67 131.21
N ASN LC 67 36.71 88.68 131.16
CA ASN LC 67 37.53 89.00 132.33
C ASN LC 67 37.58 90.50 132.60
N SER LC 68 37.07 91.29 131.66
CA SER LC 68 37.02 92.74 131.84
C SER LC 68 35.89 93.10 132.79
N GLY LC 69 35.01 92.15 133.08
CA GLY LC 69 33.93 92.33 134.02
C GLY LC 69 33.09 93.58 133.75
N LYS LC 70 32.76 93.79 132.48
CA LYS LC 70 32.00 94.96 132.07
C LYS LC 70 30.67 94.56 131.43
N TYR LC 71 30.58 93.32 130.98
CA TYR LC 71 29.42 92.86 130.23
C TYR LC 71 28.60 91.86 131.03
N ASP LC 72 27.36 91.65 130.61
CA ASP LC 72 26.47 90.67 131.24
C ASP LC 72 26.47 89.38 130.42
N ALA LC 73 27.11 89.46 129.26
CA ALA LC 73 27.20 88.32 128.36
C ALA LC 73 28.10 88.69 127.18
N VAL LC 74 28.74 87.69 126.60
CA VAL LC 74 29.60 87.91 125.44
C VAL LC 74 29.12 87.05 124.28
N ILE LC 75 28.98 87.67 123.11
CA ILE LC 75 28.55 86.94 121.92
C ILE LC 75 29.69 86.79 120.93
N THR LC 76 30.05 85.55 120.60
CA THR LC 76 31.10 85.29 119.63
C THR LC 76 30.52 85.04 118.24
N LEU LC 77 30.84 85.92 117.30
CA LEU LC 77 30.37 85.80 115.93
C LEU LC 77 31.52 85.59 114.96
N GLY LC 78 31.27 84.86 113.89
CA GLY LC 78 32.28 84.59 112.89
C GLY LC 78 31.78 83.59 111.88
N THR LC 79 32.62 83.28 110.89
CA THR LC 79 32.25 82.30 109.87
C THR LC 79 33.48 81.58 109.33
N VAL LC 80 33.38 80.25 109.24
CA VAL LC 80 34.45 79.43 108.68
C VAL LC 80 33.86 78.52 107.62
N ILE LC 81 34.50 78.44 106.46
CA ILE LC 81 34.00 77.62 105.36
C ILE LC 81 35.05 76.62 104.86
N ARG LC 82 34.58 75.43 104.53
CA ARG LC 82 35.45 74.36 104.04
C ARG LC 82 36.39 74.77 102.92
N GLY LC 83 37.65 74.40 103.07
CA GLY LC 83 38.64 74.62 102.03
C GLY LC 83 39.06 73.30 101.44
N ALA LC 84 40.24 73.27 100.81
CA ALA LC 84 40.79 72.06 100.21
C ALA LC 84 41.52 71.24 101.26
N THR LC 85 42.01 71.93 102.29
CA THR LC 85 42.80 71.28 103.32
C THR LC 85 41.97 71.04 104.58
N THR LC 86 42.53 70.27 105.50
CA THR LC 86 41.88 69.99 106.78
C THR LC 86 42.04 71.16 107.76
N HIS LC 87 42.65 72.24 107.28
CA HIS LC 87 42.84 73.44 108.07
C HIS LC 87 41.52 73.90 108.68
N TYR LC 88 40.45 73.81 107.89
CA TYR LC 88 39.12 74.23 108.32
C TYR LC 88 38.69 73.53 109.60
N ASP LC 89 39.12 72.29 109.78
CA ASP LC 89 38.71 71.48 110.92
C ASP LC 89 39.31 71.96 112.23
N TYR LC 90 40.62 72.20 112.23
CA TYR LC 90 41.32 72.61 113.44
C TYR LC 90 40.88 74.01 113.87
N VAL LC 91 40.60 74.86 112.91
CA VAL LC 91 40.10 76.20 113.20
C VAL LC 91 38.74 76.11 113.89
N CYS LC 92 37.77 75.53 113.19
CA CYS LC 92 36.44 75.35 113.73
C CYS LC 92 36.47 74.76 115.14
N ASN LC 93 37.26 73.69 115.30
CA ASN LC 93 37.35 73.01 116.59
C ASN LC 93 37.84 73.93 117.70
N GLU LC 94 39.01 74.53 117.50
CA GLU LC 94 39.63 75.35 118.54
C GLU LC 94 38.80 76.58 118.90
N VAL LC 95 37.97 77.03 117.98
CA VAL LC 95 37.08 78.16 118.25
C VAL LC 95 36.02 77.74 119.25
N ALA LC 96 35.27 76.69 118.91
CA ALA LC 96 34.26 76.15 119.80
C ALA LC 96 34.89 75.62 121.08
N LYS LC 97 35.96 74.85 120.91
CA LYS LC 97 36.71 74.31 122.05
C LYS LC 97 37.12 75.42 122.99
N GLY LC 98 37.54 76.55 122.43
CA GLY LC 98 37.94 77.70 123.23
C GLY LC 98 36.76 78.41 123.87
N VAL LC 99 35.79 78.78 123.05
CA VAL LC 99 34.62 79.52 123.53
C VAL LC 99 33.83 78.76 124.60
N ALA LC 100 33.71 77.44 124.43
CA ALA LC 100 32.98 76.61 125.39
C ALA LC 100 33.77 76.44 126.68
N SER LC 101 35.04 76.02 126.54
CA SER LC 101 35.90 75.77 127.69
C SER LC 101 36.17 77.06 128.46
N LEU LC 102 36.38 78.15 127.73
CA LEU LC 102 36.61 79.45 128.36
C LEU LC 102 35.29 80.20 128.56
N SER LC 103 34.26 79.46 128.92
CA SER LC 103 32.97 80.01 129.29
C SER LC 103 32.61 79.43 130.64
N LEU LC 104 33.43 78.49 131.10
CA LEU LC 104 33.29 77.88 132.40
C LEU LC 104 34.40 78.39 133.31
N GLN LC 105 35.54 78.71 132.70
CA GLN LC 105 36.67 79.28 133.42
C GLN LC 105 36.34 80.70 133.88
N THR LC 106 35.26 81.25 133.35
CA THR LC 106 34.87 82.62 133.63
C THR LC 106 33.45 82.71 134.20
N ASP LC 107 32.79 81.56 134.33
CA ASP LC 107 31.42 81.46 134.81
C ASP LC 107 30.65 82.69 134.28
N ILE LC 108 30.80 82.99 133.03
CA ILE LC 108 30.17 84.14 132.40
C ILE LC 108 29.60 83.57 131.11
N PRO LC 109 28.31 83.85 130.85
CA PRO LC 109 27.66 83.38 129.62
C PRO LC 109 28.41 83.85 128.39
N VAL LC 110 29.06 82.92 127.70
CA VAL LC 110 29.69 83.23 126.43
C VAL LC 110 29.06 82.40 125.31
N ILE LC 111 28.14 83.03 124.58
CA ILE LC 111 27.39 82.36 123.53
C ILE LC 111 28.26 82.09 122.31
N PHE LC 112 28.24 80.85 121.83
CA PHE LC 112 28.98 80.46 120.65
C PHE LC 112 28.12 80.62 119.39
N GLY LC 113 28.43 81.60 118.58
CA GLY LC 113 27.67 81.86 117.37
C GLY LC 113 28.55 81.98 116.15
N VAL LC 114 29.47 81.04 115.98
CA VAL LC 114 30.36 81.01 114.82
C VAL LC 114 29.87 80.00 113.79
N LEU LC 115 29.56 80.49 112.59
CA LEU LC 115 29.12 79.63 111.51
C LEU LC 115 30.24 78.70 111.07
N THR LC 116 29.89 77.42 110.94
CA THR LC 116 30.84 76.42 110.47
C THR LC 116 30.20 75.58 109.35
N THR LC 117 30.41 76.01 108.11
CA THR LC 117 29.69 75.49 106.97
C THR LC 117 30.58 74.89 105.90
N GLU LC 118 29.93 74.35 104.86
CA GLU LC 118 30.63 73.70 103.74
C GLU LC 118 30.59 74.57 102.50
N THR LC 119 29.50 75.31 102.34
CA THR LC 119 29.25 76.12 101.16
C THR LC 119 29.08 77.59 101.53
N ILE LC 120 29.47 78.47 100.61
CA ILE LC 120 29.19 79.90 100.78
C ILE LC 120 27.68 80.10 100.83
N GLU LC 121 26.97 79.19 100.16
CA GLU LC 121 25.51 79.24 100.10
C GLU LC 121 24.87 78.78 101.41
N GLN LC 122 25.63 78.00 102.18
CA GLN LC 122 25.16 77.55 103.49
C GLN LC 122 25.34 78.65 104.54
N ALA LC 123 26.39 79.45 104.39
CA ALA LC 123 26.62 80.58 105.28
C ALA LC 123 25.52 81.63 105.09
N ILE LC 124 25.31 82.02 103.84
CA ILE LC 124 24.24 82.96 103.49
C ILE LC 124 22.90 82.39 103.94
N GLU LC 125 22.75 81.08 103.79
CA GLU LC 125 21.54 80.38 104.21
C GLU LC 125 21.23 80.69 105.67
N ARG LC 126 22.28 80.87 106.47
CA ARG LC 126 22.15 81.03 107.91
C ARG LC 126 22.57 82.41 108.39
N ALA LC 127 22.66 83.36 107.48
CA ALA LC 127 23.02 84.73 107.85
C ALA LC 127 21.85 85.71 107.60
N GLY LC 128 20.62 85.21 107.70
CA GLY LC 128 19.48 86.05 107.43
C GLY LC 128 18.91 85.61 106.11
N THR LC 129 18.83 84.30 105.95
CA THR LC 129 18.22 83.73 104.78
C THR LC 129 17.37 82.53 105.27
N LYS LC 130 17.03 81.57 104.39
CA LYS LC 130 16.21 80.39 104.78
C LYS LC 130 16.25 80.01 106.24
N ALA LC 131 17.43 79.71 106.77
CA ALA LC 131 17.55 79.30 108.19
C ALA LC 131 17.34 80.42 109.22
N GLY LC 132 17.32 81.69 108.82
CA GLY LC 132 17.17 82.77 109.79
C GLY LC 132 18.52 83.47 109.98
N ASN LC 133 18.73 84.25 111.05
CA ASN LC 133 20.03 84.89 111.27
C ASN LC 133 20.69 84.40 112.55
N LYS LC 134 21.71 83.57 112.38
CA LYS LC 134 22.45 82.98 113.49
C LYS LC 134 22.87 84.02 114.53
N GLY LC 135 23.19 85.22 114.07
CA GLY LC 135 23.60 86.30 114.94
C GLY LC 135 22.47 86.73 115.86
N TYR LC 136 21.32 87.05 115.27
CA TYR LC 136 20.14 87.43 116.02
C TYR LC 136 19.78 86.36 117.04
N GLU LC 137 19.85 85.09 116.61
CA GLU LC 137 19.53 83.97 117.49
C GLU LC 137 20.55 83.84 118.62
N SER LC 138 21.75 84.40 118.41
CA SER LC 138 22.79 84.36 119.42
C SER LC 138 22.57 85.41 120.50
N ALA LC 139 21.98 86.53 120.11
CA ALA LC 139 21.66 87.60 121.05
C ALA LC 139 20.52 87.19 121.96
N VAL LC 140 19.46 86.65 121.36
CA VAL LC 140 18.30 86.19 122.10
C VAL LC 140 18.72 85.08 123.07
N ALA LC 141 19.86 84.47 122.79
CA ALA LC 141 20.41 83.43 123.67
C ALA LC 141 21.25 84.07 124.77
N ALA LC 142 21.93 85.16 124.43
CA ALA LC 142 22.77 85.87 125.39
C ALA LC 142 21.94 86.51 126.48
N ILE LC 143 20.79 87.06 126.10
CA ILE LC 143 19.89 87.69 127.05
C ILE LC 143 19.37 86.68 128.05
N GLU LC 144 18.97 85.51 127.56
CA GLU LC 144 18.44 84.47 128.42
C GLU LC 144 19.50 83.97 129.40
N MET LC 145 20.71 83.70 128.88
CA MET LC 145 21.81 83.26 129.72
C MET LC 145 22.17 84.34 130.73
N ALA LC 146 21.95 85.59 130.36
CA ALA LC 146 22.26 86.72 131.22
C ALA LC 146 21.34 86.79 132.43
N HIS LC 147 20.16 86.16 132.35
CA HIS LC 147 19.19 86.14 133.44
C HIS LC 147 19.33 84.90 134.29
N LEU LC 148 19.72 83.81 133.66
CA LEU LC 148 19.93 82.57 134.32
C LEU LC 148 21.37 82.41 134.81
N SER LC 149 22.38 83.07 134.19
CA SER LC 149 23.80 82.75 134.53
C SER LC 149 24.72 83.85 135.10
N LYS LC 150 24.40 85.09 134.83
CA LYS LC 150 25.24 86.19 135.26
C LYS LC 150 24.82 86.72 136.62
N HIS LC 151 23.62 87.20 136.75
CA HIS LC 151 23.25 87.79 138.01
C HIS LC 151 22.57 86.81 138.96
N TRP LC 152 22.51 85.60 138.46
CA TRP LC 152 22.01 84.45 139.17
C TRP LC 152 23.28 83.72 139.65
N ALA LC 153 23.26 83.00 140.76
CA ALA LC 153 24.51 82.37 141.21
C ALA LC 153 24.30 80.96 141.77
P PO4 MC . 29.44 -82.71 -74.21
O1 PO4 MC . 28.48 -82.99 -75.34
O2 PO4 MC . 29.29 -83.78 -73.15
O3 PO4 MC . 30.85 -82.74 -74.75
O4 PO4 MC . 29.15 -81.35 -73.61
P PO4 NC . 31.65 -97.95 -60.23
O1 PO4 NC . 30.52 -96.98 -59.97
O2 PO4 NC . 31.45 -99.22 -59.42
O3 PO4 NC . 31.70 -98.29 -61.69
O4 PO4 NC . 32.96 -97.32 -59.82
P PO4 OC . 18.85 -94.04 -44.36
O1 PO4 OC . 17.41 -94.49 -44.29
O2 PO4 OC . 19.76 -95.23 -44.51
O3 PO4 OC . 19.01 -93.11 -45.53
O4 PO4 OC . 19.24 -93.35 -43.07
P PO4 PC . 9.01 -76.33 -47.95
O1 PO4 PC . 8.82 -76.32 -49.44
O2 PO4 PC . 7.90 -77.13 -47.29
O3 PO4 PC . 10.35 -76.95 -47.62
O4 PO4 PC . 8.99 -74.93 -47.41
P PO4 QC . 15.98 -69.16 -66.29
O1 PO4 QC . 14.66 -68.79 -65.68
O2 PO4 QC . 16.46 -70.44 -65.66
O3 PO4 QC . 15.77 -69.37 -67.77
O4 PO4 QC . 16.98 -68.04 -66.11
P PO4 RC . 19.07 -54.88 -70.49
O1 PO4 RC . 18.32 -54.65 -71.78
O2 PO4 RC . 18.86 -53.70 -69.58
O3 PO4 RC . 18.54 -56.13 -69.83
O4 PO4 RC . 20.55 -55.05 -70.79
P PO4 SC . 14.78 -41.69 -55.00
O1 PO4 SC . 15.85 -41.24 -55.96
O2 PO4 SC . 14.27 -40.51 -54.20
O3 PO4 SC . 13.64 -42.31 -55.77
O4 PO4 SC . 15.34 -42.71 -54.04
P PO4 TC . 28.92 -26.49 -55.37
O1 PO4 TC . 28.79 -25.22 -56.18
O2 PO4 TC . 27.76 -26.62 -54.42
O3 PO4 TC . 28.96 -27.68 -56.31
O4 PO4 TC . 30.17 -26.44 -54.53
P PO4 UC . 42.29 -30.22 -70.55
O1 PO4 UC . 41.47 -30.86 -71.63
O2 PO4 UC . 42.19 -28.70 -70.65
O3 PO4 UC . 41.81 -30.68 -69.20
O4 PO4 UC . 43.74 -30.62 -70.70
P PO4 VC . 36.36 -48.09 -79.60
O1 PO4 VC . 37.19 -47.03 -80.27
O2 PO4 VC . 35.62 -47.47 -78.43
O3 PO4 VC . 35.35 -48.60 -80.60
O4 PO4 VC . 37.21 -49.24 -79.16
P PO4 WC . 44.94 -59.35 -85.11
O1 PO4 WC . 44.45 -59.61 -86.51
O2 PO4 WC . 46.45 -59.31 -85.10
O3 PO4 WC . 44.39 -58.02 -84.63
O4 PO4 WC . 44.44 -60.45 -84.20
P PO4 XC . 65.12 -54.82 -83.03
O1 PO4 XC . 64.79 -56.30 -83.03
O2 PO4 XC . 66.60 -54.64 -83.30
O3 PO4 XC . 64.32 -54.11 -84.10
O4 PO4 XC . 64.79 -54.22 -81.69
P PO4 YC . 75.24 -72.39 -78.58
O1 PO4 YC . 75.80 -73.35 -79.60
O2 PO4 YC . 75.84 -71.03 -78.75
O3 PO4 YC . 73.74 -72.32 -78.73
O4 PO4 YC . 75.62 -72.86 -77.19
P PO4 ZC . 61.65 -87.77 -77.34
O1 PO4 ZC . 60.61 -87.44 -78.37
O2 PO4 ZC . 62.81 -88.49 -77.99
O3 PO4 ZC . 62.13 -86.51 -76.67
O4 PO4 ZC . 61.04 -88.66 -76.27
P PO4 AD . 42.81 -79.50 -80.98
O1 PO4 AD . 43.15 -80.95 -81.17
O2 PO4 AD . 44.08 -78.69 -80.97
O3 PO4 AD . 41.93 -79.06 -82.12
O4 PO4 AD . 42.02 -79.30 -79.69
P PO4 BD . 18.24 -52.77 -9.18
O1 PO4 BD . 17.05 -52.87 -8.25
O2 PO4 BD . 17.93 -51.78 -10.29
O3 PO4 BD . 19.44 -52.29 -8.40
O4 PO4 BD . 18.54 -54.14 -9.77
P PO4 CD . 17.73 -37.27 -23.04
O1 PO4 CD . 17.04 -38.56 -23.47
O2 PO4 CD . 17.26 -36.13 -23.92
O3 PO4 CD . 17.38 -36.98 -21.60
O4 PO4 CD . 19.22 -37.42 -23.18
P PO4 DD . 10.07 -44.79 -40.82
O1 PO4 DD . 8.60 -44.85 -41.16
O2 PO4 DD . 10.49 -43.37 -40.55
O3 PO4 DD . 10.32 -45.64 -39.60
O4 PO4 DD . 10.88 -45.27 -41.99
P PO4 ED . 6.23 -64.86 -38.46
O1 PO4 ED . 5.78 -64.99 -37.02
O2 PO4 ED . 5.05 -64.46 -39.33
O3 PO4 ED . 7.31 -63.83 -38.56
O4 PO4 ED . 6.78 -66.18 -38.95
P PO4 FD . 11.75 -69.82 -18.93
O1 PO4 FD . 10.75 -70.59 -19.76
O2 PO4 FD . 11.88 -68.43 -19.50
O3 PO4 FD . 11.22 -69.73 -17.52
O4 PO4 FD . 13.08 -70.52 -18.89
P PO4 GD . 18.67 -82.33 -13.83
O1 PO4 GD . 17.83 -82.84 -12.69
O2 PO4 GD . 19.03 -83.49 -14.73
O3 PO4 GD . 17.87 -81.31 -14.60
O4 PO4 GD . 19.93 -81.68 -13.28
P PO4 HD . 21.89 -95.71 -29.42
O1 PO4 HD . 22.87 -95.80 -28.27
O2 PO4 HD . 21.96 -96.96 -30.26
O3 PO4 HD . 20.49 -95.54 -28.88
O4 PO4 HD . 22.24 -94.53 -30.29
P PO4 ID . 40.02 -105.25 -26.07
O1 PO4 ID . 40.19 -106.51 -25.27
O2 PO4 ID . 39.07 -105.50 -27.23
O3 PO4 ID . 39.48 -104.16 -25.19
O4 PO4 ID . 41.34 -104.86 -26.68
P PO4 JD . 48.44 -97.72 -8.90
O1 PO4 JD . 47.26 -97.42 -8.00
O2 PO4 JD . 48.84 -99.17 -8.78
O3 PO4 JD . 48.08 -97.39 -10.32
O4 PO4 JD . 49.62 -96.85 -8.51
P PO4 KD . 35.32 -83.18 -1.60
O1 PO4 KD . 36.33 -83.93 -0.76
O2 PO4 KD . 35.06 -83.97 -2.86
O3 PO4 KD . 34.05 -83.07 -0.82
O4 PO4 KD . 35.81 -81.78 -1.92
P PO4 LD . 38.62 -69.69 4.85
O1 PO4 LD . 37.86 -69.65 6.15
O2 PO4 LD . 40.04 -69.22 5.11
O3 PO4 LD . 38.64 -71.10 4.32
O4 PO4 LD . 37.95 -68.78 3.84
P PO4 MD . 59.20 -67.13 6.38
O1 PO4 MD . 58.39 -65.85 6.27
O2 PO4 MD . 60.59 -66.82 6.89
O3 PO4 MD . 58.51 -68.09 7.31
O4 PO4 MD . 59.32 -67.76 5.01
P PO4 ND . 63.45 -47.05 3.23
O1 PO4 ND . 63.46 -46.00 4.31
O2 PO4 ND . 64.44 -48.14 3.54
O3 PO4 ND . 62.05 -47.63 3.12
O4 PO4 ND . 63.88 -46.45 1.91
P PO4 OD . 45.90 -37.07 -0.72
O1 PO4 OD . 44.88 -37.78 0.12
O2 PO4 OD . 46.63 -36.03 0.09
O3 PO4 OD . 46.88 -38.09 -1.27
O4 PO4 OD . 45.23 -36.41 -1.90
P PO4 PD . 30.60 -51.28 -0.13
O1 PO4 PD . 30.40 -49.81 0.08
O2 PO4 PD . 32.05 -51.63 0.10
O3 PO4 PD . 29.74 -52.03 0.86
O4 PO4 PD . 30.17 -51.69 -1.52
P PO4 QD . -63.03 -11.62 12.06
O1 PO4 QD . -62.03 -11.63 13.20
O2 PO4 QD . -62.52 -12.53 10.97
O3 PO4 QD . -64.35 -12.13 12.56
O4 PO4 QD . -63.19 -10.22 11.53
P PO4 RD . -59.99 -26.09 -2.56
O1 PO4 RD . -59.22 -24.79 -2.75
O2 PO4 RD . -59.39 -27.18 -3.42
O3 PO4 RD . -59.94 -26.50 -1.11
O4 PO4 RD . -61.43 -25.90 -2.97
P PO4 SD . -48.97 -17.52 -17.93
O1 PO4 SD . -47.46 -17.47 -17.98
O2 PO4 SD . -49.45 -18.94 -17.85
O3 PO4 SD . -49.45 -16.73 -16.72
O4 PO4 SD . -49.55 -16.93 -19.19
P PO4 TD . -45.47 2.24 -13.38
O1 PO4 TD . -45.31 2.26 -11.88
O2 PO4 TD . -44.16 1.88 -14.03
O3 PO4 TD . -46.54 1.24 -13.76
O4 PO4 TD . -45.91 3.60 -13.87
P PO4 UD . -54.61 5.92 5.04
O1 PO4 UD . -53.47 6.73 4.48
O2 PO4 UD . -54.65 4.57 4.35
O3 PO4 UD . -54.37 5.72 6.51
O4 PO4 UD . -55.92 6.65 4.88
P PO4 VD . -62.12 18.23 9.68
O1 PO4 VD . -61.51 18.62 11.00
O2 PO4 VD . -62.29 19.47 8.82
O3 PO4 VD . -61.22 17.24 8.99
O4 PO4 VD . -63.47 17.59 9.93
P PO4 WD . -62.04 32.85 -5.10
O1 PO4 WD . -63.22 32.90 -4.15
O2 PO4 WD . -61.93 34.18 -5.84
O3 PO4 WD . -60.77 32.59 -4.33
O4 PO4 WD . -62.24 31.75 -6.12
P PO4 XD . -80.28 42.76 -4.46
O1 PO4 XD . -80.57 43.97 -3.59
O2 PO4 XD . -79.12 43.06 -5.38
O3 PO4 XD . -79.95 41.59 -3.58
O4 PO4 XD . -81.46 42.47 -5.33
P PO4 YD . -91.97 34.26 10.17
O1 PO4 YD . -90.98 33.86 11.25
O2 PO4 YD . -92.34 35.72 10.34
O3 PO4 YD . -91.34 34.03 8.82
O4 PO4 YD . -93.20 33.41 10.26
P PO4 ZD . -80.78 18.76 18.60
O1 PO4 ZD . -81.91 19.46 19.28
O2 PO4 ZD . -80.27 19.62 17.47
O3 PO4 ZD . -79.68 18.53 19.59
O4 PO4 ZD . -81.22 17.40 18.08
P PO4 AE . -85.34 4.80 23.39
O1 PO4 AE . -84.82 4.65 24.81
O2 PO4 AE . -86.78 4.35 23.33
O3 PO4 AE . -85.24 6.25 22.99
O4 PO4 AE . -84.50 3.95 22.46
P PO4 BE . -105.87 2.64 20.91
O1 PO4 BE . -105.07 1.36 20.86
O2 PO4 BE . -107.34 2.34 21.14
O3 PO4 BE . -105.35 3.52 22.03
O4 PO4 BE . -105.73 3.38 19.60
P PO4 CE . -109.67 -17.03 15.48
O1 PO4 CE . -109.90 -18.16 16.45
O2 PO4 CE . -110.69 -15.94 15.69
O3 PO4 CE . -108.28 -16.49 15.67
O4 PO4 CE . -109.86 -17.53 14.06
P PO4 DE . -91.81 -27.11 14.03
O1 PO4 DE . -90.94 -26.50 15.11
O2 PO4 DE . -92.68 -28.20 14.63
O3 PO4 DE . -92.65 -26.04 13.41
O4 PO4 DE . -90.93 -27.71 12.96
P PO4 EE . -76.72 -13.37 18.54
O1 PO4 EE . -76.59 -14.86 18.67
O2 PO4 EE . -78.19 -13.02 18.52
O3 PO4 EE . -76.07 -12.73 19.72
O4 PO4 EE . -76.03 -12.87 17.29
P PO4 FE . -61.06 23.71 -51.49
O1 PO4 FE . -59.89 24.04 -52.38
O2 PO4 FE . -61.10 24.68 -50.34
O3 PO4 FE . -62.34 23.82 -52.29
O4 PO4 FE . -60.92 22.30 -50.97
P PO4 GE . -65.71 37.91 -37.03
O1 PO4 GE . -64.66 36.89 -36.63
O2 PO4 GE . -65.65 39.10 -36.10
O3 PO4 GE . -65.46 38.37 -38.45
O4 PO4 GE . -67.08 37.30 -36.94
P PO4 HE . -56.35 32.39 -19.34
O1 PO4 HE . -54.95 32.79 -18.95
O2 PO4 HE . -57.19 33.61 -19.57
O3 PO4 HE . -56.29 31.55 -20.59
O4 PO4 HE . -57.00 31.63 -18.21
P PO4 IE . -46.30 14.70 -22.36
O1 PO4 IE . -45.81 14.79 -23.79
O2 PO4 IE . -45.33 15.41 -21.44
O3 PO4 IE . -47.67 15.33 -22.25
O4 PO4 IE . -46.42 13.26 -21.94
P PO4 JE . -49.65 9.17 -42.23
O1 PO4 JE . -48.48 8.71 -41.39
O2 PO4 JE . -50.23 10.41 -41.60
O3 PO4 JE . -49.15 9.47 -43.61
O4 PO4 JE . -50.68 8.07 -42.33
P PO4 KE . -52.07 -4.73 -47.85
O1 PO4 KE . -51.10 -4.89 -48.98
O2 PO4 KE . -52.06 -6.00 -47.00
O3 PO4 KE . -51.66 -3.55 -47.01
O4 PO4 KE . -53.46 -4.51 -48.41
P PO4 LE . -51.05 -19.17 -32.90
O1 PO4 LE . -51.93 -19.51 -34.09
O2 PO4 LE . -50.73 -20.41 -32.12
O3 PO4 LE . -49.77 -18.52 -33.39
O4 PO4 LE . -51.78 -18.20 -32.00
P PO4 ME . -65.06 -33.87 -37.18
O1 PO4 ME . -64.81 -35.08 -38.05
O2 PO4 ME . -64.11 -33.85 -36.02
O3 PO4 ME . -64.90 -32.62 -38.01
O4 PO4 ME . -66.46 -33.95 -36.60
P PO4 NE . -75.19 -28.65 -54.29
O1 PO4 NE . -74.15 -27.95 -55.15
O2 PO4 NE . -75.09 -30.15 -54.49
O3 PO4 NE . -74.98 -28.29 -52.85
O4 PO4 NE . -76.57 -28.19 -54.69
P PO4 OE . -67.37 -10.33 -60.60
O1 PO4 OE . -68.06 -11.32 -61.50
O2 PO4 OE . -66.89 -11.06 -59.36
O3 PO4 OE . -66.18 -9.78 -61.35
O4 PO4 OE . -68.28 -9.18 -60.25
P PO4 PE . -74.62 1.79 -66.70
O1 PO4 PE . -73.88 2.13 -67.98
O2 PO4 PE . -76.11 1.79 -66.97
O3 PO4 PE . -74.19 0.42 -66.24
O4 PO4 PE . -74.29 2.81 -65.63
P PO4 QE . -94.91 -2.31 -68.77
O1 PO4 QE . -94.55 -0.84 -68.58
O2 PO4 QE . -96.31 -2.42 -69.32
O3 PO4 QE . -93.93 -2.95 -69.72
O4 PO4 QE . -94.84 -3.01 -67.43
P PO4 RE . -105.42 15.18 -64.93
O1 PO4 RE . -105.76 16.23 -65.96
O2 PO4 RE . -106.00 13.84 -65.32
O3 PO4 RE . -103.93 15.08 -64.81
O4 PO4 RE . -106.04 15.56 -63.61
P PO4 SE . -92.09 30.04 -60.01
O1 PO4 SE . -90.87 29.75 -60.87
O2 PO4 SE . -93.09 30.83 -60.82
O3 PO4 SE . -92.70 28.74 -59.55
O4 PO4 SE . -91.68 30.83 -58.80
P PO4 TE . -73.01 21.52 -60.71
O1 PO4 TE . -73.30 22.99 -60.86
O2 PO4 TE . -74.28 20.75 -61.00
O3 PO4 TE . -71.95 21.14 -61.72
O4 PO4 TE . -72.49 21.21 -59.33
P PO4 UE . 4.76 56.24 34.29
O1 PO4 UE . 4.54 56.80 32.90
O2 PO4 UE . 3.81 56.90 35.25
O3 PO4 UE . 4.50 54.75 34.26
O4 PO4 UE . 6.19 56.50 34.71
P PO4 VE . -9.51 61.19 48.57
O1 PO4 VE . -8.39 62.18 48.40
O2 PO4 VE . -10.68 61.84 49.30
O3 PO4 VE . -9.97 60.70 47.21
O4 PO4 VE . -9.04 60.01 49.38
P PO4 WE . -2.70 77.79 59.01
O1 PO4 WE . -2.95 79.22 58.59
O2 PO4 WE . -4.01 77.08 59.21
O3 PO4 WE . -1.89 77.10 57.93
O4 PO4 WE . -1.98 77.75 60.32
P PO4 XE . 15.84 83.03 51.81
O1 PO4 XE . 15.78 82.71 50.33
O2 PO4 XE . 15.25 84.40 52.06
O3 PO4 XE . 15.08 81.99 52.58
O4 PO4 XE . 17.27 83.01 52.28
P PO4 YE . 20.58 69.32 36.76
O1 PO4 YE . 21.17 70.70 36.87
O2 PO4 YE . 19.29 69.27 37.55
O3 PO4 YE . 20.29 69.05 35.31
O4 PO4 YE . 21.56 68.28 37.26
P PO4 ZE . 34.00 62.80 33.22
O1 PO4 ZE . 34.23 63.02 31.74
O2 PO4 ZE . 35.28 63.13 33.97
O3 PO4 ZE . 32.90 63.71 33.67
O4 PO4 ZE . 33.62 61.36 33.46
P PO4 AF . 48.86 70.01 45.85
O1 PO4 AF . 49.08 68.61 45.32
O2 PO4 AF . 50.16 70.57 46.39
O3 PO4 AF . 48.34 70.90 44.75
O4 PO4 AF . 47.86 69.98 46.98
P PO4 BF . 61.88 54.39 50.06
O1 PO4 BF . 63.09 54.03 49.23
O2 PO4 BF . 61.98 55.82 50.55
O3 PO4 BF . 60.63 54.23 49.23
O4 PO4 BF . 61.82 53.52 51.29
P PO4 CF . 55.14 37.39 40.65
O1 PO4 CF . 54.53 37.89 39.36
O2 PO4 CF . 56.64 37.23 40.48
O3 PO4 CF . 54.85 38.37 41.76
O4 PO4 CF . 54.53 36.07 41.03
P PO4 DF . 37.60 42.60 30.57
O1 PO4 DF . 38.47 41.43 30.21
O2 PO4 DF . 38.40 43.58 31.40
O3 PO4 DF . 37.15 43.28 29.30
O4 PO4 DF . 36.37 42.13 31.32
P PO4 EF . 24.88 34.52 29.00
O1 PO4 EF . 24.58 34.52 27.52
O2 PO4 EF . 24.71 33.11 29.54
O3 PO4 EF . 26.30 34.98 29.20
O4 PO4 EF . 23.93 35.46 29.71
P PO4 FF . 26.72 15.82 37.91
O1 PO4 FF . 25.32 16.37 37.82
O2 PO4 FF . 26.69 14.33 38.16
O3 PO4 FF . 27.45 16.09 36.60
O4 PO4 FF . 27.48 16.49 39.03
P PO4 GF . 8.35 10.76 46.13
O1 PO4 GF . 7.24 10.05 45.39
O2 PO4 GF . 9.60 9.92 46.14
O3 PO4 GF . 8.62 12.08 45.47
O4 PO4 GF . 7.96 10.96 47.57
P PO4 HF . -4.85 26.20 42.95
O1 PO4 HF . -4.45 26.76 41.60
O2 PO4 HF . -5.77 25.02 42.77
O3 PO4 HF . -3.62 25.79 43.71
O4 PO4 HF . -5.56 27.26 43.75
P PO4 IF . 5.62 41.10 32.69
O1 PO4 IF . 4.12 40.93 32.67
O2 PO4 IF . 6.24 39.79 33.12
O3 PO4 IF . 6.08 41.43 31.30
O4 PO4 IF . 6.03 42.22 33.61
P PO4 JF . 41.38 84.26 90.23
O1 PO4 JF . 41.52 85.69 90.68
O2 PO4 JF . 42.30 84.01 89.05
O3 PO4 JF . 41.77 83.34 91.37
O4 PO4 JF . 39.94 83.99 89.83
P PO4 KF . 55.60 77.63 76.58
O1 PO4 KF . 54.39 78.32 75.98
O2 PO4 KF . 56.72 77.59 75.55
O3 PO4 KF . 56.05 78.40 77.79
O4 PO4 KF . 55.25 76.23 76.97
P PO4 LF . 47.69 79.79 57.50
O1 PO4 LF . 47.82 81.05 56.66
O2 PO4 LF . 49.07 79.27 57.85
O3 PO4 LF . 46.92 80.10 58.75
O4 PO4 LF . 47.03 78.71 56.70
P PO4 MF . 28.57 87.20 59.01
O1 PO4 MF . 28.62 88.13 60.20
O2 PO4 MF . 29.05 87.93 57.77
O3 PO4 MF . 29.44 86.00 59.26
O4 PO4 MF . 27.16 86.71 58.79
P PO4 NF . 24.58 89.52 79.39
O1 PO4 NF . 23.87 90.28 78.29
O2 PO4 NF . 25.89 88.99 78.85
O3 PO4 NF . 24.85 90.48 80.51
O4 PO4 NF . 23.71 88.41 79.92
P PO4 OF . 69.39 32.62 73.29
O1 PO4 OF . 70.78 32.13 73.64
O2 PO4 OF . 69.46 34.07 72.84
O3 PO4 OF . 68.86 31.77 72.16
O4 PO4 OF . 68.49 32.50 74.49
P PO4 PF . 68.32 50.96 63.55
O1 PO4 PF . 68.34 51.03 65.06
O2 PO4 PF . 68.67 52.32 62.97
O3 PO4 PF . 69.32 49.94 63.08
O4 PO4 PF . 66.94 50.57 63.07
P PO4 QF . 64.95 65.65 77.83
O1 PO4 QF . 66.04 66.38 78.59
O2 PO4 QF . 65.12 65.85 76.35
O3 PO4 QF . 65.01 64.18 78.16
O4 PO4 QF . 63.60 66.22 78.20
P PO4 RF . 63.41 56.74 96.30
O1 PO4 RF . 64.37 55.59 96.25
O2 PO4 RF . 64.15 58.01 96.67
O3 PO4 RF . 62.73 56.91 94.97
O4 PO4 RF . 62.34 56.47 97.33
P PO4 SF . 65.73 36.20 93.33
O1 PO4 SF . 65.99 36.91 94.63
O2 PO4 SF . 65.77 37.21 92.20
O3 PO4 SF . 66.82 35.18 93.12
O4 PO4 SF . 64.40 35.47 93.37
P PO4 TF . 22.88 73.10 110.75
O1 PO4 TF . 23.12 74.26 111.69
O2 PO4 TF . 23.16 71.81 111.48
O3 PO4 TF . 21.43 73.12 110.31
O4 PO4 TF . 23.78 73.22 109.54
P PO4 UF . 22.70 54.27 119.57
O1 PO4 UF . 24.07 54.78 119.15
O2 PO4 UF . 22.86 53.13 120.55
O3 PO4 UF . 21.93 55.39 120.22
O4 PO4 UF . 21.95 53.77 118.36
P PO4 VF . 41.67 46.07 117.63
O1 PO4 VF . 42.81 46.27 118.61
O2 PO4 VF . 40.49 45.44 118.31
O3 PO4 VF . 41.29 47.41 117.04
O4 PO4 VF . 42.11 45.12 116.54
P PO4 WF . 53.60 59.26 107.30
O1 PO4 WF . 53.13 60.62 107.74
O2 PO4 WF . 54.61 58.72 108.30
O3 PO4 WF . 52.43 58.33 107.19
O4 PO4 WF . 54.26 59.36 105.95
P PO4 XF . 41.72 75.82 102.69
O1 PO4 XF . 43.22 75.85 102.78
O2 PO4 XF . 41.21 74.62 103.44
O3 PO4 XF . 41.19 77.08 103.33
O4 PO4 XF . 41.27 75.80 101.25
#